data_7UCK
#
_entry.id   7UCK
#
_cell.length_a   1.00
_cell.length_b   1.00
_cell.length_c   1.00
_cell.angle_alpha   90.00
_cell.angle_beta   90.00
_cell.angle_gamma   90.00
#
_symmetry.space_group_name_H-M   'P 1'
#
loop_
_entity.id
_entity.type
_entity.pdbx_description
1 polymer 'P-site tRNA'
2 polymer mRNA
3 polymer '28s rRNA'
4 polymer '5S rRNA'
5 polymer '5.8S rRNA'
6 polymer '18S rRNA'
7 polymer '60S ribosomal protein L8'
8 polymer '60S ribosomal protein L3'
9 polymer '60S ribosomal protein L4'
10 polymer 'Ribosomal_L18_c domain-containing protein'
11 polymer '60S ribosomal protein L6'
12 polymer '60S ribosomal protein L7'
13 polymer '60S ribosomal protein L7a'
14 polymer '60S ribosomal protein L9'
15 polymer 'Ribosomal protein L10'
16 polymer '60S ribosomal protein L11'
17 polymer '60S ribosomal protein L13'
18 polymer '60S ribosomal protein L14'
19 polymer '60S ribosomal protein L15'
20 polymer '60S ribosomal protein L13a'
21 polymer '60S ribosomal protein L17'
22 polymer '60S ribosomal protein L18'
23 polymer '60S ribosomal protein L19'
24 polymer '60S ribosomal protein L18a'
25 polymer '60S ribosomal protein L21'
26 polymer '60S ribosomal protein L22'
27 polymer '60S ribosomal protein L23'
28 polymer 'Ribosomal protein L24'
29 polymer '60S ribosomal protein L23a'
30 polymer '60S ribosomal protein L26'
31 polymer '60S ribosomal protein L27'
32 polymer '60S ribosomal protein L27a'
33 polymer '60S ribosomal protein L29'
34 polymer '60S ribosomal protein L30'
35 polymer '60S ribosomal protein L31'
36 polymer '60S ribosomal protein L32'
37 polymer '60S ribosomal protein L35a'
38 polymer '60S ribosomal protein L34'
39 polymer '60S ribosomal protein L35'
40 polymer '60S ribosomal protein L36'
41 polymer '60S ribosomal protein L37'
42 polymer '60S ribosomal protein L38'
43 polymer '60S ribosomal protein L39'
44 polymer '60S ribosomal protein L40'
45 polymer eL41
46 polymer '60S ribosomal protein L36a'
47 polymer '60S ribosomal protein L37a'
48 polymer '60S ribosomal protein L28'
49 polymer '40S_SA_C domain-containing protein'
50 polymer '40S ribosomal protein S3a'
51 polymer '40S ribosomal protein S2'
52 polymer '40S ribosomal protein S3'
53 polymer '40S ribosomal protein S4'
54 polymer 'Ribosomal protein S5'
55 polymer '40S ribosomal protein S6'
56 polymer '40S ribosomal protein S7'
57 polymer '40S ribosomal protein S8'
58 polymer '40S ribosomal protein S9'
59 polymer '40S ribosomal protein S10'
60 polymer '40S ribosomal protein S11'
61 polymer '40S ribosomal protein S13'
62 polymer '40S ribosomal protein S14'
63 polymer '40S ribosomal protein S15'
64 polymer '40S ribosomal protein S16'
65 polymer '40S ribosomal protein S17'
66 polymer '40S ribosomal protein S18'
67 polymer '40S ribosomal protein S19'
68 polymer '40S ribosomal protein S20'
69 polymer eS21
70 polymer '40S ribosomal protein S15a'
71 polymer '40S ribosomal protein S23'
72 polymer '40S ribosomal protein S24'
73 polymer '40S ribosomal protein S25'
74 polymer eS26
75 polymer '40S ribosomal protein S27'
76 polymer '40S ribosomal protein S28'
77 polymer '40S ribosomal protein S29'
78 polymer '40S ribosomal protein S30'
79 polymer 'Receptor of activated protein C kinase 1'
80 non-polymer 'MAGNESIUM ION'
81 non-polymer Harringtonine
82 non-polymer 'ZINC ION'
#
loop_
_entity_poly.entity_id
_entity_poly.type
_entity_poly.pdbx_seq_one_letter_code
_entity_poly.pdbx_strand_id
1 'polyribonucleotide' GAGCAGAGUGGCGCAGCGGAAGCGUGCUGGGCCCAU(T6A)ACCCAGAGGUCGAUGGAUCGAAACCAUCCUCUGCUACCA 2
2 'polyribonucleotide' AG(4AC)AUG 1
3 'polyribonucleotide'
;CGCGACCUCAGAUCAGACGUGGCGACCCGCUGAAUUUAAGCAUAUUAGUCAGCGGAGGAAAAGAAACUAACCAGGAUUCC
CUCAGUAACGGCGAGUGAACAGGGAAGAGCCCAGCGCCGAAUCCCCGCCCCGCGGCGGGGCGCGGGAAAUGUGGCGUACG
GAAGACCCACUCCCCGGCGCCGGGGGGCCCAAGUCCUUCUGAUCGAGGCCCAGCCCGUGGACGGUGUGAG(B9B)CCGGU
AGCGGCCCCCGGCGCGCCGGGCCCGGGUCUUCCCGGAGUCGGGUUGCUUGGGAAUGCAGCCCAAAGCGGGUGGUAAACUC
CAUCUAAGGCUAAAUACCGGCACGAGACCGAUAGUCAACAAGUACCGUAA(OMG)GGAAAGUUGAAAAGAACUUUGAAG
(A2M)GAGAGUUCAAGAGGGCGUGAAACCGUUAAGAGGUAAACGGGUGGGGUCCGCGCAGUCCGCCCGGAGGAUUCAACC
CGGCGGCCGGUCCGGCCGUGCCGGCGGGGCGGAUCUCCCGCUCCCGUCGGCGGGGGACCGCCCCCCGGCCGGCGACCGGC
CGCCGCCGGGCGCAUUUCCACCGCGGCGGUGCGCCGCGACCGGCUCCGGGACGGCU(2MG)GGAAGGCCCCGGCGGGGAA
GGUGGCCCGGGGGCCCCGGGUGUUACAGCCCCGCCCCGGCAGCAGCAGCUCGCCGAAUCCCGGGGCCGAGGGAGCGAGAC
CCGUGCCGCCGCGCUCUCCCCCCUGGGGGGGCCGGGCCACCCCUCCCACGGCGCGACCGCUGGGGCGGACUGUCCAGUGC
GCCCCGGGCGGGUCGCGCCGUCGGGCCCGGGGGCCACGGCGUCCCCCGCGAGCGCACGGGGUCGGCGGCGAUGUCGGCUA
CCCACCCGACCC(OMG)UCUUG(1MA)AAC(A2M)CGGACCAAGGAGUCUAACACG(P4U)GCGCGAGUCGGGGGCUACG
AAAGCCGCCGUGGCGCAAUGAAGGUGAAGGCCGGCGGCGCCGCCGGCCGAGGUGGGAUCCCGAGGCCUUCCAGUCCGCCG
AGGG(B8Q)GCACCACCGGCCCGUCUCGCCCGCCGCGCCGGGGAGGUGGAGCACGAGCGCACGUGUUAG(2MG)ACCC
(OMG)A(A2M)AGAUGGUGA(A2M)CUAUGCCUGGGCAGGGCGAAGCCAGAGGAAACUCUGGUG(B9B)AGGUCCG
(PSU)AGCGGUCCUGACGUGCGAAUCG(7MG)UCGUCCGACCUGGGUAUAG(OMG)GGCGAAAGACUAAUCGAACCAUCU
AGUAGCUGG(I4U)UCCCUCCAAAGUUUCCC(PSU)CAGGA(PSU)AGCUGGCGCUCUCCGCAGUUUUAUCCGGUAAAGC
GAAUGAUUAGAGGUCUUGGGGCCGAAACGAUCUCAACCUAUUCUCAAACUUUAAAU(E7G)GGUAAGAAGCCCGGCUCGC
UGGUGUGGAGCCGGGCGUGGAAUGCGAGUGCCUAGUGGGCCAC(B8H)UUUGG(UR3)AAGC(A2M)GAACUGGCGCU
(OMG)CGGGAUGAACCGAACGCCGGGUUAA(P7G)GCGCCCGAUGCCGACGCUCAUCAGACCCCAGAAAAGGUGUUGGUU
GAUAUAGACAGCAGGAUGGUGGCCAUGGAAGUCGGAAUCCGCUAAGGAGUGUGUAACAACUCACCUGCCGAAUCAACUAG
CCCUGAAAAUGGAUG(OMG)CGCUGGAGCGUCGGGCCCAUACCCGGCCGUCGCUGGCAGUCGGCAGAGCGAGAAAGAGAG
UGGCGCGGACGCUACGCCGCGACGAGUAGGAGGGCCGCUGCG(E7G)UGAGCCUUGAAGCCUAGGGCGCGGGCCCGGGUG
GAGCCGCCGCAGGUGCAGAUCUUGGUGGUAGU(A2M)(OMG)(OMC)AAAUAUUCAAACGA(B8W)AACUUUGAAGGCCG
AAGUGG(A2M)GAAGGGUUCCAUGUGAACAG(OMC)A(OMG)UUGAACAUGGGUCAGUCGGUCCUGAGAGAUGGGCGAGC
GCCGUUCCGAAGGGACGGGCGAUGGCCUCCGUUGCCCUCAGCCGA(PSU)CGAAAGGGAGUCG(7MG)GUUCAGAUCCCC
GAAUCCGGAGUGGCGGAGAUGGGCGCCGCGAGGCGUCCAGUGCGGUAACGCGACCGAUCCCGGAGAAGCCGGCGGGAGCC
CCGGGGAGAGUUCUCUUUUCUUUGUGAAGGGCAGGGCGCCCUGGAAUGGGUUCGCCCCGAGAGAGGGGCCCGUGCCUUGG
AAAGCGUCGCGGUUCCGGCGGCGUCCGGUGAGCUCUCGCUGGCCCUUGAAAAUCCGGGG(B9B)AGAGGGUGUAAAUCUC
GC(OMG)CCGGGCCGUACC(B9H)AUAUCCGCAGCAGGUCU(OMC)CAAGGUGAACAGCCUCUGGCAUGUUGGAACAAUG
UAGGUAAGGGAAGUCGGCAAGC(OMC)GGAUCCGUAACUUCGGGAUAAGGAUUGGCUCUAAGGGCUGGCAGCCGACUUAG
AACUGGUGCGGACCAGGGGAAUCCGACUGUUUAAUUAAAACAAAGCAUCGCGAAGGCCCGCGGCGGGUGUUGACGCGAUG
UGAUUUCUGCC(OMC)AGUGCUCUGAAUG(PSU)CA(A2M)AGUG(A2M)AGAAA(PSU)UCAAUGAAGCGCGGGUAAAC
GGCGGGAGUAAC(B8H)A(PSU)GACUCUCUUAAGGUAGC(5MC)AA(A2M)UGCCUC(OMG)UCAUCUAAUUAGUGACG
CGCAUGAAUGGAUGA(A2M)CGAGAUUCCCACUGUCCCUACCUACUAUCCAGCGAAACCAC(A2M)G(OMC)CAAGGGAA
CG(P7G)GCUUGG(OMC)GGAAUCAGC(B8K)G(BGH)GAAAGAAGA(OMC)CCUGUUGAGCUUGACUCUAGUCUGGCAC
GGUGAAGAGACAUGAUCGUUUUUUCACUGACCCGG(5MU)GAGGCGGGGGGGCGAGCCGGGCUCUCGCUUCUGGCGCCAA
(B8W)CGCCCGGCCGGCCGGGCGCGACCCGCUCCGGGGACAGUGCCAGGUGGG(B8W)AGUUUGAC(I4U)G(OMG)GGC
GGUACACCUGUCAAACGGUA(6MZ)CGCAGGUGUCCUAAGGCGAGCUCAGGGAGGACAGAAACCUCCCGUGGAGCAGAAG
GGCAAAAGCUCGCUUGA(PSU)CU(B8H)GAUUUUCAG(OMU)ACGAAUACAGACCGUGAAAGCGGGGCCU(5MC)ACGA
UCCUUCUGACCUUUU(E6G)GGUUUUAAGCAGGA(OMG)(MHG)UGUCAGAAAAGUUACCACAGGGAUAACUGGC(PSU)
UGUGGCGGCCA(1MA)GCGUUCAUAGCGACGUCGCUUUUUGA(PSU)CCUU(5MC)GA(PSU)GUCGGCUCUUCCUAUCA
UUGU(B8W)AAGCAGAAUU(B8T)ACCAAGCGUU(OMG)GAUUG(PSU)UCACCCACUAAUAGGGAACGUG(A2M)GCUG
G(B8W)(UR3)(PSU)UAGA(OMC)CGUCGUGAGACAG(7MG)UUAGUUUUACCCU(M7A)CUGAUG(A2M)UGUGUUGU
UGCCAUGGUAAUCCUGC(UR3)CAGUACGAGAGGAACCGCAGGU(OMU)CA(OMG)ACAU(PSU)UGGUGUA(PSU)
(OMG)UGCUUGGCUGAGGAGCCAAUGGGGCGAAGCUAC(B8T)AUCUGUGGGAUUAUGACU(B8K)AACGCCUCUAAGUC
AGAAUCCCGCCCAGGCGGAACGAUAGCGCCGGAGCCUCGGUUGGCCUCGGAUAGCCGGUCCCCCGCCGGGGUCCGGU
(OMG)C(2MG)GAGAGCCCUUCGUCCCGGGAAACGGGGCGGCCGGAAAGGGGGCCGCCCUCUCGCCCGUCACGCACCGCA
CGUUCGUGGGGAACCUGGCGCUAAACCAUUCGUAGACGACCUGCUUCUGGGUCGGGGUUUCGUACGUAGCAGAGCAGCUG
CUGCGAUCUAUUGAAAGUCAGCCCUCGACACAAGGGUUUGU
;
5
4 'polyribonucleotide'
;GUCUACGGCCAUACCACCCUGAACGCGCCCGAUCUCGUCUGAUCUCGGAAGCUAAGCAGGGUCGGGCCUGGUUAGUACUU
GGAUGGGAGACCGCCUGGGAAUACCGGGUGCUGUAGGCUU
;
7
5 'polyribonucleotide'
;CGACUCUUAGCGG(OMU)GGAUCACUCGGCUCGUGCGUCGAUGAAGAACGCAGCUAGCUGCGAGAAUUAAUGUGAAUUGC
AGG(N)(N)(N)(N)(N)UUGAUCAUCGACACUUCGAACGCACUUGCGGCCCCGGGUUCCUCCCGGGGCUACGCCUGUCU
GAGCGUCGCU
;
8
6 'polyribonucleotide'
;UACCUGGUUGAUCCUGCCAGUAGCAU(A2M)UGCUUGUCUCAAAGAUUAAGCCAUGCAUGUCUAAGUACGCACGGCCGGU
ACAGUGAAACUGCGAAUGGCUCAUUAAAUCAGUUAUGGU(OMU)CC(PSU)U(OMU)GGUCGCUCGUACUUGGAUAACUG
UGGUA(A2M)UUCUAG(A2M)GCUAAUA(OMC)AUGCCGACGGGCGCUGACCCCCUUCGCGGGGGGGAUGCGUGCAUUUA
UCAGUGGUGACUCUAGAUAACCUCGGGCCGAUCGCACGCCCGGCGGCGACGACCCAUUCGAACGUCUGCCCUAUCAACUU
UCGAUGGUAGUCGCCGUGCCUACCAUGGUGACCACGGGUGACGGGGAAUCAGGGUUCGAUUCCGGAGAGGGAGCCUGAGA
AACGGCUACCACAUCCAAGGAAGGCAGCAGGCGCGC(A2M)AAUUACCCACUCCCGACCCGGGGA(OMG)GUAGUGA
(OMC)GAAAAAUAACAAUACAGGACUCUUUCGAGGCCCUGUAAUUGGAAUGAGUC(MMX)ACUUUAAAUCCUUUAACGAG
GAUCCAUUGGAGGGCAAGUCUGG(PSU)GCCAGCAGCCGCGGUAAUUCCAGCUCCAAUA(OMG)CGUAUAUUAAAGUUGC
UGCAGUU(A2M)AAAAGCUCGUAGUU(OMG)GAUCUUGGGAGCGGCCGUCCCCUGCUCGGCGCCGGCCCGAAGCGUUUAC
UUUGAAAAAA(5MU)UAGAGUG(PSU)(PSU)CAAAGCAGGCCGCCUGGAUACCGCAGCUAGGAAUAAUGGAAUAGGACC
GCGGUUCUAUUUUGUUGGUUUUCGGAACUGAGGCCAUGAUUAAGAGGGACGGCCGGGGGCAUUCGUAUUGCGCCGCUAGA
GGUGAAAUUCUUGGACCGGCGCAAGACGGACCAGAGCGAAAGCAUUUGCCAAGAAUGUUUUCAUUAAUCAAGA(A2M)CG
AAAGUCGGAGGUUCGAAGACGAUCAGAUACCGUCGUAGUUCCGACCA(PSU)AAACGAUGCCGACUGGCGAUGCGGCGGC
GUUAUUCCCAUGACCCGCCGGGCAGCUUCCGGGAAACCAAAGUCUUUGGGUUCCGGGGGGAGUAUGGUUGCAAAGCUGAA
ACUUAAAGGAAUUGACGGAAGGGCACCAC(B8Q)AGGAGUGGAGCCUGCGGCUUAAU(PSU)UGAC(B8N)CAACACGGG
AAACCUCACCCGGCCCGGACACGGACAGGAUUGACAGAUUGAUAGCUCUUUCUCGAUUCCGUGGGUGGUGGUGCAUGGC
(4AC)GUUCUUAGUUGGUGGAGCGAUUUGUCUGGUUAAUUC(5MC)GAUAACGAACGAGACUCUGGCAUGCUAACUAGUU
ACGCGACCCCGGUCGGCGUAACUUCUUAGAGGGACAAGUGGCGUUCAGCCACCCGAGAUUGAGCAAUAACAGGUCUGUGA
UGCCCUUAGAUGUCCGGGGCUGCACGCGCGCUACACUGACUGGCUCAGCGUGUGCCUACCCUACGCCGGCAGGCGCGGGU
AACCCGUUGAACCCCAUUCGUGAUGGGGAUCGGGGAUUGCAAUUAUUCCCCAUGAACGAGGAAUUCCCAGUAAGUGCGGG
UCAUAAGCUUGCGUUGAUU(A2M)AGUCCCUGCCCUUUGUACACACCG(OMC)CCGUCG(OMC)UACUACCGAUUGGAUG
GUUUAGUGAGGCCCUCGGAUCGGCCCCGCCGGGGUGCCCUGGCGGAGCGCUGAGAAGACGGUCGAACUUG(M7A)CUAUC
UAGAGGAAGUAAAAGUCG(UR3)A(6MZ)CAAGGUUUC(4AC)GUAGGUG(MA6)(MA6)CCUGCGGAAGGAUCAUUA
;
9
7 'polypeptide(L)'
;GRVIRGQRKGAGSVFRAHVKHRKGAARLRAVDFAERHGYIKGIVKDIIHDPGRGAPLAKVVFRDPYRFKKRTELFIAAEG
IHTGQFVYCGKKAQLNIGNVLPVGTMPEGTIVCCLEEKPGDRGKLARASGNYATVISHNPETKKTRVKLPSGSKKVISSA
NRAVVGVVAGGGRIDKPILKAGRAYHKYKAKRNCWPRVRGVAMNPVEHPFGGGNHQHIGKPSTIRRDAPAGRKVGLIAAR
RTGRLRGT
;
A
8 'polypeptide(L)'
;SHRKFSAPRHGSLGFLPRKRSSRHRGKVKSFPKDDPSKPVHLTAFLGYKAGMTHIVREVDRPGSKVNKKEVVEAVTIVET
PPMVVVGIVGYVETPRGLRTFKTVFAEHISDECKRRFYKNWHKSKKKAFTKYCKKWQDDAGKRQLDKDFSSMKKYCQVIR
VLAHTQMRLLPLRQKKAHLMEIQVNGGTVAEKLDWARERLEQQVPVSQVFGQDEMIDVIGVTKGKGYKGVTSRWHTKKLP
RKTHRGLRKVACIGAWHPARVAFSVARAGQKGYHHRTEINKKIYKIGQGYLIKDGKLIKNNASTDYDLSDKSINPLGGFV
HYGEVTNDFVMLKGCVVGTKKRVLTLRKSLLVQTKRRALEKIDLKFIDTTSKFGHGRFQTVEEKKAFMGPLKKD
;
B
9 'polypeptide(L)'
;ACARPLISVYSEKGESSGKNVTLPAVFKAPIRPDIVNFVHTNLRKNNRQPYAVSELAGHQTSAESWGTGRAVARIPRVRG
GGTHRSGQGAFGNMCRGGRMFAPTKTWRRWHRRVNTTQKRYAICSALAASALPALVMSKGHRIEEVPELPLVVEDKVEGY
KKTKEAVLLLKKLKAWNDIKKVYASQRMRAGKGKMRNRRRIQRRGPCVIYNEDNGIVKAFRNIPGITLLNVTKLNILKLA
PGGHVGRFCIWTESAFRKLDDLYGTWRKAASLKSNYNLPMHKMLNTDLSRILKSPEIQRALRAPRKKIHRRVLKKNPLKN
LRIMLKLNPYA(MLZ)TMRRNTILRQARNHKLRVERAAAALAAK
;
C
10 'polypeptide(L)'
;FVKVVKNKAYFKRYQVKFRRRREGKTDYYARKRLVIQDKNKYNTPKYRMIVRVTNRDIICQIAYARIEGDMIVCAAYAHE
LPKYGVKVGLTNYAAAYCTGLLLARRLLNRFGMDKIYEGQVEVTGDEYNVESIDGQPGAFTCYLDAGLARTTTGNKVFGA
LKGAVDGGLSIPHSTKRFPGYDSESKEFNAEVHRKHIMGQNVADYMRYLMEEDEDAYKKQFSQYIKNNVTPDMMEEMYKK
AHAAIRENPVYEKKPKREVKKKRWNRPKMSLAQKKDRVAQKKASFLRAQER
;
D
11 'polypeptide(L)'
;KGKPHCSRNPVLVRGIGRYSRSAMYSRKALYKRKYAAPKSRIERKKKREKVLATVTKPVGGDKNGGTRVVKLRKMPRYYP
TEDVPRKLLSHGKKPFSQHVRKLRASITPGTILIILTGRHRGKRVVFLKQLSSGLLLVTGPLSLNRVPLRRTHQKFVIAT
STKIDISGVKIPKHLTDAYFKKKKLRKPRHQEGEIFDTEKEKYEITEQRKVDQKAVDSQILPKIKAVPQLQGYLRSVFAL
TNGVYPHKLVF
;
E
12 'polypeptide(L)'
;NFAELKIKRLRKKFAQKMLRKARRKLIYEKAKHYHKEYRQMYRTEIRMARMARKAGNFYVPAEPKLAFVIRIRGINGVSP
KVRKVLQLLRLRQIFNGTFVKLNKASINMLRIVEPYIAWGYPNLKSVNELIYKRGYGKINKKRIALTDNTLIARSLGKYN
IICMEDLIHEIYTVGKHFKEANNFLWPFKLSSPRGGMKKKTTHFVEGGDAGNREDQINRLIRRMN
;
F
13 'polypeptide(L)'
;VVNPLFEKRPKNFGIGQDIQPKRDLTRFVKWPRYIRLQRQRAILYKRLKVPPAINQFTQVLDRQTATQLLKLAHKYRPET
KQEKKQRLLARAEKKAAGKGDVPTKRPPVLRAGVNTVTTLVENKKAQLVVIAHDVDPIELVVFLPALCRKMGVPYCILKG
KARLGRLVHRKTCTTVAFTQVNSEDKGALAKLVEAIRTNYNDRYDEIRRHWGGNVLGPKSVARIAKLEKAKAKE
;
G
14 'polypeptide(L)'
;MKTILSNQTVDIPENVDISLKGRTVIVKGPRGTLRRDFNHINVELSLLGKKKKRLRVDKWWGNRKELATVRTICSHVQNM
IKGVTLGFRYKMRSVYAHFPINVVIQENGSLVEIRNFLGEKYIRRVRMRPGVACSVSQAQKDELVLEGNDIELVSNSAAL
IQQATTVKNKDIRKFLDGIYVSEKGTVQQA
;
H
15 'polypeptide(L)'
;GRRPARCYRYCKNKPYPKSRFCRGVPDAKIRIFDLGRKKAKVDEFPLCGHMVSDEYEQLSSEALEAARICANKYMVKSCG
KDGFHIRVRLHPFHVIRINKMLSCAGADRLQTGMRGAFGKPQGTVARVHIGQVIMSIRTKLQNKEHVVEALRRAKFKFPG
RQKIHISKKWGFTKFNADEFEDMVAEKRLIPDGCGVKYIPNRGPLDKWRALHS
;
I
16 'polypeptide(L)'
;KENPMRELRIRKLCLNICVGESGDRLTRAAKVLEQLTGQTPVFSKARYTVRSFGIRRNEKIAVHCTVRGAKAEEILEKGL
KVREYELRKNNFSDTGNFGFGIQEHIDLGIKYDPSIGIYGLDFYVVLGRPGFSIADKKRRTGCIGAKHRISKEEAMRWFQ
QKYDGIILPG
;
J
17 'polypeptide(L)'
;APSRNGMILKPHFHKDWQRRVATWFNQPARKIRRRKARQARARRIAPRPAAGPIRPIVRCPTVRYHTKVRAGRGFSLEEL
RVAGIHKKVARTIGISVDPRRRNKSTESLQANVQRLKEYRSKLVLFPRKPSAPKKGDSSAEELKLATQLTGPVMPIRNVF
KKEKARVITEEEKNFKAFASLRMARANARLFGIRAKRAKEAAEQDVEKKK
;
L
18 'polypeptide(L)'
;VFRRFVEVGRVAYVSFGPHAGKLVAIVDVIDQNRALVDGPCTRVRRQAMPFKCMQLTDFILKFPHSARQKYVRKAWEKAD
INTKWAATRWAKKIEARERKAKMTDFDRYKVMKAKKMRNRIIKNEVKKLQRAALLKAS
;
M
19 'polypeptide(L)'
;GAYKYIQELWRKKQSDVMRFLLRVRCWQYRQLSALHRAPRPTRPDKARRLGYKAKQGYVIYRIRVRRGGRKRPVPKGATY
GKPVHHGVNQLKFARSLQSVAEERAGRHCGALRVLNSYWVGEDSTYKFFEVILIDPFHKAIRRNPDTQWITKPVHKHREM
RGLTSAGRKSRGLGKGHKFHHTIGGSRRAAWRRRNTLQLHRYR
;
N
20 'polypeptide(L)'
;QVLVLDGRGHLLGRLAAIVAKQVLLGRKVVVVRCEGINISGNFYRNKLKYLAFLRKRMNTNPSRGPYHFRAPSRIFWRTV
RGMLPHKTKRGQAALDRLKVFDGIPPPYDKKKRMVVPAALKVVRLKPTRKFAYLGRLAHEVGWKYQAVTATLEEKRKEKA
KIHYRKKKQLMRLRKQAEKNVEKKISKFTDVLKTHGLLV
;
O
21 'polypeptide(L)'
;VRYSLDPENPTKSCKSRGSNLRVHFKNTRETAQAIKGMHIRKATKYLKDVTLKKQCVPFRRYNGGVGRCAQAKQWGWTQG
RWPKKSAEFLLHMLKNAESNAELKGLDVDSLVIEHIQVNKAPKMRRRTYRAHGRINPYMSSPCHIEMILTEKE
;
P
22 'polypeptide(L)'
;GVDIRHNKDRKVRRKEPKSQDIYLRLLVKLYRFLARRTNSTFNQVVLKRLFMSRTNRPPLSLSRMIRKMKLPGRENKTAV
VVGTVTDDVRVQEVPKLKVCALRVTSRARSRILKAGGKILTFDQLALDSPKGRGTVLLSGPRKGREVYRHFGKAPGTPHS
HTKPYVRSKGRKFERARGRRASRGYKN
;
Q
23 'polypeptide(L)'
;SMLRLQKRLASSVLRCGKKKVWLDPNETNEIANANSRQQIRKLIKDGLIIRKPVTVHSRARCRKNTLARRKGRHMGIGKR
KGTANARMPEKVTWMRRMRILRRLLRRYRESKKIDRHMYHSLYLKVKGNVFKNKRILMEHIHKLKADKARKKLLADQAEA
RRSKTKEARKRREERLQAKK
;
R
24 'polypeptide(L)'
;MKASGTLREYKVVGRCLPTPKCRTPPLYRMRIFAPNHVVAKSRFWYFVSQLKKMKKSSGEIVYCGQVFEKSPLRVKNFGI
WLRYDSRSGTHNMYREYRDLTTAGAVTQCYRDMGARHRARAHSIQIMKVEEIAASKCRRPAVKQFHDSKIKFPLPHRVLR
RQHKPRFTTKRPNTFF
;
S
25 'polypeptide(L)'
;TNTKGKRRGTRYMFSRPFRKHGVVPLATYMRIYKKGDIVDIKGMGTVQKGMPHKCYHGKTGRVYNVTQHAVGIVVNKQVK
GKILAKRINVRIEHIKHSKSRDSFLKRVKENDQKKKEAKEKGTWVQLKRQPAPPREAHFVRTNGKEPELLEPIPYEFMA
;
T
26 'polypeptide(L)'
;LLKFTLDCTHPVEDGIMDAANFEQFLQERIKVNGKAGNLGGGVVSLERSKSKITVTSEVPFSKRYLKYLTKKYLKKNNLR
DWLRVVANTKESYELRYF
;
U
27 'polypeptide(L)'
;SGAKFRISLGLPVGAVINCADNTGAKNLYIISVKGIKGRLNRLPAAGVGDMVMATVKKGKPELRKKVHPAVVIRQRKSYR
RKDGVFLYFEDNAGVIVNNKGEMKGSAITGPVAKECADLWPRIASNAGSIA
;
V
28 'polypeptide(L)'
;MKVELCSFSGYKIYPGHGRRYARTDGKVFQFLNAKCESAFLSKRNPRQINWTVLYRRKHKKGQSEEIQKKRTRRAVKFQR
AITGASLADIMAKRNQKPEVRKAQREQAIRAAKEAKKAKQA
;
W
29 'polypeptide(L)'
;KIRTSPTFRRPKTLRLRRQPKYPRKSAPRRNKLDHYAIIKFPLTTESAMKKIEDNNTLVFIVDVKANKHQIKQAVKKLYD
IDVAKVNTLIRPDGEKKAYVRLAPDYDALDVANKIGII
;
X
30 'polypeptide(L)'
;MKFNPFVTSDRSKNRKRHFNAPSHIRRKIMSSPLSKELRQKYNVRSMPIRKDDEVQVVRGHYKGQQIGKVVQVYRKKYVI
YIERVQREKANGTTVHVGIHPSKVVITRLKLDKDRKKILERKAKSRQVGKEKGK
;
Y
31 'polypeptide(L)'
;GKFMKPGKVVLVLAGRYSGRKAVIVKNIDDGTSDRPYSHALVAGIDRYPRKVTAAMGKKKIAKRSKIKSFVKVYNYNHLM
PTRYSVDIPLDKTVVNKDVFRDPALKRKARREAKVKFEERYKTGKNKWFFQKLRF
;
Z
32 'polypeptide(L)'
;PSRLRKTRKLRGHVSHGHGRIGKHRKHPGGRGNAGGMHHHRINFDKYHPGYFGKVGMRHYHLKRNQSFCPTVNLDKLWTL
VSEQTRVNAAKNKTGAAPIIDVVRSGYYKVLGKGKLPKQPVIVKAKFFSRRAEEKIKGVGGACVLVA
;
a
33 'polypeptide(L)'
;AKSKNHTTHNQSRKWHRNGIKKPRSQRYESLKGVDPKFLRNMRFAKKHNKKGLKKMQANNAKAMAARAEAIKALVKPKEV
KPTIPKGVSRKLHRLAYIAHPKLGRRARARIARGLR
;
b
34 'polypeptide(L)'
;SLESINSRLQLVMKSGKYVLGYKQSLKMIRQGKAKLVILANNCPALRKSEIEYYAMLAKTGVHHYSGNNIELGTACGKYY
RVCTLSIIDPGDSDIIRS
;
c
35 'polypeptide(L)'
;NEVVTREYTINIHKRIHGVGFKKRAPRALKEIRKFAMKEMGTPDVRIDTRLNKAVWAKGIRNVPYRIRVRLSRKRNEDED
SPNKLYTLVTYVPVTTFKNLQTVNVDE
;
d
36 'polypeptide(L)'
;AALRPLVKPKIVKKRTKKFIRHQSDRYVKIKRNWRKPRGIDNRVRRRFKGQILMPNIGYGSNKKTKHMLPSGFRKFLVHN
VKELEVLLMCNKSYCAEIAHNVSSKNRKAIVERAAQLAIRVTNPNARL
;
e
37 'polypeptide(L)'
;SGRLWCKAIFAGYKRGLRNQREHTALLKIEGVYARDETEFYLGKRCAYVYKAKNNTVTPGGKPNKTRVIWGKVTRAHGNS
GMVRAKFRSNLPAKAIGHRIRVMLYPSRI
;
f
38 'polypeptide(L)'
;VQRLTYRRRLSYNTASNKTRLSRTPGNRIVYLYTKKVGKAPKSACGVCPGRLRGVRAVRPKVLMRLSKTKKHVSRAYGGS
MCAKCVRDRIKRAFLIEEQKIVVKVLKAQAQSQK
;
g
39 'polypeptide(L)'
;AKIKARDLRGKKKEELLKQLDDLKVELSQLRVAKVTGGAASKLSKIRVVRKSIARVLTVINQTQKENLRKFYKGKKYKPL
DLRPKKTRAMRRRLNKHEESLKTKKQQRKERLYPLRKYAVKA
;
h
40 'polypeptide(L)'
;ALRYPMAVGLNKGHKVTKNVSKPRHSRRRGRLTKHTKFVRDMIREVCGFAPYERRAMELLKVSKDKRALKFIKKRVGTHI
RAKRKREELSSVLAAMRKAAAK
;
i
41 'polypeptide(L)'
;TKGTSSFGKRRNKTHTLCRRCGSKAYHLQKSTCGKCGYPAKRKRKYNWSAKAKRRNTTGTGRMRHLKIVYRRFRHGFREG
TTPKPK
;
j
42 'polypeptide(L)' PRKIEEIKDFLLTARRKDAKSVKIKKNKDNVKFKVRCSRYLYTLVITDKEKAEKLKQSLPPGLAVKELK k
43 'polypeptide(L)' SSHKTFRIKRFLAKKQKQNRPIPQWIWMKTGNKIRYNSKRRHWRRTKLGL l
44 'polypeptide(L)' IIEPSLRQLAQKYNCDKMICR(MLZ)CYARLHPRAVNCRKKKCGHTNNLRPKKKV m
45 'polypeptide(L)' MRAKWRKKRMRRLKRKRRKMRQRSK n
46 'polypeptide(L)'
;VNVPKTRRTFCKKCGKHQPHKVTQYKKGKDSLYAQGKRRYDRKQSGYGGQTKPIFRKKAKTTKKIVLRLECVEPNCRSKR
MLAIKRCKHFELGGDKKRKGQVI
;
o
47 'polypeptide(L)'
;AKRTKKVGIVGKYGTRYGASLRKMVKKIEISQHAKYTCSFCGKTKMKRRAVGIWHCGSCMKTVAGGAWTYNTTSAVTVKS
AIRRLKELKDQ
;
p
48 'polypeptide(L)'
;SAHLQWMVVRNCSSFLIKRNKQTYSTEPNNLKARNSFRYNGLIHRKTVGVEPAADGKGVVVVMKRRSGQRKPATSYVRTT
INKNARATLSSIRHMIRKNKYHPDLRMAAIRRASAILRSQKPVM
;
r
49 'polypeptide(L)'
;SGALDVLQMKEEDVLKFLAAGTHLGGTNLDFQMEQYIYKRKSDGIYIINLKRTWEKLLLAARAIVAIENPADVSVISSRN
TGQRAVLKFAAATGATPIAGRFTPGTFTNQIQTAFREPRLLVVTDPRADHQPLTEASYVNLPTIALCNTDSPLRYVDIAI
PCNNKGAHSVGLMWWMLAREVLRMRGTISREHPWEVMPDLYFYRDPEEIEKEEQAAA
;
AA
50 'polypeptide(L)'
;VVDPFSKKDWYDVKAPAMFNIRNIGKTLVTRTQGTKIASDGLKGRVFEVSLADLQNDEVAFRKFKLITEDVQGKNCLTNF
HGMDLTRDKMCSMVKKWQTMIEAHVDVKTTDGYLLRLFCVGFTKKRNNQIRKTSYAQHQQVRQIRKKMMEIMTREVQTND
LKEVVNKLIPDSIGKDIEKACQSIYPLHDVFVRKVKMLKKPKFELGKLMELHG
;
BB
51 'polypeptide(L)'
;KEWLPVTKLGRLVKDMKIKSLEEIYLFSLPIKESEIIDFFLGASLKDEVLKIMPVQKQTRAGQRTRFKAFVAIGDYNGHV
GLGVKCSKEVATAIRGAIILAKLSIVPVRRGYWGNKIGKPHTVPCKVTGRCGSVLVRLIPAPRGTGIVSAPVPKKLLMMA
GIDDCYTSARGCTATLGNFAKATFDAISKTYSYLTPDLWKETVFTKSPYQEFTDHLVKTHT
;
CC
52 'polypeptide(L)'
;MAVQISKKRKFVADGIFKAELNEFLTRELAEDGYSGVEVRVTPTRTEIIILATRTQNVLGEKGRRIRELTAVVQKRFGFP
EGSVELYAEKVATRGLCAIAQAESLRYKLLGGLAVRRACYGVLRFIMESGAKGCEVVVSGKLRGQRAKSMKFVDGLMIHS
GDPVNYYVDTAVRHVLLRQGVLGIKVKIMLPWDPSGKIGPKKPLPDHVSIVEPKDEILPTTPISEQKG
;
DD
53 'polypeptide(L)'
;ARGPKKHLKRVAAPKHWMLDKLTGVFAPRPSTGPHKLRECLPLIIFLRNRLKYALTGDEVKKICMQRFIKIDGKVRTDIT
YPAGFMDVISIDKTGENFRLIYDTKGRFAVHRITPEEAKYKLCKVRKIFVGTKGIPHLVTHDARTIRYPDPLIKVNDTIQ
IDLETGKITDFIKFDTGNLCMVTGGANLGRIGVITNRERHPGSFDVVHVKDANGNSFATRLSNIFVIGKGNKPWISLPRG
KGIRLTIAEERDKRLAAKQSSG
;
EE
54 'polypeptide(L)'
;TPDIKLFGKWSTDDVQINDISLQDYIAVKEKYAKYLPHSAGRYAAKRFRKAQCPIVERLTNSMMMHGRNNGKKLMTVRIV
KHAFEIIHLLTGENPLQVLVNAIINSGPREDSTRIGRAGTVRRQAVDVSPLRRVNQAIWLLCTGAREAAFRNIKTIAECL
ADELINAAKGSSNSYAIKKKDELERVAKSNR
;
FF
55 'polypeptide(L)'
;MKLNISFPATGCQKLIEVDDERKLRTFYEKRMATEVAADALGEEWKGYVVRISGGNDKQGFPMKQGVLTHGRVRLLLSKG
HSCYRPRRTGERKRKSVRGCIVDANLSVLNLVIVKKGEKDIPGLTDTTVPRRLGPKRASRIRKLFNLSKEDDVRQYVVRK
PLNKEGKKPRTKAPKIQRLVTPRVLQHKRRRIALKKQRTKKNKEEAAEYAKLLAKRMKEAKEKRQEQIAKRRRLSSL
;
GG
56 'polypeptide(L)'
;AKIVKPNGEKPDEFESGISQALLELEMNSDLKAQLRELNITAAKEIEVGGGRKAIIIFVPVPQLKSFQKIQVRLVRELEK
KFSGKHVVFIAQRRILPKPTRKSRTKNKQKRPRSRTLTAVHDAILEDLVFPSEIVGKRIRVKLDGSRLIKVHLDKAQQNN
VEHKVETFSGVYKKLTGKDVNFEFPEFQL
;
HH
57 'polypeptide(L)'
;GISRDNWHKRRKTGGKRKPYHKKRKYELGRPAANTKIGPRRIHTVRVRGGNKKYRALRLDVGNFSWGSECCTRKTRIIDV
VYNASNNELVRTKTLVKNCIVLIDSTPYRQWYESHYALPLGRKKGAKLTPEEEEILNKKRSKKIQKKYDERKKNAKISSL
LEEQFQQGKLLACIASRPGQCGRADGYVLEGKELEFYLRKIKARKG
;
II
58 'polypeptide(L)'
;PVARSWVCRKTYVTPRRPFEKSRLDQELKLIGEYGLRNKREVWRVKFTLAKIRKAARELLTLDEKDPRRLFEGNALLRRL
VRIGVLDEGKMKLDYILGLKIEDFLERRLQTQVFKLGLAKSIHHARVLIRQRHIRVRKQVVNIPSFIVRLDSQKHIDFSL
RSPYGGGRPGRVKRKNAKKGQGGAG
;
JJ
59 'polypeptide(L)'
;MLMPKKNRIAIYELLFKEGVMVAKKDVHMPKHPELADKNVPNLHVMKAMQSLKSRGYVKEQFAWRHFYWYLTNEGIQYLR
DYLHLPPEIVPATLRR
;
KK
60 'polypeptide(L)'
;DIQTERAYQKQPTIFQNKKRVLLGETGKEKLPRYYKNIGLGFKTPKEAIEGTYIDKKCPFTGNVSIRGRILSGVVTKMKM
QRTIVIRRDYLHYIRKYNRFEKRHKNMSVHLSPCFRDVQIGDIVTVGECRPLSKTVRFNVLKVTKAAGTKK
;
LL
61 'polypeptide(L)'
;GRMHAPGKGLSQSALPYRRSVPTWLKLTSDDVKEQIYKLAKKGLTPSQIGVILRDSHGVAQVRFVTGNKILRILKSKGLA
PDLPEDLYHLIKKAVAVRKHLERNRKDKDAKFRLILIESRIHRLARYYKTKRVLPPNWKYESSTASALV
;
NN
62 'polypeptide(L)'
;SLGPQVAEGENVFGVCHIFASFNDTFVHVTDLSGKETICRVTGGMKVKADRDESSPYAAMLAAQDVAQRCKELGITALHI
KLRATGGNRTKTPGPGAQSALRALARSGMKIGRIEDVTPIPSDSTRRKGGRRGRRL
;
OO
63 'polypeptide(L)'
;FRKFTYRGVDLDQLLDMSYEQLMQLYSARQRRRLSRGLRRKQHSLLKRLRKAKKEAPPMEKPEVVKTHLRDMIILPEMVG
SMVGVYNGKTFNQVEIKPEMIGHYLGEFSITYKPVKHGRP
;
PP
64 'polypeptide(L)'
;GPLQSVQVFGRKKTATAVAHCKRGNGLIKVNGRPLEMIEPRTLQYKLLEPVLLLGKERFAGVDIRVRVKGGGHVAQIYAI
RQSISKALVAYYQKYVDEASKKEIKDILIQYDRTLLVADPRRCESKKFGGPGARARYQKSYR
;
QQ
65 'polypeptide(L)'
;GRVRTKTVKKAARVIIEKYYTRLGNDFHTNKRVCEEIAIIPSKKLRNKIAGYVTHLMKRIQRGPVRGISIKLQEEERERR
DNYVPEVSALDQEIIEVDPDTKEMLKLLDFGSLSNLQVTQPTVGMNFKTPRG
;
RR
66 'polypeptide(L)'
;SLVIPEKFQHILRVLNTNIDGRRKIAFAITAIKGVGRRYAHVVLRKADIDLTKRAGELTEDEVERVITIMQNPRQYKIPD
WFLNRQKDVKDGKYSQVLANGLDNKLREDLERLKKIRAHRGLRHFWGLRVRGQHTKTTGRRGRT
;
SS
67 'polypeptide(L)'
;GVTVKDVNQQEFVRALAAFLKKSGKLKVPEWVDTVKLAKHKELAPYDENWFYTRAASTARHLYLRGGAGVGSMTKIYGGR
QRNGVMPSHFSRGSKSVARRVLQALEGLKMVEKDQDGGRKLTPQGQRDLDRIAGQVAAAKK
;
TT
68 'polypeptide(L)'
;HRIRITLTSRNVKSLEKVCADLIRGAKEKNLKVKGPVRMPTKTLRITTRKTPCGEGSKTWDRFQMRIHKRLIDLHSPSEI
VKQITSISIEPGVEVEVTIA
;
UU
69 'polypeptide(L)'
;MQNDAGEFVDLYVPRKCSASNRIIGAKDHASIQMNVAEVDKVTGRFNGQFKTYAICGAIRRMGESDDSILRLAKADGIVS
KNF
;
VV
70 'polypeptide(L)'
;VRMNVLADALKSINNAEKRGKRQVLIRPCSKVIVRFLTVMMKHGYIGEFEIIDDHRAGKIVVNLTGRLNKCGVISPRFDV
QLKDLEKWQNNLLPSRQFGFIVLTTSAGIMDHEEARRKHTGGKILGFFF
;
WW
71 'polypeptide(L)'
;GKCRGLRTARKLRSHRRDQKWHDKQYKKAHLGTALKANPFGGASHAKGIVLEKVGVEAKQPNSAIRKCVRVQLIKNGKKI
TAFVPNDGCLNFIEENDEVLVAGFGRKGHAVGDIPGVRFKVVKVANVSLLALYKGKKERPR
;
XX
72 'polypeptide(L)'
;TVTIRTRKFMTNRLLQRKQMVIDVLHPGKATVPKTEIREKLAKMYKTTPDVIFVFGFRTHFGGGKTTGFGMIYDSLDYAK
KNEPKHRLARHGLYEKKKTSRKQRKERKNRMKKVRGTAKANVGA
;
YY
73 'polypeptide(L)' RDKLNNLVLFDKATYDKLCKEVPNYKLITPAVVSERLKIRGSLARAALQELLSKGLIKLVSKHRAQVIYTRNTKG ZZ
74 'polypeptide(L)'
;TKKRRNNGRAKKGRGHVQPIRCTNCARCVPKDKAIKKFVIRNIVEAAAVRDISEASVFDAYVLPKLYVKLHYCVSCAIHS
KVVRNRSREARKDRTPPPRFR
;
Aa
75 'polypeptide(L)'
;PLAKDLLHPSPEEEKRKHKKKRLVQSPNSYFMDVKCPGCYKITTVFSHAQTVVLCVGCSTVLCQPTGGKARLTEGCSFRR
KQH
;
Bb
76 'polypeptide(L)' QPIKLARVTKVLGRTGSQGQCTQVRVEFMDDTSRSIIRNVKGPVREGDVLTLLESEREARRL Cc
77 'polypeptide(L)' GHQQLYWSHPRKFGQGSRSCRVCSNRHGLIRKYGLNMCRQCFRQYAKDIGFIKLD Dd
78 'polypeptide(L)' SLARVGKVRGQTLKVAKQEKKKKRTGRAKRRMQYNRRFVNVVPTFGKKKGPNANS Ee
79 'polypeptide(L)'
;TEQMTLRGTLKGHNGWVTQIATTPQFPDMILSASRDKTIIMWKLTRDETNYGIPQRALRGHSHFVSDVVISSDGQFALSG
SWDGTLRLWDLTTGTTTRRFVGHTKDVLSVAFSSDNRQIVSGSRDKTIKLWNTLGVCKYTVQDESHSEWVSCVRFSPNSS
NPIIVSCGWDKLVKVWNLANCKLKTNHIGHTGYLNTVTVSPDGSLCASGGKDGQAMLWDLNEGKHLYTLDGGDIINALCF
SPNRYWLCAATGPSIKIWDLEGKIIVDELKQEVISTSSKAEPPQCTSLAWSADGQTLFAGYTDNLVRVWQVTI
;
Gg
#
loop_
_chem_comp.id
_chem_comp.type
_chem_comp.name
_chem_comp.formula
1MA RNA linking 6-HYDRO-1-METHYLADENOSINE-5'-MONOPHOSPHATE 'C11 H16 N5 O7 P'
2MG RNA linking 2N-METHYLGUANOSINE-5'-MONOPHOSPHATE 'C11 H16 N5 O8 P'
4AC RNA linking N(4)-ACETYLCYTIDINE-5'-MONOPHOSPHATE 'C11 H16 N3 O9 P'
5MC RNA linking 5-METHYLCYTIDINE-5'-MONOPHOSPHATE 'C10 H16 N3 O8 P'
5MU RNA linking '5-METHYLURIDINE 5'-MONOPHOSPHATE' 'C10 H15 N2 O9 P'
6MZ RNA linking N6-METHYLADENOSINE-5'-MONOPHOSPHATE 'C11 H16 N5 O7 P'
7MG RNA linking 7N-METHYL-8-HYDROGUANOSINE-5'-MONOPHOSPHATE 'C11 H18 N5 O8 P'
A RNA linking ADENOSINE-5'-MONOPHOSPHATE 'C10 H14 N5 O7 P'
A2M RNA linking '2'-O-methyladenosine 5'-(dihydrogen phosphate)' 'C11 H16 N5 O7 P'
B8H RNA linking '[(2~{R},3~{S},4~{R},5~{S})-5-[1-methyl-2,4-bis(oxidanylidene)pyrimidin-5-yl]-3,4-bis(oxidanyl)oxolan-2-yl]methyl dihydrogen phosphate' 'C10 H15 N2 O9 P'
B8K RNA linking '7-acetyl, guanosine-5'-monophosphate' 'C12 H18 N5 O9 P'
B8N RNA linking '(2~{R})-2-azanyl-4-[5-[(2~{S},3~{R},4~{S},5~{R})-3,4-bis(oxidanyl)-5-(phosphonooxymethyl)oxolan-2-yl]-3-methyl-2,6-bis(oxidanylidene)pyrimidin-1-yl]butanoic acid' 'C14 H22 N3 O11 P'
B8Q RNA linking '3-methyl, cytidine-5'-monophosphate' 'C10 H18 N3 O8 P'
B8T RNA linking '4-methyl, cytidine-5'-monophosphate' 'C10 H16 N3 O8 P'
B8W RNA linking '6-methyl, guanosine-5'-monophosphate' 'C11 H16 N5 O8 P'
B9B RNA linking '6-propyl, guanosine-5'-monophosphate' 'C13 H20 N5 O8 P'
B9H RNA linking '2'-methyl, 3-propyl, cytidine-5'-monophosphate' 'C13 H24 N3 O8 P'
BGH RNA linking '[(2~{R},3~{R},4~{R},5~{R})-5-(2-azanyl-7-ethanoyl-6-oxidanylidene-1,8-dihydropurin-9-yl)-4-methoxy-3-oxidanyl-oxolan-2-yl]methyl dihydrogen phosphate' 'C13 H20 N5 O9 P'
C RNA linking CYTIDINE-5'-MONOPHOSPHATE 'C9 H14 N3 O8 P'
E6G RNA linking '6-ethyl, guanosine-5'-monophosphate' 'C12 H18 N5 O8 P'
E7G RNA linking '7-ethyl, guanosine-5'-monophosphate' 'C12 H20 N5 O8 P'
G RNA linking GUANOSINE-5'-MONOPHOSPHATE 'C10 H14 N5 O8 P'
I4U RNA linking '4-isopropyl, uridine-5'-monophosphate' 'C12 H19 N2 O9 P'
M7A RNA linking '7-methyl, adenosine-5'-monophosphate' 'C11 H18 N5 O7 P'
MA6 RNA linking 6N-DIMETHYLADENOSINE-5'-MONOPHOSHATE 'C12 H18 N5 O7 P'
MG non-polymer 'MAGNESIUM ION' 'Mg 2'
MHG RNA linking '2-methyl, 7-(3-methyl-pentane), guanosine-5'-monophosphate' 'C17 H30 N5 O8 P'
MMX RNA linking '3-ethyl-3,4,5,6-tetrahydrocytidine 5'-(dihydrogen phosphate)' 'C11 H22 N3 O8 P'
MQ6 non-polymer Harringtonine 'C28 H37 N O9'
N RNA linking 'ANY 5'-MONOPHOSPHATE NUCLEOTIDE' 'C5 H11 O7 P'
OMC RNA linking O2'-METHYLYCYTIDINE-5'-MONOPHOSPHATE 'C10 H16 N3 O8 P'
OMG RNA linking O2'-METHYLGUANOSINE-5'-MONOPHOSPHATE 'C11 H16 N5 O8 P'
OMU RNA linking 'O2'-METHYLURIDINE 5'-MONOPHOSPHATE' 'C10 H15 N2 O9 P'
P4U RNA linking '4-propyl, uridine-5'-monophosphate' 'C12 H19 N2 O9 P'
P7G RNA linking '7-propyl, guanosine-5'-monophosphate' 'C13 H22 N5 O8 P'
PSU RNA linking PSEUDOURIDINE-5'-MONOPHOSPHATE 'C9 H13 N2 O9 P'
T6A RNA linking N-[N-(9-B-D-RIBOFURANOSYLPURIN-6-YL)CARBAMOYL]THREONINE-5'-MONOPHOSPHATE 'C15 H21 N6 O11 P'
U RNA linking URIDINE-5'-MONOPHOSPHATE 'C9 H13 N2 O9 P'
UR3 RNA linking 3-METHYLURIDINE-5'-MONOPHOSHATE 'C10 H15 N2 O9 P'
ZN non-polymer 'ZINC ION' 'Zn 2'
#
# COMPACT_ATOMS: atom_id res chain seq x y z
P T6A A 37 46.89 15.35 -1.00
OP1 T6A A 37 46.79 14.40 0.22
OP2 T6A A 37 48.14 15.39 -1.82
O5' T6A A 37 45.68 15.02 -1.98
C5' T6A A 37 44.43 14.55 -1.49
C4' T6A A 37 43.28 14.90 -2.39
O4' T6A A 37 43.44 16.27 -2.88
C3' T6A A 37 43.15 14.07 -3.66
O3' T6A A 37 42.49 12.83 -3.47
C2' T6A A 37 42.41 15.01 -4.60
O2' T6A A 37 41.05 15.10 -4.24
C1' T6A A 37 43.08 16.34 -4.25
N9 T6A A 37 44.31 16.54 -5.04
C8 T6A A 37 45.57 16.74 -4.63
N7 T6A A 37 46.37 16.85 -5.70
C5 T6A A 37 45.60 16.70 -6.79
C6 T6A A 37 45.90 16.72 -8.15
N6 T6A A 37 47.26 16.93 -8.54
N1 T6A A 37 44.94 16.55 -9.04
C2 T6A A 37 43.64 16.36 -8.63
N3 T6A A 37 43.34 16.33 -7.30
C4 T6A A 37 44.32 16.51 -6.39
C10 T6A A 37 47.66 16.95 -9.96
O10 T6A A 37 48.80 17.13 -10.24
N11 T6A A 37 46.66 16.75 -11.04
C12 T6A A 37 47.03 16.75 -12.45
C13 T6A A 37 47.06 18.20 -12.96
ODA T6A A 37 46.49 19.15 -12.29
ODB T6A A 37 47.68 18.49 -14.06
C14 T6A A 37 45.97 15.96 -13.22
O14 T6A A 37 46.13 16.17 -14.60
C15 T6A A 37 44.59 16.43 -12.82
P 4AC B 3 39.41 16.47 -18.04
OP1 4AC B 3 38.55 16.59 -16.80
OP2 4AC B 3 38.96 17.13 -19.32
O5' 4AC B 3 40.86 17.03 -17.70
C5' 4AC B 3 41.51 16.68 -16.49
C4' 4AC B 3 42.54 17.70 -16.08
O4' 4AC B 3 43.72 17.60 -16.91
C3' 4AC B 3 42.14 19.16 -16.23
O3' 4AC B 3 41.25 19.60 -15.22
C2' 4AC B 3 43.49 19.86 -16.21
O2' 4AC B 3 43.97 20.00 -14.87
C1' 4AC B 3 44.38 18.86 -16.94
N1 4AC B 3 44.60 19.25 -18.35
C2 4AC B 3 45.61 20.30 -18.65
O2 4AC B 3 46.20 20.80 -17.77
N3 4AC B 3 45.85 20.71 -20.06
C4 4AC B 3 45.12 20.10 -21.15
N4 4AC B 3 45.41 20.56 -22.50
C5 4AC B 3 44.11 19.05 -20.84
C6 4AC B 3 43.86 18.63 -19.43
C7 4AC B 3 44.78 20.07 -23.72
O7 4AC B 3 43.95 19.23 -23.70
CM7 4AC B 3 45.21 20.67 -25.06
C2 B9B C 231 -82.29 -92.40 4.86
C5 B9B C 231 -80.51 -90.40 4.86
C6 B9B C 231 -80.67 -91.20 5.96
C8 B9B C 231 -79.95 -88.92 3.40
C1' B9B C 231 -81.43 -89.53 1.51
C2' B9B C 231 -82.88 -89.04 1.48
C3' B9B C 231 -82.71 -87.53 1.38
C4 B9B C 231 -81.25 -90.61 3.78
C4' B9B C 231 -81.44 -87.39 0.54
C5' B9B C 231 -80.63 -86.14 0.81
N1 B9B C 231 -81.54 -92.19 5.97
N2 B9B C 231 -83.22 -93.50 4.96
N3 B9B C 231 -82.15 -91.61 3.78
N7 B9B C 231 -79.70 -89.36 4.63
N9 B9B C 231 -80.91 -89.69 2.87
O2' B9B C 231 -83.49 -89.55 0.31
O3' B9B C 231 -83.81 -86.89 0.78
O4' B9B C 231 -80.64 -88.55 0.87
O5' B9B C 231 -79.30 -86.46 1.18
O6 B9B C 231 -80.21 -91.44 7.26
OP1 B9B C 231 -78.58 -84.10 1.50
OP2 B9B C 231 -78.76 -85.72 3.52
P B9B C 231 -78.43 -85.47 2.07
C61 B9B C 231 -80.16 -90.27 8.04
C62 B9B C 231 -79.68 -90.61 9.45
C63 B9B C 231 -78.18 -90.40 9.53
P OMG C 367 -46.56 -40.13 -16.68
OP1 OMG C 367 -46.59 -41.24 -17.69
OP2 OMG C 367 -47.84 -39.68 -16.05
O5' OMG C 367 -45.55 -40.54 -15.52
C5' OMG C 367 -46.03 -41.08 -14.30
C4' OMG C 367 -45.79 -40.14 -13.15
O4' OMG C 367 -46.38 -38.86 -13.43
C3' OMG C 367 -46.39 -40.55 -11.82
O3' OMG C 367 -45.64 -41.54 -11.15
C2' OMG C 367 -46.49 -39.23 -11.09
O2' OMG C 367 -45.22 -38.82 -10.61
CM2 OMG C 367 -45.31 -37.80 -9.63
C1' OMG C 367 -46.88 -38.29 -12.23
N9 OMG C 367 -48.34 -38.15 -12.34
C8 OMG C 367 -49.01 -38.64 -13.40
N7 OMG C 367 -50.31 -38.37 -13.22
C5 OMG C 367 -50.45 -37.74 -12.06
C6 OMG C 367 -51.68 -37.20 -11.33
O6 OMG C 367 -52.75 -37.31 -11.81
N1 OMG C 367 -51.52 -36.54 -10.07
C2 OMG C 367 -50.23 -36.40 -9.51
N2 OMG C 367 -50.07 -35.74 -8.24
N3 OMG C 367 -49.05 -36.92 -10.20
C4 OMG C 367 -49.21 -37.60 -11.51
P A2M C 392 -84.15 -37.27 15.95
OP1 A2M C 392 -83.04 -38.26 15.65
O5' A2M C 392 -84.29 -37.05 17.57
C5' A2M C 392 -83.14 -36.88 18.35
C4' A2M C 392 -83.52 -36.16 19.63
O4' A2M C 392 -84.64 -35.04 19.33
C3' A2M C 392 -84.10 -36.99 20.45
O3' A2M C 392 -83.09 -37.78 21.23
C2' A2M C 392 -84.91 -36.04 21.35
O2' A2M C 392 -84.09 -35.40 22.21
C1' A2M C 392 -85.48 -35.04 20.33
CM' A2M C 392 -84.70 -34.39 22.97
N9 A2M C 392 -86.82 -35.47 19.87
C8 A2M C 392 -86.90 -36.12 18.72
N7 A2M C 392 -88.20 -36.38 18.54
C5 A2M C 392 -88.89 -35.87 19.57
C6 A2M C 392 -90.23 -35.85 19.86
N6 A2M C 392 -91.44 -36.35 19.23
N1 A2M C 392 -90.67 -35.27 20.96
C2 A2M C 392 -89.79 -34.69 21.80
N3 A2M C 392 -88.47 -34.70 21.53
C4 A2M C 392 -88.03 -35.29 20.40
OP2 A2M C 392 -85.45 -37.71 15.34
P 2MG C 604 7.49 -71.64 90.06
OP1 2MG C 604 7.86 -70.24 89.66
OP2 2MG C 604 7.71 -72.77 89.07
O5' 2MG C 604 8.27 -71.99 91.40
C5' 2MG C 604 8.95 -70.97 92.13
C4' 2MG C 604 9.09 -71.33 93.58
O4' 2MG C 604 9.54 -70.16 94.31
C3' 2MG C 604 7.80 -71.78 94.27
O3' 2MG C 604 8.12 -72.58 95.41
C2' 2MG C 604 7.25 -70.45 94.75
O2' 2MG C 604 6.30 -70.56 95.80
C1' 2MG C 604 8.52 -69.76 95.22
N9 2MG C 604 8.49 -68.29 95.26
C8 2MG C 604 9.04 -67.48 96.18
N7 2MG C 604 8.78 -66.21 95.84
C5 2MG C 604 8.09 -66.23 94.71
C6 2MG C 604 7.53 -65.08 93.86
O6 2MG C 604 7.70 -63.96 94.20
N1 2MG C 604 6.81 -65.36 92.67
C2 2MG C 604 6.61 -66.72 92.27
N2 2MG C 604 5.87 -66.98 91.05
CM2 2MG C 604 5.63 -68.33 90.60
N3 2MG C 604 7.15 -67.82 93.08
C4 2MG C 604 7.90 -67.53 94.33
P OMG C 876 -34.62 -50.56 33.28
OP1 OMG C 876 -34.68 -52.06 33.31
OP2 OMG C 876 -33.55 -49.82 34.03
O5' OMG C 876 -34.54 -50.10 31.77
C5' OMG C 876 -35.27 -50.77 30.76
C4' OMG C 876 -35.04 -50.16 29.40
O4' OMG C 876 -35.59 -48.82 29.34
C3' OMG C 876 -33.60 -49.98 28.97
O3' OMG C 876 -32.99 -51.17 28.53
C2' OMG C 876 -33.73 -48.93 27.88
O2' OMG C 876 -34.24 -49.51 26.69
CM2 OMG C 876 -34.59 -48.59 25.68
C1' OMG C 876 -34.81 -48.03 28.48
N9 OMG C 876 -34.22 -46.93 29.26
C8 OMG C 876 -34.25 -46.94 30.60
N7 OMG C 876 -33.64 -45.81 31.03
C5 OMG C 876 -33.27 -45.12 29.96
C6 OMG C 876 -32.55 -43.77 29.82
O6 OMG C 876 -32.23 -43.16 30.77
N1 OMG C 876 -32.27 -43.26 28.52
C2 OMG C 876 -32.66 -44.00 27.37
N2 OMG C 876 -32.38 -43.49 26.05
N3 OMG C 876 -33.34 -45.28 27.51
C4 OMG C 876 -33.63 -45.81 28.86
P 1MA C 882 -23.47 -46.14 36.26
OP1 1MA C 882 -24.00 -47.30 36.99
OP2 1MA C 882 -23.14 -46.28 34.75
O5' 1MA C 882 -24.51 -44.96 36.41
C5' 1MA C 882 -25.10 -44.65 37.67
C4' 1MA C 882 -26.32 -43.79 37.55
O4' 1MA C 882 -26.03 -42.64 36.72
C3' 1MA C 882 -27.55 -44.47 36.92
O3' 1MA C 882 -28.72 -43.97 37.56
C2' 1MA C 882 -27.52 -43.94 35.49
O2' 1MA C 882 -28.77 -43.96 34.84
C1' 1MA C 882 -27.03 -42.52 35.74
N9 1MA C 882 -26.46 -41.83 34.57
C8 1MA C 882 -26.34 -42.66 33.53
N7 1MA C 882 -25.81 -41.94 32.50
C5 1MA C 882 -25.60 -40.70 32.93
C6 1MA C 882 -25.04 -39.43 32.26
N6 1MA C 882 -24.65 -39.48 31.05
N1 1MA C 882 -24.94 -38.21 32.99
CM1 1MA C 882 -24.42 -37.05 32.39
C2 1MA C 882 -25.38 -38.15 34.38
N3 1MA C 882 -25.93 -39.37 35.01
C4 1MA C 882 -26.01 -40.63 34.23
P A2M C 886 -26.58 -33.34 32.64
OP1 A2M C 886 -27.06 -34.68 33.16
O5' A2M C 886 -27.14 -33.06 31.12
C5' A2M C 886 -28.25 -33.77 30.63
C4' A2M C 886 -27.76 -34.61 29.48
O4' A2M C 886 -26.87 -35.82 30.06
C3' A2M C 886 -28.75 -35.17 28.85
O3' A2M C 886 -29.21 -34.29 27.74
C2' A2M C 886 -28.13 -36.44 28.27
O2' A2M C 886 -27.48 -36.15 27.12
C1' A2M C 886 -27.12 -36.88 29.33
CM' A2M C 886 -26.71 -37.20 26.60
N9 A2M C 886 -27.64 -37.96 30.19
C8 A2M C 886 -27.95 -37.68 31.45
N7 A2M C 886 -28.38 -38.83 31.98
C5 A2M C 886 -28.31 -39.78 31.04
C6 A2M C 886 -28.62 -41.11 31.06
N6 A2M C 886 -29.13 -42.05 32.04
N1 A2M C 886 -28.46 -41.85 29.99
C2 A2M C 886 -27.99 -41.30 28.85
N3 A2M C 886 -27.69 -39.99 28.82
C4 A2M C 886 -27.84 -39.24 29.92
OP2 A2M C 886 -25.08 -33.25 32.69
C1' P4U C 908 -25.19 -85.46 17.17
C2 P4U C 908 -25.71 -85.33 14.65
C2' P4U C 908 -26.14 -86.59 17.55
C3' P4U C 908 -25.16 -87.62 18.11
C4 P4U C 908 -23.87 -85.78 12.95
C4' P4U C 908 -24.18 -86.74 18.86
C5 P4U C 908 -22.91 -86.01 14.05
C5' P4U C 908 -22.84 -87.35 19.13
C6 P4U C 908 -23.37 -85.90 15.46
N1 P4U C 908 -24.75 -85.56 15.76
N3 P4U C 908 -25.25 -85.45 13.24
O2 P4U C 908 -26.83 -85.06 14.87
O2' P4U C 908 -27.00 -86.11 18.58
O3' P4U C 908 -25.75 -88.60 18.94
O4 P4U C 908 -23.45 -85.89 11.62
O4' P4U C 908 -24.04 -85.58 18.00
O5' P4U C 908 -21.79 -86.41 18.98
OP1 P4U C 908 -19.69 -87.79 19.08
OP2 P4U C 908 -20.77 -87.15 16.80
P P4U C 908 -20.44 -86.80 18.24
C41 P4U C 908 -22.21 -86.52 11.46
C42 P4U C 908 -21.79 -86.43 10.00
C43 P4U C 908 -22.25 -85.10 9.44
N1 B8Q C 1012 -2.06 -111.66 26.73
C2 B8Q C 1012 -3.32 -110.98 26.79
C5 B8Q C 1012 -1.22 -110.05 28.42
C1' B8Q C 1012 -1.83 -112.64 25.65
C2' B8Q C 1012 -1.53 -111.96 24.32
C3' B8Q C 1012 -0.01 -112.09 24.25
C4 B8Q C 1012 -2.67 -109.71 28.81
C4' B8Q C 1012 0.21 -113.45 24.88
C5' B8Q C 1012 1.61 -113.73 25.37
C6 B8Q C 1012 -1.05 -111.38 27.69
C31 B8Q C 1012 -4.99 -109.36 27.79
N3 B8Q C 1012 -3.68 -109.99 27.80
N4 B8Q C 1012 -2.75 -108.31 29.19
O2 B8Q C 1012 -4.14 -111.25 25.97
O2' B8Q C 1012 -2.14 -112.71 23.28
O3' B8Q C 1012 0.52 -111.99 22.94
O4' B8Q C 1012 -0.73 -113.45 25.98
O5' B8Q C 1012 1.98 -112.87 26.43
OP1 B8Q C 1012 3.59 -114.54 27.42
OP2 B8Q C 1012 4.41 -112.29 26.38
P B8Q C 1012 3.38 -113.06 27.17
P 2MG C 1073 -29.52 -59.08 -2.29
OP1 2MG C 1073 -30.50 -60.18 -2.02
OP2 2MG C 1073 -29.82 -58.08 -3.38
O5' 2MG C 1073 -29.29 -58.27 -0.93
C5' 2MG C 1073 -28.95 -56.89 -0.94
C4' 2MG C 1073 -29.60 -56.13 0.19
O4' 2MG C 1073 -30.98 -55.83 -0.16
C3' 2MG C 1073 -29.64 -56.82 1.54
O3' 2MG C 1073 -29.60 -55.86 2.58
C2' 2MG C 1073 -31.00 -57.51 1.53
O2' 2MG C 1073 -31.58 -57.66 2.81
C1' 2MG C 1073 -31.86 -56.60 0.64
N9 2MG C 1073 -32.74 -57.34 -0.27
C8 2MG C 1073 -32.95 -57.20 -1.60
N7 2MG C 1073 -33.85 -58.12 -1.99
C5 2MG C 1073 -34.18 -58.83 -0.93
C6 2MG C 1073 -35.15 -60.00 -0.74
O6 2MG C 1073 -35.74 -60.41 -1.68
N1 2MG C 1073 -35.35 -60.59 0.53
C2 2MG C 1073 -34.62 -60.07 1.66
N2 2MG C 1073 -34.79 -60.65 2.98
CM2 2MG C 1073 -34.04 -60.10 4.09
N3 2MG C 1073 -33.71 -58.96 1.49
C4 2MG C 1073 -33.50 -58.34 0.15
P OMG C 1078 -34.92 -47.42 5.63
OP1 OMG C 1078 -35.77 -46.96 4.47
OP2 OMG C 1078 -34.06 -48.64 5.46
O5' OMG C 1078 -33.97 -46.22 6.05
C5' OMG C 1078 -34.50 -45.01 6.53
C4' OMG C 1078 -33.45 -44.18 7.21
O4' OMG C 1078 -32.87 -44.92 8.31
C3' OMG C 1078 -32.25 -43.81 6.36
O3' OMG C 1078 -32.52 -42.78 5.45
C2' OMG C 1078 -31.21 -43.45 7.41
O2' OMG C 1078 -31.41 -42.13 7.88
CM2 OMG C 1078 -30.22 -41.36 7.87
C1' OMG C 1078 -31.57 -44.42 8.55
N9 OMG C 1078 -30.62 -45.55 8.61
C8 OMG C 1078 -30.87 -46.74 8.03
N7 OMG C 1078 -29.81 -47.53 8.26
C5 OMG C 1078 -28.91 -46.84 8.96
C6 OMG C 1078 -27.53 -47.19 9.51
O6 OMG C 1078 -27.08 -48.26 9.33
N1 OMG C 1078 -26.80 -46.21 10.26
C2 OMG C 1078 -27.35 -44.91 10.48
N2 OMG C 1078 -26.62 -43.94 11.21
N3 OMG C 1078 -28.67 -44.59 9.95
C4 OMG C 1078 -29.43 -45.60 9.18
P A2M C 1080 -29.86 -38.01 1.26
OP1 A2M C 1080 -31.00 -37.03 1.21
O5' A2M C 1080 -28.42 -37.23 1.18
C5' A2M C 1080 -28.18 -36.22 2.11
C4' A2M C 1080 -26.74 -35.79 1.96
O4' A2M C 1080 -25.76 -36.84 2.67
C3' A2M C 1080 -26.38 -35.84 0.73
O3' A2M C 1080 -26.84 -34.61 0.03
C2' A2M C 1080 -24.86 -35.90 0.82
O2' A2M C 1080 -24.35 -34.65 0.91
C1' A2M C 1080 -24.59 -36.67 2.13
CM' A2M C 1080 -23.45 -34.33 -0.11
N9 A2M C 1080 -23.99 -37.98 1.84
C8 A2M C 1080 -22.73 -38.20 2.20
N7 A2M C 1080 -22.46 -39.45 1.81
C5 A2M C 1080 -23.56 -39.96 1.22
C6 A2M C 1080 -23.81 -41.18 0.66
N6 A2M C 1080 -23.08 -42.42 0.43
N1 A2M C 1080 -25.00 -41.43 0.14
C2 A2M C 1080 -25.97 -40.48 0.16
N3 A2M C 1080 -25.71 -39.29 0.72
C4 A2M C 1080 -24.51 -39.04 1.23
OP2 A2M C 1080 -30.00 -39.06 0.19
P A2M C 1090 -44.44 -18.67 -19.17
OP1 A2M C 1090 -45.05 -19.36 -20.37
O5' A2M C 1090 -45.06 -19.25 -17.76
C5' A2M C 1090 -46.37 -19.74 -17.74
C4' A2M C 1090 -47.28 -18.83 -16.94
O4' A2M C 1090 -48.75 -19.51 -16.86
C3' A2M C 1090 -46.88 -18.70 -15.70
O3' A2M C 1090 -47.42 -17.41 -15.18
C2' A2M C 1090 -47.59 -19.84 -14.98
O2' A2M C 1090 -47.69 -19.56 -13.66
C1' A2M C 1090 -48.98 -19.78 -15.60
CM' A2M C 1090 -46.52 -19.80 -12.94
N9 A2M C 1090 -49.72 -21.04 -15.51
C8 A2M C 1090 -49.16 -22.15 -15.99
N7 A2M C 1090 -50.05 -23.12 -15.77
C5 A2M C 1090 -51.13 -22.60 -15.16
C6 A2M C 1090 -52.30 -23.15 -14.72
N6 A2M C 1090 -52.91 -24.47 -14.70
N1 A2M C 1090 -53.22 -22.40 -14.15
C2 A2M C 1090 -53.00 -21.08 -13.99
N3 A2M C 1090 -51.85 -20.53 -14.41
C4 A2M C 1090 -50.93 -21.30 -15.00
OP2 A2M C 1090 -44.63 -17.17 -19.26
C2 B9B C 1130 -37.06 28.74 -22.10
C5 B9B C 1130 -39.67 28.82 -22.69
C6 B9B C 1130 -39.08 29.81 -21.94
C8 B9B C 1130 -40.95 27.48 -23.80
C1' B9B C 1130 -39.35 25.73 -24.46
C2' B9B C 1130 -40.40 24.64 -24.32
C3' B9B C 1130 -40.13 23.80 -25.56
C4 B9B C 1130 -38.93 27.80 -23.12
C4' B9B C 1130 -39.73 24.84 -26.60
C5' B9B C 1130 -40.85 25.29 -27.50
N1 B9B C 1130 -37.80 29.78 -21.64
N2 B9B C 1130 -35.65 28.76 -21.75
N3 B9B C 1130 -37.63 27.77 -22.84
N7 B9B C 1130 -40.92 28.62 -23.10
N9 B9B C 1130 -39.72 26.99 -23.81
O2' B9B C 1130 -40.26 23.95 -23.10
O3' B9B C 1130 -39.03 22.92 -25.31
O4' B9B C 1130 -39.23 25.98 -25.85
O5' B9B C 1130 -41.89 25.94 -26.77
O6 B9B C 1130 -39.32 31.01 -21.27
OP1 B9B C 1130 -43.47 26.79 -28.50
OP2 B9B C 1130 -43.21 28.02 -26.22
P B9B C 1130 -42.61 27.23 -27.36
C61 B9B C 1130 -40.18 30.88 -20.18
C62 B9B C 1130 -41.37 31.83 -20.36
C63 B9B C 1130 -42.27 31.30 -21.46
N1 PSU C 1138 -46.34 12.33 -9.96
C2 PSU C 1138 -46.80 11.70 -11.09
N3 PSU C 1138 -48.15 11.42 -11.21
C4 PSU C 1138 -49.02 11.78 -10.21
C5 PSU C 1138 -48.55 12.40 -9.06
C6 PSU C 1138 -47.19 12.68 -8.97
O2 PSU C 1138 -46.03 11.40 -11.99
O4 PSU C 1138 -50.21 11.49 -10.37
C1' PSU C 1138 -49.41 12.84 -7.90
C2' PSU C 1138 -50.41 11.79 -7.43
O2' PSU C 1138 -51.51 12.49 -6.84
C3' PSU C 1138 -49.61 11.08 -6.37
C4' PSU C 1138 -48.83 12.21 -5.72
O3' PSU C 1138 -50.40 10.34 -5.45
O4' PSU C 1138 -48.54 13.10 -6.82
C5' PSU C 1138 -47.56 11.81 -5.03
O5' PSU C 1138 -46.93 12.93 -4.44
P PSU C 1138 -45.52 12.79 -3.72
OP1 PSU C 1138 -45.71 12.22 -2.37
OP2 PSU C 1138 -44.60 12.12 -4.66
P 7MG C 1161 -49.96 5.24 6.41
OP1 7MG C 1161 -51.15 6.16 6.30
OP2 7MG C 1161 -49.55 4.42 5.22
O5' 7MG C 1161 -48.71 6.10 6.89
C5' 7MG C 1161 -48.86 7.13 7.86
C4' 7MG C 1161 -47.60 7.33 8.66
O4' 7MG C 1161 -47.07 6.05 9.10
C3' 7MG C 1161 -46.44 7.98 7.93
O3' 7MG C 1161 -46.56 9.38 7.81
C2' 7MG C 1161 -45.24 7.53 8.78
O2' 7MG C 1161 -45.15 8.33 9.95
C1' 7MG C 1161 -45.66 6.13 9.18
N9 7MG C 1161 -45.09 5.10 8.29
C8 7MG C 1161 -45.83 4.32 7.24
N7 7MG C 1161 -44.83 3.39 6.61
C5 7MG C 1161 -43.58 3.61 7.28
C6 7MG C 1161 -42.23 2.95 7.07
O6 7MG C 1161 -42.08 2.11 6.25
N1 7MG C 1161 -41.10 3.37 7.88
C2 7MG C 1161 -41.28 4.41 8.90
N2 7MG C 1161 -40.14 4.81 9.71
N3 7MG C 1161 -42.59 5.03 9.10
C4 7MG C 1161 -43.74 4.62 8.28
CM7 7MG C 1161 -45.11 2.44 5.54
P OMG C 1181 -27.88 -32.24 -16.70
OP1 OMG C 1181 -28.73 -33.38 -17.19
OP2 OMG C 1181 -26.95 -32.45 -15.54
O5' OMG C 1181 -27.01 -31.72 -17.92
C5' OMG C 1181 -25.58 -31.74 -17.87
C4' OMG C 1181 -25.02 -30.34 -17.78
O4' OMG C 1181 -25.20 -29.85 -16.43
C3' OMG C 1181 -23.53 -30.23 -18.06
O3' OMG C 1181 -23.26 -28.97 -18.64
C2' OMG C 1181 -22.92 -30.32 -16.67
O2' OMG C 1181 -21.64 -29.73 -16.56
CM2 OMG C 1181 -20.60 -30.54 -17.10
C1' OMG C 1181 -23.96 -29.58 -15.83
N9 OMG C 1181 -24.02 -30.02 -14.43
C8 OMG C 1181 -25.14 -30.58 -13.94
N7 OMG C 1181 -24.93 -30.89 -12.65
C5 OMG C 1181 -23.69 -30.53 -12.35
C6 OMG C 1181 -22.90 -30.63 -11.04
O6 OMG C 1181 -23.39 -31.10 -10.09
N1 OMG C 1181 -21.56 -30.16 -10.99
C2 OMG C 1181 -20.96 -29.59 -12.15
N2 OMG C 1181 -19.60 -29.10 -12.10
N3 OMG C 1181 -21.72 -29.49 -13.40
C4 OMG C 1181 -23.12 -29.98 -13.45
C1' I4U C 1215 -34.19 -55.79 19.01
C2 I4U C 1215 -31.67 -55.99 18.62
C2' I4U C 1215 -34.56 -57.09 19.73
C3' I4U C 1215 -35.37 -56.58 20.91
C4 I4U C 1215 -30.04 -54.49 19.86
C4' I4U C 1215 -36.06 -55.36 20.35
C5 I4U C 1215 -31.17 -53.85 20.57
C5' I4U C 1215 -36.48 -54.32 21.36
C6 I4U C 1215 -32.56 -54.30 20.27
N1 I4U C 1215 -32.81 -55.36 19.32
N3 I4U C 1215 -30.29 -55.54 18.90
O2 I4U C 1215 -31.86 -56.85 17.83
O2' I4U C 1215 -35.37 -57.86 18.86
O3' I4U C 1215 -36.28 -57.53 21.42
O4 I4U C 1215 -28.71 -54.12 20.09
O4' I4U C 1215 -35.08 -54.79 19.45
O5' I4U C 1215 -35.34 -53.74 21.96
OP1 I4U C 1215 -36.63 -52.74 23.83
OP2 I4U C 1215 -34.11 -52.21 23.52
P I4U C 1215 -35.47 -52.47 22.92
C41 I4U C 1215 -28.48 -53.04 20.96
C42 I4U C 1215 -28.16 -51.80 20.14
C43 I4U C 1215 -27.24 -53.37 21.78
N1 PSU C 1233 -1.32 -49.49 10.87
C2 PSU C 1233 -0.56 -49.37 12.01
N3 PSU C 1233 -1.17 -49.25 13.24
C4 PSU C 1233 -2.54 -49.28 13.32
C5 PSU C 1233 -3.29 -49.40 12.17
C6 PSU C 1233 -2.66 -49.51 10.94
O2 PSU C 1233 0.66 -49.35 11.95
O4 PSU C 1233 -3.09 -49.18 14.42
C1' PSU C 1233 -4.79 -49.43 12.25
C2' PSU C 1233 -5.38 -48.22 11.55
O2' PSU C 1233 -5.37 -47.08 12.37
C3' PSU C 1233 -6.77 -48.73 11.20
C4' PSU C 1233 -6.54 -50.21 10.91
O3' PSU C 1233 -7.61 -48.60 12.35
O4' PSU C 1233 -5.30 -50.56 11.57
C5' PSU C 1233 -6.45 -50.57 9.46
O5' PSU C 1233 -6.41 -49.41 8.63
P PSU C 1233 -7.12 -49.39 7.21
OP1 PSU C 1233 -6.73 -50.52 6.35
OP2 PSU C 1233 -8.55 -49.16 7.47
N1 PSU C 1239 -7.85 -61.93 16.95
C2 PSU C 1239 -7.50 -61.15 18.03
N3 PSU C 1239 -6.19 -61.09 18.45
C4 PSU C 1239 -5.23 -61.82 17.80
C5 PSU C 1239 -5.60 -62.61 16.72
C6 PSU C 1239 -6.92 -62.65 16.31
O2 PSU C 1239 -8.35 -60.49 18.62
O4 PSU C 1239 -4.07 -61.77 18.17
C1' PSU C 1239 -4.55 -63.42 16.00
C2' PSU C 1239 -4.26 -64.70 16.76
O2' PSU C 1239 -2.92 -65.08 16.51
C3' PSU C 1239 -5.23 -65.67 16.09
C4' PSU C 1239 -5.14 -65.24 14.63
O3' PSU C 1239 -4.90 -67.03 16.28
O4' PSU C 1239 -5.02 -63.79 14.72
C5' PSU C 1239 -6.32 -65.60 13.77
O5' PSU C 1239 -7.53 -65.07 14.27
P PSU C 1239 -8.89 -65.23 13.48
OP1 PSU C 1239 -8.86 -66.60 12.92
OP2 PSU C 1239 -10.00 -64.79 14.34
C1' E7G C 1330 12.36 -63.00 44.55
C2 E7G C 1330 16.34 -64.67 42.64
C2' E7G C 1330 11.71 -63.76 43.41
C3' E7G C 1330 10.52 -64.42 44.12
C4 E7G C 1330 14.64 -64.25 44.50
C4' E7G C 1330 10.10 -63.33 45.09
C5 E7G C 1330 15.46 -64.98 45.43
C5' E7G C 1330 9.28 -63.77 46.27
C6 E7G C 1330 16.78 -65.58 44.95
C8 E7G C 1330 13.54 -64.24 46.59
N1 E7G C 1330 17.18 -65.41 43.58
N2 E7G C 1330 16.76 -64.50 41.25
N3 E7G C 1330 15.07 -64.09 43.10
N7 E7G C 1330 14.84 -65.00 46.73
N9 E7G C 1330 13.46 -63.78 45.16
O2' E7G C 1330 11.26 -62.82 42.44
O3' E7G C 1330 9.49 -64.81 43.24
O4' E7G C 1330 11.37 -62.78 45.54
O5' E7G C 1330 10.07 -64.25 47.34
O6 E7G C 1330 17.47 -66.17 45.70
OP2 E7G C 1330 10.40 -65.38 49.56
OP1 E7G C 1330 8.02 -65.09 48.54
P E7G C 1330 9.41 -64.56 48.77
C71 E7G C 1330 15.33 -65.63 47.94
C72 E7G C 1330 14.43 -66.80 48.32
N1 B8H C 1393 0.94 -48.36 46.84
C2 B8H C 1393 1.14 -48.90 45.63
C4 B8H C 1393 2.70 -50.30 46.28
C1' B8H C 1393 3.34 -50.15 49.13
C2' B8H C 1393 4.78 -49.69 48.94
C3' B8H C 1393 4.76 -48.34 49.61
C4' B8H C 1393 3.84 -48.57 50.80
C5 B8H C 1393 2.52 -49.66 47.97
C5' B8H C 1393 3.11 -47.35 51.31
C6 B8H C 1393 1.79 -48.85 48.18
CN1 B8H C 1393 -0.07 -47.29 46.98
N3 B8H C 1393 2.12 -49.97 45.43
O2 B8H C 1393 0.48 -48.52 44.68
O2' B8H C 1393 5.62 -50.59 49.66
O3' B8H C 1393 6.03 -47.84 49.97
O4 B8H C 1393 3.48 -51.17 46.05
O4' B8H C 1393 2.87 -49.55 50.33
O5' B8H C 1393 1.79 -47.30 50.80
OP1 B8H C 1393 1.35 -45.39 52.34
OP2 B8H C 1393 0.58 -45.31 49.85
P B8H C 1393 0.81 -46.10 51.14
P UR3 C 1399 7.45 -27.98 37.35
OP1 UR3 C 1399 7.33 -26.50 37.17
OP2 UR3 C 1399 8.80 -28.65 37.28
O5' UR3 C 1399 6.79 -28.34 38.75
C5' UR3 C 1399 7.48 -28.10 39.97
C4' UR3 C 1399 6.53 -27.68 41.06
O4' UR3 C 1399 5.86 -26.47 40.66
C1' UR3 C 1399 4.58 -26.41 41.26
N1 UR3 C 1399 3.59 -26.10 40.21
C6 UR3 C 1399 3.99 -26.08 38.81
C2 UR3 C 1399 2.19 -25.77 40.59
O2 UR3 C 1399 1.86 -25.78 41.72
N3 UR3 C 1399 1.19 -25.45 39.52
C3U UR3 C 1399 -0.17 -25.14 39.90
C4 UR3 C 1399 1.59 -25.43 38.13
O4 UR3 C 1399 0.79 -25.16 37.29
C5 UR3 C 1399 2.99 -25.74 37.74
C2' UR3 C 1399 4.31 -27.76 41.95
O2' UR3 C 1399 4.53 -27.59 43.35
C3' UR3 C 1399 5.40 -28.65 41.35
O3' UR3 C 1399 5.78 -29.70 42.21
P A2M C 1404 -5.94 -38.19 33.87
OP1 A2M C 1404 -7.06 -38.54 32.92
O5' A2M C 1404 -4.48 -38.39 33.16
C5' A2M C 1404 -4.34 -38.00 31.81
C4' A2M C 1404 -2.89 -38.09 31.38
O4' A2M C 1404 -1.96 -37.17 32.34
C3' A2M C 1404 -2.40 -39.28 31.57
O3' A2M C 1404 -2.79 -40.21 30.47
C2' A2M C 1404 -0.90 -38.99 31.50
O2' A2M C 1404 -0.55 -38.68 30.23
C1' A2M C 1404 -0.79 -37.74 32.39
CM' A2M C 1404 0.82 -38.71 29.97
N9 A2M C 1404 -0.46 -38.12 33.76
C8 A2M C 1404 -1.42 -38.04 34.68
N7 A2M C 1404 -0.84 -38.45 35.82
C5 A2M C 1404 0.44 -38.77 35.57
C6 A2M C 1404 1.44 -39.23 36.37
N6 A2M C 1404 1.60 -39.57 37.78
N1 A2M C 1404 2.64 -39.48 35.87
C2 A2M C 1404 2.87 -39.27 34.56
N3 A2M C 1404 1.88 -38.81 33.76
C4 A2M C 1404 0.68 -38.56 34.28
OP2 A2M C 1404 -6.05 -38.99 35.14
P OMG C 1416 -24.77 -53.27 43.85
OP1 OMG C 1416 -24.86 -52.81 42.43
OP2 OMG C 1416 -24.26 -52.34 44.91
O5' OMG C 1416 -26.22 -53.77 44.30
C5' OMG C 1416 -26.60 -53.75 45.66
C4' OMG C 1416 -27.29 -55.02 46.08
O4' OMG C 1416 -26.58 -56.17 45.55
C3' OMG C 1416 -27.32 -55.27 47.57
O3' OMG C 1416 -28.38 -54.57 48.21
C2' OMG C 1416 -27.44 -56.78 47.65
O2' OMG C 1416 -28.76 -57.21 47.38
CM2 OMG C 1416 -28.99 -58.58 47.70
C1' OMG C 1416 -26.54 -57.20 46.50
N9 OMG C 1416 -25.15 -57.36 46.95
C8 OMG C 1416 -24.14 -56.75 46.31
N7 OMG C 1416 -23.00 -57.07 46.94
C5 OMG C 1416 -23.31 -57.85 47.96
C6 OMG C 1416 -22.46 -58.52 49.04
O6 OMG C 1416 -21.29 -58.35 49.03
N1 OMG C 1416 -23.07 -59.32 50.04
C2 OMG C 1416 -24.48 -59.51 50.04
N2 OMG C 1416 -25.11 -60.31 51.04
N3 OMG C 1416 -25.29 -58.87 49.01
C4 OMG C 1416 -24.66 -58.03 47.97
C1' P7G C 1442 -18.92 -50.08 63.98
C2 P7G C 1442 -22.14 -52.24 66.65
C2' P7G C 1442 -19.02 -48.66 64.53
C3' P7G C 1442 -17.56 -48.23 64.48
C4 P7G C 1442 -19.79 -51.70 65.82
C4' P7G C 1442 -17.07 -48.87 63.19
C5 P7G C 1442 -19.23 -52.61 66.78
C5' P7G C 1442 -15.59 -49.13 63.09
C6 P7G C 1442 -20.16 -53.37 67.70
C8 P7G C 1442 -17.45 -51.64 65.55
N1 P7G C 1442 -21.58 -53.17 67.61
N2 P7G C 1442 -23.61 -52.04 66.58
N3 P7G C 1442 -21.26 -51.50 65.74
N7 P7G C 1442 -17.79 -52.63 66.65
N9 P7G C 1442 -18.75 -51.08 65.05
O2' P7G C 1442 -19.79 -47.87 63.63
O3' P7G C 1442 -17.36 -46.84 64.53
O4' P7G C 1442 -17.80 -50.12 63.12
O5' P7G C 1442 -15.17 -50.06 64.06
O6 P7G C 1442 -19.73 -54.13 68.49
OP1 P7G C 1442 -12.74 -49.61 63.65
OP2 P7G C 1442 -13.49 -51.51 65.25
P P7G C 1442 -13.71 -50.71 63.99
C71 P7G C 1442 -16.78 -53.41 67.43
C72 P7G C 1442 -16.99 -54.96 67.35
C73 P7G C 1442 -16.29 -55.57 68.57
P OMG C 1583 -24.38 -31.41 62.35
OP1 OMG C 1583 -23.92 -30.05 61.92
OP2 OMG C 1583 -23.61 -32.18 63.37
O5' OMG C 1583 -25.87 -31.28 62.86
C5' OMG C 1583 -26.88 -30.67 62.06
C4' OMG C 1583 -28.24 -30.88 62.65
O4' OMG C 1583 -28.56 -32.30 62.66
C3' OMG C 1583 -28.40 -30.45 64.10
O3' OMG C 1583 -28.67 -29.07 64.23
C2' OMG C 1583 -29.52 -31.35 64.60
O2' OMG C 1583 -30.78 -30.85 64.20
CM2 OMG C 1583 -31.88 -31.65 64.63
C1' OMG C 1583 -29.25 -32.64 63.83
N9 OMG C 1583 -28.42 -33.59 64.59
C8 OMG C 1583 -27.09 -33.69 64.41
N7 OMG C 1583 -26.64 -34.65 65.24
C5 OMG C 1583 -27.68 -35.14 65.91
C6 OMG C 1583 -27.79 -36.24 66.96
O6 OMG C 1583 -26.82 -36.81 67.32
N1 OMG C 1583 -29.06 -36.56 67.53
C2 OMG C 1583 -30.23 -35.86 67.10
N2 OMG C 1583 -31.51 -36.18 67.65
N3 OMG C 1583 -30.12 -34.81 66.08
C4 OMG C 1583 -28.79 -34.48 65.50
C1' E7G C 1686 -52.98 -88.92 13.84
C2 E7G C 1686 -52.70 -87.62 18.34
C2' E7G C 1686 -53.66 -90.16 14.41
C3' E7G C 1686 -54.69 -90.47 13.32
C4 E7G C 1686 -53.30 -87.34 15.88
C4' E7G C 1686 -53.98 -90.03 12.06
C5 E7G C 1686 -53.84 -86.05 16.14
C5' E7G C 1686 -54.86 -89.71 10.88
C6 E7G C 1686 -53.81 -85.50 17.56
C8 E7G C 1686 -54.09 -86.49 13.83
N1 E7G C 1686 -53.24 -86.29 18.62
N2 E7G C 1686 -52.13 -88.42 19.41
N3 E7G C 1686 -52.72 -88.15 16.97
N7 E7G C 1686 -54.34 -85.47 14.92
N9 E7G C 1686 -53.43 -87.68 14.49
O2' E7G C 1686 -52.70 -91.19 14.51
O3' E7G C 1686 -55.07 -91.83 13.30
O4' E7G C 1686 -53.27 -88.84 12.47
O5' E7G C 1686 -54.08 -89.43 9.73
O6 E7G C 1686 -54.25 -84.43 17.79
OP2 E7G C 1686 -55.76 -87.69 9.07
OP1 E7G C 1686 -54.94 -89.51 7.39
P E7G C 1686 -54.65 -88.57 8.53
C71 E7G C 1686 -54.96 -84.16 14.75
C72 E7G C 1686 -55.93 -84.20 13.57
P A2M C 1752 -58.22 -16.53 28.16
OP1 A2M C 1752 -57.82 -15.32 28.98
O5' A2M C 1752 -57.28 -16.65 26.82
C5' A2M C 1752 -55.94 -16.27 26.91
C4' A2M C 1752 -55.18 -16.76 25.68
O4' A2M C 1752 -55.60 -18.28 25.35
C3' A2M C 1752 -55.51 -16.09 24.62
O3' A2M C 1752 -54.69 -14.86 24.50
C2' A2M C 1752 -55.15 -17.05 23.49
O2' A2M C 1752 -53.81 -17.03 23.29
C1' A2M C 1752 -55.55 -18.42 24.06
CM' A2M C 1752 -53.42 -16.76 21.98
N9 A2M C 1752 -56.85 -18.91 23.56
C8 A2M C 1752 -57.83 -19.04 24.45
N7 A2M C 1752 -58.87 -19.52 23.76
C5 A2M C 1752 -58.51 -19.66 22.48
C6 A2M C 1752 -59.20 -20.10 21.38
N6 A2M C 1752 -60.54 -20.58 21.10
N1 A2M C 1752 -58.60 -20.14 20.21
C2 A2M C 1752 -57.31 -19.76 20.08
N3 A2M C 1752 -56.63 -19.33 21.16
C4 A2M C 1752 -57.23 -19.29 22.36
OP2 A2M C 1752 -59.68 -16.47 27.82
P OMG C 1753 -55.39 -13.42 24.46
OP1 OMG C 1753 -54.35 -12.40 24.06
OP2 OMG C 1753 -56.14 -13.26 25.75
O5' OMG C 1753 -56.43 -13.53 23.27
C5' OMG C 1753 -56.01 -13.43 21.92
C4' OMG C 1753 -56.82 -14.34 21.02
O4' OMG C 1753 -57.25 -15.49 21.76
C3' OMG C 1753 -58.11 -13.76 20.48
O3' OMG C 1753 -57.91 -12.90 19.37
C2' OMG C 1753 -58.92 -15.01 20.13
O2' OMG C 1753 -58.53 -15.51 18.86
CM2 OMG C 1753 -59.38 -16.55 18.37
C1' OMG C 1753 -58.45 -15.99 21.20
N9 OMG C 1753 -59.42 -16.18 22.28
C8 OMG C 1753 -59.14 -15.86 23.56
N7 OMG C 1753 -60.22 -16.16 24.30
C5 OMG C 1753 -61.15 -16.67 23.50
C6 OMG C 1753 -62.57 -17.19 23.77
O6 OMG C 1753 -63.00 -17.17 24.85
N1 OMG C 1753 -63.35 -17.69 22.68
C2 OMG C 1753 -62.82 -17.70 21.36
N2 OMG C 1753 -63.59 -18.20 20.27
N3 OMG C 1753 -61.46 -17.21 21.12
C4 OMG C 1753 -60.65 -16.69 22.24
N1 OMC C 1754 -63.37 -14.13 19.35
C2 OMC C 1754 -64.67 -14.68 19.81
N3 OMC C 1754 -64.96 -14.74 21.27
C4 OMC C 1754 -64.00 -14.27 22.22
C5 OMC C 1754 -62.70 -13.72 21.76
C6 OMC C 1754 -62.39 -13.66 20.31
O2 OMC C 1754 -65.46 -15.07 19.03
N4 OMC C 1754 -64.30 -14.33 23.64
C1' OMC C 1754 -63.10 -14.09 17.89
C2' OMC C 1754 -63.73 -12.87 17.24
O2' OMC C 1754 -64.13 -13.22 15.91
CM2 OMC C 1754 -65.43 -13.72 15.84
C3' OMC C 1754 -62.57 -11.90 17.21
C4' OMC C 1754 -61.39 -12.82 16.91
O4' OMC C 1754 -61.70 -14.01 17.69
O3' OMC C 1754 -62.71 -10.85 16.26
C5' OMC C 1754 -60.03 -12.31 17.28
O5' OMC C 1754 -60.00 -11.76 18.58
P OMC C 1754 -58.63 -11.47 19.33
OP1 OMC C 1754 -57.80 -10.56 18.45
OP2 OMC C 1754 -58.95 -11.07 20.74
C2 B8W C 1769 -85.83 -19.21 15.06
C4 B8W C 1769 -87.75 -18.12 15.92
C5 B8W C 1769 -88.23 -18.03 14.68
C6 B8W C 1769 -87.50 -18.53 13.60
O6 B8W C 1769 -88.14 -18.36 12.27
N3 B8W C 1769 -86.54 -18.72 16.12
N2 B8W C 1769 -84.50 -19.89 15.08
N1 B8W C 1769 -86.32 -19.11 13.79
C8 B8W C 1769 -89.67 -17.13 16.02
C1' B8W C 1769 -88.40 -17.52 18.20
C2' B8W C 1769 -87.42 -16.43 18.59
C3' B8W C 1769 -88.35 -15.29 18.97
C4' B8W C 1769 -89.54 -16.01 19.58
C5' B8W C 1769 -90.86 -15.28 19.50
C61 B8W C 1769 -88.06 -19.56 11.42
N7 B8W C 1769 -89.41 -17.41 14.74
N9 B8W C 1769 -88.64 -17.57 16.75
O2' B8W C 1769 -86.69 -16.88 19.74
O3' B8W C 1769 -87.78 -14.34 19.84
O4' B8W C 1769 -89.63 -17.25 18.84
O5' B8W C 1769 -91.93 -16.17 19.26
OP1 B8W C 1769 -93.93 -14.78 18.56
OP2 B8W C 1769 -92.23 -15.75 16.82
P B8W C 1769 -92.98 -15.90 18.09
P A2M C 1790 -73.89 -2.21 -14.32
OP1 A2M C 1790 -75.25 -2.78 -14.64
O5' A2M C 1790 -72.98 -2.08 -15.68
C5' A2M C 1790 -72.27 -3.20 -16.15
C4' A2M C 1790 -71.32 -2.75 -17.24
O4' A2M C 1790 -70.25 -1.68 -16.66
C3' A2M C 1790 -70.57 -3.75 -17.64
O3' A2M C 1790 -71.31 -4.60 -18.61
C2' A2M C 1790 -69.41 -3.01 -18.31
O2' A2M C 1790 -69.81 -2.51 -19.51
C1' A2M C 1790 -69.15 -1.84 -17.34
CM' A2M C 1790 -68.83 -2.59 -20.51
N9 A2M C 1790 -68.05 -2.21 -16.43
C8 A2M C 1790 -68.35 -2.52 -15.16
N7 A2M C 1790 -67.18 -2.81 -14.58
C5 A2M C 1790 -66.20 -2.68 -15.49
C6 A2M C 1790 -64.84 -2.86 -15.43
N6 A2M C 1790 -63.88 -3.25 -14.40
N1 A2M C 1790 -64.09 -2.66 -16.49
C2 A2M C 1790 -64.65 -2.28 -17.66
N3 A2M C 1790 -65.99 -2.11 -17.73
C4 A2M C 1790 -66.74 -2.31 -16.65
OP2 A2M C 1790 -73.19 -3.03 -13.27
N1 OMC C 1811 -72.08 -14.59 16.33
C2 OMC C 1811 -73.23 -13.63 16.26
N3 OMC C 1811 -73.33 -12.69 15.11
C4 OMC C 1811 -72.33 -12.69 14.08
C5 OMC C 1811 -71.18 -13.63 14.15
C6 OMC C 1811 -71.07 -14.58 15.30
O2 OMC C 1811 -74.06 -13.63 17.10
N4 OMC C 1811 -72.44 -11.76 12.97
C1' OMC C 1811 -71.94 -15.52 17.48
C2' OMC C 1811 -72.98 -16.65 17.47
O2' OMC C 1811 -73.39 -16.88 18.80
CM2 OMC C 1811 -74.13 -15.85 19.38
C3' OMC C 1811 -72.17 -17.83 16.94
C4' OMC C 1811 -70.78 -17.55 17.47
O4' OMC C 1811 -70.67 -16.11 17.40
O3' OMC C 1811 -72.67 -19.08 17.37
C5' OMC C 1811 -69.65 -18.18 16.70
O5' OMC C 1811 -69.99 -19.48 16.25
P OMC C 1811 -69.61 -19.97 14.79
OP1 OMC C 1811 -69.60 -21.48 14.83
OP2 OMC C 1811 -70.49 -19.26 13.80
P OMG C 1813 -79.80 -19.70 14.99
OP1 OMG C 1813 -80.59 -20.82 15.60
OP2 OMG C 1813 -79.06 -19.96 13.70
O5' OMG C 1813 -80.76 -18.46 14.80
C5' OMG C 1813 -81.82 -18.50 13.85
C4' OMG C 1813 -81.74 -17.36 12.87
O4' OMG C 1813 -80.44 -16.73 12.95
C3' OMG C 1813 -81.88 -17.73 11.41
O3' OMG C 1813 -83.22 -17.97 11.03
C2' OMG C 1813 -81.22 -16.55 10.71
O2' OMG C 1813 -82.13 -15.46 10.64
CM2 OMG C 1813 -81.92 -14.61 9.53
C1' OMG C 1813 -80.11 -16.19 11.69
N9 OMG C 1813 -78.81 -16.74 11.26
C8 OMG C 1813 -78.33 -17.87 11.80
N7 OMG C 1813 -77.13 -18.12 11.24
C5 OMG C 1813 -76.89 -17.15 10.36
C6 OMG C 1813 -75.70 -16.90 9.43
O6 OMG C 1813 -74.80 -17.65 9.41
N1 OMG C 1813 -75.70 -15.76 8.57
C2 OMG C 1813 -76.81 -14.85 8.60
N2 OMG C 1813 -76.81 -13.70 7.74
N3 OMG C 1813 -77.94 -15.10 9.49
C4 OMG C 1813 -77.93 -16.29 10.37
N1 PSU C 1897 -47.01 -22.86 -45.03
C2 PSU C 1897 -46.18 -22.65 -43.95
N3 PSU C 1897 -46.41 -23.29 -42.76
C4 PSU C 1897 -47.48 -24.15 -42.65
C5 PSU C 1897 -48.31 -24.36 -43.74
C6 PSU C 1897 -48.06 -23.71 -44.93
O2 PSU C 1897 -45.23 -21.87 -44.04
O4 PSU C 1897 -47.68 -24.73 -41.59
C1' PSU C 1897 -49.47 -25.31 -43.63
C2' PSU C 1897 -50.58 -24.72 -42.77
O2' PSU C 1897 -51.20 -25.78 -42.05
C3' PSU C 1897 -51.54 -24.18 -43.83
C4' PSU C 1897 -51.41 -25.21 -44.94
O3' PSU C 1897 -52.86 -24.01 -43.37
O4' PSU C 1897 -50.02 -25.59 -44.91
C5' PSU C 1897 -51.81 -24.75 -46.31
O5' PSU C 1897 -51.04 -23.63 -46.72
P PSU C 1897 -50.90 -23.26 -48.26
OP1 PSU C 1897 -52.26 -23.17 -48.85
OP2 PSU C 1897 -49.98 -22.11 -48.38
P 7MG C 1911 -82.86 4.94 -27.67
OP1 7MG C 1911 -82.71 6.01 -26.62
OP2 7MG C 1911 -82.03 3.68 -27.58
O5' 7MG C 1911 -84.39 4.51 -27.72
C5' 7MG C 1911 -85.42 5.48 -27.61
C4' 7MG C 1911 -86.77 4.88 -27.89
O4' 7MG C 1911 -86.78 4.24 -29.19
C3' 7MG C 1911 -87.23 3.77 -26.95
O3' 7MG C 1911 -87.71 4.26 -25.70
C2' 7MG C 1911 -88.28 3.06 -27.77
O2' 7MG C 1911 -89.47 3.82 -27.82
C1' 7MG C 1911 -87.63 3.10 -29.16
N9 7MG C 1911 -86.82 1.90 -29.42
C8 7MG C 1911 -85.31 1.82 -29.39
N7 7MG C 1911 -84.96 0.38 -29.71
C5 7MG C 1911 -86.21 -0.31 -29.90
C6 7MG C 1911 -86.47 -1.77 -30.24
O6 7MG C 1911 -85.58 -2.53 -30.38
N1 7MG C 1911 -87.83 -2.24 -30.37
C2 7MG C 1911 -88.94 -1.30 -30.18
N2 7MG C 1911 -90.31 -1.78 -30.32
N3 7MG C 1911 -88.69 0.10 -29.86
C4 7MG C 1911 -87.30 0.58 -29.72
CM7 7MG C 1911 -83.62 -0.17 -29.80
C2 B9B C 2143 -57.32 -1.21 -73.40
C5 B9B C 2143 -56.23 0.97 -74.52
C6 B9B C 2143 -57.05 1.07 -73.41
C8 B9B C 2143 -54.92 1.25 -76.20
C1' B9B C 2143 -54.61 -1.07 -76.97
C2' B9B C 2143 -55.18 -0.99 -78.38
C3' B9B C 2143 -54.03 -1.48 -79.26
C4 B9B C 2143 -55.97 -0.23 -75.03
C4' B9B C 2143 -52.79 -1.42 -78.36
C5' B9B C 2143 -51.66 -0.59 -78.91
N1 B9B C 2143 -57.59 0.00 -72.87
N2 B9B C 2143 -57.95 -2.32 -72.72
N3 B9B C 2143 -56.51 -1.32 -74.47
N7 B9B C 2143 -55.58 1.89 -75.24
N9 B9B C 2143 -55.15 -0.05 -76.07
O2' B9B C 2143 -56.38 -1.72 -78.50
O3' B9B C 2143 -54.29 -2.84 -79.66
O4' B9B C 2143 -53.23 -0.86 -77.11
O5' B9B C 2143 -52.00 0.78 -78.97
O6 B9B C 2143 -57.66 1.94 -72.51
OP1 B9B C 2143 -50.13 2.38 -78.46
OP2 B9B C 2143 -52.51 2.72 -77.47
P B9B C 2143 -51.41 1.80 -77.90
C61 B9B C 2143 -56.81 2.74 -71.75
C62 B9B C 2143 -57.54 4.01 -71.33
C63 B9B C 2143 -58.16 4.65 -72.57
P OMG C 2162 -86.16 -0.48 -54.61
OP1 OMG C 2162 -87.09 -0.30 -53.45
OP2 OMG C 2162 -84.68 -0.63 -54.39
O5' OMG C 2162 -86.64 -1.72 -55.47
C5' OMG C 2162 -88.01 -1.89 -55.81
C4' OMG C 2162 -88.20 -2.98 -56.83
O4' OMG C 2162 -87.33 -2.74 -57.97
C3' OMG C 2162 -87.82 -4.37 -56.38
O3' OMG C 2162 -88.81 -4.98 -55.56
C2' OMG C 2162 -87.61 -5.09 -57.70
O2' OMG C 2162 -88.84 -5.44 -58.30
CM2 OMG C 2162 -88.71 -6.34 -59.40
C1' OMG C 2162 -86.97 -3.98 -58.55
N9 OMG C 2162 -85.50 -4.07 -58.56
C8 OMG C 2162 -84.72 -3.07 -58.14
N7 OMG C 2162 -83.43 -3.48 -58.26
C5 OMG C 2162 -83.44 -4.72 -58.75
C6 OMG C 2162 -82.31 -5.69 -59.08
O6 OMG C 2162 -81.19 -5.38 -58.92
N1 OMG C 2162 -82.62 -6.99 -59.60
C2 OMG C 2162 -83.99 -7.38 -59.79
N2 OMG C 2162 -84.31 -8.68 -60.29
N3 OMG C 2162 -85.06 -6.44 -59.45
C4 OMG C 2162 -84.73 -5.10 -58.92
C2 B9H C 2175 -64.83 -9.88 -14.58
C4 B9H C 2175 -66.95 -9.35 -15.79
C5 B9H C 2175 -67.60 -9.44 -14.45
C6 B9H C 2175 -66.79 -9.02 -13.28
C32 B9H C 2175 -64.39 -11.68 -17.08
C1' B9H C 2175 -64.63 -9.55 -12.09
C2' B9H C 2175 -63.67 -8.36 -11.95
C3' B9H C 2175 -64.38 -7.49 -10.93
C31 B9H C 2175 -64.95 -10.22 -17.11
C33 B9H C 2175 -63.82 -12.04 -18.45
C4' B9H C 2175 -65.09 -8.52 -10.05
C5' B9H C 2175 -66.31 -8.02 -9.31
N1 B9H C 2175 -65.45 -9.46 -13.31
N3 B9H C 2175 -65.55 -9.84 -15.88
N4 B9H C 2175 -67.76 -10.07 -16.79
O2 B9H C 2175 -63.69 -10.25 -14.54
O2' B9H C 2175 -62.44 -8.85 -11.43
O3' B9H C 2175 -63.47 -6.69 -10.18
O4' B9H C 2175 -65.49 -9.54 -10.98
O5' B9H C 2175 -67.33 -7.62 -10.22
OP1 B9H C 2175 -69.09 -6.92 -8.62
OP2 B9H C 2175 -69.68 -7.52 -11.06
P B9H C 2175 -68.86 -7.76 -9.82
C21 B9H C 2175 -61.30 -8.12 -11.80
N1 OMC C 2193 -62.88 1.68 -18.89
C2 OMC C 2193 -64.18 1.39 -18.24
N3 OMC C 2193 -64.22 0.95 -16.83
C4 OMC C 2193 -62.98 0.80 -16.08
C5 OMC C 2193 -61.69 1.09 -16.73
C6 OMC C 2193 -61.65 1.53 -18.14
O2 OMC C 2193 -65.19 1.50 -18.85
N4 OMC C 2193 -63.03 0.37 -14.70
C1' OMC C 2193 -62.84 2.12 -20.30
C2' OMC C 2193 -63.14 3.61 -20.45
O2' OMC C 2193 -63.82 3.81 -21.68
CM2 OMC C 2193 -65.17 3.44 -21.64
C3' OMC C 2193 -61.73 4.20 -20.49
C4' OMC C 2193 -60.95 3.13 -21.23
O4' OMC C 2193 -61.54 1.89 -20.80
O3' OMC C 2193 -61.68 5.46 -21.13
C5' OMC C 2193 -59.47 3.11 -20.94
O5' OMC C 2193 -59.22 3.14 -19.54
P OMC C 2193 -57.74 3.09 -18.97
OP1 OMC C 2193 -56.96 4.23 -19.57
OP2 OMC C 2193 -57.81 2.94 -17.48
N1 OMC C 2250 -39.63 23.17 9.06
C2 OMC C 2250 -39.62 22.06 8.07
N3 OMC C 2250 -40.28 20.76 8.41
C4 OMC C 2250 -40.90 20.57 9.69
C5 OMC C 2250 -40.90 21.67 10.69
C6 OMC C 2250 -40.25 22.96 10.35
O2 OMC C 2250 -39.11 22.20 7.02
N4 OMC C 2250 -41.54 19.30 10.02
C1' OMC C 2250 -38.95 24.45 8.78
C2' OMC C 2250 -39.67 25.34 7.76
O2' OMC C 2250 -38.70 25.94 6.93
CM2 OMC C 2250 -37.86 25.04 6.25
C3' OMC C 2250 -40.33 26.39 8.66
C4' OMC C 2250 -39.40 26.48 9.85
O4' OMC C 2250 -38.84 25.15 9.98
O3' OMC C 2250 -40.49 27.63 8.00
C5' OMC C 2250 -40.05 26.86 11.16
O5' OMC C 2250 -40.94 25.84 11.59
P OMC C 2250 -41.70 25.94 12.98
OP1 OMC C 2250 -42.01 27.39 13.22
OP2 OMC C 2250 -42.83 24.93 12.97
N1 OMC C 2395 10.45 -8.44 -21.08
C2 OMC C 2395 9.21 -9.23 -20.91
N3 OMC C 2395 7.88 -8.57 -21.09
C4 OMC C 2395 7.81 -7.17 -21.41
C5 OMC C 2395 9.06 -6.38 -21.56
C6 OMC C 2395 10.39 -7.03 -21.40
O2 OMC C 2395 9.27 -10.39 -20.66
N4 OMC C 2395 6.52 -6.54 -21.56
C1' OMC C 2395 11.74 -9.13 -20.90
C2' OMC C 2395 12.91 -8.49 -21.64
O2' OMC C 2395 12.95 -8.88 -23.00
CM2 OMC C 2395 13.45 -7.89 -23.85
C3' OMC C 2395 14.09 -8.99 -20.81
C4' OMC C 2395 13.53 -8.97 -19.39
O4' OMC C 2395 12.08 -9.07 -19.53
O3' OMC C 2395 14.38 -10.35 -21.17
C5' OMC C 2395 13.86 -7.75 -18.58
O5' OMC C 2395 13.57 -6.55 -19.30
P OMC C 2395 14.59 -5.32 -19.26
OP1 OMC C 2395 15.93 -5.81 -19.75
OP2 OMC C 2395 13.94 -4.14 -19.94
N1 PSU C 2409 16.21 -33.15 -33.09
C2 PSU C 2409 14.97 -32.58 -33.34
N3 PSU C 2409 13.95 -32.71 -32.42
C4 PSU C 2409 14.17 -33.39 -31.26
C5 PSU C 2409 15.42 -33.96 -31.00
C6 PSU C 2409 16.43 -33.81 -31.94
O2 PSU C 2409 14.78 -31.97 -34.40
O4 PSU C 2409 13.25 -33.50 -30.44
C1' PSU C 2409 15.69 -34.69 -29.72
C2' PSU C 2409 14.90 -35.99 -29.56
O2' PSU C 2409 14.49 -36.09 -28.21
C3' PSU C 2409 15.94 -37.05 -29.89
C4' PSU C 2409 17.22 -36.43 -29.36
O3' PSU C 2409 15.67 -38.31 -29.30
O4' PSU C 2409 17.06 -35.01 -29.62
C5' PSU C 2409 18.49 -36.93 -29.99
O5' PSU C 2409 18.46 -36.81 -31.40
P PSU C 2409 19.75 -36.35 -32.20
OP1 PSU C 2409 20.74 -37.45 -32.22
OP2 PSU C 2409 19.30 -35.75 -33.48
P A2M C 2412 7.08 -45.61 -34.25
OP1 A2M C 2412 7.29 -46.97 -33.62
O5' A2M C 2412 5.83 -45.65 -35.32
C5' A2M C 2412 4.65 -46.32 -34.97
C4' A2M C 2412 3.54 -45.93 -35.92
O4' A2M C 2412 3.35 -44.33 -35.96
C3' A2M C 2412 3.82 -46.29 -37.14
O3' A2M C 2412 3.40 -47.69 -37.41
C2' A2M C 2412 2.99 -45.31 -37.97
O2' A2M C 2412 1.70 -45.73 -37.95
C1' A2M C 2412 3.11 -43.99 -37.20
CM' A2M C 2412 0.80 -44.87 -38.61
N9 A2M C 2412 4.25 -43.20 -37.72
C8 A2M C 2412 5.34 -43.11 -36.97
N7 A2M C 2412 6.21 -42.36 -37.66
C5 A2M C 2412 5.62 -42.00 -38.82
C6 A2M C 2412 6.08 -41.24 -39.87
N6 A2M C 2412 7.29 -40.52 -40.20
N1 A2M C 2412 5.30 -41.04 -40.90
C2 A2M C 2412 4.06 -41.57 -40.94
N3 A2M C 2412 3.61 -42.32 -39.91
C4 A2M C 2412 4.40 -42.52 -38.85
OP2 A2M C 2412 8.34 -45.13 -34.91
P A2M C 2417 18.19 -54.55 -49.88
OP1 A2M C 2417 18.76 -55.06 -51.18
O5' A2M C 2417 19.09 -55.06 -48.60
C5' A2M C 2417 20.49 -54.90 -48.67
C4' A2M C 2417 21.08 -55.06 -47.29
O4' A2M C 2417 20.33 -54.09 -46.24
C3' A2M C 2417 20.88 -56.26 -46.82
O3' A2M C 2417 21.96 -57.19 -47.29
C2' A2M C 2417 20.99 -56.05 -45.30
O2' A2M C 2417 22.29 -56.06 -44.94
C1' A2M C 2417 20.39 -54.66 -45.07
CM' A2M C 2417 22.53 -55.65 -43.62
N9 A2M C 2417 19.03 -54.75 -44.49
C8 A2M C 2417 18.00 -54.37 -45.24
N7 A2M C 2417 16.92 -54.53 -44.48
C5 A2M C 2417 17.30 -55.00 -43.28
C6 A2M C 2417 16.58 -55.34 -42.16
N6 A2M C 2417 15.18 -55.34 -41.76
N1 A2M C 2417 17.21 -55.80 -41.09
C2 A2M C 2417 18.55 -55.94 -41.09
N3 A2M C 2417 19.26 -55.61 -42.20
C4 A2M C 2417 18.62 -55.14 -43.28
OP2 A2M C 2417 16.74 -54.95 -49.73
N1 PSU C 2423 11.55 -59.32 -38.97
C2 PSU C 2423 12.80 -59.33 -39.55
N3 PSU C 2423 13.90 -59.74 -38.82
C4 PSU C 2423 13.74 -60.13 -37.51
C5 PSU C 2423 12.48 -60.12 -36.94
C6 PSU C 2423 11.39 -59.71 -37.69
O2 PSU C 2423 12.94 -58.98 -40.71
O4 PSU C 2423 14.71 -60.49 -36.85
C1' PSU C 2423 12.31 -60.57 -35.51
C2' PSU C 2423 12.66 -59.47 -34.53
O2' PSU C 2423 13.23 -60.09 -33.37
C3' PSU C 2423 11.31 -58.88 -34.20
C4' PSU C 2423 10.39 -60.10 -34.26
O3' PSU C 2423 11.26 -58.22 -32.95
O4' PSU C 2423 10.96 -60.93 -35.30
C5' PSU C 2423 8.94 -59.82 -34.59
O5' PSU C 2423 8.74 -59.69 -35.98
P PSU C 2423 7.27 -59.62 -36.59
OP1 PSU C 2423 6.39 -59.07 -35.54
OP2 PSU C 2423 7.35 -58.95 -37.92
N1 B8H C 2456 24.97 21.07 15.99
C2 B8H C 2456 23.65 21.00 15.74
C4 B8H C 2456 23.15 19.76 17.49
C1' B8H C 2456 25.43 19.08 19.16
C2' B8H C 2456 24.96 17.62 19.18
C3' B8H C 2456 26.11 16.93 18.44
C4' B8H C 2456 27.32 17.71 18.94
C5 B8H C 2456 24.90 19.77 17.95
C5' B8H C 2456 28.52 17.73 18.01
C6 B8H C 2456 25.64 20.32 17.33
CN1 B8H C 2456 25.83 21.82 15.08
N3 B8H C 2456 22.74 20.27 16.60
O2 B8H C 2456 23.20 21.56 14.76
O2' B8H C 2456 24.90 17.19 20.52
O3' B8H C 2456 26.19 15.54 18.71
O4 B8H C 2456 22.35 19.17 18.15
O4' B8H C 2456 26.84 19.06 19.13
O5' B8H C 2456 28.99 19.05 17.82
OP1 B8H C 2456 31.31 18.18 18.05
OP2 B8H C 2456 30.68 19.76 16.07
P B8H C 2456 30.53 19.34 17.53
N1 PSU C 2458 24.12 15.38 11.91
C2 PSU C 2458 24.87 16.27 11.16
N3 PSU C 2458 24.28 16.97 10.13
C4 PSU C 2458 22.95 16.79 9.84
C5 PSU C 2458 22.20 15.88 10.59
C6 PSU C 2458 22.81 15.20 11.63
O2 PSU C 2458 26.06 16.43 11.42
O4 PSU C 2458 22.43 17.42 8.92
C1' PSU C 2458 20.73 15.67 10.34
C2' PSU C 2458 20.40 14.99 9.01
O2' PSU C 2458 19.14 15.48 8.55
C3' PSU C 2458 20.28 13.52 9.43
C4' PSU C 2458 19.68 13.63 10.83
O3' PSU C 2458 19.49 12.75 8.55
O4' PSU C 2458 20.22 14.86 11.37
C5' PSU C 2458 20.00 12.49 11.77
O5' PSU C 2458 20.11 12.96 13.12
P PSU C 2458 21.25 12.41 14.08
OP1 PSU C 2458 20.81 11.04 14.43
OP2 PSU C 2458 22.58 12.63 13.45
P 5MC C 2476 -1.79 13.70 1.91
OP1 5MC C 2476 -2.96 14.56 2.30
OP2 5MC C 2476 -0.40 14.29 1.90
O5' 5MC C 2476 -1.76 12.43 2.86
C5' 5MC C 2476 -2.96 11.76 3.24
C4' 5MC C 2476 -2.67 10.53 4.05
O4' 5MC C 2476 -1.63 9.76 3.41
C3' 5MC C 2476 -2.12 10.76 5.44
O3' 5MC C 2476 -3.14 11.06 6.38
C2' 5MC C 2476 -1.39 9.46 5.75
O2' 5MC C 2476 -2.30 8.47 6.22
C1' 5MC C 2476 -0.90 9.03 4.37
N1 5MC C 2476 0.54 9.31 4.17
C2 5MC C 2476 1.58 8.46 4.80
O2 5MC C 2476 1.27 7.54 5.48
N3 5MC C 2476 3.01 8.76 4.58
C4 5MC C 2476 3.40 9.88 3.75
N4 5MC C 2476 4.81 10.17 3.54
C5 5MC C 2476 2.37 10.74 3.12
C6 5MC C 2476 0.93 10.44 3.34
CM5 5MC C 2476 2.79 11.92 2.25
P A2M C 2479 -9.90 7.26 7.33
OP1 A2M C 2479 -11.04 8.13 6.85
O5' A2M C 2479 -10.27 5.66 7.17
C5' A2M C 2479 -10.77 5.20 5.95
C4' A2M C 2479 -10.91 3.69 6.00
O4' A2M C 2479 -12.21 3.28 5.11
C3' A2M C 2479 -9.86 3.12 5.47
O3' A2M C 2479 -9.41 1.94 6.27
C2' A2M C 2479 -10.34 2.66 4.09
O2' A2M C 2479 -9.64 1.57 3.68
C1' A2M C 2479 -11.80 2.29 4.38
CM' A2M C 2479 -9.04 1.75 2.43
N9 A2M C 2479 -12.54 2.16 3.12
C8 A2M C 2479 -12.24 2.98 2.12
N7 A2M C 2479 -13.04 2.62 1.11
C5 A2M C 2479 -13.81 1.59 1.51
C6 A2M C 2479 -14.78 0.85 0.89
N6 A2M C 2479 -15.40 0.85 -0.42
N1 A2M C 2479 -15.40 -0.12 1.52
C2 A2M C 2479 -15.06 -0.41 2.80
N3 A2M C 2479 -14.11 0.31 3.43
C4 A2M C 2479 -13.49 1.30 2.77
OP2 A2M C 2479 -9.53 7.57 8.75
P OMG C 2486 -2.11 7.78 18.94
OP1 OMG C 2486 -1.79 9.25 19.03
OP2 OMG C 2486 -2.93 7.27 17.79
O5' OMG C 2486 -0.73 6.97 18.96
C5' OMG C 2486 0.28 7.29 19.90
C4' OMG C 2486 1.61 7.49 19.22
O4' OMG C 2486 1.51 7.15 17.82
C3' OMG C 2486 2.14 8.91 19.20
O3' OMG C 2486 2.73 9.28 20.43
C2' OMG C 2486 3.12 8.89 18.03
O2' OMG C 2486 4.37 8.34 18.43
CM2 OMG C 2486 5.44 8.68 17.56
C1' OMG C 2486 2.45 7.88 17.08
N9 OMG C 2486 1.75 8.54 15.96
C8 OMG C 2486 0.52 8.16 15.60
N7 OMG C 2486 0.14 8.91 14.55
C5 OMG C 2486 1.12 9.76 14.27
C6 OMG C 2486 1.26 10.84 13.21
O6 OMG C 2486 0.37 11.03 12.45
N1 OMG C 2486 2.44 11.62 13.14
C2 OMG C 2486 3.51 11.39 14.07
N2 OMG C 2486 4.71 12.17 13.99
N3 OMG C 2486 3.37 10.34 15.08
C4 OMG C 2486 2.14 9.53 15.16
P A2M C 2519 -21.18 22.04 -5.83
OP1 A2M C 2519 -21.92 23.18 -5.20
O5' A2M C 2519 -22.18 21.10 -6.73
C5' A2M C 2519 -22.95 21.72 -7.72
C4' A2M C 2519 -23.66 20.66 -8.52
O4' A2M C 2519 -22.59 19.91 -9.48
C3' A2M C 2519 -24.11 19.72 -7.75
O3' A2M C 2519 -25.46 20.06 -7.20
C2' A2M C 2519 -24.21 18.52 -8.70
O2' A2M C 2519 -25.28 18.66 -9.50
C1' A2M C 2519 -22.92 18.64 -9.52
CM' A2M C 2519 -25.42 17.64 -10.45
N9 A2M C 2519 -21.84 17.84 -8.93
C8 A2M C 2519 -20.97 18.44 -8.12
N7 A2M C 2519 -20.11 17.50 -7.74
C5 A2M C 2519 -20.47 16.34 -8.32
C6 A2M C 2519 -19.93 15.08 -8.25
N6 A2M C 2519 -18.81 14.46 -7.59
N1 A2M C 2519 -20.49 14.08 -8.93
C2 A2M C 2519 -21.58 14.31 -9.68
N3 A2M C 2519 -22.12 15.54 -9.75
C4 A2M C 2519 -21.56 16.55 -9.06
OP2 A2M C 2519 -20.45 21.22 -4.79
P A2M C 2561 -48.46 -37.16 37.36
OP1 A2M C 2561 -49.64 -37.40 38.25
O5' A2M C 2561 -47.63 -35.82 37.81
C5' A2M C 2561 -47.87 -35.27 39.08
C4' A2M C 2561 -46.53 -34.88 39.69
O4' A2M C 2561 -45.38 -35.07 38.59
C3' A2M C 2561 -46.47 -33.62 39.99
O3' A2M C 2561 -47.05 -33.39 41.35
C2' A2M C 2561 -44.96 -33.39 40.06
O2' A2M C 2561 -44.55 -33.77 41.28
C1' A2M C 2561 -44.38 -34.34 38.99
CM' A2M C 2561 -43.17 -33.73 41.48
N9 A2M C 2561 -43.80 -33.65 37.82
C8 A2M C 2561 -44.39 -33.83 36.65
N7 A2M C 2561 -43.67 -33.13 35.77
C5 A2M C 2561 -42.65 -32.54 36.43
C6 A2M C 2561 -41.63 -31.71 35.99
N6 A2M C 2561 -41.21 -31.15 34.72
N1 A2M C 2561 -40.75 -31.26 36.84
C2 A2M C 2561 -40.84 -31.59 38.15
N3 A2M C 2561 -41.83 -32.40 38.58
C4 A2M C 2561 -42.73 -32.86 37.72
OP2 A2M C 2561 -48.88 -37.08 35.91
N1 OMC C 2563 -41.17 -26.45 49.42
C2 OMC C 2563 -40.39 -26.46 50.68
N3 OMC C 2563 -40.00 -27.75 51.31
C4 OMC C 2563 -40.38 -29.00 50.69
C5 OMC C 2563 -41.15 -29.00 49.43
C6 OMC C 2563 -41.54 -27.71 48.80
O2 OMC C 2563 -40.08 -25.44 51.21
N4 OMC C 2563 -40.00 -30.26 51.29
C1' OMC C 2563 -41.57 -25.17 48.79
C2' OMC C 2563 -40.39 -24.47 48.10
O2' OMC C 2563 -40.63 -23.07 48.13
CM2 OMC C 2563 -39.70 -22.36 48.90
C3' OMC C 2563 -40.52 -25.00 46.68
C4' OMC C 2563 -42.04 -25.08 46.49
O4' OMC C 2563 -42.54 -25.44 47.80
O3' OMC C 2563 -39.89 -24.19 45.70
C5' OMC C 2563 -42.53 -26.07 45.47
O5' OMC C 2563 -42.02 -27.37 45.74
P OMC C 2563 -42.89 -28.68 45.43
OP1 OMC C 2563 -42.00 -29.87 45.69
OP2 OMC C 2563 -44.21 -28.54 46.16
C1' P7G C 2574 -37.86 -31.15 42.53
C2 P7G C 2574 -40.01 -34.93 40.56
C2' P7G C 2574 -37.32 -32.08 43.62
C3' P7G C 2574 -36.16 -31.26 44.22
C4 P7G C 2574 -38.51 -32.87 40.65
C4' P7G C 2574 -36.49 -29.83 43.82
C5 P7G C 2574 -38.19 -33.04 39.26
C5' P7G C 2574 -35.31 -28.88 43.72
C6 P7G C 2574 -38.80 -34.18 38.48
C8 P7G C 2574 -37.02 -31.13 40.04
N1 P7G C 2574 -39.68 -35.10 39.15
N2 P7G C 2574 -40.91 -35.89 41.22
N3 P7G C 2574 -39.42 -33.82 41.32
N7 P7G C 2574 -37.28 -31.99 38.82
N9 P7G C 2574 -37.81 -31.72 41.18
O2' P7G C 2574 -38.34 -32.27 44.58
O3' P7G C 2574 -36.02 -31.42 45.61
O4' P7G C 2574 -37.12 -29.96 42.54
O5' P7G C 2574 -35.06 -28.53 42.37
O6 P7G C 2574 -38.54 -34.34 37.34
OP1 P7G C 2574 -33.61 -28.69 40.34
OP2 P7G C 2574 -32.96 -27.16 42.35
P P7G C 2574 -33.57 -28.43 41.83
C71 P7G C 2574 -36.70 -31.79 37.49
C72 P7G C 2574 -35.19 -31.41 37.70
C73 P7G C 2574 -34.40 -31.77 36.44
N1 OMC C 2581 -41.66 -28.16 58.34
C2 OMC C 2581 -42.17 -29.33 57.60
N3 OMC C 2581 -42.79 -30.47 58.34
C4 OMC C 2581 -42.88 -30.43 59.78
C5 OMC C 2581 -42.37 -29.25 60.52
C6 OMC C 2581 -41.76 -28.12 59.79
O2 OMC C 2581 -42.09 -29.38 56.42
N4 OMC C 2581 -43.49 -31.54 60.48
C1' OMC C 2581 -41.05 -27.03 57.60
C2' OMC C 2581 -42.13 -26.20 56.91
O2' OMC C 2581 -41.56 -25.58 55.77
CM2 OMC C 2581 -41.72 -26.34 54.61
C3' OMC C 2581 -42.43 -25.17 57.98
C4' OMC C 2581 -41.06 -24.89 58.57
O4' OMC C 2581 -40.39 -26.19 58.51
O3' OMC C 2581 -43.07 -24.00 57.51
C5' OMC C 2581 -41.03 -24.37 59.98
O5' OMC C 2581 -39.76 -23.86 60.31
P OMC C 2581 -38.88 -24.55 61.45
OP1 OMC C 2581 -39.00 -23.74 62.71
OP2 OMC C 2581 -39.26 -26.00 61.47
N2 B8K C 2591 -43.13 -17.33 35.93
C2 B8K C 2591 -43.39 -16.35 34.93
C8 B8K C 2591 -42.56 -12.37 32.28
N1 B8K C 2591 -44.57 -16.45 34.08
C6 B8K C 2591 -44.83 -15.46 33.06
C5 B8K C 2591 -43.86 -14.28 32.84
C4 B8K C 2591 -42.69 -14.23 33.72
N3 B8K C 2591 -42.44 -15.22 34.74
C1' B8K C 2591 -40.63 -12.70 34.06
C2' B8K C 2591 -39.47 -12.64 33.08
C3' B8K C 2591 -38.53 -11.66 33.78
C4' B8K C 2591 -39.52 -10.67 34.40
C5' B8K C 2591 -39.75 -9.40 33.61
N7 B8K C 2591 -43.83 -13.16 31.93
N9 B8K C 2591 -41.89 -13.07 33.42
O2' B8K C 2591 -38.91 -13.92 32.85
O3' B8K C 2591 -37.83 -12.33 34.82
O4' B8K C 2591 -40.76 -11.38 34.56
O5' B8K C 2591 -40.98 -9.46 32.88
O6 B8K C 2591 -45.82 -15.60 32.39
OP1 B8K C 2591 -41.93 -7.37 33.82
P B8K C 2591 -42.29 -8.75 33.43
C71 B8K C 2591 -44.72 -12.70 30.86
C72 B8K C 2591 -46.02 -13.42 30.43
O71 B8K C 2591 -44.42 -11.72 30.28
OP2 B8K C 2591 -43.40 -8.98 32.45
C1' BGH C 2593 -36.22 -20.98 38.16
C2 BGH C 2593 -40.43 -22.70 37.33
C2' BGH C 2593 -35.42 -22.23 37.41
C3' BGH C 2593 -34.47 -21.66 36.82
C4 BGH C 2593 -38.51 -21.06 37.05
C4' BGH C 2593 -33.98 -20.63 37.88
C5 BGH C 2593 -39.24 -20.28 36.09
C5' BGH C 2593 -33.25 -19.60 37.35
C6 BGH C 2593 -40.65 -20.76 35.73
C8 BGH C 2593 -37.12 -19.28 36.40
N1 BGH C 2593 -41.21 -21.95 36.35
N2 BGH C 2593 -40.98 -23.89 37.96
N3 BGH C 2593 -39.08 -22.26 37.67
N7 BGH C 2593 -38.41 -19.17 35.64
N9 BGH C 2593 -37.21 -20.49 37.28
O2' BGH C 2593 -34.92 -23.11 38.46
O3' BGH C 2593 -33.38 -22.66 36.55
O4' BGH C 2593 -35.34 -20.07 38.40
O5' BGH C 2593 -34.01 -19.02 36.33
O6 BGH C 2593 -41.32 -20.19 34.95
OP1 BGH C 2593 -32.08 -17.87 35.06
OP2 BGH C 2593 -34.43 -17.27 34.49
P BGH C 2593 -33.47 -17.66 35.58
C71 BGH C 2593 -38.61 -18.11 34.64
C72 BGH C 2593 -39.88 -17.94 33.82
C6' BGH C 2593 -35.89 -23.83 39.17
O71 BGH C 2593 -37.74 -17.34 34.47
N1 OMC C 2603 -19.19 -25.00 15.97
C2 OMC C 2603 -18.48 -25.73 17.08
N3 OMC C 2603 -19.06 -26.97 17.64
C4 OMC C 2603 -20.31 -27.49 17.16
C5 OMC C 2603 -21.02 -26.77 16.07
C6 OMC C 2603 -20.45 -25.53 15.49
O2 OMC C 2603 -17.46 -25.34 17.50
N4 OMC C 2603 -20.86 -28.69 17.73
C1' OMC C 2603 -18.63 -23.77 15.37
C2' OMC C 2603 -17.16 -23.93 14.96
O2' OMC C 2603 -16.51 -22.69 15.15
CM2 OMC C 2603 -15.56 -22.74 16.19
C3' OMC C 2603 -17.28 -24.26 13.49
C4' OMC C 2603 -18.48 -23.46 13.05
O4' OMC C 2603 -19.37 -23.48 14.20
O3' OMC C 2603 -16.11 -23.95 12.74
C5' OMC C 2603 -19.21 -23.97 11.83
O5' OMC C 2603 -19.27 -25.39 11.85
P OMC C 2603 -20.15 -26.17 10.76
OP1 OMC C 2603 -19.63 -25.81 9.39
OP2 OMC C 2603 -20.23 -27.61 11.18
N1 5MU C 2667 -28.41 -17.63 -61.31
C2 5MU C 2667 -27.93 -18.85 -62.15
N3 5MU C 2667 -27.54 -20.04 -61.53
C4 5MU C 2667 -27.57 -20.16 -60.30
C5 5MU C 2667 -28.04 -19.03 -59.26
C5M 5MU C 2667 -28.06 -19.24 -57.76
C6 5MU C 2667 -28.48 -17.73 -59.75
O2 5MU C 2667 -27.89 -18.77 -63.32
O4 5MU C 2667 -27.22 -21.21 -59.89
C1' 5MU C 2667 -28.82 -16.38 -61.99
C2' 5MU C 2667 -30.34 -16.25 -62.11
O2' 5MU C 2667 -30.63 -15.57 -63.32
C3' 5MU C 2667 -30.65 -15.37 -60.92
C4' 5MU C 2667 -29.45 -14.44 -60.85
O3' 5MU C 2667 -31.88 -14.67 -61.03
O4' 5MU C 2667 -28.35 -15.28 -61.25
C5' 5MU C 2667 -29.17 -13.85 -59.49
O5' 5MU C 2667 -29.21 -14.83 -58.47
P 5MU C 2667 -28.46 -14.60 -57.08
OP1 5MU C 2667 -29.13 -13.45 -56.38
OP2 5MU C 2667 -28.34 -15.94 -56.40
C2 B8W C 2708 -39.34 -8.45 -92.88
C4 B8W C 2708 -41.13 -6.99 -92.41
C5 B8W C 2708 -41.71 -7.94 -91.66
C6 B8W C 2708 -41.09 -9.19 -91.52
O6 B8W C 2708 -41.71 -10.24 -90.67
N3 B8W C 2708 -39.95 -7.24 -93.02
N2 B8W C 2708 -38.05 -8.90 -93.47
N1 B8W C 2708 -39.93 -9.41 -92.12
C8 B8W C 2708 -42.97 -6.16 -91.65
C1' B8W C 2708 -41.52 -4.69 -93.14
C2' B8W C 2708 -41.65 -4.86 -94.65
C3' B8W C 2708 -43.08 -4.40 -94.90
C4' B8W C 2708 -43.24 -3.27 -93.88
C5' B8W C 2708 -44.65 -3.05 -93.40
C61 B8W C 2708 -43.19 -10.38 -90.63
N7 B8W C 2708 -42.85 -7.41 -91.19
N9 B8W C 2708 -41.92 -5.91 -92.40
O2' B8W C 2708 -40.72 -3.99 -95.28
O3' B8W C 2708 -43.31 -3.97 -96.22
O4' B8W C 2708 -42.40 -3.65 -92.77
O5' B8W C 2708 -45.27 -4.28 -93.03
OP1 B8W C 2708 -47.63 -3.37 -93.00
OP2 B8W C 2708 -47.03 -5.72 -92.00
P B8W C 2708 -46.65 -4.30 -92.24
C2 B8W C 2757 -11.43 -34.21 -19.16
C4 B8W C 2757 -12.24 -32.01 -18.94
C5 B8W C 2757 -11.07 -31.62 -18.45
C6 B8W C 2757 -10.04 -32.55 -18.31
O6 B8W C 2757 -8.76 -32.03 -17.75
N3 B8W C 2757 -12.44 -33.30 -19.30
N2 B8W C 2757 -11.46 -35.65 -19.51
N1 B8W C 2757 -10.22 -33.81 -18.67
C8 B8W C 2757 -12.37 -29.89 -18.49
C1' B8W C 2757 -14.44 -31.06 -19.45
C2' B8W C 2757 -15.31 -31.82 -18.47
C3' B8W C 2757 -15.89 -30.68 -17.65
C4' B8W C 2757 -16.13 -29.62 -18.71
C5' B8W C 2757 -16.23 -28.21 -18.22
C61 B8W C 2757 -8.01 -31.11 -18.64
N7 B8W C 2757 -11.14 -30.31 -18.17
N9 B8W C 2757 -13.05 -30.93 -18.96
O2' B8W C 2757 -16.33 -32.49 -19.19
O3' B8W C 2757 -17.05 -31.02 -16.92
O4' B8W C 2757 -14.98 -29.77 -19.60
O5' B8W C 2757 -15.04 -27.79 -17.57
OP1 B8W C 2757 -16.06 -25.67 -16.63
OP2 B8W C 2757 -13.47 -26.13 -16.55
P B8W C 2757 -14.77 -26.24 -17.26
C1' I4U C 2766 -0.61 -36.36 18.96
C2 I4U C 2766 -1.09 -35.16 16.80
C2' I4U C 2766 -1.45 -36.18 20.23
C3' I4U C 2766 -0.54 -36.83 21.25
C4 I4U C 2766 -2.84 -35.99 15.16
C4' I4U C 2766 0.02 -38.02 20.48
C5 I4U C 2766 -3.14 -37.13 16.07
C5' I4U C 2766 -0.73 -39.32 20.68
C6 I4U C 2766 -2.39 -37.26 17.37
N1 I4U C 2766 -1.37 -36.29 17.71
N3 I4U C 2766 -1.83 -35.03 15.53
O2 I4U C 2766 -0.26 -34.37 17.09
O2' I4U C 2766 -1.72 -34.82 20.47
O3' I4U C 2766 0.52 -35.94 21.57
O4 I4U C 2766 -3.51 -35.81 13.95
O4' I4U C 2766 -0.04 -37.64 19.07
O5' I4U C 2766 -1.93 -39.33 19.90
OP1 I4U C 2766 -2.79 -41.48 20.83
OP2 I4U C 2766 -3.89 -40.38 18.73
P I4U C 2766 -2.65 -40.70 19.54
C41 I4U C 2766 -4.22 -36.90 13.46
C42 I4U C 2766 -4.03 -37.00 11.96
C43 I4U C 2766 -5.71 -36.69 13.75
P OMG C 2768 -4.31 -31.30 23.67
OP1 OMG C 2768 -3.14 -30.57 23.06
OP2 OMG C 2768 -5.34 -30.49 24.42
O5' OMG C 2768 -5.05 -32.09 22.50
C5' OMG C 2768 -6.09 -33.02 22.78
C4' OMG C 2768 -7.20 -32.91 21.76
O4' OMG C 2768 -8.00 -31.75 22.04
C3' OMG C 2768 -6.75 -32.75 20.32
O3' OMG C 2768 -6.46 -33.99 19.70
C2' OMG C 2768 -7.92 -32.02 19.67
O2' OMG C 2768 -8.93 -32.94 19.30
CM2 OMG C 2768 -10.12 -32.34 18.81
C1' OMG C 2768 -8.45 -31.17 20.82
N9 OMG C 2768 -7.98 -29.78 20.78
C8 OMG C 2768 -7.21 -29.29 21.77
N7 OMG C 2768 -6.94 -28.01 21.49
C5 OMG C 2768 -7.54 -27.70 20.34
C6 OMG C 2768 -7.58 -26.40 19.54
O6 OMG C 2768 -7.01 -25.44 19.92
N1 OMG C 2768 -8.31 -26.34 18.32
C2 OMG C 2768 -9.00 -27.51 17.85
N2 OMG C 2768 -9.73 -27.46 16.62
N3 OMG C 2768 -8.95 -28.75 18.63
C4 OMG C 2768 -8.20 -28.80 19.90
C2 6MZ C 2792 6.98 -40.90 31.51
C4 6MZ C 2792 6.58 -42.04 29.51
C5 6MZ C 2792 7.69 -42.74 29.70
O1P 6MZ C 2792 4.77 -45.71 23.66
O2P 6MZ C 2792 6.83 -45.83 25.24
N9 6MZ C 2792 6.04 -42.46 28.36
N3 6MZ C 2792 6.22 -41.11 30.41
N1 6MZ C 2792 8.11 -41.60 31.70
C6 6MZ C 2792 8.47 -42.51 30.81
N6 6MZ C 2792 9.71 -43.11 31.28
C9 6MZ C 2792 10.12 -42.98 32.66
N7 6MZ C 2792 7.85 -43.58 28.67
C8 6MZ C 2792 6.82 -43.41 27.85
O5' 6MZ C 2792 5.06 -44.08 25.54
C5' 6MZ C 2792 3.72 -43.60 25.61
C4' 6MZ C 2792 3.66 -42.26 26.30
O4' 6MZ C 2792 3.80 -42.45 27.75
C1' 6MZ C 2792 4.82 -41.63 28.24
C2' 6MZ C 2792 5.00 -40.52 27.23
O2' 6MZ C 2792 3.96 -39.57 27.43
C3' 6MZ C 2792 4.76 -41.29 25.93
O3' 6MZ C 2792 4.44 -40.47 24.83
P 6MZ C 2792 5.37 -45.55 25.03
N1 PSU C 2865 32.65 -70.89 1.76
C2 PSU C 2865 33.01 -72.21 1.71
N3 PSU C 2865 33.38 -72.78 0.51
C4 PSU C 2865 33.39 -72.01 -0.63
C5 PSU C 2865 33.02 -70.68 -0.57
C6 PSU C 2865 32.66 -70.13 0.65
O2 PSU C 2865 33.00 -72.90 2.73
O4 PSU C 2865 33.72 -72.52 -1.71
C1' PSU C 2865 33.03 -69.83 -1.80
C2' PSU C 2865 31.83 -70.17 -2.69
O2' PSU C 2865 32.21 -70.02 -4.05
C3' PSU C 2865 30.83 -69.10 -2.28
C4' PSU C 2865 31.73 -67.90 -2.06
O3' PSU C 2865 29.84 -68.86 -3.26
O4' PSU C 2865 32.93 -68.46 -1.47
C5' PSU C 2865 31.18 -66.82 -1.16
O5' PSU C 2865 31.08 -67.26 0.18
P PSU C 2865 30.40 -66.34 1.29
OP1 PSU C 2865 29.07 -65.95 0.79
OP2 PSU C 2865 30.52 -67.02 2.59
N1 B8H C 2868 22.79 -77.44 4.35
C2 B8H C 2868 23.18 -77.87 5.57
C4 B8H C 2868 22.01 -79.73 5.50
C1' B8H C 2868 20.50 -80.13 3.06
C2' B8H C 2868 19.05 -79.73 3.38
C3' B8H C 2868 18.73 -78.81 2.21
C4' B8H C 2868 19.47 -79.47 1.06
C5 B8H C 2868 21.44 -79.28 3.85
C5' B8H C 2868 19.80 -78.58 -0.11
C6 B8H C 2868 21.76 -78.32 3.39
CN1 B8H C 2868 23.31 -76.16 3.84
N3 B8H C 2868 22.69 -79.13 6.11
O2 B8H C 2868 23.93 -77.19 6.23
O2' B8H C 2868 18.25 -80.90 3.34
O3' B8H C 2868 17.33 -78.66 1.97
O4 B8H C 2868 21.67 -80.75 6.01
O4' B8H C 2868 20.69 -79.95 1.67
O5' B8H C 2868 19.57 -77.21 0.18
OP1 B8H C 2868 19.53 -75.35 -1.49
OP2 B8H C 2868 21.08 -75.27 0.61
P B8H C 2868 20.41 -76.06 -0.51
N1 OMU C 2878 4.73 -65.67 12.62
C2 OMU C 2878 4.78 -64.35 11.93
N3 OMU C 2878 5.20 -63.13 12.67
C4 OMU C 2878 5.55 -63.24 14.08
C5 OMU C 2878 5.50 -64.56 14.76
C6 OMU C 2878 5.08 -65.76 14.02
O2 OMU C 2878 4.50 -64.28 10.78
O4 OMU C 2878 5.89 -62.28 14.68
C1' OMU C 2878 4.32 -66.88 11.89
C2' OMU C 2878 5.42 -67.38 10.95
O2' OMU C 2878 4.81 -68.03 9.85
CM2 OMU C 2878 3.63 -67.43 9.40
C3' OMU C 2878 6.14 -68.38 11.84
C4' OMU C 2878 4.98 -69.01 12.61
O3' OMU C 2878 6.89 -69.33 11.12
O4' OMU C 2878 4.07 -67.91 12.82
C5' OMU C 2878 5.34 -69.64 13.93
O5' OMU C 2878 4.21 -70.22 14.54
P OMU C 2878 4.36 -71.32 15.69
OP1 OMU C 2878 2.97 -71.75 16.09
OP2 OMU C 2878 5.38 -72.33 15.24
P 5MC C 2907 21.93 -57.39 17.27
OP1 5MC C 2907 20.49 -57.82 17.20
OP2 5MC C 2907 23.00 -58.27 16.67
O5' 5MC C 2907 22.07 -55.97 16.56
C5' 5MC C 2907 22.09 -55.87 15.14
C4' 5MC C 2907 21.66 -54.51 14.67
O4' 5MC C 2907 22.45 -53.50 15.31
C3' 5MC C 2907 21.89 -54.24 13.18
O3' 5MC C 2907 20.82 -54.70 12.37
C2' 5MC C 2907 22.09 -52.71 13.10
O2' 5MC C 2907 20.88 -52.07 12.72
C1' 5MC C 2907 22.41 -52.32 14.55
N1 5MC C 2907 23.69 -51.61 14.70
C2 5MC C 2907 23.79 -50.16 14.36
O2 5MC C 2907 22.85 -49.59 13.93
N3 5MC C 2907 25.07 -49.44 14.54
C4 5MC C 2907 26.23 -50.13 15.06
N4 5MC C 2907 27.49 -49.44 15.25
C5 5MC C 2907 26.14 -51.59 15.41
C6 5MC C 2907 24.84 -52.31 15.22
CM5 5MC C 2907 27.36 -52.32 15.96
C1' E6G C 2927 -1.88 -84.99 -34.28
C2 E6G C 2927 0.74 -84.89 -37.91
C2' E6G C 2927 -0.68 -85.55 -33.53
C3' E6G C 2927 -0.73 -84.71 -32.26
C4 E6G C 2927 -0.67 -83.99 -36.24
C4' E6G C 2927 -2.23 -84.62 -32.01
C5 E6G C 2927 -0.53 -82.80 -36.79
C5' E6G C 2927 -2.68 -83.48 -31.12
C6 E6G C 2927 0.26 -82.62 -37.92
C8 E6G C 2927 -1.84 -82.60 -35.06
N1 E6G C 2927 0.87 -83.66 -38.47
N2 E6G C 2927 1.48 -85.90 -38.65
N3 E6G C 2927 -0.04 -85.06 -36.81
N7 E6G C 2927 -1.26 -81.93 -36.05
N9 E6G C 2927 -1.48 -83.88 -35.18
O2' E6G C 2927 -0.94 -86.91 -33.24
O3' E6G C 2927 -0.02 -85.26 -31.17
O4' E6G C 2927 -2.79 -84.49 -33.34
O5' E6G C 2927 -2.69 -82.24 -31.81
O6 E6G C 2927 0.27 -81.25 -38.34
OP1 E6G C 2927 -2.92 -79.77 -32.00
OP2 E6G C 2927 -3.67 -81.03 -29.81
P E6G C 2927 -2.70 -80.87 -31.01
C61 E6G C 2927 1.17 -80.41 -37.58
C62 E6G C 2927 0.44 -79.12 -37.19
P OMG C 2942 19.00 -54.91 -5.51
OP1 OMG C 2942 19.74 -53.71 -5.00
OP2 OMG C 2942 18.15 -55.71 -4.56
O5' OMG C 2942 18.10 -54.43 -6.72
C5' OMG C 2942 18.58 -53.47 -7.66
C4' OMG C 2942 17.55 -53.13 -8.70
O4' OMG C 2942 17.20 -54.32 -9.45
C3' OMG C 2942 16.21 -52.64 -8.17
O3' OMG C 2942 16.23 -51.27 -7.80
C2' OMG C 2942 15.27 -52.93 -9.34
O2' OMG C 2942 15.40 -51.93 -10.34
CM2 OMG C 2942 14.17 -51.34 -10.71
C1' OMG C 2942 15.86 -54.23 -9.88
N9 OMG C 2942 15.13 -55.41 -9.37
C8 OMG C 2942 15.61 -56.16 -8.36
N7 OMG C 2942 14.71 -57.14 -8.13
C5 OMG C 2942 13.70 -56.99 -8.97
C6 OMG C 2942 12.41 -57.78 -9.18
O6 OMG C 2942 12.18 -58.71 -8.51
N1 OMG C 2942 11.47 -57.37 -10.18
C2 OMG C 2942 11.76 -56.23 -11.00
N2 OMG C 2942 10.84 -55.81 -12.00
N3 OMG C 2942 12.99 -55.48 -10.80
C4 OMG C 2942 13.96 -55.90 -9.74
C1' MHG C 2943 11.71 -51.98 -3.70
C2 MHG C 2943 7.89 -54.52 -4.56
C2' MHG C 2943 13.05 -51.47 -3.20
C21 MHG C 2943 6.48 -52.55 -5.18
C3' MHG C 2943 13.12 -50.12 -3.89
C4 MHG C 2943 10.31 -54.14 -3.88
C4' MHG C 2943 12.51 -50.43 -5.25
C5 MHG C 2943 10.49 -55.54 -3.68
C5' MHG C 2943 13.50 -50.75 -6.34
C6 MHG C 2943 9.32 -56.49 -3.92
C8 MHG C 2943 12.54 -54.47 -3.19
N1 MHG C 2943 8.05 -55.96 -4.35
N2 MHG C 2943 6.61 -53.97 -4.99
N3 MHG C 2943 9.02 -53.61 -4.32
N7 MHG C 2943 11.84 -55.81 -3.26
N9 MHG C 2943 11.53 -53.43 -3.61
O2' MHG C 2943 13.10 -51.43 -1.79
O3' MHG C 2943 12.26 -49.21 -3.20
O4' MHG C 2943 11.64 -51.58 -5.05
O5' MHG C 2943 14.74 -50.08 -6.14
O6 MHG C 2943 9.45 -57.65 -3.76
OP1 MHG C 2943 17.22 -49.88 -5.96
OP2 MHG C 2943 16.01 -52.12 -5.43
P MHG C 2943 16.12 -50.85 -6.25
C71 MHG C 2943 12.43 -57.14 -2.94
C72 MHG C 2943 13.17 -57.70 -4.17
C73 MHG C 2943 14.26 -58.67 -3.68
C74 MHG C 2943 15.64 -58.02 -3.91
C75 MHG C 2943 14.19 -59.96 -4.46
C76 MHG C 2943 16.03 -57.20 -2.67
N1 PSU C 2975 -6.28 -24.49 39.16
C2 PSU C 2975 -7.62 -24.53 39.48
N3 PSU C 2975 -8.08 -25.41 40.42
C4 PSU C 2975 -7.21 -26.25 41.06
C5 PSU C 2975 -5.84 -26.19 40.77
C6 PSU C 2975 -5.41 -25.31 39.80
O2 PSU C 2975 -8.42 -23.79 38.91
O4 PSU C 2975 -7.65 -27.02 41.90
C1' PSU C 2975 -4.82 -27.11 41.39
C2' PSU C 2975 -3.81 -26.50 42.36
O2' PSU C 2975 -2.52 -26.96 42.00
C3' PSU C 2975 -4.23 -27.10 43.70
C4' PSU C 2975 -4.81 -28.45 43.31
O3' PSU C 2975 -3.16 -27.22 44.62
O4' PSU C 2975 -5.40 -28.24 42.01
C5' PSU C 2975 -5.85 -29.00 44.25
O5' PSU C 2975 -6.97 -28.13 44.33
P PSU C 2975 -8.12 -28.35 45.41
OP1 PSU C 2975 -7.49 -28.88 46.62
OP2 PSU C 2975 -8.93 -27.11 45.46
P 1MA C 2987 20.46 -8.60 63.24
OP1 1MA C 2987 20.74 -10.01 63.61
OP2 1MA C 2987 20.50 -7.50 64.33
O5' 1MA C 2987 21.48 -8.18 62.09
C5' 1MA C 2987 21.37 -6.92 61.46
C4' 1MA C 2987 21.98 -6.93 60.08
O4' 1MA C 2987 21.00 -7.43 59.13
C3' 1MA C 2987 22.37 -5.59 59.52
O3' 1MA C 2987 23.62 -5.13 60.01
C2' 1MA C 2987 22.36 -5.81 58.02
O2' 1MA C 2987 23.56 -6.45 57.59
C1' 1MA C 2987 21.21 -6.82 57.88
N9 1MA C 2987 19.95 -6.19 57.45
C8 1MA C 2987 19.03 -6.37 58.42
N7 1MA C 2987 17.87 -5.78 57.99
C5 1MA C 2987 18.08 -5.25 56.80
C6 1MA C 2987 17.18 -4.47 55.84
N6 1MA C 2987 15.96 -4.23 56.18
N1 1MA C 2987 17.67 -4.00 54.58
CM1 1MA C 2987 16.83 -3.28 53.70
C2 1MA C 2987 19.06 -4.27 54.21
N3 1MA C 2987 19.93 -5.02 55.13
C4 1MA C 2987 19.39 -5.50 56.44
N1 PSU C 3014 -7.00 -27.04 31.82
C2 PSU C 3014 -8.33 -26.91 32.14
N3 PSU C 3014 -9.00 -27.94 32.78
C4 PSU C 3014 -8.33 -29.09 33.10
C5 PSU C 3014 -7.00 -29.23 32.77
C6 PSU C 3014 -6.33 -28.18 32.13
O2 PSU C 3014 -8.93 -25.88 31.85
O4 PSU C 3014 -8.95 -29.99 33.66
C1' PSU C 3014 -6.21 -30.46 33.12
C2' PSU C 3014 -6.71 -31.77 32.51
O2' PSU C 3014 -6.69 -32.77 33.53
C3' PSU C 3014 -5.65 -32.06 31.45
C4' PSU C 3014 -4.39 -31.47 32.06
O3' PSU C 3014 -5.51 -33.44 31.17
O4' PSU C 3014 -4.86 -30.31 32.77
C5' PSU C 3014 -3.32 -31.07 31.08
O5' PSU C 3014 -3.75 -30.01 30.23
P PSU C 3014 -2.70 -29.00 29.61
OP1 PSU C 3014 -1.77 -29.72 28.72
OP2 PSU C 3014 -3.45 -27.84 29.06
P 5MC C 3019 -25.19 -33.24 25.30
OP1 5MC C 3019 -26.64 -33.61 25.07
OP2 5MC C 3019 -24.19 -34.32 25.60
O5' 5MC C 3019 -24.68 -32.49 23.99
C5' 5MC C 3019 -24.73 -33.15 22.74
C4' 5MC C 3019 -24.24 -32.29 21.61
O4' 5MC C 3019 -22.92 -31.79 21.93
C3' 5MC C 3019 -24.04 -33.01 20.28
O3' 5MC C 3019 -25.21 -32.97 19.48
C2' 5MC C 3019 -22.82 -32.35 19.64
O2' 5MC C 3019 -23.21 -31.56 18.53
C1' 5MC C 3019 -22.30 -31.41 20.74
N1 5MC C 3019 -20.84 -31.50 20.93
C2 5MC C 3019 -20.05 -30.24 20.87
O2 5MC C 3019 -20.59 -29.22 20.67
N3 5MC C 3019 -18.59 -30.28 21.06
C4 5MC C 3019 -17.92 -31.52 21.31
N4 5MC C 3019 -16.48 -31.55 21.51
C5 5MC C 3019 -18.70 -32.79 21.38
C6 5MC C 3019 -20.17 -32.76 21.19
CM5 5MC C 3019 -17.96 -34.08 21.65
N1 PSU C 3022 -24.81 -27.21 29.57
C2 PSU C 3022 -24.03 -26.50 30.46
N3 PSU C 3022 -24.46 -25.27 30.93
C4 PSU C 3022 -25.66 -24.76 30.51
C5 PSU C 3022 -26.43 -25.49 29.62
C6 PSU C 3022 -26.00 -26.72 29.15
O2 PSU C 3022 -22.95 -26.96 30.83
O4 PSU C 3022 -26.06 -23.68 30.92
C1' PSU C 3022 -27.74 -24.93 29.17
C2' PSU C 3022 -27.62 -24.34 27.77
O2' PSU C 3022 -27.07 -23.04 27.82
C3' PSU C 3022 -29.06 -24.38 27.30
C4' PSU C 3022 -29.58 -25.67 27.93
O3' PSU C 3022 -29.76 -23.27 27.86
O4' PSU C 3022 -28.71 -25.95 29.06
C5' PSU C 3022 -29.63 -26.88 27.02
O5' PSU C 3022 -28.35 -27.44 26.79
P PSU C 3022 -28.11 -28.38 25.53
OP1 PSU C 3022 -26.65 -28.57 25.38
OP2 PSU C 3022 -28.98 -29.56 25.69
C2 B8W C 3044 -3.85 3.10 66.69
C4 B8W C 3044 -5.28 3.56 68.52
C5 B8W C 3044 -5.91 4.48 67.79
C6 B8W C 3044 -5.50 4.73 66.47
O6 B8W C 3044 -6.25 5.77 65.71
N3 B8W C 3044 -4.24 2.86 67.98
N2 B8W C 3044 -2.74 2.43 65.94
N1 B8W C 3044 -4.50 4.04 65.95
C8 B8W C 3044 -6.83 4.42 69.76
C1' B8W C 3044 -5.36 2.60 70.76
C2' B8W C 3044 -3.98 3.00 71.28
C3' B8W C 3044 -4.37 3.94 72.40
C4' B8W C 3044 -5.60 3.28 73.00
C5' B8W C 3044 -6.58 4.20 73.69
C61 B8W C 3044 -6.34 7.11 66.32
N7 B8W C 3044 -6.88 5.02 68.56
N9 B8W C 3044 -5.85 3.53 69.74
O2' B8W C 3044 -3.35 1.84 71.80
O3' B8W C 3044 -3.33 4.14 73.35
O4' B8W C 3044 -6.25 2.65 71.85
O5' B8W C 3044 -6.93 5.29 72.87
OP1 B8W C 3044 -7.95 6.66 74.76
OP2 B8W C 3044 -8.21 7.33 72.22
P B8W C 3044 -8.12 6.27 73.26
N1 B8T C 3055 -1.46 3.41 61.65
C2 B8T C 3055 -1.95 3.45 63.06
N3 B8T C 3055 -3.14 4.31 63.42
C4 B8T C 3055 -3.79 5.09 62.39
C5 B8T C 3055 -3.31 5.04 60.99
C6 B8T C 3055 -2.12 4.18 60.63
O2 B8T C 3055 -1.41 2.82 63.90
C1' B8T C 3055 -0.30 2.54 61.34
C2' B8T C 3055 -0.73 1.09 61.17
C3' B8T C 3055 -0.98 1.04 59.67
C4' B8T C 3055 0.17 1.89 59.15
C41 B8T C 3055 -5.63 6.71 61.71
C5' B8T C 3055 0.01 2.44 57.76
N4 B8T C 3055 -4.96 5.92 62.75
O2' B8T C 3055 0.37 0.25 61.51
O3' B8T C 3055 -1.03 -0.27 59.13
O4' B8T C 3055 0.26 2.96 60.11
O5' B8T C 3055 -1.33 2.88 57.53
OP1 B8T C 3055 -1.42 2.96 55.03
OP2 B8T C 3055 -3.04 4.39 56.48
P B8T C 3055 -1.67 3.78 56.26
P OMG C 3066 -23.79 9.32 38.22
OP1 OMG C 3066 -25.13 8.90 37.69
OP2 OMG C 3066 -22.55 8.56 37.83
O5' OMG C 3066 -23.58 10.85 37.82
C5' OMG C 3066 -24.62 11.80 37.99
C4' OMG C 3066 -24.28 13.09 37.28
O4' OMG C 3066 -23.25 13.79 38.03
C3' OMG C 3066 -23.69 12.94 35.89
O3' OMG C 3066 -24.68 12.74 34.90
C2' OMG C 3066 -22.91 14.23 35.73
O2' OMG C 3066 -23.77 15.32 35.43
CM2 OMG C 3066 -23.37 16.06 34.29
C1' OMG C 3066 -22.36 14.42 37.14
N9 OMG C 3066 -21.03 13.80 37.30
C8 OMG C 3066 -20.89 12.61 37.91
N7 OMG C 3066 -19.58 12.30 37.90
C5 OMG C 3066 -18.92 13.29 37.30
C6 OMG C 3066 -17.44 13.50 37.01
O6 OMG C 3066 -16.66 12.69 37.34
N1 OMG C 3066 -17.00 14.69 36.34
C2 OMG C 3066 -17.96 15.67 35.95
N2 OMG C 3066 -17.52 16.86 35.27
N3 OMG C 3066 -19.38 15.46 36.23
C4 OMG C 3066 -19.83 14.23 36.93
N1 PSU C 3072 -12.12 -0.88 24.29
C2 PSU C 3072 -11.51 -2.09 24.51
N3 PSU C 3072 -12.22 -3.11 25.14
C4 PSU C 3072 -13.52 -2.89 25.53
C5 PSU C 3072 -14.11 -1.66 25.32
C6 PSU C 3072 -13.40 -0.66 24.67
O2 PSU C 3072 -10.36 -2.28 24.16
O4 PSU C 3072 -14.14 -3.79 26.09
C1' PSU C 3072 -15.54 -1.42 25.72
C2' PSU C 3072 -15.81 -1.33 27.22
O2' PSU C 3072 -16.97 -2.08 27.50
C3' PSU C 3072 -16.07 0.16 27.42
C4' PSU C 3072 -16.68 0.58 26.10
O3' PSU C 3072 -16.92 0.43 28.52
O4' PSU C 3072 -16.01 -0.23 25.12
C5' PSU C 3072 -16.54 2.03 25.74
O5' PSU C 3072 -17.79 2.69 25.67
P PSU C 3072 -18.41 3.14 24.28
OP1 PSU C 3072 -18.53 3.23 25.74
OP2 PSU C 3072 -17.22 3.54 23.49
P A2M C 3095 -34.17 -14.29 28.21
OP1 A2M C 3095 -33.82 -14.61 29.64
O5' A2M C 3095 -35.81 -14.27 27.98
C5' A2M C 3095 -36.29 -13.53 26.89
C4' A2M C 3095 -37.68 -13.97 26.49
O4' A2M C 3095 -37.75 -15.58 26.30
C3' A2M C 3095 -38.57 -13.77 27.41
O3' A2M C 3095 -38.99 -12.34 27.52
C2' A2M C 3095 -39.72 -14.63 26.90
O2' A2M C 3095 -40.31 -14.04 25.84
C1' A2M C 3095 -39.01 -15.91 26.44
CM' A2M C 3095 -41.57 -14.57 25.53
N9 A2M C 3095 -39.14 -16.96 27.47
C8 A2M C 3095 -38.20 -17.04 28.39
N7 A2M C 3095 -38.58 -18.06 29.18
C5 A2M C 3095 -39.73 -18.57 28.71
C6 A2M C 3095 -40.52 -19.61 29.14
N6 A2M C 3095 -40.48 -20.57 30.22
N1 A2M C 3095 -41.62 -19.91 28.48
C2 A2M C 3095 -41.97 -19.20 27.39
N3 A2M C 3095 -41.20 -18.18 26.96
C4 A2M C 3095 -40.08 -17.88 27.63
OP2 A2M C 3095 -33.51 -15.25 27.25
C2 B8W C 3101 -19.62 -9.00 21.03
C4 B8W C 3101 -19.68 -6.92 19.92
C5 B8W C 3101 -21.00 -7.06 19.74
C6 B8W C 3101 -21.66 -8.21 20.23
O6 B8W C 3101 -23.14 -8.35 20.05
N3 B8W C 3101 -18.98 -7.89 20.57
N2 B8W C 3101 -19.01 -10.16 21.76
N1 B8W C 3101 -20.96 -9.15 20.86
C8 B8W C 3101 -20.39 -5.18 18.85
C1' B8W C 3101 -17.91 -5.27 19.38
C2' B8W C 3101 -16.99 -5.95 18.39
C3' B8W C 3101 -17.11 -5.05 17.16
C4' B8W C 3101 -17.31 -3.67 17.77
C5' B8W C 3101 -18.16 -2.74 16.96
C61 B8W C 3101 -23.81 -7.80 18.85
N7 B8W C 3101 -21.43 -5.98 19.08
N9 B8W C 3101 -19.30 -5.76 19.35
O2' B8W C 3101 -15.67 -5.92 18.90
O3' B8W C 3101 -15.98 -5.08 16.31
O4' B8W C 3101 -17.93 -3.90 19.06
O5' B8W C 3101 -19.31 -3.41 16.46
OP1 B8W C 3101 -19.51 -2.28 14.20
OP2 B8W C 3101 -21.53 -3.52 15.29
P B8W C 3101 -20.32 -2.68 15.45
P UR3 C 3102 -15.70 -6.35 15.36
OP1 UR3 C 3102 -14.55 -5.99 14.44
OP2 UR3 C 3102 -17.01 -6.79 14.75
O5' UR3 C 3102 -15.17 -7.46 16.37
C5' UR3 C 3102 -14.70 -8.71 15.90
C4' UR3 C 3102 -15.14 -9.83 16.80
O4' UR3 C 3102 -16.09 -9.32 17.76
C1' UR3 C 3102 -17.09 -10.29 18.01
N1 UR3 C 3102 -18.38 -9.76 17.53
C6 UR3 C 3102 -18.44 -8.55 16.73
C2 UR3 C 3102 -19.64 -10.46 17.87
O2 UR3 C 3102 -19.61 -11.43 18.51
N3 UR3 C 3102 -20.95 -9.93 17.38
C3U UR3 C 3102 -22.17 -10.65 17.73
C4 UR3 C 3102 -21.02 -8.73 16.58
O4 UR3 C 3102 -22.07 -8.32 16.19
C5 UR3 C 3102 -19.76 -8.01 16.23
C2' UR3 C 3102 -16.69 -11.56 17.26
O2' UR3 C 3102 -15.88 -12.34 18.12
C3' UR3 C 3102 -15.87 -10.97 16.12
O3' UR3 C 3102 -14.99 -11.91 15.51
N1 PSU C 3103 -18.89 -14.24 18.91
C2 PSU C 3103 -20.11 -14.03 19.51
N3 PSU C 3103 -21.24 -13.86 18.74
C4 PSU C 3103 -21.15 -13.91 17.38
C5 PSU C 3103 -19.91 -14.13 16.78
C6 PSU C 3103 -18.78 -14.30 17.56
O2 PSU C 3103 -20.19 -13.99 20.74
O4 PSU C 3103 -22.15 -13.76 16.68
C1' PSU C 3103 -19.82 -14.16 15.28
C2' PSU C 3103 -19.61 -12.74 14.77
O2' PSU C 3103 -20.83 -12.03 14.69
C3' PSU C 3103 -18.94 -13.00 13.42
C4' PSU C 3103 -18.08 -14.21 13.72
O3' PSU C 3103 -19.95 -13.35 12.48
O4' PSU C 3103 -18.69 -14.89 14.84
C5' PSU C 3103 -16.63 -13.91 14.06
O5' PSU C 3103 -16.20 -12.70 13.45
P PSU C 3103 -14.86 -11.99 13.92
OP1 PSU C 3103 -13.70 -12.85 13.60
OP2 PSU C 3103 -14.88 -10.60 13.38
N1 OMC C 3108 -13.21 -3.57 0.49
C2 OMC C 3108 -12.60 -3.52 1.84
N3 OMC C 3108 -12.55 -4.74 2.68
C4 OMC C 3108 -13.10 -5.98 2.20
C5 OMC C 3108 -13.71 -6.04 0.85
C6 OMC C 3108 -13.77 -4.83 0.00
O2 OMC C 3108 -12.14 -2.50 2.25
N4 OMC C 3108 -13.05 -7.16 3.03
C1' OMC C 3108 -13.25 -2.36 -0.36
C2' OMC C 3108 -11.89 -2.05 -0.98
O2' OMC C 3108 -11.80 -0.64 -1.16
CM2 OMC C 3108 -11.23 0.04 -0.07
C3' OMC C 3108 -12.02 -2.74 -2.32
C4' OMC C 3108 -13.46 -2.43 -2.69
O4' OMC C 3108 -14.16 -2.59 -1.43
O3' OMC C 3108 -11.10 -2.30 -3.29
C5' OMC C 3108 -14.08 -3.30 -3.74
O5' OMC C 3108 -13.79 -4.68 -3.53
P OMC C 3108 -14.82 -5.79 -4.00
OP1 OMC C 3108 -14.80 -5.87 -5.51
OP2 OMC C 3108 -14.55 -7.03 -3.19
P 7MG C 3122 -8.23 -5.66 13.61
OP1 7MG C 3122 -8.41 -5.10 15.00
OP2 7MG C 3122 -9.08 -6.81 13.15
O5' 7MG C 3122 -8.45 -4.45 12.59
C5' 7MG C 3122 -8.00 -3.14 12.89
C4' 7MG C 3122 -8.13 -2.22 11.70
O4' 7MG C 3122 -7.54 -2.84 10.52
C3' 7MG C 3122 -9.55 -1.88 11.26
O3' 7MG C 3122 -10.19 -0.92 12.08
C2' 7MG C 3122 -9.32 -1.43 9.83
O2' 7MG C 3122 -8.75 -0.14 9.80
C1' 7MG C 3122 -8.27 -2.43 9.37
N9 7MG C 3122 -8.89 -3.62 8.78
C8 7MG C 3122 -8.95 -5.01 9.34
N7 7MG C 3122 -9.71 -5.86 8.34
C5 7MG C 3122 -10.07 -4.98 7.26
C6 7MG C 3122 -10.83 -5.25 5.97
O6 7MG C 3122 -11.24 -6.33 5.72
N1 7MG C 3122 -11.05 -4.17 5.04
C2 7MG C 3122 -10.54 -2.83 5.33
N2 7MG C 3122 -10.78 -1.76 4.38
N3 7MG C 3122 -9.81 -2.57 6.56
C4 7MG C 3122 -9.58 -3.66 7.52
CM7 7MG C 3122 -10.02 -7.27 8.46
C1' M7A C 3136 -41.34 -18.60 43.11
C2 M7A C 3136 -42.58 -15.36 40.10
C2' M7A C 3136 -41.44 -17.56 44.23
C3' M7A C 3136 -42.06 -18.37 45.35
C4 M7A C 3136 -42.70 -17.37 41.27
C4' M7A C 3136 -41.48 -19.76 45.14
C5 M7A C 3136 -43.88 -17.67 40.62
C5' M7A C 3136 -42.34 -20.90 45.64
C6 M7A C 3136 -44.38 -16.80 39.71
C8 M7A C 3136 -43.71 -19.20 42.40
C71 M7A C 3136 -45.81 -19.08 41.21
N1 M7A C 3136 -43.74 -15.66 39.46
N3 M7A C 3136 -42.05 -16.24 41.02
N6 M7A C 3136 -45.43 -16.49 38.76
N7 M7A C 3136 -44.34 -18.99 41.13
N9 M7A C 3136 -42.48 -18.53 42.17
O2' M7A C 3136 -40.13 -17.15 44.58
O3' M7A C 3136 -41.80 -17.87 46.64
O4' M7A C 3136 -41.34 -19.87 43.71
O5' M7A C 3136 -43.70 -20.67 45.34
OP1 M7A C 3136 -44.79 -22.40 46.78
OP2 M7A C 3136 -46.04 -21.38 44.73
P M7A C 3136 -44.76 -21.85 45.37
P A2M C 3143 -64.98 -19.17 53.57
OP1 A2M C 3143 -66.42 -19.51 53.87
O5' A2M C 3143 -64.02 -20.50 53.63
C5' A2M C 3143 -64.35 -21.59 52.84
C4' A2M C 3143 -63.21 -22.58 52.87
O4' A2M C 3143 -61.82 -21.83 52.51
C3' A2M C 3143 -63.05 -23.02 54.09
O3' A2M C 3143 -63.89 -24.24 54.29
C2' A2M C 3143 -61.55 -23.34 54.20
O2' A2M C 3143 -61.32 -24.60 53.76
C1' A2M C 3143 -60.88 -22.33 53.26
CM' A2M C 3143 -60.00 -25.01 53.92
N9 A2M C 3143 -60.26 -21.24 54.02
C8 A2M C 3143 -60.97 -20.15 54.28
N7 A2M C 3143 -60.16 -19.34 54.97
C5 A2M C 3143 -58.97 -19.94 55.11
C6 A2M C 3143 -57.81 -19.54 55.72
N6 A2M C 3143 -57.36 -18.37 56.45
N1 A2M C 3143 -56.75 -20.33 55.72
C2 A2M C 3143 -56.81 -21.54 55.11
N3 A2M C 3143 -57.95 -21.94 54.51
C4 A2M C 3143 -59.02 -21.13 54.51
OP2 A2M C 3143 -64.48 -18.10 54.51
P UR3 C 3169 -19.65 34.01 64.48
OP1 UR3 C 3169 -19.40 35.49 64.68
OP2 UR3 C 3169 -18.59 33.15 63.82
O5' UR3 C 3169 -20.00 33.38 65.89
C5' UR3 C 3169 -20.93 34.00 66.77
C4' UR3 C 3169 -21.20 33.14 67.98
O4' UR3 C 3169 -21.87 31.93 67.56
C1' UR3 C 3169 -21.45 30.85 68.37
N1 UR3 C 3169 -20.89 29.80 67.50
C6 UR3 C 3169 -20.36 30.16 66.18
C2 UR3 C 3169 -20.89 28.38 67.93
O2 UR3 C 3169 -21.32 28.09 68.99
N3 UR3 C 3169 -20.35 27.32 67.03
C3U UR3 C 3169 -20.33 25.95 67.45
C4 UR3 C 3169 -19.81 27.68 65.73
O4 UR3 C 3169 -19.38 26.82 65.01
C5 UR3 C 3169 -19.81 29.10 65.28
C2' UR3 C 3169 -20.46 31.38 69.40
O2' UR3 C 3169 -21.16 31.68 70.59
C3' UR3 C 3169 -19.97 32.66 68.72
O3' UR3 C 3169 -19.48 33.61 69.64
N1 OMU C 3192 -30.39 12.07 50.95
C2 OMU C 3192 -30.84 11.30 52.13
N3 OMU C 3192 -31.73 11.93 53.15
C4 OMU C 3192 -32.18 13.31 52.97
C5 OMU C 3192 -31.73 14.07 51.78
C6 OMU C 3192 -30.84 13.44 50.78
O2 OMU C 3192 -30.49 10.17 52.28
O4 OMU C 3192 -32.88 13.81 53.77
C1' OMU C 3192 -29.51 11.45 49.94
C2' OMU C 3192 -30.26 10.38 49.14
O2' OMU C 3192 -29.32 9.43 48.68
CM2 OMU C 3192 -28.91 8.53 49.66
C3' OMU C 3192 -30.78 11.23 47.99
C4' OMU C 3192 -29.61 12.13 47.70
O3' OMU C 3192 -31.21 10.46 46.87
O4' OMU C 3192 -29.09 12.44 49.02
C5' OMU C 3192 -29.90 13.41 46.95
O5' OMU C 3192 -30.89 14.18 47.60
P OMU C 3192 -31.08 15.72 47.25
OP1 OMU C 3192 -31.12 15.85 45.75
OP2 OMU C 3192 -32.22 16.25 48.08
P OMG C 3195 -41.91 4.67 50.53
OP1 OMG C 3195 -42.35 3.28 50.17
OP2 OMG C 3195 -41.60 5.66 49.46
O5' OMG C 3195 -43.00 5.30 51.48
C5' OMG C 3195 -43.33 4.71 52.72
C4' OMG C 3195 -44.19 5.61 53.55
O4' OMG C 3195 -43.41 6.72 54.08
C3' OMG C 3195 -45.32 6.30 52.82
O3' OMG C 3195 -46.44 5.46 52.60
C2' OMG C 3195 -45.62 7.49 53.72
O2' OMG C 3195 -46.36 7.08 54.86
CM2 OMG C 3195 -46.70 8.15 55.73
C1' OMG C 3195 -44.21 7.86 54.18
N9 OMG C 3195 -43.62 8.93 53.35
C8 OMG C 3195 -42.77 8.63 52.34
N7 OMG C 3195 -42.40 9.79 51.77
C5 OMG C 3195 -42.99 10.78 52.41
C6 OMG C 3195 -42.94 12.30 52.23
O6 OMG C 3195 -42.27 12.75 51.37
N1 OMG C 3195 -43.69 13.15 53.08
C2 OMG C 3195 -44.50 12.57 54.12
N2 OMG C 3195 -45.26 13.42 54.98
N3 OMG C 3195 -44.54 11.12 54.29
C4 OMG C 3195 -43.75 10.24 53.40
N1 PSU C 3200 -52.02 23.88 46.43
C2 PSU C 3200 -50.79 23.25 46.46
N3 PSU C 3200 -49.65 23.98 46.72
C4 PSU C 3200 -49.74 25.33 46.95
C5 PSU C 3200 -50.98 25.95 46.92
C6 PSU C 3200 -52.12 25.20 46.66
O2 PSU C 3200 -50.71 22.04 46.25
O4 PSU C 3200 -48.73 25.98 47.18
C1' PSU C 3200 -51.08 27.43 47.17
C2' PSU C 3200 -50.82 28.22 45.89
O2' PSU C 3200 -50.17 29.42 46.25
C3' PSU C 3200 -52.24 28.50 45.41
C4' PSU C 3200 -53.01 28.69 46.70
O3' PSU C 3200 -52.34 29.62 44.54
O4' PSU C 3200 -52.39 27.75 47.61
C5' PSU C 3200 -54.49 28.42 46.64
O5' PSU C 3200 -54.75 27.09 46.21
P PSU C 3200 -56.24 26.53 46.15
OP1 PSU C 3200 -57.06 27.69 45.71
OP2 PSU C 3200 -56.25 25.27 45.38
N1 PSU C 3208 -68.01 17.37 21.39
C2 PSU C 3208 -67.11 17.69 20.40
N3 PSU C 3208 -65.86 18.15 20.73
C4 PSU C 3208 -65.51 18.28 22.06
C5 PSU C 3208 -66.42 17.94 23.04
C6 PSU C 3208 -67.69 17.50 22.69
O2 PSU C 3208 -67.42 17.58 19.22
O4 PSU C 3208 -64.40 18.67 22.36
C1' PSU C 3208 -66.02 18.10 24.47
C2' PSU C 3208 -66.94 19.07 25.22
O2' PSU C 3208 -66.15 19.94 26.00
C3' PSU C 3208 -67.74 18.13 26.11
C4' PSU C 3208 -66.79 16.99 26.38
O3' PSU C 3208 -68.21 18.75 27.29
O4' PSU C 3208 -66.03 16.87 25.16
C5' PSU C 3208 -67.40 15.66 26.73
O5' PSU C 3208 -68.19 15.75 27.91
P PSU C 3208 -67.80 14.95 29.22
OP1 PSU C 3208 -68.93 14.12 29.65
OP2 PSU C 3208 -66.49 14.32 28.97
P OMG C 3209 -69.75 19.16 27.45
OP1 OMG C 3209 -70.44 18.07 28.23
OP2 OMG C 3209 -70.26 19.58 26.10
O5' OMG C 3209 -69.71 20.46 28.38
C5' OMG C 3209 -69.07 21.63 27.93
C4' OMG C 3209 -69.14 22.75 28.93
O4' OMG C 3209 -67.99 22.67 29.83
C3' OMG C 3209 -69.12 24.17 28.35
O3' OMG C 3209 -70.42 24.73 28.28
C2' OMG C 3209 -68.17 24.96 29.25
O2' OMG C 3209 -68.88 25.52 30.34
CM2 OMG C 3209 -68.03 26.24 31.24
C1' OMG C 3209 -67.26 23.86 29.79
N9 OMG C 3209 -66.04 23.66 29.00
C8 OMG C 3209 -65.80 22.48 28.37
N7 OMG C 3209 -64.62 22.57 27.76
C5 OMG C 3209 -64.12 23.77 28.00
C6 OMG C 3209 -62.81 24.43 27.57
O6 OMG C 3209 -62.05 23.83 26.89
N1 OMG C 3209 -62.50 25.77 27.98
C2 OMG C 3209 -63.43 26.47 28.81
N2 OMG C 3209 -63.13 27.80 29.22
N3 OMG C 3209 -64.68 25.84 29.21
C4 OMG C 3209 -64.99 24.45 28.79
N1 B8T C 3243 -42.33 21.05 38.58
C2 B8T C 3243 -43.41 21.92 38.04
N3 B8T C 3243 -44.28 21.42 36.91
C4 B8T C 3243 -44.08 20.09 36.38
C5 B8T C 3243 -43.01 19.23 36.92
C6 B8T C 3243 -42.12 19.72 38.04
O2 B8T C 3243 -43.57 23.00 38.48
C1' B8T C 3243 -41.49 21.56 39.68
C2' B8T C 3243 -41.42 20.65 40.89
C3' B8T C 3243 -40.14 21.13 41.55
C4' B8T C 3243 -39.26 21.55 40.36
C41 B8T C 3243 -44.73 18.27 34.72
C5' B8T C 3243 -38.12 20.62 40.01
N4 B8T C 3243 -44.94 19.61 35.27
O2' B8T C 3243 -42.57 20.76 41.70
O3' B8T C 3243 -40.42 22.28 42.36
O4' B8T C 3243 -40.16 21.65 39.22
O5' B8T C 3243 -38.55 19.28 39.78
OP1 B8T C 3243 -38.71 16.84 40.26
OP2 B8T C 3243 -36.52 18.16 40.76
P B8T C 3243 -38.03 18.09 40.71
N2 B8K C 3262 -5.74 -9.35 88.92
C2 B8K C 3262 -5.65 -8.17 89.70
C8 B8K C 3262 -6.38 -5.29 93.55
N1 B8K C 3262 -4.94 -7.00 89.20
C6 B8K C 3262 -4.84 -5.80 90.00
C5 B8K C 3262 -5.49 -5.72 91.38
C4 B8K C 3262 -6.20 -6.92 91.84
N3 B8K C 3262 -6.28 -8.12 91.04
C1' B8K C 3262 -7.52 -7.68 93.94
C2' B8K C 3262 -6.57 -8.64 94.67
C3' B8K C 3262 -6.40 -7.93 96.00
C4' B8K C 3262 -7.81 -7.43 96.25
C5' B8K C 3262 -7.95 -6.32 97.26
N7 B8K C 3262 -5.57 -4.69 92.39
N9 B8K C 3262 -6.76 -6.70 93.15
O2' B8K C 3262 -7.24 -9.88 94.83
O3' B8K C 3262 -5.89 -8.75 97.03
O4' B8K C 3262 -8.25 -7.00 94.94
O5' B8K C 3262 -7.37 -5.11 96.81
O6 B8K C 3262 -4.23 -4.87 89.51
OP1 B8K C 3262 -7.91 -4.04 99.03
P B8K C 3262 -7.61 -3.74 97.60
C71 B8K C 3262 -5.04 -3.32 92.47
C72 B8K C 3262 -4.22 -2.61 91.36
O71 B8K C 3262 -5.27 -2.70 93.44
OP2 B8K C 3262 -6.48 -2.82 97.23
P OMG C 3354 -26.15 -39.05 109.12
OP1 OMG C 3354 -26.73 -39.54 110.41
OP2 OMG C 3354 -24.86 -38.27 109.13
O5' OMG C 3354 -25.95 -40.31 108.16
C5' OMG C 3354 -27.07 -41.11 107.79
C4' OMG C 3354 -27.55 -40.77 106.41
O4' OMG C 3354 -26.53 -40.00 105.72
C3' OMG C 3354 -27.84 -41.98 105.51
O3' OMG C 3354 -28.94 -41.68 104.66
C2' OMG C 3354 -26.58 -42.06 104.66
O2' OMG C 3354 -26.75 -42.72 103.42
CM2 OMG C 3354 -27.12 -44.09 103.55
C1' OMG C 3354 -26.27 -40.59 104.47
N9 OMG C 3354 -24.89 -40.30 104.09
C8 OMG C 3354 -23.90 -40.06 104.98
N7 OMG C 3354 -22.77 -39.85 104.27
C5 OMG C 3354 -23.06 -39.97 102.97
C6 OMG C 3354 -22.21 -39.86 101.70
O6 OMG C 3354 -21.06 -39.60 101.78
N1 OMG C 3354 -22.81 -40.05 100.42
C2 OMG C 3354 -24.21 -40.35 100.32
N2 OMG C 3354 -24.82 -40.54 99.04
N3 OMG C 3354 -25.01 -40.46 101.54
C4 OMG C 3354 -24.38 -40.26 102.86
P 2MG C 3356 -33.04 -39.25 109.35
OP1 2MG C 3356 -32.93 -38.23 110.46
OP2 2MG C 3356 -32.40 -40.63 109.52
O5' 2MG C 3356 -34.59 -39.45 109.07
C5' 2MG C 3356 -35.49 -38.35 109.17
C4' 2MG C 3356 -36.91 -38.79 108.96
O4' 2MG C 3356 -36.94 -39.79 107.91
C3' 2MG C 3356 -37.55 -39.45 110.19
O3' 2MG C 3356 -38.96 -39.24 110.15
C2' 2MG C 3356 -37.27 -40.93 109.93
O2' 2MG C 3356 -38.14 -41.81 110.61
C1' 2MG C 3356 -37.46 -41.00 108.42
N9 2MG C 3356 -36.78 -42.13 107.78
C8 2MG C 3356 -35.66 -42.29 107.06
N7 2MG C 3356 -35.56 -43.60 106.73
C5 2MG C 3356 -36.62 -44.22 107.24
C6 2MG C 3356 -37.07 -45.69 107.21
O6 2MG C 3356 -36.42 -46.50 106.66
N1 2MG C 3356 -38.29 -46.08 107.87
C2 2MG C 3356 -39.07 -45.07 108.55
N2 2MG C 3356 -40.30 -45.36 109.24
CM2 2MG C 3356 -40.95 -44.21 109.87
N3 2MG C 3356 -38.62 -43.69 108.56
C4 2MG C 3356 -37.37 -43.30 107.89
N1 OMU E 14 -66.91 -43.54 24.33
C2 OMU E 14 -65.71 -44.32 24.75
N3 OMU E 14 -65.88 -45.66 25.37
C4 OMU E 14 -67.21 -46.19 25.60
C5 OMU E 14 -68.40 -45.40 25.18
C6 OMU E 14 -68.22 -44.07 24.57
O2 OMU E 14 -64.62 -43.89 24.58
O4 OMU E 14 -67.36 -47.25 26.09
C1' OMU E 14 -66.78 -42.19 23.75
C2' OMU E 14 -66.33 -42.17 22.28
O2' OMU E 14 -65.39 -41.13 22.12
CM2 OMU E 14 -64.63 -40.84 23.25
C3' OMU E 14 -67.62 -41.85 21.55
C4' OMU E 14 -68.42 -41.03 22.55
O3' OMU E 14 -67.40 -41.14 20.34
O4' OMU E 14 -68.03 -41.55 23.84
C5' OMU E 14 -69.92 -41.13 22.42
O5' OMU E 14 -70.33 -42.49 22.47
P OMU E 14 -71.88 -42.88 22.54
OP1 OMU E 14 -72.59 -42.00 21.54
OP2 OMU E 14 -72.00 -44.38 22.43
P A2M F 27 9.22 73.44 20.01
OP1 A2M F 27 8.30 73.70 21.17
O5' A2M F 27 10.13 72.09 20.27
C5' A2M F 27 9.54 70.98 20.87
C4' A2M F 27 10.49 69.79 20.78
O4' A2M F 27 11.11 69.72 19.29
C3' A2M F 27 11.53 69.95 21.55
O3' A2M F 27 11.25 69.46 22.93
C2' A2M F 27 12.56 69.02 20.89
O2' A2M F 27 12.32 67.74 21.25
C1' A2M F 27 12.29 69.19 19.39
CM' A2M F 27 13.14 66.80 20.61
N9 A2M F 27 13.29 70.09 18.79
C8 A2M F 27 12.94 71.33 18.50
N7 A2M F 27 14.03 71.89 17.96
C5 A2M F 27 15.02 70.99 17.95
C6 A2M F 27 16.31 71.06 17.50
N6 A2M F 27 17.16 72.06 16.90
N1 A2M F 27 17.09 70.01 17.60
C2 A2M F 27 16.62 68.85 18.12
N3 A2M F 27 15.35 68.78 18.55
C4 A2M F 27 14.55 69.85 18.46
OP2 A2M F 27 10.12 74.63 19.75
N1 OMU F 116 -36.81 88.28 4.59
C2 OMU F 116 -35.37 88.64 4.72
N3 OMU F 116 -34.70 89.46 3.65
C4 OMU F 116 -35.46 89.89 2.49
C5 OMU F 116 -36.90 89.51 2.37
C6 OMU F 116 -37.54 88.71 3.43
O2 OMU F 116 -34.75 88.30 5.67
O4 OMU F 116 -34.96 90.53 1.64
C1' OMU F 116 -37.50 87.46 5.61
C2' OMU F 116 -37.83 88.23 6.87
O2' OMU F 116 -37.85 87.31 7.96
CM2 OMU F 116 -36.62 86.68 8.16
C3' OMU F 116 -39.25 88.70 6.56
C4' OMU F 116 -39.83 87.55 5.76
O3' OMU F 116 -40.00 89.00 7.72
O4' OMU F 116 -38.70 86.99 5.05
C5' OMU F 116 -40.93 87.92 4.80
O5' OMU F 116 -40.55 87.63 3.46
P OMU F 116 -41.12 88.50 2.25
OP1 OMU F 116 -42.59 88.73 2.52
OP2 OMU F 116 -40.22 89.68 2.03
N1 PSU F 119 -34.62 96.77 12.57
C2 PSU F 119 -33.85 97.35 11.59
N3 PSU F 119 -32.77 98.12 11.93
C4 PSU F 119 -32.46 98.32 13.25
C5 PSU F 119 -33.24 97.75 14.25
C6 PSU F 119 -34.33 96.98 13.88
O2 PSU F 119 -34.12 97.17 10.41
O4 PSU F 119 -31.48 99.04 13.52
C1' PSU F 119 -32.97 97.93 15.71
C2' PSU F 119 -32.94 99.42 16.09
O2' PSU F 119 -32.00 99.60 17.14
C3' PSU F 119 -34.36 99.64 16.60
C4' PSU F 119 -34.68 98.32 17.28
O3' PSU F 119 -34.47 100.75 17.49
O4' PSU F 119 -34.01 97.33 16.45
C5' PSU F 119 -36.14 97.99 17.42
O5' PSU F 119 -36.77 97.83 16.16
P PSU F 119 -38.27 97.31 16.05
OP1 PSU F 119 -38.97 97.90 17.21
OP2 PSU F 119 -38.76 97.55 14.68
N1 OMU F 121 -34.02 106.11 9.83
C2 OMU F 121 -34.85 105.65 8.67
N3 OMU F 121 -35.82 104.53 8.84
C4 OMU F 121 -35.95 103.89 10.14
C5 OMU F 121 -35.12 104.36 11.29
C6 OMU F 121 -34.16 105.45 11.11
O2 OMU F 121 -34.74 106.18 7.62
O4 OMU F 121 -36.71 103.00 10.28
C1' OMU F 121 -33.06 107.21 9.66
C2' OMU F 121 -33.73 108.57 9.62
O2' OMU F 121 -32.94 109.44 8.84
CM2 OMU F 121 -32.73 108.98 7.54
C3' OMU F 121 -33.67 108.96 11.10
C4' OMU F 121 -32.32 108.42 11.51
O3' OMU F 121 -33.81 110.36 11.30
O4' OMU F 121 -32.16 107.20 10.76
C5' OMU F 121 -32.16 108.12 12.99
O5' OMU F 121 -33.32 107.48 13.50
P OMU F 121 -33.41 107.04 15.03
OP1 OMU F 121 -33.08 108.24 15.87
OP2 OMU F 121 -34.72 106.34 15.23
P A2M F 150 -32.16 69.33 54.38
OP1 A2M F 150 -32.33 70.54 55.27
O5' A2M F 150 -30.76 69.42 53.52
C5' A2M F 150 -30.72 70.27 52.42
C4' A2M F 150 -29.90 69.63 51.30
O4' A2M F 150 -30.19 68.04 51.22
C3' A2M F 150 -30.28 70.12 50.16
O3' A2M F 150 -29.49 71.34 49.87
C2' A2M F 150 -29.98 69.00 49.16
O2' A2M F 150 -28.66 69.02 48.84
C1' A2M F 150 -30.32 67.72 49.95
CM' A2M F 150 -28.40 68.72 47.50
N9 A2M F 150 -31.71 67.33 49.68
C8 A2M F 150 -32.60 67.49 50.64
N7 A2M F 150 -33.76 67.05 50.13
C5 A2M F 150 -33.55 66.64 48.87
C6 A2M F 150 -34.38 66.11 47.92
N6 A2M F 150 -35.80 65.77 47.82
N1 A2M F 150 -33.91 65.78 46.73
C2 A2M F 150 -32.60 65.95 46.45
N3 A2M F 150 -31.77 66.47 47.38
C4 A2M F 150 -32.25 66.81 48.59
OP2 A2M F 150 -33.34 69.15 53.47
P A2M F 157 -55.00 78.57 48.52
OP1 A2M F 157 -56.17 78.17 47.66
O5' A2M F 157 -55.49 79.52 49.78
C5' A2M F 157 -54.54 80.39 50.31
C4' A2M F 157 -54.84 80.69 51.76
O4' A2M F 157 -53.55 80.38 52.69
C3' A2M F 157 -55.05 81.97 51.85
O3' A2M F 157 -56.51 82.24 51.84
C2' A2M F 157 -54.38 82.43 53.15
O2' A2M F 157 -55.20 82.28 54.20
C1' A2M F 157 -53.18 81.48 53.27
CM' A2M F 157 -54.68 82.80 55.40
N9 A2M F 157 -52.01 82.06 52.58
C8 A2M F 157 -51.59 81.48 51.47
N7 A2M F 157 -50.54 82.19 51.06
C5 A2M F 157 -50.34 83.19 51.94
C6 A2M F 157 -49.39 84.19 51.98
N6 A2M F 157 -48.27 84.61 51.17
N1 A2M F 157 -49.42 85.06 52.97
C2 A2M F 157 -50.35 84.98 53.94
N3 A2M F 157 -51.28 83.99 53.90
C4 A2M F 157 -51.26 83.11 52.90
OP2 A2M F 157 -53.95 79.29 47.71
N1 OMC F 165 -53.12 92.33 31.10
C2 OMC F 165 -54.33 92.80 31.85
N3 OMC F 165 -54.62 94.26 31.93
C4 OMC F 165 -53.76 95.22 31.28
C5 OMC F 165 -52.56 94.75 30.53
C6 OMC F 165 -52.25 93.30 30.46
O2 OMC F 165 -55.03 92.03 32.38
N4 OMC F 165 -54.06 96.63 31.36
C1' OMC F 165 -52.81 90.89 31.02
C2' OMC F 165 -53.64 90.17 29.95
O2' OMC F 165 -53.94 88.86 30.43
CM2 OMC F 165 -54.72 88.85 31.59
C3' OMC F 165 -52.65 90.11 28.80
C4' OMC F 165 -51.33 89.91 29.51
O4' OMC F 165 -51.45 90.74 30.69
O3' OMC F 165 -52.92 89.09 27.87
C5' OMC F 165 -50.10 90.30 28.72
O5' OMC F 165 -50.17 91.66 28.32
P OMC F 165 -48.93 92.37 27.62
OP1 OMC F 165 -48.45 91.47 26.51
OP2 OMC F 165 -49.30 93.80 27.31
P A2M F 409 7.91 65.26 25.86
OP1 A2M F 409 8.33 65.49 27.28
O5' A2M F 409 7.39 66.67 25.18
C5' A2M F 409 8.23 67.79 25.25
C4' A2M F 409 7.76 68.83 24.27
O4' A2M F 409 7.78 68.19 22.78
C3' A2M F 409 6.52 69.15 24.51
O3' A2M F 409 6.45 70.41 25.33
C2' A2M F 409 5.89 69.40 23.13
O2' A2M F 409 5.98 70.71 22.79
C1' A2M F 409 6.71 68.56 22.14
CM' A2M F 409 5.35 71.03 21.58
N9 A2M F 409 5.95 67.38 21.72
C8 A2M F 409 5.94 66.33 22.52
N7 A2M F 409 5.17 65.42 21.90
C5 A2M F 409 4.73 65.94 20.75
C6 A2M F 409 3.93 65.43 19.76
N6 A2M F 409 3.23 64.18 19.52
N1 A2M F 409 3.63 66.16 18.71
C2 A2M F 409 4.12 67.41 18.59
N3 A2M F 409 4.91 67.92 19.56
C4 A2M F 409 5.21 67.17 20.63
OP2 A2M F 409 6.88 64.18 25.76
P OMG F 434 -9.72 88.62 23.44
OP1 OMG F 434 -9.26 88.29 22.04
OP2 OMG F 434 -9.41 87.67 24.55
O5' OMG F 434 -9.12 90.05 23.81
C5' OMG F 434 -9.14 91.11 22.86
C4' OMG F 434 -9.09 92.45 23.53
O4' OMG F 434 -10.17 92.55 24.51
C3' OMG F 434 -7.85 92.76 24.34
O3' OMG F 434 -6.74 93.14 23.55
C2' OMG F 434 -8.34 93.85 25.27
O2' OMG F 434 -8.49 95.07 24.56
CM2 OMG F 434 -8.85 96.17 25.38
C1' OMG F 434 -9.74 93.33 25.61
N9 OMG F 434 -9.72 92.48 26.80
C8 OMG F 434 -9.95 91.15 26.73
N7 OMG F 434 -9.86 90.65 27.97
C5 OMG F 434 -9.59 91.65 28.81
C6 OMG F 434 -9.39 91.71 30.32
O6 OMG F 434 -9.46 90.72 30.96
N1 OMG F 434 -9.10 92.94 30.96
C2 OMG F 434 -9.02 94.14 30.18
N2 OMG F 434 -8.73 95.38 30.83
N3 OMG F 434 -9.21 94.08 28.73
C4 OMG F 434 -9.50 92.80 28.07
N1 OMC F 442 9.72 81.31 19.36
C2 OMC F 442 8.97 82.10 18.34
N3 OMC F 442 8.56 83.49 18.64
C4 OMC F 442 8.89 84.09 19.91
C5 OMC F 442 9.63 83.31 20.93
C6 OMC F 442 10.05 81.91 20.64
O2 OMC F 442 8.69 81.62 17.29
N4 OMC F 442 8.48 85.46 20.18
C1' OMC F 442 10.13 79.92 19.09
C2' OMC F 442 11.22 79.82 18.02
O2' OMC F 442 11.01 78.62 17.29
CM2 OMC F 442 10.52 78.84 15.99
C3' OMC F 442 12.47 79.73 18.87
C4' OMC F 442 12.00 78.91 20.05
O4' OMC F 442 10.65 79.35 20.28
O3' OMC F 442 13.58 79.15 18.20
C5' OMC F 442 12.81 79.08 21.32
O5' OMC F 442 12.47 80.29 21.99
P OMC F 442 12.85 80.52 23.51
OP1 OMC F 442 12.26 81.83 23.95
OP2 OMC F 442 12.51 79.26 24.26
C1' MMX F 493 17.41 108.66 46.71
C2 MMX F 493 17.74 107.45 44.40
C2' MMX F 493 15.93 108.66 47.06
C3' MMX F 493 15.69 107.17 47.28
C4 MMX F 493 17.89 108.96 42.37
C4' MMX F 493 16.96 106.77 48.00
C5 MMX F 493 18.31 110.02 43.31
C5' MMX F 493 17.30 105.30 48.07
C6 MMX F 493 17.62 109.98 44.61
N1 MMX F 493 17.60 108.67 45.25
N3 MMX F 493 17.91 107.53 42.94
N4 MMX F 493 18.66 109.08 41.15
O2 MMX F 493 17.72 106.38 44.89
O2' MMX F 493 15.75 109.38 48.27
O3' MMX F 493 14.49 106.90 48.00
O4' MMX F 493 17.98 107.49 47.27
O5' MMX F 493 16.54 104.52 47.18
OP1 MMX F 493 15.86 102.66 48.71
OP2 MMX F 493 15.84 102.34 46.13
P MMX F 493 16.46 102.94 47.36
C31 MMX F 493 18.03 106.32 42.12
C32 MMX F 493 19.36 106.14 41.41
N1 PSU F 537 48.93 54.98 22.42
C2 PSU F 537 48.59 55.08 21.09
N3 PSU F 537 47.49 54.40 20.61
C4 PSU F 537 46.73 53.63 21.46
C5 PSU F 537 47.09 53.53 22.79
C6 PSU F 537 48.19 54.23 23.27
O2 PSU F 537 49.27 55.76 20.34
O4 PSU F 537 45.75 53.04 21.02
C1' PSU F 537 46.26 52.73 23.75
C2' PSU F 537 46.24 51.21 23.61
O2' PSU F 537 44.89 50.78 23.72
C3' PSU F 537 47.04 50.75 24.83
C4' PSU F 537 46.80 51.84 25.86
O3' PSU F 537 46.62 49.48 25.30
O4' PSU F 537 46.65 53.05 25.07
C5' PSU F 537 47.91 52.05 26.86
O5' PSU F 537 49.12 52.42 26.20
P PSU F 537 50.46 52.66 27.01
OP1 PSU F 537 50.53 51.58 28.01
OP2 PSU F 537 51.55 52.87 26.05
P OMG F 569 22.93 86.26 19.87
OP1 OMG F 569 22.76 87.74 19.67
OP2 OMG F 569 21.74 85.35 19.71
O5' OMG F 569 24.06 85.74 18.87
C5' OMG F 569 24.02 84.44 18.32
C4' OMG F 569 25.17 83.59 18.81
O4' OMG F 569 24.98 83.30 20.21
C3' OMG F 569 25.31 82.23 18.16
O3' OMG F 569 26.01 82.28 16.92
C2' OMG F 569 26.03 81.41 19.22
O2' OMG F 569 27.43 81.66 19.17
CM2 OMG F 569 28.15 81.24 20.32
C1' OMG F 569 25.49 82.02 20.51
N9 OMG F 569 24.42 81.22 21.12
C8 OMG F 569 23.13 81.65 21.07
N7 OMG F 569 22.38 80.75 21.72
C5 OMG F 569 23.18 79.79 22.18
C6 OMG F 569 22.89 78.53 22.98
O6 OMG F 569 21.78 78.28 23.31
N1 OMG F 569 23.95 77.66 23.36
C2 OMG F 569 25.29 77.98 22.96
N2 OMG F 569 26.36 77.11 23.33
N3 OMG F 569 25.56 79.19 22.19
C4 OMG F 569 24.45 80.09 21.81
P A2M F 593 23.94 47.91 -22.42
OP1 A2M F 593 24.05 46.72 -21.52
O5' A2M F 593 24.72 49.22 -21.82
C5' A2M F 593 23.93 50.25 -21.33
C4' A2M F 593 24.52 50.69 -20.01
O4' A2M F 593 25.49 51.93 -20.30
C3' A2M F 593 23.57 51.07 -19.22
O3' A2M F 593 23.25 49.96 -18.28
C2' A2M F 593 24.15 52.29 -18.49
O2' A2M F 593 24.54 51.92 -17.24
C1' A2M F 593 25.36 52.76 -19.30
CM' A2M F 593 25.05 52.98 -16.48
N9 A2M F 593 25.17 54.10 -19.85
C8 A2M F 593 23.95 54.48 -20.20
N7 A2M F 593 24.09 55.72 -20.66
C5 A2M F 593 25.38 56.08 -20.59
C6 A2M F 593 26.04 57.23 -20.93
N6 A2M F 593 25.69 58.53 -21.49
N1 A2M F 593 27.34 57.33 -20.75
C2 A2M F 593 28.03 56.28 -20.24
N3 A2M F 593 27.39 55.15 -19.90
C4 A2M F 593 26.06 55.07 -20.08
OP2 A2M F 593 22.50 48.24 -22.69
P OMG F 608 -1.70 73.16 -35.13
OP1 OMG F 608 -0.73 74.25 -35.51
OP2 OMG F 608 -2.92 73.51 -34.31
O5' OMG F 608 -2.20 72.42 -36.45
C5' OMG F 608 -1.98 73.00 -37.73
C4' OMG F 608 -1.80 71.95 -38.79
O4' OMG F 608 -2.34 70.69 -38.32
C3' OMG F 608 -2.51 72.20 -40.10
O3' OMG F 608 -1.82 73.10 -40.95
C2' OMG F 608 -2.66 70.80 -40.68
O2' OMG F 608 -1.48 70.38 -41.33
CM2 OMG F 608 -1.74 69.62 -42.50
C1' OMG F 608 -2.84 69.96 -39.41
N9 OMG F 608 -4.26 69.65 -39.16
C8 OMG F 608 -4.83 69.90 -37.97
N7 OMG F 608 -6.11 69.51 -38.04
C5 OMG F 608 -6.34 69.03 -39.25
C6 OMG F 608 -7.60 68.45 -39.91
O6 OMG F 608 -8.61 68.36 -39.31
N1 OMG F 608 -7.55 67.99 -41.27
C2 OMG F 608 -6.32 68.08 -42.00
N2 OMG F 608 -6.28 67.63 -43.36
N3 OMG F 608 -5.12 68.64 -41.37
C4 OMG F 608 -5.18 69.11 -39.96
N1 5MU F 668 0.54 91.71 3.34
C2 5MU F 668 0.84 91.38 1.84
N3 5MU F 668 0.33 92.17 0.81
C4 5MU F 668 -0.38 93.16 1.06
C5 5MU F 668 -0.80 93.66 2.52
C5M 5MU F 668 -1.66 94.89 2.72
C6 5MU F 668 -0.34 92.94 3.69
O2 5MU F 668 1.51 90.45 1.54
O4 5MU F 668 -0.76 93.77 0.12
C1' 5MU F 668 1.09 90.88 4.43
C2' 5MU F 668 2.61 90.77 4.37
O2' 5MU F 668 2.99 89.54 4.96
C3' 5MU F 668 3.01 91.94 5.26
C4' 5MU F 668 1.97 91.87 6.36
O3' 5MU F 668 4.34 91.85 5.73
O4' 5MU F 668 0.76 91.48 5.67
C5' 5MU F 668 1.74 93.14 7.14
O5' 5MU F 668 1.40 94.22 6.29
P 5MU F 668 0.85 95.59 6.88
OP1 5MU F 668 1.87 96.11 7.86
OP2 5MU F 668 0.42 96.46 5.72
N1 PSU F 676 13.73 104.14 13.58
C2 PSU F 676 13.56 102.78 13.71
N3 PSU F 676 12.76 102.28 14.71
C4 PSU F 676 12.12 103.15 15.57
C5 PSU F 676 12.30 104.51 15.45
C6 PSU F 676 13.11 104.99 14.43
O2 PSU F 676 14.13 102.01 12.95
O4 PSU F 676 11.40 102.69 16.46
C1' PSU F 676 11.60 105.48 16.35
C2' PSU F 676 12.04 105.49 17.83
O2' PSU F 676 10.88 105.45 18.63
C3' PSU F 676 12.73 106.85 17.96
C4' PSU F 676 12.07 107.71 16.89
O3' PSU F 676 12.59 107.42 19.24
O4' PSU F 676 11.73 106.78 15.84
C5' PSU F 676 12.89 108.83 16.33
O5' PSU F 676 12.29 109.37 15.17
P PSU F 676 12.61 110.87 14.72
OP1 PSU F 676 11.63 111.26 13.69
OP2 PSU F 676 12.73 111.69 15.95
N1 PSU F 677 18.10 105.44 21.65
C2 PSU F 677 19.35 104.90 21.85
N3 PSU F 677 20.45 105.49 21.29
C4 PSU F 677 20.31 106.63 20.52
C5 PSU F 677 19.05 107.15 20.32
C6 PSU F 677 17.94 106.55 20.90
O2 PSU F 677 19.47 103.90 22.54
O4 PSU F 677 21.30 107.16 20.02
C1' PSU F 677 18.87 108.40 19.50
C2' PSU F 677 18.74 108.12 17.99
O2' PSU F 677 19.37 109.18 17.29
C3' PSU F 677 17.23 108.17 17.80
C4' PSU F 677 16.78 109.21 18.81
O3' PSU F 677 16.85 108.52 16.48
O4' PSU F 677 17.69 109.04 19.92
C5' PSU F 677 15.36 109.04 19.31
O5' PSU F 677 15.08 107.67 19.60
P PSU F 677 13.74 107.26 20.35
OP1 PSU F 677 13.80 105.83 20.72
OP2 PSU F 677 13.49 108.27 21.40
P A2M F 879 -9.05 39.76 -33.37
OP1 A2M F 879 -9.95 38.55 -33.36
O5' A2M F 879 -8.15 39.81 -34.74
C5' A2M F 879 -8.70 39.34 -35.93
C4' A2M F 879 -7.73 39.49 -37.09
O4' A2M F 879 -7.24 41.03 -37.19
C3' A2M F 879 -6.65 38.80 -36.93
O3' A2M F 879 -6.81 37.40 -37.40
C2' A2M F 879 -5.66 39.54 -37.84
O2' A2M F 879 -5.92 39.24 -39.13
C1' A2M F 879 -5.99 41.01 -37.55
CM' A2M F 879 -5.13 39.94 -40.04
N9 A2M F 879 -5.13 41.52 -36.48
C8 A2M F 879 -5.68 41.69 -35.28
N7 A2M F 879 -4.70 42.16 -34.51
C5 A2M F 879 -3.59 42.27 -35.24
C6 A2M F 879 -2.32 42.69 -34.93
N6 A2M F 879 -1.66 43.19 -33.74
N1 A2M F 879 -1.38 42.71 -35.85
C2 A2M F 879 -1.65 42.31 -37.11
N3 A2M F 879 -2.90 41.89 -37.42
C4 A2M F 879 -3.86 41.87 -36.48
OP2 A2M F 879 -8.18 39.79 -32.13
N1 PSU F 929 4.75 35.14 -29.60
C2 PSU F 929 5.59 34.44 -30.41
N3 PSU F 929 6.65 33.74 -29.88
C4 PSU F 929 6.87 33.77 -28.52
C5 PSU F 929 6.02 34.51 -27.70
C6 PSU F 929 4.95 35.18 -28.27
O2 PSU F 929 5.40 34.41 -31.63
O4 PSU F 929 7.82 33.14 -28.06
C1' PSU F 929 6.22 34.56 -26.20
C2' PSU F 929 7.58 35.08 -25.73
O2' PSU F 929 8.11 34.14 -24.81
C3' PSU F 929 7.20 36.38 -25.02
C4' PSU F 929 5.81 36.10 -24.51
O3' PSU F 929 8.10 36.71 -23.97
O4' PSU F 929 5.21 35.30 -25.54
C5' PSU F 929 4.95 37.31 -24.23
O5' PSU F 929 4.62 38.01 -25.42
P PSU F 929 3.09 38.18 -25.83
OP1 PSU F 929 2.29 38.53 -24.65
OP2 PSU F 929 3.04 39.05 -27.02
N1 B8Q F 1067 66.91 16.00 -29.15
C2 B8Q F 1067 68.23 16.09 -29.74
C5 B8Q F 1067 67.84 17.13 -27.13
C1' B8Q F 1067 65.79 15.19 -29.68
C2' B8Q F 1067 66.18 13.74 -29.99
C3' B8Q F 1067 65.39 12.93 -28.95
C4 B8Q F 1067 68.99 17.70 -27.98
C4' B8Q F 1067 64.23 13.84 -28.58
C5' B8Q F 1067 63.68 13.64 -27.20
C6 B8Q F 1067 66.63 16.76 -27.98
C31 B8Q F 1067 70.62 16.98 -29.80
N3 B8Q F 1067 69.30 16.93 -29.18
N4 B8Q F 1067 70.17 17.77 -27.14
O2 B8Q F 1067 68.49 15.48 -30.72
O2' B8Q F 1067 65.73 13.44 -31.30
O3' B8Q F 1067 64.95 11.68 -29.45
O4' B8Q F 1067 64.79 15.17 -28.70
O5' B8Q F 1067 64.69 13.72 -26.21
OP1 B8Q F 1067 63.54 12.75 -24.21
OP2 B8Q F 1067 65.59 14.33 -23.94
P B8Q F 1067 64.33 13.93 -24.68
N1 PSU F 1091 74.11 26.78 17.56
C2 PSU F 1091 74.55 27.86 16.82
N3 PSU F 1091 74.15 29.14 17.18
C4 PSU F 1091 73.33 29.32 18.27
C5 PSU F 1091 72.90 28.23 19.00
C6 PSU F 1091 73.32 26.94 18.62
O2 PSU F 1091 75.28 27.69 15.85
O4 PSU F 1091 72.98 30.45 18.58
C1' PSU F 1091 72.00 28.42 20.18
C2' PSU F 1091 70.60 28.67 19.64
O2' PSU F 1091 69.90 29.46 20.59
C3' PSU F 1091 70.04 27.26 19.62
C4' PSU F 1091 70.62 26.66 20.89
O3' PSU F 1091 68.63 27.20 19.56
O4' PSU F 1091 71.95 27.24 20.96
C5' PSU F 1091 70.71 25.16 20.94
O5' PSU F 1091 71.86 24.68 20.27
P PSU F 1091 71.79 23.37 19.37
OP1 PSU F 1091 70.57 23.43 18.52
OP2 PSU F 1091 73.10 23.21 18.73
O5' B8N F 1096 60.81 27.16 -1.99
C5' B8N F 1096 61.20 25.80 -2.01
C4' B8N F 1096 61.52 25.35 -3.42
O4' B8N F 1096 60.29 25.32 -4.19
C3' B8N F 1096 62.45 26.27 -4.21
O3' B8N F 1096 63.80 25.94 -4.01
C2' B8N F 1096 62.00 26.08 -5.65
O2' B8N F 1096 62.62 24.95 -6.23
C1' B8N F 1096 60.51 25.79 -5.50
C5 B8N F 1096 59.52 27.00 -5.74
C6 B8N F 1096 59.14 27.75 -4.59
N1 B8N F 1096 58.13 28.90 -4.88
C2 B8N F 1096 57.62 29.13 -6.34
N3 B8N F 1096 58.04 28.31 -7.39
C4 B8N F 1096 58.86 27.38 -7.19
C34 B8N F 1096 57.67 27.40 -11.22
CN1 B8N F 1096 57.67 29.78 -3.77
N34 B8N F 1096 55.80 28.91 -11.20
O2 B8N F 1096 56.85 30.01 -6.55
O4 B8N F 1096 59.16 26.75 -8.14
OP1 B8N F 1096 60.32 29.24 -0.68
OP2 B8N F 1096 58.56 27.31 -0.86
P B8N F 1096 60.00 27.76 -0.75
C31 B8N F 1096 57.54 28.59 -8.76
C32 B8N F 1096 56.31 27.71 -9.15
C33 B8N F 1096 56.26 27.67 -10.70
O36 B8N F 1096 58.29 28.31 -11.86
O35 B8N F 1096 58.23 26.29 -11.02
P 4AC F 1185 77.79 43.90 -4.96
OP1 4AC F 1185 79.00 43.47 -5.75
OP2 4AC F 1185 76.90 44.99 -5.49
O5' 4AC F 1185 76.90 42.61 -4.68
C5' 4AC F 1185 77.49 41.33 -4.54
C4' 4AC F 1185 76.55 40.33 -3.91
O4' 4AC F 1185 75.80 40.95 -2.84
C3' 4AC F 1185 75.47 39.77 -4.80
O3' 4AC F 1185 75.94 38.79 -5.72
C2' 4AC F 1185 74.47 39.23 -3.79
O2' 4AC F 1185 74.93 38.02 -3.21
C1' 4AC F 1185 74.54 40.33 -2.71
N1 4AC F 1185 73.48 41.34 -2.92
C2 4AC F 1185 72.08 40.98 -2.62
O2 4AC F 1185 71.81 39.90 -2.20
N3 4AC F 1185 71.00 41.97 -2.82
C4 4AC F 1185 71.30 43.29 -3.33
N4 4AC F 1185 70.17 44.21 -3.50
C5 4AC F 1185 72.71 43.66 -3.64
C6 4AC F 1185 73.80 42.66 -3.43
C7 4AC F 1185 70.24 45.56 -3.99
O7 4AC F 1185 71.27 46.07 -4.30
CM7 4AC F 1185 68.95 46.37 -4.10
P 5MC F 1222 72.12 50.73 -41.75
OP1 5MC F 1222 73.16 51.70 -42.26
OP2 5MC F 1222 71.08 51.21 -40.76
O5' 5MC F 1222 71.37 50.14 -43.01
C5' 5MC F 1222 72.10 49.63 -44.12
C4' 5MC F 1222 71.26 48.71 -44.96
O4' 5MC F 1222 70.70 47.65 -44.15
C3' 5MC F 1222 70.05 49.34 -45.63
O3' 5MC F 1222 70.38 50.08 -46.79
C2' 5MC F 1222 69.17 48.13 -45.91
O2' 5MC F 1222 69.62 47.44 -47.07
C1' 5MC F 1222 69.47 47.24 -44.70
N1 5MC F 1222 68.43 47.36 -43.65
C2 5MC F 1222 67.11 46.69 -43.83
O2 5MC F 1222 66.90 46.08 -44.82
N3 5MC F 1222 66.08 46.79 -42.79
C4 5MC F 1222 66.34 47.54 -41.57
N4 5MC F 1222 65.32 47.64 -40.56
C5 5MC F 1222 67.65 48.21 -41.39
C6 5MC F 1222 68.70 48.11 -42.44
CM5 5MC F 1222 67.93 49.00 -40.11
P A2M F 1516 74.60 11.61 -34.83
OP1 A2M F 1516 73.52 11.04 -35.74
O5' A2M F 1516 74.32 13.21 -34.53
C5' A2M F 1516 73.00 13.68 -34.52
C4' A2M F 1516 73.00 15.13 -34.08
O4' A2M F 1516 74.02 15.29 -32.85
C3' A2M F 1516 73.49 15.90 -35.01
O3' A2M F 1516 72.39 16.36 -35.91
C2' A2M F 1516 74.04 17.11 -34.25
O2' A2M F 1516 73.03 17.99 -34.06
C1' A2M F 1516 74.43 16.53 -32.88
CM' A2M F 1516 73.29 19.02 -33.15
N9 A2M F 1516 75.87 16.57 -32.56
C8 A2M F 1516 76.54 15.42 -32.56
N7 A2M F 1516 77.78 15.73 -32.19
C5 A2M F 1516 77.85 17.04 -31.95
C6 A2M F 1516 78.90 17.85 -31.56
N6 A2M F 1516 80.29 17.68 -31.24
N1 A2M F 1516 78.69 19.15 -31.39
C2 A2M F 1516 77.47 19.68 -31.61
N3 A2M F 1516 76.44 18.89 -32.01
C4 A2M F 1516 76.65 17.58 -32.18
OP2 A2M F 1516 75.97 11.41 -35.41
N1 OMC F 1541 38.15 34.54 -9.88
C2 OMC F 1541 37.39 33.53 -10.69
N3 OMC F 1541 37.55 32.09 -10.40
C4 OMC F 1541 38.43 31.64 -9.35
C5 OMC F 1541 39.18 32.63 -8.54
C6 OMC F 1541 39.03 34.08 -8.82
O2 OMC F 1541 36.68 33.89 -11.56
N4 OMC F 1541 38.57 30.23 -9.08
C1' OMC F 1541 38.02 35.99 -10.16
C2' OMC F 1541 36.66 36.55 -9.73
O2' OMC F 1541 36.27 37.52 -10.68
CM2 OMC F 1541 35.82 36.98 -11.89
C3' OMC F 1541 37.00 37.21 -8.40
C4' OMC F 1541 38.41 37.71 -8.63
O4' OMC F 1541 39.01 36.68 -9.43
O3' OMC F 1541 36.09 38.24 -8.04
C5' OMC F 1541 39.24 37.95 -7.39
O5' OMC F 1541 39.87 36.74 -6.95
P OMC F 1541 41.16 36.78 -6.04
OP1 OMC F 1541 41.07 37.98 -5.13
OP2 OMC F 1541 41.35 35.40 -5.44
N1 OMC F 1548 24.48 27.06 10.21
C2 OMC F 1548 25.06 28.40 9.90
N3 OMC F 1548 24.71 29.08 8.63
C4 OMC F 1548 23.81 28.45 7.69
C5 OMC F 1548 23.22 27.12 7.99
C6 OMC F 1548 23.57 26.43 9.26
O2 OMC F 1548 25.80 28.92 10.67
N4 OMC F 1548 23.47 29.13 6.45
C1' OMC F 1548 24.81 26.37 11.48
C2' OMC F 1548 24.06 26.97 12.67
O2' OMC F 1548 24.88 26.89 13.81
CM2 OMC F 1548 25.76 27.97 13.94
C3' OMC F 1548 22.88 26.01 12.78
C4' OMC F 1548 23.52 24.68 12.43
O4' OMC F 1548 24.44 25.02 11.37
O3' OMC F 1548 22.28 25.99 14.07
C5' OMC F 1548 22.58 23.59 11.96
O5' OMC F 1548 21.78 24.03 10.87
P OMC F 1548 20.86 23.00 10.07
OP1 OMC F 1548 20.00 22.28 11.07
OP2 OMC F 1548 20.23 23.74 8.92
C1' M7A F 1635 -24.46 41.79 5.97
C2 M7A F 1635 -23.29 46.13 6.55
C2' M7A F 1635 -23.42 41.47 4.91
C3' M7A F 1635 -23.04 40.05 5.31
C4 M7A F 1635 -23.59 43.91 7.15
C4' M7A F 1635 -24.39 39.47 5.70
C5 M7A F 1635 -23.30 44.21 8.46
C5' M7A F 1635 -24.35 38.24 6.58
C6 M7A F 1635 -23.01 45.50 8.79
C8 M7A F 1635 -23.64 41.82 8.40
C71 M7A F 1635 -22.23 42.78 10.15
N1 M7A F 1635 -23.00 46.45 7.85
N3 M7A F 1635 -23.58 44.84 6.21
N6 M7A F 1635 -22.66 46.42 9.84
N7 M7A F 1635 -23.40 42.96 9.26
N9 M7A F 1635 -23.84 42.44 7.14
O2' M7A F 1635 -24.06 41.48 3.64
O3' M7A F 1635 -22.36 39.33 4.30
O4' M7A F 1635 -25.04 40.56 6.39
O5' M7A F 1635 -23.65 38.50 7.78
OP1 M7A F 1635 -23.33 36.11 8.52
OP2 M7A F 1635 -22.97 38.11 10.17
P M7A F 1635 -23.72 37.50 9.01
P UR3 F 1659 34.85 19.17 -10.45
OP1 UR3 F 1659 34.96 18.26 -11.65
OP2 UR3 F 1659 36.05 19.40 -9.56
O5' UR3 F 1659 34.35 20.57 -10.99
C5' UR3 F 1659 33.17 20.66 -11.77
C4' UR3 F 1659 32.78 22.10 -12.03
O4' UR3 F 1659 32.79 22.83 -10.78
C1' UR3 F 1659 33.51 24.03 -10.94
N1 UR3 F 1659 34.07 24.45 -9.65
C6 UR3 F 1659 34.11 25.88 -9.36
C2 UR3 F 1659 34.60 23.49 -8.65
O2 UR3 F 1659 34.58 22.32 -8.87
N3 UR3 F 1659 35.16 23.97 -7.36
C3U UR3 F 1659 35.66 23.02 -6.40
C4 UR3 F 1659 35.20 25.39 -7.05
O4 UR3 F 1659 35.66 25.77 -6.01
C5 UR3 F 1659 34.68 26.36 -8.05
C2' UR3 F 1659 34.54 23.72 -12.02
O2' UR3 F 1659 35.06 24.90 -12.59
C3' UR3 F 1659 33.73 22.85 -12.97
O3' UR3 F 1659 32.95 23.69 -13.83
C2 6MZ F 1661 33.53 33.37 -13.55
C4 6MZ F 1661 32.52 31.50 -14.55
C5 6MZ F 1661 33.36 30.72 -13.87
O1P 6MZ F 1661 31.09 26.59 -19.45
O2P 6MZ F 1661 32.40 26.57 -17.20
N9 6MZ F 1661 31.73 30.71 -15.30
N3 6MZ F 1661 32.60 32.84 -14.39
N1 6MZ F 1661 34.37 32.57 -12.88
C6 6MZ F 1661 34.28 31.27 -13.03
N6 6MZ F 1661 35.31 30.72 -12.16
C9 6MZ F 1661 35.84 29.39 -12.43
N7 6MZ F 1661 33.08 29.45 -14.19
C8 6MZ F 1661 32.08 29.45 -15.05
O5' 6MZ F 1661 31.02 28.52 -17.84
C5' 6MZ F 1661 29.82 29.18 -18.22
C4' 6MZ F 1661 29.91 30.65 -17.92
O4' 6MZ F 1661 29.75 30.88 -16.50
C1' 6MZ F 1661 30.82 31.63 -16.00
C2' 6MZ F 1661 31.47 32.33 -17.19
O2' 6MZ F 1661 30.75 33.52 -17.44
C3' 6MZ F 1661 31.23 31.32 -18.30
O3' 6MZ F 1661 31.20 31.90 -19.59
P 6MZ F 1661 31.18 26.94 -17.99
P 4AC F 1671 20.20 33.89 -21.14
OP1 4AC F 1671 19.62 34.59 -19.94
OP2 4AC F 1671 20.42 32.39 -21.12
O5' 4AC F 1671 19.27 34.23 -22.39
C5' 4AC F 1671 18.79 35.54 -22.61
C4' 4AC F 1671 17.81 35.60 -23.75
O4' 4AC F 1671 18.45 35.15 -24.97
C3' 4AC F 1671 16.58 34.71 -23.63
O3' 4AC F 1671 15.58 35.27 -22.80
C2' 4AC F 1671 16.15 34.55 -25.07
O2' 4AC F 1671 15.46 35.70 -25.53
C1' 4AC F 1671 17.51 34.49 -25.79
N1 4AC F 1671 17.97 33.11 -26.00
C2 4AC F 1671 17.38 32.30 -27.11
O2 4AC F 1671 16.55 32.76 -27.79
N3 4AC F 1671 17.85 30.92 -27.33
C4 4AC F 1671 18.87 30.33 -26.50
N4 4AC F 1671 19.26 28.96 -26.78
C5 4AC F 1671 19.47 31.13 -25.40
C6 4AC F 1671 18.99 32.53 -25.17
C7 4AC F 1671 20.27 28.19 -26.06
O7 4AC F 1671 20.87 28.64 -25.16
CM7 4AC F 1671 20.56 26.76 -26.52
C2 MA6 F 1679 27.86 20.24 -8.01
C4 MA6 F 1679 25.53 19.98 -8.01
C5 MA6 F 1679 25.66 18.92 -8.83
P MA6 F 1679 19.82 18.84 -8.75
OP1 MA6 F 1679 18.38 19.12 -8.97
OP2 MA6 F 1679 20.60 18.11 -9.78
O5' MA6 F 1679 20.57 20.21 -8.45
C5' MA6 F 1679 20.37 20.90 -7.23
C4' MA6 F 1679 21.56 21.75 -6.89
O4' MA6 F 1679 22.60 20.92 -6.31
C1' MA6 F 1679 23.84 21.23 -6.88
N9 MA6 F 1679 24.23 20.13 -7.78
N3 MA6 F 1679 26.61 20.64 -7.59
N1 MA6 F 1679 27.98 19.18 -8.84
C6 MA6 F 1679 26.91 18.53 -9.25
N6 MA6 F 1679 27.54 17.49 -10.10
C9 MA6 F 1679 29.05 17.29 -10.14
C10 MA6 F 1679 26.67 16.61 -10.95
N7 MA6 F 1679 24.43 18.44 -9.09
C8 MA6 F 1679 23.55 19.19 -8.44
C2' MA6 F 1679 23.67 22.55 -7.63
O2' MA6 F 1679 23.83 23.60 -6.70
C3' MA6 F 1679 22.22 22.43 -8.07
O3' MA6 F 1679 21.62 23.68 -8.40
C2 MA6 F 1680 29.36 22.63 -11.19
C4 MA6 F 1680 27.06 22.93 -10.99
C5 MA6 F 1680 26.86 21.82 -11.71
P MA6 F 1680 21.00 23.90 -9.85
OP1 MA6 F 1680 19.99 25.00 -9.77
OP2 MA6 F 1680 20.61 22.57 -10.40
O5' MA6 F 1680 22.23 24.44 -10.71
C5' MA6 F 1680 22.56 25.82 -10.72
C4' MA6 F 1680 23.99 26.05 -10.31
O4' MA6 F 1680 24.48 24.91 -9.55
C1' MA6 F 1680 25.83 24.65 -9.90
N9 MA6 F 1680 25.85 23.40 -10.68
N3 MA6 F 1680 28.30 23.34 -10.72
N1 MA6 F 1680 29.17 21.51 -11.91
C6 MA6 F 1680 27.95 21.10 -12.17
N6 MA6 F 1680 28.26 19.88 -12.97
C9 MA6 F 1680 29.69 19.40 -13.14
C10 MA6 F 1680 27.13 19.14 -13.60
N7 MA6 F 1680 25.54 21.63 -11.83
C8 MA6 F 1680 24.90 22.61 -11.19
C2' MA6 F 1680 26.30 25.83 -10.74
O2' MA6 F 1680 26.71 26.87 -9.86
C3' MA6 F 1680 25.01 26.21 -11.43
O3' MA6 F 1680 25.01 27.50 -12.01
N GLY G 1 -17.71 -26.15 -14.03
CA GLY G 1 -18.18 -24.78 -14.18
C GLY G 1 -19.31 -24.66 -15.18
N ARG G 2 -19.64 -23.42 -15.53
CA ARG G 2 -20.71 -23.13 -16.48
C ARG G 2 -20.15 -22.71 -17.82
N VAL G 3 -21.03 -22.76 -18.83
CA VAL G 3 -20.73 -22.18 -20.12
C VAL G 3 -20.72 -20.67 -20.00
N ILE G 4 -19.67 -20.03 -20.51
CA ILE G 4 -19.49 -18.59 -20.37
C ILE G 4 -20.27 -17.86 -21.44
N ARG G 5 -20.45 -16.56 -21.28
CA ARG G 5 -21.31 -15.78 -22.19
C ARG G 5 -20.77 -15.76 -23.62
N GLY G 6 -19.46 -15.59 -23.80
CA GLY G 6 -18.92 -15.66 -25.13
C GLY G 6 -19.03 -17.02 -25.76
N GLN G 7 -19.28 -18.05 -24.95
CA GLN G 7 -19.53 -19.40 -25.40
C GLN G 7 -21.01 -19.64 -25.66
N ARG G 8 -21.89 -18.88 -25.01
CA ARG G 8 -23.32 -18.98 -25.26
C ARG G 8 -23.74 -18.20 -26.50
N LYS G 9 -22.98 -17.17 -26.87
CA LYS G 9 -23.36 -16.34 -28.00
C LYS G 9 -23.48 -17.12 -29.31
N GLY G 10 -22.83 -18.28 -29.40
CA GLY G 10 -22.86 -19.02 -30.66
C GLY G 10 -24.07 -19.90 -30.85
N ALA G 11 -24.94 -20.03 -29.85
CA ALA G 11 -26.13 -20.85 -29.99
C ALA G 11 -27.30 -20.11 -30.61
N GLY G 12 -27.25 -18.79 -30.68
CA GLY G 12 -28.27 -18.02 -31.35
C GLY G 12 -29.66 -18.08 -30.74
N SER G 13 -29.75 -17.93 -29.42
CA SER G 13 -31.07 -17.87 -28.79
C SER G 13 -31.53 -16.43 -28.60
N VAL G 14 -30.79 -15.67 -27.81
CA VAL G 14 -31.06 -14.25 -27.60
C VAL G 14 -29.94 -13.38 -28.16
N PHE G 15 -29.04 -13.96 -28.95
CA PHE G 15 -27.94 -13.24 -29.54
C PHE G 15 -28.07 -13.14 -31.06
N ARG G 16 -29.27 -13.38 -31.57
CA ARG G 16 -29.53 -13.20 -32.99
C ARG G 16 -29.72 -11.72 -33.30
N ALA G 17 -29.48 -11.38 -34.57
CA ALA G 17 -29.60 -10.00 -35.00
C ALA G 17 -31.06 -9.59 -35.08
N HIS G 18 -31.35 -8.36 -34.66
CA HIS G 18 -32.69 -7.79 -34.76
C HIS G 18 -32.87 -7.25 -36.18
N VAL G 19 -33.66 -7.95 -36.99
CA VAL G 19 -33.69 -7.67 -38.42
C VAL G 19 -35.09 -7.46 -38.96
N LYS G 20 -36.04 -7.08 -38.10
CA LYS G 20 -37.40 -6.90 -38.61
C LYS G 20 -37.51 -5.63 -39.44
N HIS G 21 -36.93 -4.53 -38.98
CA HIS G 21 -37.08 -3.25 -39.63
C HIS G 21 -36.00 -2.95 -40.65
N ARG G 22 -35.08 -3.89 -40.88
CA ARG G 22 -34.09 -3.71 -41.93
C ARG G 22 -34.75 -3.77 -43.30
N LYS G 23 -34.22 -2.99 -44.23
CA LYS G 23 -34.86 -2.78 -45.52
C LYS G 23 -34.43 -3.78 -46.58
N GLY G 24 -33.51 -4.68 -46.28
CA GLY G 24 -33.06 -5.67 -47.22
C GLY G 24 -31.55 -5.79 -47.24
N ALA G 25 -31.07 -6.66 -48.13
CA ALA G 25 -29.64 -6.86 -48.31
C ALA G 25 -29.10 -5.84 -49.30
N ALA G 26 -27.98 -5.21 -48.95
CA ALA G 26 -27.35 -4.20 -49.80
C ALA G 26 -26.39 -4.91 -50.74
N ARG G 27 -26.86 -5.19 -51.96
CA ARG G 27 -26.09 -5.96 -52.92
C ARG G 27 -26.09 -5.23 -54.26
N LEU G 28 -24.97 -5.31 -54.97
CA LEU G 28 -24.93 -4.83 -56.33
C LEU G 28 -25.80 -5.73 -57.22
N ARG G 29 -26.04 -5.28 -58.44
CA ARG G 29 -26.87 -6.05 -59.34
C ARG G 29 -26.11 -7.27 -59.86
N ALA G 30 -26.87 -8.31 -60.21
CA ALA G 30 -26.25 -9.52 -60.74
C ALA G 30 -25.63 -9.24 -62.10
N VAL G 31 -24.45 -9.81 -62.32
CA VAL G 31 -23.74 -9.61 -63.58
C VAL G 31 -24.54 -10.26 -64.72
N ASP G 32 -24.46 -9.66 -65.90
CA ASP G 32 -25.22 -10.15 -67.04
C ASP G 32 -24.51 -9.70 -68.32
N PHE G 33 -25.14 -9.99 -69.47
CA PHE G 33 -24.55 -9.68 -70.77
C PHE G 33 -24.35 -8.18 -70.93
N ALA G 34 -25.36 -7.39 -70.59
CA ALA G 34 -25.29 -5.95 -70.78
C ALA G 34 -24.17 -5.35 -69.94
N GLU G 35 -24.04 -5.80 -68.69
CA GLU G 35 -23.00 -5.26 -67.83
C GLU G 35 -21.61 -5.75 -68.25
N ARG G 36 -21.53 -6.96 -68.80
CA ARG G 36 -20.24 -7.49 -69.21
C ARG G 36 -19.74 -6.90 -70.54
N HIS G 37 -20.63 -6.41 -71.39
CA HIS G 37 -20.22 -5.89 -72.68
C HIS G 37 -20.41 -4.38 -72.83
N GLY G 38 -21.59 -3.86 -72.53
CA GLY G 38 -21.81 -2.43 -72.60
C GLY G 38 -22.15 -1.83 -71.25
N TYR G 39 -23.30 -1.19 -71.15
CA TYR G 39 -23.77 -0.65 -69.88
C TYR G 39 -25.28 -0.47 -69.97
N ILE G 40 -25.89 -0.24 -68.81
CA ILE G 40 -27.26 0.21 -68.71
C ILE G 40 -27.32 1.31 -67.66
N LYS G 41 -28.45 1.98 -67.58
CA LYS G 41 -28.60 3.11 -66.68
C LYS G 41 -29.76 2.88 -65.73
N GLY G 42 -29.74 3.63 -64.64
CA GLY G 42 -30.84 3.61 -63.69
C GLY G 42 -31.01 4.95 -63.03
N ILE G 43 -32.23 5.19 -62.58
CA ILE G 43 -32.60 6.41 -61.88
C ILE G 43 -32.55 6.14 -60.39
N VAL G 44 -31.91 7.04 -59.64
CA VAL G 44 -31.83 6.90 -58.18
C VAL G 44 -33.14 7.42 -57.62
N LYS G 45 -34.03 6.50 -57.23
CA LYS G 45 -35.34 6.92 -56.73
C LYS G 45 -35.26 7.38 -55.28
N ASP G 46 -34.68 6.58 -54.39
CA ASP G 46 -34.75 6.89 -52.97
C ASP G 46 -33.37 6.83 -52.33
N ILE G 47 -33.24 7.53 -51.21
CA ILE G 47 -32.09 7.40 -50.31
C ILE G 47 -32.64 7.28 -48.90
N ILE G 48 -32.54 6.08 -48.32
CA ILE G 48 -33.23 5.73 -47.09
C ILE G 48 -32.22 5.29 -46.04
N HIS G 49 -32.73 5.10 -44.83
CA HIS G 49 -31.93 4.76 -43.66
C HIS G 49 -32.38 3.41 -43.14
N ASP G 50 -31.45 2.44 -43.13
CA ASP G 50 -31.96 1.24 -42.47
C ASP G 50 -31.38 1.10 -41.07
N PRO G 51 -32.12 0.52 -40.15
CA PRO G 51 -31.63 0.40 -38.77
C PRO G 51 -30.41 -0.49 -38.68
N GLY G 52 -29.52 -0.15 -37.74
CA GLY G 52 -28.35 -0.95 -37.46
C GLY G 52 -27.17 -0.72 -38.37
N ARG G 53 -27.28 0.17 -39.35
CA ARG G 53 -26.20 0.44 -40.29
C ARG G 53 -25.98 1.94 -40.40
N GLY G 54 -24.71 2.35 -40.36
CA GLY G 54 -24.40 3.77 -40.47
C GLY G 54 -24.65 4.32 -41.87
N ALA G 55 -24.27 3.57 -42.89
CA ALA G 55 -24.39 4.06 -44.25
C ALA G 55 -25.85 4.06 -44.69
N PRO G 56 -26.28 5.08 -45.43
CA PRO G 56 -27.61 5.04 -46.05
C PRO G 56 -27.63 4.20 -47.30
N LEU G 57 -28.83 3.76 -47.68
CA LEU G 57 -29.02 2.89 -48.83
C LEU G 57 -29.72 3.65 -49.95
N ALA G 58 -29.22 3.47 -51.17
CA ALA G 58 -29.81 4.11 -52.35
C ALA G 58 -30.66 3.10 -53.09
N LYS G 59 -31.95 3.40 -53.22
CA LYS G 59 -32.89 2.55 -53.94
C LYS G 59 -32.97 3.03 -55.38
N VAL G 60 -32.55 2.16 -56.31
CA VAL G 60 -32.28 2.49 -57.70
C VAL G 60 -33.13 1.59 -58.58
N VAL G 61 -33.62 2.12 -59.70
CA VAL G 61 -34.50 1.38 -60.60
C VAL G 61 -33.82 1.24 -61.96
N PHE G 62 -33.62 0.00 -62.38
CA PHE G 62 -33.18 -0.37 -63.72
C PHE G 62 -34.39 -0.89 -64.49
N ARG G 63 -34.20 -1.11 -65.79
CA ARG G 63 -35.23 -1.72 -66.61
C ARG G 63 -34.74 -3.04 -67.15
N ASP G 64 -35.57 -4.07 -67.05
CA ASP G 64 -35.16 -5.42 -67.44
C ASP G 64 -34.95 -5.48 -68.95
N PRO G 65 -33.78 -5.94 -69.41
CA PRO G 65 -33.54 -6.00 -70.86
C PRO G 65 -34.12 -7.22 -71.55
N TYR G 66 -34.83 -8.08 -70.83
CA TYR G 66 -35.38 -9.30 -71.43
C TYR G 66 -36.89 -9.38 -71.36
N ARG G 67 -37.53 -8.57 -70.53
CA ARG G 67 -38.98 -8.54 -70.46
C ARG G 67 -39.39 -7.18 -69.92
N PHE G 68 -40.68 -6.87 -70.07
CA PHE G 68 -41.20 -5.54 -69.78
C PHE G 68 -41.42 -5.43 -68.27
N LYS G 69 -40.34 -5.10 -67.55
CA LYS G 69 -40.40 -4.87 -66.11
C LYS G 69 -39.33 -3.84 -65.73
N LYS G 70 -39.48 -3.30 -64.53
CA LYS G 70 -38.45 -2.49 -63.91
C LYS G 70 -37.99 -3.18 -62.63
N ARG G 71 -36.68 -3.24 -62.43
CA ARG G 71 -36.07 -3.92 -61.31
C ARG G 71 -35.57 -2.89 -60.30
N THR G 72 -35.92 -3.08 -59.04
CA THR G 72 -35.47 -2.18 -57.98
C THR G 72 -34.38 -2.86 -57.17
N GLU G 73 -33.37 -2.08 -56.78
CA GLU G 73 -32.21 -2.60 -56.08
C GLU G 73 -31.76 -1.60 -55.03
N LEU G 74 -30.95 -2.08 -54.09
CA LEU G 74 -30.40 -1.26 -53.02
C LEU G 74 -28.88 -1.29 -53.10
N PHE G 75 -28.28 -0.12 -53.22
CA PHE G 75 -26.84 0.04 -53.21
C PHE G 75 -26.40 0.70 -51.92
N ILE G 76 -25.16 0.42 -51.51
CA ILE G 76 -24.52 1.23 -50.49
C ILE G 76 -24.26 2.61 -51.11
N ALA G 77 -24.97 3.62 -50.63
CA ALA G 77 -24.96 4.92 -51.28
C ALA G 77 -23.58 5.56 -51.18
N ALA G 78 -22.94 5.77 -52.33
CA ALA G 78 -21.73 6.56 -52.37
C ALA G 78 -22.05 8.02 -52.06
N GLU G 79 -21.12 8.69 -51.42
CA GLU G 79 -21.37 10.05 -50.96
C GLU G 79 -21.33 11.02 -52.15
N GLY G 80 -22.24 11.99 -52.12
CA GLY G 80 -22.44 12.89 -53.23
C GLY G 80 -23.56 12.50 -54.17
N ILE G 81 -24.08 11.28 -54.04
CA ILE G 81 -25.22 10.87 -54.87
C ILE G 81 -26.47 11.63 -54.41
N HIS G 82 -27.48 11.65 -55.29
CA HIS G 82 -28.72 12.34 -54.96
C HIS G 82 -29.85 11.74 -55.78
N THR G 83 -31.07 12.03 -55.36
CA THR G 83 -32.25 11.56 -56.07
C THR G 83 -32.37 12.25 -57.42
N GLY G 84 -32.96 11.53 -58.37
CA GLY G 84 -33.06 12.03 -59.73
C GLY G 84 -31.79 11.90 -60.54
N GLN G 85 -30.77 11.27 -59.99
CA GLN G 85 -29.50 11.09 -60.67
C GLN G 85 -29.51 9.79 -61.48
N PHE G 86 -28.73 9.79 -62.57
CA PHE G 86 -28.56 8.60 -63.39
C PHE G 86 -27.24 7.93 -63.03
N VAL G 87 -27.32 6.66 -62.67
CA VAL G 87 -26.15 5.85 -62.37
C VAL G 87 -26.00 4.80 -63.45
N TYR G 88 -24.76 4.59 -63.90
CA TYR G 88 -24.47 3.74 -65.04
C TYR G 88 -23.70 2.50 -64.61
N CYS G 89 -24.12 1.36 -65.13
CA CYS G 89 -23.64 0.06 -64.68
C CYS G 89 -23.12 -0.68 -65.90
N GLY G 90 -21.87 -1.09 -65.88
CA GLY G 90 -21.36 -1.94 -66.94
C GLY G 90 -19.88 -1.74 -67.17
N LYS G 91 -19.38 -2.48 -68.15
CA LYS G 91 -17.94 -2.51 -68.42
C LYS G 91 -17.41 -1.15 -68.86
N LYS G 92 -18.13 -0.48 -69.74
CA LYS G 92 -17.62 0.74 -70.36
C LYS G 92 -18.47 1.96 -70.03
N ALA G 93 -19.06 1.99 -68.84
CA ALA G 93 -19.55 3.25 -68.31
C ALA G 93 -18.38 4.15 -67.92
N GLN G 94 -18.51 5.45 -68.19
CA GLN G 94 -17.44 6.35 -67.82
C GLN G 94 -17.29 6.44 -66.30
N LEU G 95 -16.19 7.04 -65.88
CA LEU G 95 -15.71 6.97 -64.50
C LEU G 95 -16.09 8.24 -63.77
N ASN G 96 -17.16 8.17 -62.99
CA ASN G 96 -17.56 9.26 -62.09
C ASN G 96 -18.38 8.67 -60.95
N ILE G 97 -18.56 9.50 -59.91
CA ILE G 97 -19.13 9.03 -58.66
C ILE G 97 -20.48 8.39 -58.89
N GLY G 98 -20.69 7.21 -58.30
CA GLY G 98 -21.94 6.50 -58.37
C GLY G 98 -21.98 5.37 -59.39
N ASN G 99 -21.08 5.38 -60.36
CA ASN G 99 -21.05 4.30 -61.33
C ASN G 99 -20.32 3.09 -60.79
N VAL G 100 -20.61 1.93 -61.36
CA VAL G 100 -19.94 0.70 -61.01
C VAL G 100 -19.39 0.06 -62.27
N LEU G 101 -18.13 -0.35 -62.24
CA LEU G 101 -17.44 -0.89 -63.39
C LEU G 101 -16.28 -1.75 -62.90
N PRO G 102 -15.82 -2.70 -63.70
CA PRO G 102 -14.78 -3.62 -63.22
C PRO G 102 -13.50 -2.88 -62.85
N VAL G 103 -12.82 -3.38 -61.82
CA VAL G 103 -11.60 -2.75 -61.33
C VAL G 103 -10.44 -2.88 -62.30
N GLY G 104 -10.54 -3.78 -63.27
CA GLY G 104 -9.49 -3.91 -64.27
C GLY G 104 -9.46 -2.83 -65.32
N THR G 105 -10.53 -2.03 -65.42
CA THR G 105 -10.61 -0.96 -66.40
C THR G 105 -10.25 0.40 -65.81
N MET G 106 -10.56 0.64 -64.54
CA MET G 106 -10.26 1.91 -63.92
C MET G 106 -8.75 2.12 -63.83
N PRO G 107 -8.28 3.36 -63.95
CA PRO G 107 -6.85 3.61 -63.79
C PRO G 107 -6.41 3.48 -62.35
N GLU G 108 -5.11 3.27 -62.17
CA GLU G 108 -4.54 3.12 -60.84
C GLU G 108 -4.69 4.41 -60.05
N GLY G 109 -4.76 4.28 -58.72
CA GLY G 109 -5.01 5.39 -57.84
C GLY G 109 -6.48 5.71 -57.63
N THR G 110 -7.39 4.91 -58.17
CA THR G 110 -8.81 5.19 -58.07
C THR G 110 -9.35 4.82 -56.70
N ILE G 111 -10.23 5.68 -56.17
CA ILE G 111 -10.91 5.45 -54.91
C ILE G 111 -12.22 4.72 -55.18
N VAL G 112 -12.51 3.71 -54.38
CA VAL G 112 -13.57 2.75 -54.67
C VAL G 112 -14.32 2.41 -53.38
N CYS G 113 -15.61 2.14 -53.51
CA CYS G 113 -16.39 1.58 -52.41
C CYS G 113 -17.17 0.37 -52.90
N CYS G 114 -17.63 -0.43 -51.94
CA CYS G 114 -18.38 -1.65 -52.20
C CYS G 114 -17.63 -2.57 -53.17
N LEU G 115 -16.36 -2.79 -52.86
CA LEU G 115 -15.52 -3.63 -53.70
C LEU G 115 -15.98 -5.09 -53.63
N GLU G 116 -15.81 -5.79 -54.74
CA GLU G 116 -16.30 -7.15 -54.91
C GLU G 116 -15.11 -8.10 -54.84
N GLU G 117 -15.04 -8.89 -53.76
CA GLU G 117 -13.82 -9.64 -53.47
C GLU G 117 -13.65 -10.86 -54.39
N LYS G 118 -14.75 -11.47 -54.82
CA LYS G 118 -14.68 -12.45 -55.89
C LYS G 118 -15.72 -12.11 -56.97
N PRO G 119 -15.42 -12.39 -58.23
CA PRO G 119 -16.33 -11.99 -59.32
C PRO G 119 -17.69 -12.65 -59.18
N GLY G 120 -18.73 -11.82 -59.14
CA GLY G 120 -20.09 -12.28 -58.98
C GLY G 120 -20.63 -12.17 -57.57
N ASP G 121 -19.81 -11.74 -56.62
CA ASP G 121 -20.22 -11.71 -55.22
C ASP G 121 -21.10 -10.52 -54.88
N ARG G 122 -21.26 -9.56 -55.79
CA ARG G 122 -22.17 -8.43 -55.62
C ARG G 122 -21.77 -7.54 -54.44
N GLY G 123 -20.46 -7.40 -54.22
CA GLY G 123 -19.96 -6.41 -53.29
C GLY G 123 -19.77 -6.91 -51.88
N LYS G 124 -18.53 -6.95 -51.39
CA LYS G 124 -18.27 -7.40 -50.03
C LYS G 124 -17.36 -6.46 -49.26
N LEU G 125 -16.45 -5.79 -49.94
CA LEU G 125 -15.37 -5.06 -49.29
C LEU G 125 -15.65 -3.57 -49.24
N ALA G 126 -15.23 -2.94 -48.14
CA ALA G 126 -15.26 -1.50 -47.97
C ALA G 126 -16.66 -0.93 -48.19
N ARG G 127 -17.58 -1.33 -47.33
CA ARG G 127 -18.97 -0.89 -47.43
C ARG G 127 -19.49 -0.44 -46.08
N ALA G 128 -18.65 0.20 -45.27
CA ALA G 128 -19.07 0.85 -44.05
C ALA G 128 -18.91 2.36 -44.19
N SER G 129 -19.68 3.10 -43.41
CA SER G 129 -19.79 4.54 -43.59
C SER G 129 -18.43 5.23 -43.51
N GLY G 130 -17.97 5.76 -44.64
CA GLY G 130 -16.72 6.48 -44.70
C GLY G 130 -15.52 5.66 -45.13
N ASN G 131 -15.69 4.38 -45.41
CA ASN G 131 -14.58 3.53 -45.81
C ASN G 131 -14.45 3.45 -47.32
N TYR G 132 -13.24 3.15 -47.77
CA TYR G 132 -12.97 3.02 -49.20
C TYR G 132 -11.73 2.16 -49.39
N ALA G 133 -11.49 1.79 -50.64
CA ALA G 133 -10.33 1.04 -51.05
C ALA G 133 -9.66 1.77 -52.21
N THR G 134 -8.39 1.46 -52.42
CA THR G 134 -7.59 2.14 -53.44
C THR G 134 -7.08 1.12 -54.46
N VAL G 135 -7.24 1.43 -55.74
CA VAL G 135 -6.69 0.58 -56.80
C VAL G 135 -5.22 0.93 -56.99
N ILE G 136 -4.33 0.04 -56.56
CA ILE G 136 -2.91 0.37 -56.52
C ILE G 136 -2.27 0.17 -57.89
N SER G 137 -2.41 -1.01 -58.48
CA SER G 137 -1.72 -1.33 -59.71
C SER G 137 -2.43 -2.47 -60.43
N HIS G 138 -2.15 -2.59 -61.72
CA HIS G 138 -2.79 -3.60 -62.56
C HIS G 138 -1.76 -4.60 -63.05
N ASN G 139 -2.28 -5.68 -63.64
CA ASN G 139 -1.44 -6.72 -64.24
C ASN G 139 -2.29 -7.37 -65.32
N PRO G 140 -2.10 -6.96 -66.58
CA PRO G 140 -2.98 -7.47 -67.65
C PRO G 140 -2.89 -8.98 -67.84
N GLU G 141 -1.70 -9.52 -68.03
CA GLU G 141 -1.53 -10.96 -68.03
C GLU G 141 -1.90 -11.52 -66.67
N THR G 142 -2.64 -12.63 -66.68
CA THR G 142 -3.26 -13.26 -65.52
C THR G 142 -4.38 -12.39 -64.96
N LYS G 143 -4.55 -11.19 -65.51
CA LYS G 143 -5.70 -10.32 -65.22
C LYS G 143 -5.91 -10.13 -63.72
N LYS G 144 -4.94 -9.50 -63.07
CA LYS G 144 -5.03 -9.34 -61.62
C LYS G 144 -4.61 -7.94 -61.20
N THR G 145 -5.25 -7.44 -60.14
CA THR G 145 -5.13 -6.08 -59.67
C THR G 145 -4.80 -6.07 -58.19
N ARG G 146 -3.94 -5.14 -57.78
CA ARG G 146 -3.66 -4.95 -56.36
C ARG G 146 -4.57 -3.88 -55.81
N VAL G 147 -5.14 -4.16 -54.63
CA VAL G 147 -6.07 -3.24 -53.98
C VAL G 147 -5.65 -3.05 -52.54
N LYS G 148 -5.66 -1.80 -52.08
CA LYS G 148 -5.41 -1.48 -50.68
C LYS G 148 -6.74 -1.31 -49.97
N LEU G 149 -6.97 -2.13 -48.94
CA LEU G 149 -8.20 -2.21 -48.16
C LEU G 149 -8.17 -1.24 -46.99
N PRO G 150 -9.34 -0.86 -46.46
CA PRO G 150 -9.38 0.13 -45.38
C PRO G 150 -8.64 -0.28 -44.11
N SER G 151 -8.25 -1.55 -43.97
CA SER G 151 -7.47 -1.99 -42.82
C SER G 151 -5.97 -1.80 -43.04
N GLY G 152 -5.56 -1.24 -44.17
CA GLY G 152 -4.16 -1.12 -44.51
C GLY G 152 -3.59 -2.30 -45.26
N SER G 153 -4.34 -3.38 -45.38
CA SER G 153 -3.85 -4.57 -46.06
C SER G 153 -3.88 -4.37 -47.57
N LYS G 154 -3.13 -5.21 -48.27
CA LYS G 154 -3.09 -5.22 -49.72
C LYS G 154 -3.47 -6.61 -50.21
N LYS G 155 -4.29 -6.65 -51.26
CA LYS G 155 -4.89 -7.90 -51.72
C LYS G 155 -4.79 -7.98 -53.23
N VAL G 156 -4.71 -9.22 -53.73
CA VAL G 156 -4.72 -9.50 -55.15
C VAL G 156 -6.13 -9.92 -55.55
N ILE G 157 -6.68 -9.25 -56.55
CA ILE G 157 -8.09 -9.37 -56.92
C ILE G 157 -8.17 -9.66 -58.40
N SER G 158 -9.09 -10.54 -58.79
CA SER G 158 -9.39 -10.72 -60.20
C SER G 158 -9.87 -9.40 -60.78
N SER G 159 -9.32 -9.03 -61.94
CA SER G 159 -9.56 -7.72 -62.53
C SER G 159 -10.87 -7.64 -63.29
N ALA G 160 -11.81 -8.55 -63.04
CA ALA G 160 -13.08 -8.57 -63.76
C ALA G 160 -14.27 -8.56 -62.81
N ASN G 161 -14.12 -7.97 -61.62
CA ASN G 161 -15.22 -7.84 -60.69
C ASN G 161 -15.51 -6.38 -60.41
N ARG G 162 -16.79 -6.07 -60.23
CA ARG G 162 -17.27 -4.71 -60.23
C ARG G 162 -16.89 -3.99 -58.93
N ALA G 163 -17.13 -2.68 -58.92
CA ALA G 163 -16.82 -1.83 -57.78
C ALA G 163 -17.42 -0.46 -58.00
N VAL G 164 -17.94 0.14 -56.94
CA VAL G 164 -18.59 1.44 -57.00
C VAL G 164 -17.55 2.53 -56.79
N VAL G 165 -17.65 3.60 -57.58
CA VAL G 165 -16.71 4.70 -57.52
C VAL G 165 -17.16 5.70 -56.47
N GLY G 166 -16.25 6.08 -55.58
CA GLY G 166 -16.54 7.02 -54.51
C GLY G 166 -16.37 6.39 -53.14
N VAL G 167 -16.56 7.20 -52.12
CA VAL G 167 -16.49 6.75 -50.74
C VAL G 167 -17.90 6.48 -50.25
N VAL G 168 -18.02 5.60 -49.24
CA VAL G 168 -19.32 5.31 -48.66
C VAL G 168 -19.82 6.51 -47.88
N ALA G 169 -21.09 6.85 -48.05
CA ALA G 169 -21.66 8.01 -47.40
C ALA G 169 -21.80 7.79 -45.90
N GLY G 170 -21.98 8.89 -45.17
CA GLY G 170 -22.11 8.83 -43.74
C GLY G 170 -20.82 8.86 -42.97
N GLY G 171 -19.72 9.32 -43.58
CA GLY G 171 -18.44 9.30 -42.92
C GLY G 171 -18.38 10.24 -41.72
N GLY G 172 -17.40 9.99 -40.87
CA GLY G 172 -17.23 10.78 -39.67
C GLY G 172 -18.22 10.49 -38.56
N ARG G 173 -18.82 9.30 -38.56
CA ARG G 173 -19.84 8.99 -37.58
C ARG G 173 -19.24 8.73 -36.19
N ILE G 174 -18.06 8.11 -36.13
CA ILE G 174 -17.46 7.78 -34.83
C ILE G 174 -16.79 8.96 -34.16
N ASP G 175 -16.81 10.15 -34.78
CA ASP G 175 -16.15 11.30 -34.19
C ASP G 175 -16.99 11.99 -33.12
N LYS G 176 -18.27 11.68 -33.04
CA LYS G 176 -19.15 12.25 -32.01
C LYS G 176 -19.18 11.34 -30.80
N PRO G 177 -18.84 11.84 -29.62
CA PRO G 177 -18.87 10.99 -28.42
C PRO G 177 -20.30 10.65 -28.02
N ILE G 178 -20.59 9.36 -27.89
CA ILE G 178 -21.79 8.96 -27.17
C ILE G 178 -21.67 9.51 -25.77
N LEU G 179 -22.59 10.40 -25.40
CA LEU G 179 -22.45 11.01 -24.08
C LEU G 179 -23.03 10.16 -22.97
N LYS G 180 -23.86 9.16 -23.28
CA LYS G 180 -24.56 8.50 -22.20
C LYS G 180 -24.99 7.09 -22.56
N ALA G 181 -25.20 6.31 -21.50
CA ALA G 181 -25.57 4.91 -21.63
C ALA G 181 -26.90 4.76 -22.34
N GLY G 182 -27.78 5.76 -22.28
CA GLY G 182 -29.00 5.69 -23.06
C GLY G 182 -28.73 5.71 -24.55
N ARG G 183 -27.83 6.58 -25.00
CA ARG G 183 -27.47 6.60 -26.41
C ARG G 183 -26.83 5.29 -26.83
N ALA G 184 -25.92 4.76 -25.99
CA ALA G 184 -25.31 3.46 -26.34
C ALA G 184 -26.35 2.35 -26.38
N TYR G 185 -27.29 2.37 -25.42
CA TYR G 185 -28.34 1.38 -25.35
C TYR G 185 -29.20 1.39 -26.62
N HIS G 186 -29.57 2.59 -27.07
CA HIS G 186 -30.38 2.65 -28.29
C HIS G 186 -29.56 2.30 -29.52
N LYS G 187 -28.26 2.61 -29.51
CA LYS G 187 -27.40 2.20 -30.63
C LYS G 187 -27.38 0.71 -30.79
N TYR G 188 -27.26 -0.02 -29.68
CA TYR G 188 -27.14 -1.47 -29.77
C TYR G 188 -28.46 -2.21 -29.75
N LYS G 189 -29.55 -1.53 -29.37
CA LYS G 189 -30.87 -2.17 -29.42
C LYS G 189 -31.30 -2.47 -30.85
N ALA G 190 -30.90 -1.64 -31.81
CA ALA G 190 -31.23 -1.86 -33.21
C ALA G 190 -30.27 -2.82 -33.89
N LYS G 191 -29.26 -3.32 -33.19
CA LYS G 191 -28.32 -4.28 -33.76
C LYS G 191 -28.49 -5.67 -33.15
N ARG G 192 -28.32 -5.80 -31.83
CA ARG G 192 -28.33 -7.11 -31.18
C ARG G 192 -28.17 -6.98 -29.67
N ASN G 193 -28.28 -8.10 -28.96
CA ASN G 193 -28.26 -8.11 -27.50
C ASN G 193 -26.84 -8.41 -27.03
N CYS G 194 -26.02 -7.36 -26.99
CA CYS G 194 -24.65 -7.53 -26.53
C CYS G 194 -24.10 -6.35 -25.74
N TRP G 195 -24.89 -5.32 -25.46
CA TRP G 195 -24.25 -4.07 -25.05
C TRP G 195 -23.75 -4.08 -23.60
N PRO G 196 -24.61 -4.31 -22.58
CA PRO G 196 -24.14 -4.08 -21.21
C PRO G 196 -23.14 -5.14 -20.78
N ARG G 197 -21.90 -4.95 -21.20
CA ARG G 197 -20.85 -5.94 -21.02
C ARG G 197 -20.33 -5.92 -19.58
N VAL G 198 -20.13 -7.11 -19.02
CA VAL G 198 -19.67 -7.27 -17.65
C VAL G 198 -18.23 -7.77 -17.67
N ARG G 199 -17.41 -7.23 -16.78
CA ARG G 199 -16.01 -7.64 -16.69
C ARG G 199 -15.92 -9.06 -16.15
N GLY G 200 -14.96 -9.81 -16.68
CA GLY G 200 -14.75 -11.18 -16.21
C GLY G 200 -14.27 -11.26 -14.78
N VAL G 201 -13.41 -10.31 -14.36
CA VAL G 201 -12.90 -10.30 -13.00
C VAL G 201 -14.00 -10.02 -11.99
N ALA G 202 -15.14 -9.50 -12.44
CA ALA G 202 -16.26 -9.21 -11.56
C ALA G 202 -17.22 -10.38 -11.43
N MET G 203 -16.90 -11.53 -12.01
CA MET G 203 -17.74 -12.70 -11.93
C MET G 203 -17.17 -13.67 -10.90
N ASN G 204 -17.71 -14.84 -10.85
CA ASN G 204 -17.29 -15.93 -9.99
C ASN G 204 -16.54 -16.98 -10.80
N PRO G 205 -15.61 -17.73 -10.18
CA PRO G 205 -14.79 -18.66 -10.96
C PRO G 205 -15.58 -19.76 -11.65
N VAL G 206 -16.82 -20.01 -11.23
CA VAL G 206 -17.65 -21.01 -11.90
C VAL G 206 -17.95 -20.60 -13.34
N GLU G 207 -17.93 -19.30 -13.63
CA GLU G 207 -18.53 -18.77 -14.83
C GLU G 207 -17.59 -17.88 -15.64
N HIS G 208 -16.31 -17.83 -15.30
CA HIS G 208 -15.30 -17.13 -16.09
C HIS G 208 -13.91 -17.51 -15.57
N PRO G 209 -12.96 -17.77 -16.45
CA PRO G 209 -11.60 -18.12 -16.00
C PRO G 209 -10.88 -16.98 -15.31
N PHE G 210 -11.51 -15.80 -15.23
CA PHE G 210 -10.90 -14.63 -14.63
C PHE G 210 -11.48 -14.25 -13.27
N GLY G 211 -12.68 -14.72 -12.94
CA GLY G 211 -13.31 -14.31 -11.71
C GLY G 211 -12.81 -15.04 -10.50
N GLY G 212 -13.21 -14.54 -9.34
CA GLY G 212 -12.83 -15.12 -8.07
C GLY G 212 -11.69 -14.37 -7.41
N GLY G 213 -11.58 -14.54 -6.09
CA GLY G 213 -10.51 -13.94 -5.34
C GLY G 213 -10.98 -12.89 -4.36
N ASN G 214 -10.20 -12.65 -3.31
CA ASN G 214 -10.53 -11.59 -2.36
C ASN G 214 -10.15 -10.22 -2.86
N HIS G 215 -9.42 -10.14 -3.97
CA HIS G 215 -9.23 -8.91 -4.71
C HIS G 215 -9.65 -9.16 -6.15
N GLN G 216 -10.02 -8.10 -6.85
CA GLN G 216 -10.38 -8.22 -8.26
C GLN G 216 -9.10 -8.17 -9.07
N HIS G 217 -8.52 -9.35 -9.29
CA HIS G 217 -7.29 -9.48 -10.07
C HIS G 217 -7.45 -10.65 -11.02
N ILE G 218 -6.72 -10.58 -12.13
CA ILE G 218 -6.80 -11.66 -13.11
C ILE G 218 -6.14 -12.93 -12.58
N GLY G 219 -4.98 -12.79 -11.96
CA GLY G 219 -4.28 -13.92 -11.38
C GLY G 219 -3.54 -14.80 -12.34
N LYS G 220 -3.57 -14.49 -13.63
CA LYS G 220 -2.92 -15.30 -14.65
C LYS G 220 -2.69 -14.42 -15.87
N PRO G 221 -1.74 -14.76 -16.73
CA PRO G 221 -1.50 -13.94 -17.91
C PRO G 221 -2.73 -13.86 -18.80
N SER G 222 -2.99 -12.64 -19.31
CA SER G 222 -4.14 -12.45 -20.18
C SER G 222 -3.90 -13.02 -21.58
N THR G 223 -2.66 -12.97 -22.05
CA THR G 223 -2.35 -13.50 -23.37
C THR G 223 -2.43 -15.01 -23.37
N ILE G 224 -3.05 -15.57 -24.42
CA ILE G 224 -3.25 -17.01 -24.54
C ILE G 224 -2.95 -17.44 -25.97
N ARG G 225 -2.64 -18.71 -26.11
CA ARG G 225 -2.38 -19.29 -27.42
C ARG G 225 -3.65 -19.33 -28.25
N ARG G 226 -3.49 -19.33 -29.58
CA ARG G 226 -4.64 -19.45 -30.46
C ARG G 226 -5.30 -20.81 -30.31
N ASP G 227 -4.54 -21.84 -29.95
CA ASP G 227 -5.08 -23.19 -29.81
C ASP G 227 -5.64 -23.43 -28.40
N ALA G 228 -6.51 -22.57 -27.97
CA ALA G 228 -7.12 -22.78 -26.69
C ALA G 228 -8.56 -23.26 -26.87
N PRO G 229 -9.03 -24.14 -25.99
CA PRO G 229 -10.42 -24.61 -26.08
C PRO G 229 -11.41 -23.50 -25.76
N ALA G 230 -12.62 -23.65 -26.28
CA ALA G 230 -13.69 -22.70 -25.98
C ALA G 230 -14.01 -22.74 -24.49
N GLY G 231 -14.10 -21.57 -23.87
CA GLY G 231 -14.25 -21.48 -22.44
C GLY G 231 -13.00 -20.94 -21.79
N ARG G 232 -11.86 -21.31 -22.35
CA ARG G 232 -10.55 -20.82 -21.93
C ARG G 232 -10.04 -19.68 -22.79
N LYS G 233 -10.50 -19.59 -24.04
CA LYS G 233 -10.03 -18.57 -24.98
C LYS G 233 -10.74 -17.24 -24.68
N VAL G 234 -10.22 -16.54 -23.67
CA VAL G 234 -10.68 -15.21 -23.33
C VAL G 234 -9.46 -14.32 -23.09
N GLY G 235 -9.68 -13.02 -23.17
CA GLY G 235 -8.60 -12.06 -23.04
C GLY G 235 -8.00 -11.71 -24.38
N LEU G 236 -6.74 -11.30 -24.35
CA LEU G 236 -6.01 -10.98 -25.57
C LEU G 236 -5.63 -12.29 -26.26
N ILE G 237 -6.10 -12.46 -27.50
CA ILE G 237 -6.02 -13.74 -28.20
C ILE G 237 -4.76 -13.74 -29.05
N ALA G 238 -3.80 -14.59 -28.69
CA ALA G 238 -2.60 -14.81 -29.50
C ALA G 238 -1.91 -13.49 -29.85
N ALA G 239 -1.77 -12.63 -28.86
CA ALA G 239 -1.21 -11.30 -29.09
C ALA G 239 0.26 -11.39 -29.46
N ARG G 240 0.61 -10.90 -30.65
CA ARG G 240 2.01 -10.77 -31.02
C ARG G 240 2.71 -9.75 -30.14
N ARG G 241 2.03 -8.64 -29.86
CA ARG G 241 2.57 -7.53 -29.09
C ARG G 241 1.50 -7.09 -28.12
N THR G 242 1.91 -6.44 -27.04
CA THR G 242 0.95 -5.92 -26.07
C THR G 242 1.54 -4.69 -25.40
N GLY G 243 0.66 -3.88 -24.84
CA GLY G 243 1.04 -2.64 -24.21
C GLY G 243 0.64 -1.44 -25.04
N ARG G 244 1.15 -0.28 -24.64
CA ARG G 244 0.88 0.97 -25.34
C ARG G 244 1.73 1.02 -26.61
N LEU G 245 1.07 1.16 -27.76
CA LEU G 245 1.82 1.35 -29.00
C LEU G 245 2.65 2.63 -28.93
N ARG G 246 3.94 2.50 -29.24
CA ARG G 246 4.86 3.63 -29.29
C ARG G 246 5.55 3.56 -30.65
N GLY G 247 4.91 4.14 -31.67
CA GLY G 247 5.45 4.14 -33.01
C GLY G 247 4.49 3.53 -34.01
N THR G 248 5.05 3.03 -35.11
CA THR G 248 4.26 2.47 -36.19
C THR G 248 3.81 1.04 -35.88
N SER H 1 -21.17 -10.63 38.80
CA SER H 1 -20.32 -9.51 39.16
C SER H 1 -21.12 -8.43 39.89
N HIS H 2 -20.41 -7.43 40.40
CA HIS H 2 -21.04 -6.44 41.26
C HIS H 2 -21.72 -5.34 40.46
N ARG H 3 -22.63 -4.65 41.11
CA ARG H 3 -23.26 -3.47 40.54
C ARG H 3 -22.23 -2.35 40.46
N LYS H 4 -21.97 -1.85 39.25
CA LYS H 4 -20.83 -0.95 39.05
C LYS H 4 -21.03 0.37 39.78
N PHE H 5 -22.17 1.02 39.60
CA PHE H 5 -22.47 2.28 40.26
C PHE H 5 -23.52 2.05 41.33
N SER H 6 -23.15 2.30 42.57
CA SER H 6 -24.08 2.10 43.68
C SER H 6 -25.20 3.12 43.64
N ALA H 7 -26.37 2.72 44.13
CA ALA H 7 -27.55 3.58 44.18
C ALA H 7 -28.46 3.04 45.26
N PRO H 8 -29.10 3.90 46.06
CA PRO H 8 -29.90 3.41 47.18
C PRO H 8 -31.16 2.69 46.71
N ARG H 9 -31.71 1.89 47.62
CA ARG H 9 -32.92 1.14 47.35
C ARG H 9 -34.09 2.05 46.98
N HIS H 10 -34.94 1.58 46.08
CA HIS H 10 -36.22 2.21 45.82
C HIS H 10 -37.24 1.70 46.83
N GLY H 11 -37.85 2.61 47.58
CA GLY H 11 -38.86 2.23 48.55
C GLY H 11 -38.28 1.71 49.84
N SER H 12 -39.15 1.52 50.81
CA SER H 12 -38.78 1.04 52.14
C SER H 12 -39.39 -0.33 52.39
N LEU H 13 -38.61 -1.22 53.00
CA LEU H 13 -39.07 -2.55 53.33
C LEU H 13 -39.87 -2.60 54.63
N GLY H 14 -39.98 -1.48 55.34
CA GLY H 14 -40.70 -1.43 56.59
C GLY H 14 -42.19 -1.31 56.49
N PHE H 15 -42.72 -1.17 55.28
CA PHE H 15 -44.15 -1.12 55.03
C PHE H 15 -44.58 -2.26 54.11
N LEU H 16 -43.91 -3.41 54.22
CA LEU H 16 -43.87 -4.36 53.11
C LEU H 16 -45.22 -4.94 52.72
N PRO H 17 -46.05 -5.44 53.65
CA PRO H 17 -47.31 -6.06 53.18
C PRO H 17 -48.23 -4.99 52.61
N ARG H 18 -47.92 -4.61 51.37
CA ARG H 18 -48.49 -3.43 50.73
C ARG H 18 -49.86 -3.80 50.14
N LYS H 19 -50.77 -4.11 51.06
CA LYS H 19 -52.10 -4.62 50.73
C LYS H 19 -53.16 -3.64 51.19
N ARG H 20 -54.38 -3.87 50.75
CA ARG H 20 -55.50 -3.08 51.23
C ARG H 20 -55.68 -3.30 52.73
N SER H 21 -56.00 -2.23 53.44
CA SER H 21 -56.23 -2.34 54.87
C SER H 21 -57.44 -3.21 55.15
N SER H 22 -57.34 -4.02 56.20
CA SER H 22 -58.48 -4.80 56.67
C SER H 22 -59.47 -3.97 57.45
N ARG H 23 -59.16 -2.70 57.69
CA ARG H 23 -59.99 -1.79 58.45
C ARG H 23 -60.23 -0.53 57.63
N HIS H 24 -61.31 0.18 57.96
CA HIS H 24 -61.57 1.47 57.35
C HIS H 24 -61.10 2.62 58.21
N ARG H 25 -61.30 2.54 59.53
CA ARG H 25 -60.76 3.53 60.45
C ARG H 25 -59.46 3.02 61.05
N GLY H 26 -58.54 3.94 61.31
CA GLY H 26 -57.27 3.57 61.88
C GLY H 26 -57.42 3.05 63.30
N LYS H 27 -56.64 2.04 63.63
CA LYS H 27 -56.61 1.47 64.97
C LYS H 27 -55.32 1.89 65.65
N VAL H 28 -55.44 2.39 66.88
CA VAL H 28 -54.27 2.83 67.64
C VAL H 28 -53.49 1.58 68.04
N LYS H 29 -52.33 1.38 67.41
CA LYS H 29 -51.52 0.20 67.70
C LYS H 29 -50.98 0.25 69.12
N SER H 30 -50.63 1.43 69.61
CA SER H 30 -50.07 1.57 70.95
C SER H 30 -50.52 2.88 71.55
N PHE H 31 -51.15 2.81 72.72
CA PHE H 31 -51.54 3.99 73.46
C PHE H 31 -50.36 4.54 74.26
N PRO H 32 -50.39 5.81 74.64
CA PRO H 32 -49.30 6.35 75.45
C PRO H 32 -49.19 5.63 76.78
N LYS H 33 -47.95 5.48 77.25
CA LYS H 33 -47.71 4.74 78.47
C LYS H 33 -48.26 5.50 79.68
N ASP H 34 -48.61 4.76 80.72
CA ASP H 34 -49.27 5.32 81.88
C ASP H 34 -48.30 5.66 82.99
N ASP H 35 -48.68 6.65 83.80
CA ASP H 35 -48.04 6.93 85.07
C ASP H 35 -49.11 7.43 86.03
N PRO H 36 -49.07 7.01 87.30
CA PRO H 36 -50.13 7.40 88.25
C PRO H 36 -50.04 8.85 88.70
N SER H 37 -48.93 9.54 88.43
CA SER H 37 -48.74 10.89 88.96
C SER H 37 -49.75 11.87 88.38
N LYS H 38 -50.01 11.79 87.08
CA LYS H 38 -50.88 12.75 86.42
C LYS H 38 -52.34 12.47 86.72
N PRO H 39 -53.20 13.49 86.64
CA PRO H 39 -54.64 13.26 86.78
C PRO H 39 -55.18 12.48 85.59
N VAL H 40 -56.32 11.83 85.81
CA VAL H 40 -56.90 10.98 84.79
C VAL H 40 -57.39 11.83 83.62
N HIS H 41 -57.42 11.22 82.44
CA HIS H 41 -57.79 11.92 81.20
C HIS H 41 -57.92 10.87 80.09
N LEU H 42 -58.26 11.34 78.90
CA LEU H 42 -58.29 10.51 77.70
C LEU H 42 -57.04 10.77 76.86
N THR H 43 -56.80 9.87 75.91
CA THR H 43 -55.58 9.93 75.11
C THR H 43 -55.80 9.89 73.60
N ALA H 44 -57.02 9.70 73.14
CA ALA H 44 -57.27 9.66 71.71
C ALA H 44 -58.69 10.14 71.46
N PHE H 45 -58.95 10.50 70.22
CA PHE H 45 -60.26 10.98 69.84
C PHE H 45 -60.41 10.68 68.35
N LEU H 46 -61.57 10.99 67.78
CA LEU H 46 -61.83 10.58 66.40
C LEU H 46 -62.56 11.71 65.66
N GLY H 47 -62.03 12.11 64.50
CA GLY H 47 -62.60 13.17 63.72
C GLY H 47 -62.77 12.84 62.24
N TYR H 48 -63.13 13.82 61.41
CA TYR H 48 -63.34 13.59 59.98
C TYR H 48 -62.62 14.66 59.18
N LYS H 49 -61.90 14.24 58.14
CA LYS H 49 -61.19 15.19 57.30
C LYS H 49 -62.18 15.98 56.45
N ALA H 50 -62.01 17.31 56.42
CA ALA H 50 -62.90 18.18 55.67
C ALA H 50 -62.23 18.87 54.50
N GLY H 51 -61.05 19.46 54.71
CA GLY H 51 -60.34 20.09 53.63
C GLY H 51 -59.10 20.78 54.13
N MET H 52 -58.42 21.48 53.23
CA MET H 52 -57.22 22.23 53.58
C MET H 52 -57.45 23.72 53.30
N THR H 53 -56.58 24.55 53.88
CA THR H 53 -56.81 25.99 53.93
C THR H 53 -55.47 26.69 54.12
N HIS H 54 -55.43 27.98 53.79
CA HIS H 54 -54.29 28.84 54.06
C HIS H 54 -54.35 29.37 55.49
N ILE H 55 -53.18 29.71 56.01
CA ILE H 55 -53.05 30.39 57.30
C ILE H 55 -51.90 31.37 57.20
N VAL H 56 -52.08 32.57 57.76
CA VAL H 56 -51.01 33.56 57.87
C VAL H 56 -50.74 33.78 59.34
N ARG H 57 -49.50 33.60 59.75
CA ARG H 57 -49.08 33.83 61.13
C ARG H 57 -47.72 34.48 61.15
N GLU H 58 -47.29 34.90 62.33
CA GLU H 58 -45.99 35.52 62.54
C GLU H 58 -45.10 34.53 63.27
N VAL H 59 -43.95 34.23 62.69
CA VAL H 59 -43.03 33.25 63.26
C VAL H 59 -42.27 33.88 64.42
N ASP H 60 -42.03 33.08 65.46
CA ASP H 60 -41.24 33.52 66.62
C ASP H 60 -40.18 32.46 66.90
N ARG H 61 -39.04 32.57 66.22
CA ARG H 61 -37.89 31.74 66.54
C ARG H 61 -36.61 32.52 66.32
N PRO H 62 -35.84 32.79 67.37
CA PRO H 62 -34.62 33.59 67.22
C PRO H 62 -33.59 32.88 66.35
N GLY H 63 -32.78 33.69 65.67
CA GLY H 63 -31.71 33.19 64.84
C GLY H 63 -32.13 32.71 63.48
N SER H 64 -33.41 32.80 63.14
CA SER H 64 -33.91 32.35 61.86
C SER H 64 -33.94 33.48 60.84
N LYS H 65 -34.00 33.10 59.56
CA LYS H 65 -34.14 34.09 58.51
C LYS H 65 -35.55 34.67 58.47
N VAL H 66 -36.52 33.99 59.08
CA VAL H 66 -37.91 34.44 59.08
C VAL H 66 -38.34 34.83 60.48
N ASN H 67 -37.39 35.29 61.30
CA ASN H 67 -37.71 35.71 62.65
C ASN H 67 -38.55 36.98 62.62
N LYS H 68 -39.70 36.92 63.31
CA LYS H 68 -40.65 38.04 63.35
C LYS H 68 -41.07 38.49 61.95
N LYS H 69 -41.08 37.55 61.02
CA LYS H 69 -41.70 37.75 59.72
C LYS H 69 -43.05 37.05 59.71
N GLU H 70 -43.71 37.03 58.55
CA GLU H 70 -45.03 36.44 58.42
C GLU H 70 -45.01 35.43 57.28
N VAL H 71 -45.46 34.21 57.57
CA VAL H 71 -45.42 33.12 56.61
C VAL H 71 -46.82 32.56 56.44
N VAL H 72 -47.04 31.88 55.33
CA VAL H 72 -48.29 31.17 55.07
C VAL H 72 -48.02 29.68 55.23
N GLU H 73 -48.94 28.99 55.90
CA GLU H 73 -48.76 27.58 56.20
C GLU H 73 -50.07 26.85 55.93
N ALA H 74 -50.02 25.87 55.04
CA ALA H 74 -51.19 25.05 54.76
C ALA H 74 -51.61 24.28 56.01
N VAL H 75 -52.92 24.15 56.21
CA VAL H 75 -53.47 23.45 57.37
C VAL H 75 -54.57 22.52 56.91
N THR H 76 -54.87 21.54 57.76
CA THR H 76 -55.93 20.58 57.53
C THR H 76 -57.04 20.80 58.54
N ILE H 77 -58.29 20.73 58.06
CA ILE H 77 -59.46 20.90 58.90
C ILE H 77 -60.06 19.54 59.18
N VAL H 78 -60.25 19.24 60.46
CA VAL H 78 -60.83 17.98 60.91
C VAL H 78 -62.08 18.33 61.70
N GLU H 79 -63.24 18.18 61.09
CA GLU H 79 -64.49 18.42 61.79
C GLU H 79 -64.66 17.35 62.84
N THR H 80 -65.09 17.75 64.04
CA THR H 80 -64.94 16.90 65.21
C THR H 80 -66.02 17.19 66.26
N PRO H 81 -67.19 16.58 66.13
CA PRO H 81 -68.22 16.71 67.17
C PRO H 81 -67.85 15.90 68.40
N PRO H 82 -68.39 16.25 69.56
CA PRO H 82 -68.10 15.47 70.78
C PRO H 82 -68.58 14.03 70.66
N MET H 83 -67.79 13.11 71.19
CA MET H 83 -68.23 11.72 71.23
C MET H 83 -69.18 11.50 72.40
N VAL H 84 -69.77 10.32 72.44
CA VAL H 84 -70.58 9.91 73.58
C VAL H 84 -70.13 8.52 74.03
N VAL H 85 -70.01 8.34 75.34
CA VAL H 85 -69.45 7.14 75.95
C VAL H 85 -70.56 6.13 76.19
N VAL H 86 -70.29 4.86 75.87
CA VAL H 86 -71.31 3.82 75.99
C VAL H 86 -70.80 2.57 76.71
N GLY H 87 -69.52 2.53 77.07
CA GLY H 87 -69.04 1.31 77.68
C GLY H 87 -67.64 1.42 78.24
N ILE H 88 -67.29 0.43 79.06
CA ILE H 88 -65.99 0.31 79.69
C ILE H 88 -65.51 -1.12 79.50
N VAL H 89 -64.24 -1.27 79.12
CA VAL H 89 -63.61 -2.59 79.02
C VAL H 89 -62.35 -2.58 79.88
N GLY H 90 -62.17 -3.65 80.65
CA GLY H 90 -60.97 -3.82 81.44
C GLY H 90 -60.05 -4.83 80.80
N TYR H 91 -58.75 -4.67 81.00
CA TYR H 91 -57.75 -5.59 80.48
C TYR H 91 -56.87 -6.09 81.61
N VAL H 92 -56.49 -7.36 81.54
CA VAL H 92 -55.57 -7.96 82.49
C VAL H 92 -54.33 -8.42 81.72
N GLU H 93 -53.16 -8.14 82.28
CA GLU H 93 -51.90 -8.43 81.62
C GLU H 93 -51.39 -9.79 82.06
N THR H 94 -51.01 -10.61 81.09
CA THR H 94 -50.73 -12.02 81.22
C THR H 94 -49.37 -12.31 80.62
N PRO H 95 -48.75 -13.43 80.99
CA PRO H 95 -47.51 -13.82 80.30
C PRO H 95 -47.70 -14.05 78.81
N ARG H 96 -48.93 -14.25 78.35
CA ARG H 96 -49.23 -14.38 76.93
C ARG H 96 -49.68 -13.07 76.30
N GLY H 97 -49.60 -11.96 77.03
CA GLY H 97 -49.94 -10.68 76.47
C GLY H 97 -50.88 -9.85 77.33
N LEU H 98 -52.06 -9.55 76.79
CA LEU H 98 -53.01 -8.66 77.47
C LEU H 98 -54.40 -9.02 76.97
N ARG H 99 -55.25 -9.53 77.85
CA ARG H 99 -56.54 -10.04 77.42
C ARG H 99 -57.67 -9.29 78.10
N THR H 100 -58.78 -9.17 77.37
CA THR H 100 -59.98 -8.52 77.90
C THR H 100 -60.50 -9.29 79.10
N PHE H 101 -60.63 -8.60 80.22
CA PHE H 101 -61.21 -9.22 81.42
C PHE H 101 -62.73 -9.16 81.38
N LYS H 102 -63.28 -7.96 81.23
CA LYS H 102 -64.73 -7.80 81.32
C LYS H 102 -65.16 -6.52 80.62
N THR H 103 -66.37 -6.55 80.09
CA THR H 103 -66.98 -5.43 79.38
C THR H 103 -68.31 -5.08 80.01
N VAL H 104 -68.54 -3.79 80.23
CA VAL H 104 -69.79 -3.28 80.79
C VAL H 104 -70.32 -2.19 79.86
N PHE H 105 -71.58 -2.32 79.44
CA PHE H 105 -72.20 -1.34 78.57
C PHE H 105 -73.19 -0.47 79.34
N ALA H 106 -73.60 0.61 78.70
CA ALA H 106 -74.50 1.59 79.31
C ALA H 106 -75.95 1.12 79.23
N GLU H 107 -76.80 1.77 80.04
CA GLU H 107 -78.21 1.43 80.04
C GLU H 107 -78.89 1.85 78.74
N HIS H 108 -78.59 3.05 78.26
CA HIS H 108 -79.19 3.58 77.04
C HIS H 108 -78.12 3.70 75.96
N ILE H 109 -78.38 3.11 74.80
CA ILE H 109 -77.51 3.21 73.64
C ILE H 109 -78.33 3.71 72.47
N SER H 110 -77.86 4.77 71.82
CA SER H 110 -78.60 5.38 70.73
C SER H 110 -78.61 4.49 69.50
N ASP H 111 -79.60 4.72 68.63
CA ASP H 111 -79.66 3.99 67.38
C ASP H 111 -78.46 4.28 66.49
N GLU H 112 -77.80 5.42 66.68
CA GLU H 112 -76.56 5.70 65.97
C GLU H 112 -75.54 4.60 66.24
N CYS H 113 -75.40 4.19 67.51
CA CYS H 113 -74.49 3.12 67.85
C CYS H 113 -75.09 1.75 67.54
N LYS H 114 -76.41 1.60 67.69
CA LYS H 114 -77.04 0.33 67.34
C LYS H 114 -76.80 -0.02 65.88
N ARG H 115 -76.75 0.98 65.00
CA ARG H 115 -76.54 0.73 63.59
C ARG H 115 -75.21 0.03 63.33
N ARG H 116 -74.21 0.27 64.19
CA ARG H 116 -72.91 -0.36 64.03
C ARG H 116 -72.97 -1.86 64.24
N PHE H 117 -74.02 -2.36 64.89
CA PHE H 117 -74.11 -3.76 65.28
C PHE H 117 -74.80 -4.62 64.23
N TYR H 118 -75.28 -4.02 63.14
CA TYR H 118 -75.98 -4.74 62.09
C TYR H 118 -75.34 -4.44 60.75
N LYS H 119 -75.32 -5.44 59.87
CA LYS H 119 -74.91 -5.23 58.50
C LYS H 119 -76.09 -4.99 57.57
N ASN H 120 -77.31 -5.07 58.08
CA ASN H 120 -78.50 -4.67 57.31
C ASN H 120 -79.52 -4.14 58.31
N TRP H 121 -79.50 -2.82 58.52
CA TRP H 121 -80.37 -2.21 59.52
C TRP H 121 -81.81 -2.11 59.02
N HIS H 122 -81.99 -2.03 57.70
CA HIS H 122 -83.34 -1.89 57.16
C HIS H 122 -84.19 -3.13 57.45
N LYS H 123 -83.62 -4.32 57.33
CA LYS H 123 -84.37 -5.55 57.50
C LYS H 123 -84.43 -6.04 58.93
N SER H 124 -83.53 -5.59 59.79
CA SER H 124 -83.46 -6.12 61.14
C SER H 124 -84.67 -5.70 61.96
N LYS H 125 -84.88 -6.41 63.07
CA LYS H 125 -85.90 -6.04 64.04
C LYS H 125 -85.32 -5.34 65.25
N LYS H 126 -84.04 -4.94 65.18
CA LYS H 126 -83.45 -3.97 66.09
C LYS H 126 -83.46 -4.48 67.53
N LYS H 127 -82.90 -5.67 67.73
CA LYS H 127 -82.93 -6.34 69.02
C LYS H 127 -81.62 -6.25 69.79
N ALA H 128 -80.68 -5.44 69.32
CA ALA H 128 -79.40 -5.34 70.02
C ALA H 128 -79.59 -4.76 71.42
N PHE H 129 -79.02 -5.44 72.41
CA PHE H 129 -78.99 -5.02 73.81
C PHE H 129 -80.37 -4.90 74.44
N THR H 130 -81.41 -5.43 73.79
CA THR H 130 -82.75 -5.34 74.37
C THR H 130 -82.86 -6.15 75.66
N LYS H 131 -82.24 -7.32 75.72
CA LYS H 131 -82.23 -8.11 76.94
C LYS H 131 -81.10 -7.72 77.87
N TYR H 132 -80.08 -7.02 77.38
CA TYR H 132 -79.00 -6.55 78.24
C TYR H 132 -79.43 -5.33 79.04
N CYS H 133 -80.22 -4.44 78.45
CA CYS H 133 -80.57 -3.20 79.12
C CYS H 133 -81.44 -3.42 80.35
N LYS H 134 -82.01 -4.61 80.52
CA LYS H 134 -82.79 -4.93 81.71
C LYS H 134 -81.92 -5.24 82.92
N LYS H 135 -80.62 -5.45 82.73
CA LYS H 135 -79.70 -5.64 83.85
C LYS H 135 -79.47 -4.36 84.63
N TRP H 136 -79.95 -3.22 84.14
CA TRP H 136 -79.69 -1.94 84.78
C TRP H 136 -80.80 -1.50 85.71
N GLN H 137 -82.05 -1.84 85.42
CA GLN H 137 -83.17 -1.42 86.24
C GLN H 137 -83.58 -2.49 87.26
N ASP H 138 -82.85 -3.60 87.33
CA ASP H 138 -83.15 -4.69 88.26
C ASP H 138 -82.15 -4.67 89.40
N ASP H 139 -82.65 -4.89 90.63
CA ASP H 139 -81.78 -4.86 91.79
C ASP H 139 -80.71 -5.95 91.71
N ALA H 140 -81.11 -7.17 91.34
CA ALA H 140 -80.14 -8.23 91.13
C ALA H 140 -79.19 -7.89 89.99
N GLY H 141 -79.73 -7.34 88.91
CA GLY H 141 -78.89 -6.94 87.80
C GLY H 141 -77.87 -5.89 88.19
N LYS H 142 -78.29 -4.87 88.95
CA LYS H 142 -77.36 -3.82 89.31
C LYS H 142 -76.36 -4.26 90.38
N ARG H 143 -76.74 -5.19 91.25
CA ARG H 143 -75.75 -5.70 92.20
C ARG H 143 -74.74 -6.60 91.51
N GLN H 144 -75.18 -7.38 90.51
CA GLN H 144 -74.19 -8.10 89.72
C GLN H 144 -73.32 -7.14 88.93
N LEU H 145 -73.89 -6.02 88.49
CA LEU H 145 -73.11 -5.01 87.78
C LEU H 145 -72.04 -4.40 88.67
N ASP H 146 -72.38 -4.07 89.91
CA ASP H 146 -71.35 -3.48 90.77
C ASP H 146 -70.34 -4.53 91.24
N LYS H 147 -70.75 -5.80 91.29
CA LYS H 147 -69.77 -6.86 91.47
C LYS H 147 -68.79 -6.90 90.30
N ASP H 148 -69.29 -6.74 89.07
CA ASP H 148 -68.41 -6.65 87.92
C ASP H 148 -67.47 -5.46 88.04
N PHE H 149 -67.99 -4.32 88.48
CA PHE H 149 -67.17 -3.12 88.62
C PHE H 149 -66.07 -3.34 89.65
N SER H 150 -66.41 -3.94 90.80
CA SER H 150 -65.39 -4.20 91.82
C SER H 150 -64.37 -5.22 91.35
N SER H 151 -64.81 -6.24 90.61
CA SER H 151 -63.87 -7.21 90.05
C SER H 151 -62.89 -6.54 89.10
N MET H 152 -63.39 -5.65 88.23
CA MET H 152 -62.50 -4.88 87.39
C MET H 152 -61.56 -4.02 88.22
N LYS H 153 -62.08 -3.43 89.30
CA LYS H 153 -61.28 -2.51 90.11
C LYS H 153 -60.11 -3.24 90.77
N LYS H 154 -60.34 -4.47 91.22
CA LYS H 154 -59.29 -5.17 91.97
C LYS H 154 -58.51 -6.19 91.14
N TYR H 155 -58.86 -6.39 89.85
CA TYR H 155 -58.08 -7.31 89.03
C TYR H 155 -57.47 -6.69 87.78
N CYS H 156 -58.01 -5.60 87.26
CA CYS H 156 -57.53 -5.05 85.99
C CYS H 156 -56.40 -4.06 86.20
N GLN H 157 -55.60 -3.88 85.16
CA GLN H 157 -54.49 -2.93 85.18
C GLN H 157 -54.71 -1.72 84.29
N VAL H 158 -55.20 -1.91 83.06
CA VAL H 158 -55.45 -0.80 82.15
C VAL H 158 -56.94 -0.78 81.80
N ILE H 159 -57.50 0.41 81.69
CA ILE H 159 -58.92 0.62 81.46
C ILE H 159 -59.10 1.35 80.14
N ARG H 160 -60.00 0.85 79.30
CA ARG H 160 -60.34 1.49 78.04
C ARG H 160 -61.83 1.74 78.00
N VAL H 161 -62.22 2.95 77.65
CA VAL H 161 -63.60 3.34 77.59
C VAL H 161 -64.08 3.25 76.15
N LEU H 162 -65.32 2.85 75.96
CA LEU H 162 -65.92 2.74 74.64
C LEU H 162 -66.70 4.00 74.34
N ALA H 163 -66.39 4.63 73.21
CA ALA H 163 -67.06 5.85 72.80
C ALA H 163 -67.41 5.76 71.33
N HIS H 164 -68.53 6.37 70.95
CA HIS H 164 -68.89 6.42 69.54
C HIS H 164 -69.22 7.85 69.12
N THR H 165 -69.01 8.10 67.84
CA THR H 165 -69.25 9.40 67.24
C THR H 165 -70.75 9.64 67.06
N GLN H 166 -71.09 10.89 66.75
CA GLN H 166 -72.46 11.32 66.52
C GLN H 166 -72.58 11.68 65.05
N MET H 167 -73.17 10.79 64.26
CA MET H 167 -73.23 10.98 62.82
C MET H 167 -74.35 11.92 62.39
N ARG H 168 -75.30 12.21 63.28
CA ARG H 168 -76.38 13.12 62.93
C ARG H 168 -75.97 14.58 62.99
N LEU H 169 -74.77 14.88 63.47
CA LEU H 169 -74.22 16.22 63.47
C LEU H 169 -73.25 16.47 62.35
N LEU H 170 -73.31 15.66 61.29
CA LEU H 170 -72.39 15.78 60.17
C LEU H 170 -73.16 15.77 58.86
N PRO H 171 -72.61 16.40 57.82
CA PRO H 171 -73.25 16.35 56.50
C PRO H 171 -73.10 15.03 55.76
N LEU H 172 -72.47 14.03 56.37
CA LEU H 172 -72.17 12.79 55.68
C LEU H 172 -73.45 12.01 55.39
N ARG H 173 -73.33 11.09 54.43
CA ARG H 173 -74.47 10.29 53.99
C ARG H 173 -74.80 9.19 54.99
N GLN H 174 -73.79 8.59 55.61
CA GLN H 174 -74.04 7.43 56.46
C GLN H 174 -74.51 7.84 57.85
N LYS H 175 -75.38 7.02 58.41
CA LYS H 175 -75.89 7.21 59.76
C LYS H 175 -75.30 6.20 60.74
N LYS H 176 -74.45 5.29 60.28
CA LYS H 176 -73.84 4.29 61.14
C LYS H 176 -72.65 4.90 61.86
N ALA H 177 -72.70 4.92 63.19
CA ALA H 177 -71.67 5.61 63.96
C ALA H 177 -70.39 4.78 63.98
N HIS H 178 -69.31 5.43 64.42
CA HIS H 178 -68.02 4.79 64.60
C HIS H 178 -67.77 4.60 66.09
N LEU H 179 -67.43 3.37 66.46
CA LEU H 179 -67.22 2.97 67.85
C LEU H 179 -65.74 2.67 68.07
N MET H 180 -65.22 3.04 69.24
CA MET H 180 -63.79 2.97 69.46
C MET H 180 -63.51 2.78 70.94
N GLU H 181 -62.35 2.19 71.22
CA GLU H 181 -61.80 2.08 72.57
C GLU H 181 -60.71 3.12 72.76
N ILE H 182 -60.81 3.89 73.83
CA ILE H 182 -59.84 4.93 74.17
C ILE H 182 -59.28 4.63 75.55
N GLN H 183 -57.96 4.55 75.65
CA GLN H 183 -57.33 4.22 76.93
C GLN H 183 -57.45 5.40 77.89
N VAL H 184 -57.88 5.11 79.12
CA VAL H 184 -57.96 6.12 80.17
C VAL H 184 -56.61 6.11 80.89
N ASN H 185 -55.88 7.21 80.78
CA ASN H 185 -54.57 7.35 81.40
C ASN H 185 -54.65 8.31 82.57
N GLY H 186 -53.84 8.05 83.60
CA GLY H 186 -53.83 8.90 84.76
C GLY H 186 -53.62 8.18 86.07
N GLY H 187 -54.53 8.39 87.02
CA GLY H 187 -54.38 7.82 88.35
C GLY H 187 -54.56 6.32 88.42
N THR H 188 -54.90 5.82 89.61
CA THR H 188 -54.99 4.38 89.82
C THR H 188 -56.24 3.82 89.15
N VAL H 189 -56.36 2.49 89.20
CA VAL H 189 -57.46 1.81 88.53
C VAL H 189 -58.79 2.22 89.14
N ALA H 190 -58.84 2.42 90.46
CA ALA H 190 -60.07 2.82 91.11
C ALA H 190 -60.53 4.19 90.61
N GLU H 191 -59.61 5.16 90.56
CA GLU H 191 -59.96 6.48 90.08
C GLU H 191 -60.38 6.45 88.61
N LYS H 192 -59.65 5.70 87.79
CA LYS H 192 -60.01 5.62 86.37
C LYS H 192 -61.39 5.02 86.19
N LEU H 193 -61.70 3.97 86.96
CA LEU H 193 -63.00 3.32 86.83
C LEU H 193 -64.12 4.24 87.32
N ASP H 194 -63.89 4.97 88.42
CA ASP H 194 -64.90 5.90 88.91
C ASP H 194 -65.17 7.00 87.90
N TRP H 195 -64.11 7.56 87.31
CA TRP H 195 -64.23 8.58 86.28
C TRP H 195 -65.03 8.07 85.08
N ALA H 196 -64.65 6.88 84.59
CA ALA H 196 -65.32 6.31 83.43
C ALA H 196 -66.79 6.01 83.70
N ARG H 197 -67.10 5.52 84.91
CA ARG H 197 -68.49 5.18 85.19
C ARG H 197 -69.31 6.38 85.63
N GLU H 198 -68.69 7.48 86.02
CA GLU H 198 -69.47 8.67 86.38
C GLU H 198 -69.77 9.54 85.19
N ARG H 199 -68.98 9.47 84.11
CA ARG H 199 -69.45 10.01 82.84
C ARG H 199 -69.65 8.95 81.77
N LEU H 200 -69.97 7.72 82.17
CA LEU H 200 -70.56 6.78 81.23
C LEU H 200 -71.94 7.29 80.81
N GLU H 201 -72.28 7.07 79.54
CA GLU H 201 -73.57 7.37 78.90
C GLU H 201 -73.69 8.86 78.55
N GLN H 202 -72.62 9.64 78.63
CA GLN H 202 -72.73 11.05 78.27
C GLN H 202 -71.60 11.50 77.35
N GLN H 203 -71.53 12.79 77.05
CA GLN H 203 -70.71 13.31 75.96
C GLN H 203 -69.36 13.82 76.45
N VAL H 204 -68.40 13.81 75.54
CA VAL H 204 -67.04 14.30 75.75
C VAL H 204 -66.64 15.18 74.57
N PRO H 205 -66.31 16.45 74.80
CA PRO H 205 -65.86 17.32 73.71
C PRO H 205 -64.40 17.09 73.34
N VAL H 206 -63.88 17.94 72.46
CA VAL H 206 -62.51 17.77 71.99
C VAL H 206 -61.52 18.53 72.86
N SER H 207 -61.90 19.72 73.31
CA SER H 207 -61.02 20.55 74.13
C SER H 207 -60.65 19.87 75.45
N GLN H 208 -61.46 18.92 75.91
CA GLN H 208 -61.13 18.16 77.10
C GLN H 208 -60.08 17.08 76.84
N VAL H 209 -59.84 16.73 75.58
CA VAL H 209 -58.86 15.73 75.22
C VAL H 209 -57.57 16.37 74.72
N PHE H 210 -57.68 17.28 73.77
CA PHE H 210 -56.52 17.94 73.19
C PHE H 210 -56.52 19.42 73.56
N GLY H 211 -55.32 19.95 73.79
CA GLY H 211 -55.15 21.35 74.09
C GLY H 211 -54.62 22.11 72.89
N GLN H 212 -54.86 23.42 72.90
CA GLN H 212 -54.38 24.27 71.82
C GLN H 212 -52.85 24.28 71.82
N ASP H 213 -52.27 24.30 70.61
CA ASP H 213 -50.83 24.35 70.41
C ASP H 213 -50.16 23.14 71.06
N GLU H 214 -50.51 21.97 70.52
CA GLU H 214 -49.98 20.69 70.98
C GLU H 214 -49.72 19.82 69.76
N MET H 215 -48.71 18.97 69.85
CA MET H 215 -48.32 18.11 68.73
C MET H 215 -48.84 16.70 69.00
N ILE H 216 -49.64 16.19 68.06
CA ILE H 216 -50.32 14.92 68.22
C ILE H 216 -49.92 13.97 67.09
N ASP H 217 -50.50 12.78 67.10
CA ASP H 217 -50.28 11.78 66.07
C ASP H 217 -51.60 11.54 65.34
N VAL H 218 -51.52 11.29 64.04
CA VAL H 218 -52.70 11.09 63.20
C VAL H 218 -52.63 9.70 62.60
N ILE H 219 -53.72 8.95 62.72
CA ILE H 219 -53.79 7.58 62.21
C ILE H 219 -54.96 7.48 61.25
N GLY H 220 -54.75 6.81 60.13
CA GLY H 220 -55.85 6.63 59.19
C GLY H 220 -55.41 5.82 58.00
N VAL H 221 -56.35 5.61 57.09
CA VAL H 221 -56.11 4.88 55.85
C VAL H 221 -55.90 5.88 54.74
N THR H 222 -54.86 5.64 53.94
CA THR H 222 -54.55 6.54 52.84
C THR H 222 -55.57 6.39 51.71
N LYS H 223 -55.46 7.24 50.70
CA LYS H 223 -56.35 7.15 49.56
C LYS H 223 -56.06 5.90 48.74
N GLY H 224 -57.11 5.24 48.28
CA GLY H 224 -56.93 4.10 47.40
C GLY H 224 -56.63 4.53 45.98
N LYS H 225 -55.84 3.70 45.29
CA LYS H 225 -55.44 4.01 43.92
C LYS H 225 -55.51 2.79 43.01
N GLY H 226 -56.00 1.67 43.48
CA GLY H 226 -56.20 0.50 42.64
C GLY H 226 -54.91 -0.22 42.29
N TYR H 227 -55.02 -1.06 41.26
CA TYR H 227 -53.87 -1.80 40.76
C TYR H 227 -52.93 -0.85 40.03
N LYS H 228 -51.66 -0.84 40.44
CA LYS H 228 -50.69 0.08 39.86
C LYS H 228 -49.39 -0.65 39.59
N GLY H 229 -48.62 -0.12 38.65
CA GLY H 229 -47.37 -0.74 38.26
C GLY H 229 -46.21 -0.35 39.15
N VAL H 230 -45.06 -0.96 38.86
CA VAL H 230 -43.86 -0.75 39.68
C VAL H 230 -43.40 0.70 39.60
N THR H 231 -43.54 1.34 38.44
CA THR H 231 -43.04 2.69 38.25
C THR H 231 -43.85 3.73 39.00
N SER H 232 -44.99 3.35 39.57
CA SER H 232 -45.78 4.26 40.41
C SER H 232 -46.00 3.74 41.81
N ARG H 233 -45.96 2.43 42.04
CA ARG H 233 -46.04 1.90 43.39
C ARG H 233 -44.69 1.89 44.08
N TRP H 234 -43.61 1.69 43.32
CA TRP H 234 -42.27 1.65 43.87
C TRP H 234 -41.36 2.73 43.28
N HIS H 235 -41.80 3.43 42.24
CA HIS H 235 -41.10 4.60 41.70
C HIS H 235 -39.75 4.23 41.10
N THR H 236 -39.67 3.06 40.48
CA THR H 236 -38.47 2.68 39.74
C THR H 236 -38.37 3.50 38.45
N LYS H 237 -37.15 3.60 37.94
CA LYS H 237 -36.91 4.43 36.77
C LYS H 237 -37.48 3.77 35.51
N LYS H 238 -38.03 4.60 34.63
CA LYS H 238 -38.56 4.10 33.37
C LYS H 238 -37.44 3.64 32.44
N LEU H 239 -37.71 2.59 31.69
CA LEU H 239 -36.77 2.10 30.70
C LEU H 239 -36.80 3.00 29.46
N PRO H 240 -35.75 2.96 28.64
CA PRO H 240 -35.70 3.84 27.47
C PRO H 240 -36.79 3.50 26.45
N ARG H 241 -36.89 4.36 25.45
CA ARG H 241 -37.97 4.26 24.47
C ARG H 241 -37.83 3.03 23.58
N LYS H 242 -36.61 2.55 23.36
CA LYS H 242 -36.38 1.46 22.43
C LYS H 242 -36.84 0.10 22.96
N THR H 243 -37.21 0.01 24.23
CA THR H 243 -37.51 -1.29 24.84
C THR H 243 -38.71 -1.93 24.14
N HIS H 244 -38.59 -3.23 23.85
CA HIS H 244 -39.58 -3.91 23.02
C HIS H 244 -40.88 -4.16 23.79
N ARG H 245 -40.82 -4.99 24.83
CA ARG H 245 -42.02 -5.46 25.50
C ARG H 245 -42.39 -4.59 26.70
N GLY H 246 -42.53 -3.28 26.49
CA GLY H 246 -42.96 -2.40 27.54
C GLY H 246 -41.84 -1.76 28.33
N LEU H 247 -42.00 -0.49 28.69
CA LEU H 247 -40.95 0.28 29.34
C LEU H 247 -41.27 0.68 30.76
N ARG H 248 -42.50 0.53 31.23
CA ARG H 248 -42.83 0.83 32.62
C ARG H 248 -42.69 -0.42 33.49
N LYS H 249 -41.52 -1.04 33.41
CA LYS H 249 -41.23 -2.27 34.12
C LYS H 249 -39.87 -2.16 34.79
N VAL H 250 -39.57 -3.14 35.64
CA VAL H 250 -38.24 -3.35 36.19
C VAL H 250 -37.60 -4.52 35.46
N ALA H 251 -36.38 -4.31 34.97
CA ALA H 251 -35.76 -5.26 34.05
C ALA H 251 -35.31 -6.52 34.77
N CYS H 252 -34.40 -6.39 35.73
CA CYS H 252 -33.83 -7.54 36.42
C CYS H 252 -34.71 -7.87 37.62
N ILE H 253 -35.42 -9.00 37.53
CA ILE H 253 -36.24 -9.48 38.64
C ILE H 253 -35.43 -10.26 39.65
N GLY H 254 -34.22 -10.66 39.32
CA GLY H 254 -33.36 -11.34 40.26
C GLY H 254 -32.20 -11.99 39.55
N ALA H 255 -31.22 -12.40 40.35
CA ALA H 255 -30.10 -13.15 39.83
C ALA H 255 -30.51 -14.60 39.59
N TRP H 256 -29.65 -15.33 38.88
CA TRP H 256 -29.97 -16.72 38.55
C TRP H 256 -30.02 -17.59 39.78
N HIS H 257 -28.91 -17.66 40.52
CA HIS H 257 -28.67 -18.86 41.33
C HIS H 257 -29.57 -18.96 42.55
N PRO H 258 -29.90 -17.87 43.24
CA PRO H 258 -31.03 -17.97 44.14
C PRO H 258 -32.27 -18.13 43.27
N ALA H 259 -32.76 -19.36 43.19
CA ALA H 259 -33.63 -19.75 42.09
C ALA H 259 -35.06 -19.31 42.28
N ARG H 260 -35.29 -18.35 43.16
CA ARG H 260 -36.58 -17.74 43.35
C ARG H 260 -36.41 -16.24 43.17
N VAL H 261 -37.53 -15.51 43.24
CA VAL H 261 -37.51 -14.06 43.27
C VAL H 261 -37.83 -13.62 44.69
N ALA H 262 -37.05 -12.68 45.20
CA ALA H 262 -37.08 -12.32 46.61
C ALA H 262 -38.30 -11.47 46.94
N PHE H 263 -38.55 -11.33 48.24
CA PHE H 263 -39.61 -10.46 48.74
C PHE H 263 -39.30 -8.99 48.51
N SER H 264 -38.05 -8.65 48.24
CA SER H 264 -37.62 -7.26 48.15
C SER H 264 -37.64 -6.70 46.74
N VAL H 265 -37.96 -7.50 45.73
CA VAL H 265 -38.00 -7.02 44.35
C VAL H 265 -39.36 -6.37 44.09
N ALA H 266 -39.33 -5.19 43.47
CA ALA H 266 -40.54 -4.41 43.27
C ALA H 266 -41.47 -5.09 42.27
N ARG H 267 -42.75 -5.22 42.65
CA ARG H 267 -43.75 -5.86 41.82
C ARG H 267 -45.00 -4.98 41.79
N ALA H 268 -45.85 -5.24 40.80
CA ALA H 268 -47.06 -4.46 40.60
C ALA H 268 -48.19 -5.00 41.47
N GLY H 269 -49.03 -4.09 41.95
CA GLY H 269 -50.13 -4.48 42.81
C GLY H 269 -50.92 -3.32 43.35
N GLN H 270 -51.59 -3.52 44.49
CA GLN H 270 -52.41 -2.46 45.08
C GLN H 270 -51.54 -1.32 45.57
N LYS H 271 -51.91 -0.10 45.18
CA LYS H 271 -51.27 1.11 45.68
C LYS H 271 -52.29 1.94 46.44
N GLY H 272 -51.91 2.38 47.63
CA GLY H 272 -52.79 3.19 48.44
C GLY H 272 -53.76 2.36 49.24
N TYR H 273 -54.58 3.06 50.02
CA TYR H 273 -55.53 2.44 50.94
C TYR H 273 -54.83 1.60 51.99
N HIS H 274 -53.59 1.96 52.32
CA HIS H 274 -52.87 1.31 53.41
C HIS H 274 -53.12 2.07 54.71
N HIS H 275 -52.88 1.38 55.81
CA HIS H 275 -53.03 1.95 57.14
C HIS H 275 -51.72 2.62 57.54
N ARG H 276 -51.78 3.92 57.83
CA ARG H 276 -50.59 4.70 58.14
C ARG H 276 -50.84 5.56 59.36
N THR H 277 -49.74 5.97 59.98
CA THR H 277 -49.73 6.90 61.10
C THR H 277 -48.60 7.89 60.92
N GLU H 278 -48.89 9.15 61.20
CA GLU H 278 -47.92 10.23 61.04
C GLU H 278 -47.78 10.94 62.38
N ILE H 279 -46.54 11.22 62.75
CA ILE H 279 -46.25 11.77 64.06
C ILE H 279 -45.92 13.25 63.93
N ASN H 280 -46.05 13.95 65.06
CA ASN H 280 -45.66 15.35 65.17
C ASN H 280 -46.47 16.26 64.24
N LYS H 281 -47.80 16.17 64.35
CA LYS H 281 -48.69 17.11 63.67
C LYS H 281 -49.19 18.12 64.68
N LYS H 282 -48.89 19.40 64.46
CA LYS H 282 -49.13 20.43 65.46
C LYS H 282 -50.49 21.09 65.27
N ILE H 283 -51.15 21.38 66.38
CA ILE H 283 -52.48 21.98 66.35
C ILE H 283 -52.33 23.49 66.40
N TYR H 284 -52.90 24.17 65.42
CA TYR H 284 -52.92 25.64 65.49
C TYR H 284 -54.18 26.20 66.14
N LYS H 285 -55.32 25.55 65.98
CA LYS H 285 -56.55 26.11 66.52
C LYS H 285 -57.55 25.01 66.85
N ILE H 286 -58.28 25.21 67.95
CA ILE H 286 -59.41 24.37 68.32
C ILE H 286 -60.65 25.27 68.30
N GLY H 287 -61.40 25.22 67.20
CA GLY H 287 -62.52 26.12 67.02
C GLY H 287 -63.82 25.46 67.44
N GLN H 288 -64.65 26.23 68.14
CA GLN H 288 -65.98 25.75 68.49
C GLN H 288 -66.91 25.86 67.29
N GLY H 289 -68.06 25.18 67.39
CA GLY H 289 -68.99 25.15 66.29
C GLY H 289 -69.95 26.32 66.29
N TYR H 290 -70.80 26.36 65.27
CA TYR H 290 -71.89 27.32 65.23
C TYR H 290 -72.76 27.12 66.46
N LEU H 291 -73.03 28.19 67.19
CA LEU H 291 -73.96 28.05 68.31
C LEU H 291 -75.00 29.16 68.25
N ILE H 292 -76.00 29.06 69.11
CA ILE H 292 -77.15 29.95 69.10
C ILE H 292 -77.25 30.63 70.46
N LYS H 293 -77.52 31.94 70.45
CA LYS H 293 -77.78 32.66 71.69
C LYS H 293 -78.56 33.92 71.35
N ASP H 294 -79.59 34.22 72.15
CA ASP H 294 -80.45 35.38 71.95
C ASP H 294 -81.11 35.36 70.57
N GLY H 295 -81.37 34.18 70.04
CA GLY H 295 -81.93 34.06 68.71
C GLY H 295 -80.97 34.40 67.59
N LYS H 296 -79.71 34.70 67.91
CA LYS H 296 -78.71 35.03 66.92
C LYS H 296 -77.68 33.91 66.88
N LEU H 297 -77.31 33.49 65.67
CA LEU H 297 -76.41 32.36 65.47
C LEU H 297 -74.99 32.91 65.36
N ILE H 298 -74.17 32.62 66.36
CA ILE H 298 -72.77 33.02 66.31
C ILE H 298 -71.97 31.95 65.58
N LYS H 299 -71.18 32.38 64.61
CA LYS H 299 -70.51 31.49 63.68
C LYS H 299 -69.09 31.90 63.33
N ASN H 300 -68.57 33.01 63.88
CA ASN H 300 -67.29 33.54 63.45
C ASN H 300 -66.13 32.67 63.92
N ASN H 301 -66.05 31.44 63.40
CA ASN H 301 -64.98 30.54 63.78
C ASN H 301 -63.63 31.05 63.32
N ALA H 302 -63.52 31.44 62.06
CA ALA H 302 -62.26 31.87 61.47
C ALA H 302 -61.92 33.32 61.80
N SER H 303 -62.57 33.89 62.81
CA SER H 303 -62.27 35.26 63.22
C SER H 303 -61.05 35.27 64.12
N THR H 304 -60.02 35.99 63.72
CA THR H 304 -58.83 36.19 64.54
C THR H 304 -58.91 37.54 65.25
N ASP H 305 -57.91 37.82 66.07
CA ASP H 305 -57.86 39.10 66.76
C ASP H 305 -57.13 40.16 65.94
N TYR H 306 -56.61 39.82 64.77
CA TYR H 306 -56.08 40.79 63.82
C TYR H 306 -57.01 41.02 62.64
N ASP H 307 -58.13 40.30 62.57
CA ASP H 307 -59.04 40.40 61.43
C ASP H 307 -60.40 40.95 61.82
N LEU H 308 -61.02 40.39 62.86
CA LEU H 308 -62.26 40.92 63.44
C LEU H 308 -63.42 40.91 62.45
N SER H 309 -63.43 39.97 61.51
CA SER H 309 -64.56 39.77 60.64
C SER H 309 -65.43 38.65 61.21
N ASP H 310 -66.59 38.42 60.59
CA ASP H 310 -67.53 37.42 61.04
C ASP H 310 -67.55 36.18 60.15
N LYS H 311 -66.53 36.01 59.32
CA LYS H 311 -66.48 34.84 58.45
C LYS H 311 -66.29 33.57 59.27
N SER H 312 -66.94 32.50 58.83
CA SER H 312 -66.79 31.20 59.45
C SER H 312 -65.67 30.43 58.74
N ILE H 313 -65.39 29.22 59.23
CA ILE H 313 -64.34 28.42 58.63
C ILE H 313 -64.73 27.91 57.25
N ASN H 314 -66.01 27.91 56.92
CA ASN H 314 -66.46 27.38 55.64
C ASN H 314 -66.16 28.38 54.53
N PRO H 315 -65.43 27.99 53.48
CA PRO H 315 -65.24 28.88 52.34
C PRO H 315 -66.52 29.00 51.53
N LEU H 316 -66.51 29.95 50.59
CA LEU H 316 -67.67 30.14 49.72
C LEU H 316 -67.94 28.88 48.93
N GLY H 317 -69.20 28.45 48.91
CA GLY H 317 -69.57 27.21 48.27
C GLY H 317 -69.31 25.97 49.10
N GLY H 318 -68.82 26.12 50.32
CA GLY H 318 -68.56 24.99 51.19
C GLY H 318 -67.28 24.27 50.81
N PHE H 319 -66.88 23.35 51.69
CA PHE H 319 -65.72 22.52 51.42
C PHE H 319 -66.07 21.54 50.30
N VAL H 320 -65.22 21.49 49.28
CA VAL H 320 -65.54 20.71 48.09
C VAL H 320 -65.59 19.23 48.45
N HIS H 321 -66.65 18.56 48.01
CA HIS H 321 -66.90 17.13 48.17
C HIS H 321 -67.24 16.75 49.60
N TYR H 322 -67.22 17.67 50.55
CA TYR H 322 -67.49 17.33 51.95
C TYR H 322 -68.78 17.94 52.47
N GLY H 323 -68.92 19.26 52.43
CA GLY H 323 -70.09 19.88 53.00
C GLY H 323 -69.79 21.08 53.88
N GLU H 324 -70.56 21.24 54.94
CA GLU H 324 -70.46 22.40 55.84
C GLU H 324 -70.00 21.94 57.21
N VAL H 325 -69.02 22.65 57.76
CA VAL H 325 -68.52 22.36 59.11
C VAL H 325 -69.27 23.27 60.07
N THR H 326 -70.29 22.71 60.72
CA THR H 326 -71.13 23.47 61.64
C THR H 326 -70.76 23.30 63.11
N ASN H 327 -70.21 22.15 63.48
CA ASN H 327 -69.81 21.89 64.86
C ASN H 327 -68.29 22.03 65.00
N ASP H 328 -67.77 21.64 66.15
CA ASP H 328 -66.40 21.93 66.54
C ASP H 328 -65.40 21.35 65.52
N PHE H 329 -64.22 21.95 65.46
CA PHE H 329 -63.19 21.48 64.55
C PHE H 329 -61.82 21.78 65.14
N VAL H 330 -60.81 21.11 64.59
CA VAL H 330 -59.42 21.35 64.95
C VAL H 330 -58.64 21.61 63.67
N MET H 331 -57.54 22.34 63.81
CA MET H 331 -56.74 22.79 62.69
C MET H 331 -55.31 22.29 62.89
N LEU H 332 -54.91 21.30 62.09
CA LEU H 332 -53.58 20.74 62.18
C LEU H 332 -52.69 21.32 61.09
N LYS H 333 -51.39 21.23 61.29
CA LYS H 333 -50.42 21.77 60.37
C LYS H 333 -50.09 20.74 59.28
N GLY H 334 -50.20 21.16 58.03
CA GLY H 334 -49.84 20.30 56.93
C GLY H 334 -50.97 19.37 56.53
N CYS H 335 -50.59 18.34 55.78
CA CYS H 335 -51.54 17.37 55.27
C CYS H 335 -51.56 16.12 56.14
N VAL H 336 -52.71 15.48 56.22
CA VAL H 336 -52.87 14.22 56.92
C VAL H 336 -53.19 13.14 55.89
N VAL H 337 -53.27 11.89 56.34
CA VAL H 337 -53.59 10.79 55.42
C VAL H 337 -55.06 10.83 55.07
N GLY H 338 -55.45 10.09 54.04
CA GLY H 338 -56.85 9.89 53.73
C GLY H 338 -57.43 10.95 52.81
N THR H 339 -58.60 10.63 52.28
CA THR H 339 -59.33 11.51 51.37
C THR H 339 -60.29 12.39 52.16
N LYS H 340 -61.12 13.14 51.44
CA LYS H 340 -62.18 13.90 52.10
C LYS H 340 -63.19 12.95 52.71
N LYS H 341 -63.90 13.43 53.72
CA LYS H 341 -64.92 12.69 54.45
C LYS H 341 -64.37 11.46 55.16
N ARG H 342 -63.06 11.29 55.23
CA ARG H 342 -62.48 10.11 55.84
C ARG H 342 -62.40 10.27 57.35
N VAL H 343 -62.83 9.23 58.07
CA VAL H 343 -62.65 9.17 59.51
C VAL H 343 -61.16 9.07 59.82
N LEU H 344 -60.77 9.64 60.96
CA LEU H 344 -59.35 9.89 61.20
C LEU H 344 -59.11 9.92 62.70
N THR H 345 -58.23 9.05 63.19
CA THR H 345 -57.95 8.96 64.61
C THR H 345 -56.85 9.93 64.99
N LEU H 346 -57.03 10.61 66.12
CA LEU H 346 -56.04 11.53 66.67
C LEU H 346 -55.62 11.00 68.02
N ARG H 347 -54.31 11.03 68.31
CA ARG H 347 -53.86 10.53 69.60
C ARG H 347 -52.78 11.43 70.17
N LYS H 348 -52.62 11.36 71.49
CA LYS H 348 -51.56 12.10 72.17
C LYS H 348 -50.19 11.59 71.73
N SER H 349 -49.20 12.47 71.86
CA SER H 349 -47.84 12.09 71.50
C SER H 349 -47.31 11.04 72.45
N LEU H 350 -46.53 10.10 71.90
CA LEU H 350 -45.94 9.05 72.72
C LEU H 350 -44.66 9.53 73.40
N LEU H 351 -43.69 9.98 72.59
CA LEU H 351 -42.43 10.47 73.13
C LEU H 351 -42.61 11.87 73.69
N VAL H 352 -41.79 12.20 74.70
CA VAL H 352 -41.82 13.53 75.28
C VAL H 352 -41.20 14.52 74.29
N GLN H 353 -41.77 15.71 74.23
CA GLN H 353 -41.43 16.69 73.20
C GLN H 353 -40.94 17.98 73.85
N THR H 354 -39.62 18.13 73.93
CA THR H 354 -38.98 19.34 74.43
C THR H 354 -38.04 19.86 73.35
N LYS H 355 -38.58 20.65 72.43
CA LYS H 355 -37.80 21.22 71.34
C LYS H 355 -38.49 22.52 70.93
N ARG H 356 -37.72 23.39 70.26
CA ARG H 356 -38.21 24.74 69.98
C ARG H 356 -39.47 24.71 69.11
N ARG H 357 -39.42 23.98 67.99
CA ARG H 357 -40.60 23.90 67.14
C ARG H 357 -41.75 23.16 67.82
N ALA H 358 -41.46 22.40 68.87
CA ALA H 358 -42.51 21.75 69.65
C ALA H 358 -43.10 22.67 70.72
N LEU H 359 -42.39 23.74 71.08
CA LEU H 359 -42.87 24.66 72.10
C LEU H 359 -43.16 26.06 71.57
N GLU H 360 -43.13 26.26 70.25
CA GLU H 360 -43.60 27.54 69.71
C GLU H 360 -45.06 27.77 70.07
N LYS H 361 -45.38 29.00 70.44
CA LYS H 361 -46.76 29.40 70.64
C LYS H 361 -47.32 29.94 69.32
N ILE H 362 -48.50 29.48 68.95
CA ILE H 362 -49.10 29.78 67.66
C ILE H 362 -50.15 30.86 67.85
N ASP H 363 -49.98 31.97 67.13
CA ASP H 363 -50.95 33.05 67.11
C ASP H 363 -51.29 33.35 65.66
N LEU H 364 -52.55 33.14 65.30
CA LEU H 364 -52.98 33.26 63.91
C LEU H 364 -53.32 34.71 63.59
N LYS H 365 -53.06 35.09 62.33
CA LYS H 365 -53.36 36.43 61.85
C LYS H 365 -54.44 36.45 60.78
N PHE H 366 -54.54 35.42 59.96
CA PHE H 366 -55.48 35.42 58.85
C PHE H 366 -55.80 33.98 58.46
N ILE H 367 -57.06 33.73 58.14
CA ILE H 367 -57.50 32.42 57.69
C ILE H 367 -58.21 32.62 56.36
N ASP H 368 -57.64 32.09 55.29
CA ASP H 368 -58.17 32.31 53.96
C ASP H 368 -59.43 31.47 53.74
N THR H 369 -60.52 32.11 53.32
CA THR H 369 -61.78 31.42 53.08
C THR H 369 -62.30 31.74 51.69
N THR H 370 -61.40 31.84 50.72
CA THR H 370 -61.83 31.93 49.34
C THR H 370 -62.34 30.57 48.86
N SER H 371 -63.17 30.60 47.83
CA SER H 371 -63.74 29.36 47.32
C SER H 371 -62.66 28.45 46.76
N LYS H 372 -62.64 27.21 47.21
CA LYS H 372 -61.71 26.21 46.73
C LYS H 372 -62.23 25.48 45.50
N PHE H 373 -63.47 25.75 45.10
CA PHE H 373 -64.07 25.17 43.91
C PHE H 373 -63.76 26.03 42.69
N GLY H 374 -62.46 26.20 42.43
CA GLY H 374 -61.98 27.14 41.44
C GLY H 374 -61.12 28.21 42.08
N HIS H 375 -60.62 29.10 41.22
CA HIS H 375 -59.79 30.22 41.67
C HIS H 375 -60.67 31.25 42.34
N GLY H 376 -60.74 31.21 43.67
CA GLY H 376 -61.57 32.15 44.41
C GLY H 376 -60.86 33.48 44.64
N ARG H 377 -61.62 34.56 44.58
CA ARG H 377 -61.09 35.90 44.77
C ARG H 377 -61.58 36.60 46.02
N PHE H 378 -62.71 36.21 46.58
CA PHE H 378 -63.35 36.95 47.66
C PHE H 378 -63.43 36.09 48.92
N GLN H 379 -63.15 36.70 50.06
CA GLN H 379 -63.19 36.00 51.33
C GLN H 379 -64.62 35.77 51.80
N THR H 380 -65.51 36.73 51.57
CA THR H 380 -66.89 36.63 52.05
C THR H 380 -67.85 37.09 50.97
N VAL H 381 -69.11 36.66 51.12
CA VAL H 381 -70.16 37.05 50.17
C VAL H 381 -70.41 38.54 50.24
N GLU H 382 -70.36 39.11 51.44
CA GLU H 382 -70.56 40.56 51.57
C GLU H 382 -69.46 41.33 50.85
N GLU H 383 -68.21 40.88 50.99
CA GLU H 383 -67.11 41.51 50.26
C GLU H 383 -67.29 41.37 48.77
N LYS H 384 -67.70 40.18 48.31
CA LYS H 384 -67.93 39.96 46.89
C LYS H 384 -68.98 40.92 46.35
N LYS H 385 -70.12 41.03 47.05
CA LYS H 385 -71.19 41.89 46.56
C LYS H 385 -70.80 43.37 46.63
N ALA H 386 -70.06 43.77 47.67
CA ALA H 386 -69.62 45.15 47.76
C ALA H 386 -68.67 45.50 46.63
N PHE H 387 -67.78 44.57 46.27
CA PHE H 387 -66.85 44.84 45.18
C PHE H 387 -67.55 44.85 43.83
N MET H 388 -68.47 43.93 43.60
CA MET H 388 -69.03 43.78 42.26
C MET H 388 -70.22 44.69 41.98
N GLY H 389 -70.97 45.09 43.00
CA GLY H 389 -72.14 45.91 42.78
C GLY H 389 -73.35 45.07 42.44
N PRO H 390 -74.46 45.73 42.10
CA PRO H 390 -75.69 45.00 41.78
C PRO H 390 -75.61 44.32 40.43
N LEU H 391 -76.15 43.11 40.36
CA LEU H 391 -76.15 42.31 39.14
C LEU H 391 -77.52 42.40 38.46
N LYS H 392 -77.62 41.78 37.29
CA LYS H 392 -78.89 41.75 36.57
C LYS H 392 -79.94 40.98 37.35
N LYS H 393 -79.55 39.85 37.95
CA LYS H 393 -80.51 38.98 38.64
C LYS H 393 -81.06 39.62 39.90
N ASP H 394 -80.50 40.72 40.36
CA ASP H 394 -80.95 41.37 41.58
C ASP H 394 -82.04 42.40 41.28
N ALA I 1 -38.95 -113.37 17.03
CA ALA I 1 -38.48 -114.74 17.07
C ALA I 1 -38.25 -115.29 15.67
N CYS I 2 -38.18 -116.62 15.57
CA CYS I 2 -37.99 -117.29 14.30
C CYS I 2 -39.14 -118.20 13.90
N ALA I 3 -39.92 -118.69 14.86
CA ALA I 3 -41.03 -119.59 14.55
C ALA I 3 -42.17 -118.81 13.90
N ARG I 4 -42.68 -119.35 12.80
CA ARG I 4 -43.73 -118.68 12.03
C ARG I 4 -45.03 -119.46 12.13
N PRO I 5 -46.09 -118.90 12.71
CA PRO I 5 -47.34 -119.66 12.85
C PRO I 5 -48.10 -119.81 11.53
N LEU I 6 -49.30 -120.38 11.63
CA LEU I 6 -50.08 -120.76 10.46
C LEU I 6 -51.46 -120.11 10.58
N ILE I 7 -51.68 -119.06 9.79
CA ILE I 7 -52.90 -118.26 9.87
C ILE I 7 -53.92 -118.79 8.87
N SER I 8 -55.15 -118.97 9.33
CA SER I 8 -56.22 -119.51 8.49
C SER I 8 -56.88 -118.42 7.65
N VAL I 9 -57.29 -118.79 6.44
CA VAL I 9 -58.01 -117.90 5.55
C VAL I 9 -59.49 -117.97 5.88
N TYR I 10 -60.12 -116.81 6.04
CA TYR I 10 -61.49 -116.73 6.52
C TYR I 10 -62.44 -116.53 5.35
N SER I 11 -63.50 -117.32 5.31
CA SER I 11 -64.50 -117.20 4.26
C SER I 11 -65.29 -115.90 4.42
N GLU I 12 -66.00 -115.53 3.36
CA GLU I 12 -66.77 -114.30 3.40
C GLU I 12 -67.92 -114.35 4.39
N LYS I 13 -68.38 -115.56 4.74
CA LYS I 13 -69.44 -115.68 5.73
C LYS I 13 -68.96 -115.34 7.14
N GLY I 14 -67.66 -115.39 7.38
CA GLY I 14 -67.08 -115.02 8.65
C GLY I 14 -66.35 -116.15 9.36
N GLU I 15 -66.66 -117.40 9.05
CA GLU I 15 -66.02 -118.53 9.69
C GLU I 15 -64.79 -118.98 8.90
N SER I 16 -63.91 -119.70 9.59
CA SER I 16 -62.67 -120.14 9.00
C SER I 16 -62.91 -121.15 7.89
N SER I 17 -62.13 -121.02 6.81
CA SER I 17 -62.17 -121.98 5.72
C SER I 17 -61.19 -123.12 5.99
N GLY I 18 -61.05 -124.01 5.01
CA GLY I 18 -60.11 -125.10 5.14
C GLY I 18 -58.68 -124.75 4.79
N LYS I 19 -58.43 -123.53 4.31
CA LYS I 19 -57.12 -123.12 3.85
C LYS I 19 -56.40 -122.28 4.90
N ASN I 20 -55.08 -122.35 4.88
CA ASN I 20 -54.26 -121.57 5.78
C ASN I 20 -52.85 -121.44 5.20
N VAL I 21 -52.19 -120.33 5.53
CA VAL I 21 -50.86 -120.04 5.02
C VAL I 21 -49.96 -119.67 6.19
N THR I 22 -48.66 -119.90 6.02
CA THR I 22 -47.70 -119.56 7.05
C THR I 22 -47.47 -118.06 7.10
N LEU I 23 -47.07 -117.57 8.27
CA LEU I 23 -46.84 -116.15 8.44
C LEU I 23 -45.57 -115.71 7.70
N PRO I 24 -45.65 -114.73 6.81
CA PRO I 24 -44.42 -114.23 6.16
C PRO I 24 -43.51 -113.54 7.16
N ALA I 25 -42.21 -113.56 6.86
CA ALA I 25 -41.21 -113.01 7.76
C ALA I 25 -41.30 -111.49 7.89
N VAL I 26 -42.04 -110.82 7.00
CA VAL I 26 -42.22 -109.38 7.12
C VAL I 26 -42.87 -109.05 8.46
N PHE I 27 -43.84 -109.86 8.89
CA PHE I 27 -44.49 -109.66 10.16
C PHE I 27 -43.59 -110.00 11.34
N LYS I 28 -42.43 -110.58 11.10
CA LYS I 28 -41.44 -110.78 12.14
C LYS I 28 -40.23 -109.87 11.99
N ALA I 29 -40.25 -108.97 11.01
CA ALA I 29 -39.22 -107.95 10.88
C ALA I 29 -39.26 -107.01 12.09
N PRO I 30 -38.14 -106.37 12.42
CA PRO I 30 -38.11 -105.51 13.61
C PRO I 30 -38.98 -104.28 13.46
N ILE I 31 -39.44 -103.78 14.60
CA ILE I 31 -40.36 -102.65 14.68
C ILE I 31 -39.60 -101.47 15.28
N ARG I 32 -39.49 -100.38 14.52
CA ARG I 32 -38.78 -99.19 15.01
C ARG I 32 -39.60 -97.93 14.79
N PRO I 33 -40.38 -97.52 15.81
CA PRO I 33 -41.20 -96.32 15.67
C PRO I 33 -40.40 -95.07 15.40
N ASP I 34 -39.15 -94.97 15.86
CA ASP I 34 -38.40 -93.73 15.66
C ASP I 34 -38.18 -93.42 14.19
N ILE I 35 -37.67 -94.40 13.41
CA ILE I 35 -37.42 -94.13 12.00
C ILE I 35 -38.64 -94.40 11.14
N VAL I 36 -39.63 -95.13 11.64
CA VAL I 36 -40.95 -95.02 11.02
C VAL I 36 -41.42 -93.57 11.05
N ASN I 37 -41.29 -92.92 12.20
CA ASN I 37 -41.65 -91.51 12.32
C ASN I 37 -40.79 -90.65 11.41
N PHE I 38 -39.50 -90.91 11.36
CA PHE I 38 -38.61 -90.12 10.51
C PHE I 38 -39.03 -90.22 9.05
N VAL I 39 -39.26 -91.44 8.57
CA VAL I 39 -39.62 -91.61 7.16
C VAL I 39 -40.97 -90.99 6.87
N HIS I 40 -41.95 -91.17 7.76
CA HIS I 40 -43.25 -90.55 7.55
C HIS I 40 -43.14 -89.04 7.51
N THR I 41 -42.38 -88.46 8.45
CA THR I 41 -42.22 -87.01 8.51
C THR I 41 -41.58 -86.46 7.25
N ASN I 42 -40.54 -87.13 6.74
CA ASN I 42 -39.87 -86.58 5.58
C ASN I 42 -40.65 -86.81 4.29
N LEU I 43 -41.31 -87.96 4.15
CA LEU I 43 -42.07 -88.20 2.93
C LEU I 43 -43.34 -87.38 2.89
N ARG I 44 -43.88 -87.01 4.05
CA ARG I 44 -45.16 -86.31 4.08
C ARG I 44 -45.06 -84.88 3.58
N LYS I 45 -43.85 -84.32 3.45
CA LYS I 45 -43.68 -82.99 2.91
C LYS I 45 -43.58 -82.96 1.40
N ASN I 46 -43.64 -84.11 0.74
CA ASN I 46 -43.44 -84.19 -0.70
C ASN I 46 -44.68 -83.88 -1.52
N ASN I 47 -45.86 -83.82 -0.90
CA ASN I 47 -47.09 -83.50 -1.60
C ASN I 47 -47.55 -82.08 -1.33
N ARG I 48 -46.65 -81.21 -0.89
CA ARG I 48 -46.97 -79.90 -0.36
C ARG I 48 -46.77 -78.84 -1.44
N GLN I 49 -47.81 -78.05 -1.69
CA GLN I 49 -47.78 -77.02 -2.73
C GLN I 49 -47.08 -75.75 -2.21
N PRO I 50 -46.37 -75.05 -3.08
CA PRO I 50 -45.66 -73.85 -2.64
C PRO I 50 -46.60 -72.69 -2.39
N TYR I 51 -46.16 -71.78 -1.53
CA TYR I 51 -46.86 -70.53 -1.29
C TYR I 51 -45.83 -69.43 -1.08
N ALA I 52 -46.22 -68.20 -1.41
CA ALA I 52 -45.34 -67.04 -1.30
C ALA I 52 -46.19 -65.80 -1.45
N VAL I 53 -45.59 -64.66 -1.15
CA VAL I 53 -46.24 -63.37 -1.30
C VAL I 53 -45.79 -62.75 -2.61
N SER I 54 -46.50 -61.71 -3.03
CA SER I 54 -46.11 -60.98 -4.23
C SER I 54 -44.73 -60.36 -4.01
N GLU I 55 -43.84 -60.57 -4.99
CA GLU I 55 -42.46 -60.11 -4.84
C GLU I 55 -42.35 -58.59 -4.90
N LEU I 56 -43.44 -57.90 -5.25
CA LEU I 56 -43.47 -56.45 -5.35
C LEU I 56 -44.52 -55.85 -4.42
N ALA I 57 -44.81 -56.55 -3.32
CA ALA I 57 -45.78 -56.09 -2.34
C ALA I 57 -45.14 -55.07 -1.42
N GLY I 58 -45.74 -53.90 -1.32
CA GLY I 58 -45.21 -52.84 -0.50
C GLY I 58 -44.10 -52.04 -1.14
N HIS I 59 -43.73 -52.35 -2.37
CA HIS I 59 -42.73 -51.60 -3.12
C HIS I 59 -43.32 -50.87 -4.32
N GLN I 60 -44.65 -50.85 -4.45
CA GLN I 60 -45.28 -50.11 -5.53
C GLN I 60 -45.00 -48.62 -5.40
N THR I 61 -45.13 -48.08 -4.20
CA THR I 61 -45.12 -46.64 -4.00
C THR I 61 -43.73 -46.07 -4.24
N SER I 62 -43.69 -44.76 -4.42
CA SER I 62 -42.45 -43.99 -4.41
C SER I 62 -42.39 -43.22 -3.10
N ALA I 63 -41.30 -43.41 -2.36
CA ALA I 63 -41.20 -42.81 -1.05
C ALA I 63 -39.74 -42.61 -0.70
N GLU I 64 -39.48 -41.62 0.15
CA GLU I 64 -38.13 -41.33 0.60
C GLU I 64 -38.20 -40.70 1.98
N SER I 65 -37.11 -40.83 2.72
CA SER I 65 -37.05 -40.30 4.07
C SER I 65 -37.08 -38.77 4.05
N TRP I 66 -37.77 -38.20 5.04
CA TRP I 66 -37.74 -36.75 5.20
C TRP I 66 -36.42 -36.27 5.78
N GLY I 67 -35.64 -37.18 6.37
CA GLY I 67 -34.36 -36.83 6.94
C GLY I 67 -34.48 -36.27 8.35
N THR I 68 -33.36 -35.77 8.83
CA THR I 68 -33.35 -35.12 10.14
C THR I 68 -33.90 -33.70 10.02
N GLY I 69 -34.39 -33.20 11.15
CA GLY I 69 -35.30 -32.08 11.12
C GLY I 69 -36.72 -32.57 10.95
N ARG I 70 -37.64 -31.61 10.90
CA ARG I 70 -39.05 -31.88 10.61
C ARG I 70 -39.72 -32.60 11.77
N ALA I 71 -38.93 -32.97 12.79
CA ALA I 71 -39.44 -33.61 14.00
C ALA I 71 -40.24 -34.88 13.70
N VAL I 72 -39.76 -35.70 12.78
CA VAL I 72 -40.33 -37.01 12.50
C VAL I 72 -39.21 -38.04 12.54
N ALA I 73 -39.56 -39.30 12.28
CA ALA I 73 -38.73 -40.43 12.70
C ALA I 73 -38.02 -41.13 11.55
N ARG I 74 -37.52 -40.38 10.57
CA ARG I 74 -36.52 -40.86 9.62
C ARG I 74 -36.96 -42.12 8.87
N ILE I 75 -38.25 -42.42 8.82
CA ILE I 75 -38.75 -43.54 8.03
C ILE I 75 -39.18 -42.94 6.69
N PRO I 76 -39.13 -43.68 5.58
CA PRO I 76 -39.61 -43.13 4.31
C PRO I 76 -41.09 -42.77 4.38
N ARG I 77 -41.45 -41.72 3.65
CA ARG I 77 -42.81 -41.20 3.65
C ARG I 77 -43.31 -41.09 2.21
N VAL I 78 -44.62 -41.26 2.03
CA VAL I 78 -45.22 -41.15 0.71
C VAL I 78 -45.14 -39.71 0.22
N ARG I 79 -44.83 -39.55 -1.06
CA ARG I 79 -44.46 -38.26 -1.63
C ARG I 79 -45.70 -37.38 -1.81
N GLY I 80 -45.92 -36.46 -0.87
CA GLY I 80 -46.83 -35.35 -1.05
C GLY I 80 -48.26 -35.67 -1.42
N GLY I 81 -49.02 -34.64 -1.75
CA GLY I 81 -50.38 -34.81 -2.24
C GLY I 81 -51.41 -34.69 -1.13
N GLY I 82 -52.60 -34.22 -1.51
CA GLY I 82 -53.68 -34.04 -0.57
C GLY I 82 -54.55 -35.28 -0.42
N THR I 83 -54.00 -36.33 0.19
CA THR I 83 -54.75 -37.54 0.48
C THR I 83 -54.42 -37.98 1.89
N HIS I 84 -55.09 -39.04 2.35
CA HIS I 84 -54.70 -39.68 3.59
C HIS I 84 -53.30 -40.29 3.44
N ARG I 85 -53.07 -40.98 2.33
CA ARG I 85 -51.79 -41.63 2.06
C ARG I 85 -50.80 -40.57 1.56
N SER I 86 -50.24 -39.83 2.51
CA SER I 86 -49.30 -38.76 2.16
C SER I 86 -48.41 -38.48 3.35
N GLY I 87 -47.11 -38.68 3.19
CA GLY I 87 -46.18 -38.50 4.28
C GLY I 87 -46.50 -39.42 5.44
N GLN I 88 -46.70 -40.69 5.15
CA GLN I 88 -47.33 -41.59 6.11
C GLN I 88 -46.50 -42.82 6.47
N GLY I 89 -45.42 -43.09 5.75
CA GLY I 89 -44.62 -44.27 6.06
C GLY I 89 -44.89 -45.42 5.11
N ALA I 90 -43.91 -45.76 4.27
CA ALA I 90 -44.15 -46.69 3.17
C ALA I 90 -43.35 -47.97 3.27
N PHE I 91 -42.03 -47.90 3.41
CA PHE I 91 -41.20 -49.08 3.35
C PHE I 91 -40.81 -49.54 4.74
N GLY I 92 -40.55 -50.82 4.87
CA GLY I 92 -40.19 -51.37 6.16
C GLY I 92 -41.28 -52.27 6.70
N ASN I 93 -40.88 -53.21 7.56
CA ASN I 93 -41.82 -54.15 8.13
C ASN I 93 -42.70 -53.53 9.21
N MET I 94 -42.26 -52.46 9.85
CA MET I 94 -43.01 -51.88 10.96
C MET I 94 -44.13 -50.95 10.51
N CYS I 95 -44.18 -50.60 9.23
CA CYS I 95 -45.15 -49.64 8.73
C CYS I 95 -46.45 -50.33 8.35
N ARG I 96 -47.55 -49.58 8.44
CA ARG I 96 -48.82 -50.06 7.92
C ARG I 96 -48.79 -49.96 6.40
N GLY I 97 -48.88 -51.10 5.73
CA GLY I 97 -48.44 -51.19 4.35
C GLY I 97 -46.97 -51.56 4.30
N GLY I 98 -46.45 -51.64 3.10
CA GLY I 98 -45.07 -52.06 2.92
C GLY I 98 -44.91 -53.56 3.06
N ARG I 99 -43.71 -54.02 2.77
CA ARG I 99 -43.43 -55.44 2.76
C ARG I 99 -43.41 -55.98 4.18
N MET I 100 -43.23 -57.29 4.30
CA MET I 100 -42.95 -57.92 5.58
C MET I 100 -41.44 -58.12 5.72
N PHE I 101 -41.04 -58.75 6.80
CA PHE I 101 -39.62 -58.88 7.13
C PHE I 101 -38.85 -59.64 6.06
N ALA I 102 -39.17 -60.91 5.87
CA ALA I 102 -38.49 -61.76 4.88
C ALA I 102 -39.58 -62.31 3.96
N PRO I 103 -39.87 -61.65 2.85
CA PRO I 103 -40.90 -62.14 1.93
C PRO I 103 -40.65 -63.58 1.52
N THR I 104 -41.56 -64.48 1.89
CA THR I 104 -41.39 -65.89 1.60
C THR I 104 -41.26 -66.11 0.10
N LYS I 105 -40.29 -66.93 -0.28
CA LYS I 105 -39.99 -67.21 -1.67
C LYS I 105 -40.54 -68.58 -2.06
N THR I 106 -40.74 -68.76 -3.36
CA THR I 106 -41.19 -70.05 -3.85
C THR I 106 -40.07 -71.08 -3.89
N TRP I 107 -38.81 -70.65 -3.90
CA TRP I 107 -37.70 -71.59 -3.99
C TRP I 107 -37.20 -72.05 -2.63
N ARG I 108 -38.06 -72.03 -1.62
CA ARG I 108 -37.78 -72.73 -0.38
C ARG I 108 -37.61 -74.21 -0.67
N ARG I 109 -36.92 -74.91 0.23
CA ARG I 109 -36.73 -76.35 0.07
C ARG I 109 -38.00 -77.05 0.54
N TRP I 110 -38.89 -77.34 -0.41
CA TRP I 110 -40.22 -77.87 -0.10
C TRP I 110 -40.22 -79.39 0.06
N HIS I 111 -39.41 -80.09 -0.72
CA HIS I 111 -39.44 -81.54 -0.79
C HIS I 111 -38.21 -82.13 -0.12
N ARG I 112 -38.39 -83.29 0.49
CA ARG I 112 -37.32 -83.99 1.20
C ARG I 112 -37.03 -85.33 0.54
N ARG I 113 -35.80 -85.79 0.73
CA ARG I 113 -35.33 -87.06 0.19
C ARG I 113 -35.03 -88.02 1.33
N VAL I 114 -35.41 -89.28 1.16
CA VAL I 114 -35.05 -90.34 2.09
C VAL I 114 -34.51 -91.51 1.28
N ASN I 115 -33.63 -92.29 1.91
CA ASN I 115 -33.02 -93.42 1.24
C ASN I 115 -34.04 -94.52 1.00
N THR I 116 -33.88 -95.20 -0.13
CA THR I 116 -34.81 -96.28 -0.49
C THR I 116 -34.73 -97.42 0.51
N THR I 117 -33.53 -97.73 0.99
CA THR I 117 -33.36 -98.86 1.90
C THR I 117 -34.15 -98.64 3.19
N GLN I 118 -34.14 -97.42 3.72
CA GLN I 118 -34.91 -97.19 4.93
C GLN I 118 -36.37 -96.83 4.67
N LYS I 119 -36.73 -96.41 3.45
CA LYS I 119 -38.14 -96.46 3.06
C LYS I 119 -38.67 -97.88 3.22
N ARG I 120 -37.97 -98.85 2.63
CA ARG I 120 -38.38 -100.24 2.72
C ARG I 120 -38.31 -100.75 4.16
N TYR I 121 -37.31 -100.30 4.93
CA TYR I 121 -37.23 -100.69 6.32
C TYR I 121 -38.47 -100.25 7.09
N ALA I 122 -38.88 -98.99 6.90
CA ALA I 122 -40.05 -98.46 7.59
C ALA I 122 -41.32 -99.18 7.17
N ILE I 123 -41.44 -99.49 5.87
CA ILE I 123 -42.65 -100.19 5.44
C ILE I 123 -42.71 -101.59 6.06
N CYS I 124 -41.55 -102.26 6.18
CA CYS I 124 -41.51 -103.55 6.86
C CYS I 124 -41.87 -103.41 8.33
N SER I 125 -41.40 -102.34 8.97
CA SER I 125 -41.73 -102.10 10.38
C SER I 125 -43.22 -101.88 10.57
N ALA I 126 -43.85 -101.13 9.67
CA ALA I 126 -45.30 -100.89 9.77
C ALA I 126 -46.07 -102.18 9.58
N LEU I 127 -45.67 -103.00 8.60
CA LEU I 127 -46.35 -104.29 8.42
C LEU I 127 -46.17 -105.19 9.64
N ALA I 128 -44.97 -105.20 10.22
CA ALA I 128 -44.73 -106.03 11.40
C ALA I 128 -45.57 -105.57 12.59
N ALA I 129 -45.70 -104.26 12.77
CA ALA I 129 -46.49 -103.75 13.88
C ALA I 129 -47.98 -103.86 13.65
N SER I 130 -48.42 -104.02 12.40
CA SER I 130 -49.84 -104.18 12.14
C SER I 130 -50.37 -105.53 12.59
N ALA I 131 -49.51 -106.47 12.97
CA ALA I 131 -49.92 -107.82 13.30
C ALA I 131 -49.73 -108.15 14.78
N LEU I 132 -49.81 -107.14 15.64
CA LEU I 132 -49.78 -107.36 17.08
C LEU I 132 -51.03 -106.73 17.69
N PRO I 133 -51.90 -107.51 18.36
CA PRO I 133 -53.20 -106.96 18.79
C PRO I 133 -53.09 -105.77 19.71
N ALA I 134 -52.09 -105.74 20.60
CA ALA I 134 -51.97 -104.62 21.52
C ALA I 134 -51.67 -103.32 20.79
N LEU I 135 -50.94 -103.39 19.68
CA LEU I 135 -50.60 -102.16 18.97
C LEU I 135 -51.80 -101.61 18.20
N VAL I 136 -52.62 -102.48 17.62
CA VAL I 136 -53.83 -102.01 16.95
C VAL I 136 -54.80 -101.40 17.96
N MET I 137 -54.98 -102.07 19.10
CA MET I 137 -55.80 -101.51 20.17
C MET I 137 -55.27 -100.16 20.63
N SER I 138 -53.95 -100.04 20.81
CA SER I 138 -53.38 -98.77 21.21
C SER I 138 -53.64 -97.70 20.18
N LYS I 139 -53.55 -98.05 18.90
CA LYS I 139 -53.87 -97.09 17.85
C LYS I 139 -55.35 -96.70 17.89
N GLY I 140 -56.20 -97.58 18.40
CA GLY I 140 -57.58 -97.22 18.68
C GLY I 140 -58.63 -97.98 17.89
N HIS I 141 -58.26 -98.88 16.99
CA HIS I 141 -59.26 -99.64 16.24
C HIS I 141 -60.02 -100.59 17.17
N ARG I 142 -61.31 -100.76 16.90
CA ARG I 142 -62.15 -101.68 17.66
C ARG I 142 -62.04 -103.05 17.02
N ILE I 143 -61.22 -103.92 17.59
CA ILE I 143 -60.96 -105.24 17.02
C ILE I 143 -61.20 -106.32 18.09
N GLU I 144 -62.01 -106.01 19.09
CA GLU I 144 -62.23 -106.96 20.17
C GLU I 144 -62.92 -108.22 19.70
N GLU I 145 -63.61 -108.18 18.56
CA GLU I 145 -64.38 -109.31 18.07
C GLU I 145 -63.84 -109.85 16.75
N VAL I 146 -62.65 -109.44 16.34
CA VAL I 146 -62.03 -109.99 15.13
C VAL I 146 -61.55 -111.40 15.42
N PRO I 147 -61.79 -112.37 14.55
CA PRO I 147 -61.38 -113.75 14.84
C PRO I 147 -59.87 -113.91 14.98
N GLU I 148 -59.11 -113.50 13.97
CA GLU I 148 -57.66 -113.56 14.02
C GLU I 148 -57.10 -112.26 13.48
N LEU I 149 -56.09 -111.72 14.17
CA LEU I 149 -55.64 -110.36 13.86
C LEU I 149 -55.08 -110.21 12.45
N PRO I 150 -54.13 -111.02 11.98
CA PRO I 150 -53.72 -110.89 10.57
C PRO I 150 -54.85 -111.36 9.67
N LEU I 151 -55.90 -110.55 9.58
CA LEU I 151 -57.16 -110.98 9.00
C LEU I 151 -57.01 -111.11 7.49
N VAL I 152 -57.12 -112.34 7.00
CA VAL I 152 -57.00 -112.64 5.58
C VAL I 152 -58.28 -113.32 5.12
N VAL I 153 -58.75 -112.95 3.93
CA VAL I 153 -60.01 -113.46 3.42
C VAL I 153 -59.77 -114.15 2.09
N GLU I 154 -60.82 -114.75 1.53
CA GLU I 154 -60.71 -115.47 0.27
C GLU I 154 -60.49 -114.49 -0.88
N ASP I 155 -59.93 -115.01 -1.98
CA ASP I 155 -59.73 -114.21 -3.17
C ASP I 155 -61.02 -113.84 -3.88
N LYS I 156 -62.14 -114.47 -3.53
CA LYS I 156 -63.41 -114.14 -4.15
C LYS I 156 -63.88 -112.74 -3.75
N VAL I 157 -63.36 -112.20 -2.65
CA VAL I 157 -63.70 -110.84 -2.25
C VAL I 157 -63.27 -109.83 -3.30
N GLU I 158 -62.18 -110.13 -4.02
CA GLU I 158 -61.65 -109.21 -5.03
C GLU I 158 -62.63 -108.99 -6.18
N GLY I 159 -63.64 -109.84 -6.32
CA GLY I 159 -64.64 -109.70 -7.36
C GLY I 159 -65.91 -108.99 -6.94
N TYR I 160 -65.96 -108.43 -5.74
CA TYR I 160 -67.15 -107.71 -5.30
C TYR I 160 -67.35 -106.46 -6.14
N LYS I 161 -68.62 -106.08 -6.32
CA LYS I 161 -68.92 -104.85 -7.04
C LYS I 161 -70.07 -104.07 -6.43
N LYS I 162 -70.53 -104.40 -5.22
CA LYS I 162 -71.61 -103.70 -4.57
C LYS I 162 -71.21 -103.30 -3.16
N THR I 163 -71.44 -102.03 -2.83
CA THR I 163 -71.12 -101.56 -1.49
C THR I 163 -71.96 -102.26 -0.44
N LYS I 164 -73.17 -102.69 -0.79
CA LYS I 164 -74.01 -103.40 0.17
C LYS I 164 -73.37 -104.72 0.58
N GLU I 165 -72.86 -105.49 -0.39
CA GLU I 165 -72.24 -106.74 -0.04
C GLU I 165 -70.86 -106.52 0.59
N ALA I 166 -70.19 -105.42 0.26
CA ALA I 166 -68.98 -105.07 1.01
C ALA I 166 -69.30 -104.82 2.48
N VAL I 167 -70.39 -104.09 2.75
CA VAL I 167 -70.80 -103.83 4.12
C VAL I 167 -71.19 -105.14 4.81
N LEU I 168 -71.84 -106.05 4.09
CA LEU I 168 -72.17 -107.35 4.66
C LEU I 168 -70.91 -108.13 5.01
N LEU I 169 -69.89 -108.07 4.16
CA LEU I 169 -68.63 -108.74 4.46
C LEU I 169 -68.01 -108.17 5.72
N LEU I 170 -68.03 -106.84 5.88
CA LEU I 170 -67.49 -106.23 7.09
C LEU I 170 -68.29 -106.66 8.32
N LYS I 171 -69.62 -106.71 8.20
CA LYS I 171 -70.46 -107.19 9.29
C LYS I 171 -70.07 -108.60 9.71
N LYS I 172 -69.91 -109.49 8.72
CA LYS I 172 -69.55 -110.87 9.04
C LYS I 172 -68.18 -110.96 9.69
N LEU I 173 -67.21 -110.18 9.20
CA LEU I 173 -65.89 -110.18 9.81
C LEU I 173 -65.84 -109.40 11.11
N LYS I 174 -66.95 -108.80 11.54
CA LYS I 174 -67.04 -108.13 12.84
C LYS I 174 -66.09 -106.95 12.94
N ALA I 175 -65.81 -106.31 11.81
CA ALA I 175 -65.02 -105.09 11.78
C ALA I 175 -65.88 -103.85 11.63
N TRP I 176 -67.20 -103.98 11.79
CA TRP I 176 -68.11 -102.86 11.57
C TRP I 176 -68.08 -101.85 12.71
N ASN I 177 -67.60 -102.26 13.90
CA ASN I 177 -67.52 -101.32 15.00
C ASN I 177 -66.55 -100.18 14.71
N ASP I 178 -65.49 -100.46 13.95
CA ASP I 178 -64.56 -99.40 13.57
C ASP I 178 -65.23 -98.36 12.68
N ILE I 179 -66.03 -98.82 11.71
CA ILE I 179 -66.74 -97.88 10.85
C ILE I 179 -67.77 -97.10 11.64
N LYS I 180 -68.43 -97.74 12.61
CA LYS I 180 -69.35 -97.01 13.47
C LYS I 180 -68.61 -95.96 14.28
N LYS I 181 -67.41 -96.28 14.75
CA LYS I 181 -66.62 -95.29 15.48
C LYS I 181 -66.22 -94.13 14.57
N VAL I 182 -65.92 -94.42 13.31
CA VAL I 182 -65.63 -93.35 12.35
C VAL I 182 -66.84 -92.44 12.19
N TYR I 183 -68.02 -93.05 12.04
CA TYR I 183 -69.26 -92.28 11.96
C TYR I 183 -69.43 -91.39 13.17
N ALA I 184 -69.20 -91.93 14.36
CA ALA I 184 -69.30 -91.12 15.58
C ALA I 184 -68.25 -90.03 15.61
N SER I 185 -67.11 -90.24 14.96
CA SER I 185 -66.02 -89.28 15.00
C SER I 185 -66.09 -88.20 13.93
N GLN I 186 -67.00 -88.32 12.97
CA GLN I 186 -67.18 -87.24 12.00
C GLN I 186 -67.69 -85.97 12.69
N ARG I 187 -67.01 -84.85 12.45
CA ARG I 187 -67.43 -83.55 12.98
C ARG I 187 -66.68 -82.46 12.23
N MET I 188 -66.89 -81.22 12.66
CA MET I 188 -66.29 -80.06 12.02
C MET I 188 -64.89 -79.78 12.53
N ARG I 189 -63.99 -79.46 11.62
CA ARG I 189 -62.63 -79.10 11.99
C ARG I 189 -62.59 -77.70 12.60
N ALA I 190 -61.74 -77.53 13.61
CA ALA I 190 -61.57 -76.24 14.26
C ALA I 190 -60.57 -75.37 13.51
N GLY I 191 -60.80 -74.07 13.56
CA GLY I 191 -59.87 -73.13 12.98
C GLY I 191 -60.18 -72.76 11.55
N LYS I 192 -59.19 -72.11 10.92
CA LYS I 192 -59.34 -71.60 9.57
C LYS I 192 -59.13 -72.64 8.49
N GLY I 193 -59.13 -73.93 8.85
CA GLY I 193 -59.25 -74.95 7.82
C GLY I 193 -60.63 -75.03 7.22
N LYS I 194 -61.63 -74.49 7.91
CA LYS I 194 -63.00 -74.48 7.40
C LYS I 194 -63.08 -73.79 6.05
N MET I 195 -62.52 -72.58 5.95
CA MET I 195 -62.63 -71.78 4.73
C MET I 195 -61.51 -72.06 3.75
N ARG I 196 -60.82 -73.19 3.87
CA ARG I 196 -59.78 -73.59 2.93
C ARG I 196 -59.99 -75.02 2.48
N ASN I 197 -61.26 -75.41 2.31
CA ASN I 197 -61.66 -76.68 1.70
C ASN I 197 -61.30 -77.89 2.56
N ARG I 198 -60.99 -77.70 3.83
CA ARG I 198 -60.76 -78.81 4.74
C ARG I 198 -61.78 -78.73 5.87
N ARG I 199 -63.04 -78.51 5.49
CA ARG I 199 -64.08 -78.22 6.46
C ARG I 199 -64.32 -79.38 7.41
N ARG I 200 -64.33 -80.61 6.89
CA ARG I 200 -64.84 -81.77 7.61
C ARG I 200 -63.72 -82.77 7.85
N ILE I 201 -63.69 -83.35 9.06
CA ILE I 201 -62.68 -84.30 9.47
C ILE I 201 -63.34 -85.54 10.05
N GLN I 202 -62.59 -86.63 10.06
CA GLN I 202 -63.08 -87.90 10.58
C GLN I 202 -61.87 -88.78 10.91
N ARG I 203 -62.16 -90.00 11.34
CA ARG I 203 -61.13 -90.92 11.82
C ARG I 203 -60.79 -91.96 10.77
N ARG I 204 -59.56 -92.46 10.82
CA ARG I 204 -59.11 -93.50 9.89
C ARG I 204 -59.81 -94.81 10.19
N GLY I 205 -60.37 -95.43 9.16
CA GLY I 205 -60.96 -96.74 9.28
C GLY I 205 -59.96 -97.82 8.92
N PRO I 206 -60.41 -99.08 8.91
CA PRO I 206 -59.51 -100.17 8.52
C PRO I 206 -59.10 -100.06 7.06
N CYS I 207 -57.86 -100.49 6.80
CA CYS I 207 -57.34 -100.55 5.45
C CYS I 207 -57.60 -101.92 4.85
N VAL I 208 -57.67 -101.98 3.52
CA VAL I 208 -57.90 -103.23 2.81
C VAL I 208 -56.80 -103.39 1.76
N ILE I 209 -56.07 -104.49 1.82
CA ILE I 209 -54.98 -104.78 0.89
C ILE I 209 -55.47 -105.79 -0.14
N TYR I 210 -55.33 -105.45 -1.42
CA TYR I 210 -55.76 -106.32 -2.50
C TYR I 210 -54.62 -106.53 -3.49
N ASN I 211 -54.70 -107.63 -4.23
CA ASN I 211 -53.68 -107.96 -5.21
C ASN I 211 -54.04 -107.44 -6.60
N GLU I 212 -55.19 -107.87 -7.13
CA GLU I 212 -55.66 -107.40 -8.42
C GLU I 212 -57.08 -106.87 -8.28
N ASP I 213 -57.37 -105.77 -8.97
CA ASP I 213 -58.67 -105.13 -8.88
C ASP I 213 -59.64 -105.77 -9.85
N ASN I 214 -60.80 -106.16 -9.35
CA ASN I 214 -61.91 -106.63 -10.18
C ASN I 214 -63.22 -106.04 -9.67
N GLY I 215 -63.17 -104.79 -9.20
CA GLY I 215 -64.31 -104.13 -8.62
C GLY I 215 -64.22 -103.91 -7.13
N ILE I 216 -63.13 -104.34 -6.48
CA ILE I 216 -62.99 -104.15 -5.04
C ILE I 216 -62.96 -102.67 -4.69
N VAL I 217 -62.30 -101.87 -5.52
CA VAL I 217 -62.23 -100.44 -5.26
C VAL I 217 -63.59 -99.79 -5.46
N LYS I 218 -64.31 -100.18 -6.50
CA LYS I 218 -65.67 -99.69 -6.70
C LYS I 218 -66.54 -100.03 -5.50
N ALA I 219 -66.40 -101.24 -4.97
CA ALA I 219 -67.23 -101.66 -3.85
C ALA I 219 -66.91 -100.87 -2.59
N PHE I 220 -65.63 -100.73 -2.25
CA PHE I 220 -65.26 -100.18 -0.96
C PHE I 220 -64.98 -98.67 -0.97
N ARG I 221 -65.00 -98.01 -2.13
CA ARG I 221 -64.65 -96.59 -2.16
C ARG I 221 -65.64 -95.73 -1.38
N ASN I 222 -66.91 -96.15 -1.33
CA ASN I 222 -67.93 -95.28 -0.76
C ASN I 222 -67.98 -95.36 0.76
N ILE I 223 -67.55 -96.48 1.35
CA ILE I 223 -67.62 -96.63 2.80
C ILE I 223 -66.60 -95.69 3.44
N PRO I 224 -66.99 -94.91 4.46
CA PRO I 224 -66.05 -93.95 5.04
C PRO I 224 -64.93 -94.64 5.79
N GLY I 225 -63.78 -93.96 5.83
CA GLY I 225 -62.61 -94.45 6.53
C GLY I 225 -61.84 -95.54 5.83
N ILE I 226 -62.47 -96.29 4.92
CA ILE I 226 -61.81 -97.39 4.25
C ILE I 226 -60.82 -96.84 3.23
N THR I 227 -59.60 -97.36 3.25
CA THR I 227 -58.60 -97.08 2.23
C THR I 227 -58.20 -98.40 1.58
N LEU I 228 -57.91 -98.33 0.28
CA LEU I 228 -57.55 -99.50 -0.52
C LEU I 228 -56.09 -99.39 -0.93
N LEU I 229 -55.35 -100.48 -0.75
CA LEU I 229 -53.95 -100.51 -1.14
C LEU I 229 -53.67 -101.73 -1.99
N ASN I 230 -53.03 -101.52 -3.14
CA ASN I 230 -52.46 -102.61 -3.89
C ASN I 230 -51.26 -103.17 -3.12
N VAL I 231 -51.11 -104.49 -3.14
CA VAL I 231 -50.06 -105.11 -2.35
C VAL I 231 -48.68 -104.71 -2.85
N THR I 232 -48.54 -104.44 -4.14
CA THR I 232 -47.25 -104.15 -4.74
C THR I 232 -46.85 -102.69 -4.65
N LYS I 233 -47.71 -101.83 -4.09
CA LYS I 233 -47.46 -100.39 -4.03
C LYS I 233 -47.80 -99.86 -2.64
N LEU I 234 -47.32 -100.56 -1.61
CA LEU I 234 -47.59 -100.15 -0.24
C LEU I 234 -46.87 -98.85 0.09
N ASN I 235 -47.52 -98.00 0.88
CA ASN I 235 -46.94 -96.73 1.29
C ASN I 235 -47.11 -96.50 2.78
N ILE I 236 -46.06 -95.91 3.39
CA ILE I 236 -46.07 -95.65 4.82
C ILE I 236 -47.09 -94.57 5.17
N LEU I 237 -47.36 -93.64 4.25
CA LEU I 237 -48.30 -92.56 4.56
C LEU I 237 -49.69 -93.09 4.86
N LYS I 238 -50.07 -94.22 4.26
CA LYS I 238 -51.37 -94.82 4.53
C LYS I 238 -51.30 -96.06 5.42
N LEU I 239 -50.12 -96.66 5.58
CA LEU I 239 -49.98 -97.76 6.52
C LEU I 239 -49.56 -97.32 7.92
N ALA I 240 -49.37 -96.02 8.13
CA ALA I 240 -49.03 -95.48 9.45
C ALA I 240 -49.49 -94.03 9.53
N PRO I 241 -50.79 -93.79 9.62
CA PRO I 241 -51.29 -92.42 9.68
C PRO I 241 -50.76 -91.71 10.92
N GLY I 242 -50.28 -90.48 10.72
CA GLY I 242 -49.71 -89.71 11.80
C GLY I 242 -48.34 -90.14 12.25
N GLY I 243 -47.69 -91.05 11.54
CA GLY I 243 -46.41 -91.58 11.95
C GLY I 243 -46.48 -92.68 12.98
N HIS I 244 -47.68 -93.12 13.36
CA HIS I 244 -47.87 -94.13 14.39
C HIS I 244 -48.16 -95.47 13.75
N VAL I 245 -47.48 -96.51 14.21
CA VAL I 245 -47.66 -97.84 13.64
C VAL I 245 -48.94 -98.47 14.21
N GLY I 246 -49.40 -99.53 13.53
CA GLY I 246 -50.50 -100.32 14.04
C GLY I 246 -51.85 -100.01 13.45
N ARG I 247 -51.93 -99.88 12.13
CA ARG I 247 -53.22 -99.74 11.48
C ARG I 247 -53.83 -101.10 11.22
N PHE I 248 -55.15 -101.18 11.35
CA PHE I 248 -55.87 -102.44 11.21
C PHE I 248 -56.09 -102.72 9.73
N CYS I 249 -55.45 -103.77 9.21
CA CYS I 249 -55.50 -104.11 7.80
C CYS I 249 -56.23 -105.41 7.58
N ILE I 250 -56.97 -105.50 6.49
CA ILE I 250 -57.66 -106.71 6.06
C ILE I 250 -57.03 -107.15 4.75
N TRP I 251 -56.45 -108.35 4.76
CA TRP I 251 -55.70 -108.84 3.62
C TRP I 251 -56.57 -109.75 2.76
N THR I 252 -56.17 -109.87 1.50
CA THR I 252 -56.70 -110.86 0.58
C THR I 252 -55.69 -111.98 0.47
N GLU I 253 -56.18 -113.19 0.19
CA GLU I 253 -55.31 -114.37 0.24
C GLU I 253 -54.18 -114.27 -0.77
N SER I 254 -54.48 -113.79 -1.98
CA SER I 254 -53.44 -113.65 -3.00
C SER I 254 -52.37 -112.65 -2.57
N ALA I 255 -52.80 -111.51 -2.01
CA ALA I 255 -51.83 -110.52 -1.54
C ALA I 255 -50.98 -111.07 -0.41
N PHE I 256 -51.59 -111.81 0.51
CA PHE I 256 -50.84 -112.39 1.61
C PHE I 256 -49.82 -113.40 1.12
N ARG I 257 -50.19 -114.18 0.09
CA ARG I 257 -49.26 -115.13 -0.50
C ARG I 257 -48.13 -114.40 -1.23
N LYS I 258 -48.42 -113.28 -1.87
CA LYS I 258 -47.44 -112.55 -2.66
C LYS I 258 -46.52 -111.65 -1.81
N LEU I 259 -46.88 -111.41 -0.55
CA LEU I 259 -46.10 -110.51 0.29
C LEU I 259 -44.68 -111.01 0.51
N ASP I 260 -44.51 -112.32 0.75
CA ASP I 260 -43.17 -112.84 0.95
C ASP I 260 -42.36 -112.88 -0.33
N ASP I 261 -43.03 -112.93 -1.49
CA ASP I 261 -42.31 -112.72 -2.75
C ASP I 261 -41.83 -111.28 -2.85
N LEU I 262 -42.67 -110.33 -2.44
CA LEU I 262 -42.27 -108.93 -2.49
C LEU I 262 -41.05 -108.65 -1.62
N TYR I 263 -41.08 -109.08 -0.36
CA TYR I 263 -40.04 -108.67 0.57
C TYR I 263 -39.01 -109.73 0.90
N GLY I 264 -39.13 -110.94 0.36
CA GLY I 264 -38.19 -111.98 0.67
C GLY I 264 -38.41 -112.58 2.05
N THR I 265 -37.71 -113.67 2.34
CA THR I 265 -37.70 -114.26 3.67
C THR I 265 -36.37 -113.95 4.35
N TRP I 266 -36.14 -114.57 5.51
CA TRP I 266 -34.89 -114.40 6.22
C TRP I 266 -33.73 -115.08 5.50
N ARG I 267 -34.00 -116.10 4.69
CA ARG I 267 -32.97 -116.81 3.94
C ARG I 267 -33.04 -116.57 2.44
N LYS I 268 -34.21 -116.19 1.92
CA LYS I 268 -34.41 -115.98 0.50
C LYS I 268 -34.55 -114.48 0.23
N ALA I 269 -33.81 -113.99 -0.75
CA ALA I 269 -33.92 -112.59 -1.12
C ALA I 269 -35.26 -112.34 -1.81
N ALA I 270 -35.63 -111.07 -1.90
CA ALA I 270 -36.88 -110.69 -2.54
C ALA I 270 -36.85 -111.05 -4.02
N SER I 271 -37.93 -111.66 -4.50
CA SER I 271 -37.97 -112.14 -5.87
C SER I 271 -38.18 -111.02 -6.88
N LEU I 272 -38.85 -109.94 -6.49
CA LEU I 272 -39.15 -108.85 -7.42
C LEU I 272 -38.55 -107.52 -6.99
N LYS I 273 -37.66 -107.51 -6.01
CA LYS I 273 -36.77 -106.39 -5.80
C LYS I 273 -35.47 -106.62 -6.56
N SER I 274 -34.74 -105.53 -6.81
CA SER I 274 -33.44 -105.66 -7.45
C SER I 274 -32.47 -106.41 -6.56
N ASN I 275 -32.25 -105.91 -5.35
CA ASN I 275 -31.43 -106.60 -4.36
C ASN I 275 -31.91 -106.14 -2.98
N TYR I 276 -32.74 -106.96 -2.33
CA TYR I 276 -33.27 -106.61 -1.03
C TYR I 276 -33.44 -107.84 -0.17
N ASN I 277 -33.09 -107.71 1.11
CA ASN I 277 -33.30 -108.72 2.12
C ASN I 277 -33.93 -108.07 3.34
N LEU I 278 -34.49 -108.90 4.22
CA LEU I 278 -35.05 -108.37 5.46
C LEU I 278 -33.93 -107.80 6.34
N PRO I 279 -34.24 -106.76 7.11
CA PRO I 279 -33.23 -106.19 8.02
C PRO I 279 -32.98 -107.10 9.22
N MET I 280 -31.72 -107.13 9.66
CA MET I 280 -31.34 -108.00 10.76
C MET I 280 -31.85 -107.43 12.08
N HIS I 281 -31.87 -108.29 13.10
CA HIS I 281 -32.26 -107.91 14.45
C HIS I 281 -31.02 -107.62 15.28
N LYS I 282 -31.03 -106.51 16.00
CA LYS I 282 -29.93 -106.25 16.94
C LYS I 282 -29.98 -107.20 18.12
N MET I 283 -31.17 -107.61 18.55
CA MET I 283 -31.32 -108.59 19.61
C MET I 283 -32.51 -109.48 19.29
N LEU I 284 -32.33 -110.79 19.48
CA LEU I 284 -33.32 -111.76 19.05
C LEU I 284 -34.40 -111.98 20.11
N ASN I 285 -34.00 -112.25 21.35
CA ASN I 285 -34.94 -112.50 22.44
C ASN I 285 -35.18 -111.19 23.16
N THR I 286 -36.30 -110.53 22.84
CA THR I 286 -36.62 -109.23 23.43
C THR I 286 -37.31 -109.32 24.78
N ASP I 287 -37.73 -110.52 25.19
CA ASP I 287 -38.45 -110.67 26.45
C ASP I 287 -37.44 -110.55 27.59
N LEU I 288 -37.42 -109.39 28.24
CA LEU I 288 -36.37 -109.07 29.21
C LEU I 288 -36.58 -109.79 30.53
N SER I 289 -37.83 -109.91 30.98
CA SER I 289 -38.09 -110.54 32.27
C SER I 289 -37.67 -112.00 32.26
N ARG I 290 -37.94 -112.71 31.15
CA ARG I 290 -37.55 -114.11 31.05
C ARG I 290 -36.04 -114.26 31.13
N ILE I 291 -35.31 -113.35 30.48
CA ILE I 291 -33.85 -113.38 30.54
C ILE I 291 -33.36 -113.12 31.96
N LEU I 292 -33.95 -112.12 32.62
CA LEU I 292 -33.45 -111.72 33.94
C LEU I 292 -33.74 -112.78 34.99
N LYS I 293 -34.94 -113.36 34.99
CA LYS I 293 -35.24 -114.40 35.97
C LYS I 293 -34.94 -115.80 35.42
N SER I 294 -33.73 -115.94 34.89
CA SER I 294 -33.27 -117.22 34.39
C SER I 294 -32.15 -117.76 35.27
N PRO I 295 -32.02 -119.09 35.39
CA PRO I 295 -31.00 -119.64 36.29
C PRO I 295 -29.59 -119.22 35.96
N GLU I 296 -29.26 -119.04 34.68
CA GLU I 296 -27.90 -118.67 34.31
C GLU I 296 -27.51 -117.30 34.87
N ILE I 297 -28.42 -116.33 34.79
CA ILE I 297 -28.11 -114.99 35.28
C ILE I 297 -28.31 -114.91 36.79
N GLN I 298 -29.36 -115.56 37.31
CA GLN I 298 -29.56 -115.57 38.75
C GLN I 298 -28.38 -116.23 39.47
N ARG I 299 -27.68 -117.15 38.79
CA ARG I 299 -26.53 -117.80 39.39
C ARG I 299 -25.39 -116.81 39.63
N ALA I 300 -25.08 -115.99 38.62
CA ALA I 300 -23.96 -115.07 38.70
C ALA I 300 -24.43 -113.67 39.10
N LEU I 301 -24.95 -113.57 40.32
CA LEU I 301 -25.40 -112.29 40.87
C LEU I 301 -25.02 -112.22 42.34
N ARG I 302 -24.86 -111.00 42.82
CA ARG I 302 -24.67 -110.79 44.25
C ARG I 302 -26.03 -110.63 44.92
N ALA I 303 -26.01 -110.64 46.25
CA ALA I 303 -27.26 -110.50 46.97
C ALA I 303 -27.74 -109.04 46.94
N PRO I 304 -29.02 -108.81 46.68
CA PRO I 304 -29.53 -107.44 46.68
C PRO I 304 -29.44 -106.80 48.06
N ARG I 305 -29.24 -105.49 48.06
CA ARG I 305 -29.15 -104.70 49.28
C ARG I 305 -30.33 -103.74 49.28
N LYS I 306 -31.47 -104.20 49.79
CA LYS I 306 -32.70 -103.41 49.77
C LYS I 306 -33.08 -102.88 51.14
N LYS I 307 -32.13 -102.80 52.07
CA LYS I 307 -32.37 -102.17 53.36
C LYS I 307 -31.99 -100.71 53.27
N ILE I 308 -32.91 -99.83 53.68
CA ILE I 308 -32.72 -98.40 53.54
C ILE I 308 -32.05 -97.86 54.79
N HIS I 309 -30.99 -97.08 54.59
CA HIS I 309 -30.20 -96.50 55.68
C HIS I 309 -30.42 -94.99 55.66
N ARG I 310 -31.40 -94.54 56.43
CA ARG I 310 -31.72 -93.13 56.52
C ARG I 310 -30.70 -92.43 57.42
N ARG I 311 -30.64 -91.11 57.29
CA ARG I 311 -29.67 -90.35 58.08
C ARG I 311 -30.01 -90.43 59.56
N VAL I 312 -28.97 -90.47 60.39
CA VAL I 312 -29.11 -90.64 61.82
C VAL I 312 -28.95 -89.29 62.50
N LEU I 313 -29.85 -88.99 63.42
CA LEU I 313 -29.74 -87.77 64.22
C LEU I 313 -28.52 -87.86 65.12
N LYS I 314 -27.62 -86.88 64.99
CA LYS I 314 -26.43 -86.86 65.84
C LYS I 314 -26.79 -86.28 67.20
N LYS I 315 -26.57 -87.07 68.24
CA LYS I 315 -26.79 -86.63 69.61
C LYS I 315 -25.44 -86.33 70.26
N ASN I 316 -25.43 -85.35 71.15
CA ASN I 316 -24.18 -84.89 71.74
C ASN I 316 -23.74 -85.86 72.83
N PRO I 317 -22.59 -86.52 72.68
CA PRO I 317 -22.12 -87.41 73.74
C PRO I 317 -21.78 -86.71 75.05
N LEU I 318 -21.46 -85.42 75.01
CA LEU I 318 -21.15 -84.71 76.25
C LEU I 318 -22.38 -84.61 77.15
N LYS I 319 -23.54 -84.35 76.56
CA LYS I 319 -24.76 -84.18 77.34
C LYS I 319 -25.60 -85.45 77.42
N ASN I 320 -25.40 -86.41 76.53
CA ASN I 320 -26.13 -87.66 76.53
C ASN I 320 -25.23 -88.76 77.05
N LEU I 321 -25.74 -89.54 78.02
CA LEU I 321 -24.90 -90.53 78.69
C LEU I 321 -24.74 -91.78 77.85
N ARG I 322 -25.85 -92.42 77.48
CA ARG I 322 -25.77 -93.71 76.80
C ARG I 322 -25.14 -93.59 75.42
N ILE I 323 -25.14 -92.41 74.81
CA ILE I 323 -24.39 -92.24 73.57
C ILE I 323 -22.89 -92.25 73.86
N MET I 324 -22.48 -91.58 74.93
CA MET I 324 -21.08 -91.65 75.35
C MET I 324 -20.67 -93.07 75.65
N LEU I 325 -21.59 -93.90 76.18
CA LEU I 325 -21.26 -95.29 76.42
C LEU I 325 -21.25 -96.12 75.14
N LYS I 326 -22.13 -95.79 74.19
CA LYS I 326 -22.11 -96.48 72.91
C LYS I 326 -20.85 -96.18 72.12
N LEU I 327 -20.18 -95.05 72.41
CA LEU I 327 -18.90 -94.75 71.78
C LEU I 327 -17.70 -95.14 72.63
N ASN I 328 -17.85 -95.22 73.95
CA ASN I 328 -16.74 -95.44 74.87
C ASN I 328 -17.24 -96.00 76.19
N PRO I 329 -17.22 -97.32 76.37
CA PRO I 329 -17.82 -97.89 77.59
C PRO I 329 -17.08 -97.56 78.87
N TYR I 330 -15.82 -97.11 78.81
CA TYR I 330 -15.06 -96.85 80.02
C TYR I 330 -15.53 -95.59 80.74
N ALA I 331 -16.21 -94.69 80.05
CA ALA I 331 -16.67 -93.44 80.62
C ALA I 331 -17.58 -93.67 81.81
N MLZ I 332 -18.35 -94.75 81.75
CA MLZ I 332 -19.22 -95.12 82.86
CB MLZ I 332 -20.00 -96.39 82.58
CG MLZ I 332 -21.05 -96.65 83.65
CD MLZ I 332 -22.16 -97.52 83.09
CE MLZ I 332 -23.31 -97.55 84.09
NZ MLZ I 332 -24.25 -98.62 83.84
CM MLZ I 332 -24.91 -99.11 85.03
C MLZ I 332 -18.45 -95.34 84.20
O MLZ I 332 -18.79 -94.71 85.25
N THR I 333 -17.45 -96.22 84.16
CA THR I 333 -16.65 -96.51 85.33
C THR I 333 -15.91 -95.26 85.77
N MET I 334 -15.39 -94.51 84.80
CA MET I 334 -14.67 -93.28 85.15
C MET I 334 -15.57 -92.32 85.90
N ARG I 335 -16.81 -92.14 85.43
CA ARG I 335 -17.72 -91.22 86.09
C ARG I 335 -18.15 -91.73 87.46
N ARG I 336 -18.31 -93.05 87.61
CA ARG I 336 -18.63 -93.59 88.93
C ARG I 336 -17.51 -93.32 89.92
N ASN I 337 -16.27 -93.56 89.50
CA ASN I 337 -15.14 -93.27 90.37
C ASN I 337 -15.10 -91.78 90.72
N THR I 338 -15.35 -90.91 89.74
CA THR I 338 -15.32 -89.49 90.01
C THR I 338 -16.38 -89.09 91.03
N ILE I 339 -17.62 -89.57 90.84
CA ILE I 339 -18.70 -89.17 91.74
C ILE I 339 -18.45 -89.67 93.15
N LEU I 340 -18.02 -90.92 93.29
CA LEU I 340 -17.73 -91.45 94.61
C LEU I 340 -16.58 -90.70 95.27
N ARG I 341 -15.55 -90.35 94.49
CA ARG I 341 -14.42 -89.61 95.03
C ARG I 341 -14.84 -88.25 95.55
N GLN I 342 -15.67 -87.53 94.78
CA GLN I 342 -16.13 -86.22 95.22
C GLN I 342 -16.99 -86.34 96.48
N ALA I 343 -17.84 -87.36 96.54
CA ALA I 343 -18.65 -87.54 97.74
C ALA I 343 -17.78 -87.80 98.97
N ARG I 344 -16.81 -88.70 98.84
CA ARG I 344 -15.93 -88.99 99.97
C ARG I 344 -15.15 -87.76 100.40
N ASN I 345 -14.62 -87.00 99.45
CA ASN I 345 -13.87 -85.80 99.78
C ASN I 345 -14.75 -84.77 100.47
N HIS I 346 -16.00 -84.62 100.01
CA HIS I 346 -16.91 -83.68 100.64
C HIS I 346 -17.17 -84.06 102.10
N LYS I 347 -17.43 -85.33 102.36
CA LYS I 347 -17.67 -85.75 103.74
C LYS I 347 -16.43 -85.59 104.60
N LEU I 348 -15.25 -85.90 104.05
CA LEU I 348 -14.03 -85.72 104.81
C LEU I 348 -13.81 -84.25 105.16
N ARG I 349 -14.06 -83.36 104.21
CA ARG I 349 -13.88 -81.93 104.48
C ARG I 349 -14.89 -81.44 105.51
N VAL I 350 -16.14 -81.91 105.45
CA VAL I 350 -17.12 -81.43 106.40
C VAL I 350 -16.81 -81.92 107.81
N GLU I 351 -16.28 -83.14 107.94
CA GLU I 351 -15.91 -83.60 109.28
C GLU I 351 -14.66 -82.89 109.77
N ARG I 352 -13.72 -82.53 108.88
CA ARG I 352 -12.60 -81.71 109.30
C ARG I 352 -13.07 -80.33 109.78
N ALA I 353 -14.06 -79.77 109.10
CA ALA I 353 -14.62 -78.49 109.54
C ALA I 353 -15.29 -78.62 110.90
N ALA I 354 -15.97 -79.74 111.13
CA ALA I 354 -16.55 -79.98 112.45
C ALA I 354 -15.48 -80.06 113.52
N ALA I 355 -14.37 -80.74 113.23
CA ALA I 355 -13.27 -80.80 114.19
C ALA I 355 -12.68 -79.42 114.45
N ALA I 356 -12.54 -78.61 113.40
CA ALA I 356 -12.00 -77.26 113.56
C ALA I 356 -12.91 -76.39 114.41
N LEU I 357 -14.22 -76.47 114.18
CA LEU I 357 -15.14 -75.66 114.98
C LEU I 357 -15.19 -76.15 116.43
N ALA I 358 -15.04 -77.46 116.66
CA ALA I 358 -14.92 -77.95 118.02
C ALA I 358 -13.66 -77.41 118.69
N ALA I 359 -12.55 -77.36 117.93
CA ALA I 359 -11.32 -76.80 118.47
C ALA I 359 -11.50 -75.32 118.80
N LYS I 360 -12.22 -74.58 117.97
CA LYS I 360 -12.51 -73.18 118.22
C LYS I 360 -13.30 -73.00 119.52
N PHE J 1 56.50 -32.57 42.11
CA PHE J 1 57.42 -33.66 41.80
C PHE J 1 56.84 -34.55 40.72
N VAL J 2 56.70 -35.84 41.04
CA VAL J 2 56.12 -36.82 40.14
C VAL J 2 55.04 -37.59 40.89
N LYS J 3 53.90 -37.79 40.24
CA LYS J 3 52.81 -38.56 40.84
C LYS J 3 53.18 -40.03 40.84
N VAL J 4 53.34 -40.61 42.04
CA VAL J 4 53.73 -42.01 42.13
C VAL J 4 52.63 -42.89 41.56
N VAL J 5 53.03 -43.87 40.74
CA VAL J 5 52.06 -44.72 40.05
C VAL J 5 51.71 -45.95 40.87
N LYS J 6 52.68 -46.53 41.59
CA LYS J 6 52.46 -47.75 42.35
C LYS J 6 52.12 -47.38 43.78
N ASN J 7 50.83 -47.10 44.01
CA ASN J 7 50.31 -46.74 45.31
C ASN J 7 49.24 -47.75 45.74
N LYS J 8 48.54 -47.42 46.83
CA LYS J 8 47.58 -48.36 47.41
C LYS J 8 46.47 -48.70 46.43
N ALA J 9 45.95 -47.70 45.71
CA ALA J 9 44.90 -47.97 44.74
C ALA J 9 45.41 -48.88 43.62
N TYR J 10 46.62 -48.61 43.14
CA TYR J 10 47.22 -49.46 42.12
C TYR J 10 47.32 -50.91 42.59
N PHE J 11 47.82 -51.11 43.81
CA PHE J 11 48.00 -52.47 44.31
C PHE J 11 46.67 -53.17 44.54
N LYS J 12 45.68 -52.47 45.08
CA LYS J 12 44.42 -53.13 45.35
C LYS J 12 43.56 -53.32 44.11
N ARG J 13 43.85 -52.61 43.01
CA ARG J 13 43.20 -52.89 41.74
C ARG J 13 44.02 -53.81 40.85
N TYR J 14 45.24 -54.15 41.24
CA TYR J 14 46.07 -55.03 40.43
C TYR J 14 45.45 -56.41 40.34
N GLN J 15 45.64 -57.05 39.19
CA GLN J 15 45.09 -58.39 38.93
C GLN J 15 46.23 -59.24 38.37
N VAL J 16 46.63 -60.26 39.13
CA VAL J 16 47.81 -61.03 38.78
C VAL J 16 47.53 -61.97 37.63
N LYS J 17 48.59 -62.34 36.91
CA LYS J 17 48.50 -63.34 35.87
C LYS J 17 48.39 -64.73 36.48
N PHE J 18 48.37 -65.75 35.63
CA PHE J 18 48.52 -67.10 36.14
C PHE J 18 49.96 -67.30 36.62
N ARG J 19 50.14 -68.25 37.55
CA ARG J 19 51.46 -68.43 38.14
C ARG J 19 52.50 -68.84 37.11
N ARG J 20 52.14 -69.77 36.22
CA ARG J 20 53.08 -70.19 35.19
C ARG J 20 53.41 -69.05 34.24
N ARG J 21 52.41 -68.26 33.87
CA ARG J 21 52.66 -67.10 33.02
C ARG J 21 53.57 -66.09 33.71
N ARG J 22 53.37 -65.89 35.02
CA ARG J 22 54.22 -64.99 35.78
C ARG J 22 55.66 -65.48 35.81
N GLU J 23 55.85 -66.78 36.00
CA GLU J 23 57.19 -67.35 35.88
C GLU J 23 57.70 -67.30 34.45
N GLY J 24 56.82 -67.12 33.48
CA GLY J 24 57.21 -67.11 32.08
C GLY J 24 57.32 -68.48 31.46
N LYS J 25 56.80 -69.52 32.10
CA LYS J 25 57.06 -70.88 31.65
C LYS J 25 56.22 -71.24 30.42
N THR J 26 54.90 -71.06 30.49
CA THR J 26 54.01 -71.59 29.47
C THR J 26 53.23 -70.49 28.76
N ASP J 27 52.68 -70.85 27.61
CA ASP J 27 51.83 -69.98 26.79
C ASP J 27 50.41 -70.56 26.80
N TYR J 28 49.50 -69.88 27.49
CA TYR J 28 48.18 -70.45 27.70
C TYR J 28 47.32 -70.41 26.43
N TYR J 29 47.61 -69.51 25.50
CA TYR J 29 46.92 -69.50 24.21
C TYR J 29 47.09 -70.85 23.51
N ALA J 30 48.34 -71.20 23.20
CA ALA J 30 48.61 -72.48 22.56
C ALA J 30 48.27 -73.64 23.49
N ARG J 31 48.41 -73.45 24.80
CA ARG J 31 48.02 -74.47 25.76
C ARG J 31 46.57 -74.89 25.54
N LYS J 32 45.67 -73.91 25.52
CA LYS J 32 44.25 -74.20 25.32
C LYS J 32 44.00 -74.76 23.93
N ARG J 33 44.63 -74.18 22.91
CA ARG J 33 44.40 -74.66 21.56
C ARG J 33 45.00 -76.05 21.31
N LEU J 34 45.85 -76.54 22.20
CA LEU J 34 46.59 -77.77 21.99
C LEU J 34 46.15 -78.93 22.86
N VAL J 35 45.78 -78.70 24.12
CA VAL J 35 45.53 -79.81 25.03
C VAL J 35 44.06 -80.12 25.24
N ILE J 36 43.16 -79.24 24.83
CA ILE J 36 41.74 -79.44 25.10
C ILE J 36 41.20 -80.50 24.14
N GLN J 37 40.56 -81.52 24.70
CA GLN J 37 40.01 -82.61 23.92
C GLN J 37 38.62 -82.25 23.42
N ASP J 38 38.28 -82.77 22.25
CA ASP J 38 36.99 -82.51 21.65
C ASP J 38 35.90 -83.16 22.49
N LYS J 39 34.82 -82.42 22.73
CA LYS J 39 33.85 -82.83 23.75
C LYS J 39 33.17 -84.15 23.43
N ASN J 40 32.89 -84.44 22.16
CA ASN J 40 32.24 -85.71 21.88
C ASN J 40 33.23 -86.87 21.81
N LYS J 41 34.52 -86.62 22.05
CA LYS J 41 35.46 -87.72 22.21
C LYS J 41 35.31 -88.42 23.55
N TYR J 42 34.74 -87.73 24.55
CA TYR J 42 34.27 -88.37 25.78
C TYR J 42 35.40 -89.07 26.53
N ASN J 43 36.32 -88.24 27.04
CA ASN J 43 37.37 -88.68 27.95
C ASN J 43 38.47 -89.49 27.27
N THR J 44 38.52 -89.45 25.95
CA THR J 44 39.65 -90.05 25.24
C THR J 44 40.90 -89.21 25.46
N PRO J 45 42.01 -89.81 25.90
CA PRO J 45 43.21 -89.03 26.15
C PRO J 45 43.78 -88.40 24.89
N LYS J 46 44.33 -87.20 25.04
CA LYS J 46 44.98 -86.48 23.96
C LYS J 46 46.44 -86.26 24.35
N TYR J 47 47.36 -86.70 23.48
CA TYR J 47 48.75 -86.90 23.84
C TYR J 47 49.64 -85.83 23.22
N ARG J 48 50.43 -85.18 24.07
CA ARG J 48 51.49 -84.28 23.63
C ARG J 48 52.84 -84.94 23.84
N MET J 49 53.77 -84.65 22.93
CA MET J 49 55.18 -84.87 23.17
C MET J 49 55.77 -83.52 23.53
N ILE J 50 56.02 -83.32 24.83
CA ILE J 50 56.63 -82.10 25.33
C ILE J 50 58.13 -82.20 25.11
N VAL J 51 58.69 -81.26 24.37
CA VAL J 51 60.13 -81.21 24.12
C VAL J 51 60.67 -79.90 24.68
N ARG J 52 61.70 -80.01 25.52
CA ARG J 52 62.33 -78.84 26.12
C ARG J 52 63.83 -78.94 25.98
N VAL J 53 64.45 -77.87 25.52
CA VAL J 53 65.90 -77.80 25.36
C VAL J 53 66.45 -76.91 26.46
N THR J 54 67.31 -77.47 27.28
CA THR J 54 67.94 -76.76 28.38
C THR J 54 69.38 -76.41 28.00
N ASN J 55 70.02 -75.57 28.81
CA ASN J 55 71.40 -75.21 28.54
C ASN J 55 72.34 -76.41 28.58
N ARG J 56 71.94 -77.51 29.19
CA ARG J 56 72.84 -78.65 29.35
C ARG J 56 72.23 -80.01 29.02
N ASP J 57 70.94 -80.12 28.75
CA ASP J 57 70.35 -81.41 28.41
C ASP J 57 69.02 -81.20 27.70
N ILE J 58 68.42 -82.30 27.27
CA ILE J 58 67.17 -82.29 26.51
C ILE J 58 66.17 -83.14 27.27
N ILE J 59 64.94 -82.63 27.41
CA ILE J 59 63.87 -83.32 28.11
C ILE J 59 62.75 -83.62 27.12
N CYS J 60 62.34 -84.88 27.07
CA CYS J 60 61.24 -85.31 26.22
C CYS J 60 60.24 -86.09 27.08
N GLN J 61 58.97 -85.72 26.98
CA GLN J 61 57.93 -86.40 27.74
C GLN J 61 56.70 -86.61 26.88
N ILE J 62 55.88 -87.58 27.25
CA ILE J 62 54.58 -87.81 26.65
C ILE J 62 53.53 -87.61 27.73
N ALA J 63 52.57 -86.72 27.49
CA ALA J 63 51.68 -86.32 28.55
C ALA J 63 50.27 -86.05 28.02
N TYR J 64 49.28 -86.31 28.87
CA TYR J 64 47.91 -85.93 28.60
C TYR J 64 47.34 -85.23 29.81
N ALA J 65 46.40 -84.31 29.58
CA ALA J 65 45.94 -83.40 30.61
C ALA J 65 44.76 -83.96 31.39
N ARG J 66 44.74 -83.69 32.69
CA ARG J 66 43.62 -84.01 33.57
C ARG J 66 43.38 -82.83 34.49
N ILE J 67 42.23 -82.84 35.16
CA ILE J 67 41.82 -81.67 35.95
C ILE J 67 42.81 -81.41 37.07
N GLU J 68 43.22 -82.46 37.78
CA GLU J 68 44.17 -82.29 38.87
C GLU J 68 45.57 -81.96 38.35
N GLY J 69 45.91 -82.40 37.15
CA GLY J 69 47.19 -82.06 36.57
C GLY J 69 47.46 -82.91 35.34
N ASP J 70 48.60 -82.65 34.73
CA ASP J 70 49.03 -83.43 33.58
C ASP J 70 49.60 -84.76 34.04
N MET J 71 49.24 -85.83 33.33
CA MET J 71 49.82 -87.15 33.55
C MET J 71 50.90 -87.38 32.52
N ILE J 72 52.07 -87.83 32.98
CA ILE J 72 53.18 -88.16 32.10
C ILE J 72 53.27 -89.67 32.03
N VAL J 73 53.07 -90.23 30.84
CA VAL J 73 53.11 -91.67 30.67
C VAL J 73 54.53 -92.18 30.45
N CYS J 74 55.41 -91.35 29.88
CA CYS J 74 56.79 -91.76 29.64
C CYS J 74 57.64 -90.51 29.52
N ALA J 75 58.94 -90.69 29.74
CA ALA J 75 59.88 -89.58 29.68
C ALA J 75 61.27 -90.11 29.37
N ALA J 76 62.03 -89.31 28.63
CA ALA J 76 63.41 -89.66 28.27
C ALA J 76 64.27 -88.43 28.43
N TYR J 77 65.32 -88.55 29.23
CA TYR J 77 66.25 -87.45 29.47
C TYR J 77 67.54 -87.68 28.71
N ALA J 78 68.18 -86.58 28.32
CA ALA J 78 69.42 -86.67 27.55
C ALA J 78 70.63 -87.02 28.40
N HIS J 79 70.54 -86.81 29.72
CA HIS J 79 71.68 -87.08 30.59
C HIS J 79 71.84 -88.56 30.93
N GLU J 80 71.10 -89.44 30.26
CA GLU J 80 71.30 -90.88 30.41
C GLU J 80 71.80 -91.51 29.11
N LEU J 81 72.22 -90.70 28.15
CA LEU J 81 72.78 -91.17 26.90
C LEU J 81 74.17 -91.80 27.04
N PRO J 82 75.01 -91.35 27.99
CA PRO J 82 76.28 -92.08 28.20
C PRO J 82 76.07 -93.55 28.53
N LYS J 83 74.96 -93.89 29.17
CA LYS J 83 74.63 -95.30 29.37
C LYS J 83 74.51 -96.04 28.05
N TYR J 84 74.16 -95.34 26.97
CA TYR J 84 74.05 -95.94 25.65
C TYR J 84 75.26 -95.68 24.77
N GLY J 85 76.18 -94.81 25.19
CA GLY J 85 77.44 -94.62 24.48
C GLY J 85 77.72 -93.23 23.97
N VAL J 86 76.88 -92.24 24.21
CA VAL J 86 77.15 -90.86 23.81
C VAL J 86 77.77 -90.17 25.02
N LYS J 87 79.09 -90.01 25.00
CA LYS J 87 79.81 -89.50 26.16
C LYS J 87 79.67 -88.00 26.32
N VAL J 88 79.69 -87.25 25.20
CA VAL J 88 79.76 -85.80 25.25
C VAL J 88 78.93 -85.25 24.10
N GLY J 89 78.53 -83.98 24.24
CA GLY J 89 77.70 -83.33 23.24
C GLY J 89 76.24 -83.69 23.42
N LEU J 90 75.72 -83.46 24.62
CA LEU J 90 74.39 -83.92 25.01
C LEU J 90 73.30 -82.89 24.72
N THR J 91 73.64 -81.77 24.09
CA THR J 91 72.66 -80.73 23.77
C THR J 91 72.85 -80.27 22.33
N ASN J 92 72.93 -81.23 21.41
CA ASN J 92 73.03 -80.93 19.99
C ASN J 92 71.93 -81.69 19.24
N TYR J 93 71.92 -81.52 17.92
CA TYR J 93 70.87 -82.10 17.10
C TYR J 93 70.89 -83.63 17.17
N ALA J 94 72.08 -84.21 17.14
CA ALA J 94 72.18 -85.67 17.23
C ALA J 94 71.70 -86.17 18.58
N ALA J 95 72.03 -85.47 19.66
CA ALA J 95 71.54 -85.85 20.98
C ALA J 95 70.02 -85.75 21.05
N ALA J 96 69.45 -84.71 20.43
CA ALA J 96 67.99 -84.58 20.41
C ALA J 96 67.35 -85.73 19.65
N TYR J 97 67.93 -86.11 18.50
CA TYR J 97 67.41 -87.25 17.77
C TYR J 97 67.49 -88.53 18.60
N CYS J 98 68.61 -88.71 19.29
CA CYS J 98 68.78 -89.92 20.12
C CYS J 98 67.75 -89.96 21.25
N THR J 99 67.51 -88.82 21.91
CA THR J 99 66.56 -88.84 23.02
C THR J 99 65.14 -89.00 22.53
N GLY J 100 64.80 -88.47 21.35
CA GLY J 100 63.49 -88.75 20.78
C GLY J 100 63.31 -90.22 20.46
N LEU J 101 64.34 -90.84 19.87
CA LEU J 101 64.28 -92.27 19.60
C LEU J 101 64.12 -93.06 20.88
N LEU J 102 64.86 -92.68 21.92
CA LEU J 102 64.75 -93.38 23.20
C LEU J 102 63.35 -93.25 23.79
N LEU J 103 62.77 -92.06 23.74
CA LEU J 103 61.40 -91.87 24.22
C LEU J 103 60.43 -92.77 23.46
N ALA J 104 60.51 -92.76 22.14
CA ALA J 104 59.57 -93.55 21.35
C ALA J 104 59.72 -95.04 21.64
N ARG J 105 60.96 -95.54 21.68
CA ARG J 105 61.17 -96.95 21.92
C ARG J 105 60.71 -97.36 23.32
N ARG J 106 60.98 -96.52 24.33
CA ARG J 106 60.56 -96.86 25.67
C ARG J 106 59.04 -96.89 25.77
N LEU J 107 58.37 -95.93 25.12
CA LEU J 107 56.90 -95.90 25.16
C LEU J 107 56.32 -97.13 24.47
N LEU J 108 56.84 -97.49 23.30
CA LEU J 108 56.33 -98.65 22.60
C LEU J 108 56.57 -99.93 23.40
N ASN J 109 57.75 -100.05 24.00
CA ASN J 109 58.04 -101.23 24.82
C ASN J 109 57.09 -101.30 26.01
N ARG J 110 56.82 -100.17 26.65
CA ARG J 110 55.90 -100.17 27.78
C ARG J 110 54.49 -100.55 27.35
N PHE J 111 54.04 -100.05 26.20
CA PHE J 111 52.73 -100.44 25.72
C PHE J 111 52.68 -101.85 25.18
N GLY J 112 53.84 -102.50 25.00
CA GLY J 112 53.87 -103.84 24.47
C GLY J 112 53.77 -103.93 22.98
N MET J 113 54.05 -102.84 22.27
CA MET J 113 53.87 -102.76 20.84
C MET J 113 55.20 -102.57 20.12
N ASP J 114 56.30 -102.98 20.76
CA ASP J 114 57.63 -102.71 20.24
C ASP J 114 57.99 -103.63 19.08
N LYS J 115 57.52 -104.88 19.10
CA LYS J 115 57.77 -105.78 17.97
C LYS J 115 57.15 -105.23 16.70
N ILE J 116 55.92 -104.71 16.80
CA ILE J 116 55.35 -103.93 15.71
C ILE J 116 56.02 -102.57 15.66
N TYR J 117 55.91 -101.91 14.51
CA TYR J 117 56.33 -100.52 14.34
C TYR J 117 57.83 -100.36 14.65
N GLU J 118 58.64 -101.01 13.83
CA GLU J 118 60.09 -100.86 13.95
C GLU J 118 60.54 -99.46 13.53
N GLY J 119 59.77 -98.79 12.69
CA GLY J 119 60.17 -97.47 12.23
C GLY J 119 61.31 -97.53 11.25
N GLN J 120 62.01 -96.41 11.11
CA GLN J 120 63.19 -96.31 10.26
C GLN J 120 64.35 -96.93 11.01
N VAL J 121 64.58 -98.22 10.77
CA VAL J 121 65.68 -98.92 11.44
C VAL J 121 67.02 -98.34 11.00
N GLU J 122 67.20 -98.15 9.70
CA GLU J 122 68.38 -97.51 9.15
C GLU J 122 67.97 -96.11 8.70
N VAL J 123 68.62 -95.09 9.27
CA VAL J 123 68.18 -93.73 9.08
C VAL J 123 68.54 -93.26 7.67
N THR J 124 67.68 -92.44 7.09
CA THR J 124 67.94 -91.84 5.78
C THR J 124 67.62 -90.36 5.71
N GLY J 125 66.84 -89.81 6.64
CA GLY J 125 66.65 -88.38 6.76
C GLY J 125 65.48 -87.81 5.99
N ASP J 126 64.95 -88.53 5.00
CA ASP J 126 63.90 -87.99 4.15
C ASP J 126 62.57 -88.03 4.88
N GLU J 127 61.48 -87.72 4.18
CA GLU J 127 60.16 -87.79 4.77
C GLU J 127 59.78 -89.23 5.05
N TYR J 128 59.28 -89.48 6.26
CA TYR J 128 58.78 -90.79 6.63
C TYR J 128 57.71 -90.62 7.69
N ASN J 129 56.73 -91.53 7.66
CA ASN J 129 55.64 -91.52 8.63
C ASN J 129 54.99 -92.89 8.69
N VAL J 130 54.79 -93.39 9.91
CA VAL J 130 54.29 -94.75 10.09
C VAL J 130 52.80 -94.80 9.80
N GLU J 131 52.36 -95.91 9.21
CA GLU J 131 50.95 -96.16 8.96
C GLU J 131 50.50 -97.36 9.76
N SER J 132 49.29 -97.29 10.31
CA SER J 132 48.79 -98.37 11.16
C SER J 132 48.43 -99.58 10.32
N ILE J 133 48.96 -100.73 10.71
CA ILE J 133 48.70 -101.99 10.02
C ILE J 133 47.40 -102.59 10.55
N ASP J 134 46.63 -103.20 9.64
CA ASP J 134 45.33 -103.72 9.99
C ASP J 134 45.45 -105.03 10.77
N GLY J 135 44.57 -105.21 11.74
CA GLY J 135 44.62 -106.37 12.62
C GLY J 135 45.42 -106.13 13.88
N GLN J 136 46.61 -105.55 13.75
CA GLN J 136 47.41 -105.17 14.90
C GLN J 136 46.87 -103.89 15.52
N PRO J 137 47.15 -103.65 16.80
CA PRO J 137 46.74 -102.40 17.44
C PRO J 137 47.31 -101.19 16.72
N GLY J 138 46.53 -100.10 16.72
CA GLY J 138 46.90 -98.93 15.95
C GLY J 138 48.11 -98.21 16.51
N ALA J 139 48.70 -97.40 15.64
CA ALA J 139 49.92 -96.67 16.01
C ALA J 139 49.62 -95.57 17.02
N PHE J 140 50.53 -95.39 17.97
CA PHE J 140 50.39 -94.34 18.95
C PHE J 140 50.55 -92.97 18.29
N THR J 141 49.61 -92.08 18.54
CA THR J 141 49.58 -90.76 17.91
C THR J 141 49.68 -89.68 18.97
N CYS J 142 50.64 -88.78 18.79
CA CYS J 142 50.81 -87.64 19.68
C CYS J 142 51.08 -86.40 18.82
N TYR J 143 51.01 -85.23 19.47
CA TYR J 143 51.25 -83.98 18.79
C TYR J 143 52.41 -83.24 19.48
N LEU J 144 53.20 -82.52 18.70
CA LEU J 144 54.39 -81.88 19.23
C LEU J 144 54.01 -80.71 20.16
N ASP J 145 54.83 -80.51 21.18
CA ASP J 145 54.67 -79.40 22.12
C ASP J 145 56.04 -78.76 22.29
N ALA J 146 56.24 -77.64 21.59
CA ALA J 146 57.51 -76.93 21.61
C ALA J 146 57.54 -75.81 22.65
N GLY J 147 56.38 -75.41 23.18
CA GLY J 147 56.37 -74.35 24.16
C GLY J 147 56.70 -73.01 23.53
N LEU J 148 57.53 -72.24 24.21
CA LEU J 148 57.91 -70.90 23.75
C LEU J 148 59.04 -70.92 22.75
N ALA J 149 59.59 -72.08 22.42
CA ALA J 149 60.70 -72.15 21.48
C ALA J 149 60.28 -71.65 20.11
N ARG J 150 61.11 -70.80 19.51
CA ARG J 150 60.85 -70.32 18.16
C ARG J 150 61.08 -71.45 17.17
N THR J 151 60.02 -71.83 16.45
CA THR J 151 60.07 -72.98 15.54
C THR J 151 60.51 -72.50 14.17
N THR J 152 61.82 -72.39 14.01
CA THR J 152 62.45 -72.06 12.73
C THR J 152 63.21 -73.27 12.23
N THR J 153 63.61 -73.23 10.96
CA THR J 153 64.27 -74.37 10.34
C THR J 153 65.53 -74.76 11.10
N GLY J 154 65.70 -76.06 11.29
CA GLY J 154 66.88 -76.58 11.97
C GLY J 154 66.82 -76.49 13.48
N ASN J 155 65.67 -76.78 14.07
CA ASN J 155 65.50 -76.68 15.51
C ASN J 155 65.56 -78.07 16.15
N LYS J 156 66.18 -78.14 17.32
CA LYS J 156 66.38 -79.42 17.98
C LYS J 156 65.08 -80.05 18.44
N VAL J 157 64.02 -79.26 18.62
CA VAL J 157 62.71 -79.85 18.87
C VAL J 157 62.25 -80.65 17.66
N PHE J 158 62.53 -80.15 16.46
CA PHE J 158 62.23 -80.93 15.26
C PHE J 158 63.19 -82.10 15.10
N GLY J 159 64.42 -81.95 15.59
CA GLY J 159 65.31 -83.12 15.63
C GLY J 159 64.74 -84.24 16.47
N ALA J 160 64.24 -83.91 17.66
CA ALA J 160 63.62 -84.92 18.52
C ALA J 160 62.34 -85.45 17.88
N LEU J 161 61.60 -84.60 17.19
CA LEU J 161 60.41 -85.06 16.47
C LEU J 161 60.78 -86.11 15.43
N LYS J 162 61.84 -85.85 14.65
CA LYS J 162 62.30 -86.82 13.66
C LYS J 162 62.76 -88.11 14.33
N GLY J 163 63.44 -87.98 15.47
CA GLY J 163 63.87 -89.16 16.21
C GLY J 163 62.70 -90.03 16.61
N ALA J 164 61.65 -89.42 17.16
CA ALA J 164 60.50 -90.20 17.60
C ALA J 164 59.72 -90.76 16.42
N VAL J 165 59.64 -90.02 15.31
CA VAL J 165 58.97 -90.54 14.12
C VAL J 165 59.71 -91.77 13.61
N ASP J 166 61.03 -91.73 13.59
CA ASP J 166 61.80 -92.94 13.25
C ASP J 166 61.60 -94.03 14.29
N GLY J 167 61.38 -93.65 15.55
CA GLY J 167 61.09 -94.63 16.57
C GLY J 167 59.80 -95.39 16.31
N GLY J 168 58.79 -94.69 15.80
CA GLY J 168 57.54 -95.36 15.45
C GLY J 168 56.27 -94.67 15.89
N LEU J 169 56.37 -93.42 16.35
CA LEU J 169 55.19 -92.65 16.69
C LEU J 169 54.60 -91.99 15.45
N SER J 170 53.27 -91.90 15.40
CA SER J 170 52.57 -91.35 14.25
C SER J 170 52.23 -89.90 14.55
N ILE J 171 53.21 -89.03 14.35
CA ILE J 171 53.08 -87.60 14.62
C ILE J 171 52.87 -86.87 13.30
N PRO J 172 51.92 -85.95 13.20
CA PRO J 172 51.76 -85.18 11.96
C PRO J 172 52.84 -84.12 11.83
N HIS J 173 53.47 -84.05 10.67
CA HIS J 173 54.56 -83.10 10.46
C HIS J 173 54.78 -82.95 8.96
N SER J 174 55.54 -81.91 8.61
CA SER J 174 56.02 -81.70 7.26
C SER J 174 57.51 -81.42 7.30
N THR J 175 58.19 -81.82 6.22
CA THR J 175 59.64 -81.65 6.15
C THR J 175 60.03 -80.26 5.65
N LYS J 176 59.47 -79.23 6.29
CA LYS J 176 59.81 -77.85 5.99
C LYS J 176 60.70 -77.20 7.02
N ARG J 177 60.66 -77.67 8.26
CA ARG J 177 61.49 -77.13 9.33
C ARG J 177 62.67 -78.04 9.65
N PHE J 178 62.82 -79.16 8.96
CA PHE J 178 64.02 -79.97 9.12
C PHE J 178 65.21 -79.25 8.49
N PRO J 179 66.40 -79.36 9.07
CA PRO J 179 67.60 -78.85 8.41
C PRO J 179 67.85 -79.60 7.11
N GLY J 180 67.89 -78.87 6.01
CA GLY J 180 67.99 -79.48 4.70
C GLY J 180 66.97 -78.91 3.74
N TYR J 181 65.98 -78.21 4.30
CA TYR J 181 65.00 -77.48 3.50
C TYR J 181 65.56 -76.12 3.16
N ASP J 182 65.65 -75.81 1.87
CA ASP J 182 66.15 -74.51 1.43
C ASP J 182 64.99 -73.53 1.28
N SER J 183 65.16 -72.33 1.84
CA SER J 183 64.06 -71.38 1.86
C SER J 183 63.81 -70.78 0.48
N GLU J 184 64.88 -70.47 -0.27
CA GLU J 184 64.73 -69.71 -1.50
C GLU J 184 64.05 -70.52 -2.59
N SER J 185 64.38 -71.81 -2.71
CA SER J 185 63.88 -72.61 -3.83
C SER J 185 62.90 -73.69 -3.41
N LYS J 186 62.71 -73.91 -2.10
CA LYS J 186 61.66 -74.77 -1.57
C LYS J 186 61.83 -76.22 -2.03
N GLU J 187 62.94 -76.82 -1.63
CA GLU J 187 63.15 -78.26 -1.78
C GLU J 187 63.75 -78.81 -0.50
N PHE J 188 63.72 -80.13 -0.38
CA PHE J 188 64.28 -80.80 0.79
C PHE J 188 65.10 -82.00 0.34
N ASN J 189 66.40 -81.97 0.62
CA ASN J 189 67.27 -83.11 0.38
C ASN J 189 67.55 -83.82 1.70
N ALA J 190 67.65 -85.14 1.63
CA ALA J 190 67.83 -85.95 2.83
C ALA J 190 69.27 -86.04 3.30
N GLU J 191 70.24 -85.75 2.42
CA GLU J 191 71.63 -85.94 2.79
C GLU J 191 72.09 -84.91 3.83
N VAL J 192 71.68 -83.65 3.66
CA VAL J 192 72.04 -82.64 4.64
C VAL J 192 71.43 -82.96 6.00
N HIS J 193 70.17 -83.39 6.00
CA HIS J 193 69.52 -83.77 7.25
C HIS J 193 70.22 -84.96 7.89
N ARG J 194 70.66 -85.93 7.08
CA ARG J 194 71.36 -87.07 7.64
C ARG J 194 72.73 -86.68 8.19
N LYS J 195 73.40 -85.73 7.54
CA LYS J 195 74.64 -85.19 8.10
C LYS J 195 74.39 -84.57 9.47
N HIS J 196 73.31 -83.78 9.59
CA HIS J 196 72.99 -83.16 10.87
C HIS J 196 72.66 -84.22 11.92
N ILE J 197 71.93 -85.27 11.52
CA ILE J 197 71.58 -86.34 12.45
C ILE J 197 72.84 -87.05 12.95
N MET J 198 73.79 -87.30 12.06
CA MET J 198 75.06 -87.91 12.45
C MET J 198 76.02 -86.93 13.11
N GLY J 199 75.67 -85.64 13.14
CA GLY J 199 76.55 -84.68 13.77
C GLY J 199 77.75 -84.28 12.92
N GLN J 200 77.69 -84.52 11.61
CA GLN J 200 78.82 -84.23 10.75
C GLN J 200 79.13 -82.75 10.66
N ASN J 201 78.17 -81.88 10.98
CA ASN J 201 78.51 -80.46 11.07
C ASN J 201 79.46 -80.20 12.23
N VAL J 202 79.24 -80.88 13.36
CA VAL J 202 80.15 -80.77 14.49
C VAL J 202 81.53 -81.31 14.13
N ALA J 203 81.57 -82.45 13.42
CA ALA J 203 82.85 -83.01 13.00
C ALA J 203 83.58 -82.09 12.04
N ASP J 204 82.85 -81.47 11.11
CA ASP J 204 83.46 -80.53 10.19
C ASP J 204 83.99 -79.31 10.93
N TYR J 205 83.24 -78.82 11.93
CA TYR J 205 83.74 -77.72 12.74
C TYR J 205 85.01 -78.13 13.47
N MET J 206 85.04 -79.33 14.02
CA MET J 206 86.24 -79.81 14.71
C MET J 206 87.43 -79.83 13.75
N ARG J 207 87.24 -80.38 12.55
CA ARG J 207 88.32 -80.46 11.58
C ARG J 207 88.82 -79.07 11.20
N TYR J 208 87.89 -78.20 10.81
CA TYR J 208 88.21 -76.81 10.46
C TYR J 208 89.01 -76.13 11.56
N LEU J 209 88.52 -76.22 12.79
CA LEU J 209 89.13 -75.49 13.90
C LEU J 209 90.51 -76.04 14.22
N MET J 210 90.66 -77.37 14.27
CA MET J 210 91.98 -77.93 14.54
C MET J 210 92.95 -77.72 13.38
N GLU J 211 92.45 -77.53 12.16
CA GLU J 211 93.33 -77.16 11.06
C GLU J 211 93.87 -75.76 11.26
N GLU J 212 93.00 -74.81 11.58
CA GLU J 212 93.48 -73.43 11.63
C GLU J 212 94.21 -73.12 12.95
N ASP J 213 93.56 -73.27 14.09
CA ASP J 213 94.20 -72.94 15.35
C ASP J 213 93.81 -73.94 16.44
N GLU J 214 94.80 -74.32 17.26
CA GLU J 214 94.58 -75.33 18.28
C GLU J 214 94.25 -74.76 19.66
N ASP J 215 94.61 -73.50 19.93
CA ASP J 215 94.22 -72.90 21.21
C ASP J 215 92.71 -72.76 21.30
N ALA J 216 92.08 -72.20 20.26
CA ALA J 216 90.63 -72.11 20.23
C ALA J 216 89.99 -73.49 20.17
N TYR J 217 90.65 -74.43 19.52
CA TYR J 217 90.12 -75.79 19.44
C TYR J 217 90.06 -76.44 20.82
N LYS J 218 91.16 -76.32 21.59
CA LYS J 218 91.15 -76.88 22.94
C LYS J 218 90.22 -76.11 23.86
N LYS J 219 90.02 -74.81 23.61
CA LYS J 219 89.07 -74.06 24.42
C LYS J 219 87.64 -74.49 24.15
N GLN J 220 87.27 -74.65 22.88
CA GLN J 220 85.87 -74.83 22.53
C GLN J 220 85.44 -76.29 22.59
N PHE J 221 86.34 -77.22 22.22
CA PHE J 221 86.15 -78.65 22.48
C PHE J 221 87.20 -79.06 23.51
N SER J 222 86.78 -79.22 24.76
CA SER J 222 87.70 -79.71 25.79
C SER J 222 87.24 -81.04 26.37
N GLN J 223 85.97 -81.18 26.72
CA GLN J 223 85.47 -82.49 27.14
C GLN J 223 85.52 -83.48 25.99
N TYR J 224 85.38 -83.00 24.76
CA TYR J 224 85.61 -83.87 23.60
C TYR J 224 87.01 -84.46 23.64
N ILE J 225 88.01 -83.63 23.98
CA ILE J 225 89.38 -84.11 24.10
C ILE J 225 89.52 -85.06 25.27
N LYS J 226 88.91 -84.73 26.41
CA LYS J 226 89.05 -85.57 27.60
C LYS J 226 88.46 -86.95 27.39
N ASN J 227 87.30 -87.03 26.74
CA ASN J 227 86.75 -88.31 26.32
C ASN J 227 87.26 -88.75 24.95
N ASN J 228 88.32 -88.10 24.46
CA ASN J 228 89.11 -88.49 23.29
C ASN J 228 88.25 -89.08 22.16
N VAL J 229 87.26 -88.29 21.75
CA VAL J 229 86.43 -88.62 20.60
C VAL J 229 86.88 -87.76 19.42
N THR J 230 87.38 -88.42 18.38
CA THR J 230 87.87 -87.75 17.19
C THR J 230 86.73 -87.46 16.23
N PRO J 231 86.89 -86.49 15.33
CA PRO J 231 85.85 -86.24 14.31
C PRO J 231 85.53 -87.44 13.43
N ASP J 232 86.32 -88.50 13.48
CA ASP J 232 86.10 -89.66 12.62
C ASP J 232 85.17 -90.70 13.23
N MET J 233 85.07 -90.76 14.56
CA MET J 233 84.21 -91.76 15.19
C MET J 233 82.74 -91.34 15.25
N MET J 234 82.45 -90.04 15.14
CA MET J 234 81.10 -89.51 15.35
C MET J 234 80.01 -90.39 14.76
N GLU J 235 80.11 -90.72 13.47
CA GLU J 235 79.04 -91.45 12.80
C GLU J 235 78.85 -92.84 13.40
N GLU J 236 79.94 -93.59 13.54
CA GLU J 236 79.80 -94.96 14.06
C GLU J 236 79.37 -94.95 15.51
N MET J 237 79.82 -93.97 16.30
CA MET J 237 79.39 -93.86 17.68
C MET J 237 77.89 -93.59 17.76
N TYR J 238 77.39 -92.70 16.91
CA TYR J 238 75.96 -92.41 16.92
C TYR J 238 75.14 -93.60 16.44
N LYS J 239 75.66 -94.33 15.45
CA LYS J 239 74.98 -95.54 14.99
C LYS J 239 74.92 -96.59 16.09
N LYS J 240 76.03 -96.77 16.83
CA LYS J 240 76.03 -97.71 17.95
C LYS J 240 75.04 -97.28 19.03
N ALA J 241 74.97 -95.97 19.29
CA ALA J 241 74.00 -95.47 20.26
C ALA J 241 72.58 -95.77 19.80
N HIS J 242 72.29 -95.55 18.52
CA HIS J 242 70.96 -95.84 17.98
C HIS J 242 70.63 -97.32 18.13
N ALA J 243 71.58 -98.19 17.81
CA ALA J 243 71.34 -99.63 17.92
C ALA J 243 71.10 -100.04 19.37
N ALA J 244 71.91 -99.51 20.29
CA ALA J 244 71.73 -99.84 21.71
C ALA J 244 70.37 -99.36 22.21
N ILE J 245 69.96 -98.16 21.83
CA ILE J 245 68.66 -97.65 22.22
C ILE J 245 67.55 -98.55 21.69
N ARG J 246 67.64 -98.92 20.42
CA ARG J 246 66.58 -99.74 19.83
C ARG J 246 66.59 -101.16 20.37
N GLU J 247 67.70 -101.63 20.94
CA GLU J 247 67.72 -102.99 21.46
C GLU J 247 67.41 -103.06 22.96
N ASN J 248 67.53 -101.96 23.70
CA ASN J 248 67.17 -101.98 25.12
C ASN J 248 66.69 -100.59 25.54
N PRO J 249 65.39 -100.33 25.45
CA PRO J 249 64.87 -99.02 25.86
C PRO J 249 64.36 -98.92 27.28
N VAL J 250 64.19 -100.05 27.99
CA VAL J 250 63.53 -100.02 29.30
C VAL J 250 64.42 -99.30 30.31
N TYR J 251 63.78 -98.58 31.24
CA TYR J 251 64.49 -97.72 32.17
C TYR J 251 64.77 -98.44 33.47
N GLU J 252 65.90 -98.09 34.09
CA GLU J 252 66.27 -98.57 35.41
C GLU J 252 66.26 -97.38 36.38
N LYS J 253 65.30 -97.38 37.29
CA LYS J 253 65.23 -96.31 38.28
C LYS J 253 66.38 -96.39 39.27
N LYS J 254 66.86 -95.23 39.70
CA LYS J 254 67.91 -95.19 40.69
C LYS J 254 67.35 -95.57 42.05
N PRO J 255 68.05 -96.40 42.82
CA PRO J 255 67.52 -96.86 44.11
C PRO J 255 67.33 -95.69 45.07
N LYS J 256 66.27 -95.78 45.88
CA LYS J 256 65.97 -94.75 46.86
C LYS J 256 66.99 -94.79 47.99
N ARG J 257 67.57 -93.64 48.30
CA ARG J 257 68.57 -93.53 49.36
C ARG J 257 67.89 -93.28 50.71
N GLU J 258 68.50 -93.82 51.75
CA GLU J 258 68.08 -93.49 53.11
C GLU J 258 68.39 -92.03 53.41
N VAL J 259 67.52 -91.41 54.20
CA VAL J 259 67.58 -89.97 54.45
C VAL J 259 68.10 -89.73 55.86
N LYS J 260 69.00 -88.75 55.99
CA LYS J 260 69.57 -88.37 57.27
C LYS J 260 68.82 -87.20 57.92
N LYS J 261 67.94 -86.54 57.17
CA LYS J 261 67.06 -85.49 57.68
C LYS J 261 67.87 -84.34 58.29
N LYS J 262 68.58 -83.65 57.41
CA LYS J 262 69.18 -82.36 57.73
C LYS J 262 68.40 -81.26 57.04
N ARG J 263 68.07 -80.21 57.78
CA ARG J 263 67.37 -79.05 57.23
C ARG J 263 68.39 -78.05 56.71
N TRP J 264 68.24 -77.65 55.45
CA TRP J 264 69.19 -76.74 54.83
C TRP J 264 68.69 -75.31 54.74
N ASN J 265 67.39 -75.09 54.83
CA ASN J 265 66.82 -73.75 54.80
C ASN J 265 66.61 -73.26 56.23
N ARG J 266 65.92 -72.13 56.35
CA ARG J 266 65.63 -71.52 57.63
C ARG J 266 64.15 -71.59 57.89
N PRO J 267 63.73 -72.16 59.02
CA PRO J 267 62.29 -72.29 59.29
C PRO J 267 61.63 -70.94 59.50
N LYS J 268 60.32 -70.92 59.27
CA LYS J 268 59.56 -69.68 59.33
C LYS J 268 59.47 -69.20 60.77
N MET J 269 59.86 -67.95 61.01
CA MET J 269 59.84 -67.37 62.34
C MET J 269 58.41 -67.21 62.84
N SER J 270 58.22 -67.36 64.14
CA SER J 270 56.89 -67.40 64.74
C SER J 270 56.47 -66.03 65.26
N LEU J 271 55.17 -65.92 65.55
CA LEU J 271 54.58 -64.66 65.97
C LEU J 271 55.18 -64.18 67.28
N ALA J 272 55.35 -65.08 68.24
CA ALA J 272 55.94 -64.70 69.52
C ALA J 272 57.38 -64.21 69.33
N GLN J 273 58.15 -64.90 68.49
CA GLN J 273 59.52 -64.49 68.25
C GLN J 273 59.59 -63.09 67.64
N LYS J 274 58.75 -62.83 66.63
CA LYS J 274 58.83 -61.51 65.99
C LYS J 274 58.28 -60.41 66.89
N LYS J 275 57.28 -60.72 67.72
CA LYS J 275 56.78 -59.71 68.65
C LYS J 275 57.81 -59.38 69.71
N ASP J 276 58.50 -60.40 70.23
CA ASP J 276 59.60 -60.13 71.16
C ASP J 276 60.71 -59.35 70.46
N ARG J 277 60.94 -59.63 69.18
CA ARG J 277 61.97 -58.91 68.44
C ARG J 277 61.64 -57.42 68.36
N VAL J 278 60.39 -57.09 68.03
CA VAL J 278 60.05 -55.68 67.91
C VAL J 278 60.06 -55.01 69.28
N ALA J 279 59.64 -55.72 70.33
CA ALA J 279 59.74 -55.17 71.68
C ALA J 279 61.20 -54.89 72.05
N GLN J 280 62.09 -55.82 71.73
CA GLN J 280 63.51 -55.64 72.02
C GLN J 280 64.07 -54.44 71.27
N LYS J 281 63.70 -54.29 69.99
CA LYS J 281 64.19 -53.16 69.23
C LYS J 281 63.71 -51.84 69.82
N LYS J 282 62.44 -51.78 70.22
CA LYS J 282 61.90 -50.57 70.84
C LYS J 282 62.65 -50.25 72.12
N ALA J 283 62.87 -51.26 72.97
CA ALA J 283 63.57 -51.03 74.23
C ALA J 283 64.99 -50.58 74.00
N SER J 284 65.69 -51.19 73.04
CA SER J 284 67.07 -50.80 72.75
C SER J 284 67.13 -49.36 72.24
N PHE J 285 66.19 -48.98 71.38
CA PHE J 285 66.16 -47.60 70.91
C PHE J 285 65.93 -46.63 72.06
N LEU J 286 65.01 -46.97 72.97
CA LEU J 286 64.76 -46.10 74.12
C LEU J 286 65.99 -45.98 75.00
N ARG J 287 66.70 -47.09 75.21
CA ARG J 287 67.92 -47.04 76.01
C ARG J 287 68.99 -46.18 75.34
N ALA J 288 69.16 -46.32 74.03
CA ALA J 288 70.13 -45.51 73.31
C ALA J 288 69.77 -44.03 73.39
N GLN J 289 68.48 -43.70 73.30
CA GLN J 289 68.06 -42.32 73.50
C GLN J 289 68.35 -41.86 74.92
N GLU J 290 68.20 -42.75 75.90
CA GLU J 290 68.52 -42.40 77.28
C GLU J 290 69.99 -42.04 77.43
N ARG J 291 70.88 -42.82 76.84
CA ARG J 291 72.30 -42.48 76.90
C ARG J 291 72.65 -41.46 75.82
N LYS K 1 -40.43 -120.93 90.54
CA LYS K 1 -40.51 -119.47 90.47
C LYS K 1 -40.16 -118.85 91.82
N GLY K 2 -39.21 -117.92 91.81
CA GLY K 2 -38.76 -117.26 93.02
C GLY K 2 -39.40 -115.90 93.21
N LYS K 3 -39.43 -115.48 94.47
CA LYS K 3 -39.96 -114.16 94.80
C LYS K 3 -39.04 -113.07 94.27
N PRO K 4 -39.54 -112.08 93.56
CA PRO K 4 -38.69 -110.99 93.10
C PRO K 4 -38.03 -110.25 94.24
N HIS K 5 -36.84 -109.73 93.98
CA HIS K 5 -36.02 -109.05 94.97
C HIS K 5 -35.75 -107.62 94.51
N CYS K 6 -35.62 -106.72 95.48
CA CYS K 6 -35.25 -105.35 95.17
C CYS K 6 -33.89 -105.30 94.49
N SER K 7 -33.73 -104.35 93.58
CA SER K 7 -32.49 -104.22 92.83
C SER K 7 -31.31 -104.04 93.78
N ARG K 8 -30.22 -104.75 93.50
CA ARG K 8 -29.05 -104.73 94.37
C ARG K 8 -28.10 -103.58 94.05
N ASN K 9 -28.41 -102.77 93.04
CA ASN K 9 -27.69 -101.54 92.79
C ASN K 9 -28.46 -100.37 93.38
N PRO K 10 -27.98 -99.73 94.44
CA PRO K 10 -28.52 -98.42 94.81
C PRO K 10 -28.09 -97.38 93.78
N VAL K 11 -29.05 -96.64 93.26
CA VAL K 11 -28.75 -95.70 92.19
C VAL K 11 -27.89 -94.56 92.73
N LEU K 12 -26.78 -94.29 92.04
CA LEU K 12 -25.92 -93.17 92.42
C LEU K 12 -26.45 -91.88 91.81
N VAL K 13 -26.49 -91.82 90.48
CA VAL K 13 -27.26 -90.83 89.74
C VAL K 13 -28.06 -91.59 88.70
N ARG K 14 -29.14 -90.98 88.25
CA ARG K 14 -30.06 -91.66 87.33
C ARG K 14 -29.32 -92.14 86.09
N GLY K 15 -29.43 -93.43 85.79
CA GLY K 15 -28.72 -94.04 84.70
C GLY K 15 -27.43 -94.74 85.09
N ILE K 16 -26.97 -94.58 86.32
CA ILE K 16 -25.71 -95.16 86.78
C ILE K 16 -25.95 -95.90 88.09
N GLY K 17 -25.47 -97.14 88.17
CA GLY K 17 -25.49 -97.88 89.41
C GLY K 17 -24.23 -97.67 90.23
N ARG K 18 -24.34 -97.91 91.54
CA ARG K 18 -23.25 -97.63 92.45
C ARG K 18 -22.15 -98.70 92.40
N TYR K 19 -22.50 -99.94 92.13
CA TYR K 19 -21.53 -101.04 92.16
C TYR K 19 -21.12 -101.43 90.75
N SER K 20 -19.85 -101.80 90.60
CA SER K 20 -19.29 -102.17 89.32
C SER K 20 -19.89 -103.48 88.81
N ARG K 21 -19.49 -103.86 87.60
CA ARG K 21 -20.06 -105.04 86.96
C ARG K 21 -19.74 -106.31 87.73
N SER K 22 -18.46 -106.54 88.03
CA SER K 22 -18.12 -107.75 88.76
C SER K 22 -18.51 -107.66 90.22
N ALA K 23 -18.55 -106.45 90.79
CA ALA K 23 -19.06 -106.31 92.14
C ALA K 23 -20.50 -106.77 92.22
N MET K 24 -21.33 -106.39 91.26
CA MET K 24 -22.69 -106.90 91.24
C MET K 24 -22.76 -108.37 90.84
N TYR K 25 -21.79 -108.85 90.05
CA TYR K 25 -21.68 -110.28 89.84
C TYR K 25 -21.55 -111.02 91.17
N SER K 26 -20.64 -110.55 92.02
CA SER K 26 -20.45 -111.15 93.33
C SER K 26 -21.70 -111.01 94.19
N ARG K 27 -22.33 -109.84 94.19
CA ARG K 27 -23.51 -109.64 95.03
C ARG K 27 -24.66 -110.52 94.59
N LYS K 28 -24.90 -110.63 93.27
CA LYS K 28 -25.88 -111.58 92.76
C LYS K 28 -25.48 -113.02 93.07
N ALA K 29 -24.18 -113.27 93.29
CA ALA K 29 -23.67 -114.62 93.54
C ALA K 29 -23.92 -115.52 92.34
N LEU K 30 -23.55 -115.03 91.16
CA LEU K 30 -23.74 -115.79 89.93
C LEU K 30 -22.66 -116.83 89.70
N TYR K 31 -21.63 -116.88 90.56
CA TYR K 31 -20.63 -117.94 90.45
C TYR K 31 -21.25 -119.30 90.72
N LYS K 32 -22.20 -119.38 91.65
CA LYS K 32 -22.86 -120.62 92.01
C LYS K 32 -24.25 -120.76 91.40
N ARG K 33 -24.64 -119.84 90.52
CA ARG K 33 -25.94 -119.88 89.87
C ARG K 33 -25.82 -120.21 88.39
N LYS K 34 -24.74 -120.90 88.01
CA LYS K 34 -24.48 -121.17 86.61
C LYS K 34 -25.43 -122.24 86.07
N TYR K 35 -26.12 -121.91 85.00
CA TYR K 35 -27.09 -122.81 84.37
C TYR K 35 -26.70 -123.09 82.93
N ALA K 36 -27.06 -124.28 82.45
CA ALA K 36 -26.75 -124.69 81.09
C ALA K 36 -27.85 -125.60 80.58
N ALA K 37 -27.94 -125.69 79.25
CA ALA K 37 -28.96 -126.52 78.61
C ALA K 37 -28.34 -127.45 77.58
N LEU K 52 -56.83 -123.26 68.39
CA LEU K 52 -56.55 -121.86 68.63
C LEU K 52 -57.19 -121.00 67.55
N ALA K 53 -56.83 -121.28 66.29
CA ALA K 53 -57.35 -120.48 65.18
C ALA K 53 -58.79 -120.82 64.84
N THR K 54 -59.21 -122.07 65.06
CA THR K 54 -60.56 -122.51 64.75
C THR K 54 -61.17 -123.21 65.95
N VAL K 55 -62.48 -123.06 66.10
CA VAL K 55 -63.23 -123.73 67.15
C VAL K 55 -64.30 -124.60 66.50
N THR K 56 -64.48 -125.81 67.05
CA THR K 56 -65.46 -126.75 66.53
C THR K 56 -66.78 -126.58 67.28
N LYS K 57 -67.85 -126.33 66.55
CA LYS K 57 -69.16 -126.08 67.15
C LYS K 57 -70.17 -127.07 66.57
N PRO K 58 -70.89 -127.81 67.41
CA PRO K 58 -71.92 -128.72 66.89
C PRO K 58 -73.07 -127.96 66.27
N VAL K 59 -73.69 -128.58 65.27
CA VAL K 59 -74.84 -128.02 64.58
C VAL K 59 -75.91 -129.10 64.45
N GLY K 60 -77.16 -128.71 64.60
CA GLY K 60 -78.27 -129.65 64.51
C GLY K 60 -78.55 -130.13 63.10
N GLY K 65 -77.01 -132.60 57.98
CA GLY K 65 -76.18 -131.70 58.76
C GLY K 65 -74.80 -132.25 59.04
N GLY K 66 -74.35 -132.10 60.29
CA GLY K 66 -73.03 -132.54 60.68
C GLY K 66 -72.44 -131.73 61.81
N THR K 67 -71.24 -131.20 61.60
CA THR K 67 -70.59 -130.33 62.58
C THR K 67 -69.66 -129.39 61.85
N ARG K 68 -69.77 -128.10 62.13
CA ARG K 68 -69.04 -127.07 61.40
C ARG K 68 -67.87 -126.56 62.22
N VAL K 69 -66.70 -126.47 61.58
CA VAL K 69 -65.50 -125.91 62.21
C VAL K 69 -65.50 -124.41 61.91
N VAL K 70 -65.85 -123.61 62.92
CA VAL K 70 -65.98 -122.17 62.77
C VAL K 70 -64.69 -121.50 63.23
N LYS K 71 -64.18 -120.59 62.42
CA LYS K 71 -63.00 -119.80 62.77
C LYS K 71 -63.44 -118.46 63.36
N LEU K 72 -62.86 -118.11 64.50
CA LEU K 72 -63.25 -116.87 65.17
C LEU K 72 -62.72 -115.64 64.47
N ARG K 73 -61.73 -115.80 63.58
CA ARG K 73 -61.20 -114.71 62.79
C ARG K 73 -61.69 -114.85 61.35
N LYS K 74 -62.40 -113.84 60.86
CA LYS K 74 -62.92 -113.83 59.51
C LYS K 74 -62.34 -112.66 58.74
N MET K 75 -62.04 -112.88 57.47
CA MET K 75 -61.37 -111.88 56.67
C MET K 75 -62.30 -110.68 56.40
N PRO K 76 -61.75 -109.48 56.28
CA PRO K 76 -62.59 -108.30 56.11
C PRO K 76 -63.42 -108.39 54.84
N ARG K 77 -64.65 -107.87 54.93
CA ARG K 77 -65.54 -107.85 53.78
C ARG K 77 -65.38 -106.59 52.95
N TYR K 78 -64.53 -105.65 53.37
CA TYR K 78 -64.30 -104.43 52.60
C TYR K 78 -62.87 -103.98 52.80
N TYR K 79 -62.22 -103.61 51.71
CA TYR K 79 -60.89 -103.03 51.76
C TYR K 79 -60.94 -101.59 51.29
N PRO K 80 -60.34 -100.66 52.03
CA PRO K 80 -60.30 -99.27 51.56
C PRO K 80 -59.48 -99.14 50.31
N THR K 81 -59.74 -98.06 49.56
CA THR K 81 -59.10 -97.89 48.26
C THR K 81 -57.59 -97.78 48.38
N GLU K 82 -57.11 -97.07 49.41
CA GLU K 82 -55.69 -97.01 49.69
C GLU K 82 -55.49 -96.78 51.17
N ASP K 83 -54.29 -97.10 51.66
CA ASP K 83 -54.04 -97.10 53.10
C ASP K 83 -52.68 -96.48 53.37
N VAL K 84 -52.54 -95.95 54.58
CA VAL K 84 -51.27 -95.39 55.06
C VAL K 84 -50.38 -96.53 55.53
N PRO K 85 -49.06 -96.36 55.53
CA PRO K 85 -48.16 -97.40 56.03
C PRO K 85 -47.97 -97.31 57.53
N ARG K 86 -47.37 -98.35 58.09
CA ARG K 86 -47.04 -98.35 59.51
C ARG K 86 -45.90 -97.39 59.80
N LYS K 87 -45.83 -96.96 61.06
CA LYS K 87 -44.85 -95.97 61.48
C LYS K 87 -43.56 -96.65 61.93
N LEU K 88 -42.46 -95.92 61.75
CA LEU K 88 -41.26 -96.24 62.52
C LEU K 88 -41.54 -95.96 63.99
N LEU K 89 -41.01 -96.80 64.86
CA LEU K 89 -41.41 -96.81 66.26
C LEU K 89 -40.31 -96.24 67.14
N SER K 90 -40.65 -95.23 67.93
CA SER K 90 -39.75 -94.59 68.86
C SER K 90 -39.84 -95.29 70.22
N HIS K 91 -39.12 -94.76 71.21
CA HIS K 91 -38.96 -95.50 72.45
C HIS K 91 -39.28 -94.72 73.72
N GLY K 92 -39.09 -93.41 73.70
CA GLY K 92 -39.23 -92.64 74.93
C GLY K 92 -40.56 -91.96 75.12
N LYS K 93 -41.58 -92.41 74.39
CA LYS K 93 -42.87 -91.73 74.34
C LYS K 93 -43.89 -92.56 75.09
N LYS K 94 -44.27 -92.08 76.27
CA LYS K 94 -45.19 -92.77 77.16
C LYS K 94 -46.53 -92.06 77.23
N PRO K 95 -47.61 -92.81 77.47
CA PRO K 95 -48.92 -92.15 77.64
C PRO K 95 -48.94 -91.28 78.89
N PHE K 96 -49.83 -90.29 78.87
CA PHE K 96 -49.88 -89.29 79.94
C PHE K 96 -50.17 -89.93 81.29
N SER K 97 -50.82 -91.10 81.31
CA SER K 97 -51.18 -91.73 82.57
C SER K 97 -49.97 -92.24 83.36
N GLN K 98 -48.79 -92.32 82.75
CA GLN K 98 -47.61 -92.85 83.42
C GLN K 98 -46.40 -91.95 83.21
N HIS K 99 -46.61 -90.64 83.13
CA HIS K 99 -45.50 -89.72 83.22
C HIS K 99 -45.11 -89.52 84.69
N VAL K 100 -43.91 -88.99 84.89
CA VAL K 100 -43.47 -88.62 86.23
C VAL K 100 -44.02 -87.25 86.57
N ARG K 101 -44.65 -87.14 87.73
CA ARG K 101 -45.31 -85.91 88.15
C ARG K 101 -44.43 -85.16 89.14
N LYS K 102 -44.25 -83.86 88.91
CA LYS K 102 -43.35 -83.05 89.70
C LYS K 102 -44.12 -81.97 90.45
N LEU K 103 -43.59 -81.59 91.60
CA LEU K 103 -44.16 -80.56 92.45
C LEU K 103 -43.08 -79.59 92.87
N ARG K 104 -43.40 -78.30 92.82
CA ARG K 104 -42.44 -77.28 93.21
C ARG K 104 -42.12 -77.41 94.70
N ALA K 105 -40.85 -77.17 95.05
CA ALA K 105 -40.44 -77.32 96.43
C ALA K 105 -41.15 -76.33 97.34
N SER K 106 -41.58 -75.19 96.81
CA SER K 106 -42.27 -74.19 97.61
C SER K 106 -43.70 -74.58 97.94
N ILE K 107 -44.24 -75.62 97.31
CA ILE K 107 -45.61 -76.06 97.55
C ILE K 107 -45.56 -77.30 98.44
N THR K 108 -46.05 -77.18 99.66
CA THR K 108 -46.15 -78.25 100.63
C THR K 108 -47.56 -78.24 101.20
N PRO K 109 -48.03 -79.39 101.70
CA PRO K 109 -49.41 -79.43 102.25
C PRO K 109 -49.59 -78.43 103.38
N GLY K 110 -50.75 -77.78 103.38
CA GLY K 110 -51.06 -76.75 104.35
C GLY K 110 -50.67 -75.35 103.95
N THR K 111 -50.03 -75.18 102.81
CA THR K 111 -49.62 -73.86 102.36
C THR K 111 -50.81 -73.07 101.83
N ILE K 112 -50.65 -71.75 101.80
CA ILE K 112 -51.66 -70.85 101.27
C ILE K 112 -51.29 -70.51 99.84
N LEU K 113 -52.20 -70.81 98.92
CA LEU K 113 -52.02 -70.55 97.50
C LEU K 113 -52.92 -69.39 97.07
N ILE K 114 -52.61 -68.83 95.91
CA ILE K 114 -53.39 -67.74 95.32
C ILE K 114 -53.85 -68.20 93.95
N ILE K 115 -55.17 -68.31 93.77
CA ILE K 115 -55.71 -68.71 92.47
C ILE K 115 -55.60 -67.54 91.51
N LEU K 116 -55.15 -67.81 90.29
CA LEU K 116 -54.78 -66.75 89.36
C LEU K 116 -55.61 -66.70 88.08
N THR K 117 -56.27 -67.78 87.67
CA THR K 117 -56.89 -67.82 86.36
C THR K 117 -58.41 -67.92 86.42
N GLY K 118 -58.95 -68.94 87.08
CA GLY K 118 -60.35 -69.28 86.93
C GLY K 118 -61.29 -68.23 87.50
N ARG K 119 -62.56 -68.64 87.61
CA ARG K 119 -63.56 -67.75 88.19
C ARG K 119 -63.27 -67.43 89.65
N HIS K 120 -62.37 -68.18 90.28
CA HIS K 120 -61.94 -67.91 91.64
C HIS K 120 -60.60 -67.18 91.68
N ARG K 121 -60.25 -66.47 90.62
CA ARG K 121 -58.95 -65.83 90.53
C ARG K 121 -58.77 -64.79 91.63
N GLY K 122 -57.55 -64.69 92.14
CA GLY K 122 -57.22 -63.72 93.16
C GLY K 122 -57.58 -64.09 94.56
N LYS K 123 -58.12 -65.28 94.79
CA LYS K 123 -58.53 -65.71 96.13
C LYS K 123 -57.46 -66.61 96.75
N ARG K 124 -57.29 -66.46 98.06
CA ARG K 124 -56.33 -67.24 98.82
C ARG K 124 -57.00 -68.52 99.32
N VAL K 125 -56.29 -69.63 99.18
CA VAL K 125 -56.83 -70.97 99.41
C VAL K 125 -55.79 -71.79 100.15
N VAL K 126 -56.21 -72.98 100.57
CA VAL K 126 -55.39 -73.90 101.35
C VAL K 126 -55.10 -75.14 100.51
N PHE K 127 -53.83 -75.53 100.43
CA PHE K 127 -53.42 -76.69 99.65
C PHE K 127 -53.43 -77.94 100.52
N LEU K 128 -53.91 -79.05 99.96
CA LEU K 128 -54.03 -80.30 100.69
C LEU K 128 -53.09 -81.38 100.17
N LYS K 129 -53.19 -81.76 98.89
CA LYS K 129 -52.41 -82.89 98.41
C LYS K 129 -52.18 -82.75 96.91
N GLN K 130 -51.15 -83.46 96.45
CA GLN K 130 -50.92 -83.66 95.03
C GLN K 130 -51.77 -84.84 94.56
N LEU K 131 -52.67 -84.58 93.61
CA LEU K 131 -53.50 -85.66 93.09
C LEU K 131 -52.70 -86.52 92.12
N SER K 132 -53.36 -87.55 91.57
CA SER K 132 -52.65 -88.55 90.78
C SER K 132 -52.08 -87.97 89.49
N SER K 133 -52.83 -87.08 88.83
CA SER K 133 -52.43 -86.57 87.52
C SER K 133 -51.69 -85.25 87.60
N GLY K 134 -51.12 -84.92 88.75
CA GLY K 134 -50.34 -83.71 88.87
C GLY K 134 -51.13 -82.45 89.11
N LEU K 135 -52.42 -82.56 89.40
CA LEU K 135 -53.24 -81.40 89.74
C LEU K 135 -53.35 -81.28 91.25
N LEU K 136 -53.09 -80.09 91.78
CA LEU K 136 -53.19 -79.88 93.21
C LEU K 136 -54.65 -79.92 93.65
N LEU K 137 -54.88 -80.50 94.83
CA LEU K 137 -56.21 -80.54 95.42
C LEU K 137 -56.33 -79.38 96.40
N VAL K 138 -56.85 -78.28 95.92
CA VAL K 138 -57.20 -77.15 96.77
C VAL K 138 -58.54 -77.41 97.42
N THR K 139 -58.77 -76.86 98.62
CA THR K 139 -60.10 -76.87 99.18
C THR K 139 -60.70 -75.47 99.31
N GLY K 140 -60.11 -74.60 100.10
CA GLY K 140 -60.76 -73.35 100.43
C GLY K 140 -61.90 -73.65 101.40
N PRO K 141 -62.07 -72.83 102.43
CA PRO K 141 -63.24 -72.99 103.29
C PRO K 141 -64.44 -72.27 102.68
N LEU K 142 -65.53 -73.00 102.45
CA LEU K 142 -66.75 -72.38 101.94
C LEU K 142 -67.20 -71.23 102.83
N SER K 143 -67.06 -71.40 104.15
CA SER K 143 -67.45 -70.34 105.08
C SER K 143 -66.61 -69.09 104.90
N LEU K 144 -65.40 -69.21 104.32
CA LEU K 144 -64.50 -68.08 104.20
C LEU K 144 -64.58 -67.39 102.85
N ASN K 145 -64.33 -68.11 101.75
CA ASN K 145 -64.25 -67.44 100.45
C ASN K 145 -64.94 -68.21 99.33
N ARG K 146 -65.81 -69.18 99.65
CA ARG K 146 -66.67 -69.83 98.68
C ARG K 146 -65.87 -70.54 97.59
N VAL K 147 -64.91 -71.36 98.01
CA VAL K 147 -64.15 -72.23 97.12
C VAL K 147 -64.31 -73.66 97.65
N PRO K 148 -64.79 -74.60 96.84
CA PRO K 148 -64.95 -75.97 97.32
C PRO K 148 -63.72 -76.84 97.07
N LEU K 149 -63.79 -78.12 97.47
CA LEU K 149 -62.77 -79.07 97.07
C LEU K 149 -62.66 -79.06 95.56
N ARG K 150 -61.52 -78.61 95.05
CA ARG K 150 -61.40 -78.25 93.65
C ARG K 150 -59.99 -78.55 93.19
N ARG K 151 -59.88 -79.02 91.95
CA ARG K 151 -58.57 -79.27 91.35
C ARG K 151 -58.03 -77.97 90.77
N THR K 152 -56.72 -77.78 90.90
CA THR K 152 -56.06 -76.63 90.30
C THR K 152 -54.77 -77.08 89.67
N HIS K 153 -54.26 -76.28 88.74
CA HIS K 153 -53.01 -76.59 88.07
C HIS K 153 -51.85 -75.96 88.85
N GLN K 154 -50.76 -76.70 88.94
CA GLN K 154 -49.62 -76.27 89.74
C GLN K 154 -49.03 -74.96 89.23
N LYS K 155 -48.99 -74.77 87.91
CA LYS K 155 -48.36 -73.57 87.39
C LYS K 155 -49.23 -72.34 87.57
N PHE K 156 -50.54 -72.46 87.50
CA PHE K 156 -51.40 -71.26 87.55
C PHE K 156 -51.81 -70.94 88.99
N VAL K 157 -50.83 -70.94 89.90
CA VAL K 157 -51.02 -70.51 91.29
C VAL K 157 -49.70 -69.94 91.77
N ILE K 158 -49.78 -68.98 92.68
CA ILE K 158 -48.62 -68.46 93.38
C ILE K 158 -48.61 -69.04 94.78
N ALA K 159 -47.50 -69.66 95.16
CA ALA K 159 -47.36 -70.28 96.48
C ALA K 159 -46.79 -69.25 97.45
N THR K 160 -47.58 -68.86 98.43
CA THR K 160 -47.11 -67.95 99.47
C THR K 160 -46.38 -68.73 100.55
N SER K 161 -45.60 -68.00 101.35
CA SER K 161 -44.82 -68.61 102.43
C SER K 161 -45.57 -68.49 103.76
N THR K 162 -46.74 -69.13 103.81
CA THR K 162 -47.56 -69.18 105.01
C THR K 162 -48.17 -70.57 105.10
N LYS K 163 -47.82 -71.31 106.15
CA LYS K 163 -48.16 -72.72 106.26
C LYS K 163 -49.16 -72.96 107.39
N ILE K 164 -49.87 -74.08 107.24
CA ILE K 164 -50.77 -74.61 108.27
C ILE K 164 -50.37 -76.05 108.53
N ASP K 165 -50.25 -76.41 109.80
CA ASP K 165 -49.80 -77.76 110.17
C ASP K 165 -50.85 -78.84 109.90
N ILE K 166 -51.21 -78.99 108.63
CA ILE K 166 -52.32 -79.83 108.19
C ILE K 166 -51.99 -81.32 108.36
N SER K 167 -50.80 -81.61 108.89
CA SER K 167 -50.33 -83.00 108.95
C SER K 167 -51.34 -83.91 109.64
N GLY K 168 -52.01 -83.42 110.67
CA GLY K 168 -52.97 -84.24 111.39
C GLY K 168 -54.38 -84.14 110.86
N VAL K 169 -54.54 -84.13 109.54
CA VAL K 169 -55.84 -84.04 108.88
C VAL K 169 -56.05 -85.29 108.05
N LYS K 170 -57.21 -85.91 108.20
CA LYS K 170 -57.56 -87.14 107.50
C LYS K 170 -58.56 -86.82 106.40
N ILE K 171 -58.07 -86.66 105.18
CA ILE K 171 -58.91 -86.48 104.01
C ILE K 171 -59.48 -87.83 103.59
N PRO K 172 -60.71 -87.88 103.08
CA PRO K 172 -61.24 -89.15 102.58
C PRO K 172 -60.44 -89.65 101.38
N LYS K 173 -60.37 -90.97 101.25
CA LYS K 173 -59.57 -91.59 100.22
C LYS K 173 -60.31 -91.77 98.90
N HIS K 174 -61.62 -91.64 98.89
CA HIS K 174 -62.41 -91.88 97.68
C HIS K 174 -62.47 -90.67 96.77
N LEU K 175 -61.90 -89.54 97.17
CA LEU K 175 -61.90 -88.34 96.35
C LEU K 175 -60.64 -88.34 95.49
N THR K 176 -60.82 -88.52 94.18
CA THR K 176 -59.71 -88.68 93.25
C THR K 176 -60.04 -87.94 91.95
N ASP K 177 -59.20 -88.16 90.94
CA ASP K 177 -59.39 -87.52 89.65
C ASP K 177 -60.68 -87.95 88.98
N ALA K 178 -60.98 -89.25 89.04
CA ALA K 178 -62.26 -89.73 88.51
C ALA K 178 -63.43 -89.13 89.28
N TYR K 179 -63.24 -88.89 90.58
CA TYR K 179 -64.28 -88.24 91.37
C TYR K 179 -64.50 -86.80 90.89
N PHE K 180 -63.43 -86.09 90.58
CA PHE K 180 -63.54 -84.66 90.27
C PHE K 180 -63.75 -84.36 88.78
N LYS K 181 -63.65 -85.36 87.91
CA LYS K 181 -63.73 -85.10 86.47
C LYS K 181 -65.13 -84.68 86.08
N LYS K 182 -65.22 -83.78 85.10
CA LYS K 182 -66.50 -83.34 84.58
C LYS K 182 -67.28 -84.50 83.98
N LYS K 183 -68.61 -84.39 84.01
CA LYS K 183 -69.48 -85.45 83.50
C LYS K 183 -69.89 -85.21 82.05
N LYS K 184 -70.54 -84.08 81.78
CA LYS K 184 -71.01 -83.77 80.43
C LYS K 184 -71.23 -82.27 80.25
N LYS K 202 -78.22 -78.23 83.00
CA LYS K 202 -77.37 -77.46 83.90
C LYS K 202 -76.65 -78.37 84.90
N TYR K 203 -75.80 -77.77 85.72
CA TYR K 203 -75.03 -78.50 86.72
C TYR K 203 -75.66 -78.28 88.10
N GLU K 204 -76.02 -79.38 88.76
CA GLU K 204 -76.51 -79.36 90.13
C GLU K 204 -75.47 -80.00 91.04
N ILE K 205 -75.40 -79.53 92.26
CA ILE K 205 -74.45 -80.07 93.23
C ILE K 205 -75.01 -81.35 93.82
N THR K 206 -74.11 -82.22 94.27
CA THR K 206 -74.48 -83.55 94.75
C THR K 206 -74.23 -83.66 96.25
N GLU K 207 -74.99 -84.58 96.87
CA GLU K 207 -74.98 -84.70 98.31
C GLU K 207 -73.66 -85.24 98.84
N GLN K 208 -73.03 -86.17 98.11
CA GLN K 208 -71.73 -86.66 98.57
C GLN K 208 -70.67 -85.57 98.46
N ARG K 209 -70.75 -84.74 97.42
CA ARG K 209 -69.88 -83.57 97.33
C ARG K 209 -70.08 -82.67 98.53
N LYS K 210 -71.34 -82.39 98.88
CA LYS K 210 -71.63 -81.51 100.01
C LYS K 210 -71.12 -82.09 101.33
N VAL K 211 -71.32 -83.40 101.54
CA VAL K 211 -70.93 -83.98 102.82
C VAL K 211 -69.41 -84.10 102.93
N ASP K 212 -68.73 -84.41 101.82
CA ASP K 212 -67.27 -84.40 101.85
C ASP K 212 -66.75 -83.00 102.14
N GLN K 213 -67.35 -81.99 101.52
CA GLN K 213 -66.99 -80.61 101.82
C GLN K 213 -67.17 -80.31 103.29
N LYS K 214 -68.31 -80.72 103.85
CA LYS K 214 -68.59 -80.46 105.26
C LYS K 214 -67.58 -81.15 106.16
N ALA K 215 -67.23 -82.40 105.85
CA ALA K 215 -66.27 -83.13 106.67
C ALA K 215 -64.90 -82.45 106.65
N VAL K 216 -64.39 -82.13 105.46
CA VAL K 216 -63.08 -81.51 105.37
C VAL K 216 -63.08 -80.15 106.05
N ASP K 217 -64.15 -79.36 105.86
CA ASP K 217 -64.22 -78.05 106.49
C ASP K 217 -64.25 -78.18 108.01
N SER K 218 -65.08 -79.07 108.53
CA SER K 218 -65.14 -79.27 109.98
C SER K 218 -63.79 -79.70 110.53
N GLN K 219 -63.02 -80.46 109.75
CA GLN K 219 -61.72 -80.89 110.22
C GLN K 219 -60.66 -79.79 110.13
N ILE K 220 -60.77 -78.89 109.16
CA ILE K 220 -59.68 -77.96 108.87
C ILE K 220 -59.89 -76.58 109.49
N LEU K 221 -61.15 -76.16 109.66
CA LEU K 221 -61.42 -74.83 110.18
C LEU K 221 -60.83 -74.58 111.56
N PRO K 222 -61.02 -75.44 112.57
CA PRO K 222 -60.42 -75.14 113.88
C PRO K 222 -58.91 -74.98 113.81
N LYS K 223 -58.27 -75.58 112.82
CA LYS K 223 -56.83 -75.44 112.68
C LYS K 223 -56.44 -74.05 112.23
N ILE K 224 -57.26 -73.40 111.41
CA ILE K 224 -56.95 -72.03 110.98
C ILE K 224 -57.52 -70.99 111.91
N LYS K 225 -58.49 -71.36 112.77
CA LYS K 225 -58.92 -70.43 113.82
C LYS K 225 -57.84 -70.20 114.86
N ALA K 226 -56.87 -71.11 114.96
CA ALA K 226 -55.82 -71.00 115.96
C ALA K 226 -54.75 -69.98 115.59
N VAL K 227 -54.70 -69.54 114.34
CA VAL K 227 -53.74 -68.53 113.90
C VAL K 227 -54.47 -67.19 113.83
N PRO K 228 -54.05 -66.19 114.60
CA PRO K 228 -54.79 -64.92 114.60
C PRO K 228 -54.81 -64.26 113.23
N GLN K 229 -55.95 -63.66 112.91
CA GLN K 229 -56.20 -62.88 111.68
C GLN K 229 -56.13 -63.73 110.42
N LEU K 230 -55.91 -65.04 110.53
CA LEU K 230 -55.75 -65.86 109.33
C LEU K 230 -57.07 -66.03 108.59
N GLN K 231 -58.20 -66.08 109.30
CA GLN K 231 -59.48 -66.15 108.60
C GLN K 231 -59.72 -64.88 107.79
N GLY K 232 -59.38 -63.72 108.34
CA GLY K 232 -59.47 -62.50 107.56
C GLY K 232 -58.55 -62.51 106.36
N TYR K 233 -57.32 -63.02 106.55
CA TYR K 233 -56.40 -63.13 105.43
C TYR K 233 -56.96 -64.00 104.33
N LEU K 234 -57.54 -65.15 104.68
CA LEU K 234 -58.10 -66.04 103.68
C LEU K 234 -59.37 -65.48 103.07
N ARG K 235 -60.10 -64.65 103.81
CA ARG K 235 -61.31 -64.03 103.31
C ARG K 235 -61.00 -62.88 102.35
N SER K 236 -59.84 -62.26 102.49
CA SER K 236 -59.45 -61.17 101.61
C SER K 236 -59.19 -61.68 100.19
N VAL K 237 -58.88 -60.76 99.29
CA VAL K 237 -58.63 -61.07 97.88
C VAL K 237 -57.35 -60.36 97.45
N PHE K 238 -56.48 -61.08 96.76
CA PHE K 238 -55.19 -60.53 96.35
C PHE K 238 -55.34 -59.68 95.10
N ALA K 239 -54.68 -58.52 95.10
CA ALA K 239 -54.72 -57.61 93.97
C ALA K 239 -53.47 -56.75 93.98
N LEU K 240 -53.17 -56.16 92.82
CA LEU K 240 -52.01 -55.29 92.64
C LEU K 240 -52.46 -53.85 92.56
N THR K 241 -51.80 -52.98 93.32
CA THR K 241 -52.09 -51.55 93.33
C THR K 241 -50.89 -50.77 92.79
N ASN K 242 -50.99 -49.45 92.84
CA ASN K 242 -49.93 -48.60 92.33
C ASN K 242 -48.67 -48.73 93.18
N GLY K 243 -47.52 -48.72 92.52
CA GLY K 243 -46.24 -48.82 93.20
C GLY K 243 -45.89 -50.20 93.69
N VAL K 244 -46.68 -51.21 93.34
CA VAL K 244 -46.48 -52.58 93.78
C VAL K 244 -45.99 -53.40 92.60
N TYR K 245 -44.77 -53.90 92.69
CA TYR K 245 -44.15 -54.67 91.62
C TYR K 245 -43.92 -56.10 92.08
N PRO K 246 -44.47 -57.10 91.39
CA PRO K 246 -44.40 -58.47 91.92
C PRO K 246 -43.00 -58.98 92.16
N HIS K 247 -42.04 -58.62 91.30
CA HIS K 247 -40.67 -59.08 91.52
C HIS K 247 -40.08 -58.47 92.79
N LYS K 248 -40.49 -57.26 93.14
CA LYS K 248 -39.97 -56.62 94.35
C LYS K 248 -40.49 -57.29 95.61
N LEU K 249 -41.77 -57.61 95.65
CA LEU K 249 -42.38 -58.08 96.88
C LEU K 249 -42.11 -59.57 97.07
N VAL K 250 -41.85 -59.95 98.32
CA VAL K 250 -41.63 -61.35 98.67
C VAL K 250 -42.97 -61.99 98.99
N PHE K 251 -43.27 -63.11 98.34
CA PHE K 251 -44.50 -63.82 98.65
C PHE K 251 -44.29 -64.74 99.84
N ASN L 1 -35.28 -130.51 55.32
CA ASN L 1 -35.55 -130.84 56.72
C ASN L 1 -35.42 -129.60 57.63
N PHE L 2 -34.43 -128.76 57.35
CA PHE L 2 -34.35 -127.40 57.90
C PHE L 2 -33.98 -127.39 59.38
N ALA L 3 -34.02 -128.56 60.01
CA ALA L 3 -33.77 -128.65 61.45
C ALA L 3 -32.32 -128.41 61.81
N GLU L 4 -31.40 -128.64 60.87
CA GLU L 4 -30.00 -128.29 61.07
C GLU L 4 -29.62 -126.96 60.44
N LEU L 5 -30.35 -126.52 59.41
CA LEU L 5 -30.14 -125.18 58.88
C LEU L 5 -30.44 -124.13 59.94
N LYS L 6 -31.52 -124.31 60.69
CA LYS L 6 -31.82 -123.40 61.79
C LYS L 6 -30.68 -123.35 62.80
N ILE L 7 -30.14 -124.53 63.15
CA ILE L 7 -29.06 -124.60 64.13
C ILE L 7 -27.82 -123.89 63.60
N LYS L 8 -27.50 -124.10 62.32
CA LYS L 8 -26.31 -123.47 61.75
C LYS L 8 -26.44 -121.95 61.75
N ARG L 9 -27.62 -121.44 61.40
CA ARG L 9 -27.79 -119.99 61.39
C ARG L 9 -27.75 -119.42 62.80
N LEU L 10 -28.31 -120.14 63.77
CA LEU L 10 -28.20 -119.72 65.16
C LEU L 10 -26.74 -119.67 65.60
N ARG L 11 -25.95 -120.66 65.18
CA ARG L 11 -24.54 -120.69 65.57
C ARG L 11 -23.77 -119.54 64.95
N LYS L 12 -24.06 -119.20 63.69
CA LYS L 12 -23.42 -118.04 63.08
C LYS L 12 -23.76 -116.76 63.83
N LYS L 13 -25.03 -116.59 64.19
CA LYS L 13 -25.43 -115.42 64.96
C LYS L 13 -24.69 -115.37 66.30
N PHE L 14 -24.59 -116.50 66.97
CA PHE L 14 -23.88 -116.57 68.25
C PHE L 14 -22.41 -116.20 68.07
N ALA L 15 -21.77 -116.71 67.02
CA ALA L 15 -20.37 -116.41 66.80
C ALA L 15 -20.15 -114.92 66.58
N GLN L 16 -21.00 -114.28 65.76
CA GLN L 16 -20.80 -112.86 65.53
C GLN L 16 -21.09 -112.04 66.78
N LYS L 17 -22.04 -112.47 67.61
CA LYS L 17 -22.29 -111.73 68.84
C LYS L 17 -21.13 -111.87 69.83
N MET L 18 -20.52 -113.06 69.89
CA MET L 18 -19.30 -113.22 70.68
C MET L 18 -18.19 -112.30 70.18
N LEU L 19 -18.02 -112.22 68.86
CA LEU L 19 -16.98 -111.35 68.32
C LEU L 19 -17.24 -109.89 68.69
N ARG L 20 -18.51 -109.47 68.62
CA ARG L 20 -18.86 -108.10 69.00
C ARG L 20 -18.51 -107.84 70.46
N LYS L 21 -18.85 -108.79 71.34
CA LYS L 21 -18.57 -108.61 72.76
C LYS L 21 -17.06 -108.53 73.01
N ALA L 22 -16.28 -109.36 72.30
CA ALA L 22 -14.83 -109.32 72.44
C ALA L 22 -14.27 -107.96 72.01
N ARG L 23 -14.76 -107.42 70.90
CA ARG L 23 -14.30 -106.10 70.47
C ARG L 23 -14.64 -105.03 71.50
N ARG L 24 -15.85 -105.11 72.08
CA ARG L 24 -16.21 -104.14 73.12
C ARG L 24 -15.26 -104.21 74.30
N LYS L 25 -14.93 -105.42 74.76
CA LYS L 25 -13.99 -105.55 75.87
C LYS L 25 -12.63 -104.98 75.51
N LEU L 26 -12.17 -105.22 74.29
CA LEU L 26 -10.87 -104.71 73.86
C LEU L 26 -10.84 -103.19 73.90
N ILE L 27 -11.87 -102.54 73.35
CA ILE L 27 -11.86 -101.09 73.34
C ILE L 27 -11.98 -100.52 74.76
N TYR L 28 -12.74 -101.19 75.63
CA TYR L 28 -12.81 -100.74 77.02
C TYR L 28 -11.44 -100.75 77.68
N GLU L 29 -10.70 -101.86 77.53
CA GLU L 29 -9.40 -101.95 78.17
C GLU L 29 -8.40 -100.98 77.54
N LYS L 30 -8.48 -100.74 76.24
CA LYS L 30 -7.61 -99.75 75.62
C LYS L 30 -7.89 -98.35 76.18
N ALA L 31 -9.17 -98.02 76.39
CA ALA L 31 -9.51 -96.74 76.98
C ALA L 31 -8.91 -96.60 78.39
N LYS L 32 -8.99 -97.67 79.18
CA LYS L 32 -8.37 -97.63 80.51
C LYS L 32 -6.86 -97.40 80.43
N HIS L 33 -6.21 -98.08 79.49
CA HIS L 33 -4.77 -97.90 79.32
C HIS L 33 -4.43 -96.47 78.93
N TYR L 34 -5.26 -95.88 78.06
CA TYR L 34 -5.01 -94.50 77.66
C TYR L 34 -5.19 -93.53 78.83
N HIS L 35 -6.17 -93.80 79.69
CA HIS L 35 -6.31 -92.99 80.90
C HIS L 35 -5.03 -93.03 81.74
N LYS L 36 -4.50 -94.24 81.94
CA LYS L 36 -3.26 -94.36 82.71
C LYS L 36 -2.13 -93.59 82.04
N GLU L 37 -2.01 -93.70 80.72
CA GLU L 37 -0.94 -93.01 80.00
C GLU L 37 -1.06 -91.49 80.13
N TYR L 38 -2.28 -90.97 80.07
CA TYR L 38 -2.48 -89.54 80.24
C TYR L 38 -2.05 -89.09 81.63
N ARG L 39 -2.42 -89.86 82.67
CA ARG L 39 -1.97 -89.52 84.01
C ARG L 39 -0.44 -89.50 84.08
N GLN L 40 0.20 -90.50 83.46
CA GLN L 40 1.65 -90.58 83.48
C GLN L 40 2.28 -89.34 82.87
N MET L 41 1.84 -88.97 81.66
CA MET L 41 2.42 -87.82 80.99
C MET L 41 2.18 -86.55 81.76
N TYR L 42 0.99 -86.39 82.34
CA TYR L 42 0.70 -85.16 83.07
C TYR L 42 1.55 -85.03 84.32
N ARG L 43 1.72 -86.11 85.08
CA ARG L 43 2.48 -86.01 86.32
C ARG L 43 3.99 -85.93 86.09
N THR L 44 4.48 -86.53 84.99
CA THR L 44 5.92 -86.57 84.78
C THR L 44 6.51 -85.17 84.65
N GLU L 45 5.85 -84.29 83.89
CA GLU L 45 6.39 -82.96 83.68
C GLU L 45 6.45 -82.18 84.99
N ILE L 46 5.40 -82.29 85.81
CA ILE L 46 5.39 -81.61 87.10
C ILE L 46 6.53 -82.12 87.97
N ARG L 47 6.74 -83.43 87.99
CA ARG L 47 7.84 -84.00 88.78
C ARG L 47 9.19 -83.49 88.28
N MET L 48 9.38 -83.44 86.96
CA MET L 48 10.65 -83.00 86.39
C MET L 48 10.93 -81.56 86.77
N ALA L 49 9.91 -80.70 86.67
CA ALA L 49 10.09 -79.30 87.03
C ALA L 49 10.39 -79.15 88.51
N ARG L 50 9.73 -79.94 89.36
CA ARG L 50 10.00 -79.85 90.79
C ARG L 50 11.44 -80.24 91.10
N MET L 51 11.94 -81.32 90.49
CA MET L 51 13.32 -81.70 90.80
C MET L 51 14.31 -80.68 90.28
N ALA L 52 14.02 -80.08 89.10
CA ALA L 52 14.90 -79.02 88.61
C ALA L 52 14.91 -77.82 89.54
N ARG L 53 13.74 -77.42 90.05
CA ARG L 53 13.68 -76.30 90.97
C ARG L 53 14.45 -76.60 92.26
N LYS L 54 14.30 -77.82 92.78
CA LYS L 54 15.04 -78.18 93.99
C LYS L 54 16.53 -78.22 93.76
N ALA L 55 16.98 -78.66 92.58
CA ALA L 55 18.40 -78.62 92.27
C ALA L 55 18.88 -77.21 92.01
N GLY L 56 17.98 -76.27 91.72
CA GLY L 56 18.35 -74.89 91.45
C GLY L 56 18.53 -74.56 89.99
N ASN L 57 18.36 -75.53 89.10
CA ASN L 57 18.49 -75.32 87.67
C ASN L 57 17.11 -74.99 87.09
N PHE L 58 17.01 -75.02 85.76
CA PHE L 58 15.74 -74.82 85.07
C PHE L 58 15.44 -76.03 84.21
N TYR L 59 14.15 -76.36 84.10
CA TYR L 59 13.68 -77.44 83.25
C TYR L 59 12.84 -76.83 82.15
N VAL L 60 13.35 -76.85 80.92
CA VAL L 60 12.64 -76.34 79.75
C VAL L 60 11.82 -77.49 79.19
N PRO L 61 10.49 -77.45 79.27
CA PRO L 61 9.69 -78.55 78.74
C PRO L 61 9.79 -78.62 77.23
N ALA L 62 9.56 -79.81 76.69
CA ALA L 62 9.59 -80.00 75.24
C ALA L 62 8.51 -79.15 74.59
N GLU L 63 8.92 -78.31 73.64
CA GLU L 63 7.98 -77.42 73.00
C GLU L 63 6.96 -78.22 72.20
N PRO L 64 5.71 -77.74 72.12
CA PRO L 64 4.62 -78.60 71.68
C PRO L 64 4.75 -79.01 70.23
N LYS L 65 4.13 -80.15 69.92
CA LYS L 65 4.19 -80.75 68.59
C LYS L 65 2.83 -80.82 67.90
N LEU L 66 1.76 -80.40 68.57
CA LEU L 66 0.43 -80.35 67.98
C LEU L 66 -0.13 -78.94 68.12
N ALA L 67 -0.82 -78.47 67.08
CA ALA L 67 -1.42 -77.15 67.08
C ALA L 67 -2.85 -77.22 66.57
N PHE L 68 -3.68 -76.30 67.07
CA PHE L 68 -5.03 -76.10 66.56
C PHE L 68 -5.09 -74.73 65.91
N VAL L 69 -5.66 -74.68 64.72
CA VAL L 69 -5.68 -73.48 63.87
C VAL L 69 -7.12 -73.17 63.49
N ILE L 70 -7.47 -71.89 63.50
CA ILE L 70 -8.81 -71.42 63.17
C ILE L 70 -8.69 -70.26 62.20
N ARG L 71 -9.53 -70.26 61.16
CA ARG L 71 -9.57 -69.13 60.24
C ARG L 71 -10.40 -68.00 60.84
N ILE L 72 -9.81 -66.81 60.91
CA ILE L 72 -10.41 -65.70 61.62
C ILE L 72 -11.07 -64.73 60.65
N ARG L 73 -10.51 -64.61 59.45
CA ARG L 73 -10.98 -63.65 58.46
C ARG L 73 -11.63 -64.37 57.30
N GLY L 74 -12.29 -63.60 56.45
CA GLY L 74 -13.19 -64.13 55.44
C GLY L 74 -12.54 -64.39 54.10
N ILE L 75 -13.38 -64.37 53.06
CA ILE L 75 -12.96 -64.78 51.72
C ILE L 75 -12.51 -63.61 50.87
N ASN L 76 -13.00 -62.40 51.15
CA ASN L 76 -12.90 -61.29 50.21
C ASN L 76 -11.55 -60.59 50.36
N GLY L 77 -10.81 -60.50 49.27
CA GLY L 77 -9.56 -59.76 49.25
C GLY L 77 -8.40 -60.48 49.89
N VAL L 78 -7.99 -61.61 49.31
CA VAL L 78 -6.95 -62.46 49.87
C VAL L 78 -5.85 -62.64 48.83
N SER L 79 -4.60 -62.52 49.28
CA SER L 79 -3.46 -62.72 48.40
C SER L 79 -3.40 -64.15 47.90
N PRO L 80 -2.84 -64.39 46.71
CA PRO L 80 -2.80 -65.76 46.18
C PRO L 80 -2.02 -66.74 47.05
N LYS L 81 -0.86 -66.34 47.58
CA LYS L 81 -0.10 -67.26 48.43
C LYS L 81 -0.87 -67.60 49.69
N VAL L 82 -1.50 -66.61 50.32
CA VAL L 82 -2.27 -66.86 51.53
C VAL L 82 -3.43 -67.78 51.23
N ARG L 83 -4.13 -67.53 50.11
CA ARG L 83 -5.24 -68.37 49.73
C ARG L 83 -4.79 -69.82 49.51
N LYS L 84 -3.66 -69.99 48.83
CA LYS L 84 -3.15 -71.33 48.57
C LYS L 84 -2.80 -72.06 49.86
N VAL L 85 -2.14 -71.37 50.78
CA VAL L 85 -1.77 -72.03 52.03
C VAL L 85 -3.00 -72.37 52.86
N LEU L 86 -4.03 -71.51 52.82
CA LEU L 86 -5.27 -71.85 53.52
C LEU L 86 -5.95 -73.06 52.90
N GLN L 87 -5.91 -73.18 51.58
CA GLN L 87 -6.44 -74.38 50.94
C GLN L 87 -5.65 -75.61 51.35
N LEU L 88 -4.32 -75.48 51.47
CA LEU L 88 -3.51 -76.61 51.90
C LEU L 88 -3.76 -76.99 53.35
N LEU L 89 -4.12 -76.02 54.19
CA LEU L 89 -4.50 -76.30 55.56
C LEU L 89 -5.98 -76.64 55.71
N ARG L 90 -6.72 -76.66 54.60
CA ARG L 90 -8.14 -77.04 54.56
C ARG L 90 -9.01 -76.07 55.34
N LEU L 91 -8.66 -74.80 55.36
CA LEU L 91 -9.50 -73.77 55.98
C LEU L 91 -10.03 -72.89 54.86
N ARG L 92 -11.13 -73.34 54.26
CA ARG L 92 -11.72 -72.65 53.12
C ARG L 92 -12.84 -71.71 53.50
N GLN L 93 -13.51 -71.97 54.62
CA GLN L 93 -14.57 -71.14 55.13
C GLN L 93 -14.11 -70.49 56.44
N ILE L 94 -14.81 -69.46 56.86
CA ILE L 94 -14.48 -68.79 58.11
C ILE L 94 -14.91 -69.66 59.27
N PHE L 95 -14.05 -69.74 60.30
CA PHE L 95 -14.29 -70.51 61.52
C PHE L 95 -14.21 -72.01 61.27
N ASN L 96 -13.41 -72.43 60.29
CA ASN L 96 -12.99 -73.82 60.23
C ASN L 96 -11.79 -74.03 61.14
N GLY L 97 -11.74 -75.22 61.73
CA GLY L 97 -10.63 -75.59 62.58
C GLY L 97 -10.05 -76.91 62.14
N THR L 98 -8.74 -77.03 62.32
CA THR L 98 -8.03 -78.26 61.98
C THR L 98 -6.85 -78.41 62.90
N PHE L 99 -6.41 -79.66 63.06
CA PHE L 99 -5.20 -79.96 63.82
C PHE L 99 -4.01 -79.96 62.88
N VAL L 100 -2.93 -79.30 63.29
CA VAL L 100 -1.69 -79.25 62.55
C VAL L 100 -0.57 -79.73 63.46
N LYS L 101 0.24 -80.66 62.97
CA LYS L 101 1.41 -81.10 63.71
C LYS L 101 2.60 -80.23 63.34
N LEU L 102 3.36 -79.83 64.35
CA LEU L 102 4.31 -78.74 64.21
C LEU L 102 5.70 -79.24 63.84
N ASN L 103 6.24 -78.66 62.78
CA ASN L 103 7.63 -78.81 62.38
C ASN L 103 8.04 -77.54 61.65
N LYS L 104 9.24 -77.52 61.08
CA LYS L 104 9.73 -76.30 60.45
C LYS L 104 8.82 -75.87 59.31
N ALA L 105 8.41 -76.82 58.46
CA ALA L 105 7.59 -76.49 57.30
C ALA L 105 6.24 -75.93 57.71
N SER L 106 5.54 -76.62 58.61
CA SER L 106 4.23 -76.16 59.03
C SER L 106 4.30 -74.84 59.79
N ILE L 107 5.36 -74.64 60.59
CA ILE L 107 5.54 -73.37 61.28
C ILE L 107 5.72 -72.24 60.28
N ASN L 108 6.50 -72.46 59.24
CA ASN L 108 6.69 -71.41 58.24
C ASN L 108 5.40 -71.13 57.48
N MET L 109 4.60 -72.16 57.19
CA MET L 109 3.31 -71.93 56.55
C MET L 109 2.39 -71.10 57.43
N LEU L 110 2.33 -71.43 58.73
CA LEU L 110 1.53 -70.66 59.67
C LEU L 110 2.02 -69.23 59.75
N ARG L 111 3.34 -69.03 59.71
CA ARG L 111 3.90 -67.69 59.69
C ARG L 111 3.44 -66.92 58.45
N ILE L 112 3.38 -67.61 57.32
CA ILE L 112 2.94 -66.96 56.08
C ILE L 112 1.50 -66.49 56.21
N VAL L 113 0.63 -67.34 56.74
CA VAL L 113 -0.80 -66.99 56.84
C VAL L 113 -1.16 -66.45 58.22
N GLU L 114 -0.20 -65.91 58.95
CA GLU L 114 -0.44 -65.36 60.29
C GLU L 114 -1.62 -64.39 60.37
N PRO L 115 -1.78 -63.39 59.49
CA PRO L 115 -2.88 -62.43 59.69
C PRO L 115 -4.27 -63.04 59.60
N TYR L 116 -4.43 -64.20 58.97
CA TYR L 116 -5.75 -64.76 58.69
C TYR L 116 -6.17 -65.85 59.66
N ILE L 117 -5.32 -66.23 60.61
CA ILE L 117 -5.60 -67.35 61.48
C ILE L 117 -5.32 -66.98 62.94
N ALA L 118 -5.95 -67.72 63.83
CA ALA L 118 -5.60 -67.75 65.24
C ALA L 118 -5.32 -69.20 65.62
N TRP L 119 -4.18 -69.44 66.27
CA TRP L 119 -3.78 -70.81 66.50
C TRP L 119 -3.02 -70.93 67.81
N GLY L 120 -2.98 -72.14 68.32
CA GLY L 120 -2.38 -72.38 69.61
C GLY L 120 -2.19 -73.86 69.89
N TYR L 121 -1.93 -74.17 71.15
CA TYR L 121 -1.68 -75.54 71.57
C TYR L 121 -2.89 -76.06 72.35
N PRO L 122 -3.66 -77.00 71.80
CA PRO L 122 -4.89 -77.43 72.48
C PRO L 122 -4.63 -78.40 73.61
N ASN L 123 -5.55 -78.40 74.57
CA ASN L 123 -5.51 -79.35 75.67
C ASN L 123 -6.10 -80.69 75.26
N LEU L 124 -5.91 -81.68 76.14
CA LEU L 124 -6.57 -82.96 75.97
C LEU L 124 -8.08 -82.80 76.09
N LYS L 125 -8.53 -81.94 77.02
CA LYS L 125 -9.95 -81.64 77.10
C LYS L 125 -10.45 -80.97 75.83
N SER L 126 -9.65 -80.08 75.25
CA SER L 126 -10.04 -79.45 73.98
C SER L 126 -10.18 -80.49 72.88
N VAL L 127 -9.23 -81.44 72.81
CA VAL L 127 -9.32 -82.49 71.82
C VAL L 127 -10.59 -83.31 72.02
N ASN L 128 -10.89 -83.68 73.27
CA ASN L 128 -12.10 -84.46 73.53
C ASN L 128 -13.35 -83.69 73.12
N GLU L 129 -13.45 -82.42 73.51
CA GLU L 129 -14.63 -81.63 73.19
C GLU L 129 -14.80 -81.50 71.69
N LEU L 130 -13.72 -81.23 70.97
CA LEU L 130 -13.81 -81.07 69.53
C LEU L 130 -14.24 -82.37 68.87
N ILE L 131 -13.60 -83.48 69.24
CA ILE L 131 -13.85 -84.74 68.55
C ILE L 131 -15.25 -85.27 68.85
N TYR L 132 -15.70 -85.15 70.09
CA TYR L 132 -17.05 -85.65 70.43
C TYR L 132 -18.14 -84.71 69.92
N LYS L 133 -18.02 -83.41 70.20
CA LYS L 133 -19.09 -82.49 69.85
C LYS L 133 -19.22 -82.32 68.34
N ARG L 134 -18.11 -82.09 67.65
CA ARG L 134 -18.12 -81.74 66.23
C ARG L 134 -17.21 -82.66 65.45
N GLY L 135 -17.33 -83.96 65.68
CA GLY L 135 -16.49 -84.91 64.99
C GLY L 135 -17.17 -85.57 63.81
N TYR L 136 -16.71 -85.27 62.61
CA TYR L 136 -17.25 -85.83 61.38
C TYR L 136 -16.12 -86.48 60.58
N GLY L 137 -16.45 -87.56 59.89
CA GLY L 137 -15.48 -88.34 59.16
C GLY L 137 -15.67 -88.22 57.67
N LYS L 138 -14.57 -88.30 56.93
CA LYS L 138 -14.58 -88.22 55.47
C LYS L 138 -14.60 -89.65 54.94
N ILE L 139 -15.81 -90.19 54.80
CA ILE L 139 -16.01 -91.56 54.33
C ILE L 139 -16.60 -91.48 52.93
N ASN L 140 -15.93 -92.11 51.96
CA ASN L 140 -16.33 -92.04 50.56
C ASN L 140 -16.42 -90.59 50.10
N LYS L 141 -15.47 -89.77 50.57
CA LYS L 141 -15.49 -88.31 50.45
C LYS L 141 -16.90 -87.75 50.64
N LYS L 142 -17.51 -88.17 51.75
CA LYS L 142 -18.75 -87.61 52.27
C LYS L 142 -18.51 -87.14 53.70
N ARG L 143 -19.44 -86.36 54.22
CA ARG L 143 -19.37 -85.85 55.59
C ARG L 143 -20.34 -86.67 56.43
N ILE L 144 -19.82 -87.72 57.07
CA ILE L 144 -20.61 -88.65 57.86
C ILE L 144 -20.35 -88.40 59.33
N ALA L 145 -21.42 -88.27 60.10
CA ALA L 145 -21.29 -87.99 61.53
C ALA L 145 -20.80 -89.23 62.26
N LEU L 146 -19.79 -89.06 63.11
CA LEU L 146 -19.24 -90.15 63.90
C LEU L 146 -20.18 -90.51 65.04
N THR L 147 -21.17 -91.36 64.76
CA THR L 147 -22.16 -91.75 65.76
C THR L 147 -21.89 -93.10 66.37
N ASP L 148 -20.95 -93.88 65.84
CA ASP L 148 -20.56 -95.13 66.45
C ASP L 148 -19.12 -95.43 66.08
N ASN L 149 -18.63 -96.60 66.47
CA ASN L 149 -17.23 -96.96 66.30
C ASN L 149 -16.95 -97.71 65.00
N THR L 150 -17.96 -98.29 64.38
CA THR L 150 -17.73 -99.04 63.15
C THR L 150 -17.34 -98.13 61.99
N LEU L 151 -17.82 -96.88 61.99
CA LEU L 151 -17.40 -95.94 60.96
C LEU L 151 -15.90 -95.67 61.05
N ILE L 152 -15.38 -95.52 62.27
CA ILE L 152 -13.95 -95.33 62.45
C ILE L 152 -13.19 -96.59 62.10
N ALA L 153 -13.72 -97.75 62.50
CA ALA L 153 -13.02 -99.01 62.26
C ALA L 153 -12.91 -99.32 60.77
N ARG L 154 -13.98 -99.10 60.01
CA ARG L 154 -13.98 -99.47 58.60
C ARG L 154 -13.04 -98.61 57.77
N SER L 155 -12.69 -97.41 58.25
CA SER L 155 -11.82 -96.52 57.51
C SER L 155 -10.42 -96.41 58.09
N LEU L 156 -10.20 -96.84 59.33
CA LEU L 156 -8.92 -96.66 59.98
C LEU L 156 -8.41 -97.91 60.67
N GLY L 157 -9.14 -99.02 60.63
CA GLY L 157 -8.70 -100.22 61.31
C GLY L 157 -7.37 -100.74 60.82
N LYS L 158 -7.01 -100.43 59.57
CA LYS L 158 -5.71 -100.83 59.04
C LYS L 158 -4.57 -100.19 59.81
N TYR L 159 -4.84 -99.13 60.55
CA TYR L 159 -3.85 -98.46 61.39
C TYR L 159 -4.02 -98.79 62.86
N ASN L 160 -4.72 -99.89 63.15
CA ASN L 160 -4.99 -100.38 64.50
C ASN L 160 -5.53 -99.28 65.42
N ILE L 161 -6.17 -98.28 64.83
CA ILE L 161 -6.98 -97.32 65.58
C ILE L 161 -8.44 -97.64 65.30
N ILE L 162 -9.17 -98.03 66.34
CA ILE L 162 -10.43 -98.73 66.19
C ILE L 162 -11.59 -97.87 66.70
N CYS L 163 -11.34 -97.13 67.77
CA CYS L 163 -12.42 -96.47 68.48
C CYS L 163 -12.15 -94.97 68.60
N MET L 164 -13.13 -94.28 69.17
CA MET L 164 -13.00 -92.85 69.35
C MET L 164 -11.84 -92.53 70.28
N GLU L 165 -11.61 -93.39 71.28
CA GLU L 165 -10.57 -93.15 72.27
C GLU L 165 -9.18 -93.17 71.65
N ASP L 166 -8.89 -94.14 70.79
CA ASP L 166 -7.55 -94.16 70.21
C ASP L 166 -7.44 -93.26 68.99
N LEU L 167 -8.55 -92.85 68.38
CA LEU L 167 -8.49 -91.71 67.47
C LEU L 167 -8.02 -90.47 68.21
N ILE L 168 -8.63 -90.19 69.36
CA ILE L 168 -8.23 -89.05 70.18
C ILE L 168 -6.78 -89.21 70.64
N HIS L 169 -6.39 -90.43 70.99
CA HIS L 169 -5.02 -90.67 71.44
C HIS L 169 -4.02 -90.35 70.34
N GLU L 170 -4.29 -90.82 69.11
CA GLU L 170 -3.43 -90.49 67.99
C GLU L 170 -3.31 -88.98 67.81
N ILE L 171 -4.46 -88.29 67.78
CA ILE L 171 -4.46 -86.85 67.52
C ILE L 171 -3.67 -86.12 68.61
N TYR L 172 -3.91 -86.47 69.88
CA TYR L 172 -3.23 -85.79 70.97
C TYR L 172 -1.75 -86.12 70.99
N THR L 173 -1.42 -87.39 71.21
CA THR L 173 -0.05 -87.87 71.04
C THR L 173 0.04 -88.37 69.61
N VAL L 174 0.47 -87.49 68.72
CA VAL L 174 0.46 -87.63 67.26
C VAL L 174 0.82 -89.04 66.80
N GLY L 175 1.84 -89.65 67.39
CA GLY L 175 2.11 -91.01 66.97
C GLY L 175 2.56 -91.10 65.52
N LYS L 176 2.27 -92.25 64.92
CA LYS L 176 2.69 -92.53 63.54
C LYS L 176 1.67 -92.06 62.51
N HIS L 177 0.45 -92.59 62.58
CA HIS L 177 -0.54 -92.30 61.55
C HIS L 177 -1.40 -91.09 61.90
N PHE L 178 -0.73 -90.03 62.35
CA PHE L 178 -1.41 -88.77 62.58
C PHE L 178 -1.91 -88.18 61.26
N LYS L 179 -1.12 -88.31 60.20
CA LYS L 179 -1.54 -87.80 58.90
C LYS L 179 -2.85 -88.44 58.48
N GLU L 180 -2.95 -89.76 58.58
CA GLU L 180 -4.15 -90.46 58.16
C GLU L 180 -5.33 -90.15 59.06
N ALA L 181 -5.12 -90.09 60.37
CA ALA L 181 -6.22 -89.76 61.26
C ALA L 181 -6.76 -88.35 61.02
N ASN L 182 -5.85 -87.38 60.91
CA ASN L 182 -6.25 -86.00 60.68
C ASN L 182 -6.94 -85.85 59.33
N ASN L 183 -6.44 -86.53 58.30
CA ASN L 183 -7.07 -86.46 57.00
C ASN L 183 -8.45 -87.13 57.00
N PHE L 184 -8.63 -88.16 57.82
CA PHE L 184 -9.96 -88.72 58.00
C PHE L 184 -10.90 -87.71 58.62
N LEU L 185 -10.42 -86.95 59.60
CA LEU L 185 -11.26 -85.95 60.25
C LEU L 185 -11.64 -84.83 59.28
N TRP L 186 -12.94 -84.63 59.08
CA TRP L 186 -13.42 -83.47 58.36
C TRP L 186 -13.09 -82.20 59.15
N PRO L 187 -12.79 -81.10 58.46
CA PRO L 187 -12.52 -79.84 59.18
C PRO L 187 -13.69 -79.44 60.06
N PHE L 188 -13.37 -78.98 61.27
CA PHE L 188 -14.41 -78.64 62.23
C PHE L 188 -15.06 -77.32 61.86
N LYS L 189 -16.38 -77.29 61.87
CA LYS L 189 -17.14 -76.07 61.63
C LYS L 189 -17.52 -75.51 62.99
N LEU L 190 -16.95 -74.36 63.36
CA LEU L 190 -17.12 -73.79 64.68
C LEU L 190 -18.06 -72.59 64.61
N SER L 191 -18.84 -72.40 65.67
CA SER L 191 -19.76 -71.29 65.74
C SER L 191 -18.99 -69.98 65.90
N SER L 192 -19.73 -68.88 65.91
CA SER L 192 -19.11 -67.60 66.22
C SER L 192 -18.67 -67.59 67.68
N PRO L 193 -17.60 -66.88 67.99
CA PRO L 193 -17.14 -66.83 69.39
C PRO L 193 -18.13 -66.08 70.27
N ARG L 194 -18.81 -66.81 71.15
CA ARG L 194 -19.73 -66.19 72.08
C ARG L 194 -18.98 -65.21 72.98
N GLY L 195 -19.64 -64.12 73.35
CA GLY L 195 -19.02 -63.07 74.12
C GLY L 195 -18.24 -62.08 73.29
N GLY L 196 -17.74 -62.49 72.14
CA GLY L 196 -17.14 -61.57 71.20
C GLY L 196 -15.63 -61.66 71.19
N MET L 197 -15.05 -61.42 70.02
CA MET L 197 -13.61 -61.31 69.90
C MET L 197 -13.11 -60.01 70.52
N LYS L 198 -11.80 -59.84 70.50
CA LYS L 198 -11.18 -58.61 70.99
C LYS L 198 -10.90 -57.65 69.83
N LYS L 199 -10.14 -58.09 68.83
CA LYS L 199 -9.98 -57.32 67.61
C LYS L 199 -9.51 -58.27 66.51
N LYS L 200 -10.36 -58.46 65.50
CA LYS L 200 -10.09 -59.46 64.47
C LYS L 200 -8.83 -59.14 63.66
N THR L 201 -8.53 -57.86 63.47
CA THR L 201 -7.55 -57.43 62.48
C THR L 201 -6.14 -57.27 63.02
N THR L 202 -5.88 -57.63 64.28
CA THR L 202 -4.60 -57.35 64.91
C THR L 202 -4.05 -58.59 65.58
N HIS L 203 -2.73 -58.60 65.78
CA HIS L 203 -2.07 -59.72 66.44
C HIS L 203 -2.45 -59.79 67.91
N PHE L 204 -2.46 -61.03 68.44
CA PHE L 204 -2.82 -61.25 69.83
C PHE L 204 -1.88 -60.55 70.79
N VAL L 205 -0.62 -60.33 70.40
CA VAL L 205 0.32 -59.65 71.26
C VAL L 205 -0.07 -58.19 71.43
N GLU L 206 -0.57 -57.56 70.37
CA GLU L 206 -1.06 -56.19 70.44
C GLU L 206 -2.50 -56.09 70.90
N GLY L 207 -3.00 -57.10 71.60
CA GLY L 207 -4.38 -57.08 72.03
C GLY L 207 -5.39 -57.38 70.95
N GLY L 208 -4.98 -58.10 69.90
CA GLY L 208 -5.88 -58.56 68.87
C GLY L 208 -6.21 -60.03 69.03
N ASP L 209 -6.61 -60.64 67.92
CA ASP L 209 -6.91 -62.07 67.91
C ASP L 209 -6.10 -62.88 66.92
N ALA L 210 -5.53 -62.26 65.90
CA ALA L 210 -4.71 -63.00 64.95
C ALA L 210 -3.38 -63.38 65.57
N GLY L 211 -2.75 -64.41 65.01
CA GLY L 211 -1.43 -64.79 65.43
C GLY L 211 -1.36 -66.07 66.23
N ASN L 212 -0.44 -66.11 67.20
CA ASN L 212 -0.13 -67.32 67.96
C ASN L 212 -0.41 -67.08 69.44
N ARG L 213 -1.63 -67.41 69.87
CA ARG L 213 -1.86 -67.65 71.28
C ARG L 213 -1.09 -68.89 71.68
N GLU L 214 -0.38 -68.84 72.80
CA GLU L 214 0.35 -70.04 73.21
C GLU L 214 -0.61 -71.12 73.68
N ASP L 215 -1.35 -70.86 74.75
CA ASP L 215 -2.32 -71.83 75.26
C ASP L 215 -3.66 -71.19 75.63
N GLN L 216 -3.89 -69.93 75.26
CA GLN L 216 -5.21 -69.34 75.40
C GLN L 216 -6.18 -69.86 74.35
N ILE L 217 -5.67 -70.59 73.36
CA ILE L 217 -6.53 -71.23 72.38
C ILE L 217 -7.53 -72.15 73.05
N ASN L 218 -7.21 -72.66 74.24
CA ASN L 218 -8.16 -73.50 74.96
C ASN L 218 -9.38 -72.69 75.40
N ARG L 219 -9.16 -71.49 75.94
CA ARG L 219 -10.30 -70.63 76.26
C ARG L 219 -11.07 -70.25 75.00
N LEU L 220 -10.34 -69.99 73.91
CA LEU L 220 -11.03 -69.68 72.65
C LEU L 220 -11.91 -70.85 72.19
N ILE L 221 -11.40 -72.07 72.29
CA ILE L 221 -12.16 -73.25 71.88
C ILE L 221 -13.38 -73.44 72.77
N ARG L 222 -13.21 -73.31 74.09
CA ARG L 222 -14.36 -73.42 74.99
C ARG L 222 -15.42 -72.39 74.64
N ARG L 223 -15.00 -71.15 74.40
CA ARG L 223 -15.95 -70.08 74.15
C ARG L 223 -16.58 -70.18 72.77
N MET L 224 -15.91 -70.83 71.83
CA MET L 224 -16.40 -70.93 70.45
C MET L 224 -17.21 -72.21 70.21
N ASN L 225 -17.08 -73.21 71.08
CA ASN L 225 -18.03 -74.32 71.09
C ASN L 225 -19.25 -73.94 71.91
N VAL M 1 -49.33 3.41 -105.13
CA VAL M 1 -50.01 2.19 -105.55
C VAL M 1 -50.58 1.47 -104.33
N VAL M 2 -49.88 1.59 -103.20
CA VAL M 2 -50.31 1.00 -101.94
C VAL M 2 -50.55 2.13 -100.94
N ASN M 3 -51.04 1.76 -99.77
CA ASN M 3 -51.30 2.73 -98.73
C ASN M 3 -49.99 3.36 -98.27
N PRO M 4 -49.87 4.69 -98.28
CA PRO M 4 -48.74 5.33 -97.59
C PRO M 4 -48.80 5.12 -96.09
N LEU M 5 -49.94 4.72 -95.55
CA LEU M 5 -50.08 4.40 -94.14
C LEU M 5 -49.31 3.15 -93.74
N PHE M 6 -48.82 2.39 -94.72
CA PHE M 6 -48.01 1.21 -94.44
C PHE M 6 -46.54 1.62 -94.38
N GLU M 7 -45.96 1.60 -93.18
CA GLU M 7 -44.54 1.90 -93.02
C GLU M 7 -43.91 0.84 -92.14
N LYS M 8 -42.62 0.66 -92.29
CA LYS M 8 -41.86 -0.29 -91.50
C LYS M 8 -41.30 0.38 -90.26
N ARG M 9 -41.21 -0.39 -89.18
CA ARG M 9 -40.76 0.11 -87.88
C ARG M 9 -39.61 -0.77 -87.41
N PRO M 10 -38.41 -0.53 -87.91
CA PRO M 10 -37.26 -1.34 -87.47
C PRO M 10 -37.03 -1.21 -85.98
N LYS M 11 -36.65 -2.32 -85.36
CA LYS M 11 -36.49 -2.41 -83.91
C LYS M 11 -35.04 -2.69 -83.60
N ASN M 12 -34.39 -1.76 -82.91
CA ASN M 12 -32.95 -1.83 -82.69
C ASN M 12 -32.66 -2.59 -81.41
N PHE M 13 -32.06 -3.78 -81.54
CA PHE M 13 -31.72 -4.62 -80.39
C PHE M 13 -30.28 -4.39 -79.95
N GLY M 14 -29.97 -3.13 -79.61
CA GLY M 14 -28.69 -2.80 -79.04
C GLY M 14 -28.68 -2.98 -77.53
N ILE M 15 -27.50 -2.77 -76.95
CA ILE M 15 -27.38 -2.90 -75.51
C ILE M 15 -28.20 -1.81 -74.84
N GLY M 16 -29.15 -2.22 -74.01
CA GLY M 16 -29.97 -1.30 -73.25
C GLY M 16 -31.06 -0.60 -74.03
N GLN M 17 -30.98 -0.57 -75.35
CA GLN M 17 -31.95 0.15 -76.16
C GLN M 17 -33.34 -0.48 -76.10
N ASP M 18 -33.48 -1.72 -76.54
CA ASP M 18 -34.79 -2.34 -76.69
C ASP M 18 -34.79 -3.73 -76.09
N ILE M 19 -35.99 -4.22 -75.79
CA ILE M 19 -36.15 -5.55 -75.23
C ILE M 19 -35.80 -6.59 -76.28
N GLN M 20 -34.93 -7.54 -75.91
CA GLN M 20 -34.48 -8.54 -76.85
C GLN M 20 -35.60 -9.48 -77.24
N PRO M 21 -35.58 -10.01 -78.46
CA PRO M 21 -36.61 -10.98 -78.86
C PRO M 21 -36.39 -12.32 -78.18
N LYS M 22 -37.43 -13.15 -78.24
CA LYS M 22 -37.37 -14.48 -77.63
C LYS M 22 -36.66 -15.40 -78.62
N ARG M 23 -35.35 -15.50 -78.48
CA ARG M 23 -34.53 -16.35 -79.34
C ARG M 23 -34.36 -17.72 -78.70
N ASP M 24 -33.46 -18.53 -79.26
CA ASP M 24 -33.26 -19.89 -78.79
C ASP M 24 -32.33 -19.91 -77.58
N LEU M 25 -32.71 -20.68 -76.55
CA LEU M 25 -31.92 -20.77 -75.33
C LEU M 25 -31.70 -22.20 -74.88
N THR M 26 -31.76 -23.16 -75.82
CA THR M 26 -31.73 -24.57 -75.45
C THR M 26 -30.40 -24.99 -74.80
N ARG M 27 -29.33 -24.24 -75.02
CA ARG M 27 -28.05 -24.57 -74.40
C ARG M 27 -27.75 -23.71 -73.19
N PHE M 28 -28.77 -23.06 -72.63
CA PHE M 28 -28.66 -22.35 -71.37
C PHE M 28 -29.74 -22.76 -70.38
N VAL M 29 -30.55 -23.76 -70.73
CA VAL M 29 -31.63 -24.20 -69.86
C VAL M 29 -31.06 -24.90 -68.63
N LYS M 30 -31.76 -24.77 -67.51
CA LYS M 30 -31.47 -25.55 -66.31
C LYS M 30 -32.19 -26.88 -66.46
N TRP M 31 -31.45 -27.91 -66.86
CA TRP M 31 -32.04 -29.20 -67.14
C TRP M 31 -32.28 -29.99 -65.86
N PRO M 32 -33.21 -30.94 -65.90
CA PRO M 32 -33.37 -31.86 -64.76
C PRO M 32 -32.13 -32.69 -64.52
N ARG M 33 -32.04 -33.23 -63.31
CA ARG M 33 -30.84 -33.91 -62.87
C ARG M 33 -30.54 -35.13 -63.74
N TYR M 34 -31.57 -35.87 -64.15
CA TYR M 34 -31.33 -37.07 -64.93
C TYR M 34 -30.76 -36.75 -66.30
N ILE M 35 -31.28 -35.71 -66.97
CA ILE M 35 -30.73 -35.31 -68.26
C ILE M 35 -29.30 -34.82 -68.10
N ARG M 36 -29.05 -33.98 -67.09
CA ARG M 36 -27.70 -33.49 -66.86
C ARG M 36 -26.73 -34.65 -66.63
N LEU M 37 -27.14 -35.62 -65.81
CA LEU M 37 -26.29 -36.76 -65.49
C LEU M 37 -26.00 -37.60 -66.73
N GLN M 38 -27.03 -37.87 -67.53
CA GLN M 38 -26.81 -38.74 -68.68
C GLN M 38 -25.98 -38.05 -69.76
N ARG M 39 -26.04 -36.72 -69.86
CA ARG M 39 -25.16 -36.03 -70.81
C ARG M 39 -23.72 -36.01 -70.32
N GLN M 40 -23.51 -35.70 -69.04
CA GLN M 40 -22.13 -35.61 -68.60
C GLN M 40 -21.51 -36.99 -68.38
N ARG M 41 -22.29 -38.06 -68.35
CA ARG M 41 -21.70 -39.40 -68.40
C ARG M 41 -21.01 -39.63 -69.73
N ALA M 42 -21.65 -39.25 -70.84
CA ALA M 42 -21.02 -39.35 -72.14
C ALA M 42 -19.81 -38.43 -72.23
N ILE M 43 -19.93 -37.23 -71.65
CA ILE M 43 -18.77 -36.34 -71.64
C ILE M 43 -17.60 -36.96 -70.88
N LEU M 44 -17.90 -37.65 -69.76
CA LEU M 44 -16.84 -38.34 -69.02
C LEU M 44 -16.23 -39.47 -69.84
N TYR M 45 -17.07 -40.21 -70.58
CA TYR M 45 -16.53 -41.26 -71.44
C TYR M 45 -15.58 -40.69 -72.47
N LYS M 46 -15.89 -39.51 -73.02
CA LYS M 46 -14.98 -38.90 -73.98
C LYS M 46 -13.74 -38.33 -73.31
N ARG M 47 -13.84 -37.94 -72.03
CA ARG M 47 -12.68 -37.41 -71.31
C ARG M 47 -11.69 -38.51 -70.95
N LEU M 48 -12.14 -39.49 -70.17
CA LEU M 48 -11.23 -40.43 -69.53
C LEU M 48 -10.58 -41.35 -70.55
N LYS M 49 -9.42 -41.88 -70.17
CA LYS M 49 -8.70 -42.85 -70.98
C LYS M 49 -9.41 -44.19 -70.87
N VAL M 50 -10.20 -44.53 -71.88
CA VAL M 50 -10.97 -45.77 -71.85
C VAL M 50 -10.06 -46.93 -72.23
N PRO M 51 -10.02 -48.01 -71.45
CA PRO M 51 -9.17 -49.13 -71.80
C PRO M 51 -9.61 -49.76 -73.10
N PRO M 52 -8.69 -50.36 -73.85
CA PRO M 52 -9.04 -50.90 -75.17
C PRO M 52 -10.13 -51.94 -75.15
N ALA M 53 -10.24 -52.72 -74.08
CA ALA M 53 -11.28 -53.74 -74.01
C ALA M 53 -12.68 -53.14 -74.04
N ILE M 54 -12.83 -51.86 -73.69
CA ILE M 54 -14.12 -51.18 -73.75
C ILE M 54 -14.14 -50.31 -75.00
N ASN M 55 -12.97 -49.83 -75.41
CA ASN M 55 -12.89 -49.04 -76.64
C ASN M 55 -13.32 -49.85 -77.85
N GLN M 56 -13.04 -51.15 -77.85
CA GLN M 56 -13.26 -51.98 -79.03
C GLN M 56 -14.73 -51.99 -79.48
N PHE M 57 -15.66 -51.68 -78.59
CA PHE M 57 -17.07 -51.66 -78.97
C PHE M 57 -17.46 -50.38 -79.69
N THR M 58 -16.62 -49.35 -79.68
CA THR M 58 -16.93 -48.14 -80.43
C THR M 58 -16.69 -48.33 -81.92
N GLN M 59 -15.64 -49.07 -82.28
CA GLN M 59 -15.39 -49.42 -83.68
C GLN M 59 -16.44 -50.42 -84.13
N VAL M 60 -17.37 -49.98 -84.97
CA VAL M 60 -18.60 -50.72 -85.22
C VAL M 60 -18.70 -51.06 -86.71
N LEU M 61 -19.45 -52.11 -87.01
CA LEU M 61 -19.71 -52.49 -88.39
C LEU M 61 -20.43 -51.36 -89.11
N ASP M 62 -20.02 -51.11 -90.36
CA ASP M 62 -20.57 -49.99 -91.11
C ASP M 62 -22.00 -50.30 -91.58
N ARG M 63 -22.73 -49.22 -91.89
CA ARG M 63 -24.13 -49.34 -92.25
C ARG M 63 -24.30 -50.16 -93.53
N GLN M 64 -23.44 -49.92 -94.51
CA GLN M 64 -23.64 -50.45 -95.85
C GLN M 64 -23.61 -51.98 -95.84
N THR M 65 -22.73 -52.57 -95.04
CA THR M 65 -22.68 -54.03 -94.91
C THR M 65 -23.64 -54.54 -93.85
N ALA M 66 -23.94 -53.72 -92.84
CA ALA M 66 -24.91 -54.11 -91.84
C ALA M 66 -26.27 -54.37 -92.46
N THR M 67 -26.59 -53.68 -93.56
CA THR M 67 -27.88 -53.94 -94.19
C THR M 67 -27.94 -55.34 -94.82
N GLN M 68 -26.85 -55.81 -95.44
CA GLN M 68 -26.84 -57.19 -95.90
C GLN M 68 -26.86 -58.16 -94.75
N LEU M 69 -26.13 -57.87 -93.68
CA LEU M 69 -26.14 -58.75 -92.51
C LEU M 69 -27.56 -58.92 -91.99
N LEU M 70 -28.29 -57.81 -91.84
CA LEU M 70 -29.64 -57.87 -91.31
C LEU M 70 -30.60 -58.53 -92.30
N LYS M 71 -30.43 -58.29 -93.60
CA LYS M 71 -31.35 -58.90 -94.55
C LYS M 71 -31.12 -60.41 -94.66
N LEU M 72 -29.89 -60.86 -94.41
CA LEU M 72 -29.65 -62.30 -94.35
C LEU M 72 -30.19 -62.88 -93.05
N ALA M 73 -30.03 -62.17 -91.94
CA ALA M 73 -30.58 -62.65 -90.67
C ALA M 73 -32.10 -62.70 -90.68
N HIS M 74 -32.74 -61.83 -91.45
CA HIS M 74 -34.20 -61.77 -91.49
C HIS M 74 -34.81 -63.09 -91.98
N LYS M 75 -34.06 -63.90 -92.71
CA LYS M 75 -34.59 -65.17 -93.18
C LYS M 75 -34.67 -66.22 -92.09
N TYR M 76 -33.78 -66.15 -91.10
CA TYR M 76 -33.68 -67.16 -90.05
C TYR M 76 -34.25 -66.68 -88.73
N ARG M 77 -35.30 -65.88 -88.78
CA ARG M 77 -35.94 -65.41 -87.56
C ARG M 77 -36.55 -66.59 -86.81
N PRO M 78 -36.43 -66.64 -85.49
CA PRO M 78 -37.15 -67.65 -84.72
C PRO M 78 -38.65 -67.44 -84.82
N GLU M 79 -39.40 -68.52 -84.66
CA GLU M 79 -40.84 -68.46 -84.85
C GLU M 79 -41.49 -67.57 -83.81
N THR M 80 -42.50 -66.81 -84.25
CA THR M 80 -43.33 -66.06 -83.32
C THR M 80 -44.23 -67.03 -82.56
N LYS M 81 -44.77 -66.58 -81.43
CA LYS M 81 -45.56 -67.48 -80.59
C LYS M 81 -46.82 -67.96 -81.31
N GLN M 82 -47.47 -67.08 -82.07
CA GLN M 82 -48.63 -67.52 -82.86
C GLN M 82 -48.23 -68.52 -83.93
N GLU M 83 -47.06 -68.34 -84.55
CA GLU M 83 -46.58 -69.33 -85.51
C GLU M 83 -46.32 -70.67 -84.83
N LYS M 84 -45.78 -70.65 -83.61
CA LYS M 84 -45.58 -71.88 -82.88
C LYS M 84 -46.91 -72.53 -82.53
N LYS M 85 -47.91 -71.72 -82.21
CA LYS M 85 -49.24 -72.27 -81.97
C LYS M 85 -49.79 -72.95 -83.23
N GLN M 86 -49.64 -72.29 -84.37
CA GLN M 86 -50.07 -72.90 -85.63
C GLN M 86 -49.38 -74.24 -85.84
N ARG M 87 -48.07 -74.28 -85.65
CA ARG M 87 -47.35 -75.51 -85.94
C ARG M 87 -47.64 -76.60 -84.91
N LEU M 88 -47.92 -76.23 -83.66
CA LEU M 88 -48.22 -77.23 -82.65
C LEU M 88 -49.58 -77.85 -82.92
N LEU M 89 -50.57 -77.02 -83.28
CA LEU M 89 -51.82 -77.58 -83.76
C LEU M 89 -51.59 -78.50 -84.93
N ALA M 90 -50.81 -78.01 -85.92
CA ALA M 90 -50.58 -78.77 -87.14
C ALA M 90 -49.93 -80.12 -86.86
N ARG M 91 -48.93 -80.16 -85.98
CA ARG M 91 -48.38 -81.47 -85.64
C ARG M 91 -49.42 -82.32 -84.92
N ALA M 92 -50.30 -81.70 -84.13
CA ALA M 92 -51.33 -82.48 -83.45
C ALA M 92 -52.25 -83.19 -84.44
N GLU M 93 -52.75 -82.47 -85.46
CA GLU M 93 -53.58 -83.15 -86.45
C GLU M 93 -52.80 -84.13 -87.31
N LYS M 94 -51.53 -83.82 -87.64
CA LYS M 94 -50.82 -84.78 -88.49
C LYS M 94 -50.46 -86.04 -87.73
N LYS M 95 -50.26 -85.95 -86.41
CA LYS M 95 -50.07 -87.17 -85.64
C LYS M 95 -51.39 -87.88 -85.37
N ALA M 96 -52.50 -87.13 -85.30
CA ALA M 96 -53.79 -87.75 -85.08
C ALA M 96 -54.39 -88.33 -86.36
N ALA M 97 -53.83 -87.99 -87.52
CA ALA M 97 -54.34 -88.47 -88.80
C ALA M 97 -53.37 -89.48 -89.42
N LYS M 105 -38.52 -81.85 -89.56
CA LYS M 105 -37.13 -81.41 -89.59
C LYS M 105 -37.01 -80.02 -88.98
N ARG M 106 -35.95 -79.82 -88.21
CA ARG M 106 -35.70 -78.55 -87.51
C ARG M 106 -35.00 -77.56 -88.43
N PRO M 107 -35.70 -76.56 -88.97
CA PRO M 107 -35.03 -75.55 -89.79
C PRO M 107 -34.02 -74.77 -88.97
N PRO M 108 -32.87 -74.44 -89.54
CA PRO M 108 -31.88 -73.65 -88.81
C PRO M 108 -32.41 -72.25 -88.50
N VAL M 109 -32.08 -71.76 -87.31
CA VAL M 109 -32.51 -70.45 -86.84
C VAL M 109 -31.35 -69.78 -86.13
N LEU M 110 -31.56 -68.51 -85.78
CA LEU M 110 -30.59 -67.79 -84.97
C LEU M 110 -30.65 -68.28 -83.53
N ARG M 111 -29.53 -68.17 -82.84
CA ARG M 111 -29.44 -68.51 -81.43
C ARG M 111 -29.15 -67.23 -80.65
N ALA M 112 -30.05 -66.87 -79.75
CA ALA M 112 -29.96 -65.63 -79.01
C ALA M 112 -29.64 -65.89 -77.56
N GLY M 113 -29.00 -64.91 -76.92
CA GLY M 113 -28.61 -65.03 -75.53
C GLY M 113 -27.11 -65.16 -75.39
N VAL M 114 -26.53 -64.39 -74.47
CA VAL M 114 -25.08 -64.39 -74.32
C VAL M 114 -24.60 -65.76 -73.87
N ASN M 115 -25.36 -66.43 -73.00
CA ASN M 115 -24.96 -67.74 -72.52
C ASN M 115 -24.94 -68.77 -73.65
N THR M 116 -26.03 -68.83 -74.43
CA THR M 116 -26.09 -69.75 -75.55
C THR M 116 -24.99 -69.46 -76.54
N VAL M 117 -24.77 -68.18 -76.85
CA VAL M 117 -23.76 -67.83 -77.84
C VAL M 117 -22.37 -68.19 -77.35
N THR M 118 -22.07 -67.92 -76.08
CA THR M 118 -20.71 -68.20 -75.60
C THR M 118 -20.45 -69.70 -75.52
N THR M 119 -21.46 -70.49 -75.14
CA THR M 119 -21.23 -71.94 -75.10
C THR M 119 -21.11 -72.51 -76.51
N LEU M 120 -21.89 -71.99 -77.47
CA LEU M 120 -21.71 -72.42 -78.85
C LEU M 120 -20.33 -72.05 -79.37
N VAL M 121 -19.86 -70.85 -79.06
CA VAL M 121 -18.56 -70.40 -79.55
C VAL M 121 -17.44 -71.24 -78.96
N GLU M 122 -17.51 -71.53 -77.66
CA GLU M 122 -16.46 -72.35 -77.06
C GLU M 122 -16.59 -73.82 -77.42
N ASN M 123 -17.73 -74.26 -77.96
CA ASN M 123 -17.81 -75.55 -78.63
C ASN M 123 -17.48 -75.48 -80.11
N LYS M 124 -17.22 -74.27 -80.62
CA LYS M 124 -16.94 -74.04 -82.04
C LYS M 124 -18.08 -74.50 -82.93
N LYS M 125 -19.31 -74.39 -82.44
CA LYS M 125 -20.50 -74.69 -83.22
C LYS M 125 -21.06 -73.44 -83.90
N ALA M 126 -20.45 -72.28 -83.68
CA ALA M 126 -20.93 -71.04 -84.25
C ALA M 126 -20.12 -70.69 -85.49
N GLN M 127 -20.79 -70.04 -86.45
CA GLN M 127 -20.15 -69.62 -87.69
C GLN M 127 -19.92 -68.11 -87.76
N LEU M 128 -20.79 -67.31 -87.15
CA LEU M 128 -20.42 -65.92 -86.88
C LEU M 128 -21.26 -65.40 -85.71
N VAL M 129 -20.73 -64.38 -85.04
CA VAL M 129 -21.33 -63.83 -83.83
C VAL M 129 -21.52 -62.33 -84.01
N VAL M 130 -22.75 -61.86 -83.81
CA VAL M 130 -23.08 -60.45 -83.86
C VAL M 130 -23.31 -59.97 -82.43
N ILE M 131 -22.57 -58.93 -82.02
CA ILE M 131 -22.60 -58.42 -80.65
C ILE M 131 -23.09 -56.98 -80.70
N ALA M 132 -24.12 -56.67 -79.90
CA ALA M 132 -24.58 -55.30 -79.80
C ALA M 132 -23.52 -54.44 -79.11
N HIS M 133 -23.45 -53.17 -79.52
CA HIS M 133 -22.35 -52.33 -79.08
C HIS M 133 -22.58 -51.63 -77.74
N ASP M 134 -23.78 -51.65 -77.18
CA ASP M 134 -24.10 -50.76 -76.06
C ASP M 134 -24.86 -51.47 -74.94
N VAL M 135 -24.39 -52.64 -74.53
CA VAL M 135 -24.98 -53.32 -73.37
C VAL M 135 -24.63 -52.54 -72.11
N ASP M 136 -25.64 -52.23 -71.29
CA ASP M 136 -25.45 -51.22 -70.25
C ASP M 136 -24.59 -51.61 -69.04
N PRO M 137 -24.47 -52.88 -68.58
CA PRO M 137 -23.16 -53.32 -68.12
C PRO M 137 -22.34 -53.90 -69.26
N ILE M 138 -21.22 -53.26 -69.61
CA ILE M 138 -20.41 -53.76 -70.71
C ILE M 138 -19.75 -55.09 -70.37
N GLU M 139 -19.64 -55.40 -69.08
CA GLU M 139 -18.90 -56.57 -68.63
C GLU M 139 -19.51 -57.88 -69.12
N LEU M 140 -20.79 -57.88 -69.49
CA LEU M 140 -21.41 -59.11 -69.97
C LEU M 140 -20.93 -59.52 -71.34
N VAL M 141 -20.25 -58.63 -72.07
CA VAL M 141 -19.82 -58.95 -73.43
C VAL M 141 -18.35 -58.56 -73.63
N VAL M 142 -17.77 -57.85 -72.66
CA VAL M 142 -16.41 -57.33 -72.84
C VAL M 142 -15.41 -58.45 -73.09
N PHE M 143 -15.67 -59.64 -72.55
CA PHE M 143 -14.76 -60.77 -72.72
C PHE M 143 -14.97 -61.50 -74.03
N LEU M 144 -16.07 -61.25 -74.73
CA LEU M 144 -16.50 -62.12 -75.83
C LEU M 144 -15.67 -61.98 -77.10
N PRO M 145 -15.24 -60.77 -77.50
CA PRO M 145 -14.36 -60.70 -78.69
C PRO M 145 -13.09 -61.52 -78.58
N ALA M 146 -12.42 -61.51 -77.41
CA ALA M 146 -11.17 -62.27 -77.28
C ALA M 146 -11.44 -63.77 -77.32
N LEU M 147 -12.51 -64.21 -76.66
CA LEU M 147 -12.89 -65.62 -76.72
C LEU M 147 -13.19 -66.04 -78.15
N CYS M 148 -13.91 -65.19 -78.88
CA CYS M 148 -14.23 -65.48 -80.27
C CYS M 148 -12.98 -65.56 -81.12
N ARG M 149 -12.01 -64.68 -80.88
CA ARG M 149 -10.75 -64.75 -81.61
C ARG M 149 -10.04 -66.07 -81.34
N LYS M 150 -9.90 -66.45 -80.07
CA LYS M 150 -9.12 -67.65 -79.79
C LYS M 150 -9.81 -68.90 -80.33
N MET M 151 -11.14 -68.96 -80.25
CA MET M 151 -11.83 -70.06 -80.91
C MET M 151 -11.88 -69.92 -82.42
N GLY M 152 -11.45 -68.78 -82.96
CA GLY M 152 -11.44 -68.61 -84.40
C GLY M 152 -12.79 -68.35 -85.02
N VAL M 153 -13.76 -67.92 -84.21
CA VAL M 153 -15.10 -67.64 -84.71
C VAL M 153 -15.16 -66.18 -85.14
N PRO M 154 -15.63 -65.88 -86.35
CA PRO M 154 -15.74 -64.48 -86.76
C PRO M 154 -16.82 -63.75 -85.97
N TYR M 155 -16.50 -62.52 -85.57
CA TYR M 155 -17.41 -61.70 -84.79
C TYR M 155 -17.47 -60.30 -85.36
N CYS M 156 -18.65 -59.71 -85.30
CA CYS M 156 -18.87 -58.32 -85.69
C CYS M 156 -19.61 -57.61 -84.58
N ILE M 157 -19.43 -56.29 -84.52
CA ILE M 157 -20.08 -55.44 -83.53
C ILE M 157 -21.09 -54.58 -84.27
N LEU M 158 -22.35 -54.65 -83.84
CA LEU M 158 -23.46 -54.00 -84.51
C LEU M 158 -24.05 -52.92 -83.63
N LYS M 159 -24.47 -51.83 -84.25
CA LYS M 159 -25.18 -50.77 -83.55
C LYS M 159 -26.56 -51.24 -83.13
N GLY M 160 -26.85 -51.13 -81.83
CA GLY M 160 -28.22 -51.23 -81.36
C GLY M 160 -28.64 -52.59 -80.85
N LYS M 161 -28.66 -52.76 -79.53
CA LYS M 161 -29.24 -53.96 -78.97
C LYS M 161 -30.74 -54.01 -79.24
N ALA M 162 -31.38 -52.84 -79.38
CA ALA M 162 -32.80 -52.82 -79.69
C ALA M 162 -33.07 -53.42 -81.07
N ARG M 163 -32.35 -52.97 -82.09
CA ARG M 163 -32.56 -53.53 -83.42
C ARG M 163 -31.98 -54.93 -83.54
N LEU M 164 -31.04 -55.30 -82.68
CA LEU M 164 -30.54 -56.67 -82.70
C LEU M 164 -31.57 -57.63 -82.10
N GLY M 165 -32.23 -57.22 -81.03
CA GLY M 165 -33.31 -57.99 -80.45
C GLY M 165 -34.63 -57.83 -81.15
N ARG M 166 -34.70 -56.94 -82.13
CA ARG M 166 -35.83 -56.95 -83.06
C ARG M 166 -35.77 -58.13 -84.01
N LEU M 167 -34.57 -58.72 -84.21
CA LEU M 167 -34.48 -59.96 -84.98
C LEU M 167 -35.31 -61.05 -84.33
N VAL M 168 -35.02 -61.36 -83.07
CA VAL M 168 -35.92 -62.17 -82.26
C VAL M 168 -37.12 -61.28 -81.94
N HIS M 169 -38.19 -61.86 -81.43
CA HIS M 169 -39.39 -61.08 -81.13
C HIS M 169 -39.43 -60.68 -79.66
N ARG M 170 -38.39 -59.96 -79.25
CA ARG M 170 -38.28 -59.44 -77.89
C ARG M 170 -37.77 -58.02 -77.93
N LYS M 171 -37.73 -57.38 -76.76
CA LYS M 171 -37.30 -55.99 -76.69
C LYS M 171 -35.82 -55.83 -77.00
N THR M 172 -34.98 -56.73 -76.47
CA THR M 172 -33.54 -56.54 -76.52
C THR M 172 -32.86 -57.89 -76.59
N CYS M 173 -31.66 -57.90 -77.18
CA CYS M 173 -30.81 -59.08 -77.20
C CYS M 173 -29.37 -58.64 -77.35
N THR M 174 -28.49 -59.23 -76.54
CA THR M 174 -27.09 -58.80 -76.54
C THR M 174 -26.33 -59.35 -77.74
N THR M 175 -26.40 -60.66 -77.96
CA THR M 175 -25.65 -61.29 -79.04
C THR M 175 -26.54 -62.27 -79.77
N VAL M 176 -26.29 -62.43 -81.06
CA VAL M 176 -26.90 -63.49 -81.85
C VAL M 176 -25.79 -64.25 -82.55
N ALA M 177 -26.10 -65.48 -82.97
CA ALA M 177 -25.11 -66.37 -83.55
C ALA M 177 -25.69 -67.06 -84.77
N PHE M 178 -25.01 -66.91 -85.91
CA PHE M 178 -25.23 -67.78 -87.06
C PHE M 178 -24.42 -69.05 -86.84
N THR M 179 -25.12 -70.17 -86.67
CA THR M 179 -24.50 -71.47 -86.46
C THR M 179 -24.74 -72.45 -87.60
N GLN M 180 -25.80 -72.27 -88.38
CA GLN M 180 -26.08 -73.15 -89.50
C GLN M 180 -27.06 -72.44 -90.42
N VAL M 181 -26.79 -72.47 -91.73
CA VAL M 181 -27.64 -71.81 -92.71
C VAL M 181 -28.00 -72.79 -93.81
N ASN M 182 -28.69 -72.30 -94.84
CA ASN M 182 -29.08 -73.11 -95.98
C ASN M 182 -28.15 -72.88 -97.15
N SER M 183 -28.28 -73.75 -98.16
CA SER M 183 -27.37 -73.72 -99.31
C SER M 183 -27.47 -72.41 -100.07
N GLU M 184 -28.69 -71.91 -100.28
CA GLU M 184 -28.87 -70.68 -101.03
C GLU M 184 -28.25 -69.47 -100.34
N ASP M 185 -27.95 -69.58 -99.05
CA ASP M 185 -27.34 -68.50 -98.29
C ASP M 185 -25.91 -68.79 -97.86
N LYS M 186 -25.38 -69.97 -98.19
CA LYS M 186 -24.00 -70.27 -97.85
C LYS M 186 -23.03 -69.27 -98.49
N GLY M 187 -23.25 -68.92 -99.75
CA GLY M 187 -22.35 -67.98 -100.42
C GLY M 187 -22.40 -66.59 -99.83
N ALA M 188 -23.60 -66.08 -99.57
CA ALA M 188 -23.74 -64.77 -98.94
C ALA M 188 -23.12 -64.77 -97.55
N LEU M 189 -23.32 -65.86 -96.80
CA LEU M 189 -22.69 -65.98 -95.49
C LEU M 189 -21.17 -65.97 -95.63
N ALA M 190 -20.64 -66.62 -96.65
CA ALA M 190 -19.19 -66.64 -96.85
C ALA M 190 -18.66 -65.24 -97.13
N LYS M 191 -19.37 -64.48 -97.99
CA LYS M 191 -18.95 -63.11 -98.25
C LYS M 191 -18.96 -62.27 -96.98
N LEU M 192 -20.05 -62.37 -96.21
CA LEU M 192 -20.13 -61.63 -94.96
C LEU M 192 -19.01 -62.03 -94.02
N VAL M 193 -18.73 -63.33 -93.90
CA VAL M 193 -17.73 -63.81 -92.97
C VAL M 193 -16.35 -63.32 -93.37
N GLU M 194 -16.02 -63.37 -94.66
CA GLU M 194 -14.69 -62.91 -95.07
C GLU M 194 -14.53 -61.42 -94.80
N ALA M 195 -15.56 -60.62 -95.12
CA ALA M 195 -15.46 -59.19 -94.85
C ALA M 195 -15.30 -58.92 -93.35
N ILE M 196 -16.10 -59.61 -92.53
CA ILE M 196 -16.08 -59.37 -91.09
C ILE M 196 -14.77 -59.83 -90.47
N ARG M 197 -14.21 -60.96 -90.93
CA ARG M 197 -12.94 -61.41 -90.37
C ARG M 197 -11.79 -60.52 -90.81
N THR M 198 -11.86 -59.95 -92.02
CA THR M 198 -10.87 -58.95 -92.37
C THR M 198 -10.98 -57.71 -91.48
N ASN M 199 -12.21 -57.32 -91.14
CA ASN M 199 -12.39 -56.12 -90.35
C ASN M 199 -12.04 -56.31 -88.87
N TYR M 200 -12.31 -57.48 -88.30
CA TYR M 200 -12.23 -57.67 -86.86
C TYR M 200 -11.17 -58.69 -86.44
N ASN M 201 -11.23 -59.91 -86.97
CA ASN M 201 -10.39 -60.99 -86.44
C ASN M 201 -8.91 -60.77 -86.70
N ASP M 202 -8.57 -60.16 -87.83
CA ASP M 202 -7.17 -60.04 -88.24
C ASP M 202 -6.52 -58.75 -87.77
N ARG M 203 -7.21 -57.96 -86.95
CA ARG M 203 -6.66 -56.73 -86.40
C ARG M 203 -6.61 -56.73 -84.88
N TYR M 204 -6.80 -57.88 -84.24
CA TYR M 204 -7.08 -57.86 -82.81
C TYR M 204 -5.87 -57.43 -81.99
N ASP M 205 -4.66 -57.49 -82.53
CA ASP M 205 -3.51 -56.94 -81.82
C ASP M 205 -3.68 -55.43 -81.61
N GLU M 206 -3.95 -54.69 -82.69
CA GLU M 206 -4.21 -53.27 -82.54
C GLU M 206 -5.51 -53.00 -81.79
N ILE M 207 -6.47 -53.92 -81.90
CA ILE M 207 -7.71 -53.77 -81.15
C ILE M 207 -7.45 -53.83 -79.65
N ARG M 208 -6.63 -54.79 -79.20
CA ARG M 208 -6.32 -54.89 -77.78
C ARG M 208 -5.32 -53.85 -77.32
N ARG M 209 -4.59 -53.22 -78.24
CA ARG M 209 -3.62 -52.19 -77.84
C ARG M 209 -4.01 -50.80 -78.35
N HIS M 210 -5.29 -50.56 -78.59
CA HIS M 210 -5.78 -49.25 -79.02
C HIS M 210 -6.62 -48.63 -77.90
N TRP M 211 -6.02 -47.72 -77.14
CA TRP M 211 -6.73 -47.03 -76.08
C TRP M 211 -7.70 -45.99 -76.67
N GLY M 212 -8.63 -45.53 -75.82
CA GLY M 212 -9.63 -44.59 -76.26
C GLY M 212 -9.77 -43.36 -75.40
N GLY M 213 -10.75 -42.51 -75.73
CA GLY M 213 -10.96 -41.29 -74.96
C GLY M 213 -9.76 -40.37 -75.04
N ASN M 214 -9.50 -39.68 -73.93
CA ASN M 214 -8.35 -38.79 -73.79
C ASN M 214 -8.37 -37.67 -74.83
N VAL M 215 -9.52 -37.01 -74.95
CA VAL M 215 -9.68 -35.84 -75.81
C VAL M 215 -10.34 -34.74 -74.99
N LEU M 216 -9.77 -33.54 -75.04
CA LEU M 216 -10.23 -32.44 -74.23
C LEU M 216 -11.48 -31.80 -74.82
N GLY M 217 -12.08 -30.90 -74.07
CA GLY M 217 -13.26 -30.18 -74.50
C GLY M 217 -12.95 -29.21 -75.61
N PRO M 218 -13.97 -28.83 -76.38
CA PRO M 218 -13.74 -27.88 -77.49
C PRO M 218 -13.15 -26.55 -77.03
N LYS M 219 -13.61 -26.01 -75.90
CA LYS M 219 -13.05 -24.75 -75.42
C LYS M 219 -11.58 -24.91 -75.03
N SER M 220 -11.26 -25.98 -74.31
CA SER M 220 -9.88 -26.21 -73.90
C SER M 220 -8.96 -26.40 -75.10
N VAL M 221 -9.41 -27.19 -76.09
CA VAL M 221 -8.56 -27.43 -77.25
C VAL M 221 -8.41 -26.16 -78.08
N ALA M 222 -9.47 -25.33 -78.14
CA ALA M 222 -9.34 -24.06 -78.85
C ALA M 222 -8.35 -23.13 -78.16
N ARG M 223 -8.38 -23.08 -76.83
CA ARG M 223 -7.42 -22.25 -76.11
C ARG M 223 -6.01 -22.75 -76.31
N ILE M 224 -5.80 -24.07 -76.25
CA ILE M 224 -4.49 -24.63 -76.50
C ILE M 224 -4.03 -24.32 -77.92
N ALA M 225 -4.96 -24.40 -78.88
CA ALA M 225 -4.62 -24.09 -80.26
C ALA M 225 -4.19 -22.64 -80.41
N LYS M 226 -4.89 -21.72 -79.76
CA LYS M 226 -4.52 -20.32 -79.83
C LYS M 226 -3.13 -20.10 -79.23
N LEU M 227 -2.87 -20.72 -78.08
CA LEU M 227 -1.55 -20.56 -77.44
C LEU M 227 -0.44 -21.11 -78.33
N GLU M 228 -0.63 -22.32 -78.86
CA GLU M 228 0.42 -22.92 -79.68
C GLU M 228 0.59 -22.17 -81.00
N LYS M 229 -0.48 -21.60 -81.54
CA LYS M 229 -0.35 -20.74 -82.72
C LYS M 229 0.47 -19.50 -82.40
N ALA M 230 0.24 -18.91 -81.23
CA ALA M 230 1.05 -17.77 -80.81
C ALA M 230 2.52 -18.14 -80.72
N LYS M 231 2.83 -19.25 -80.03
CA LYS M 231 4.22 -19.67 -79.91
C LYS M 231 4.82 -20.15 -81.24
N ALA M 232 3.99 -20.57 -82.19
CA ALA M 232 4.50 -20.92 -83.51
C ALA M 232 4.84 -19.67 -84.31
N LYS M 233 4.00 -18.64 -84.23
CA LYS M 233 4.33 -17.38 -84.87
C LYS M 233 5.58 -16.75 -84.27
N GLU M 234 5.70 -16.79 -82.95
CA GLU M 234 6.91 -16.32 -82.29
C GLU M 234 7.35 -17.29 -81.19
N MET N 1 -1.63 -30.40 90.29
CA MET N 1 -1.97 -31.28 91.39
C MET N 1 -2.97 -30.63 92.32
N LYS N 2 -3.73 -31.45 93.04
CA LYS N 2 -4.67 -30.98 94.05
C LYS N 2 -3.95 -30.85 95.39
N THR N 3 -4.08 -29.69 96.02
CA THR N 3 -3.45 -29.42 97.31
C THR N 3 -4.46 -29.72 98.41
N ILE N 4 -4.03 -30.51 99.40
CA ILE N 4 -4.96 -31.01 100.41
C ILE N 4 -5.59 -29.86 101.18
N LEU N 5 -4.79 -28.90 101.61
CA LEU N 5 -5.31 -27.81 102.44
C LEU N 5 -4.55 -26.53 102.13
N SER N 6 -5.29 -25.45 101.95
CA SER N 6 -4.71 -24.10 101.84
C SER N 6 -5.53 -23.17 102.71
N ASN N 7 -4.93 -22.66 103.78
CA ASN N 7 -5.65 -21.84 104.74
C ASN N 7 -4.90 -20.53 104.98
N GLN N 8 -5.65 -19.56 105.51
CA GLN N 8 -5.08 -18.29 105.91
C GLN N 8 -6.02 -17.63 106.91
N THR N 9 -5.45 -16.97 107.91
CA THR N 9 -6.21 -16.31 108.95
C THR N 9 -6.02 -14.80 108.87
N VAL N 10 -7.03 -14.09 109.36
CA VAL N 10 -6.97 -12.64 109.53
C VAL N 10 -7.40 -12.33 110.97
N ASP N 11 -6.61 -11.50 111.65
CA ASP N 11 -6.92 -11.09 113.01
C ASP N 11 -7.97 -10.00 113.00
N ILE N 12 -8.79 -9.98 114.05
CA ILE N 12 -9.90 -9.03 114.15
C ILE N 12 -9.59 -8.09 115.32
N PRO N 13 -9.48 -6.79 115.08
CA PRO N 13 -9.31 -5.86 116.20
C PRO N 13 -10.54 -5.85 117.10
N GLU N 14 -10.33 -5.37 118.32
CA GLU N 14 -11.30 -5.59 119.40
C GLU N 14 -12.54 -4.70 119.25
N ASN N 15 -12.36 -3.45 118.82
CA ASN N 15 -13.50 -2.54 118.77
C ASN N 15 -14.51 -2.94 117.69
N VAL N 16 -14.07 -3.63 116.66
CA VAL N 16 -14.93 -4.06 115.57
C VAL N 16 -15.29 -5.52 115.80
N ASP N 17 -16.45 -5.94 115.27
CA ASP N 17 -16.85 -7.33 115.35
C ASP N 17 -17.31 -7.83 113.99
N ILE N 18 -17.22 -9.15 113.82
CA ILE N 18 -17.55 -9.83 112.57
C ILE N 18 -18.55 -10.93 112.87
N SER N 19 -19.56 -11.04 112.01
CA SER N 19 -20.55 -12.12 112.07
C SER N 19 -20.59 -12.83 110.73
N LEU N 20 -20.76 -14.14 110.77
CA LEU N 20 -20.77 -14.97 109.57
C LEU N 20 -22.14 -15.59 109.41
N LYS N 21 -22.76 -15.34 108.26
CA LYS N 21 -24.03 -15.96 107.89
C LYS N 21 -23.74 -16.77 106.63
N GLY N 22 -23.30 -18.01 106.81
CA GLY N 22 -22.83 -18.82 105.71
C GLY N 22 -21.54 -18.28 105.14
N ARG N 23 -21.57 -17.87 103.86
CA ARG N 23 -20.42 -17.23 103.23
C ARG N 23 -20.61 -15.73 103.08
N THR N 24 -21.59 -15.14 103.76
CA THR N 24 -21.74 -13.70 103.82
C THR N 24 -21.13 -13.20 105.12
N VAL N 25 -20.27 -12.19 105.01
CA VAL N 25 -19.55 -11.63 106.15
C VAL N 25 -20.12 -10.25 106.45
N ILE N 26 -20.52 -10.03 107.69
CA ILE N 26 -21.10 -8.78 108.13
C ILE N 26 -20.16 -8.19 109.17
N VAL N 27 -19.68 -6.97 108.95
CA VAL N 27 -18.69 -6.36 109.83
C VAL N 27 -19.27 -5.07 110.39
N LYS N 28 -19.22 -4.94 111.72
CA LYS N 28 -19.79 -3.79 112.40
C LYS N 28 -18.72 -3.13 113.27
N GLY N 29 -18.53 -1.82 113.08
CA GLY N 29 -17.55 -1.07 113.82
C GLY N 29 -18.01 0.36 114.05
N PRO N 30 -17.12 1.19 114.62
CA PRO N 30 -17.53 2.54 115.03
C PRO N 30 -18.12 3.37 113.92
N ARG N 31 -17.59 3.27 112.69
CA ARG N 31 -18.10 4.07 111.59
C ARG N 31 -19.39 3.52 111.01
N GLY N 32 -19.80 2.31 111.38
CA GLY N 32 -21.05 1.77 110.86
C GLY N 32 -21.04 0.26 110.71
N THR N 33 -21.52 -0.22 109.57
CA THR N 33 -21.56 -1.65 109.31
C THR N 33 -21.67 -1.87 107.81
N LEU N 34 -21.14 -3.00 107.35
CA LEU N 34 -21.22 -3.31 105.93
C LEU N 34 -21.06 -4.81 105.72
N ARG N 35 -21.63 -5.28 104.61
CA ARG N 35 -21.81 -6.70 104.35
C ARG N 35 -21.26 -7.06 102.98
N ARG N 36 -20.64 -8.23 102.88
CA ARG N 36 -20.18 -8.72 101.59
C ARG N 36 -20.47 -10.21 101.46
N ASP N 37 -20.98 -10.60 100.30
CA ASP N 37 -21.36 -11.97 100.02
C ASP N 37 -20.25 -12.64 99.22
N PHE N 38 -19.86 -13.84 99.64
CA PHE N 38 -18.82 -14.60 98.95
C PHE N 38 -19.34 -15.95 98.46
N ASN N 39 -20.63 -16.04 98.13
CA ASN N 39 -21.17 -17.32 97.68
C ASN N 39 -20.70 -17.71 96.30
N HIS N 40 -19.78 -16.99 95.68
CA HIS N 40 -19.28 -17.34 94.35
C HIS N 40 -17.88 -17.94 94.40
N ILE N 41 -17.32 -18.16 95.59
CA ILE N 41 -15.91 -18.48 95.71
C ILE N 41 -15.67 -19.83 96.39
N ASN N 42 -16.65 -20.38 97.11
CA ASN N 42 -16.65 -21.80 97.48
C ASN N 42 -15.46 -22.18 98.37
N VAL N 43 -15.44 -21.59 99.56
CA VAL N 43 -14.42 -21.90 100.56
C VAL N 43 -15.07 -22.21 101.90
N GLU N 44 -14.26 -22.44 102.93
CA GLU N 44 -14.74 -22.67 104.28
C GLU N 44 -14.34 -21.48 105.15
N LEU N 45 -15.34 -20.84 105.76
CA LEU N 45 -15.13 -19.68 106.62
C LEU N 45 -15.41 -20.09 108.06
N SER N 46 -14.42 -19.94 108.92
CA SER N 46 -14.57 -20.21 110.34
C SER N 46 -14.24 -18.95 111.13
N LEU N 47 -14.91 -18.78 112.26
CA LEU N 47 -14.75 -17.61 113.12
C LEU N 47 -14.34 -18.13 114.49
N LEU N 48 -13.04 -18.23 114.71
CA LEU N 48 -12.52 -18.95 115.87
C LEU N 48 -11.88 -18.01 116.88
N GLY N 49 -11.66 -18.57 118.06
CA GLY N 49 -11.18 -17.81 119.19
C GLY N 49 -12.35 -17.22 119.94
N LYS N 50 -12.49 -17.54 121.23
CA LYS N 50 -13.46 -16.84 122.05
C LYS N 50 -13.06 -15.37 122.14
N LYS N 51 -14.05 -14.52 122.42
CA LYS N 51 -14.03 -13.08 122.17
C LYS N 51 -13.72 -12.75 120.71
N LYS N 52 -13.85 -13.74 119.82
CA LYS N 52 -13.88 -13.56 118.37
C LYS N 52 -12.60 -12.89 117.86
N LYS N 53 -11.51 -13.64 117.98
CA LYS N 53 -10.19 -13.11 117.64
C LYS N 53 -9.80 -13.32 116.18
N ARG N 54 -10.10 -14.47 115.58
CA ARG N 54 -9.55 -14.77 114.27
C ARG N 54 -10.62 -15.24 113.30
N LEU N 55 -10.47 -14.86 112.04
CA LEU N 55 -11.26 -15.40 110.95
C LEU N 55 -10.35 -16.26 110.08
N ARG N 56 -10.72 -17.51 109.87
CA ARG N 56 -9.89 -18.45 109.12
C ARG N 56 -10.63 -18.88 107.86
N VAL N 57 -10.02 -18.66 106.71
CA VAL N 57 -10.55 -19.12 105.43
C VAL N 57 -9.65 -20.23 104.91
N ASP N 58 -10.26 -21.36 104.57
CA ASP N 58 -9.47 -22.46 104.04
C ASP N 58 -10.22 -23.19 102.93
N LYS N 59 -9.44 -23.78 102.03
CA LYS N 59 -9.96 -24.58 100.94
C LYS N 59 -9.27 -25.93 100.91
N TRP N 60 -10.07 -26.98 100.72
CA TRP N 60 -9.59 -28.35 100.65
C TRP N 60 -9.63 -28.81 99.20
N TRP N 61 -8.57 -29.46 98.76
CA TRP N 61 -8.52 -30.12 97.45
C TRP N 61 -8.76 -29.12 96.31
N GLY N 62 -7.88 -28.14 96.22
CA GLY N 62 -7.98 -27.13 95.18
C GLY N 62 -6.69 -27.06 94.37
N ASN N 63 -6.84 -26.76 93.09
CA ASN N 63 -5.69 -26.54 92.23
C ASN N 63 -5.34 -25.07 92.20
N ARG N 64 -4.47 -24.68 91.26
CA ARG N 64 -3.83 -23.38 91.29
C ARG N 64 -4.83 -22.24 91.23
N LYS N 65 -5.74 -22.28 90.25
CA LYS N 65 -6.52 -21.09 89.92
C LYS N 65 -7.54 -20.71 90.99
N GLU N 66 -7.96 -21.64 91.84
CA GLU N 66 -8.86 -21.29 92.93
C GLU N 66 -8.32 -21.61 94.31
N LEU N 67 -7.06 -22.03 94.42
CA LEU N 67 -6.36 -21.78 95.67
C LEU N 67 -5.66 -20.44 95.65
N ALA N 68 -5.61 -19.79 94.48
CA ALA N 68 -5.20 -18.39 94.43
C ALA N 68 -6.26 -17.46 95.00
N THR N 69 -7.50 -17.90 95.11
CA THR N 69 -8.58 -17.05 95.59
C THR N 69 -8.69 -17.01 97.11
N VAL N 70 -7.86 -17.75 97.83
CA VAL N 70 -7.96 -17.77 99.29
C VAL N 70 -7.54 -16.43 99.88
N ARG N 71 -6.39 -15.90 99.44
CA ARG N 71 -5.90 -14.65 99.99
C ARG N 71 -6.71 -13.45 99.52
N THR N 72 -7.43 -13.59 98.39
CA THR N 72 -8.29 -12.50 97.96
C THR N 72 -9.37 -12.22 99.00
N ILE N 73 -9.93 -13.27 99.60
CA ILE N 73 -10.94 -13.09 100.64
C ILE N 73 -10.34 -12.39 101.86
N CYS N 74 -9.14 -12.80 102.26
CA CYS N 74 -8.50 -12.15 103.40
C CYS N 74 -8.26 -10.67 103.13
N SER N 75 -7.80 -10.35 101.93
CA SER N 75 -7.57 -8.95 101.58
C SER N 75 -8.86 -8.17 101.58
N HIS N 76 -9.95 -8.77 101.06
CA HIS N 76 -11.23 -8.09 101.07
C HIS N 76 -11.72 -7.85 102.50
N VAL N 77 -11.55 -8.83 103.38
CA VAL N 77 -12.00 -8.66 104.76
C VAL N 77 -11.15 -7.61 105.47
N GLN N 78 -9.84 -7.57 105.19
CA GLN N 78 -8.99 -6.55 105.78
C GLN N 78 -9.39 -5.16 105.30
N ASN N 79 -9.67 -5.01 104.00
CA ASN N 79 -10.13 -3.72 103.49
C ASN N 79 -11.47 -3.36 104.11
N MET N 80 -12.33 -4.35 104.33
CA MET N 80 -13.64 -4.12 104.94
C MET N 80 -13.50 -3.60 106.37
N ILE N 81 -12.64 -4.26 107.15
CA ILE N 81 -12.41 -3.86 108.54
C ILE N 81 -11.78 -2.47 108.58
N LYS N 82 -10.80 -2.23 107.72
CA LYS N 82 -10.15 -0.93 107.66
C LYS N 82 -11.16 0.16 107.33
N GLY N 83 -12.10 -0.13 106.42
CA GLY N 83 -13.12 0.85 106.11
C GLY N 83 -14.07 1.11 107.26
N VAL N 84 -14.49 0.05 107.97
CA VAL N 84 -15.47 0.25 109.02
C VAL N 84 -14.85 0.84 110.29
N THR N 85 -13.54 0.74 110.48
CA THR N 85 -12.92 1.30 111.67
C THR N 85 -12.16 2.60 111.43
N LEU N 86 -11.71 2.85 110.20
CA LEU N 86 -10.95 4.06 109.89
C LEU N 86 -11.52 4.84 108.71
N GLY N 87 -12.29 4.21 107.83
CA GLY N 87 -12.83 4.90 106.67
C GLY N 87 -11.78 5.14 105.61
N PHE N 88 -12.21 5.40 104.38
CA PHE N 88 -11.32 5.66 103.26
C PHE N 88 -11.49 7.09 102.78
N ARG N 89 -10.36 7.74 102.50
CA ARG N 89 -10.30 9.11 102.02
C ARG N 89 -9.43 9.15 100.78
N TYR N 90 -10.03 9.54 99.66
CA TYR N 90 -9.34 9.64 98.39
C TYR N 90 -9.13 11.11 98.08
N LYS N 91 -7.89 11.57 98.15
CA LYS N 91 -7.57 12.97 97.89
C LYS N 91 -7.17 13.10 96.43
N MET N 92 -7.89 13.94 95.69
CA MET N 92 -7.71 14.07 94.25
C MET N 92 -7.38 15.52 93.90
N ARG N 93 -6.40 15.70 93.00
CA ARG N 93 -5.96 17.02 92.61
C ARG N 93 -6.47 17.35 91.22
N SER N 94 -6.87 18.61 91.03
CA SER N 94 -7.32 19.10 89.73
C SER N 94 -6.18 19.88 89.10
N VAL N 95 -5.67 19.38 87.98
CA VAL N 95 -4.51 19.96 87.32
C VAL N 95 -4.93 20.48 85.95
N TYR N 96 -4.41 21.65 85.60
CA TYR N 96 -4.77 22.32 84.35
C TYR N 96 -3.64 23.25 83.94
N ALA N 97 -3.68 23.69 82.69
CA ALA N 97 -2.66 24.56 82.14
C ALA N 97 -3.11 26.00 81.99
N HIS N 98 -4.22 26.23 81.29
CA HIS N 98 -4.73 27.58 81.06
C HIS N 98 -6.12 27.78 81.62
N PHE N 99 -7.04 26.85 81.36
CA PHE N 99 -8.42 27.01 81.76
C PHE N 99 -8.66 26.41 83.13
N PRO N 100 -9.06 27.19 84.13
CA PRO N 100 -9.31 26.63 85.47
C PRO N 100 -10.53 25.73 85.48
N ILE N 101 -10.37 24.53 86.02
CA ILE N 101 -11.45 23.57 86.10
C ILE N 101 -12.31 23.88 87.32
N ASN N 102 -13.59 24.14 87.10
CA ASN N 102 -14.50 24.55 88.17
C ASN N 102 -15.31 23.34 88.62
N VAL N 103 -15.22 23.01 89.91
CA VAL N 103 -15.90 21.86 90.47
C VAL N 103 -16.87 22.34 91.53
N VAL N 104 -18.14 21.99 91.37
CA VAL N 104 -19.19 22.39 92.30
C VAL N 104 -19.93 21.14 92.76
N ILE N 105 -20.13 21.02 94.06
CA ILE N 105 -20.66 19.81 94.68
C ILE N 105 -22.07 20.08 95.18
N GLN N 106 -23.00 19.20 94.84
CA GLN N 106 -24.41 19.39 95.20
C GLN N 106 -25.03 18.06 95.60
N GLU N 107 -26.31 18.11 95.95
CA GLU N 107 -27.02 17.01 96.58
C GLU N 107 -26.22 16.47 97.77
N ASN N 108 -25.79 17.39 98.63
CA ASN N 108 -25.16 17.06 99.92
C ASN N 108 -23.92 16.19 99.73
N GLY N 109 -23.13 16.47 98.70
CA GLY N 109 -21.91 15.74 98.46
C GLY N 109 -22.05 14.53 97.57
N SER N 110 -23.18 14.38 96.87
CA SER N 110 -23.42 13.19 96.07
C SER N 110 -23.45 13.45 94.57
N LEU N 111 -23.28 14.70 94.13
CA LEU N 111 -23.19 14.96 92.70
C LEU N 111 -22.14 16.03 92.45
N VAL N 112 -21.38 15.86 91.36
CA VAL N 112 -20.26 16.71 91.02
C VAL N 112 -20.51 17.34 89.66
N GLU N 113 -20.44 18.67 89.61
CA GLU N 113 -20.56 19.46 88.39
C GLU N 113 -19.18 19.93 88.00
N ILE N 114 -18.75 19.62 86.78
CA ILE N 114 -17.45 20.04 86.28
C ILE N 114 -17.69 21.00 85.12
N ARG N 115 -17.06 22.18 85.21
CA ARG N 115 -17.27 23.28 84.30
C ARG N 115 -15.93 23.79 83.80
N ASN N 116 -15.93 24.29 82.56
CA ASN N 116 -14.78 24.98 81.98
C ASN N 116 -13.56 24.08 81.87
N PHE N 117 -13.77 22.78 81.76
CA PHE N 117 -12.67 21.85 81.55
C PHE N 117 -12.14 22.00 80.13
N LEU N 118 -10.85 22.31 80.00
CA LEU N 118 -10.24 22.63 78.72
C LEU N 118 -10.97 23.75 77.99
N GLY N 119 -11.63 24.62 78.73
CA GLY N 119 -12.40 25.68 78.10
C GLY N 119 -13.63 25.20 77.37
N GLU N 120 -14.10 24.00 77.65
CA GLU N 120 -15.32 23.51 77.03
C GLU N 120 -16.51 24.31 77.53
N LYS N 121 -17.69 24.01 76.99
CA LYS N 121 -18.92 24.61 77.47
C LYS N 121 -19.95 23.57 77.88
N TYR N 122 -19.76 22.31 77.53
CA TYR N 122 -20.63 21.25 78.03
C TYR N 122 -20.31 20.97 79.50
N ILE N 123 -21.33 21.06 80.35
CA ILE N 123 -21.17 20.88 81.78
C ILE N 123 -21.27 19.39 82.10
N ARG N 124 -20.29 18.86 82.82
CA ARG N 124 -20.19 17.43 83.03
C ARG N 124 -20.74 17.05 84.40
N ARG N 125 -21.78 16.23 84.42
CA ARG N 125 -22.34 15.68 85.65
C ARG N 125 -21.68 14.36 85.97
N VAL N 126 -21.40 14.14 87.26
CA VAL N 126 -21.09 12.80 87.75
C VAL N 126 -21.90 12.59 89.02
N ARG N 127 -22.48 11.40 89.16
CA ARG N 127 -23.24 11.05 90.34
C ARG N 127 -22.47 10.02 91.15
N MET N 128 -22.36 10.27 92.45
CA MET N 128 -21.48 9.50 93.30
C MET N 128 -22.22 8.27 93.82
N ARG N 129 -21.54 7.13 93.86
CA ARG N 129 -22.21 5.90 94.26
C ARG N 129 -22.65 5.98 95.72
N PRO N 130 -23.75 5.31 96.09
CA PRO N 130 -24.34 5.55 97.41
C PRO N 130 -23.39 5.23 98.55
N GLY N 131 -23.45 6.07 99.59
CA GLY N 131 -22.57 5.92 100.72
C GLY N 131 -21.20 6.55 100.55
N VAL N 132 -20.99 7.34 99.50
CA VAL N 132 -19.74 8.03 99.25
C VAL N 132 -20.02 9.52 99.15
N ALA N 133 -19.27 10.32 99.88
CA ALA N 133 -19.48 11.75 99.93
C ALA N 133 -18.28 12.48 99.32
N CYS N 134 -18.55 13.41 98.42
CA CYS N 134 -17.51 14.22 97.81
C CYS N 134 -17.56 15.62 98.41
N SER N 135 -16.42 16.12 98.85
CA SER N 135 -16.33 17.44 99.45
C SER N 135 -15.20 18.22 98.79
N VAL N 136 -15.34 19.53 98.76
CA VAL N 136 -14.28 20.40 98.25
C VAL N 136 -13.32 20.70 99.41
N SER N 137 -12.03 20.53 99.14
CA SER N 137 -11.05 20.60 100.22
C SER N 137 -10.84 22.04 100.66
N GLN N 138 -10.30 22.18 101.88
CA GLN N 138 -9.87 23.45 102.41
C GLN N 138 -8.37 23.41 102.62
N ALA N 139 -7.75 24.59 102.60
CA ALA N 139 -6.29 24.72 102.66
C ALA N 139 -5.61 24.00 101.51
N GLN N 140 -6.27 23.98 100.35
CA GLN N 140 -5.64 23.48 99.12
C GLN N 140 -6.35 24.17 97.97
N LYS N 141 -5.63 24.35 96.86
CA LYS N 141 -6.09 25.25 95.82
C LYS N 141 -7.14 24.63 94.90
N ASP N 142 -6.88 23.44 94.35
CA ASP N 142 -7.89 22.69 93.57
C ASP N 142 -7.79 21.22 93.94
N GLU N 143 -8.58 20.83 94.95
CA GLU N 143 -8.57 19.45 95.42
C GLU N 143 -9.98 19.02 95.79
N LEU N 144 -10.33 17.80 95.40
CA LEU N 144 -11.52 17.12 95.88
C LEU N 144 -11.11 16.08 96.93
N VAL N 145 -11.98 15.86 97.90
CA VAL N 145 -11.76 14.87 98.94
C VAL N 145 -12.94 13.92 98.94
N LEU N 146 -12.66 12.63 98.87
CA LEU N 146 -13.69 11.61 98.81
C LEU N 146 -13.71 10.83 100.10
N GLU N 147 -14.89 10.73 100.71
CA GLU N 147 -15.07 10.15 102.03
C GLU N 147 -15.99 8.95 101.91
N GLY N 148 -15.56 7.82 102.46
CA GLY N 148 -16.43 6.66 102.39
C GLY N 148 -16.04 5.59 103.37
N ASN N 149 -16.85 4.53 103.39
CA ASN N 149 -16.60 3.37 104.23
C ASN N 149 -16.13 2.16 103.46
N ASP N 150 -16.44 2.06 102.17
CA ASP N 150 -16.07 0.91 101.35
C ASP N 150 -15.12 1.36 100.26
N ILE N 151 -13.94 0.73 100.22
CA ILE N 151 -12.93 1.10 99.24
C ILE N 151 -13.44 0.86 97.83
N GLU N 152 -14.28 -0.16 97.64
CA GLU N 152 -14.80 -0.45 96.31
C GLU N 152 -15.58 0.74 95.78
N LEU N 153 -16.54 1.24 96.56
CA LEU N 153 -17.37 2.35 96.10
C LEU N 153 -16.56 3.63 95.98
N VAL N 154 -15.68 3.90 96.96
CA VAL N 154 -14.91 5.15 96.91
C VAL N 154 -14.02 5.18 95.67
N SER N 155 -13.25 4.11 95.45
CA SER N 155 -12.34 4.08 94.31
C SER N 155 -13.11 4.03 93.00
N ASN N 156 -14.24 3.33 92.95
CA ASN N 156 -15.02 3.30 91.72
C ASN N 156 -15.52 4.70 91.36
N SER N 157 -16.00 5.45 92.34
CA SER N 157 -16.49 6.81 92.06
C SER N 157 -15.34 7.74 91.67
N ALA N 158 -14.19 7.61 92.34
CA ALA N 158 -13.04 8.41 91.97
C ALA N 158 -12.61 8.14 90.55
N ALA N 159 -12.61 6.86 90.15
CA ALA N 159 -12.31 6.52 88.75
C ALA N 159 -13.36 7.09 87.81
N LEU N 160 -14.63 7.07 88.23
CA LEU N 160 -15.70 7.65 87.42
C LEU N 160 -15.39 9.10 87.06
N ILE N 161 -15.09 9.91 88.07
CA ILE N 161 -14.82 11.33 87.75
C ILE N 161 -13.51 11.49 87.00
N GLN N 162 -12.50 10.68 87.35
CA GLN N 162 -11.21 10.80 86.68
C GLN N 162 -11.30 10.53 85.19
N GLN N 163 -12.03 9.48 84.80
CA GLN N 163 -12.18 9.16 83.39
C GLN N 163 -13.32 9.91 82.73
N ALA N 164 -14.15 10.61 83.52
CA ALA N 164 -15.08 11.56 82.93
C ALA N 164 -14.35 12.81 82.46
N THR N 165 -13.35 13.25 83.21
CA THR N 165 -12.52 14.39 82.78
C THR N 165 -11.36 13.87 81.95
N THR N 166 -11.64 13.60 80.67
CA THR N 166 -10.66 13.03 79.76
C THR N 166 -10.59 13.85 78.47
N VAL N 167 -9.39 13.91 77.90
CA VAL N 167 -9.10 14.69 76.71
C VAL N 167 -9.20 13.79 75.49
N LYS N 168 -9.89 14.25 74.46
CA LYS N 168 -10.12 13.45 73.26
C LYS N 168 -9.44 14.07 72.05
N ASN N 169 -9.20 13.21 71.06
CA ASN N 169 -8.62 13.50 69.74
C ASN N 169 -7.54 14.56 69.77
N LYS N 170 -6.66 14.52 70.78
CA LYS N 170 -5.51 15.38 70.86
C LYS N 170 -4.36 14.62 71.52
N ASP N 171 -3.19 15.24 71.53
CA ASP N 171 -2.00 14.63 72.12
C ASP N 171 -2.09 14.73 73.63
N ILE N 172 -2.54 13.66 74.28
CA ILE N 172 -2.66 13.64 75.73
C ILE N 172 -1.31 13.67 76.43
N ARG N 173 -0.22 13.43 75.69
CA ARG N 173 1.11 13.59 76.26
C ARG N 173 1.43 15.04 76.57
N LYS N 174 0.78 15.98 75.89
CA LYS N 174 0.98 17.40 76.13
C LYS N 174 -0.23 18.08 76.75
N PHE N 175 -1.43 17.58 76.51
CA PHE N 175 -2.64 18.14 77.13
C PHE N 175 -2.90 17.37 78.42
N LEU N 176 -2.18 17.76 79.47
CA LEU N 176 -2.18 17.07 80.75
C LEU N 176 -3.18 17.67 81.73
N ASP N 177 -4.44 17.79 81.31
CA ASP N 177 -5.47 18.38 82.16
C ASP N 177 -6.40 17.30 82.70
N GLY N 178 -7.00 17.60 83.84
CA GLY N 178 -7.99 16.71 84.43
C GLY N 178 -7.80 16.60 85.92
N ILE N 179 -8.58 15.72 86.53
CA ILE N 179 -8.57 15.51 87.97
C ILE N 179 -8.08 14.08 88.22
N TYR N 180 -6.97 13.94 88.93
CA TYR N 180 -6.39 12.64 89.19
C TYR N 180 -6.24 12.37 90.68
N VAL N 181 -6.37 11.09 91.04
CA VAL N 181 -6.26 10.66 92.43
C VAL N 181 -4.82 10.85 92.87
N SER N 182 -4.58 11.82 93.74
CA SER N 182 -3.24 12.09 94.23
C SER N 182 -2.84 11.13 95.35
N GLU N 183 -3.74 10.86 96.29
CA GLU N 183 -3.34 10.04 97.43
C GLU N 183 -4.55 9.26 97.95
N LYS N 184 -4.26 8.10 98.53
CA LYS N 184 -5.27 7.20 99.04
C LYS N 184 -4.95 6.90 100.50
N GLY N 185 -5.86 7.22 101.40
CA GLY N 185 -5.61 7.01 102.81
C GLY N 185 -6.85 6.81 103.64
N THR N 186 -6.79 7.14 104.93
CA THR N 186 -7.87 6.88 105.87
C THR N 186 -8.45 8.19 106.39
N VAL N 187 -9.59 8.07 107.07
CA VAL N 187 -10.29 9.24 107.61
C VAL N 187 -9.69 9.56 108.97
N GLN N 188 -9.83 8.63 109.92
CA GLN N 188 -9.11 8.73 111.19
C GLN N 188 -7.71 8.15 110.99
N GLN N 189 -6.71 9.03 110.91
CA GLN N 189 -5.35 8.60 110.66
C GLN N 189 -4.74 8.13 111.97
N ALA N 190 -4.98 6.87 112.30
CA ALA N 190 -4.46 6.27 113.51
C ALA N 190 -3.03 5.78 113.29
N GLY O 1 13.75 -14.06 40.53
CA GLY O 1 12.53 -14.54 39.91
C GLY O 1 12.33 -16.04 40.09
N ARG O 2 12.61 -16.53 41.28
CA ARG O 2 12.48 -17.94 41.60
C ARG O 2 11.17 -18.19 42.36
N ARG O 3 10.70 -19.43 42.26
CA ARG O 3 9.47 -19.80 42.93
C ARG O 3 9.68 -19.93 44.43
N PRO O 4 8.60 -19.90 45.22
CA PRO O 4 8.73 -20.19 46.65
C PRO O 4 9.22 -21.60 46.89
N ALA O 5 9.93 -21.78 48.00
CA ALA O 5 10.55 -23.06 48.32
C ALA O 5 9.53 -24.15 48.66
N ARG O 6 8.27 -23.80 48.92
CA ARG O 6 7.27 -24.84 49.16
C ARG O 6 7.05 -25.68 47.92
N CYS O 7 7.44 -25.18 46.75
CA CYS O 7 7.44 -26.02 45.56
C CYS O 7 8.50 -27.10 45.67
N TYR O 8 9.77 -26.69 45.74
CA TYR O 8 10.90 -27.61 45.81
C TYR O 8 11.40 -27.81 47.23
N ARG O 9 10.53 -28.17 48.18
CA ARG O 9 10.98 -28.48 49.52
C ARG O 9 10.95 -29.97 49.86
N TYR O 10 10.53 -30.83 48.93
CA TYR O 10 10.40 -32.25 49.20
C TYR O 10 11.35 -33.06 48.33
N CYS O 11 11.87 -34.15 48.87
CA CYS O 11 12.79 -35.04 48.17
C CYS O 11 11.95 -36.03 47.35
N LYS O 12 11.44 -35.56 46.23
CA LYS O 12 10.55 -36.35 45.40
C LYS O 12 11.25 -37.04 44.25
N ASN O 13 12.04 -36.31 43.47
CA ASN O 13 12.73 -36.90 42.33
C ASN O 13 14.05 -37.52 42.76
N LYS O 14 14.57 -38.39 41.91
CA LYS O 14 15.85 -39.02 42.18
C LYS O 14 16.96 -37.99 42.21
N PRO O 15 18.06 -38.27 42.91
CA PRO O 15 19.20 -37.36 42.87
C PRO O 15 19.66 -37.14 41.44
N TYR O 16 20.00 -35.89 41.15
CA TYR O 16 20.14 -35.41 39.77
C TYR O 16 21.25 -34.38 39.75
N PRO O 17 22.50 -34.83 39.68
CA PRO O 17 23.63 -33.92 39.79
C PRO O 17 24.03 -33.32 38.45
N LYS O 18 24.88 -32.29 38.53
CA LYS O 18 25.43 -31.66 37.36
C LYS O 18 26.53 -32.54 36.77
N SER O 19 26.33 -33.02 35.55
CA SER O 19 27.27 -33.93 34.92
C SER O 19 27.18 -33.76 33.41
N ARG O 20 27.77 -34.71 32.69
CA ARG O 20 27.78 -34.66 31.22
C ARG O 20 26.38 -34.78 30.64
N PHE O 21 25.40 -35.26 31.42
CA PHE O 21 24.04 -35.36 30.94
C PHE O 21 23.25 -34.07 31.20
N CYS O 22 23.33 -33.54 32.41
CA CYS O 22 22.59 -32.35 32.79
C CYS O 22 23.54 -31.16 32.79
N ARG O 23 23.64 -30.50 31.64
CA ARG O 23 24.47 -29.32 31.48
C ARG O 23 23.60 -28.09 31.33
N GLY O 24 24.21 -26.92 31.53
CA GLY O 24 23.48 -25.67 31.56
C GLY O 24 23.04 -25.23 32.92
N VAL O 25 23.58 -25.82 33.98
CA VAL O 25 23.19 -25.47 35.35
C VAL O 25 23.87 -24.17 35.74
N PRO O 26 23.13 -23.17 36.21
CA PRO O 26 23.77 -21.98 36.78
C PRO O 26 24.45 -22.33 38.09
N ASP O 27 25.43 -21.50 38.45
CA ASP O 27 26.22 -21.76 39.64
C ASP O 27 25.39 -21.62 40.91
N ALA O 28 25.79 -22.35 41.94
CA ALA O 28 25.11 -22.24 43.23
C ALA O 28 25.44 -20.90 43.88
N LYS O 29 24.46 -20.33 44.56
CA LYS O 29 24.68 -19.03 45.20
C LYS O 29 25.71 -19.13 46.31
N ILE O 30 25.77 -20.24 47.03
CA ILE O 30 26.76 -20.46 48.06
C ILE O 30 28.01 -21.07 47.43
N ARG O 31 29.16 -20.46 47.70
CA ARG O 31 30.44 -21.03 47.29
C ARG O 31 31.52 -20.95 48.34
N ILE O 32 31.28 -20.31 49.47
CA ILE O 32 32.21 -20.31 50.60
C ILE O 32 31.57 -21.13 51.71
N PHE O 33 32.27 -22.17 52.16
CA PHE O 33 31.74 -23.07 53.18
C PHE O 33 32.46 -22.98 54.51
N ASP O 34 33.72 -22.56 54.51
CA ASP O 34 34.50 -22.39 55.72
C ASP O 34 34.81 -20.92 55.90
N LEU O 35 34.55 -20.38 57.08
CA LEU O 35 34.80 -18.97 57.33
C LEU O 35 35.13 -18.77 58.80
N GLY O 36 35.47 -17.54 59.15
CA GLY O 36 36.09 -17.27 60.44
C GLY O 36 37.60 -17.38 60.32
N ARG O 37 38.25 -17.61 61.47
CA ARG O 37 39.68 -17.88 61.46
C ARG O 37 39.89 -19.35 61.19
N LYS O 38 39.78 -19.71 59.91
CA LYS O 38 39.97 -21.10 59.52
C LYS O 38 41.43 -21.52 59.53
N LYS O 39 42.35 -20.59 59.69
CA LYS O 39 43.77 -20.90 59.83
C LYS O 39 44.15 -21.02 61.31
N ALA O 40 43.43 -21.86 62.04
CA ALA O 40 43.62 -22.02 63.47
C ALA O 40 43.95 -23.47 63.80
N LYS O 41 44.74 -23.66 64.85
CA LYS O 41 45.14 -24.99 65.27
C LYS O 41 43.98 -25.70 65.97
N VAL O 42 44.19 -26.98 66.29
CA VAL O 42 43.13 -27.78 66.87
C VAL O 42 43.01 -27.60 68.38
N ASP O 43 44.03 -27.07 69.04
CA ASP O 43 44.09 -27.11 70.49
C ASP O 43 43.45 -25.92 71.18
N GLU O 44 43.04 -24.87 70.46
CA GLU O 44 42.48 -23.69 71.11
C GLU O 44 41.00 -23.50 70.85
N PHE O 45 40.37 -24.36 70.05
CA PHE O 45 38.94 -24.27 69.73
C PHE O 45 38.29 -25.60 70.08
N PRO O 46 38.09 -25.88 71.37
CA PRO O 46 37.59 -27.21 71.77
C PRO O 46 36.09 -27.38 71.68
N LEU O 47 35.31 -26.30 71.75
CA LEU O 47 33.86 -26.40 71.81
C LEU O 47 33.28 -26.46 70.41
N CYS O 48 32.40 -27.42 70.18
CA CYS O 48 31.77 -27.63 68.88
C CYS O 48 30.26 -27.70 69.03
N GLY O 49 29.56 -26.90 68.24
CA GLY O 49 28.11 -26.93 68.22
C GLY O 49 27.56 -27.19 66.84
N HIS O 50 26.65 -28.15 66.72
CA HIS O 50 26.07 -28.54 65.45
C HIS O 50 24.61 -28.08 65.37
N MET O 51 24.18 -27.77 64.16
CA MET O 51 22.78 -27.56 63.86
C MET O 51 22.31 -28.76 63.04
N VAL O 52 21.53 -29.63 63.66
CA VAL O 52 21.18 -30.93 63.13
C VAL O 52 19.76 -30.88 62.58
N SER O 53 19.57 -31.42 61.38
CA SER O 53 18.24 -31.43 60.80
C SER O 53 17.35 -32.46 61.51
N ASP O 54 16.05 -32.25 61.38
CA ASP O 54 15.06 -33.12 61.98
C ASP O 54 14.10 -33.69 60.95
N GLU O 55 13.92 -33.02 59.81
CA GLU O 55 13.02 -33.48 58.76
C GLU O 55 13.82 -33.91 57.54
N TYR O 56 13.23 -34.79 56.75
CA TYR O 56 13.82 -35.25 55.48
C TYR O 56 13.29 -34.34 54.38
N GLU O 57 14.06 -33.31 54.02
CA GLU O 57 13.61 -32.32 53.06
C GLU O 57 14.81 -31.86 52.23
N GLN O 58 14.58 -30.80 51.45
CA GLN O 58 15.60 -30.19 50.61
C GLN O 58 15.84 -28.75 51.07
N LEU O 59 17.10 -28.32 51.00
CA LEU O 59 17.48 -26.95 51.35
C LEU O 59 18.14 -26.29 50.16
N SER O 60 17.74 -25.06 49.88
CA SER O 60 18.26 -24.34 48.73
C SER O 60 19.57 -23.63 49.05
N SER O 61 20.42 -23.50 48.04
CA SER O 61 21.68 -22.81 48.21
C SER O 61 21.48 -21.36 48.67
N GLU O 62 20.37 -20.75 48.27
CA GLU O 62 20.07 -19.40 48.76
C GLU O 62 19.88 -19.40 50.26
N ALA O 63 19.14 -20.39 50.78
CA ALA O 63 18.96 -20.49 52.23
C ALA O 63 20.27 -20.77 52.94
N LEU O 64 21.10 -21.64 52.37
CA LEU O 64 22.41 -21.89 52.98
C LEU O 64 23.25 -20.63 53.04
N GLU O 65 23.26 -19.85 51.95
CA GLU O 65 24.01 -18.60 51.93
C GLU O 65 23.50 -17.62 52.98
N ALA O 66 22.18 -17.46 53.06
CA ALA O 66 21.61 -16.54 54.04
C ALA O 66 21.94 -16.96 55.46
N ALA O 67 21.85 -18.27 55.75
CA ALA O 67 22.11 -18.75 57.09
C ALA O 67 23.58 -18.56 57.47
N ARG O 68 24.51 -18.86 56.56
CA ARG O 68 25.92 -18.67 56.90
C ARG O 68 26.22 -17.20 57.10
N ILE O 69 25.62 -16.32 56.29
CA ILE O 69 25.86 -14.89 56.46
C ILE O 69 25.37 -14.43 57.83
N CYS O 70 24.15 -14.83 58.20
CA CYS O 70 23.60 -14.40 59.48
C CYS O 70 24.44 -14.91 60.65
N ALA O 71 24.82 -16.19 60.61
CA ALA O 71 25.61 -16.76 61.69
C ALA O 71 26.97 -16.08 61.80
N ASN O 72 27.64 -15.85 60.66
CA ASN O 72 28.92 -15.17 60.69
C ASN O 72 28.79 -13.77 61.25
N LYS O 73 27.75 -13.04 60.83
CA LYS O 73 27.59 -11.67 61.30
C LYS O 73 27.39 -11.63 62.81
N TYR O 74 26.54 -12.52 63.34
CA TYR O 74 26.33 -12.51 64.78
C TYR O 74 27.60 -12.93 65.52
N MET O 75 28.32 -13.93 65.02
CA MET O 75 29.54 -14.36 65.70
C MET O 75 30.59 -13.26 65.71
N VAL O 76 30.74 -12.54 64.59
CA VAL O 76 31.71 -11.45 64.54
C VAL O 76 31.30 -10.35 65.51
N LYS O 77 29.99 -10.06 65.59
CA LYS O 77 29.56 -9.02 66.52
C LYS O 77 29.75 -9.45 67.98
N SER O 78 29.63 -10.75 68.26
CA SER O 78 29.60 -11.22 69.65
C SER O 78 30.97 -11.62 70.17
N CYS O 79 31.60 -12.62 69.55
CA CYS O 79 32.85 -13.20 70.04
C CYS O 79 34.09 -12.55 69.45
N GLY O 80 33.93 -11.43 68.77
CA GLY O 80 35.06 -10.80 68.11
C GLY O 80 35.26 -11.30 66.70
N LYS O 81 36.33 -10.81 66.08
CA LYS O 81 36.54 -11.08 64.66
C LYS O 81 36.93 -12.52 64.40
N ASP O 82 37.87 -13.06 65.17
CA ASP O 82 38.48 -14.35 64.85
C ASP O 82 38.49 -15.27 66.05
N GLY O 83 37.40 -15.29 66.82
CA GLY O 83 37.32 -16.19 67.95
C GLY O 83 36.45 -17.40 67.67
N PHE O 84 36.28 -17.76 66.41
CA PHE O 84 35.34 -18.81 66.05
C PHE O 84 35.72 -19.39 64.69
N HIS O 85 34.95 -20.39 64.26
CA HIS O 85 35.17 -21.07 62.99
C HIS O 85 33.84 -21.66 62.54
N ILE O 86 33.34 -21.25 61.38
CA ILE O 86 32.08 -21.73 60.84
C ILE O 86 32.37 -22.67 59.69
N ARG O 87 31.76 -23.85 59.72
CA ARG O 87 31.85 -24.81 58.62
C ARG O 87 30.45 -25.26 58.24
N VAL O 88 30.05 -25.01 57.00
CA VAL O 88 28.79 -25.51 56.47
C VAL O 88 29.05 -26.88 55.86
N ARG O 89 28.32 -27.89 56.33
CA ARG O 89 28.60 -29.28 55.98
C ARG O 89 27.57 -29.83 55.00
N LEU O 90 26.99 -28.96 54.17
CA LEU O 90 26.08 -29.38 53.11
C LEU O 90 26.49 -28.67 51.83
N HIS O 91 26.64 -29.44 50.76
CA HIS O 91 26.97 -28.89 49.47
C HIS O 91 25.84 -29.14 48.49
N PRO O 92 25.33 -28.12 47.81
CA PRO O 92 24.18 -28.30 46.91
C PRO O 92 24.60 -28.97 45.61
N PHE O 93 24.25 -30.25 45.47
CA PHE O 93 24.52 -30.99 44.25
C PHE O 93 23.28 -31.37 43.46
N HIS O 94 22.11 -31.35 44.08
CA HIS O 94 20.89 -31.61 43.34
C HIS O 94 20.55 -30.39 42.50
N VAL O 95 20.16 -30.61 41.25
CA VAL O 95 19.71 -29.53 40.39
C VAL O 95 18.25 -29.74 40.07
N ILE O 96 17.44 -28.71 40.31
CA ILE O 96 16.01 -28.79 40.14
C ILE O 96 15.62 -28.11 38.84
N ARG O 97 14.41 -28.42 38.37
CA ARG O 97 14.01 -28.07 37.01
C ARG O 97 12.74 -27.23 37.02
N ILE O 98 12.56 -26.46 35.94
CA ILE O 98 11.39 -25.62 35.75
C ILE O 98 10.87 -25.81 34.33
N ASN O 99 9.59 -26.15 34.22
CA ASN O 99 8.91 -26.19 32.92
C ASN O 99 8.20 -24.87 32.73
N LYS O 100 8.90 -23.91 32.14
CA LYS O 100 8.42 -22.54 32.09
C LYS O 100 7.39 -22.37 30.98
N MET O 101 6.25 -21.79 31.35
CA MET O 101 5.19 -21.48 30.40
C MET O 101 5.23 -19.99 30.04
N LEU O 102 4.79 -19.69 28.82
CA LEU O 102 4.75 -18.33 28.27
C LEU O 102 6.02 -17.53 28.57
N GLN O 111 1.73 -21.78 23.98
CA GLN O 111 0.56 -22.44 24.56
C GLN O 111 0.58 -23.92 24.23
N THR O 112 1.76 -24.54 24.32
CA THR O 112 1.88 -25.95 23.97
C THR O 112 1.21 -26.85 25.00
N GLY O 113 1.31 -26.50 26.28
CA GLY O 113 0.67 -27.28 27.31
C GLY O 113 1.62 -28.23 28.01
N MET O 114 1.16 -29.46 28.26
CA MET O 114 1.98 -30.49 28.90
C MET O 114 2.75 -31.33 27.90
N ARG O 115 2.69 -31.00 26.62
CA ARG O 115 3.44 -31.73 25.61
C ARG O 115 4.94 -31.44 25.78
N GLY O 116 5.72 -32.50 25.95
CA GLY O 116 7.16 -32.34 26.08
C GLY O 116 7.58 -31.51 27.28
N ALA O 117 6.94 -31.73 28.42
CA ALA O 117 7.18 -30.92 29.61
C ALA O 117 8.28 -31.56 30.44
N PHE O 118 9.53 -31.27 30.07
CA PHE O 118 10.70 -31.66 30.86
C PHE O 118 11.54 -30.41 31.03
N GLY O 119 11.65 -29.94 32.26
CA GLY O 119 12.14 -28.60 32.51
C GLY O 119 13.63 -28.44 32.30
N LYS O 120 14.04 -27.18 32.30
CA LYS O 120 15.42 -26.74 32.23
C LYS O 120 15.99 -26.52 33.62
N PRO O 121 17.31 -26.56 33.78
CA PRO O 121 17.89 -26.32 35.11
C PRO O 121 17.64 -24.90 35.57
N GLN O 122 17.05 -24.77 36.77
CA GLN O 122 16.81 -23.48 37.37
C GLN O 122 17.75 -23.17 38.55
N GLY O 123 17.99 -24.14 39.42
CA GLY O 123 18.82 -23.91 40.57
C GLY O 123 19.27 -25.21 41.20
N THR O 124 19.91 -25.08 42.36
CA THR O 124 20.47 -26.24 43.05
C THR O 124 19.98 -26.28 44.49
N VAL O 125 19.72 -27.49 44.97
CA VAL O 125 19.33 -27.75 46.34
C VAL O 125 20.17 -28.90 46.89
N ALA O 126 20.21 -28.99 48.21
CA ALA O 126 20.90 -30.05 48.93
C ALA O 126 19.88 -30.90 49.66
N ARG O 127 19.98 -32.22 49.49
CA ARG O 127 19.05 -33.16 50.11
C ARG O 127 19.60 -33.59 51.46
N VAL O 128 18.74 -33.54 52.48
CA VAL O 128 19.17 -33.66 53.88
C VAL O 128 18.35 -34.74 54.56
N HIS O 129 19.03 -35.63 55.28
CA HIS O 129 18.39 -36.75 55.96
C HIS O 129 18.13 -36.38 57.43
N ILE O 130 17.52 -37.34 58.14
CA ILE O 130 17.22 -37.13 59.55
C ILE O 130 18.51 -37.21 60.35
N GLY O 131 18.73 -36.22 61.20
CA GLY O 131 19.92 -36.22 62.05
C GLY O 131 21.19 -35.77 61.38
N GLN O 132 21.13 -35.30 60.14
CA GLN O 132 22.32 -34.87 59.43
C GLN O 132 22.67 -33.44 59.80
N VAL O 133 23.98 -33.17 59.92
CA VAL O 133 24.46 -31.87 60.35
C VAL O 133 24.44 -30.89 59.19
N ILE O 134 23.96 -29.68 59.45
CA ILE O 134 23.91 -28.60 58.47
C ILE O 134 25.08 -27.64 58.65
N MET O 135 25.25 -27.12 59.86
CA MET O 135 26.31 -26.18 60.17
C MET O 135 27.01 -26.61 61.45
N SER O 136 28.29 -26.26 61.55
CA SER O 136 29.08 -26.53 62.74
C SER O 136 29.88 -25.29 63.10
N ILE O 137 29.92 -24.99 64.40
CA ILE O 137 30.62 -23.82 64.92
C ILE O 137 31.64 -24.31 65.93
N ARG O 138 32.90 -23.93 65.73
CA ARG O 138 34.01 -24.36 66.55
C ARG O 138 34.63 -23.13 67.20
N THR O 139 34.76 -23.16 68.52
CA THR O 139 35.20 -21.96 69.24
C THR O 139 35.72 -22.37 70.61
N LYS O 140 36.04 -21.37 71.44
CA LYS O 140 36.52 -21.59 72.79
C LYS O 140 35.38 -22.10 73.67
N LEU O 141 35.76 -22.51 74.88
CA LEU O 141 34.82 -23.18 75.79
C LEU O 141 33.86 -22.21 76.47
N GLN O 142 34.17 -20.92 76.49
CA GLN O 142 33.38 -19.95 77.23
C GLN O 142 32.44 -19.13 76.36
N ASN O 143 32.30 -19.46 75.08
CA ASN O 143 31.36 -18.80 74.19
C ASN O 143 30.19 -19.71 73.82
N LYS O 144 29.81 -20.61 74.73
CA LYS O 144 28.76 -21.59 74.42
C LYS O 144 27.42 -20.90 74.18
N GLU O 145 27.07 -19.93 75.01
CA GLU O 145 25.79 -19.25 74.83
C GLU O 145 25.79 -18.41 73.56
N HIS O 146 26.95 -17.83 73.20
CA HIS O 146 27.05 -17.13 71.94
C HIS O 146 26.82 -18.07 70.76
N VAL O 147 27.41 -19.27 70.82
CA VAL O 147 27.23 -20.24 69.75
C VAL O 147 25.77 -20.66 69.64
N VAL O 148 25.14 -20.96 70.78
CA VAL O 148 23.76 -21.42 70.73
C VAL O 148 22.85 -20.32 70.23
N GLU O 149 23.15 -19.06 70.58
CA GLU O 149 22.32 -17.96 70.08
C GLU O 149 22.51 -17.76 68.59
N ALA O 150 23.75 -17.88 68.10
CA ALA O 150 23.99 -17.74 66.67
C ALA O 150 23.28 -18.83 65.88
N LEU O 151 23.34 -20.07 66.36
CA LEU O 151 22.64 -21.16 65.67
C LEU O 151 21.13 -20.98 65.75
N ARG O 152 20.63 -20.52 66.90
CA ARG O 152 19.20 -20.27 67.03
C ARG O 152 18.73 -19.20 66.05
N ARG O 153 19.54 -18.15 65.88
CA ARG O 153 19.20 -17.12 64.90
C ARG O 153 19.26 -17.65 63.48
N ALA O 154 20.27 -18.47 63.17
CA ALA O 154 20.39 -19.03 61.82
C ALA O 154 19.29 -20.04 61.52
N LYS O 155 18.66 -20.60 62.56
CA LYS O 155 17.59 -21.58 62.35
C LYS O 155 16.45 -21.02 61.52
N PHE O 156 16.23 -19.71 61.57
CA PHE O 156 15.03 -19.10 60.99
C PHE O 156 15.08 -19.00 59.47
N LYS O 157 16.19 -19.34 58.83
CA LYS O 157 16.32 -19.23 57.39
C LYS O 157 16.02 -20.54 56.67
N PHE O 158 15.58 -21.56 57.39
CA PHE O 158 15.36 -22.88 56.79
C PHE O 158 13.93 -23.36 57.00
N PRO O 159 13.40 -24.11 56.05
CA PRO O 159 12.10 -24.77 56.25
C PRO O 159 12.24 -25.96 57.18
N GLY O 160 11.09 -26.48 57.59
CA GLY O 160 11.09 -27.66 58.44
C GLY O 160 11.52 -27.35 59.86
N ARG O 161 12.07 -28.36 60.52
CA ARG O 161 12.45 -28.30 61.93
C ARG O 161 13.92 -28.64 62.09
N GLN O 162 14.61 -27.87 62.92
CA GLN O 162 16.02 -28.09 63.20
C GLN O 162 16.24 -28.11 64.71
N LYS O 163 17.30 -28.81 65.12
CA LYS O 163 17.70 -28.90 66.51
C LYS O 163 19.13 -28.41 66.65
N ILE O 164 19.48 -27.94 67.84
CA ILE O 164 20.83 -27.44 68.11
C ILE O 164 21.45 -28.31 69.20
N HIS O 165 22.66 -28.82 68.94
CA HIS O 165 23.26 -29.82 69.80
C HIS O 165 24.74 -29.51 69.98
N ILE O 166 25.18 -29.37 71.22
CA ILE O 166 26.60 -29.22 71.50
C ILE O 166 27.23 -30.62 71.52
N SER O 167 28.23 -30.83 70.68
CA SER O 167 28.77 -32.17 70.50
C SER O 167 29.78 -32.50 71.59
N LYS O 168 30.02 -33.80 71.76
CA LYS O 168 31.01 -34.30 72.70
C LYS O 168 32.37 -34.52 72.08
N LYS O 169 32.54 -34.23 70.80
CA LYS O 169 33.82 -34.38 70.14
C LYS O 169 34.63 -33.09 70.28
N TRP O 170 35.95 -33.24 70.26
CA TRP O 170 36.85 -32.09 70.40
C TRP O 170 36.92 -31.37 69.06
N GLY O 171 36.29 -30.20 68.99
CA GLY O 171 36.37 -29.40 67.78
C GLY O 171 35.79 -30.13 66.59
N PHE O 172 36.43 -29.97 65.44
CA PHE O 172 36.01 -30.64 64.21
C PHE O 172 36.75 -31.96 64.01
N THR O 173 36.72 -32.80 65.04
CA THR O 173 37.35 -34.11 64.99
C THR O 173 36.34 -35.19 65.33
N LYS O 174 36.75 -36.45 65.20
CA LYS O 174 35.92 -37.59 65.51
C LYS O 174 36.30 -38.24 66.84
N PHE O 175 37.06 -37.53 67.68
CA PHE O 175 37.51 -38.05 68.97
C PHE O 175 36.89 -37.24 70.09
N ASN O 176 36.56 -37.92 71.19
CA ASN O 176 35.90 -37.27 72.31
C ASN O 176 36.83 -36.27 72.99
N ALA O 177 36.24 -35.20 73.51
CA ALA O 177 36.99 -34.14 74.17
C ALA O 177 37.55 -34.56 75.51
N ASP O 178 36.95 -35.57 76.16
CA ASP O 178 37.43 -36.00 77.47
C ASP O 178 38.74 -36.78 77.38
N GLU O 179 39.07 -37.31 76.21
CA GLU O 179 40.25 -38.15 76.03
C GLU O 179 41.14 -37.71 74.86
N PHE O 180 40.74 -36.67 74.13
CA PHE O 180 41.60 -36.10 73.10
C PHE O 180 42.95 -35.65 73.67
N GLU O 181 42.92 -34.91 74.78
CA GLU O 181 44.17 -34.41 75.35
C GLU O 181 45.04 -35.55 75.84
N ASP O 182 44.42 -36.60 76.38
CA ASP O 182 45.18 -37.76 76.83
C ASP O 182 45.89 -38.43 75.65
N MET O 183 45.18 -38.63 74.54
CA MET O 183 45.83 -39.27 73.40
C MET O 183 46.94 -38.40 72.84
N VAL O 184 46.70 -37.09 72.70
CA VAL O 184 47.74 -36.24 72.14
C VAL O 184 48.92 -36.14 73.09
N ALA O 185 48.70 -36.31 74.39
CA ALA O 185 49.80 -36.33 75.33
C ALA O 185 50.63 -37.60 75.17
N GLU O 186 49.97 -38.76 75.03
CA GLU O 186 50.72 -40.01 74.87
C GLU O 186 51.07 -40.32 73.41
N LYS O 187 50.88 -39.36 72.51
CA LYS O 187 51.37 -39.42 71.12
C LYS O 187 50.60 -40.44 70.28
N ARG O 188 49.28 -40.45 70.45
CA ARG O 188 48.40 -41.15 69.53
C ARG O 188 47.88 -40.22 68.44
N LEU O 189 47.78 -38.93 68.74
CA LEU O 189 47.28 -37.93 67.82
C LEU O 189 48.32 -36.84 67.58
N ILE O 190 48.46 -36.44 66.33
CA ILE O 190 49.42 -35.41 65.94
C ILE O 190 48.66 -34.22 65.38
N PRO O 191 48.73 -33.05 66.02
CA PRO O 191 48.09 -31.87 65.45
C PRO O 191 48.74 -31.48 64.13
N ASP O 192 47.90 -31.22 63.12
CA ASP O 192 48.39 -30.90 61.78
C ASP O 192 47.60 -29.76 61.14
N GLY O 193 47.04 -28.87 61.95
CA GLY O 193 46.24 -27.76 61.47
C GLY O 193 44.86 -27.76 62.11
N CYS O 194 43.84 -27.53 61.29
CA CYS O 194 42.47 -27.52 61.80
C CYS O 194 42.08 -28.88 62.36
N GLY O 195 42.61 -29.96 61.78
CA GLY O 195 42.33 -31.30 62.25
C GLY O 195 43.52 -31.94 62.93
N VAL O 196 43.40 -33.25 63.15
CA VAL O 196 44.42 -34.03 63.83
C VAL O 196 44.63 -35.33 63.06
N LYS O 197 45.81 -35.90 63.19
CA LYS O 197 46.17 -37.14 62.51
C LYS O 197 46.30 -38.26 63.52
N TYR O 198 45.85 -39.45 63.14
CA TYR O 198 45.80 -40.60 64.04
C TYR O 198 46.95 -41.54 63.70
N ILE O 199 47.67 -41.99 64.72
CA ILE O 199 48.87 -42.79 64.53
C ILE O 199 48.59 -44.20 65.05
N PRO O 200 48.42 -45.19 64.19
CA PRO O 200 48.23 -46.56 64.67
C PRO O 200 49.54 -47.23 65.06
N ASN O 201 49.48 -48.51 65.38
CA ASN O 201 50.65 -49.29 65.77
C ASN O 201 51.01 -50.32 64.70
N ARG O 202 50.91 -49.93 63.43
CA ARG O 202 50.98 -50.90 62.34
C ARG O 202 52.02 -50.59 61.27
N GLY O 203 52.53 -49.37 61.17
CA GLY O 203 53.48 -49.04 60.15
C GLY O 203 54.86 -49.59 60.47
N PRO O 204 55.85 -49.25 59.64
CA PRO O 204 57.23 -49.55 60.02
C PRO O 204 57.64 -48.73 61.24
N LEU O 205 58.49 -49.32 62.07
CA LEU O 205 58.85 -48.67 63.33
C LEU O 205 59.85 -47.53 63.14
N ASP O 206 60.29 -47.26 61.91
CA ASP O 206 61.06 -46.05 61.67
C ASP O 206 60.23 -44.81 61.96
N LYS O 207 58.95 -44.83 61.55
CA LYS O 207 58.04 -43.76 61.94
C LYS O 207 57.87 -43.70 63.45
N TRP O 208 57.82 -44.86 64.11
CA TRP O 208 57.71 -44.91 65.56
C TRP O 208 58.87 -44.17 66.22
N ARG O 209 60.09 -44.49 65.81
CA ARG O 209 61.25 -43.88 66.44
C ARG O 209 61.39 -42.41 66.05
N ALA O 210 61.01 -42.05 64.83
CA ALA O 210 61.01 -40.64 64.45
C ALA O 210 60.03 -39.85 65.31
N LEU O 211 58.87 -40.42 65.60
CA LEU O 211 57.89 -39.73 66.44
C LEU O 211 58.34 -39.67 67.89
N HIS O 212 58.98 -40.73 68.38
CA HIS O 212 59.42 -40.78 69.77
C HIS O 212 60.78 -40.14 69.99
N SER O 213 61.41 -39.60 68.95
CA SER O 213 62.63 -38.82 69.15
C SER O 213 62.62 -37.57 68.28
N LYS P 1 86.63 -58.86 48.25
CA LYS P 1 86.75 -59.36 46.89
C LYS P 1 85.56 -58.97 46.03
N GLU P 2 85.84 -58.40 44.86
CA GLU P 2 84.80 -58.03 43.91
C GLU P 2 84.52 -59.21 42.99
N ASN P 3 83.27 -59.62 42.92
CA ASN P 3 82.91 -60.76 42.09
C ASN P 3 83.12 -60.40 40.61
N PRO P 4 83.70 -61.30 39.82
CA PRO P 4 83.94 -60.99 38.40
C PRO P 4 82.67 -60.73 37.62
N MET P 5 81.52 -61.20 38.09
CA MET P 5 80.26 -60.96 37.39
C MET P 5 79.70 -59.57 37.63
N ARG P 6 80.45 -58.67 38.27
CA ARG P 6 80.01 -57.30 38.46
C ARG P 6 80.98 -56.31 37.85
N GLU P 7 81.46 -56.59 36.65
CA GLU P 7 82.38 -55.71 35.95
C GLU P 7 81.59 -54.89 34.94
N LEU P 8 81.67 -53.56 35.06
CA LEU P 8 80.97 -52.68 34.13
C LEU P 8 81.52 -52.86 32.73
N ARG P 9 80.60 -53.02 31.77
CA ARG P 9 80.96 -53.06 30.36
C ARG P 9 79.94 -52.27 29.58
N ILE P 10 80.36 -51.73 28.44
CA ILE P 10 79.44 -51.00 27.58
C ILE P 10 78.59 -52.02 26.82
N ARG P 11 77.30 -52.07 27.15
CA ARG P 11 76.40 -52.96 26.41
C ARG P 11 76.35 -52.55 24.95
N LYS P 12 76.08 -51.28 24.67
CA LYS P 12 76.09 -50.87 23.27
C LYS P 12 76.27 -49.38 23.15
N LEU P 13 76.59 -48.95 21.93
CA LEU P 13 76.72 -47.54 21.60
C LEU P 13 75.79 -47.23 20.43
N CYS P 14 74.92 -46.25 20.62
CA CYS P 14 73.94 -45.86 19.62
C CYS P 14 74.34 -44.52 19.02
N LEU P 15 74.42 -44.48 17.70
CA LEU P 15 74.81 -43.29 16.96
C LEU P 15 73.63 -42.85 16.11
N ASN P 16 73.33 -41.56 16.11
CA ASN P 16 72.31 -41.12 15.16
C ASN P 16 72.57 -39.72 14.64
N ILE P 17 72.00 -39.47 13.46
CA ILE P 17 71.91 -38.15 12.85
C ILE P 17 70.44 -37.92 12.52
N CYS P 18 69.84 -36.91 13.15
CA CYS P 18 68.47 -36.49 12.84
C CYS P 18 68.58 -35.30 11.90
N VAL P 19 68.31 -35.54 10.61
CA VAL P 19 68.60 -34.51 9.62
C VAL P 19 67.43 -33.54 9.43
N GLY P 20 66.21 -33.96 9.76
CA GLY P 20 65.05 -33.09 9.70
C GLY P 20 64.35 -33.02 8.36
N GLU P 21 64.79 -33.79 7.37
CA GLU P 21 64.12 -33.81 6.07
C GLU P 21 64.47 -35.14 5.39
N SER P 22 63.92 -35.34 4.20
CA SER P 22 64.03 -36.61 3.51
C SER P 22 64.66 -36.43 2.13
N GLY P 23 65.56 -37.34 1.78
CA GLY P 23 66.11 -37.35 0.43
C GLY P 23 67.62 -37.47 0.33
N ASP P 24 68.20 -36.61 -0.51
CA ASP P 24 69.62 -36.71 -0.82
C ASP P 24 70.49 -36.51 0.42
N ARG P 25 70.17 -35.51 1.24
CA ARG P 25 70.96 -35.27 2.43
C ARG P 25 70.85 -36.43 3.41
N LEU P 26 69.66 -37.03 3.50
CA LEU P 26 69.50 -38.22 4.33
C LEU P 26 70.38 -39.36 3.84
N THR P 27 70.43 -39.58 2.52
CA THR P 27 71.27 -40.63 1.98
C THR P 27 72.75 -40.36 2.24
N ARG P 28 73.17 -39.10 2.10
CA ARG P 28 74.56 -38.76 2.38
C ARG P 28 74.90 -38.99 3.85
N ALA P 29 74.00 -38.63 4.75
CA ALA P 29 74.23 -38.90 6.17
C ALA P 29 74.30 -40.40 6.43
N ALA P 30 73.47 -41.18 5.74
CA ALA P 30 73.56 -42.63 5.85
C ALA P 30 74.94 -43.12 5.44
N LYS P 31 75.47 -42.59 4.34
CA LYS P 31 76.84 -42.94 3.94
C LYS P 31 77.84 -42.51 5.00
N VAL P 32 77.60 -41.36 5.63
CA VAL P 32 78.49 -40.90 6.70
C VAL P 32 78.62 -41.95 7.78
N LEU P 33 77.50 -42.32 8.40
CA LEU P 33 77.65 -43.22 9.54
C LEU P 33 77.95 -44.65 9.10
N GLU P 34 77.65 -45.01 7.85
CA GLU P 34 78.11 -46.30 7.34
C GLU P 34 79.63 -46.33 7.25
N GLN P 35 80.24 -45.24 6.77
CA GLN P 35 81.70 -45.16 6.78
C GLN P 35 82.23 -45.17 8.21
N LEU P 36 81.53 -44.48 9.12
CA LEU P 36 82.01 -44.38 10.50
C LEU P 36 82.04 -45.75 11.18
N THR P 37 80.97 -46.53 11.02
CA THR P 37 80.87 -47.82 11.71
C THR P 37 81.35 -48.98 10.85
N GLY P 38 80.69 -49.23 9.72
CA GLY P 38 81.00 -50.38 8.90
C GLY P 38 79.80 -51.27 8.66
N GLN P 39 78.61 -50.75 8.97
CA GLN P 39 77.38 -51.50 8.83
C GLN P 39 76.27 -50.56 8.35
N THR P 40 75.26 -51.13 7.72
CA THR P 40 74.22 -50.34 7.08
C THR P 40 73.33 -49.66 8.13
N PRO P 41 73.13 -48.36 8.03
CA PRO P 41 72.25 -47.67 8.99
C PRO P 41 70.78 -47.91 8.68
N VAL P 42 69.93 -47.46 9.60
CA VAL P 42 68.49 -47.60 9.43
C VAL P 42 67.83 -46.24 9.55
N PHE P 43 66.80 -46.04 8.73
CA PHE P 43 66.14 -44.75 8.58
C PHE P 43 64.94 -44.68 9.52
N SER P 44 64.83 -43.58 10.25
CA SER P 44 63.76 -43.36 11.21
C SER P 44 62.79 -42.32 10.65
N LYS P 45 61.50 -42.65 10.71
CA LYS P 45 60.44 -41.84 10.16
C LYS P 45 59.94 -40.85 11.21
N ALA P 46 58.85 -40.15 10.91
CA ALA P 46 58.26 -39.18 11.82
C ALA P 46 56.89 -39.68 12.28
N ARG P 47 56.63 -39.58 13.58
CA ARG P 47 55.39 -40.11 14.13
C ARG P 47 54.21 -39.15 13.98
N TYR P 48 54.46 -37.87 13.75
CA TYR P 48 53.41 -36.89 13.60
C TYR P 48 53.76 -35.95 12.46
N THR P 49 52.99 -34.88 12.34
CA THR P 49 53.25 -33.82 11.36
C THR P 49 53.36 -32.50 12.12
N VAL P 50 54.55 -31.92 12.11
CA VAL P 50 54.81 -30.63 12.75
C VAL P 50 55.12 -29.65 11.65
N ARG P 51 54.21 -28.70 11.42
CA ARG P 51 54.38 -27.74 10.33
C ARG P 51 55.57 -26.83 10.56
N SER P 52 55.74 -26.33 11.79
CA SER P 52 56.86 -25.47 12.08
C SER P 52 58.20 -26.18 11.95
N PHE P 53 58.19 -27.51 11.90
CA PHE P 53 59.40 -28.30 11.72
C PHE P 53 59.56 -28.81 10.30
N GLY P 54 58.52 -28.69 9.48
CA GLY P 54 58.62 -29.08 8.08
C GLY P 54 58.66 -30.57 7.83
N ILE P 55 58.01 -31.36 8.67
CA ILE P 55 58.00 -32.82 8.54
C ILE P 55 56.57 -33.32 8.60
N ARG P 56 56.24 -34.25 7.72
CA ARG P 56 54.96 -34.93 7.74
C ARG P 56 55.12 -36.31 8.38
N ARG P 57 53.98 -36.94 8.67
CA ARG P 57 54.01 -38.27 9.24
C ARG P 57 54.59 -39.27 8.24
N ASN P 58 55.23 -40.31 8.78
CA ASN P 58 55.79 -41.42 8.00
C ASN P 58 56.90 -40.97 7.05
N GLU P 59 57.49 -39.81 7.29
CA GLU P 59 58.58 -39.31 6.46
C GLU P 59 59.91 -39.62 7.14
N LYS P 60 60.83 -40.21 6.38
CA LYS P 60 62.13 -40.59 6.92
C LYS P 60 62.98 -39.35 7.16
N ILE P 61 63.31 -39.09 8.43
CA ILE P 61 64.02 -37.87 8.82
C ILE P 61 65.25 -38.13 9.67
N ALA P 62 65.54 -39.39 10.00
CA ALA P 62 66.71 -39.67 10.82
C ALA P 62 67.41 -40.92 10.32
N VAL P 63 68.64 -41.10 10.75
CA VAL P 63 69.40 -42.32 10.51
C VAL P 63 70.10 -42.72 11.80
N HIS P 64 70.16 -44.01 12.07
CA HIS P 64 70.83 -44.45 13.29
C HIS P 64 71.44 -45.83 13.10
N CYS P 65 72.40 -46.13 13.98
CA CYS P 65 73.04 -47.42 14.10
C CYS P 65 73.28 -47.74 15.57
N THR P 66 73.49 -49.01 15.84
CA THR P 66 73.99 -49.46 17.13
C THR P 66 75.20 -50.35 16.89
N VAL P 67 76.17 -50.26 17.80
CA VAL P 67 77.41 -51.02 17.69
C VAL P 67 77.70 -51.67 19.04
N ARG P 68 78.22 -52.89 18.99
CA ARG P 68 78.47 -53.68 20.18
C ARG P 68 79.91 -54.19 20.16
N GLY P 69 80.55 -54.17 21.32
CA GLY P 69 81.87 -54.77 21.46
C GLY P 69 83.02 -53.90 21.00
N ALA P 70 83.98 -54.54 20.32
CA ALA P 70 85.24 -53.88 19.98
C ALA P 70 85.00 -52.59 19.20
N LYS P 71 84.13 -52.65 18.20
CA LYS P 71 83.81 -51.45 17.44
C LYS P 71 83.21 -50.38 18.35
N ALA P 72 82.38 -50.79 19.32
CA ALA P 72 81.79 -49.82 20.24
C ALA P 72 82.87 -49.11 21.04
N GLU P 73 83.83 -49.86 21.58
CA GLU P 73 84.90 -49.21 22.34
C GLU P 73 85.74 -48.31 21.45
N GLU P 74 86.03 -48.74 20.23
CA GLU P 74 86.86 -47.93 19.34
C GLU P 74 86.18 -46.62 18.99
N ILE P 75 84.90 -46.67 18.61
CA ILE P 75 84.17 -45.46 18.28
C ILE P 75 84.05 -44.56 19.50
N LEU P 76 83.82 -45.16 20.67
CA LEU P 76 83.69 -44.37 21.89
C LEU P 76 84.98 -43.63 22.22
N GLU P 77 86.12 -44.32 22.11
CA GLU P 77 87.36 -43.64 22.43
C GLU P 77 87.75 -42.63 21.36
N LYS P 78 87.33 -42.83 20.11
CA LYS P 78 87.53 -41.79 19.11
C LYS P 78 86.72 -40.54 19.46
N GLY P 79 85.47 -40.71 19.87
CA GLY P 79 84.68 -39.56 20.28
C GLY P 79 85.26 -38.86 21.51
N LEU P 80 85.80 -39.65 22.44
CA LEU P 80 86.43 -39.05 23.60
C LEU P 80 87.74 -38.35 23.24
N LYS P 81 88.43 -38.82 22.21
CA LYS P 81 89.52 -38.03 21.63
C LYS P 81 89.00 -36.71 21.11
N VAL P 82 87.85 -36.73 20.42
CA VAL P 82 87.30 -35.50 19.85
C VAL P 82 87.00 -34.48 20.96
N ARG P 83 86.40 -34.92 22.05
CA ARG P 83 86.10 -34.02 23.17
C ARG P 83 87.06 -34.25 24.34
N GLU P 84 88.32 -34.53 24.04
CA GLU P 84 89.44 -34.53 24.98
C GLU P 84 89.13 -35.15 26.33
N TYR P 85 88.32 -36.21 26.34
CA TYR P 85 87.95 -36.90 27.58
C TYR P 85 87.46 -35.93 28.65
N GLU P 86 86.57 -35.04 28.25
CA GLU P 86 86.00 -34.03 29.14
C GLU P 86 84.48 -34.12 29.04
N LEU P 87 83.84 -34.49 30.15
CA LEU P 87 82.39 -34.60 30.17
C LEU P 87 81.83 -33.78 31.32
N ARG P 88 80.70 -33.12 31.06
CA ARG P 88 80.00 -32.42 32.11
C ARG P 88 79.17 -33.41 32.93
N LYS P 89 79.08 -33.15 34.24
CA LYS P 89 78.46 -34.10 35.15
C LYS P 89 77.00 -34.35 34.83
N ASN P 90 76.32 -33.40 34.20
CA ASN P 90 74.91 -33.58 33.85
C ASN P 90 74.71 -34.55 32.70
N ASN P 91 75.76 -34.93 31.98
CA ASN P 91 75.60 -35.84 30.85
C ASN P 91 75.31 -37.27 31.25
N PHE P 92 75.11 -37.60 32.52
CA PHE P 92 74.94 -38.97 32.95
C PHE P 92 73.50 -39.20 33.38
N SER P 93 72.90 -40.27 32.86
CA SER P 93 71.55 -40.63 33.24
C SER P 93 71.53 -41.21 34.66
N ASP P 94 70.36 -41.15 35.29
CA ASP P 94 70.19 -41.74 36.61
C ASP P 94 70.27 -43.27 36.57
N THR P 95 70.22 -43.87 35.39
CA THR P 95 70.38 -45.31 35.24
C THR P 95 71.83 -45.72 35.07
N GLY P 96 72.69 -44.81 34.60
CA GLY P 96 74.10 -45.10 34.38
C GLY P 96 74.54 -44.96 32.95
N ASN P 97 73.61 -44.95 31.99
CA ASN P 97 73.96 -44.66 30.62
C ASN P 97 74.39 -43.20 30.51
N PHE P 98 75.12 -42.87 29.45
CA PHE P 98 75.46 -41.47 29.20
C PHE P 98 75.67 -41.28 27.72
N GLY P 99 75.97 -40.04 27.34
CA GLY P 99 76.14 -39.75 25.93
C GLY P 99 76.58 -38.31 25.74
N PHE P 100 76.83 -37.97 24.47
CA PHE P 100 77.30 -36.65 24.12
C PHE P 100 77.02 -36.43 22.63
N GLY P 101 77.44 -35.28 22.14
CA GLY P 101 77.20 -34.93 20.75
C GLY P 101 78.32 -34.15 20.12
N ILE P 102 78.62 -34.45 18.87
CA ILE P 102 79.70 -33.79 18.13
C ILE P 102 79.09 -33.01 16.97
N GLN P 103 79.63 -31.82 16.73
CA GLN P 103 79.09 -30.92 15.71
C GLN P 103 79.52 -31.28 14.31
N GLU P 104 80.59 -32.07 14.15
CA GLU P 104 81.19 -32.28 12.84
C GLU P 104 82.01 -33.56 12.89
N HIS P 105 81.94 -34.35 11.81
CA HIS P 105 82.38 -35.74 11.84
C HIS P 105 83.79 -35.97 11.30
N ILE P 106 84.39 -35.00 10.60
CA ILE P 106 85.76 -35.22 10.14
C ILE P 106 86.75 -35.20 11.30
N ASP P 107 86.33 -34.71 12.47
CA ASP P 107 87.16 -34.83 13.66
C ASP P 107 87.39 -36.27 14.06
N LEU P 108 86.59 -37.20 13.53
CA LEU P 108 86.71 -38.61 13.83
C LEU P 108 87.76 -39.32 12.99
N GLY P 109 88.42 -38.61 12.08
CA GLY P 109 89.46 -39.20 11.26
C GLY P 109 88.98 -39.77 9.95
N ILE P 110 87.70 -39.70 9.64
CA ILE P 110 87.21 -40.15 8.34
C ILE P 110 87.42 -39.04 7.32
N LYS P 111 87.91 -39.43 6.13
CA LYS P 111 88.26 -38.46 5.11
C LYS P 111 87.02 -37.74 4.61
N TYR P 112 87.14 -36.41 4.47
CA TYR P 112 86.07 -35.64 3.87
C TYR P 112 85.90 -36.00 2.40
N ASP P 113 84.65 -35.96 1.94
CA ASP P 113 84.32 -36.16 0.55
C ASP P 113 83.43 -35.01 0.10
N PRO P 114 83.77 -34.32 -1.00
CA PRO P 114 82.96 -33.17 -1.42
C PRO P 114 81.53 -33.51 -1.75
N SER P 115 81.25 -34.73 -2.18
CA SER P 115 79.90 -35.14 -2.55
C SER P 115 79.09 -35.64 -1.35
N ILE P 116 79.67 -35.63 -0.15
CA ILE P 116 78.98 -36.13 1.04
C ILE P 116 78.50 -34.97 1.90
N GLY P 117 79.43 -34.16 2.40
CA GLY P 117 79.08 -32.99 3.18
C GLY P 117 79.49 -33.13 4.64
N ILE P 118 78.80 -32.36 5.48
CA ILE P 118 79.12 -32.23 6.90
C ILE P 118 77.89 -32.59 7.72
N TYR P 119 78.10 -33.33 8.81
CA TYR P 119 77.00 -33.78 9.65
C TYR P 119 77.48 -33.88 11.09
N GLY P 120 76.56 -33.66 12.02
CA GLY P 120 76.82 -33.88 13.43
C GLY P 120 76.26 -35.21 13.89
N LEU P 121 76.81 -35.69 14.99
CA LEU P 121 76.46 -37.01 15.51
C LEU P 121 76.00 -36.89 16.96
N ASP P 122 75.05 -37.75 17.33
CA ASP P 122 74.74 -38.00 18.73
C ASP P 122 75.23 -39.40 19.09
N PHE P 123 76.15 -39.45 20.05
CA PHE P 123 76.65 -40.67 20.67
C PHE P 123 75.87 -40.91 21.94
N TYR P 124 75.44 -42.15 22.16
CA TYR P 124 74.84 -42.51 23.44
C TYR P 124 75.26 -43.92 23.79
N VAL P 125 76.08 -44.07 24.83
CA VAL P 125 76.57 -45.36 25.26
C VAL P 125 75.76 -45.81 26.47
N VAL P 126 75.26 -47.05 26.41
CA VAL P 126 74.59 -47.68 27.52
C VAL P 126 75.47 -48.80 28.04
N LEU P 127 75.75 -48.75 29.34
CA LEU P 127 76.62 -49.65 30.05
C LEU P 127 75.87 -50.93 30.41
N GLY P 128 76.54 -51.81 31.13
CA GLY P 128 75.90 -53.05 31.52
C GLY P 128 76.74 -53.82 32.51
N ARG P 129 76.32 -55.06 32.75
CA ARG P 129 76.96 -55.91 33.73
C ARG P 129 76.51 -57.32 33.41
N PRO P 130 77.39 -58.32 33.49
CA PRO P 130 77.00 -59.68 33.09
C PRO P 130 75.73 -60.17 33.78
N GLY P 131 74.67 -60.37 33.01
CA GLY P 131 73.41 -60.80 33.57
C GLY P 131 72.25 -59.91 33.20
N PHE P 132 72.49 -58.93 32.33
CA PHE P 132 71.42 -58.02 31.90
C PHE P 132 70.58 -58.58 30.77
N SER P 133 70.95 -59.73 30.20
CA SER P 133 70.10 -60.38 29.20
C SER P 133 68.85 -60.99 29.82
N ILE P 134 68.78 -61.04 31.15
CA ILE P 134 67.60 -61.58 31.83
C ILE P 134 66.37 -60.74 31.51
N ALA P 135 66.53 -59.42 31.52
CA ALA P 135 65.40 -58.52 31.34
C ALA P 135 64.80 -58.57 29.94
N ASP P 136 65.47 -59.21 28.99
CA ASP P 136 64.99 -59.21 27.62
C ASP P 136 64.98 -60.57 26.95
N LYS P 137 65.44 -61.63 27.61
CA LYS P 137 65.34 -62.95 26.98
C LYS P 137 63.91 -63.44 27.00
N LYS P 138 63.61 -64.39 26.11
CA LYS P 138 62.24 -64.77 25.83
C LYS P 138 61.71 -65.81 26.81
N ARG P 139 62.50 -66.84 27.12
CA ARG P 139 61.94 -68.05 27.71
C ARG P 139 61.50 -67.81 29.15
N ARG P 140 62.31 -67.13 29.96
CA ARG P 140 61.93 -66.78 31.33
C ARG P 140 62.46 -65.37 31.61
N THR P 141 61.62 -64.38 31.38
CA THR P 141 62.01 -62.98 31.58
C THR P 141 61.84 -62.59 33.05
N GLY P 142 62.86 -61.92 33.58
CA GLY P 142 62.82 -61.42 34.94
C GLY P 142 63.52 -60.09 35.05
N CYS P 143 63.53 -59.54 36.26
CA CYS P 143 64.21 -58.29 36.55
C CYS P 143 65.69 -58.59 36.81
N ILE P 144 66.44 -57.59 37.30
CA ILE P 144 67.86 -57.74 37.53
C ILE P 144 68.24 -57.51 38.99
N GLY P 145 67.30 -57.22 39.86
CA GLY P 145 67.60 -57.01 41.26
C GLY P 145 68.15 -55.61 41.53
N ALA P 146 68.16 -55.25 42.80
CA ALA P 146 68.54 -53.89 43.20
C ALA P 146 70.04 -53.73 43.35
N LYS P 147 70.74 -54.74 43.88
CA LYS P 147 72.18 -54.65 44.01
C LYS P 147 72.86 -54.61 42.65
N HIS P 148 72.33 -55.36 41.68
CA HIS P 148 72.99 -55.59 40.41
C HIS P 148 72.79 -54.46 39.42
N ARG P 149 72.00 -53.44 39.76
CA ARG P 149 71.76 -52.32 38.87
C ARG P 149 73.01 -51.46 38.74
N ILE P 150 72.86 -50.37 37.98
CA ILE P 150 73.94 -49.44 37.70
C ILE P 150 73.53 -48.07 38.24
N SER P 151 74.43 -47.43 38.97
CA SER P 151 74.18 -46.14 39.57
C SER P 151 74.93 -45.04 38.82
N LYS P 152 74.41 -43.82 38.94
CA LYS P 152 74.97 -42.68 38.22
C LYS P 152 76.40 -42.40 38.68
N GLU P 153 76.62 -42.34 40.00
CA GLU P 153 77.94 -42.01 40.51
C GLU P 153 78.97 -43.07 40.17
N GLU P 154 78.59 -44.35 40.21
CA GLU P 154 79.57 -45.36 39.88
C GLU P 154 79.76 -45.51 38.37
N ALA P 155 78.78 -45.13 37.57
CA ALA P 155 79.05 -44.96 36.14
C ALA P 155 80.11 -43.89 35.93
N MET P 156 79.99 -42.77 36.65
CA MET P 156 81.01 -41.73 36.56
C MET P 156 82.37 -42.26 36.98
N ARG P 157 82.43 -43.00 38.09
CA ARG P 157 83.73 -43.45 38.57
C ARG P 157 84.35 -44.42 37.57
N TRP P 158 83.53 -45.30 36.97
CA TRP P 158 84.03 -46.20 35.94
C TRP P 158 84.61 -45.42 34.76
N PHE P 159 83.89 -44.38 34.31
CA PHE P 159 84.36 -43.58 33.18
C PHE P 159 85.70 -42.94 33.52
N GLN P 160 85.79 -42.28 34.67
CA GLN P 160 87.01 -41.58 35.04
C GLN P 160 88.13 -42.52 35.44
N GLN P 161 87.86 -43.80 35.70
CA GLN P 161 88.95 -44.69 36.06
C GLN P 161 89.50 -45.45 34.88
N LYS P 162 88.69 -45.79 33.88
CA LYS P 162 89.27 -46.50 32.74
C LYS P 162 89.57 -45.59 31.56
N TYR P 163 88.82 -44.51 31.37
CA TYR P 163 89.10 -43.55 30.32
C TYR P 163 89.87 -42.34 30.84
N ASP P 164 90.26 -42.37 32.11
CA ASP P 164 90.95 -41.31 32.85
C ASP P 164 90.47 -39.92 32.43
N GLY P 165 89.16 -39.79 32.24
CA GLY P 165 88.59 -38.53 31.83
C GLY P 165 88.33 -37.61 32.99
N ILE P 166 87.89 -36.40 32.67
CA ILE P 166 87.62 -35.36 33.65
C ILE P 166 86.15 -34.98 33.56
N ILE P 167 85.48 -34.99 34.71
CA ILE P 167 84.07 -34.65 34.81
C ILE P 167 83.97 -33.27 35.43
N LEU P 168 83.59 -32.30 34.62
CA LEU P 168 83.43 -30.93 35.09
C LEU P 168 82.00 -30.71 35.58
N PRO P 169 81.81 -30.08 36.73
CA PRO P 169 80.44 -29.85 37.23
C PRO P 169 79.71 -28.80 36.41
N GLY P 170 78.43 -28.59 36.73
CA GLY P 170 77.63 -27.61 36.02
C GLY P 170 76.49 -28.22 35.24
N ALA Q 1 -15.62 -61.87 7.14
CA ALA Q 1 -14.28 -61.94 7.72
C ALA Q 1 -13.93 -63.38 8.09
N PRO Q 2 -12.73 -63.81 7.73
CA PRO Q 2 -12.31 -65.17 8.06
C PRO Q 2 -12.25 -65.40 9.56
N SER Q 3 -12.51 -66.64 9.96
CA SER Q 3 -12.52 -67.06 11.35
C SER Q 3 -11.45 -68.12 11.56
N ARG Q 4 -11.53 -68.85 12.66
CA ARG Q 4 -10.62 -69.97 12.92
C ARG Q 4 -10.64 -70.94 11.75
N ASN Q 5 -9.74 -71.92 11.74
CA ASN Q 5 -9.51 -72.82 10.62
C ASN Q 5 -10.79 -73.18 9.89
N GLY Q 6 -10.80 -72.98 8.58
CA GLY Q 6 -11.95 -73.29 7.75
C GLY Q 6 -11.53 -73.20 6.31
N MET Q 7 -12.50 -73.42 5.42
CA MET Q 7 -12.26 -73.38 3.99
C MET Q 7 -12.63 -72.01 3.45
N ILE Q 8 -11.83 -71.51 2.51
CA ILE Q 8 -12.06 -70.20 1.89
C ILE Q 8 -12.81 -70.43 0.58
N LEU Q 9 -14.00 -69.85 0.48
CA LEU Q 9 -14.96 -70.19 -0.55
C LEU Q 9 -15.21 -69.02 -1.49
N LYS Q 10 -15.79 -69.33 -2.64
CA LYS Q 10 -16.03 -68.36 -3.71
C LYS Q 10 -17.43 -68.54 -4.25
N PRO Q 11 -18.44 -68.00 -3.57
CA PRO Q 11 -19.83 -68.12 -4.05
C PRO Q 11 -20.06 -67.18 -5.23
N HIS Q 12 -20.60 -67.71 -6.32
CA HIS Q 12 -20.92 -66.91 -7.50
C HIS Q 12 -22.32 -66.32 -7.38
N PHE Q 13 -22.49 -65.48 -6.37
CA PHE Q 13 -23.78 -64.86 -6.07
C PHE Q 13 -23.69 -63.34 -6.07
N HIS Q 14 -22.78 -62.77 -6.87
CA HIS Q 14 -22.61 -61.34 -6.93
C HIS Q 14 -23.33 -60.69 -8.09
N LYS Q 15 -23.87 -61.48 -9.01
CA LYS Q 15 -24.80 -60.96 -10.02
C LYS Q 15 -26.18 -60.91 -9.40
N ASP Q 16 -27.21 -60.66 -10.21
CA ASP Q 16 -28.59 -60.62 -9.73
C ASP Q 16 -29.23 -61.97 -10.03
N TRP Q 17 -28.89 -62.96 -9.20
CA TRP Q 17 -29.31 -64.32 -9.44
C TRP Q 17 -30.78 -64.56 -9.14
N GLN Q 18 -31.44 -63.65 -8.42
CA GLN Q 18 -32.81 -63.88 -8.01
C GLN Q 18 -33.84 -63.48 -9.07
N ARG Q 19 -33.48 -62.59 -9.98
CA ARG Q 19 -34.41 -62.26 -11.06
C ARG Q 19 -34.55 -63.37 -12.07
N ARG Q 20 -33.70 -64.40 -12.00
CA ARG Q 20 -33.77 -65.55 -12.89
C ARG Q 20 -33.42 -66.80 -12.08
N VAL Q 21 -34.45 -67.42 -11.50
CA VAL Q 21 -34.32 -68.67 -10.76
C VAL Q 21 -35.29 -69.66 -11.39
N ALA Q 22 -34.75 -70.76 -11.91
CA ALA Q 22 -35.56 -71.76 -12.59
C ALA Q 22 -35.97 -72.83 -11.59
N THR Q 23 -37.22 -72.78 -11.16
CA THR Q 23 -37.75 -73.81 -10.28
C THR Q 23 -38.30 -74.98 -11.11
N TRP Q 24 -38.51 -76.10 -10.44
CA TRP Q 24 -38.89 -77.34 -11.10
C TRP Q 24 -40.23 -77.87 -10.60
N PHE Q 25 -41.13 -76.97 -10.22
CA PHE Q 25 -42.42 -77.40 -9.67
C PHE Q 25 -43.29 -78.08 -10.71
N ASN Q 26 -43.00 -77.90 -12.00
CA ASN Q 26 -43.78 -78.51 -13.06
C ASN Q 26 -43.11 -79.77 -13.62
N GLN Q 27 -42.16 -80.34 -12.89
CA GLN Q 27 -41.50 -81.56 -13.34
C GLN Q 27 -42.45 -82.74 -13.50
N PRO Q 28 -43.33 -83.06 -12.54
CA PRO Q 28 -44.28 -84.15 -12.79
C PRO Q 28 -45.22 -83.88 -13.95
N ALA Q 29 -45.64 -82.63 -14.12
CA ALA Q 29 -46.49 -82.28 -15.24
C ALA Q 29 -45.77 -82.48 -16.57
N ARG Q 30 -44.50 -82.11 -16.62
CA ARG Q 30 -43.72 -82.31 -17.84
C ARG Q 30 -43.53 -83.79 -18.13
N LYS Q 31 -43.28 -84.60 -17.10
CA LYS Q 31 -43.15 -86.03 -17.31
C LYS Q 31 -44.44 -86.64 -17.84
N ILE Q 32 -45.58 -86.26 -17.25
CA ILE Q 32 -46.87 -86.77 -17.70
C ILE Q 32 -47.14 -86.35 -19.14
N ARG Q 33 -46.86 -85.10 -19.48
CA ARG Q 33 -47.07 -84.62 -20.84
C ARG Q 33 -46.18 -85.37 -21.83
N ARG Q 34 -44.92 -85.59 -21.48
CA ARG Q 34 -44.01 -86.31 -22.35
C ARG Q 34 -44.50 -87.73 -22.60
N ARG Q 35 -44.94 -88.43 -21.54
CA ARG Q 35 -45.35 -89.81 -21.76
C ARG Q 35 -46.68 -89.90 -22.50
N LYS Q 36 -47.58 -88.93 -22.30
CA LYS Q 36 -48.81 -88.90 -23.09
C LYS Q 36 -48.51 -88.68 -24.56
N ALA Q 37 -47.61 -87.76 -24.87
CA ALA Q 37 -47.21 -87.56 -26.26
C ALA Q 37 -46.55 -88.81 -26.83
N ARG Q 38 -45.75 -89.49 -26.01
CA ARG Q 38 -45.09 -90.72 -26.45
C ARG Q 38 -46.12 -91.79 -26.80
N GLN Q 39 -47.13 -91.97 -25.96
CA GLN Q 39 -48.17 -92.94 -26.24
C GLN Q 39 -48.97 -92.56 -27.48
N ALA Q 40 -49.26 -91.26 -27.65
CA ALA Q 40 -49.98 -90.82 -28.83
C ALA Q 40 -49.20 -91.12 -30.11
N ARG Q 41 -47.89 -90.88 -30.09
CA ARG Q 41 -47.07 -91.20 -31.25
C ARG Q 41 -47.04 -92.72 -31.49
N ALA Q 42 -46.89 -93.49 -30.41
CA ALA Q 42 -46.81 -94.94 -30.54
C ALA Q 42 -48.07 -95.52 -31.15
N ARG Q 43 -49.23 -94.95 -30.83
CA ARG Q 43 -50.46 -95.45 -31.41
C ARG Q 43 -50.89 -94.73 -32.69
N ARG Q 44 -50.20 -93.65 -33.08
CA ARG Q 44 -50.46 -93.11 -34.41
C ARG Q 44 -49.67 -93.87 -35.46
N ILE Q 45 -48.47 -94.35 -35.11
CA ILE Q 45 -47.78 -95.32 -35.97
C ILE Q 45 -48.15 -96.70 -35.46
N ALA Q 46 -49.11 -97.34 -36.13
CA ALA Q 46 -49.82 -98.47 -35.53
C ALA Q 46 -48.93 -99.70 -35.34
N PRO Q 47 -48.38 -100.32 -36.40
CA PRO Q 47 -47.58 -101.53 -36.19
C PRO Q 47 -46.09 -101.32 -36.08
N ARG Q 48 -45.61 -100.10 -36.28
CA ARG Q 48 -44.20 -99.80 -36.32
C ARG Q 48 -43.61 -99.77 -34.91
N PRO Q 49 -42.30 -100.02 -34.78
CA PRO Q 49 -41.68 -99.98 -33.45
C PRO Q 49 -41.83 -98.60 -32.80
N ALA Q 50 -42.04 -98.62 -31.48
CA ALA Q 50 -42.23 -97.37 -30.75
C ALA Q 50 -40.96 -96.54 -30.71
N ALA Q 51 -39.80 -97.19 -30.60
CA ALA Q 51 -38.54 -96.48 -30.45
C ALA Q 51 -38.00 -95.94 -31.76
N GLY Q 52 -38.63 -96.25 -32.90
CA GLY Q 52 -38.20 -95.72 -34.16
C GLY Q 52 -37.28 -96.65 -34.92
N PRO Q 53 -36.49 -96.10 -35.84
CA PRO Q 53 -35.66 -96.93 -36.71
C PRO Q 53 -34.53 -97.62 -35.96
N ILE Q 54 -33.98 -98.63 -36.60
CA ILE Q 54 -32.83 -99.35 -36.07
C ILE Q 54 -31.58 -98.49 -36.23
N ARG Q 55 -30.63 -98.66 -35.32
CA ARG Q 55 -29.43 -97.84 -35.33
C ARG Q 55 -28.19 -98.70 -35.13
N PRO Q 56 -27.05 -98.28 -35.66
CA PRO Q 56 -25.88 -99.16 -35.74
C PRO Q 56 -25.00 -99.13 -34.49
N ILE Q 57 -24.05 -100.08 -34.47
CA ILE Q 57 -23.09 -100.25 -33.39
C ILE Q 57 -22.00 -99.19 -33.53
N VAL Q 58 -21.60 -98.60 -32.42
CA VAL Q 58 -20.64 -97.49 -32.43
C VAL Q 58 -19.68 -97.62 -31.26
N ARG Q 59 -18.40 -97.36 -31.53
CA ARG Q 59 -17.41 -97.20 -30.48
C ARG Q 59 -17.41 -95.77 -29.96
N CYS Q 60 -17.18 -95.61 -28.67
CA CYS Q 60 -17.04 -94.27 -28.12
C CYS Q 60 -15.66 -93.70 -28.44
N PRO Q 61 -15.57 -92.39 -28.66
CA PRO Q 61 -14.33 -91.81 -29.21
C PRO Q 61 -13.10 -91.91 -28.33
N THR Q 62 -13.14 -91.37 -27.12
CA THR Q 62 -11.90 -91.09 -26.39
C THR Q 62 -11.33 -92.35 -25.75
N VAL Q 63 -10.13 -92.21 -25.19
CA VAL Q 63 -9.47 -93.32 -24.51
C VAL Q 63 -10.25 -93.74 -23.28
N ARG Q 64 -10.95 -92.80 -22.64
CA ARG Q 64 -11.71 -93.11 -21.45
C ARG Q 64 -12.84 -94.09 -21.72
N TYR Q 65 -13.37 -94.09 -22.95
CA TYR Q 65 -14.59 -94.82 -23.24
C TYR Q 65 -14.48 -95.76 -24.43
N HIS Q 66 -13.31 -95.91 -25.03
CA HIS Q 66 -13.20 -96.64 -26.29
C HIS Q 66 -13.31 -98.15 -26.11
N THR Q 67 -13.70 -98.66 -24.95
CA THR Q 67 -13.95 -100.08 -24.77
C THR Q 67 -15.43 -100.43 -24.80
N LYS Q 68 -16.31 -99.43 -24.84
CA LYS Q 68 -17.75 -99.65 -24.82
C LYS Q 68 -18.36 -99.35 -26.18
N VAL Q 69 -19.51 -99.97 -26.45
CA VAL Q 69 -20.27 -99.72 -27.66
C VAL Q 69 -21.61 -99.12 -27.28
N ARG Q 70 -22.20 -98.41 -28.24
CA ARG Q 70 -23.49 -97.77 -28.05
C ARG Q 70 -24.17 -97.67 -29.41
N ALA Q 71 -25.31 -96.99 -29.44
CA ALA Q 71 -26.07 -96.77 -30.67
C ALA Q 71 -25.63 -95.49 -31.34
N GLY Q 72 -25.57 -95.52 -32.67
CA GLY Q 72 -25.12 -94.38 -33.45
C GLY Q 72 -26.24 -93.53 -34.01
N ARG Q 73 -25.89 -92.76 -35.03
CA ARG Q 73 -26.81 -91.85 -35.71
C ARG Q 73 -27.58 -92.59 -36.79
N GLY Q 74 -26.86 -93.17 -37.76
CA GLY Q 74 -27.47 -93.97 -38.81
C GLY Q 74 -26.44 -94.91 -39.38
N PHE Q 75 -26.92 -95.79 -40.26
CA PHE Q 75 -26.02 -96.68 -40.98
C PHE Q 75 -25.34 -95.92 -42.11
N SER Q 76 -24.05 -96.17 -42.29
CA SER Q 76 -23.30 -95.43 -43.28
C SER Q 76 -23.61 -95.96 -44.68
N LEU Q 77 -23.26 -95.14 -45.68
CA LEU Q 77 -23.56 -95.51 -47.07
C LEU Q 77 -22.78 -96.75 -47.50
N GLU Q 78 -21.54 -96.89 -47.04
CA GLU Q 78 -20.74 -98.03 -47.47
C GLU Q 78 -21.32 -99.34 -46.96
N GLU Q 79 -21.62 -99.42 -45.67
CA GLU Q 79 -22.24 -100.63 -45.14
C GLU Q 79 -23.65 -100.81 -45.69
N LEU Q 80 -24.37 -99.73 -45.96
CA LEU Q 80 -25.71 -99.84 -46.51
C LEU Q 80 -25.69 -100.45 -47.91
N ARG Q 81 -24.73 -100.04 -48.74
CA ARG Q 81 -24.62 -100.61 -50.08
C ARG Q 81 -24.03 -102.01 -50.05
N VAL Q 82 -23.17 -102.32 -49.07
CA VAL Q 82 -22.71 -103.69 -48.91
C VAL Q 82 -23.89 -104.60 -48.58
N ALA Q 83 -24.77 -104.15 -47.69
CA ALA Q 83 -25.96 -104.93 -47.37
C ALA Q 83 -26.97 -104.95 -48.51
N GLY Q 84 -26.94 -103.95 -49.38
CA GLY Q 84 -27.78 -103.97 -50.56
C GLY Q 84 -29.09 -103.22 -50.46
N ILE Q 85 -29.27 -102.40 -49.43
CA ILE Q 85 -30.45 -101.54 -49.33
C ILE Q 85 -30.15 -100.24 -50.04
N HIS Q 86 -31.18 -99.62 -50.61
CA HIS Q 86 -31.01 -98.36 -51.32
C HIS Q 86 -31.06 -97.19 -50.34
N LYS Q 87 -30.38 -96.10 -50.73
CA LYS Q 87 -30.27 -94.93 -49.88
C LYS Q 87 -31.63 -94.34 -49.55
N LYS Q 88 -32.50 -94.22 -50.55
CA LYS Q 88 -33.80 -93.61 -50.35
C LYS Q 88 -34.83 -94.59 -49.82
N VAL Q 89 -34.52 -95.89 -49.80
CA VAL Q 89 -35.45 -96.92 -49.34
C VAL Q 89 -35.18 -97.33 -47.90
N ALA Q 90 -33.96 -97.17 -47.41
CA ALA Q 90 -33.64 -97.60 -46.06
C ALA Q 90 -34.52 -96.93 -45.02
N ARG Q 91 -34.63 -95.60 -45.10
CA ARG Q 91 -35.40 -94.88 -44.09
C ARG Q 91 -36.90 -94.89 -44.36
N THR Q 92 -37.33 -95.32 -45.54
CA THR Q 92 -38.76 -95.53 -45.75
C THR Q 92 -39.21 -96.92 -45.31
N ILE Q 93 -38.28 -97.88 -45.19
CA ILE Q 93 -38.60 -99.16 -44.59
C ILE Q 93 -38.19 -99.25 -43.12
N GLY Q 94 -37.48 -98.25 -42.60
CA GLY Q 94 -37.21 -98.20 -41.18
C GLY Q 94 -35.76 -98.33 -40.78
N ILE Q 95 -34.85 -97.86 -41.61
CA ILE Q 95 -33.42 -97.95 -41.35
C ILE Q 95 -32.84 -96.54 -41.33
N SER Q 96 -32.18 -96.17 -40.24
CA SER Q 96 -31.57 -94.86 -40.14
C SER Q 96 -30.32 -94.78 -41.00
N VAL Q 97 -30.14 -93.64 -41.66
CA VAL Q 97 -29.01 -93.40 -42.55
C VAL Q 97 -28.38 -92.06 -42.21
N ASP Q 98 -27.05 -92.02 -42.18
CA ASP Q 98 -26.31 -90.76 -42.11
C ASP Q 98 -25.18 -90.80 -43.11
N PRO Q 99 -25.11 -89.87 -44.05
CA PRO Q 99 -24.01 -89.87 -45.02
C PRO Q 99 -22.70 -89.27 -44.50
N ARG Q 100 -22.63 -88.88 -43.23
CA ARG Q 100 -21.43 -88.24 -42.73
C ARG Q 100 -20.41 -89.20 -42.13
N ARG Q 101 -20.81 -90.43 -41.79
CA ARG Q 101 -19.95 -91.31 -41.01
C ARG Q 101 -19.08 -92.17 -41.91
N ARG Q 102 -17.79 -92.24 -41.58
CA ARG Q 102 -16.81 -93.00 -42.32
C ARG Q 102 -16.83 -94.47 -41.89
N ASN Q 103 -15.91 -95.24 -42.46
CA ASN Q 103 -15.66 -96.62 -42.04
C ASN Q 103 -14.16 -96.86 -42.16
N LYS Q 104 -13.46 -96.82 -41.02
CA LYS Q 104 -12.00 -96.91 -41.04
C LYS Q 104 -11.54 -98.37 -41.10
N SER Q 105 -12.15 -99.24 -40.31
CA SER Q 105 -11.75 -100.64 -40.24
C SER Q 105 -12.83 -101.52 -40.88
N THR Q 106 -12.59 -102.83 -40.84
CA THR Q 106 -13.46 -103.79 -41.50
C THR Q 106 -14.36 -104.57 -40.55
N GLU Q 107 -13.91 -104.83 -39.32
CA GLU Q 107 -14.73 -105.60 -38.39
C GLU Q 107 -16.00 -104.85 -38.02
N SER Q 108 -15.90 -103.55 -37.74
CA SER Q 108 -17.09 -102.77 -37.42
C SER Q 108 -18.03 -102.69 -38.62
N LEU Q 109 -17.47 -102.51 -39.81
CA LEU Q 109 -18.25 -102.56 -41.05
C LEU Q 109 -19.04 -103.85 -41.14
N GLN Q 110 -18.36 -104.98 -40.94
CA GLN Q 110 -19.03 -106.28 -41.09
C GLN Q 110 -20.06 -106.51 -39.99
N ALA Q 111 -19.78 -106.06 -38.76
CA ALA Q 111 -20.76 -106.21 -37.69
C ALA Q 111 -22.02 -105.42 -38.02
N ASN Q 112 -21.86 -104.19 -38.50
CA ASN Q 112 -23.03 -103.39 -38.86
C ASN Q 112 -23.78 -104.00 -40.04
N VAL Q 113 -23.05 -104.57 -41.00
CA VAL Q 113 -23.70 -105.23 -42.13
C VAL Q 113 -24.50 -106.45 -41.66
N GLN Q 114 -23.93 -107.24 -40.75
CA GLN Q 114 -24.66 -108.38 -40.20
C GLN Q 114 -25.92 -107.93 -39.48
N ARG Q 115 -25.81 -106.86 -38.68
CA ARG Q 115 -26.98 -106.33 -37.99
C ARG Q 115 -28.06 -105.90 -38.97
N LEU Q 116 -27.66 -105.19 -40.02
CA LEU Q 116 -28.60 -104.71 -41.02
C LEU Q 116 -29.29 -105.86 -41.74
N LYS Q 117 -28.52 -106.87 -42.14
CA LYS Q 117 -29.10 -108.00 -42.85
C LYS Q 117 -30.04 -108.80 -41.95
N GLU Q 118 -29.68 -108.96 -40.67
CA GLU Q 118 -30.55 -109.69 -39.77
C GLU Q 118 -31.85 -108.94 -39.56
N TYR Q 119 -31.77 -107.61 -39.43
CA TYR Q 119 -32.98 -106.80 -39.30
C TYR Q 119 -33.86 -106.93 -40.54
N ARG Q 120 -33.24 -106.89 -41.73
CA ARG Q 120 -34.00 -107.03 -42.96
C ARG Q 120 -34.69 -108.38 -43.03
N SER Q 121 -34.00 -109.43 -42.62
CA SER Q 121 -34.63 -110.75 -42.56
C SER Q 121 -35.77 -110.78 -41.54
N LYS Q 122 -35.69 -109.96 -40.49
CA LYS Q 122 -36.68 -110.01 -39.43
C LYS Q 122 -37.93 -109.19 -39.71
N LEU Q 123 -37.83 -108.09 -40.46
CA LEU Q 123 -38.97 -107.19 -40.56
C LEU Q 123 -40.10 -107.81 -41.40
N VAL Q 124 -41.30 -107.27 -41.22
CA VAL Q 124 -42.50 -107.71 -41.91
C VAL Q 124 -43.06 -106.54 -42.69
N LEU Q 125 -43.27 -106.72 -43.99
CA LEU Q 125 -43.67 -105.65 -44.89
C LEU Q 125 -45.13 -105.83 -45.28
N PHE Q 126 -45.97 -104.85 -44.92
CA PHE Q 126 -47.36 -104.87 -45.30
C PHE Q 126 -47.52 -104.45 -46.75
N PRO Q 127 -48.61 -104.84 -47.40
CA PRO Q 127 -48.86 -104.39 -48.77
C PRO Q 127 -49.19 -102.91 -48.81
N ARG Q 128 -48.72 -102.23 -49.86
CA ARG Q 128 -49.08 -100.83 -50.05
C ARG Q 128 -50.59 -100.68 -50.25
N LYS Q 129 -51.18 -101.56 -51.05
CA LYS Q 129 -52.62 -101.66 -51.19
C LYS Q 129 -53.07 -102.93 -50.50
N PRO Q 130 -53.97 -102.85 -49.51
CA PRO Q 130 -54.26 -104.03 -48.68
C PRO Q 130 -54.69 -105.27 -49.46
N SER Q 131 -55.40 -105.10 -50.57
CA SER Q 131 -55.89 -106.23 -51.36
C SER Q 131 -54.99 -106.57 -52.53
N ALA Q 132 -53.82 -105.93 -52.63
CA ALA Q 132 -52.91 -106.12 -53.77
C ALA Q 132 -51.51 -106.42 -53.26
N PRO Q 133 -51.22 -107.67 -52.92
CA PRO Q 133 -49.86 -108.03 -52.53
C PRO Q 133 -48.90 -107.91 -53.71
N LYS Q 134 -47.62 -107.71 -53.36
CA LYS Q 134 -46.59 -107.57 -54.38
C LYS Q 134 -45.42 -108.49 -54.12
N LYS Q 135 -44.31 -108.26 -54.85
CA LYS Q 135 -43.20 -109.20 -54.82
C LYS Q 135 -42.49 -109.19 -53.47
N GLY Q 136 -42.17 -108.01 -52.95
CA GLY Q 136 -41.42 -107.92 -51.72
C GLY Q 136 -42.23 -107.94 -50.44
N ASP Q 137 -43.54 -108.14 -50.53
CA ASP Q 137 -44.38 -108.07 -49.35
C ASP Q 137 -44.20 -109.31 -48.46
N SER Q 138 -44.80 -109.26 -47.28
CA SER Q 138 -44.91 -110.41 -46.41
C SER Q 138 -46.29 -111.03 -46.55
N SER Q 139 -46.41 -112.30 -46.13
CA SER Q 139 -47.63 -113.04 -46.35
C SER Q 139 -48.63 -112.82 -45.20
N ALA Q 140 -49.87 -113.25 -45.45
CA ALA Q 140 -50.95 -112.98 -44.52
C ALA Q 140 -50.73 -113.66 -43.16
N GLU Q 141 -50.04 -114.79 -43.14
CA GLU Q 141 -49.87 -115.51 -41.89
C GLU Q 141 -49.15 -114.66 -40.85
N GLU Q 142 -48.08 -113.97 -41.26
CA GLU Q 142 -47.41 -113.06 -40.35
C GLU Q 142 -48.00 -111.64 -40.39
N LEU Q 143 -48.80 -111.31 -41.41
CA LEU Q 143 -49.53 -110.05 -41.35
C LEU Q 143 -50.51 -110.05 -40.20
N LYS Q 144 -51.18 -111.17 -39.96
CA LYS Q 144 -52.05 -111.30 -38.80
C LYS Q 144 -51.28 -111.41 -37.49
N LEU Q 145 -49.98 -111.66 -37.53
CA LEU Q 145 -49.18 -111.82 -36.32
C LEU Q 145 -48.28 -110.64 -36.03
N ALA Q 146 -48.27 -109.63 -36.90
CA ALA Q 146 -47.42 -108.46 -36.66
C ALA Q 146 -47.94 -107.63 -35.49
N THR Q 147 -47.00 -107.03 -34.76
CA THR Q 147 -47.33 -106.19 -33.62
C THR Q 147 -46.15 -105.29 -33.31
N GLN Q 148 -46.39 -104.33 -32.41
CA GLN Q 148 -45.32 -103.45 -31.95
C GLN Q 148 -44.38 -104.18 -31.01
N LEU Q 149 -43.14 -103.71 -30.95
CA LEU Q 149 -42.21 -104.11 -29.91
C LEU Q 149 -41.75 -102.86 -29.17
N THR Q 150 -41.55 -103.00 -27.87
CA THR Q 150 -41.22 -101.89 -27.00
C THR Q 150 -39.71 -101.79 -26.79
N GLY Q 151 -39.26 -100.59 -26.44
CA GLY Q 151 -37.86 -100.34 -26.20
C GLY Q 151 -37.07 -100.31 -27.50
N PRO Q 152 -35.75 -100.30 -27.39
CA PRO Q 152 -34.92 -100.32 -28.61
C PRO Q 152 -35.19 -101.55 -29.44
N VAL Q 153 -35.13 -101.38 -30.76
CA VAL Q 153 -35.54 -102.44 -31.67
C VAL Q 153 -34.66 -103.68 -31.51
N MET Q 154 -33.35 -103.48 -31.34
CA MET Q 154 -32.42 -104.57 -31.10
C MET Q 154 -31.39 -104.05 -30.10
N PRO Q 155 -31.57 -104.34 -28.81
CA PRO Q 155 -30.71 -103.72 -27.79
C PRO Q 155 -29.25 -104.00 -28.06
N ILE Q 156 -28.43 -102.96 -27.92
CA ILE Q 156 -27.00 -103.05 -28.16
C ILE Q 156 -26.34 -103.39 -26.83
N ARG Q 157 -25.87 -104.63 -26.72
CA ARG Q 157 -25.31 -105.16 -25.49
C ARG Q 157 -23.84 -105.46 -25.72
N ASN Q 158 -22.97 -104.92 -24.88
CA ASN Q 158 -21.55 -105.17 -25.00
C ASN Q 158 -21.14 -106.39 -24.17
N VAL Q 159 -20.61 -107.40 -24.85
CA VAL Q 159 -20.21 -108.64 -24.21
C VAL Q 159 -18.69 -108.73 -24.24
N PHE Q 160 -18.16 -109.59 -23.38
CA PHE Q 160 -16.72 -109.77 -23.25
C PHE Q 160 -16.35 -111.18 -23.69
N LYS Q 161 -15.29 -111.28 -24.49
CA LYS Q 161 -14.83 -112.57 -24.99
C LYS Q 161 -14.37 -113.45 -23.83
N LYS Q 162 -15.14 -114.50 -23.54
CA LYS Q 162 -14.78 -115.42 -22.49
C LYS Q 162 -13.42 -116.05 -22.78
N GLU Q 163 -12.51 -115.95 -21.82
CA GLU Q 163 -11.17 -116.51 -21.93
C GLU Q 163 -10.97 -117.51 -20.81
N LYS Q 164 -10.53 -118.72 -21.16
CA LYS Q 164 -10.44 -119.82 -20.22
C LYS Q 164 -9.02 -119.95 -19.67
N ALA Q 165 -8.89 -120.77 -18.63
CA ALA Q 165 -7.60 -120.96 -17.98
C ALA Q 165 -6.62 -121.65 -18.91
N ARG Q 166 -5.35 -121.26 -18.82
CA ARG Q 166 -4.31 -121.76 -19.70
C ARG Q 166 -3.06 -122.07 -18.89
N VAL Q 167 -2.22 -122.95 -19.44
CA VAL Q 167 -0.90 -123.17 -18.87
C VAL Q 167 -0.02 -121.98 -19.22
N ILE Q 168 0.88 -121.64 -18.31
CA ILE Q 168 1.72 -120.46 -18.46
C ILE Q 168 2.98 -120.87 -19.23
N THR Q 169 3.23 -120.18 -20.33
CA THR Q 169 4.42 -120.45 -21.14
C THR Q 169 5.63 -119.73 -20.56
N GLU Q 170 6.76 -120.41 -20.56
CA GLU Q 170 7.99 -119.82 -20.02
C GLU Q 170 8.37 -118.54 -20.75
N GLU Q 171 7.98 -118.40 -22.02
CA GLU Q 171 8.21 -117.14 -22.71
C GLU Q 171 7.41 -116.00 -22.08
N GLU Q 172 6.12 -116.25 -21.81
CA GLU Q 172 5.32 -115.27 -21.10
C GLU Q 172 5.88 -115.00 -19.71
N LYS Q 173 6.48 -116.01 -19.08
CA LYS Q 173 7.11 -115.79 -17.79
C LYS Q 173 8.34 -114.90 -17.91
N ASN Q 174 9.11 -115.06 -18.98
CA ASN Q 174 10.32 -114.28 -19.17
C ASN Q 174 10.06 -112.88 -19.70
N PHE Q 175 8.86 -112.63 -20.23
CA PHE Q 175 8.53 -111.29 -20.73
C PHE Q 175 8.65 -110.25 -19.62
N LYS Q 176 9.25 -109.11 -19.95
CA LYS Q 176 9.55 -108.04 -18.99
C LYS Q 176 8.70 -106.82 -19.32
N ALA Q 177 7.55 -106.72 -18.66
CA ALA Q 177 6.53 -105.75 -19.04
C ALA Q 177 6.96 -104.32 -18.72
N PHE Q 178 7.45 -104.08 -17.50
CA PHE Q 178 7.82 -102.73 -17.12
C PHE Q 178 8.99 -102.22 -17.94
N ALA Q 179 10.01 -103.06 -18.13
CA ALA Q 179 11.15 -102.67 -18.94
C ALA Q 179 10.72 -102.38 -20.38
N SER Q 180 9.86 -103.23 -20.94
CA SER Q 180 9.38 -102.99 -22.30
C SER Q 180 8.63 -101.67 -22.40
N LEU Q 181 7.78 -101.37 -21.41
CA LEU Q 181 7.02 -100.13 -21.42
C LEU Q 181 7.95 -98.91 -21.36
N ARG Q 182 8.93 -98.95 -20.46
CA ARG Q 182 9.84 -97.81 -20.33
C ARG Q 182 10.68 -97.63 -21.59
N MET Q 183 11.11 -98.73 -22.21
CA MET Q 183 11.89 -98.61 -23.44
C MET Q 183 11.03 -98.12 -24.59
N ALA Q 184 9.75 -98.49 -24.63
CA ALA Q 184 8.86 -97.93 -25.65
C ALA Q 184 8.71 -96.43 -25.46
N ARG Q 185 8.52 -95.99 -24.21
CA ARG Q 185 8.51 -94.56 -23.92
C ARG Q 185 9.76 -93.88 -24.46
N ALA Q 186 10.93 -94.44 -24.13
CA ALA Q 186 12.19 -93.81 -24.51
C ALA Q 186 12.34 -93.76 -26.03
N ASN Q 187 11.99 -94.84 -26.71
CA ASN Q 187 12.12 -94.86 -28.17
C ASN Q 187 11.19 -93.84 -28.81
N ALA Q 188 9.94 -93.78 -28.35
CA ALA Q 188 9.02 -92.80 -28.91
C ALA Q 188 9.47 -91.37 -28.62
N ARG Q 189 10.14 -91.16 -27.49
CA ARG Q 189 10.59 -89.82 -27.17
C ARG Q 189 11.82 -89.41 -27.98
N LEU Q 190 12.73 -90.34 -28.23
CA LEU Q 190 14.00 -90.03 -28.87
C LEU Q 190 14.05 -90.39 -30.35
N PHE Q 191 12.92 -90.77 -30.95
CA PHE Q 191 12.92 -91.19 -32.34
C PHE Q 191 13.49 -90.11 -33.27
N GLY Q 192 12.93 -88.90 -33.20
CA GLY Q 192 13.30 -87.87 -34.15
C GLY Q 192 14.73 -87.39 -34.01
N ILE Q 193 15.16 -87.13 -32.76
CA ILE Q 193 16.50 -86.59 -32.54
C ILE Q 193 17.55 -87.60 -32.94
N ARG Q 194 17.29 -88.89 -32.70
CA ARG Q 194 18.20 -89.92 -33.16
C ARG Q 194 18.34 -89.90 -34.67
N ALA Q 195 17.22 -89.71 -35.38
CA ALA Q 195 17.27 -89.62 -36.84
C ALA Q 195 18.09 -88.42 -37.29
N LYS Q 196 17.93 -87.27 -36.62
CA LYS Q 196 18.70 -86.10 -37.01
C LYS Q 196 20.20 -86.31 -36.78
N ARG Q 197 20.56 -86.90 -35.64
CA ARG Q 197 21.97 -87.19 -35.38
C ARG Q 197 22.52 -88.19 -36.39
N ALA Q 198 21.72 -89.19 -36.75
CA ALA Q 198 22.15 -90.16 -37.76
C ALA Q 198 22.41 -89.48 -39.09
N LYS Q 199 21.51 -88.58 -39.51
CA LYS Q 199 21.72 -87.86 -40.76
C LYS Q 199 22.97 -86.99 -40.69
N GLU Q 200 23.17 -86.30 -39.57
CA GLU Q 200 24.35 -85.45 -39.43
C GLU Q 200 25.63 -86.27 -39.47
N ALA Q 201 25.65 -87.41 -38.78
CA ALA Q 201 26.83 -88.27 -38.80
C ALA Q 201 27.08 -88.83 -40.19
N ALA Q 202 26.03 -89.20 -40.90
CA ALA Q 202 26.18 -89.65 -42.27
C ALA Q 202 26.77 -88.54 -43.15
N GLU Q 203 26.32 -87.31 -42.96
CA GLU Q 203 26.89 -86.21 -43.72
C GLU Q 203 28.37 -86.02 -43.40
N GLN Q 204 28.72 -85.97 -42.11
CA GLN Q 204 30.14 -85.86 -41.75
C GLN Q 204 30.94 -86.98 -42.38
N ASP Q 205 30.37 -88.19 -42.43
CA ASP Q 205 31.03 -89.31 -43.08
C ASP Q 205 31.23 -89.03 -44.57
N VAL Q 206 30.25 -88.41 -45.23
CA VAL Q 206 30.39 -88.22 -46.67
C VAL Q 206 31.46 -87.18 -46.98
N GLU Q 207 31.56 -86.09 -46.20
CA GLU Q 207 32.70 -85.22 -46.54
C GLU Q 207 34.02 -85.73 -45.97
N LYS Q 208 34.02 -86.69 -45.03
CA LYS Q 208 35.27 -87.32 -44.67
C LYS Q 208 35.75 -88.29 -45.74
N LYS Q 209 34.82 -88.94 -46.44
CA LYS Q 209 35.16 -89.90 -47.48
C LYS Q 209 35.22 -89.29 -48.87
N LYS Q 210 34.80 -88.04 -49.04
CA LYS Q 210 34.83 -87.39 -50.35
C LYS Q 210 35.80 -86.21 -50.34
N VAL R 1 -19.73 -25.87 107.18
CA VAL R 1 -18.59 -26.32 107.98
C VAL R 1 -18.59 -27.84 108.07
N PHE R 2 -17.41 -28.44 107.91
CA PHE R 2 -17.28 -29.88 107.91
C PHE R 2 -17.08 -30.41 109.32
N ARG R 3 -17.56 -31.63 109.56
CA ARG R 3 -17.50 -32.25 110.88
C ARG R 3 -16.88 -33.64 110.79
N ARG R 4 -17.05 -34.31 109.65
CA ARG R 4 -16.49 -35.64 109.44
C ARG R 4 -15.27 -35.53 108.55
N PHE R 5 -14.14 -36.04 109.03
CA PHE R 5 -12.88 -35.94 108.34
C PHE R 5 -12.30 -37.32 108.09
N VAL R 6 -11.48 -37.42 107.04
CA VAL R 6 -10.77 -38.66 106.74
C VAL R 6 -9.40 -38.56 107.38
N GLU R 7 -9.24 -39.19 108.53
CA GLU R 7 -7.93 -39.37 109.14
C GLU R 7 -7.80 -40.84 109.55
N VAL R 8 -6.63 -41.20 110.06
CA VAL R 8 -6.41 -42.58 110.48
C VAL R 8 -7.31 -42.89 111.67
N GLY R 9 -8.04 -44.00 111.57
CA GLY R 9 -8.82 -44.51 112.66
C GLY R 9 -10.32 -44.31 112.54
N ARG R 10 -10.78 -43.42 111.67
CA ARG R 10 -12.22 -43.22 111.52
C ARG R 10 -12.86 -44.45 110.89
N VAL R 11 -14.01 -44.83 111.40
CA VAL R 11 -14.75 -45.94 110.82
C VAL R 11 -15.74 -45.38 109.81
N ALA R 12 -16.11 -46.20 108.84
CA ALA R 12 -16.92 -45.77 107.71
C ALA R 12 -17.81 -46.91 107.25
N TYR R 13 -19.05 -46.58 106.91
CA TYR R 13 -19.99 -47.55 106.37
C TYR R 13 -19.75 -47.70 104.88
N VAL R 14 -19.84 -48.93 104.38
CA VAL R 14 -19.64 -49.21 102.96
C VAL R 14 -21.01 -49.39 102.31
N SER R 15 -21.33 -48.52 101.36
CA SER R 15 -22.67 -48.46 100.80
C SER R 15 -22.88 -49.43 99.63
N PHE R 16 -21.91 -49.50 98.71
CA PHE R 16 -22.06 -50.35 97.54
C PHE R 16 -20.77 -51.11 97.29
N GLY R 17 -20.88 -52.18 96.51
CA GLY R 17 -19.74 -52.98 96.15
C GLY R 17 -19.82 -54.38 96.73
N PRO R 18 -18.68 -55.06 96.76
CA PRO R 18 -18.66 -56.41 97.34
C PRO R 18 -18.98 -56.42 98.82
N HIS R 19 -18.27 -55.62 99.60
CA HIS R 19 -18.48 -55.56 101.05
C HIS R 19 -19.50 -54.48 101.42
N ALA R 20 -20.64 -54.48 100.76
CA ALA R 20 -21.66 -53.48 101.00
C ALA R 20 -22.41 -53.77 102.29
N GLY R 21 -22.72 -52.72 103.03
CA GLY R 21 -23.47 -52.87 104.26
C GLY R 21 -22.65 -53.21 105.48
N LYS R 22 -21.34 -52.99 105.44
CA LYS R 22 -20.46 -53.32 106.56
C LYS R 22 -19.62 -52.11 106.92
N LEU R 23 -19.21 -52.06 108.18
CA LEU R 23 -18.33 -51.01 108.67
C LEU R 23 -16.88 -51.40 108.45
N VAL R 24 -16.03 -50.39 108.29
CA VAL R 24 -14.59 -50.57 108.12
C VAL R 24 -13.89 -49.47 108.89
N ALA R 25 -12.58 -49.61 109.06
CA ALA R 25 -11.77 -48.62 109.73
C ALA R 25 -10.62 -48.19 108.83
N ILE R 26 -10.49 -46.88 108.62
CA ILE R 26 -9.46 -46.37 107.73
C ILE R 26 -8.10 -46.52 108.39
N VAL R 27 -7.20 -47.23 107.72
CA VAL R 27 -5.86 -47.46 108.25
C VAL R 27 -4.87 -46.44 107.71
N ASP R 28 -4.97 -46.11 106.42
CA ASP R 28 -4.02 -45.20 105.79
C ASP R 28 -4.69 -44.62 104.56
N VAL R 29 -4.10 -43.55 104.02
CA VAL R 29 -4.61 -42.88 102.82
C VAL R 29 -3.55 -43.04 101.74
N ILE R 30 -3.90 -43.75 100.66
CA ILE R 30 -2.92 -44.03 99.61
C ILE R 30 -2.69 -42.79 98.76
N ASP R 31 -3.76 -42.24 98.19
CA ASP R 31 -3.68 -41.12 97.29
C ASP R 31 -4.92 -40.25 97.49
N GLN R 32 -5.21 -39.39 96.50
CA GLN R 32 -6.33 -38.47 96.62
C GLN R 32 -7.66 -39.20 96.82
N ASN R 33 -7.84 -40.35 96.17
CA ASN R 33 -9.16 -40.99 96.11
C ASN R 33 -9.05 -42.50 96.32
N ARG R 34 -8.27 -42.92 97.32
CA ARG R 34 -8.15 -44.34 97.63
C ARG R 34 -7.46 -44.48 98.99
N ALA R 35 -7.97 -45.40 99.80
CA ALA R 35 -7.50 -45.54 101.17
C ALA R 35 -7.26 -47.01 101.49
N LEU R 36 -6.22 -47.28 102.27
CA LEU R 36 -5.97 -48.61 102.81
C LEU R 36 -6.81 -48.79 104.06
N VAL R 37 -7.66 -49.82 104.05
CA VAL R 37 -8.72 -49.97 105.05
C VAL R 37 -8.72 -51.40 105.53
N ASP R 38 -9.26 -51.61 106.74
CA ASP R 38 -9.34 -52.95 107.33
C ASP R 38 -10.44 -52.97 108.38
N GLY R 39 -11.43 -53.83 108.20
CA GLY R 39 -12.38 -54.12 109.25
C GLY R 39 -12.15 -55.51 109.83
N PRO R 40 -11.51 -55.59 110.98
CA PRO R 40 -11.13 -56.89 111.54
C PRO R 40 -12.27 -57.62 112.22
N CYS R 41 -13.15 -56.88 112.89
CA CYS R 41 -14.24 -57.47 113.66
C CYS R 41 -15.52 -57.62 112.86
N THR R 42 -15.46 -57.39 111.55
CA THR R 42 -16.68 -57.38 110.75
C THR R 42 -16.50 -58.07 109.39
N ARG R 43 -15.52 -58.97 109.28
CA ARG R 43 -15.33 -59.79 108.08
C ARG R 43 -15.03 -58.94 106.85
N VAL R 44 -13.98 -58.13 106.97
CA VAL R 44 -13.47 -57.34 105.84
C VAL R 44 -11.95 -57.41 105.88
N ARG R 45 -11.35 -58.00 104.84
CA ARG R 45 -9.91 -58.08 104.79
C ARG R 45 -9.28 -56.72 104.53
N ARG R 46 -8.03 -56.57 104.97
CA ARG R 46 -7.30 -55.34 104.70
C ARG R 46 -7.07 -55.21 103.20
N GLN R 47 -7.42 -54.05 102.64
CA GLN R 47 -7.35 -53.85 101.21
C GLN R 47 -7.40 -52.35 100.91
N ALA R 48 -7.52 -52.03 99.63
CA ALA R 48 -7.74 -50.66 99.21
C ALA R 48 -9.19 -50.47 98.80
N MET R 49 -9.77 -49.33 99.19
CA MET R 49 -11.12 -48.96 98.79
C MET R 49 -11.11 -47.51 98.32
N PRO R 50 -11.80 -47.20 97.23
CA PRO R 50 -12.03 -45.79 96.88
C PRO R 50 -12.87 -45.11 97.94
N PHE R 51 -12.61 -43.81 98.13
CA PHE R 51 -13.42 -43.06 99.07
C PHE R 51 -14.87 -42.92 98.62
N LYS R 52 -15.14 -42.99 97.32
CA LYS R 52 -16.50 -42.74 96.87
C LYS R 52 -17.44 -43.91 97.14
N CYS R 53 -16.93 -45.09 97.51
CA CYS R 53 -17.78 -46.17 97.96
C CYS R 53 -17.98 -46.17 99.46
N MET R 54 -17.28 -45.31 100.18
CA MET R 54 -17.37 -45.20 101.63
C MET R 54 -18.06 -43.91 102.01
N GLN R 55 -18.79 -43.94 103.12
CA GLN R 55 -19.45 -42.75 103.65
C GLN R 55 -19.23 -42.71 105.15
N LEU R 56 -18.65 -41.61 105.62
CA LEU R 56 -18.09 -41.56 106.95
C LEU R 56 -19.16 -41.58 108.03
N THR R 57 -18.77 -42.08 109.21
CA THR R 57 -19.58 -42.04 110.41
C THR R 57 -18.82 -41.30 111.49
N ASP R 58 -19.53 -40.90 112.54
CA ASP R 58 -18.93 -40.09 113.60
C ASP R 58 -18.35 -40.94 114.73
N PHE R 59 -17.50 -41.91 114.37
CA PHE R 59 -16.77 -42.71 115.34
C PHE R 59 -15.29 -42.68 114.97
N ILE R 60 -14.44 -42.44 115.96
CA ILE R 60 -12.99 -42.50 115.78
C ILE R 60 -12.41 -43.43 116.85
N LEU R 61 -11.65 -44.42 116.42
CA LEU R 61 -10.88 -45.28 117.32
C LEU R 61 -9.41 -45.17 116.95
N LYS R 62 -8.56 -45.10 117.98
CA LYS R 62 -7.22 -44.55 117.85
C LYS R 62 -6.17 -45.65 117.75
N PHE R 63 -5.36 -45.61 116.70
CA PHE R 63 -4.23 -46.50 116.52
C PHE R 63 -3.26 -45.86 115.53
N PRO R 64 -2.01 -46.31 115.49
CA PRO R 64 -1.04 -45.70 114.56
C PRO R 64 -1.38 -46.00 113.11
N HIS R 65 -0.84 -45.16 112.23
CA HIS R 65 -1.23 -45.20 110.82
C HIS R 65 -0.77 -46.45 110.08
N SER R 66 0.09 -47.26 110.69
CA SER R 66 0.55 -48.50 110.05
C SER R 66 0.39 -49.70 110.97
N ALA R 67 -0.51 -49.63 111.95
CA ALA R 67 -0.66 -50.72 112.90
C ALA R 67 -1.19 -51.97 112.22
N ARG R 68 -1.00 -53.10 112.88
CA ARG R 68 -1.44 -54.37 112.35
C ARG R 68 -2.92 -54.63 112.67
N GLN R 69 -3.44 -55.70 112.07
CA GLN R 69 -4.83 -56.08 112.31
C GLN R 69 -5.06 -56.41 113.78
N LYS R 70 -4.03 -56.92 114.46
CA LYS R 70 -4.14 -57.17 115.90
C LYS R 70 -4.52 -55.90 116.65
N TYR R 71 -3.79 -54.81 116.40
CA TYR R 71 -4.02 -53.57 117.14
C TYR R 71 -5.31 -52.89 116.67
N VAL R 72 -5.59 -52.93 115.37
CA VAL R 72 -6.87 -52.41 114.89
C VAL R 72 -8.02 -53.12 115.59
N ARG R 73 -7.91 -54.45 115.75
CA ARG R 73 -8.95 -55.22 116.41
C ARG R 73 -9.07 -54.84 117.88
N LYS R 74 -7.96 -54.84 118.62
CA LYS R 74 -8.02 -54.46 120.02
C LYS R 74 -8.68 -53.10 120.21
N ALA R 75 -8.36 -52.13 119.35
CA ALA R 75 -9.05 -50.86 119.39
C ALA R 75 -10.55 -51.04 119.16
N TRP R 76 -10.92 -51.88 118.20
CA TRP R 76 -12.33 -52.07 117.86
C TRP R 76 -13.11 -52.60 119.05
N GLU R 77 -12.64 -53.68 119.67
CA GLU R 77 -13.38 -54.20 120.82
C GLU R 77 -13.31 -53.29 122.05
N LYS R 78 -12.20 -52.59 122.28
CA LYS R 78 -12.21 -51.73 123.46
C LYS R 78 -13.08 -50.51 123.26
N ALA R 79 -13.31 -50.10 122.02
CA ALA R 79 -14.25 -49.02 121.72
C ALA R 79 -15.64 -49.53 121.36
N ASP R 80 -15.86 -50.85 121.46
CA ASP R 80 -17.14 -51.55 121.28
C ASP R 80 -18.01 -50.90 120.21
N ILE R 81 -17.46 -50.78 118.99
CA ILE R 81 -18.17 -50.13 117.91
C ILE R 81 -19.41 -50.91 117.51
N ASN R 82 -19.34 -52.25 117.60
CA ASN R 82 -20.45 -53.08 117.11
C ASN R 82 -21.75 -52.82 117.85
N THR R 83 -21.70 -52.33 119.09
CA THR R 83 -22.92 -52.03 119.83
C THR R 83 -23.37 -50.59 119.61
N LYS R 84 -22.43 -49.64 119.59
CA LYS R 84 -22.78 -48.26 119.35
C LYS R 84 -23.40 -48.08 117.96
N TRP R 85 -22.89 -48.81 116.97
CA TRP R 85 -23.46 -48.72 115.64
C TRP R 85 -24.91 -49.16 115.62
N ALA R 86 -25.21 -50.28 116.29
CA ALA R 86 -26.59 -50.73 116.37
C ALA R 86 -27.45 -49.78 117.18
N ALA R 87 -26.85 -49.07 118.14
CA ALA R 87 -27.62 -48.10 118.93
C ALA R 87 -27.93 -46.84 118.14
N THR R 88 -27.08 -46.49 117.17
CA THR R 88 -27.31 -45.28 116.38
C THR R 88 -28.58 -45.40 115.54
N ARG R 89 -29.22 -44.25 115.29
CA ARG R 89 -30.43 -44.22 114.48
C ARG R 89 -30.18 -44.57 113.02
N TRP R 90 -28.95 -44.38 112.54
CA TRP R 90 -28.61 -44.74 111.17
C TRP R 90 -28.85 -46.23 110.92
N ALA R 91 -28.28 -47.08 111.78
CA ALA R 91 -28.46 -48.52 111.62
C ALA R 91 -29.89 -48.93 111.91
N LYS R 92 -30.59 -48.20 112.78
CA LYS R 92 -31.99 -48.51 113.05
C LYS R 92 -32.83 -48.38 111.79
N LYS R 93 -32.63 -47.30 111.03
CA LYS R 93 -33.40 -47.18 109.80
C LYS R 93 -32.86 -48.08 108.70
N ILE R 94 -31.57 -48.43 108.72
CA ILE R 94 -31.08 -49.44 107.78
C ILE R 94 -31.82 -50.76 107.99
N GLU R 95 -31.88 -51.24 109.23
CA GLU R 95 -32.57 -52.49 109.50
C GLU R 95 -34.08 -52.34 109.35
N ALA R 96 -34.62 -51.13 109.52
CA ALA R 96 -36.02 -50.90 109.21
C ALA R 96 -36.30 -51.13 107.72
N ARG R 97 -35.46 -50.56 106.86
CA ARG R 97 -35.61 -50.81 105.42
C ARG R 97 -35.48 -52.29 105.12
N GLU R 98 -34.51 -52.96 105.75
CA GLU R 98 -34.30 -54.38 105.48
C GLU R 98 -35.51 -55.20 105.88
N ARG R 99 -36.10 -54.91 107.04
CA ARG R 99 -37.31 -55.62 107.47
C ARG R 99 -38.47 -55.33 106.54
N LYS R 100 -38.63 -54.07 106.12
CA LYS R 100 -39.74 -53.73 105.24
C LYS R 100 -39.63 -54.48 103.94
N ALA R 101 -38.42 -54.56 103.38
CA ALA R 101 -38.21 -55.39 102.21
C ALA R 101 -38.45 -56.86 102.50
N LYS R 102 -38.20 -57.28 103.74
CA LYS R 102 -38.39 -58.69 104.12
C LYS R 102 -39.86 -59.08 104.30
N MET R 103 -40.79 -58.13 104.46
CA MET R 103 -42.18 -58.50 104.73
C MET R 103 -42.72 -59.45 103.66
N THR R 104 -43.77 -60.19 104.03
CA THR R 104 -44.42 -61.15 103.16
C THR R 104 -45.85 -60.67 102.86
N ASP R 105 -46.67 -61.57 102.30
CA ASP R 105 -48.04 -61.21 101.98
C ASP R 105 -48.89 -61.10 103.24
N PHE R 106 -48.81 -62.11 104.11
CA PHE R 106 -49.68 -62.15 105.28
C PHE R 106 -49.36 -61.01 106.25
N ASP R 107 -48.08 -60.76 106.49
CA ASP R 107 -47.75 -59.71 107.46
C ASP R 107 -47.99 -58.33 106.90
N ARG R 108 -47.90 -58.14 105.58
CA ARG R 108 -48.30 -56.84 105.04
C ARG R 108 -49.82 -56.67 105.10
N TYR R 109 -50.57 -57.76 105.01
CA TYR R 109 -52.00 -57.68 105.31
C TYR R 109 -52.23 -57.23 106.74
N LYS R 110 -51.46 -57.79 107.68
CA LYS R 110 -51.57 -57.38 109.08
C LYS R 110 -51.24 -55.90 109.25
N VAL R 111 -50.19 -55.43 108.58
CA VAL R 111 -49.81 -54.02 108.66
C VAL R 111 -50.94 -53.14 108.14
N MET R 112 -51.55 -53.53 107.02
CA MET R 112 -52.65 -52.76 106.47
C MET R 112 -53.80 -52.67 107.46
N LYS R 113 -54.24 -53.82 107.99
CA LYS R 113 -55.33 -53.83 108.96
C LYS R 113 -55.00 -53.08 110.24
N ALA R 114 -53.72 -52.98 110.60
CA ALA R 114 -53.37 -52.28 111.83
C ALA R 114 -53.32 -50.77 111.62
N LYS R 115 -52.58 -50.32 110.61
CA LYS R 115 -52.50 -48.89 110.39
C LYS R 115 -53.82 -48.29 109.95
N LYS R 116 -54.75 -49.11 109.45
CA LYS R 116 -56.09 -48.59 109.17
C LYS R 116 -56.73 -48.02 110.44
N MET R 117 -56.81 -48.83 111.50
CA MET R 117 -57.39 -48.34 112.75
C MET R 117 -56.51 -47.29 113.41
N ARG R 118 -55.18 -47.42 113.30
CA ARG R 118 -54.32 -46.41 113.90
C ARG R 118 -54.57 -45.04 113.27
N ASN R 119 -54.67 -44.99 111.94
CA ASN R 119 -54.97 -43.74 111.25
C ASN R 119 -56.37 -43.24 111.59
N ARG R 120 -57.34 -44.14 111.73
CA ARG R 120 -58.68 -43.71 112.13
C ARG R 120 -58.64 -42.97 113.46
N ILE R 121 -57.99 -43.55 114.46
CA ILE R 121 -57.95 -42.93 115.78
C ILE R 121 -57.23 -41.60 115.73
N ILE R 122 -56.08 -41.55 115.05
CA ILE R 122 -55.34 -40.30 114.94
C ILE R 122 -56.20 -39.23 114.28
N LYS R 123 -56.87 -39.57 113.18
CA LYS R 123 -57.66 -38.59 112.45
C LYS R 123 -58.80 -38.05 113.29
N ASN R 124 -59.49 -38.94 114.01
CA ASN R 124 -60.59 -38.48 114.86
C ASN R 124 -60.08 -37.51 115.92
N GLU R 125 -58.97 -37.84 116.58
CA GLU R 125 -58.56 -36.99 117.68
C GLU R 125 -57.96 -35.69 117.16
N VAL R 126 -57.37 -35.70 115.95
CA VAL R 126 -56.95 -34.46 115.30
C VAL R 126 -58.15 -33.56 115.00
N LYS R 127 -59.25 -34.15 114.51
CA LYS R 127 -60.45 -33.35 114.29
C LYS R 127 -60.93 -32.75 115.59
N LYS R 128 -60.85 -33.51 116.68
CA LYS R 128 -61.20 -32.98 118.00
C LYS R 128 -60.32 -31.78 118.36
N LEU R 129 -59.02 -31.89 118.11
CA LEU R 129 -58.12 -30.77 118.40
C LEU R 129 -58.44 -29.55 117.55
N GLN R 130 -58.79 -29.77 116.29
CA GLN R 130 -59.14 -28.65 115.42
C GLN R 130 -60.37 -27.91 115.93
N ARG R 131 -61.40 -28.66 116.32
CA ARG R 131 -62.58 -27.98 116.85
C ARG R 131 -62.28 -27.31 118.20
N ALA R 132 -61.34 -27.86 118.97
CA ALA R 132 -60.89 -27.19 120.18
C ALA R 132 -60.24 -25.84 119.86
N ALA R 133 -59.41 -25.82 118.81
CA ALA R 133 -58.80 -24.56 118.38
C ALA R 133 -59.88 -23.57 117.96
N LEU R 134 -60.87 -24.04 117.22
CA LEU R 134 -61.97 -23.16 116.81
C LEU R 134 -62.71 -22.59 118.02
N LEU R 135 -63.00 -23.43 119.01
CA LEU R 135 -63.78 -22.95 120.15
C LEU R 135 -62.98 -21.97 121.00
N LYS R 136 -61.67 -22.20 121.15
CA LYS R 136 -60.92 -21.25 121.95
C LYS R 136 -60.65 -19.96 121.17
N ALA R 137 -60.62 -20.03 119.83
CA ALA R 137 -60.58 -18.82 119.03
C ALA R 137 -61.86 -18.02 119.17
N SER R 138 -63.00 -18.71 119.22
CA SER R 138 -64.29 -18.05 119.39
C SER R 138 -64.37 -17.30 120.72
N GLY S 1 -21.21 -71.04 -70.24
CA GLY S 1 -22.00 -69.93 -69.76
C GLY S 1 -21.17 -68.69 -69.47
N ALA S 2 -21.74 -67.52 -69.73
CA ALA S 2 -21.03 -66.27 -69.52
C ALA S 2 -20.92 -65.88 -68.05
N TYR S 3 -21.74 -66.49 -67.18
CA TYR S 3 -21.72 -66.09 -65.77
C TYR S 3 -20.38 -66.38 -65.12
N LYS S 4 -19.72 -67.48 -65.51
CA LYS S 4 -18.39 -67.75 -64.98
C LYS S 4 -17.39 -66.68 -65.39
N TYR S 5 -17.39 -66.31 -66.69
CA TYR S 5 -16.48 -65.28 -67.15
C TYR S 5 -16.71 -63.97 -66.43
N ILE S 6 -17.98 -63.61 -66.23
CA ILE S 6 -18.28 -62.41 -65.46
C ILE S 6 -17.76 -62.56 -64.03
N GLN S 7 -17.78 -63.78 -63.49
CA GLN S 7 -17.31 -63.99 -62.12
C GLN S 7 -15.81 -63.69 -61.98
N GLU S 8 -14.99 -64.25 -62.88
CA GLU S 8 -13.56 -63.89 -62.81
C GLU S 8 -13.31 -62.42 -63.16
N LEU S 9 -14.09 -61.85 -64.09
CA LEU S 9 -13.96 -60.41 -64.33
C LEU S 9 -14.15 -59.64 -63.04
N TRP S 10 -15.21 -59.94 -62.30
CA TRP S 10 -15.46 -59.22 -61.07
C TRP S 10 -14.51 -59.60 -59.95
N ARG S 11 -13.83 -60.73 -60.05
CA ARG S 11 -12.77 -61.03 -59.09
C ARG S 11 -11.44 -60.37 -59.45
N LYS S 12 -11.30 -59.88 -60.68
CA LYS S 12 -10.12 -59.09 -61.06
C LYS S 12 -10.41 -57.60 -60.93
N LYS S 13 -10.62 -57.15 -59.69
CA LYS S 13 -11.05 -55.77 -59.47
C LYS S 13 -9.91 -54.78 -59.67
N GLN S 14 -8.67 -55.18 -59.42
CA GLN S 14 -7.55 -54.26 -59.59
C GLN S 14 -7.15 -54.07 -61.05
N SER S 15 -7.72 -54.85 -61.96
CA SER S 15 -7.44 -54.66 -63.37
C SER S 15 -7.94 -53.30 -63.82
N ASP S 16 -7.29 -52.77 -64.86
CA ASP S 16 -7.65 -51.43 -65.33
C ASP S 16 -9.08 -51.36 -65.84
N VAL S 17 -9.56 -52.43 -66.48
CA VAL S 17 -10.93 -52.45 -67.00
C VAL S 17 -11.94 -52.30 -65.87
N MET S 18 -11.92 -53.25 -64.92
CA MET S 18 -12.84 -53.18 -63.79
C MET S 18 -12.65 -51.92 -62.97
N ARG S 19 -11.43 -51.43 -62.86
CA ARG S 19 -11.19 -50.20 -62.10
C ARG S 19 -11.88 -49.02 -62.78
N PHE S 20 -11.80 -48.95 -64.11
CA PHE S 20 -12.51 -47.91 -64.85
C PHE S 20 -14.01 -48.01 -64.67
N LEU S 21 -14.55 -49.23 -64.80
CA LEU S 21 -15.99 -49.43 -64.58
C LEU S 21 -16.41 -48.97 -63.20
N LEU S 22 -15.66 -49.37 -62.17
CA LEU S 22 -16.03 -49.03 -60.81
C LEU S 22 -15.96 -47.53 -60.58
N ARG S 23 -14.94 -46.87 -61.14
CA ARG S 23 -14.84 -45.42 -60.99
C ARG S 23 -16.04 -44.72 -61.61
N VAL S 24 -16.38 -45.07 -62.85
CA VAL S 24 -17.49 -44.40 -63.53
C VAL S 24 -18.79 -44.66 -62.79
N ARG S 25 -19.04 -45.91 -62.42
CA ARG S 25 -20.29 -46.25 -61.76
C ARG S 25 -20.39 -45.58 -60.39
N CYS S 26 -19.27 -45.49 -59.67
CA CYS S 26 -19.28 -44.82 -58.37
C CYS S 26 -19.60 -43.35 -58.54
N TRP S 27 -19.02 -42.70 -59.56
CA TRP S 27 -19.36 -41.29 -59.80
C TRP S 27 -20.84 -41.13 -60.06
N GLN S 28 -21.41 -41.98 -60.92
CA GLN S 28 -22.84 -41.86 -61.22
C GLN S 28 -23.70 -42.11 -59.99
N TYR S 29 -23.37 -43.13 -59.20
CA TYR S 29 -24.14 -43.43 -58.01
C TYR S 29 -24.06 -42.29 -57.01
N ARG S 30 -22.89 -41.68 -56.88
CA ARG S 30 -22.75 -40.52 -56.00
C ARG S 30 -23.60 -39.37 -56.48
N GLN S 31 -23.67 -39.15 -57.79
CA GLN S 31 -24.52 -38.08 -58.30
C GLN S 31 -25.99 -38.35 -58.06
N LEU S 32 -26.41 -39.61 -58.07
CA LEU S 32 -27.80 -39.93 -57.76
C LEU S 32 -28.08 -39.71 -56.26
N SER S 33 -29.31 -40.02 -55.85
CA SER S 33 -29.72 -39.84 -54.46
C SER S 33 -29.23 -41.02 -53.62
N ALA S 34 -29.72 -41.12 -52.39
CA ALA S 34 -29.21 -42.10 -51.43
C ALA S 34 -29.98 -43.40 -51.43
N LEU S 35 -31.19 -43.42 -51.96
CA LEU S 35 -32.08 -44.59 -51.85
C LEU S 35 -32.98 -44.58 -53.08
N HIS S 36 -32.63 -45.36 -54.10
CA HIS S 36 -33.42 -45.34 -55.31
C HIS S 36 -33.50 -46.72 -55.92
N ARG S 37 -34.62 -47.00 -56.57
CA ARG S 37 -34.81 -48.29 -57.23
C ARG S 37 -33.92 -48.40 -58.46
N ALA S 38 -33.20 -49.50 -58.57
CA ALA S 38 -32.54 -49.74 -59.84
C ALA S 38 -33.50 -50.46 -60.78
N PRO S 39 -33.37 -50.22 -62.10
CA PRO S 39 -34.24 -50.92 -63.04
C PRO S 39 -33.92 -52.41 -63.14
N ARG S 40 -32.68 -52.80 -62.87
CA ARG S 40 -32.24 -54.18 -62.99
C ARG S 40 -30.90 -54.30 -62.27
N PRO S 41 -30.52 -55.51 -61.85
CA PRO S 41 -29.26 -55.67 -61.11
C PRO S 41 -28.06 -55.28 -61.95
N THR S 42 -27.07 -54.68 -61.28
CA THR S 42 -25.81 -54.35 -61.94
C THR S 42 -24.92 -55.56 -62.12
N ARG S 43 -25.01 -56.53 -61.21
CA ARG S 43 -24.23 -57.76 -61.26
C ARG S 43 -25.22 -58.92 -61.33
N PRO S 44 -25.66 -59.28 -62.54
CA PRO S 44 -26.68 -60.35 -62.64
C PRO S 44 -26.22 -61.68 -62.09
N ASP S 45 -24.96 -62.06 -62.29
CA ASP S 45 -24.49 -63.35 -61.79
C ASP S 45 -24.50 -63.40 -60.26
N LYS S 46 -24.02 -62.32 -59.63
CA LYS S 46 -24.01 -62.28 -58.18
C LYS S 46 -25.43 -62.27 -57.64
N ALA S 47 -26.34 -61.55 -58.30
CA ALA S 47 -27.73 -61.54 -57.87
C ALA S 47 -28.33 -62.94 -57.98
N ARG S 48 -28.04 -63.66 -59.07
CA ARG S 48 -28.56 -65.00 -59.25
C ARG S 48 -28.05 -65.94 -58.17
N ARG S 49 -26.77 -65.88 -57.85
CA ARG S 49 -26.25 -66.76 -56.81
C ARG S 49 -26.64 -66.30 -55.41
N LEU S 50 -27.10 -65.08 -55.24
CA LEU S 50 -27.71 -64.67 -53.98
C LEU S 50 -29.20 -64.93 -53.92
N GLY S 51 -29.82 -65.34 -55.03
CA GLY S 51 -31.20 -65.78 -54.98
C GLY S 51 -32.17 -64.95 -55.80
N TYR S 52 -31.64 -64.06 -56.64
CA TYR S 52 -32.49 -63.25 -57.49
C TYR S 52 -32.90 -64.02 -58.74
N LYS S 53 -34.15 -63.83 -59.15
CA LYS S 53 -34.68 -64.42 -60.39
C LYS S 53 -35.30 -63.33 -61.23
N ALA S 54 -35.27 -63.52 -62.55
CA ALA S 54 -35.87 -62.56 -63.47
C ALA S 54 -37.37 -62.86 -63.59
N LYS S 55 -38.08 -62.51 -62.52
CA LYS S 55 -39.52 -62.75 -62.42
C LYS S 55 -40.20 -61.49 -61.92
N GLN S 56 -41.51 -61.45 -62.08
CA GLN S 56 -42.31 -60.34 -61.58
C GLN S 56 -42.48 -60.50 -60.07
N GLY S 57 -41.99 -59.51 -59.31
CA GLY S 57 -42.02 -59.55 -57.87
C GLY S 57 -40.67 -59.37 -57.21
N TYR S 58 -39.58 -59.50 -57.95
CA TYR S 58 -38.24 -59.22 -57.45
C TYR S 58 -37.83 -57.83 -57.91
N VAL S 59 -37.52 -56.95 -56.96
CA VAL S 59 -37.05 -55.62 -57.26
C VAL S 59 -35.66 -55.46 -56.64
N ILE S 60 -34.92 -54.49 -57.15
CA ILE S 60 -33.59 -54.18 -56.67
C ILE S 60 -33.53 -52.72 -56.30
N TYR S 61 -33.04 -52.44 -55.09
CA TYR S 61 -32.86 -51.06 -54.64
C TYR S 61 -31.38 -50.78 -54.46
N ARG S 62 -30.89 -49.75 -55.11
CA ARG S 62 -29.53 -49.28 -54.93
C ARG S 62 -29.51 -48.20 -53.86
N ILE S 63 -28.65 -48.37 -52.87
CA ILE S 63 -28.63 -47.53 -51.68
C ILE S 63 -27.20 -47.19 -51.30
N ARG S 64 -27.07 -46.06 -50.63
CA ARG S 64 -25.78 -45.46 -50.31
C ARG S 64 -25.65 -45.31 -48.80
N VAL S 65 -24.49 -45.67 -48.27
CA VAL S 65 -24.23 -45.62 -46.84
C VAL S 65 -22.97 -44.82 -46.59
N ARG S 66 -23.02 -43.96 -45.58
CA ARG S 66 -21.88 -43.11 -45.26
C ARG S 66 -20.81 -43.93 -44.56
N ARG S 67 -19.56 -43.67 -44.93
CA ARG S 67 -18.45 -44.53 -44.57
C ARG S 67 -17.77 -44.05 -43.29
N GLY S 68 -17.20 -45.00 -42.55
CA GLY S 68 -16.41 -44.70 -41.37
C GLY S 68 -16.90 -45.44 -40.16
N GLY S 69 -16.41 -45.03 -39.00
CA GLY S 69 -16.78 -45.61 -37.72
C GLY S 69 -18.02 -44.95 -37.13
N ARG S 70 -18.11 -45.05 -35.81
CA ARG S 70 -19.26 -44.51 -35.08
C ARG S 70 -18.76 -43.86 -33.79
N LYS S 71 -18.99 -42.55 -33.66
CA LYS S 71 -18.62 -41.85 -32.44
C LYS S 71 -19.82 -41.78 -31.49
N ARG S 72 -19.53 -41.74 -30.20
CA ARG S 72 -20.58 -41.86 -29.20
C ARG S 72 -21.43 -40.59 -29.19
N PRO S 73 -22.76 -40.71 -29.34
CA PRO S 73 -23.64 -39.53 -29.41
C PRO S 73 -23.88 -38.90 -28.04
N VAL S 74 -22.81 -38.40 -27.44
CA VAL S 74 -22.83 -37.83 -26.09
C VAL S 74 -22.55 -36.34 -26.29
N PRO S 75 -23.09 -35.43 -25.45
CA PRO S 75 -22.74 -34.02 -25.61
C PRO S 75 -21.25 -33.78 -25.48
N LYS S 76 -20.83 -32.54 -25.74
CA LYS S 76 -19.52 -32.21 -26.32
C LYS S 76 -18.38 -33.15 -25.91
N GLY S 77 -18.10 -33.29 -24.62
CA GLY S 77 -17.21 -34.34 -24.15
C GLY S 77 -17.95 -35.28 -23.25
N ALA S 78 -17.74 -35.12 -21.95
CA ALA S 78 -18.70 -35.45 -20.90
C ALA S 78 -19.37 -36.81 -21.10
N THR S 79 -18.56 -37.84 -21.03
CA THR S 79 -19.06 -39.20 -20.86
C THR S 79 -18.97 -39.49 -19.36
N TYR S 80 -20.05 -39.21 -18.64
CA TYR S 80 -20.02 -39.22 -17.19
C TYR S 80 -19.91 -40.65 -16.68
N GLY S 81 -18.74 -40.99 -16.15
CA GLY S 81 -18.52 -42.36 -15.67
C GLY S 81 -17.06 -42.56 -15.32
N LYS S 82 -16.67 -43.82 -15.31
CA LYS S 82 -15.30 -44.19 -15.01
C LYS S 82 -14.42 -44.06 -16.26
N PRO S 83 -13.10 -43.88 -16.07
CA PRO S 83 -12.24 -43.60 -17.22
C PRO S 83 -12.21 -44.68 -18.28
N VAL S 84 -12.62 -45.91 -17.95
CA VAL S 84 -12.67 -46.96 -18.96
C VAL S 84 -13.71 -46.64 -20.03
N HIS S 85 -14.69 -45.77 -19.72
CA HIS S 85 -15.75 -45.42 -20.66
C HIS S 85 -15.65 -43.99 -21.18
N HIS S 86 -14.50 -43.33 -21.06
CA HIS S 86 -14.39 -41.97 -21.59
C HIS S 86 -14.22 -41.91 -23.10
N GLY S 87 -13.95 -43.02 -23.77
CA GLY S 87 -13.72 -42.97 -25.20
C GLY S 87 -14.98 -42.62 -25.98
N VAL S 88 -14.81 -41.75 -26.98
CA VAL S 88 -15.91 -41.43 -27.88
C VAL S 88 -15.53 -41.53 -29.35
N ASN S 89 -14.26 -41.44 -29.73
CA ASN S 89 -13.90 -41.33 -31.14
C ASN S 89 -13.69 -42.68 -31.81
N GLN S 90 -12.75 -43.49 -31.32
CA GLN S 90 -12.31 -44.66 -32.05
C GLN S 90 -13.21 -45.87 -31.87
N LEU S 91 -14.45 -45.66 -31.44
CA LEU S 91 -15.39 -46.75 -31.26
C LEU S 91 -15.84 -47.28 -32.61
N LYS S 92 -16.26 -48.55 -32.62
CA LYS S 92 -16.71 -49.21 -33.83
C LYS S 92 -18.08 -49.84 -33.59
N PHE S 93 -18.87 -49.91 -34.65
CA PHE S 93 -20.24 -50.38 -34.56
C PHE S 93 -20.29 -51.90 -34.74
N ALA S 94 -21.18 -52.54 -34.00
CA ALA S 94 -21.22 -54.00 -33.99
C ALA S 94 -21.70 -54.57 -35.31
N ARG S 95 -22.62 -53.90 -35.99
CA ARG S 95 -23.11 -54.37 -37.27
C ARG S 95 -22.30 -53.77 -38.42
N SER S 96 -22.34 -54.44 -39.56
CA SER S 96 -21.59 -54.00 -40.72
C SER S 96 -22.37 -52.93 -41.49
N LEU S 97 -21.63 -52.21 -42.34
CA LEU S 97 -22.26 -51.20 -43.18
C LEU S 97 -23.26 -51.82 -44.15
N GLN S 98 -22.97 -53.02 -44.65
CA GLN S 98 -23.93 -53.73 -45.48
C GLN S 98 -25.21 -54.02 -44.72
N SER S 99 -25.08 -54.42 -43.45
CA SER S 99 -26.25 -54.68 -42.63
C SER S 99 -27.06 -53.41 -42.42
N VAL S 100 -26.39 -52.29 -42.11
CA VAL S 100 -27.08 -51.01 -41.97
C VAL S 100 -27.80 -50.65 -43.26
N ALA S 101 -27.14 -50.87 -44.38
CA ALA S 101 -27.70 -50.60 -45.69
C ALA S 101 -29.01 -51.34 -45.88
N GLU S 102 -28.97 -52.67 -45.84
CA GLU S 102 -30.18 -53.45 -46.09
C GLU S 102 -31.23 -53.18 -45.03
N GLU S 103 -30.82 -52.85 -43.81
CA GLU S 103 -31.78 -52.54 -42.76
C GLU S 103 -32.59 -51.30 -43.11
N ARG S 104 -31.92 -50.23 -43.52
CA ARG S 104 -32.70 -49.02 -43.84
C ARG S 104 -33.44 -49.16 -45.17
N ALA S 105 -32.91 -49.95 -46.10
CA ALA S 105 -33.67 -50.21 -47.33
C ALA S 105 -34.97 -50.94 -47.03
N GLY S 106 -34.92 -51.97 -46.18
CA GLY S 106 -36.12 -52.67 -45.80
C GLY S 106 -37.05 -51.83 -44.94
N ARG S 107 -36.50 -50.89 -44.18
CA ARG S 107 -37.36 -49.99 -43.42
C ARG S 107 -38.13 -49.06 -44.35
N HIS S 108 -37.47 -48.52 -45.37
CA HIS S 108 -38.18 -47.64 -46.30
C HIS S 108 -39.22 -48.41 -47.11
N CYS S 109 -38.84 -49.57 -47.65
CA CYS S 109 -39.76 -50.38 -48.44
C CYS S 109 -40.39 -51.41 -47.51
N GLY S 110 -41.37 -50.96 -46.74
CA GLY S 110 -41.89 -51.75 -45.63
C GLY S 110 -42.75 -52.93 -46.04
N ALA S 111 -43.37 -52.88 -47.22
CA ALA S 111 -44.27 -53.94 -47.65
C ALA S 111 -43.53 -55.05 -48.40
N LEU S 112 -42.27 -54.86 -48.76
CA LEU S 112 -41.46 -55.88 -49.38
C LEU S 112 -40.57 -56.54 -48.33
N ARG S 113 -39.93 -57.64 -48.72
CA ARG S 113 -39.11 -58.40 -47.79
C ARG S 113 -37.71 -58.56 -48.36
N VAL S 114 -36.70 -58.34 -47.53
CA VAL S 114 -35.31 -58.33 -47.97
C VAL S 114 -34.84 -59.77 -48.15
N LEU S 115 -34.20 -60.04 -49.29
CA LEU S 115 -33.57 -61.32 -49.53
C LEU S 115 -32.08 -61.29 -49.19
N ASN S 116 -31.34 -60.42 -49.85
CA ASN S 116 -29.89 -60.31 -49.66
C ASN S 116 -29.43 -58.98 -50.26
N SER S 117 -28.12 -58.78 -50.29
CA SER S 117 -27.55 -57.55 -50.82
C SER S 117 -26.11 -57.81 -51.22
N TYR S 118 -25.58 -56.92 -52.05
CA TYR S 118 -24.22 -57.09 -52.52
C TYR S 118 -23.58 -55.74 -52.83
N TRP S 119 -22.26 -55.76 -52.88
CA TRP S 119 -21.41 -54.57 -53.00
C TRP S 119 -21.25 -54.20 -54.47
N VAL S 120 -21.51 -52.93 -54.81
CA VAL S 120 -21.35 -52.48 -56.18
C VAL S 120 -20.30 -51.38 -56.34
N GLY S 121 -19.96 -50.66 -55.29
CA GLY S 121 -18.95 -49.63 -55.42
C GLY S 121 -18.68 -48.99 -54.08
N GLU S 122 -17.59 -48.24 -54.02
CA GLU S 122 -17.25 -47.52 -52.81
C GLU S 122 -16.23 -46.45 -53.15
N ASP S 123 -16.23 -45.38 -52.34
CA ASP S 123 -15.21 -44.34 -52.41
C ASP S 123 -14.82 -43.99 -50.98
N SER S 124 -14.10 -42.87 -50.82
CA SER S 124 -13.58 -42.51 -49.51
C SER S 124 -14.67 -42.16 -48.51
N THR S 125 -15.88 -41.87 -48.97
CA THR S 125 -16.92 -41.42 -48.06
C THR S 125 -18.26 -42.15 -48.18
N TYR S 126 -18.49 -42.92 -49.23
CA TYR S 126 -19.71 -43.72 -49.31
C TYR S 126 -19.41 -45.14 -49.78
N LYS S 127 -20.31 -46.03 -49.42
CA LYS S 127 -20.36 -47.39 -49.94
C LYS S 127 -21.72 -47.60 -50.59
N PHE S 128 -21.74 -48.34 -51.69
CA PHE S 128 -22.96 -48.53 -52.47
C PHE S 128 -23.33 -50.01 -52.50
N PHE S 129 -24.56 -50.30 -52.11
CA PHE S 129 -25.05 -51.68 -52.05
C PHE S 129 -26.34 -51.80 -52.84
N GLU S 130 -26.54 -52.97 -53.43
CA GLU S 130 -27.80 -53.30 -54.09
C GLU S 130 -28.49 -54.38 -53.29
N VAL S 131 -29.75 -54.14 -52.96
CA VAL S 131 -30.54 -55.01 -52.08
C VAL S 131 -31.67 -55.62 -52.89
N ILE S 132 -31.81 -56.93 -52.82
CA ILE S 132 -32.88 -57.67 -53.47
C ILE S 132 -34.09 -57.68 -52.55
N LEU S 133 -35.25 -57.35 -53.09
CA LEU S 133 -36.49 -57.30 -52.35
C LEU S 133 -37.54 -58.11 -53.08
N ILE S 134 -38.40 -58.77 -52.32
CA ILE S 134 -39.46 -59.61 -52.88
C ILE S 134 -40.80 -59.10 -52.39
N ASP S 135 -41.77 -59.04 -53.31
CA ASP S 135 -43.13 -58.70 -52.95
C ASP S 135 -43.82 -59.99 -52.52
N PRO S 136 -44.20 -60.14 -51.24
CA PRO S 136 -44.76 -61.40 -50.78
C PRO S 136 -46.24 -61.60 -51.11
N PHE S 137 -46.84 -60.74 -51.91
CA PHE S 137 -48.25 -60.86 -52.24
C PHE S 137 -48.51 -60.97 -53.73
N HIS S 138 -47.50 -60.80 -54.57
CA HIS S 138 -47.67 -61.01 -56.00
C HIS S 138 -47.87 -62.51 -56.26
N LYS S 139 -48.84 -62.84 -57.11
CA LYS S 139 -49.25 -64.23 -57.22
C LYS S 139 -48.20 -65.09 -57.90
N ALA S 140 -47.36 -64.53 -58.78
CA ALA S 140 -46.27 -65.29 -59.34
C ALA S 140 -45.28 -65.74 -58.27
N ILE S 141 -45.32 -65.12 -57.10
CA ILE S 141 -44.52 -65.52 -55.95
C ILE S 141 -45.30 -66.45 -55.04
N ARG S 142 -46.55 -66.11 -54.74
CA ARG S 142 -47.33 -66.92 -53.81
C ARG S 142 -47.69 -68.29 -54.38
N ARG S 143 -47.73 -68.44 -55.70
CA ARG S 143 -48.06 -69.71 -56.34
C ARG S 143 -46.84 -70.57 -56.62
N ASN S 144 -45.64 -70.07 -56.36
CA ASN S 144 -44.42 -70.82 -56.62
C ASN S 144 -43.99 -71.52 -55.35
N PRO S 145 -43.99 -72.85 -55.30
CA PRO S 145 -43.74 -73.54 -54.02
C PRO S 145 -42.33 -73.36 -53.49
N ASP S 146 -41.33 -73.17 -54.36
CA ASP S 146 -39.96 -73.05 -53.88
C ASP S 146 -39.61 -71.66 -53.39
N THR S 147 -40.51 -70.67 -53.52
CA THR S 147 -40.25 -69.34 -53.01
C THR S 147 -41.39 -68.78 -52.18
N GLN S 148 -42.43 -69.56 -51.90
CA GLN S 148 -43.48 -69.11 -51.01
C GLN S 148 -43.14 -69.32 -49.54
N TRP S 149 -41.90 -69.72 -49.24
CA TRP S 149 -41.45 -69.75 -47.86
C TRP S 149 -41.37 -68.34 -47.28
N ILE S 150 -40.99 -67.35 -48.10
CA ILE S 150 -40.80 -66.00 -47.60
C ILE S 150 -42.12 -65.26 -47.42
N THR S 151 -43.23 -65.83 -47.87
CA THR S 151 -44.53 -65.21 -47.68
C THR S 151 -45.12 -65.50 -46.32
N LYS S 152 -44.44 -66.30 -45.50
CA LYS S 152 -44.93 -66.62 -44.16
C LYS S 152 -44.70 -65.44 -43.22
N PRO S 153 -45.59 -65.25 -42.23
CA PRO S 153 -45.43 -64.12 -41.30
C PRO S 153 -44.16 -64.16 -40.48
N VAL S 154 -43.56 -65.34 -40.26
CA VAL S 154 -42.38 -65.42 -39.41
C VAL S 154 -41.18 -64.75 -40.07
N HIS S 155 -41.18 -64.61 -41.38
CA HIS S 155 -40.06 -64.01 -42.10
C HIS S 155 -40.24 -62.53 -42.36
N LYS S 156 -41.26 -61.93 -41.74
CA LYS S 156 -41.46 -60.49 -41.82
C LYS S 156 -40.31 -59.76 -41.13
N HIS S 157 -39.69 -58.82 -41.86
CA HIS S 157 -38.60 -58.00 -41.34
C HIS S 157 -37.40 -58.84 -40.89
N ARG S 158 -36.81 -59.56 -41.85
CA ARG S 158 -35.62 -60.34 -41.56
C ARG S 158 -34.45 -59.45 -41.17
N GLU S 159 -34.25 -58.36 -41.92
CA GLU S 159 -33.05 -57.53 -41.77
C GLU S 159 -32.98 -56.81 -40.45
N MET S 160 -34.12 -56.61 -39.77
CA MET S 160 -34.13 -55.90 -38.51
C MET S 160 -33.87 -56.82 -37.33
N ARG S 161 -34.25 -58.08 -37.43
CA ARG S 161 -33.94 -59.08 -36.42
C ARG S 161 -32.62 -59.79 -36.70
N GLY S 162 -31.99 -59.50 -37.82
CA GLY S 162 -30.65 -59.99 -38.08
C GLY S 162 -30.61 -61.42 -38.56
N LEU S 163 -31.43 -61.73 -39.56
CA LEU S 163 -31.52 -63.08 -40.09
C LEU S 163 -30.97 -63.23 -41.51
N THR S 164 -30.69 -62.12 -42.18
CA THR S 164 -30.05 -62.17 -43.48
C THR S 164 -28.56 -62.46 -43.32
N SER S 165 -27.86 -62.62 -44.43
CA SER S 165 -26.45 -63.00 -44.39
C SER S 165 -25.61 -61.93 -43.71
N ALA S 166 -25.84 -60.66 -44.04
CA ALA S 166 -25.05 -59.58 -43.48
C ALA S 166 -25.22 -59.48 -41.97
N GLY S 167 -26.45 -59.60 -41.49
CA GLY S 167 -26.69 -59.60 -40.06
C GLY S 167 -26.12 -60.84 -39.37
N ARG S 168 -26.24 -62.00 -40.02
CA ARG S 168 -25.72 -63.23 -39.46
C ARG S 168 -24.21 -63.19 -39.29
N LYS S 169 -23.51 -62.50 -40.19
CA LYS S 169 -22.05 -62.44 -40.10
C LYS S 169 -21.57 -61.69 -38.86
N SER S 170 -22.47 -61.10 -38.09
CA SER S 170 -22.08 -60.29 -36.94
C SER S 170 -22.60 -60.82 -35.61
N ARG S 171 -23.40 -61.88 -35.62
CA ARG S 171 -23.92 -62.46 -34.39
C ARG S 171 -22.97 -63.48 -33.78
N GLY S 172 -21.85 -63.76 -34.44
CA GLY S 172 -20.85 -64.66 -33.87
C GLY S 172 -21.31 -66.08 -33.69
N LEU S 173 -22.07 -66.61 -34.63
CA LEU S 173 -22.58 -67.97 -34.56
C LEU S 173 -21.92 -68.86 -35.58
N GLY S 174 -21.81 -70.13 -35.24
CA GLY S 174 -21.09 -71.09 -36.08
C GLY S 174 -20.69 -72.30 -35.27
N LYS S 175 -20.20 -73.30 -35.98
CA LYS S 175 -19.81 -74.55 -35.36
C LYS S 175 -18.40 -74.46 -34.77
N GLY S 176 -18.19 -75.18 -33.69
CA GLY S 176 -16.84 -75.48 -33.25
C GLY S 176 -16.36 -74.65 -32.08
N HIS S 177 -15.07 -74.85 -31.78
CA HIS S 177 -14.45 -74.25 -30.61
C HIS S 177 -14.32 -72.74 -30.72
N LYS S 178 -14.38 -72.17 -31.92
CA LYS S 178 -14.28 -70.73 -32.06
C LYS S 178 -15.54 -70.00 -31.61
N PHE S 179 -16.68 -70.70 -31.58
CA PHE S 179 -17.95 -70.04 -31.33
C PHE S 179 -18.66 -70.61 -30.11
N HIS S 180 -17.91 -70.77 -29.01
CA HIS S 180 -18.49 -71.34 -27.79
C HIS S 180 -19.49 -70.40 -27.14
N HIS S 181 -19.28 -69.11 -27.25
CA HIS S 181 -20.09 -68.11 -26.57
C HIS S 181 -21.44 -67.89 -27.19
N THR S 182 -21.88 -68.77 -28.09
CA THR S 182 -23.18 -68.60 -28.73
C THR S 182 -23.96 -69.90 -28.81
N ILE S 183 -23.57 -70.93 -28.06
CA ILE S 183 -24.30 -72.19 -28.09
C ILE S 183 -25.72 -71.96 -27.63
N GLY S 184 -26.67 -72.52 -28.37
CA GLY S 184 -28.06 -72.19 -28.20
C GLY S 184 -28.54 -71.25 -29.28
N GLY S 185 -29.60 -70.50 -28.96
CA GLY S 185 -30.14 -69.57 -29.93
C GLY S 185 -29.15 -68.51 -30.35
N SER S 186 -28.47 -67.91 -29.38
CA SER S 186 -27.64 -66.73 -29.66
C SER S 186 -26.77 -66.46 -28.44
N ARG S 187 -26.06 -65.33 -28.49
CA ARG S 187 -25.22 -64.91 -27.38
C ARG S 187 -26.05 -64.72 -26.10
N ARG S 188 -27.20 -64.06 -26.23
CA ARG S 188 -28.05 -63.82 -25.08
C ARG S 188 -28.63 -65.11 -24.53
N ALA S 189 -28.99 -66.05 -25.41
CA ALA S 189 -29.48 -67.35 -24.96
C ALA S 189 -28.41 -68.12 -24.21
N ALA S 190 -27.17 -68.11 -24.73
CA ALA S 190 -26.07 -68.76 -24.03
C ALA S 190 -25.85 -68.13 -22.66
N TRP S 191 -25.82 -66.80 -22.60
CA TRP S 191 -25.65 -66.12 -21.32
C TRP S 191 -26.76 -66.48 -20.35
N ARG S 192 -28.00 -66.53 -20.85
CA ARG S 192 -29.14 -66.82 -19.98
C ARG S 192 -29.07 -68.24 -19.45
N ARG S 193 -28.65 -69.19 -20.27
CA ARG S 193 -28.47 -70.56 -19.78
C ARG S 193 -27.37 -70.63 -18.72
N ARG S 194 -26.24 -69.95 -18.97
CA ARG S 194 -25.10 -70.09 -18.06
C ARG S 194 -25.34 -69.39 -16.74
N ASN S 195 -25.98 -68.23 -16.75
CA ASN S 195 -26.25 -67.47 -15.52
C ASN S 195 -27.64 -67.73 -15.00
N THR S 196 -28.01 -68.98 -14.73
CA THR S 196 -29.34 -69.29 -14.21
C THR S 196 -29.24 -70.47 -13.27
N LEU S 197 -29.70 -70.27 -12.03
CA LEU S 197 -29.74 -71.37 -11.07
C LEU S 197 -30.88 -72.30 -11.38
N GLN S 198 -30.57 -73.59 -11.49
CA GLN S 198 -31.58 -74.64 -11.62
C GLN S 198 -31.79 -75.24 -10.24
N LEU S 199 -32.90 -74.88 -9.59
CA LEU S 199 -33.22 -75.37 -8.26
C LEU S 199 -34.24 -76.50 -8.42
N HIS S 200 -33.75 -77.73 -8.43
CA HIS S 200 -34.62 -78.89 -8.48
C HIS S 200 -35.47 -78.96 -7.22
N ARG S 201 -36.51 -79.79 -7.29
CA ARG S 201 -37.40 -79.93 -6.14
C ARG S 201 -36.69 -80.59 -4.97
N TYR S 202 -35.79 -81.54 -5.26
CA TYR S 202 -35.03 -82.22 -4.23
C TYR S 202 -33.61 -81.69 -4.07
N ARG S 203 -33.20 -80.76 -4.92
CA ARG S 203 -31.84 -80.23 -4.93
C ARG S 203 -30.78 -81.34 -4.98
N GLN T 1 -50.73 -40.10 86.22
CA GLN T 1 -50.63 -40.35 84.79
C GLN T 1 -50.07 -39.15 84.06
N VAL T 2 -50.11 -37.98 84.70
CA VAL T 2 -49.53 -36.76 84.17
C VAL T 2 -48.29 -36.45 84.99
N LEU T 3 -47.14 -36.36 84.32
CA LEU T 3 -45.86 -36.15 84.97
C LEU T 3 -45.52 -34.67 84.90
N VAL T 4 -45.55 -33.99 86.05
CA VAL T 4 -45.32 -32.55 86.11
C VAL T 4 -43.89 -32.31 86.59
N LEU T 5 -43.08 -31.71 85.72
CA LEU T 5 -41.68 -31.41 86.01
C LEU T 5 -41.52 -29.93 86.30
N ASP T 6 -40.63 -29.61 87.23
CA ASP T 6 -40.21 -28.24 87.46
C ASP T 6 -38.95 -27.96 86.67
N GLY T 7 -38.86 -26.76 86.11
CA GLY T 7 -37.75 -26.44 85.21
C GLY T 7 -36.61 -25.71 85.87
N ARG T 8 -36.78 -25.27 87.11
CA ARG T 8 -35.73 -24.53 87.79
C ARG T 8 -34.54 -25.44 88.10
N GLY T 9 -33.35 -24.94 87.83
CA GLY T 9 -32.13 -25.64 88.18
C GLY T 9 -31.73 -26.77 87.26
N HIS T 10 -32.46 -26.99 86.19
CA HIS T 10 -32.15 -28.08 85.26
C HIS T 10 -31.28 -27.56 84.12
N LEU T 11 -30.73 -28.50 83.36
CA LEU T 11 -29.94 -28.20 82.17
C LEU T 11 -30.79 -28.51 80.94
N LEU T 12 -30.81 -27.58 80.00
CA LEU T 12 -31.79 -27.59 78.91
C LEU T 12 -31.77 -28.87 78.11
N GLY T 13 -30.67 -29.15 77.42
CA GLY T 13 -30.61 -30.32 76.57
C GLY T 13 -30.65 -31.61 77.35
N ARG T 14 -30.02 -31.62 78.52
CA ARG T 14 -29.95 -32.84 79.31
C ARG T 14 -31.32 -33.18 79.90
N LEU T 15 -32.18 -32.18 80.11
CA LEU T 15 -33.55 -32.44 80.54
C LEU T 15 -34.43 -32.82 79.35
N ALA T 16 -34.24 -32.15 78.22
CA ALA T 16 -35.01 -32.48 77.03
C ALA T 16 -34.72 -33.90 76.56
N ALA T 17 -33.52 -34.40 76.81
CA ALA T 17 -33.20 -35.78 76.44
C ALA T 17 -34.07 -36.77 77.20
N ILE T 18 -34.24 -36.55 78.50
CA ILE T 18 -35.15 -37.40 79.28
C ILE T 18 -36.58 -37.23 78.81
N VAL T 19 -37.01 -35.98 78.63
CA VAL T 19 -38.42 -35.70 78.33
C VAL T 19 -38.81 -36.31 76.99
N ALA T 20 -37.92 -36.24 75.99
CA ALA T 20 -38.28 -36.72 74.66
C ALA T 20 -38.57 -38.22 74.68
N LYS T 21 -37.69 -39.01 75.28
CA LYS T 21 -37.94 -40.44 75.37
C LYS T 21 -39.18 -40.73 76.21
N GLN T 22 -39.35 -40.01 77.32
CA GLN T 22 -40.51 -40.25 78.17
C GLN T 22 -41.81 -40.00 77.41
N VAL T 23 -41.84 -38.94 76.62
CA VAL T 23 -43.04 -38.61 75.84
C VAL T 23 -43.25 -39.63 74.72
N LEU T 24 -42.17 -40.03 74.06
CA LEU T 24 -42.27 -41.08 73.04
C LEU T 24 -42.85 -42.36 73.63
N LEU T 25 -42.62 -42.62 74.90
CA LEU T 25 -43.14 -43.82 75.54
C LEU T 25 -44.58 -43.67 76.00
N GLY T 26 -45.24 -42.55 75.72
CA GLY T 26 -46.67 -42.41 75.96
C GLY T 26 -47.05 -41.57 77.16
N ARG T 27 -46.11 -41.20 78.02
CA ARG T 27 -46.44 -40.37 79.16
C ARG T 27 -46.84 -38.96 78.71
N LYS T 28 -47.70 -38.33 79.50
CA LYS T 28 -48.07 -36.94 79.29
C LYS T 28 -47.23 -36.08 80.23
N VAL T 29 -46.24 -35.39 79.67
CA VAL T 29 -45.28 -34.62 80.44
C VAL T 29 -45.65 -33.15 80.37
N VAL T 30 -45.64 -32.47 81.51
CA VAL T 30 -45.90 -31.04 81.60
C VAL T 30 -44.70 -30.42 82.28
N VAL T 31 -43.85 -29.76 81.52
CA VAL T 31 -42.70 -29.03 82.06
C VAL T 31 -43.15 -27.62 82.40
N VAL T 32 -42.85 -27.18 83.62
CA VAL T 32 -43.40 -25.93 84.15
C VAL T 32 -42.25 -25.08 84.66
N ARG T 33 -42.42 -23.77 84.57
CA ARG T 33 -41.45 -22.78 85.04
C ARG T 33 -40.10 -22.97 84.32
N CYS T 34 -40.15 -22.72 83.01
CA CYS T 34 -38.98 -22.89 82.17
C CYS T 34 -38.07 -21.67 82.15
N GLU T 35 -38.46 -20.55 82.76
CA GLU T 35 -37.58 -19.40 82.83
C GLU T 35 -36.40 -19.64 83.77
N GLY T 36 -36.44 -20.71 84.57
CA GLY T 36 -35.35 -21.07 85.45
C GLY T 36 -34.42 -22.13 84.92
N ILE T 37 -34.59 -22.55 83.67
CA ILE T 37 -33.70 -23.55 83.08
C ILE T 37 -32.33 -22.94 82.85
N ASN T 38 -31.28 -23.67 83.23
CA ASN T 38 -29.91 -23.22 83.09
C ASN T 38 -29.26 -23.89 81.88
N ILE T 39 -28.17 -23.29 81.41
CA ILE T 39 -27.37 -23.86 80.34
C ILE T 39 -25.90 -23.67 80.69
N SER T 40 -25.11 -24.72 80.50
CA SER T 40 -23.68 -24.63 80.75
C SER T 40 -23.01 -23.68 79.77
N GLY T 41 -21.91 -23.08 80.21
CA GLY T 41 -21.25 -22.06 79.42
C GLY T 41 -21.72 -20.67 79.78
N ASN T 42 -20.86 -19.69 79.56
CA ASN T 42 -21.17 -18.35 80.03
C ASN T 42 -22.19 -17.66 79.13
N PHE T 43 -22.74 -16.57 79.66
CA PHE T 43 -23.89 -15.94 79.04
C PHE T 43 -23.54 -15.35 77.69
N TYR T 44 -22.35 -14.77 77.54
CA TYR T 44 -21.99 -14.18 76.26
C TYR T 44 -21.89 -15.26 75.18
N ARG T 45 -21.29 -16.40 75.50
CA ARG T 45 -21.28 -17.53 74.56
C ARG T 45 -22.70 -17.93 74.17
N ASN T 46 -23.57 -18.09 75.16
CA ASN T 46 -24.91 -18.56 74.85
C ASN T 46 -25.68 -17.56 74.00
N LYS T 47 -25.52 -16.27 74.26
CA LYS T 47 -26.25 -15.29 73.46
C LYS T 47 -25.67 -15.14 72.07
N LEU T 48 -24.35 -15.31 71.91
CA LEU T 48 -23.80 -15.37 70.56
C LEU T 48 -24.35 -16.56 69.79
N LYS T 49 -24.48 -17.70 70.47
CA LYS T 49 -25.08 -18.88 69.84
C LYS T 49 -26.51 -18.58 69.38
N TYR T 50 -27.31 -17.99 70.27
CA TYR T 50 -28.69 -17.70 69.90
C TYR T 50 -28.78 -16.63 68.83
N LEU T 51 -27.83 -15.69 68.80
CA LEU T 51 -27.86 -14.66 67.76
C LEU T 51 -27.46 -15.22 66.40
N ALA T 52 -26.55 -16.19 66.38
CA ALA T 52 -26.27 -16.89 65.12
C ALA T 52 -27.51 -17.64 64.63
N PHE T 53 -28.20 -18.30 65.56
CA PHE T 53 -29.47 -18.94 65.20
C PHE T 53 -30.46 -17.91 64.67
N LEU T 54 -30.48 -16.72 65.26
CA LEU T 54 -31.36 -15.65 64.80
C LEU T 54 -30.99 -15.21 63.40
N ARG T 55 -29.68 -15.12 63.10
CA ARG T 55 -29.25 -14.75 61.77
C ARG T 55 -29.65 -15.79 60.74
N LYS T 56 -29.72 -17.05 61.13
CA LYS T 56 -30.24 -18.08 60.21
C LYS T 56 -31.62 -17.67 59.71
N ARG T 57 -31.74 -17.40 58.42
CA ARG T 57 -32.98 -16.85 57.88
C ARG T 57 -33.04 -17.09 56.39
N MET T 58 -34.26 -17.30 55.88
CA MET T 58 -34.46 -17.59 54.46
C MET T 58 -34.36 -16.30 53.66
N ASN T 59 -33.40 -16.25 52.74
CA ASN T 59 -33.09 -15.01 52.03
C ASN T 59 -34.26 -14.57 51.16
N THR T 60 -34.89 -15.50 50.45
CA THR T 60 -35.92 -15.13 49.48
C THR T 60 -37.19 -14.63 50.16
N ASN T 61 -37.63 -15.31 51.21
CA ASN T 61 -38.89 -14.98 51.88
C ASN T 61 -38.78 -15.35 53.35
N PRO T 62 -38.41 -14.40 54.20
CA PRO T 62 -38.19 -14.73 55.62
C PRO T 62 -39.42 -15.28 56.33
N SER T 63 -40.61 -14.90 55.91
CA SER T 63 -41.82 -15.38 56.57
C SER T 63 -42.03 -16.88 56.40
N ARG T 64 -41.32 -17.52 55.46
CA ARG T 64 -41.36 -18.96 55.29
C ARG T 64 -40.26 -19.67 56.05
N GLY T 65 -39.20 -18.96 56.43
CA GLY T 65 -38.01 -19.57 56.94
C GLY T 65 -38.14 -20.02 58.39
N PRO T 66 -37.00 -20.29 59.03
CA PRO T 66 -37.04 -20.76 60.42
C PRO T 66 -37.72 -19.75 61.32
N TYR T 67 -38.50 -20.26 62.27
CA TYR T 67 -39.21 -19.42 63.22
C TYR T 67 -38.41 -19.37 64.51
N HIS T 68 -38.07 -18.15 64.94
CA HIS T 68 -37.19 -17.94 66.08
C HIS T 68 -38.06 -17.54 67.28
N PHE T 69 -38.61 -18.55 67.94
CA PHE T 69 -39.43 -18.29 69.11
C PHE T 69 -38.56 -17.73 70.23
N ARG T 70 -39.08 -16.70 70.91
CA ARG T 70 -38.31 -16.00 71.93
C ARG T 70 -38.68 -16.41 73.35
N ALA T 71 -39.86 -16.99 73.57
CA ALA T 71 -40.24 -17.39 74.91
C ALA T 71 -39.39 -18.56 75.37
N PRO T 72 -38.99 -18.58 76.65
CA PRO T 72 -38.19 -19.71 77.15
C PRO T 72 -38.88 -21.05 77.01
N SER T 73 -40.20 -21.07 77.23
CA SER T 73 -40.95 -22.31 77.05
C SER T 73 -40.88 -22.78 75.61
N ARG T 74 -40.96 -21.86 74.67
CA ARG T 74 -40.88 -22.24 73.26
C ARG T 74 -39.48 -22.67 72.87
N ILE T 75 -38.43 -22.08 73.47
CA ILE T 75 -37.08 -22.55 73.21
C ILE T 75 -36.93 -24.00 73.67
N PHE T 76 -37.39 -24.30 74.89
CA PHE T 76 -37.33 -25.67 75.39
C PHE T 76 -38.16 -26.61 74.53
N TRP T 77 -39.34 -26.15 74.11
CA TRP T 77 -40.20 -26.97 73.26
C TRP T 77 -39.53 -27.28 71.94
N ARG T 78 -38.81 -26.31 71.37
CA ARG T 78 -38.14 -26.56 70.10
C ARG T 78 -36.94 -27.49 70.28
N THR T 79 -36.27 -27.43 71.43
CA THR T 79 -35.22 -28.40 71.71
C THR T 79 -35.79 -29.82 71.75
N VAL T 80 -36.91 -30.00 72.45
CA VAL T 80 -37.53 -31.32 72.50
C VAL T 80 -38.00 -31.72 71.11
N ARG T 81 -38.49 -30.76 70.32
CA ARG T 81 -38.93 -31.05 68.96
C ARG T 81 -37.76 -31.54 68.12
N GLY T 82 -36.59 -30.94 68.28
CA GLY T 82 -35.42 -31.40 67.57
C GLY T 82 -34.98 -32.78 67.99
N MET T 83 -35.15 -33.12 69.27
CA MET T 83 -34.82 -34.47 69.71
C MET T 83 -35.86 -35.51 69.31
N LEU T 84 -37.08 -35.09 69.01
CA LEU T 84 -38.11 -36.04 68.59
C LEU T 84 -38.14 -36.17 67.07
N PRO T 85 -38.74 -37.25 66.53
CA PRO T 85 -38.94 -37.38 65.08
C PRO T 85 -40.23 -36.71 64.60
N HIS T 86 -40.19 -35.38 64.51
CA HIS T 86 -41.41 -34.59 64.30
C HIS T 86 -42.00 -34.75 62.92
N LYS T 87 -41.25 -35.27 61.94
CA LYS T 87 -41.78 -35.42 60.60
C LYS T 87 -42.67 -36.65 60.44
N THR T 88 -42.74 -37.50 61.46
CA THR T 88 -43.60 -38.68 61.44
C THR T 88 -44.76 -38.47 62.41
N LYS T 89 -45.83 -39.23 62.19
CA LYS T 89 -47.04 -39.02 62.99
C LYS T 89 -46.87 -39.49 64.42
N ARG T 90 -45.99 -40.47 64.65
CA ARG T 90 -45.67 -40.85 66.03
C ARG T 90 -44.99 -39.71 66.77
N GLY T 91 -44.02 -39.05 66.12
CA GLY T 91 -43.41 -37.88 66.71
C GLY T 91 -44.38 -36.73 66.90
N GLN T 92 -45.33 -36.57 65.97
CA GLN T 92 -46.33 -35.53 66.12
C GLN T 92 -47.25 -35.81 67.31
N ALA T 93 -47.62 -37.08 67.52
CA ALA T 93 -48.39 -37.44 68.70
C ALA T 93 -47.60 -37.15 69.97
N ALA T 94 -46.30 -37.43 69.97
CA ALA T 94 -45.46 -37.08 71.11
C ALA T 94 -45.47 -35.58 71.37
N LEU T 95 -45.30 -34.79 70.31
CA LEU T 95 -45.37 -33.34 70.45
C LEU T 95 -46.70 -32.92 71.04
N ASP T 96 -47.79 -33.53 70.58
CA ASP T 96 -49.11 -33.18 71.08
C ASP T 96 -49.25 -33.49 72.57
N ARG T 97 -48.70 -34.61 73.02
CA ARG T 97 -48.85 -34.96 74.43
C ARG T 97 -47.81 -34.28 75.32
N LEU T 98 -46.86 -33.55 74.76
CA LEU T 98 -46.02 -32.66 75.56
C LEU T 98 -46.64 -31.27 75.67
N LYS T 99 -46.56 -30.67 76.86
CA LYS T 99 -46.99 -29.30 77.08
C LYS T 99 -45.98 -28.57 77.96
N VAL T 100 -45.74 -27.29 77.63
CA VAL T 100 -44.69 -26.49 78.25
C VAL T 100 -45.26 -25.12 78.60
N PHE T 101 -44.85 -24.57 79.74
CA PHE T 101 -45.33 -23.28 80.21
C PHE T 101 -44.19 -22.44 80.77
N ASP T 102 -44.41 -21.13 80.77
CA ASP T 102 -43.58 -20.18 81.50
C ASP T 102 -44.29 -19.81 82.80
N GLY T 103 -43.53 -19.72 83.88
CA GLY T 103 -44.20 -19.54 85.15
C GLY T 103 -44.92 -20.82 85.53
N ILE T 104 -45.88 -20.69 86.44
CA ILE T 104 -46.66 -21.85 86.88
C ILE T 104 -48.14 -21.50 86.81
N PRO T 105 -48.86 -21.95 85.78
CA PRO T 105 -50.26 -21.56 85.60
C PRO T 105 -51.18 -22.23 86.62
N PRO T 106 -52.40 -21.72 86.76
CA PRO T 106 -53.34 -22.24 87.76
C PRO T 106 -53.67 -23.72 87.60
N PRO T 107 -53.65 -24.29 86.38
CA PRO T 107 -53.86 -25.74 86.30
C PRO T 107 -52.85 -26.55 87.09
N TYR T 108 -51.66 -26.01 87.35
CA TYR T 108 -50.58 -26.79 87.92
C TYR T 108 -49.90 -26.16 89.12
N ASP T 109 -50.32 -24.98 89.56
CA ASP T 109 -49.69 -24.40 90.75
C ASP T 109 -50.10 -25.09 92.03
N LYS T 110 -51.10 -25.97 91.98
CA LYS T 110 -51.59 -26.69 93.14
C LYS T 110 -51.23 -28.16 93.09
N LYS T 111 -50.08 -28.49 92.50
CA LYS T 111 -49.66 -29.87 92.33
C LYS T 111 -48.19 -29.99 92.70
N LYS T 112 -47.78 -31.20 93.03
CA LYS T 112 -46.41 -31.46 93.45
C LYS T 112 -45.53 -31.62 92.22
N ARG T 113 -44.57 -30.71 92.06
CA ARG T 113 -43.69 -30.73 90.90
C ARG T 113 -42.49 -31.64 91.18
N MET T 114 -42.21 -32.54 90.23
CA MET T 114 -41.10 -33.47 90.40
C MET T 114 -39.79 -32.79 90.04
N VAL T 115 -38.72 -33.58 90.05
CA VAL T 115 -37.39 -33.10 89.70
C VAL T 115 -36.61 -34.28 89.13
N VAL T 116 -35.73 -33.99 88.18
CA VAL T 116 -34.95 -35.00 87.48
C VAL T 116 -33.48 -34.78 87.82
N PRO T 117 -32.95 -35.50 88.80
CA PRO T 117 -31.56 -35.26 89.22
C PRO T 117 -30.53 -35.56 88.15
N ALA T 118 -30.85 -36.41 87.17
CA ALA T 118 -29.90 -36.73 86.11
C ALA T 118 -29.59 -35.51 85.26
N ALA T 119 -30.50 -34.55 85.19
CA ALA T 119 -30.35 -33.34 84.39
C ALA T 119 -30.41 -32.11 85.27
N LEU T 120 -29.74 -32.15 86.41
CA LEU T 120 -29.79 -31.09 87.41
C LEU T 120 -28.43 -30.44 87.51
N LYS T 121 -28.42 -29.10 87.57
CA LYS T 121 -27.17 -28.35 87.45
C LYS T 121 -26.21 -28.70 88.58
N VAL T 122 -26.71 -28.74 89.82
CA VAL T 122 -25.84 -29.00 90.97
C VAL T 122 -25.18 -30.35 90.87
N VAL T 123 -25.83 -31.31 90.19
CA VAL T 123 -25.26 -32.64 90.04
C VAL T 123 -24.28 -32.68 88.87
N ARG T 124 -24.66 -32.09 87.75
CA ARG T 124 -23.96 -32.31 86.49
C ARG T 124 -22.91 -31.25 86.16
N LEU T 125 -22.75 -30.21 86.98
CA LEU T 125 -21.76 -29.20 86.71
C LEU T 125 -20.82 -29.02 87.89
N LYS T 126 -19.52 -28.89 87.59
CA LYS T 126 -18.56 -28.52 88.61
C LYS T 126 -18.90 -27.13 89.13
N PRO T 127 -18.70 -26.87 90.43
CA PRO T 127 -19.08 -25.56 90.98
C PRO T 127 -18.33 -24.39 90.38
N THR T 128 -17.13 -24.59 89.85
CA THR T 128 -16.34 -23.49 89.32
C THR T 128 -16.72 -23.11 87.90
N ARG T 129 -17.55 -23.91 87.22
CA ARG T 129 -17.95 -23.60 85.87
C ARG T 129 -19.06 -22.55 85.84
N LYS T 130 -19.03 -21.71 84.83
CA LYS T 130 -20.03 -20.67 84.65
C LYS T 130 -21.22 -21.19 83.85
N PHE T 131 -22.35 -20.52 84.01
CA PHE T 131 -23.59 -20.94 83.35
C PHE T 131 -24.41 -19.69 83.07
N ALA T 132 -25.65 -19.90 82.61
CA ALA T 132 -26.52 -18.81 82.22
C ALA T 132 -27.96 -19.20 82.51
N TYR T 133 -28.84 -18.21 82.50
CA TYR T 133 -30.26 -18.42 82.77
C TYR T 133 -31.07 -18.23 81.49
N LEU T 134 -31.95 -19.19 81.21
CA LEU T 134 -32.76 -19.13 80.00
C LEU T 134 -33.70 -17.93 80.00
N GLY T 135 -34.22 -17.55 81.17
CA GLY T 135 -35.07 -16.38 81.23
C GLY T 135 -34.33 -15.12 80.83
N ARG T 136 -33.13 -14.93 81.38
CA ARG T 136 -32.33 -13.76 81.04
C ARG T 136 -31.94 -13.77 79.57
N LEU T 137 -31.57 -14.94 79.05
CA LEU T 137 -31.21 -15.04 77.63
C LEU T 137 -32.39 -14.70 76.73
N ALA T 138 -33.57 -15.24 77.04
CA ALA T 138 -34.75 -14.97 76.25
C ALA T 138 -35.12 -13.49 76.31
N HIS T 139 -35.03 -12.88 77.50
CA HIS T 139 -35.31 -11.46 77.61
C HIS T 139 -34.36 -10.64 76.75
N GLU T 140 -33.08 -10.97 76.78
CA GLU T 140 -32.14 -10.18 76.00
C GLU T 140 -32.16 -10.49 74.51
N VAL T 141 -32.79 -11.59 74.09
CA VAL T 141 -32.96 -11.84 72.66
C VAL T 141 -34.36 -11.49 72.18
N GLY T 142 -35.24 -11.01 73.05
CA GLY T 142 -36.48 -10.45 72.56
C GLY T 142 -37.74 -10.69 73.38
N TRP T 143 -37.66 -11.54 74.40
CA TRP T 143 -38.84 -11.84 75.21
C TRP T 143 -39.34 -10.58 75.90
N LYS T 144 -40.67 -10.39 75.86
CA LYS T 144 -41.29 -9.15 76.30
C LYS T 144 -42.12 -9.30 77.57
N TYR T 145 -41.93 -10.39 78.32
CA TYR T 145 -42.79 -10.64 79.48
C TYR T 145 -42.01 -11.14 80.68
N GLN T 146 -40.77 -10.70 80.86
CA GLN T 146 -40.00 -11.15 82.02
C GLN T 146 -40.55 -10.55 83.31
N ALA T 147 -40.97 -9.29 83.28
CA ALA T 147 -41.41 -8.62 84.50
C ALA T 147 -42.77 -9.11 84.96
N VAL T 148 -43.72 -9.26 84.03
CA VAL T 148 -45.05 -9.70 84.40
C VAL T 148 -44.99 -11.11 84.99
N THR T 149 -44.21 -11.99 84.37
CA THR T 149 -44.05 -13.34 84.90
C THR T 149 -43.41 -13.30 86.28
N ALA T 150 -42.47 -12.37 86.50
CA ALA T 150 -41.85 -12.25 87.80
C ALA T 150 -42.85 -11.85 88.88
N THR T 151 -43.70 -10.87 88.58
CA THR T 151 -44.69 -10.45 89.58
C THR T 151 -45.71 -11.55 89.85
N LEU T 152 -46.18 -12.23 88.81
CA LEU T 152 -47.12 -13.32 89.02
C LEU T 152 -46.47 -14.44 89.83
N GLU T 153 -45.19 -14.73 89.56
CA GLU T 153 -44.49 -15.79 90.29
C GLU T 153 -44.34 -15.43 91.77
N GLU T 154 -44.02 -14.17 92.06
CA GLU T 154 -43.90 -13.82 93.48
C GLU T 154 -45.25 -13.90 94.19
N LYS T 155 -46.33 -13.49 93.52
CA LYS T 155 -47.66 -13.66 94.10
C LYS T 155 -47.95 -15.13 94.42
N ARG T 156 -47.71 -16.00 93.45
CA ARG T 156 -47.85 -17.43 93.68
C ARG T 156 -47.01 -17.86 94.87
N LYS T 157 -45.83 -17.25 95.05
CA LYS T 157 -44.96 -17.67 96.14
C LYS T 157 -45.54 -17.32 97.51
N GLU T 158 -46.11 -16.11 97.67
CA GLU T 158 -46.77 -15.85 98.96
C GLU T 158 -47.96 -16.78 99.19
N LYS T 159 -48.76 -17.06 98.15
CA LYS T 159 -49.87 -17.98 98.37
C LYS T 159 -49.38 -19.36 98.80
N ALA T 160 -48.32 -19.85 98.13
CA ALA T 160 -47.76 -21.14 98.51
C ALA T 160 -47.19 -21.11 99.92
N LYS T 161 -46.60 -19.98 100.33
CA LYS T 161 -46.07 -19.88 101.69
C LYS T 161 -47.20 -19.95 102.73
N ILE T 162 -48.31 -19.28 102.46
CA ILE T 162 -49.47 -19.39 103.35
C ILE T 162 -49.91 -20.83 103.47
N HIS T 163 -50.03 -21.52 102.33
CA HIS T 163 -50.44 -22.91 102.35
C HIS T 163 -49.46 -23.77 103.14
N TYR T 164 -48.16 -23.52 102.97
CA TYR T 164 -47.15 -24.31 103.67
C TYR T 164 -47.23 -24.11 105.17
N ARG T 165 -47.43 -22.88 105.62
CA ARG T 165 -47.53 -22.65 107.05
C ARG T 165 -48.77 -23.32 107.63
N LYS T 166 -49.88 -23.28 106.87
CA LYS T 166 -51.06 -24.02 107.30
C LYS T 166 -50.78 -25.50 107.42
N LYS T 167 -50.06 -26.07 106.44
CA LYS T 167 -49.71 -27.49 106.48
C LYS T 167 -48.85 -27.82 107.69
N LYS T 168 -47.87 -26.97 107.98
CA LYS T 168 -46.98 -27.22 109.12
C LYS T 168 -47.75 -27.17 110.43
N GLN T 169 -48.65 -26.20 110.58
CA GLN T 169 -49.47 -26.14 111.79
C GLN T 169 -50.33 -27.39 111.92
N LEU T 170 -50.92 -27.84 110.81
CA LEU T 170 -51.72 -29.06 110.85
C LEU T 170 -50.91 -30.26 111.29
N MET T 171 -49.69 -30.41 110.77
CA MET T 171 -48.95 -31.62 111.08
C MET T 171 -48.33 -31.56 112.48
N ARG T 172 -47.98 -30.37 112.97
CA ARG T 172 -47.62 -30.26 114.38
C ARG T 172 -48.78 -30.66 115.26
N LEU T 173 -50.00 -30.24 114.89
CA LEU T 173 -51.17 -30.70 115.61
C LEU T 173 -51.28 -32.22 115.58
N ARG T 174 -50.98 -32.83 114.43
CA ARG T 174 -51.07 -34.29 114.32
C ARG T 174 -50.05 -34.99 115.21
N LYS T 175 -48.82 -34.47 115.27
CA LYS T 175 -47.83 -35.11 116.14
C LYS T 175 -48.19 -34.95 117.60
N GLN T 176 -48.69 -33.76 117.98
CA GLN T 176 -49.25 -33.59 119.32
C GLN T 176 -50.36 -34.61 119.57
N ALA T 177 -51.17 -34.86 118.54
CA ALA T 177 -52.26 -35.82 118.65
C ALA T 177 -51.76 -37.23 118.93
N GLU T 178 -50.72 -37.67 118.21
CA GLU T 178 -50.28 -39.05 118.36
C GLU T 178 -49.57 -39.23 119.70
N LYS T 179 -48.81 -38.23 120.15
CA LYS T 179 -48.22 -38.34 121.47
C LYS T 179 -49.23 -38.04 122.57
N ASN T 180 -50.45 -37.65 122.19
CA ASN T 180 -51.54 -37.64 123.15
C ASN T 180 -52.19 -39.02 123.28
N VAL T 181 -52.35 -39.74 122.16
CA VAL T 181 -53.17 -40.95 122.16
C VAL T 181 -52.32 -42.22 121.95
N GLU T 182 -51.01 -42.11 122.22
CA GLU T 182 -50.13 -43.27 122.10
C GLU T 182 -50.60 -44.43 122.96
N LYS T 183 -51.21 -44.16 124.12
CA LYS T 183 -51.62 -45.25 125.01
C LYS T 183 -52.69 -46.11 124.34
N LYS T 184 -53.64 -45.47 123.67
CA LYS T 184 -54.71 -46.19 123.01
C LYS T 184 -54.32 -46.74 121.65
N ILE T 185 -53.26 -46.21 121.03
CA ILE T 185 -52.80 -46.76 119.76
C ILE T 185 -51.52 -47.58 119.90
N SER T 186 -51.13 -47.92 121.13
CA SER T 186 -49.86 -48.60 121.35
C SER T 186 -49.85 -50.02 120.82
N LYS T 187 -51.02 -50.64 120.67
CA LYS T 187 -51.10 -52.02 120.20
C LYS T 187 -50.85 -52.14 118.70
N PHE T 188 -50.85 -51.02 117.97
CA PHE T 188 -50.57 -51.03 116.54
C PHE T 188 -49.21 -50.44 116.20
N THR T 189 -48.70 -49.52 117.00
CA THR T 189 -47.37 -48.98 116.75
C THR T 189 -46.32 -50.09 116.81
N ASP T 190 -46.48 -51.04 117.72
CA ASP T 190 -45.52 -52.13 117.83
C ASP T 190 -45.57 -53.05 116.63
N VAL T 191 -46.78 -53.35 116.12
CA VAL T 191 -46.87 -54.23 114.96
C VAL T 191 -46.40 -53.52 113.70
N LEU T 192 -46.45 -52.19 113.66
CA LEU T 192 -45.80 -51.47 112.57
C LEU T 192 -44.27 -51.51 112.72
N LYS T 193 -43.77 -51.29 113.94
CA LYS T 193 -42.33 -51.27 114.16
C LYS T 193 -41.70 -52.63 113.88
N THR T 194 -42.40 -53.72 114.21
CA THR T 194 -41.81 -55.04 114.01
C THR T 194 -41.69 -55.41 112.55
N HIS T 195 -42.40 -54.71 111.65
CA HIS T 195 -42.23 -54.90 110.23
C HIS T 195 -41.54 -53.70 109.57
N GLY T 196 -41.12 -52.73 110.36
CA GLY T 196 -40.28 -51.67 109.84
C GLY T 196 -41.01 -50.55 109.14
N LEU T 197 -42.25 -50.28 109.53
CA LEU T 197 -42.96 -49.11 109.01
C LEU T 197 -42.66 -47.85 109.81
N LEU T 198 -42.25 -47.99 111.08
CA LEU T 198 -41.94 -46.86 111.93
C LEU T 198 -40.50 -46.94 112.42
N VAL T 199 -39.88 -45.78 112.57
CA VAL T 199 -38.51 -45.62 113.05
C VAL T 199 -37.48 -46.23 112.09
N VAL U 1 -84.15 -45.32 27.00
CA VAL U 1 -83.91 -46.65 26.45
C VAL U 1 -83.26 -47.52 27.52
N ARG U 2 -81.98 -47.29 27.78
CA ARG U 2 -81.23 -48.01 28.81
C ARG U 2 -80.66 -46.97 29.76
N TYR U 3 -81.28 -46.82 30.94
CA TYR U 3 -80.87 -45.80 31.88
C TYR U 3 -79.76 -46.31 32.79
N SER U 4 -78.83 -45.41 33.11
CA SER U 4 -77.66 -45.79 33.88
C SER U 4 -78.01 -46.17 35.31
N LEU U 5 -79.05 -45.57 35.87
CA LEU U 5 -79.46 -45.83 37.25
C LEU U 5 -80.98 -45.90 37.27
N ASP U 6 -81.52 -47.10 37.45
CA ASP U 6 -82.95 -47.27 37.41
C ASP U 6 -83.62 -46.67 38.65
N PRO U 7 -84.87 -46.22 38.53
CA PRO U 7 -85.59 -45.72 39.70
C PRO U 7 -85.92 -46.84 40.67
N GLU U 8 -86.00 -46.47 41.95
CA GLU U 8 -86.33 -47.46 42.98
C GLU U 8 -87.79 -47.88 42.91
N ASN U 9 -88.67 -47.00 42.42
CA ASN U 9 -90.07 -47.32 42.21
C ASN U 9 -90.45 -46.93 40.79
N PRO U 10 -90.65 -47.89 39.88
CA PRO U 10 -90.98 -47.54 38.49
C PRO U 10 -92.34 -46.90 38.31
N THR U 11 -93.17 -46.83 39.35
CA THR U 11 -94.50 -46.23 39.24
C THR U 11 -94.56 -44.81 39.77
N LYS U 12 -93.71 -44.45 40.74
CA LYS U 12 -93.65 -43.11 41.30
C LYS U 12 -92.50 -42.29 40.73
N SER U 13 -92.16 -42.52 39.46
CA SER U 13 -91.05 -41.85 38.81
C SER U 13 -91.39 -41.63 37.34
N CYS U 14 -90.74 -40.62 36.76
CA CYS U 14 -90.83 -40.34 35.33
C CYS U 14 -89.43 -40.09 34.80
N LYS U 15 -89.27 -40.28 33.49
CA LYS U 15 -87.95 -40.27 32.87
C LYS U 15 -87.95 -39.32 31.68
N SER U 16 -86.78 -38.74 31.40
CA SER U 16 -86.61 -37.91 30.22
C SER U 16 -85.17 -38.04 29.73
N ARG U 17 -84.99 -37.83 28.43
CA ARG U 17 -83.74 -38.18 27.77
C ARG U 17 -83.54 -37.28 26.56
N GLY U 18 -82.27 -37.03 26.23
CA GLY U 18 -81.92 -36.28 25.05
C GLY U 18 -80.51 -36.56 24.60
N SER U 19 -80.28 -36.63 23.29
CA SER U 19 -79.01 -37.05 22.74
C SER U 19 -78.55 -36.10 21.63
N ASN U 20 -77.23 -35.96 21.52
CA ASN U 20 -76.60 -35.16 20.46
C ASN U 20 -77.15 -33.74 20.42
N LEU U 21 -76.93 -33.02 21.50
CA LEU U 21 -77.44 -31.67 21.67
C LEU U 21 -76.29 -30.69 21.60
N ARG U 22 -76.42 -29.68 20.73
CA ARG U 22 -75.35 -28.72 20.52
C ARG U 22 -75.23 -27.74 21.67
N VAL U 23 -74.85 -28.22 22.84
CA VAL U 23 -74.62 -27.39 24.01
C VAL U 23 -73.37 -27.90 24.70
N HIS U 24 -72.60 -26.98 25.28
CA HIS U 24 -71.29 -27.35 25.82
C HIS U 24 -71.44 -28.30 27.00
N PHE U 25 -70.68 -29.40 26.93
CA PHE U 25 -70.78 -30.45 27.93
C PHE U 25 -70.35 -29.97 29.31
N LYS U 26 -69.26 -29.19 29.36
CA LYS U 26 -68.74 -28.75 30.65
C LYS U 26 -69.69 -27.78 31.34
N ASN U 27 -70.40 -26.95 30.56
CA ASN U 27 -71.39 -26.06 31.15
C ASN U 27 -72.63 -26.82 31.58
N THR U 28 -73.10 -27.75 30.73
CA THR U 28 -74.31 -28.48 31.04
C THR U 28 -74.15 -29.35 32.27
N ARG U 29 -72.97 -29.97 32.43
CA ARG U 29 -72.76 -30.82 33.58
C ARG U 29 -72.86 -30.02 34.88
N GLU U 30 -72.29 -28.81 34.89
CA GLU U 30 -72.38 -27.98 36.09
C GLU U 30 -73.80 -27.49 36.35
N THR U 31 -74.55 -27.18 35.29
CA THR U 31 -75.95 -26.81 35.49
C THR U 31 -76.74 -27.97 36.11
N ALA U 32 -76.52 -29.17 35.58
CA ALA U 32 -77.20 -30.35 36.12
C ALA U 32 -76.81 -30.59 37.57
N GLN U 33 -75.53 -30.43 37.90
CA GLN U 33 -75.09 -30.57 39.28
C GLN U 33 -75.76 -29.53 40.17
N ALA U 34 -75.96 -28.33 39.65
CA ALA U 34 -76.64 -27.30 40.42
C ALA U 34 -78.10 -27.69 40.71
N ILE U 35 -78.77 -28.29 39.73
CA ILE U 35 -80.20 -28.57 39.91
C ILE U 35 -80.47 -30.00 40.38
N LYS U 36 -79.42 -30.73 40.75
CA LYS U 36 -79.55 -32.17 41.00
C LYS U 36 -80.67 -32.51 41.99
N GLY U 37 -80.69 -31.86 43.15
CA GLY U 37 -81.57 -32.33 44.21
C GLY U 37 -82.83 -31.51 44.46
N MET U 38 -83.25 -30.70 43.50
CA MET U 38 -84.29 -29.72 43.74
C MET U 38 -85.68 -30.27 43.43
N HIS U 39 -86.68 -29.64 44.05
CA HIS U 39 -88.07 -29.80 43.65
C HIS U 39 -88.26 -29.22 42.25
N ILE U 40 -89.26 -29.75 41.54
CA ILE U 40 -89.45 -29.37 40.14
C ILE U 40 -89.70 -27.87 40.00
N ARG U 41 -90.57 -27.30 40.84
CA ARG U 41 -90.89 -25.88 40.72
C ARG U 41 -89.72 -25.01 41.11
N LYS U 42 -89.01 -25.38 42.17
CA LYS U 42 -87.82 -24.64 42.56
C LYS U 42 -86.77 -24.68 41.47
N ALA U 43 -86.58 -25.83 40.83
CA ALA U 43 -85.61 -25.94 39.75
C ALA U 43 -86.00 -25.09 38.56
N THR U 44 -87.28 -25.08 38.20
CA THR U 44 -87.72 -24.24 37.09
C THR U 44 -87.49 -22.77 37.39
N LYS U 45 -87.84 -22.33 38.60
CA LYS U 45 -87.64 -20.94 38.98
C LYS U 45 -86.16 -20.58 38.97
N TYR U 46 -85.31 -21.47 39.50
CA TYR U 46 -83.88 -21.21 39.52
C TYR U 46 -83.30 -21.12 38.11
N LEU U 47 -83.78 -21.97 37.21
CA LEU U 47 -83.30 -21.94 35.84
C LEU U 47 -83.70 -20.65 35.14
N LYS U 48 -84.93 -20.19 35.37
CA LYS U 48 -85.33 -18.89 34.84
C LYS U 48 -84.45 -17.79 35.39
N ASP U 49 -84.15 -17.84 36.69
CA ASP U 49 -83.31 -16.82 37.31
C ASP U 49 -81.91 -16.83 36.71
N VAL U 50 -81.37 -18.02 36.44
CA VAL U 50 -80.06 -18.13 35.81
C VAL U 50 -80.10 -17.52 34.42
N THR U 51 -81.15 -17.81 33.65
CA THR U 51 -81.27 -17.23 32.32
C THR U 51 -81.32 -15.71 32.37
N LEU U 52 -81.97 -15.16 33.40
CA LEU U 52 -82.02 -13.71 33.56
C LEU U 52 -80.87 -13.16 34.40
N LYS U 53 -79.88 -13.98 34.75
CA LYS U 53 -78.69 -13.56 35.50
C LYS U 53 -79.04 -13.10 36.92
N LYS U 54 -80.07 -13.69 37.52
CA LYS U 54 -80.41 -13.40 38.91
C LYS U 54 -79.85 -14.40 39.90
N GLN U 55 -79.53 -15.62 39.45
CA GLN U 55 -78.80 -16.58 40.26
C GLN U 55 -77.74 -17.24 39.39
N CYS U 56 -76.66 -17.68 40.02
CA CYS U 56 -75.50 -18.20 39.30
C CYS U 56 -75.48 -19.73 39.34
N VAL U 57 -74.62 -20.28 38.50
CA VAL U 57 -74.27 -21.70 38.51
C VAL U 57 -72.83 -21.81 38.99
N PRO U 58 -72.57 -22.48 40.11
CA PRO U 58 -71.20 -22.57 40.65
C PRO U 58 -70.38 -23.57 39.87
N PHE U 59 -69.25 -23.12 39.34
CA PHE U 59 -68.37 -23.95 38.53
C PHE U 59 -67.31 -24.55 39.44
N ARG U 60 -67.40 -25.85 39.69
CA ARG U 60 -66.59 -26.51 40.69
C ARG U 60 -65.51 -27.41 40.12
N ARG U 61 -65.84 -28.23 39.13
CA ARG U 61 -64.83 -29.08 38.51
C ARG U 61 -64.17 -28.40 37.31
N TYR U 62 -64.97 -27.83 36.42
CA TYR U 62 -64.45 -27.15 35.24
C TYR U 62 -64.38 -25.65 35.48
N ASN U 63 -63.53 -25.28 36.44
CA ASN U 63 -63.46 -23.91 36.94
C ASN U 63 -62.23 -23.16 36.44
N GLY U 64 -61.45 -23.75 35.52
CA GLY U 64 -60.24 -23.12 35.06
C GLY U 64 -60.47 -21.84 34.27
N GLY U 65 -60.10 -20.71 34.84
CA GLY U 65 -60.25 -19.42 34.21
C GLY U 65 -61.58 -18.73 34.47
N VAL U 66 -62.54 -19.42 35.07
CA VAL U 66 -63.84 -18.82 35.34
C VAL U 66 -63.69 -17.72 36.39
N GLY U 67 -64.36 -16.60 36.15
CA GLY U 67 -64.26 -15.46 37.05
C GLY U 67 -65.12 -15.63 38.29
N ARG U 68 -64.96 -14.69 39.20
CA ARG U 68 -65.69 -14.73 40.46
C ARG U 68 -66.96 -13.90 40.36
N CYS U 69 -67.91 -14.21 41.23
CA CYS U 69 -69.14 -13.45 41.33
C CYS U 69 -69.60 -13.44 42.77
N ALA U 70 -70.43 -12.47 43.10
CA ALA U 70 -70.95 -12.37 44.46
C ALA U 70 -72.11 -13.32 44.72
N GLN U 71 -72.65 -13.96 43.68
CA GLN U 71 -73.83 -14.80 43.83
C GLN U 71 -73.49 -16.24 44.16
N ALA U 72 -72.22 -16.62 44.14
CA ALA U 72 -71.82 -17.97 44.51
C ALA U 72 -71.61 -18.13 46.01
N LYS U 73 -71.62 -17.03 46.76
CA LYS U 73 -71.49 -17.13 48.21
C LYS U 73 -72.66 -17.89 48.81
N GLN U 74 -73.84 -17.80 48.18
CA GLN U 74 -74.97 -18.60 48.64
C GLN U 74 -74.82 -20.07 48.30
N TRP U 75 -73.93 -20.41 47.37
CA TRP U 75 -73.55 -21.80 47.13
C TRP U 75 -72.34 -22.21 47.95
N GLY U 76 -71.68 -21.26 48.62
CA GLY U 76 -70.49 -21.59 49.36
C GLY U 76 -69.29 -21.83 48.47
N TRP U 77 -69.20 -21.11 47.36
CA TRP U 77 -68.10 -21.21 46.43
C TRP U 77 -67.67 -19.79 46.06
N THR U 78 -66.77 -19.68 45.11
CA THR U 78 -66.32 -18.37 44.66
C THR U 78 -66.56 -18.10 43.18
N GLN U 79 -66.62 -19.14 42.35
CA GLN U 79 -66.69 -18.98 40.90
C GLN U 79 -68.03 -19.49 40.39
N GLY U 80 -68.75 -18.62 39.69
CA GLY U 80 -70.00 -19.01 39.07
C GLY U 80 -70.19 -18.27 37.77
N ARG U 81 -71.10 -18.80 36.95
CA ARG U 81 -71.39 -18.21 35.65
C ARG U 81 -72.89 -18.33 35.40
N TRP U 82 -73.30 -18.00 34.17
CA TRP U 82 -74.72 -17.98 33.79
C TRP U 82 -74.90 -18.60 32.41
N PRO U 83 -74.66 -19.91 32.27
CA PRO U 83 -74.82 -20.53 30.96
C PRO U 83 -76.28 -20.63 30.55
N LYS U 84 -76.71 -19.73 29.66
CA LYS U 84 -78.14 -19.58 29.43
C LYS U 84 -78.69 -20.63 28.46
N LYS U 85 -77.96 -20.97 27.41
CA LYS U 85 -78.47 -22.01 26.53
C LYS U 85 -78.38 -23.36 27.19
N SER U 86 -77.36 -23.56 28.03
CA SER U 86 -77.31 -24.75 28.88
C SER U 86 -78.51 -24.82 29.80
N ALA U 87 -78.90 -23.69 30.39
CA ALA U 87 -80.07 -23.67 31.25
C ALA U 87 -81.33 -24.01 30.48
N GLU U 88 -81.51 -23.41 29.31
CA GLU U 88 -82.78 -23.56 28.60
C GLU U 88 -82.92 -24.91 27.90
N PHE U 89 -81.81 -25.54 27.49
CA PHE U 89 -81.91 -26.90 26.95
C PHE U 89 -82.54 -27.85 27.97
N LEU U 90 -81.99 -27.89 29.17
CA LEU U 90 -82.56 -28.77 30.16
C LEU U 90 -83.81 -28.19 30.82
N LEU U 91 -84.12 -26.91 30.61
CA LEU U 91 -85.47 -26.43 30.89
C LEU U 91 -86.49 -27.08 29.97
N HIS U 92 -86.20 -27.14 28.68
CA HIS U 92 -87.07 -27.85 27.75
C HIS U 92 -87.19 -29.31 28.12
N MET U 93 -86.07 -29.92 28.51
CA MET U 93 -86.12 -31.33 28.91
C MET U 93 -86.92 -31.52 30.19
N LEU U 94 -86.84 -30.57 31.13
CA LEU U 94 -87.65 -30.64 32.33
C LEU U 94 -89.13 -30.56 31.99
N LYS U 95 -89.48 -29.67 31.06
CA LYS U 95 -90.88 -29.59 30.62
C LYS U 95 -91.33 -30.91 30.00
N ASN U 96 -90.48 -31.52 29.18
CA ASN U 96 -90.82 -32.82 28.62
C ASN U 96 -91.01 -33.86 29.72
N ALA U 97 -90.16 -33.84 30.74
CA ALA U 97 -90.26 -34.80 31.83
C ALA U 97 -91.56 -34.63 32.60
N GLU U 98 -91.95 -33.39 32.89
CA GLU U 98 -93.19 -33.18 33.63
C GLU U 98 -94.40 -33.55 32.77
N SER U 99 -94.32 -33.32 31.45
CA SER U 99 -95.38 -33.79 30.56
C SER U 99 -95.49 -35.31 30.61
N ASN U 100 -94.34 -36.00 30.62
CA ASN U 100 -94.35 -37.45 30.71
C ASN U 100 -94.98 -37.91 32.02
N ALA U 101 -94.64 -37.24 33.13
CA ALA U 101 -95.22 -37.61 34.41
C ALA U 101 -96.72 -37.41 34.42
N GLU U 102 -97.19 -36.29 33.86
CA GLU U 102 -98.64 -36.06 33.77
C GLU U 102 -99.31 -37.13 32.93
N LEU U 103 -98.67 -37.53 31.82
CA LEU U 103 -99.23 -38.60 30.99
C LEU U 103 -99.31 -39.90 31.77
N LYS U 104 -98.26 -40.24 32.52
CA LYS U 104 -98.27 -41.47 33.29
C LYS U 104 -99.20 -41.38 34.49
N GLY U 105 -99.69 -40.20 34.83
CA GLY U 105 -100.68 -40.06 35.87
C GLY U 105 -100.10 -39.91 37.25
N LEU U 106 -99.28 -38.88 37.43
CA LEU U 106 -98.54 -38.64 38.66
C LEU U 106 -98.93 -37.28 39.24
N ASP U 107 -98.37 -36.97 40.40
CA ASP U 107 -98.60 -35.69 41.07
C ASP U 107 -97.45 -34.76 40.70
N VAL U 108 -97.73 -33.77 39.85
CA VAL U 108 -96.67 -32.94 39.30
C VAL U 108 -96.04 -32.06 40.38
N ASP U 109 -96.85 -31.59 41.34
CA ASP U 109 -96.38 -30.64 42.33
C ASP U 109 -95.74 -31.34 43.53
N SER U 110 -95.25 -32.56 43.32
CA SER U 110 -94.48 -33.26 44.35
C SER U 110 -93.23 -33.91 43.77
N LEU U 111 -92.88 -33.60 42.52
CA LEU U 111 -91.78 -34.26 41.85
C LEU U 111 -90.45 -33.62 42.24
N VAL U 112 -89.48 -34.46 42.57
CA VAL U 112 -88.12 -34.04 42.91
C VAL U 112 -87.17 -34.71 41.92
N ILE U 113 -86.19 -33.95 41.45
CA ILE U 113 -85.16 -34.48 40.57
C ILE U 113 -84.33 -35.47 41.37
N GLU U 114 -84.50 -36.76 41.11
CA GLU U 114 -83.74 -37.75 41.85
C GLU U 114 -82.46 -38.15 41.14
N HIS U 115 -82.48 -38.23 39.81
CA HIS U 115 -81.28 -38.57 39.07
C HIS U 115 -81.11 -37.61 37.90
N ILE U 116 -79.88 -37.21 37.63
CA ILE U 116 -79.59 -36.41 36.44
C ILE U 116 -78.14 -36.67 36.06
N GLN U 117 -77.90 -36.78 34.76
CA GLN U 117 -76.60 -37.21 34.25
C GLN U 117 -76.33 -36.57 32.90
N VAL U 118 -75.09 -36.14 32.70
CA VAL U 118 -74.65 -35.53 31.45
C VAL U 118 -73.46 -36.32 30.95
N ASN U 119 -73.63 -36.97 29.80
CA ASN U 119 -72.57 -37.68 29.12
C ASN U 119 -72.07 -36.86 27.92
N LYS U 120 -70.98 -37.34 27.32
CA LYS U 120 -70.30 -36.64 26.23
C LYS U 120 -70.57 -37.37 24.93
N ALA U 121 -71.02 -36.64 23.91
CA ALA U 121 -71.52 -37.19 22.66
C ALA U 121 -70.45 -37.15 21.60
N PRO U 122 -70.64 -37.87 20.48
CA PRO U 122 -69.64 -37.84 19.41
C PRO U 122 -69.40 -36.42 18.91
N LYS U 123 -68.14 -36.06 18.79
CA LYS U 123 -67.76 -34.73 18.36
C LYS U 123 -67.91 -34.56 16.86
N MET U 124 -68.14 -33.32 16.44
CA MET U 124 -68.25 -32.98 15.03
C MET U 124 -67.20 -31.94 14.69
N ARG U 125 -66.53 -32.13 13.55
CA ARG U 125 -65.32 -31.39 13.24
C ARG U 125 -65.57 -30.23 12.29
N ARG U 126 -64.88 -29.12 12.56
CA ARG U 126 -64.72 -28.03 11.62
C ARG U 126 -63.23 -27.73 11.52
N ARG U 127 -62.85 -26.64 10.87
CA ARG U 127 -61.45 -26.37 10.61
C ARG U 127 -61.15 -24.90 10.78
N THR U 128 -60.01 -24.61 11.42
CA THR U 128 -59.54 -23.25 11.62
C THR U 128 -58.16 -23.10 11.00
N TYR U 129 -57.89 -21.90 10.50
CA TYR U 129 -56.67 -21.64 9.74
C TYR U 129 -55.70 -20.83 10.59
N ARG U 130 -54.49 -21.34 10.74
CA ARG U 130 -53.46 -20.75 11.58
C ARG U 130 -52.35 -20.17 10.71
N ALA U 131 -51.37 -19.58 11.36
CA ALA U 131 -50.25 -18.96 10.65
C ALA U 131 -49.38 -20.03 9.98
N HIS U 132 -48.68 -19.61 8.94
CA HIS U 132 -47.73 -20.45 8.21
C HIS U 132 -48.43 -21.61 7.49
N GLY U 133 -49.69 -21.41 7.11
CA GLY U 133 -50.36 -22.40 6.30
C GLY U 133 -50.74 -23.68 7.00
N ARG U 134 -50.98 -23.63 8.31
CA ARG U 134 -51.37 -24.80 9.07
C ARG U 134 -52.88 -24.84 9.25
N ILE U 135 -53.39 -26.03 9.55
CA ILE U 135 -54.82 -26.24 9.76
C ILE U 135 -55.01 -27.04 11.03
N ASN U 136 -55.84 -26.53 11.94
CA ASN U 136 -56.10 -27.13 13.24
C ASN U 136 -57.58 -27.46 13.37
N PRO U 137 -57.93 -28.42 14.22
CA PRO U 137 -59.34 -28.74 14.41
C PRO U 137 -60.08 -27.65 15.18
N TYR U 138 -61.38 -27.58 14.94
CA TYR U 138 -62.29 -26.63 15.57
C TYR U 138 -63.48 -27.37 16.14
N MET U 139 -63.18 -28.42 16.91
CA MET U 139 -64.14 -29.45 17.27
C MET U 139 -65.27 -28.86 18.11
N SER U 140 -66.31 -29.66 18.34
CA SER U 140 -67.42 -29.28 19.18
C SER U 140 -67.66 -30.38 20.22
N SER U 141 -68.35 -30.02 21.30
CA SER U 141 -68.58 -30.92 22.43
C SER U 141 -70.07 -31.03 22.73
N PRO U 142 -70.81 -31.78 21.92
CA PRO U 142 -72.21 -32.06 22.26
C PRO U 142 -72.31 -33.05 23.40
N CYS U 143 -73.50 -33.11 23.99
CA CYS U 143 -73.67 -33.93 25.18
C CYS U 143 -75.02 -34.65 25.16
N HIS U 144 -75.10 -35.69 25.98
CA HIS U 144 -76.30 -36.44 26.26
C HIS U 144 -76.81 -36.04 27.63
N ILE U 145 -78.10 -35.79 27.78
CA ILE U 145 -78.68 -35.48 29.08
C ILE U 145 -79.74 -36.53 29.39
N GLU U 146 -79.77 -36.95 30.66
CA GLU U 146 -80.60 -38.07 31.07
C GLU U 146 -81.07 -37.83 32.49
N MET U 147 -82.40 -37.80 32.71
CA MET U 147 -82.89 -37.38 34.01
C MET U 147 -84.09 -38.22 34.44
N ILE U 148 -84.23 -38.34 35.76
CA ILE U 148 -85.28 -39.12 36.41
C ILE U 148 -85.85 -38.30 37.56
N LEU U 149 -87.16 -38.08 37.53
CA LEU U 149 -87.91 -37.40 38.57
C LEU U 149 -88.71 -38.44 39.36
N THR U 150 -89.00 -38.14 40.62
CA THR U 150 -89.81 -39.07 41.40
C THR U 150 -90.57 -38.29 42.47
N GLU U 151 -91.69 -38.87 42.93
CA GLU U 151 -92.37 -38.28 44.07
C GLU U 151 -91.66 -38.56 45.38
N LYS U 152 -91.63 -37.54 46.23
CA LYS U 152 -91.32 -37.67 47.66
C LYS U 152 -91.87 -36.43 48.34
N GLU U 153 -92.46 -36.61 49.51
CA GLU U 153 -93.12 -35.50 50.19
C GLU U 153 -92.49 -35.21 51.56
N GLY V 1 -19.25 -67.81 53.36
CA GLY V 1 -18.92 -68.26 52.02
C GLY V 1 -17.75 -69.22 52.00
N VAL V 2 -17.68 -70.04 50.96
CA VAL V 2 -16.62 -71.03 50.81
C VAL V 2 -15.76 -70.62 49.62
N ASP V 3 -14.45 -70.85 49.75
CA ASP V 3 -13.49 -70.50 48.71
C ASP V 3 -13.24 -71.74 47.85
N ILE V 4 -14.09 -71.91 46.83
CA ILE V 4 -13.98 -72.99 45.87
C ILE V 4 -14.34 -72.44 44.49
N ARG V 5 -14.28 -73.31 43.48
CA ARG V 5 -14.70 -72.99 42.14
C ARG V 5 -15.70 -74.03 41.66
N HIS V 6 -16.66 -73.59 40.85
CA HIS V 6 -17.73 -74.46 40.36
C HIS V 6 -17.60 -74.78 38.87
N ASN V 7 -16.44 -74.49 38.27
CA ASN V 7 -16.26 -74.74 36.84
C ASN V 7 -16.42 -76.22 36.51
N LYS V 8 -15.77 -77.08 37.27
CA LYS V 8 -15.65 -78.49 36.93
C LYS V 8 -16.51 -79.40 37.79
N ASP V 9 -17.49 -78.86 38.50
CA ASP V 9 -18.33 -79.69 39.36
C ASP V 9 -19.15 -80.68 38.54
N ARG V 10 -19.70 -80.24 37.42
CA ARG V 10 -20.56 -81.08 36.61
C ARG V 10 -19.74 -81.89 35.62
N LYS V 11 -19.81 -83.22 35.74
CA LYS V 11 -19.19 -84.09 34.77
C LYS V 11 -19.96 -84.03 33.45
N VAL V 12 -19.27 -84.39 32.36
CA VAL V 12 -19.83 -84.23 31.03
C VAL V 12 -20.25 -85.55 30.40
N ARG V 13 -19.76 -86.68 30.91
CA ARG V 13 -20.04 -88.00 30.33
C ARG V 13 -21.52 -88.27 30.10
N ARG V 14 -21.83 -89.20 29.21
CA ARG V 14 -23.21 -89.61 28.96
C ARG V 14 -23.72 -90.51 30.06
N LYS V 15 -24.97 -90.33 30.44
CA LYS V 15 -25.65 -91.20 31.39
C LYS V 15 -26.58 -92.19 30.72
N GLU V 16 -27.04 -91.89 29.52
CA GLU V 16 -27.95 -92.74 28.76
C GLU V 16 -27.58 -92.62 27.29
N PRO V 17 -28.00 -93.58 26.47
CA PRO V 17 -27.80 -93.41 25.02
C PRO V 17 -28.58 -92.21 24.52
N LYS V 18 -27.94 -91.44 23.62
CA LYS V 18 -28.60 -90.30 23.03
C LYS V 18 -29.68 -90.71 22.04
N SER V 19 -29.61 -91.93 21.54
CA SER V 19 -30.52 -92.44 20.53
C SER V 19 -31.84 -92.90 21.15
N GLN V 20 -32.82 -93.15 20.28
CA GLN V 20 -34.14 -93.60 20.67
C GLN V 20 -34.46 -95.00 20.18
N ASP V 21 -33.44 -95.77 19.79
CA ASP V 21 -33.64 -97.13 19.31
C ASP V 21 -34.15 -97.99 20.47
N ILE V 22 -35.34 -98.58 20.31
CA ILE V 22 -35.95 -99.31 21.41
C ILE V 22 -35.19 -100.60 21.70
N TYR V 23 -34.68 -101.27 20.68
CA TYR V 23 -33.86 -102.46 20.93
C TYR V 23 -32.58 -102.09 21.67
N LEU V 24 -31.97 -100.97 21.31
CA LEU V 24 -30.80 -100.49 22.03
C LEU V 24 -31.13 -100.19 23.49
N ARG V 25 -32.30 -99.59 23.74
CA ARG V 25 -32.67 -99.29 25.11
C ARG V 25 -32.99 -100.54 25.92
N LEU V 26 -33.52 -101.58 25.28
CA LEU V 26 -33.66 -102.86 25.97
C LEU V 26 -32.31 -103.45 26.34
N LEU V 27 -31.36 -103.41 25.40
CA LEU V 27 -30.00 -103.84 25.72
C LEU V 27 -29.43 -103.06 26.89
N VAL V 28 -29.68 -101.74 26.91
CA VAL V 28 -29.17 -100.90 27.98
C VAL V 28 -29.81 -101.28 29.31
N LYS V 29 -31.12 -101.55 29.32
CA LYS V 29 -31.76 -101.98 30.56
C LYS V 29 -31.12 -103.25 31.10
N LEU V 30 -30.95 -104.24 30.21
CA LEU V 30 -30.34 -105.51 30.61
C LEU V 30 -28.96 -105.30 31.19
N TYR V 31 -28.13 -104.51 30.51
CA TYR V 31 -26.75 -104.39 30.96
C TYR V 31 -26.60 -103.43 32.14
N ARG V 32 -27.52 -102.49 32.31
CA ARG V 32 -27.57 -101.74 33.56
C ARG V 32 -27.80 -102.67 34.73
N PHE V 33 -28.77 -103.59 34.59
CA PHE V 33 -29.01 -104.55 35.65
C PHE V 33 -27.77 -105.40 35.92
N LEU V 34 -27.13 -105.90 34.85
CA LEU V 34 -25.98 -106.77 35.03
C LEU V 34 -24.83 -106.03 35.71
N ALA V 35 -24.53 -104.81 35.25
CA ALA V 35 -23.43 -104.06 35.83
C ALA V 35 -23.69 -103.69 37.28
N ARG V 36 -24.94 -103.35 37.61
CA ARG V 36 -25.25 -103.03 39.00
C ARG V 36 -25.12 -104.26 39.89
N ARG V 37 -25.63 -105.41 39.43
CA ARG V 37 -25.80 -106.57 40.28
C ARG V 37 -24.68 -107.60 40.16
N THR V 38 -23.62 -107.30 39.41
CA THR V 38 -22.44 -108.15 39.39
C THR V 38 -21.22 -107.34 39.82
N ASN V 39 -20.07 -107.99 39.86
CA ASN V 39 -18.82 -107.36 40.24
C ASN V 39 -17.78 -107.48 39.13
N SER V 40 -18.24 -107.63 37.89
CA SER V 40 -17.35 -107.69 36.73
C SER V 40 -17.33 -106.34 36.03
N THR V 41 -16.14 -105.84 35.76
CA THR V 41 -15.98 -104.57 35.05
C THR V 41 -16.23 -104.71 33.56
N PHE V 42 -16.27 -105.94 33.05
CA PHE V 42 -16.59 -106.16 31.64
C PHE V 42 -17.95 -105.58 31.29
N ASN V 43 -18.96 -105.81 32.14
CA ASN V 43 -20.29 -105.30 31.87
C ASN V 43 -20.33 -103.78 31.94
N GLN V 44 -19.55 -103.20 32.86
CA GLN V 44 -19.48 -101.75 32.94
C GLN V 44 -18.92 -101.17 31.66
N VAL V 45 -17.84 -101.77 31.15
CA VAL V 45 -17.27 -101.30 29.89
C VAL V 45 -18.27 -101.47 28.76
N VAL V 46 -19.00 -102.59 28.75
CA VAL V 46 -19.95 -102.86 27.68
C VAL V 46 -21.05 -101.81 27.64
N LEU V 47 -21.63 -101.48 28.80
CA LEU V 47 -22.71 -100.49 28.75
C LEU V 47 -22.17 -99.08 28.52
N LYS V 48 -20.98 -98.78 29.03
CA LYS V 48 -20.36 -97.50 28.72
C LYS V 48 -20.20 -97.33 27.22
N ARG V 49 -19.83 -98.41 26.51
CA ARG V 49 -19.73 -98.33 25.06
C ARG V 49 -21.09 -98.31 24.39
N LEU V 50 -22.09 -98.97 24.98
CA LEU V 50 -23.45 -98.88 24.44
C LEU V 50 -23.96 -97.45 24.48
N PHE V 51 -23.56 -96.68 25.48
CA PHE V 51 -23.98 -95.29 25.58
C PHE V 51 -23.41 -94.40 24.47
N MET V 52 -22.32 -94.81 23.84
CA MET V 52 -21.52 -93.90 23.03
C MET V 52 -22.16 -93.62 21.67
N SER V 53 -21.66 -92.59 21.01
CA SER V 53 -22.06 -92.21 19.68
C SER V 53 -21.33 -93.05 18.63
N ARG V 54 -21.71 -92.86 17.37
CA ARG V 54 -21.17 -93.71 16.31
C ARG V 54 -19.68 -93.44 16.07
N THR V 55 -19.25 -92.19 16.17
CA THR V 55 -17.84 -91.90 15.97
C THR V 55 -16.98 -92.46 17.09
N ASN V 56 -17.57 -92.77 18.23
CA ASN V 56 -16.86 -93.39 19.34
C ASN V 56 -16.98 -94.90 19.36
N ARG V 57 -17.72 -95.49 18.41
CA ARG V 57 -17.77 -96.94 18.22
C ARG V 57 -17.59 -97.23 16.74
N PRO V 58 -16.37 -97.10 16.23
CA PRO V 58 -16.15 -97.23 14.79
C PRO V 58 -16.26 -98.67 14.33
N PRO V 59 -16.49 -98.89 13.04
CA PRO V 59 -16.57 -100.26 12.52
C PRO V 59 -15.26 -101.01 12.69
N LEU V 60 -15.37 -102.30 12.98
CA LEU V 60 -14.22 -103.19 13.08
C LEU V 60 -14.21 -104.11 11.87
N SER V 61 -13.01 -104.48 11.43
CA SER V 61 -12.83 -105.22 10.19
C SER V 61 -12.47 -106.68 10.49
N LEU V 62 -12.82 -107.55 9.54
CA LEU V 62 -12.42 -108.95 9.66
C LEU V 62 -10.92 -109.10 9.78
N SER V 63 -10.15 -108.25 9.12
CA SER V 63 -8.69 -108.35 9.21
C SER V 63 -8.21 -108.11 10.63
N ARG V 64 -8.63 -107.00 11.24
CA ARG V 64 -8.24 -106.73 12.62
C ARG V 64 -8.72 -107.82 13.56
N MET V 65 -9.97 -108.25 13.39
CA MET V 65 -10.51 -109.26 14.31
C MET V 65 -9.74 -110.57 14.19
N ILE V 66 -9.42 -111.00 12.97
CA ILE V 66 -8.69 -112.24 12.77
C ILE V 66 -7.28 -112.13 13.34
N ARG V 67 -6.60 -111.01 13.11
CA ARG V 67 -5.26 -110.84 13.66
C ARG V 67 -5.28 -110.89 15.18
N LYS V 68 -6.14 -110.09 15.79
CA LYS V 68 -6.20 -110.03 17.25
C LYS V 68 -6.68 -111.34 17.87
N MET V 69 -7.45 -112.14 17.14
CA MET V 69 -7.87 -113.44 17.66
C MET V 69 -6.85 -114.54 17.40
N LYS V 70 -5.95 -114.36 16.44
CA LYS V 70 -4.86 -115.32 16.29
C LYS V 70 -3.61 -114.91 17.07
N LEU V 71 -3.64 -113.77 17.76
CA LEU V 71 -2.59 -113.51 18.73
C LEU V 71 -2.51 -114.65 19.74
N PRO V 72 -1.32 -115.04 20.18
CA PRO V 72 -1.19 -116.28 20.98
C PRO V 72 -1.92 -116.20 22.30
N GLY V 73 -2.39 -117.36 22.75
CA GLY V 73 -3.00 -117.49 24.06
C GLY V 73 -4.51 -117.46 24.05
N ARG V 74 -5.09 -116.60 23.22
CA ARG V 74 -6.54 -116.39 23.22
C ARG V 74 -7.18 -117.27 22.15
N GLU V 75 -7.12 -118.57 22.39
CA GLU V 75 -7.75 -119.55 21.50
C GLU V 75 -9.19 -119.80 21.93
N ASN V 76 -10.04 -120.04 20.93
CA ASN V 76 -11.48 -120.31 21.03
C ASN V 76 -12.16 -119.52 22.14
N LYS V 77 -11.86 -118.23 22.20
CA LYS V 77 -12.59 -117.29 23.04
C LYS V 77 -13.54 -116.49 22.17
N THR V 78 -14.45 -115.77 22.82
CA THR V 78 -15.50 -115.05 22.11
C THR V 78 -15.05 -113.60 21.89
N ALA V 79 -14.94 -113.21 20.62
CA ALA V 79 -14.64 -111.82 20.30
C ALA V 79 -15.89 -110.98 20.50
N VAL V 80 -15.72 -109.79 21.07
CA VAL V 80 -16.86 -108.93 21.39
C VAL V 80 -16.61 -107.55 20.81
N VAL V 81 -17.55 -107.06 20.01
CA VAL V 81 -17.49 -105.75 19.40
C VAL V 81 -18.77 -105.00 19.73
N VAL V 82 -18.63 -103.79 20.25
CA VAL V 82 -19.80 -102.97 20.59
C VAL V 82 -20.06 -102.05 19.40
N GLY V 83 -19.47 -102.38 18.26
CA GLY V 83 -19.69 -101.63 17.04
C GLY V 83 -20.22 -102.49 15.92
N THR V 84 -19.63 -102.36 14.73
CA THR V 84 -20.05 -103.09 13.55
C THR V 84 -18.88 -103.89 12.99
N VAL V 85 -19.15 -105.13 12.61
CA VAL V 85 -18.15 -105.98 11.96
C VAL V 85 -18.39 -105.90 10.46
N THR V 86 -17.48 -105.22 9.76
CA THR V 86 -17.57 -105.08 8.31
C THR V 86 -16.70 -106.12 7.63
N ASP V 87 -17.01 -106.37 6.36
CA ASP V 87 -16.23 -107.31 5.59
C ASP V 87 -14.96 -106.66 5.05
N ASP V 88 -13.92 -107.48 4.89
CA ASP V 88 -12.64 -107.04 4.35
C ASP V 88 -12.32 -107.96 3.18
N VAL V 89 -12.33 -107.41 1.96
CA VAL V 89 -12.15 -108.25 0.78
C VAL V 89 -10.70 -108.62 0.55
N ARG V 90 -9.75 -107.87 1.10
CA ARG V 90 -8.33 -108.23 0.94
C ARG V 90 -7.87 -109.17 2.06
N VAL V 91 -8.65 -110.21 2.31
CA VAL V 91 -8.23 -111.32 3.17
C VAL V 91 -8.82 -112.59 2.59
N GLN V 92 -8.02 -113.64 2.49
CA GLN V 92 -8.41 -114.80 1.72
C GLN V 92 -9.01 -115.89 2.59
N GLU V 93 -8.27 -116.34 3.60
CA GLU V 93 -8.70 -117.44 4.45
C GLU V 93 -9.31 -116.89 5.72
N VAL V 94 -10.49 -117.39 6.07
CA VAL V 94 -11.22 -116.99 7.27
C VAL V 94 -11.23 -118.18 8.22
N PRO V 95 -10.74 -118.03 9.46
CA PRO V 95 -10.78 -119.14 10.41
C PRO V 95 -12.17 -119.33 11.01
N LYS V 96 -12.29 -120.27 11.95
CA LYS V 96 -13.51 -120.41 12.73
C LYS V 96 -13.55 -119.33 13.80
N LEU V 97 -14.69 -118.65 13.90
CA LEU V 97 -14.80 -117.48 14.76
C LEU V 97 -16.06 -117.54 15.60
N LYS V 98 -16.01 -116.87 16.75
CA LYS V 98 -17.12 -116.80 17.70
C LYS V 98 -17.30 -115.32 18.02
N VAL V 99 -18.12 -114.63 17.24
CA VAL V 99 -18.23 -113.19 17.32
C VAL V 99 -19.53 -112.81 18.01
N CYS V 100 -19.49 -111.74 18.78
CA CYS V 100 -20.67 -111.09 19.32
C CYS V 100 -20.62 -109.62 18.92
N ALA V 101 -21.71 -109.12 18.36
CA ALA V 101 -21.67 -107.77 17.81
C ALA V 101 -23.07 -107.18 17.75
N LEU V 102 -23.11 -105.83 17.71
CA LEU V 102 -24.38 -105.15 17.55
C LEU V 102 -24.98 -105.40 16.18
N ARG V 103 -24.18 -105.35 15.14
CA ARG V 103 -24.66 -105.64 13.80
C ARG V 103 -23.50 -106.10 12.93
N VAL V 104 -23.79 -107.00 12.00
CA VAL V 104 -22.81 -107.55 11.08
C VAL V 104 -23.33 -107.37 9.66
N THR V 105 -22.46 -106.89 8.77
CA THR V 105 -22.84 -106.75 7.37
C THR V 105 -23.10 -108.11 6.75
N SER V 106 -23.89 -108.11 5.67
CA SER V 106 -24.36 -109.36 5.09
C SER V 106 -23.21 -110.22 4.58
N ARG V 107 -22.26 -109.62 3.90
CA ARG V 107 -21.13 -110.39 3.37
C ARG V 107 -20.23 -110.89 4.48
N ALA V 108 -20.06 -110.10 5.53
CA ALA V 108 -19.32 -110.59 6.70
C ALA V 108 -20.01 -111.79 7.33
N ARG V 109 -21.34 -111.73 7.45
CA ARG V 109 -22.09 -112.86 7.98
C ARG V 109 -21.90 -114.09 7.10
N SER V 110 -22.00 -113.90 5.78
CA SER V 110 -21.85 -115.02 4.87
C SER V 110 -20.46 -115.65 5.00
N ARG V 111 -19.42 -114.81 5.05
CA ARG V 111 -18.06 -115.31 5.19
C ARG V 111 -17.89 -116.09 6.48
N ILE V 112 -18.32 -115.52 7.60
CA ILE V 112 -18.11 -116.15 8.90
C ILE V 112 -18.87 -117.48 8.96
N LEU V 113 -20.14 -117.47 8.56
CA LEU V 113 -20.93 -118.69 8.65
C LEU V 113 -20.43 -119.77 7.70
N LYS V 114 -20.02 -119.39 6.49
CA LYS V 114 -19.45 -120.37 5.57
C LYS V 114 -18.17 -120.96 6.12
N ALA V 115 -17.32 -120.12 6.74
CA ALA V 115 -16.14 -120.63 7.41
C ALA V 115 -16.48 -121.46 8.65
N GLY V 116 -17.72 -121.38 9.13
CA GLY V 116 -18.16 -122.20 10.23
C GLY V 116 -18.19 -121.51 11.58
N GLY V 117 -18.32 -120.18 11.61
CA GLY V 117 -18.35 -119.45 12.85
C GLY V 117 -19.76 -119.25 13.37
N LYS V 118 -19.84 -118.55 14.49
CA LYS V 118 -21.10 -118.30 15.19
C LYS V 118 -21.19 -116.84 15.56
N ILE V 119 -22.32 -116.21 15.22
CA ILE V 119 -22.54 -114.78 15.44
C ILE V 119 -23.61 -114.62 16.50
N LEU V 120 -23.36 -113.74 17.46
CA LEU V 120 -24.24 -113.56 18.61
C LEU V 120 -24.64 -112.10 18.78
N THR V 121 -25.86 -111.92 19.27
CA THR V 121 -26.33 -110.65 19.77
C THR V 121 -26.04 -110.57 21.26
N PHE V 122 -26.19 -109.37 21.83
CA PHE V 122 -25.73 -109.15 23.19
C PHE V 122 -26.64 -109.82 24.21
N ASP V 123 -27.91 -110.03 23.88
CA ASP V 123 -28.77 -110.81 24.76
C ASP V 123 -28.29 -112.25 24.87
N GLN V 124 -27.94 -112.85 23.72
CA GLN V 124 -27.38 -114.20 23.75
C GLN V 124 -26.05 -114.22 24.48
N LEU V 125 -25.23 -113.17 24.33
CA LEU V 125 -23.98 -113.11 25.07
C LEU V 125 -24.22 -113.06 26.57
N ALA V 126 -25.22 -112.28 27.00
CA ALA V 126 -25.55 -112.21 28.41
C ALA V 126 -26.03 -113.56 28.93
N LEU V 127 -26.85 -114.26 28.14
CA LEU V 127 -27.30 -115.58 28.54
C LEU V 127 -26.14 -116.57 28.63
N ASP V 128 -25.20 -116.49 27.69
CA ASP V 128 -24.11 -117.45 27.64
C ASP V 128 -23.10 -117.21 28.75
N SER V 129 -22.74 -115.96 29.00
CA SER V 129 -21.72 -115.63 30.01
C SER V 129 -22.09 -114.30 30.66
N PRO V 130 -22.79 -114.33 31.78
CA PRO V 130 -23.20 -113.07 32.43
C PRO V 130 -22.04 -112.18 32.80
N LYS V 131 -20.93 -112.75 33.24
CA LYS V 131 -19.75 -111.97 33.61
C LYS V 131 -18.83 -111.71 32.45
N GLY V 132 -19.15 -112.21 31.26
CA GLY V 132 -18.31 -111.99 30.10
C GLY V 132 -16.92 -112.57 30.23
N ARG V 133 -16.81 -113.77 30.78
CA ARG V 133 -15.54 -114.44 30.95
C ARG V 133 -15.31 -115.41 29.80
N GLY V 134 -14.07 -115.44 29.31
CA GLY V 134 -13.77 -116.11 28.06
C GLY V 134 -13.92 -115.23 26.85
N THR V 135 -13.93 -113.91 27.04
CA THR V 135 -14.20 -112.97 25.98
C THR V 135 -13.00 -112.06 25.75
N VAL V 136 -12.84 -111.66 24.50
CA VAL V 136 -11.81 -110.70 24.10
C VAL V 136 -12.54 -109.48 23.54
N LEU V 137 -12.42 -108.36 24.23
CA LEU V 137 -13.15 -107.15 23.88
C LEU V 137 -12.31 -106.30 22.94
N LEU V 138 -12.83 -106.03 21.74
CA LEU V 138 -12.10 -105.26 20.75
C LEU V 138 -12.88 -104.00 20.40
N SER V 139 -12.23 -103.13 19.62
CA SER V 139 -12.87 -101.95 19.09
C SER V 139 -12.19 -101.57 17.79
N GLY V 140 -12.83 -100.70 17.02
CA GLY V 140 -12.27 -100.24 15.78
C GLY V 140 -11.35 -99.06 16.01
N PRO V 141 -10.49 -98.76 15.04
CA PRO V 141 -9.60 -97.61 15.15
C PRO V 141 -10.41 -96.32 15.27
N ARG V 142 -10.30 -95.67 16.43
CA ARG V 142 -11.11 -94.50 16.70
C ARG V 142 -10.65 -93.25 15.97
N LYS V 143 -9.39 -93.18 15.57
CA LYS V 143 -8.87 -92.03 14.85
C LYS V 143 -8.62 -92.35 13.38
N GLY V 144 -9.39 -93.28 12.82
CA GLY V 144 -9.30 -93.58 11.41
C GLY V 144 -10.08 -92.65 10.51
N ARG V 145 -10.98 -91.85 11.08
CA ARG V 145 -11.79 -90.94 10.28
C ARG V 145 -10.92 -89.88 9.61
N GLU V 146 -11.35 -89.46 8.41
CA GLU V 146 -10.63 -88.45 7.67
C GLU V 146 -10.59 -87.11 8.40
N VAL V 147 -11.51 -86.90 9.34
CA VAL V 147 -11.59 -85.64 10.06
C VAL V 147 -10.35 -85.41 10.91
N TYR V 148 -9.67 -86.48 11.32
CA TYR V 148 -8.60 -86.36 12.30
C TYR V 148 -7.30 -85.87 11.70
N ARG V 149 -7.13 -85.97 10.39
CA ARG V 149 -5.93 -85.44 9.76
C ARG V 149 -5.97 -83.93 9.60
N HIS V 150 -7.10 -83.31 9.93
CA HIS V 150 -7.24 -81.86 9.92
C HIS V 150 -6.99 -81.23 11.28
N PHE V 151 -6.73 -82.02 12.31
CA PHE V 151 -6.67 -81.53 13.68
C PHE V 151 -5.24 -81.35 14.15
N GLY V 152 -5.10 -80.62 15.25
CA GLY V 152 -3.83 -80.45 15.89
C GLY V 152 -3.16 -79.13 15.60
N LYS V 153 -1.85 -79.17 15.42
CA LYS V 153 -1.07 -77.98 15.12
C LYS V 153 -1.46 -77.46 13.75
N ALA V 154 -1.69 -76.15 13.66
CA ALA V 154 -2.29 -75.58 12.45
C ALA V 154 -1.35 -75.70 11.26
N PRO V 155 -1.88 -75.92 10.06
CA PRO V 155 -1.02 -75.94 8.87
C PRO V 155 -0.41 -74.57 8.63
N GLY V 156 0.76 -74.55 8.03
CA GLY V 156 1.45 -73.29 7.87
C GLY V 156 2.05 -72.86 9.18
N THR V 157 2.74 -73.80 9.81
CA THR V 157 3.38 -73.66 11.11
C THR V 157 4.50 -74.69 11.11
N PRO V 158 5.72 -74.32 11.53
CA PRO V 158 6.86 -75.22 11.32
C PRO V 158 6.67 -76.57 11.99
N HIS V 159 6.97 -77.63 11.24
CA HIS V 159 6.83 -79.01 11.69
C HIS V 159 5.39 -79.33 12.10
N SER V 160 4.49 -79.23 11.12
CA SER V 160 3.09 -79.58 11.34
C SER V 160 2.56 -80.17 10.04
N HIS V 161 2.39 -81.49 10.02
CA HIS V 161 1.89 -82.19 8.83
C HIS V 161 0.37 -82.32 8.89
N THR V 162 -0.27 -81.16 9.03
CA THR V 162 -1.72 -81.09 9.15
C THR V 162 -2.34 -80.85 7.78
N LYS V 163 -3.39 -81.58 7.48
CA LYS V 163 -4.10 -81.43 6.22
C LYS V 163 -4.88 -80.12 6.21
N PRO V 164 -4.66 -79.22 5.26
CA PRO V 164 -5.47 -78.01 5.17
C PRO V 164 -6.84 -78.27 4.56
N TYR V 165 -7.74 -77.31 4.75
CA TYR V 165 -9.04 -77.32 4.09
C TYR V 165 -8.91 -76.60 2.76
N VAL V 166 -8.89 -77.36 1.67
CA VAL V 166 -8.84 -76.80 0.32
C VAL V 166 -10.11 -77.22 -0.41
N ARG V 167 -10.63 -76.30 -1.22
CA ARG V 167 -11.83 -76.59 -1.99
C ARG V 167 -11.56 -77.69 -3.02
N SER V 168 -10.38 -77.68 -3.63
CA SER V 168 -10.01 -78.72 -4.57
C SER V 168 -8.49 -78.84 -4.59
N LYS V 169 -8.00 -80.05 -4.86
CA LYS V 169 -6.57 -80.31 -4.90
C LYS V 169 -6.07 -80.17 -6.33
N GLY V 170 -4.98 -79.44 -6.51
CA GLY V 170 -4.43 -79.26 -7.83
C GLY V 170 -3.20 -78.38 -7.81
N ARG V 171 -2.84 -77.90 -8.99
CA ARG V 171 -1.64 -77.10 -9.17
C ARG V 171 -1.81 -75.67 -8.67
N LYS V 172 -3.02 -75.13 -8.76
CA LYS V 172 -3.26 -73.71 -8.50
C LYS V 172 -3.81 -73.43 -7.12
N PHE V 173 -3.92 -74.43 -6.26
CA PHE V 173 -4.63 -74.28 -4.99
C PHE V 173 -3.66 -74.46 -3.83
N GLU V 174 -3.29 -73.34 -3.20
CA GLU V 174 -2.55 -73.31 -1.95
C GLU V 174 -1.23 -74.10 -2.05
N ARG V 175 -0.38 -73.65 -2.98
CA ARG V 175 0.88 -74.32 -3.20
C ARG V 175 2.05 -73.37 -3.44
N ALA V 176 1.86 -72.05 -3.32
CA ALA V 176 2.87 -71.11 -3.79
C ALA V 176 3.71 -70.49 -2.67
N ARG V 177 3.09 -69.74 -1.76
CA ARG V 177 3.86 -68.75 -0.99
C ARG V 177 4.24 -69.21 0.41
N GLY V 178 3.38 -69.93 1.11
CA GLY V 178 3.82 -70.52 2.35
C GLY V 178 4.36 -71.93 2.19
N ARG V 179 4.45 -72.42 0.96
CA ARG V 179 4.84 -73.79 0.67
C ARG V 179 6.23 -73.88 0.03
N ARG V 180 6.51 -73.05 -0.97
CA ARG V 180 7.80 -73.05 -1.63
C ARG V 180 8.84 -72.38 -0.73
N ALA V 181 10.07 -72.37 -1.22
CA ALA V 181 11.09 -71.46 -0.68
C ALA V 181 11.38 -70.30 -1.62
N SER V 182 11.14 -70.49 -2.92
CA SER V 182 11.30 -69.40 -3.87
C SER V 182 10.24 -68.33 -3.68
N ARG V 183 8.99 -68.74 -3.50
CA ARG V 183 7.88 -67.79 -3.29
C ARG V 183 7.83 -67.39 -1.83
N GLY V 184 8.71 -66.47 -1.45
CA GLY V 184 8.67 -65.97 -0.09
C GLY V 184 9.41 -66.84 0.89
N TYR V 185 8.67 -67.65 1.64
CA TYR V 185 9.23 -68.48 2.70
C TYR V 185 8.58 -69.85 2.66
N LYS V 186 9.17 -70.78 3.40
CA LYS V 186 8.60 -72.10 3.63
C LYS V 186 8.39 -72.29 5.12
N ASN V 187 7.23 -72.79 5.50
CA ASN V 187 6.87 -72.93 6.91
C ASN V 187 7.81 -73.89 7.64
N SER W 1 -91.51 -11.64 4.08
CA SER W 1 -91.68 -10.68 2.99
C SER W 1 -90.43 -9.83 2.83
N MET W 2 -89.50 -10.31 1.99
CA MET W 2 -88.24 -9.60 1.81
C MET W 2 -88.44 -8.26 1.11
N LEU W 3 -89.16 -8.25 -0.02
CA LEU W 3 -89.41 -7.08 -0.84
C LEU W 3 -88.15 -6.54 -1.51
N ARG W 4 -87.00 -7.20 -1.38
CA ARG W 4 -85.82 -6.77 -2.11
C ARG W 4 -86.01 -6.95 -3.61
N LEU W 5 -86.71 -8.01 -4.02
CA LEU W 5 -87.07 -8.16 -5.43
C LEU W 5 -87.94 -7.01 -5.90
N GLN W 6 -88.93 -6.63 -5.08
CA GLN W 6 -89.81 -5.53 -5.45
C GLN W 6 -89.04 -4.23 -5.60
N LYS W 7 -88.13 -3.95 -4.67
CA LYS W 7 -87.34 -2.73 -4.76
C LYS W 7 -86.40 -2.74 -5.96
N ARG W 8 -85.79 -3.89 -6.24
CA ARG W 8 -84.92 -3.98 -7.42
C ARG W 8 -85.70 -3.71 -8.70
N LEU W 9 -86.86 -4.37 -8.84
CA LEU W 9 -87.67 -4.17 -10.03
C LEU W 9 -88.15 -2.73 -10.14
N ALA W 10 -88.56 -2.13 -9.03
CA ALA W 10 -89.02 -0.75 -9.06
C ALA W 10 -87.91 0.19 -9.48
N SER W 11 -86.69 -0.02 -8.98
CA SER W 11 -85.57 0.82 -9.39
C SER W 11 -85.29 0.65 -10.86
N SER W 12 -85.34 -0.59 -11.36
CA SER W 12 -85.09 -0.82 -12.79
C SER W 12 -86.17 -0.15 -13.64
N VAL W 13 -87.42 -0.16 -13.18
CA VAL W 13 -88.50 0.44 -13.95
C VAL W 13 -88.38 1.96 -13.95
N LEU W 14 -88.11 2.55 -12.79
CA LEU W 14 -88.05 4.00 -12.67
C LEU W 14 -86.72 4.58 -13.14
N ARG W 15 -85.75 3.74 -13.50
CA ARG W 15 -84.46 4.21 -14.00
C ARG W 15 -83.74 5.06 -12.96
N CYS W 16 -83.98 4.78 -11.69
CA CYS W 16 -83.38 5.45 -10.56
C CYS W 16 -82.64 4.41 -9.72
N GLY W 17 -82.26 4.81 -8.51
CA GLY W 17 -81.57 3.92 -7.60
C GLY W 17 -82.48 3.31 -6.54
N LYS W 18 -82.09 2.13 -6.06
CA LYS W 18 -82.72 1.57 -4.88
C LYS W 18 -82.57 2.53 -3.70
N LYS W 19 -81.58 3.42 -3.77
CA LYS W 19 -81.47 4.52 -2.84
C LYS W 19 -82.67 5.45 -2.92
N LYS W 20 -83.30 5.56 -4.09
CA LYS W 20 -84.41 6.48 -4.30
C LYS W 20 -85.78 5.83 -4.34
N VAL W 21 -85.86 4.50 -4.43
CA VAL W 21 -87.16 3.86 -4.41
C VAL W 21 -87.75 3.92 -3.01
N TRP W 22 -89.02 4.29 -2.92
CA TRP W 22 -89.74 4.38 -1.66
C TRP W 22 -90.92 3.40 -1.71
N LEU W 23 -90.89 2.40 -0.84
CA LEU W 23 -91.99 1.45 -0.68
C LEU W 23 -92.78 1.83 0.55
N ASP W 24 -94.09 1.99 0.39
CA ASP W 24 -94.93 2.48 1.48
C ASP W 24 -94.95 1.44 2.59
N PRO W 25 -94.57 1.80 3.82
CA PRO W 25 -94.48 0.80 4.90
C PRO W 25 -95.82 0.30 5.40
N ASN W 26 -96.93 0.78 4.86
CA ASN W 26 -98.25 0.35 5.33
C ASN W 26 -98.88 -0.73 4.45
N GLU W 27 -98.80 -0.60 3.13
CA GLU W 27 -99.24 -1.65 2.23
C GLU W 27 -98.09 -2.58 1.83
N THR W 28 -97.37 -3.06 2.84
CA THR W 28 -96.37 -4.09 2.58
C THR W 28 -97.02 -5.36 2.07
N ASN W 29 -98.22 -5.68 2.58
CA ASN W 29 -98.95 -6.85 2.09
C ASN W 29 -99.31 -6.70 0.62
N GLU W 30 -99.71 -5.50 0.19
CA GLU W 30 -100.02 -5.28 -1.21
C GLU W 30 -98.76 -5.34 -2.07
N ILE W 31 -97.68 -4.72 -1.60
CA ILE W 31 -96.44 -4.68 -2.39
C ILE W 31 -95.82 -6.06 -2.52
N ALA W 32 -95.97 -6.91 -1.49
CA ALA W 32 -95.22 -8.17 -1.45
C ALA W 32 -95.64 -9.18 -2.50
N ASN W 33 -96.55 -8.85 -3.41
CA ASN W 33 -96.94 -9.76 -4.49
C ASN W 33 -96.96 -9.04 -5.82
N ALA W 34 -95.90 -8.26 -6.09
CA ALA W 34 -95.78 -7.58 -7.37
C ALA W 34 -95.28 -8.53 -8.45
N ASN W 35 -94.15 -9.21 -8.18
CA ASN W 35 -93.75 -10.40 -8.94
C ASN W 35 -93.36 -10.08 -10.38
N SER W 36 -93.54 -8.84 -10.82
CA SER W 36 -93.28 -8.53 -12.22
C SER W 36 -93.26 -7.02 -12.42
N ARG W 37 -92.53 -6.59 -13.45
CA ARG W 37 -92.44 -5.17 -13.76
C ARG W 37 -93.78 -4.58 -14.14
N GLN W 38 -94.67 -5.36 -14.77
CA GLN W 38 -95.97 -4.83 -15.14
C GLN W 38 -96.78 -4.44 -13.89
N GLN W 39 -96.78 -5.29 -12.88
CA GLN W 39 -97.48 -4.96 -11.65
C GLN W 39 -96.72 -3.92 -10.84
N ILE W 40 -95.41 -3.85 -11.02
CA ILE W 40 -94.65 -2.74 -10.42
C ILE W 40 -95.11 -1.41 -11.01
N ARG W 41 -95.31 -1.35 -12.32
CA ARG W 41 -95.81 -0.13 -12.94
C ARG W 41 -97.23 0.19 -12.46
N LYS W 42 -98.06 -0.84 -12.29
CA LYS W 42 -99.39 -0.61 -11.73
C LYS W 42 -99.29 0.00 -10.34
N LEU W 43 -98.42 -0.54 -9.49
CA LEU W 43 -98.25 0.01 -8.15
C LEU W 43 -97.72 1.44 -8.20
N ILE W 44 -96.80 1.71 -9.12
CA ILE W 44 -96.24 3.05 -9.25
C ILE W 44 -97.32 4.06 -9.59
N LYS W 45 -98.16 3.74 -10.58
CA LYS W 45 -99.24 4.67 -10.90
C LYS W 45 -100.27 4.74 -9.79
N ASP W 46 -100.46 3.67 -9.02
CA ASP W 46 -101.39 3.72 -7.91
C ASP W 46 -100.85 4.52 -6.73
N GLY W 47 -99.54 4.77 -6.70
CA GLY W 47 -98.95 5.62 -5.68
C GLY W 47 -98.35 4.90 -4.51
N LEU W 48 -98.34 3.57 -4.52
CA LEU W 48 -97.71 2.83 -3.44
C LEU W 48 -96.20 2.88 -3.52
N ILE W 49 -95.65 2.98 -4.71
CA ILE W 49 -94.21 3.08 -4.93
C ILE W 49 -93.97 4.37 -5.70
N ILE W 50 -93.30 5.33 -5.06
CA ILE W 50 -93.01 6.61 -5.70
C ILE W 50 -91.50 6.74 -5.86
N ARG W 51 -91.06 7.84 -6.47
CA ARG W 51 -89.65 8.16 -6.60
C ARG W 51 -89.34 9.34 -5.70
N LYS W 52 -88.40 9.16 -4.79
CA LYS W 52 -88.06 10.23 -3.88
C LYS W 52 -87.23 11.31 -4.59
N PRO W 53 -87.37 12.56 -4.17
CA PRO W 53 -86.62 13.64 -4.82
C PRO W 53 -85.14 13.59 -4.49
N VAL W 54 -84.35 14.22 -5.35
CA VAL W 54 -82.90 14.26 -5.17
C VAL W 54 -82.56 15.04 -3.91
N THR W 55 -81.60 14.52 -3.14
CA THR W 55 -81.10 15.25 -1.97
C THR W 55 -80.54 16.59 -2.42
N VAL W 56 -80.93 17.64 -1.71
CA VAL W 56 -80.63 19.00 -2.14
C VAL W 56 -79.16 19.30 -1.91
N HIS W 57 -78.52 19.88 -2.92
CA HIS W 57 -77.13 20.35 -2.83
C HIS W 57 -77.10 21.74 -3.46
N SER W 58 -77.22 22.76 -2.63
CA SER W 58 -77.34 24.13 -3.12
C SER W 58 -75.99 24.71 -3.51
N ARG W 59 -76.04 25.68 -4.44
CA ARG W 59 -74.87 26.44 -4.85
C ARG W 59 -74.95 27.90 -4.44
N ALA W 60 -75.96 28.28 -3.64
CA ALA W 60 -76.14 29.68 -3.29
C ALA W 60 -74.92 30.23 -2.55
N ARG W 61 -74.39 29.45 -1.60
CA ARG W 61 -73.19 29.85 -0.88
C ARG W 61 -72.01 30.02 -1.83
N CYS W 62 -71.84 29.06 -2.74
CA CYS W 62 -70.70 29.11 -3.66
C CYS W 62 -70.76 30.35 -4.54
N ARG W 63 -71.93 30.67 -5.09
CA ARG W 63 -71.97 31.81 -5.99
C ARG W 63 -72.08 33.14 -5.26
N LYS W 64 -72.51 33.15 -4.00
CA LYS W 64 -72.30 34.34 -3.17
C LYS W 64 -70.81 34.61 -3.00
N ASN W 65 -70.03 33.57 -2.71
CA ASN W 65 -68.59 33.76 -2.58
C ASN W 65 -67.96 34.16 -3.91
N THR W 66 -68.46 33.62 -5.03
CA THR W 66 -67.90 34.02 -6.31
C THR W 66 -68.23 35.46 -6.65
N LEU W 67 -69.42 35.95 -6.28
CA LEU W 67 -69.71 37.36 -6.46
C LEU W 67 -68.76 38.22 -5.64
N ALA W 68 -68.49 37.81 -4.40
CA ALA W 68 -67.51 38.54 -3.59
C ALA W 68 -66.14 38.54 -4.28
N ARG W 69 -65.72 37.37 -4.78
CA ARG W 69 -64.42 37.27 -5.43
C ARG W 69 -64.36 38.05 -6.74
N ARG W 70 -65.49 38.24 -7.41
CA ARG W 70 -65.53 39.07 -8.60
C ARG W 70 -65.43 40.54 -8.24
N LYS W 71 -66.04 40.95 -7.13
CA LYS W 71 -65.77 42.28 -6.61
C LYS W 71 -64.34 42.41 -6.14
N GLY W 72 -63.66 41.31 -5.86
CA GLY W 72 -62.24 41.32 -5.55
C GLY W 72 -61.88 40.80 -4.17
N ARG W 73 -62.82 40.35 -3.36
CA ARG W 73 -62.53 39.89 -2.01
C ARG W 73 -61.94 38.48 -2.04
N HIS W 74 -61.33 38.11 -0.93
CA HIS W 74 -60.76 36.77 -0.72
C HIS W 74 -59.67 36.44 -1.74
N MET W 75 -58.95 37.44 -2.23
CA MET W 75 -57.91 37.24 -3.22
C MET W 75 -56.66 38.03 -2.88
N GLY W 76 -56.27 38.00 -1.61
CA GLY W 76 -55.08 38.71 -1.16
C GLY W 76 -53.86 37.82 -1.15
N ILE W 77 -52.80 38.33 -0.50
CA ILE W 77 -51.58 37.56 -0.35
C ILE W 77 -51.84 36.25 0.38
N GLY W 78 -52.66 36.30 1.44
CA GLY W 78 -52.86 35.12 2.26
C GLY W 78 -53.52 33.99 1.52
N LYS W 79 -54.54 34.27 0.72
CA LYS W 79 -55.28 33.23 0.03
C LYS W 79 -54.79 33.02 -1.40
N ARG W 80 -53.50 32.74 -1.56
CA ARG W 80 -52.94 32.35 -2.86
C ARG W 80 -51.90 31.26 -2.64
N LYS W 81 -52.12 30.11 -3.27
CA LYS W 81 -51.25 28.95 -3.12
C LYS W 81 -50.31 28.74 -4.30
N GLY W 82 -50.79 28.88 -5.53
CA GLY W 82 -49.93 28.70 -6.66
C GLY W 82 -49.12 29.94 -6.97
N THR W 83 -48.11 29.75 -7.82
CA THR W 83 -47.30 30.86 -8.26
C THR W 83 -48.12 31.78 -9.16
N ALA W 84 -47.60 32.97 -9.39
CA ALA W 84 -48.25 33.90 -10.31
C ALA W 84 -48.36 33.29 -11.71
N ASN W 85 -47.29 32.60 -12.14
CA ASN W 85 -47.33 31.89 -13.42
C ASN W 85 -48.39 30.79 -13.39
N ALA W 86 -48.47 30.06 -12.27
CA ALA W 86 -49.45 28.99 -12.19
C ALA W 86 -50.87 29.52 -12.27
N ARG W 87 -51.14 30.68 -11.65
CA ARG W 87 -52.49 31.23 -11.66
C ARG W 87 -52.82 31.82 -13.02
N MET W 88 -51.99 32.74 -13.51
CA MET W 88 -52.18 33.34 -14.84
C MET W 88 -50.88 33.18 -15.60
N PRO W 89 -50.85 32.35 -16.63
CA PRO W 89 -49.58 32.09 -17.31
C PRO W 89 -49.13 33.26 -18.17
N GLU W 90 -47.82 33.51 -18.10
CA GLU W 90 -47.28 34.70 -18.76
C GLU W 90 -47.28 34.52 -20.27
N LYS W 91 -47.15 33.27 -20.74
CA LYS W 91 -47.32 32.99 -22.16
C LYS W 91 -48.72 33.35 -22.64
N VAL W 92 -49.74 33.02 -21.87
CA VAL W 92 -51.10 33.37 -22.25
C VAL W 92 -51.27 34.88 -22.28
N THR W 93 -50.72 35.58 -21.29
CA THR W 93 -50.81 37.04 -21.31
C THR W 93 -50.13 37.62 -22.55
N TRP W 94 -48.93 37.12 -22.87
CA TRP W 94 -48.20 37.62 -24.03
C TRP W 94 -48.98 37.34 -25.32
N MET W 95 -49.55 36.15 -25.44
CA MET W 95 -50.27 35.79 -26.65
C MET W 95 -51.52 36.65 -26.81
N ARG W 96 -52.23 36.92 -25.71
CA ARG W 96 -53.37 37.81 -25.77
C ARG W 96 -52.96 39.20 -26.25
N ARG W 97 -51.89 39.74 -25.67
CA ARG W 97 -51.48 41.08 -26.05
C ARG W 97 -51.03 41.13 -27.50
N MET W 98 -50.34 40.09 -27.96
CA MET W 98 -49.93 40.04 -29.36
C MET W 98 -51.14 40.03 -30.28
N ARG W 99 -52.14 39.21 -29.97
CA ARG W 99 -53.33 39.20 -30.84
C ARG W 99 -54.01 40.56 -30.87
N ILE W 100 -54.12 41.22 -29.70
CA ILE W 100 -54.76 42.54 -29.66
C ILE W 100 -54.02 43.52 -30.54
N LEU W 101 -52.69 43.58 -30.41
CA LEU W 101 -51.93 44.59 -31.12
C LEU W 101 -51.86 44.30 -32.62
N ARG W 102 -51.69 43.02 -33.00
CA ARG W 102 -51.73 42.66 -34.41
C ARG W 102 -53.06 43.05 -35.03
N ARG W 103 -54.15 42.77 -34.33
CA ARG W 103 -55.47 43.10 -34.87
C ARG W 103 -55.65 44.59 -35.03
N LEU W 104 -55.20 45.38 -34.05
CA LEU W 104 -55.32 46.83 -34.19
C LEU W 104 -54.52 47.34 -35.38
N LEU W 105 -53.28 46.86 -35.53
CA LEU W 105 -52.46 47.31 -36.64
C LEU W 105 -53.08 46.94 -37.98
N ARG W 106 -53.64 45.73 -38.08
CA ARG W 106 -54.27 45.31 -39.33
C ARG W 106 -55.50 46.16 -39.63
N ARG W 107 -56.31 46.47 -38.61
CA ARG W 107 -57.45 47.35 -38.83
C ARG W 107 -57.02 48.72 -39.31
N TYR W 108 -55.98 49.28 -38.70
CA TYR W 108 -55.49 50.59 -39.12
C TYR W 108 -54.99 50.56 -40.55
N ARG W 109 -54.23 49.51 -40.90
CA ARG W 109 -53.67 49.42 -42.25
C ARG W 109 -54.75 49.23 -43.29
N GLU W 110 -55.82 48.49 -42.97
CA GLU W 110 -56.90 48.31 -43.94
C GLU W 110 -57.85 49.49 -43.97
N SER W 111 -57.89 50.31 -42.92
CA SER W 111 -58.69 51.52 -42.94
C SER W 111 -57.89 52.74 -43.39
N LYS W 112 -56.62 52.56 -43.73
CA LYS W 112 -55.75 53.56 -44.34
C LYS W 112 -55.31 54.65 -43.38
N LYS W 113 -55.39 54.41 -42.07
CA LYS W 113 -54.84 55.37 -41.12
C LYS W 113 -53.31 55.41 -41.20
N ILE W 114 -52.69 54.30 -41.60
CA ILE W 114 -51.24 54.21 -41.79
C ILE W 114 -50.98 53.48 -43.09
N ASP W 115 -49.74 53.54 -43.55
CA ASP W 115 -49.35 52.88 -44.79
C ASP W 115 -48.57 51.59 -44.50
N ARG W 116 -48.21 50.89 -45.58
CA ARG W 116 -47.61 49.58 -45.46
C ARG W 116 -46.25 49.62 -44.76
N HIS W 117 -45.43 50.62 -45.06
CA HIS W 117 -44.08 50.66 -44.53
C HIS W 117 -44.09 50.96 -43.03
N MET W 118 -44.85 51.98 -42.62
CA MET W 118 -45.02 52.25 -41.21
C MET W 118 -45.61 51.05 -40.49
N TYR W 119 -46.62 50.42 -41.11
CA TYR W 119 -47.24 49.23 -40.53
C TYR W 119 -46.21 48.16 -40.25
N HIS W 120 -45.36 47.86 -41.23
CA HIS W 120 -44.34 46.83 -41.05
C HIS W 120 -43.38 47.19 -39.94
N SER W 121 -42.96 48.46 -39.91
CA SER W 121 -41.98 48.88 -38.90
C SER W 121 -42.54 48.73 -37.49
N LEU W 122 -43.73 49.28 -37.23
CA LEU W 122 -44.18 49.13 -35.86
C LEU W 122 -44.77 47.76 -35.58
N TYR W 123 -45.06 46.96 -36.60
CA TYR W 123 -45.36 45.55 -36.39
C TYR W 123 -44.16 44.84 -35.79
N LEU W 124 -42.98 45.07 -36.38
CA LEU W 124 -41.77 44.50 -35.81
C LEU W 124 -41.48 45.07 -34.42
N LYS W 125 -41.80 46.34 -34.19
CA LYS W 125 -41.64 46.89 -32.85
C LYS W 125 -42.56 46.20 -31.85
N VAL W 126 -43.80 45.93 -32.24
CA VAL W 126 -44.73 45.21 -31.38
C VAL W 126 -44.16 43.84 -31.04
N LYS W 127 -43.64 43.14 -32.04
CA LYS W 127 -43.00 41.85 -31.76
C LYS W 127 -41.81 42.02 -30.82
N GLY W 128 -41.08 43.13 -30.94
CA GLY W 128 -39.95 43.42 -30.09
C GLY W 128 -40.28 43.99 -28.74
N ASN W 129 -41.57 44.13 -28.42
CA ASN W 129 -42.03 44.48 -27.08
C ASN W 129 -41.58 45.87 -26.66
N VAL W 130 -42.04 46.87 -27.42
CA VAL W 130 -41.88 48.27 -27.03
C VAL W 130 -43.20 48.91 -26.65
N PHE W 131 -44.33 48.26 -26.91
CA PHE W 131 -45.64 48.75 -26.50
C PHE W 131 -46.24 47.80 -25.47
N LYS W 132 -46.81 48.38 -24.42
CA LYS W 132 -47.38 47.60 -23.32
C LYS W 132 -48.89 47.46 -23.40
N ASN W 133 -49.59 48.46 -23.95
CA ASN W 133 -51.04 48.41 -24.06
C ASN W 133 -51.51 48.69 -25.48
N LYS W 134 -52.83 48.74 -25.66
CA LYS W 134 -53.43 49.18 -26.91
C LYS W 134 -53.36 50.70 -27.06
N ARG W 135 -53.64 51.42 -25.97
CA ARG W 135 -53.68 52.87 -26.04
C ARG W 135 -52.30 53.47 -26.23
N ILE W 136 -51.27 52.90 -25.59
CA ILE W 136 -49.92 53.41 -25.78
C ILE W 136 -49.52 53.32 -27.24
N LEU W 137 -49.84 52.19 -27.87
CA LEU W 137 -49.53 52.00 -29.28
C LEU W 137 -50.29 53.00 -30.15
N MET W 138 -51.58 53.22 -29.86
CA MET W 138 -52.30 54.15 -30.72
C MET W 138 -51.81 55.59 -30.55
N GLU W 139 -51.42 55.99 -29.33
CA GLU W 139 -50.84 57.31 -29.16
C GLU W 139 -49.51 57.43 -29.90
N HIS W 140 -48.68 56.38 -29.87
CA HIS W 140 -47.45 56.43 -30.66
C HIS W 140 -47.77 56.59 -32.14
N ILE W 141 -48.82 55.90 -32.61
CA ILE W 141 -49.24 56.07 -34.00
C ILE W 141 -49.64 57.51 -34.28
N HIS W 142 -50.38 58.13 -33.35
CA HIS W 142 -50.78 59.51 -33.55
C HIS W 142 -49.57 60.43 -33.67
N LYS W 143 -48.58 60.23 -32.80
CA LYS W 143 -47.38 61.07 -32.86
C LYS W 143 -46.62 60.87 -34.16
N LEU W 144 -46.49 59.60 -34.60
CA LEU W 144 -45.81 59.35 -35.87
C LEU W 144 -46.55 59.99 -37.02
N LYS W 145 -47.88 59.90 -37.02
CA LYS W 145 -48.67 60.53 -38.09
C LYS W 145 -48.47 62.03 -38.10
N ALA W 146 -48.48 62.66 -36.93
CA ALA W 146 -48.29 64.11 -36.88
C ALA W 146 -46.93 64.50 -37.44
N ASP W 147 -45.87 63.81 -37.02
CA ASP W 147 -44.53 64.14 -37.50
C ASP W 147 -44.42 63.92 -39.00
N LYS W 148 -44.93 62.78 -39.48
CA LYS W 148 -44.87 62.49 -40.92
C LYS W 148 -45.64 63.53 -41.72
N ALA W 149 -46.82 63.93 -41.24
CA ALA W 149 -47.60 64.93 -41.95
C ALA W 149 -46.88 66.27 -42.01
N ARG W 150 -46.28 66.69 -40.89
CA ARG W 150 -45.56 67.96 -40.91
C ARG W 150 -44.38 67.91 -41.87
N LYS W 151 -43.59 66.83 -41.83
CA LYS W 151 -42.44 66.75 -42.71
C LYS W 151 -42.87 66.72 -44.17
N LYS W 152 -43.96 66.02 -44.47
CA LYS W 152 -44.49 66.01 -45.83
C LYS W 152 -44.92 67.40 -46.26
N LEU W 153 -45.60 68.13 -45.39
CA LEU W 153 -46.05 69.48 -45.75
C LEU W 153 -44.86 70.39 -46.06
N LEU W 154 -43.83 70.34 -45.20
CA LEU W 154 -42.64 71.14 -45.45
C LEU W 154 -41.98 70.75 -46.76
N ALA W 155 -41.89 69.45 -47.03
CA ALA W 155 -41.27 68.99 -48.28
C ALA W 155 -42.05 69.48 -49.49
N ASP W 156 -43.38 69.40 -49.44
CA ASP W 156 -44.18 69.87 -50.58
C ASP W 156 -44.05 71.37 -50.78
N GLN W 157 -44.02 72.14 -49.70
CA GLN W 157 -43.83 73.59 -49.85
C GLN W 157 -42.48 73.89 -50.50
N ALA W 158 -41.42 73.24 -50.02
CA ALA W 158 -40.09 73.48 -50.58
C ALA W 158 -40.03 73.07 -52.05
N GLU W 159 -40.64 71.93 -52.41
CA GLU W 159 -40.54 71.47 -53.78
C GLU W 159 -41.40 72.32 -54.70
N ALA W 160 -42.52 72.87 -54.20
CA ALA W 160 -43.29 73.80 -55.01
C ALA W 160 -42.47 75.05 -55.31
N ARG W 161 -41.78 75.58 -54.31
CA ARG W 161 -40.92 76.74 -54.53
C ARG W 161 -39.80 76.41 -55.53
N ARG W 162 -39.20 75.23 -55.39
CA ARG W 162 -38.14 74.81 -56.31
C ARG W 162 -38.66 74.66 -57.73
N SER W 163 -39.83 74.06 -57.89
CA SER W 163 -40.41 73.90 -59.23
C SER W 163 -40.73 75.24 -59.85
N LYS W 164 -41.23 76.18 -59.05
CA LYS W 164 -41.46 77.53 -59.55
C LYS W 164 -40.18 78.12 -60.11
N THR W 165 -39.09 78.04 -59.34
CA THR W 165 -37.82 78.57 -59.82
C THR W 165 -37.37 77.90 -61.11
N LYS W 166 -37.47 76.56 -61.16
CA LYS W 166 -37.00 75.82 -62.33
C LYS W 166 -37.79 76.21 -63.58
N GLU W 167 -39.12 76.25 -63.47
CA GLU W 167 -39.91 76.52 -64.67
C GLU W 167 -39.82 77.99 -65.06
N ALA W 168 -39.63 78.90 -64.11
CA ALA W 168 -39.39 80.29 -64.46
C ALA W 168 -38.07 80.45 -65.21
N ARG W 169 -37.03 79.72 -64.78
CA ARG W 169 -35.77 79.75 -65.50
C ARG W 169 -35.93 79.20 -66.91
N LYS W 170 -36.66 78.10 -67.05
CA LYS W 170 -36.87 77.53 -68.38
C LYS W 170 -37.64 78.50 -69.28
N ARG W 171 -38.66 79.16 -68.74
CA ARG W 171 -39.44 80.12 -69.52
C ARG W 171 -38.59 81.32 -69.93
N ARG W 172 -37.75 81.82 -69.02
CA ARG W 172 -36.85 82.91 -69.40
C ARG W 172 -35.88 82.48 -70.49
N GLU W 173 -35.34 81.26 -70.37
CA GLU W 173 -34.41 80.78 -71.40
C GLU W 173 -35.11 80.64 -72.75
N GLU W 174 -36.34 80.12 -72.76
CA GLU W 174 -37.02 79.95 -74.05
C GLU W 174 -37.38 81.30 -74.66
N ARG W 175 -37.74 82.31 -73.85
CA ARG W 175 -38.00 83.60 -74.46
C ARG W 175 -36.71 84.27 -74.92
N LEU W 176 -35.58 84.01 -74.24
CA LEU W 176 -34.30 84.47 -74.75
C LEU W 176 -33.99 83.84 -76.11
N GLN W 177 -34.26 82.54 -76.25
CA GLN W 177 -34.04 81.88 -77.53
C GLN W 177 -34.98 82.43 -78.60
N ALA W 178 -36.22 82.75 -78.21
CA ALA W 178 -37.15 83.38 -79.15
C ALA W 178 -36.61 84.73 -79.60
N LYS W 179 -36.02 85.49 -78.68
CA LYS W 179 -35.35 86.73 -79.06
C LYS W 179 -34.25 86.46 -80.07
N LYS W 180 -33.41 85.47 -79.80
CA LYS W 180 -32.36 85.10 -80.74
C LYS W 180 -32.84 84.06 -81.74
N MET X 1 2.59 -53.53 72.07
CA MET X 1 2.00 -53.73 73.40
C MET X 1 0.76 -52.89 73.62
N LYS X 2 -0.23 -53.48 74.29
CA LYS X 2 -1.46 -52.80 74.68
C LYS X 2 -1.62 -53.00 76.18
N ALA X 3 -1.69 -51.89 76.93
CA ALA X 3 -1.74 -51.96 78.38
C ALA X 3 -3.12 -52.36 78.87
N SER X 4 -3.54 -53.58 78.52
CA SER X 4 -4.88 -54.03 78.85
C SER X 4 -4.99 -54.39 80.33
N GLY X 5 -5.95 -53.79 81.02
CA GLY X 5 -6.22 -54.12 82.40
C GLY X 5 -5.05 -53.81 83.31
N THR X 6 -5.08 -54.43 84.48
CA THR X 6 -3.96 -54.32 85.42
C THR X 6 -2.81 -55.18 84.92
N LEU X 7 -1.62 -54.61 84.90
CA LEU X 7 -0.45 -55.35 84.44
C LEU X 7 0.03 -56.31 85.53
N ARG X 8 1.04 -57.10 85.18
CA ARG X 8 1.61 -58.09 86.07
C ARG X 8 3.12 -58.06 85.89
N GLU X 9 3.83 -58.47 86.94
CA GLU X 9 5.29 -58.53 86.89
C GLU X 9 5.71 -59.95 86.55
N TYR X 10 6.55 -60.07 85.53
CA TYR X 10 7.04 -61.35 85.06
C TYR X 10 8.55 -61.36 85.06
N LYS X 11 9.14 -62.35 85.73
CA LYS X 11 10.54 -62.67 85.57
C LYS X 11 10.68 -63.59 84.36
N VAL X 12 11.44 -63.14 83.37
CA VAL X 12 11.64 -63.92 82.15
C VAL X 12 13.13 -64.16 81.97
N VAL X 13 13.51 -65.42 81.79
CA VAL X 13 14.90 -65.82 81.62
C VAL X 13 15.04 -66.48 80.26
N GLY X 14 16.20 -66.29 79.64
CA GLY X 14 16.40 -66.84 78.31
C GLY X 14 17.87 -66.87 77.96
N ARG X 15 18.17 -67.60 76.88
CA ARG X 15 19.55 -67.71 76.45
C ARG X 15 19.61 -68.16 75.00
N CYS X 16 20.77 -67.95 74.39
CA CYS X 16 21.02 -68.45 73.05
C CYS X 16 21.08 -69.98 73.07
N LEU X 17 20.81 -70.58 71.92
CA LEU X 17 20.96 -72.01 71.79
C LEU X 17 22.42 -72.41 71.91
N PRO X 18 22.72 -73.57 72.48
CA PRO X 18 24.10 -74.04 72.54
C PRO X 18 24.65 -74.26 71.14
N THR X 19 25.73 -73.56 70.82
CA THR X 19 26.40 -73.63 69.54
C THR X 19 27.71 -74.38 69.67
N PRO X 20 28.27 -74.88 68.57
CA PRO X 20 29.61 -75.50 68.65
C PRO X 20 30.69 -74.53 69.10
N LYS X 21 30.47 -73.22 68.95
CA LYS X 21 31.44 -72.24 69.42
C LYS X 21 31.55 -72.26 70.94
N CYS X 22 30.42 -72.18 71.64
CA CYS X 22 30.37 -72.13 73.09
C CYS X 22 29.35 -73.15 73.59
N ARG X 23 29.77 -74.00 74.53
CA ARG X 23 28.90 -75.06 75.00
C ARG X 23 27.65 -74.50 75.67
N THR X 24 27.81 -73.47 76.49
CA THR X 24 26.64 -72.87 77.13
C THR X 24 26.77 -71.35 77.17
N PRO X 25 25.81 -70.63 76.59
CA PRO X 25 25.83 -69.17 76.66
C PRO X 25 25.35 -68.70 78.02
N PRO X 26 25.66 -67.45 78.39
CA PRO X 26 25.15 -66.93 79.66
C PRO X 26 23.64 -66.77 79.64
N LEU X 27 23.05 -66.91 80.82
CA LEU X 27 21.61 -66.72 80.98
C LEU X 27 21.32 -65.24 81.19
N TYR X 28 20.13 -64.81 80.75
CA TYR X 28 19.73 -63.43 80.90
C TYR X 28 18.32 -63.38 81.46
N ARG X 29 18.13 -62.65 82.55
CA ARG X 29 16.79 -62.47 83.11
C ARG X 29 16.37 -61.02 82.99
N MET X 30 15.06 -60.80 83.07
CA MET X 30 14.53 -59.47 82.88
C MET X 30 13.16 -59.37 83.56
N ARG X 31 12.87 -58.18 84.07
CA ARG X 31 11.57 -57.84 84.63
C ARG X 31 10.69 -57.22 83.55
N ILE X 32 9.52 -57.78 83.34
CA ILE X 32 8.64 -57.35 82.27
C ILE X 32 7.22 -57.20 82.80
N PHE X 33 6.58 -56.09 82.48
CA PHE X 33 5.21 -55.82 82.90
C PHE X 33 4.32 -55.94 81.68
N ALA X 34 3.38 -56.88 81.73
CA ALA X 34 2.59 -57.24 80.56
C ALA X 34 1.30 -57.89 81.03
N PRO X 35 0.25 -57.87 80.20
CA PRO X 35 -1.02 -58.51 80.61
C PRO X 35 -0.92 -60.02 80.81
N ASN X 36 -0.08 -60.72 80.07
CA ASN X 36 0.02 -62.17 80.23
C ASN X 36 1.38 -62.64 79.72
N HIS X 37 1.61 -63.95 79.83
CA HIS X 37 2.95 -64.49 79.59
C HIS X 37 3.31 -64.48 78.11
N VAL X 38 2.32 -64.56 77.21
CA VAL X 38 2.63 -64.54 75.78
C VAL X 38 3.25 -63.19 75.40
N VAL X 39 2.57 -62.11 75.78
CA VAL X 39 3.12 -60.79 75.48
C VAL X 39 4.35 -60.53 76.33
N ALA X 40 4.45 -61.15 77.51
CA ALA X 40 5.66 -61.01 78.30
C ALA X 40 6.88 -61.56 77.55
N LYS X 41 6.73 -62.75 76.97
CA LYS X 41 7.83 -63.34 76.21
C LYS X 41 8.11 -62.54 74.94
N SER X 42 7.06 -62.02 74.29
CA SER X 42 7.27 -61.15 73.15
C SER X 42 8.12 -59.94 73.53
N ARG X 43 7.79 -59.28 74.64
CA ARG X 43 8.54 -58.12 75.07
C ARG X 43 9.96 -58.50 75.49
N PHE X 44 10.13 -59.69 76.06
CA PHE X 44 11.47 -60.14 76.39
C PHE X 44 12.33 -60.25 75.14
N TRP X 45 11.78 -60.84 74.08
CA TRP X 45 12.55 -60.95 72.85
C TRP X 45 12.83 -59.57 72.27
N TYR X 46 11.84 -58.67 72.32
CA TYR X 46 12.07 -57.30 71.85
C TYR X 46 13.26 -56.66 72.57
N PHE X 47 13.24 -56.70 73.90
CA PHE X 47 14.27 -56.00 74.66
C PHE X 47 15.64 -56.67 74.52
N VAL X 48 15.69 -58.00 74.58
CA VAL X 48 16.97 -58.67 74.50
C VAL X 48 17.55 -58.55 73.08
N SER X 49 16.70 -58.50 72.06
CA SER X 49 17.18 -58.20 70.72
C SER X 49 17.73 -56.78 70.65
N GLN X 50 17.08 -55.84 71.33
CA GLN X 50 17.58 -54.47 71.34
C GLN X 50 18.96 -54.39 72.00
N LEU X 51 19.16 -55.12 73.09
CA LEU X 51 20.40 -54.99 73.86
C LEU X 51 21.51 -55.90 73.33
N LYS X 52 21.29 -57.22 73.36
CA LYS X 52 22.27 -58.17 72.88
C LYS X 52 22.01 -58.52 71.42
N LYS X 53 22.83 -59.43 70.89
CA LYS X 53 22.70 -59.87 69.50
C LYS X 53 21.92 -61.19 69.48
N MET X 54 20.66 -61.09 69.87
CA MET X 54 19.82 -62.28 70.03
C MET X 54 18.50 -62.09 69.28
N LYS X 55 17.90 -63.22 68.93
CA LYS X 55 16.63 -63.23 68.21
C LYS X 55 15.79 -64.40 68.69
N LYS X 56 14.49 -64.32 68.41
CA LYS X 56 13.56 -65.36 68.82
C LYS X 56 13.97 -66.73 68.28
N SER X 57 14.41 -66.79 67.03
CA SER X 57 14.74 -68.07 66.42
C SER X 57 16.05 -68.64 66.95
N SER X 58 17.02 -67.79 67.24
CA SER X 58 18.34 -68.24 67.67
C SER X 58 18.47 -68.36 69.18
N GLY X 59 17.40 -68.06 69.93
CA GLY X 59 17.42 -68.18 71.37
C GLY X 59 16.23 -68.99 71.85
N GLU X 60 16.12 -69.10 73.17
CA GLU X 60 15.03 -69.82 73.78
C GLU X 60 14.71 -69.25 75.15
N ILE X 61 13.43 -69.22 75.47
CA ILE X 61 12.94 -68.88 76.80
C ILE X 61 13.13 -70.08 77.71
N VAL X 62 13.67 -69.83 78.90
CA VAL X 62 14.02 -70.89 79.83
C VAL X 62 13.06 -70.95 81.01
N TYR X 63 12.60 -69.79 81.48
CA TYR X 63 11.65 -69.74 82.59
C TYR X 63 10.91 -68.41 82.55
N CYS X 64 9.59 -68.46 82.51
CA CYS X 64 8.75 -67.27 82.47
C CYS X 64 7.73 -67.37 83.60
N GLY X 65 7.96 -66.67 84.69
CA GLY X 65 7.10 -66.81 85.85
C GLY X 65 6.68 -65.50 86.48
N GLN X 66 5.44 -65.43 86.96
CA GLN X 66 4.97 -64.23 87.62
C GLN X 66 5.68 -64.03 88.95
N VAL X 67 5.94 -62.77 89.28
CA VAL X 67 6.62 -62.40 90.51
C VAL X 67 5.62 -61.68 91.40
N PHE X 68 5.33 -62.25 92.56
CA PHE X 68 4.42 -61.64 93.49
C PHE X 68 5.14 -60.61 94.35
N GLU X 69 4.38 -59.60 94.78
CA GLU X 69 4.92 -58.57 95.67
C GLU X 69 5.04 -59.10 97.09
N LYS X 70 6.11 -58.69 97.76
CA LYS X 70 6.42 -59.22 99.09
C LYS X 70 5.69 -58.48 100.21
N SER X 71 4.94 -57.44 99.90
CA SER X 71 4.20 -56.68 100.91
C SER X 71 3.00 -56.01 100.26
N PRO X 72 1.98 -56.80 99.90
CA PRO X 72 0.80 -56.23 99.24
C PRO X 72 -0.18 -55.51 100.17
N LEU X 73 0.18 -55.28 101.43
CA LEU X 73 -0.73 -54.64 102.38
C LEU X 73 -0.12 -53.42 103.05
N ARG X 74 1.03 -52.94 102.58
CA ARG X 74 1.59 -51.68 103.07
C ARG X 74 1.84 -50.77 101.87
N VAL X 75 1.47 -49.51 102.03
CA VAL X 75 1.56 -48.55 100.94
C VAL X 75 3.02 -48.14 100.74
N LYS X 76 3.42 -48.00 99.48
CA LYS X 76 4.80 -47.73 99.15
C LYS X 76 4.89 -46.66 98.08
N ASN X 77 6.02 -45.96 98.06
CA ASN X 77 6.36 -45.00 97.03
C ASN X 77 7.28 -45.67 96.02
N PHE X 78 6.95 -45.53 94.74
CA PHE X 78 7.73 -46.13 93.68
C PHE X 78 8.29 -45.03 92.79
N GLY X 79 9.59 -45.14 92.49
CA GLY X 79 10.25 -44.27 91.54
C GLY X 79 10.48 -45.03 90.24
N ILE X 80 10.11 -44.39 89.14
CA ILE X 80 10.05 -45.04 87.83
C ILE X 80 10.90 -44.23 86.86
N TRP X 81 11.89 -44.88 86.26
CA TRP X 81 12.67 -44.31 85.16
C TRP X 81 12.20 -44.95 83.87
N LEU X 82 11.85 -44.12 82.89
CA LEU X 82 11.30 -44.62 81.63
C LEU X 82 11.77 -43.72 80.49
N ARG X 83 11.22 -43.99 79.31
CA ARG X 83 11.73 -43.47 78.05
C ARG X 83 10.60 -43.59 77.04
N TYR X 84 10.28 -42.48 76.36
CA TYR X 84 9.12 -42.53 75.47
C TYR X 84 9.40 -41.71 74.22
N ASP X 85 8.64 -42.01 73.18
CA ASP X 85 8.74 -41.34 71.89
C ASP X 85 7.56 -40.38 71.75
N SER X 86 7.85 -39.09 71.77
CA SER X 86 6.82 -38.07 71.56
C SER X 86 6.59 -37.90 70.06
N ARG X 87 5.79 -36.90 69.68
CA ARG X 87 5.64 -36.59 68.26
C ARG X 87 6.97 -36.17 67.64
N SER X 88 7.83 -35.52 68.42
CA SER X 88 9.11 -35.03 67.91
C SER X 88 10.21 -35.42 68.91
N GLY X 89 10.90 -36.52 68.64
CA GLY X 89 11.98 -36.96 69.49
C GLY X 89 11.52 -37.82 70.64
N THR X 90 12.49 -38.43 71.32
CA THR X 90 12.24 -39.28 72.46
C THR X 90 12.94 -38.72 73.69
N HIS X 91 12.36 -38.98 74.86
CA HIS X 91 12.80 -38.36 76.11
C HIS X 91 12.89 -39.40 77.21
N ASN X 92 13.85 -39.19 78.10
CA ASN X 92 13.92 -39.90 79.37
C ASN X 92 13.09 -39.17 80.41
N MET X 93 12.50 -39.93 81.33
CA MET X 93 11.62 -39.33 82.32
C MET X 93 11.70 -40.10 83.62
N TYR X 94 11.57 -39.37 84.73
CA TYR X 94 11.51 -39.94 86.07
C TYR X 94 10.20 -39.51 86.71
N ARG X 95 9.49 -40.48 87.29
CA ARG X 95 8.16 -40.23 87.85
C ARG X 95 8.03 -40.89 89.20
N GLU X 96 7.09 -40.39 89.99
CA GLU X 96 6.80 -40.90 91.32
C GLU X 96 5.35 -41.36 91.38
N TYR X 97 5.13 -42.54 91.97
CA TYR X 97 3.77 -43.00 92.22
C TYR X 97 3.72 -43.60 93.62
N ARG X 98 2.52 -43.93 94.06
CA ARG X 98 2.31 -44.33 95.45
C ARG X 98 1.15 -45.31 95.51
N ASP X 99 1.46 -46.59 95.73
CA ASP X 99 0.39 -47.59 95.87
C ASP X 99 0.97 -48.85 96.50
N LEU X 100 0.19 -49.94 96.42
CA LEU X 100 0.52 -51.17 97.12
C LEU X 100 1.50 -52.05 96.35
N THR X 101 1.30 -52.19 95.04
CA THR X 101 2.03 -53.16 94.24
C THR X 101 2.85 -52.49 93.15
N THR X 102 3.96 -53.13 92.79
CA THR X 102 4.80 -52.62 91.71
C THR X 102 4.06 -52.64 90.38
N ALA X 103 3.32 -53.71 90.11
CA ALA X 103 2.54 -53.78 88.88
C ALA X 103 1.46 -52.71 88.86
N GLY X 104 0.83 -52.47 90.01
CA GLY X 104 -0.13 -51.38 90.09
C GLY X 104 0.50 -50.03 89.81
N ALA X 105 1.69 -49.80 90.37
CA ALA X 105 2.39 -48.54 90.10
C ALA X 105 2.71 -48.41 88.62
N VAL X 106 3.13 -49.50 87.99
CA VAL X 106 3.50 -49.43 86.57
C VAL X 106 2.28 -49.16 85.70
N THR X 107 1.15 -49.83 85.98
CA THR X 107 -0.04 -49.57 85.18
C THR X 107 -0.59 -48.17 85.44
N GLN X 108 -0.46 -47.67 86.67
CA GLN X 108 -0.81 -46.29 86.95
C GLN X 108 0.07 -45.34 86.14
N CYS X 109 1.35 -45.67 86.01
CA CYS X 109 2.25 -44.87 85.20
C CYS X 109 1.83 -44.87 83.74
N TYR X 110 1.43 -46.02 83.23
CA TYR X 110 0.97 -46.10 81.83
C TYR X 110 -0.26 -45.23 81.62
N ARG X 111 -1.23 -45.33 82.54
CA ARG X 111 -2.43 -44.49 82.42
C ARG X 111 -2.08 -43.01 82.50
N ASP X 112 -1.18 -42.65 83.42
CA ASP X 112 -0.78 -41.25 83.58
C ASP X 112 -0.11 -40.72 82.32
N MET X 113 0.81 -41.51 81.75
CA MET X 113 1.51 -41.06 80.56
C MET X 113 0.56 -40.91 79.38
N GLY X 114 -0.38 -41.85 79.23
CA GLY X 114 -1.39 -41.70 78.20
C GLY X 114 -2.25 -40.47 78.40
N ALA X 115 -2.62 -40.17 79.65
CA ALA X 115 -3.49 -39.04 79.91
C ALA X 115 -2.77 -37.70 79.71
N ARG X 116 -1.49 -37.63 80.06
CA ARG X 116 -0.79 -36.35 80.10
C ARG X 116 0.01 -36.04 78.85
N HIS X 117 0.58 -37.04 78.18
CA HIS X 117 1.40 -36.79 77.01
C HIS X 117 0.84 -37.41 75.74
N ARG X 118 -0.31 -38.07 75.80
CA ARG X 118 -0.87 -38.82 74.69
C ARG X 118 0.08 -39.89 74.18
N ALA X 119 1.03 -40.31 75.01
CA ALA X 119 1.90 -41.41 74.66
C ALA X 119 1.15 -42.73 74.77
N ARG X 120 1.67 -43.74 74.09
CA ARG X 120 1.00 -45.02 73.97
C ARG X 120 1.95 -46.14 74.36
N ALA X 121 1.37 -47.24 74.84
CA ALA X 121 2.16 -48.30 75.46
C ALA X 121 3.22 -48.86 74.53
N HIS X 122 3.04 -48.74 73.22
CA HIS X 122 4.09 -49.18 72.31
C HIS X 122 5.24 -48.19 72.26
N SER X 123 4.95 -46.90 72.41
CA SER X 123 6.01 -45.89 72.46
C SER X 123 6.73 -45.87 73.80
N ILE X 124 6.01 -46.17 74.88
CA ILE X 124 6.59 -46.13 76.22
C ILE X 124 7.48 -47.34 76.41
N GLN X 125 8.70 -47.10 76.91
CA GLN X 125 9.70 -48.16 77.09
C GLN X 125 10.21 -48.09 78.53
N ILE X 126 9.57 -48.84 79.41
CA ILE X 126 9.95 -48.85 80.82
C ILE X 126 11.35 -49.42 80.98
N MET X 127 12.17 -48.76 81.81
CA MET X 127 13.51 -49.28 82.07
C MET X 127 13.80 -49.60 83.52
N LYS X 128 13.23 -48.87 84.48
CA LYS X 128 13.65 -49.11 85.85
C LYS X 128 12.53 -48.72 86.81
N VAL X 129 12.36 -49.51 87.87
CA VAL X 129 11.38 -49.22 88.90
C VAL X 129 11.93 -49.68 90.25
N GLU X 130 11.98 -48.76 91.20
CA GLU X 130 12.53 -49.08 92.52
C GLU X 130 11.63 -48.50 93.61
N GLU X 131 11.46 -49.27 94.68
CA GLU X 131 10.76 -48.76 95.84
C GLU X 131 11.64 -47.74 96.56
N ILE X 132 11.11 -46.54 96.76
CA ILE X 132 11.88 -45.40 97.25
C ILE X 132 11.46 -45.11 98.68
N ALA X 133 12.45 -44.87 99.55
CA ALA X 133 12.16 -44.48 100.92
C ALA X 133 11.45 -43.13 100.94
N ALA X 134 10.60 -42.94 101.94
CA ALA X 134 9.70 -41.79 101.97
C ALA X 134 10.44 -40.47 102.01
N SER X 135 11.71 -40.45 102.41
CA SER X 135 12.48 -39.22 102.48
C SER X 135 13.24 -38.91 101.21
N LYS X 136 13.30 -39.84 100.26
CA LYS X 136 13.98 -39.63 98.99
C LYS X 136 13.03 -39.24 97.87
N CYS X 137 11.73 -39.23 98.12
CA CYS X 137 10.77 -38.83 97.10
C CYS X 137 10.93 -37.35 96.76
N ARG X 138 10.68 -37.01 95.50
CA ARG X 138 10.91 -35.67 94.99
C ARG X 138 9.66 -34.94 94.53
N ARG X 139 8.56 -35.65 94.29
CA ARG X 139 7.45 -34.88 93.74
C ARG X 139 6.49 -34.46 94.83
N PRO X 140 6.01 -33.21 94.80
CA PRO X 140 5.08 -32.76 95.84
C PRO X 140 3.78 -33.55 95.88
N ALA X 141 3.29 -34.00 94.73
CA ALA X 141 2.01 -34.71 94.68
C ALA X 141 2.05 -36.02 95.45
N VAL X 142 3.23 -36.57 95.70
CA VAL X 142 3.36 -37.74 96.55
C VAL X 142 3.97 -37.40 97.91
N LYS X 143 4.76 -36.32 98.00
CA LYS X 143 5.35 -35.95 99.28
C LYS X 143 4.31 -35.39 100.25
N GLN X 144 3.26 -34.74 99.73
CA GLN X 144 2.29 -34.14 100.64
C GLN X 144 1.45 -35.19 101.37
N PHE X 145 1.54 -36.45 100.98
CA PHE X 145 0.91 -37.53 101.72
C PHE X 145 1.80 -38.11 102.80
N HIS X 146 3.01 -37.55 102.98
CA HIS X 146 3.92 -37.99 104.03
C HIS X 146 3.69 -37.16 105.30
N ASP X 147 2.48 -37.28 105.83
CA ASP X 147 2.10 -36.63 107.08
C ASP X 147 1.40 -37.66 107.95
N SER X 148 1.98 -37.93 109.12
CA SER X 148 1.43 -38.97 109.99
C SER X 148 0.00 -38.63 110.41
N LYS X 149 -0.25 -37.38 110.78
CA LYS X 149 -1.59 -36.94 111.13
C LYS X 149 -2.26 -36.25 109.94
N ILE X 150 -2.46 -37.01 108.87
CA ILE X 150 -3.13 -36.51 107.69
C ILE X 150 -4.62 -36.44 107.95
N LYS X 151 -5.27 -35.43 107.41
CA LYS X 151 -6.66 -35.13 107.76
C LYS X 151 -7.27 -34.27 106.67
N PHE X 152 -8.37 -34.71 106.09
CA PHE X 152 -9.07 -33.93 105.08
C PHE X 152 -10.51 -34.41 105.00
N PRO X 153 -11.46 -33.51 104.75
CA PRO X 153 -12.85 -33.95 104.57
C PRO X 153 -13.17 -34.24 103.12
N LEU X 154 -14.41 -34.67 102.86
CA LEU X 154 -14.90 -34.90 101.51
C LEU X 154 -15.89 -33.79 101.19
N PRO X 155 -15.45 -32.70 100.57
CA PRO X 155 -16.26 -31.47 100.54
C PRO X 155 -17.54 -31.55 99.70
N HIS X 156 -17.44 -31.95 98.45
CA HIS X 156 -18.54 -31.84 97.49
C HIS X 156 -18.82 -33.24 96.93
N ARG X 157 -19.72 -33.96 97.58
CA ARG X 157 -20.04 -35.33 97.18
C ARG X 157 -21.06 -35.30 96.06
N VAL X 158 -20.60 -35.51 94.83
CA VAL X 158 -21.50 -35.52 93.68
C VAL X 158 -22.44 -36.72 93.80
N LEU X 159 -23.71 -36.49 93.52
CA LEU X 159 -24.69 -37.57 93.57
C LEU X 159 -24.41 -38.58 92.46
N ARG X 160 -24.29 -39.83 92.85
CA ARG X 160 -24.31 -40.95 91.91
C ARG X 160 -25.60 -41.73 92.12
N ARG X 161 -25.80 -42.74 91.27
CA ARG X 161 -27.06 -43.48 91.26
C ARG X 161 -28.22 -42.52 91.00
N GLN X 162 -28.03 -41.65 90.02
CA GLN X 162 -29.00 -40.61 89.71
C GLN X 162 -30.10 -41.08 88.77
N HIS X 163 -30.05 -42.32 88.32
CA HIS X 163 -31.08 -42.87 87.45
C HIS X 163 -31.99 -43.88 88.14
N LYS X 164 -31.66 -44.31 89.36
CA LYS X 164 -32.54 -45.26 90.05
C LYS X 164 -33.84 -44.57 90.47
N PRO X 165 -33.81 -43.49 91.27
CA PRO X 165 -35.03 -42.65 91.36
C PRO X 165 -34.99 -41.56 90.29
N ARG X 166 -35.31 -41.95 89.05
CA ARG X 166 -35.14 -41.05 87.92
C ARG X 166 -36.04 -39.82 88.05
N PHE X 167 -37.27 -40.00 88.50
CA PHE X 167 -38.20 -38.89 88.74
C PHE X 167 -38.49 -38.84 90.23
N THR X 168 -37.63 -38.16 90.97
CA THR X 168 -37.82 -37.95 92.39
C THR X 168 -38.48 -36.61 92.65
N THR X 169 -38.85 -36.38 93.91
CA THR X 169 -39.46 -35.13 94.32
C THR X 169 -38.61 -34.37 95.32
N LYS X 170 -37.41 -34.85 95.63
CA LYS X 170 -36.50 -34.19 96.54
C LYS X 170 -35.30 -33.64 95.77
N ARG X 171 -34.91 -32.43 96.09
CA ARG X 171 -33.64 -31.92 95.58
C ARG X 171 -32.50 -32.62 96.31
N PRO X 172 -31.57 -33.24 95.60
CA PRO X 172 -30.53 -34.04 96.28
C PRO X 172 -29.65 -33.18 97.18
N ASN X 173 -29.19 -33.80 98.26
CA ASN X 173 -28.29 -33.16 99.20
C ASN X 173 -26.85 -33.54 98.86
N THR X 174 -25.96 -32.55 98.90
CA THR X 174 -24.56 -32.75 98.55
C THR X 174 -23.62 -32.59 99.74
N PHE X 175 -24.13 -32.22 100.91
CA PHE X 175 -23.32 -32.04 102.10
C PHE X 175 -23.52 -33.21 103.04
N PHE X 176 -22.42 -33.82 103.45
CA PHE X 176 -22.47 -34.92 104.42
C PHE X 176 -21.33 -34.81 105.42
N THR Y 1 9.15 -47.10 24.22
CA THR Y 1 9.40 -48.52 24.28
C THR Y 1 10.89 -48.81 24.31
N ASN Y 2 11.25 -50.07 24.54
CA ASN Y 2 12.63 -50.49 24.56
C ASN Y 2 13.05 -50.98 23.18
N THR Y 3 14.33 -51.33 23.04
CA THR Y 3 14.83 -51.93 21.83
C THR Y 3 14.76 -53.45 21.94
N LYS Y 4 14.60 -54.11 20.81
CA LYS Y 4 14.55 -55.56 20.74
C LYS Y 4 15.94 -56.18 20.60
N GLY Y 5 16.98 -55.47 21.04
CA GLY Y 5 18.33 -55.95 20.87
C GLY Y 5 18.60 -57.20 21.69
N LYS Y 6 19.60 -57.96 21.23
CA LYS Y 6 19.89 -59.26 21.83
C LYS Y 6 20.60 -59.14 23.16
N ARG Y 7 21.45 -58.13 23.32
CA ARG Y 7 22.21 -57.96 24.56
C ARG Y 7 21.80 -56.72 25.33
N ARG Y 8 20.55 -56.30 25.20
CA ARG Y 8 20.08 -55.13 25.93
C ARG Y 8 19.95 -55.45 27.42
N GLY Y 9 20.55 -54.60 28.25
CA GLY Y 9 20.45 -54.76 29.69
C GLY Y 9 21.36 -55.81 30.29
N THR Y 10 22.36 -56.31 29.54
CA THR Y 10 23.28 -57.32 30.03
C THR Y 10 24.57 -56.71 30.56
N ARG Y 11 24.54 -55.41 30.88
CA ARG Y 11 25.75 -54.68 31.23
C ARG Y 11 26.46 -55.32 32.43
N TYR Y 12 25.72 -55.54 33.52
CA TYR Y 12 26.28 -56.18 34.69
C TYR Y 12 26.16 -57.69 34.65
N MET Y 13 25.41 -58.24 33.70
CA MET Y 13 25.17 -59.68 33.66
C MET Y 13 26.31 -60.41 32.96
N PHE Y 14 26.79 -59.88 31.84
CA PHE Y 14 27.83 -60.57 31.07
C PHE Y 14 29.22 -60.07 31.37
N SER Y 15 29.37 -59.19 32.35
CA SER Y 15 30.69 -58.69 32.72
C SER Y 15 31.42 -59.72 33.58
N ARG Y 16 32.74 -59.59 33.63
CA ARG Y 16 33.53 -60.46 34.47
C ARG Y 16 33.55 -59.95 35.91
N PRO Y 17 33.69 -60.85 36.88
CA PRO Y 17 33.80 -60.42 38.28
C PRO Y 17 35.06 -59.60 38.51
N PHE Y 18 35.10 -58.93 39.66
CA PHE Y 18 36.22 -58.05 39.97
C PHE Y 18 37.52 -58.83 40.06
N ARG Y 19 38.55 -58.32 39.38
CA ARG Y 19 39.88 -58.92 39.39
C ARG Y 19 39.85 -60.38 38.94
N LYS Y 20 38.96 -60.72 38.03
CA LYS Y 20 38.91 -62.04 37.42
C LYS Y 20 38.78 -61.96 35.92
N HIS Y 21 39.30 -60.88 35.32
CA HIS Y 21 39.34 -60.76 33.88
C HIS Y 21 40.45 -61.64 33.31
N GLY Y 22 40.65 -61.55 32.00
CA GLY Y 22 41.79 -62.19 31.38
C GLY Y 22 41.52 -63.54 30.75
N VAL Y 23 42.46 -64.46 30.91
CA VAL Y 23 42.40 -65.77 30.28
C VAL Y 23 41.54 -66.71 31.14
N VAL Y 24 40.69 -67.48 30.46
CA VAL Y 24 39.78 -68.41 31.12
C VAL Y 24 40.55 -69.65 31.56
N PRO Y 25 40.33 -70.15 32.77
CA PRO Y 25 41.01 -71.38 33.21
C PRO Y 25 40.56 -72.58 32.39
N LEU Y 26 41.41 -73.60 32.37
CA LEU Y 26 41.24 -74.71 31.46
C LEU Y 26 40.39 -75.85 32.02
N ALA Y 27 40.13 -75.87 33.33
CA ALA Y 27 39.27 -76.92 33.86
C ALA Y 27 37.87 -76.84 33.30
N THR Y 28 37.41 -75.61 33.01
CA THR Y 28 36.10 -75.43 32.42
C THR Y 28 35.98 -76.13 31.07
N TYR Y 29 37.03 -76.04 30.26
CA TYR Y 29 37.06 -76.79 29.01
C TYR Y 29 37.25 -78.29 29.24
N MET Y 30 38.01 -78.65 30.27
CA MET Y 30 38.40 -80.04 30.46
C MET Y 30 37.32 -80.89 31.10
N ARG Y 31 36.29 -80.29 31.67
CA ARG Y 31 35.20 -81.07 32.23
C ARG Y 31 34.33 -81.67 31.12
N ILE Y 32 33.89 -82.91 31.34
CA ILE Y 32 33.17 -83.68 30.33
C ILE Y 32 31.71 -83.77 30.71
N TYR Y 33 30.85 -83.83 29.69
CA TYR Y 33 29.41 -83.78 29.88
C TYR Y 33 28.77 -84.95 29.13
N LYS Y 34 28.22 -85.89 29.88
CA LYS Y 34 27.36 -86.91 29.28
C LYS Y 34 25.98 -86.32 29.02
N LYS Y 35 25.17 -87.05 28.25
CA LYS Y 35 23.80 -86.62 28.00
C LYS Y 35 22.91 -87.06 29.16
N GLY Y 36 21.98 -86.19 29.53
CA GLY Y 36 21.18 -86.39 30.72
C GLY Y 36 21.70 -85.69 31.96
N ASP Y 37 22.85 -85.03 31.87
CA ASP Y 37 23.42 -84.33 33.02
C ASP Y 37 22.72 -83.00 33.24
N ILE Y 38 22.46 -82.68 34.50
CA ILE Y 38 21.82 -81.43 34.86
C ILE Y 38 22.88 -80.33 34.90
N VAL Y 39 22.58 -79.20 34.25
CA VAL Y 39 23.59 -78.20 33.93
C VAL Y 39 23.06 -76.81 34.23
N ASP Y 40 23.90 -75.98 34.85
CA ASP Y 40 23.61 -74.58 35.11
C ASP Y 40 24.20 -73.72 34.01
N ILE Y 41 23.42 -72.76 33.52
CA ILE Y 41 23.84 -71.84 32.46
C ILE Y 41 24.25 -70.52 33.09
N LYS Y 42 25.39 -69.99 32.63
CA LYS Y 42 25.88 -68.70 33.15
C LYS Y 42 26.76 -68.09 32.08
N GLY Y 43 26.28 -67.05 31.43
CA GLY Y 43 27.01 -66.45 30.33
C GLY Y 43 28.30 -65.79 30.78
N MET Y 44 29.30 -65.84 29.90
CA MET Y 44 30.60 -65.23 30.15
C MET Y 44 30.94 -64.30 28.99
N GLY Y 45 31.36 -63.08 29.32
CA GLY Y 45 31.62 -62.08 28.29
C GLY Y 45 32.93 -62.26 27.55
N THR Y 46 33.85 -63.06 28.09
CA THR Y 46 35.14 -63.26 27.43
C THR Y 46 34.97 -63.94 26.08
N VAL Y 47 34.08 -64.91 26.00
CA VAL Y 47 33.82 -65.65 24.76
C VAL Y 47 32.49 -65.18 24.20
N GLN Y 48 32.53 -64.68 22.96
CA GLN Y 48 31.33 -64.21 22.29
C GLN Y 48 30.70 -65.26 21.39
N LYS Y 49 31.33 -66.42 21.24
CA LYS Y 49 30.80 -67.49 20.42
C LYS Y 49 29.92 -68.41 21.27
N GLY Y 50 28.81 -68.85 20.68
CA GLY Y 50 27.92 -69.79 21.35
C GLY Y 50 27.40 -69.28 22.68
N MET Y 51 27.04 -68.02 22.75
CA MET Y 51 26.67 -67.39 24.01
C MET Y 51 25.17 -67.43 24.19
N PRO Y 52 24.67 -67.90 25.33
CA PRO Y 52 23.22 -68.02 25.51
C PRO Y 52 22.55 -66.66 25.62
N HIS Y 53 21.25 -66.65 25.35
CA HIS Y 53 20.49 -65.42 25.46
C HIS Y 53 20.30 -65.05 26.94
N LYS Y 54 20.04 -63.76 27.16
CA LYS Y 54 20.00 -63.23 28.52
C LYS Y 54 18.87 -63.80 29.36
N CYS Y 55 17.88 -64.45 28.75
CA CYS Y 55 16.79 -65.04 29.50
C CYS Y 55 17.11 -66.42 30.05
N TYR Y 56 18.20 -67.05 29.59
CA TYR Y 56 18.62 -68.33 30.12
C TYR Y 56 19.75 -68.21 31.14
N HIS Y 57 20.19 -67.00 31.44
CA HIS Y 57 21.23 -66.81 32.44
C HIS Y 57 20.66 -67.13 33.82
N GLY Y 58 21.36 -67.96 34.57
CA GLY Y 58 20.89 -68.38 35.87
C GLY Y 58 19.90 -69.52 35.85
N LYS Y 59 19.65 -70.13 34.71
CA LYS Y 59 18.72 -71.23 34.59
C LYS Y 59 19.44 -72.57 34.60
N THR Y 60 18.64 -73.63 34.67
CA THR Y 60 19.15 -74.99 34.82
C THR Y 60 18.41 -75.91 33.85
N GLY Y 61 19.17 -76.68 33.09
CA GLY Y 61 18.58 -77.57 32.11
C GLY Y 61 19.22 -78.94 32.09
N ARG Y 62 18.91 -79.72 31.05
CA ARG Y 62 19.36 -81.11 30.93
C ARG Y 62 20.02 -81.31 29.58
N VAL Y 63 21.23 -81.87 29.60
CA VAL Y 63 21.97 -82.09 28.36
C VAL Y 63 21.30 -83.18 27.54
N TYR Y 64 21.14 -82.94 26.24
CA TYR Y 64 20.59 -83.93 25.32
C TYR Y 64 21.46 -84.18 24.10
N ASN Y 65 22.27 -83.23 23.67
CA ASN Y 65 23.17 -83.42 22.53
C ASN Y 65 24.51 -82.81 22.86
N VAL Y 66 25.58 -83.58 22.70
CA VAL Y 66 26.94 -83.11 22.93
C VAL Y 66 27.67 -83.08 21.61
N THR Y 67 28.31 -81.95 21.31
CA THR Y 67 28.98 -81.76 20.04
C THR Y 67 30.41 -81.34 20.30
N GLN Y 68 31.13 -80.90 19.26
CA GLN Y 68 32.58 -80.73 19.36
C GLN Y 68 32.96 -79.65 20.36
N HIS Y 69 32.32 -78.49 20.30
CA HIS Y 69 32.66 -77.37 21.18
C HIS Y 69 31.51 -76.91 22.05
N ALA Y 70 30.31 -77.45 21.88
CA ALA Y 70 29.14 -76.99 22.61
C ALA Y 70 28.29 -78.17 22.99
N VAL Y 71 27.28 -77.91 23.81
CA VAL Y 71 26.28 -78.92 24.15
C VAL Y 71 24.90 -78.35 23.86
N GLY Y 72 24.01 -79.23 23.41
CA GLY Y 72 22.61 -78.89 23.28
C GLY Y 72 21.89 -79.29 24.55
N ILE Y 73 21.13 -78.36 25.11
CA ILE Y 73 20.43 -78.60 26.37
C ILE Y 73 18.99 -78.14 26.24
N VAL Y 74 18.14 -78.71 27.08
CA VAL Y 74 16.71 -78.46 27.09
C VAL Y 74 16.39 -77.71 28.37
N VAL Y 75 15.87 -76.49 28.23
CA VAL Y 75 15.57 -75.65 29.38
C VAL Y 75 14.12 -75.21 29.33
N ASN Y 76 13.54 -74.98 30.50
CA ASN Y 76 12.18 -74.49 30.61
C ASN Y 76 12.19 -72.97 30.64
N LYS Y 77 11.47 -72.36 29.71
CA LYS Y 77 11.31 -70.92 29.64
C LYS Y 77 9.83 -70.59 29.75
N GLN Y 78 9.49 -69.64 30.61
CA GLN Y 78 8.11 -69.27 30.82
C GLN Y 78 7.77 -68.05 29.96
N VAL Y 79 6.77 -68.20 29.11
CA VAL Y 79 6.21 -67.11 28.33
C VAL Y 79 4.81 -66.92 28.89
N LYS Y 80 4.03 -66.00 28.33
CA LYS Y 80 2.98 -65.29 29.05
C LYS Y 80 2.28 -66.17 30.09
N GLY Y 81 1.65 -67.26 29.66
CA GLY Y 81 0.94 -68.09 30.60
C GLY Y 81 1.19 -69.57 30.39
N LYS Y 82 2.22 -69.89 29.61
CA LYS Y 82 2.58 -71.27 29.33
C LYS Y 82 4.09 -71.42 29.43
N ILE Y 83 4.52 -72.67 29.65
CA ILE Y 83 5.92 -73.00 29.83
C ILE Y 83 6.38 -73.86 28.67
N LEU Y 84 7.52 -73.50 28.08
CA LEU Y 84 8.05 -74.18 26.91
C LEU Y 84 9.38 -74.83 27.28
N ALA Y 85 9.49 -76.13 27.02
CA ALA Y 85 10.76 -76.84 27.16
C ALA Y 85 11.45 -76.81 25.81
N LYS Y 86 12.49 -75.99 25.69
CA LYS Y 86 13.06 -75.66 24.40
C LYS Y 86 14.57 -75.83 24.41
N ARG Y 87 15.12 -76.07 23.22
CA ARG Y 87 16.51 -76.45 23.04
C ARG Y 87 17.38 -75.24 22.75
N ILE Y 88 18.53 -75.17 23.41
CA ILE Y 88 19.54 -74.17 23.10
C ILE Y 88 20.88 -74.88 22.95
N ASN Y 89 21.76 -74.26 22.16
CA ASN Y 89 23.10 -74.76 21.91
C ASN Y 89 24.08 -73.80 22.56
N VAL Y 90 24.77 -74.25 23.60
CA VAL Y 90 25.63 -73.38 24.40
C VAL Y 90 27.05 -73.93 24.36
N ARG Y 91 28.01 -73.06 24.05
CA ARG Y 91 29.41 -73.43 24.11
C ARG Y 91 29.82 -73.62 25.57
N ILE Y 92 30.92 -74.36 25.77
CA ILE Y 92 31.20 -74.95 27.08
C ILE Y 92 31.51 -73.89 28.15
N GLU Y 93 32.09 -72.75 27.79
CA GLU Y 93 32.53 -71.79 28.80
C GLU Y 93 31.38 -71.20 29.58
N HIS Y 94 30.15 -71.32 29.10
CA HIS Y 94 28.98 -70.74 29.76
C HIS Y 94 28.20 -71.78 30.56
N ILE Y 95 28.85 -72.87 30.96
CA ILE Y 95 28.16 -74.07 31.42
C ILE Y 95 28.86 -74.59 32.67
N LYS Y 96 28.07 -75.07 33.64
CA LYS Y 96 28.63 -75.78 34.78
C LYS Y 96 27.76 -76.98 35.11
N HIS Y 97 28.34 -77.94 35.81
CA HIS Y 97 27.56 -78.97 36.48
C HIS Y 97 26.80 -78.36 37.66
N SER Y 98 25.66 -78.96 37.99
CA SER Y 98 24.89 -78.57 39.16
C SER Y 98 25.04 -79.62 40.25
N LYS Y 99 25.25 -79.17 41.48
CA LYS Y 99 25.46 -80.07 42.61
C LYS Y 99 24.16 -80.53 43.25
N SER Y 100 23.03 -79.98 42.83
CA SER Y 100 21.74 -80.41 43.37
C SER Y 100 21.50 -81.88 43.08
N ARG Y 101 21.81 -82.33 41.86
CA ARG Y 101 21.69 -83.74 41.54
C ARG Y 101 22.73 -84.57 42.27
N ASP Y 102 23.93 -84.01 42.50
CA ASP Y 102 24.98 -84.74 43.20
C ASP Y 102 24.57 -85.05 44.63
N SER Y 103 23.92 -84.11 45.30
CA SER Y 103 23.43 -84.36 46.65
C SER Y 103 22.46 -85.54 46.65
N PHE Y 104 21.52 -85.56 45.71
CA PHE Y 104 20.58 -86.67 45.63
C PHE Y 104 21.28 -87.99 45.33
N LEU Y 105 22.28 -87.97 44.45
CA LEU Y 105 22.98 -89.21 44.14
C LEU Y 105 23.70 -89.76 45.36
N LYS Y 106 24.38 -88.90 46.11
CA LYS Y 106 25.03 -89.34 47.33
C LYS Y 106 24.02 -89.89 48.32
N ARG Y 107 22.90 -89.19 48.50
CA ARG Y 107 21.89 -89.63 49.46
C ARG Y 107 21.26 -90.95 49.05
N VAL Y 108 21.00 -91.14 47.75
CA VAL Y 108 20.36 -92.37 47.30
C VAL Y 108 21.32 -93.55 47.41
N LYS Y 109 22.60 -93.35 47.09
CA LYS Y 109 23.53 -94.46 47.23
C LYS Y 109 23.75 -94.82 48.70
N GLU Y 110 23.74 -93.81 49.58
CA GLU Y 110 23.86 -94.10 51.01
C GLU Y 110 22.63 -94.84 51.53
N ASN Y 111 21.43 -94.45 51.09
CA ASN Y 111 20.25 -95.22 51.46
C ASN Y 111 20.32 -96.64 50.93
N ASP Y 112 20.83 -96.82 49.71
CA ASP Y 112 20.93 -98.16 49.16
C ASP Y 112 21.86 -99.03 50.00
N GLN Y 113 23.03 -98.51 50.39
CA GLN Y 113 23.92 -99.32 51.21
C GLN Y 113 23.28 -99.61 52.57
N LYS Y 114 22.65 -98.60 53.18
CA LYS Y 114 22.02 -98.80 54.48
C LYS Y 114 20.76 -99.66 54.40
N LYS Y 115 20.23 -99.89 53.20
CA LYS Y 115 19.09 -100.79 53.04
C LYS Y 115 19.53 -102.22 52.79
N LYS Y 116 20.54 -102.41 51.93
CA LYS Y 116 21.07 -103.75 51.72
C LYS Y 116 21.73 -104.28 52.99
N GLU Y 117 22.52 -103.47 53.67
CA GLU Y 117 22.97 -103.81 55.01
C GLU Y 117 21.88 -103.41 56.00
N ALA Y 118 21.95 -103.98 57.21
CA ALA Y 118 20.94 -103.79 58.25
C ALA Y 118 19.57 -104.32 57.85
N LYS Y 119 19.51 -105.11 56.78
CA LYS Y 119 18.32 -105.85 56.42
C LYS Y 119 18.37 -107.29 56.91
N GLU Y 120 19.51 -107.95 56.74
CA GLU Y 120 19.72 -109.27 57.35
C GLU Y 120 19.71 -109.19 58.86
N LYS Y 121 20.12 -108.05 59.43
CA LYS Y 121 20.05 -107.88 60.87
C LYS Y 121 18.61 -107.82 61.38
N GLY Y 122 17.66 -107.45 60.52
CA GLY Y 122 16.27 -107.42 60.87
C GLY Y 122 15.79 -106.16 61.55
N THR Y 123 16.68 -105.23 61.87
CA THR Y 123 16.27 -103.99 62.52
C THR Y 123 15.59 -103.06 61.53
N TRP Y 124 14.71 -102.22 62.05
CA TRP Y 124 14.04 -101.20 61.24
C TRP Y 124 14.87 -99.93 61.21
N VAL Y 125 15.00 -99.35 60.02
CA VAL Y 125 15.81 -98.15 59.83
C VAL Y 125 14.95 -97.09 59.16
N GLN Y 126 15.09 -95.84 59.62
CA GLN Y 126 14.42 -94.72 58.99
C GLN Y 126 15.23 -94.25 57.79
N LEU Y 127 14.58 -94.22 56.62
CA LEU Y 127 15.26 -93.86 55.38
C LEU Y 127 14.80 -92.52 54.81
N LYS Y 128 13.58 -92.07 55.14
CA LYS Y 128 13.10 -90.78 54.70
C LYS Y 128 13.72 -89.67 55.53
N ARG Y 129 13.53 -88.42 55.07
CA ARG Y 129 13.93 -87.25 55.83
C ARG Y 129 12.69 -86.66 56.47
N GLN Y 130 12.57 -86.82 57.77
CA GLN Y 130 11.57 -86.01 58.45
C GLN Y 130 12.09 -84.59 58.63
N PRO Y 131 11.21 -83.59 58.63
CA PRO Y 131 11.67 -82.21 58.78
C PRO Y 131 12.19 -81.93 60.18
N ALA Y 132 12.72 -80.74 60.41
CA ALA Y 132 13.27 -80.40 61.71
C ALA Y 132 12.18 -80.49 62.77
N PRO Y 133 12.36 -81.29 63.82
CA PRO Y 133 11.30 -81.47 64.79
C PRO Y 133 11.37 -80.42 65.88
N PRO Y 134 10.31 -80.25 66.67
CA PRO Y 134 10.40 -79.37 67.83
C PRO Y 134 11.40 -79.91 68.84
N ARG Y 135 12.04 -78.99 69.56
CA ARG Y 135 13.06 -79.38 70.53
C ARG Y 135 12.46 -80.18 71.67
N GLU Y 136 13.29 -81.04 72.26
CA GLU Y 136 12.87 -81.88 73.36
C GLU Y 136 13.17 -81.21 74.70
N ALA Y 137 12.61 -81.78 75.75
CA ALA Y 137 12.81 -81.24 77.10
C ALA Y 137 14.24 -81.48 77.56
N HIS Y 138 14.78 -80.50 78.29
CA HIS Y 138 16.14 -80.60 78.80
C HIS Y 138 16.30 -79.65 79.97
N PHE Y 139 17.37 -79.85 80.73
CA PHE Y 139 17.70 -79.02 81.88
C PHE Y 139 18.79 -78.03 81.50
N VAL Y 140 18.70 -76.83 82.06
CA VAL Y 140 19.73 -75.81 81.89
C VAL Y 140 20.36 -75.58 83.25
N ARG Y 141 21.67 -75.80 83.34
CA ARG Y 141 22.36 -75.71 84.62
C ARG Y 141 22.89 -74.29 84.82
N THR Y 142 22.39 -73.62 85.85
CA THR Y 142 22.95 -72.36 86.32
C THR Y 142 23.93 -72.61 87.45
N ASN Y 143 25.02 -73.30 87.13
CA ASN Y 143 25.96 -73.77 88.14
C ASN Y 143 26.64 -72.59 88.82
N GLY Y 144 26.22 -72.28 90.05
CA GLY Y 144 26.79 -71.17 90.75
C GLY Y 144 26.09 -69.86 90.44
N LYS Y 145 26.63 -69.13 89.46
CA LYS Y 145 26.22 -67.76 89.18
C LYS Y 145 24.72 -67.66 88.90
N GLU Y 146 24.15 -66.54 89.30
CA GLU Y 146 22.77 -66.15 89.10
C GLU Y 146 22.64 -65.39 87.77
N PRO Y 147 21.55 -65.60 87.02
CA PRO Y 147 21.42 -64.92 85.73
C PRO Y 147 21.40 -63.41 85.92
N GLU Y 148 22.34 -62.74 85.24
CA GLU Y 148 22.55 -61.32 85.49
C GLU Y 148 21.50 -60.50 84.74
N LEU Y 149 21.03 -59.44 85.39
CA LEU Y 149 19.87 -58.69 84.93
C LEU Y 149 20.22 -57.75 83.79
N LEU Y 150 19.25 -57.52 82.91
CA LEU Y 150 19.35 -56.57 81.83
C LEU Y 150 18.25 -55.54 81.94
N GLU Y 151 18.58 -54.29 81.64
CA GLU Y 151 17.61 -53.20 81.64
C GLU Y 151 17.85 -52.35 80.41
N PRO Y 152 16.81 -51.73 79.87
CA PRO Y 152 17.01 -50.78 78.77
C PRO Y 152 17.84 -49.58 79.23
N ILE Y 153 18.60 -49.02 78.31
CA ILE Y 153 19.49 -47.92 78.62
C ILE Y 153 18.81 -46.60 78.28
N PRO Y 154 19.13 -45.51 78.99
CA PRO Y 154 18.49 -44.23 78.68
C PRO Y 154 18.89 -43.70 77.33
N TYR Y 155 18.03 -42.86 76.77
CA TYR Y 155 18.25 -42.28 75.46
C TYR Y 155 19.33 -41.21 75.53
N GLU Y 156 20.22 -41.20 74.53
CA GLU Y 156 21.21 -40.14 74.38
C GLU Y 156 21.29 -39.75 72.92
N PHE Y 157 21.13 -38.46 72.63
CA PHE Y 157 21.10 -37.95 71.26
C PHE Y 157 22.52 -37.92 70.72
N MET Y 158 23.00 -39.08 70.30
CA MET Y 158 24.31 -39.21 69.69
C MET Y 158 24.36 -38.74 68.25
N ALA Y 159 23.22 -38.39 67.65
CA ALA Y 159 23.18 -37.85 66.32
C ALA Y 159 23.79 -36.45 66.30
N LEU Z 1 -98.13 42.50 -23.21
CA LEU Z 1 -99.20 42.37 -22.25
C LEU Z 1 -99.23 40.96 -21.65
N LEU Z 2 -99.15 40.88 -20.33
CA LEU Z 2 -99.11 39.63 -19.61
C LEU Z 2 -100.27 39.58 -18.62
N LYS Z 3 -100.98 38.46 -18.61
CA LYS Z 3 -102.21 38.31 -17.83
C LYS Z 3 -102.20 36.94 -17.17
N PHE Z 4 -102.25 36.92 -15.84
CA PHE Z 4 -102.19 35.68 -15.08
C PHE Z 4 -103.35 35.62 -14.10
N THR Z 5 -104.04 34.48 -14.08
CA THR Z 5 -105.24 34.30 -13.27
C THR Z 5 -104.96 33.29 -12.16
N LEU Z 6 -105.58 33.51 -11.00
CA LEU Z 6 -105.46 32.62 -9.86
C LEU Z 6 -106.85 32.29 -9.34
N ASP Z 7 -107.16 30.99 -9.24
CA ASP Z 7 -108.49 30.50 -8.91
C ASP Z 7 -108.51 29.86 -7.53
N CYS Z 8 -109.15 30.53 -6.57
CA CYS Z 8 -109.31 30.05 -5.21
C CYS Z 8 -110.73 29.57 -4.93
N THR Z 9 -111.39 29.02 -5.95
CA THR Z 9 -112.83 28.79 -5.89
C THR Z 9 -113.20 27.77 -4.82
N HIS Z 10 -112.54 26.61 -4.84
CA HIS Z 10 -112.87 25.57 -3.87
C HIS Z 10 -112.60 26.02 -2.44
N PRO Z 11 -111.43 26.56 -2.08
CA PRO Z 11 -111.26 27.03 -0.70
C PRO Z 11 -112.22 28.14 -0.32
N VAL Z 12 -112.53 29.07 -1.21
CA VAL Z 12 -113.41 30.17 -0.79
C VAL Z 12 -114.83 29.67 -0.59
N GLU Z 13 -115.30 28.73 -1.42
CA GLU Z 13 -116.64 28.20 -1.22
C GLU Z 13 -116.70 27.31 0.02
N ASP Z 14 -115.60 26.66 0.38
CA ASP Z 14 -115.56 25.98 1.66
C ASP Z 14 -115.36 26.92 2.84
N GLY Z 15 -114.98 28.18 2.57
CA GLY Z 15 -114.85 29.18 3.61
C GLY Z 15 -113.51 29.21 4.32
N ILE Z 16 -112.60 28.28 4.01
CA ILE Z 16 -111.33 28.19 4.73
C ILE Z 16 -110.33 29.25 4.29
N MET Z 17 -110.63 30.03 3.25
CA MET Z 17 -109.90 31.25 2.98
C MET Z 17 -110.81 32.23 2.29
N ASP Z 18 -110.42 33.50 2.32
CA ASP Z 18 -111.12 34.56 1.62
C ASP Z 18 -110.18 35.29 0.68
N ALA Z 19 -110.75 35.88 -0.38
CA ALA Z 19 -109.95 36.58 -1.36
C ALA Z 19 -109.48 37.96 -0.89
N ALA Z 20 -110.15 38.52 0.12
CA ALA Z 20 -109.82 39.88 0.56
C ALA Z 20 -108.40 39.96 1.09
N ASN Z 21 -108.06 39.07 2.02
CA ASN Z 21 -106.72 39.10 2.60
C ASN Z 21 -105.67 38.71 1.58
N PHE Z 22 -105.99 37.78 0.66
CA PHE Z 22 -105.04 37.42 -0.38
C PHE Z 22 -104.70 38.60 -1.28
N GLU Z 23 -105.72 39.33 -1.69
CA GLU Z 23 -105.46 40.48 -2.55
C GLU Z 23 -104.78 41.61 -1.77
N GLN Z 24 -105.14 41.82 -0.50
CA GLN Z 24 -104.37 42.77 0.30
C GLN Z 24 -102.89 42.39 0.30
N PHE Z 25 -102.60 41.13 0.62
CA PHE Z 25 -101.24 40.60 0.63
C PHE Z 25 -100.51 40.89 -0.67
N LEU Z 26 -101.14 40.54 -1.79
CA LEU Z 26 -100.51 40.78 -3.09
C LEU Z 26 -100.28 42.27 -3.30
N GLN Z 27 -101.23 43.11 -2.88
CA GLN Z 27 -101.07 44.55 -3.03
C GLN Z 27 -99.80 45.04 -2.37
N GLU Z 28 -99.59 44.71 -1.09
CA GLU Z 28 -98.40 45.31 -0.49
C GLU Z 28 -97.12 44.67 -1.04
N ARG Z 29 -97.12 43.35 -1.24
CA ARG Z 29 -95.83 42.68 -1.45
C ARG Z 29 -95.69 41.98 -2.81
N ILE Z 30 -96.25 42.56 -3.87
CA ILE Z 30 -95.75 42.26 -5.21
C ILE Z 30 -94.59 43.21 -5.50
N LYS Z 31 -93.40 42.65 -5.71
CA LYS Z 31 -92.19 43.45 -5.92
C LYS Z 31 -91.99 43.69 -7.41
N VAL Z 32 -91.91 44.95 -7.79
CA VAL Z 32 -91.64 45.35 -9.17
C VAL Z 32 -90.32 46.09 -9.19
N ASN Z 33 -89.36 45.58 -9.96
CA ASN Z 33 -88.00 46.14 -10.02
C ASN Z 33 -87.38 46.27 -8.64
N GLY Z 34 -87.71 45.33 -7.75
CA GLY Z 34 -87.15 45.28 -6.41
C GLY Z 34 -87.89 46.10 -5.37
N LYS Z 35 -88.84 46.94 -5.78
CA LYS Z 35 -89.57 47.80 -4.85
C LYS Z 35 -90.85 47.08 -4.42
N ALA Z 36 -90.91 46.70 -3.14
CA ALA Z 36 -92.05 45.95 -2.65
C ALA Z 36 -93.32 46.78 -2.68
N GLY Z 37 -93.24 48.04 -2.25
CA GLY Z 37 -94.42 48.87 -2.10
C GLY Z 37 -94.94 49.41 -3.41
N ASN Z 38 -95.94 50.27 -3.29
CA ASN Z 38 -96.51 51.13 -4.34
C ASN Z 38 -96.86 50.37 -5.62
N LEU Z 39 -96.87 49.03 -5.56
CA LEU Z 39 -97.22 48.16 -6.68
C LEU Z 39 -96.58 48.64 -7.98
N GLY Z 40 -95.36 49.16 -7.90
CA GLY Z 40 -94.71 49.74 -9.06
C GLY Z 40 -95.44 50.92 -9.66
N GLY Z 41 -96.25 51.60 -8.86
CA GLY Z 41 -97.12 52.63 -9.42
C GLY Z 41 -98.33 51.97 -10.04
N GLY Z 42 -98.56 52.26 -11.32
CA GLY Z 42 -99.64 51.62 -12.04
C GLY Z 42 -99.16 50.65 -13.10
N VAL Z 43 -98.03 49.99 -12.84
CA VAL Z 43 -97.44 49.10 -13.84
C VAL Z 43 -97.98 47.68 -13.73
N VAL Z 44 -98.52 47.29 -12.58
CA VAL Z 44 -99.06 45.95 -12.36
C VAL Z 44 -100.45 46.12 -11.77
N SER Z 45 -101.48 45.90 -12.58
CA SER Z 45 -102.85 46.01 -12.13
C SER Z 45 -103.34 44.68 -11.58
N LEU Z 46 -104.15 44.75 -10.52
CA LEU Z 46 -104.75 43.57 -9.91
C LEU Z 46 -106.27 43.78 -9.83
N GLU Z 47 -107.02 42.79 -10.28
CA GLU Z 47 -108.48 42.87 -10.34
C GLU Z 47 -109.09 41.66 -9.66
N ARG Z 48 -110.28 41.87 -9.08
CA ARG Z 48 -110.99 40.85 -8.32
C ARG Z 48 -112.30 40.54 -9.01
N SER Z 49 -112.30 39.51 -9.84
CA SER Z 49 -113.57 38.94 -10.30
C SER Z 49 -114.13 38.09 -9.16
N LYS Z 50 -115.22 37.37 -9.41
CA LYS Z 50 -115.81 36.58 -8.35
C LYS Z 50 -114.94 35.34 -8.11
N SER Z 51 -114.31 35.29 -6.94
CA SER Z 51 -113.53 34.13 -6.50
C SER Z 51 -112.31 33.86 -7.38
N LYS Z 52 -111.71 34.91 -7.95
CA LYS Z 52 -110.49 34.74 -8.70
C LYS Z 52 -109.78 36.08 -8.82
N ILE Z 53 -108.45 36.03 -8.91
CA ILE Z 53 -107.60 37.21 -8.89
C ILE Z 53 -106.86 37.28 -10.22
N THR Z 54 -106.91 38.42 -10.88
CA THR Z 54 -106.24 38.61 -12.16
C THR Z 54 -105.15 39.65 -12.03
N VAL Z 55 -103.94 39.30 -12.45
CA VAL Z 55 -102.79 40.20 -12.40
C VAL Z 55 -102.35 40.47 -13.83
N THR Z 56 -102.33 41.75 -14.21
CA THR Z 56 -101.95 42.17 -15.55
C THR Z 56 -100.76 43.10 -15.46
N SER Z 57 -99.78 42.89 -16.33
CA SER Z 57 -98.60 43.73 -16.35
C SER Z 57 -98.04 43.81 -17.76
N GLU Z 58 -97.50 44.98 -18.11
CA GLU Z 58 -96.87 45.16 -19.40
C GLU Z 58 -95.37 44.88 -19.36
N VAL Z 59 -94.71 45.22 -18.27
CA VAL Z 59 -93.30 44.89 -18.08
C VAL Z 59 -93.19 43.39 -17.88
N PRO Z 60 -92.04 42.78 -18.17
CA PRO Z 60 -91.91 41.32 -18.01
C PRO Z 60 -92.17 40.91 -16.57
N PHE Z 61 -93.23 40.14 -16.37
CA PHE Z 61 -93.67 39.70 -15.05
C PHE Z 61 -93.83 38.19 -15.08
N SER Z 62 -93.28 37.51 -14.09
CA SER Z 62 -93.21 36.06 -14.07
C SER Z 62 -94.42 35.45 -13.37
N LYS Z 63 -94.79 34.25 -13.80
CA LYS Z 63 -95.91 33.51 -13.26
C LYS Z 63 -95.51 32.63 -12.07
N ARG Z 64 -94.31 32.07 -12.11
CA ARG Z 64 -93.80 31.35 -10.96
C ARG Z 64 -93.60 32.28 -9.77
N TYR Z 65 -93.39 33.57 -10.01
CA TYR Z 65 -93.37 34.53 -8.91
C TYR Z 65 -94.73 34.61 -8.23
N LEU Z 66 -95.80 34.62 -9.02
CA LEU Z 66 -97.14 34.60 -8.44
C LEU Z 66 -97.36 33.32 -7.66
N LYS Z 67 -96.87 32.18 -8.17
CA LYS Z 67 -96.99 30.93 -7.45
C LYS Z 67 -96.24 30.98 -6.11
N TYR Z 68 -95.04 31.57 -6.12
CA TYR Z 68 -94.25 31.67 -4.90
C TYR Z 68 -94.94 32.54 -3.86
N LEU Z 69 -95.51 33.67 -4.30
CA LEU Z 69 -96.28 34.52 -3.38
C LEU Z 69 -97.50 33.80 -2.84
N THR Z 70 -98.16 32.99 -3.69
CA THR Z 70 -99.31 32.24 -3.24
C THR Z 70 -98.93 31.23 -2.16
N LYS Z 71 -97.83 30.52 -2.36
CA LYS Z 71 -97.36 29.59 -1.34
C LYS Z 71 -97.00 30.33 -0.06
N LYS Z 72 -96.39 31.50 -0.17
CA LYS Z 72 -96.10 32.31 1.00
C LYS Z 72 -97.37 32.65 1.77
N TYR Z 73 -98.42 33.04 1.04
CA TYR Z 73 -99.69 33.37 1.68
C TYR Z 73 -100.30 32.16 2.38
N LEU Z 74 -100.28 31.01 1.72
CA LEU Z 74 -100.88 29.82 2.33
C LEU Z 74 -100.11 29.39 3.56
N LYS Z 75 -98.78 29.50 3.54
CA LYS Z 75 -98.01 29.19 4.74
C LYS Z 75 -98.29 30.18 5.85
N LYS Z 76 -98.48 31.45 5.50
CA LYS Z 76 -98.84 32.45 6.50
C LYS Z 76 -100.17 32.11 7.16
N ASN Z 77 -101.13 31.64 6.37
CA ASN Z 77 -102.45 31.30 6.88
C ASN Z 77 -102.56 29.85 7.35
N ASN Z 78 -101.46 29.11 7.35
CA ASN Z 78 -101.38 27.80 8.02
C ASN Z 78 -102.31 26.79 7.36
N LEU Z 79 -102.29 26.73 6.03
CA LEU Z 79 -103.15 25.78 5.32
C LEU Z 79 -102.47 25.15 4.11
N ARG Z 80 -101.14 25.18 4.04
CA ARG Z 80 -100.45 24.53 2.93
C ARG Z 80 -100.61 23.02 2.98
N ASP Z 81 -100.79 22.46 4.18
CA ASP Z 81 -100.97 21.02 4.33
C ASP Z 81 -102.33 20.51 3.85
N TRP Z 82 -103.30 21.40 3.57
CA TRP Z 82 -104.53 21.00 2.91
C TRP Z 82 -104.58 21.35 1.43
N LEU Z 83 -104.05 22.50 1.05
CA LEU Z 83 -104.21 23.02 -0.30
C LEU Z 83 -102.88 22.95 -1.06
N ARG Z 84 -102.98 22.87 -2.38
CA ARG Z 84 -101.80 22.94 -3.23
C ARG Z 84 -102.13 23.71 -4.50
N VAL Z 85 -101.14 24.40 -5.03
CA VAL Z 85 -101.29 25.25 -6.21
C VAL Z 85 -100.90 24.43 -7.43
N VAL Z 86 -101.79 24.37 -8.42
CA VAL Z 86 -101.57 23.57 -9.62
C VAL Z 86 -101.89 24.43 -10.84
N ALA Z 87 -101.04 24.35 -11.85
CA ALA Z 87 -101.28 25.04 -13.11
C ALA Z 87 -102.20 24.18 -13.96
N ASN Z 88 -103.50 24.42 -13.84
CA ASN Z 88 -104.47 23.71 -14.66
C ASN Z 88 -104.29 24.04 -16.13
N THR Z 89 -104.12 25.32 -16.46
CA THR Z 89 -103.82 25.78 -17.80
C THR Z 89 -102.66 26.75 -17.73
N LYS Z 90 -102.16 27.14 -18.89
CA LYS Z 90 -101.20 28.23 -18.90
C LYS Z 90 -101.90 29.54 -18.58
N GLU Z 91 -101.07 30.54 -18.20
CA GLU Z 91 -101.48 31.81 -17.59
C GLU Z 91 -102.51 31.64 -16.46
N SER Z 92 -102.57 30.47 -15.82
CA SER Z 92 -103.54 30.29 -14.76
C SER Z 92 -103.05 29.28 -13.74
N TYR Z 93 -103.24 29.61 -12.47
CA TYR Z 93 -103.05 28.70 -11.35
C TYR Z 93 -104.39 28.51 -10.64
N GLU Z 94 -104.53 27.39 -9.94
CA GLU Z 94 -105.73 27.18 -9.15
C GLU Z 94 -105.37 26.34 -7.92
N LEU Z 95 -106.22 26.46 -6.90
CA LEU Z 95 -105.97 25.81 -5.61
C LEU Z 95 -106.80 24.55 -5.49
N ARG Z 96 -106.13 23.41 -5.34
CA ARG Z 96 -106.77 22.11 -5.19
C ARG Z 96 -106.53 21.57 -3.79
N TYR Z 97 -107.25 20.50 -3.47
CA TYR Z 97 -107.03 19.73 -2.25
C TYR Z 97 -106.19 18.50 -2.57
N PHE Z 98 -106.02 17.64 -1.58
CA PHE Z 98 -105.24 16.41 -1.74
C PHE Z 98 -106.15 15.19 -1.86
N SER AA 1 -25.36 34.40 59.56
CA SER AA 1 -26.12 33.78 60.65
C SER AA 1 -27.24 32.89 60.09
N GLY AA 2 -28.36 33.52 59.72
CA GLY AA 2 -29.46 32.77 59.15
C GLY AA 2 -29.08 32.18 57.80
N ALA AA 3 -29.54 30.96 57.56
CA ALA AA 3 -29.21 30.23 56.34
C ALA AA 3 -30.30 30.40 55.30
N LYS AA 4 -29.95 30.08 54.06
CA LYS AA 4 -30.90 30.11 52.96
C LYS AA 4 -31.78 28.87 52.98
N PHE AA 5 -33.07 29.08 52.74
CA PHE AA 5 -34.00 27.97 52.66
C PHE AA 5 -33.89 27.29 51.30
N ARG AA 6 -34.58 26.16 51.15
CA ARG AA 6 -34.62 25.47 49.87
C ARG AA 6 -35.53 26.24 48.91
N ILE AA 7 -35.12 26.31 47.65
CA ILE AA 7 -35.87 27.00 46.62
C ILE AA 7 -36.04 26.07 45.42
N SER AA 8 -37.01 26.39 44.57
CA SER AA 8 -37.23 25.60 43.38
C SER AA 8 -36.10 25.85 42.37
N LEU AA 9 -35.06 25.04 42.46
CA LEU AA 9 -33.92 25.14 41.54
C LEU AA 9 -34.30 24.64 40.15
N GLY AA 10 -33.82 25.34 39.13
CA GLY AA 10 -34.22 25.01 37.78
C GLY AA 10 -33.15 25.21 36.71
N LEU AA 11 -31.88 25.13 37.08
CA LEU AA 11 -30.78 25.36 36.14
C LEU AA 11 -29.81 24.17 36.18
N PRO AA 12 -30.08 23.11 35.43
CA PRO AA 12 -29.17 21.96 35.41
C PRO AA 12 -27.82 22.29 34.79
N VAL AA 13 -26.92 21.31 34.86
CA VAL AA 13 -25.65 21.43 34.14
C VAL AA 13 -25.92 21.57 32.65
N GLY AA 14 -25.09 22.36 31.99
CA GLY AA 14 -25.25 22.64 30.58
C GLY AA 14 -26.14 23.81 30.27
N ALA AA 15 -26.77 24.41 31.27
CA ALA AA 15 -27.59 25.59 31.05
C ALA AA 15 -26.71 26.79 30.69
N VAL AA 16 -27.16 27.56 29.72
CA VAL AA 16 -26.49 28.78 29.29
C VAL AA 16 -27.32 29.96 29.78
N ILE AA 17 -26.70 30.84 30.55
CA ILE AA 17 -27.37 31.97 31.17
C ILE AA 17 -26.66 33.26 30.73
N ASN AA 18 -27.33 34.38 30.97
CA ASN AA 18 -26.74 35.68 30.64
C ASN AA 18 -25.76 36.12 31.72
N CYS AA 19 -24.91 37.07 31.35
CA CYS AA 19 -23.88 37.60 32.23
C CYS AA 19 -24.23 39.05 32.56
N ALA AA 20 -24.65 39.28 33.80
CA ALA AA 20 -25.17 40.59 34.19
C ALA AA 20 -24.09 41.38 34.94
N ASP AA 21 -23.06 41.77 34.20
CA ASP AA 21 -22.02 42.64 34.73
C ASP AA 21 -21.26 43.27 33.56
N ASN AA 22 -20.13 43.90 33.85
CA ASN AA 22 -19.32 44.55 32.83
C ASN AA 22 -17.93 43.92 32.68
N THR AA 23 -17.77 42.67 33.13
CA THR AA 23 -16.49 42.00 32.97
C THR AA 23 -16.13 41.77 31.51
N GLY AA 24 -17.11 41.75 30.63
CA GLY AA 24 -16.89 41.52 29.21
C GLY AA 24 -17.50 40.25 28.67
N ALA AA 25 -17.99 39.36 29.54
CA ALA AA 25 -18.64 38.14 29.08
C ALA AA 25 -20.09 38.44 28.68
N LYS AA 26 -20.64 37.55 27.86
CA LYS AA 26 -22.03 37.63 27.46
C LYS AA 26 -22.82 36.35 27.73
N ASN AA 27 -22.15 35.25 28.03
CA ASN AA 27 -22.81 33.98 28.33
C ASN AA 27 -22.02 33.24 29.39
N LEU AA 28 -22.74 32.53 30.25
CA LEU AA 28 -22.15 31.57 31.16
C LEU AA 28 -22.72 30.19 30.86
N TYR AA 29 -21.84 29.20 30.77
CA TYR AA 29 -22.23 27.82 30.50
C TYR AA 29 -21.95 27.02 31.77
N ILE AA 30 -22.99 26.65 32.50
CA ILE AA 30 -22.81 26.01 33.80
C ILE AA 30 -22.27 24.60 33.59
N ILE AA 31 -21.14 24.30 34.23
CA ILE AA 31 -20.53 22.98 34.13
C ILE AA 31 -20.70 22.17 35.41
N SER AA 32 -20.91 22.80 36.56
CA SER AA 32 -21.13 22.07 37.80
C SER AA 32 -21.62 23.05 38.85
N VAL AA 33 -22.24 22.50 39.89
CA VAL AA 33 -22.82 23.28 40.99
C VAL AA 33 -22.15 22.84 42.28
N LYS AA 34 -21.58 23.78 43.01
CA LYS AA 34 -20.86 23.45 44.23
C LYS AA 34 -21.82 23.13 45.36
N GLY AA 35 -21.44 22.15 46.18
CA GLY AA 35 -22.25 21.70 47.28
C GLY AA 35 -23.15 20.52 46.99
N ILE AA 36 -23.03 19.90 45.81
CA ILE AA 36 -23.91 18.82 45.42
C ILE AA 36 -23.24 17.49 45.75
N LYS AA 37 -23.93 16.66 46.55
CA LYS AA 37 -23.45 15.31 46.80
C LYS AA 37 -23.72 14.42 45.61
N GLY AA 38 -24.98 14.35 45.18
CA GLY AA 38 -25.36 13.69 43.95
C GLY AA 38 -26.17 12.43 44.21
N ARG AA 39 -26.65 11.88 43.10
CA ARG AA 39 -27.45 10.66 43.08
C ARG AA 39 -27.33 10.08 41.68
N LEU AA 40 -27.60 8.79 41.55
CA LEU AA 40 -27.44 8.13 40.26
C LEU AA 40 -28.38 8.75 39.23
N ASN AA 41 -27.82 9.11 38.07
CA ASN AA 41 -28.57 9.73 36.98
C ASN AA 41 -29.36 10.94 37.45
N ARG AA 42 -28.67 11.86 38.12
CA ARG AA 42 -29.28 13.05 38.70
C ARG AA 42 -28.42 14.25 38.33
N LEU AA 43 -28.92 15.11 37.47
CA LEU AA 43 -28.13 16.25 37.01
C LEU AA 43 -28.00 17.29 38.11
N PRO AA 44 -26.79 17.68 38.48
CA PRO AA 44 -26.63 18.77 39.46
C PRO AA 44 -27.21 20.07 38.93
N ALA AA 45 -28.21 20.60 39.63
CA ALA AA 45 -28.85 21.83 39.21
C ALA AA 45 -28.73 22.89 40.28
N ALA AA 46 -28.79 24.16 39.86
CA ALA AA 46 -28.55 25.30 40.73
C ALA AA 46 -29.78 26.20 40.78
N GLY AA 47 -30.04 26.76 41.97
CA GLY AA 47 -31.02 27.80 42.16
C GLY AA 47 -30.35 29.15 42.31
N VAL AA 48 -31.19 30.16 42.56
CA VAL AA 48 -30.68 31.51 42.69
C VAL AA 48 -29.94 31.65 44.02
N GLY AA 49 -28.84 32.41 44.00
CA GLY AA 49 -27.98 32.52 45.14
C GLY AA 49 -26.94 31.43 45.24
N ASP AA 50 -26.97 30.44 44.36
CA ASP AA 50 -26.00 29.37 44.38
C ASP AA 50 -24.74 29.77 43.62
N MET AA 51 -23.60 29.28 44.10
CA MET AA 51 -22.31 29.49 43.45
C MET AA 51 -21.96 28.26 42.64
N VAL AA 52 -21.69 28.47 41.36
CA VAL AA 52 -21.47 27.40 40.40
C VAL AA 52 -20.09 27.58 39.77
N MET AA 53 -19.67 26.56 39.03
CA MET AA 53 -18.53 26.65 38.14
C MET AA 53 -19.06 26.77 36.72
N ALA AA 54 -18.55 27.73 35.96
CA ALA AA 54 -19.05 27.98 34.62
C ALA AA 54 -17.90 28.35 33.70
N THR AA 55 -18.24 28.51 32.43
CA THR AA 55 -17.29 28.96 31.42
C THR AA 55 -17.99 29.93 30.49
N VAL AA 56 -17.20 30.73 29.79
CA VAL AA 56 -17.72 31.76 28.90
C VAL AA 56 -17.73 31.21 27.49
N LYS AA 57 -18.91 31.20 26.87
CA LYS AA 57 -19.05 30.74 25.50
C LYS AA 57 -18.94 31.89 24.50
N LYS AA 58 -19.45 33.07 24.84
CA LYS AA 58 -19.34 34.25 24.00
C LYS AA 58 -18.82 35.41 24.83
N GLY AA 59 -17.74 36.02 24.38
CA GLY AA 59 -17.15 37.12 25.10
C GLY AA 59 -15.77 37.43 24.55
N LYS AA 60 -15.11 38.39 25.20
CA LYS AA 60 -13.78 38.78 24.78
C LYS AA 60 -12.78 37.67 25.11
N PRO AA 61 -11.76 37.50 24.26
CA PRO AA 61 -11.00 36.23 24.26
C PRO AA 61 -10.30 35.89 25.57
N GLU AA 62 -9.77 36.87 26.30
CA GLU AA 62 -8.88 36.55 27.40
C GLU AA 62 -9.59 35.89 28.58
N LEU AA 63 -10.93 35.88 28.60
CA LEU AA 63 -11.69 35.21 29.64
C LEU AA 63 -12.48 34.02 29.13
N ARG AA 64 -12.09 33.48 27.97
CA ARG AA 64 -12.65 32.24 27.45
C ARG AA 64 -11.71 31.07 27.71
N LYS AA 65 -12.22 29.86 27.44
CA LYS AA 65 -11.43 28.63 27.50
C LYS AA 65 -10.88 28.36 28.90
N LYS AA 66 -11.62 28.74 29.94
CA LYS AA 66 -11.22 28.44 31.30
C LYS AA 66 -12.45 28.46 32.19
N VAL AA 67 -12.28 27.99 33.42
CA VAL AA 67 -13.38 27.83 34.37
C VAL AA 67 -13.36 28.99 35.34
N HIS AA 68 -14.53 29.58 35.60
CA HIS AA 68 -14.68 30.65 36.55
C HIS AA 68 -15.77 30.31 37.56
N PRO AA 69 -15.58 30.69 38.83
CA PRO AA 69 -16.70 30.63 39.78
C PRO AA 69 -17.68 31.76 39.52
N ALA AA 70 -18.96 31.43 39.63
CA ALA AA 70 -20.03 32.38 39.35
C ALA AA 70 -21.11 32.24 40.41
N VAL AA 71 -22.01 33.21 40.44
CA VAL AA 71 -23.18 33.18 41.31
C VAL AA 71 -24.42 33.45 40.46
N VAL AA 72 -25.47 32.68 40.70
CA VAL AA 72 -26.72 32.84 39.97
C VAL AA 72 -27.49 34.01 40.56
N ILE AA 73 -27.89 34.94 39.70
CA ILE AA 73 -28.54 36.17 40.12
C ILE AA 73 -30.06 36.13 39.93
N ARG AA 74 -30.51 35.66 38.77
CA ARG AA 74 -31.94 35.56 38.48
C ARG AA 74 -32.19 34.25 37.76
N GLN AA 75 -33.38 33.69 37.97
CA GLN AA 75 -33.79 32.48 37.28
C GLN AA 75 -35.21 32.64 36.76
N ARG AA 76 -35.52 31.93 35.67
CA ARG AA 76 -36.87 31.95 35.11
C ARG AA 76 -37.82 31.01 35.82
N LYS AA 77 -37.31 30.00 36.52
CA LYS AA 77 -38.18 29.10 37.26
C LYS AA 77 -38.75 29.82 38.48
N SER AA 78 -40.06 29.77 38.63
CA SER AA 78 -40.70 30.46 39.74
C SER AA 78 -40.42 29.74 41.04
N TYR AA 79 -39.90 30.46 42.02
CA TYR AA 79 -39.61 29.89 43.32
C TYR AA 79 -40.47 30.57 44.38
N ARG AA 80 -40.67 29.85 45.48
CA ARG AA 80 -41.61 30.23 46.52
C ARG AA 80 -40.85 30.90 47.67
N ARG AA 81 -41.03 32.20 47.83
CA ARG AA 81 -40.60 32.85 49.05
C ARG AA 81 -41.47 32.38 50.21
N LYS AA 82 -40.87 32.28 51.39
CA LYS AA 82 -41.62 31.77 52.54
C LYS AA 82 -42.72 32.72 52.98
N ASP AA 83 -42.71 33.97 52.50
CA ASP AA 83 -43.85 34.85 52.71
C ASP AA 83 -45.11 34.33 52.04
N GLY AA 84 -44.97 33.46 51.04
CA GLY AA 84 -46.10 32.91 50.32
C GLY AA 84 -46.23 33.36 48.89
N VAL AA 85 -45.28 34.13 48.38
CA VAL AA 85 -45.33 34.60 47.01
C VAL AA 85 -44.48 33.70 46.14
N PHE AA 86 -44.84 33.61 44.87
CA PHE AA 86 -44.07 32.88 43.87
C PHE AA 86 -43.47 33.91 42.91
N LEU AA 87 -42.15 33.92 42.81
CA LEU AA 87 -41.43 34.94 42.07
C LEU AA 87 -40.63 34.29 40.95
N TYR AA 88 -40.64 34.93 39.78
CA TYR AA 88 -39.82 34.51 38.67
C TYR AA 88 -39.45 35.72 37.85
N PHE AA 89 -38.26 35.67 37.25
CA PHE AA 89 -37.70 36.80 36.52
C PHE AA 89 -37.86 36.57 35.02
N GLU AA 90 -37.43 37.56 34.25
CA GLU AA 90 -37.56 37.46 32.79
C GLU AA 90 -36.51 36.54 32.19
N ASP AA 91 -35.31 36.51 32.75
CA ASP AA 91 -34.22 35.72 32.19
C ASP AA 91 -33.42 35.05 33.29
N ASN AA 92 -32.63 34.05 32.91
CA ASN AA 92 -31.66 33.45 33.80
C ASN AA 92 -30.34 34.18 33.63
N ALA AA 93 -29.83 34.76 34.72
CA ALA AA 93 -28.65 35.59 34.64
C ALA AA 93 -27.78 35.39 35.87
N GLY AA 94 -26.48 35.52 35.69
CA GLY AA 94 -25.53 35.37 36.77
C GLY AA 94 -24.34 36.31 36.60
N VAL AA 95 -23.46 36.29 37.60
CA VAL AA 95 -22.25 37.11 37.58
C VAL AA 95 -21.05 36.24 37.91
N ILE AA 96 -19.88 36.70 37.49
CA ILE AA 96 -18.62 35.98 37.72
C ILE AA 96 -17.94 36.58 38.95
N VAL AA 97 -17.54 35.72 39.88
CA VAL AA 97 -16.89 36.15 41.11
C VAL AA 97 -15.61 35.33 41.28
N ASN AA 98 -14.94 35.55 42.40
CA ASN AA 98 -13.82 34.71 42.82
C ASN AA 98 -14.30 33.70 43.86
N ASN AA 99 -13.36 32.88 44.35
CA ASN AA 99 -13.72 31.78 45.23
C ASN AA 99 -14.28 32.26 46.58
N LYS AA 100 -14.05 33.52 46.95
CA LYS AA 100 -14.46 34.01 48.27
C LYS AA 100 -15.55 35.07 48.18
N GLY AA 101 -16.22 35.20 47.04
CA GLY AA 101 -17.39 36.04 46.92
C GLY AA 101 -17.16 37.41 46.33
N GLU AA 102 -15.91 37.84 46.18
CA GLU AA 102 -15.64 39.12 45.57
C GLU AA 102 -15.98 39.10 44.08
N MET AA 103 -16.70 40.12 43.62
CA MET AA 103 -17.13 40.18 42.24
C MET AA 103 -16.02 40.71 41.34
N LYS AA 104 -15.91 40.13 40.15
CA LYS AA 104 -14.90 40.53 39.19
C LYS AA 104 -15.25 41.81 38.45
N GLY AA 105 -16.54 42.16 38.38
CA GLY AA 105 -16.97 43.40 37.75
C GLY AA 105 -17.14 44.52 38.74
N SER AA 106 -17.89 45.55 38.32
CA SER AA 106 -18.17 46.70 39.16
C SER AA 106 -19.62 47.14 39.17
N ALA AA 107 -20.47 46.63 38.28
CA ALA AA 107 -21.86 47.00 38.25
C ALA AA 107 -22.68 45.83 37.73
N ILE AA 108 -23.95 45.78 38.12
CA ILE AA 108 -24.86 44.71 37.73
C ILE AA 108 -26.05 45.34 37.02
N THR AA 109 -26.37 44.82 35.83
CA THR AA 109 -27.52 45.29 35.07
C THR AA 109 -28.75 44.46 35.43
N GLY AA 110 -29.84 45.14 35.77
CA GLY AA 110 -31.07 44.47 36.11
C GLY AA 110 -31.18 44.17 37.59
N PRO AA 111 -32.30 43.59 38.00
CA PRO AA 111 -32.51 43.33 39.42
C PRO AA 111 -31.69 42.15 39.90
N VAL AA 112 -31.60 42.03 41.23
CA VAL AA 112 -30.89 40.95 41.90
C VAL AA 112 -31.84 40.33 42.91
N ALA AA 113 -31.91 39.00 42.92
CA ALA AA 113 -32.80 38.32 43.85
C ALA AA 113 -32.38 38.54 45.30
N LYS AA 114 -33.38 38.59 46.17
CA LYS AA 114 -33.13 38.92 47.58
C LYS AA 114 -32.29 37.84 48.25
N GLU AA 115 -32.52 36.57 47.93
CA GLU AA 115 -31.75 35.49 48.54
C GLU AA 115 -30.26 35.63 48.22
N CYS AA 116 -29.94 35.84 46.94
CA CYS AA 116 -28.55 36.03 46.55
C CYS AA 116 -27.96 37.28 47.19
N ALA AA 117 -28.74 38.37 47.22
CA ALA AA 117 -28.25 39.61 47.81
C ALA AA 117 -27.96 39.44 49.30
N ASP AA 118 -28.75 38.62 49.99
CA ASP AA 118 -28.50 38.37 51.40
C ASP AA 118 -27.29 37.47 51.61
N LEU AA 119 -27.16 36.42 50.79
CA LEU AA 119 -26.05 35.50 50.98
C LEU AA 119 -24.70 36.10 50.61
N TRP AA 120 -24.67 36.98 49.61
CA TRP AA 120 -23.40 37.55 49.13
C TRP AA 120 -23.41 39.06 49.32
N PRO AA 121 -22.80 39.57 50.40
CA PRO AA 121 -22.85 41.02 50.65
C PRO AA 121 -22.16 41.85 49.59
N ARG AA 122 -21.19 41.31 48.85
CA ARG AA 122 -20.53 42.09 47.81
C ARG AA 122 -21.41 42.23 46.57
N ILE AA 123 -22.23 41.22 46.28
CA ILE AA 123 -23.17 41.33 45.17
C ILE AA 123 -24.24 42.37 45.46
N ALA AA 124 -24.71 42.40 46.71
CA ALA AA 124 -25.77 43.32 47.09
C ALA AA 124 -25.34 44.78 46.96
N SER AA 125 -24.08 45.07 47.30
CA SER AA 125 -23.60 46.45 47.25
C SER AA 125 -23.65 46.99 45.82
N ASN AA 126 -23.21 46.20 44.85
CA ASN AA 126 -23.26 46.63 43.46
C ASN AA 126 -24.63 46.43 42.83
N ALA AA 127 -25.53 45.70 43.48
CA ALA AA 127 -26.88 45.52 42.96
C ALA AA 127 -27.64 46.84 43.01
N GLY AA 128 -28.05 47.34 41.85
CA GLY AA 128 -28.83 48.56 41.81
C GLY AA 128 -30.18 48.40 42.46
N SER AA 129 -31.04 47.59 41.86
CA SER AA 129 -32.33 47.24 42.44
C SER AA 129 -32.22 45.89 43.13
N ILE AA 130 -33.36 45.42 43.66
CA ILE AA 130 -33.39 44.18 44.41
C ILE AA 130 -34.78 43.58 44.31
N ALA AA 131 -34.84 42.25 44.34
CA ALA AA 131 -36.09 41.50 44.28
C ALA AA 131 -36.93 41.85 43.05
N MET BA 1 -49.08 41.03 56.90
CA MET BA 1 -49.56 40.83 55.55
C MET BA 1 -50.19 42.11 54.99
N LYS BA 2 -49.80 42.47 53.78
CA LYS BA 2 -50.45 43.56 53.06
C LYS BA 2 -51.10 43.00 51.81
N VAL BA 3 -52.20 43.61 51.41
CA VAL BA 3 -52.97 43.15 50.27
C VAL BA 3 -52.65 44.04 49.07
N GLU BA 4 -52.26 43.42 47.97
CA GLU BA 4 -51.80 44.14 46.79
C GLU BA 4 -52.73 43.87 45.61
N LEU BA 5 -52.59 44.70 44.59
CA LEU BA 5 -53.55 44.78 43.48
C LEU BA 5 -52.94 44.14 42.25
N CYS BA 6 -53.75 43.34 41.53
CA CYS BA 6 -53.28 42.69 40.32
C CYS BA 6 -52.89 43.73 39.28
N SER BA 7 -51.70 43.57 38.71
CA SER BA 7 -51.16 44.55 37.76
C SER BA 7 -51.93 44.60 36.46
N PHE BA 8 -52.79 43.62 36.18
CA PHE BA 8 -53.55 43.60 34.93
C PHE BA 8 -55.04 43.84 35.17
N SER BA 9 -55.68 43.03 36.00
CA SER BA 9 -57.12 43.12 36.18
C SER BA 9 -57.53 44.14 37.23
N GLY BA 10 -56.60 44.59 38.07
CA GLY BA 10 -56.95 45.48 39.15
C GLY BA 10 -57.67 44.83 40.31
N TYR BA 11 -57.78 43.50 40.31
CA TYR BA 11 -58.43 42.81 41.41
C TYR BA 11 -57.51 42.79 42.64
N LYS BA 12 -58.01 42.17 43.70
CA LYS BA 12 -57.40 42.24 45.02
C LYS BA 12 -56.77 40.89 45.32
N ILE BA 13 -55.45 40.88 45.57
CA ILE BA 13 -54.70 39.65 45.76
C ILE BA 13 -54.48 39.40 47.24
N TYR BA 14 -54.82 38.22 47.69
CA TYR BA 14 -54.63 37.78 49.06
C TYR BA 14 -53.32 37.01 49.19
N PRO BA 15 -52.77 36.92 50.40
CA PRO BA 15 -51.36 36.48 50.54
C PRO BA 15 -51.04 35.14 49.91
N GLY BA 16 -51.96 34.17 49.94
CA GLY BA 16 -51.63 32.85 49.46
C GLY BA 16 -51.58 32.73 47.95
N HIS BA 17 -52.37 33.53 47.24
CA HIS BA 17 -52.61 33.31 45.82
C HIS BA 17 -51.68 34.16 44.95
N GLY BA 18 -51.76 33.90 43.65
CA GLY BA 18 -51.13 34.75 42.65
C GLY BA 18 -49.68 34.42 42.41
N ARG BA 19 -49.09 35.19 41.49
CA ARG BA 19 -47.67 35.10 41.19
C ARG BA 19 -47.12 36.51 41.01
N ARG BA 20 -45.80 36.63 41.12
CA ARG BA 20 -45.13 37.91 40.99
C ARG BA 20 -44.00 37.79 39.99
N TYR BA 21 -43.86 38.79 39.13
CA TYR BA 21 -43.04 38.68 37.93
C TYR BA 21 -42.19 39.94 37.79
N ALA BA 22 -40.88 39.78 37.88
CA ALA BA 22 -39.95 40.90 37.79
C ALA BA 22 -39.28 40.90 36.42
N ARG BA 23 -39.20 42.07 35.80
CA ARG BA 23 -38.59 42.21 34.48
C ARG BA 23 -37.14 42.66 34.62
N THR BA 24 -36.46 42.70 33.47
CA THR BA 24 -35.03 43.06 33.47
C THR BA 24 -34.82 44.51 33.84
N ASP BA 25 -35.74 45.39 33.46
CA ASP BA 25 -35.65 46.81 33.78
C ASP BA 25 -36.25 47.16 35.13
N GLY BA 26 -36.32 46.20 36.04
CA GLY BA 26 -37.06 46.39 37.27
C GLY BA 26 -38.54 46.24 37.00
N LYS BA 27 -39.36 47.12 37.58
CA LYS BA 27 -40.79 47.19 37.29
C LYS BA 27 -41.46 45.84 37.55
N VAL BA 28 -41.43 45.45 38.83
CA VAL BA 28 -42.04 44.19 39.23
C VAL BA 28 -43.56 44.31 39.15
N PHE BA 29 -44.19 43.33 38.53
CA PHE BA 29 -45.65 43.24 38.44
C PHE BA 29 -46.13 42.07 39.31
N GLN BA 30 -47.41 42.09 39.61
CA GLN BA 30 -48.05 41.00 40.33
C GLN BA 30 -49.36 40.65 39.65
N PHE BA 31 -49.64 39.36 39.54
CA PHE BA 31 -50.80 38.86 38.81
C PHE BA 31 -51.62 37.95 39.69
N LEU BA 32 -52.94 38.11 39.59
CA LEU BA 32 -53.87 37.32 40.39
C LEU BA 32 -53.82 35.85 40.00
N ASN BA 33 -53.77 35.55 38.70
CA ASN BA 33 -53.71 34.15 38.27
C ASN BA 33 -53.19 34.09 36.84
N ALA BA 34 -53.16 32.88 36.29
CA ALA BA 34 -52.52 32.64 35.01
C ALA BA 34 -53.29 33.23 33.84
N LYS BA 35 -54.59 33.47 33.99
CA LYS BA 35 -55.34 34.17 32.94
C LYS BA 35 -54.80 35.58 32.74
N CYS BA 36 -54.69 36.34 33.82
CA CYS BA 36 -54.07 37.66 33.75
C CYS BA 36 -52.63 37.56 33.30
N GLU BA 37 -51.91 36.53 33.78
CA GLU BA 37 -50.51 36.35 33.39
C GLU BA 37 -50.38 36.20 31.87
N SER BA 38 -51.19 35.32 31.28
CA SER BA 38 -51.10 35.07 29.86
C SER BA 38 -51.52 36.30 29.05
N ALA BA 39 -52.55 37.02 29.51
CA ALA BA 39 -52.92 38.24 28.81
C ALA BA 39 -51.79 39.27 28.83
N PHE BA 40 -51.16 39.45 30.00
CA PHE BA 40 -50.06 40.40 30.11
C PHE BA 40 -48.89 39.98 29.24
N LEU BA 41 -48.55 38.69 29.23
CA LEU BA 41 -47.44 38.22 28.40
C LEU BA 41 -47.77 38.33 26.93
N SER BA 42 -49.04 38.19 26.55
CA SER BA 42 -49.46 38.39 25.17
C SER BA 42 -49.63 39.86 24.82
N LYS BA 43 -49.45 40.75 25.79
CA LYS BA 43 -49.33 42.19 25.54
C LYS BA 43 -50.66 42.81 25.11
N ARG BA 44 -51.73 42.42 25.79
CA ARG BA 44 -53.04 42.99 25.53
C ARG BA 44 -53.30 44.17 26.44
N ASN BA 45 -54.04 45.15 25.93
CA ASN BA 45 -54.40 46.31 26.72
C ASN BA 45 -55.57 45.95 27.64
N PRO BA 46 -55.43 46.10 28.96
CA PRO BA 46 -56.56 45.83 29.85
C PRO BA 46 -57.75 46.74 29.59
N ARG BA 47 -57.54 47.91 29.01
CA ARG BA 47 -58.64 48.83 28.71
C ARG BA 47 -59.60 48.28 27.68
N GLN BA 48 -59.23 47.22 26.97
CA GLN BA 48 -60.05 46.67 25.90
C GLN BA 48 -60.76 45.39 26.29
N ILE BA 49 -60.47 44.83 27.46
CA ILE BA 49 -61.01 43.54 27.88
C ILE BA 49 -62.10 43.80 28.93
N ASN BA 50 -63.27 43.20 28.71
CA ASN BA 50 -64.49 43.65 29.39
C ASN BA 50 -64.49 43.36 30.89
N TRP BA 51 -63.79 42.33 31.34
CA TRP BA 51 -63.96 41.84 32.69
C TRP BA 51 -63.00 42.45 33.70
N THR BA 52 -62.15 43.38 33.30
CA THR BA 52 -61.23 44.01 34.23
C THR BA 52 -61.86 45.27 34.82
N VAL BA 53 -61.09 45.96 35.66
CA VAL BA 53 -61.59 47.17 36.31
C VAL BA 53 -61.24 48.43 35.52
N LEU BA 54 -60.11 48.41 34.80
CA LEU BA 54 -59.76 49.57 33.98
C LEU BA 54 -60.78 49.79 32.88
N TYR BA 55 -61.22 48.72 32.22
CA TYR BA 55 -62.24 48.83 31.19
C TYR BA 55 -63.54 49.37 31.77
N ARG BA 56 -63.96 48.83 32.91
CA ARG BA 56 -65.21 49.26 33.52
C ARG BA 56 -65.14 50.73 33.93
N ARG BA 57 -63.99 51.16 34.45
CA ARG BA 57 -63.87 52.54 34.89
C ARG BA 57 -63.76 53.51 33.71
N LYS BA 58 -63.18 53.07 32.59
CA LYS BA 58 -63.12 53.95 31.44
C LYS BA 58 -64.41 53.95 30.63
N HIS BA 59 -65.27 52.94 30.81
CA HIS BA 59 -66.60 52.96 30.23
C HIS BA 59 -67.69 53.38 31.21
N LYS BA 60 -67.32 53.74 32.44
CA LYS BA 60 -68.27 54.30 33.41
C LYS BA 60 -69.36 53.30 33.78
N LYS BA 61 -69.07 52.02 33.64
CA LYS BA 61 -70.06 50.98 33.88
C LYS BA 61 -70.18 50.70 35.38
N GLY BA 62 -71.40 50.49 35.83
CA GLY BA 62 -71.66 50.24 37.25
C GLY BA 62 -71.94 51.53 37.97
N GLN BA 63 -71.22 51.77 39.07
CA GLN BA 63 -71.35 52.96 39.91
C GLN BA 63 -72.77 53.50 40.04
N GLN BA 79 -65.67 91.48 53.90
CA GLN BA 79 -64.52 92.38 53.94
C GLN BA 79 -63.89 92.38 55.33
N ARG BA 80 -62.79 93.12 55.47
CA ARG BA 80 -62.00 93.08 56.69
C ARG BA 80 -61.34 94.44 56.88
N ALA BA 81 -60.97 94.73 58.13
CA ALA BA 81 -60.21 95.94 58.43
C ALA BA 81 -58.84 95.87 57.80
N ILE BA 82 -58.23 97.04 57.62
CA ILE BA 82 -56.90 97.15 57.04
C ILE BA 82 -56.00 97.89 58.01
N THR BA 83 -54.69 97.81 57.77
CA THR BA 83 -53.72 98.36 58.70
C THR BA 83 -53.87 99.87 58.85
N GLY BA 84 -54.16 100.57 57.75
CA GLY BA 84 -54.26 102.02 57.81
C GLY BA 84 -55.42 102.50 58.67
N ALA BA 85 -56.59 101.90 58.49
CA ALA BA 85 -57.78 102.35 59.18
C ALA BA 85 -58.56 101.14 59.71
N SER BA 86 -59.14 101.31 60.90
CA SER BA 86 -59.84 100.22 61.57
C SER BA 86 -61.13 99.88 60.85
N LEU BA 87 -61.72 98.75 61.25
CA LEU BA 87 -62.96 98.29 60.63
C LEU BA 87 -64.10 99.29 60.85
N ALA BA 88 -64.19 99.84 62.06
CA ALA BA 88 -65.22 100.84 62.33
C ALA BA 88 -65.03 102.07 61.46
N ASP BA 89 -63.78 102.51 61.31
CA ASP BA 89 -63.51 103.69 60.47
C ASP BA 89 -63.89 103.40 59.01
N ILE BA 90 -63.53 102.22 58.50
CA ILE BA 90 -63.88 101.88 57.13
C ILE BA 90 -65.39 101.84 56.95
N MET BA 91 -66.12 101.23 57.89
CA MET BA 91 -67.57 101.18 57.78
C MET BA 91 -68.18 102.58 57.82
N ALA BA 92 -67.69 103.43 58.72
CA ALA BA 92 -68.19 104.80 58.80
C ALA BA 92 -67.97 105.53 57.49
N LYS BA 93 -66.72 105.52 57.00
CA LYS BA 93 -66.42 106.16 55.71
C LYS BA 93 -67.26 105.59 54.59
N ARG BA 94 -67.61 104.30 54.69
CA ARG BA 94 -68.50 103.69 53.72
C ARG BA 94 -69.91 104.26 53.81
N ASN BA 95 -70.39 104.52 55.03
CA ASN BA 95 -71.83 104.74 55.23
C ASN BA 95 -72.18 106.10 55.86
N GLN BA 96 -71.37 107.14 55.68
CA GLN BA 96 -71.93 108.46 55.99
C GLN BA 96 -73.10 108.77 55.07
N LYS BA 97 -73.98 109.63 55.56
CA LYS BA 97 -75.16 110.01 54.81
C LYS BA 97 -74.74 110.81 53.58
N PRO BA 98 -75.34 110.55 52.42
CA PRO BA 98 -75.04 111.37 51.22
C PRO BA 98 -75.15 112.87 51.44
N GLU BA 99 -75.85 113.32 52.48
CA GLU BA 99 -75.77 114.73 52.85
C GLU BA 99 -74.36 115.09 53.32
N VAL BA 100 -73.75 114.23 54.13
CA VAL BA 100 -72.35 114.44 54.50
C VAL BA 100 -71.45 114.35 53.28
N ARG BA 101 -71.73 113.36 52.41
CA ARG BA 101 -70.98 113.24 51.16
C ARG BA 101 -71.01 114.53 50.36
N LYS BA 102 -72.20 115.12 50.18
CA LYS BA 102 -72.31 116.34 49.39
C LYS BA 102 -71.71 117.53 50.12
N ALA BA 103 -71.85 117.61 51.45
CA ALA BA 103 -71.17 118.67 52.18
C ALA BA 103 -69.68 118.66 51.84
N GLN BA 104 -69.07 117.47 51.93
CA GLN BA 104 -67.69 117.29 51.51
C GLN BA 104 -67.50 117.72 50.06
N ARG BA 105 -68.46 117.35 49.20
CA ARG BA 105 -68.33 117.58 47.76
C ARG BA 105 -68.26 119.06 47.43
N GLU BA 106 -69.29 119.82 47.82
CA GLU BA 106 -69.26 121.26 47.54
C GLU BA 106 -68.16 121.99 48.31
N GLN BA 107 -67.82 121.59 49.54
CA GLN BA 107 -66.73 122.31 50.20
C GLN BA 107 -65.44 122.12 49.41
N ALA BA 108 -65.20 120.90 48.91
CA ALA BA 108 -64.02 120.66 48.09
C ALA BA 108 -64.07 121.47 46.81
N ILE BA 109 -65.24 121.54 46.16
CA ILE BA 109 -65.27 122.21 44.86
C ILE BA 109 -65.04 123.71 45.01
N ARG BA 110 -65.63 124.35 46.03
CA ARG BA 110 -65.34 125.78 46.09
C ARG BA 110 -63.98 126.05 46.72
N ALA BA 111 -63.41 125.10 47.46
CA ALA BA 111 -62.01 125.25 47.85
C ALA BA 111 -61.11 125.24 46.63
N ALA BA 112 -61.35 124.31 45.71
CA ALA BA 112 -60.54 124.25 44.48
C ALA BA 112 -60.76 125.50 43.64
N LYS BA 113 -62.01 125.98 43.55
CA LYS BA 113 -62.27 127.19 42.78
C LYS BA 113 -61.67 128.43 43.45
N GLU BA 114 -61.64 128.46 44.78
CA GLU BA 114 -60.93 129.54 45.47
C GLU BA 114 -59.45 129.49 45.16
N ALA BA 115 -58.86 128.30 45.15
CA ALA BA 115 -57.45 128.17 44.80
C ALA BA 115 -57.19 128.68 43.39
N LYS BA 116 -58.03 128.27 42.44
CA LYS BA 116 -57.78 128.67 41.05
C LYS BA 116 -58.03 130.16 40.83
N LYS BA 117 -59.01 130.75 41.51
CA LYS BA 117 -59.21 132.19 41.36
C LYS BA 117 -58.12 132.98 42.08
N ALA BA 118 -57.55 132.43 43.15
CA ALA BA 118 -56.39 133.07 43.77
C ALA BA 118 -55.19 133.04 42.82
N LYS BA 119 -54.98 131.91 42.14
CA LYS BA 119 -53.89 131.84 41.17
C LYS BA 119 -54.12 132.77 39.99
N GLN BA 120 -55.36 132.85 39.50
CA GLN BA 120 -55.64 133.72 38.35
C GLN BA 120 -55.89 135.16 38.73
N ALA BA 121 -55.88 135.50 40.02
CA ALA BA 121 -56.08 136.87 40.45
C ALA BA 121 -54.76 137.62 40.53
N LYS CA 1 -38.63 -28.04 -82.37
CA LYS CA 1 -39.17 -26.77 -81.92
C LYS CA 1 -38.07 -26.02 -81.17
N ILE CA 2 -38.43 -24.97 -80.43
CA ILE CA 2 -37.46 -24.13 -79.74
C ILE CA 2 -37.90 -23.94 -78.30
N ARG CA 3 -36.94 -23.56 -77.46
CA ARG CA 3 -37.19 -23.22 -76.05
C ARG CA 3 -36.88 -21.75 -75.86
N THR CA 4 -37.91 -20.95 -75.59
CA THR CA 4 -37.74 -19.52 -75.38
C THR CA 4 -37.53 -19.16 -73.91
N SER CA 5 -37.76 -20.09 -73.00
CA SER CA 5 -37.52 -19.83 -71.59
C SER CA 5 -36.35 -20.68 -71.09
N PRO CA 6 -35.50 -20.14 -70.22
CA PRO CA 6 -34.35 -20.89 -69.73
C PRO CA 6 -34.68 -21.89 -68.63
N THR CA 7 -35.95 -22.13 -68.34
CA THR CA 7 -36.37 -23.01 -67.25
C THR CA 7 -37.09 -24.21 -67.83
N PHE CA 8 -36.61 -25.40 -67.49
CA PHE CA 8 -37.37 -26.61 -67.76
C PHE CA 8 -38.46 -26.76 -66.72
N ARG CA 9 -39.68 -27.00 -67.17
CA ARG CA 9 -40.81 -27.11 -66.27
C ARG CA 9 -41.55 -28.40 -66.60
N ARG CA 10 -42.14 -29.03 -65.60
CA ARG CA 10 -42.71 -30.35 -65.77
C ARG CA 10 -43.83 -30.31 -66.81
N PRO CA 11 -43.78 -31.17 -67.83
CA PRO CA 11 -44.83 -31.15 -68.86
C PRO CA 11 -46.16 -31.64 -68.31
N LYS CA 12 -47.23 -31.19 -68.98
CA LYS CA 12 -48.59 -31.50 -68.57
C LYS CA 12 -48.96 -32.88 -69.09
N THR CA 13 -49.13 -33.84 -68.18
CA THR CA 13 -49.51 -35.20 -68.57
C THR CA 13 -51.02 -35.38 -68.44
N LEU CA 14 -51.48 -36.58 -68.75
CA LEU CA 14 -52.90 -36.90 -68.78
C LEU CA 14 -53.27 -37.69 -67.54
N ARG CA 15 -54.31 -37.24 -66.84
CA ARG CA 15 -54.78 -37.87 -65.61
C ARG CA 15 -56.16 -38.46 -65.87
N LEU CA 16 -56.27 -39.78 -65.81
CA LEU CA 16 -57.54 -40.44 -66.03
C LEU CA 16 -58.44 -40.27 -64.80
N ARG CA 17 -59.71 -40.62 -64.98
CA ARG CA 17 -60.71 -40.57 -63.93
C ARG CA 17 -60.89 -41.96 -63.34
N ARG CA 18 -61.33 -42.01 -62.08
CA ARG CA 18 -61.66 -43.28 -61.45
C ARG CA 18 -62.72 -44.01 -62.26
N GLN CA 19 -62.44 -45.28 -62.57
CA GLN CA 19 -63.41 -46.20 -63.17
C GLN CA 19 -63.40 -47.46 -62.33
N PRO CA 20 -63.91 -47.38 -61.10
CA PRO CA 20 -63.73 -48.51 -60.16
C PRO CA 20 -64.36 -49.78 -60.68
N LYS CA 21 -63.69 -50.90 -60.41
CA LYS CA 21 -64.15 -52.20 -60.85
C LYS CA 21 -65.14 -52.82 -59.89
N TYR CA 22 -65.31 -52.23 -58.71
CA TYR CA 22 -66.31 -52.61 -57.73
C TYR CA 22 -66.44 -51.48 -56.73
N PRO CA 23 -67.65 -51.16 -56.26
CA PRO CA 23 -67.78 -50.12 -55.23
C PRO CA 23 -67.02 -50.52 -53.96
N ARG CA 24 -66.40 -49.52 -53.32
CA ARG CA 24 -65.62 -49.78 -52.11
C ARG CA 24 -66.49 -50.37 -51.02
N LYS CA 25 -67.60 -49.70 -50.71
CA LYS CA 25 -68.61 -50.22 -49.80
C LYS CA 25 -69.87 -50.55 -50.58
N SER CA 26 -70.61 -51.53 -50.06
CA SER CA 26 -71.68 -52.14 -50.85
C SER CA 26 -72.87 -51.19 -51.04
N ALA CA 27 -73.32 -50.56 -49.97
CA ALA CA 27 -74.53 -49.76 -50.04
C ALA CA 27 -74.28 -48.36 -49.49
N PRO CA 28 -75.02 -47.36 -49.97
CA PRO CA 28 -74.93 -46.03 -49.38
C PRO CA 28 -75.42 -46.04 -47.94
N ARG CA 29 -74.80 -45.20 -47.11
CA ARG CA 29 -75.22 -45.09 -45.73
C ARG CA 29 -76.61 -44.48 -45.65
N ARG CA 30 -77.47 -45.09 -44.84
CA ARG CA 30 -78.81 -44.56 -44.63
C ARG CA 30 -78.75 -43.22 -43.91
N ASN CA 31 -79.57 -42.28 -44.36
CA ASN CA 31 -79.60 -40.95 -43.76
C ASN CA 31 -80.17 -41.05 -42.36
N LYS CA 32 -79.31 -40.91 -41.35
CA LYS CA 32 -79.72 -41.07 -39.96
C LYS CA 32 -80.22 -39.78 -39.33
N LEU CA 33 -79.71 -38.63 -39.75
CA LEU CA 33 -80.20 -37.35 -39.27
C LEU CA 33 -81.27 -36.87 -40.25
N ASP CA 34 -82.43 -37.50 -40.16
CA ASP CA 34 -83.55 -37.18 -41.03
C ASP CA 34 -84.54 -36.29 -40.28
N HIS CA 35 -85.68 -36.03 -40.93
CA HIS CA 35 -86.63 -35.06 -40.41
C HIS CA 35 -87.30 -35.49 -39.11
N TYR CA 36 -87.19 -36.76 -38.73
CA TYR CA 36 -87.80 -37.22 -37.48
C TYR CA 36 -86.82 -37.19 -36.31
N ALA CA 37 -85.57 -37.60 -36.55
CA ALA CA 37 -84.54 -37.51 -35.53
C ALA CA 37 -83.93 -36.13 -35.41
N ILE CA 38 -84.30 -35.21 -36.30
CA ILE CA 38 -83.67 -33.88 -36.27
C ILE CA 38 -84.37 -32.94 -35.28
N ILE CA 39 -85.67 -33.11 -35.05
CA ILE CA 39 -86.39 -32.35 -34.02
C ILE CA 39 -86.98 -33.35 -33.04
N LYS CA 40 -86.67 -33.15 -31.75
CA LYS CA 40 -86.98 -34.16 -30.75
C LYS CA 40 -88.31 -33.88 -30.06
N PHE CA 41 -88.42 -32.74 -29.39
CA PHE CA 41 -89.69 -32.37 -28.75
C PHE CA 41 -89.68 -30.89 -28.39
N PRO CA 42 -90.85 -30.24 -28.35
CA PRO CA 42 -90.90 -28.81 -28.05
C PRO CA 42 -90.97 -28.51 -26.56
N LEU CA 43 -90.35 -27.40 -26.19
CA LEU CA 43 -90.43 -26.94 -24.81
C LEU CA 43 -91.83 -26.44 -24.48
N THR CA 44 -92.24 -26.65 -23.23
CA THR CA 44 -93.56 -26.27 -22.75
C THR CA 44 -93.44 -25.47 -21.46
N THR CA 45 -92.40 -24.64 -21.35
CA THR CA 45 -92.20 -23.83 -20.17
C THR CA 45 -92.98 -22.52 -20.28
N GLU CA 46 -92.94 -21.72 -19.22
CA GLU CA 46 -93.64 -20.44 -19.22
C GLU CA 46 -93.07 -19.51 -20.28
N SER CA 47 -91.74 -19.48 -20.42
CA SER CA 47 -91.12 -18.63 -21.43
C SER CA 47 -91.54 -19.06 -22.82
N ALA CA 48 -91.57 -20.37 -23.08
CA ALA CA 48 -92.00 -20.85 -24.38
C ALA CA 48 -93.46 -20.51 -24.65
N MET CA 49 -94.32 -20.62 -23.63
CA MET CA 49 -95.72 -20.27 -23.81
C MET CA 49 -95.87 -18.79 -24.12
N LYS CA 50 -95.15 -17.93 -23.40
CA LYS CA 50 -95.21 -16.50 -23.68
C LYS CA 50 -94.72 -16.19 -25.09
N LYS CA 51 -93.64 -16.87 -25.51
CA LYS CA 51 -93.13 -16.64 -26.86
C LYS CA 51 -94.13 -17.06 -27.92
N ILE CA 52 -94.78 -18.22 -27.74
CA ILE CA 52 -95.73 -18.67 -28.75
C ILE CA 52 -96.97 -17.78 -28.77
N GLU CA 53 -97.38 -17.26 -27.62
CA GLU CA 53 -98.57 -16.42 -27.62
C GLU CA 53 -98.31 -15.02 -28.16
N ASP CA 54 -97.10 -14.48 -27.94
CA ASP CA 54 -96.80 -13.11 -28.33
C ASP CA 54 -96.13 -13.02 -29.69
N ASN CA 55 -94.98 -13.67 -29.86
CA ASN CA 55 -94.17 -13.50 -31.05
C ASN CA 55 -94.59 -14.39 -32.21
N ASN CA 56 -95.65 -15.18 -32.05
CA ASN CA 56 -96.12 -16.10 -33.08
C ASN CA 56 -95.01 -17.05 -33.52
N THR CA 57 -94.30 -17.60 -32.56
CA THR CA 57 -93.21 -18.53 -32.81
C THR CA 57 -93.52 -19.86 -32.16
N LEU CA 58 -92.66 -20.84 -32.42
CA LEU CA 58 -92.66 -22.12 -31.72
C LEU CA 58 -91.26 -22.33 -31.16
N VAL CA 59 -91.16 -23.14 -30.12
CA VAL CA 59 -89.88 -23.44 -29.49
C VAL CA 59 -89.69 -24.95 -29.47
N PHE CA 60 -88.63 -25.42 -30.11
CA PHE CA 60 -88.26 -26.82 -30.08
C PHE CA 60 -86.87 -26.96 -29.49
N ILE CA 61 -86.48 -28.20 -29.20
CA ILE CA 61 -85.08 -28.51 -28.93
C ILE CA 61 -84.67 -29.67 -29.82
N VAL CA 62 -83.46 -29.58 -30.36
CA VAL CA 62 -82.97 -30.46 -31.40
C VAL CA 62 -81.56 -30.91 -31.03
N ASP CA 63 -81.02 -31.79 -31.85
CA ASP CA 63 -79.64 -32.22 -31.64
C ASP CA 63 -78.68 -31.21 -32.27
N VAL CA 64 -77.45 -31.21 -31.76
CA VAL CA 64 -76.49 -30.16 -32.08
C VAL CA 64 -76.05 -30.15 -33.54
N LYS CA 65 -76.37 -31.18 -34.30
CA LYS CA 65 -75.86 -31.31 -35.66
C LYS CA 65 -76.72 -30.59 -36.70
N ALA CA 66 -77.88 -30.07 -36.33
CA ALA CA 66 -78.83 -29.55 -37.30
C ALA CA 66 -78.52 -28.10 -37.66
N ASN CA 67 -78.57 -27.80 -38.96
CA ASN CA 67 -78.49 -26.43 -39.45
C ASN CA 67 -79.85 -25.77 -39.35
N LYS CA 68 -79.86 -24.44 -39.50
CA LYS CA 68 -81.13 -23.72 -39.55
C LYS CA 68 -81.94 -24.12 -40.78
N HIS CA 69 -81.28 -24.30 -41.92
CA HIS CA 69 -81.98 -24.76 -43.11
C HIS CA 69 -82.60 -26.14 -42.90
N GLN CA 70 -81.83 -27.05 -42.31
CA GLN CA 70 -82.35 -28.39 -42.03
C GLN CA 70 -83.53 -28.32 -41.07
N ILE CA 71 -83.42 -27.48 -40.03
CA ILE CA 71 -84.49 -27.36 -39.04
C ILE CA 71 -85.76 -26.84 -39.70
N LYS CA 72 -85.65 -25.81 -40.53
CA LYS CA 72 -86.86 -25.24 -41.12
C LYS CA 72 -87.48 -26.19 -42.14
N GLN CA 73 -86.65 -26.92 -42.89
CA GLN CA 73 -87.20 -27.93 -43.80
C GLN CA 73 -87.94 -29.00 -43.04
N ALA CA 74 -87.38 -29.47 -41.92
CA ALA CA 74 -88.03 -30.50 -41.12
C ALA CA 74 -89.34 -29.99 -40.53
N VAL CA 75 -89.35 -28.74 -40.03
CA VAL CA 75 -90.58 -28.19 -39.49
C VAL CA 75 -91.65 -28.11 -40.56
N LYS CA 76 -91.25 -27.66 -41.77
CA LYS CA 76 -92.21 -27.58 -42.86
C LYS CA 76 -92.78 -28.94 -43.21
N LYS CA 77 -91.94 -29.98 -43.22
CA LYS CA 77 -92.47 -31.29 -43.62
C LYS CA 77 -93.36 -31.88 -42.55
N LEU CA 78 -92.92 -31.84 -41.28
CA LEU CA 78 -93.69 -32.53 -40.23
C LEU CA 78 -94.98 -31.78 -39.88
N TYR CA 79 -94.96 -30.45 -39.87
CA TYR CA 79 -96.12 -29.70 -39.42
C TYR CA 79 -96.79 -28.88 -40.51
N ASP CA 80 -96.46 -29.11 -41.79
CA ASP CA 80 -97.03 -28.43 -42.95
C ASP CA 80 -97.30 -26.95 -42.70
N ILE CA 81 -96.32 -26.26 -42.13
CA ILE CA 81 -96.43 -24.83 -41.84
C ILE CA 81 -95.23 -24.12 -42.45
N ASP CA 82 -95.46 -22.91 -42.95
CA ASP CA 82 -94.38 -22.09 -43.47
C ASP CA 82 -93.65 -21.42 -42.33
N VAL CA 83 -92.36 -21.17 -42.53
CA VAL CA 83 -91.47 -20.70 -41.48
C VAL CA 83 -90.85 -19.38 -41.91
N ALA CA 84 -90.91 -18.38 -41.02
CA ALA CA 84 -90.27 -17.10 -41.32
C ALA CA 84 -88.77 -17.16 -41.08
N LYS CA 85 -88.35 -17.50 -39.86
CA LYS CA 85 -86.92 -17.59 -39.59
C LYS CA 85 -86.68 -18.51 -38.41
N VAL CA 86 -85.41 -18.81 -38.16
CA VAL CA 86 -84.99 -19.68 -37.07
C VAL CA 86 -83.83 -19.03 -36.32
N ASN CA 87 -83.89 -19.09 -34.99
CA ASN CA 87 -82.81 -18.67 -34.12
C ASN CA 87 -82.42 -19.85 -33.24
N THR CA 88 -81.15 -20.22 -33.23
CA THR CA 88 -80.70 -21.38 -32.49
C THR CA 88 -79.67 -20.99 -31.44
N LEU CA 89 -79.68 -21.73 -30.33
CA LEU CA 89 -78.67 -21.56 -29.29
C LEU CA 89 -78.42 -22.92 -28.64
N ILE CA 90 -77.17 -23.23 -28.36
CA ILE CA 90 -76.82 -24.47 -27.68
C ILE CA 90 -76.92 -24.22 -26.18
N ARG CA 91 -77.88 -24.91 -25.55
CA ARG CA 91 -78.18 -24.70 -24.15
C ARG CA 91 -77.08 -25.30 -23.27
N PRO CA 92 -76.86 -24.74 -22.08
CA PRO CA 92 -75.81 -25.31 -21.19
C PRO CA 92 -76.04 -26.76 -20.82
N ASP CA 93 -77.28 -27.26 -20.86
CA ASP CA 93 -77.48 -28.69 -20.70
C ASP CA 93 -76.85 -29.47 -21.84
N GLY CA 94 -76.98 -28.97 -23.07
CA GLY CA 94 -76.30 -29.58 -24.20
C GLY CA 94 -77.06 -29.61 -25.51
N GLU CA 95 -78.40 -29.60 -25.46
CA GLU CA 95 -79.18 -29.66 -26.69
C GLU CA 95 -79.17 -28.30 -27.38
N LYS CA 96 -79.88 -28.20 -28.50
CA LYS CA 96 -79.92 -26.96 -29.27
C LYS CA 96 -81.36 -26.46 -29.27
N LYS CA 97 -81.63 -25.41 -28.50
CA LYS CA 97 -82.94 -24.80 -28.49
C LYS CA 97 -83.11 -23.96 -29.74
N ALA CA 98 -84.24 -24.14 -30.42
CA ALA CA 98 -84.53 -23.46 -31.67
C ALA CA 98 -85.86 -22.73 -31.58
N TYR CA 99 -85.82 -21.42 -31.79
CA TYR CA 99 -87.00 -20.57 -31.88
C TYR CA 99 -87.34 -20.42 -33.36
N VAL CA 100 -88.51 -20.92 -33.75
CA VAL CA 100 -88.91 -20.94 -35.15
C VAL CA 100 -90.09 -19.99 -35.31
N ARG CA 101 -89.86 -18.86 -35.98
CA ARG CA 101 -90.91 -17.90 -36.25
C ARG CA 101 -91.58 -18.22 -37.57
N LEU CA 102 -92.91 -18.30 -37.53
CA LEU CA 102 -93.74 -18.72 -38.64
C LEU CA 102 -94.07 -17.56 -39.56
N ALA CA 103 -94.59 -17.89 -40.73
CA ALA CA 103 -95.16 -16.89 -41.61
C ALA CA 103 -96.38 -16.26 -40.94
N PRO CA 104 -96.63 -14.97 -41.17
CA PRO CA 104 -97.71 -14.29 -40.44
C PRO CA 104 -99.08 -14.90 -40.68
N ASP CA 105 -99.30 -15.51 -41.85
CA ASP CA 105 -100.61 -16.07 -42.16
C ASP CA 105 -100.92 -17.37 -41.43
N TYR CA 106 -99.97 -17.96 -40.71
CA TYR CA 106 -100.28 -19.03 -39.78
C TYR CA 106 -100.33 -18.49 -38.36
N ASP CA 107 -100.88 -19.31 -37.46
CA ASP CA 107 -101.06 -18.93 -36.06
C ASP CA 107 -100.34 -19.93 -35.17
N ALA CA 108 -99.40 -19.42 -34.37
CA ALA CA 108 -98.59 -20.30 -33.53
C ALA CA 108 -99.45 -21.00 -32.49
N LEU CA 109 -100.43 -20.31 -31.92
CA LEU CA 109 -101.29 -20.92 -30.91
C LEU CA 109 -102.10 -22.06 -31.51
N ASP CA 110 -102.64 -21.86 -32.72
CA ASP CA 110 -103.40 -22.92 -33.39
C ASP CA 110 -102.50 -24.11 -33.70
N VAL CA 111 -101.29 -23.84 -34.20
CA VAL CA 111 -100.38 -24.94 -34.50
C VAL CA 111 -99.99 -25.68 -33.22
N ALA CA 112 -99.84 -24.95 -32.11
CA ALA CA 112 -99.51 -25.59 -30.85
C ALA CA 112 -100.64 -26.50 -30.36
N ASN CA 113 -101.89 -26.04 -30.49
CA ASN CA 113 -103.01 -26.92 -30.14
C ASN CA 113 -103.04 -28.14 -31.04
N LYS CA 114 -102.75 -27.96 -32.33
CA LYS CA 114 -102.73 -29.10 -33.25
C LYS CA 114 -101.67 -30.12 -32.84
N ILE CA 115 -100.47 -29.64 -32.50
CA ILE CA 115 -99.39 -30.54 -32.11
C ILE CA 115 -99.71 -31.24 -30.79
N GLY CA 116 -100.31 -30.51 -29.86
CA GLY CA 116 -100.68 -31.07 -28.58
C GLY CA 116 -100.08 -30.36 -27.37
N ILE CA 117 -99.16 -29.44 -27.57
CA ILE CA 117 -98.58 -28.68 -26.47
C ILE CA 117 -99.39 -27.41 -26.26
N ILE CA 118 -99.76 -27.13 -25.02
CA ILE CA 118 -100.54 -25.95 -24.69
C ILE CA 118 -100.56 -25.75 -23.18
N MET DA 1 -67.38 -89.37 -3.64
CA MET DA 1 -66.30 -88.43 -3.85
C MET DA 1 -66.27 -87.97 -5.30
N LYS DA 2 -65.96 -86.69 -5.51
CA LYS DA 2 -65.95 -86.10 -6.84
C LYS DA 2 -64.67 -86.47 -7.56
N PHE DA 3 -64.82 -86.99 -8.79
CA PHE DA 3 -63.68 -87.42 -9.59
C PHE DA 3 -63.43 -86.59 -10.84
N ASN DA 4 -64.42 -85.80 -11.27
CA ASN DA 4 -64.25 -85.00 -12.47
C ASN DA 4 -63.23 -83.89 -12.21
N PRO DA 5 -62.18 -83.79 -13.03
CA PRO DA 5 -61.18 -82.73 -12.80
C PRO DA 5 -61.59 -81.38 -13.36
N PHE DA 6 -62.87 -81.21 -13.69
CA PHE DA 6 -63.36 -79.97 -14.26
C PHE DA 6 -64.47 -79.32 -13.46
N VAL DA 7 -64.88 -79.89 -12.33
CA VAL DA 7 -65.88 -79.29 -11.46
C VAL DA 7 -65.25 -79.01 -10.11
N THR DA 8 -65.71 -77.95 -9.47
CA THR DA 8 -65.10 -77.46 -8.24
C THR DA 8 -65.70 -78.10 -7.01
N SER DA 9 -64.83 -78.41 -6.05
CA SER DA 9 -65.21 -78.56 -4.66
C SER DA 9 -64.93 -77.29 -3.87
N ASP DA 10 -64.60 -76.20 -4.56
CA ASP DA 10 -64.19 -74.97 -3.90
C ASP DA 10 -65.41 -74.24 -3.33
N ARG DA 11 -65.33 -73.94 -2.04
CA ARG DA 11 -66.47 -73.34 -1.35
C ARG DA 11 -66.81 -71.97 -1.94
N SER DA 12 -65.81 -71.10 -2.05
CA SER DA 12 -66.06 -69.75 -2.54
C SER DA 12 -66.58 -69.78 -3.97
N LYS DA 13 -66.04 -70.66 -4.81
CA LYS DA 13 -66.52 -70.77 -6.18
C LYS DA 13 -67.98 -71.21 -6.22
N ASN DA 14 -68.35 -72.18 -5.38
CA ASN DA 14 -69.74 -72.62 -5.36
C ASN DA 14 -70.67 -71.51 -4.87
N ARG DA 15 -70.28 -70.79 -3.83
CA ARG DA 15 -71.14 -69.71 -3.33
C ARG DA 15 -71.26 -68.59 -4.37
N LYS DA 16 -70.18 -68.28 -5.08
CA LYS DA 16 -70.26 -67.26 -6.13
C LYS DA 16 -71.18 -67.71 -7.25
N ARG DA 17 -71.02 -68.94 -7.72
CA ARG DA 17 -71.84 -69.44 -8.80
C ARG DA 17 -73.29 -69.66 -8.39
N HIS DA 18 -73.57 -69.70 -7.09
CA HIS DA 18 -74.96 -69.76 -6.64
C HIS DA 18 -75.57 -68.37 -6.46
N PHE DA 19 -74.82 -67.42 -5.91
CA PHE DA 19 -75.36 -66.09 -5.65
C PHE DA 19 -75.27 -65.15 -6.86
N ASN DA 20 -74.61 -65.55 -7.95
CA ASN DA 20 -74.58 -64.75 -9.16
C ASN DA 20 -75.15 -65.51 -10.35
N ALA DA 21 -76.05 -66.45 -10.09
CA ALA DA 21 -76.58 -67.27 -11.16
C ALA DA 21 -77.57 -66.48 -12.02
N PRO DA 22 -77.61 -66.76 -13.32
CA PRO DA 22 -78.62 -66.15 -14.18
C PRO DA 22 -80.00 -66.77 -13.92
N SER DA 23 -81.02 -66.13 -14.47
CA SER DA 23 -82.40 -66.48 -14.13
C SER DA 23 -82.74 -67.90 -14.57
N HIS DA 24 -82.28 -68.32 -15.74
CA HIS DA 24 -82.60 -69.66 -16.21
C HIS DA 24 -81.87 -70.74 -15.41
N ILE DA 25 -80.91 -70.36 -14.57
CA ILE DA 25 -80.33 -71.28 -13.60
C ILE DA 25 -81.03 -71.17 -12.26
N ARG DA 26 -81.45 -69.95 -11.91
CA ARG DA 26 -82.31 -69.75 -10.74
C ARG DA 26 -83.53 -70.66 -10.81
N ARG DA 27 -84.08 -70.85 -12.02
CA ARG DA 27 -85.26 -71.68 -12.17
C ARG DA 27 -84.99 -73.10 -11.71
N LYS DA 28 -83.87 -73.69 -12.16
CA LYS DA 28 -83.54 -75.06 -11.74
C LYS DA 28 -83.20 -75.11 -10.26
N ILE DA 29 -82.50 -74.10 -9.75
CA ILE DA 29 -82.12 -74.09 -8.33
C ILE DA 29 -83.37 -74.08 -7.46
N MET DA 30 -84.39 -73.34 -7.87
CA MET DA 30 -85.62 -73.24 -7.09
C MET DA 30 -86.58 -74.36 -7.50
N SER DA 31 -86.25 -75.56 -7.04
CA SER DA 31 -87.08 -76.74 -7.24
C SER DA 31 -87.64 -77.22 -5.91
N SER DA 32 -88.77 -77.92 -5.99
CA SER DA 32 -89.46 -78.40 -4.81
C SER DA 32 -89.87 -79.85 -5.00
N PRO DA 33 -89.91 -80.62 -3.92
CA PRO DA 33 -90.34 -82.02 -4.03
C PRO DA 33 -91.83 -82.12 -4.35
N LEU DA 34 -92.17 -83.18 -5.08
CA LEU DA 34 -93.57 -83.53 -5.27
C LEU DA 34 -94.08 -84.33 -4.09
N SER DA 35 -95.40 -84.33 -3.92
CA SER DA 35 -96.01 -85.09 -2.84
C SER DA 35 -95.88 -86.59 -3.13
N LYS DA 36 -96.29 -87.40 -2.16
CA LYS DA 36 -96.12 -88.85 -2.28
C LYS DA 36 -96.94 -89.41 -3.43
N GLU DA 37 -98.23 -89.08 -3.49
CA GLU DA 37 -99.08 -89.60 -4.55
C GLU DA 37 -98.64 -89.08 -5.92
N LEU DA 38 -98.26 -87.81 -6.00
CA LEU DA 38 -97.79 -87.26 -7.27
C LEU DA 38 -96.51 -87.94 -7.74
N ARG DA 39 -95.55 -88.14 -6.84
CA ARG DA 39 -94.32 -88.79 -7.26
C ARG DA 39 -94.57 -90.24 -7.63
N GLN DA 40 -95.49 -90.91 -6.94
CA GLN DA 40 -95.77 -92.30 -7.25
C GLN DA 40 -96.52 -92.44 -8.58
N LYS DA 41 -97.33 -91.45 -8.94
CA LYS DA 41 -98.08 -91.56 -10.19
C LYS DA 41 -97.35 -90.99 -11.40
N TYR DA 42 -96.42 -90.06 -11.20
CA TYR DA 42 -95.66 -89.49 -12.30
C TYR DA 42 -94.25 -90.06 -12.42
N ASN DA 43 -93.79 -90.84 -11.44
CA ASN DA 43 -92.45 -91.40 -11.43
C ASN DA 43 -91.38 -90.31 -11.48
N VAL DA 44 -91.67 -89.15 -10.90
CA VAL DA 44 -90.76 -88.01 -10.85
C VAL DA 44 -90.65 -87.54 -9.42
N ARG DA 45 -89.43 -87.17 -9.00
CA ARG DA 45 -89.18 -86.81 -7.62
C ARG DA 45 -89.30 -85.30 -7.37
N SER DA 46 -88.59 -84.50 -8.14
CA SER DA 46 -88.54 -83.05 -7.93
C SER DA 46 -89.00 -82.33 -9.19
N MET DA 47 -89.30 -81.03 -9.03
CA MET DA 47 -89.76 -80.25 -10.16
C MET DA 47 -89.58 -78.78 -9.84
N PRO DA 48 -89.08 -77.97 -10.77
CA PRO DA 48 -89.01 -76.52 -10.51
C PRO DA 48 -90.39 -75.93 -10.29
N ILE DA 49 -90.46 -74.96 -9.38
CA ILE DA 49 -91.75 -74.39 -9.00
C ILE DA 49 -92.23 -73.43 -10.10
N ARG DA 50 -93.55 -73.25 -10.15
CA ARG DA 50 -94.19 -72.37 -11.12
C ARG DA 50 -95.14 -71.44 -10.36
N LYS DA 51 -95.78 -70.52 -11.09
CA LYS DA 51 -96.52 -69.45 -10.45
C LYS DA 51 -97.85 -69.93 -9.85
N ASP DA 52 -98.44 -71.00 -10.39
CA ASP DA 52 -99.77 -71.41 -9.96
C ASP DA 52 -99.79 -72.87 -9.55
N ASP DA 53 -98.84 -73.26 -8.70
CA ASP DA 53 -98.82 -74.58 -8.09
C ASP DA 53 -99.34 -74.51 -6.67
N GLU DA 54 -100.10 -75.53 -6.27
CA GLU DA 54 -100.59 -75.65 -4.90
C GLU DA 54 -99.63 -76.50 -4.09
N VAL DA 55 -99.31 -76.02 -2.89
CA VAL DA 55 -98.18 -76.51 -2.12
C VAL DA 55 -98.55 -76.54 -0.64
N GLN DA 56 -97.68 -77.20 0.14
CA GLN DA 56 -97.74 -77.23 1.58
C GLN DA 56 -96.42 -76.71 2.15
N VAL DA 57 -96.50 -76.01 3.27
CA VAL DA 57 -95.31 -75.58 3.98
C VAL DA 57 -94.96 -76.63 5.02
N VAL DA 58 -93.74 -77.14 4.97
CA VAL DA 58 -93.33 -78.28 5.77
C VAL DA 58 -92.51 -77.86 6.99
N ARG DA 59 -91.66 -76.85 6.84
CA ARG DA 59 -90.80 -76.38 7.92
C ARG DA 59 -91.07 -74.91 8.19
N GLY DA 60 -90.85 -74.50 9.43
CA GLY DA 60 -90.90 -73.10 9.80
C GLY DA 60 -92.07 -72.78 10.72
N HIS DA 61 -92.30 -71.47 10.88
CA HIS DA 61 -93.39 -71.01 11.72
C HIS DA 61 -94.75 -71.38 11.14
N TYR DA 62 -94.86 -71.46 9.82
CA TYR DA 62 -96.13 -71.66 9.15
C TYR DA 62 -96.33 -73.10 8.69
N LYS DA 63 -95.56 -74.05 9.21
CA LYS DA 63 -95.73 -75.43 8.81
C LYS DA 63 -97.10 -75.95 9.24
N GLY DA 64 -97.74 -76.69 8.34
CA GLY DA 64 -99.08 -77.16 8.59
C GLY DA 64 -99.54 -78.06 7.47
N GLN DA 65 -100.85 -78.26 7.38
CA GLN DA 65 -101.42 -79.16 6.40
C GLN DA 65 -102.30 -78.47 5.36
N GLN DA 66 -102.57 -77.17 5.52
CA GLN DA 66 -103.41 -76.48 4.55
C GLN DA 66 -102.66 -76.27 3.22
N ILE DA 67 -103.44 -76.03 2.17
CA ILE DA 67 -102.95 -75.95 0.81
C ILE DA 67 -102.90 -74.48 0.40
N GLY DA 68 -101.82 -74.08 -0.26
CA GLY DA 68 -101.70 -72.72 -0.74
C GLY DA 68 -101.19 -72.66 -2.16
N LYS DA 69 -101.78 -71.76 -2.94
CA LYS DA 69 -101.38 -71.56 -4.32
C LYS DA 69 -100.29 -70.50 -4.39
N VAL DA 70 -99.21 -70.80 -5.11
CA VAL DA 70 -98.18 -69.79 -5.29
C VAL DA 70 -98.79 -68.58 -5.97
N VAL DA 71 -98.37 -67.38 -5.57
CA VAL DA 71 -98.82 -66.15 -6.19
C VAL DA 71 -97.71 -65.48 -6.98
N GLN DA 72 -96.47 -65.60 -6.52
CA GLN DA 72 -95.35 -65.15 -7.32
C GLN DA 72 -94.08 -65.85 -6.86
N VAL DA 73 -93.21 -66.12 -7.82
CA VAL DA 73 -91.91 -66.73 -7.57
C VAL DA 73 -90.89 -65.63 -7.75
N TYR DA 74 -90.37 -65.11 -6.63
CA TYR DA 74 -89.45 -63.98 -6.70
C TYR DA 74 -88.05 -64.59 -6.65
N ARG DA 75 -87.45 -64.74 -7.84
CA ARG DA 75 -86.20 -65.48 -7.98
C ARG DA 75 -84.96 -64.68 -7.60
N LYS DA 76 -85.09 -63.37 -7.41
CA LYS DA 76 -83.93 -62.58 -7.01
C LYS DA 76 -83.57 -62.80 -5.55
N LYS DA 77 -84.58 -62.98 -4.69
CA LYS DA 77 -84.37 -63.38 -3.31
C LYS DA 77 -84.49 -64.88 -3.08
N TYR DA 78 -84.71 -65.67 -4.13
CA TYR DA 78 -84.84 -67.13 -4.00
C TYR DA 78 -86.03 -67.51 -3.11
N VAL DA 79 -87.18 -66.87 -3.33
CA VAL DA 79 -88.35 -67.11 -2.49
C VAL DA 79 -89.58 -67.28 -3.37
N ILE DA 80 -90.65 -67.80 -2.74
CA ILE DA 80 -91.97 -67.86 -3.34
C ILE DA 80 -92.97 -67.33 -2.32
N TYR DA 81 -94.12 -66.87 -2.82
CA TYR DA 81 -95.16 -66.34 -1.96
C TYR DA 81 -96.41 -67.21 -2.10
N ILE DA 82 -96.82 -67.83 -0.99
CA ILE DA 82 -98.04 -68.61 -0.90
C ILE DA 82 -99.12 -67.71 -0.33
N GLU DA 83 -100.37 -67.89 -0.79
CA GLU DA 83 -101.33 -66.81 -0.62
C GLU DA 83 -101.84 -66.66 0.81
N ARG DA 84 -101.70 -67.70 1.66
CA ARG DA 84 -102.05 -67.59 3.08
C ARG DA 84 -100.85 -67.74 4.01
N VAL DA 85 -99.63 -67.55 3.54
CA VAL DA 85 -98.50 -67.32 4.44
C VAL DA 85 -98.23 -65.81 4.40
N GLN DA 86 -98.67 -65.11 5.45
CA GLN DA 86 -98.50 -63.67 5.49
C GLN DA 86 -98.60 -63.22 6.94
N ARG DA 87 -98.12 -62.01 7.20
CA ARG DA 87 -98.18 -61.44 8.53
C ARG DA 87 -98.67 -60.01 8.42
N GLU DA 88 -98.77 -59.37 9.58
CA GLU DA 88 -99.42 -58.09 9.75
C GLU DA 88 -98.35 -57.05 10.05
N LYS DA 89 -98.26 -56.03 9.22
CA LYS DA 89 -97.32 -54.95 9.45
C LYS DA 89 -97.83 -54.06 10.59
N ALA DA 90 -96.98 -53.14 11.05
CA ALA DA 90 -97.36 -52.26 12.15
C ALA DA 90 -98.57 -51.40 11.78
N ASN DA 91 -98.57 -50.85 10.57
CA ASN DA 91 -99.65 -49.93 10.19
C ASN DA 91 -100.96 -50.65 9.97
N GLY DA 92 -100.92 -51.87 9.43
CA GLY DA 92 -102.15 -52.59 9.17
C GLY DA 92 -102.21 -53.23 7.80
N THR DA 93 -101.11 -53.15 7.06
CA THR DA 93 -101.00 -53.80 5.77
C THR DA 93 -100.59 -55.26 5.96
N THR DA 94 -101.20 -56.15 5.17
CA THR DA 94 -100.81 -57.54 5.18
C THR DA 94 -99.68 -57.77 4.17
N VAL DA 95 -98.64 -58.48 4.59
CA VAL DA 95 -97.46 -58.69 3.76
C VAL DA 95 -97.12 -60.17 3.72
N HIS DA 96 -96.78 -60.66 2.53
CA HIS DA 96 -96.38 -62.05 2.37
C HIS DA 96 -95.03 -62.32 3.05
N VAL DA 97 -94.88 -63.54 3.54
CA VAL DA 97 -93.61 -64.02 4.07
C VAL DA 97 -93.01 -64.99 3.08
N GLY DA 98 -91.76 -64.77 2.70
CA GLY DA 98 -91.13 -65.60 1.68
C GLY DA 98 -90.66 -66.92 2.25
N ILE DA 99 -90.94 -68.00 1.52
CA ILE DA 99 -90.56 -69.35 1.92
C ILE DA 99 -89.68 -69.93 0.83
N HIS DA 100 -88.55 -70.51 1.23
CA HIS DA 100 -87.67 -71.12 0.26
C HIS DA 100 -88.35 -72.35 -0.37
N PRO DA 101 -88.21 -72.55 -1.68
CA PRO DA 101 -88.93 -73.65 -2.33
C PRO DA 101 -88.55 -75.03 -1.85
N SER DA 102 -87.39 -75.20 -1.22
CA SER DA 102 -86.97 -76.53 -0.79
C SER DA 102 -87.69 -76.99 0.47
N LYS DA 103 -88.26 -76.08 1.24
CA LYS DA 103 -89.03 -76.42 2.43
C LYS DA 103 -90.53 -76.49 2.14
N VAL DA 104 -90.89 -76.77 0.90
CA VAL DA 104 -92.27 -76.73 0.43
C VAL DA 104 -92.50 -77.93 -0.49
N VAL DA 105 -93.61 -78.64 -0.27
CA VAL DA 105 -93.96 -79.82 -1.05
C VAL DA 105 -95.15 -79.48 -1.94
N ILE DA 106 -95.09 -79.94 -3.18
CA ILE DA 106 -96.12 -79.64 -4.18
C ILE DA 106 -97.21 -80.68 -4.09
N THR DA 107 -98.46 -80.23 -3.98
CA THR DA 107 -99.61 -81.13 -3.90
C THR DA 107 -100.41 -81.20 -5.19
N ARG DA 108 -100.34 -80.19 -6.05
CA ARG DA 108 -100.99 -80.27 -7.36
C ARG DA 108 -100.26 -79.36 -8.34
N LEU DA 109 -99.68 -79.96 -9.37
CA LEU DA 109 -99.01 -79.22 -10.42
C LEU DA 109 -100.03 -78.59 -11.37
N LYS DA 110 -99.59 -77.54 -12.06
CA LYS DA 110 -100.32 -77.02 -13.21
C LYS DA 110 -99.62 -77.51 -14.47
N LEU DA 111 -100.39 -78.04 -15.40
CA LEU DA 111 -99.84 -78.76 -16.54
C LEU DA 111 -100.16 -78.04 -17.85
N ASP DA 112 -99.14 -77.94 -18.71
CA ASP DA 112 -99.29 -77.50 -20.08
C ASP DA 112 -98.41 -78.40 -20.95
N LYS DA 113 -98.22 -78.00 -22.21
CA LYS DA 113 -97.42 -78.82 -23.11
C LYS DA 113 -95.98 -78.95 -22.61
N ASP DA 114 -95.38 -77.85 -22.18
CA ASP DA 114 -93.99 -77.90 -21.71
C ASP DA 114 -93.87 -78.68 -20.41
N ARG DA 115 -94.82 -78.48 -19.49
CA ARG DA 115 -94.78 -79.22 -18.24
C ARG DA 115 -94.91 -80.72 -18.47
N LYS DA 116 -95.85 -81.13 -19.33
CA LYS DA 116 -96.00 -82.55 -19.61
C LYS DA 116 -94.75 -83.11 -20.29
N LYS DA 117 -94.15 -82.33 -21.20
CA LYS DA 117 -92.91 -82.76 -21.84
C LYS DA 117 -91.81 -83.00 -20.81
N ILE DA 118 -91.65 -82.07 -19.87
CA ILE DA 118 -90.60 -82.22 -18.86
C ILE DA 118 -90.87 -83.43 -17.97
N LEU DA 119 -92.11 -83.58 -17.52
CA LEU DA 119 -92.44 -84.74 -16.68
C LEU DA 119 -92.16 -86.04 -17.39
N GLU DA 120 -92.58 -86.16 -18.65
CA GLU DA 120 -92.35 -87.43 -19.34
C GLU DA 120 -90.86 -87.67 -19.60
N ARG DA 121 -90.10 -86.60 -19.88
CA ARG DA 121 -88.67 -86.76 -20.08
C ARG DA 121 -87.98 -87.24 -18.82
N LYS DA 122 -88.30 -86.63 -17.68
CA LYS DA 122 -87.71 -87.07 -16.41
C LYS DA 122 -88.10 -88.51 -16.10
N ALA DA 123 -89.37 -88.87 -16.31
CA ALA DA 123 -89.80 -90.22 -16.03
C ALA DA 123 -89.09 -91.24 -16.91
N LYS DA 124 -88.93 -90.92 -18.20
CA LYS DA 124 -88.24 -91.83 -19.11
C LYS DA 124 -86.78 -92.00 -18.71
N SER DA 125 -86.12 -90.91 -18.33
CA SER DA 125 -84.72 -91.01 -17.90
C SER DA 125 -84.60 -91.85 -16.64
N ARG DA 126 -85.49 -91.64 -15.66
CA ARG DA 126 -85.45 -92.47 -14.46
C ARG DA 126 -85.68 -93.94 -14.79
N GLN DA 127 -86.63 -94.22 -15.68
CA GLN DA 127 -86.94 -95.61 -16.01
C GLN DA 127 -85.75 -96.28 -16.69
N VAL DA 128 -85.10 -95.59 -17.64
CA VAL DA 128 -83.95 -96.20 -18.29
C VAL DA 128 -82.80 -96.35 -17.30
N GLY DA 129 -82.68 -95.44 -16.34
CA GLY DA 129 -81.68 -95.61 -15.30
C GLY DA 129 -81.91 -96.86 -14.46
N LYS DA 130 -83.16 -97.09 -14.05
CA LYS DA 130 -83.48 -98.30 -13.29
C LYS DA 130 -83.22 -99.54 -14.14
N GLU DA 131 -83.59 -99.51 -15.41
CA GLU DA 131 -83.37 -100.67 -16.28
C GLU DA 131 -81.88 -100.97 -16.42
N LYS DA 132 -81.07 -99.94 -16.58
CA LYS DA 132 -79.62 -100.15 -16.62
C LYS DA 132 -79.11 -100.69 -15.29
N GLY DA 133 -79.63 -100.19 -14.18
CA GLY DA 133 -79.20 -100.67 -12.88
C GLY DA 133 -79.51 -102.14 -12.69
N LYS DA 134 -80.67 -102.58 -13.15
CA LYS DA 134 -81.03 -104.00 -13.06
C LYS DA 134 -80.88 -104.68 -14.41
N GLY EA 1 -39.36 37.37 -82.66
CA GLY EA 1 -40.01 36.70 -83.78
C GLY EA 1 -41.30 36.00 -83.40
N LYS EA 2 -42.39 36.75 -83.43
CA LYS EA 2 -43.71 36.21 -83.09
C LYS EA 2 -44.03 35.01 -83.97
N PHE EA 3 -44.23 33.86 -83.34
CA PHE EA 3 -44.33 32.60 -84.06
C PHE EA 3 -45.67 31.88 -83.90
N MET EA 4 -46.57 32.37 -83.05
CA MET EA 4 -47.83 31.69 -82.76
C MET EA 4 -48.86 32.15 -83.79
N LYS EA 5 -48.87 31.49 -84.93
CA LYS EA 5 -49.71 31.87 -86.06
C LYS EA 5 -50.50 30.66 -86.54
N PRO EA 6 -51.63 30.90 -87.24
CA PRO EA 6 -52.46 29.77 -87.68
C PRO EA 6 -51.67 28.78 -88.54
N GLY EA 7 -51.92 27.50 -88.29
CA GLY EA 7 -51.18 26.44 -88.93
C GLY EA 7 -50.02 25.91 -88.12
N LYS EA 8 -49.89 26.31 -86.87
CA LYS EA 8 -48.76 25.94 -86.02
C LYS EA 8 -49.18 24.81 -85.09
N VAL EA 9 -48.45 23.70 -85.14
CA VAL EA 9 -48.80 22.55 -84.31
C VAL EA 9 -48.43 22.84 -82.86
N VAL EA 10 -49.35 22.48 -81.94
CA VAL EA 10 -49.14 22.68 -80.52
C VAL EA 10 -49.55 21.43 -79.77
N LEU EA 11 -49.05 21.32 -78.54
CA LEU EA 11 -49.43 20.27 -77.60
C LEU EA 11 -50.24 20.89 -76.48
N VAL EA 12 -51.36 20.25 -76.13
CA VAL EA 12 -52.20 20.76 -75.06
C VAL EA 12 -51.66 20.26 -73.72
N LEU EA 13 -51.23 21.20 -72.88
CA LEU EA 13 -50.55 20.86 -71.63
C LEU EA 13 -51.48 20.80 -70.43
N ALA EA 14 -52.77 21.07 -70.59
CA ALA EA 14 -53.66 21.11 -69.45
C ALA EA 14 -55.09 20.82 -69.89
N GLY EA 15 -55.94 20.52 -68.91
CA GLY EA 15 -57.33 20.22 -69.17
C GLY EA 15 -57.56 18.77 -69.53
N ARG EA 16 -58.76 18.51 -70.06
CA ARG EA 16 -59.15 17.16 -70.41
C ARG EA 16 -58.26 16.60 -71.52
N TYR EA 17 -57.96 17.40 -72.53
CA TYR EA 17 -57.16 16.94 -73.66
C TYR EA 17 -55.68 17.18 -73.43
N SER EA 18 -55.16 16.77 -72.28
CA SER EA 18 -53.75 16.97 -71.98
C SER EA 18 -52.91 15.97 -72.76
N GLY EA 19 -51.83 16.45 -73.36
CA GLY EA 19 -50.98 15.61 -74.16
C GLY EA 19 -51.48 15.34 -75.56
N ARG EA 20 -52.49 16.06 -76.02
CA ARG EA 20 -53.04 15.89 -77.35
C ARG EA 20 -52.46 16.93 -78.30
N LYS EA 21 -52.33 16.53 -79.55
CA LYS EA 21 -51.82 17.41 -80.60
C LYS EA 21 -52.96 18.22 -81.21
N ALA EA 22 -52.64 19.44 -81.60
CA ALA EA 22 -53.65 20.32 -82.18
C ALA EA 22 -52.97 21.29 -83.13
N VAL EA 23 -53.78 21.93 -83.97
CA VAL EA 23 -53.27 22.93 -84.92
C VAL EA 23 -54.07 24.22 -84.73
N ILE EA 24 -53.35 25.34 -84.66
CA ILE EA 24 -54.00 26.62 -84.39
C ILE EA 24 -54.75 27.08 -85.62
N VAL EA 25 -56.00 27.45 -85.44
CA VAL EA 25 -56.79 28.04 -86.51
C VAL EA 25 -57.04 29.53 -86.29
N LYS EA 26 -56.82 30.05 -85.09
CA LYS EA 26 -56.90 31.48 -84.87
C LYS EA 26 -56.12 31.82 -83.62
N ASN EA 27 -55.45 32.96 -83.61
CA ASN EA 27 -54.69 33.40 -82.45
C ASN EA 27 -55.08 34.82 -82.09
N ILE EA 28 -55.19 35.11 -80.80
CA ILE EA 28 -55.54 36.43 -80.30
C ILE EA 28 -54.43 36.82 -79.34
N ASP EA 29 -53.45 37.57 -79.83
CA ASP EA 29 -52.26 37.87 -79.06
C ASP EA 29 -52.51 38.86 -77.92
N ASP EA 30 -53.57 39.65 -78.01
CA ASP EA 30 -53.96 40.54 -76.92
C ASP EA 30 -55.39 40.21 -76.51
N GLY EA 31 -55.59 40.00 -75.22
CA GLY EA 31 -56.86 39.47 -74.75
C GLY EA 31 -58.00 40.45 -75.00
N THR EA 32 -59.18 39.89 -75.24
CA THR EA 32 -60.39 40.68 -75.41
C THR EA 32 -60.93 41.08 -74.04
N SER EA 33 -62.11 41.68 -74.01
CA SER EA 33 -62.70 42.12 -72.75
C SER EA 33 -63.04 40.93 -71.86
N ASP EA 34 -63.60 39.86 -72.43
CA ASP EA 34 -64.00 38.71 -71.62
C ASP EA 34 -62.79 37.91 -71.16
N ARG EA 35 -61.79 37.74 -72.03
CA ARG EA 35 -60.56 37.05 -71.66
C ARG EA 35 -59.40 38.03 -71.67
N PRO EA 36 -58.98 38.54 -70.51
CA PRO EA 36 -57.86 39.50 -70.49
C PRO EA 36 -56.56 38.93 -71.05
N TYR EA 37 -56.35 37.63 -70.93
CA TYR EA 37 -55.11 37.00 -71.32
C TYR EA 37 -55.08 36.74 -72.83
N SER EA 38 -53.86 36.62 -73.36
CA SER EA 38 -53.70 36.20 -74.75
C SER EA 38 -54.11 34.75 -74.89
N HIS EA 39 -54.70 34.39 -76.03
CA HIS EA 39 -55.23 33.05 -76.18
C HIS EA 39 -55.25 32.67 -77.66
N ALA EA 40 -55.89 31.55 -77.97
CA ALA EA 40 -55.92 31.04 -79.32
C ALA EA 40 -57.03 30.04 -79.48
N LEU EA 41 -57.78 30.15 -80.56
CA LEU EA 41 -58.74 29.14 -80.96
C LEU EA 41 -58.00 28.05 -81.73
N VAL EA 42 -58.17 26.81 -81.27
CA VAL EA 42 -57.43 25.68 -81.81
C VAL EA 42 -58.39 24.54 -82.07
N ALA EA 43 -58.03 23.69 -83.03
CA ALA EA 43 -58.77 22.47 -83.33
C ALA EA 43 -57.78 21.32 -83.35
N GLY EA 44 -58.03 20.32 -82.51
CA GLY EA 44 -57.15 19.17 -82.43
C GLY EA 44 -57.89 17.87 -82.57
N ILE EA 45 -57.22 16.75 -82.35
CA ILE EA 45 -57.81 15.42 -82.47
C ILE EA 45 -57.81 14.76 -81.10
N ASP EA 46 -58.90 14.04 -80.79
CA ASP EA 46 -59.08 13.43 -79.49
C ASP EA 46 -58.61 11.98 -79.49
N ARG EA 47 -59.15 11.15 -80.38
CA ARG EA 47 -58.72 9.77 -80.54
C ARG EA 47 -57.96 9.63 -81.84
N TYR EA 48 -56.68 9.29 -81.74
CA TYR EA 48 -55.86 9.08 -82.92
C TYR EA 48 -56.31 7.82 -83.65
N PRO EA 49 -56.08 7.74 -84.95
CA PRO EA 49 -56.31 6.48 -85.66
C PRO EA 49 -55.36 5.41 -85.15
N ARG EA 50 -55.84 4.17 -85.13
CA ARG EA 50 -55.04 3.07 -84.62
C ARG EA 50 -53.95 2.69 -85.63
N LYS EA 51 -52.96 1.95 -85.14
CA LYS EA 51 -51.90 1.45 -86.01
C LYS EA 51 -52.47 0.52 -87.06
N VAL EA 52 -52.31 0.87 -88.32
CA VAL EA 52 -52.83 0.09 -89.43
C VAL EA 52 -51.66 -0.51 -90.19
N THR EA 53 -51.72 -1.82 -90.41
CA THR EA 53 -50.67 -2.57 -91.09
C THR EA 53 -51.24 -3.26 -92.31
N ALA EA 54 -50.35 -3.88 -93.09
CA ALA EA 54 -50.79 -4.69 -94.20
C ALA EA 54 -51.41 -5.99 -93.68
N ALA EA 55 -51.88 -6.82 -94.61
CA ALA EA 55 -52.50 -8.10 -94.31
C ALA EA 55 -53.75 -7.95 -93.45
N MET EA 56 -54.39 -6.79 -93.47
CA MET EA 56 -55.68 -6.57 -92.84
C MET EA 56 -56.72 -6.27 -93.91
N GLY EA 57 -57.97 -6.60 -93.59
CA GLY EA 57 -59.04 -6.35 -94.52
C GLY EA 57 -59.29 -4.87 -94.74
N LYS EA 58 -59.88 -4.56 -95.89
CA LYS EA 58 -60.17 -3.16 -96.22
C LYS EA 58 -61.18 -2.57 -95.25
N LYS EA 59 -62.19 -3.37 -94.87
CA LYS EA 59 -63.15 -2.90 -93.88
C LYS EA 59 -62.45 -2.59 -92.56
N LYS EA 60 -61.54 -3.46 -92.13
CA LYS EA 60 -60.83 -3.23 -90.88
C LYS EA 60 -59.95 -1.99 -90.96
N ILE EA 61 -59.27 -1.78 -92.10
CA ILE EA 61 -58.44 -0.60 -92.26
C ILE EA 61 -59.29 0.67 -92.19
N ALA EA 62 -60.40 0.68 -92.94
CA ALA EA 62 -61.25 1.87 -92.93
C ALA EA 62 -61.86 2.12 -91.57
N LYS EA 63 -62.17 1.06 -90.82
CA LYS EA 63 -62.77 1.22 -89.51
C LYS EA 63 -61.76 1.65 -88.46
N ARG EA 64 -60.51 1.22 -88.58
CA ARG EA 64 -59.48 1.62 -87.62
C ARG EA 64 -58.86 2.97 -87.95
N SER EA 65 -59.01 3.45 -89.18
CA SER EA 65 -58.49 4.76 -89.56
C SER EA 65 -59.57 5.83 -89.43
N LYS EA 66 -60.09 6.00 -88.22
CA LYS EA 66 -61.09 7.01 -87.92
C LYS EA 66 -60.58 7.93 -86.82
N ILE EA 67 -60.87 9.22 -86.97
CA ILE EA 67 -60.38 10.26 -86.06
C ILE EA 67 -61.58 10.92 -85.40
N LYS EA 68 -61.48 11.16 -84.10
CA LYS EA 68 -62.44 11.98 -83.37
C LYS EA 68 -61.72 13.24 -82.91
N SER EA 69 -62.31 14.39 -83.20
CA SER EA 69 -61.63 15.67 -83.04
C SER EA 69 -62.33 16.52 -81.97
N PHE EA 70 -61.66 17.61 -81.59
CA PHE EA 70 -62.18 18.57 -80.65
C PHE EA 70 -61.76 19.98 -81.09
N VAL EA 71 -62.47 20.98 -80.57
CA VAL EA 71 -62.16 22.38 -80.82
C VAL EA 71 -62.29 23.15 -79.51
N LYS EA 72 -61.32 23.99 -79.19
CA LYS EA 72 -61.36 24.70 -77.92
C LYS EA 72 -60.47 25.93 -77.97
N VAL EA 73 -60.71 26.83 -77.01
CA VAL EA 73 -59.85 27.98 -76.75
C VAL EA 73 -58.90 27.63 -75.62
N TYR EA 74 -57.65 28.07 -75.72
CA TYR EA 74 -56.64 27.77 -74.73
C TYR EA 74 -55.77 28.98 -74.47
N ASN EA 75 -55.10 28.99 -73.31
CA ASN EA 75 -54.08 29.97 -73.03
C ASN EA 75 -52.77 29.60 -73.72
N TYR EA 76 -52.00 30.62 -74.07
CA TYR EA 76 -50.63 30.37 -74.51
C TYR EA 76 -49.83 29.68 -73.41
N ASN EA 77 -50.16 29.96 -72.15
CA ASN EA 77 -49.51 29.27 -71.04
C ASN EA 77 -49.88 27.79 -71.01
N HIS EA 78 -51.10 27.45 -71.40
CA HIS EA 78 -51.53 26.05 -71.44
C HIS EA 78 -51.27 25.38 -72.78
N LEU EA 79 -50.67 26.09 -73.74
CA LEU EA 79 -50.28 25.48 -75.00
C LEU EA 79 -48.76 25.44 -75.11
N MET EA 80 -48.27 24.37 -75.74
CA MET EA 80 -46.84 24.19 -75.97
C MET EA 80 -46.57 24.19 -77.48
N PRO EA 81 -45.85 25.18 -78.01
CA PRO EA 81 -45.66 25.25 -79.46
C PRO EA 81 -44.54 24.31 -79.91
N THR EA 82 -44.82 23.55 -80.97
CA THR EA 82 -43.81 22.72 -81.60
C THR EA 82 -43.15 23.52 -82.73
N ARG EA 83 -42.38 22.85 -83.57
CA ARG EA 83 -41.81 23.47 -84.75
C ARG EA 83 -42.45 23.00 -86.05
N TYR EA 84 -43.33 22.01 -85.99
CA TYR EA 84 -44.02 21.51 -87.17
C TYR EA 84 -45.17 22.43 -87.55
N SER EA 85 -45.60 22.31 -88.81
CA SER EA 85 -46.71 23.10 -89.31
C SER EA 85 -47.61 22.21 -90.16
N VAL EA 86 -48.92 22.34 -89.97
CA VAL EA 86 -49.92 21.58 -90.70
C VAL EA 86 -50.90 22.55 -91.33
N ASP EA 87 -50.97 22.56 -92.65
CA ASP EA 87 -51.78 23.52 -93.41
C ASP EA 87 -53.01 22.82 -93.97
N ILE EA 88 -54.03 22.68 -93.13
CA ILE EA 88 -55.30 22.06 -93.49
C ILE EA 88 -56.33 23.18 -93.62
N PRO EA 89 -57.01 23.30 -94.76
CA PRO EA 89 -57.92 24.44 -94.96
C PRO EA 89 -59.21 24.33 -94.16
N LEU EA 90 -59.15 24.61 -92.87
CA LEU EA 90 -60.37 24.69 -92.07
C LEU EA 90 -61.19 25.91 -92.48
N ASP EA 91 -62.50 25.73 -92.56
CA ASP EA 91 -63.40 26.81 -92.94
C ASP EA 91 -63.61 27.74 -91.76
N LYS EA 92 -63.29 29.02 -91.95
CA LYS EA 92 -63.36 29.98 -90.85
C LYS EA 92 -64.80 30.27 -90.45
N THR EA 93 -65.72 30.31 -91.42
CA THR EA 93 -67.09 30.68 -91.13
C THR EA 93 -67.80 29.65 -90.27
N VAL EA 94 -67.27 28.43 -90.19
CA VAL EA 94 -67.83 27.41 -89.32
C VAL EA 94 -66.93 27.11 -88.12
N VAL EA 95 -65.62 27.28 -88.26
CA VAL EA 95 -64.70 27.11 -87.14
C VAL EA 95 -64.25 28.49 -86.69
N ASN EA 96 -64.93 29.04 -85.70
CA ASN EA 96 -64.70 30.41 -85.26
C ASN EA 96 -65.05 30.51 -83.77
N LYS EA 97 -65.02 31.73 -83.24
CA LYS EA 97 -65.03 31.90 -81.80
C LYS EA 97 -66.44 31.95 -81.21
N ASP EA 98 -67.46 32.23 -82.00
CA ASP EA 98 -68.82 32.29 -81.48
C ASP EA 98 -69.50 30.93 -81.43
N VAL EA 99 -68.74 29.86 -81.71
CA VAL EA 99 -69.32 28.54 -81.81
C VAL EA 99 -69.67 27.96 -80.44
N PHE EA 100 -69.07 28.47 -79.37
CA PHE EA 100 -69.20 27.85 -78.05
C PHE EA 100 -70.47 28.24 -77.31
N ARG EA 101 -71.33 29.08 -77.86
CA ARG EA 101 -72.63 29.32 -77.24
C ARG EA 101 -73.76 28.54 -77.90
N ASP EA 102 -73.45 27.59 -78.78
CA ASP EA 102 -74.48 26.70 -79.27
C ASP EA 102 -73.94 25.30 -79.56
N PRO EA 103 -74.49 24.28 -78.91
CA PRO EA 103 -73.99 22.91 -79.14
C PRO EA 103 -74.14 22.43 -80.57
N ALA EA 104 -75.19 22.84 -81.29
CA ALA EA 104 -75.32 22.40 -82.68
C ALA EA 104 -74.19 22.96 -83.54
N LEU EA 105 -73.88 24.24 -83.37
CA LEU EA 105 -72.74 24.82 -84.09
C LEU EA 105 -71.44 24.13 -83.68
N LYS EA 106 -71.29 23.81 -82.39
CA LYS EA 106 -70.09 23.11 -81.96
C LYS EA 106 -69.95 21.76 -82.65
N ARG EA 107 -71.05 21.02 -82.74
CA ARG EA 107 -71.02 19.72 -83.41
C ARG EA 107 -70.68 19.87 -84.89
N LYS EA 108 -71.26 20.88 -85.54
CA LYS EA 108 -70.93 21.11 -86.94
C LYS EA 108 -69.44 21.43 -87.12
N ALA EA 109 -68.89 22.26 -86.24
CA ALA EA 109 -67.47 22.60 -86.33
C ALA EA 109 -66.59 21.38 -86.10
N ARG EA 110 -66.94 20.55 -85.12
CA ARG EA 110 -66.16 19.33 -84.87
C ARG EA 110 -66.21 18.40 -86.07
N ARG EA 111 -67.39 18.22 -86.67
CA ARG EA 111 -67.50 17.39 -87.87
C ARG EA 111 -66.67 17.95 -89.01
N GLU EA 112 -66.69 19.27 -89.19
CA GLU EA 112 -65.94 19.89 -90.27
C GLU EA 112 -64.45 19.69 -90.10
N ALA EA 113 -63.95 19.80 -88.86
CA ALA EA 113 -62.55 19.48 -88.60
C ALA EA 113 -62.27 18.00 -88.87
N LYS EA 114 -63.19 17.12 -88.44
CA LYS EA 114 -62.98 15.68 -88.53
C LYS EA 114 -62.82 15.22 -89.97
N VAL EA 115 -63.67 15.71 -90.87
CA VAL EA 115 -63.67 15.16 -92.23
C VAL EA 115 -62.34 15.44 -92.93
N LYS EA 116 -61.83 16.66 -92.80
CA LYS EA 116 -60.57 16.97 -93.46
C LYS EA 116 -59.35 16.46 -92.70
N PHE EA 117 -59.43 16.26 -91.39
CA PHE EA 117 -58.41 15.47 -90.72
C PHE EA 117 -58.33 14.07 -91.30
N GLU EA 118 -59.49 13.44 -91.51
CA GLU EA 118 -59.53 12.14 -92.17
C GLU EA 118 -58.88 12.20 -93.54
N GLU EA 119 -59.22 13.22 -94.33
CA GLU EA 119 -58.69 13.31 -95.68
C GLU EA 119 -57.17 13.40 -95.68
N ARG EA 120 -56.62 14.32 -94.88
CA ARG EA 120 -55.16 14.46 -94.85
C ARG EA 120 -54.48 13.21 -94.31
N TYR EA 121 -55.05 12.61 -93.26
CA TYR EA 121 -54.44 11.40 -92.71
C TYR EA 121 -54.40 10.28 -93.74
N LYS EA 122 -55.48 10.11 -94.51
CA LYS EA 122 -55.47 9.10 -95.55
C LYS EA 122 -54.49 9.44 -96.66
N THR EA 123 -54.31 10.73 -96.96
CA THR EA 123 -53.24 11.10 -97.89
C THR EA 123 -51.88 10.68 -97.36
N GLY EA 124 -51.70 10.72 -96.04
CA GLY EA 124 -50.53 10.13 -95.43
C GLY EA 124 -49.40 11.07 -95.09
N LYS EA 125 -49.60 12.37 -95.18
CA LYS EA 125 -48.61 13.33 -94.72
C LYS EA 125 -48.89 13.70 -93.27
N ASN EA 126 -47.95 14.42 -92.66
CA ASN EA 126 -48.07 14.85 -91.27
C ASN EA 126 -48.24 13.65 -90.34
N LYS EA 127 -47.54 12.56 -90.65
CA LYS EA 127 -47.61 11.36 -89.83
C LYS EA 127 -47.19 11.65 -88.40
N TRP EA 128 -46.28 12.58 -88.19
CA TRP EA 128 -45.96 13.00 -86.84
C TRP EA 128 -47.16 13.64 -86.16
N PHE EA 129 -47.91 14.46 -86.90
CA PHE EA 129 -49.10 15.08 -86.33
C PHE EA 129 -50.16 14.04 -86.00
N PHE EA 130 -50.21 12.94 -86.74
CA PHE EA 130 -51.29 11.98 -86.55
C PHE EA 130 -50.91 10.77 -85.69
N GLN EA 131 -49.65 10.58 -85.35
CA GLN EA 131 -49.29 9.53 -84.41
C GLN EA 131 -49.17 10.11 -83.00
N LYS EA 132 -49.72 9.39 -82.04
CA LYS EA 132 -49.90 9.93 -80.70
C LYS EA 132 -48.57 10.08 -79.97
N LEU EA 133 -48.59 10.95 -78.96
CA LEU EA 133 -47.40 11.21 -78.15
C LEU EA 133 -47.27 10.16 -77.06
N ARG EA 134 -46.08 9.60 -76.91
CA ARG EA 134 -45.81 8.54 -75.94
C ARG EA 134 -45.20 9.19 -74.69
N PHE EA 135 -46.04 9.48 -73.72
CA PHE EA 135 -45.59 10.13 -72.49
C PHE EA 135 -46.12 9.40 -71.27
N PRO FA 1 -36.57 -77.21 11.75
CA PRO FA 1 -37.72 -76.64 12.46
C PRO FA 1 -37.35 -75.43 13.30
N SER FA 2 -38.13 -74.36 13.16
CA SER FA 2 -37.89 -73.14 13.92
C SER FA 2 -38.13 -73.33 15.41
N ARG FA 3 -38.90 -74.36 15.79
CA ARG FA 3 -39.16 -74.62 17.19
C ARG FA 3 -37.87 -74.88 17.97
N LEU FA 4 -36.91 -75.54 17.32
CA LEU FA 4 -35.75 -76.09 18.01
C LEU FA 4 -34.52 -75.18 17.98
N ARG FA 5 -34.59 -74.04 17.29
CA ARG FA 5 -33.38 -73.26 17.08
C ARG FA 5 -33.26 -72.16 18.14
N LYS FA 6 -32.27 -71.29 17.95
CA LYS FA 6 -31.79 -70.41 19.01
C LYS FA 6 -32.54 -69.09 19.10
N THR FA 7 -33.22 -68.67 18.04
CA THR FA 7 -33.96 -67.41 18.08
C THR FA 7 -35.12 -67.46 19.06
N ARG FA 8 -35.65 -68.65 19.37
CA ARG FA 8 -36.80 -68.71 20.27
C ARG FA 8 -36.38 -68.47 21.72
N LYS FA 9 -35.16 -68.84 22.08
CA LYS FA 9 -34.68 -68.62 23.44
C LYS FA 9 -34.17 -67.21 23.69
N LEU FA 10 -33.93 -66.44 22.64
CA LEU FA 10 -33.38 -65.10 22.78
C LEU FA 10 -34.45 -64.02 22.84
N ARG FA 11 -35.72 -64.39 22.82
CA ARG FA 11 -36.79 -63.42 22.99
C ARG FA 11 -36.77 -62.88 24.41
N GLY FA 12 -36.68 -61.56 24.55
CA GLY FA 12 -36.62 -60.92 25.84
C GLY FA 12 -35.24 -60.48 26.26
N HIS FA 13 -34.20 -60.92 25.56
CA HIS FA 13 -32.84 -60.46 25.80
C HIS FA 13 -32.50 -59.43 24.74
N VAL FA 14 -32.03 -58.26 25.18
CA VAL FA 14 -32.07 -57.06 24.35
C VAL FA 14 -31.24 -57.25 23.08
N SER FA 15 -29.99 -57.69 23.22
CA SER FA 15 -29.05 -57.65 22.12
C SER FA 15 -29.09 -58.87 21.22
N HIS FA 16 -29.93 -59.86 21.52
CA HIS FA 16 -30.06 -61.07 20.71
C HIS FA 16 -28.73 -61.81 20.61
N GLY FA 17 -27.99 -61.83 21.71
CA GLY FA 17 -26.78 -62.62 21.79
C GLY FA 17 -25.59 -62.08 21.04
N HIS FA 18 -25.57 -60.79 20.71
CA HIS FA 18 -24.47 -60.19 19.98
C HIS FA 18 -23.74 -59.13 20.79
N GLY FA 19 -23.97 -59.08 22.09
CA GLY FA 19 -23.30 -58.13 22.95
C GLY FA 19 -23.87 -56.73 22.83
N ARG FA 20 -23.47 -55.87 23.76
CA ARG FA 20 -23.90 -54.48 23.75
C ARG FA 20 -22.78 -53.51 23.48
N ILE FA 21 -21.54 -53.85 23.85
CA ILE FA 21 -20.42 -52.96 23.56
C ILE FA 21 -20.18 -52.88 22.07
N GLY FA 22 -19.86 -54.00 21.45
CA GLY FA 22 -19.71 -54.05 20.01
C GLY FA 22 -20.95 -54.64 19.38
N LYS FA 23 -21.78 -53.78 18.79
CA LYS FA 23 -23.08 -54.20 18.30
C LYS FA 23 -22.93 -55.16 17.12
N HIS FA 24 -24.04 -55.72 16.66
CA HIS FA 24 -24.04 -56.46 15.41
C HIS FA 24 -24.18 -55.44 14.28
N ARG FA 25 -23.05 -55.05 13.71
CA ARG FA 25 -23.06 -54.13 12.59
C ARG FA 25 -23.13 -54.94 11.30
N LYS FA 26 -22.91 -54.29 10.16
CA LYS FA 26 -23.25 -54.93 8.89
C LYS FA 26 -22.09 -55.72 8.29
N HIS FA 27 -20.93 -55.07 8.12
CA HIS FA 27 -19.75 -55.74 7.58
C HIS FA 27 -18.50 -55.13 8.22
N PRO FA 28 -18.22 -55.48 9.46
CA PRO FA 28 -17.13 -54.81 10.20
C PRO FA 28 -15.73 -55.27 9.79
N GLY FA 29 -15.61 -56.05 8.73
CA GLY FA 29 -14.29 -56.48 8.30
C GLY FA 29 -14.10 -56.49 6.80
N GLY FA 30 -15.13 -56.09 6.06
CA GLY FA 30 -15.10 -56.14 4.62
C GLY FA 30 -15.88 -57.33 4.10
N ARG FA 31 -16.38 -57.21 2.88
CA ARG FA 31 -17.15 -58.29 2.28
C ARG FA 31 -16.27 -59.48 1.96
N GLY FA 32 -16.86 -60.67 2.05
CA GLY FA 32 -16.19 -61.88 1.60
C GLY FA 32 -14.88 -62.13 2.32
N ASN FA 33 -13.84 -62.40 1.54
CA ASN FA 33 -12.52 -62.68 2.10
C ASN FA 33 -11.53 -61.60 1.68
N ALA FA 34 -11.96 -60.36 1.78
CA ALA FA 34 -11.10 -59.21 1.53
C ALA FA 34 -10.04 -59.10 2.62
N GLY FA 35 -9.04 -58.26 2.35
CA GLY FA 35 -7.97 -58.04 3.30
C GLY FA 35 -7.14 -59.26 3.60
N GLY FA 36 -7.07 -60.20 2.67
CA GLY FA 36 -6.22 -61.36 2.87
C GLY FA 36 -4.75 -60.98 2.99
N MET FA 37 -4.35 -59.94 2.26
CA MET FA 37 -2.98 -59.44 2.33
C MET FA 37 -2.76 -58.42 3.43
N HIS FA 38 -3.82 -57.80 3.96
CA HIS FA 38 -3.63 -56.60 4.76
C HIS FA 38 -4.03 -56.76 6.22
N HIS FA 39 -5.28 -57.09 6.54
CA HIS FA 39 -5.67 -57.21 7.94
C HIS FA 39 -6.19 -58.59 8.31
N HIS FA 40 -6.26 -59.52 7.37
CA HIS FA 40 -6.47 -60.94 7.67
C HIS FA 40 -5.24 -61.75 7.29
N ARG FA 41 -4.09 -61.07 7.27
CA ARG FA 41 -2.84 -61.69 6.83
C ARG FA 41 -2.50 -62.90 7.66
N ILE FA 42 -2.64 -62.80 8.98
CA ILE FA 42 -2.15 -63.90 9.80
C ILE FA 42 -3.14 -65.05 9.84
N ASN FA 43 -4.44 -64.79 9.65
CA ASN FA 43 -5.36 -65.90 9.42
C ASN FA 43 -4.99 -66.65 8.15
N PHE FA 44 -4.75 -65.91 7.06
CA PHE FA 44 -4.41 -66.57 5.80
C PHE FA 44 -3.09 -67.32 5.89
N ASP FA 45 -2.12 -66.76 6.62
CA ASP FA 45 -0.83 -67.44 6.78
C ASP FA 45 -0.95 -68.65 7.70
N LYS FA 46 -1.78 -68.55 8.74
CA LYS FA 46 -1.87 -69.57 9.76
C LYS FA 46 -2.73 -70.74 9.36
N TYR FA 47 -3.62 -70.58 8.38
CA TYR FA 47 -4.42 -71.72 7.95
C TYR FA 47 -4.41 -72.00 6.46
N HIS FA 48 -3.88 -71.10 5.63
CA HIS FA 48 -3.85 -71.28 4.19
C HIS FA 48 -2.48 -70.93 3.61
N PRO FA 49 -1.45 -71.70 3.93
CA PRO FA 49 -0.15 -71.48 3.30
C PRO FA 49 -0.21 -71.76 1.82
N GLY FA 50 0.54 -70.97 1.05
CA GLY FA 50 0.59 -71.14 -0.38
C GLY FA 50 -0.57 -70.54 -1.15
N TYR FA 51 -1.48 -69.85 -0.47
CA TYR FA 51 -2.67 -69.33 -1.14
C TYR FA 51 -2.33 -68.28 -2.19
N PHE FA 52 -1.39 -67.39 -1.87
CA PHE FA 52 -1.01 -66.32 -2.77
C PHE FA 52 0.17 -66.73 -3.63
N GLY FA 53 0.12 -66.36 -4.90
CA GLY FA 53 1.24 -66.57 -5.80
C GLY FA 53 0.95 -67.63 -6.84
N LYS FA 54 1.91 -67.76 -7.77
CA LYS FA 54 1.80 -68.67 -8.89
C LYS FA 54 2.92 -69.70 -8.83
N VAL FA 55 2.70 -70.82 -9.50
CA VAL FA 55 3.69 -71.88 -9.59
C VAL FA 55 3.32 -72.78 -10.76
N GLY FA 56 4.34 -73.26 -11.48
CA GLY FA 56 4.13 -74.26 -12.51
C GLY FA 56 3.71 -73.71 -13.85
N MET FA 57 3.47 -74.64 -14.77
CA MET FA 57 3.15 -74.37 -16.15
C MET FA 57 1.67 -74.07 -16.31
N ARG FA 58 1.28 -73.74 -17.55
CA ARG FA 58 -0.11 -73.61 -17.93
C ARG FA 58 -0.42 -74.61 -19.04
N HIS FA 59 -1.64 -75.11 -19.04
CA HIS FA 59 -2.12 -76.05 -20.05
C HIS FA 59 -3.45 -75.53 -20.58
N TYR FA 60 -3.45 -75.08 -21.84
CA TYR FA 60 -4.55 -74.24 -22.32
C TYR FA 60 -5.83 -75.03 -22.52
N HIS FA 61 -5.75 -76.21 -23.11
CA HIS FA 61 -6.94 -77.02 -23.40
C HIS FA 61 -6.69 -78.41 -22.84
N LEU FA 62 -7.00 -78.60 -21.56
CA LEU FA 62 -6.71 -79.83 -20.86
C LEU FA 62 -7.86 -80.80 -21.00
N LYS FA 63 -7.56 -82.07 -21.26
CA LYS FA 63 -8.56 -83.09 -21.49
C LYS FA 63 -8.40 -84.26 -20.52
N ARG FA 64 -9.33 -84.35 -19.58
CA ARG FA 64 -9.30 -85.41 -18.58
C ARG FA 64 -9.48 -86.78 -19.21
N ASN FA 65 -10.16 -86.85 -20.35
CA ASN FA 65 -10.27 -88.13 -21.06
C ASN FA 65 -8.92 -88.60 -21.55
N GLN FA 66 -8.07 -87.69 -22.00
CA GLN FA 66 -6.68 -88.05 -22.30
C GLN FA 66 -5.94 -88.46 -21.04
N SER FA 67 -6.12 -87.71 -19.95
CA SER FA 67 -5.36 -87.96 -18.73
C SER FA 67 -5.99 -89.03 -17.84
N PHE FA 68 -6.96 -89.78 -18.34
CA PHE FA 68 -7.72 -90.74 -17.54
C PHE FA 68 -6.99 -92.08 -17.48
N CYS FA 69 -6.72 -92.56 -16.27
CA CYS FA 69 -6.08 -93.86 -16.05
C CYS FA 69 -6.31 -94.34 -14.63
N PRO FA 70 -7.39 -95.07 -14.37
CA PRO FA 70 -7.63 -95.58 -13.02
C PRO FA 70 -6.68 -96.72 -12.67
N THR FA 71 -6.52 -96.94 -11.37
CA THR FA 71 -5.56 -97.91 -10.85
C THR FA 71 -6.25 -98.92 -9.95
N VAL FA 72 -5.62 -100.10 -9.84
CA VAL FA 72 -6.07 -101.16 -8.97
C VAL FA 72 -4.85 -101.76 -8.30
N ASN FA 73 -5.06 -102.43 -7.18
CA ASN FA 73 -3.97 -102.98 -6.38
C ASN FA 73 -4.05 -104.50 -6.32
N LEU FA 74 -2.89 -105.11 -6.07
CA LEU FA 74 -2.83 -106.57 -5.97
C LEU FA 74 -3.66 -107.12 -4.83
N ASP FA 75 -3.95 -106.32 -3.81
CA ASP FA 75 -4.93 -106.73 -2.80
C ASP FA 75 -6.29 -106.99 -3.43
N LYS FA 76 -6.76 -106.06 -4.24
CA LYS FA 76 -8.08 -106.15 -4.84
C LYS FA 76 -8.09 -106.92 -6.15
N LEU FA 77 -6.93 -107.41 -6.59
CA LEU FA 77 -6.84 -108.08 -7.88
C LEU FA 77 -7.78 -109.27 -7.98
N TRP FA 78 -7.79 -110.12 -6.95
CA TRP FA 78 -8.62 -111.32 -7.02
C TRP FA 78 -10.10 -111.03 -6.81
N THR FA 79 -10.47 -109.82 -6.41
CA THR FA 79 -11.88 -109.48 -6.27
C THR FA 79 -12.56 -109.30 -7.61
N LEU FA 80 -11.81 -109.03 -8.68
CA LEU FA 80 -12.40 -108.70 -9.96
C LEU FA 80 -13.06 -109.89 -10.64
N VAL FA 81 -12.85 -111.11 -10.14
CA VAL FA 81 -13.47 -112.30 -10.70
C VAL FA 81 -14.19 -113.04 -9.59
N SER FA 82 -15.07 -113.96 -9.98
CA SER FA 82 -15.83 -114.73 -9.02
C SER FA 82 -14.92 -115.65 -8.22
N GLU FA 83 -15.29 -115.88 -6.96
CA GLU FA 83 -14.52 -116.78 -6.11
C GLU FA 83 -14.56 -118.21 -6.61
N GLN FA 84 -15.56 -118.56 -7.43
CA GLN FA 84 -15.57 -119.86 -8.08
C GLN FA 84 -14.33 -120.06 -8.93
N THR FA 85 -13.91 -119.00 -9.64
CA THR FA 85 -12.68 -119.08 -10.44
C THR FA 85 -11.48 -119.41 -9.57
N ARG FA 86 -11.32 -118.71 -8.45
CA ARG FA 86 -10.18 -118.94 -7.57
C ARG FA 86 -10.22 -120.33 -6.97
N VAL FA 87 -11.38 -120.77 -6.50
CA VAL FA 87 -11.48 -122.09 -5.89
C VAL FA 87 -11.15 -123.18 -6.89
N ASN FA 88 -11.70 -123.06 -8.11
CA ASN FA 88 -11.44 -124.07 -9.13
C ASN FA 88 -9.98 -124.06 -9.57
N ALA FA 89 -9.38 -122.87 -9.67
CA ALA FA 89 -7.98 -122.79 -10.06
C ALA FA 89 -7.07 -123.42 -9.01
N ALA FA 90 -7.35 -123.16 -7.73
CA ALA FA 90 -6.55 -123.77 -6.68
C ALA FA 90 -6.76 -125.27 -6.62
N LYS FA 91 -8.00 -125.73 -6.82
CA LYS FA 91 -8.30 -127.16 -6.79
C LYS FA 91 -7.63 -127.89 -7.94
N ASN FA 92 -7.62 -127.29 -9.13
CA ASN FA 92 -7.15 -127.97 -10.32
C ASN FA 92 -5.64 -128.22 -10.23
N LYS FA 93 -5.24 -129.45 -10.53
CA LYS FA 93 -3.84 -129.86 -10.48
C LYS FA 93 -3.17 -129.84 -11.84
N THR FA 94 -3.93 -129.56 -12.92
CA THR FA 94 -3.33 -129.51 -14.24
C THR FA 94 -2.27 -128.42 -14.34
N GLY FA 95 -2.47 -127.31 -13.65
CA GLY FA 95 -1.57 -126.18 -13.73
C GLY FA 95 -2.10 -125.00 -14.52
N ALA FA 96 -3.35 -125.04 -14.94
CA ALA FA 96 -3.92 -123.94 -15.70
C ALA FA 96 -4.04 -122.69 -14.84
N ALA FA 97 -3.80 -121.54 -15.46
CA ALA FA 97 -3.82 -120.27 -14.75
C ALA FA 97 -4.99 -119.43 -15.22
N PRO FA 98 -5.81 -118.91 -14.30
CA PRO FA 98 -6.92 -118.04 -14.71
C PRO FA 98 -6.41 -116.73 -15.27
N ILE FA 99 -7.22 -116.16 -16.16
CA ILE FA 99 -6.93 -114.89 -16.81
C ILE FA 99 -7.69 -113.80 -16.07
N ILE FA 100 -6.98 -112.79 -15.59
CA ILE FA 100 -7.57 -111.66 -14.89
C ILE FA 100 -7.40 -110.45 -15.80
N ASP FA 101 -8.46 -110.08 -16.49
CA ASP FA 101 -8.44 -108.92 -17.39
C ASP FA 101 -9.02 -107.74 -16.64
N VAL FA 102 -8.17 -106.78 -16.29
CA VAL FA 102 -8.62 -105.66 -15.47
C VAL FA 102 -9.25 -104.55 -16.29
N VAL FA 103 -9.00 -104.51 -17.60
CA VAL FA 103 -9.65 -103.52 -18.45
C VAL FA 103 -11.15 -103.78 -18.51
N ARG FA 104 -11.54 -105.05 -18.49
CA ARG FA 104 -12.96 -105.40 -18.42
C ARG FA 104 -13.59 -104.88 -17.14
N SER FA 105 -12.90 -105.01 -16.01
CA SER FA 105 -13.42 -104.45 -14.76
C SER FA 105 -13.44 -102.94 -14.78
N GLY FA 106 -12.53 -102.31 -15.53
CA GLY FA 106 -12.55 -100.88 -15.66
C GLY FA 106 -11.28 -100.20 -15.17
N TYR FA 107 -10.24 -100.99 -14.94
CA TYR FA 107 -8.96 -100.48 -14.48
C TYR FA 107 -7.91 -100.57 -15.58
N TYR FA 108 -6.99 -99.62 -15.59
CA TYR FA 108 -5.98 -99.53 -16.64
C TYR FA 108 -4.58 -99.88 -16.14
N LYS FA 109 -4.22 -99.48 -14.93
CA LYS FA 109 -2.87 -99.66 -14.41
C LYS FA 109 -2.93 -100.51 -13.15
N VAL FA 110 -1.97 -101.42 -13.02
CA VAL FA 110 -1.89 -102.31 -11.86
C VAL FA 110 -0.73 -101.85 -10.99
N LEU FA 111 -1.03 -101.52 -9.74
CA LEU FA 111 -0.04 -101.16 -8.74
C LEU FA 111 0.02 -102.27 -7.70
N GLY FA 112 1.22 -102.63 -7.26
CA GLY FA 112 1.32 -103.73 -6.32
C GLY FA 112 1.54 -103.30 -4.90
N LYS FA 113 0.49 -103.33 -4.08
CA LYS FA 113 0.57 -102.87 -2.70
C LYS FA 113 0.79 -104.01 -1.70
N GLY FA 114 -0.12 -104.97 -1.65
CA GLY FA 114 -0.12 -105.96 -0.60
C GLY FA 114 0.30 -107.34 -1.07
N LYS FA 115 0.02 -108.33 -0.22
CA LYS FA 115 0.31 -109.71 -0.53
C LYS FA 115 -0.56 -110.21 -1.68
N LEU FA 116 -0.11 -111.31 -2.28
CA LEU FA 116 -0.83 -111.97 -3.35
C LEU FA 116 -0.85 -113.46 -3.04
N PRO FA 117 -2.01 -114.10 -3.06
CA PRO FA 117 -2.09 -115.51 -2.65
C PRO FA 117 -1.31 -116.40 -3.61
N LYS FA 118 -0.77 -117.49 -3.05
CA LYS FA 118 0.13 -118.35 -3.80
C LYS FA 118 -0.64 -119.12 -4.87
N GLN FA 119 -0.76 -118.52 -6.05
CA GLN FA 119 -1.59 -119.05 -7.12
C GLN FA 119 -1.20 -118.41 -8.44
N PRO FA 120 -0.93 -119.20 -9.48
CA PRO FA 120 -0.60 -118.60 -10.78
C PRO FA 120 -1.77 -117.84 -11.39
N VAL FA 121 -1.42 -116.76 -12.10
CA VAL FA 121 -2.40 -115.90 -12.76
C VAL FA 121 -1.80 -115.35 -14.04
N ILE FA 122 -2.65 -115.04 -15.01
CA ILE FA 122 -2.27 -114.27 -16.17
C ILE FA 122 -2.99 -112.94 -16.06
N VAL FA 123 -2.27 -111.90 -15.67
CA VAL FA 123 -2.86 -110.58 -15.49
C VAL FA 123 -2.75 -109.83 -16.81
N LYS FA 124 -3.89 -109.36 -17.33
CA LYS FA 124 -4.01 -108.77 -18.64
C LYS FA 124 -4.43 -107.31 -18.47
N ALA FA 125 -3.45 -106.42 -18.41
CA ALA FA 125 -3.69 -105.01 -18.12
C ALA FA 125 -3.08 -104.14 -19.20
N LYS FA 126 -3.15 -102.83 -19.00
CA LYS FA 126 -2.64 -101.85 -19.94
C LYS FA 126 -1.29 -101.29 -19.53
N PHE FA 127 -1.11 -101.00 -18.24
CA PHE FA 127 0.17 -100.61 -17.69
C PHE FA 127 0.44 -101.45 -16.44
N PHE FA 128 1.71 -101.53 -16.07
CA PHE FA 128 2.13 -102.20 -14.85
C PHE FA 128 3.19 -101.37 -14.16
N SER FA 129 3.33 -101.59 -12.86
CA SER FA 129 4.45 -101.06 -12.11
C SER FA 129 5.48 -102.15 -11.88
N ARG FA 130 6.72 -101.73 -11.61
CA ARG FA 130 7.81 -102.68 -11.45
C ARG FA 130 7.57 -103.61 -10.27
N ARG FA 131 7.12 -103.07 -9.15
CA ARG FA 131 6.89 -103.89 -7.96
C ARG FA 131 5.71 -104.83 -8.17
N ALA FA 132 4.65 -104.37 -8.83
CA ALA FA 132 3.55 -105.27 -9.13
C ALA FA 132 4.00 -106.42 -10.03
N GLU FA 133 4.79 -106.11 -11.05
CA GLU FA 133 5.28 -107.15 -11.93
C GLU FA 133 6.16 -108.15 -11.18
N GLU FA 134 7.03 -107.66 -10.28
CA GLU FA 134 7.89 -108.59 -9.56
C GLU FA 134 7.08 -109.47 -8.62
N LYS FA 135 6.04 -108.91 -7.99
CA LYS FA 135 5.20 -109.74 -7.12
C LYS FA 135 4.46 -110.80 -7.93
N ILE FA 136 3.97 -110.46 -9.12
CA ILE FA 136 3.28 -111.46 -9.94
C ILE FA 136 4.27 -112.53 -10.41
N LYS FA 137 5.48 -112.13 -10.75
CA LYS FA 137 6.53 -113.10 -11.07
C LYS FA 137 6.79 -114.01 -9.87
N GLY FA 138 6.88 -113.43 -8.67
CA GLY FA 138 7.21 -114.23 -7.50
C GLY FA 138 6.14 -115.23 -7.15
N VAL FA 139 4.86 -114.85 -7.27
CA VAL FA 139 3.81 -115.83 -7.09
C VAL FA 139 3.82 -116.84 -8.24
N GLY FA 140 4.31 -116.44 -9.40
CA GLY FA 140 4.45 -117.34 -10.53
C GLY FA 140 3.32 -117.15 -11.50
N GLY FA 141 3.55 -116.38 -12.55
CA GLY FA 141 2.47 -115.97 -13.41
C GLY FA 141 2.96 -114.94 -14.41
N ALA FA 142 2.07 -114.57 -15.31
CA ALA FA 142 2.43 -113.74 -16.44
C ALA FA 142 1.71 -112.40 -16.39
N CYS FA 143 2.38 -111.38 -16.93
CA CYS FA 143 1.80 -110.06 -17.13
C CYS FA 143 1.77 -109.81 -18.62
N VAL FA 144 0.58 -109.82 -19.21
CA VAL FA 144 0.41 -109.62 -20.65
C VAL FA 144 -0.18 -108.24 -20.88
N LEU FA 145 0.47 -107.47 -21.75
CA LEU FA 145 0.06 -106.11 -22.03
C LEU FA 145 -0.94 -106.08 -23.17
N VAL FA 146 -1.91 -105.18 -23.08
CA VAL FA 146 -2.88 -104.97 -24.15
C VAL FA 146 -2.94 -103.48 -24.47
N ALA FA 147 -3.39 -103.19 -25.68
CA ALA FA 147 -3.53 -101.81 -26.12
C ALA FA 147 -4.99 -101.39 -26.06
N ALA GA 1 -7.58 -37.94 21.31
CA ALA GA 1 -8.20 -39.14 21.86
C ALA GA 1 -7.15 -40.15 22.29
N LYS GA 2 -6.21 -39.71 23.12
CA LYS GA 2 -5.18 -40.60 23.62
C LYS GA 2 -5.78 -41.66 24.53
N SER GA 3 -5.18 -42.84 24.51
CA SER GA 3 -5.67 -43.98 25.28
C SER GA 3 -4.50 -44.68 25.94
N LYS GA 4 -4.81 -45.77 26.65
CA LYS GA 4 -3.82 -46.48 27.44
C LYS GA 4 -2.91 -47.28 26.52
N ASN GA 5 -1.62 -47.32 26.84
CA ASN GA 5 -0.62 -47.89 25.93
C ASN GA 5 -0.33 -49.35 26.21
N HIS GA 6 0.18 -49.66 27.41
CA HIS GA 6 0.61 -51.01 27.74
C HIS GA 6 0.21 -51.31 29.17
N THR GA 7 -0.05 -52.59 29.44
CA THR GA 7 -0.46 -53.03 30.78
C THR GA 7 -0.41 -54.54 30.84
N THR GA 8 -0.05 -55.05 32.03
CA THR GA 8 -0.11 -56.47 32.35
C THR GA 8 -0.87 -56.69 33.64
N HIS GA 9 -2.03 -56.05 33.76
CA HIS GA 9 -2.74 -56.00 35.04
C HIS GA 9 -3.40 -57.32 35.38
N ASN GA 10 -4.36 -57.75 34.57
CA ASN GA 10 -5.17 -58.92 34.84
C ASN GA 10 -4.53 -60.20 34.30
N GLN GA 11 -3.29 -60.12 33.84
CA GLN GA 11 -2.69 -61.23 33.10
C GLN GA 11 -2.32 -62.40 34.00
N SER GA 12 -1.82 -62.13 35.20
CA SER GA 12 -1.51 -63.23 36.12
C SER GA 12 -2.78 -64.01 36.47
N ARG GA 13 -3.87 -63.31 36.72
CA ARG GA 13 -5.14 -63.99 36.98
C ARG GA 13 -5.59 -64.79 35.77
N LYS GA 14 -5.49 -64.21 34.57
CA LYS GA 14 -5.87 -64.93 33.37
C LYS GA 14 -5.05 -66.21 33.20
N TRP GA 15 -3.75 -66.12 33.45
CA TRP GA 15 -2.88 -67.28 33.27
C TRP GA 15 -3.17 -68.36 34.31
N HIS GA 16 -3.26 -67.99 35.58
CA HIS GA 16 -3.46 -68.98 36.61
C HIS GA 16 -4.90 -69.47 36.70
N ARG GA 17 -5.83 -68.88 35.95
CA ARG GA 17 -7.18 -69.40 35.93
C ARG GA 17 -7.22 -70.82 35.38
N ASN GA 18 -6.59 -71.06 34.24
CA ASN GA 18 -6.38 -72.41 33.75
C ASN GA 18 -5.05 -73.00 34.19
N GLY GA 19 -4.20 -72.22 34.86
CA GLY GA 19 -3.04 -72.81 35.50
C GLY GA 19 -1.81 -72.80 34.62
N ILE GA 20 -0.66 -72.68 35.28
CA ILE GA 20 0.64 -72.77 34.60
C ILE GA 20 1.06 -74.23 34.62
N LYS GA 21 0.96 -74.90 33.48
CA LYS GA 21 1.20 -76.33 33.39
C LYS GA 21 2.62 -76.60 32.94
N LYS GA 22 3.32 -77.45 33.69
CA LYS GA 22 4.66 -77.86 33.28
C LYS GA 22 4.59 -78.61 31.96
N PRO GA 23 5.61 -78.49 31.11
CA PRO GA 23 5.52 -79.07 29.77
C PRO GA 23 5.39 -80.58 29.82
N ARG GA 24 4.63 -81.12 28.87
CA ARG GA 24 4.36 -82.55 28.84
C ARG GA 24 5.64 -83.34 28.68
N SER GA 25 5.79 -84.40 29.48
CA SER GA 25 6.97 -85.23 29.49
C SER GA 25 6.61 -86.67 29.14
N GLN GA 26 7.43 -87.27 28.27
CA GLN GA 26 7.25 -88.65 27.86
C GLN GA 26 8.57 -89.39 28.07
N ARG GA 27 8.47 -90.71 28.22
CA ARG GA 27 9.66 -91.51 28.54
C ARG GA 27 10.70 -91.44 27.44
N TYR GA 28 10.27 -91.44 26.19
CA TYR GA 28 11.16 -91.39 25.03
C TYR GA 28 11.10 -90.01 24.40
N GLU GA 29 12.25 -89.36 24.29
CA GLU GA 29 12.39 -88.07 23.64
C GLU GA 29 12.90 -88.27 22.22
N SER GA 30 12.47 -87.38 21.32
CA SER GA 30 12.72 -87.55 19.91
C SER GA 30 14.19 -87.30 19.57
N LEU GA 31 14.63 -87.90 18.47
CA LEU GA 31 16.03 -87.87 18.04
C LEU GA 31 16.31 -86.77 17.03
N LYS GA 32 15.60 -85.66 17.13
CA LYS GA 32 15.75 -84.54 16.22
C LYS GA 32 16.68 -83.50 16.85
N GLY GA 33 17.66 -83.04 16.07
CA GLY GA 33 18.61 -82.05 16.52
C GLY GA 33 19.95 -82.60 16.96
N VAL GA 34 20.07 -83.91 17.10
CA VAL GA 34 21.32 -84.53 17.53
C VAL GA 34 22.32 -84.52 16.39
N ASP GA 35 23.58 -84.85 16.69
CA ASP GA 35 24.63 -84.81 15.70
C ASP GA 35 24.33 -85.81 14.57
N PRO GA 36 24.37 -85.37 13.31
CA PRO GA 36 24.08 -86.31 12.20
C PRO GA 36 25.04 -87.49 12.13
N LYS GA 37 26.32 -87.28 12.42
CA LYS GA 37 27.27 -88.39 12.42
C LYS GA 37 26.92 -89.41 13.50
N PHE GA 38 26.63 -88.92 14.70
CA PHE GA 38 26.20 -89.77 15.81
C PHE GA 38 24.95 -90.56 15.43
N LEU GA 39 23.97 -89.89 14.84
CA LEU GA 39 22.73 -90.56 14.46
C LEU GA 39 22.96 -91.60 13.37
N ARG GA 40 23.83 -91.29 12.41
CA ARG GA 40 24.15 -92.25 11.36
C ARG GA 40 24.75 -93.52 11.93
N ASN GA 41 25.72 -93.37 12.84
CA ASN GA 41 26.32 -94.57 13.42
C ASN GA 41 25.34 -95.34 14.30
N MET GA 42 24.51 -94.62 15.06
CA MET GA 42 23.55 -95.31 15.90
C MET GA 42 22.53 -96.08 15.07
N ARG GA 43 22.09 -95.51 13.95
CA ARG GA 43 21.20 -96.25 13.06
C ARG GA 43 21.90 -97.46 12.45
N PHE GA 44 23.21 -97.36 12.17
CA PHE GA 44 23.93 -98.54 11.70
C PHE GA 44 23.95 -99.64 12.77
N ALA GA 45 24.19 -99.26 14.03
CA ALA GA 45 24.18 -100.24 15.11
C ALA GA 45 22.82 -100.89 15.26
N LYS GA 46 21.75 -100.09 15.20
CA LYS GA 46 20.40 -100.64 15.27
C LYS GA 46 20.15 -101.59 14.10
N LYS GA 47 20.61 -101.21 12.91
CA LYS GA 47 20.40 -102.05 11.73
C LYS GA 47 21.11 -103.39 11.87
N HIS GA 48 22.29 -103.40 12.46
CA HIS GA 48 23.07 -104.64 12.55
C HIS GA 48 22.95 -105.34 13.91
N ASN GA 49 22.02 -104.92 14.77
CA ASN GA 49 21.72 -105.73 15.95
C ASN GA 49 21.41 -107.18 15.58
N LYS GA 50 20.73 -107.40 14.44
CA LYS GA 50 20.19 -108.73 14.14
C LYS GA 50 21.29 -109.77 14.04
N LYS GA 51 22.46 -109.41 13.48
CA LYS GA 51 23.47 -110.41 13.19
C LYS GA 51 24.13 -110.99 14.44
N GLY GA 52 23.88 -110.42 15.61
CA GLY GA 52 24.41 -111.00 16.84
C GLY GA 52 23.35 -111.67 17.68
N LEU GA 53 22.27 -112.10 17.03
CA LEU GA 53 21.11 -112.60 17.77
C LEU GA 53 21.42 -113.91 18.47
N LYS GA 54 21.97 -114.89 17.75
CA LYS GA 54 22.10 -116.24 18.27
C LYS GA 54 23.04 -116.29 19.48
N LYS GA 55 24.11 -115.50 19.43
CA LYS GA 55 25.02 -115.42 20.57
C LYS GA 55 24.29 -114.94 21.82
N MET GA 56 23.43 -113.93 21.67
CA MET GA 56 22.71 -113.42 22.84
C MET GA 56 21.78 -114.46 23.43
N GLN GA 57 21.05 -115.21 22.60
CA GLN GA 57 20.14 -116.20 23.16
C GLN GA 57 20.90 -117.34 23.81
N ALA GA 58 22.04 -117.75 23.23
CA ALA GA 58 22.86 -118.78 23.88
C ALA GA 58 23.36 -118.30 25.23
N ASN GA 59 23.93 -117.09 25.28
CA ASN GA 59 24.45 -116.56 26.54
C ASN GA 59 23.35 -116.38 27.57
N ASN GA 60 22.18 -115.92 27.14
CA ASN GA 60 21.07 -115.76 28.07
C ASN GA 60 20.59 -117.10 28.60
N ALA GA 61 20.57 -118.13 27.74
CA ALA GA 61 20.20 -119.47 28.21
C ALA GA 61 21.17 -119.95 29.27
N LYS GA 62 22.47 -119.81 29.02
CA LYS GA 62 23.45 -120.24 30.01
C LYS GA 62 23.36 -119.42 31.29
N ALA GA 63 23.11 -118.11 31.17
CA ALA GA 63 22.97 -117.27 32.36
C ALA GA 63 21.77 -117.69 33.19
N MET GA 64 20.62 -117.93 32.55
CA MET GA 64 19.44 -118.34 33.30
C MET GA 64 19.66 -119.67 33.97
N ALA GA 65 20.28 -120.61 33.26
CA ALA GA 65 20.64 -121.88 33.88
C ALA GA 65 21.51 -121.66 35.10
N ALA GA 66 22.65 -120.97 34.92
CA ALA GA 66 23.62 -120.85 36.00
C ALA GA 66 23.01 -120.19 37.23
N ARG GA 67 22.20 -119.15 37.03
CA ARG GA 67 21.54 -118.54 38.18
C ARG GA 67 20.48 -119.47 38.78
N ALA GA 68 19.87 -120.35 37.97
CA ALA GA 68 18.92 -121.32 38.50
C ALA GA 68 19.61 -122.31 39.45
N GLU GA 69 20.73 -122.90 39.02
CA GLU GA 69 21.46 -123.76 39.93
C GLU GA 69 22.04 -123.00 41.12
N ALA GA 70 22.43 -121.74 40.93
CA ALA GA 70 22.92 -120.95 42.06
C ALA GA 70 21.84 -120.79 43.12
N ILE GA 71 20.62 -120.41 42.71
CA ILE GA 71 19.56 -120.22 43.70
C ILE GA 71 19.10 -121.56 44.25
N LYS GA 72 19.16 -122.63 43.46
CA LYS GA 72 18.82 -123.96 44.01
C LYS GA 72 19.83 -124.39 45.06
N ALA GA 73 21.12 -124.14 44.82
CA ALA GA 73 22.14 -124.47 45.82
C ALA GA 73 21.97 -123.61 47.06
N LEU GA 74 21.58 -122.35 46.88
CA LEU GA 74 21.27 -121.50 48.04
C LEU GA 74 20.10 -122.08 48.84
N VAL GA 75 19.08 -122.57 48.15
CA VAL GA 75 17.93 -123.19 48.80
C VAL GA 75 18.31 -124.57 49.34
N VAL GA 88 0.27 -103.22 73.60
CA VAL GA 88 1.22 -102.55 74.47
C VAL GA 88 1.62 -103.49 75.60
N SER GA 89 0.69 -103.74 76.51
CA SER GA 89 0.89 -104.73 77.55
C SER GA 89 0.38 -106.09 77.09
N ARG GA 90 0.73 -107.13 77.85
CA ARG GA 90 0.29 -108.48 77.48
C ARG GA 90 -1.22 -108.64 77.61
N LYS GA 91 -1.85 -107.90 78.53
CA LYS GA 91 -3.30 -107.93 78.64
C LYS GA 91 -3.94 -107.46 77.33
N LEU GA 92 -3.52 -106.29 76.83
CA LEU GA 92 -4.06 -105.79 75.58
C LEU GA 92 -3.67 -106.68 74.41
N HIS GA 93 -2.47 -107.26 74.45
CA HIS GA 93 -2.06 -108.16 73.39
C HIS GA 93 -3.00 -109.35 73.29
N ARG GA 94 -3.28 -109.99 74.42
CA ARG GA 94 -4.17 -111.15 74.42
C ARG GA 94 -5.59 -110.75 74.05
N LEU GA 95 -6.05 -109.58 74.50
CA LEU GA 95 -7.40 -109.14 74.16
C LEU GA 95 -7.53 -108.89 72.65
N ALA GA 96 -6.52 -108.27 72.05
CA ALA GA 96 -6.54 -108.05 70.61
C ALA GA 96 -6.49 -109.38 69.86
N TYR GA 97 -5.69 -110.32 70.36
CA TYR GA 97 -5.64 -111.65 69.73
C TYR GA 97 -7.00 -112.33 69.78
N ILE GA 98 -7.69 -112.25 70.92
CA ILE GA 98 -9.02 -112.84 71.03
C ILE GA 98 -9.99 -112.15 70.10
N ALA GA 99 -9.96 -110.81 70.06
CA ALA GA 99 -10.86 -110.05 69.21
C ALA GA 99 -10.57 -110.23 67.72
N HIS GA 100 -9.41 -110.76 67.37
CA HIS GA 100 -9.13 -111.05 65.96
C HIS GA 100 -10.15 -112.06 65.44
N PRO GA 101 -10.78 -111.81 64.28
CA PRO GA 101 -11.83 -112.72 63.82
C PRO GA 101 -11.33 -114.11 63.47
N LYS GA 102 -10.19 -114.21 62.78
CA LYS GA 102 -9.69 -115.51 62.33
C LYS GA 102 -8.79 -116.17 63.36
N LEU GA 103 -7.94 -115.38 64.05
CA LEU GA 103 -6.99 -115.95 64.98
C LEU GA 103 -7.62 -116.24 66.34
N GLY GA 104 -8.51 -115.36 66.80
CA GLY GA 104 -9.15 -115.53 68.08
C GLY GA 104 -10.37 -116.43 68.09
N ARG GA 105 -10.66 -117.06 66.95
CA ARG GA 105 -11.82 -117.93 66.84
C ARG GA 105 -11.78 -119.06 67.87
N ARG GA 106 -10.63 -119.72 67.98
CA ARG GA 106 -10.49 -120.83 68.92
C ARG GA 106 -10.66 -120.36 70.35
N ALA GA 107 -10.08 -119.20 70.69
CA ALA GA 107 -10.21 -118.69 72.05
C ALA GA 107 -11.65 -118.33 72.39
N ARG GA 108 -12.36 -117.69 71.46
CA ARG GA 108 -13.76 -117.37 71.69
C ARG GA 108 -14.59 -118.63 71.84
N ALA GA 109 -14.33 -119.64 71.00
CA ALA GA 109 -15.05 -120.90 71.12
C ALA GA 109 -14.79 -121.58 72.46
N ARG GA 110 -13.53 -121.55 72.92
CA ARG GA 110 -13.20 -122.15 74.20
C ARG GA 110 -13.88 -121.40 75.35
N ILE GA 111 -13.95 -120.07 75.26
CA ILE GA 111 -14.65 -119.30 76.29
C ILE GA 111 -16.12 -119.64 76.31
N ALA GA 112 -16.72 -119.79 75.12
CA ALA GA 112 -18.13 -120.18 75.04
C ALA GA 112 -18.36 -121.55 75.65
N ARG GA 113 -17.50 -122.51 75.32
CA ARG GA 113 -17.61 -123.85 75.91
C ARG GA 113 -17.44 -123.78 77.42
N GLY GA 114 -16.54 -122.93 77.90
CA GLY GA 114 -16.36 -122.79 79.33
C GLY GA 114 -17.58 -122.22 80.03
N LEU GA 115 -18.20 -121.20 79.42
CA LEU GA 115 -19.43 -120.67 79.98
C LEU GA 115 -20.54 -121.70 79.93
N ARG GA 116 -20.49 -122.61 78.96
CA ARG GA 116 -21.42 -123.75 78.82
C ARG GA 116 -22.87 -123.39 79.09
N SER HA 1 -14.59 36.72 -69.45
CA SER HA 1 -15.56 37.73 -69.88
C SER HA 1 -16.68 37.88 -68.86
N LEU HA 2 -16.55 37.18 -67.72
CA LEU HA 2 -17.56 37.29 -66.68
C LEU HA 2 -17.60 38.69 -66.09
N GLU HA 3 -16.44 39.30 -65.87
CA GLU HA 3 -16.40 40.66 -65.36
C GLU HA 3 -17.08 41.63 -66.33
N SER HA 4 -16.81 41.48 -67.62
CA SER HA 4 -17.38 42.39 -68.61
C SER HA 4 -18.88 42.17 -68.76
N ILE HA 5 -19.35 40.92 -68.68
CA ILE HA 5 -20.78 40.70 -68.77
C ILE HA 5 -21.48 41.20 -67.51
N ASN HA 6 -20.82 41.13 -66.35
CA ASN HA 6 -21.38 41.75 -65.15
C ASN HA 6 -21.53 43.26 -65.37
N SER HA 7 -20.51 43.89 -65.94
CA SER HA 7 -20.60 45.31 -66.23
C SER HA 7 -21.74 45.63 -67.19
N ARG HA 8 -21.87 44.84 -68.27
CA ARG HA 8 -22.94 45.09 -69.23
C ARG HA 8 -24.30 44.90 -68.59
N LEU HA 9 -24.48 43.87 -67.75
CA LEU HA 9 -25.77 43.68 -67.11
C LEU HA 9 -26.08 44.83 -66.16
N GLN HA 10 -25.09 45.32 -65.43
CA GLN HA 10 -25.33 46.47 -64.56
C GLN HA 10 -25.82 47.67 -65.38
N LEU HA 11 -25.17 47.92 -66.52
CA LEU HA 11 -25.60 49.04 -67.36
C LEU HA 11 -26.98 48.80 -67.96
N VAL HA 12 -27.25 47.57 -68.40
CA VAL HA 12 -28.52 47.24 -69.02
C VAL HA 12 -29.67 47.47 -68.03
N MET HA 13 -29.48 47.03 -66.80
CA MET HA 13 -30.52 47.19 -65.80
C MET HA 13 -30.49 48.55 -65.13
N LYS HA 14 -29.47 49.37 -65.41
CA LYS HA 14 -29.56 50.79 -65.08
C LYS HA 14 -30.43 51.53 -66.09
N SER HA 15 -30.28 51.24 -67.39
CA SER HA 15 -30.89 52.07 -68.42
C SER HA 15 -32.03 51.38 -69.16
N GLY HA 16 -31.78 50.23 -69.77
CA GLY HA 16 -32.76 49.57 -70.63
C GLY HA 16 -33.92 48.91 -69.92
N LYS HA 17 -34.51 47.90 -70.56
CA LYS HA 17 -35.69 47.23 -70.04
C LYS HA 17 -35.49 45.72 -70.02
N TYR HA 18 -36.11 45.08 -69.03
CA TYR HA 18 -35.84 43.68 -68.75
C TYR HA 18 -37.03 43.09 -68.01
N VAL HA 19 -37.09 41.77 -68.00
CA VAL HA 19 -38.04 41.03 -67.17
C VAL HA 19 -37.29 39.92 -66.45
N LEU HA 20 -37.62 39.72 -65.17
CA LEU HA 20 -36.98 38.74 -64.31
C LEU HA 20 -37.97 37.64 -63.99
N GLY HA 21 -37.64 36.41 -64.33
CA GLY HA 21 -38.49 35.28 -64.00
C GLY HA 21 -38.91 34.45 -65.19
N TYR HA 22 -39.11 33.15 -64.94
CA TYR HA 22 -39.42 32.21 -66.02
C TYR HA 22 -40.79 32.46 -66.62
N LYS HA 23 -41.81 32.61 -65.77
CA LYS HA 23 -43.19 32.68 -66.26
C LYS HA 23 -43.48 33.99 -66.97
N GLN HA 24 -42.63 35.00 -66.80
CA GLN HA 24 -42.77 36.26 -67.51
C GLN HA 24 -41.83 36.37 -68.70
N SER HA 25 -40.64 35.78 -68.60
CA SER HA 25 -39.76 35.68 -69.75
C SER HA 25 -40.42 34.85 -70.85
N LEU HA 26 -41.20 33.83 -70.48
CA LEU HA 26 -41.94 33.07 -71.48
C LEU HA 26 -42.95 33.95 -72.22
N LYS HA 27 -43.67 34.81 -71.49
CA LYS HA 27 -44.60 35.72 -72.12
C LYS HA 27 -43.87 36.65 -73.09
N MET HA 28 -42.73 37.18 -72.67
CA MET HA 28 -41.98 38.07 -73.56
C MET HA 28 -41.49 37.34 -74.80
N ILE HA 29 -41.01 36.10 -74.64
CA ILE HA 29 -40.56 35.32 -75.79
C ILE HA 29 -41.71 35.06 -76.75
N ARG HA 30 -42.87 34.66 -76.21
CA ARG HA 30 -44.01 34.39 -77.08
C ARG HA 30 -44.49 35.64 -77.80
N GLN HA 31 -44.40 36.81 -77.15
CA GLN HA 31 -44.74 38.04 -77.84
C GLN HA 31 -43.62 38.52 -78.77
N GLY HA 32 -42.43 37.95 -78.66
CA GLY HA 32 -41.36 38.28 -79.58
C GLY HA 32 -40.56 39.51 -79.21
N LYS HA 33 -40.80 40.10 -78.06
CA LYS HA 33 -40.09 41.30 -77.62
C LYS HA 33 -38.77 40.99 -76.94
N ALA HA 34 -38.45 39.73 -76.73
CA ALA HA 34 -37.23 39.36 -76.01
C ALA HA 34 -36.05 39.39 -76.95
N LYS HA 35 -35.09 40.27 -76.67
CA LYS HA 35 -33.86 40.34 -77.46
C LYS HA 35 -32.80 39.38 -76.96
N LEU HA 36 -32.70 39.18 -75.65
CA LEU HA 36 -31.72 38.23 -75.15
C LEU HA 36 -32.27 37.52 -73.92
N VAL HA 37 -31.92 36.25 -73.75
CA VAL HA 37 -32.31 35.48 -72.58
C VAL HA 37 -31.04 34.98 -71.91
N ILE HA 38 -31.00 35.09 -70.58
CA ILE HA 38 -29.85 34.65 -69.79
C ILE HA 38 -30.33 33.67 -68.74
N LEU HA 39 -29.65 32.52 -68.63
CA LEU HA 39 -30.03 31.46 -67.72
C LEU HA 39 -28.89 31.12 -66.78
N ALA HA 40 -29.22 30.94 -65.50
CA ALA HA 40 -28.24 30.49 -64.53
C ALA HA 40 -27.90 29.02 -64.77
N ASN HA 41 -26.76 28.59 -64.24
CA ASN HA 41 -26.28 27.24 -64.52
C ASN HA 41 -26.92 26.18 -63.64
N ASN HA 42 -27.75 26.56 -62.67
CA ASN HA 42 -28.41 25.58 -61.81
C ASN HA 42 -29.93 25.56 -61.97
N CYS HA 43 -30.46 26.21 -62.99
CA CYS HA 43 -31.89 26.13 -63.24
C CYS HA 43 -32.24 24.72 -63.70
N PRO HA 44 -33.47 24.28 -63.48
CA PRO HA 44 -33.84 22.91 -63.85
C PRO HA 44 -33.61 22.63 -65.33
N ALA HA 45 -33.12 21.42 -65.62
CA ALA HA 45 -32.76 21.06 -66.98
C ALA HA 45 -33.97 21.07 -67.90
N LEU HA 46 -35.12 20.63 -67.40
CA LEU HA 46 -36.33 20.64 -68.20
C LEU HA 46 -36.68 22.05 -68.67
N ARG HA 47 -36.69 23.01 -67.74
CA ARG HA 47 -37.08 24.35 -68.15
C ARG HA 47 -35.98 25.05 -68.94
N LYS HA 48 -34.71 24.72 -68.72
CA LYS HA 48 -33.70 25.33 -69.57
C LYS HA 48 -33.78 24.79 -71.00
N SER HA 49 -34.09 23.50 -71.15
CA SER HA 49 -34.35 22.97 -72.49
C SER HA 49 -35.57 23.62 -73.12
N GLU HA 50 -36.62 23.84 -72.31
CA GLU HA 50 -37.79 24.55 -72.80
C GLU HA 50 -37.45 25.95 -73.29
N ILE HA 51 -36.65 26.69 -72.51
CA ILE HA 51 -36.28 28.04 -72.90
C ILE HA 51 -35.44 28.03 -74.17
N GLU HA 52 -34.52 27.07 -74.29
CA GLU HA 52 -33.73 26.96 -75.51
C GLU HA 52 -34.63 26.69 -76.72
N TYR HA 53 -35.63 25.82 -76.56
CA TYR HA 53 -36.54 25.54 -77.66
C TYR HA 53 -37.34 26.77 -78.05
N TYR HA 54 -37.85 27.51 -77.06
CA TYR HA 54 -38.58 28.74 -77.35
C TYR HA 54 -37.69 29.76 -78.05
N ALA HA 55 -36.44 29.89 -77.60
CA ALA HA 55 -35.53 30.84 -78.22
C ALA HA 55 -35.21 30.44 -79.65
N MET HA 56 -35.05 29.14 -79.90
CA MET HA 56 -34.83 28.67 -81.26
C MET HA 56 -36.05 28.99 -82.14
N LEU HA 57 -37.25 28.83 -81.59
CA LEU HA 57 -38.45 29.17 -82.35
C LEU HA 57 -38.51 30.66 -82.67
N ALA HA 58 -38.18 31.51 -81.69
CA ALA HA 58 -38.34 32.95 -81.84
C ALA HA 58 -37.10 33.65 -82.37
N LYS HA 59 -36.04 32.91 -82.71
CA LYS HA 59 -34.79 33.48 -83.21
C LYS HA 59 -34.22 34.48 -82.20
N THR HA 60 -33.93 33.98 -81.01
CA THR HA 60 -33.43 34.80 -79.91
C THR HA 60 -32.20 34.15 -79.31
N GLY HA 61 -31.23 34.98 -78.91
CA GLY HA 61 -30.03 34.46 -78.30
C GLY HA 61 -30.21 34.11 -76.83
N VAL HA 62 -29.51 33.06 -76.42
CA VAL HA 62 -29.50 32.60 -75.03
C VAL HA 62 -28.06 32.52 -74.55
N HIS HA 63 -27.82 33.00 -73.33
CA HIS HA 63 -26.51 33.01 -72.72
C HIS HA 63 -26.56 32.22 -71.41
N HIS HA 64 -25.62 31.29 -71.26
CA HIS HA 64 -25.54 30.46 -70.06
C HIS HA 64 -24.60 31.16 -69.08
N TYR HA 65 -25.20 31.92 -68.15
CA TYR HA 65 -24.42 32.60 -67.13
C TYR HA 65 -23.63 31.57 -66.32
N SER HA 66 -22.43 31.96 -65.89
CA SER HA 66 -21.51 31.03 -65.25
C SER HA 66 -21.62 31.07 -63.74
N GLY HA 67 -22.82 31.31 -63.23
CA GLY HA 67 -23.05 31.26 -61.79
C GLY HA 67 -24.49 30.92 -61.51
N ASN HA 68 -24.73 30.41 -60.30
CA ASN HA 68 -26.08 29.98 -59.96
C ASN HA 68 -26.96 31.20 -59.66
N ASN HA 69 -28.23 30.93 -59.35
CA ASN HA 69 -29.23 31.98 -59.32
C ASN HA 69 -28.96 33.02 -58.24
N ILE HA 70 -28.30 32.64 -57.14
CA ILE HA 70 -28.04 33.59 -56.07
C ILE HA 70 -27.16 34.73 -56.56
N GLU HA 71 -26.00 34.39 -57.13
CA GLU HA 71 -25.15 35.47 -57.61
C GLU HA 71 -25.56 35.99 -58.99
N LEU HA 72 -26.41 35.29 -59.72
CA LEU HA 72 -27.06 35.94 -60.86
C LEU HA 72 -27.94 37.09 -60.37
N GLY HA 73 -28.70 36.86 -59.30
CA GLY HA 73 -29.47 37.95 -58.72
C GLY HA 73 -28.61 39.07 -58.18
N THR HA 74 -27.52 38.72 -57.50
CA THR HA 74 -26.65 39.79 -56.99
C THR HA 74 -25.99 40.56 -58.12
N ALA HA 75 -25.62 39.89 -59.21
CA ALA HA 75 -25.12 40.60 -60.39
C ALA HA 75 -26.20 41.50 -60.97
N CYS HA 76 -27.46 41.07 -60.91
CA CYS HA 76 -28.56 41.97 -61.24
C CYS HA 76 -28.68 43.12 -60.25
N GLY HA 77 -28.12 42.99 -59.06
CA GLY HA 77 -28.25 44.01 -58.06
C GLY HA 77 -29.51 43.91 -57.25
N LYS HA 78 -30.26 42.82 -57.39
CA LYS HA 78 -31.46 42.56 -56.62
C LYS HA 78 -31.11 41.70 -55.42
N TYR HA 79 -31.94 41.80 -54.38
CA TYR HA 79 -31.71 41.07 -53.14
C TYR HA 79 -32.46 39.75 -53.10
N TYR HA 80 -32.65 39.11 -54.24
CA TYR HA 80 -33.31 37.81 -54.30
C TYR HA 80 -32.67 37.01 -55.42
N ARG HA 81 -33.34 35.94 -55.84
CA ARG HA 81 -32.78 34.97 -56.78
C ARG HA 81 -33.48 35.08 -58.13
N VAL HA 82 -32.68 35.08 -59.20
CA VAL HA 82 -33.20 35.01 -60.56
C VAL HA 82 -32.48 33.89 -61.29
N CYS HA 83 -33.24 33.01 -61.94
CA CYS HA 83 -32.67 31.95 -62.75
C CYS HA 83 -32.61 32.30 -64.23
N THR HA 84 -33.67 32.87 -64.78
CA THR HA 84 -33.67 33.32 -66.16
C THR HA 84 -34.20 34.75 -66.22
N LEU HA 85 -33.59 35.54 -67.09
CA LEU HA 85 -34.02 36.91 -67.30
C LEU HA 85 -33.98 37.22 -68.79
N SER HA 86 -34.76 38.19 -69.20
CA SER HA 86 -34.84 38.59 -70.60
C SER HA 86 -34.57 40.08 -70.72
N ILE HA 87 -33.55 40.42 -71.51
CA ILE HA 87 -33.32 41.79 -71.94
C ILE HA 87 -34.24 42.06 -73.12
N ILE HA 88 -35.12 43.06 -72.97
CA ILE HA 88 -36.05 43.46 -74.02
C ILE HA 88 -35.51 44.67 -74.79
N ASP HA 89 -34.95 45.63 -74.09
CA ASP HA 89 -34.32 46.79 -74.71
C ASP HA 89 -32.89 46.89 -74.18
N PRO HA 90 -31.88 46.70 -75.02
CA PRO HA 90 -30.50 46.81 -74.53
C PRO HA 90 -30.16 48.18 -73.99
N GLY HA 91 -30.88 49.21 -74.39
CA GLY HA 91 -30.56 50.55 -73.92
C GLY HA 91 -29.23 51.02 -74.47
N ASP HA 92 -28.45 51.66 -73.61
CA ASP HA 92 -27.15 52.21 -73.99
C ASP HA 92 -26.00 51.25 -73.71
N SER HA 93 -26.25 49.94 -73.75
CA SER HA 93 -25.25 48.94 -73.44
C SER HA 93 -25.09 47.97 -74.60
N ASP HA 94 -23.88 47.46 -74.76
CA ASP HA 94 -23.55 46.53 -75.84
C ASP HA 94 -23.66 45.07 -75.39
N ILE HA 95 -24.80 44.71 -74.80
CA ILE HA 95 -24.99 43.33 -74.39
C ILE HA 95 -25.27 42.43 -75.59
N ILE HA 96 -26.06 42.92 -76.56
CA ILE HA 96 -26.33 42.14 -77.76
C ILE HA 96 -25.08 42.06 -78.63
N ARG HA 97 -24.40 43.18 -78.81
CA ARG HA 97 -23.13 43.21 -79.53
C ARG HA 97 -22.01 42.71 -78.62
N SER HA 98 -22.06 41.43 -78.27
CA SER HA 98 -21.07 40.83 -77.39
C SER HA 98 -19.71 40.72 -78.08
N ASN IA 1 -106.04 5.12 37.86
CA ASN IA 1 -104.82 5.10 38.66
C ASN IA 1 -103.69 4.53 37.81
N GLU IA 2 -103.96 3.40 37.15
CA GLU IA 2 -102.92 2.74 36.37
C GLU IA 2 -102.60 3.55 35.11
N VAL IA 3 -103.59 3.76 34.25
CA VAL IA 3 -103.39 4.57 33.06
C VAL IA 3 -103.17 6.02 33.49
N VAL IA 4 -101.97 6.54 33.25
CA VAL IA 4 -101.64 7.89 33.67
C VAL IA 4 -100.54 8.45 32.78
N THR IA 5 -100.60 9.75 32.52
CA THR IA 5 -99.57 10.44 31.75
C THR IA 5 -99.03 11.60 32.56
N ARG IA 6 -97.71 11.72 32.59
CA ARG IA 6 -97.00 12.78 33.28
C ARG IA 6 -95.95 13.34 32.34
N GLU IA 7 -95.29 14.42 32.73
CA GLU IA 7 -94.21 14.95 31.91
C GLU IA 7 -93.05 15.37 32.80
N TYR IA 8 -91.83 15.16 32.28
CA TYR IA 8 -90.61 15.38 33.02
C TYR IA 8 -89.61 16.10 32.13
N THR IA 9 -88.53 16.57 32.75
CA THR IA 9 -87.34 17.01 32.04
C THR IA 9 -86.17 16.16 32.49
N ILE IA 10 -85.35 15.73 31.53
CA ILE IA 10 -84.27 14.78 31.77
C ILE IA 10 -82.94 15.46 31.51
N ASN IA 11 -82.02 15.31 32.46
CA ASN IA 11 -80.68 15.89 32.38
C ASN IA 11 -79.74 14.87 31.73
N ILE IA 12 -79.77 14.86 30.40
CA ILE IA 12 -78.93 13.92 29.65
C ILE IA 12 -77.46 14.23 29.86
N HIS IA 13 -77.10 15.51 30.00
CA HIS IA 13 -75.71 15.86 30.28
C HIS IA 13 -75.21 15.10 31.50
N LYS IA 14 -75.95 15.18 32.59
CA LYS IA 14 -75.58 14.45 33.81
C LYS IA 14 -75.57 12.95 33.58
N ARG IA 15 -76.59 12.43 32.90
CA ARG IA 15 -76.73 10.98 32.83
C ARG IA 15 -75.75 10.31 31.87
N ILE IA 16 -75.14 11.06 30.93
CA ILE IA 16 -74.17 10.45 30.04
C ILE IA 16 -72.80 11.13 30.12
N HIS IA 17 -72.58 11.95 31.14
CA HIS IA 17 -71.25 12.56 31.29
C HIS IA 17 -70.19 11.48 31.42
N GLY IA 18 -69.13 11.60 30.61
CA GLY IA 18 -67.95 10.76 30.74
C GLY IA 18 -67.81 9.65 29.71
N VAL IA 19 -68.69 9.56 28.73
CA VAL IA 19 -68.68 8.45 27.80
C VAL IA 19 -68.05 8.87 26.49
N GLY IA 20 -67.65 7.87 25.69
CA GLY IA 20 -66.94 8.15 24.46
C GLY IA 20 -67.82 8.77 23.39
N PHE IA 21 -67.17 9.39 22.41
CA PHE IA 21 -67.89 10.19 21.42
C PHE IA 21 -68.84 9.34 20.59
N LYS IA 22 -68.43 8.12 20.22
CA LYS IA 22 -69.25 7.29 19.36
C LYS IA 22 -70.34 6.54 20.11
N LYS IA 23 -70.42 6.70 21.44
CA LYS IA 23 -71.38 5.97 22.25
C LYS IA 23 -72.34 6.89 23.00
N ARG IA 24 -72.41 8.18 22.66
CA ARG IA 24 -73.17 9.11 23.47
C ARG IA 24 -74.68 9.03 23.19
N ALA IA 25 -75.06 9.13 21.92
CA ALA IA 25 -76.49 9.03 21.59
C ALA IA 25 -77.08 7.66 21.93
N PRO IA 26 -76.44 6.53 21.61
CA PRO IA 26 -77.01 5.24 22.06
C PRO IA 26 -77.17 5.14 23.56
N ARG IA 27 -76.18 5.62 24.32
CA ARG IA 27 -76.34 5.62 25.77
C ARG IA 27 -77.36 6.66 26.21
N ALA IA 28 -77.56 7.73 25.44
CA ALA IA 28 -78.64 8.65 25.75
C ALA IA 28 -79.99 7.94 25.67
N LEU IA 29 -80.20 7.14 24.63
CA LEU IA 29 -81.44 6.37 24.53
C LEU IA 29 -81.56 5.35 25.65
N LYS IA 30 -80.45 4.67 25.97
CA LYS IA 30 -80.50 3.68 27.05
C LYS IA 30 -80.84 4.34 28.39
N GLU IA 31 -80.25 5.50 28.67
CA GLU IA 31 -80.54 6.20 29.91
C GLU IA 31 -81.97 6.71 29.94
N ILE IA 32 -82.50 7.17 28.80
CA ILE IA 32 -83.89 7.60 28.77
C ILE IA 32 -84.82 6.42 29.07
N ARG IA 33 -84.54 5.27 28.46
CA ARG IA 33 -85.36 4.09 28.73
C ARG IA 33 -85.27 3.65 30.19
N LYS IA 34 -84.07 3.69 30.76
CA LYS IA 34 -83.89 3.33 32.16
C LYS IA 34 -84.64 4.29 33.07
N PHE IA 35 -84.57 5.58 32.78
CA PHE IA 35 -85.31 6.57 33.56
C PHE IA 35 -86.81 6.32 33.47
N ALA IA 36 -87.30 6.02 32.28
CA ALA IA 36 -88.73 5.78 32.12
C ALA IA 36 -89.17 4.55 32.91
N MET IA 37 -88.40 3.46 32.85
CA MET IA 37 -88.81 2.26 33.56
C MET IA 37 -88.59 2.39 35.06
N LYS IA 38 -87.72 3.29 35.51
CA LYS IA 38 -87.62 3.54 36.93
C LYS IA 38 -88.77 4.40 37.44
N GLU IA 39 -89.20 5.38 36.65
CA GLU IA 39 -90.31 6.24 37.07
C GLU IA 39 -91.63 5.48 37.03
N MET IA 40 -92.00 4.95 35.86
CA MET IA 40 -93.20 4.15 35.74
C MET IA 40 -92.84 2.69 36.01
N GLY IA 41 -93.54 2.08 36.96
CA GLY IA 41 -93.16 0.75 37.41
C GLY IA 41 -93.49 -0.34 36.42
N THR IA 42 -92.79 -0.35 35.28
CA THR IA 42 -93.00 -1.37 34.28
C THR IA 42 -91.70 -1.60 33.51
N PRO IA 43 -91.42 -2.85 33.13
CA PRO IA 43 -90.21 -3.12 32.33
C PRO IA 43 -90.36 -2.82 30.85
N ASP IA 44 -91.57 -2.57 30.36
CA ASP IA 44 -91.83 -2.39 28.93
C ASP IA 44 -91.96 -0.91 28.63
N VAL IA 45 -90.91 -0.35 28.03
CA VAL IA 45 -90.87 1.07 27.66
C VAL IA 45 -90.58 1.15 26.16
N ARG IA 46 -91.41 1.90 25.45
CA ARG IA 46 -91.21 2.11 24.02
C ARG IA 46 -91.16 3.60 23.72
N ILE IA 47 -90.33 3.96 22.76
CA ILE IA 47 -89.91 5.33 22.49
C ILE IA 47 -90.37 5.72 21.10
N ASP IA 48 -90.95 6.90 20.98
CA ASP IA 48 -91.44 7.37 19.69
C ASP IA 48 -90.28 7.77 18.78
N THR IA 49 -90.49 7.57 17.48
CA THR IA 49 -89.47 7.93 16.49
C THR IA 49 -89.17 9.42 16.52
N ARG IA 50 -90.14 10.24 16.89
CA ARG IA 50 -89.88 11.68 17.01
C ARG IA 50 -88.91 11.96 18.15
N LEU IA 51 -89.05 11.24 19.27
CA LEU IA 51 -88.08 11.41 20.35
C LEU IA 51 -86.70 10.90 19.94
N ASN IA 52 -86.66 9.78 19.20
CA ASN IA 52 -85.38 9.30 18.71
C ASN IA 52 -84.71 10.35 17.83
N LYS IA 53 -85.47 10.96 16.93
CA LYS IA 53 -84.94 12.00 16.07
C LYS IA 53 -84.48 13.20 16.89
N ALA IA 54 -85.22 13.55 17.93
CA ALA IA 54 -84.83 14.67 18.78
C ALA IA 54 -83.50 14.40 19.46
N VAL IA 55 -83.30 13.17 19.96
CA VAL IA 55 -82.03 12.85 20.61
C VAL IA 55 -80.89 12.83 19.61
N TRP IA 56 -81.16 12.37 18.39
CA TRP IA 56 -80.13 12.28 17.36
C TRP IA 56 -79.98 13.55 16.53
N ALA IA 57 -80.70 14.62 16.88
CA ALA IA 57 -80.75 15.81 16.03
C ALA IA 57 -79.38 16.46 15.87
N LYS IA 58 -78.66 16.63 16.98
CA LYS IA 58 -77.37 17.31 16.94
C LYS IA 58 -76.22 16.40 16.58
N GLY IA 59 -76.46 15.11 16.34
CA GLY IA 59 -75.40 14.22 15.97
C GLY IA 59 -75.18 13.11 16.98
N ILE IA 60 -74.03 12.46 16.93
CA ILE IA 60 -73.75 11.34 17.81
C ILE IA 60 -73.01 11.75 19.08
N ARG IA 61 -72.12 12.74 18.99
CA ARG IA 61 -71.33 13.14 20.15
C ARG IA 61 -71.77 14.44 20.78
N ASN IA 62 -72.60 15.23 20.10
CA ASN IA 62 -73.22 16.41 20.69
C ASN IA 62 -74.69 16.08 20.91
N VAL IA 63 -75.10 16.02 22.17
CA VAL IA 63 -76.46 15.63 22.52
C VAL IA 63 -77.08 16.77 23.32
N PRO IA 64 -78.37 17.03 23.20
CA PRO IA 64 -78.99 18.08 24.02
C PRO IA 64 -78.78 17.83 25.51
N TYR IA 65 -78.56 18.92 26.25
CA TYR IA 65 -78.25 18.79 27.66
C TYR IA 65 -79.47 18.41 28.48
N ARG IA 66 -80.66 18.80 28.02
CA ARG IA 66 -81.91 18.47 28.70
C ARG IA 66 -82.97 18.20 27.64
N ILE IA 67 -83.87 17.27 27.92
CA ILE IA 67 -85.01 17.03 27.03
C ILE IA 67 -86.28 16.93 27.86
N ARG IA 68 -87.33 17.61 27.40
CA ARG IA 68 -88.66 17.48 27.98
C ARG IA 68 -89.38 16.31 27.32
N VAL IA 69 -89.86 15.39 28.14
CA VAL IA 69 -90.53 14.20 27.65
C VAL IA 69 -91.87 14.06 28.36
N ARG IA 70 -92.77 13.31 27.73
CA ARG IA 70 -94.03 12.90 28.33
C ARG IA 70 -94.02 11.38 28.44
N LEU IA 71 -94.30 10.89 29.66
CA LEU IA 71 -94.34 9.48 29.97
C LEU IA 71 -95.81 9.09 30.14
N SER IA 72 -96.29 8.18 29.29
CA SER IA 72 -97.67 7.73 29.35
C SER IA 72 -97.68 6.23 29.63
N ARG IA 73 -98.03 5.86 30.86
CA ARG IA 73 -98.24 4.46 31.21
C ARG IA 73 -99.66 4.08 30.85
N LYS IA 74 -99.81 3.10 29.97
CA LYS IA 74 -101.10 2.64 29.50
C LYS IA 74 -101.08 1.12 29.34
N ARG IA 75 -102.26 0.53 29.46
CA ARG IA 75 -102.36 -0.93 29.44
C ARG IA 75 -102.06 -1.48 28.05
N ASN IA 76 -101.38 -2.62 28.02
CA ASN IA 76 -100.95 -3.19 26.76
C ASN IA 76 -102.14 -3.78 26.00
N GLU IA 77 -102.19 -3.48 24.70
CA GLU IA 77 -103.30 -3.95 23.88
C GLU IA 77 -103.18 -5.43 23.55
N ASP IA 78 -101.97 -5.90 23.27
CA ASP IA 78 -101.75 -7.28 22.87
C ASP IA 78 -101.86 -8.15 24.11
N GLU IA 79 -102.98 -8.86 24.25
CA GLU IA 79 -103.33 -9.52 25.51
C GLU IA 79 -102.39 -10.67 25.84
N ASP IA 80 -101.89 -11.38 24.83
CA ASP IA 80 -101.07 -12.56 25.12
C ASP IA 80 -99.69 -12.21 25.66
N SER IA 81 -99.28 -10.94 25.57
CA SER IA 81 -97.98 -10.55 26.09
C SER IA 81 -97.97 -10.68 27.61
N PRO IA 82 -96.86 -11.15 28.20
CA PRO IA 82 -96.80 -11.26 29.67
C PRO IA 82 -96.96 -9.93 30.38
N ASN IA 83 -96.46 -8.85 29.80
CA ASN IA 83 -96.54 -7.54 30.44
C ASN IA 83 -97.96 -6.97 30.31
N LYS IA 84 -98.48 -6.47 31.42
CA LYS IA 84 -99.84 -5.92 31.41
C LYS IA 84 -99.85 -4.47 30.94
N LEU IA 85 -98.88 -3.67 31.40
CA LEU IA 85 -98.81 -2.26 31.09
C LEU IA 85 -97.51 -1.97 30.36
N TYR IA 86 -97.53 -0.94 29.51
CA TYR IA 86 -96.31 -0.44 28.90
C TYR IA 86 -96.31 1.08 29.02
N THR IA 87 -95.15 1.67 28.73
CA THR IA 87 -94.99 3.13 28.81
C THR IA 87 -94.51 3.66 27.47
N LEU IA 88 -95.31 4.54 26.87
CA LEU IA 88 -94.90 5.28 25.70
C LEU IA 88 -94.18 6.54 26.14
N VAL IA 89 -93.08 6.85 25.46
CA VAL IA 89 -92.28 8.02 25.79
C VAL IA 89 -92.29 8.94 24.57
N THR IA 90 -92.69 10.19 24.77
CA THR IA 90 -92.85 11.12 23.66
C THR IA 90 -92.06 12.39 23.93
N TYR IA 91 -91.70 13.07 22.84
CA TYR IA 91 -90.90 14.29 22.89
C TYR IA 91 -91.82 15.50 23.02
N VAL IA 92 -91.41 16.46 23.85
CA VAL IA 92 -92.17 17.70 24.02
C VAL IA 92 -91.26 18.87 23.67
N PRO IA 93 -91.47 19.53 22.53
CA PRO IA 93 -90.58 20.64 22.13
C PRO IA 93 -90.86 21.88 22.98
N VAL IA 94 -89.84 22.34 23.69
CA VAL IA 94 -89.95 23.52 24.53
C VAL IA 94 -88.91 24.55 24.07
N THR IA 95 -89.05 25.76 24.59
CA THR IA 95 -88.12 26.84 24.30
C THR IA 95 -87.09 27.05 25.40
N THR IA 96 -87.51 27.05 26.66
CA THR IA 96 -86.61 27.20 27.79
C THR IA 96 -86.89 26.12 28.82
N PHE IA 97 -85.82 25.56 29.38
CA PHE IA 97 -85.93 24.62 30.50
C PHE IA 97 -85.79 25.34 31.83
N LYS IA 98 -86.58 26.38 32.04
CA LYS IA 98 -86.51 27.20 33.25
C LYS IA 98 -87.80 27.05 34.04
N ASN IA 99 -87.68 26.73 35.32
CA ASN IA 99 -88.82 26.60 36.23
C ASN IA 99 -89.84 25.59 35.74
N LEU IA 100 -89.38 24.55 35.04
CA LEU IA 100 -90.26 23.52 34.51
C LEU IA 100 -90.29 22.36 35.50
N GLN IA 101 -91.26 22.40 36.42
CA GLN IA 101 -91.49 21.28 37.31
C GLN IA 101 -92.05 20.10 36.52
N THR IA 102 -92.07 18.94 37.17
CA THR IA 102 -92.80 17.81 36.59
C THR IA 102 -94.29 18.05 36.79
N VAL IA 103 -95.06 17.87 35.72
CA VAL IA 103 -96.45 18.29 35.68
C VAL IA 103 -97.32 17.07 35.46
N ASN IA 104 -98.39 16.96 36.24
CA ASN IA 104 -99.33 15.86 36.13
C ASN IA 104 -100.36 16.22 35.06
N VAL IA 105 -99.94 16.12 33.79
CA VAL IA 105 -100.85 16.39 32.68
C VAL IA 105 -101.97 15.37 32.70
N ASP IA 106 -103.19 15.84 32.44
CA ASP IA 106 -104.38 15.02 32.53
C ASP IA 106 -104.96 14.74 31.15
N GLU IA 107 -105.83 13.73 31.10
CA GLU IA 107 -106.45 13.30 29.86
C GLU IA 107 -107.44 14.36 29.35
N ALA JA 1 -71.82 -84.45 55.57
CA ALA JA 1 -70.37 -84.38 55.70
C ALA JA 1 -69.68 -84.71 54.38
N ALA JA 2 -68.72 -83.88 53.99
CA ALA JA 2 -68.00 -84.09 52.74
C ALA JA 2 -67.06 -85.28 52.87
N LEU JA 3 -66.41 -85.63 51.76
CA LEU JA 3 -65.48 -86.74 51.72
C LEU JA 3 -64.08 -86.25 52.08
N ARG JA 4 -63.56 -86.74 53.20
CA ARG JA 4 -62.23 -86.35 53.64
C ARG JA 4 -61.16 -87.11 52.85
N PRO JA 5 -59.99 -86.51 52.67
CA PRO JA 5 -58.89 -87.22 52.01
C PRO JA 5 -58.22 -88.19 52.97
N LEU JA 6 -57.32 -89.01 52.40
CA LEU JA 6 -56.65 -90.03 53.19
C LEU JA 6 -55.83 -89.41 54.31
N VAL JA 7 -54.99 -88.45 53.99
CA VAL JA 7 -54.20 -87.72 54.98
C VAL JA 7 -54.37 -86.23 54.71
N LYS JA 8 -54.30 -85.44 55.78
CA LYS JA 8 -54.38 -83.99 55.68
C LYS JA 8 -53.22 -83.39 56.47
N PRO JA 9 -52.02 -83.36 55.90
CA PRO JA 9 -50.91 -82.70 56.56
C PRO JA 9 -51.07 -81.19 56.52
N LYS JA 10 -50.38 -80.52 57.43
CA LYS JA 10 -50.41 -79.07 57.48
C LYS JA 10 -49.68 -78.50 56.27
N ILE JA 11 -50.41 -77.78 55.42
CA ILE JA 11 -49.83 -77.22 54.20
C ILE JA 11 -49.07 -75.95 54.57
N VAL JA 12 -47.80 -75.88 54.20
CA VAL JA 12 -46.96 -74.72 54.42
C VAL JA 12 -46.58 -74.12 53.08
N LYS JA 13 -46.85 -72.84 52.90
CA LYS JA 13 -46.51 -72.11 51.69
C LYS JA 13 -45.48 -71.05 52.03
N LYS JA 14 -44.40 -71.00 51.27
CA LYS JA 14 -43.32 -70.06 51.56
C LYS JA 14 -43.71 -68.63 51.23
N ARG JA 15 -44.72 -68.42 50.38
CA ARG JA 15 -45.16 -67.08 50.02
C ARG JA 15 -46.58 -67.17 49.48
N THR JA 16 -47.44 -66.27 49.95
CA THR JA 16 -48.83 -66.24 49.50
C THR JA 16 -49.10 -65.16 48.47
N LYS JA 17 -48.39 -64.04 48.52
CA LYS JA 17 -48.56 -62.99 47.53
C LYS JA 17 -48.00 -63.44 46.19
N LYS JA 18 -48.47 -62.80 45.13
CA LYS JA 18 -47.99 -63.07 43.79
C LYS JA 18 -46.76 -62.22 43.48
N PHE JA 19 -46.07 -62.58 42.41
CA PHE JA 19 -44.90 -61.85 41.93
C PHE JA 19 -45.34 -60.92 40.81
N ILE JA 20 -45.48 -59.65 41.13
CA ILE JA 20 -45.96 -58.66 40.18
C ILE JA 20 -44.78 -58.09 39.42
N ARG JA 21 -44.99 -57.79 38.14
CA ARG JA 21 -43.94 -57.25 37.30
C ARG JA 21 -43.58 -55.83 37.74
N HIS JA 22 -42.30 -55.51 37.63
CA HIS JA 22 -41.81 -54.20 38.06
C HIS JA 22 -42.46 -53.10 37.25
N GLN JA 23 -42.94 -52.06 37.93
CA GLN JA 23 -43.63 -50.91 37.33
C GLN JA 23 -44.93 -51.32 36.64
N SER JA 24 -45.57 -52.38 37.11
CA SER JA 24 -46.90 -52.70 36.60
C SER JA 24 -47.98 -51.85 37.24
N ASP JA 25 -47.67 -51.17 38.34
CA ASP JA 25 -48.61 -50.25 38.97
C ASP JA 25 -48.72 -48.93 38.23
N ARG JA 26 -47.61 -48.46 37.65
CA ARG JA 26 -47.56 -47.11 37.08
C ARG JA 26 -48.32 -47.03 35.76
N TYR JA 27 -48.26 -48.07 34.93
CA TYR JA 27 -48.80 -48.03 33.59
C TYR JA 27 -49.89 -49.06 33.42
N VAL JA 28 -50.79 -48.78 32.48
CA VAL JA 28 -51.78 -49.77 32.08
C VAL JA 28 -51.25 -50.68 30.98
N LYS JA 29 -50.30 -50.20 30.18
CA LYS JA 29 -49.72 -51.02 29.12
C LYS JA 29 -48.87 -52.15 29.67
N ILE JA 30 -48.42 -52.05 30.92
CA ILE JA 30 -47.63 -53.09 31.57
C ILE JA 30 -48.57 -53.95 32.41
N LYS JA 31 -48.67 -55.22 32.08
CA LYS JA 31 -49.55 -56.13 32.80
C LYS JA 31 -48.77 -56.82 33.93
N ARG JA 32 -49.53 -57.33 34.90
CA ARG JA 32 -48.92 -57.87 36.11
C ARG JA 32 -48.24 -59.22 35.91
N ASN JA 33 -48.36 -59.82 34.73
CA ASN JA 33 -47.62 -61.04 34.44
C ASN JA 33 -46.13 -60.79 34.61
N TRP JA 34 -45.44 -61.75 35.23
CA TRP JA 34 -44.04 -61.55 35.56
C TRP JA 34 -43.16 -61.61 34.33
N ARG JA 35 -42.29 -60.60 34.19
CA ARG JA 35 -41.23 -60.59 33.19
C ARG JA 35 -39.93 -60.27 33.92
N LYS JA 36 -38.89 -61.03 33.64
CA LYS JA 36 -37.64 -60.81 34.35
C LYS JA 36 -37.00 -59.53 33.83
N PRO JA 37 -36.76 -58.54 34.68
CA PRO JA 37 -36.12 -57.31 34.20
C PRO JA 37 -34.70 -57.58 33.73
N ARG JA 38 -34.30 -56.86 32.69
CA ARG JA 38 -32.99 -57.05 32.09
C ARG JA 38 -32.26 -55.74 31.83
N GLY JA 39 -32.71 -54.64 32.42
CA GLY JA 39 -32.02 -53.39 32.25
C GLY JA 39 -30.67 -53.37 32.95
N ILE JA 40 -29.77 -52.55 32.42
CA ILE JA 40 -28.41 -52.50 32.97
C ILE JA 40 -28.43 -51.89 34.36
N ASP JA 41 -29.21 -50.82 34.56
CA ASP JA 41 -29.19 -50.05 35.79
C ASP JA 41 -30.35 -50.38 36.72
N ASN JA 42 -31.01 -51.52 36.52
CA ASN JA 42 -32.29 -51.76 37.16
C ASN JA 42 -32.10 -52.27 38.59
N ARG JA 43 -32.70 -51.55 39.54
CA ARG JA 43 -32.52 -51.85 40.95
C ARG JA 43 -33.28 -53.09 41.39
N VAL JA 44 -34.35 -53.47 40.71
CA VAL JA 44 -35.00 -54.74 41.02
C VAL JA 44 -34.12 -55.91 40.61
N ARG JA 45 -33.52 -55.83 39.43
CA ARG JA 45 -32.61 -56.89 38.99
C ARG JA 45 -31.37 -56.96 39.88
N ARG JA 46 -30.84 -55.80 40.27
CA ARG JA 46 -29.69 -55.79 41.15
C ARG JA 46 -30.06 -56.01 42.62
N ARG JA 47 -31.35 -56.14 42.92
CA ARG JA 47 -31.83 -56.57 44.24
C ARG JA 47 -31.44 -55.58 45.34
N PHE JA 48 -31.80 -54.31 45.13
CA PHE JA 48 -31.62 -53.33 46.19
C PHE JA 48 -32.66 -53.53 47.28
N LYS JA 49 -32.33 -53.04 48.47
CA LYS JA 49 -33.20 -53.21 49.63
C LYS JA 49 -34.55 -52.51 49.40
N GLY JA 50 -35.63 -53.20 49.75
CA GLY JA 50 -36.95 -52.59 49.72
C GLY JA 50 -37.61 -52.57 48.36
N GLN JA 51 -37.14 -53.35 47.41
CA GLN JA 51 -37.70 -53.36 46.07
C GLN JA 51 -38.59 -54.59 45.87
N ILE JA 52 -39.07 -54.77 44.65
CA ILE JA 52 -39.90 -55.92 44.31
C ILE JA 52 -39.05 -57.19 44.32
N LEU JA 53 -39.61 -58.27 44.86
CA LEU JA 53 -38.91 -59.54 44.93
C LEU JA 53 -39.00 -60.27 43.59
N MET JA 54 -38.21 -61.33 43.47
CA MET JA 54 -38.14 -62.08 42.22
C MET JA 54 -38.39 -63.56 42.46
N PRO JA 55 -38.95 -64.27 41.48
CA PRO JA 55 -39.28 -65.68 41.68
C PRO JA 55 -38.08 -66.62 41.64
N ASN JA 56 -37.41 -66.78 42.78
CA ASN JA 56 -36.35 -67.76 42.90
C ASN JA 56 -36.91 -69.18 42.84
N ILE JA 57 -35.99 -70.15 42.70
CA ILE JA 57 -36.35 -71.55 42.88
C ILE JA 57 -36.48 -71.92 44.34
N GLY JA 58 -35.98 -71.07 45.25
CA GLY JA 58 -36.09 -71.34 46.66
C GLY JA 58 -37.50 -71.27 47.20
N TYR JA 59 -38.40 -70.58 46.51
CA TYR JA 59 -39.78 -70.49 46.93
C TYR JA 59 -40.60 -71.73 46.61
N GLY JA 60 -39.98 -72.78 46.09
CA GLY JA 60 -40.74 -73.96 45.70
C GLY JA 60 -41.40 -74.62 46.89
N SER JA 61 -42.55 -75.23 46.63
CA SER JA 61 -43.37 -75.81 47.69
C SER JA 61 -42.90 -77.22 48.03
N ASN JA 62 -43.27 -77.65 49.23
CA ASN JA 62 -42.98 -79.01 49.66
C ASN JA 62 -43.60 -80.01 48.69
N LYS JA 63 -42.79 -80.99 48.26
CA LYS JA 63 -43.26 -81.92 47.25
C LYS JA 63 -44.40 -82.79 47.75
N LYS JA 64 -44.47 -83.03 49.07
CA LYS JA 64 -45.52 -83.88 49.60
C LYS JA 64 -46.88 -83.18 49.55
N THR JA 65 -46.90 -81.85 49.65
CA THR JA 65 -48.15 -81.09 49.70
C THR JA 65 -48.27 -80.13 48.52
N LYS JA 66 -47.63 -80.46 47.41
CA LYS JA 66 -47.65 -79.59 46.23
C LYS JA 66 -48.85 -79.94 45.36
N HIS JA 67 -49.40 -78.91 44.71
CA HIS JA 67 -50.61 -79.04 43.88
C HIS JA 67 -51.82 -79.46 44.68
N MET JA 68 -51.80 -79.25 45.99
CA MET JA 68 -52.82 -79.77 46.88
C MET JA 68 -53.80 -78.66 47.24
N LEU JA 69 -55.08 -78.89 46.99
CA LEU JA 69 -56.12 -77.94 47.34
C LEU JA 69 -56.24 -77.84 48.85
N PRO JA 70 -56.84 -76.76 49.37
CA PRO JA 70 -56.96 -76.61 50.82
C PRO JA 70 -57.70 -77.75 51.50
N SER JA 71 -58.54 -78.48 50.78
CA SER JA 71 -59.23 -79.62 51.36
C SER JA 71 -58.33 -80.83 51.51
N GLY JA 72 -57.20 -80.87 50.79
CA GLY JA 72 -56.32 -82.02 50.80
C GLY JA 72 -56.39 -82.90 49.58
N PHE JA 73 -57.02 -82.43 48.50
CA PHE JA 73 -57.18 -83.18 47.27
C PHE JA 73 -56.40 -82.53 46.14
N ARG JA 74 -56.11 -83.32 45.11
CA ARG JA 74 -55.51 -82.82 43.88
C ARG JA 74 -56.56 -82.78 42.78
N LYS JA 75 -56.60 -81.66 42.06
CA LYS JA 75 -57.59 -81.44 41.03
C LYS JA 75 -57.40 -82.39 39.85
N PHE JA 76 -58.51 -82.68 39.17
CA PHE JA 76 -58.48 -83.40 37.90
C PHE JA 76 -59.67 -82.96 37.07
N LEU JA 77 -59.43 -82.72 35.79
CA LEU JA 77 -60.45 -82.16 34.91
C LEU JA 77 -61.19 -83.28 34.19
N VAL JA 78 -62.52 -83.24 34.25
CA VAL JA 78 -63.38 -84.25 33.68
C VAL JA 78 -64.29 -83.60 32.65
N HIS JA 79 -64.42 -84.22 31.48
CA HIS JA 79 -65.31 -83.73 30.44
C HIS JA 79 -66.54 -84.60 30.23
N ASN JA 80 -66.48 -85.88 30.60
CA ASN JA 80 -67.61 -86.78 30.41
C ASN JA 80 -67.55 -87.88 31.46
N VAL JA 81 -68.62 -88.67 31.52
CA VAL JA 81 -68.75 -89.67 32.57
C VAL JA 81 -67.79 -90.85 32.40
N LYS JA 82 -67.21 -91.03 31.20
CA LYS JA 82 -66.32 -92.15 30.97
C LYS JA 82 -64.97 -92.00 31.66
N GLU JA 83 -64.63 -90.81 32.16
CA GLU JA 83 -63.37 -90.56 32.82
C GLU JA 83 -63.57 -90.25 34.31
N LEU JA 84 -64.53 -90.93 34.93
CA LEU JA 84 -64.60 -91.04 36.38
C LEU JA 84 -64.21 -92.43 36.87
N GLU JA 85 -64.40 -93.46 36.06
CA GLU JA 85 -63.86 -94.77 36.38
C GLU JA 85 -62.34 -94.73 36.46
N VAL JA 86 -61.72 -93.70 35.88
CA VAL JA 86 -60.29 -93.48 36.05
C VAL JA 86 -59.98 -93.13 37.51
N LEU JA 87 -60.77 -92.24 38.10
CA LEU JA 87 -60.57 -91.84 39.49
C LEU JA 87 -61.21 -92.80 40.47
N LEU JA 88 -61.91 -93.82 39.97
CA LEU JA 88 -62.50 -94.84 40.84
C LEU JA 88 -61.48 -95.39 41.83
N MET JA 89 -60.25 -95.65 41.37
CA MET JA 89 -59.22 -96.22 42.22
C MET JA 89 -58.27 -95.18 42.83
N CYS JA 90 -58.25 -93.96 42.32
CA CYS JA 90 -57.57 -92.85 42.98
C CYS JA 90 -58.53 -92.07 43.85
N ASN JA 91 -59.22 -92.77 44.75
CA ASN JA 91 -60.41 -92.22 45.40
C ASN JA 91 -60.06 -91.20 46.47
N LYS JA 92 -59.16 -91.56 47.39
CA LYS JA 92 -58.93 -90.77 48.59
C LYS JA 92 -57.91 -89.66 48.39
N SER JA 93 -57.36 -89.51 47.18
CA SER JA 93 -56.31 -88.52 46.93
C SER JA 93 -56.66 -87.49 45.87
N TYR JA 94 -57.52 -87.81 44.91
CA TYR JA 94 -57.79 -86.96 43.76
C TYR JA 94 -59.28 -86.66 43.67
N CYS JA 95 -59.63 -85.39 43.50
CA CYS JA 95 -60.99 -84.96 43.26
C CYS JA 95 -61.20 -84.72 41.76
N ALA JA 96 -62.41 -84.34 41.38
CA ALA JA 96 -62.77 -84.16 39.98
C ALA JA 96 -63.28 -82.75 39.72
N GLU JA 97 -63.25 -82.35 38.45
CA GLU JA 97 -63.77 -81.07 37.98
C GLU JA 97 -64.54 -81.30 36.69
N ILE JA 98 -65.69 -80.65 36.59
CA ILE JA 98 -66.43 -80.63 35.32
C ILE JA 98 -65.94 -79.45 34.52
N ALA JA 99 -65.53 -79.72 33.28
CA ALA JA 99 -65.05 -78.65 32.41
C ALA JA 99 -66.15 -77.63 32.16
N HIS JA 100 -65.76 -76.37 32.01
CA HIS JA 100 -66.73 -75.29 31.86
C HIS JA 100 -67.60 -75.47 30.63
N ASN JA 101 -67.15 -76.24 29.65
CA ASN JA 101 -67.89 -76.40 28.41
C ASN JA 101 -69.05 -77.40 28.53
N VAL JA 102 -69.03 -78.26 29.55
CA VAL JA 102 -70.04 -79.31 29.65
C VAL JA 102 -71.39 -78.69 29.97
N SER JA 103 -72.41 -79.10 29.21
CA SER JA 103 -73.74 -78.56 29.39
C SER JA 103 -74.35 -79.08 30.71
N SER JA 104 -75.48 -78.48 31.08
CA SER JA 104 -76.11 -78.78 32.36
C SER JA 104 -76.59 -80.22 32.42
N LYS JA 105 -77.16 -80.73 31.32
CA LYS JA 105 -77.76 -82.06 31.35
C LYS JA 105 -76.70 -83.15 31.49
N ASN JA 106 -75.48 -82.91 31.00
CA ASN JA 106 -74.40 -83.87 31.20
C ASN JA 106 -73.70 -83.64 32.52
N ARG JA 107 -73.65 -82.38 32.97
CA ARG JA 107 -73.09 -82.08 34.29
C ARG JA 107 -73.87 -82.80 35.38
N LYS JA 108 -75.19 -82.86 35.24
CA LYS JA 108 -75.99 -83.64 36.17
C LYS JA 108 -75.48 -85.08 36.28
N ALA JA 109 -75.53 -85.81 35.16
CA ALA JA 109 -75.18 -87.23 35.17
C ALA JA 109 -73.78 -87.43 35.72
N ILE JA 110 -72.84 -86.55 35.38
CA ILE JA 110 -71.51 -86.63 35.96
C ILE JA 110 -71.59 -86.52 37.49
N VAL JA 111 -72.43 -85.61 38.00
CA VAL JA 111 -72.50 -85.40 39.44
C VAL JA 111 -73.06 -86.62 40.15
N GLU JA 112 -74.18 -87.18 39.67
CA GLU JA 112 -74.71 -88.39 40.31
C GLU JA 112 -73.76 -89.58 40.18
N ARG JA 113 -73.09 -89.75 39.04
CA ARG JA 113 -72.15 -90.86 38.94
C ARG JA 113 -70.99 -90.69 39.92
N ALA JA 114 -70.49 -89.47 40.06
CA ALA JA 114 -69.44 -89.22 41.04
C ALA JA 114 -69.92 -89.50 42.45
N ALA JA 115 -71.15 -89.10 42.77
CA ALA JA 115 -71.70 -89.41 44.09
C ALA JA 115 -71.79 -90.91 44.31
N GLN JA 116 -72.19 -91.66 43.29
CA GLN JA 116 -72.24 -93.11 43.38
C GLN JA 116 -70.85 -93.70 43.65
N LEU JA 117 -69.85 -93.21 42.92
CA LEU JA 117 -68.50 -93.76 43.05
C LEU JA 117 -67.70 -93.14 44.20
N ALA JA 118 -68.31 -92.25 44.97
CA ALA JA 118 -67.66 -91.63 46.13
C ALA JA 118 -66.48 -90.76 45.73
N ILE JA 119 -66.51 -90.21 44.53
CA ILE JA 119 -65.48 -89.28 44.07
C ILE JA 119 -65.93 -87.87 44.41
N ARG JA 120 -65.06 -87.09 45.05
CA ARG JA 120 -65.42 -85.75 45.46
C ARG JA 120 -65.37 -84.78 44.29
N VAL JA 121 -66.36 -83.89 44.23
CA VAL JA 121 -66.45 -82.87 43.19
C VAL JA 121 -66.47 -81.50 43.88
N THR JA 122 -65.58 -80.61 43.41
CA THR JA 122 -65.46 -79.29 44.03
C THR JA 122 -66.42 -78.27 43.43
N ASN JA 123 -67.00 -78.57 42.27
CA ASN JA 123 -68.06 -77.76 41.66
C ASN JA 123 -69.26 -78.66 41.34
N PRO JA 124 -69.93 -79.19 42.37
CA PRO JA 124 -71.04 -80.11 42.11
C PRO JA 124 -72.35 -79.43 41.79
N ASN JA 125 -72.52 -78.16 42.18
CA ASN JA 125 -73.77 -77.45 41.97
C ASN JA 125 -73.52 -76.22 41.11
N ALA JA 126 -72.77 -76.39 40.02
CA ALA JA 126 -72.28 -75.25 39.26
C ALA JA 126 -73.40 -74.47 38.57
N ARG JA 127 -74.09 -75.11 37.62
CA ARG JA 127 -75.03 -74.38 36.77
C ARG JA 127 -76.48 -74.55 37.19
N LEU JA 128 -76.92 -75.79 37.37
CA LEU JA 128 -78.31 -76.08 37.75
C LEU JA 128 -79.30 -75.46 36.79
N SER KA 1 -61.01 -58.85 92.30
CA SER KA 1 -61.64 -57.55 92.53
C SER KA 1 -60.71 -56.43 92.11
N GLY KA 2 -59.45 -56.76 91.84
CA GLY KA 2 -58.48 -55.77 91.41
C GLY KA 2 -57.65 -56.23 90.24
N ARG KA 3 -56.57 -55.52 89.95
CA ARG KA 3 -55.73 -55.88 88.82
C ARG KA 3 -54.89 -57.11 89.14
N LEU KA 4 -54.67 -57.95 88.13
CA LEU KA 4 -53.86 -59.15 88.29
C LEU KA 4 -52.80 -59.27 87.21
N TRP KA 5 -52.41 -58.15 86.58
CA TRP KA 5 -51.36 -58.16 85.57
C TRP KA 5 -50.45 -56.96 85.76
N CYS KA 6 -49.22 -57.09 85.29
CA CYS KA 6 -48.27 -56.00 85.32
C CYS KA 6 -48.41 -55.16 84.05
N LYS KA 7 -48.11 -53.87 84.20
CA LYS KA 7 -48.24 -52.91 83.12
C LYS KA 7 -46.95 -52.86 82.32
N ALA KA 8 -47.06 -52.87 80.99
CA ALA KA 8 -45.89 -52.75 80.14
C ALA KA 8 -46.21 -51.83 78.97
N ILE KA 9 -45.16 -51.32 78.34
CA ILE KA 9 -45.28 -50.43 77.20
C ILE KA 9 -44.61 -51.08 76.00
N PHE KA 10 -45.35 -51.18 74.91
CA PHE KA 10 -44.80 -51.71 73.65
C PHE KA 10 -43.92 -50.65 73.02
N ALA KA 11 -42.61 -50.76 73.26
CA ALA KA 11 -41.70 -49.68 72.88
C ALA KA 11 -41.40 -49.68 71.39
N GLY KA 12 -41.32 -50.85 70.78
CA GLY KA 12 -40.99 -50.94 69.37
C GLY KA 12 -40.68 -52.36 68.98
N TYR KA 13 -40.19 -52.51 67.76
CA TYR KA 13 -39.83 -53.81 67.24
C TYR KA 13 -38.36 -54.12 67.48
N LYS KA 14 -38.02 -55.39 67.36
CA LYS KA 14 -36.62 -55.81 67.34
C LYS KA 14 -36.00 -55.33 66.04
N ARG KA 15 -34.95 -54.52 66.14
CA ARG KA 15 -34.47 -53.83 64.95
C ARG KA 15 -33.00 -53.49 65.09
N GLY KA 16 -32.35 -53.39 63.94
CA GLY KA 16 -31.09 -52.68 63.83
C GLY KA 16 -31.39 -51.20 63.67
N LEU KA 17 -30.45 -50.49 63.06
CA LEU KA 17 -30.71 -49.08 62.78
C LEU KA 17 -31.65 -48.91 61.59
N ARG KA 18 -31.49 -49.74 60.55
CA ARG KA 18 -32.24 -49.55 59.32
C ARG KA 18 -32.99 -50.82 58.90
N ASN KA 19 -33.22 -51.75 59.81
CA ASN KA 19 -33.90 -52.99 59.50
C ASN KA 19 -34.80 -53.37 60.67
N GLN KA 20 -36.07 -53.67 60.37
CA GLN KA 20 -37.05 -54.03 61.37
C GLN KA 20 -37.37 -55.52 61.27
N ARG KA 21 -37.44 -56.17 62.42
CA ARG KA 21 -37.87 -57.57 62.52
C ARG KA 21 -39.20 -57.55 63.26
N GLU KA 22 -40.30 -57.69 62.51
CA GLU KA 22 -41.63 -57.57 63.07
C GLU KA 22 -42.05 -58.76 63.91
N HIS KA 23 -41.30 -59.85 63.88
CA HIS KA 23 -41.67 -61.06 64.60
C HIS KA 23 -41.21 -61.06 66.06
N THR KA 24 -40.55 -59.99 66.50
CA THR KA 24 -40.10 -59.89 67.89
C THR KA 24 -40.37 -58.48 68.37
N ALA KA 25 -41.17 -58.35 69.43
CA ALA KA 25 -41.54 -57.06 69.99
C ALA KA 25 -40.68 -56.75 71.21
N LEU KA 26 -40.57 -55.46 71.52
CA LEU KA 26 -39.85 -54.98 72.68
C LEU KA 26 -40.84 -54.42 73.69
N LEU KA 27 -40.81 -54.97 74.90
CA LEU KA 27 -41.66 -54.51 75.99
C LEU KA 27 -40.80 -53.83 77.05
N LYS KA 28 -41.33 -52.75 77.61
CA LYS KA 28 -40.75 -52.09 78.77
C LYS KA 28 -41.71 -52.29 79.92
N ILE KA 29 -41.34 -53.13 80.87
CA ILE KA 29 -42.19 -53.41 82.01
C ILE KA 29 -41.91 -52.36 83.07
N GLU KA 30 -42.96 -51.73 83.57
CA GLU KA 30 -42.80 -50.62 84.50
C GLU KA 30 -42.34 -51.14 85.85
N GLY KA 31 -41.34 -50.47 86.43
CA GLY KA 31 -40.82 -50.86 87.71
C GLY KA 31 -39.47 -51.55 87.64
N VAL KA 32 -39.28 -52.41 86.65
CA VAL KA 32 -38.02 -53.13 86.47
C VAL KA 32 -37.12 -52.32 85.56
N TYR KA 33 -35.89 -52.08 86.01
CA TYR KA 33 -34.93 -51.29 85.25
C TYR KA 33 -33.54 -51.91 85.26
N ALA KA 34 -33.46 -53.25 85.31
CA ALA KA 34 -32.16 -53.90 85.39
C ALA KA 34 -32.24 -55.32 84.84
N ARG KA 35 -31.15 -55.74 84.21
CA ARG KA 35 -31.04 -57.10 83.70
C ARG KA 35 -31.20 -58.13 84.81
N ASP KA 36 -30.51 -57.93 85.93
CA ASP KA 36 -30.64 -58.87 87.04
C ASP KA 36 -32.01 -58.82 87.68
N GLU KA 37 -32.79 -57.77 87.42
CA GLU KA 37 -34.11 -57.59 88.00
C GLU KA 37 -35.22 -58.11 87.09
N THR KA 38 -34.94 -58.29 85.80
CA THR KA 38 -35.97 -58.71 84.86
C THR KA 38 -36.08 -60.22 84.70
N GLU KA 39 -35.41 -61.00 85.55
CA GLU KA 39 -35.45 -62.45 85.40
C GLU KA 39 -36.82 -63.01 85.77
N PHE KA 40 -37.52 -62.38 86.72
CA PHE KA 40 -38.80 -62.91 87.18
C PHE KA 40 -39.81 -63.05 86.05
N TYR KA 41 -39.77 -62.17 85.06
CA TYR KA 41 -40.79 -62.12 84.04
C TYR KA 41 -40.53 -63.02 82.85
N LEU KA 42 -39.40 -63.70 82.80
CA LEU KA 42 -39.11 -64.59 81.69
C LEU KA 42 -40.11 -65.74 81.64
N GLY KA 43 -40.66 -65.98 80.46
CA GLY KA 43 -41.63 -67.03 80.26
C GLY KA 43 -43.06 -66.65 80.56
N LYS KA 44 -43.29 -65.50 81.20
CA LYS KA 44 -44.64 -65.05 81.47
C LYS KA 44 -45.33 -64.69 80.17
N ARG KA 45 -46.62 -65.01 80.07
CA ARG KA 45 -47.36 -64.69 78.86
C ARG KA 45 -47.98 -63.31 78.98
N CYS KA 46 -48.22 -62.68 77.84
CA CYS KA 46 -48.64 -61.30 77.78
C CYS KA 46 -49.78 -61.16 76.76
N ALA KA 47 -50.59 -60.13 76.96
CA ALA KA 47 -51.76 -59.89 76.14
C ALA KA 47 -51.76 -58.45 75.66
N TYR KA 48 -52.12 -58.28 74.39
CA TYR KA 48 -52.44 -56.97 73.83
C TYR KA 48 -53.96 -56.94 73.63
N VAL KA 49 -54.63 -56.08 74.39
CA VAL KA 49 -56.08 -56.01 74.41
C VAL KA 49 -56.52 -54.73 73.74
N TYR KA 50 -57.43 -54.85 72.78
CA TYR KA 50 -57.92 -53.69 72.05
C TYR KA 50 -59.40 -53.89 71.75
N LYS KA 51 -60.01 -52.86 71.18
CA LYS KA 51 -61.44 -52.86 70.87
C LYS KA 51 -61.65 -52.54 69.40
N ALA KA 52 -62.60 -53.24 68.78
CA ALA KA 52 -62.86 -53.06 67.36
C ALA KA 52 -64.32 -52.72 67.11
N LYS KA 53 -64.73 -52.71 65.84
CA LYS KA 53 -66.06 -52.21 65.49
C LYS KA 53 -67.16 -53.20 65.83
N ASN KA 54 -67.06 -54.42 65.30
CA ASN KA 54 -68.15 -55.39 65.44
C ASN KA 54 -67.82 -56.45 66.48
N ASN KA 55 -68.86 -57.11 66.95
CA ASN KA 55 -68.74 -58.03 68.07
C ASN KA 55 -68.01 -59.31 67.67
N THR KA 56 -67.31 -59.89 68.65
CA THR KA 56 -66.63 -61.17 68.49
C THR KA 56 -66.91 -62.03 69.71
N VAL KA 57 -66.79 -63.35 69.53
CA VAL KA 57 -67.12 -64.27 70.61
C VAL KA 57 -66.15 -64.08 71.77
N THR KA 58 -66.65 -64.36 72.98
CA THR KA 58 -65.88 -64.16 74.20
C THR KA 58 -65.95 -65.43 75.06
N PRO KA 59 -64.83 -66.13 75.25
CA PRO KA 59 -64.87 -67.36 76.04
C PRO KA 59 -65.41 -67.09 77.44
N GLY KA 60 -66.43 -67.86 77.81
CA GLY KA 60 -67.10 -67.65 79.07
C GLY KA 60 -67.86 -66.33 79.15
N GLY KA 61 -68.54 -65.94 78.09
CA GLY KA 61 -69.38 -64.76 78.18
C GLY KA 61 -70.15 -64.54 76.90
N LYS KA 62 -70.71 -63.35 76.78
CA LYS KA 62 -71.45 -62.93 75.61
C LYS KA 62 -70.57 -62.09 74.69
N PRO KA 63 -70.84 -62.11 73.39
CA PRO KA 63 -69.97 -61.38 72.45
C PRO KA 63 -69.90 -59.89 72.76
N ASN KA 64 -68.72 -59.33 72.59
CA ASN KA 64 -68.49 -57.92 72.91
C ASN KA 64 -67.48 -57.36 71.91
N LYS KA 65 -66.99 -56.16 72.20
CA LYS KA 65 -66.14 -55.43 71.27
C LYS KA 65 -64.65 -55.76 71.39
N THR KA 66 -64.25 -56.48 72.44
CA THR KA 66 -62.84 -56.60 72.78
C THR KA 66 -62.19 -57.79 72.10
N ARG KA 67 -60.92 -57.62 71.77
CA ARG KA 67 -60.10 -58.64 71.11
C ARG KA 67 -58.70 -58.60 71.72
N VAL KA 68 -57.99 -59.73 71.60
CA VAL KA 68 -56.68 -59.88 72.19
C VAL KA 68 -55.73 -60.56 71.23
N ILE KA 69 -54.47 -60.17 71.30
CA ILE KA 69 -53.35 -60.90 70.71
C ILE KA 69 -52.50 -61.45 71.84
N TRP KA 70 -52.22 -62.75 71.81
CA TRP KA 70 -51.51 -63.43 72.87
C TRP KA 70 -50.05 -63.63 72.49
N GLY KA 71 -49.16 -63.38 73.44
CA GLY KA 71 -47.74 -63.58 73.22
C GLY KA 71 -47.04 -64.02 74.48
N LYS KA 72 -45.71 -64.10 74.44
CA LYS KA 72 -44.95 -64.62 75.57
C LYS KA 72 -43.60 -63.92 75.63
N VAL KA 73 -43.15 -63.65 76.85
CA VAL KA 73 -41.83 -63.07 77.06
C VAL KA 73 -40.78 -64.13 76.78
N THR KA 74 -39.79 -63.79 75.95
CA THR KA 74 -38.76 -64.73 75.54
C THR KA 74 -37.48 -64.58 76.37
N ARG KA 75 -36.88 -63.40 76.37
CA ARG KA 75 -35.67 -63.18 77.15
C ARG KA 75 -35.46 -61.68 77.33
N ALA KA 76 -34.43 -61.33 78.09
CA ALA KA 76 -34.14 -59.94 78.39
C ALA KA 76 -33.47 -59.26 77.19
N HIS KA 77 -33.36 -57.94 77.28
CA HIS KA 77 -32.88 -57.14 76.17
C HIS KA 77 -32.14 -55.93 76.74
N GLY KA 78 -30.82 -56.00 76.79
CA GLY KA 78 -30.04 -54.89 77.29
C GLY KA 78 -29.96 -54.87 78.80
N ASN KA 79 -29.38 -53.78 79.31
CA ASN KA 79 -29.09 -53.63 80.74
C ASN KA 79 -30.18 -52.89 81.50
N SER KA 80 -31.28 -52.50 80.86
CA SER KA 80 -32.22 -51.58 81.46
C SER KA 80 -33.62 -52.18 81.63
N GLY KA 81 -33.70 -53.50 81.74
CA GLY KA 81 -34.97 -54.14 82.00
C GLY KA 81 -35.89 -54.28 80.82
N MET KA 82 -35.43 -53.90 79.62
CA MET KA 82 -36.21 -54.16 78.42
C MET KA 82 -36.28 -55.66 78.19
N VAL KA 83 -37.45 -56.14 77.74
CA VAL KA 83 -37.61 -57.57 77.46
C VAL KA 83 -38.08 -57.73 76.03
N ARG KA 84 -37.84 -58.92 75.49
CA ARG KA 84 -38.34 -59.29 74.18
C ARG KA 84 -39.55 -60.19 74.33
N ALA KA 85 -40.47 -60.08 73.39
CA ALA KA 85 -41.69 -60.87 73.41
C ALA KA 85 -41.98 -61.37 72.01
N LYS KA 86 -42.63 -62.51 71.91
CA LYS KA 86 -43.10 -63.04 70.64
C LYS KA 86 -44.60 -63.24 70.75
N PHE KA 87 -45.35 -62.58 69.88
CA PHE KA 87 -46.79 -62.71 69.81
C PHE KA 87 -47.15 -63.65 68.66
N ARG KA 88 -48.27 -64.36 68.81
CA ARG KA 88 -48.68 -65.30 67.79
C ARG KA 88 -49.12 -64.61 66.50
N SER KA 89 -49.32 -63.29 66.54
CA SER KA 89 -49.48 -62.47 65.35
C SER KA 89 -48.70 -61.19 65.60
N ASN KA 90 -47.89 -60.78 64.63
CA ASN KA 90 -47.06 -59.61 64.81
C ASN KA 90 -47.92 -58.38 65.13
N LEU KA 91 -47.47 -57.60 66.11
CA LEU KA 91 -48.29 -56.51 66.60
C LEU KA 91 -48.44 -55.42 65.55
N PRO KA 92 -49.60 -54.78 65.46
CA PRO KA 92 -49.75 -53.63 64.56
C PRO KA 92 -48.94 -52.45 65.06
N ALA KA 93 -48.50 -51.61 64.11
CA ALA KA 93 -47.67 -50.47 64.45
C ALA KA 93 -48.42 -49.36 65.16
N LYS KA 94 -49.75 -49.43 65.24
CA LYS KA 94 -50.50 -48.42 65.97
C LYS KA 94 -50.46 -48.65 67.47
N ALA KA 95 -49.86 -49.74 67.93
CA ALA KA 95 -49.79 -50.05 69.35
C ALA KA 95 -48.50 -49.55 70.00
N ILE KA 96 -47.66 -48.83 69.27
CA ILE KA 96 -46.44 -48.29 69.86
C ILE KA 96 -46.81 -47.39 71.02
N GLY KA 97 -46.12 -47.57 72.15
CA GLY KA 97 -46.39 -46.75 73.32
C GLY KA 97 -47.78 -46.94 73.89
N HIS KA 98 -48.30 -48.16 73.84
CA HIS KA 98 -49.60 -48.47 74.40
C HIS KA 98 -49.47 -49.65 75.35
N ARG KA 99 -50.49 -49.81 76.20
CA ARG KA 99 -50.37 -50.72 77.34
C ARG KA 99 -50.49 -52.17 76.92
N ILE KA 100 -49.56 -52.99 77.42
CA ILE KA 100 -49.54 -54.43 77.24
C ILE KA 100 -49.62 -55.06 78.62
N ARG KA 101 -50.53 -56.02 78.79
CA ARG KA 101 -50.65 -56.71 80.07
C ARG KA 101 -49.67 -57.86 80.11
N VAL KA 102 -48.89 -57.97 81.18
CA VAL KA 102 -48.03 -59.11 81.40
C VAL KA 102 -48.64 -59.90 82.55
N MET KA 103 -49.13 -61.10 82.27
CA MET KA 103 -49.84 -61.84 83.29
C MET KA 103 -48.84 -62.53 84.22
N LEU KA 104 -49.35 -63.09 85.30
CA LEU KA 104 -48.52 -63.77 86.29
C LEU KA 104 -48.61 -65.29 86.22
N TYR KA 105 -49.72 -65.83 85.72
CA TYR KA 105 -50.06 -67.22 85.98
C TYR KA 105 -49.14 -68.27 85.38
N PRO KA 106 -48.39 -68.02 84.28
CA PRO KA 106 -47.35 -68.99 83.92
C PRO KA 106 -46.21 -68.96 84.91
N SER KA 107 -46.52 -69.19 86.18
CA SER KA 107 -45.64 -68.87 87.29
C SER KA 107 -44.71 -70.03 87.61
N ARG KA 108 -43.53 -69.70 88.14
CA ARG KA 108 -42.55 -70.68 88.57
C ARG KA 108 -42.06 -70.41 89.99
N ILE KA 109 -42.86 -69.72 90.79
CA ILE KA 109 -42.58 -69.58 92.21
C ILE KA 109 -43.15 -70.77 92.96
N VAL LA 1 -73.04 13.84 -13.17
CA VAL LA 1 -73.28 13.64 -14.60
C VAL LA 1 -73.45 12.17 -14.91
N GLN LA 2 -73.90 11.86 -16.11
CA GLN LA 2 -74.08 10.47 -16.53
C GLN LA 2 -72.79 9.99 -17.18
N ARG LA 3 -72.12 9.04 -16.53
CA ARG LA 3 -70.88 8.47 -17.03
C ARG LA 3 -71.12 7.02 -17.44
N LEU LA 4 -70.69 6.68 -18.64
CA LEU LA 4 -71.19 5.53 -19.40
C LEU LA 4 -70.06 4.58 -19.77
N THR LA 5 -70.42 3.51 -20.46
CA THR LA 5 -69.57 2.35 -20.68
C THR LA 5 -69.46 2.03 -22.17
N TYR LA 6 -68.60 1.05 -22.47
CA TYR LA 6 -68.51 0.50 -23.81
C TYR LA 6 -69.75 -0.34 -24.14
N ARG LA 7 -69.86 -0.74 -25.40
CA ARG LA 7 -70.96 -1.56 -25.88
C ARG LA 7 -70.52 -2.86 -26.50
N ARG LA 8 -69.22 -3.12 -26.58
CA ARG LA 8 -68.67 -4.35 -27.12
C ARG LA 8 -67.77 -5.01 -26.10
N ARG LA 9 -67.34 -6.23 -26.40
CA ARG LA 9 -66.48 -6.99 -25.50
C ARG LA 9 -65.01 -6.65 -25.66
N LEU LA 10 -64.69 -5.52 -26.28
CA LEU LA 10 -63.32 -5.03 -26.36
C LEU LA 10 -63.21 -3.82 -25.44
N SER LA 11 -62.34 -3.91 -24.44
CA SER LA 11 -62.27 -2.93 -23.36
C SER LA 11 -60.92 -2.22 -23.31
N TYR LA 12 -60.24 -2.12 -24.44
CA TYR LA 12 -58.96 -1.45 -24.51
C TYR LA 12 -59.01 -0.34 -25.55
N ASN LA 13 -58.26 0.72 -25.31
CA ASN LA 13 -58.28 1.89 -26.19
C ASN LA 13 -57.32 1.70 -27.37
N THR LA 14 -57.63 0.71 -28.19
CA THR LA 14 -56.82 0.41 -29.37
C THR LA 14 -57.29 1.27 -30.55
N ALA LA 15 -56.65 1.06 -31.70
CA ALA LA 15 -56.99 1.83 -32.88
C ALA LA 15 -58.41 1.56 -33.35
N SER LA 16 -58.83 0.29 -33.34
CA SER LA 16 -60.18 -0.04 -33.78
C SER LA 16 -61.24 0.32 -32.76
N ASN LA 17 -60.86 0.50 -31.50
CA ASN LA 17 -61.82 0.79 -30.43
C ASN LA 17 -61.86 2.29 -30.14
N LYS LA 18 -62.28 3.06 -31.15
CA LYS LA 18 -62.45 4.50 -31.02
C LYS LA 18 -63.92 4.85 -31.11
N THR LA 19 -64.35 5.83 -30.30
CA THR LA 19 -65.76 6.13 -30.15
C THR LA 19 -65.98 7.64 -30.12
N ARG LA 20 -67.23 8.03 -30.35
CA ARG LA 20 -67.67 9.40 -30.16
C ARG LA 20 -68.99 9.39 -29.39
N LEU LA 21 -69.34 10.55 -28.84
CA LEU LA 21 -70.53 10.70 -28.02
C LEU LA 21 -71.68 11.23 -28.85
N SER LA 22 -72.88 10.68 -28.63
CA SER LA 22 -74.07 11.13 -29.33
C SER LA 22 -75.26 11.10 -28.39
N ARG LA 23 -76.12 12.11 -28.50
CA ARG LA 23 -77.34 12.18 -27.73
C ARG LA 23 -78.47 11.56 -28.53
N THR LA 24 -79.10 10.53 -27.97
CA THR LA 24 -80.13 9.77 -28.67
C THR LA 24 -81.48 10.46 -28.54
N PRO LA 25 -82.46 10.08 -29.37
CA PRO LA 25 -83.82 10.57 -29.18
C PRO LA 25 -84.47 10.14 -27.87
N GLY LA 26 -83.79 9.34 -27.07
CA GLY LA 26 -84.28 8.99 -25.75
C GLY LA 26 -83.64 9.83 -24.66
N ASN LA 27 -83.02 10.93 -25.08
CA ASN LA 27 -82.35 11.86 -24.16
C ASN LA 27 -81.29 11.14 -23.34
N ARG LA 28 -80.42 10.40 -24.03
CA ARG LA 28 -79.32 9.71 -23.40
C ARG LA 28 -78.07 9.90 -24.24
N ILE LA 29 -76.92 9.76 -23.59
CA ILE LA 29 -75.62 9.92 -24.22
C ILE LA 29 -75.03 8.53 -24.39
N VAL LA 30 -74.59 8.20 -25.60
CA VAL LA 30 -74.01 6.89 -25.88
C VAL LA 30 -72.76 7.03 -26.73
N TYR LA 31 -71.93 5.99 -26.70
CA TYR LA 31 -70.87 5.83 -27.69
C TYR LA 31 -71.40 5.28 -28.99
N LEU LA 32 -70.96 5.89 -30.09
CA LEU LA 32 -70.98 5.29 -31.41
C LEU LA 32 -69.53 5.00 -31.81
N TYR LA 33 -69.34 3.92 -32.55
CA TYR LA 33 -68.01 3.48 -32.94
C TYR LA 33 -67.72 4.05 -34.32
N THR LA 34 -66.74 4.94 -34.39
CA THR LA 34 -66.46 5.67 -35.62
C THR LA 34 -65.61 4.83 -36.56
N LYS LA 35 -65.56 5.27 -37.81
CA LYS LA 35 -64.71 4.63 -38.81
C LYS LA 35 -63.35 5.31 -38.86
N LYS LA 36 -62.34 4.53 -39.18
CA LYS LA 36 -60.99 5.07 -39.28
C LYS LA 36 -60.89 6.05 -40.44
N VAL LA 37 -60.16 7.15 -40.23
CA VAL LA 37 -60.12 8.23 -41.20
C VAL LA 37 -59.25 7.83 -42.37
N GLY LA 38 -59.82 7.86 -43.58
CA GLY LA 38 -59.08 7.50 -44.77
C GLY LA 38 -58.24 8.63 -45.32
N LYS LA 39 -57.45 8.30 -46.34
CA LYS LA 39 -56.54 9.25 -46.96
C LYS LA 39 -56.74 9.26 -48.47
N ALA LA 40 -56.61 10.43 -49.06
CA ALA LA 40 -56.61 10.53 -50.51
C ALA LA 40 -55.33 9.91 -51.07
N PRO LA 41 -55.36 9.44 -52.32
CA PRO LA 41 -54.15 8.84 -52.89
C PRO LA 41 -53.01 9.84 -53.02
N LYS LA 42 -51.80 9.34 -52.86
CA LYS LA 42 -50.59 10.12 -53.10
C LYS LA 42 -50.20 10.02 -54.57
N SER LA 43 -49.60 11.09 -55.07
CA SER LA 43 -49.26 11.15 -56.50
C SER LA 43 -48.21 10.11 -56.86
N ALA LA 44 -48.35 9.55 -58.06
CA ALA LA 44 -47.40 8.57 -58.56
C ALA LA 44 -46.07 9.18 -58.95
N CYS LA 45 -45.97 10.51 -59.00
CA CYS LA 45 -44.71 11.15 -59.36
C CYS LA 45 -43.62 10.88 -58.34
N GLY LA 46 -43.98 10.71 -57.08
CA GLY LA 46 -43.01 10.48 -56.03
C GLY LA 46 -42.26 11.70 -55.57
N VAL LA 47 -42.71 12.90 -55.93
CA VAL LA 47 -42.04 14.14 -55.59
C VAL LA 47 -42.96 15.07 -54.80
N CYS LA 48 -44.19 15.26 -55.27
CA CYS LA 48 -45.11 16.16 -54.61
C CYS LA 48 -45.56 15.57 -53.27
N PRO LA 49 -45.43 16.30 -52.17
CA PRO LA 49 -45.83 15.75 -50.88
C PRO LA 49 -47.34 15.76 -50.67
N GLY LA 50 -48.04 16.64 -51.37
CA GLY LA 50 -49.47 16.79 -51.17
C GLY LA 50 -50.27 15.62 -51.72
N ARG LA 51 -51.54 15.59 -51.35
CA ARG LA 51 -52.48 14.60 -51.83
C ARG LA 51 -53.12 15.04 -53.14
N LEU LA 52 -53.78 14.10 -53.80
CA LEU LA 52 -54.50 14.43 -55.03
C LEU LA 52 -55.85 15.06 -54.70
N ARG LA 53 -56.37 15.81 -55.67
CA ARG LA 53 -57.64 16.51 -55.53
C ARG LA 53 -58.68 15.91 -56.46
N GLY LA 54 -59.94 15.99 -56.05
CA GLY LA 54 -61.03 15.42 -56.80
C GLY LA 54 -61.28 13.95 -56.53
N VAL LA 55 -60.55 13.35 -55.59
CA VAL LA 55 -60.69 11.93 -55.26
C VAL LA 55 -61.13 11.83 -53.80
N ARG LA 56 -62.16 11.05 -53.55
CA ARG LA 56 -62.67 10.86 -52.20
C ARG LA 56 -61.63 10.15 -51.33
N ALA LA 57 -61.50 10.60 -50.09
CA ALA LA 57 -60.55 10.04 -49.14
C ALA LA 57 -61.31 9.07 -48.23
N VAL LA 58 -61.24 7.78 -48.54
CA VAL LA 58 -61.97 6.77 -47.78
C VAL LA 58 -61.05 5.58 -47.51
N ARG LA 59 -61.47 4.77 -46.56
CA ARG LA 59 -60.77 3.53 -46.25
C ARG LA 59 -60.81 2.62 -47.48
N PRO LA 60 -59.68 1.98 -47.83
CA PRO LA 60 -59.54 1.48 -49.21
C PRO LA 60 -60.62 0.53 -49.68
N LYS LA 61 -61.15 -0.31 -48.81
CA LYS LA 61 -62.16 -1.27 -49.27
C LYS LA 61 -63.51 -0.61 -49.53
N VAL LA 62 -63.68 0.65 -49.15
CA VAL LA 62 -64.91 1.37 -49.47
C VAL LA 62 -64.95 1.82 -50.92
N LEU LA 63 -63.80 1.86 -51.59
CA LEU LA 63 -63.75 2.35 -52.97
C LEU LA 63 -64.48 1.45 -53.96
N MET LA 64 -64.86 0.23 -53.55
CA MET LA 64 -65.67 -0.62 -54.41
C MET LA 64 -67.05 -0.01 -54.64
N ARG LA 65 -67.64 0.59 -53.61
CA ARG LA 65 -69.00 1.10 -53.71
C ARG LA 65 -69.08 2.40 -54.49
N LEU LA 66 -67.99 3.17 -54.54
CA LEU LA 66 -68.01 4.45 -55.22
C LEU LA 66 -68.13 4.25 -56.74
N SER LA 67 -68.62 5.28 -57.40
CA SER LA 67 -68.61 5.29 -58.86
C SER LA 67 -67.26 5.78 -59.37
N LYS LA 68 -67.04 5.60 -60.67
CA LYS LA 68 -65.72 5.90 -61.25
C LYS LA 68 -65.41 7.39 -61.22
N THR LA 69 -66.42 8.23 -61.45
CA THR LA 69 -66.19 9.67 -61.49
C THR LA 69 -65.79 10.21 -60.13
N LYS LA 70 -66.26 9.60 -59.05
CA LYS LA 70 -65.84 10.00 -57.72
C LYS LA 70 -64.50 9.42 -57.33
N LYS LA 71 -63.88 8.63 -58.21
CA LYS LA 71 -62.58 8.05 -57.95
C LYS LA 71 -61.46 8.65 -58.80
N HIS LA 72 -61.75 9.10 -60.02
CA HIS LA 72 -60.69 9.72 -60.83
C HIS LA 72 -61.12 11.10 -61.30
N VAL LA 73 -60.26 11.71 -62.11
CA VAL LA 73 -60.53 12.99 -62.75
C VAL LA 73 -60.34 12.84 -64.25
N SER LA 74 -61.01 13.70 -65.02
CA SER LA 74 -61.00 13.61 -66.47
C SER LA 74 -59.73 14.24 -67.02
N ARG LA 75 -58.67 13.44 -67.12
CA ARG LA 75 -57.39 13.87 -67.67
C ARG LA 75 -56.53 12.63 -67.81
N ALA LA 76 -55.50 12.74 -68.66
CA ALA LA 76 -54.49 11.69 -68.73
C ALA LA 76 -53.85 11.49 -67.35
N TYR LA 77 -53.70 10.22 -66.96
CA TYR LA 77 -53.26 9.87 -65.61
C TYR LA 77 -54.19 10.44 -64.55
N GLY LA 78 -55.49 10.49 -64.86
CA GLY LA 78 -56.47 11.05 -63.95
C GLY LA 78 -56.59 10.29 -62.64
N GLY LA 79 -56.43 10.98 -61.52
CA GLY LA 79 -56.55 10.36 -60.23
C GLY LA 79 -55.37 9.51 -59.81
N SER LA 80 -54.31 9.46 -60.61
CA SER LA 80 -53.11 8.72 -60.27
C SER LA 80 -51.85 9.57 -60.22
N MET LA 81 -51.84 10.74 -60.85
CA MET LA 81 -50.68 11.61 -60.86
C MET LA 81 -51.16 13.04 -61.01
N CYS LA 82 -50.46 13.97 -60.37
CA CYS LA 82 -50.93 15.35 -60.30
C CYS LA 82 -50.66 16.09 -61.61
N ALA LA 83 -51.42 17.18 -61.78
CA ALA LA 83 -51.42 17.91 -63.05
C ALA LA 83 -50.04 18.48 -63.37
N LYS LA 84 -49.35 19.01 -62.37
CA LYS LA 84 -48.04 19.62 -62.59
C LYS LA 84 -47.08 18.60 -63.19
N CYS LA 85 -46.92 17.45 -62.53
CA CYS LA 85 -46.00 16.45 -63.04
C CYS LA 85 -46.49 15.84 -64.35
N VAL LA 86 -47.80 15.80 -64.57
CA VAL LA 86 -48.29 15.38 -65.88
C VAL LA 86 -47.76 16.31 -66.97
N ARG LA 87 -47.88 17.63 -66.76
CA ARG LA 87 -47.44 18.55 -67.80
C ARG LA 87 -45.93 18.54 -67.96
N ASP LA 88 -45.18 18.39 -66.87
CA ASP LA 88 -43.73 18.25 -67.02
C ASP LA 88 -43.37 16.97 -67.75
N ARG LA 89 -44.10 15.89 -67.52
CA ARG LA 89 -43.82 14.66 -68.27
C ARG LA 89 -44.07 14.84 -69.75
N ILE LA 90 -45.17 15.50 -70.11
CA ILE LA 90 -45.45 15.76 -71.52
C ILE LA 90 -44.33 16.57 -72.14
N LYS LA 91 -43.96 17.68 -71.49
CA LYS LA 91 -42.92 18.54 -72.02
C LYS LA 91 -41.59 17.81 -72.15
N ARG LA 92 -41.25 17.02 -71.13
CA ARG LA 92 -39.99 16.29 -71.13
C ARG LA 92 -39.93 15.29 -72.27
N ALA LA 93 -41.01 14.52 -72.46
CA ALA LA 93 -41.03 13.55 -73.55
C ALA LA 93 -40.86 14.24 -74.89
N PHE LA 94 -41.61 15.33 -75.11
CA PHE LA 94 -41.53 16.01 -76.40
C PHE LA 94 -40.13 16.58 -76.65
N LEU LA 95 -39.57 17.30 -75.69
CA LEU LA 95 -38.27 17.92 -75.89
C LEU LA 95 -37.17 16.88 -76.02
N ILE LA 96 -37.26 15.77 -75.28
CA ILE LA 96 -36.28 14.70 -75.40
C ILE LA 96 -36.32 14.11 -76.80
N GLU LA 97 -37.52 13.84 -77.32
CA GLU LA 97 -37.62 13.30 -78.66
C GLU LA 97 -37.07 14.27 -79.70
N GLU LA 98 -37.31 15.56 -79.51
CA GLU LA 98 -36.75 16.56 -80.43
C GLU LA 98 -35.22 16.54 -80.38
N GLN LA 99 -34.65 16.47 -79.19
CA GLN LA 99 -33.19 16.40 -79.07
C GLN LA 99 -32.64 15.14 -79.70
N LYS LA 100 -33.37 14.03 -79.59
CA LYS LA 100 -32.95 12.79 -80.23
C LYS LA 100 -32.95 12.92 -81.74
N ILE LA 101 -33.98 13.57 -82.29
CA ILE LA 101 -34.00 13.82 -83.74
C ILE LA 101 -32.82 14.68 -84.14
N VAL LA 102 -32.51 15.70 -83.34
CA VAL LA 102 -31.40 16.59 -83.66
C VAL LA 102 -30.08 15.82 -83.67
N VAL LA 103 -29.86 14.99 -82.65
CA VAL LA 103 -28.60 14.26 -82.60
C VAL LA 103 -28.52 13.25 -83.74
N LYS LA 104 -29.65 12.64 -84.11
CA LYS LA 104 -29.64 11.72 -85.25
C LYS LA 104 -29.27 12.44 -86.55
N VAL LA 105 -29.85 13.61 -86.78
CA VAL LA 105 -29.55 14.31 -88.03
C VAL LA 105 -28.11 14.82 -88.03
N LEU LA 106 -27.58 15.24 -86.87
CA LEU LA 106 -26.17 15.62 -86.81
C LEU LA 106 -25.27 14.42 -87.07
N LYS LA 107 -25.64 13.25 -86.55
CA LYS LA 107 -24.87 12.04 -86.83
C LYS LA 107 -24.88 11.72 -88.32
N ALA LA 108 -26.03 11.85 -88.96
CA ALA LA 108 -26.11 11.62 -90.41
C ALA LA 108 -25.25 12.63 -91.17
N GLN LA 109 -25.27 13.89 -90.74
CA GLN LA 109 -24.44 14.90 -91.38
C GLN LA 109 -22.96 14.57 -91.23
N ALA LA 110 -22.55 14.13 -90.04
CA ALA LA 110 -21.15 13.76 -89.82
C ALA LA 110 -20.77 12.57 -90.67
N GLN LA 111 -21.67 11.58 -90.79
CA GLN LA 111 -21.41 10.43 -91.64
C GLN LA 111 -21.25 10.85 -93.10
N SER LA 112 -22.08 11.78 -93.56
CA SER LA 112 -21.93 12.30 -94.92
C SER LA 112 -20.61 13.03 -95.09
N GLN LA 113 -20.21 13.82 -94.09
CA GLN LA 113 -18.96 14.56 -94.17
C GLN LA 113 -17.76 13.62 -94.23
N LYS LA 114 -17.77 12.56 -93.42
CA LYS LA 114 -16.66 11.61 -93.42
C LYS LA 114 -16.74 10.67 -94.61
N ALA MA 1 -100.54 -54.36 -33.18
CA ALA MA 1 -100.34 -54.93 -31.85
C ALA MA 1 -98.85 -55.19 -31.60
N LYS MA 2 -98.53 -56.46 -31.32
CA LYS MA 2 -97.14 -56.85 -31.08
C LYS MA 2 -96.48 -57.09 -32.43
N ILE MA 3 -95.78 -56.08 -32.93
CA ILE MA 3 -95.03 -56.23 -34.17
C ILE MA 3 -93.84 -57.13 -33.94
N LYS MA 4 -93.73 -58.19 -34.74
CA LYS MA 4 -92.69 -59.18 -34.59
C LYS MA 4 -92.06 -59.49 -35.94
N ALA MA 5 -90.78 -59.86 -35.92
CA ALA MA 5 -89.97 -59.92 -37.13
C ALA MA 5 -90.19 -61.18 -37.95
N ARG MA 6 -91.25 -61.96 -37.69
CA ARG MA 6 -91.50 -63.16 -38.48
C ARG MA 6 -92.56 -62.95 -39.55
N ASP MA 7 -93.57 -62.13 -39.29
CA ASP MA 7 -94.55 -61.77 -40.32
C ASP MA 7 -94.15 -60.52 -41.08
N LEU MA 8 -92.97 -59.97 -40.79
CA LEU MA 8 -92.44 -58.84 -41.53
C LEU MA 8 -91.48 -59.25 -42.64
N ARG MA 9 -90.97 -60.48 -42.60
CA ARG MA 9 -90.00 -60.92 -43.61
C ARG MA 9 -90.65 -61.04 -44.99
N GLY MA 10 -91.89 -61.49 -45.05
CA GLY MA 10 -92.56 -61.71 -46.33
C GLY MA 10 -93.14 -60.47 -46.97
N LYS MA 11 -93.11 -59.33 -46.29
CA LYS MA 11 -93.72 -58.12 -46.81
C LYS MA 11 -92.84 -57.48 -47.88
N LYS MA 12 -93.27 -56.31 -48.35
CA LYS MA 12 -92.60 -55.57 -49.41
C LYS MA 12 -92.02 -54.28 -48.83
N LYS MA 13 -90.94 -53.80 -49.46
CA LYS MA 13 -90.14 -52.74 -48.88
C LYS MA 13 -90.94 -51.45 -48.73
N GLU MA 14 -91.91 -51.22 -49.61
CA GLU MA 14 -92.65 -49.95 -49.54
C GLU MA 14 -93.57 -49.90 -48.32
N GLU MA 15 -94.30 -50.98 -48.01
CA GLU MA 15 -95.10 -50.93 -46.80
C GLU MA 15 -94.24 -51.09 -45.57
N LEU MA 16 -93.06 -51.72 -45.69
CA LEU MA 16 -92.10 -51.66 -44.59
C LEU MA 16 -91.75 -50.21 -44.24
N LEU MA 17 -91.42 -49.42 -45.26
CA LEU MA 17 -91.10 -48.02 -45.02
C LEU MA 17 -92.29 -47.24 -44.49
N LYS MA 18 -93.50 -47.51 -45.03
CA LYS MA 18 -94.68 -46.81 -44.55
C LYS MA 18 -94.96 -47.12 -43.08
N GLN MA 19 -94.82 -48.39 -42.69
CA GLN MA 19 -95.02 -48.78 -41.31
C GLN MA 19 -93.97 -48.15 -40.40
N LEU MA 20 -92.72 -48.08 -40.87
CA LEU MA 20 -91.69 -47.40 -40.11
C LEU MA 20 -92.04 -45.94 -39.89
N ASP MA 21 -92.54 -45.28 -40.93
CA ASP MA 21 -92.92 -43.87 -40.80
C ASP MA 21 -94.05 -43.70 -39.80
N ASP MA 22 -95.05 -44.58 -39.84
CA ASP MA 22 -96.15 -44.50 -38.88
C ASP MA 22 -95.65 -44.68 -37.46
N LEU MA 23 -94.75 -45.65 -37.25
CA LEU MA 23 -94.20 -45.86 -35.91
C LEU MA 23 -93.41 -44.64 -35.45
N LYS MA 24 -92.65 -44.01 -36.35
CA LYS MA 24 -91.92 -42.80 -35.99
C LYS MA 24 -92.86 -41.67 -35.58
N VAL MA 25 -93.97 -41.51 -36.30
CA VAL MA 25 -94.95 -40.48 -35.96
C VAL MA 25 -95.49 -40.74 -34.55
N GLU MA 26 -95.83 -41.99 -34.27
CA GLU MA 26 -96.36 -42.32 -32.95
C GLU MA 26 -95.32 -42.06 -31.86
N LEU MA 27 -94.05 -42.37 -32.13
CA LEU MA 27 -93.00 -42.11 -31.16
C LEU MA 27 -92.85 -40.62 -30.89
N SER MA 28 -92.94 -39.80 -31.95
CA SER MA 28 -92.85 -38.35 -31.76
C SER MA 28 -93.99 -37.84 -30.88
N GLN MA 29 -95.21 -38.32 -31.14
CA GLN MA 29 -96.34 -37.92 -30.30
C GLN MA 29 -96.11 -38.34 -28.85
N LEU MA 30 -95.57 -39.55 -28.65
CA LEU MA 30 -95.33 -40.03 -27.30
C LEU MA 30 -94.28 -39.19 -26.58
N ARG MA 31 -93.24 -38.76 -27.29
CA ARG MA 31 -92.25 -37.88 -26.67
C ARG MA 31 -92.86 -36.53 -26.32
N VAL MA 32 -93.76 -36.02 -27.17
CA VAL MA 32 -94.46 -34.78 -26.84
C VAL MA 32 -95.26 -34.95 -25.56
N ALA MA 33 -95.97 -36.08 -25.44
CA ALA MA 33 -96.72 -36.35 -24.21
C ALA MA 33 -95.79 -36.45 -23.00
N LYS MA 34 -94.64 -37.09 -23.18
CA LYS MA 34 -93.65 -37.19 -22.11
C LYS MA 34 -93.23 -35.83 -21.61
N VAL MA 35 -92.84 -34.93 -22.53
CA VAL MA 35 -92.31 -33.65 -22.12
C VAL MA 35 -93.41 -32.78 -21.51
N THR MA 36 -94.62 -32.83 -22.06
CA THR MA 36 -95.69 -32.03 -21.48
C THR MA 36 -96.19 -32.59 -20.15
N GLY MA 37 -95.93 -33.86 -19.88
CA GLY MA 37 -96.40 -34.48 -18.66
C GLY MA 37 -97.63 -35.32 -18.93
N GLY MA 38 -97.44 -36.64 -19.06
CA GLY MA 38 -98.53 -37.50 -19.48
C GLY MA 38 -98.74 -38.70 -18.59
N ALA MA 39 -99.40 -39.72 -19.11
CA ALA MA 39 -99.74 -40.89 -18.34
C ALA MA 39 -98.60 -41.90 -18.32
N ALA MA 40 -98.53 -42.64 -17.21
CA ALA MA 40 -97.56 -43.73 -17.12
C ALA MA 40 -97.76 -44.75 -18.23
N SER MA 41 -98.98 -44.86 -18.74
CA SER MA 41 -99.23 -45.76 -19.87
C SER MA 41 -98.40 -45.37 -21.09
N LYS MA 42 -98.49 -44.11 -21.50
CA LYS MA 42 -97.69 -43.66 -22.64
C LYS MA 42 -96.20 -43.70 -22.32
N LEU MA 43 -95.84 -43.30 -21.10
CA LEU MA 43 -94.43 -43.34 -20.71
C LEU MA 43 -93.87 -44.75 -20.79
N SER MA 44 -94.72 -45.77 -20.55
CA SER MA 44 -94.30 -47.15 -20.72
C SER MA 44 -94.27 -47.56 -22.18
N LYS MA 45 -95.23 -47.09 -22.97
CA LYS MA 45 -95.33 -47.53 -24.36
C LYS MA 45 -94.25 -46.96 -25.25
N ILE MA 46 -93.55 -45.90 -24.82
CA ILE MA 46 -92.51 -45.35 -25.67
C ILE MA 46 -91.41 -46.39 -25.92
N ARG MA 47 -91.10 -47.20 -24.91
CA ARG MA 47 -90.10 -48.25 -25.08
C ARG MA 47 -90.53 -49.25 -26.15
N VAL MA 48 -91.80 -49.66 -26.11
CA VAL MA 48 -92.31 -50.61 -27.09
C VAL MA 48 -92.21 -50.03 -28.49
N VAL MA 49 -92.54 -48.74 -28.63
CA VAL MA 49 -92.46 -48.11 -29.95
C VAL MA 49 -91.02 -48.07 -30.44
N ARG MA 50 -90.07 -47.76 -29.54
CA ARG MA 50 -88.67 -47.75 -29.94
C ARG MA 50 -88.21 -49.12 -30.41
N LYS MA 51 -88.59 -50.17 -29.70
CA LYS MA 51 -88.17 -51.51 -30.12
C LYS MA 51 -88.84 -51.93 -31.41
N SER MA 52 -90.07 -51.48 -31.66
CA SER MA 52 -90.69 -51.72 -32.96
C SER MA 52 -89.89 -51.04 -34.07
N ILE MA 53 -89.46 -49.80 -33.84
CA ILE MA 53 -88.57 -49.13 -34.78
C ILE MA 53 -87.35 -49.99 -35.06
N ALA MA 54 -86.73 -50.48 -33.98
CA ALA MA 54 -85.48 -51.22 -34.12
C ALA MA 54 -85.66 -52.47 -34.97
N ARG MA 55 -86.72 -53.23 -34.70
CA ARG MA 55 -86.88 -54.49 -35.43
C ARG MA 55 -87.32 -54.28 -36.87
N VAL MA 56 -88.14 -53.25 -37.14
CA VAL MA 56 -88.48 -52.96 -38.54
C VAL MA 56 -87.23 -52.58 -39.32
N LEU MA 57 -86.39 -51.71 -38.74
CA LEU MA 57 -85.15 -51.35 -39.42
C LEU MA 57 -84.23 -52.55 -39.61
N THR MA 58 -84.18 -53.43 -38.61
CA THR MA 58 -83.36 -54.63 -38.73
C THR MA 58 -83.83 -55.50 -39.88
N VAL MA 59 -85.15 -55.68 -40.01
CA VAL MA 59 -85.67 -56.50 -41.11
C VAL MA 59 -85.29 -55.87 -42.45
N ILE MA 60 -85.47 -54.55 -42.57
CA ILE MA 60 -85.13 -53.87 -43.82
C ILE MA 60 -83.66 -54.10 -44.17
N ASN MA 61 -82.77 -53.86 -43.21
CA ASN MA 61 -81.33 -53.98 -43.48
C ASN MA 61 -80.96 -55.42 -43.83
N GLN MA 62 -81.52 -56.39 -43.10
CA GLN MA 62 -81.19 -57.79 -43.35
C GLN MA 62 -81.60 -58.20 -44.75
N THR MA 63 -82.85 -57.87 -45.14
CA THR MA 63 -83.30 -58.24 -46.48
C THR MA 63 -82.46 -57.56 -47.56
N GLN MA 64 -82.15 -56.27 -47.36
CA GLN MA 64 -81.37 -55.55 -48.36
C GLN MA 64 -80.01 -56.20 -48.56
N LYS MA 65 -79.28 -56.43 -47.47
CA LYS MA 65 -77.94 -56.99 -47.63
C LYS MA 65 -77.99 -58.43 -48.10
N GLU MA 66 -79.04 -59.19 -47.76
CA GLU MA 66 -79.15 -60.55 -48.27
C GLU MA 66 -79.31 -60.56 -49.78
N ASN MA 67 -80.20 -59.71 -50.31
CA ASN MA 67 -80.32 -59.60 -51.76
C ASN MA 67 -79.02 -59.14 -52.39
N LEU MA 68 -78.29 -58.26 -51.69
CA LEU MA 68 -77.03 -57.77 -52.25
C LEU MA 68 -75.97 -58.87 -52.33
N ARG MA 69 -75.88 -59.72 -51.31
CA ARG MA 69 -74.98 -60.87 -51.37
C ARG MA 69 -75.40 -61.82 -52.49
N LYS MA 70 -76.70 -62.06 -52.63
CA LYS MA 70 -77.16 -62.91 -53.72
C LYS MA 70 -76.75 -62.32 -55.08
N PHE MA 71 -76.79 -60.99 -55.19
CA PHE MA 71 -76.36 -60.33 -56.43
C PHE MA 71 -74.87 -60.55 -56.68
N TYR MA 72 -74.04 -60.30 -55.67
CA TYR MA 72 -72.60 -60.42 -55.81
C TYR MA 72 -72.07 -61.84 -55.59
N LYS MA 73 -72.95 -62.84 -55.60
CA LYS MA 73 -72.54 -64.21 -55.31
C LYS MA 73 -71.46 -64.69 -56.28
N GLY MA 74 -71.67 -64.51 -57.58
CA GLY MA 74 -70.79 -65.10 -58.57
C GLY MA 74 -69.56 -64.30 -58.95
N LYS MA 75 -69.63 -62.98 -58.81
CA LYS MA 75 -68.58 -62.11 -59.33
C LYS MA 75 -67.29 -62.26 -58.53
N LYS MA 76 -66.17 -61.96 -59.20
CA LYS MA 76 -64.86 -62.12 -58.59
C LYS MA 76 -64.54 -60.99 -57.61
N TYR MA 77 -64.92 -59.77 -57.95
CA TYR MA 77 -64.65 -58.60 -57.12
C TYR MA 77 -65.94 -58.14 -56.46
N LYS MA 78 -65.95 -58.14 -55.14
CA LYS MA 78 -67.12 -57.77 -54.35
C LYS MA 78 -66.72 -56.81 -53.25
N PRO MA 79 -67.66 -56.03 -52.73
CA PRO MA 79 -67.32 -55.01 -51.73
C PRO MA 79 -66.72 -55.59 -50.46
N LEU MA 80 -65.90 -54.77 -49.79
CA LEU MA 80 -65.21 -55.21 -48.59
C LEU MA 80 -66.17 -55.60 -47.48
N ASP MA 81 -67.35 -54.96 -47.43
CA ASP MA 81 -68.35 -55.33 -46.43
C ASP MA 81 -68.83 -56.76 -46.67
N LEU MA 82 -69.04 -57.14 -47.92
CA LEU MA 82 -69.45 -58.50 -48.25
C LEU MA 82 -68.31 -59.49 -48.23
N ARG MA 83 -67.06 -59.02 -48.22
CA ARG MA 83 -65.95 -59.94 -48.05
C ARG MA 83 -65.92 -60.48 -46.62
N PRO MA 84 -65.33 -61.67 -46.43
CA PRO MA 84 -65.33 -62.28 -45.08
C PRO MA 84 -64.42 -61.52 -44.13
N LYS MA 85 -64.96 -61.16 -42.97
CA LYS MA 85 -64.20 -60.43 -41.96
C LYS MA 85 -63.72 -61.40 -40.89
N LYS MA 86 -62.70 -62.17 -41.24
CA LYS MA 86 -61.94 -62.90 -40.23
C LYS MA 86 -60.79 -61.98 -39.77
N THR MA 87 -59.88 -62.51 -38.98
CA THR MA 87 -58.80 -61.66 -38.50
C THR MA 87 -57.86 -61.28 -39.64
N ARG MA 88 -57.10 -60.20 -39.40
CA ARG MA 88 -56.23 -59.66 -40.44
C ARG MA 88 -55.18 -60.67 -40.85
N ALA MA 89 -54.61 -61.40 -39.88
CA ALA MA 89 -53.64 -62.43 -40.21
C ALA MA 89 -54.27 -63.54 -41.05
N MET MA 90 -55.49 -63.95 -40.71
CA MET MA 90 -56.15 -65.00 -41.46
C MET MA 90 -56.50 -64.54 -42.88
N ARG MA 91 -56.77 -63.26 -43.08
CA ARG MA 91 -56.95 -62.77 -44.44
C ARG MA 91 -55.63 -62.68 -45.19
N ARG MA 92 -54.53 -62.41 -44.49
CA ARG MA 92 -53.21 -62.42 -45.12
C ARG MA 92 -52.66 -63.82 -45.36
N ARG MA 93 -53.28 -64.83 -44.77
CA ARG MA 93 -52.78 -66.20 -44.85
C ARG MA 93 -52.92 -66.76 -46.26
N LEU MA 94 -52.03 -67.71 -46.59
CA LEU MA 94 -52.08 -68.40 -47.88
C LEU MA 94 -53.39 -69.16 -48.02
N ASN MA 95 -53.91 -69.22 -49.24
CA ASN MA 95 -55.21 -69.87 -49.41
C ASN MA 95 -55.04 -71.39 -49.53
N LYS MA 96 -56.18 -72.07 -49.49
CA LYS MA 96 -56.19 -73.53 -49.33
C LYS MA 96 -55.53 -74.23 -50.50
N HIS MA 97 -55.62 -73.67 -51.71
CA HIS MA 97 -55.04 -74.32 -52.87
C HIS MA 97 -53.52 -74.21 -52.85
N GLU MA 98 -53.00 -72.99 -52.78
CA GLU MA 98 -51.56 -72.79 -52.88
C GLU MA 98 -50.81 -73.25 -51.65
N GLU MA 99 -51.48 -73.37 -50.50
CA GLU MA 99 -50.80 -74.01 -49.39
C GLU MA 99 -50.66 -75.51 -49.59
N SER MA 100 -51.33 -76.07 -50.60
CA SER MA 100 -51.34 -77.50 -50.87
C SER MA 100 -50.53 -77.89 -52.10
N LEU MA 101 -50.51 -77.05 -53.13
CA LEU MA 101 -49.80 -77.40 -54.35
C LEU MA 101 -48.31 -77.49 -54.09
N LYS MA 102 -47.65 -78.44 -54.75
CA LYS MA 102 -46.28 -78.84 -54.43
C LYS MA 102 -45.45 -78.95 -55.70
N THR MA 103 -44.13 -79.03 -55.51
CA THR MA 103 -43.20 -79.07 -56.64
C THR MA 103 -43.12 -80.45 -57.27
N LYS MA 104 -42.83 -80.44 -58.58
CA LYS MA 104 -42.77 -81.68 -59.33
C LYS MA 104 -41.66 -82.58 -58.83
N LYS MA 105 -40.51 -82.00 -58.46
CA LYS MA 105 -39.39 -82.82 -58.01
C LYS MA 105 -39.75 -83.67 -56.80
N GLN MA 106 -40.29 -83.04 -55.75
CA GLN MA 106 -40.51 -83.84 -54.56
C GLN MA 106 -41.84 -84.58 -54.60
N GLN MA 107 -42.78 -84.21 -55.47
CA GLN MA 107 -43.91 -85.11 -55.66
C GLN MA 107 -43.47 -86.37 -56.43
N ARG MA 108 -42.52 -86.23 -57.35
CA ARG MA 108 -41.90 -87.39 -57.96
C ARG MA 108 -41.18 -88.24 -56.92
N LYS MA 109 -40.48 -87.59 -55.99
CA LYS MA 109 -39.83 -88.32 -54.91
C LYS MA 109 -40.86 -89.09 -54.08
N GLU MA 110 -41.98 -88.45 -53.77
CA GLU MA 110 -43.03 -89.11 -53.00
C GLU MA 110 -43.59 -90.32 -53.74
N ARG MA 111 -43.79 -90.21 -55.05
CA ARG MA 111 -44.36 -91.35 -55.75
C ARG MA 111 -43.33 -92.47 -55.96
N LEU MA 112 -42.05 -92.13 -56.08
CA LEU MA 112 -41.04 -93.18 -56.22
C LEU MA 112 -40.77 -93.89 -54.89
N TYR MA 113 -40.71 -93.16 -53.78
CA TYR MA 113 -40.43 -93.74 -52.47
C TYR MA 113 -41.54 -93.35 -51.50
N PRO MA 114 -42.67 -94.03 -51.56
CA PRO MA 114 -43.71 -93.81 -50.55
C PRO MA 114 -43.31 -94.40 -49.21
N LEU MA 115 -43.85 -93.83 -48.15
CA LEU MA 115 -43.59 -94.35 -46.81
C LEU MA 115 -44.34 -95.66 -46.61
N ARG MA 116 -43.64 -96.65 -46.06
CA ARG MA 116 -44.16 -98.00 -45.95
C ARG MA 116 -44.75 -98.23 -44.57
N LYS MA 117 -45.50 -99.34 -44.46
CA LYS MA 117 -46.11 -99.77 -43.20
C LYS MA 117 -45.55 -101.14 -42.87
N TYR MA 118 -44.76 -101.21 -41.79
CA TYR MA 118 -44.02 -102.42 -41.48
C TYR MA 118 -44.15 -102.75 -40.01
N ALA MA 119 -43.59 -103.91 -39.64
CA ALA MA 119 -43.48 -104.32 -38.25
C ALA MA 119 -42.28 -105.25 -38.13
N VAL MA 120 -41.78 -105.39 -36.90
CA VAL MA 120 -40.59 -106.18 -36.62
C VAL MA 120 -40.98 -107.28 -35.64
N LYS MA 121 -40.60 -108.51 -35.97
CA LYS MA 121 -40.83 -109.62 -35.06
C LYS MA 121 -40.05 -109.40 -33.76
N ALA MA 122 -40.64 -109.85 -32.65
CA ALA MA 122 -40.04 -109.66 -31.34
C ALA MA 122 -38.66 -110.32 -31.24
N ALA NA 1 9.98 -114.63 -27.15
CA ALA NA 1 9.99 -113.18 -27.11
C ALA NA 1 8.71 -112.60 -27.70
N LEU NA 2 7.58 -112.94 -27.10
CA LEU NA 2 6.30 -112.41 -27.56
C LEU NA 2 6.29 -110.89 -27.45
N ARG NA 3 5.68 -110.24 -28.44
CA ARG NA 3 5.59 -108.79 -28.50
C ARG NA 3 4.12 -108.40 -28.42
N TYR NA 4 3.75 -107.73 -27.37
CA TYR NA 4 2.36 -107.39 -27.17
C TYR NA 4 2.07 -105.97 -27.64
N PRO NA 5 0.87 -105.73 -28.16
CA PRO NA 5 0.48 -104.35 -28.50
C PRO NA 5 0.37 -103.50 -27.25
N MET NA 6 0.99 -102.33 -27.29
CA MET NA 6 1.09 -101.45 -26.13
C MET NA 6 0.32 -100.16 -26.37
N ALA NA 7 0.04 -99.45 -25.29
CA ALA NA 7 -0.63 -98.17 -25.36
C ALA NA 7 0.33 -97.01 -25.56
N VAL NA 8 1.63 -97.27 -25.55
CA VAL NA 8 2.66 -96.24 -25.75
C VAL NA 8 3.69 -96.78 -26.73
N GLY NA 9 4.47 -95.86 -27.29
CA GLY NA 9 5.55 -96.21 -28.18
C GLY NA 9 5.23 -95.85 -29.63
N LEU NA 10 6.20 -96.14 -30.50
CA LEU NA 10 6.06 -95.78 -31.90
C LEU NA 10 4.89 -96.51 -32.56
N ASN NA 11 4.75 -97.80 -32.27
CA ASN NA 11 3.64 -98.60 -32.79
C ASN NA 11 2.71 -98.88 -31.62
N LYS NA 12 1.63 -98.11 -31.54
CA LYS NA 12 0.73 -98.16 -30.40
C LYS NA 12 -0.71 -98.23 -30.88
N GLY NA 13 -1.57 -98.73 -30.01
CA GLY NA 13 -2.99 -98.77 -30.27
C GLY NA 13 -3.47 -100.17 -30.62
N HIS NA 14 -4.75 -100.42 -30.35
CA HIS NA 14 -5.38 -101.67 -30.71
C HIS NA 14 -5.29 -101.86 -32.22
N LYS NA 15 -4.88 -103.06 -32.64
CA LYS NA 15 -4.66 -103.35 -34.05
C LYS NA 15 -5.98 -103.75 -34.70
N VAL NA 16 -6.40 -102.98 -35.70
CA VAL NA 16 -7.57 -103.29 -36.51
C VAL NA 16 -7.14 -103.33 -37.97
N THR NA 17 -7.85 -104.12 -38.76
CA THR NA 17 -7.57 -104.20 -40.18
C THR NA 17 -8.24 -103.03 -40.90
N LYS NA 18 -7.47 -102.35 -41.76
CA LYS NA 18 -7.96 -101.17 -42.46
C LYS NA 18 -8.58 -101.59 -43.78
N ASN NA 19 -9.72 -100.98 -44.10
CA ASN NA 19 -10.40 -101.21 -45.37
C ASN NA 19 -10.19 -100.04 -46.29
N VAL NA 20 -9.99 -100.32 -47.58
CA VAL NA 20 -9.78 -99.29 -48.58
C VAL NA 20 -11.13 -98.89 -49.16
N SER NA 21 -11.30 -97.60 -49.39
CA SER NA 21 -12.53 -97.08 -49.97
C SER NA 21 -12.19 -95.87 -50.84
N LYS NA 22 -13.07 -95.58 -51.78
CA LYS NA 22 -12.90 -94.39 -52.60
C LYS NA 22 -12.99 -93.14 -51.71
N PRO NA 23 -12.14 -92.14 -51.94
CA PRO NA 23 -12.22 -90.92 -51.14
C PRO NA 23 -13.56 -90.21 -51.37
N ARG NA 24 -14.00 -89.50 -50.34
CA ARG NA 24 -15.27 -88.79 -50.43
C ARG NA 24 -15.18 -87.72 -51.51
N HIS NA 25 -16.32 -87.45 -52.15
CA HIS NA 25 -16.31 -86.52 -53.28
C HIS NA 25 -15.96 -85.11 -52.83
N SER NA 26 -16.38 -84.72 -51.63
CA SER NA 26 -16.09 -83.38 -51.15
C SER NA 26 -14.60 -83.11 -51.04
N ARG NA 27 -13.77 -84.14 -50.91
CA ARG NA 27 -12.32 -83.94 -50.84
C ARG NA 27 -11.75 -83.43 -52.16
N ARG NA 28 -12.49 -83.58 -53.26
CA ARG NA 28 -12.01 -83.18 -54.57
C ARG NA 28 -12.06 -81.67 -54.79
N ARG NA 29 -12.85 -80.94 -54.01
CA ARG NA 29 -13.08 -79.54 -54.29
C ARG NA 29 -11.78 -78.75 -54.26
N GLY NA 30 -11.67 -77.79 -55.17
CA GLY NA 30 -10.48 -76.99 -55.32
C GLY NA 30 -9.50 -77.52 -56.35
N ARG NA 31 -9.77 -78.68 -56.93
CA ARG NA 31 -8.87 -79.25 -57.93
C ARG NA 31 -9.17 -78.64 -59.29
N LEU NA 32 -8.12 -78.23 -60.00
CA LEU NA 32 -8.29 -77.54 -61.26
C LEU NA 32 -8.87 -78.46 -62.33
N THR NA 33 -9.69 -77.89 -63.20
CA THR NA 33 -10.23 -78.58 -64.36
C THR NA 33 -9.86 -77.80 -65.61
N LYS NA 34 -9.89 -78.49 -66.76
CA LYS NA 34 -9.39 -77.88 -67.99
C LYS NA 34 -10.24 -76.70 -68.42
N HIS NA 35 -11.57 -76.83 -68.32
CA HIS NA 35 -12.45 -75.74 -68.72
C HIS NA 35 -12.27 -74.53 -67.81
N THR NA 36 -12.18 -74.76 -66.50
CA THR NA 36 -11.99 -73.65 -65.57
C THR NA 36 -10.65 -72.97 -65.78
N LYS NA 37 -9.60 -73.75 -66.05
CA LYS NA 37 -8.30 -73.17 -66.37
C LYS NA 37 -8.36 -72.31 -67.62
N PHE NA 38 -9.08 -72.79 -68.64
CA PHE NA 38 -9.25 -72.01 -69.86
C PHE NA 38 -9.95 -70.69 -69.58
N VAL NA 39 -11.03 -70.74 -68.80
CA VAL NA 39 -11.73 -69.50 -68.45
C VAL NA 39 -10.81 -68.56 -67.70
N ARG NA 40 -10.02 -69.09 -66.76
CA ARG NA 40 -9.17 -68.25 -65.93
C ARG NA 40 -8.08 -67.58 -66.75
N ASP NA 41 -7.42 -68.32 -67.64
CA ASP NA 41 -6.34 -67.64 -68.37
C ASP NA 41 -6.89 -66.73 -69.46
N MET NA 42 -8.08 -66.99 -70.00
CA MET NA 42 -8.70 -65.99 -70.87
C MET NA 42 -8.99 -64.70 -70.12
N ILE NA 43 -9.61 -64.81 -68.94
CA ILE NA 43 -9.89 -63.60 -68.16
C ILE NA 43 -8.59 -62.90 -67.80
N ARG NA 44 -7.55 -63.67 -67.49
CA ARG NA 44 -6.26 -63.08 -67.16
C ARG NA 44 -5.69 -62.29 -68.32
N GLU NA 45 -5.73 -62.86 -69.53
CA GLU NA 45 -5.15 -62.15 -70.66
C GLU NA 45 -6.02 -60.96 -71.07
N VAL NA 46 -7.32 -61.01 -70.79
CA VAL NA 46 -8.17 -59.84 -71.04
C VAL NA 46 -7.85 -58.73 -70.06
N CYS NA 47 -7.70 -59.07 -68.78
CA CYS NA 47 -7.68 -58.05 -67.72
C CYS NA 47 -6.30 -57.52 -67.42
N GLY NA 48 -5.26 -58.34 -67.51
CA GLY NA 48 -3.92 -57.88 -67.19
C GLY NA 48 -3.55 -58.17 -65.74
N PHE NA 49 -2.56 -57.42 -65.26
CA PHE NA 49 -1.94 -57.64 -63.96
C PHE NA 49 -2.15 -56.43 -63.07
N ALA NA 50 -2.24 -56.70 -61.76
CA ALA NA 50 -2.41 -55.65 -60.76
C ALA NA 50 -1.11 -54.89 -60.57
N PRO NA 51 -1.19 -53.63 -60.10
CA PRO NA 51 0.03 -52.83 -59.94
C PRO NA 51 1.09 -53.45 -59.04
N TYR NA 52 0.69 -54.08 -57.93
CA TYR NA 52 1.67 -54.71 -57.07
C TYR NA 52 2.30 -55.91 -57.76
N GLU NA 53 1.52 -56.64 -58.57
CA GLU NA 53 2.09 -57.72 -59.36
C GLU NA 53 3.09 -57.19 -60.38
N ARG NA 54 2.80 -56.05 -60.99
CA ARG NA 54 3.73 -55.47 -61.95
C ARG NA 54 5.04 -55.06 -61.28
N ARG NA 55 4.95 -54.44 -60.10
CA ARG NA 55 6.15 -54.08 -59.37
C ARG NA 55 6.93 -55.33 -58.97
N ALA NA 56 6.24 -56.38 -58.54
CA ALA NA 56 6.91 -57.63 -58.20
C ALA NA 56 7.60 -58.24 -59.40
N MET NA 57 6.95 -58.21 -60.57
CA MET NA 57 7.56 -58.79 -61.76
C MET NA 57 8.79 -58.00 -62.21
N GLU NA 58 8.76 -56.67 -62.08
CA GLU NA 58 9.97 -55.94 -62.45
C GLU NA 58 11.08 -56.16 -61.41
N LEU NA 59 10.70 -56.40 -60.16
CA LEU NA 59 11.69 -56.82 -59.16
C LEU NA 59 12.32 -58.15 -59.55
N LEU NA 60 11.51 -59.09 -60.03
CA LEU NA 60 12.07 -60.36 -60.49
C LEU NA 60 12.93 -60.19 -61.73
N LYS NA 61 12.56 -59.26 -62.62
CA LYS NA 61 13.39 -59.00 -63.79
C LYS NA 61 14.75 -58.46 -63.39
N VAL NA 62 14.80 -57.52 -62.44
CA VAL NA 62 16.09 -57.08 -61.92
C VAL NA 62 16.71 -58.13 -61.01
N SER NA 63 15.96 -59.21 -60.72
CA SER NA 63 16.48 -60.39 -60.03
C SER NA 63 16.88 -60.07 -58.59
N LYS NA 64 15.94 -59.54 -57.83
CA LYS NA 64 16.06 -59.36 -56.39
C LYS NA 64 14.96 -60.21 -55.75
N ASP NA 65 15.26 -61.49 -55.56
CA ASP NA 65 14.23 -62.43 -55.13
C ASP NA 65 13.82 -62.20 -53.69
N LYS NA 66 14.76 -61.88 -52.81
CA LYS NA 66 14.41 -61.65 -51.41
C LYS NA 66 13.52 -60.42 -51.27
N ARG NA 67 13.89 -59.33 -51.93
CA ARG NA 67 13.07 -58.12 -51.86
C ARG NA 67 11.72 -58.34 -52.50
N ALA NA 68 11.68 -59.08 -53.61
CA ALA NA 68 10.41 -59.40 -54.24
C ALA NA 68 9.51 -60.18 -53.29
N LEU NA 69 10.07 -61.20 -52.63
CA LEU NA 69 9.28 -61.99 -51.69
C LEU NA 69 8.78 -61.15 -50.53
N LYS NA 70 9.64 -60.28 -49.99
CA LYS NA 70 9.20 -59.43 -48.89
C LYS NA 70 8.08 -58.50 -49.31
N PHE NA 71 8.17 -57.94 -50.52
CA PHE NA 71 7.11 -57.07 -51.02
C PHE NA 71 5.80 -57.84 -51.19
N ILE NA 72 5.86 -59.01 -51.82
CA ILE NA 72 4.64 -59.78 -52.03
C ILE NA 72 4.05 -60.23 -50.70
N LYS NA 73 4.90 -60.55 -49.73
CA LYS NA 73 4.39 -60.93 -48.41
C LYS NA 73 3.71 -59.76 -47.72
N LYS NA 74 4.31 -58.57 -47.80
CA LYS NA 74 3.71 -57.41 -47.17
C LYS NA 74 2.39 -57.04 -47.84
N ARG NA 75 2.24 -57.34 -49.13
CA ARG NA 75 1.00 -57.01 -49.82
C ARG NA 75 -0.08 -58.09 -49.69
N VAL NA 76 0.30 -59.36 -49.60
CA VAL NA 76 -0.67 -60.46 -49.57
C VAL NA 76 -0.96 -60.91 -48.15
N GLY NA 77 0.07 -61.18 -47.36
CA GLY NA 77 -0.13 -61.43 -45.95
C GLY NA 77 0.63 -62.58 -45.31
N THR NA 78 0.85 -63.67 -46.03
CA THR NA 78 1.46 -64.86 -45.44
C THR NA 78 2.58 -65.39 -46.34
N HIS NA 79 3.51 -66.09 -45.70
CA HIS NA 79 4.68 -66.60 -46.41
C HIS NA 79 4.30 -67.61 -47.49
N ILE NA 80 3.36 -68.51 -47.19
CA ILE NA 80 3.01 -69.55 -48.15
C ILE NA 80 2.32 -68.94 -49.37
N ARG NA 81 1.40 -68.01 -49.16
CA ARG NA 81 0.74 -67.34 -50.28
C ARG NA 81 1.73 -66.51 -51.07
N ALA NA 82 2.65 -65.84 -50.39
CA ALA NA 82 3.68 -65.07 -51.09
C ALA NA 82 4.56 -65.99 -51.94
N LYS NA 83 4.90 -67.17 -51.43
CA LYS NA 83 5.71 -68.11 -52.20
C LYS NA 83 4.96 -68.59 -53.44
N ARG NA 84 3.69 -68.93 -53.28
CA ARG NA 84 2.92 -69.36 -54.44
C ARG NA 84 2.81 -68.25 -55.47
N LYS NA 85 2.60 -67.01 -55.01
CA LYS NA 85 2.48 -65.89 -55.93
C LYS NA 85 3.80 -65.62 -56.64
N ARG NA 86 4.93 -65.69 -55.93
CA ARG NA 86 6.21 -65.42 -56.57
C ARG NA 86 6.54 -66.50 -57.59
N GLU NA 87 6.24 -67.76 -57.29
CA GLU NA 87 6.53 -68.80 -58.28
C GLU NA 87 5.63 -68.65 -59.51
N GLU NA 88 4.36 -68.29 -59.31
CA GLU NA 88 3.48 -68.06 -60.46
C GLU NA 88 3.99 -66.89 -61.30
N LEU NA 89 4.42 -65.81 -60.66
CA LEU NA 89 4.90 -64.65 -61.41
C LEU NA 89 6.22 -64.95 -62.11
N SER NA 90 7.08 -65.76 -61.49
CA SER NA 90 8.29 -66.19 -62.18
C SER NA 90 7.95 -67.03 -63.40
N SER NA 91 6.94 -67.89 -63.30
CA SER NA 91 6.53 -68.69 -64.44
C SER NA 91 6.04 -67.81 -65.59
N VAL NA 92 5.20 -66.82 -65.28
CA VAL NA 92 4.70 -65.98 -66.37
C VAL NA 92 5.81 -65.10 -66.93
N LEU NA 93 6.77 -64.69 -66.09
CA LEU NA 93 7.91 -63.94 -66.59
C LEU NA 93 8.74 -64.78 -67.56
N ALA NA 94 8.98 -66.04 -67.22
CA ALA NA 94 9.71 -66.93 -68.13
C ALA NA 94 8.92 -67.16 -69.41
N ALA NA 95 7.60 -67.26 -69.31
CA ALA NA 95 6.77 -67.41 -70.51
C ALA NA 95 6.90 -66.21 -71.42
N MET NA 96 6.81 -65.00 -70.85
CA MET NA 96 6.99 -63.81 -71.66
C MET NA 96 8.39 -63.74 -72.26
N ARG NA 97 9.40 -64.20 -71.51
CA ARG NA 97 10.76 -64.18 -72.03
C ARG NA 97 10.88 -65.09 -73.25
N LYS NA 98 10.33 -66.31 -73.18
CA LYS NA 98 10.46 -67.18 -74.34
C LYS NA 98 9.63 -66.67 -75.51
N ALA NA 99 8.47 -66.06 -75.23
CA ALA NA 99 7.67 -65.48 -76.31
C ALA NA 99 8.43 -64.35 -77.01
N ALA NA 100 9.08 -63.49 -76.22
CA ALA NA 100 9.87 -62.41 -76.81
C ALA NA 100 11.06 -62.96 -77.60
N ALA NA 101 11.69 -64.02 -77.09
CA ALA NA 101 12.81 -64.63 -77.80
C ALA NA 101 12.35 -65.21 -79.14
N LYS NA 102 11.19 -65.86 -79.15
CA LYS NA 102 10.65 -66.42 -80.38
C LYS NA 102 9.13 -66.58 -80.29
N THR OA 1 -42.32 -11.65 -1.61
CA THR OA 1 -43.02 -11.71 -2.89
C THR OA 1 -42.76 -13.05 -3.58
N LYS OA 2 -42.03 -13.93 -2.88
CA LYS OA 2 -41.63 -15.20 -3.45
C LYS OA 2 -42.79 -16.19 -3.50
N GLY OA 3 -43.73 -16.08 -2.57
CA GLY OA 3 -44.84 -17.00 -2.47
C GLY OA 3 -46.22 -16.42 -2.73
N THR OA 4 -46.92 -16.10 -1.64
CA THR OA 4 -48.35 -15.81 -1.69
C THR OA 4 -48.69 -14.71 -2.70
N SER OA 5 -47.86 -13.68 -2.79
CA SER OA 5 -48.19 -12.59 -3.71
C SER OA 5 -47.83 -12.90 -5.14
N SER OA 6 -46.97 -13.89 -5.38
CA SER OA 6 -46.71 -14.33 -6.74
C SER OA 6 -47.66 -15.41 -7.21
N PHE OA 7 -48.33 -16.10 -6.29
CA PHE OA 7 -49.38 -17.03 -6.68
C PHE OA 7 -50.57 -16.33 -7.30
N GLY OA 8 -50.67 -15.00 -7.17
CA GLY OA 8 -51.81 -14.29 -7.71
C GLY OA 8 -51.72 -14.00 -9.20
N LYS OA 9 -50.53 -14.06 -9.78
CA LYS OA 9 -50.37 -13.80 -11.20
C LYS OA 9 -50.67 -15.00 -12.07
N ARG OA 10 -50.91 -16.15 -11.49
CA ARG OA 10 -51.23 -17.36 -12.26
C ARG OA 10 -52.64 -17.22 -12.82
N ARG OA 11 -52.75 -16.81 -14.08
CA ARG OA 11 -54.06 -16.62 -14.68
C ARG OA 11 -54.20 -17.11 -16.12
N ASN OA 12 -53.14 -17.63 -16.74
CA ASN OA 12 -53.25 -18.23 -18.07
C ASN OA 12 -52.57 -19.58 -18.07
N LYS OA 13 -53.17 -20.54 -18.76
CA LYS OA 13 -52.80 -21.95 -18.61
C LYS OA 13 -51.85 -22.40 -19.72
N THR OA 14 -50.98 -23.35 -19.37
CA THR OA 14 -49.99 -23.88 -20.28
C THR OA 14 -50.38 -25.21 -20.91
N HIS OA 15 -51.40 -25.88 -20.38
CA HIS OA 15 -51.83 -27.17 -20.89
C HIS OA 15 -53.32 -27.15 -21.19
N THR OA 16 -53.73 -28.00 -22.12
CA THR OA 16 -55.14 -28.20 -22.43
C THR OA 16 -55.37 -29.68 -22.69
N LEU OA 17 -56.61 -30.04 -22.97
CA LEU OA 17 -56.95 -31.43 -23.24
C LEU OA 17 -56.56 -31.81 -24.66
N CYS OA 18 -56.05 -33.02 -24.82
CA CYS OA 18 -55.57 -33.51 -26.11
C CYS OA 18 -56.52 -34.56 -26.68
N ARG OA 19 -56.36 -34.85 -27.97
CA ARG OA 19 -57.34 -35.63 -28.69
C ARG OA 19 -57.13 -37.14 -28.57
N ARG OA 20 -55.90 -37.61 -28.31
CA ARG OA 20 -55.72 -39.05 -28.14
C ARG OA 20 -56.22 -39.54 -26.78
N CYS OA 21 -55.59 -39.08 -25.71
CA CYS OA 21 -55.83 -39.65 -24.39
C CYS OA 21 -56.74 -38.81 -23.52
N GLY OA 22 -57.11 -37.62 -23.95
CA GLY OA 22 -58.07 -36.83 -23.20
C GLY OA 22 -57.59 -36.29 -21.89
N SER OA 23 -56.30 -36.41 -21.57
CA SER OA 23 -55.78 -35.83 -20.36
C SER OA 23 -55.37 -34.38 -20.60
N LYS OA 24 -55.30 -33.62 -19.51
CA LYS OA 24 -54.95 -32.21 -19.58
C LYS OA 24 -53.43 -32.07 -19.50
N ALA OA 25 -52.78 -32.51 -20.58
CA ALA OA 25 -51.33 -32.47 -20.63
C ALA OA 25 -50.79 -31.98 -21.97
N TYR OA 26 -51.65 -31.46 -22.85
CA TYR OA 26 -51.21 -31.02 -24.17
C TYR OA 26 -50.61 -29.63 -24.06
N HIS OA 27 -49.27 -29.57 -24.06
CA HIS OA 27 -48.58 -28.29 -24.04
C HIS OA 27 -48.96 -27.48 -25.27
N LEU OA 28 -49.24 -26.20 -25.07
CA LEU OA 28 -49.80 -25.39 -26.14
C LEU OA 28 -48.74 -24.75 -27.02
N GLN OA 29 -47.59 -24.37 -26.45
CA GLN OA 29 -46.53 -23.79 -27.27
C GLN OA 29 -45.68 -24.89 -27.92
N LYS OA 30 -45.42 -25.98 -27.20
CA LYS OA 30 -44.78 -27.13 -27.83
C LYS OA 30 -45.72 -27.81 -28.82
N SER OA 31 -47.03 -27.71 -28.57
CA SER OA 31 -48.04 -28.40 -29.38
C SER OA 31 -47.82 -29.92 -29.37
N THR OA 32 -47.44 -30.44 -28.21
CA THR OA 32 -47.30 -31.88 -28.00
C THR OA 32 -47.94 -32.24 -26.66
N CYS OA 33 -48.29 -33.52 -26.51
CA CYS OA 33 -48.86 -34.02 -25.28
C CYS OA 33 -47.75 -34.59 -24.39
N GLY OA 34 -47.73 -34.18 -23.13
CA GLY OA 34 -46.73 -34.66 -22.21
C GLY OA 34 -46.94 -36.08 -21.73
N LYS OA 35 -48.14 -36.64 -21.95
CA LYS OA 35 -48.45 -37.99 -21.50
C LYS OA 35 -48.36 -39.02 -22.63
N CYS OA 36 -48.78 -38.68 -23.84
CA CYS OA 36 -48.79 -39.63 -24.94
C CYS OA 36 -47.99 -39.16 -26.15
N GLY OA 37 -47.49 -37.92 -26.15
CA GLY OA 37 -46.80 -37.40 -27.31
C GLY OA 37 -47.67 -37.43 -28.56
N TYR OA 38 -48.77 -36.67 -28.53
CA TYR OA 38 -49.80 -36.83 -29.55
C TYR OA 38 -49.30 -36.63 -30.98
N PRO OA 39 -48.55 -35.58 -31.33
CA PRO OA 39 -48.15 -35.43 -32.74
C PRO OA 39 -47.33 -36.59 -33.25
N ALA OA 40 -46.54 -37.23 -32.39
CA ALA OA 40 -45.82 -38.42 -32.79
C ALA OA 40 -46.81 -39.55 -33.06
N LYS OA 41 -46.46 -40.39 -34.04
CA LYS OA 41 -47.33 -41.50 -34.39
C LYS OA 41 -47.43 -42.52 -33.24
N ARG OA 42 -46.31 -42.79 -32.59
CA ARG OA 42 -46.26 -43.83 -31.57
C ARG OA 42 -46.63 -43.29 -30.19
N LYS OA 43 -47.25 -44.16 -29.40
CA LYS OA 43 -47.63 -43.82 -28.04
C LYS OA 43 -46.40 -43.62 -27.16
N ARG OA 44 -46.43 -42.58 -26.33
CA ARG OA 44 -45.37 -42.36 -25.36
C ARG OA 44 -45.55 -43.34 -24.21
N LYS OA 45 -44.50 -44.11 -23.91
CA LYS OA 45 -44.60 -45.19 -22.96
C LYS OA 45 -43.20 -45.59 -22.54
N TYR OA 46 -43.01 -45.80 -21.24
CA TYR OA 46 -41.68 -46.07 -20.70
C TYR OA 46 -41.75 -47.20 -19.70
N ASN OA 47 -40.62 -47.89 -19.54
CA ASN OA 47 -40.53 -49.03 -18.64
C ASN OA 47 -40.07 -48.66 -17.25
N TRP OA 48 -39.78 -47.39 -16.98
CA TRP OA 48 -39.45 -46.96 -15.64
C TRP OA 48 -40.68 -46.51 -14.86
N SER OA 49 -41.88 -46.69 -15.41
CA SER OA 49 -43.11 -46.37 -14.70
C SER OA 49 -44.12 -47.50 -14.96
N ALA OA 50 -44.06 -48.53 -14.12
CA ALA OA 50 -45.02 -49.62 -14.20
C ALA OA 50 -46.43 -49.13 -13.91
N LYS OA 51 -46.57 -48.22 -12.95
CA LYS OA 51 -47.88 -47.65 -12.67
C LYS OA 51 -48.43 -46.91 -13.88
N ALA OA 52 -47.59 -46.14 -14.56
CA ALA OA 52 -48.07 -45.43 -15.75
C ALA OA 52 -48.46 -46.39 -16.85
N LYS OA 53 -47.74 -47.51 -16.99
CA LYS OA 53 -48.15 -48.53 -17.95
C LYS OA 53 -49.50 -49.13 -17.57
N ARG OA 54 -49.72 -49.35 -16.27
CA ARG OA 54 -50.98 -49.96 -15.83
C ARG OA 54 -52.16 -49.00 -15.94
N ARG OA 55 -51.92 -47.69 -15.84
CA ARG OA 55 -53.05 -46.77 -15.76
C ARG OA 55 -53.86 -46.73 -17.05
N ASN OA 56 -53.23 -46.94 -18.21
CA ASN OA 56 -53.96 -47.05 -19.47
C ASN OA 56 -53.27 -48.10 -20.33
N THR OA 57 -53.91 -49.26 -20.45
CA THR OA 57 -53.40 -50.35 -21.25
C THR OA 57 -54.58 -51.10 -21.85
N THR OA 58 -54.32 -52.29 -22.39
CA THR OA 58 -55.34 -52.99 -23.18
C THR OA 58 -56.52 -53.42 -22.32
N GLY OA 59 -56.29 -53.81 -21.08
CA GLY OA 59 -57.40 -54.28 -20.27
C GLY OA 59 -58.22 -53.19 -19.59
N THR OA 60 -57.92 -51.93 -19.85
CA THR OA 60 -58.49 -50.82 -19.09
C THR OA 60 -59.78 -50.29 -19.68
N GLY OA 61 -59.85 -50.12 -21.00
CA GLY OA 61 -61.00 -49.47 -21.62
C GLY OA 61 -62.19 -50.37 -21.84
N ARG OA 62 -62.80 -50.27 -23.03
CA ARG OA 62 -64.06 -50.93 -23.32
C ARG OA 62 -63.90 -52.28 -24.02
N MET OA 63 -62.78 -52.51 -24.70
CA MET OA 63 -62.54 -53.78 -25.40
C MET OA 63 -63.58 -54.03 -26.50
N ARG OA 64 -64.05 -52.93 -27.13
CA ARG OA 64 -65.23 -53.01 -27.98
C ARG OA 64 -65.10 -54.07 -29.06
N HIS OA 65 -63.94 -54.16 -29.70
CA HIS OA 65 -63.70 -55.16 -30.73
C HIS OA 65 -63.01 -56.40 -30.19
N LEU OA 66 -62.14 -56.24 -29.20
CA LEU OA 66 -61.29 -57.34 -28.76
C LEU OA 66 -62.08 -58.39 -27.99
N LYS OA 67 -63.04 -57.97 -27.17
CA LYS OA 67 -63.81 -58.98 -26.44
C LYS OA 67 -64.71 -59.78 -27.39
N ILE OA 68 -65.23 -59.13 -28.43
CA ILE OA 68 -65.97 -59.85 -29.45
C ILE OA 68 -65.04 -60.81 -30.19
N VAL OA 69 -63.80 -60.39 -30.43
CA VAL OA 69 -62.82 -61.29 -31.06
C VAL OA 69 -62.61 -62.52 -30.19
N TYR OA 70 -62.52 -62.34 -28.87
CA TYR OA 70 -62.38 -63.48 -27.97
C TYR OA 70 -63.58 -64.41 -28.08
N ARG OA 71 -64.78 -63.84 -28.00
CA ARG OA 71 -66.00 -64.64 -28.06
C ARG OA 71 -66.13 -65.38 -29.38
N ARG OA 72 -65.57 -64.82 -30.45
CA ARG OA 72 -65.60 -65.49 -31.75
C ARG OA 72 -64.52 -66.56 -31.87
N PHE OA 73 -63.35 -66.30 -31.29
CA PHE OA 73 -62.29 -67.31 -31.31
C PHE OA 73 -62.72 -68.56 -30.56
N ARG OA 74 -63.53 -68.42 -29.52
CA ARG OA 74 -63.98 -69.63 -28.82
C ARG OA 74 -64.80 -70.54 -29.71
N HIS OA 75 -65.30 -70.07 -30.86
CA HIS OA 75 -66.02 -70.93 -31.79
C HIS OA 75 -65.31 -71.08 -33.14
N GLY OA 76 -64.21 -70.36 -33.37
CA GLY OA 76 -63.43 -70.56 -34.57
C GLY OA 76 -63.71 -69.60 -35.70
N PHE OA 77 -64.32 -68.45 -35.42
CA PHE OA 77 -64.59 -67.42 -36.42
C PHE OA 77 -65.52 -67.94 -37.52
N ARG OA 78 -66.68 -68.42 -37.07
CA ARG OA 78 -67.72 -68.84 -38.00
C ARG OA 78 -68.29 -67.64 -38.75
N GLU OA 79 -68.67 -67.86 -40.00
CA GLU OA 79 -69.28 -66.81 -40.81
C GLU OA 79 -70.25 -67.44 -41.80
N GLY OA 80 -71.13 -66.60 -42.33
CA GLY OA 80 -72.03 -67.01 -43.40
C GLY OA 80 -73.22 -67.83 -42.98
N THR OA 81 -73.01 -68.84 -42.15
CA THR OA 81 -74.07 -69.74 -41.75
C THR OA 81 -74.80 -69.17 -40.53
N THR OA 82 -75.98 -69.73 -40.29
CA THR OA 82 -76.83 -69.41 -39.15
C THR OA 82 -77.27 -70.73 -38.51
N PRO OA 83 -77.67 -70.71 -37.25
CA PRO OA 83 -78.17 -71.94 -36.62
C PRO OA 83 -79.38 -72.47 -37.36
N LYS OA 84 -79.60 -73.77 -37.20
CA LYS OA 84 -80.65 -74.44 -37.96
C LYS OA 84 -82.01 -73.81 -37.67
N PRO OA 85 -82.76 -73.44 -38.70
CA PRO OA 85 -84.05 -72.78 -38.45
C PRO OA 85 -85.03 -73.70 -37.75
N LYS OA 86 -85.89 -73.09 -36.93
CA LYS OA 86 -86.87 -73.84 -36.15
C LYS OA 86 -88.01 -74.34 -37.04
N PRO PA 1 -84.33 7.18 -45.75
CA PRO PA 1 -85.56 7.93 -46.04
C PRO PA 1 -85.29 9.02 -47.07
N ARG PA 2 -86.27 9.28 -47.94
CA ARG PA 2 -86.11 10.28 -48.99
C ARG PA 2 -87.25 11.28 -48.92
N LYS PA 3 -86.94 12.52 -49.29
CA LYS PA 3 -87.91 13.59 -49.36
C LYS PA 3 -88.16 13.93 -50.82
N ILE PA 4 -89.43 13.86 -51.24
CA ILE PA 4 -89.83 14.22 -52.58
C ILE PA 4 -90.39 15.63 -52.53
N GLU PA 5 -89.84 16.52 -53.35
CA GLU PA 5 -90.25 17.91 -53.35
C GLU PA 5 -91.33 18.24 -54.37
N GLU PA 6 -91.56 17.36 -55.34
CA GLU PA 6 -92.57 17.57 -56.36
C GLU PA 6 -93.76 16.63 -56.08
N ILE PA 7 -94.86 16.85 -56.79
CA ILE PA 7 -96.11 16.15 -56.54
C ILE PA 7 -96.33 15.01 -57.53
N LYS PA 8 -96.13 15.27 -58.83
CA LYS PA 8 -96.43 14.25 -59.83
C LYS PA 8 -95.43 13.10 -59.77
N ASP PA 9 -94.17 13.37 -59.43
CA ASP PA 9 -93.21 12.30 -59.24
C ASP PA 9 -93.55 11.46 -58.01
N PHE PA 10 -94.06 12.10 -56.95
CA PHE PA 10 -94.56 11.34 -55.81
C PHE PA 10 -95.75 10.49 -56.22
N LEU PA 11 -96.59 11.00 -57.12
CA LEU PA 11 -97.71 10.20 -57.63
C LEU PA 11 -97.21 9.00 -58.40
N LEU PA 12 -96.18 9.19 -59.23
CA LEU PA 12 -95.54 8.05 -59.89
C LEU PA 12 -95.02 7.04 -58.87
N THR PA 13 -94.32 7.52 -57.83
CA THR PA 13 -93.81 6.62 -56.81
C THR PA 13 -94.94 5.86 -56.13
N ALA PA 14 -96.09 6.51 -55.91
CA ALA PA 14 -97.24 5.82 -55.34
C ALA PA 14 -97.75 4.74 -56.29
N ARG PA 15 -97.77 5.03 -57.59
CA ARG PA 15 -98.22 4.00 -58.54
C ARG PA 15 -97.18 2.92 -58.77
N ARG PA 16 -95.96 3.07 -58.25
CA ARG PA 16 -94.98 2.00 -58.35
C ARG PA 16 -95.51 0.71 -57.74
N LYS PA 17 -94.97 -0.41 -58.22
CA LYS PA 17 -95.47 -1.72 -57.82
C LYS PA 17 -95.03 -2.12 -56.41
N ASP PA 18 -93.87 -1.64 -55.97
CA ASP PA 18 -93.37 -2.00 -54.65
C ASP PA 18 -94.06 -1.25 -53.53
N ALA PA 19 -94.81 -0.19 -53.84
CA ALA PA 19 -95.49 0.58 -52.81
C ALA PA 19 -96.47 -0.30 -52.05
N LYS PA 20 -96.23 -0.47 -50.75
CA LYS PA 20 -97.11 -1.29 -49.93
C LYS PA 20 -98.24 -0.47 -49.32
N SER PA 21 -97.96 0.75 -48.85
CA SER PA 21 -98.99 1.55 -48.22
C SER PA 21 -98.59 3.02 -48.25
N VAL PA 22 -99.59 3.87 -48.04
CA VAL PA 22 -99.40 5.30 -47.87
C VAL PA 22 -100.02 5.69 -46.53
N LYS PA 23 -99.28 6.47 -45.75
CA LYS PA 23 -99.77 6.94 -44.47
C LYS PA 23 -99.70 8.46 -44.44
N ILE PA 24 -100.76 9.06 -43.90
CA ILE PA 24 -100.95 10.51 -43.91
C ILE PA 24 -100.78 11.03 -42.50
N LYS PA 25 -99.82 11.94 -42.33
CA LYS PA 25 -99.56 12.60 -41.07
C LYS PA 25 -100.07 14.03 -41.14
N LYS PA 26 -100.92 14.41 -40.18
CA LYS PA 26 -101.54 15.73 -40.12
C LYS PA 26 -101.06 16.42 -38.85
N ASN PA 27 -100.00 17.21 -38.97
CA ASN PA 27 -99.50 18.03 -37.88
C ASN PA 27 -99.69 19.51 -38.22
N LYS PA 28 -99.65 20.35 -37.19
CA LYS PA 28 -99.91 21.76 -37.39
C LYS PA 28 -98.89 22.36 -38.34
N ASP PA 29 -99.37 23.20 -39.26
CA ASP PA 29 -98.60 23.89 -40.28
C ASP PA 29 -98.18 22.98 -41.44
N ASN PA 30 -98.52 21.69 -41.41
CA ASN PA 30 -97.91 20.78 -42.36
C ASN PA 30 -98.82 19.58 -42.62
N VAL PA 31 -98.65 18.97 -43.80
CA VAL PA 31 -99.25 17.69 -44.11
C VAL PA 31 -98.19 16.83 -44.80
N LYS PA 32 -98.00 15.60 -44.33
CA LYS PA 32 -97.00 14.71 -44.87
C LYS PA 32 -97.65 13.44 -45.40
N PHE PA 33 -97.21 13.02 -46.60
CA PHE PA 33 -97.63 11.76 -47.20
C PHE PA 33 -96.41 10.85 -47.27
N LYS PA 34 -96.52 9.67 -46.68
CA LYS PA 34 -95.40 8.74 -46.57
C LYS PA 34 -95.76 7.48 -47.34
N VAL PA 35 -95.00 7.18 -48.39
CA VAL PA 35 -95.19 5.94 -49.13
C VAL PA 35 -94.08 4.99 -48.73
N ARG PA 36 -94.46 3.73 -48.48
CA ARG PA 36 -93.52 2.69 -48.07
C ARG PA 36 -93.21 1.84 -49.29
N CYS PA 37 -92.07 2.09 -49.91
CA CYS PA 37 -91.60 1.27 -51.01
C CYS PA 37 -90.73 0.15 -50.47
N SER PA 38 -90.04 -0.57 -51.36
CA SER PA 38 -89.25 -1.71 -50.93
C SER PA 38 -88.02 -1.27 -50.15
N ARG PA 39 -87.35 -0.21 -50.60
CA ARG PA 39 -86.07 0.19 -50.02
C ARG PA 39 -86.14 1.46 -49.19
N TYR PA 40 -86.91 2.45 -49.63
CA TYR PA 40 -86.96 3.74 -48.95
C TYR PA 40 -88.38 4.09 -48.58
N LEU PA 41 -88.49 4.97 -47.59
CA LEU PA 41 -89.74 5.63 -47.25
C LEU PA 41 -89.70 7.02 -47.85
N TYR PA 42 -90.68 7.33 -48.70
CA TYR PA 42 -90.70 8.60 -49.42
C TYR PA 42 -91.72 9.52 -48.77
N THR PA 43 -91.27 10.72 -48.40
CA THR PA 43 -92.13 11.69 -47.75
C THR PA 43 -92.34 12.89 -48.67
N LEU PA 44 -93.60 13.23 -48.90
CA LEU PA 44 -93.99 14.44 -49.59
C LEU PA 44 -94.61 15.39 -48.58
N VAL PA 45 -94.02 16.57 -48.44
CA VAL PA 45 -94.42 17.56 -47.44
C VAL PA 45 -95.07 18.74 -48.15
N ILE PA 46 -96.30 19.08 -47.76
CA ILE PA 46 -97.02 20.20 -48.35
C ILE PA 46 -97.77 20.97 -47.26
N THR PA 47 -97.84 22.28 -47.42
CA THR PA 47 -98.34 23.17 -46.38
C THR PA 47 -99.74 23.70 -46.65
N ASP PA 48 -100.42 23.22 -47.69
CA ASP PA 48 -101.74 23.69 -48.05
C ASP PA 48 -102.77 22.59 -47.85
N LYS PA 49 -103.84 22.92 -47.12
CA LYS PA 49 -104.78 21.89 -46.68
C LYS PA 49 -105.65 21.39 -47.83
N GLU PA 50 -106.13 22.29 -48.69
CA GLU PA 50 -106.98 21.84 -49.80
C GLU PA 50 -106.17 21.11 -50.87
N LYS PA 51 -104.92 21.54 -51.10
CA LYS PA 51 -104.02 20.74 -51.91
C LYS PA 51 -103.83 19.36 -51.31
N ALA PA 52 -103.66 19.29 -49.98
CA ALA PA 52 -103.48 18.00 -49.32
C ALA PA 52 -104.69 17.09 -49.55
N GLU PA 53 -105.89 17.63 -49.39
CA GLU PA 53 -107.07 16.77 -49.53
C GLU PA 53 -107.31 16.37 -50.98
N LYS PA 54 -107.05 17.27 -51.95
CA LYS PA 54 -107.23 16.85 -53.34
C LYS PA 54 -106.21 15.81 -53.72
N LEU PA 55 -104.98 15.91 -53.20
CA LEU PA 55 -104.00 14.86 -53.41
C LEU PA 55 -104.46 13.55 -52.77
N LYS PA 56 -105.08 13.65 -51.59
CA LYS PA 56 -105.58 12.45 -50.91
C LYS PA 56 -106.61 11.72 -51.75
N GLN PA 57 -107.55 12.46 -52.35
CA GLN PA 57 -108.48 11.81 -53.28
C GLN PA 57 -107.77 11.32 -54.54
N SER PA 58 -106.77 12.06 -55.01
CA SER PA 58 -106.06 11.69 -56.23
C SER PA 58 -105.15 10.49 -56.05
N LEU PA 59 -104.95 10.04 -54.81
CA LEU PA 59 -104.12 8.86 -54.58
C LEU PA 59 -104.75 7.63 -55.26
N PRO PA 60 -103.94 6.66 -55.66
CA PRO PA 60 -104.47 5.51 -56.36
C PRO PA 60 -105.41 4.73 -55.47
N PRO PA 61 -106.40 4.05 -56.05
CA PRO PA 61 -107.44 3.40 -55.24
C PRO PA 61 -106.99 2.09 -54.60
N GLY PA 62 -106.14 1.34 -55.30
CA GLY PA 62 -105.75 0.03 -54.86
C GLY PA 62 -104.65 -0.04 -53.83
N LEU PA 63 -104.16 1.11 -53.36
CA LEU PA 63 -103.06 1.16 -52.41
C LEU PA 63 -103.60 1.56 -51.05
N ALA PA 64 -103.21 0.82 -50.01
CA ALA PA 64 -103.77 0.99 -48.68
C ALA PA 64 -103.40 2.35 -48.12
N VAL PA 65 -104.40 3.21 -47.91
CA VAL PA 65 -104.21 4.53 -47.32
C VAL PA 65 -104.60 4.48 -45.85
N LYS PA 66 -103.76 5.10 -45.01
CA LYS PA 66 -103.98 5.09 -43.57
C LYS PA 66 -103.57 6.45 -43.02
N GLU PA 67 -104.55 7.21 -42.52
CA GLU PA 67 -104.26 8.44 -41.82
C GLU PA 67 -103.97 8.12 -40.36
N LEU PA 68 -103.01 8.82 -39.77
CA LEU PA 68 -102.61 8.51 -38.41
C LEU PA 68 -102.52 9.78 -37.58
N LYS PA 69 -102.70 9.61 -36.27
CA LYS PA 69 -102.65 10.72 -35.33
C LYS PA 69 -102.03 10.27 -34.01
N SER QA 1 -64.98 -18.26 -18.46
CA SER QA 1 -64.89 -17.13 -19.39
C SER QA 1 -66.07 -17.11 -20.33
N SER QA 2 -66.56 -15.91 -20.64
CA SER QA 2 -67.66 -15.79 -21.57
C SER QA 2 -67.27 -16.21 -22.99
N HIS QA 3 -65.99 -16.15 -23.31
CA HIS QA 3 -65.50 -16.53 -24.64
C HIS QA 3 -65.03 -17.99 -24.62
N LYS QA 4 -65.99 -18.89 -24.59
CA LYS QA 4 -65.70 -20.31 -24.54
C LYS QA 4 -65.43 -20.88 -25.93
N THR QA 5 -65.09 -22.16 -25.97
CA THR QA 5 -65.05 -22.95 -27.19
C THR QA 5 -66.00 -24.13 -27.04
N PHE QA 6 -66.29 -24.79 -28.16
CA PHE QA 6 -67.35 -25.80 -28.17
C PHE QA 6 -66.99 -27.01 -27.33
N ARG QA 7 -65.74 -27.49 -27.42
CA ARG QA 7 -65.32 -28.64 -26.64
C ARG QA 7 -65.43 -28.35 -25.14
N ILE QA 8 -64.95 -27.18 -24.73
CA ILE QA 8 -65.00 -26.81 -23.32
C ILE QA 8 -66.46 -26.70 -22.86
N LYS QA 9 -67.31 -26.13 -23.71
CA LYS QA 9 -68.71 -25.99 -23.34
C LYS QA 9 -69.39 -27.34 -23.16
N ARG QA 10 -69.08 -28.30 -24.04
CA ARG QA 10 -69.63 -29.65 -23.86
C ARG QA 10 -69.11 -30.29 -22.57
N PHE QA 11 -67.84 -30.08 -22.26
CA PHE QA 11 -67.26 -30.62 -21.04
C PHE QA 11 -67.99 -30.10 -19.81
N LEU QA 12 -68.18 -28.77 -19.76
CA LEU QA 12 -68.91 -28.17 -18.65
C LEU QA 12 -70.34 -28.66 -18.59
N ALA QA 13 -70.97 -28.87 -19.76
CA ALA QA 13 -72.33 -29.38 -19.79
C ALA QA 13 -72.42 -30.76 -19.16
N LYS QA 14 -71.49 -31.65 -19.53
CA LYS QA 14 -71.52 -33.00 -18.98
C LYS QA 14 -71.33 -32.99 -17.47
N LYS QA 15 -70.38 -32.21 -16.97
CA LYS QA 15 -70.17 -32.25 -15.52
C LYS QA 15 -71.29 -31.53 -14.76
N GLN QA 16 -71.90 -30.51 -15.38
CA GLN QA 16 -73.08 -29.90 -14.77
C GLN QA 16 -74.21 -30.90 -14.65
N LYS QA 17 -74.40 -31.75 -15.67
CA LYS QA 17 -75.39 -32.81 -15.55
C LYS QA 17 -74.99 -33.83 -14.49
N GLN QA 18 -73.70 -34.13 -14.38
CA GLN QA 18 -73.25 -35.13 -13.41
C GLN QA 18 -73.44 -34.68 -11.97
N ASN QA 19 -73.45 -33.37 -11.74
CA ASN QA 19 -73.40 -32.87 -10.37
C ASN QA 19 -74.76 -32.96 -9.62
N ARG QA 20 -75.71 -33.78 -10.06
CA ARG QA 20 -76.98 -33.89 -9.34
C ARG QA 20 -76.92 -34.98 -8.28
N PRO QA 21 -77.84 -34.94 -7.29
CA PRO QA 21 -77.83 -35.98 -6.24
C PRO QA 21 -78.48 -37.28 -6.67
N ILE QA 22 -78.62 -38.21 -5.74
CA ILE QA 22 -79.08 -39.57 -6.04
C ILE QA 22 -80.60 -39.66 -5.88
N PRO QA 23 -81.30 -40.36 -6.77
CA PRO QA 23 -82.74 -40.57 -6.58
C PRO QA 23 -83.04 -41.45 -5.39
N GLN QA 24 -84.22 -41.23 -4.81
CA GLN QA 24 -84.57 -41.90 -3.56
C GLN QA 24 -84.95 -43.35 -3.75
N TRP QA 25 -85.57 -43.71 -4.89
CA TRP QA 25 -86.06 -45.07 -5.08
C TRP QA 25 -84.93 -46.09 -5.22
N ILE QA 26 -83.71 -45.65 -5.49
CA ILE QA 26 -82.59 -46.58 -5.54
C ILE QA 26 -82.21 -47.04 -4.13
N TRP QA 27 -82.43 -46.20 -3.13
CA TRP QA 27 -82.09 -46.50 -1.75
C TRP QA 27 -82.93 -47.67 -1.21
N MET QA 28 -83.87 -48.16 -2.03
CA MET QA 28 -84.81 -49.19 -1.62
C MET QA 28 -84.63 -50.51 -2.36
N LYS QA 29 -83.63 -50.63 -3.22
CA LYS QA 29 -83.41 -51.89 -3.94
C LYS QA 29 -83.00 -53.00 -2.99
N THR QA 30 -82.88 -54.23 -3.52
CA THR QA 30 -82.51 -55.36 -2.68
C THR QA 30 -81.03 -55.29 -2.31
N GLY QA 31 -80.15 -55.39 -3.30
CA GLY QA 31 -78.73 -55.36 -3.05
C GLY QA 31 -78.15 -53.97 -3.17
N ASN QA 32 -78.58 -53.05 -2.30
CA ASN QA 32 -78.17 -51.66 -2.36
C ASN QA 32 -77.19 -51.37 -1.23
N LYS QA 33 -75.99 -50.92 -1.60
CA LYS QA 33 -75.00 -50.45 -0.64
C LYS QA 33 -74.83 -48.94 -0.68
N ILE QA 34 -75.55 -48.25 -1.54
CA ILE QA 34 -75.36 -46.82 -1.76
C ILE QA 34 -76.25 -46.04 -0.81
N ARG QA 35 -75.65 -45.08 -0.10
CA ARG QA 35 -76.38 -44.24 0.84
C ARG QA 35 -76.36 -42.75 0.48
N TYR QA 36 -75.39 -42.29 -0.30
CA TYR QA 36 -75.40 -40.96 -0.88
C TYR QA 36 -74.36 -40.89 -1.99
N ASN QA 37 -74.47 -39.87 -2.83
CA ASN QA 37 -73.53 -39.68 -3.92
C ASN QA 37 -72.23 -39.10 -3.37
N SER QA 38 -71.15 -39.86 -3.47
CA SER QA 38 -69.85 -39.42 -2.98
C SER QA 38 -69.05 -38.65 -4.02
N LYS QA 39 -69.51 -38.60 -5.28
CA LYS QA 39 -68.83 -37.87 -6.33
C LYS QA 39 -69.43 -36.49 -6.56
N ARG QA 40 -69.97 -35.86 -5.51
CA ARG QA 40 -70.43 -34.50 -5.64
C ARG QA 40 -69.25 -33.54 -5.78
N ARG QA 41 -69.55 -32.31 -6.17
CA ARG QA 41 -68.51 -31.32 -6.42
C ARG QA 41 -69.12 -29.93 -6.30
N HIS QA 42 -68.53 -29.11 -5.46
CA HIS QA 42 -68.98 -27.73 -5.27
C HIS QA 42 -68.06 -26.79 -6.03
N TRP QA 43 -68.65 -25.81 -6.71
CA TRP QA 43 -67.91 -24.95 -7.62
C TRP QA 43 -66.79 -24.20 -6.93
N ARG QA 44 -66.85 -24.02 -5.61
CA ARG QA 44 -65.83 -23.25 -4.91
C ARG QA 44 -64.80 -24.13 -4.20
N ARG QA 45 -65.16 -25.36 -3.81
CA ARG QA 45 -64.19 -26.22 -3.14
C ARG QA 45 -63.29 -26.94 -4.12
N THR QA 46 -63.86 -27.76 -4.99
CA THR QA 46 -63.11 -28.50 -6.00
C THR QA 46 -63.19 -27.75 -7.31
N LYS QA 47 -62.04 -27.52 -7.94
CA LYS QA 47 -61.97 -26.63 -9.10
C LYS QA 47 -61.81 -27.36 -10.42
N LEU QA 48 -62.35 -28.58 -10.52
CA LEU QA 48 -62.77 -29.12 -11.80
C LEU QA 48 -61.61 -29.41 -12.76
N GLY QA 49 -60.39 -29.08 -12.36
CA GLY QA 49 -59.27 -29.17 -13.27
C GLY QA 49 -59.29 -28.07 -14.30
N LEU QA 50 -58.98 -28.40 -15.55
CA LEU QA 50 -58.95 -27.45 -16.67
C LEU QA 50 -57.90 -26.35 -16.50
N ILE RA 1 4.21 27.33 84.03
CA ILE RA 1 2.80 27.39 83.67
C ILE RA 1 2.02 26.38 84.48
N ILE RA 2 2.72 25.42 85.08
CA ILE RA 2 2.10 24.34 85.82
C ILE RA 2 3.13 23.78 86.79
N GLU RA 3 2.67 23.42 87.98
CA GLU RA 3 3.58 23.03 89.04
C GLU RA 3 4.19 21.66 88.71
N PRO RA 4 5.51 21.48 88.94
CA PRO RA 4 6.16 20.22 88.52
C PRO RA 4 5.60 18.96 89.14
N SER RA 5 5.19 18.97 90.41
CA SER RA 5 4.67 17.74 91.00
C SER RA 5 3.33 17.36 90.39
N LEU RA 6 2.50 18.36 90.07
CA LEU RA 6 1.25 18.07 89.36
C LEU RA 6 1.53 17.59 87.93
N ARG RA 7 2.54 18.16 87.28
CA ARG RA 7 3.00 17.62 86.00
C ARG RA 7 3.32 16.13 86.13
N GLN RA 8 4.10 15.77 87.16
CA GLN RA 8 4.46 14.37 87.33
C GLN RA 8 3.25 13.51 87.63
N LEU RA 9 2.29 14.05 88.39
CA LEU RA 9 1.05 13.31 88.65
C LEU RA 9 0.32 13.00 87.35
N ALA RA 10 0.25 13.98 86.44
CA ALA RA 10 -0.36 13.72 85.14
C ALA RA 10 0.48 12.75 84.32
N GLN RA 11 1.80 12.86 84.39
CA GLN RA 11 2.69 11.94 83.69
C GLN RA 11 2.42 10.50 84.10
N LYS RA 12 2.21 10.26 85.39
CA LYS RA 12 2.04 8.90 85.89
C LYS RA 12 0.82 8.22 85.28
N TYR RA 13 -0.20 8.99 84.92
CA TYR RA 13 -1.39 8.42 84.29
C TYR RA 13 -1.40 8.61 82.79
N ASN RA 14 -0.44 9.32 82.21
CA ASN RA 14 -0.51 9.62 80.78
C ASN RA 14 0.67 9.13 79.96
N CYS RA 15 1.88 9.12 80.50
CA CYS RA 15 3.07 8.88 79.67
C CYS RA 15 3.88 7.66 80.05
N ASP RA 16 4.02 7.35 81.34
CA ASP RA 16 4.94 6.31 81.80
C ASP RA 16 4.36 4.90 81.65
N LYS RA 17 4.12 4.53 80.39
CA LYS RA 17 3.45 3.29 80.05
C LYS RA 17 4.33 2.44 79.14
N MET RA 18 4.08 1.14 79.16
CA MET RA 18 4.55 0.23 78.12
C MET RA 18 3.40 -0.06 77.17
N ILE RA 19 3.72 -0.22 75.89
CA ILE RA 19 2.70 -0.57 74.90
C ILE RA 19 3.17 -1.75 74.07
N CYS RA 20 2.20 -2.52 73.58
CA CYS RA 20 2.46 -3.72 72.80
C CYS RA 20 2.76 -3.35 71.35
N ARG RA 21 3.89 -3.83 70.84
CA ARG RA 21 4.25 -3.58 69.45
C ARG RA 21 3.25 -4.22 68.50
N MLZ RA 22 2.55 -5.24 68.97
CA MLZ RA 22 1.60 -5.96 68.13
CB MLZ RA 22 1.49 -7.42 68.57
CG MLZ RA 22 2.05 -8.38 67.56
CD MLZ RA 22 2.15 -9.78 68.13
CE MLZ RA 22 1.68 -10.81 67.11
NZ MLZ RA 22 1.88 -12.18 67.52
CM MLZ RA 22 0.81 -13.06 67.14
C MLZ RA 22 0.15 -5.38 68.06
O MLZ RA 22 -0.39 -5.24 66.93
N CYS RA 23 -0.45 -5.06 69.20
CA CYS RA 23 -1.84 -4.61 69.21
C CYS RA 23 -2.01 -3.23 69.84
N TYR RA 24 -0.90 -2.58 70.17
CA TYR RA 24 -0.88 -1.19 70.63
C TYR RA 24 -1.65 -0.99 71.93
N ALA RA 25 -1.77 -2.03 72.75
CA ALA RA 25 -2.42 -1.89 74.04
C ALA RA 25 -1.56 -1.05 74.98
N ARG RA 26 -2.22 -0.35 75.90
CA ARG RA 26 -1.53 0.49 76.88
C ARG RA 26 -1.39 -0.26 78.19
N LEU RA 27 -0.16 -0.44 78.65
CA LEU RA 27 0.13 -1.30 79.78
C LEU RA 27 0.93 -0.55 80.84
N HIS RA 28 0.95 -1.13 82.04
CA HIS RA 28 1.68 -0.54 83.15
C HIS RA 28 3.19 -0.58 82.89
N PRO RA 29 3.95 0.34 83.50
CA PRO RA 29 5.38 0.44 83.15
C PRO RA 29 6.19 -0.82 83.41
N ARG RA 30 5.89 -1.55 84.49
CA ARG RA 30 6.63 -2.78 84.80
C ARG RA 30 5.88 -4.01 84.31
N ALA RA 31 5.64 -4.03 83.00
CA ALA RA 31 4.92 -5.12 82.35
C ALA RA 31 5.86 -5.92 81.48
N VAL RA 32 5.65 -7.23 81.44
CA VAL RA 32 6.47 -8.12 80.61
C VAL RA 32 5.66 -8.85 79.55
N ASN RA 33 4.34 -8.91 79.67
CA ASN RA 33 3.49 -9.52 78.65
C ASN RA 33 2.26 -8.65 78.44
N CYS RA 34 1.70 -8.74 77.24
CA CYS RA 34 0.51 -7.95 76.94
C CYS RA 34 -0.70 -8.51 77.66
N ARG RA 35 -1.53 -7.61 78.19
CA ARG RA 35 -2.77 -8.01 78.84
C ARG RA 35 -3.74 -8.63 77.84
N LYS RA 36 -3.74 -8.14 76.62
CA LYS RA 36 -4.78 -8.50 75.65
C LYS RA 36 -4.63 -9.94 75.18
N LYS RA 37 -5.78 -10.61 75.08
CA LYS RA 37 -5.87 -11.92 74.45
C LYS RA 37 -5.90 -11.82 72.93
N LYS RA 38 -6.10 -10.62 72.39
CA LYS RA 38 -6.17 -10.43 70.95
C LYS RA 38 -4.85 -10.74 70.27
N CYS RA 39 -3.73 -10.55 70.97
CA CYS RA 39 -2.40 -10.80 70.42
C CYS RA 39 -1.73 -12.01 71.04
N GLY RA 40 -2.50 -12.86 71.73
CA GLY RA 40 -1.94 -14.05 72.34
C GLY RA 40 -0.91 -13.80 73.42
N HIS RA 41 -1.12 -12.75 74.22
CA HIS RA 41 -0.26 -12.43 75.36
C HIS RA 41 1.20 -12.35 74.95
N THR RA 42 1.47 -11.57 73.92
CA THR RA 42 2.80 -11.53 73.31
C THR RA 42 3.85 -10.99 74.29
N ASN RA 43 5.11 -10.98 73.86
CA ASN RA 43 6.23 -10.74 74.75
C ASN RA 43 6.99 -9.45 74.46
N ASN RA 44 6.96 -8.96 73.23
CA ASN RA 44 7.72 -7.76 72.88
C ASN RA 44 6.93 -6.51 73.22
N LEU RA 45 7.56 -5.62 74.00
CA LEU RA 45 6.93 -4.40 74.47
C LEU RA 45 7.85 -3.23 74.13
N ARG RA 46 7.29 -2.03 74.13
CA ARG RA 46 8.13 -0.85 73.94
C ARG RA 46 7.61 0.28 74.81
N PRO RA 47 8.50 1.11 75.35
CA PRO RA 47 8.07 2.25 76.16
C PRO RA 47 7.30 3.27 75.33
N LYS RA 48 6.35 3.93 75.97
CA LYS RA 48 5.65 5.03 75.32
C LYS RA 48 6.60 6.20 75.12
N LYS RA 49 6.60 6.75 73.91
CA LYS RA 49 7.58 7.77 73.57
C LYS RA 49 7.30 9.09 74.29
N LYS RA 50 8.37 9.81 74.58
CA LYS RA 50 8.29 11.09 75.28
C LYS RA 50 8.28 12.24 74.28
N VAL RA 51 7.84 13.39 74.75
CA VAL RA 51 7.78 14.59 73.92
C VAL RA 51 9.14 15.28 73.91
N MET SA 1 25.16 31.75 -12.23
CA MET SA 1 23.78 31.33 -12.31
C MET SA 1 23.09 32.12 -13.42
N ARG SA 2 23.09 31.58 -14.64
CA ARG SA 2 22.59 32.34 -15.77
C ARG SA 2 21.08 32.55 -15.65
N ALA SA 3 20.63 33.68 -16.19
CA ALA SA 3 19.27 34.14 -15.94
C ALA SA 3 18.23 33.17 -16.49
N LYS SA 4 18.55 32.45 -17.56
CA LYS SA 4 17.62 31.48 -18.12
C LYS SA 4 17.30 30.38 -17.11
N TRP SA 5 18.35 29.81 -16.51
CA TRP SA 5 18.13 28.77 -15.50
C TRP SA 5 17.54 29.34 -14.23
N ARG SA 6 17.90 30.58 -13.86
CA ARG SA 6 17.29 31.20 -12.70
C ARG SA 6 15.79 31.37 -12.89
N LYS SA 7 15.38 31.79 -14.08
CA LYS SA 7 13.96 31.94 -14.39
C LYS SA 7 13.26 30.59 -14.39
N LYS SA 8 13.92 29.54 -14.89
CA LYS SA 8 13.34 28.20 -14.84
C LYS SA 8 13.12 27.74 -13.40
N ARG SA 9 14.12 27.97 -12.54
CA ARG SA 9 13.97 27.66 -11.12
C ARG SA 9 12.80 28.42 -10.53
N MET SA 10 12.68 29.71 -10.86
CA MET SA 10 11.60 30.51 -10.32
C MET SA 10 10.24 29.97 -10.76
N ARG SA 11 10.13 29.52 -12.02
CA ARG SA 11 8.87 28.96 -12.48
C ARG SA 11 8.52 27.69 -11.74
N ARG SA 12 9.50 26.80 -11.55
CA ARG SA 12 9.21 25.56 -10.82
C ARG SA 12 8.76 25.86 -9.39
N LEU SA 13 9.47 26.77 -8.72
CA LEU SA 13 9.10 27.16 -7.37
C LEU SA 13 7.70 27.77 -7.32
N LYS SA 14 7.36 28.61 -8.31
CA LYS SA 14 6.05 29.23 -8.36
C LYS SA 14 4.96 28.19 -8.57
N ARG SA 15 5.22 27.20 -9.43
CA ARG SA 15 4.24 26.13 -9.63
C ARG SA 15 4.01 25.36 -8.33
N LYS SA 16 5.08 25.06 -7.60
CA LYS SA 16 4.91 24.39 -6.32
C LYS SA 16 4.10 25.24 -5.35
N ARG SA 17 4.39 26.55 -5.28
CA ARG SA 17 3.62 27.45 -4.42
C ARG SA 17 2.14 27.42 -4.77
N ARG SA 18 1.83 27.50 -6.06
CA ARG SA 18 0.44 27.50 -6.49
C ARG SA 18 -0.26 26.23 -6.09
N LYS SA 19 0.36 25.08 -6.36
CA LYS SA 19 -0.24 23.79 -5.99
C LYS SA 19 -0.51 23.73 -4.50
N MET SA 20 0.48 24.12 -3.69
CA MET SA 20 0.29 24.15 -2.25
C MET SA 20 -0.79 25.13 -1.84
N ARG SA 21 -1.10 26.10 -2.70
CA ARG SA 21 -2.13 27.07 -2.33
C ARG SA 21 -3.53 26.53 -2.60
N GLN SA 22 -3.77 25.91 -3.76
CA GLN SA 22 -5.13 25.39 -3.93
C GLN SA 22 -5.31 24.08 -3.16
N ARG SA 23 -4.23 23.48 -2.68
CA ARG SA 23 -4.44 22.38 -1.74
C ARG SA 23 -5.12 22.86 -0.47
N SER SA 24 -4.89 24.11 -0.10
CA SER SA 24 -5.44 24.68 1.13
C SER SA 24 -6.73 25.46 0.91
N LYS SA 25 -6.91 26.10 -0.23
CA LYS SA 25 -8.09 26.95 -0.45
C LYS SA 25 -9.38 26.17 -0.28
N VAL TA 1 33.65 -49.71 -2.41
CA VAL TA 1 34.67 -50.65 -1.99
C VAL TA 1 35.51 -51.07 -3.18
N ASN TA 2 36.55 -51.84 -2.92
CA ASN TA 2 37.50 -52.28 -3.94
C ASN TA 2 37.51 -53.80 -4.01
N VAL TA 3 37.43 -54.33 -5.22
CA VAL TA 3 37.45 -55.78 -5.44
C VAL TA 3 38.49 -56.10 -6.51
N PRO TA 4 39.33 -57.11 -6.29
CA PRO TA 4 40.28 -57.51 -7.34
C PRO TA 4 39.58 -58.16 -8.51
N LYS TA 5 40.25 -58.13 -9.65
CA LYS TA 5 39.67 -58.60 -10.90
C LYS TA 5 39.79 -60.11 -11.09
N THR TA 6 40.50 -60.81 -10.22
CA THR TA 6 40.65 -62.25 -10.32
C THR TA 6 40.50 -62.87 -8.94
N ARG TA 7 39.72 -63.94 -8.86
CA ARG TA 7 39.38 -64.57 -7.59
C ARG TA 7 39.44 -66.08 -7.76
N ARG TA 8 40.16 -66.76 -6.89
CA ARG TA 8 40.19 -68.22 -6.91
C ARG TA 8 39.09 -68.73 -5.98
N THR TA 9 38.08 -69.36 -6.56
CA THR TA 9 36.91 -69.73 -5.78
C THR TA 9 36.26 -70.97 -6.38
N PHE TA 10 35.27 -71.48 -5.66
CA PHE TA 10 34.62 -72.74 -6.04
C PHE TA 10 33.89 -72.61 -7.37
N CYS TA 11 34.04 -73.62 -8.21
CA CYS TA 11 33.32 -73.74 -9.47
C CYS TA 11 32.39 -74.95 -9.36
N LYS TA 12 31.09 -74.71 -9.54
CA LYS TA 12 30.11 -75.77 -9.34
C LYS TA 12 30.28 -76.89 -10.36
N LYS TA 13 30.56 -76.54 -11.62
CA LYS TA 13 30.68 -77.56 -12.65
C LYS TA 13 31.93 -78.41 -12.46
N CYS TA 14 33.08 -77.75 -12.21
CA CYS TA 14 34.30 -78.51 -11.98
C CYS TA 14 34.30 -79.18 -10.60
N GLY TA 15 33.61 -78.60 -9.64
CA GLY TA 15 33.57 -79.17 -8.30
C GLY TA 15 34.72 -78.81 -7.41
N LYS TA 16 35.55 -77.85 -7.80
CA LYS TA 16 36.74 -77.51 -7.03
C LYS TA 16 37.12 -76.06 -7.31
N HIS TA 17 37.93 -75.50 -6.42
CA HIS TA 17 38.38 -74.12 -6.57
C HIS TA 17 39.19 -73.96 -7.84
N GLN TA 18 38.84 -72.95 -8.62
CA GLN TA 18 39.49 -72.57 -9.87
C GLN TA 18 39.55 -71.06 -9.94
N PRO TA 19 40.43 -70.51 -10.78
CA PRO TA 19 40.46 -69.05 -10.96
C PRO TA 19 39.25 -68.56 -11.74
N HIS TA 20 38.83 -67.34 -11.41
CA HIS TA 20 37.67 -66.70 -12.01
C HIS TA 20 37.99 -65.25 -12.31
N LYS TA 21 37.64 -64.80 -13.51
CA LYS TA 21 37.57 -63.39 -13.80
C LYS TA 21 36.35 -62.79 -13.11
N VAL TA 22 36.51 -61.59 -12.56
CA VAL TA 22 35.44 -60.90 -11.86
C VAL TA 22 35.04 -59.66 -12.64
N THR TA 23 33.75 -59.51 -12.91
CA THR TA 23 33.23 -58.30 -13.50
C THR TA 23 31.96 -57.90 -12.76
N GLN TA 24 31.35 -56.80 -13.17
CA GLN TA 24 30.15 -56.29 -12.53
C GLN TA 24 28.94 -56.60 -13.38
N TYR TA 25 27.88 -57.11 -12.76
CA TYR TA 25 26.66 -57.46 -13.48
C TYR TA 25 25.79 -56.23 -13.66
N LYS TA 26 25.32 -56.02 -14.88
CA LYS TA 26 24.37 -54.97 -15.19
C LYS TA 26 23.08 -55.59 -15.73
N LYS TA 27 21.96 -54.97 -15.42
CA LYS TA 27 20.67 -55.52 -15.81
C LYS TA 27 20.50 -55.47 -17.32
N GLY TA 28 20.06 -56.58 -17.91
CA GLY TA 28 19.90 -56.65 -19.34
C GLY TA 28 18.70 -55.89 -19.85
N LYS TA 29 18.69 -55.66 -21.16
CA LYS TA 29 17.64 -54.89 -21.79
C LYS TA 29 16.34 -55.69 -21.82
N ASP TA 30 15.23 -55.00 -21.56
CA ASP TA 30 13.94 -55.68 -21.43
C ASP TA 30 13.44 -56.16 -22.79
N SER TA 31 12.80 -57.34 -22.78
CA SER TA 31 12.26 -57.94 -23.99
C SER TA 31 10.82 -57.51 -24.19
N LEU TA 32 10.43 -57.32 -25.45
CA LEU TA 32 9.06 -56.98 -25.78
C LEU TA 32 8.14 -58.19 -25.78
N TYR TA 33 8.68 -59.41 -25.73
CA TYR TA 33 7.88 -60.62 -25.86
C TYR TA 33 7.86 -61.46 -24.60
N ALA TA 34 8.33 -60.92 -23.47
CA ALA TA 34 8.09 -61.56 -22.19
C ALA TA 34 6.59 -61.64 -21.96
N GLN TA 35 6.15 -62.75 -21.35
CA GLN TA 35 4.73 -62.96 -21.14
C GLN TA 35 4.10 -61.81 -20.35
N GLY TA 36 4.78 -61.39 -19.28
CA GLY TA 36 4.26 -60.27 -18.50
C GLY TA 36 4.22 -58.98 -19.28
N LYS TA 37 5.25 -58.72 -20.09
CA LYS TA 37 5.27 -57.49 -20.88
C LYS TA 37 4.15 -57.46 -21.90
N ARG TA 38 3.90 -58.58 -22.58
CA ARG TA 38 2.85 -58.55 -23.60
C ARG TA 38 1.45 -58.59 -22.97
N ARG TA 39 1.30 -59.22 -21.81
CA ARG TA 39 0.05 -59.07 -21.06
C ARG TA 39 -0.18 -57.62 -20.66
N TYR TA 40 0.87 -56.95 -20.20
CA TYR TA 40 0.76 -55.54 -19.84
C TYR TA 40 0.39 -54.69 -21.05
N ASP TA 41 1.00 -54.96 -22.20
CA ASP TA 41 0.69 -54.21 -23.41
C ASP TA 41 -0.78 -54.40 -23.81
N ARG TA 42 -1.26 -55.64 -23.80
CA ARG TA 42 -2.64 -55.88 -24.17
C ARG TA 42 -3.61 -55.24 -23.18
N LYS TA 43 -3.23 -55.18 -21.91
CA LYS TA 43 -4.10 -54.53 -20.93
C LYS TA 43 -4.09 -53.01 -21.07
N GLN TA 44 -2.94 -52.43 -21.43
CA GLN TA 44 -2.89 -50.99 -21.67
C GLN TA 44 -3.66 -50.59 -22.91
N SER TA 45 -3.66 -51.43 -23.95
CA SER TA 45 -4.30 -51.07 -25.20
C SER TA 45 -5.79 -50.83 -24.99
N GLY TA 46 -6.27 -49.65 -25.37
CA GLY TA 46 -7.68 -49.33 -25.27
C GLY TA 46 -7.97 -48.05 -24.53
N TYR TA 47 -9.07 -48.03 -23.77
CA TYR TA 47 -9.44 -46.91 -22.93
C TYR TA 47 -9.42 -47.36 -21.47
N GLY TA 48 -9.10 -46.42 -20.59
CA GLY TA 48 -9.06 -46.73 -19.18
C GLY TA 48 -7.86 -46.11 -18.49
N GLY TA 49 -6.94 -45.59 -19.30
CA GLY TA 49 -5.75 -44.99 -18.73
C GLY TA 49 -4.79 -46.03 -18.21
N GLN TA 50 -3.95 -45.58 -17.28
CA GLN TA 50 -3.00 -46.48 -16.63
C GLN TA 50 -3.72 -47.52 -15.81
N THR TA 51 -3.16 -48.73 -15.79
CA THR TA 51 -3.76 -49.84 -15.05
C THR TA 51 -2.90 -50.31 -13.89
N LYS TA 52 -1.63 -50.61 -14.14
CA LYS TA 52 -0.77 -51.07 -13.06
C LYS TA 52 -0.16 -49.89 -12.30
N PRO TA 53 0.18 -50.08 -11.03
CA PRO TA 53 0.79 -48.99 -10.27
C PRO TA 53 2.16 -48.61 -10.80
N ILE TA 54 2.50 -47.33 -10.59
CA ILE TA 54 3.84 -46.81 -10.88
C ILE TA 54 4.46 -46.42 -9.56
N PHE TA 55 5.70 -46.86 -9.34
CA PHE TA 55 6.37 -46.57 -8.08
C PHE TA 55 6.96 -45.17 -8.10
N ARG TA 56 6.70 -44.40 -7.04
CA ARG TA 56 7.19 -43.02 -6.94
C ARG TA 56 8.03 -42.76 -5.70
N LYS TA 57 7.66 -43.32 -4.55
CA LYS TA 57 8.33 -42.96 -3.29
C LYS TA 57 9.59 -43.80 -3.11
N LYS TA 58 10.59 -43.50 -3.93
CA LYS TA 58 11.90 -44.11 -3.77
C LYS TA 58 12.52 -43.69 -2.44
N ALA TA 59 13.22 -44.62 -1.79
CA ALA TA 59 13.78 -44.34 -0.48
C ALA TA 59 15.26 -44.69 -0.40
N LYS TA 60 15.68 -45.68 -1.15
CA LYS TA 60 17.06 -46.18 -1.08
C LYS TA 60 17.91 -45.56 -2.17
N THR TA 61 19.07 -45.03 -1.77
CA THR TA 61 20.01 -44.44 -2.71
C THR TA 61 20.99 -45.46 -3.28
N THR TA 62 21.20 -46.57 -2.60
CA THR TA 62 22.23 -47.54 -2.93
C THR TA 62 21.61 -48.83 -3.44
N LYS TA 63 22.30 -49.49 -4.37
CA LYS TA 63 21.92 -50.79 -4.88
C LYS TA 63 22.99 -51.80 -4.48
N LYS TA 64 22.56 -53.04 -4.25
CA LYS TA 64 23.50 -54.12 -4.00
C LYS TA 64 24.34 -54.37 -5.25
N ILE TA 65 25.64 -54.53 -5.06
CA ILE TA 65 26.57 -54.78 -6.16
C ILE TA 65 26.70 -56.27 -6.36
N VAL TA 66 26.57 -56.70 -7.61
CA VAL TA 66 26.57 -58.12 -7.95
C VAL TA 66 27.76 -58.39 -8.87
N LEU TA 67 28.55 -59.40 -8.52
CA LEU TA 67 29.74 -59.76 -9.28
C LEU TA 67 29.45 -60.96 -10.16
N ARG TA 68 29.87 -60.87 -11.41
CA ARG TA 68 29.75 -61.93 -12.39
C ARG TA 68 31.09 -62.61 -12.52
N LEU TA 69 31.12 -63.91 -12.22
CA LEU TA 69 32.34 -64.68 -12.10
C LEU TA 69 32.47 -65.64 -13.28
N GLU TA 70 33.51 -65.46 -14.08
CA GLU TA 70 33.79 -66.30 -15.23
C GLU TA 70 34.88 -67.29 -14.88
N CYS TA 71 34.57 -68.58 -14.91
CA CYS TA 71 35.60 -69.58 -14.67
C CYS TA 71 36.64 -69.53 -15.78
N VAL TA 72 37.91 -69.55 -15.41
CA VAL TA 72 38.98 -69.36 -16.39
C VAL TA 72 39.32 -70.64 -17.14
N GLU TA 73 38.85 -71.78 -16.65
CA GLU TA 73 39.15 -73.05 -17.32
C GLU TA 73 38.66 -72.99 -18.76
N PRO TA 74 39.49 -73.36 -19.75
CA PRO TA 74 39.15 -73.07 -21.15
C PRO TA 74 37.84 -73.68 -21.62
N ASN TA 75 37.51 -74.89 -21.18
CA ASN TA 75 36.28 -75.55 -21.63
C ASN TA 75 35.19 -75.57 -20.57
N CYS TA 76 35.40 -74.93 -19.42
CA CYS TA 76 34.33 -74.85 -18.43
C CYS TA 76 33.37 -73.70 -18.75
N ARG TA 77 33.88 -72.47 -18.73
CA ARG TA 77 33.11 -71.27 -19.07
C ARG TA 77 31.83 -71.17 -18.24
N SER TA 78 31.92 -71.50 -16.96
CA SER TA 78 30.79 -71.39 -16.06
C SER TA 78 30.68 -69.97 -15.51
N LYS TA 79 29.47 -69.60 -15.10
CA LYS TA 79 29.21 -68.27 -14.59
C LYS TA 79 28.31 -68.37 -13.36
N ARG TA 80 28.59 -67.53 -12.38
CA ARG TA 80 27.75 -67.45 -11.18
C ARG TA 80 27.43 -65.99 -10.88
N MET TA 81 26.32 -65.79 -10.17
CA MET TA 81 25.87 -64.48 -9.76
C MET TA 81 26.15 -64.35 -8.27
N LEU TA 82 27.02 -63.41 -7.90
CA LEU TA 82 27.49 -63.31 -6.52
C LEU TA 82 27.31 -61.88 -6.04
N ALA TA 83 26.49 -61.70 -5.00
CA ALA TA 83 26.18 -60.39 -4.45
C ALA TA 83 26.98 -60.11 -3.19
N ILE TA 84 27.28 -58.84 -2.97
CA ILE TA 84 27.95 -58.37 -1.76
C ILE TA 84 27.11 -57.23 -1.18
N LYS TA 85 27.51 -56.77 0.00
CA LYS TA 85 26.75 -55.73 0.68
C LYS TA 85 26.73 -54.44 -0.14
N ARG TA 86 25.71 -53.63 0.10
CA ARG TA 86 25.50 -52.42 -0.67
C ARG TA 86 26.46 -51.32 -0.24
N CYS TA 87 26.98 -50.58 -1.23
CA CYS TA 87 27.88 -49.48 -0.95
C CYS TA 87 27.75 -48.42 -2.04
N LYS TA 88 27.98 -47.16 -1.65
CA LYS TA 88 27.83 -46.05 -2.59
C LYS TA 88 28.88 -46.12 -3.70
N HIS TA 89 30.12 -46.38 -3.36
CA HIS TA 89 31.22 -46.39 -4.33
C HIS TA 89 31.73 -47.81 -4.53
N PHE TA 90 32.14 -48.09 -5.77
CA PHE TA 90 32.56 -49.43 -6.14
C PHE TA 90 33.54 -49.32 -7.30
N GLU TA 91 34.46 -50.28 -7.36
CA GLU TA 91 35.43 -50.34 -8.44
C GLU TA 91 36.03 -51.73 -8.50
N LEU TA 92 36.58 -52.06 -9.67
CA LEU TA 92 37.20 -53.36 -9.91
C LEU TA 92 38.69 -53.16 -10.15
N GLY TA 93 39.52 -53.92 -9.42
CA GLY TA 93 40.95 -53.87 -9.62
C GLY TA 93 41.60 -52.55 -9.29
N GLY TA 94 41.21 -51.94 -8.18
CA GLY TA 94 41.85 -50.72 -7.74
C GLY TA 94 43.25 -50.97 -7.22
N ASP TA 95 43.98 -49.88 -7.02
CA ASP TA 95 45.34 -49.99 -6.51
C ASP TA 95 45.34 -50.51 -5.09
N LYS TA 96 46.28 -51.40 -4.79
CA LYS TA 96 46.37 -52.02 -3.48
C LYS TA 96 46.89 -50.98 -2.48
N LYS TA 97 46.05 -50.59 -1.53
CA LYS TA 97 46.46 -49.58 -0.56
C LYS TA 97 47.57 -50.13 0.32
N ARG TA 98 48.60 -49.31 0.55
CA ARG TA 98 49.79 -49.71 1.29
C ARG TA 98 50.00 -48.72 2.43
N LYS TA 99 50.26 -49.25 3.62
CA LYS TA 99 50.38 -48.43 4.82
C LYS TA 99 51.84 -48.07 5.08
N GLY TA 100 52.03 -47.15 6.02
CA GLY TA 100 53.36 -46.68 6.36
C GLY TA 100 54.05 -45.87 5.29
N GLN TA 101 53.31 -45.01 4.60
CA GLN TA 101 53.88 -44.12 3.59
C GLN TA 101 53.42 -42.70 3.82
N VAL TA 102 54.23 -41.74 3.38
CA VAL TA 102 53.85 -40.34 3.47
C VAL TA 102 52.66 -40.08 2.57
N ILE TA 103 51.82 -39.13 2.97
CA ILE TA 103 50.58 -38.85 2.25
C ILE TA 103 50.71 -37.55 1.46
N ALA UA 1 -31.06 38.98 -25.70
CA ALA UA 1 -29.92 39.11 -24.81
C ALA UA 1 -29.03 37.87 -24.89
N LYS UA 2 -27.79 38.00 -24.42
CA LYS UA 2 -26.85 36.88 -24.37
C LYS UA 2 -26.99 36.22 -23.00
N ARG UA 3 -27.34 34.94 -23.01
CA ARG UA 3 -27.69 34.24 -21.76
C ARG UA 3 -26.58 33.34 -21.24
N THR UA 4 -25.61 32.98 -22.05
CA THR UA 4 -24.50 32.13 -21.63
C THR UA 4 -23.19 32.69 -22.13
N LYS UA 5 -22.11 32.39 -21.41
CA LYS UA 5 -20.79 32.88 -21.75
C LYS UA 5 -20.05 31.94 -22.71
N LYS UA 6 -19.86 30.68 -22.30
CA LYS UA 6 -19.12 29.71 -23.10
C LYS UA 6 -20.04 28.69 -23.75
N VAL UA 7 -20.87 28.01 -22.95
CA VAL UA 7 -21.70 26.93 -23.48
C VAL UA 7 -22.77 27.51 -24.38
N GLY UA 8 -22.98 26.87 -25.53
CA GLY UA 8 -24.03 27.28 -26.43
C GLY UA 8 -25.15 26.25 -26.48
N ILE UA 9 -25.18 25.47 -27.56
CA ILE UA 9 -26.18 24.43 -27.71
C ILE UA 9 -26.05 23.35 -26.64
N VAL UA 10 -24.86 23.18 -26.07
CA VAL UA 10 -24.62 22.12 -25.09
C VAL UA 10 -25.01 22.60 -23.70
N GLY UA 11 -25.68 23.75 -23.63
CA GLY UA 11 -26.22 24.19 -22.35
C GLY UA 11 -27.31 23.27 -21.83
N LYS UA 12 -27.85 22.40 -22.68
CA LYS UA 12 -28.89 21.48 -22.27
C LYS UA 12 -28.36 20.28 -21.50
N TYR UA 13 -27.06 20.07 -21.48
CA TYR UA 13 -26.46 18.95 -20.76
C TYR UA 13 -26.14 19.31 -19.32
N GLY UA 14 -26.34 20.55 -18.91
CA GLY UA 14 -26.11 20.92 -17.53
C GLY UA 14 -24.64 20.80 -17.15
N THR UA 15 -24.38 20.16 -16.02
CA THR UA 15 -23.04 20.00 -15.48
C THR UA 15 -22.50 18.59 -15.70
N ARG UA 16 -22.96 17.90 -16.73
CA ARG UA 16 -22.71 16.48 -16.90
C ARG UA 16 -21.70 16.23 -18.01
N TYR UA 17 -21.09 15.04 -17.94
CA TYR UA 17 -20.31 14.43 -19.02
C TYR UA 17 -18.95 15.09 -19.24
N GLY UA 18 -18.65 16.17 -18.55
CA GLY UA 18 -17.32 16.73 -18.62
C GLY UA 18 -17.15 17.89 -19.58
N ALA UA 19 -16.28 18.84 -19.21
CA ALA UA 19 -16.09 20.04 -20.00
C ALA UA 19 -15.53 19.72 -21.37
N SER UA 20 -14.56 18.81 -21.45
CA SER UA 20 -13.94 18.50 -22.73
C SER UA 20 -14.92 17.80 -23.67
N LEU UA 21 -15.71 16.85 -23.14
CA LEU UA 21 -16.70 16.18 -23.97
C LEU UA 21 -17.77 17.16 -24.45
N ARG UA 22 -18.22 18.05 -23.57
CA ARG UA 22 -19.20 19.05 -24.00
C ARG UA 22 -18.63 19.96 -25.07
N LYS UA 23 -17.37 20.39 -24.91
CA LYS UA 23 -16.75 21.24 -25.91
C LYS UA 23 -16.62 20.53 -27.26
N MET UA 24 -16.18 19.27 -27.25
CA MET UA 24 -15.98 18.57 -28.51
C MET UA 24 -17.27 18.06 -29.11
N VAL UA 25 -18.38 18.09 -28.38
CA VAL UA 25 -19.67 17.78 -28.99
C VAL UA 25 -20.39 19.04 -29.45
N LYS UA 26 -20.02 20.21 -28.95
CA LYS UA 26 -20.71 21.44 -29.31
C LYS UA 26 -20.63 21.72 -30.82
N LYS UA 27 -19.43 21.61 -31.39
CA LYS UA 27 -19.27 21.97 -32.79
C LYS UA 27 -20.00 20.97 -33.70
N ILE UA 28 -19.99 19.69 -33.33
CA ILE UA 28 -20.72 18.69 -34.11
C ILE UA 28 -22.22 18.95 -34.01
N GLU UA 29 -22.70 19.33 -32.83
CA GLU UA 29 -24.12 19.63 -32.67
C GLU UA 29 -24.53 20.81 -33.56
N ILE UA 30 -23.73 21.87 -33.54
CA ILE UA 30 -24.01 23.03 -34.39
C ILE UA 30 -24.00 22.62 -35.86
N SER UA 31 -23.01 21.84 -36.27
CA SER UA 31 -22.90 21.44 -37.67
C SER UA 31 -24.10 20.61 -38.11
N GLN UA 32 -24.55 19.68 -37.27
CA GLN UA 32 -25.65 18.82 -37.68
C GLN UA 32 -27.00 19.50 -37.59
N HIS UA 33 -27.15 20.54 -36.77
CA HIS UA 33 -28.42 21.25 -36.71
C HIS UA 33 -28.44 22.52 -37.54
N ALA UA 34 -27.36 22.86 -38.24
CA ALA UA 34 -27.37 24.02 -39.10
C ALA UA 34 -28.22 23.78 -40.34
N LYS UA 35 -28.69 24.87 -40.94
CA LYS UA 35 -29.38 24.83 -42.22
C LYS UA 35 -28.40 25.21 -43.32
N TYR UA 36 -28.30 24.39 -44.35
CA TYR UA 36 -27.38 24.62 -45.45
C TYR UA 36 -28.15 25.08 -46.69
N THR UA 37 -27.45 25.77 -47.56
CA THR UA 37 -28.06 26.22 -48.82
C THR UA 37 -28.04 25.08 -49.83
N CYS UA 38 -29.15 24.90 -50.53
CA CYS UA 38 -29.25 23.86 -51.53
C CYS UA 38 -28.52 24.30 -52.81
N SER UA 39 -27.64 23.43 -53.31
CA SER UA 39 -26.97 23.70 -54.56
C SER UA 39 -27.89 23.55 -55.76
N PHE UA 40 -29.11 23.06 -55.56
CA PHE UA 40 -30.04 22.82 -56.66
C PHE UA 40 -31.10 23.90 -56.81
N CYS UA 41 -31.44 24.62 -55.74
CA CYS UA 41 -32.40 25.71 -55.82
C CYS UA 41 -31.93 27.03 -55.24
N GLY UA 42 -30.88 27.03 -54.43
CA GLY UA 42 -30.39 28.26 -53.84
C GLY UA 42 -31.02 28.65 -52.53
N LYS UA 43 -32.04 27.92 -52.08
CA LYS UA 43 -32.62 28.19 -50.77
C LYS UA 43 -31.84 27.47 -49.68
N THR UA 44 -31.95 27.99 -48.46
CA THR UA 44 -31.30 27.40 -47.30
C THR UA 44 -32.32 26.52 -46.58
N LYS UA 45 -32.59 25.36 -47.18
CA LYS UA 45 -33.60 24.45 -46.68
C LYS UA 45 -33.07 23.02 -46.60
N MET UA 46 -31.78 22.86 -46.30
CA MET UA 46 -31.16 21.55 -46.19
C MET UA 46 -31.13 21.11 -44.74
N LYS UA 47 -31.84 20.05 -44.43
CA LYS UA 47 -31.91 19.47 -43.09
C LYS UA 47 -31.36 18.07 -43.11
N ARG UA 48 -30.75 17.65 -42.01
CA ARG UA 48 -30.33 16.27 -41.89
C ARG UA 48 -31.54 15.45 -41.46
N ARG UA 49 -32.04 14.58 -42.33
CA ARG UA 49 -33.11 13.69 -41.92
C ARG UA 49 -32.59 12.62 -40.97
N ALA UA 50 -31.74 11.74 -41.47
CA ALA UA 50 -31.07 10.73 -40.67
C ALA UA 50 -29.57 10.86 -40.90
N VAL UA 51 -28.79 10.05 -40.19
CA VAL UA 51 -27.35 10.15 -40.31
C VAL UA 51 -26.94 9.80 -41.74
N GLY UA 52 -26.28 10.74 -42.40
CA GLY UA 52 -25.86 10.58 -43.77
C GLY UA 52 -26.86 11.00 -44.83
N ILE UA 53 -28.07 11.40 -44.44
CA ILE UA 53 -29.12 11.75 -45.38
C ILE UA 53 -29.51 13.20 -45.18
N TRP UA 54 -29.40 14.01 -46.23
CA TRP UA 54 -29.77 15.41 -46.21
C TRP UA 54 -30.91 15.64 -47.18
N HIS UA 55 -31.83 16.52 -46.81
CA HIS UA 55 -33.07 16.72 -47.56
C HIS UA 55 -33.27 18.21 -47.80
N CYS UA 56 -33.82 18.55 -48.96
CA CYS UA 56 -34.21 19.92 -49.25
C CYS UA 56 -35.72 20.06 -49.08
N GLY UA 57 -36.12 21.07 -48.31
CA GLY UA 57 -37.54 21.30 -48.08
C GLY UA 57 -38.28 21.83 -49.30
N SER UA 58 -37.56 22.46 -50.23
CA SER UA 58 -38.18 23.04 -51.42
C SER UA 58 -38.02 22.15 -52.65
N CYS UA 59 -36.79 21.69 -52.92
CA CYS UA 59 -36.58 20.79 -54.05
C CYS UA 59 -37.25 19.45 -53.85
N MET UA 60 -37.42 19.02 -52.60
CA MET UA 60 -37.71 17.62 -52.28
C MET UA 60 -36.64 16.71 -52.89
N LYS UA 61 -35.40 17.17 -52.82
CA LYS UA 61 -34.25 16.42 -53.31
C LYS UA 61 -33.43 15.93 -52.11
N THR UA 62 -32.98 14.68 -52.21
CA THR UA 62 -32.28 14.01 -51.12
C THR UA 62 -30.86 13.69 -51.56
N VAL UA 63 -29.89 14.02 -50.70
CA VAL UA 63 -28.48 13.85 -50.98
C VAL UA 63 -27.86 12.97 -49.91
N ALA UA 64 -26.93 12.12 -50.33
CA ALA UA 64 -26.13 11.33 -49.39
C ALA UA 64 -24.88 12.12 -49.03
N GLY UA 65 -24.65 12.32 -47.74
CA GLY UA 65 -23.54 13.12 -47.29
C GLY UA 65 -22.93 12.66 -45.99
N GLY UA 66 -22.22 13.55 -45.30
CA GLY UA 66 -21.54 13.19 -44.09
C GLY UA 66 -22.49 12.93 -42.93
N ALA UA 67 -21.92 12.41 -41.84
CA ALA UA 67 -22.72 12.09 -40.67
C ALA UA 67 -23.20 13.35 -39.96
N TRP UA 68 -22.34 14.37 -39.87
CA TRP UA 68 -22.68 15.62 -39.20
C TRP UA 68 -22.59 16.85 -40.09
N THR UA 69 -21.84 16.78 -41.18
CA THR UA 69 -21.73 17.86 -42.14
C THR UA 69 -22.43 17.48 -43.43
N TYR UA 70 -22.79 18.50 -44.21
CA TYR UA 70 -23.45 18.23 -45.49
C TYR UA 70 -22.53 17.45 -46.43
N ASN UA 71 -21.25 17.81 -46.46
CA ASN UA 71 -20.25 17.05 -47.19
C ASN UA 71 -18.94 17.13 -46.42
N THR UA 72 -18.06 16.18 -46.70
CA THR UA 72 -16.78 16.07 -46.00
C THR UA 72 -15.64 16.40 -46.94
N THR UA 73 -14.54 16.88 -46.34
CA THR UA 73 -13.35 17.18 -47.12
C THR UA 73 -12.83 15.93 -47.83
N SER UA 74 -12.97 14.76 -47.22
CA SER UA 74 -12.61 13.53 -47.90
C SER UA 74 -13.45 13.34 -49.15
N ALA UA 75 -14.75 13.61 -49.06
CA ALA UA 75 -15.63 13.48 -50.22
C ALA UA 75 -15.22 14.45 -51.32
N VAL UA 76 -14.92 15.71 -50.96
CA VAL UA 76 -14.62 16.69 -51.99
C VAL UA 76 -13.28 16.39 -52.66
N THR UA 77 -12.28 15.94 -51.88
CA THR UA 77 -11.00 15.63 -52.49
C THR UA 77 -11.10 14.37 -53.35
N VAL UA 78 -11.91 13.40 -52.93
CA VAL UA 78 -12.13 12.21 -53.76
C VAL UA 78 -12.80 12.61 -55.06
N LYS UA 79 -13.79 13.50 -55.00
CA LYS UA 79 -14.47 13.92 -56.22
C LYS UA 79 -13.52 14.61 -57.17
N SER UA 80 -12.68 15.52 -56.66
CA SER UA 80 -11.72 16.20 -57.52
C SER UA 80 -10.71 15.22 -58.11
N ALA UA 81 -10.19 14.31 -57.30
CA ALA UA 81 -9.22 13.33 -57.78
C ALA UA 81 -9.83 12.43 -58.85
N ILE UA 82 -11.09 12.02 -58.66
CA ILE UA 82 -11.76 11.17 -59.64
C ILE UA 82 -11.99 11.92 -60.94
N ARG UA 83 -12.35 13.20 -60.85
CA ARG UA 83 -12.49 14.01 -62.06
C ARG UA 83 -11.17 14.08 -62.82
N ARG UA 84 -10.08 14.32 -62.10
CA ARG UA 84 -8.77 14.39 -62.75
C ARG UA 84 -8.39 13.03 -63.35
N LEU UA 85 -8.72 11.94 -62.66
CA LEU UA 85 -8.40 10.62 -63.18
C LEU UA 85 -9.17 10.34 -64.46
N LYS UA 86 -10.45 10.71 -64.52
CA LYS UA 86 -11.21 10.53 -65.75
C LYS UA 86 -10.63 11.39 -66.87
N GLU UA 87 -10.24 12.62 -66.55
CA GLU UA 87 -9.65 13.50 -67.56
C GLU UA 87 -8.39 12.89 -68.13
N LEU UA 88 -7.55 12.31 -67.27
CA LEU UA 88 -6.33 11.66 -67.76
C LEU UA 88 -6.65 10.40 -68.55
N LYS UA 89 -7.64 9.63 -68.11
CA LYS UA 89 -7.96 8.38 -68.78
C LYS UA 89 -8.46 8.62 -70.19
N ASP UA 90 -9.32 9.62 -70.38
CA ASP UA 90 -9.76 9.95 -71.73
C ASP UA 90 -8.82 10.92 -72.44
N GLN UA 91 -7.77 11.38 -71.77
CA GLN UA 91 -6.75 12.26 -72.35
C GLN UA 91 -7.35 13.55 -72.89
N SER VA 1 -42.79 -108.86 22.00
CA SER VA 1 -42.86 -109.25 23.40
C SER VA 1 -43.39 -108.10 24.26
N ALA VA 2 -43.54 -108.38 25.56
CA ALA VA 2 -44.17 -107.42 26.46
C ALA VA 2 -43.35 -106.14 26.55
N HIS VA 3 -42.04 -106.26 26.76
CA HIS VA 3 -41.20 -105.07 26.90
C HIS VA 3 -41.13 -104.29 25.60
N LEU VA 4 -41.06 -104.97 24.46
CA LEU VA 4 -41.03 -104.27 23.18
C LEU VA 4 -42.31 -103.49 22.95
N GLN VA 5 -43.45 -104.13 23.17
CA GLN VA 5 -44.72 -103.44 23.00
C GLN VA 5 -44.85 -102.28 23.98
N TRP VA 6 -44.34 -102.46 25.21
CA TRP VA 6 -44.36 -101.37 26.17
C TRP VA 6 -43.52 -100.19 25.70
N MET VA 7 -42.33 -100.47 25.13
CA MET VA 7 -41.54 -99.38 24.57
C MET VA 7 -42.28 -98.67 23.45
N VAL VA 8 -43.08 -99.42 22.68
CA VAL VA 8 -43.82 -98.76 21.60
C VAL VA 8 -44.94 -97.89 22.16
N VAL VA 9 -45.66 -98.35 23.18
CA VAL VA 9 -46.92 -97.71 23.59
C VAL VA 9 -46.80 -96.96 24.90
N ARG VA 10 -45.60 -96.78 25.45
CA ARG VA 10 -45.50 -96.10 26.74
C ARG VA 10 -45.93 -94.65 26.68
N ASN VA 11 -45.92 -94.03 25.51
CA ASN VA 11 -46.25 -92.61 25.42
C ASN VA 11 -47.13 -92.27 24.23
N CYS VA 12 -47.51 -93.24 23.40
CA CYS VA 12 -48.23 -92.98 22.16
C CYS VA 12 -49.43 -93.92 22.02
N SER VA 13 -50.22 -94.04 23.08
CA SER VA 13 -51.42 -94.86 23.06
C SER VA 13 -52.66 -93.98 23.12
N SER VA 14 -53.73 -94.42 22.44
CA SER VA 14 -55.00 -93.72 22.50
C SER VA 14 -55.69 -93.84 23.85
N PHE VA 15 -55.21 -94.72 24.71
CA PHE VA 15 -55.76 -94.90 26.05
C PHE VA 15 -55.09 -94.01 27.08
N LEU VA 16 -54.18 -93.14 26.66
CA LEU VA 16 -53.31 -92.39 27.56
C LEU VA 16 -53.88 -90.99 27.79
N ILE VA 17 -53.93 -90.59 29.06
CA ILE VA 17 -54.43 -89.27 29.45
C ILE VA 17 -53.33 -88.54 30.21
N LYS VA 18 -53.05 -87.31 29.81
CA LYS VA 18 -52.01 -86.49 30.41
C LYS VA 18 -52.56 -85.10 30.69
N ARG VA 19 -52.95 -84.84 31.94
CA ARG VA 19 -53.33 -83.50 32.34
C ARG VA 19 -53.19 -83.38 33.85
N ASN VA 20 -53.04 -82.13 34.31
CA ASN VA 20 -52.95 -81.82 35.74
C ASN VA 20 -51.78 -82.54 36.40
N LYS VA 21 -50.70 -82.73 35.66
CA LYS VA 21 -49.50 -83.42 36.15
C LYS VA 21 -49.82 -84.84 36.59
N GLN VA 22 -50.81 -85.46 35.97
CA GLN VA 22 -51.24 -86.82 36.30
C GLN VA 22 -51.39 -87.62 35.02
N THR VA 23 -51.13 -88.92 35.11
CA THR VA 23 -51.18 -89.81 33.97
C THR VA 23 -52.08 -91.00 34.27
N TYR VA 24 -52.89 -91.39 33.30
CA TYR VA 24 -53.84 -92.48 33.49
C TYR VA 24 -53.99 -93.26 32.19
N SER VA 25 -54.44 -94.51 32.33
CA SER VA 25 -54.69 -95.39 31.20
C SER VA 25 -56.14 -95.85 31.25
N THR VA 26 -56.86 -95.67 30.15
CA THR VA 26 -58.27 -96.01 30.07
C THR VA 26 -58.52 -97.29 29.29
N GLU VA 27 -57.51 -98.15 29.16
CA GLU VA 27 -57.68 -99.42 28.47
C GLU VA 27 -58.55 -100.36 29.31
N PRO VA 28 -59.21 -101.34 28.66
CA PRO VA 28 -60.28 -102.09 29.36
C PRO VA 28 -59.83 -102.84 30.59
N ASN VA 29 -58.65 -103.46 30.59
CA ASN VA 29 -58.28 -104.42 31.63
C ASN VA 29 -57.14 -103.89 32.50
N ASN VA 30 -57.18 -102.61 32.84
CA ASN VA 30 -56.15 -101.95 33.63
C ASN VA 30 -56.70 -101.67 35.02
N LEU VA 31 -56.26 -102.43 36.01
CA LEU VA 31 -56.55 -102.09 37.40
C LEU VA 31 -55.76 -100.86 37.80
N LYS VA 32 -56.37 -100.00 38.62
CA LYS VA 32 -55.79 -98.75 39.09
C LYS VA 32 -55.66 -97.73 37.96
N ALA VA 33 -55.95 -98.15 36.73
CA ALA VA 33 -56.05 -97.30 35.56
C ALA VA 33 -54.81 -96.46 35.30
N ARG VA 34 -53.68 -96.76 35.95
CA ARG VA 34 -52.49 -95.94 35.81
C ARG VA 34 -51.59 -96.47 34.71
N ASN VA 35 -50.98 -95.55 33.97
CA ASN VA 35 -50.04 -95.90 32.90
C ASN VA 35 -48.80 -96.52 33.52
N SER VA 36 -48.63 -97.82 33.36
CA SER VA 36 -47.53 -98.55 33.97
C SER VA 36 -47.33 -99.85 33.22
N PHE VA 37 -46.09 -100.35 33.24
CA PHE VA 37 -45.82 -101.62 32.59
C PHE VA 37 -46.52 -102.77 33.30
N ARG VA 38 -46.51 -102.75 34.63
CA ARG VA 38 -47.07 -103.84 35.40
C ARG VA 38 -48.58 -103.92 35.25
N TYR VA 39 -49.25 -102.78 35.35
CA TYR VA 39 -50.71 -102.73 35.39
C TYR VA 39 -51.35 -102.62 34.01
N ASN VA 40 -50.56 -102.56 32.94
CA ASN VA 40 -51.14 -102.44 31.62
C ASN VA 40 -51.86 -103.72 31.25
N GLY VA 41 -53.05 -103.58 30.67
CA GLY VA 41 -53.92 -104.70 30.38
C GLY VA 41 -53.84 -105.26 28.98
N LEU VA 42 -52.90 -104.80 28.16
CA LEU VA 42 -52.84 -105.20 26.76
C LEU VA 42 -51.56 -105.93 26.40
N ILE VA 43 -50.39 -105.43 26.84
CA ILE VA 43 -49.11 -105.96 26.39
C ILE VA 43 -48.71 -107.25 27.08
N HIS VA 44 -49.48 -107.72 28.05
CA HIS VA 44 -49.06 -108.82 28.89
C HIS VA 44 -49.61 -110.16 28.39
N ARG VA 45 -48.79 -111.19 28.57
CA ARG VA 45 -49.16 -112.54 28.11
C ARG VA 45 -50.37 -113.07 28.86
N LYS VA 46 -50.50 -112.75 30.15
CA LYS VA 46 -51.66 -113.13 30.93
C LYS VA 46 -52.06 -111.98 31.84
N THR VA 47 -53.36 -111.74 31.95
CA THR VA 47 -53.84 -110.61 32.73
C THR VA 47 -55.26 -110.88 33.21
N VAL VA 48 -55.69 -110.08 34.17
CA VAL VA 48 -57.02 -110.20 34.76
C VAL VA 48 -57.61 -108.81 34.91
N GLY VA 49 -58.91 -108.70 34.65
CA GLY VA 49 -59.62 -107.45 34.80
C GLY VA 49 -60.86 -107.66 35.66
N VAL VA 50 -61.24 -106.59 36.36
CA VAL VA 50 -62.41 -106.61 37.24
C VAL VA 50 -63.32 -105.47 36.82
N GLU VA 51 -64.54 -105.80 36.42
CA GLU VA 51 -65.50 -104.83 35.93
C GLU VA 51 -66.81 -104.97 36.66
N PRO VA 52 -67.63 -103.93 36.71
CA PRO VA 52 -69.01 -104.11 37.17
C PRO VA 52 -69.80 -104.94 36.18
N ALA VA 53 -70.77 -105.68 36.71
CA ALA VA 53 -71.59 -106.53 35.86
C ALA VA 53 -72.47 -105.68 34.94
N ALA VA 54 -72.97 -106.32 33.88
CA ALA VA 54 -73.84 -105.61 32.94
C ALA VA 54 -75.06 -105.05 33.66
N ASP VA 55 -75.75 -105.88 34.43
CA ASP VA 55 -76.74 -105.39 35.36
C ASP VA 55 -76.05 -104.90 36.64
N GLY VA 56 -76.80 -104.16 37.45
CA GLY VA 56 -76.21 -103.47 38.58
C GLY VA 56 -75.89 -104.35 39.79
N LYS VA 57 -75.71 -105.64 39.58
CA LYS VA 57 -75.42 -106.57 40.67
C LYS VA 57 -74.29 -107.50 40.28
N GLY VA 58 -73.28 -107.62 41.13
CA GLY VA 58 -72.18 -108.52 40.91
C GLY VA 58 -71.01 -107.86 40.19
N VAL VA 59 -69.97 -108.67 39.98
CA VAL VA 59 -68.76 -108.22 39.29
C VAL VA 59 -68.35 -109.27 38.27
N VAL VA 60 -67.84 -108.80 37.13
CA VAL VA 60 -67.32 -109.67 36.08
C VAL VA 60 -65.81 -109.70 36.20
N VAL VA 61 -65.27 -110.91 36.27
CA VAL VA 61 -63.83 -111.14 36.29
C VAL VA 61 -63.43 -111.68 34.94
N VAL VA 62 -62.50 -111.00 34.28
CA VAL VA 62 -62.06 -111.35 32.94
C VAL VA 62 -60.65 -111.91 33.04
N MET VA 63 -60.45 -113.10 32.49
CA MET VA 63 -59.18 -113.81 32.52
C MET VA 63 -58.65 -113.87 31.10
N LYS VA 64 -57.36 -113.66 30.91
CA LYS VA 64 -56.77 -113.86 29.59
C LYS VA 64 -56.23 -115.27 29.50
N ARG VA 65 -56.64 -116.01 28.47
CA ARG VA 65 -56.21 -117.39 28.32
C ARG VA 65 -54.78 -117.41 27.78
N ARG VA 66 -54.27 -118.58 27.45
CA ARG VA 66 -52.88 -118.73 27.05
C ARG VA 66 -52.68 -118.99 25.57
N SER VA 67 -53.55 -119.77 24.94
CA SER VA 67 -53.28 -120.25 23.58
C SER VA 67 -53.44 -119.16 22.54
N GLY VA 68 -54.65 -118.64 22.39
CA GLY VA 68 -54.94 -117.71 21.32
C GLY VA 68 -54.55 -116.28 21.62
N GLN VA 69 -53.24 -115.99 21.62
CA GLN VA 69 -52.79 -114.63 21.88
C GLN VA 69 -53.10 -113.70 20.71
N ARG VA 70 -53.03 -114.20 19.48
CA ARG VA 70 -53.32 -113.41 18.29
C ARG VA 70 -54.78 -113.47 17.88
N LYS VA 71 -55.63 -114.15 18.65
CA LYS VA 71 -57.05 -114.28 18.35
C LYS VA 71 -57.83 -113.52 19.41
N PRO VA 72 -58.16 -112.25 19.18
CA PRO VA 72 -58.81 -111.45 20.23
C PRO VA 72 -60.19 -111.95 20.62
N ALA VA 73 -60.93 -112.56 19.69
CA ALA VA 73 -62.30 -112.95 19.98
C ALA VA 73 -62.36 -114.00 21.08
N THR VA 74 -61.48 -114.99 21.04
CA THR VA 74 -61.49 -116.08 22.00
C THR VA 74 -60.30 -116.02 22.96
N SER VA 75 -59.88 -114.80 23.30
CA SER VA 75 -58.72 -114.61 24.17
C SER VA 75 -59.08 -114.32 25.62
N TYR VA 76 -60.28 -113.81 25.88
CA TYR VA 76 -60.69 -113.45 27.22
C TYR VA 76 -61.90 -114.29 27.62
N VAL VA 77 -61.84 -114.91 28.80
CA VAL VA 77 -62.94 -115.69 29.35
C VAL VA 77 -63.51 -114.93 30.53
N ARG VA 78 -64.83 -114.79 30.56
CA ARG VA 78 -65.51 -113.98 31.56
C ARG VA 78 -66.19 -114.87 32.60
N THR VA 79 -66.31 -114.33 33.80
CA THR VA 79 -67.00 -115.04 34.88
C THR VA 79 -67.72 -114.01 35.75
N THR VA 80 -69.04 -114.13 35.82
CA THR VA 80 -69.82 -113.23 36.66
C THR VA 80 -69.97 -113.83 38.04
N ILE VA 81 -69.68 -113.03 39.07
CA ILE VA 81 -69.77 -113.45 40.46
C ILE VA 81 -70.74 -112.52 41.16
N ASN VA 82 -71.81 -113.09 41.73
CA ASN VA 82 -72.84 -112.33 42.43
C ASN VA 82 -73.07 -113.04 43.76
N LYS VA 83 -72.35 -112.60 44.79
CA LYS VA 83 -72.44 -113.16 46.13
C LYS VA 83 -72.34 -112.01 47.12
N ASN VA 84 -72.11 -112.34 48.38
CA ASN VA 84 -71.77 -111.34 49.36
C ASN VA 84 -70.34 -110.86 49.15
N ALA VA 85 -69.98 -109.77 49.82
CA ALA VA 85 -68.67 -109.18 49.63
C ALA VA 85 -67.55 -110.15 50.00
N ARG VA 86 -67.70 -110.82 51.14
CA ARG VA 86 -66.62 -111.69 51.62
C ARG VA 86 -66.39 -112.88 50.69
N ALA VA 87 -67.46 -113.52 50.23
CA ALA VA 87 -67.27 -114.66 49.32
C ALA VA 87 -66.78 -114.20 47.95
N THR VA 88 -67.22 -113.04 47.48
CA THR VA 88 -66.69 -112.55 46.21
C THR VA 88 -65.19 -112.29 46.31
N LEU VA 89 -64.77 -111.66 47.41
CA LEU VA 89 -63.34 -111.41 47.61
C LEU VA 89 -62.56 -112.71 47.72
N SER VA 90 -63.10 -113.69 48.44
CA SER VA 90 -62.43 -114.98 48.57
C SER VA 90 -62.32 -115.67 47.22
N SER VA 91 -63.37 -115.60 46.41
CA SER VA 91 -63.34 -116.23 45.09
C SER VA 91 -62.27 -115.60 44.21
N ILE VA 92 -62.21 -114.27 44.19
CA ILE VA 92 -61.17 -113.61 43.39
C ILE VA 92 -59.78 -113.97 43.89
N ARG VA 93 -59.59 -113.95 45.21
CA ARG VA 93 -58.30 -114.27 45.79
C ARG VA 93 -57.87 -115.68 45.45
N HIS VA 94 -58.80 -116.63 45.51
CA HIS VA 94 -58.49 -118.00 45.11
C HIS VA 94 -58.15 -118.08 43.63
N MET VA 95 -58.98 -117.47 42.78
CA MET VA 95 -58.76 -117.50 41.35
C MET VA 95 -57.34 -117.06 41.00
N ILE VA 96 -56.85 -116.04 41.67
CA ILE VA 96 -55.49 -115.59 41.37
C ILE VA 96 -54.45 -116.48 42.04
N ARG VA 97 -54.54 -116.66 43.36
CA ARG VA 97 -53.46 -117.28 44.11
C ARG VA 97 -53.28 -118.74 43.74
N LYS VA 98 -54.37 -119.52 43.73
CA LYS VA 98 -54.22 -120.96 43.56
C LYS VA 98 -54.10 -121.38 42.11
N ASN VA 99 -54.32 -120.48 41.16
CA ASN VA 99 -53.90 -120.69 39.79
C ASN VA 99 -52.53 -120.11 39.51
N LYS VA 100 -51.97 -119.36 40.46
CA LYS VA 100 -50.68 -118.67 40.27
C LYS VA 100 -50.75 -117.76 39.04
N TYR VA 101 -51.90 -117.15 38.82
CA TYR VA 101 -52.18 -116.38 37.62
C TYR VA 101 -51.78 -114.93 37.88
N HIS VA 102 -50.54 -114.59 37.52
CA HIS VA 102 -50.05 -113.22 37.53
C HIS VA 102 -50.26 -112.61 38.92
N PRO VA 103 -49.60 -113.14 39.94
CA PRO VA 103 -50.01 -112.89 41.33
C PRO VA 103 -49.56 -111.54 41.89
N ASP VA 104 -48.91 -110.70 41.10
CA ASP VA 104 -48.38 -109.43 41.60
C ASP VA 104 -49.47 -108.42 41.91
N LEU VA 105 -50.73 -108.70 41.56
CA LEU VA 105 -51.79 -107.71 41.62
C LEU VA 105 -53.12 -108.28 42.14
N ARG VA 106 -53.05 -109.37 42.92
CA ARG VA 106 -54.26 -109.87 43.56
C ARG VA 106 -54.82 -108.86 44.55
N MET VA 107 -53.95 -108.15 45.27
CA MET VA 107 -54.41 -107.15 46.22
C MET VA 107 -55.14 -106.02 45.49
N ALA VA 108 -54.60 -105.59 44.36
CA ALA VA 108 -55.26 -104.56 43.57
C ALA VA 108 -56.61 -105.06 43.03
N ALA VA 109 -56.67 -106.33 42.62
CA ALA VA 109 -57.93 -106.87 42.12
C ALA VA 109 -59.00 -106.85 43.21
N ILE VA 110 -58.64 -107.25 44.43
CA ILE VA 110 -59.66 -107.24 45.47
C ILE VA 110 -60.00 -105.82 45.92
N ARG VA 111 -59.04 -104.89 45.86
CA ARG VA 111 -59.36 -103.49 46.09
C ARG VA 111 -60.40 -103.00 45.10
N ARG VA 112 -60.20 -103.26 43.82
CA ARG VA 112 -61.13 -102.80 42.80
C ARG VA 112 -62.49 -103.45 42.98
N ALA VA 113 -62.52 -104.75 43.30
CA ALA VA 113 -63.79 -105.44 43.50
C ALA VA 113 -64.54 -104.85 44.69
N SER VA 114 -63.85 -104.61 45.80
CA SER VA 114 -64.50 -104.02 46.96
C SER VA 114 -65.03 -102.63 46.65
N ALA VA 115 -64.27 -101.84 45.89
CA ALA VA 115 -64.76 -100.52 45.49
C ALA VA 115 -66.03 -100.63 44.65
N ILE VA 116 -66.06 -101.56 43.72
CA ILE VA 116 -67.23 -101.72 42.86
C ILE VA 116 -68.44 -102.15 43.67
N LEU VA 117 -68.26 -103.07 44.61
CA LEU VA 117 -69.38 -103.48 45.46
C LEU VA 117 -69.87 -102.33 46.34
N ARG VA 118 -68.95 -101.54 46.88
CA ARG VA 118 -69.34 -100.39 47.68
C ARG VA 118 -70.15 -99.40 46.84
N SER VA 119 -69.75 -99.21 45.58
CA SER VA 119 -70.52 -98.35 44.69
C SER VA 119 -71.90 -98.93 44.41
N GLN VA 120 -71.98 -100.26 44.23
CA GLN VA 120 -73.27 -100.88 43.96
C GLN VA 120 -74.20 -100.80 45.16
N LYS VA 121 -73.66 -100.71 46.37
CA LYS VA 121 -74.49 -100.56 47.55
C LYS VA 121 -75.32 -99.28 47.44
N PRO VA 122 -76.55 -99.29 47.96
CA PRO VA 122 -77.39 -98.08 47.89
C PRO VA 122 -76.77 -96.93 48.67
N VAL VA 123 -77.03 -95.72 48.19
CA VAL VA 123 -76.41 -94.51 48.73
C VAL VA 123 -77.41 -93.80 49.64
N MET VA 124 -76.87 -93.15 50.67
CA MET VA 124 -77.69 -92.36 51.57
C MET VA 124 -77.58 -90.87 51.24
N SER WA 1 44.43 86.76 -66.76
CA SER WA 1 44.85 87.50 -67.94
C SER WA 1 44.27 88.91 -67.96
N GLY WA 2 43.03 89.04 -67.48
CA GLY WA 2 42.37 90.33 -67.52
C GLY WA 2 41.97 90.78 -68.90
N ALA WA 3 41.84 89.84 -69.84
CA ALA WA 3 41.48 90.14 -71.23
C ALA WA 3 42.45 91.12 -71.86
N LEU WA 4 43.73 90.98 -71.52
CA LEU WA 4 44.80 91.79 -72.09
C LEU WA 4 45.45 91.02 -73.23
N ASP WA 5 45.59 91.68 -74.38
CA ASP WA 5 46.14 91.01 -75.56
C ASP WA 5 47.60 90.61 -75.36
N VAL WA 6 48.33 91.30 -74.49
CA VAL WA 6 49.71 90.91 -74.21
C VAL WA 6 49.76 89.57 -73.47
N LEU WA 7 48.73 89.26 -72.68
CA LEU WA 7 48.70 88.05 -71.89
C LEU WA 7 47.91 86.93 -72.55
N GLN WA 8 47.29 87.17 -73.69
CA GLN WA 8 46.49 86.16 -74.34
C GLN WA 8 47.37 85.02 -74.85
N MET WA 9 46.85 83.80 -74.76
CA MET WA 9 47.56 82.63 -75.23
C MET WA 9 47.62 82.65 -76.76
N LYS WA 10 48.75 82.22 -77.31
CA LYS WA 10 49.05 82.36 -78.73
C LYS WA 10 49.19 80.99 -79.37
N GLU WA 11 49.34 81.01 -80.70
CA GLU WA 11 49.37 79.77 -81.48
C GLU WA 11 50.58 78.91 -81.13
N GLU WA 12 51.75 79.54 -80.99
CA GLU WA 12 52.96 78.78 -80.73
C GLU WA 12 52.97 78.13 -79.35
N ASP WA 13 52.08 78.56 -78.45
CA ASP WA 13 51.95 77.89 -77.16
C ASP WA 13 50.96 76.73 -77.20
N VAL WA 14 49.93 76.83 -78.04
CA VAL WA 14 48.90 75.80 -78.11
C VAL WA 14 49.47 74.51 -78.69
N LEU WA 15 50.29 74.62 -79.73
CA LEU WA 15 50.88 73.42 -80.32
C LEU WA 15 51.77 72.71 -79.32
N LYS WA 16 52.50 73.48 -78.50
CA LYS WA 16 53.29 72.86 -77.44
C LYS WA 16 52.40 72.13 -76.45
N PHE WA 17 51.26 72.72 -76.10
CA PHE WA 17 50.30 72.05 -75.23
C PHE WA 17 49.81 70.75 -75.85
N LEU WA 18 49.42 70.80 -77.13
CA LEU WA 18 48.83 69.63 -77.77
C LEU WA 18 49.84 68.51 -77.95
N ALA WA 19 51.10 68.87 -78.21
CA ALA WA 19 52.13 67.85 -78.35
C ALA WA 19 52.36 67.11 -77.05
N ALA WA 20 52.37 67.84 -75.93
CA ALA WA 20 52.56 67.22 -74.62
C ALA WA 20 51.32 66.53 -74.09
N GLY WA 21 50.17 66.69 -74.75
CA GLY WA 21 48.95 66.08 -74.29
C GLY WA 21 48.41 66.66 -72.99
N THR WA 22 48.68 67.94 -72.74
CA THR WA 22 48.17 68.57 -71.52
C THR WA 22 46.65 68.61 -71.49
N HIS WA 23 46.02 68.70 -72.66
CA HIS WA 23 44.57 68.76 -72.72
C HIS WA 23 43.93 67.44 -72.26
N LEU WA 24 44.65 66.34 -72.38
CA LEU WA 24 44.11 65.02 -72.09
C LEU WA 24 44.13 64.77 -70.59
N GLY WA 25 42.96 64.54 -70.00
CA GLY WA 25 42.86 64.30 -68.57
C GLY WA 25 42.88 62.84 -68.20
N GLY WA 26 41.77 62.34 -67.66
CA GLY WA 26 41.67 60.96 -67.26
C GLY WA 26 40.28 60.39 -67.44
N THR WA 27 40.02 59.23 -66.84
CA THR WA 27 38.71 58.61 -66.92
C THR WA 27 37.76 59.05 -65.82
N ASN WA 28 38.29 59.58 -64.72
CA ASN WA 28 37.47 60.02 -63.60
C ASN WA 28 37.45 61.54 -63.52
N LEU WA 29 36.48 62.06 -62.76
CA LEU WA 29 36.31 63.50 -62.64
C LEU WA 29 35.56 63.79 -61.34
N ASP WA 30 36.24 64.42 -60.39
CA ASP WA 30 35.57 64.80 -59.16
C ASP WA 30 34.83 66.12 -59.33
N PHE WA 31 33.86 66.35 -58.45
CA PHE WA 31 32.94 67.47 -58.61
C PHE WA 31 33.63 68.82 -58.47
N GLN WA 32 34.81 68.88 -57.85
CA GLN WA 32 35.48 70.15 -57.69
C GLN WA 32 36.09 70.65 -58.99
N MET WA 33 36.45 69.75 -59.89
CA MET WA 33 37.11 70.10 -61.15
C MET WA 33 36.17 70.12 -62.35
N GLU WA 34 34.87 69.92 -62.14
CA GLU WA 34 33.96 69.72 -63.26
C GLU WA 34 33.78 70.96 -64.13
N GLN WA 35 34.17 72.14 -63.66
CA GLN WA 35 34.05 73.34 -64.46
C GLN WA 35 35.36 73.74 -65.12
N TYR WA 36 36.40 72.91 -64.98
CA TYR WA 36 37.64 73.06 -65.74
C TYR WA 36 37.70 72.10 -66.92
N ILE WA 37 36.60 71.41 -67.22
CA ILE WA 37 36.55 70.34 -68.21
C ILE WA 37 35.64 70.76 -69.34
N TYR WA 38 36.05 70.45 -70.58
CA TYR WA 38 35.23 70.79 -71.74
C TYR WA 38 34.08 69.80 -71.90
N LYS WA 39 34.40 68.55 -72.18
CA LYS WA 39 33.42 67.45 -72.24
C LYS WA 39 34.19 66.14 -72.32
N ARG WA 40 33.46 65.05 -72.55
CA ARG WA 40 33.98 63.70 -72.45
C ARG WA 40 34.02 63.04 -73.82
N LYS WA 41 35.05 62.20 -74.04
CA LYS WA 41 35.20 61.47 -75.28
C LYS WA 41 34.28 60.26 -75.32
N SER WA 42 34.25 59.59 -76.48
CA SER WA 42 33.80 58.21 -76.56
C SER WA 42 34.89 57.23 -76.14
N ASP WA 43 36.13 57.70 -75.98
CA ASP WA 43 37.21 56.91 -75.42
C ASP WA 43 37.12 56.82 -73.89
N GLY WA 44 36.39 57.74 -73.25
CA GLY WA 44 36.30 57.78 -71.80
C GLY WA 44 37.19 58.80 -71.14
N ILE WA 45 38.05 59.47 -71.89
CA ILE WA 45 38.94 60.49 -71.35
C ILE WA 45 38.27 61.85 -71.46
N TYR WA 46 38.51 62.70 -70.48
CA TYR WA 46 37.98 64.06 -70.49
C TYR WA 46 38.96 65.01 -71.17
N ILE WA 47 38.42 66.03 -71.82
CA ILE WA 47 39.20 67.08 -72.44
C ILE WA 47 39.24 68.27 -71.49
N ILE WA 48 40.44 68.74 -71.18
CA ILE WA 48 40.63 69.89 -70.31
C ILE WA 48 40.61 71.14 -71.16
N ASN WA 49 39.71 72.07 -70.81
CA ASN WA 49 39.63 73.33 -71.54
C ASN WA 49 40.92 74.12 -71.38
N LEU WA 50 41.63 74.34 -72.50
CA LEU WA 50 42.93 74.98 -72.43
C LEU WA 50 42.81 76.47 -72.13
N LYS WA 51 41.66 77.08 -72.43
CA LYS WA 51 41.45 78.48 -72.05
C LYS WA 51 41.56 78.65 -70.54
N ARG WA 52 40.91 77.77 -69.77
CA ARG WA 52 40.94 77.88 -68.32
C ARG WA 52 42.28 77.43 -67.74
N THR WA 53 42.98 76.53 -68.43
CA THR WA 53 44.32 76.16 -68.01
C THR WA 53 45.26 77.36 -68.04
N TRP WA 54 45.20 78.14 -69.13
CA TRP WA 54 46.10 79.27 -69.28
C TRP WA 54 45.78 80.36 -68.26
N GLU WA 55 44.51 80.71 -68.10
CA GLU WA 55 44.15 81.77 -67.18
C GLU WA 55 44.51 81.41 -65.74
N LYS WA 56 44.23 80.17 -65.33
CA LYS WA 56 44.65 79.73 -64.00
C LYS WA 56 46.17 79.70 -63.90
N LEU WA 57 46.86 79.39 -64.99
CA LEU WA 57 48.32 79.44 -64.97
C LEU WA 57 48.82 80.86 -64.76
N LEU WA 58 48.17 81.84 -65.39
CA LEU WA 58 48.57 83.23 -65.21
C LEU WA 58 48.24 83.72 -63.81
N LEU WA 59 47.12 83.26 -63.24
CA LEU WA 59 46.78 83.65 -61.87
C LEU WA 59 47.81 83.13 -60.88
N ALA WA 60 48.30 81.92 -61.09
CA ALA WA 60 49.36 81.39 -60.24
C ALA WA 60 50.64 82.22 -60.36
N ALA WA 61 50.95 82.67 -61.59
CA ALA WA 61 52.14 83.49 -61.79
C ALA WA 61 52.04 84.80 -61.02
N ARG WA 62 50.85 85.40 -60.95
CA ARG WA 62 50.67 86.63 -60.20
C ARG WA 62 51.04 86.46 -58.74
N ALA WA 63 50.62 85.33 -58.15
CA ALA WA 63 50.89 85.10 -56.73
C ALA WA 63 52.37 84.89 -56.45
N ILE WA 64 53.08 84.25 -57.37
CA ILE WA 64 54.51 84.03 -57.19
C ILE WA 64 55.27 85.34 -57.27
N VAL WA 65 54.87 86.21 -58.20
CA VAL WA 65 55.56 87.48 -58.37
C VAL WA 65 55.37 88.37 -57.15
N ALA WA 66 54.18 88.33 -56.55
CA ALA WA 66 53.90 89.15 -55.37
C ALA WA 66 54.85 88.83 -54.22
N ILE WA 67 55.45 87.65 -54.21
CA ILE WA 67 56.44 87.30 -53.21
C ILE WA 67 57.76 87.96 -53.60
N GLU WA 68 58.14 89.00 -52.88
CA GLU WA 68 59.32 89.77 -53.25
C GLU WA 68 60.60 88.97 -53.09
N ASN WA 69 60.74 88.22 -52.00
CA ASN WA 69 61.89 87.35 -51.83
C ASN WA 69 61.63 86.04 -52.56
N PRO WA 70 62.34 85.75 -53.65
CA PRO WA 70 62.12 84.49 -54.35
C PRO WA 70 62.55 83.27 -53.57
N ALA WA 71 63.34 83.44 -52.50
CA ALA WA 71 63.90 82.31 -51.78
C ALA WA 71 62.88 81.60 -50.89
N ASP WA 72 61.82 82.29 -50.46
CA ASP WA 72 60.82 81.67 -49.58
C ASP WA 72 59.56 81.29 -50.34
N VAL WA 73 59.71 80.87 -51.59
CA VAL WA 73 58.68 80.17 -52.34
C VAL WA 73 59.17 78.74 -52.50
N SER WA 74 58.50 77.80 -51.85
CA SER WA 74 58.95 76.42 -51.85
C SER WA 74 58.27 75.63 -52.96
N VAL WA 75 59.02 74.71 -53.55
CA VAL WA 75 58.55 73.89 -54.66
C VAL WA 75 58.86 72.43 -54.35
N ILE WA 76 57.86 71.56 -54.52
CA ILE WA 76 57.93 70.17 -54.09
C ILE WA 76 57.44 69.27 -55.20
N SER WA 77 58.15 68.16 -55.41
CA SER WA 77 57.66 67.09 -56.29
C SER WA 77 58.21 65.77 -55.76
N SER WA 78 57.32 64.90 -55.29
CA SER WA 78 57.72 63.61 -54.75
C SER WA 78 57.87 62.56 -55.85
N ARG WA 79 56.90 62.47 -56.76
CA ARG WA 79 57.02 61.53 -57.86
C ARG WA 79 58.18 61.92 -58.76
N ASN WA 80 58.79 60.92 -59.39
CA ASN WA 80 60.02 61.16 -60.12
C ASN WA 80 59.78 61.87 -61.44
N THR WA 81 58.52 61.92 -61.91
CA THR WA 81 58.21 62.58 -63.16
C THR WA 81 58.53 64.07 -63.09
N GLY WA 82 58.25 64.70 -61.95
CA GLY WA 82 58.45 66.13 -61.81
C GLY WA 82 59.66 66.58 -61.01
N GLN WA 83 60.57 65.68 -60.65
CA GLN WA 83 61.72 66.10 -59.87
C GLN WA 83 62.68 66.97 -60.68
N ARG WA 84 62.94 66.60 -61.93
CA ARG WA 84 63.86 67.38 -62.75
C ARG WA 84 63.29 68.76 -63.04
N ALA WA 85 61.98 68.84 -63.34
CA ALA WA 85 61.36 70.13 -63.59
C ALA WA 85 61.43 71.04 -62.37
N VAL WA 86 61.38 70.47 -61.17
CA VAL WA 86 61.50 71.26 -59.96
C VAL WA 86 62.92 71.79 -59.79
N LEU WA 87 63.93 70.98 -60.11
CA LEU WA 87 65.31 71.46 -60.03
C LEU WA 87 65.57 72.58 -61.02
N LYS WA 88 64.88 72.55 -62.18
CA LYS WA 88 65.08 73.59 -63.17
C LYS WA 88 64.24 74.83 -62.89
N PHE WA 89 63.04 74.65 -62.35
CA PHE WA 89 62.21 75.81 -62.03
C PHE WA 89 62.88 76.69 -60.98
N ALA WA 90 63.47 76.07 -59.97
CA ALA WA 90 64.16 76.84 -58.93
C ALA WA 90 65.39 77.54 -59.47
N ALA WA 91 66.07 76.92 -60.45
CA ALA WA 91 67.26 77.56 -61.03
C ALA WA 91 66.90 78.85 -61.74
N ALA WA 92 65.85 78.83 -62.56
CA ALA WA 92 65.49 80.01 -63.33
C ALA WA 92 64.85 81.09 -62.47
N THR WA 93 63.95 80.69 -61.56
CA THR WA 93 63.14 81.65 -60.82
C THR WA 93 63.77 82.06 -59.50
N GLY WA 94 64.59 81.21 -58.90
CA GLY WA 94 65.20 81.50 -57.63
C GLY WA 94 64.52 80.91 -56.42
N ALA WA 95 63.62 79.95 -56.61
CA ALA WA 95 62.89 79.35 -55.51
C ALA WA 95 63.74 78.31 -54.79
N THR WA 96 63.22 77.83 -53.67
CA THR WA 96 63.91 76.82 -52.86
C THR WA 96 63.31 75.46 -53.16
N PRO WA 97 64.06 74.53 -53.74
CA PRO WA 97 63.49 73.23 -54.12
C PRO WA 97 63.54 72.20 -53.01
N ILE WA 98 62.52 71.35 -53.00
CA ILE WA 98 62.44 70.18 -52.12
C ILE WA 98 62.07 69.00 -53.01
N ALA WA 99 63.07 68.26 -53.47
CA ALA WA 99 62.87 67.13 -54.36
C ALA WA 99 63.23 65.84 -53.63
N GLY WA 100 62.38 64.84 -53.76
CA GLY WA 100 62.60 63.58 -53.07
C GLY WA 100 61.58 63.34 -51.98
N ARG WA 101 62.03 62.81 -50.84
CA ARG WA 101 61.14 62.57 -49.72
C ARG WA 101 60.99 63.82 -48.87
N PHE WA 102 59.74 64.20 -48.62
CA PHE WA 102 59.43 65.30 -47.72
C PHE WA 102 59.36 64.76 -46.29
N THR WA 103 60.30 65.17 -45.46
CA THR WA 103 60.33 64.68 -44.08
C THR WA 103 59.28 65.42 -43.27
N PRO WA 104 58.33 64.72 -42.64
CA PRO WA 104 57.27 65.40 -41.88
C PRO WA 104 57.85 66.20 -40.73
N GLY WA 105 57.57 67.50 -40.72
CA GLY WA 105 58.06 68.39 -39.68
C GLY WA 105 58.91 69.54 -40.17
N THR WA 106 59.21 69.64 -41.47
CA THR WA 106 60.00 70.76 -41.96
C THR WA 106 59.29 72.09 -41.73
N PHE WA 107 57.97 72.09 -41.74
CA PHE WA 107 57.21 73.32 -41.58
C PHE WA 107 56.78 73.58 -40.14
N THR WA 108 56.85 72.57 -39.27
CA THR WA 108 56.33 72.70 -37.92
C THR WA 108 57.32 72.38 -36.81
N ASN WA 109 58.47 71.80 -37.11
CA ASN WA 109 59.43 71.39 -36.09
C ASN WA 109 60.65 72.30 -36.19
N GLN WA 110 60.65 73.37 -35.39
CA GLN WA 110 61.73 74.36 -35.46
C GLN WA 110 63.06 73.78 -35.02
N ILE WA 111 63.06 72.74 -34.18
CA ILE WA 111 64.31 72.17 -33.70
C ILE WA 111 65.02 71.37 -34.79
N GLN WA 112 64.31 70.99 -35.85
CA GLN WA 112 64.91 70.22 -36.92
C GLN WA 112 65.99 71.04 -37.64
N THR WA 113 66.91 70.33 -38.28
CA THR WA 113 67.94 71.00 -39.06
C THR WA 113 67.36 71.60 -40.33
N ALA WA 114 66.52 70.85 -41.02
CA ALA WA 114 65.88 71.34 -42.25
C ALA WA 114 64.53 71.97 -41.97
N PHE WA 115 64.51 72.91 -41.02
CA PHE WA 115 63.30 73.66 -40.71
C PHE WA 115 63.23 74.88 -41.63
N ARG WA 116 62.29 74.87 -42.56
CA ARG WA 116 62.10 75.97 -43.48
C ARG WA 116 60.64 76.37 -43.51
N GLU WA 117 60.39 77.67 -43.52
CA GLU WA 117 59.04 78.22 -43.47
C GLU WA 117 58.85 79.19 -44.62
N PRO WA 118 58.46 78.70 -45.79
CA PRO WA 118 58.29 79.57 -46.95
C PRO WA 118 57.01 80.37 -46.88
N ARG WA 119 56.72 81.13 -47.94
CA ARG WA 119 55.48 81.88 -48.04
C ARG WA 119 54.57 81.38 -49.13
N LEU WA 120 54.94 80.30 -49.83
CA LEU WA 120 54.17 79.80 -50.95
C LEU WA 120 54.65 78.40 -51.34
N LEU WA 121 53.73 77.46 -51.50
CA LEU WA 121 54.03 76.14 -52.02
C LEU WA 121 53.44 75.99 -53.41
N VAL WA 122 54.28 75.53 -54.34
CA VAL WA 122 53.82 75.06 -55.65
C VAL WA 122 54.10 73.56 -55.70
N VAL WA 123 53.05 72.78 -55.94
CA VAL WA 123 53.07 71.34 -55.75
C VAL WA 123 52.70 70.67 -57.07
N THR WA 124 53.39 69.57 -57.39
CA THR WA 124 53.18 68.90 -58.66
C THR WA 124 51.93 68.02 -58.69
N ASP WA 125 51.47 67.54 -57.52
CA ASP WA 125 50.29 66.69 -57.46
C ASP WA 125 49.78 66.64 -56.03
N PRO WA 126 48.52 67.02 -55.79
CA PRO WA 126 47.99 66.94 -54.42
C PRO WA 126 47.92 65.53 -53.86
N ARG WA 127 47.72 64.52 -54.71
CA ARG WA 127 47.57 63.15 -54.21
C ARG WA 127 48.91 62.57 -53.77
N ALA WA 128 49.94 62.69 -54.60
CA ALA WA 128 51.25 62.17 -54.25
C ALA WA 128 51.96 63.03 -53.22
N ASP WA 129 51.57 64.29 -53.08
CA ASP WA 129 52.17 65.21 -52.12
C ASP WA 129 51.16 65.62 -51.06
N HIS WA 130 50.38 64.65 -50.58
CA HIS WA 130 49.42 64.93 -49.52
C HIS WA 130 50.10 65.44 -48.26
N GLN WA 131 51.32 64.97 -47.99
CA GLN WA 131 51.99 65.36 -46.76
C GLN WA 131 52.31 66.85 -46.71
N PRO WA 132 52.98 67.46 -47.70
CA PRO WA 132 53.25 68.90 -47.62
C PRO WA 132 52.00 69.77 -47.56
N LEU WA 133 50.94 69.39 -48.27
CA LEU WA 133 49.70 70.16 -48.21
C LEU WA 133 49.10 70.13 -46.82
N THR WA 134 49.15 68.97 -46.16
CA THR WA 134 48.65 68.89 -44.79
C THR WA 134 49.47 69.76 -43.85
N GLU WA 135 50.79 69.75 -44.01
CA GLU WA 135 51.64 70.62 -43.19
C GLU WA 135 51.29 72.09 -43.40
N ALA WA 136 50.90 72.45 -44.62
CA ALA WA 136 50.52 73.83 -44.91
C ALA WA 136 49.28 74.26 -44.12
N SER WA 137 48.51 73.30 -43.60
CA SER WA 137 47.35 73.65 -42.79
C SER WA 137 47.71 74.09 -41.39
N TYR WA 138 48.95 73.90 -40.96
CA TYR WA 138 49.36 74.26 -39.60
C TYR WA 138 50.04 75.62 -39.52
N VAL WA 139 50.62 76.09 -40.63
CA VAL WA 139 51.20 77.42 -40.71
C VAL WA 139 50.53 78.15 -41.87
N ASN WA 140 50.27 79.44 -41.68
CA ASN WA 140 49.46 80.20 -42.62
C ASN WA 140 50.19 80.49 -43.91
N LEU WA 141 50.11 79.59 -44.90
CA LEU WA 141 50.68 79.89 -46.19
C LEU WA 141 49.86 79.25 -47.30
N PRO WA 142 49.61 79.98 -48.38
CA PRO WA 142 48.80 79.44 -49.48
C PRO WA 142 49.53 78.34 -50.23
N THR WA 143 48.76 77.60 -51.01
CA THR WA 143 49.25 76.45 -51.76
C THR WA 143 48.83 76.54 -53.21
N ILE WA 144 49.76 76.22 -54.11
CA ILE WA 144 49.48 76.14 -55.54
C ILE WA 144 49.81 74.72 -55.98
N ALA WA 145 48.95 74.11 -56.79
CA ALA WA 145 49.15 72.74 -57.17
C ALA WA 145 48.65 72.50 -58.59
N LEU WA 146 49.38 71.66 -59.32
CA LEU WA 146 48.90 71.14 -60.58
C LEU WA 146 47.93 69.99 -60.31
N CYS WA 147 46.74 70.08 -60.86
CA CYS WA 147 45.66 69.16 -60.53
C CYS WA 147 45.10 68.54 -61.80
N ASN WA 148 44.97 67.21 -61.78
CA ASN WA 148 44.38 66.49 -62.90
C ASN WA 148 42.86 66.46 -62.72
N THR WA 149 42.17 65.71 -63.57
CA THR WA 149 40.71 65.64 -63.51
C THR WA 149 40.20 64.88 -62.30
N ASP WA 150 41.07 64.15 -61.59
CA ASP WA 150 40.64 63.35 -60.45
C ASP WA 150 41.21 63.78 -59.12
N SER WA 151 42.26 64.60 -59.11
CA SER WA 151 42.92 64.93 -57.88
C SER WA 151 42.00 65.74 -56.97
N PRO WA 152 41.93 65.40 -55.68
CA PRO WA 152 41.10 66.18 -54.75
C PRO WA 152 41.67 67.56 -54.55
N LEU WA 153 40.79 68.52 -54.25
CA LEU WA 153 41.17 69.91 -54.05
C LEU WA 153 41.13 70.30 -52.58
N ARG WA 154 41.48 69.38 -51.69
CA ARG WA 154 41.70 69.72 -50.30
C ARG WA 154 42.92 70.62 -50.17
N TYR WA 155 42.76 71.73 -49.45
CA TYR WA 155 43.84 72.64 -49.07
C TYR WA 155 44.52 73.27 -50.27
N VAL WA 156 43.97 73.14 -51.47
CA VAL WA 156 44.54 73.74 -52.67
C VAL WA 156 43.90 75.10 -52.88
N ASP WA 157 44.71 76.06 -53.34
CA ASP WA 157 44.25 77.44 -53.48
C ASP WA 157 44.19 77.91 -54.92
N ILE WA 158 45.12 77.49 -55.77
CA ILE WA 158 45.07 77.75 -57.21
C ILE WA 158 45.29 76.41 -57.88
N ALA WA 159 44.22 75.76 -58.29
CA ALA WA 159 44.29 74.48 -58.99
C ALA WA 159 44.50 74.75 -60.47
N ILE WA 160 45.60 74.24 -61.02
CA ILE WA 160 45.88 74.43 -62.44
C ILE WA 160 45.54 73.14 -63.17
N PRO WA 161 44.44 73.09 -63.91
CA PRO WA 161 44.06 71.84 -64.59
C PRO WA 161 45.04 71.52 -65.71
N CYS WA 162 45.54 70.29 -65.70
CA CYS WA 162 46.53 69.84 -66.68
C CYS WA 162 46.61 68.32 -66.59
N ASN WA 163 47.56 67.75 -67.31
CA ASN WA 163 47.86 66.32 -67.26
C ASN WA 163 49.14 66.18 -66.44
N ASN WA 164 48.99 66.06 -65.12
CA ASN WA 164 50.12 66.06 -64.22
C ASN WA 164 50.71 64.68 -64.00
N LYS WA 165 50.45 63.72 -64.89
CA LYS WA 165 51.05 62.40 -64.81
C LYS WA 165 51.84 62.02 -66.05
N GLY WA 166 51.69 62.74 -67.15
CA GLY WA 166 52.50 62.48 -68.32
C GLY WA 166 53.88 63.10 -68.18
N ALA WA 167 54.89 62.42 -68.72
CA ALA WA 167 56.26 62.89 -68.57
C ALA WA 167 56.46 64.24 -69.24
N HIS WA 168 55.91 64.41 -70.45
CA HIS WA 168 56.07 65.67 -71.16
C HIS WA 168 55.21 66.77 -70.53
N SER WA 169 53.96 66.45 -70.21
CA SER WA 169 53.02 67.49 -69.78
C SER WA 169 53.46 68.13 -68.46
N VAL WA 170 54.00 67.34 -67.54
CA VAL WA 170 54.50 67.90 -66.29
C VAL WA 170 55.66 68.85 -66.57
N GLY WA 171 56.56 68.47 -67.47
CA GLY WA 171 57.68 69.35 -67.80
C GLY WA 171 57.24 70.62 -68.49
N LEU WA 172 56.30 70.51 -69.43
CA LEU WA 172 55.82 71.71 -70.13
C LEU WA 172 55.13 72.67 -69.17
N MET WA 173 54.30 72.15 -68.27
CA MET WA 173 53.59 73.03 -67.35
C MET WA 173 54.54 73.73 -66.39
N TRP WA 174 55.62 73.06 -65.99
CA TRP WA 174 56.60 73.73 -65.14
C TRP WA 174 57.45 74.70 -65.93
N TRP WA 175 57.67 74.42 -67.22
CA TRP WA 175 58.51 75.28 -68.03
C TRP WA 175 57.87 76.65 -68.25
N MET WA 176 56.62 76.67 -68.69
CA MET WA 176 55.99 77.95 -68.99
C MET WA 176 55.43 78.63 -67.76
N LEU WA 177 55.27 77.90 -66.65
CA LEU WA 177 55.05 78.58 -65.38
C LEU WA 177 56.27 79.38 -64.98
N ALA WA 178 57.47 78.84 -65.27
CA ALA WA 178 58.70 79.59 -65.05
C ALA WA 178 58.85 80.72 -66.06
N ARG WA 179 58.33 80.54 -67.27
CA ARG WA 179 58.45 81.60 -68.27
C ARG WA 179 57.61 82.81 -67.89
N GLU WA 180 56.38 82.57 -67.42
CA GLU WA 180 55.47 83.68 -67.17
C GLU WA 180 55.85 84.46 -65.93
N VAL WA 181 56.45 83.79 -64.94
CA VAL WA 181 56.94 84.53 -63.78
C VAL WA 181 58.13 85.41 -64.17
N LEU WA 182 58.95 84.96 -65.12
CA LEU WA 182 60.07 85.79 -65.58
C LEU WA 182 59.59 86.95 -66.44
N ARG WA 183 58.63 86.71 -67.34
CA ARG WA 183 58.12 87.79 -68.16
C ARG WA 183 57.39 88.83 -67.34
N MET WA 184 56.69 88.41 -66.29
CA MET WA 184 55.97 89.36 -65.46
C MET WA 184 56.90 90.14 -64.53
N ARG WA 185 58.01 89.53 -64.11
CA ARG WA 185 58.99 90.22 -63.27
C ARG WA 185 59.94 91.09 -64.05
N GLY WA 186 59.87 91.06 -65.39
CA GLY WA 186 60.69 91.92 -66.22
C GLY WA 186 62.05 91.37 -66.59
N THR WA 187 62.42 90.19 -66.07
CA THR WA 187 63.71 89.60 -66.42
C THR WA 187 63.79 89.27 -67.90
N ILE WA 188 62.66 88.92 -68.52
CA ILE WA 188 62.62 88.53 -69.92
C ILE WA 188 61.59 89.40 -70.62
N SER WA 189 61.83 89.66 -71.90
CA SER WA 189 60.88 90.38 -72.74
C SER WA 189 59.94 89.40 -73.44
N ARG WA 190 58.76 89.90 -73.80
CA ARG WA 190 57.74 89.08 -74.43
C ARG WA 190 57.85 89.06 -75.95
N GLU WA 191 58.84 89.75 -76.53
CA GLU WA 191 58.92 89.85 -77.97
C GLU WA 191 59.62 88.64 -78.60
N HIS WA 192 60.49 87.97 -77.85
CA HIS WA 192 61.24 86.87 -78.43
C HIS WA 192 60.92 85.56 -77.70
N PRO WA 193 61.07 84.43 -78.37
CA PRO WA 193 60.96 83.14 -77.68
C PRO WA 193 62.06 83.00 -76.65
N TRP WA 194 61.74 82.32 -75.55
CA TRP WA 194 62.70 82.12 -74.48
C TRP WA 194 63.77 81.12 -74.91
N GLU WA 195 65.03 81.45 -74.63
CA GLU WA 195 66.14 80.61 -75.08
C GLU WA 195 66.17 79.27 -74.38
N VAL WA 196 65.58 79.15 -73.19
CA VAL WA 196 65.57 77.88 -72.48
C VAL WA 196 64.63 76.91 -73.17
N MET WA 197 65.16 75.78 -73.60
CA MET WA 197 64.38 74.81 -74.33
C MET WA 197 63.45 74.06 -73.37
N PRO WA 198 62.21 73.79 -73.75
CA PRO WA 198 61.31 73.05 -72.86
C PRO WA 198 61.81 71.66 -72.50
N ASP WA 199 62.56 71.02 -73.40
CA ASP WA 199 63.05 69.68 -73.12
C ASP WA 199 64.00 69.62 -71.94
N LEU WA 200 64.56 70.78 -71.54
CA LEU WA 200 65.41 70.83 -70.36
C LEU WA 200 64.63 70.52 -69.09
N TYR WA 201 63.30 70.58 -69.14
CA TYR WA 201 62.46 70.32 -67.98
C TYR WA 201 61.84 68.93 -67.98
N PHE WA 202 61.91 68.19 -69.08
CA PHE WA 202 61.33 66.86 -69.11
C PHE WA 202 62.15 65.90 -68.28
N TYR WA 203 61.46 65.03 -67.54
CA TYR WA 203 62.12 63.92 -66.89
C TYR WA 203 62.50 62.86 -67.91
N ARG WA 204 63.69 62.29 -67.74
CA ARG WA 204 64.25 61.34 -68.69
C ARG WA 204 64.61 60.09 -67.92
N ASP WA 205 63.83 59.02 -68.09
CA ASP WA 205 63.99 57.83 -67.27
C ASP WA 205 65.30 57.12 -67.62
N PRO WA 206 65.81 56.28 -66.72
CA PRO WA 206 67.10 55.63 -67.00
C PRO WA 206 67.12 54.86 -68.32
N GLU WA 207 66.01 54.25 -68.73
CA GLU WA 207 66.02 53.40 -69.92
C GLU WA 207 66.44 54.18 -71.16
N GLU WA 208 65.80 55.31 -71.42
CA GLU WA 208 66.07 56.06 -72.63
C GLU WA 208 67.38 56.85 -72.56
N ILE WA 209 68.01 56.93 -71.39
CA ILE WA 209 69.25 57.69 -71.28
C ILE WA 209 70.39 56.98 -72.01
N GLU WA 210 70.62 55.70 -71.68
CA GLU WA 210 71.67 54.98 -72.39
C GLU WA 210 71.36 54.84 -73.87
N LYS WA 211 70.07 54.76 -74.22
CA LYS WA 211 69.69 54.67 -75.63
C LYS WA 211 70.17 55.88 -76.41
N GLU WA 212 70.02 57.07 -75.86
CA GLU WA 212 70.55 58.26 -76.53
C GLU WA 212 72.06 58.40 -76.32
N GLU WA 213 72.60 57.89 -75.21
CA GLU WA 213 74.04 57.93 -75.01
C GLU WA 213 74.78 57.13 -76.07
N GLN WA 214 74.34 55.90 -76.32
CA GLN WA 214 74.95 55.13 -77.40
C GLN WA 214 74.61 55.73 -78.76
N ALA WA 215 73.43 56.33 -78.90
CA ALA WA 215 73.08 57.01 -80.14
C ALA WA 215 73.94 58.25 -80.35
N ALA WA 216 74.16 59.03 -79.28
CA ALA WA 216 74.98 60.24 -79.41
C ALA WA 216 76.45 59.89 -79.62
N ALA WA 217 76.94 58.89 -78.89
CA ALA WA 217 78.34 58.50 -79.00
C ALA WA 217 78.54 57.54 -80.17
N VAL XA 1 33.94 -25.05 -50.46
CA VAL XA 1 35.27 -25.57 -50.80
C VAL XA 1 35.39 -25.63 -52.32
N VAL XA 2 34.26 -25.70 -53.00
CA VAL XA 2 34.24 -25.70 -54.45
C VAL XA 2 34.48 -24.29 -54.96
N ASP XA 3 35.32 -24.16 -55.97
CA ASP XA 3 35.65 -22.85 -56.53
C ASP XA 3 34.45 -22.31 -57.29
N PRO XA 4 33.92 -21.14 -56.93
CA PRO XA 4 32.78 -20.59 -57.68
C PRO XA 4 33.14 -20.12 -59.07
N PHE XA 5 34.40 -19.81 -59.33
CA PHE XA 5 34.82 -19.27 -60.61
C PHE XA 5 35.27 -20.33 -61.61
N SER XA 6 35.30 -21.60 -61.20
CA SER XA 6 35.63 -22.67 -62.13
C SER XA 6 34.47 -22.97 -63.08
N LYS XA 7 33.23 -22.77 -62.63
CA LYS XA 7 32.04 -23.12 -63.39
C LYS XA 7 31.34 -21.88 -63.94
N LYS XA 8 32.13 -20.89 -64.36
CA LYS XA 8 31.60 -19.65 -64.92
C LYS XA 8 32.16 -19.48 -66.33
N ASP XA 9 31.28 -19.20 -67.29
CA ASP XA 9 31.67 -19.00 -68.68
C ASP XA 9 31.40 -17.56 -69.08
N TRP XA 10 32.13 -17.11 -70.09
CA TRP XA 10 32.09 -15.73 -70.54
C TRP XA 10 31.19 -15.60 -71.77
N TYR XA 11 30.56 -14.43 -71.88
CA TYR XA 11 29.68 -14.11 -72.99
C TYR XA 11 30.09 -12.77 -73.58
N ASP XA 12 29.71 -12.54 -74.83
CA ASP XA 12 30.04 -11.31 -75.53
C ASP XA 12 28.82 -10.38 -75.53
N VAL XA 13 29.11 -9.08 -75.48
CA VAL XA 13 28.07 -8.05 -75.36
C VAL XA 13 28.16 -7.17 -76.59
N LYS XA 14 27.04 -7.04 -77.30
CA LYS XA 14 26.99 -6.35 -78.58
C LYS XA 14 26.08 -5.13 -78.48
N ALA XA 15 26.56 -4.00 -78.99
CA ALA XA 15 25.75 -2.79 -79.07
C ALA XA 15 24.90 -2.82 -80.35
N PRO XA 16 23.76 -2.11 -80.35
CA PRO XA 16 22.93 -2.07 -81.56
C PRO XA 16 23.61 -1.37 -82.74
N ALA XA 17 22.94 -1.35 -83.90
CA ALA XA 17 23.60 -0.98 -85.14
C ALA XA 17 23.88 0.50 -85.28
N MET XA 18 23.16 1.36 -84.54
CA MET XA 18 23.39 2.80 -84.70
C MET XA 18 24.63 3.29 -83.99
N PHE XA 19 25.51 2.39 -83.58
CA PHE XA 19 26.82 2.73 -83.03
C PHE XA 19 27.90 2.28 -84.01
N ASN XA 20 29.15 2.56 -83.66
CA ASN XA 20 30.29 2.26 -84.52
C ASN XA 20 31.13 1.10 -84.02
N ILE XA 21 31.49 1.10 -82.73
CA ILE XA 21 32.25 0.00 -82.15
C ILE XA 21 31.27 -1.06 -81.68
N ARG XA 22 31.28 -2.20 -82.35
CA ARG XA 22 30.26 -3.22 -82.11
C ARG XA 22 30.39 -3.85 -80.73
N ASN XA 23 31.60 -4.25 -80.35
CA ASN XA 23 31.81 -5.04 -79.16
C ASN XA 23 32.10 -4.14 -77.95
N ILE XA 24 31.30 -4.31 -76.90
CA ILE XA 24 31.54 -3.59 -75.65
C ILE XA 24 32.61 -4.28 -74.83
N GLY XA 25 32.36 -5.53 -74.45
CA GLY XA 25 33.28 -6.29 -73.63
C GLY XA 25 32.75 -7.68 -73.34
N LYS XA 26 33.05 -8.20 -72.15
CA LYS XA 26 32.67 -9.56 -71.79
C LYS XA 26 32.09 -9.56 -70.39
N THR XA 27 31.23 -10.54 -70.12
CA THR XA 27 30.54 -10.64 -68.85
C THR XA 27 30.51 -12.08 -68.37
N LEU XA 28 30.63 -12.26 -67.06
CA LEU XA 28 30.56 -13.57 -66.44
C LEU XA 28 29.11 -13.99 -66.21
N VAL XA 29 28.91 -15.31 -66.13
CA VAL XA 29 27.65 -15.89 -65.68
C VAL XA 29 27.93 -17.34 -65.32
N THR XA 30 27.31 -17.79 -64.23
CA THR XA 30 27.42 -19.20 -63.86
C THR XA 30 26.68 -20.05 -64.87
N ARG XA 31 27.23 -21.23 -65.16
CA ARG XA 31 26.62 -22.10 -66.16
C ARG XA 31 25.27 -22.61 -65.68
N THR XA 32 24.49 -23.11 -66.64
CA THR XA 32 23.16 -23.64 -66.33
C THR XA 32 23.29 -24.88 -65.47
N GLN XA 33 22.49 -24.95 -64.41
CA GLN XA 33 22.56 -26.07 -63.47
C GLN XA 33 21.21 -26.18 -62.79
N GLY XA 34 20.47 -27.25 -63.10
CA GLY XA 34 19.14 -27.41 -62.53
C GLY XA 34 18.17 -26.42 -63.14
N THR XA 35 17.35 -25.81 -62.29
CA THR XA 35 16.36 -24.85 -62.76
C THR XA 35 16.97 -23.51 -63.13
N LYS XA 36 18.05 -23.11 -62.46
CA LYS XA 36 18.69 -21.83 -62.73
C LYS XA 36 19.34 -21.86 -64.11
N ILE XA 37 18.82 -21.07 -65.03
CA ILE XA 37 19.28 -21.05 -66.41
C ILE XA 37 20.22 -19.87 -66.60
N ALA XA 38 21.35 -20.11 -67.27
CA ALA XA 38 22.32 -19.04 -67.49
C ALA XA 38 21.74 -17.93 -68.37
N SER XA 39 20.78 -18.26 -69.22
CA SER XA 39 20.22 -17.26 -70.13
C SER XA 39 19.48 -16.18 -69.36
N ASP XA 40 18.66 -16.58 -68.38
CA ASP XA 40 17.90 -15.59 -67.63
C ASP XA 40 18.75 -14.80 -66.64
N GLY XA 41 19.96 -15.26 -66.35
CA GLY XA 41 20.91 -14.44 -65.61
C GLY XA 41 21.55 -13.35 -66.44
N LEU XA 42 21.39 -13.41 -67.76
CA LEU XA 42 21.90 -12.40 -68.67
C LEU XA 42 20.80 -11.49 -69.22
N LYS XA 43 19.55 -11.68 -68.77
CA LYS XA 43 18.42 -10.93 -69.30
C LYS XA 43 18.20 -9.59 -68.60
N GLY XA 44 18.99 -9.27 -67.58
CA GLY XA 44 18.73 -8.06 -66.83
C GLY XA 44 19.92 -7.16 -66.61
N ARG XA 45 21.06 -7.52 -67.19
CA ARG XA 45 22.25 -6.70 -67.02
C ARG XA 45 22.10 -5.37 -67.73
N VAL XA 46 22.61 -4.31 -67.10
CA VAL XA 46 22.59 -2.97 -67.67
C VAL XA 46 24.04 -2.49 -67.73
N PHE XA 47 24.49 -2.11 -68.92
CA PHE XA 47 25.84 -1.63 -69.15
C PHE XA 47 25.81 -0.13 -69.42
N GLU XA 48 26.61 0.62 -68.68
CA GLU XA 48 26.83 2.03 -68.96
C GLU XA 48 28.20 2.19 -69.59
N VAL XA 49 28.27 2.92 -70.71
CA VAL XA 49 29.50 3.06 -71.47
C VAL XA 49 29.53 4.47 -72.06
N SER XA 50 30.74 4.99 -72.27
CA SER XA 50 30.93 6.31 -72.83
C SER XA 50 30.74 6.30 -74.34
N LEU XA 51 30.79 7.49 -74.95
CA LEU XA 51 30.70 7.61 -76.41
C LEU XA 51 32.01 7.22 -77.09
N ALA XA 52 33.15 7.53 -76.46
CA ALA XA 52 34.43 7.21 -77.08
C ALA XA 52 34.66 5.71 -77.18
N ASP XA 53 33.87 4.90 -76.49
CA ASP XA 53 33.93 3.45 -76.62
C ASP XA 53 32.89 2.91 -77.60
N LEU XA 54 32.04 3.77 -78.15
CA LEU XA 54 31.07 3.35 -79.16
C LEU XA 54 31.34 3.97 -80.52
N GLN XA 55 31.40 5.30 -80.60
CA GLN XA 55 31.70 5.97 -81.85
C GLN XA 55 33.20 6.02 -82.08
N ASN XA 56 33.58 6.13 -83.36
CA ASN XA 56 35.00 6.16 -83.71
C ASN XA 56 35.70 7.34 -83.08
N ASP XA 57 35.08 8.52 -83.12
CA ASP XA 57 35.61 9.69 -82.43
C ASP XA 57 34.50 10.66 -82.07
N GLU XA 58 34.33 10.88 -80.77
CA GLU XA 58 33.44 11.91 -80.27
C GLU XA 58 33.76 12.11 -78.79
N VAL XA 59 33.39 13.29 -78.28
CA VAL XA 59 33.75 13.63 -76.91
C VAL XA 59 33.01 12.72 -75.93
N ALA XA 60 33.68 12.38 -74.84
CA ALA XA 60 33.27 11.28 -73.97
C ALA XA 60 32.85 11.75 -72.57
N PHE XA 61 32.08 12.84 -72.48
CA PHE XA 61 31.48 13.23 -71.22
C PHE XA 61 30.03 12.78 -71.11
N ARG XA 62 29.58 11.92 -72.02
CA ARG XA 62 28.18 11.51 -72.09
C ARG XA 62 28.13 10.00 -72.23
N LYS XA 63 27.20 9.37 -71.52
CA LYS XA 63 27.17 7.93 -71.34
C LYS XA 63 25.84 7.36 -71.77
N PHE XA 64 25.88 6.20 -72.42
CA PHE XA 64 24.68 5.47 -72.81
C PHE XA 64 24.56 4.20 -72.01
N LYS XA 65 23.36 3.94 -71.49
CA LYS XA 65 23.08 2.74 -70.72
C LYS XA 65 22.40 1.72 -71.62
N LEU XA 66 23.00 0.54 -71.73
CA LEU XA 66 22.49 -0.51 -72.58
C LEU XA 66 22.05 -1.70 -71.73
N ILE XA 67 20.99 -2.36 -72.16
CA ILE XA 67 20.40 -3.47 -71.43
C ILE XA 67 20.34 -4.69 -72.35
N THR XA 68 20.66 -5.86 -71.79
CA THR XA 68 20.65 -7.10 -72.57
C THR XA 68 19.24 -7.66 -72.58
N GLU XA 69 18.63 -7.71 -73.77
CA GLU XA 69 17.26 -8.17 -73.91
C GLU XA 69 17.14 -9.56 -74.51
N ASP XA 70 18.22 -10.10 -75.09
CA ASP XA 70 18.17 -11.45 -75.62
C ASP XA 70 19.60 -11.99 -75.78
N VAL XA 71 19.70 -13.31 -75.88
CA VAL XA 71 20.96 -14.01 -76.01
C VAL XA 71 20.90 -14.94 -77.21
N GLN XA 72 21.98 -14.99 -77.98
CA GLN XA 72 22.08 -15.89 -79.13
C GLN XA 72 23.14 -16.97 -78.96
N GLY XA 73 23.67 -17.14 -77.76
CA GLY XA 73 24.71 -18.12 -77.55
C GLY XA 73 26.07 -17.47 -77.65
N LYS XA 74 26.72 -17.27 -76.50
CA LYS XA 74 28.01 -16.58 -76.42
C LYS XA 74 27.92 -15.15 -76.96
N ASN XA 75 26.71 -14.60 -76.99
CA ASN XA 75 26.47 -13.24 -77.46
C ASN XA 75 25.27 -12.67 -76.73
N CYS XA 76 25.46 -11.52 -76.10
CA CYS XA 76 24.38 -10.77 -75.47
C CYS XA 76 24.06 -9.56 -76.34
N LEU XA 77 22.81 -9.46 -76.80
CA LEU XA 77 22.38 -8.38 -77.68
C LEU XA 77 21.73 -7.29 -76.83
N THR XA 78 22.35 -6.11 -76.82
CA THR XA 78 21.87 -5.03 -75.98
C THR XA 78 20.91 -4.12 -76.73
N ASN XA 79 20.23 -3.26 -75.96
CA ASN XA 79 19.32 -2.27 -76.49
C ASN XA 79 19.50 -1.00 -75.66
N PHE XA 80 19.15 0.12 -76.27
CA PHE XA 80 19.28 1.41 -75.60
C PHE XA 80 18.33 1.47 -74.41
N HIS XA 81 18.89 1.58 -73.20
CA HIS XA 81 18.08 1.68 -72.00
C HIS XA 81 17.97 3.10 -71.47
N GLY XA 82 18.91 3.97 -71.80
CA GLY XA 82 18.87 5.33 -71.31
C GLY XA 82 20.19 6.03 -71.58
N MET XA 83 20.22 7.30 -71.17
CA MET XA 83 21.38 8.16 -71.36
C MET XA 83 21.60 8.96 -70.10
N ASP XA 84 22.87 9.27 -69.82
CA ASP XA 84 23.20 10.13 -68.70
C ASP XA 84 24.45 10.91 -69.08
N LEU XA 85 24.64 12.05 -68.42
CA LEU XA 85 25.80 12.91 -68.62
C LEU XA 85 26.74 12.74 -67.43
N THR XA 86 28.03 12.62 -67.70
CA THR XA 86 28.97 12.26 -66.64
C THR XA 86 29.02 13.34 -65.58
N ARG XA 87 29.38 12.92 -64.35
CA ARG XA 87 29.32 13.83 -63.22
C ARG XA 87 30.33 14.96 -63.35
N ASP XA 88 31.52 14.65 -63.86
CA ASP XA 88 32.57 15.67 -63.96
C ASP XA 88 32.13 16.82 -64.86
N LYS XA 89 31.45 16.50 -65.96
CA LYS XA 89 30.99 17.56 -66.86
C LYS XA 89 29.87 18.37 -66.25
N MET XA 90 28.86 17.70 -65.67
CA MET XA 90 27.68 18.40 -65.19
C MET XA 90 28.01 19.37 -64.07
N CYS XA 91 28.90 18.97 -63.17
CA CYS XA 91 29.24 19.80 -62.02
C CYS XA 91 30.40 20.76 -62.29
N SER XA 92 30.97 20.75 -63.50
CA SER XA 92 31.93 21.76 -63.88
C SER XA 92 31.29 22.95 -64.56
N MET XA 93 30.12 22.76 -65.18
CA MET XA 93 29.46 23.85 -65.88
C MET XA 93 28.60 24.70 -64.95
N VAL XA 94 28.13 24.13 -63.85
CA VAL XA 94 27.30 24.86 -62.89
C VAL XA 94 28.23 25.76 -62.09
N LYS XA 95 28.28 27.05 -62.45
CA LYS XA 95 29.14 28.01 -61.78
C LYS XA 95 28.35 29.26 -61.45
N LYS XA 96 28.91 30.06 -60.55
CA LYS XA 96 28.20 31.16 -59.93
C LYS XA 96 28.03 32.33 -60.90
N TRP XA 97 27.04 33.18 -60.60
CA TRP XA 97 26.75 34.39 -61.36
C TRP XA 97 26.34 34.06 -62.79
N GLN XA 98 25.24 33.31 -62.89
CA GLN XA 98 24.52 33.01 -64.11
C GLN XA 98 23.30 32.19 -63.70
N THR XA 99 22.36 32.05 -64.62
CA THR XA 99 21.07 31.44 -64.32
C THR XA 99 20.96 30.07 -64.97
N MET XA 100 20.45 29.10 -64.21
CA MET XA 100 20.21 27.75 -64.70
C MET XA 100 18.79 27.64 -65.22
N ILE XA 101 18.62 26.99 -66.37
CA ILE XA 101 17.32 26.73 -66.95
C ILE XA 101 17.18 25.22 -67.10
N GLU XA 102 16.14 24.65 -66.48
CA GLU XA 102 15.91 23.22 -66.51
C GLU XA 102 14.49 22.92 -66.94
N ALA XA 103 14.31 21.81 -67.66
CA ALA XA 103 12.99 21.40 -68.12
C ALA XA 103 13.00 19.91 -68.39
N HIS XA 104 11.85 19.27 -68.14
CA HIS XA 104 11.69 17.84 -68.40
C HIS XA 104 10.32 17.59 -69.02
N VAL XA 105 10.23 16.56 -69.85
CA VAL XA 105 8.99 16.24 -70.56
C VAL XA 105 8.77 14.74 -70.57
N ASP XA 106 7.52 14.33 -70.36
CA ASP XA 106 7.08 12.97 -70.66
C ASP XA 106 6.64 12.93 -72.12
N VAL XA 107 7.20 11.99 -72.89
CA VAL XA 107 6.90 11.95 -74.31
C VAL XA 107 7.06 10.52 -74.81
N LYS XA 108 6.19 10.15 -75.75
CA LYS XA 108 6.14 8.80 -76.31
C LYS XA 108 6.52 8.82 -77.78
N THR XA 109 7.24 7.81 -78.22
CA THR XA 109 7.65 7.69 -79.61
C THR XA 109 6.57 6.98 -80.42
N THR XA 110 6.83 6.80 -81.73
CA THR XA 110 5.88 6.08 -82.57
C THR XA 110 5.71 4.65 -82.09
N ASP XA 111 6.80 3.98 -81.74
CA ASP XA 111 6.74 2.74 -80.98
C ASP XA 111 6.68 3.08 -79.49
N GLY XA 112 6.03 2.21 -78.73
CA GLY XA 112 5.59 2.59 -77.40
C GLY XA 112 6.65 2.74 -76.35
N TYR XA 113 7.72 3.47 -76.66
CA TYR XA 113 8.72 3.83 -75.67
C TYR XA 113 8.39 5.20 -75.11
N LEU XA 114 8.20 5.28 -73.80
CA LEU XA 114 7.90 6.54 -73.12
C LEU XA 114 9.15 7.01 -72.41
N LEU XA 115 9.52 8.27 -72.64
CA LEU XA 115 10.81 8.79 -72.22
C LEU XA 115 10.64 10.05 -71.40
N ARG XA 116 11.62 10.30 -70.54
CA ARG XA 116 11.80 11.61 -69.90
C ARG XA 116 13.12 12.19 -70.35
N LEU XA 117 13.07 13.38 -70.94
CA LEU XA 117 14.26 14.06 -71.41
C LEU XA 117 14.48 15.29 -70.55
N PHE XA 118 15.64 15.35 -69.90
CA PHE XA 118 16.02 16.48 -69.07
C PHE XA 118 17.06 17.29 -69.81
N CYS XA 119 16.77 18.57 -70.04
CA CYS XA 119 17.67 19.49 -70.70
C CYS XA 119 18.01 20.63 -69.76
N VAL XA 120 19.24 21.14 -69.89
CA VAL XA 120 19.76 22.16 -68.99
C VAL XA 120 20.44 23.23 -69.83
N GLY XA 121 20.29 24.48 -69.40
CA GLY XA 121 20.91 25.60 -70.10
C GLY XA 121 21.45 26.62 -69.13
N PHE XA 122 22.48 27.33 -69.56
CA PHE XA 122 23.15 28.34 -68.76
C PHE XA 122 23.26 29.63 -69.55
N THR XA 123 22.77 30.73 -68.97
CA THR XA 123 22.87 32.02 -69.63
C THR XA 123 24.33 32.41 -69.84
N LYS XA 124 24.62 33.02 -70.98
CA LYS XA 124 25.98 33.29 -71.42
C LYS XA 124 26.32 34.76 -71.26
N LYS XA 125 27.47 35.04 -70.66
CA LYS XA 125 28.00 36.39 -70.63
C LYS XA 125 28.52 36.78 -72.00
N ARG XA 126 28.31 38.04 -72.38
CA ARG XA 126 28.79 38.53 -73.66
C ARG XA 126 30.26 38.91 -73.57
N ASN XA 127 30.93 38.88 -74.72
CA ASN XA 127 32.32 39.34 -74.77
C ASN XA 127 32.42 40.83 -74.49
N ASN XA 128 31.45 41.61 -74.98
CA ASN XA 128 31.43 43.05 -74.71
C ASN XA 128 31.16 43.33 -73.23
N GLN XA 129 30.55 42.38 -72.53
CA GLN XA 129 29.94 42.67 -71.24
C GLN XA 129 30.96 43.12 -70.19
N ILE XA 130 30.56 44.11 -69.40
CA ILE XA 130 31.36 44.59 -68.27
C ILE XA 130 30.74 44.08 -66.98
N ARG XA 131 29.42 43.91 -66.98
CA ARG XA 131 28.73 43.49 -65.77
C ARG XA 131 29.12 42.06 -65.41
N LYS XA 132 29.06 41.76 -64.11
CA LYS XA 132 29.50 40.48 -63.58
C LYS XA 132 28.41 39.43 -63.54
N THR XA 133 27.14 39.83 -63.39
CA THR XA 133 26.10 38.89 -63.00
C THR XA 133 25.61 38.04 -64.16
N SER XA 134 25.06 38.68 -65.19
CA SER XA 134 24.50 37.98 -66.35
C SER XA 134 23.35 37.05 -65.96
N TYR XA 135 22.41 37.59 -65.20
CA TYR XA 135 21.21 36.85 -64.82
C TYR XA 135 20.12 37.01 -65.88
N ALA XA 136 18.95 36.44 -65.60
CA ALA XA 136 17.82 36.49 -66.51
C ALA XA 136 16.55 36.82 -65.74
N GLN XA 137 15.65 37.57 -66.36
CA GLN XA 137 14.35 37.83 -65.77
C GLN XA 137 13.56 36.53 -65.67
N HIS XA 138 12.63 36.49 -64.72
CA HIS XA 138 11.89 35.25 -64.49
C HIS XA 138 10.96 34.93 -65.65
N GLN XA 139 10.45 35.95 -66.35
CA GLN XA 139 9.65 35.68 -67.54
C GLN XA 139 10.49 35.21 -68.71
N GLN XA 140 11.72 35.71 -68.83
CA GLN XA 140 12.61 35.20 -69.86
C GLN XA 140 12.93 33.74 -69.60
N VAL XA 141 13.16 33.39 -68.34
CA VAL XA 141 13.39 31.99 -67.99
C VAL XA 141 12.17 31.15 -68.28
N ARG XA 142 10.97 31.68 -68.00
CA ARG XA 142 9.76 30.90 -68.20
C ARG XA 142 9.53 30.58 -69.68
N GLN XA 143 9.82 31.54 -70.57
CA GLN XA 143 9.62 31.29 -71.98
C GLN XA 143 10.79 30.60 -72.65
N ILE XA 144 11.96 30.52 -72.00
CA ILE XA 144 13.02 29.67 -72.49
C ILE XA 144 12.68 28.20 -72.24
N ARG XA 145 12.23 27.87 -71.03
CA ARG XA 145 11.97 26.46 -70.74
C ARG XA 145 10.68 25.96 -71.36
N LYS XA 146 9.79 26.84 -71.81
CA LYS XA 146 8.70 26.36 -72.65
C LYS XA 146 9.11 26.30 -74.11
N LYS XA 147 10.28 26.86 -74.45
CA LYS XA 147 10.84 26.65 -75.77
C LYS XA 147 11.57 25.32 -75.85
N MET XA 148 12.34 24.98 -74.82
CA MET XA 148 12.98 23.67 -74.76
C MET XA 148 11.93 22.57 -74.69
N MET XA 149 10.92 22.76 -73.83
CA MET XA 149 9.88 21.76 -73.68
C MET XA 149 9.11 21.56 -74.98
N GLU XA 150 8.91 22.64 -75.74
CA GLU XA 150 8.22 22.53 -77.02
C GLU XA 150 9.07 21.83 -78.07
N ILE XA 151 10.35 22.17 -78.14
CA ILE XA 151 11.23 21.61 -79.16
C ILE XA 151 11.48 20.12 -78.89
N MET XA 152 11.73 19.77 -77.63
CA MET XA 152 12.15 18.40 -77.31
C MET XA 152 11.07 17.39 -77.70
N THR XA 153 9.81 17.68 -77.38
CA THR XA 153 8.74 16.74 -77.74
C THR XA 153 8.63 16.57 -79.24
N ARG XA 154 8.78 17.67 -80.00
CA ARG XA 154 8.67 17.57 -81.46
C ARG XA 154 9.78 16.70 -82.04
N GLU XA 155 10.98 16.79 -81.48
CA GLU XA 155 12.11 16.06 -82.03
C GLU XA 155 12.04 14.56 -81.77
N VAL XA 156 11.21 14.12 -80.83
CA VAL XA 156 11.20 12.73 -80.37
C VAL XA 156 9.88 12.03 -80.67
N GLN XA 157 8.75 12.73 -80.52
CA GLN XA 157 7.47 12.05 -80.62
C GLN XA 157 7.10 11.71 -82.05
N THR XA 158 7.77 12.29 -83.04
CA THR XA 158 7.40 12.11 -84.44
C THR XA 158 8.11 10.93 -85.11
N ASN XA 159 9.02 10.26 -84.42
CA ASN XA 159 9.77 9.17 -85.02
C ASN XA 159 10.13 8.14 -83.97
N ASP XA 160 10.76 7.06 -84.40
CA ASP XA 160 10.96 5.88 -83.58
C ASP XA 160 12.20 6.02 -82.70
N LEU XA 161 12.47 4.97 -81.92
CA LEU XA 161 13.57 5.02 -80.95
C LEU XA 161 14.92 5.17 -81.63
N LYS XA 162 15.15 4.42 -82.72
CA LYS XA 162 16.48 4.44 -83.34
C LYS XA 162 16.79 5.80 -83.97
N GLU XA 163 15.78 6.46 -84.53
CA GLU XA 163 15.99 7.82 -85.01
C GLU XA 163 16.30 8.77 -83.88
N VAL XA 164 15.63 8.59 -82.74
CA VAL XA 164 15.89 9.43 -81.57
C VAL XA 164 17.31 9.25 -81.07
N VAL XA 165 17.78 8.00 -81.02
CA VAL XA 165 19.14 7.74 -80.54
C VAL XA 165 20.15 8.42 -81.46
N ASN XA 166 19.94 8.34 -82.78
CA ASN XA 166 20.86 8.98 -83.70
C ASN XA 166 20.94 10.49 -83.48
N LYS XA 167 19.85 11.09 -83.01
CA LYS XA 167 19.91 12.50 -82.61
C LYS XA 167 20.69 12.67 -81.32
N LEU XA 168 20.59 11.71 -80.40
CA LEU XA 168 21.26 11.82 -79.11
C LEU XA 168 22.76 11.53 -79.18
N ILE XA 169 23.23 10.85 -80.24
CA ILE XA 169 24.66 10.61 -80.37
C ILE XA 169 25.43 11.92 -80.47
N PRO XA 170 25.07 12.87 -81.36
CA PRO XA 170 25.54 14.24 -81.18
C PRO XA 170 24.62 14.98 -80.22
N ASP XA 171 24.78 16.29 -80.09
CA ASP XA 171 23.89 17.11 -79.28
C ASP XA 171 22.90 17.86 -80.16
N SER XA 172 22.40 17.19 -81.21
CA SER XA 172 21.59 17.85 -82.23
C SER XA 172 20.37 18.53 -81.61
N ILE XA 173 19.69 17.86 -80.68
CA ILE XA 173 18.55 18.48 -80.01
C ILE XA 173 19.02 19.71 -79.22
N GLY XA 174 20.15 19.58 -78.53
CA GLY XA 174 20.66 20.72 -77.79
C GLY XA 174 21.08 21.88 -78.69
N LYS XA 175 21.61 21.57 -79.87
CA LYS XA 175 22.01 22.62 -80.80
C LYS XA 175 20.80 23.43 -81.27
N ASP XA 176 19.67 22.75 -81.50
CA ASP XA 176 18.45 23.47 -81.88
C ASP XA 176 18.02 24.41 -80.76
N ILE XA 177 18.14 23.97 -79.50
CA ILE XA 177 17.82 24.84 -78.38
C ILE XA 177 18.70 26.09 -78.40
N GLU XA 178 19.98 25.94 -78.75
CA GLU XA 178 20.89 27.08 -78.83
C GLU XA 178 20.34 28.16 -79.75
N LYS XA 179 19.95 27.78 -80.97
CA LYS XA 179 19.56 28.78 -81.95
C LYS XA 179 18.19 29.37 -81.66
N ALA XA 180 17.30 28.56 -81.07
CA ALA XA 180 15.91 28.99 -80.91
C ALA XA 180 15.77 30.07 -79.85
N CYS XA 181 16.65 30.11 -78.85
CA CYS XA 181 16.47 30.99 -77.71
C CYS XA 181 17.50 32.11 -77.64
N GLN XA 182 18.24 32.37 -78.73
CA GLN XA 182 19.17 33.50 -78.72
C GLN XA 182 18.42 34.82 -78.66
N SER XA 183 17.24 34.90 -79.27
CA SER XA 183 16.48 36.14 -79.29
C SER XA 183 15.81 36.44 -77.96
N ILE XA 184 15.73 35.47 -77.05
CA ILE XA 184 15.18 35.70 -75.72
C ILE XA 184 16.32 36.08 -74.79
N TYR XA 185 17.27 35.17 -74.63
CA TYR XA 185 18.47 35.43 -73.85
C TYR XA 185 19.57 34.48 -74.33
N PRO XA 186 20.74 35.00 -74.70
CA PRO XA 186 21.80 34.12 -75.20
C PRO XA 186 22.32 33.19 -74.10
N LEU XA 187 22.37 31.90 -74.41
CA LEU XA 187 22.75 30.90 -73.43
C LEU XA 187 23.41 29.73 -74.12
N HIS XA 188 24.47 29.20 -73.49
CA HIS XA 188 25.51 28.46 -74.21
C HIS XA 188 25.59 26.99 -73.86
N ASP XA 189 25.62 26.61 -72.59
CA ASP XA 189 25.86 25.22 -72.23
C ASP XA 189 24.53 24.47 -72.18
N VAL XA 190 24.09 23.97 -73.33
CA VAL XA 190 22.85 23.22 -73.44
C VAL XA 190 23.14 21.80 -73.89
N PHE XA 191 22.57 20.84 -73.17
CA PHE XA 191 22.64 19.44 -73.52
C PHE XA 191 21.34 18.79 -73.08
N VAL XA 192 21.13 17.55 -73.52
CA VAL XA 192 20.10 16.71 -72.94
C VAL XA 192 20.74 16.04 -71.74
N ARG XA 193 20.51 16.60 -70.55
CA ARG XA 193 21.27 16.22 -69.36
C ARG XA 193 21.07 14.75 -69.02
N LYS XA 194 19.89 14.21 -69.30
CA LYS XA 194 19.58 12.84 -68.91
C LYS XA 194 18.35 12.39 -69.67
N VAL XA 195 18.33 11.10 -70.02
CA VAL XA 195 17.18 10.47 -70.67
C VAL XA 195 16.84 9.23 -69.88
N LYS XA 196 15.63 9.19 -69.32
CA LYS XA 196 15.14 8.05 -68.57
C LYS XA 196 14.05 7.35 -69.37
N MET XA 197 14.17 6.04 -69.50
CA MET XA 197 13.15 5.23 -70.17
C MET XA 197 12.21 4.66 -69.12
N LEU XA 198 10.93 5.00 -69.22
CA LEU XA 198 9.95 4.65 -68.20
C LEU XA 198 9.18 3.38 -68.53
N LYS XA 199 8.63 3.28 -69.73
CA LYS XA 199 7.86 2.12 -70.14
C LYS XA 199 8.23 1.78 -71.57
N LYS XA 200 8.33 0.48 -71.85
CA LYS XA 200 8.69 -0.01 -73.16
C LYS XA 200 7.69 -1.05 -73.63
N PRO XA 201 7.46 -1.15 -74.93
CA PRO XA 201 6.43 -2.07 -75.44
C PRO XA 201 6.83 -3.52 -75.21
N LYS XA 202 5.90 -4.42 -75.53
CA LYS XA 202 6.13 -5.84 -75.35
C LYS XA 202 7.33 -6.29 -76.17
N PHE XA 203 8.18 -7.12 -75.56
CA PHE XA 203 9.39 -7.57 -76.22
C PHE XA 203 9.06 -8.36 -77.48
N GLU XA 204 9.73 -8.00 -78.58
CA GLU XA 204 9.60 -8.67 -79.85
C GLU XA 204 10.99 -8.98 -80.37
N LEU XA 205 11.28 -10.27 -80.57
CA LEU XA 205 12.62 -10.66 -81.02
C LEU XA 205 12.93 -10.12 -82.42
N GLY XA 206 11.90 -9.93 -83.24
CA GLY XA 206 12.14 -9.47 -84.59
C GLY XA 206 12.71 -8.07 -84.64
N LYS XA 207 12.14 -7.15 -83.86
CA LYS XA 207 12.58 -5.76 -83.89
C LYS XA 207 13.99 -5.60 -83.33
N LEU XA 208 14.36 -6.40 -82.33
CA LEU XA 208 15.71 -6.32 -81.78
C LEU XA 208 16.77 -6.61 -82.84
N MET XA 209 16.48 -7.57 -83.72
CA MET XA 209 17.46 -7.97 -84.72
C MET XA 209 17.68 -6.88 -85.76
N GLU XA 210 16.64 -6.07 -86.03
CA GLU XA 210 16.82 -4.91 -86.88
C GLU XA 210 17.78 -3.92 -86.25
N LEU XA 211 17.69 -3.73 -84.93
CA LEU XA 211 18.62 -2.86 -84.24
C LEU XA 211 20.04 -3.39 -84.29
N HIS XA 212 20.22 -4.68 -84.53
CA HIS XA 212 21.55 -5.30 -84.61
C HIS XA 212 21.95 -5.64 -86.04
N GLY XA 213 21.17 -5.23 -87.02
CA GLY XA 213 21.47 -5.52 -88.41
C GLY XA 213 20.83 -6.79 -88.92
N LYS YA 1 71.63 82.28 -21.41
CA LYS YA 1 70.58 83.22 -20.99
C LYS YA 1 69.99 83.98 -22.18
N GLU YA 2 70.85 84.63 -22.95
CA GLU YA 2 70.39 85.47 -24.05
C GLU YA 2 69.60 84.64 -25.06
N TRP YA 3 68.45 85.16 -25.45
CA TRP YA 3 67.54 84.47 -26.36
C TRP YA 3 68.00 84.62 -27.81
N LEU YA 4 68.23 83.48 -28.45
CA LEU YA 4 68.56 83.41 -29.87
C LEU YA 4 67.36 82.88 -30.62
N PRO YA 5 66.62 83.70 -31.36
CA PRO YA 5 65.42 83.20 -32.04
C PRO YA 5 65.77 82.26 -33.18
N VAL YA 6 64.98 81.21 -33.34
CA VAL YA 6 65.10 80.33 -34.49
C VAL YA 6 63.90 80.42 -35.43
N THR YA 7 62.83 81.11 -35.04
CA THR YA 7 61.68 81.31 -35.90
C THR YA 7 61.77 82.67 -36.59
N LYS YA 8 61.16 82.75 -37.78
CA LYS YA 8 61.11 83.99 -38.53
C LYS YA 8 60.36 85.08 -37.75
N LEU YA 9 59.23 84.71 -37.14
CA LEU YA 9 58.49 85.67 -36.32
C LEU YA 9 59.28 86.06 -35.08
N GLY YA 10 60.09 85.15 -34.55
CA GLY YA 10 60.87 85.47 -33.36
C GLY YA 10 61.91 86.53 -33.61
N ARG YA 11 62.57 86.50 -34.78
CA ARG YA 11 63.59 87.48 -35.09
C ARG YA 11 63.01 88.88 -35.15
N LEU YA 12 61.85 89.04 -35.78
CA LEU YA 12 61.24 90.36 -35.91
C LEU YA 12 60.90 90.94 -34.53
N VAL YA 13 60.38 90.10 -33.62
CA VAL YA 13 59.98 90.58 -32.31
C VAL YA 13 61.20 91.06 -31.52
N LYS YA 14 62.30 90.30 -31.57
CA LYS YA 14 63.48 90.68 -30.81
C LYS YA 14 64.13 91.94 -31.37
N ASP YA 15 64.04 92.14 -32.67
CA ASP YA 15 64.57 93.35 -33.29
C ASP YA 15 63.72 94.59 -33.00
N MET YA 16 62.73 94.46 -32.12
CA MET YA 16 61.84 95.56 -31.75
C MET YA 16 61.17 96.14 -32.99
N LYS YA 17 60.55 95.27 -33.77
CA LYS YA 17 59.95 95.67 -35.03
C LYS YA 17 58.48 95.31 -35.17
N ILE YA 18 57.92 94.52 -34.26
CA ILE YA 18 56.49 94.26 -34.19
C ILE YA 18 55.96 95.04 -33.00
N LYS YA 19 54.99 95.92 -33.24
CA LYS YA 19 54.60 96.88 -32.23
C LYS YA 19 53.93 96.22 -31.04
N SER YA 20 53.18 95.14 -31.27
CA SER YA 20 52.53 94.41 -30.20
C SER YA 20 52.18 93.01 -30.71
N LEU YA 21 52.10 92.06 -29.78
CA LEU YA 21 51.56 90.75 -30.15
C LEU YA 21 50.12 90.86 -30.60
N GLU YA 22 49.47 91.98 -30.30
CA GLU YA 22 48.16 92.25 -30.86
C GLU YA 22 48.21 92.34 -32.38
N GLU YA 23 49.36 92.72 -32.94
CA GLU YA 23 49.51 92.76 -34.39
C GLU YA 23 49.59 91.37 -34.98
N ILE YA 24 50.29 90.46 -34.32
CA ILE YA 24 50.45 89.11 -34.84
C ILE YA 24 49.21 88.24 -34.58
N TYR YA 25 48.38 88.61 -33.60
CA TYR YA 25 47.08 87.97 -33.46
C TYR YA 25 46.20 88.24 -34.66
N LEU YA 26 46.32 89.42 -35.26
CA LEU YA 26 45.45 89.79 -36.37
C LEU YA 26 45.65 88.89 -37.57
N PHE YA 27 46.84 88.29 -37.71
CA PHE YA 27 47.13 87.40 -38.82
C PHE YA 27 47.19 85.94 -38.41
N SER YA 28 46.77 85.63 -37.18
CA SER YA 28 46.65 84.25 -36.71
C SER YA 28 47.94 83.47 -36.88
N LEU YA 29 49.07 84.15 -36.67
CA LEU YA 29 50.35 83.51 -36.82
C LEU YA 29 50.61 82.56 -35.66
N PRO YA 30 51.26 81.42 -35.89
CA PRO YA 30 51.56 80.48 -34.80
C PRO YA 30 52.76 80.94 -34.00
N ILE YA 31 52.53 81.33 -32.75
CA ILE YA 31 53.60 81.70 -31.85
C ILE YA 31 54.22 80.41 -31.32
N LYS YA 32 55.42 80.09 -31.79
CA LYS YA 32 56.06 78.81 -31.50
C LYS YA 32 57.26 78.95 -30.59
N GLU YA 33 57.54 80.16 -30.11
CA GLU YA 33 58.62 80.38 -29.16
C GLU YA 33 58.05 81.12 -27.96
N SER YA 34 58.45 80.68 -26.77
CA SER YA 34 57.85 81.19 -25.54
C SER YA 34 58.27 82.61 -25.21
N GLU YA 35 59.26 83.17 -25.90
CA GLU YA 35 59.82 84.45 -25.51
C GLU YA 35 59.14 85.65 -26.16
N ILE YA 36 58.37 85.44 -27.23
CA ILE YA 36 57.58 86.54 -27.78
C ILE YA 36 56.55 87.00 -26.77
N ILE YA 37 56.00 86.07 -25.99
CA ILE YA 37 54.92 86.40 -25.06
C ILE YA 37 55.44 87.27 -23.92
N ASP YA 38 56.40 86.75 -23.15
CA ASP YA 38 56.90 87.51 -22.01
C ASP YA 38 57.66 88.76 -22.41
N PHE YA 39 58.03 88.88 -23.69
CA PHE YA 39 58.54 90.16 -24.19
C PHE YA 39 57.46 91.23 -24.11
N PHE YA 40 56.22 90.86 -24.46
CA PHE YA 40 55.12 91.81 -24.52
C PHE YA 40 54.34 91.92 -23.22
N LEU YA 41 54.24 90.84 -22.45
CA LEU YA 41 53.41 90.81 -21.26
C LEU YA 41 54.15 90.39 -20.00
N GLY YA 42 55.49 90.38 -20.01
CA GLY YA 42 56.24 89.72 -18.95
C GLY YA 42 55.97 90.29 -17.58
N ALA YA 43 55.79 91.61 -17.47
CA ALA YA 43 55.60 92.22 -16.17
C ALA YA 43 54.21 91.95 -15.61
N SER YA 44 53.22 91.74 -16.48
CA SER YA 44 51.83 91.65 -16.06
C SER YA 44 51.28 90.24 -16.03
N LEU YA 45 52.07 89.22 -16.37
CA LEU YA 45 51.59 87.86 -16.40
C LEU YA 45 51.72 87.22 -15.03
N LYS YA 46 50.60 86.76 -14.48
CA LYS YA 46 50.58 85.98 -13.25
C LYS YA 46 50.21 84.55 -13.59
N ASP YA 47 50.90 83.60 -12.95
CA ASP YA 47 50.65 82.19 -13.16
C ASP YA 47 50.07 81.57 -11.89
N GLU YA 48 49.18 80.60 -12.09
CA GLU YA 48 48.56 79.89 -10.97
C GLU YA 48 48.37 78.44 -11.35
N VAL YA 49 48.81 77.53 -10.49
CA VAL YA 49 48.70 76.10 -10.75
C VAL YA 49 47.31 75.64 -10.33
N LEU YA 50 46.52 75.17 -11.31
CA LEU YA 50 45.17 74.74 -11.01
C LEU YA 50 45.16 73.53 -10.08
N LYS YA 51 46.01 72.54 -10.34
CA LYS YA 51 46.15 71.36 -9.49
C LYS YA 51 47.34 70.56 -9.98
N ILE YA 52 47.63 69.47 -9.27
CA ILE YA 52 48.60 68.47 -9.70
C ILE YA 52 47.87 67.14 -9.75
N MET YA 53 47.92 66.48 -10.91
CA MET YA 53 47.13 65.27 -11.17
C MET YA 53 48.04 64.09 -11.46
N PRO YA 54 48.24 63.18 -10.51
CA PRO YA 54 49.18 62.08 -10.71
C PRO YA 54 48.64 60.89 -11.49
N VAL YA 55 48.65 60.96 -12.82
CA VAL YA 55 48.30 59.79 -13.62
C VAL YA 55 49.41 58.74 -13.54
N GLN YA 56 49.06 57.49 -13.76
CA GLN YA 56 50.05 56.42 -13.68
C GLN YA 56 49.71 55.29 -14.64
N LYS YA 57 50.76 54.68 -15.19
CA LYS YA 57 50.64 53.52 -16.05
C LYS YA 57 51.23 52.31 -15.33
N GLN YA 58 50.60 51.15 -15.51
CA GLN YA 58 51.05 49.93 -14.85
C GLN YA 58 51.94 49.13 -15.80
N THR YA 59 53.18 48.93 -15.39
CA THR YA 59 54.16 48.17 -16.15
C THR YA 59 54.30 46.78 -15.54
N ARG YA 60 55.30 46.03 -16.01
CA ARG YA 60 55.53 44.68 -15.49
C ARG YA 60 55.86 44.69 -14.01
N ALA YA 61 56.65 45.67 -13.57
CA ALA YA 61 57.09 45.77 -12.18
C ALA YA 61 56.54 47.07 -11.59
N GLY YA 62 55.35 47.00 -11.02
CA GLY YA 62 54.77 48.16 -10.37
C GLY YA 62 54.13 49.12 -11.35
N GLN YA 63 53.94 50.35 -10.87
CA GLN YA 63 53.28 51.40 -11.62
C GLN YA 63 54.25 52.54 -11.89
N ARG YA 64 54.16 53.13 -13.07
CA ARG YA 64 54.96 54.29 -13.45
C ARG YA 64 54.12 55.54 -13.22
N THR YA 65 54.50 56.34 -12.23
CA THR YA 65 53.72 57.49 -11.82
C THR YA 65 54.32 58.77 -12.41
N ARG YA 66 53.52 59.49 -13.19
CA ARG YA 66 53.89 60.78 -13.76
C ARG YA 66 52.92 61.83 -13.27
N PHE YA 67 53.43 63.01 -12.95
CA PHE YA 67 52.61 64.09 -12.44
C PHE YA 67 52.26 65.07 -13.56
N LYS YA 68 50.99 65.43 -13.64
CA LYS YA 68 50.49 66.33 -14.66
C LYS YA 68 50.00 67.61 -13.99
N ALA YA 69 50.40 68.75 -14.54
CA ALA YA 69 50.13 70.05 -13.94
C ALA YA 69 49.30 70.90 -14.89
N PHE YA 70 48.25 71.51 -14.37
CA PHE YA 70 47.47 72.49 -15.09
C PHE YA 70 47.86 73.87 -14.59
N VAL YA 71 48.28 74.73 -15.51
CA VAL YA 71 48.71 76.08 -15.18
C VAL YA 71 47.92 77.06 -16.02
N ALA YA 72 47.36 78.08 -15.37
CA ALA YA 72 46.62 79.14 -16.03
C ALA YA 72 47.34 80.46 -15.79
N ILE YA 73 47.59 81.21 -16.87
CA ILE YA 73 48.29 82.46 -16.79
C ILE YA 73 47.48 83.53 -17.52
N GLY YA 74 47.82 84.78 -17.24
CA GLY YA 74 47.25 85.88 -17.98
C GLY YA 74 47.32 87.20 -17.24
N ASP YA 75 47.61 88.28 -17.96
CA ASP YA 75 47.45 89.59 -17.36
C ASP YA 75 45.97 89.85 -17.11
N TYR YA 76 45.69 90.74 -16.17
CA TYR YA 76 44.33 90.88 -15.67
C TYR YA 76 43.48 91.79 -16.55
N ASN YA 77 43.85 91.93 -17.83
CA ASN YA 77 42.97 92.61 -18.79
C ASN YA 77 43.29 92.09 -20.19
N GLY YA 78 42.49 91.14 -20.66
CA GLY YA 78 42.43 90.82 -22.07
C GLY YA 78 43.23 89.63 -22.56
N HIS YA 79 43.91 88.89 -21.69
CA HIS YA 79 44.71 87.77 -22.15
C HIS YA 79 44.69 86.63 -21.13
N VAL YA 80 44.51 85.41 -21.63
CA VAL YA 80 44.44 84.21 -20.79
C VAL YA 80 45.13 83.06 -21.51
N GLY YA 81 45.91 82.28 -20.76
CA GLY YA 81 46.52 81.08 -21.30
C GLY YA 81 46.32 79.91 -20.37
N LEU YA 82 46.33 78.71 -20.96
CA LEU YA 82 46.15 77.48 -20.20
C LEU YA 82 46.99 76.39 -20.83
N GLY YA 83 47.93 75.84 -20.06
CA GLY YA 83 48.81 74.80 -20.55
C GLY YA 83 48.83 73.60 -19.64
N VAL YA 84 49.09 72.44 -20.24
CA VAL YA 84 49.11 71.16 -19.53
C VAL YA 84 50.36 70.40 -19.94
N LYS YA 85 51.15 69.97 -18.95
CA LYS YA 85 52.35 69.20 -19.21
C LYS YA 85 52.46 68.07 -18.19
N CYS YA 86 52.79 66.89 -18.67
CA CYS YA 86 52.94 65.70 -17.85
C CYS YA 86 54.40 65.27 -17.84
N SER YA 87 54.95 65.08 -16.65
CA SER YA 87 56.37 64.74 -16.53
C SER YA 87 56.57 63.92 -15.27
N LYS YA 88 57.73 63.25 -15.21
CA LYS YA 88 58.00 62.31 -14.13
C LYS YA 88 58.18 62.99 -12.78
N GLU YA 89 58.44 64.28 -12.75
CA GLU YA 89 58.63 65.01 -11.51
C GLU YA 89 57.80 66.29 -11.52
N VAL YA 90 57.33 66.68 -10.34
CA VAL YA 90 56.34 67.76 -10.23
C VAL YA 90 56.94 69.10 -10.62
N ALA YA 91 58.21 69.35 -10.27
CA ALA YA 91 58.81 70.64 -10.55
C ALA YA 91 58.91 70.90 -12.05
N THR YA 92 59.33 69.89 -12.82
CA THR YA 92 59.46 70.06 -14.26
C THR YA 92 58.11 70.18 -14.95
N ALA YA 93 57.10 69.48 -14.43
CA ALA YA 93 55.76 69.58 -15.01
C ALA YA 93 55.24 71.01 -14.92
N ILE YA 94 55.49 71.68 -13.80
CA ILE YA 94 55.03 73.07 -13.65
C ILE YA 94 55.78 73.97 -14.62
N ARG YA 95 57.11 73.86 -14.66
CA ARG YA 95 57.88 74.69 -15.57
C ARG YA 95 57.48 74.47 -17.02
N GLY YA 96 57.28 73.21 -17.41
CA GLY YA 96 56.87 72.92 -18.76
C GLY YA 96 55.45 73.33 -19.08
N ALA YA 97 54.59 73.40 -18.06
CA ALA YA 97 53.21 73.81 -18.30
C ALA YA 97 53.09 75.31 -18.46
N ILE YA 98 53.92 76.09 -17.76
CA ILE YA 98 53.90 77.54 -17.95
C ILE YA 98 54.36 77.88 -19.37
N ILE YA 99 55.37 77.18 -19.86
CA ILE YA 99 55.83 77.39 -21.23
C ILE YA 99 54.71 77.10 -22.23
N LEU YA 100 53.99 75.99 -22.01
CA LEU YA 100 52.85 75.69 -22.86
C LEU YA 100 51.70 76.68 -22.64
N ALA YA 101 51.54 77.18 -21.43
CA ALA YA 101 50.51 78.19 -21.17
C ALA YA 101 50.81 79.47 -21.93
N LYS YA 102 52.07 79.88 -21.97
CA LYS YA 102 52.43 81.13 -22.64
C LYS YA 102 52.17 81.06 -24.14
N LEU YA 103 52.39 79.91 -24.75
CA LEU YA 103 52.21 79.78 -26.20
C LEU YA 103 50.75 79.80 -26.61
N SER YA 104 49.84 79.50 -25.68
CA SER YA 104 48.42 79.36 -25.99
C SER YA 104 47.60 80.58 -25.61
N ILE YA 105 48.23 81.68 -25.21
CA ILE YA 105 47.49 82.85 -24.78
C ILE YA 105 46.61 83.36 -25.91
N VAL YA 106 45.34 83.57 -25.60
CA VAL YA 106 44.39 84.10 -26.58
C VAL YA 106 43.79 85.37 -26.00
N PRO YA 107 43.49 86.38 -26.82
CA PRO YA 107 42.88 87.61 -26.31
C PRO YA 107 41.38 87.45 -26.11
N VAL YA 108 40.84 88.32 -25.27
CA VAL YA 108 39.48 88.20 -24.75
C VAL YA 108 38.69 89.44 -25.14
N ARG YA 109 37.57 89.23 -25.83
CA ARG YA 109 36.64 90.31 -26.11
C ARG YA 109 35.71 90.48 -24.92
N ARG YA 110 35.62 91.70 -24.43
CA ARG YA 110 34.75 92.02 -23.31
C ARG YA 110 33.89 93.22 -23.67
N GLY YA 111 32.60 93.12 -23.38
CA GLY YA 111 31.63 94.10 -23.83
C GLY YA 111 30.83 94.74 -22.71
N TYR YA 112 29.55 94.97 -22.95
CA TYR YA 112 28.72 95.74 -22.04
C TYR YA 112 27.42 95.02 -21.77
N TRP YA 113 26.87 95.27 -20.58
CA TRP YA 113 25.52 94.88 -20.22
C TRP YA 113 24.68 96.15 -20.15
N GLY YA 114 23.53 96.14 -20.80
CA GLY YA 114 22.73 97.35 -20.84
C GLY YA 114 23.41 98.42 -21.65
N ASN YA 115 23.57 99.60 -21.06
CA ASN YA 115 24.12 100.74 -21.78
C ASN YA 115 25.64 100.79 -21.69
N LYS YA 116 26.25 101.43 -22.69
CA LYS YA 116 27.68 101.34 -22.92
C LYS YA 116 28.39 102.59 -22.39
N ILE YA 117 28.55 102.62 -21.07
CA ILE YA 117 29.22 103.70 -20.38
C ILE YA 117 30.40 103.14 -19.60
N GLY YA 118 31.57 103.76 -19.77
CA GLY YA 118 32.76 103.33 -19.07
C GLY YA 118 33.53 102.28 -19.86
N LYS YA 119 34.40 101.59 -19.14
CA LYS YA 119 35.18 100.54 -19.79
C LYS YA 119 34.35 99.26 -19.91
N PRO YA 120 34.62 98.45 -20.92
CA PRO YA 120 33.93 97.16 -21.01
C PRO YA 120 34.29 96.27 -19.84
N HIS YA 121 33.31 95.48 -19.39
CA HIS YA 121 33.47 94.69 -18.17
C HIS YA 121 32.99 93.26 -18.28
N THR YA 122 32.07 92.95 -19.19
CA THR YA 122 31.38 91.68 -19.22
C THR YA 122 31.76 90.96 -20.52
N VAL YA 123 31.23 89.75 -20.72
CA VAL YA 123 31.35 89.07 -22.01
C VAL YA 123 30.42 89.76 -23.00
N PRO YA 124 30.78 89.84 -24.28
CA PRO YA 124 29.91 90.56 -25.23
C PRO YA 124 28.56 89.91 -25.43
N CYS YA 125 28.46 88.60 -25.32
CA CYS YA 125 27.20 87.89 -25.52
C CYS YA 125 27.29 86.55 -24.82
N LYS YA 126 26.36 85.65 -25.14
CA LYS YA 126 26.34 84.31 -24.57
C LYS YA 126 27.21 83.40 -25.42
N VAL YA 127 28.24 82.82 -24.81
CA VAL YA 127 29.15 81.92 -25.50
C VAL YA 127 29.22 80.61 -24.74
N THR YA 128 29.44 79.52 -25.48
CA THR YA 128 29.49 78.19 -24.92
C THR YA 128 30.76 77.49 -25.37
N GLY YA 129 31.38 76.76 -24.44
CA GLY YA 129 32.54 75.94 -24.75
C GLY YA 129 32.30 74.51 -24.33
N ARG YA 130 32.94 73.59 -25.05
CA ARG YA 130 32.78 72.16 -24.78
C ARG YA 130 34.11 71.44 -24.89
N CYS YA 131 34.31 70.46 -24.02
CA CYS YA 131 35.28 69.40 -24.22
C CYS YA 131 34.91 68.28 -23.27
N GLY YA 132 34.94 67.04 -23.77
CA GLY YA 132 34.38 65.95 -22.99
C GLY YA 132 32.91 66.18 -22.76
N SER YA 133 32.46 65.89 -21.54
CA SER YA 133 31.07 66.06 -21.17
C SER YA 133 30.75 67.46 -20.65
N VAL YA 134 31.75 68.31 -20.46
CA VAL YA 134 31.54 69.60 -19.84
C VAL YA 134 31.00 70.59 -20.86
N LEU YA 135 29.86 71.20 -20.55
CA LEU YA 135 29.32 72.32 -21.30
C LEU YA 135 29.30 73.53 -20.37
N VAL YA 136 29.93 74.61 -20.78
CA VAL YA 136 30.06 75.82 -19.98
C VAL YA 136 29.49 76.99 -20.75
N ARG YA 137 28.61 77.75 -20.11
CA ARG YA 137 27.93 78.88 -20.73
C ARG YA 137 28.22 80.13 -19.93
N LEU YA 138 28.57 81.21 -20.62
CA LEU YA 138 28.84 82.49 -20.00
C LEU YA 138 27.76 83.48 -20.45
N ILE YA 139 27.04 84.04 -19.48
CA ILE YA 139 25.92 84.94 -19.74
C ILE YA 139 26.32 86.34 -19.29
N PRO YA 140 26.08 87.37 -20.11
CA PRO YA 140 26.43 88.73 -19.67
C PRO YA 140 25.66 89.15 -18.44
N ALA YA 141 26.33 89.87 -17.55
CA ALA YA 141 25.80 90.25 -16.25
C ALA YA 141 25.98 91.75 -16.03
N PRO YA 142 25.12 92.36 -15.23
CA PRO YA 142 25.25 93.80 -14.97
C PRO YA 142 26.53 94.11 -14.19
N ARG YA 143 26.88 95.40 -14.18
CA ARG YA 143 28.11 95.83 -13.54
C ARG YA 143 28.04 95.62 -12.03
N GLY YA 144 29.16 95.23 -11.45
CA GLY YA 144 29.23 94.99 -10.02
C GLY YA 144 28.70 93.65 -9.57
N THR YA 145 28.24 92.81 -10.50
CA THR YA 145 27.75 91.49 -10.13
C THR YA 145 28.87 90.62 -9.57
N GLY YA 146 30.05 90.70 -10.17
CA GLY YA 146 31.10 89.76 -9.88
C GLY YA 146 30.94 88.51 -10.71
N ILE YA 147 31.85 87.57 -10.52
CA ILE YA 147 31.83 86.31 -11.24
C ILE YA 147 31.13 85.28 -10.37
N VAL YA 148 30.04 84.73 -10.87
CA VAL YA 148 29.26 83.71 -10.16
C VAL YA 148 29.47 82.39 -10.90
N SER YA 149 30.27 81.51 -10.31
CA SER YA 149 30.71 80.31 -11.00
C SER YA 149 31.39 79.40 -10.00
N ALA YA 150 31.75 78.21 -10.47
CA ALA YA 150 32.56 77.30 -9.69
C ALA YA 150 33.93 77.93 -9.48
N PRO YA 151 34.65 77.50 -8.43
CA PRO YA 151 35.95 78.13 -8.14
C PRO YA 151 36.95 78.09 -9.28
N VAL YA 152 37.05 76.98 -10.02
CA VAL YA 152 38.11 76.86 -11.01
C VAL YA 152 37.85 77.62 -12.31
N PRO YA 153 36.62 77.74 -12.82
CA PRO YA 153 36.43 78.68 -13.93
C PRO YA 153 36.39 80.13 -13.49
N LYS YA 154 36.28 80.39 -12.18
CA LYS YA 154 36.28 81.76 -11.69
C LYS YA 154 37.66 82.38 -11.79
N LYS YA 155 38.70 81.62 -11.44
CA LYS YA 155 40.05 82.18 -11.47
C LYS YA 155 40.55 82.39 -12.88
N LEU YA 156 40.11 81.57 -13.84
CA LEU YA 156 40.38 81.87 -15.24
C LEU YA 156 39.77 83.19 -15.66
N LEU YA 157 38.55 83.47 -15.18
CA LEU YA 157 37.86 84.69 -15.58
C LEU YA 157 38.48 85.93 -14.92
N MET YA 158 38.93 85.81 -13.67
CA MET YA 158 39.52 86.97 -13.01
C MET YA 158 40.84 87.37 -13.64
N MET YA 159 41.56 86.43 -14.24
CA MET YA 159 42.76 86.77 -14.98
C MET YA 159 42.48 87.02 -16.46
N ALA YA 160 41.20 87.06 -16.84
CA ALA YA 160 40.82 87.52 -18.17
C ALA YA 160 40.49 88.99 -18.22
N GLY YA 161 40.29 89.63 -17.07
CA GLY YA 161 39.80 90.98 -17.03
C GLY YA 161 38.30 91.08 -16.97
N ILE YA 162 37.58 90.01 -17.29
CA ILE YA 162 36.14 89.98 -17.08
C ILE YA 162 35.88 90.04 -15.59
N ASP YA 163 35.15 91.06 -15.14
CA ASP YA 163 34.92 91.28 -13.73
C ASP YA 163 33.50 90.97 -13.29
N ASP YA 164 32.61 90.61 -14.21
CA ASP YA 164 31.29 90.13 -13.84
C ASP YA 164 30.72 89.30 -14.99
N CYS YA 165 30.07 88.20 -14.64
CA CYS YA 165 29.57 87.24 -15.62
C CYS YA 165 28.72 86.20 -14.91
N TYR YA 166 27.65 85.78 -15.57
CA TYR YA 166 26.85 84.65 -15.11
C TYR YA 166 27.31 83.41 -15.84
N THR YA 167 27.35 82.28 -15.14
CA THR YA 167 27.81 81.04 -15.73
C THR YA 167 26.77 79.94 -15.54
N SER YA 168 27.02 78.81 -16.20
CA SER YA 168 26.20 77.62 -16.04
C SER YA 168 27.00 76.45 -16.58
N ALA YA 169 27.15 75.41 -15.77
CA ALA YA 169 28.00 74.28 -16.12
C ALA YA 169 27.16 73.01 -16.14
N ARG YA 170 27.34 72.21 -17.19
CA ARG YA 170 26.72 70.91 -17.30
C ARG YA 170 27.81 69.85 -17.51
N GLY YA 171 27.52 68.63 -17.10
CA GLY YA 171 28.45 67.53 -17.26
C GLY YA 171 29.21 67.24 -15.99
N CYS YA 172 30.20 66.36 -16.14
CA CYS YA 172 31.03 65.95 -15.01
C CYS YA 172 32.08 67.03 -14.78
N THR YA 173 31.66 68.08 -14.08
CA THR YA 173 32.54 69.21 -13.80
C THR YA 173 33.64 68.85 -12.82
N ALA YA 174 33.51 67.74 -12.09
CA ALA YA 174 34.57 67.33 -11.17
C ALA YA 174 35.84 66.94 -11.90
N THR YA 175 35.77 66.69 -13.21
CA THR YA 175 36.96 66.48 -14.03
C THR YA 175 37.57 67.84 -14.33
N LEU YA 176 38.51 68.24 -13.48
CA LEU YA 176 39.05 69.60 -13.55
C LEU YA 176 39.76 69.84 -14.88
N GLY YA 177 40.30 68.80 -15.49
CA GLY YA 177 40.96 68.96 -16.77
C GLY YA 177 40.04 69.47 -17.85
N ASN YA 178 38.93 68.76 -18.07
CA ASN YA 178 37.96 69.22 -19.06
C ASN YA 178 37.30 70.52 -18.62
N PHE YA 179 36.98 70.64 -17.34
CA PHE YA 179 36.20 71.78 -16.88
C PHE YA 179 37.02 73.06 -16.91
N ALA YA 180 38.34 72.95 -16.81
CA ALA YA 180 39.19 74.13 -16.97
C ALA YA 180 39.25 74.56 -18.43
N LYS YA 181 39.46 73.62 -19.34
CA LYS YA 181 39.66 73.96 -20.75
C LYS YA 181 38.36 73.97 -21.54
N ALA YA 182 37.22 73.78 -20.89
CA ALA YA 182 35.94 74.13 -21.48
C ALA YA 182 35.60 75.59 -21.25
N THR YA 183 36.01 76.15 -20.12
CA THR YA 183 35.92 77.59 -19.91
C THR YA 183 36.82 78.32 -20.89
N PHE YA 184 38.06 77.83 -21.04
CA PHE YA 184 39.01 78.44 -21.97
C PHE YA 184 38.57 78.30 -23.42
N ASP YA 185 37.71 77.33 -23.70
CA ASP YA 185 37.13 77.22 -25.03
C ASP YA 185 36.12 78.33 -25.29
N ALA YA 186 35.26 78.61 -24.29
CA ALA YA 186 34.28 79.68 -24.43
C ALA YA 186 34.95 81.04 -24.50
N ILE YA 187 36.04 81.22 -23.75
CA ILE YA 187 36.78 82.48 -23.78
C ILE YA 187 37.41 82.68 -25.15
N SER YA 188 37.87 81.60 -25.78
CA SER YA 188 38.56 81.73 -27.06
C SER YA 188 37.63 82.28 -28.14
N LYS YA 189 36.40 81.80 -28.20
CA LYS YA 189 35.51 82.13 -29.31
C LYS YA 189 34.73 83.43 -29.09
N THR YA 190 35.22 84.31 -28.22
CA THR YA 190 34.58 85.61 -28.06
C THR YA 190 35.00 86.62 -29.12
N TYR YA 191 36.07 86.35 -29.86
CA TYR YA 191 36.33 87.01 -31.13
C TYR YA 191 35.78 86.28 -32.34
N SER YA 192 35.58 84.97 -32.25
CA SER YA 192 35.06 84.24 -33.39
C SER YA 192 33.60 84.56 -33.66
N TYR YA 193 32.94 85.26 -32.74
CA TYR YA 193 31.51 85.51 -32.83
C TYR YA 193 31.29 86.83 -33.56
N LEU YA 194 30.55 86.80 -34.66
CA LEU YA 194 30.36 87.97 -35.51
C LEU YA 194 29.14 88.75 -35.05
N THR YA 195 29.35 90.00 -34.66
CA THR YA 195 28.40 90.92 -34.06
C THR YA 195 28.12 92.10 -35.02
N PRO YA 196 26.89 92.63 -35.03
CA PRO YA 196 26.57 93.72 -35.97
C PRO YA 196 27.48 94.93 -35.89
N ASP YA 197 28.37 95.03 -34.90
CA ASP YA 197 29.38 96.07 -34.89
C ASP YA 197 30.65 95.64 -35.60
N LEU YA 198 30.65 94.46 -36.22
CA LEU YA 198 31.77 93.96 -37.00
C LEU YA 198 31.37 93.72 -38.45
N TRP YA 199 30.40 94.49 -38.94
CA TRP YA 199 29.94 94.35 -40.31
C TRP YA 199 30.68 95.22 -41.31
N LYS YA 200 31.53 96.14 -40.84
CA LYS YA 200 32.34 96.93 -41.74
C LYS YA 200 33.28 96.03 -42.53
N GLU YA 201 33.37 96.26 -43.83
CA GLU YA 201 34.28 95.47 -44.65
C GLU YA 201 35.72 95.75 -44.25
N THR YA 202 36.53 94.71 -44.18
CA THR YA 202 37.88 94.83 -43.64
C THR YA 202 38.81 95.51 -44.62
N VAL YA 203 39.60 96.45 -44.12
CA VAL YA 203 40.70 97.03 -44.88
C VAL YA 203 41.95 96.21 -44.61
N PHE YA 204 42.43 95.51 -45.62
CA PHE YA 204 43.53 94.58 -45.44
C PHE YA 204 44.83 95.31 -45.11
N THR YA 205 45.55 94.81 -44.12
CA THR YA 205 46.85 95.31 -43.74
C THR YA 205 47.93 94.38 -44.28
N LYS YA 206 49.03 94.96 -44.72
CA LYS YA 206 50.11 94.18 -45.31
C LYS YA 206 50.95 93.51 -44.23
N SER YA 207 51.18 92.22 -44.41
CA SER YA 207 51.61 91.34 -43.34
C SER YA 207 53.07 91.60 -42.92
N PRO YA 208 53.41 91.33 -41.67
CA PRO YA 208 54.80 91.50 -41.23
C PRO YA 208 55.80 90.65 -42.00
N TYR YA 209 55.42 89.45 -42.45
CA TYR YA 209 56.33 88.65 -43.26
C TYR YA 209 56.59 89.31 -44.61
N GLN YA 210 55.62 90.09 -45.10
CA GLN YA 210 55.76 90.82 -46.35
C GLN YA 210 56.26 92.24 -46.11
N GLU YA 211 55.82 92.87 -45.03
CA GLU YA 211 56.23 94.24 -44.75
C GLU YA 211 57.73 94.33 -44.48
N PHE YA 212 58.28 93.39 -43.72
CA PHE YA 212 59.64 93.47 -43.19
C PHE YA 212 60.56 92.45 -43.85
N THR YA 213 60.36 92.22 -45.15
CA THR YA 213 61.14 91.23 -45.88
C THR YA 213 62.60 91.62 -46.03
N ASP YA 214 62.89 92.92 -46.07
CA ASP YA 214 64.26 93.37 -46.36
C ASP YA 214 65.17 93.19 -45.16
N HIS YA 215 64.72 93.63 -43.97
CA HIS YA 215 65.46 93.33 -42.75
C HIS YA 215 65.52 91.82 -42.53
N LEU YA 216 64.46 91.11 -42.91
CA LEU YA 216 64.42 89.65 -42.74
C LEU YA 216 65.50 88.97 -43.56
N VAL YA 217 65.67 89.38 -44.82
CA VAL YA 217 66.68 88.76 -45.67
C VAL YA 217 68.07 89.00 -45.10
N LYS YA 218 68.32 90.21 -44.59
CA LYS YA 218 69.64 90.58 -44.12
C LYS YA 218 70.01 89.84 -42.84
N THR YA 219 69.18 89.99 -41.80
CA THR YA 219 69.63 89.66 -40.43
C THR YA 219 69.96 88.18 -40.27
N HIS YA 220 69.12 87.29 -40.79
CA HIS YA 220 69.42 85.86 -40.71
C HIS YA 220 68.81 85.16 -41.91
N THR YA 221 69.50 84.12 -42.37
CA THR YA 221 69.06 83.36 -43.53
C THR YA 221 68.96 81.87 -43.19
N MET ZA 1 116.25 46.14 5.48
CA MET ZA 1 115.54 46.14 6.75
C MET ZA 1 115.61 44.75 7.40
N ALA ZA 2 115.21 44.71 8.67
CA ALA ZA 2 115.65 43.64 9.57
C ALA ZA 2 115.17 42.27 9.13
N VAL ZA 3 113.86 42.12 8.91
CA VAL ZA 3 113.28 40.80 8.72
C VAL ZA 3 113.16 40.41 7.24
N GLN ZA 4 113.47 41.33 6.33
CA GLN ZA 4 113.42 41.12 4.88
C GLN ZA 4 112.13 40.40 4.47
N ILE ZA 5 111.01 41.09 4.68
CA ILE ZA 5 109.72 40.56 4.28
C ILE ZA 5 109.68 40.35 2.77
N SER ZA 6 109.00 39.29 2.35
CA SER ZA 6 108.91 38.98 0.93
C SER ZA 6 108.12 40.06 0.19
N LYS ZA 7 108.47 40.26 -1.09
CA LYS ZA 7 107.85 41.33 -1.86
C LYS ZA 7 106.37 41.08 -2.09
N LYS ZA 8 105.93 39.82 -2.05
CA LYS ZA 8 104.51 39.55 -2.14
C LYS ZA 8 103.75 40.15 -0.96
N ARG ZA 9 104.32 40.06 0.24
CA ARG ZA 9 103.69 40.64 1.41
C ARG ZA 9 103.99 42.12 1.56
N LYS ZA 10 105.05 42.62 0.93
CA LYS ZA 10 105.37 44.04 1.03
C LYS ZA 10 104.36 44.88 0.27
N PHE ZA 11 104.04 44.49 -0.97
CA PHE ZA 11 103.06 45.23 -1.75
C PHE ZA 11 101.69 45.19 -1.11
N VAL ZA 12 101.35 44.07 -0.46
CA VAL ZA 12 100.11 44.01 0.30
C VAL ZA 12 100.20 44.88 1.55
N ALA ZA 13 101.37 44.91 2.19
CA ALA ZA 13 101.54 45.70 3.41
C ALA ZA 13 101.41 47.19 3.12
N ASP ZA 14 102.05 47.66 2.05
CA ASP ZA 14 101.93 49.08 1.72
C ASP ZA 14 100.56 49.39 1.12
N GLY ZA 15 99.96 48.43 0.40
CA GLY ZA 15 98.62 48.62 -0.11
C GLY ZA 15 97.58 48.74 1.00
N ILE ZA 16 97.77 47.99 2.09
CA ILE ZA 16 96.85 48.09 3.21
C ILE ZA 16 97.21 49.25 4.12
N PHE ZA 17 98.44 49.79 4.01
CA PHE ZA 17 98.77 51.02 4.71
C PHE ZA 17 97.98 52.20 4.17
N LYS ZA 18 97.82 52.25 2.85
CA LYS ZA 18 97.09 53.37 2.25
C LYS ZA 18 95.60 53.30 2.57
N ALA ZA 19 95.04 52.10 2.61
CA ALA ZA 19 93.60 51.95 2.86
C ALA ZA 19 93.23 52.48 4.23
N GLU ZA 20 94.00 52.11 5.26
CA GLU ZA 20 93.71 52.61 6.60
C GLU ZA 20 93.91 54.11 6.69
N LEU ZA 21 94.98 54.62 6.09
CA LEU ZA 21 95.25 56.05 6.13
C LEU ZA 21 94.17 56.84 5.42
N ASN ZA 22 93.73 56.35 4.25
CA ASN ZA 22 92.66 57.02 3.52
C ASN ZA 22 91.36 57.01 4.33
N GLU ZA 23 91.08 55.90 5.02
CA GLU ZA 23 89.85 55.83 5.81
C GLU ZA 23 89.95 56.66 7.08
N PHE ZA 24 91.15 56.80 7.63
CA PHE ZA 24 91.31 57.66 8.80
C PHE ZA 24 91.02 59.11 8.46
N LEU ZA 25 91.51 59.57 7.31
CA LEU ZA 25 91.35 60.98 6.95
C LEU ZA 25 89.94 61.30 6.48
N THR ZA 26 89.22 60.31 5.94
CA THR ZA 26 87.88 60.58 5.42
C THR ZA 26 86.88 60.85 6.54
N ARG ZA 27 87.17 60.41 7.77
CA ARG ZA 27 86.34 60.76 8.91
C ARG ZA 27 86.94 61.86 9.75
N GLU ZA 28 88.22 62.20 9.55
CA GLU ZA 28 88.82 63.36 10.20
C GLU ZA 28 88.56 64.63 9.41
N LEU ZA 29 88.66 64.56 8.08
CA LEU ZA 29 88.56 65.73 7.22
C LEU ZA 29 87.26 65.74 6.42
N ALA ZA 30 86.23 65.06 6.93
CA ALA ZA 30 84.95 65.05 6.25
C ALA ZA 30 84.35 66.44 6.18
N GLU ZA 31 84.42 67.19 7.27
CA GLU ZA 31 83.94 68.57 7.29
C GLU ZA 31 84.82 69.52 6.50
N ASP ZA 32 86.01 69.08 6.07
CA ASP ZA 32 86.98 69.97 5.44
C ASP ZA 32 87.17 69.67 3.96
N GLY ZA 33 86.21 69.01 3.32
CA GLY ZA 33 86.27 68.76 1.89
C GLY ZA 33 87.38 67.82 1.45
N TYR ZA 34 87.62 66.77 2.21
CA TYR ZA 34 88.63 65.78 1.83
C TYR ZA 34 88.28 65.14 0.50
N SER ZA 35 89.29 64.98 -0.36
CA SER ZA 35 89.11 64.33 -1.65
C SER ZA 35 89.93 63.05 -1.81
N GLY ZA 36 91.21 63.07 -1.45
CA GLY ZA 36 92.04 61.89 -1.58
C GLY ZA 36 93.43 62.18 -1.08
N VAL ZA 37 94.27 61.14 -1.11
CA VAL ZA 37 95.68 61.27 -0.76
C VAL ZA 37 96.53 60.51 -1.76
N GLU ZA 38 97.79 60.93 -1.84
CA GLU ZA 38 98.80 60.26 -2.65
C GLU ZA 38 100.03 60.02 -1.77
N VAL ZA 39 100.50 58.78 -1.75
CA VAL ZA 39 101.65 58.38 -0.94
C VAL ZA 39 102.81 58.10 -1.88
N ARG ZA 40 103.95 58.75 -1.63
CA ARG ZA 40 105.15 58.56 -2.43
C ARG ZA 40 106.34 58.34 -1.50
N VAL ZA 41 107.27 57.49 -1.91
CA VAL ZA 41 108.35 57.03 -1.06
C VAL ZA 41 109.68 57.51 -1.67
N THR ZA 42 110.13 58.68 -1.21
CA THR ZA 42 111.50 59.14 -1.39
C THR ZA 42 112.33 58.50 -0.27
N PRO ZA 43 113.66 58.43 -0.39
CA PRO ZA 43 114.40 57.62 0.59
C PRO ZA 43 114.68 58.31 1.92
N THR ZA 44 114.47 57.56 3.00
CA THR ZA 44 114.54 57.98 4.40
C THR ZA 44 113.43 58.94 4.79
N ARG ZA 45 112.41 59.11 3.96
CA ARG ZA 45 111.30 59.99 4.30
C ARG ZA 45 110.10 59.59 3.46
N THR ZA 46 108.92 59.58 4.08
CA THR ZA 46 107.68 59.28 3.38
C THR ZA 46 106.88 60.57 3.20
N GLU ZA 47 106.52 60.88 1.96
CA GLU ZA 47 105.78 62.09 1.64
C GLU ZA 47 104.37 61.72 1.20
N ILE ZA 48 103.37 62.32 1.86
CA ILE ZA 48 101.97 62.06 1.56
C ILE ZA 48 101.27 63.40 1.35
N ILE ZA 49 100.47 63.49 0.29
CA ILE ZA 49 99.79 64.71 -0.11
C ILE ZA 49 98.31 64.56 0.19
N ILE ZA 50 97.73 65.58 0.81
CA ILE ZA 50 96.31 65.59 1.15
C ILE ZA 50 95.57 66.45 0.13
N LEU ZA 51 94.53 65.88 -0.47
CA LEU ZA 51 93.74 66.56 -1.48
C LEU ZA 51 92.44 67.03 -0.83
N ALA ZA 52 92.31 68.34 -0.66
CA ALA ZA 52 91.12 68.93 -0.05
C ALA ZA 52 90.68 70.13 -0.87
N THR ZA 53 89.43 70.55 -0.63
CA THR ZA 53 88.90 71.74 -1.29
C THR ZA 53 89.14 72.98 -0.44
N ARG ZA 54 88.80 72.93 0.84
CA ARG ZA 54 89.08 74.02 1.77
C ARG ZA 54 90.42 73.75 2.45
N THR ZA 55 91.49 74.16 1.77
CA THR ZA 55 92.84 73.90 2.27
C THR ZA 55 93.14 74.64 3.56
N GLN ZA 56 92.49 75.79 3.79
CA GLN ZA 56 92.79 76.55 4.99
C GLN ZA 56 92.17 75.93 6.24
N ASN ZA 57 91.05 75.22 6.11
CA ASN ZA 57 90.49 74.53 7.27
C ASN ZA 57 91.34 73.33 7.67
N VAL ZA 58 91.75 72.52 6.68
CA VAL ZA 58 92.56 71.35 6.99
C VAL ZA 58 93.93 71.77 7.52
N LEU ZA 59 94.50 72.84 6.99
CA LEU ZA 59 95.78 73.32 7.47
C LEU ZA 59 95.67 73.85 8.90
N GLY ZA 60 94.60 74.58 9.19
CA GLY ZA 60 94.40 75.16 10.50
C GLY ZA 60 95.16 76.46 10.67
N GLU ZA 61 94.88 77.15 11.77
CA GLU ZA 61 95.62 78.36 12.09
C GLU ZA 61 97.09 78.04 12.32
N LYS ZA 62 97.96 78.90 11.79
CA LYS ZA 62 99.42 78.76 11.88
C LYS ZA 62 99.89 77.35 11.52
N GLY ZA 63 99.10 76.62 10.76
CA GLY ZA 63 99.39 75.22 10.50
C GLY ZA 63 99.39 74.36 11.75
N ARG ZA 64 98.41 74.56 12.63
CA ARG ZA 64 98.39 73.82 13.88
C ARG ZA 64 97.91 72.38 13.68
N ARG ZA 65 96.67 72.22 13.23
CA ARG ZA 65 96.09 70.89 13.18
C ARG ZA 65 96.66 70.04 12.05
N ILE ZA 66 97.39 70.65 11.10
CA ILE ZA 66 98.11 69.85 10.12
C ILE ZA 66 99.27 69.12 10.77
N ARG ZA 67 99.89 69.74 11.79
CA ARG ZA 67 101.01 69.10 12.47
C ARG ZA 67 100.55 68.00 13.42
N GLU ZA 68 99.41 68.18 14.07
CA GLU ZA 68 98.90 67.13 14.95
C GLU ZA 68 98.47 65.90 14.15
N LEU ZA 69 98.01 66.09 12.91
CA LEU ZA 69 97.81 64.95 12.02
C LEU ZA 69 99.13 64.29 11.68
N THR ZA 70 100.19 65.07 11.47
CA THR ZA 70 101.51 64.48 11.25
C THR ZA 70 101.97 63.69 12.47
N ALA ZA 71 101.60 64.15 13.66
CA ALA ZA 71 102.06 63.50 14.89
C ALA ZA 71 101.41 62.13 15.06
N VAL ZA 72 100.09 62.03 14.83
CA VAL ZA 72 99.43 60.74 15.01
C VAL ZA 72 99.85 59.75 13.93
N VAL ZA 73 100.06 60.23 12.71
CA VAL ZA 73 100.44 59.33 11.62
C VAL ZA 73 101.77 58.67 11.90
N GLN ZA 74 102.75 59.46 12.35
CA GLN ZA 74 104.04 58.87 12.68
C GLN ZA 74 103.98 58.05 13.97
N LYS ZA 75 103.09 58.43 14.90
CA LYS ZA 75 102.99 57.71 16.16
C LYS ZA 75 102.25 56.40 16.01
N ARG ZA 76 101.28 56.32 15.10
CA ARG ZA 76 100.48 55.11 14.94
C ARG ZA 76 101.14 54.10 14.02
N PHE ZA 77 101.64 54.54 12.86
CA PHE ZA 77 102.22 53.62 11.89
C PHE ZA 77 103.69 53.33 12.17
N GLY ZA 78 104.23 53.81 13.29
CA GLY ZA 78 105.58 53.46 13.67
C GLY ZA 78 106.68 54.12 12.86
N PHE ZA 79 106.37 55.18 12.13
CA PHE ZA 79 107.39 55.87 11.36
C PHE ZA 79 108.39 56.54 12.31
N PRO ZA 80 109.67 56.57 11.94
CA PRO ZA 80 110.64 57.30 12.76
C PRO ZA 80 110.36 58.80 12.74
N GLU ZA 81 110.85 59.48 13.78
CA GLU ZA 81 110.64 60.91 13.91
C GLU ZA 81 111.22 61.64 12.70
N GLY ZA 82 110.42 62.52 12.11
CA GLY ZA 82 110.86 63.29 10.96
C GLY ZA 82 110.93 62.53 9.66
N SER ZA 83 110.49 61.28 9.64
CA SER ZA 83 110.51 60.47 8.42
C SER ZA 83 109.22 60.59 7.62
N VAL ZA 84 108.28 61.42 8.07
CA VAL ZA 84 107.02 61.62 7.35
C VAL ZA 84 106.52 63.01 7.65
N GLU ZA 85 105.90 63.63 6.65
CA GLU ZA 85 105.34 64.97 6.82
C GLU ZA 85 104.27 65.18 5.74
N LEU ZA 86 103.32 66.06 6.05
CA LEU ZA 86 102.10 66.19 5.27
C LEU ZA 86 102.00 67.56 4.63
N TYR ZA 87 101.50 67.59 3.40
CA TYR ZA 87 101.10 68.82 2.73
C TYR ZA 87 99.65 68.72 2.30
N ALA ZA 88 98.93 69.84 2.42
CA ALA ZA 88 97.57 69.95 1.93
C ALA ZA 88 97.57 70.93 0.75
N GLU ZA 89 97.12 70.45 -0.41
CA GLU ZA 89 97.03 71.30 -1.59
C GLU ZA 89 95.69 71.08 -2.27
N LYS ZA 90 95.25 72.10 -2.99
CA LYS ZA 90 93.87 72.20 -3.43
C LYS ZA 90 93.60 71.34 -4.66
N VAL ZA 91 92.42 70.74 -4.70
CA VAL ZA 91 91.95 70.07 -5.91
C VAL ZA 91 91.54 71.12 -6.94
N ALA ZA 92 91.65 70.76 -8.20
CA ALA ZA 92 91.22 71.63 -9.30
C ALA ZA 92 89.87 71.15 -9.81
N THR ZA 93 88.95 72.10 -10.00
CA THR ZA 93 87.58 71.80 -10.45
C THR ZA 93 86.90 70.84 -9.49
N ARG ZA 94 86.65 71.36 -8.28
CA ARG ZA 94 86.01 70.56 -7.23
C ARG ZA 94 84.69 69.95 -7.68
N GLY ZA 95 84.08 70.49 -8.74
CA GLY ZA 95 82.85 69.92 -9.24
C GLY ZA 95 82.99 68.57 -9.91
N LEU ZA 96 84.21 68.21 -10.33
CA LEU ZA 96 84.45 66.93 -10.97
C LEU ZA 96 85.01 65.88 -10.02
N CYS ZA 97 84.97 66.12 -8.72
CA CYS ZA 97 85.35 65.14 -7.72
C CYS ZA 97 84.10 64.56 -7.10
N ALA ZA 98 83.91 63.25 -7.25
CA ALA ZA 98 82.74 62.60 -6.68
C ALA ZA 98 82.82 62.54 -5.16
N ILE ZA 99 84.03 62.34 -4.63
CA ILE ZA 99 84.20 62.28 -3.18
C ILE ZA 99 83.81 63.59 -2.53
N ALA ZA 100 84.26 64.71 -3.10
CA ALA ZA 100 83.96 66.02 -2.52
C ALA ZA 100 82.47 66.33 -2.58
N GLN ZA 101 81.83 66.03 -3.71
CA GLN ZA 101 80.44 66.44 -3.88
C GLN ZA 101 79.49 65.59 -3.05
N ALA ZA 102 79.82 64.32 -2.83
CA ALA ZA 102 79.00 63.50 -1.94
C ALA ZA 102 79.04 64.03 -0.52
N GLU ZA 103 80.21 64.45 -0.06
CA GLU ZA 103 80.33 65.03 1.27
C GLU ZA 103 79.58 66.36 1.36
N SER ZA 104 79.65 67.18 0.31
CA SER ZA 104 78.91 68.43 0.32
C SER ZA 104 77.42 68.20 0.35
N LEU ZA 105 76.94 67.23 -0.43
CA LEU ZA 105 75.52 66.88 -0.38
C LEU ZA 105 75.13 66.32 0.97
N ARG ZA 106 76.05 65.63 1.64
CA ARG ZA 106 75.76 65.05 2.95
C ARG ZA 106 75.51 66.12 4.00
N TYR ZA 107 76.19 67.26 3.90
CA TYR ZA 107 76.07 68.31 4.91
C TYR ZA 107 74.94 69.27 4.65
N LYS ZA 108 74.48 69.39 3.40
CA LYS ZA 108 73.24 70.12 3.16
C LYS ZA 108 72.07 69.43 3.83
N LEU ZA 109 72.06 68.10 3.81
CA LEU ZA 109 70.96 67.35 4.43
C LEU ZA 109 71.01 67.43 5.95
N LEU ZA 110 72.21 67.39 6.54
CA LEU ZA 110 72.33 67.53 7.98
C LEU ZA 110 71.82 68.89 8.45
N GLY ZA 111 72.12 69.95 7.70
CA GLY ZA 111 71.66 71.28 8.06
C GLY ZA 111 70.16 71.43 8.06
N GLY ZA 112 69.45 70.52 7.41
CA GLY ZA 112 67.99 70.56 7.37
C GLY ZA 112 67.40 70.89 6.02
N LEU ZA 113 68.21 71.07 4.98
CA LEU ZA 113 67.70 71.38 3.66
C LEU ZA 113 66.94 70.19 3.09
N ALA ZA 114 65.93 70.48 2.27
CA ALA ZA 114 65.10 69.44 1.68
C ALA ZA 114 65.94 68.58 0.73
N VAL ZA 115 65.49 67.34 0.55
CA VAL ZA 115 66.26 66.38 -0.25
C VAL ZA 115 66.21 66.75 -1.73
N ARG ZA 116 65.05 67.15 -2.24
CA ARG ZA 116 64.94 67.44 -3.66
C ARG ZA 116 65.73 68.69 -4.04
N ARG ZA 117 65.64 69.74 -3.23
CA ARG ZA 117 66.36 70.97 -3.55
C ARG ZA 117 67.86 70.78 -3.45
N ALA ZA 118 68.33 70.07 -2.41
CA ALA ZA 118 69.77 69.89 -2.23
C ALA ZA 118 70.38 69.10 -3.37
N CYS ZA 119 69.72 68.02 -3.79
CA CYS ZA 119 70.29 67.18 -4.84
C CYS ZA 119 70.25 67.88 -6.19
N TYR ZA 120 69.22 68.70 -6.46
CA TYR ZA 120 69.22 69.49 -7.68
C TYR ZA 120 70.36 70.49 -7.70
N GLY ZA 121 70.73 71.04 -6.54
CA GLY ZA 121 71.84 71.96 -6.50
C GLY ZA 121 73.15 71.30 -6.87
N VAL ZA 122 73.40 70.10 -6.35
CA VAL ZA 122 74.62 69.38 -6.68
C VAL ZA 122 74.59 68.92 -8.13
N LEU ZA 123 73.41 68.48 -8.61
CA LEU ZA 123 73.30 68.02 -9.98
C LEU ZA 123 73.61 69.14 -10.96
N ARG ZA 124 73.04 70.33 -10.73
CA ARG ZA 124 73.28 71.45 -11.63
C ARG ZA 124 74.72 71.94 -11.52
N PHE ZA 125 75.26 71.99 -10.30
CA PHE ZA 125 76.58 72.59 -10.10
C PHE ZA 125 77.66 71.80 -10.83
N ILE ZA 126 77.61 70.47 -10.76
CA ILE ZA 126 78.67 69.66 -11.36
C ILE ZA 126 78.46 69.43 -12.84
N MET ZA 127 77.22 69.54 -13.33
CA MET ZA 127 77.01 69.59 -14.77
C MET ZA 127 77.47 70.93 -15.33
N GLU ZA 128 77.25 72.01 -14.58
CA GLU ZA 128 77.72 73.33 -14.99
C GLU ZA 128 79.24 73.41 -14.93
N SER ZA 129 79.87 72.72 -13.98
CA SER ZA 129 81.31 72.73 -13.87
C SER ZA 129 82.00 72.02 -15.03
N GLY ZA 130 81.26 71.31 -15.86
CA GLY ZA 130 81.84 70.69 -17.04
C GLY ZA 130 81.99 69.19 -16.90
N ALA ZA 131 81.04 68.44 -17.45
CA ALA ZA 131 81.03 66.99 -17.39
C ALA ZA 131 80.02 66.47 -18.41
N LYS ZA 132 80.33 65.33 -19.02
CA LYS ZA 132 79.42 64.79 -20.01
C LYS ZA 132 78.12 64.32 -19.39
N GLY ZA 133 78.14 63.93 -18.12
CA GLY ZA 133 76.92 63.54 -17.44
C GLY ZA 133 77.21 63.08 -16.03
N CYS ZA 134 76.15 63.02 -15.24
CA CYS ZA 134 76.26 62.63 -13.83
C CYS ZA 134 74.89 62.18 -13.34
N GLU ZA 135 74.89 61.40 -12.26
CA GLU ZA 135 73.66 60.97 -11.62
C GLU ZA 135 73.86 60.90 -10.12
N VAL ZA 136 72.77 61.07 -9.39
CA VAL ZA 136 72.74 61.02 -7.93
C VAL ZA 136 71.58 60.13 -7.50
N VAL ZA 137 71.82 59.28 -6.51
CA VAL ZA 137 70.79 58.42 -5.95
C VAL ZA 137 70.77 58.61 -4.45
N VAL ZA 138 69.61 58.98 -3.91
CA VAL ZA 138 69.40 59.09 -2.48
C VAL ZA 138 68.29 58.12 -2.10
N SER ZA 139 68.56 57.24 -1.15
CA SER ZA 139 67.62 56.21 -0.76
C SER ZA 139 67.59 56.09 0.76
N GLY ZA 140 66.45 55.65 1.27
CA GLY ZA 140 66.27 55.51 2.70
C GLY ZA 140 64.89 55.93 3.16
N LYS ZA 141 64.77 56.33 4.43
CA LYS ZA 141 63.49 56.72 5.00
C LYS ZA 141 63.25 58.18 4.69
N LEU ZA 142 62.51 58.44 3.61
CA LEU ZA 142 62.12 59.78 3.22
C LEU ZA 142 60.68 59.75 2.77
N ARG ZA 143 59.91 60.78 3.16
CA ARG ZA 143 58.48 60.86 2.87
C ARG ZA 143 57.75 59.62 3.40
N GLY ZA 144 57.77 59.47 4.73
CA GLY ZA 144 57.04 58.43 5.40
C GLY ZA 144 57.95 57.44 6.09
N GLN ZA 145 57.35 56.34 6.53
CA GLN ZA 145 58.07 55.28 7.23
C GLN ZA 145 58.61 54.21 6.28
N ARG ZA 146 58.14 54.17 5.04
CA ARG ZA 146 58.56 53.17 4.08
C ARG ZA 146 59.76 53.68 3.30
N ALA ZA 147 60.70 52.79 2.99
CA ALA ZA 147 61.93 53.19 2.32
C ALA ZA 147 61.65 53.50 0.85
N LYS ZA 148 62.09 54.67 0.42
CA LYS ZA 148 61.98 55.11 -0.97
C LYS ZA 148 63.35 55.47 -1.49
N SER ZA 149 63.46 55.52 -2.82
CA SER ZA 149 64.70 55.85 -3.48
C SER ZA 149 64.42 56.88 -4.57
N MET ZA 150 65.27 57.90 -4.65
CA MET ZA 150 65.15 58.96 -5.64
C MET ZA 150 66.39 58.94 -6.52
N LYS ZA 151 66.17 58.92 -7.84
CA LYS ZA 151 67.25 58.84 -8.81
C LYS ZA 151 67.20 60.07 -9.69
N PHE ZA 152 68.31 60.82 -9.74
CA PHE ZA 152 68.40 62.09 -10.46
C PHE ZA 152 69.48 61.96 -11.51
N VAL ZA 153 69.08 61.97 -12.79
CA VAL ZA 153 70.02 61.71 -13.88
C VAL ZA 153 69.93 62.84 -14.90
N ASP ZA 154 71.06 63.09 -15.57
CA ASP ZA 154 71.14 63.97 -16.72
C ASP ZA 154 72.50 63.84 -17.40
N GLY ZA 155 72.56 64.07 -18.70
CA GLY ZA 155 73.78 63.88 -19.45
C GLY ZA 155 74.06 62.43 -19.74
N LEU ZA 156 75.22 62.19 -20.36
CA LEU ZA 156 75.65 60.85 -20.73
C LEU ZA 156 76.12 60.07 -19.50
N MET ZA 157 75.99 58.75 -19.56
CA MET ZA 157 76.40 57.90 -18.45
C MET ZA 157 76.57 56.48 -18.95
N ILE ZA 158 77.81 55.98 -18.91
CA ILE ZA 158 78.08 54.61 -19.35
C ILE ZA 158 78.10 53.70 -18.13
N HIS ZA 159 77.87 52.42 -18.37
CA HIS ZA 159 77.78 51.47 -17.27
C HIS ZA 159 78.69 50.26 -17.42
N SER ZA 160 78.89 49.76 -18.63
CA SER ZA 160 79.61 48.51 -18.84
C SER ZA 160 80.93 48.74 -19.55
N GLY ZA 161 81.80 47.73 -19.47
CA GLY ZA 161 83.09 47.77 -20.12
C GLY ZA 161 84.19 48.33 -19.23
N ASP ZA 162 85.41 48.25 -19.75
CA ASP ZA 162 86.55 48.83 -19.05
C ASP ZA 162 86.44 50.35 -18.86
N PRO ZA 163 86.03 51.16 -19.86
CA PRO ZA 163 86.08 52.63 -19.70
C PRO ZA 163 85.42 53.15 -18.43
N VAL ZA 164 84.54 52.35 -17.83
CA VAL ZA 164 83.97 52.72 -16.54
C VAL ZA 164 85.05 52.92 -15.49
N ASN ZA 165 86.18 52.22 -15.65
CA ASN ZA 165 87.24 52.29 -14.65
C ASN ZA 165 88.05 53.58 -14.72
N TYR ZA 166 87.99 54.31 -15.83
CA TYR ZA 166 88.74 55.57 -15.92
C TYR ZA 166 87.94 56.70 -16.53
N TYR ZA 167 86.62 56.56 -16.67
CA TYR ZA 167 85.76 57.67 -17.07
C TYR ZA 167 84.74 58.05 -16.01
N VAL ZA 168 84.55 57.23 -14.98
CA VAL ZA 168 83.49 57.41 -14.00
C VAL ZA 168 84.11 57.46 -12.61
N ASP ZA 169 83.73 58.46 -11.83
CA ASP ZA 169 84.11 58.55 -10.43
C ASP ZA 169 82.88 58.32 -9.57
N THR ZA 170 82.98 57.36 -8.65
CA THR ZA 170 81.85 56.97 -7.81
C THR ZA 170 82.18 57.18 -6.35
N ALA ZA 171 81.16 57.49 -5.56
CA ALA ZA 171 81.31 57.69 -4.12
C ALA ZA 171 79.99 57.32 -3.46
N VAL ZA 172 80.04 56.35 -2.56
CA VAL ZA 172 78.87 55.90 -1.83
C VAL ZA 172 79.10 56.22 -0.36
N ARG ZA 173 78.33 57.17 0.17
CA ARG ZA 173 78.51 57.67 1.52
C ARG ZA 173 77.22 57.57 2.31
N HIS ZA 174 77.36 57.53 3.63
CA HIS ZA 174 76.24 57.46 4.55
C HIS ZA 174 76.09 58.78 5.30
N VAL ZA 175 74.85 59.12 5.62
CA VAL ZA 175 74.55 60.27 6.45
C VAL ZA 175 73.51 59.84 7.49
N LEU ZA 176 73.72 60.27 8.73
CA LEU ZA 176 72.88 59.86 9.85
C LEU ZA 176 71.93 60.98 10.21
N LEU ZA 177 70.64 60.76 9.95
CA LEU ZA 177 69.59 61.67 10.39
C LEU ZA 177 68.93 61.09 11.62
N ARG ZA 178 67.95 61.81 12.16
CA ARG ZA 178 67.30 61.37 13.39
C ARG ZA 178 66.40 60.17 13.15
N GLN ZA 179 65.85 60.03 11.95
CA GLN ZA 179 64.94 58.93 11.65
C GLN ZA 179 65.67 57.67 11.20
N GLY ZA 180 66.83 57.79 10.58
CA GLY ZA 180 67.56 56.63 10.13
C GLY ZA 180 68.85 56.98 9.40
N VAL ZA 181 69.22 56.15 8.42
CA VAL ZA 181 70.43 56.35 7.63
C VAL ZA 181 70.03 56.51 6.18
N LEU ZA 182 70.51 57.59 5.55
CA LEU ZA 182 70.32 57.80 4.13
C LEU ZA 182 71.62 57.52 3.40
N GLY ZA 183 71.55 56.73 2.35
CA GLY ZA 183 72.70 56.44 1.50
C GLY ZA 183 72.72 57.39 0.31
N ILE ZA 184 73.92 57.84 -0.05
CA ILE ZA 184 74.10 58.78 -1.14
C ILE ZA 184 75.10 58.19 -2.12
N LYS ZA 185 74.71 58.08 -3.38
CA LYS ZA 185 75.58 57.58 -4.44
C LYS ZA 185 75.69 58.65 -5.51
N VAL ZA 186 76.92 59.07 -5.80
CA VAL ZA 186 77.19 60.09 -6.80
C VAL ZA 186 78.10 59.50 -7.85
N LYS ZA 187 77.67 59.55 -9.12
CA LYS ZA 187 78.49 59.15 -10.24
C LYS ZA 187 78.69 60.34 -11.15
N ILE ZA 188 79.94 60.58 -11.55
CA ILE ZA 188 80.30 61.69 -12.42
C ILE ZA 188 81.13 61.12 -13.57
N MET ZA 189 80.71 61.40 -14.80
CA MET ZA 189 81.40 60.92 -15.98
C MET ZA 189 82.28 62.04 -16.51
N LEU ZA 190 83.59 61.87 -16.38
CA LEU ZA 190 84.53 62.93 -16.65
C LEU ZA 190 84.65 63.21 -18.15
N PRO ZA 191 85.02 64.43 -18.52
CA PRO ZA 191 85.31 64.73 -19.93
C PRO ZA 191 86.71 64.29 -20.32
N TRP ZA 192 86.86 63.98 -21.61
CA TRP ZA 192 88.14 63.52 -22.14
C TRP ZA 192 88.98 64.71 -22.57
N ASP ZA 193 90.19 64.81 -22.05
CA ASP ZA 193 91.13 65.84 -22.44
C ASP ZA 193 92.45 65.17 -22.81
N PRO ZA 194 93.03 65.49 -23.96
CA PRO ZA 194 94.37 64.97 -24.27
C PRO ZA 194 95.43 65.43 -23.28
N SER ZA 195 95.21 66.55 -22.59
CA SER ZA 195 96.12 66.96 -21.53
C SER ZA 195 96.14 65.96 -20.39
N GLY ZA 196 95.04 65.21 -20.21
CA GLY ZA 196 95.00 64.19 -19.18
C GLY ZA 196 95.04 64.70 -17.76
N LYS ZA 197 94.67 65.96 -17.54
CA LYS ZA 197 94.74 66.54 -16.20
C LYS ZA 197 93.38 66.72 -15.54
N ILE ZA 198 92.33 66.96 -16.30
CA ILE ZA 198 91.00 67.16 -15.73
C ILE ZA 198 90.21 65.85 -15.84
N GLY ZA 199 90.49 65.07 -16.88
CA GLY ZA 199 89.86 63.78 -17.07
C GLY ZA 199 90.83 62.74 -17.59
N PRO ZA 200 90.31 61.71 -18.25
CA PRO ZA 200 91.18 60.69 -18.83
C PRO ZA 200 91.84 61.16 -20.11
N LYS ZA 201 92.91 60.47 -20.48
CA LYS ZA 201 93.64 60.78 -21.70
C LYS ZA 201 93.13 59.97 -22.89
N LYS ZA 202 92.76 58.72 -22.67
CA LYS ZA 202 92.25 57.89 -23.75
C LYS ZA 202 90.84 58.32 -24.12
N PRO ZA 203 90.50 58.33 -25.40
CA PRO ZA 203 89.12 58.59 -25.81
C PRO ZA 203 88.24 57.36 -25.59
N LEU ZA 204 86.94 57.55 -25.80
CA LEU ZA 204 86.03 56.43 -25.72
C LEU ZA 204 86.34 55.43 -26.82
N PRO ZA 205 86.27 54.12 -26.53
CA PRO ZA 205 86.75 53.13 -27.52
C PRO ZA 205 85.99 53.11 -28.83
N ASP ZA 206 84.76 53.63 -28.86
CA ASP ZA 206 83.96 53.62 -30.08
C ASP ZA 206 83.82 55.00 -30.72
N HIS ZA 207 84.54 56.00 -30.22
CA HIS ZA 207 84.45 57.36 -30.75
C HIS ZA 207 85.52 57.53 -31.82
N VAL ZA 208 85.12 57.35 -33.07
CA VAL ZA 208 86.03 57.53 -34.21
C VAL ZA 208 85.85 58.95 -34.72
N SER ZA 209 86.92 59.75 -34.65
CA SER ZA 209 86.90 61.14 -35.09
C SER ZA 209 87.86 61.28 -36.27
N ILE ZA 210 87.31 61.67 -37.42
CA ILE ZA 210 88.07 61.82 -38.65
C ILE ZA 210 88.45 63.28 -38.83
N VAL ZA 211 89.64 63.51 -39.39
CA VAL ZA 211 90.12 64.86 -39.68
C VAL ZA 211 89.88 65.15 -41.16
N GLU ZA 212 89.51 66.38 -41.45
CA GLU ZA 212 89.12 66.77 -42.81
C GLU ZA 212 90.34 66.90 -43.71
N PRO ZA 213 90.18 66.63 -45.00
CA PRO ZA 213 91.28 66.85 -45.95
C PRO ZA 213 91.39 68.32 -46.31
N LYS ZA 214 92.63 68.78 -46.44
CA LYS ZA 214 92.88 70.15 -46.90
C LYS ZA 214 92.53 70.27 -48.37
N ASP ZA 215 91.87 71.36 -48.73
CA ASP ZA 215 91.48 71.60 -50.11
C ASP ZA 215 92.68 71.99 -50.96
N GLU ZA 216 92.87 71.28 -52.06
CA GLU ZA 216 93.97 71.56 -52.99
C GLU ZA 216 93.44 71.53 -54.41
N ILE ZA 217 93.90 72.47 -55.22
CA ILE ZA 217 93.53 72.52 -56.63
C ILE ZA 217 94.33 71.49 -57.41
N LEU ZA 218 93.67 70.79 -58.31
CA LEU ZA 218 94.35 69.82 -59.16
C LEU ZA 218 95.01 70.57 -60.31
N PRO ZA 219 96.34 70.51 -60.43
CA PRO ZA 219 97.02 71.28 -61.50
C PRO ZA 219 96.77 70.66 -62.86
N THR ZA 220 96.18 71.44 -63.76
CA THR ZA 220 95.83 70.98 -65.09
C THR ZA 220 96.94 71.19 -66.12
N THR ZA 221 98.05 71.82 -65.73
CA THR ZA 221 99.15 72.03 -66.64
C THR ZA 221 100.45 71.67 -65.93
N PRO ZA 222 101.34 70.92 -66.58
CA PRO ZA 222 102.62 70.56 -65.94
C PRO ZA 222 103.51 71.77 -65.73
N ILE ZA 223 103.77 72.10 -64.47
CA ILE ZA 223 104.67 73.18 -64.11
C ILE ZA 223 105.87 72.58 -63.39
N SER ZA 224 107.06 72.92 -63.84
CA SER ZA 224 108.31 72.37 -63.30
C SER ZA 224 109.08 73.49 -62.62
N GLU ZA 225 108.90 73.63 -61.32
CA GLU ZA 225 109.55 74.69 -60.56
C GLU ZA 225 110.95 74.24 -60.16
N GLN ZA 226 111.96 75.00 -60.56
CA GLN ZA 226 113.35 74.72 -60.25
C GLN ZA 226 113.86 75.73 -59.23
N LYS ZA 227 114.49 75.25 -58.17
CA LYS ZA 227 115.05 76.11 -57.15
C LYS ZA 227 116.21 75.41 -56.46
N GLY ZA 228 117.17 76.20 -55.99
CA GLY ZA 228 118.34 75.68 -55.32
C GLY ZA 228 119.34 75.04 -56.28
N ALA AB 1 -23.40 84.19 10.76
CA ALA AB 1 -23.39 83.12 11.75
C ALA AB 1 -24.81 82.79 12.21
N ARG AB 2 -25.03 82.84 13.52
CA ARG AB 2 -26.33 82.54 14.10
C ARG AB 2 -27.19 83.79 14.27
N GLY AB 3 -26.71 84.94 13.80
CA GLY AB 3 -27.42 86.18 13.89
C GLY AB 3 -26.60 87.33 13.33
N PRO AB 4 -27.06 88.56 13.55
CA PRO AB 4 -26.34 89.72 13.01
C PRO AB 4 -25.12 90.07 13.85
N LYS AB 5 -24.05 90.48 13.16
CA LYS AB 5 -22.82 90.86 13.82
C LYS AB 5 -22.99 92.16 14.58
N LYS AB 6 -22.12 92.37 15.58
CA LYS AB 6 -22.17 93.60 16.36
C LYS AB 6 -20.81 94.20 16.67
N HIS AB 7 -19.71 93.61 16.19
CA HIS AB 7 -18.38 94.16 16.40
C HIS AB 7 -17.72 94.43 15.04
N LEU AB 8 -16.57 95.10 15.10
CA LEU AB 8 -15.80 95.41 13.89
C LEU AB 8 -14.34 95.54 14.27
N LYS AB 9 -13.51 94.65 13.73
CA LYS AB 9 -12.07 94.71 13.97
C LYS AB 9 -11.46 95.91 13.27
N ARG AB 10 -10.40 96.46 13.84
CA ARG AB 10 -9.77 97.64 13.25
C ARG AB 10 -9.19 97.34 11.88
N VAL AB 11 -8.48 96.22 11.76
CA VAL AB 11 -7.83 95.89 10.50
C VAL AB 11 -8.83 95.53 9.41
N ALA AB 12 -10.10 95.31 9.78
CA ALA AB 12 -11.15 95.08 8.82
C ALA AB 12 -12.01 96.32 8.56
N ALA AB 13 -11.65 97.45 9.16
CA ALA AB 13 -12.40 98.68 8.97
C ALA AB 13 -12.12 99.28 7.60
N PRO AB 14 -13.00 100.15 7.12
CA PRO AB 14 -12.72 100.86 5.87
C PRO AB 14 -11.43 101.66 5.95
N LYS AB 15 -10.69 101.68 4.85
CA LYS AB 15 -9.35 102.25 4.86
C LYS AB 15 -9.36 103.76 5.04
N HIS AB 16 -10.37 104.44 4.49
CA HIS AB 16 -10.37 105.89 4.52
C HIS AB 16 -10.60 106.46 5.91
N TRP AB 17 -11.01 105.65 6.89
CA TRP AB 17 -11.06 106.13 8.25
C TRP AB 17 -9.67 106.39 8.81
N MET AB 18 -8.64 105.80 8.21
CA MET AB 18 -7.25 106.03 8.61
C MET AB 18 -7.00 105.58 10.05
N LEU AB 19 -7.62 104.49 10.44
CA LEU AB 19 -7.37 103.91 11.74
C LEU AB 19 -6.02 103.20 11.75
N ASP AB 20 -5.35 103.27 12.90
CA ASP AB 20 -4.05 102.66 13.03
C ASP AB 20 -4.18 101.23 13.55
N LYS AB 21 -3.07 100.60 13.90
CA LYS AB 21 -3.03 99.19 14.24
C LYS AB 21 -2.90 98.92 15.73
N LEU AB 22 -2.07 99.68 16.44
CA LEU AB 22 -1.68 99.31 17.79
C LEU AB 22 -2.55 99.90 18.88
N THR AB 23 -3.51 100.76 18.56
CA THR AB 23 -4.33 101.35 19.62
C THR AB 23 -5.29 100.33 20.22
N GLY AB 24 -5.90 99.50 19.39
CA GLY AB 24 -6.85 98.54 19.92
C GLY AB 24 -7.09 97.39 18.99
N VAL AB 25 -7.97 96.50 19.42
CA VAL AB 25 -8.38 95.37 18.59
C VAL AB 25 -9.65 95.68 17.81
N PHE AB 26 -10.54 96.50 18.37
CA PHE AB 26 -11.84 96.76 17.79
C PHE AB 26 -11.92 98.18 17.24
N ALA AB 27 -12.77 98.35 16.24
CA ALA AB 27 -13.08 99.64 15.64
C ALA AB 27 -14.56 99.95 15.86
N PRO AB 28 -14.94 101.22 15.94
CA PRO AB 28 -16.34 101.55 16.20
C PRO AB 28 -17.22 101.13 15.03
N ARG AB 29 -18.10 100.17 15.27
CA ARG AB 29 -19.00 99.72 14.23
C ARG AB 29 -20.10 100.76 14.05
N PRO AB 30 -20.26 101.31 12.85
CA PRO AB 30 -21.30 102.32 12.63
C PRO AB 30 -22.67 101.76 12.95
N SER AB 31 -23.47 102.54 13.67
CA SER AB 31 -24.85 102.17 13.92
C SER AB 31 -25.63 102.18 12.61
N THR AB 32 -26.66 101.36 12.54
CA THR AB 32 -27.53 101.38 11.37
C THR AB 32 -28.13 102.77 11.21
N GLY AB 33 -28.22 103.23 9.96
CA GLY AB 33 -28.69 104.56 9.68
C GLY AB 33 -28.94 104.80 8.21
N PRO AB 34 -28.81 106.06 7.79
CA PRO AB 34 -29.11 106.40 6.40
C PRO AB 34 -28.00 106.08 5.42
N HIS AB 35 -26.79 105.85 5.88
CA HIS AB 35 -25.64 105.63 5.02
C HIS AB 35 -25.08 104.23 5.24
N LYS AB 36 -24.51 103.66 4.19
CA LYS AB 36 -23.95 102.32 4.27
C LYS AB 36 -22.70 102.31 5.15
N LEU AB 37 -22.39 101.13 5.68
CA LEU AB 37 -21.30 101.01 6.64
C LEU AB 37 -19.96 101.40 6.03
N ARG AB 38 -19.71 100.98 4.80
CA ARG AB 38 -18.41 101.20 4.17
C ARG AB 38 -18.25 102.59 3.56
N GLU AB 39 -19.34 103.35 3.40
CA GLU AB 39 -19.25 104.69 2.83
C GLU AB 39 -19.62 105.78 3.83
N CYS AB 40 -19.70 105.47 5.12
CA CYS AB 40 -20.08 106.45 6.12
C CYS AB 40 -18.86 106.92 6.88
N LEU AB 41 -19.09 107.72 7.92
CA LEU AB 41 -18.03 108.20 8.80
C LEU AB 41 -18.63 108.39 10.18
N PRO AB 42 -18.36 107.49 11.11
CA PRO AB 42 -18.99 107.57 12.43
C PRO AB 42 -18.60 108.84 13.16
N LEU AB 43 -19.55 109.34 13.96
CA LEU AB 43 -19.32 110.58 14.70
C LEU AB 43 -18.16 110.46 15.68
N ILE AB 44 -17.90 109.24 16.17
CA ILE AB 44 -16.72 108.99 17.00
C ILE AB 44 -15.44 109.34 16.26
N ILE AB 45 -15.34 108.95 14.98
CA ILE AB 45 -14.11 109.16 14.24
C ILE AB 45 -13.91 110.64 13.93
N PHE AB 46 -15.00 111.34 13.63
CA PHE AB 46 -14.90 112.73 13.20
C PHE AB 46 -14.38 113.63 14.31
N LEU AB 47 -14.79 113.38 15.56
CA LEU AB 47 -14.46 114.28 16.65
C LEU AB 47 -13.17 113.90 17.37
N ARG AB 48 -12.81 112.63 17.43
CA ARG AB 48 -11.61 112.23 18.16
C ARG AB 48 -10.37 112.15 17.28
N ASN AB 49 -10.51 111.71 16.03
CA ASN AB 49 -9.36 111.52 15.17
C ASN AB 49 -9.17 112.65 14.16
N ARG AB 50 -10.23 113.31 13.73
CA ARG AB 50 -10.12 114.35 12.73
C ARG AB 50 -9.99 115.74 13.38
N LEU AB 51 -11.00 116.15 14.14
CA LEU AB 51 -10.96 117.45 14.77
C LEU AB 51 -10.14 117.45 16.04
N LYS AB 52 -9.99 116.29 16.67
CA LYS AB 52 -9.21 116.11 17.90
C LYS AB 52 -9.75 116.96 19.04
N TYR AB 53 -11.07 117.19 19.05
CA TYR AB 53 -11.71 117.82 20.20
C TYR AB 53 -11.66 116.93 21.43
N ALA AB 54 -11.51 115.62 21.25
CA ALA AB 54 -11.42 114.66 22.34
C ALA AB 54 -10.10 113.90 22.23
N LEU AB 55 -9.90 112.95 23.16
CA LEU AB 55 -8.71 112.12 23.14
C LEU AB 55 -9.09 110.65 23.21
N THR AB 56 -10.20 110.34 23.89
CA THR AB 56 -10.61 108.98 24.14
C THR AB 56 -12.09 108.83 23.80
N GLY AB 57 -12.60 107.61 23.94
CA GLY AB 57 -14.00 107.36 23.65
C GLY AB 57 -14.96 107.96 24.64
N ASP AB 58 -14.54 108.08 25.91
CA ASP AB 58 -15.42 108.67 26.92
C ASP AB 58 -15.57 110.17 26.73
N GLU AB 59 -14.49 110.85 26.35
CA GLU AB 59 -14.54 112.31 26.23
C GLU AB 59 -15.54 112.74 25.17
N VAL AB 60 -15.56 112.05 24.02
CA VAL AB 60 -16.51 112.41 22.99
C VAL AB 60 -17.93 112.09 23.43
N LYS AB 61 -18.12 111.05 24.24
CA LYS AB 61 -19.45 110.74 24.74
C LYS AB 61 -20.00 111.88 25.56
N LYS AB 62 -19.15 112.52 26.38
CA LYS AB 62 -19.59 113.70 27.12
C LYS AB 62 -19.91 114.85 26.17
N ILE AB 63 -19.17 114.96 25.07
CA ILE AB 63 -19.39 116.06 24.12
C ILE AB 63 -20.77 115.95 23.49
N CYS AB 64 -21.09 114.77 22.95
CA CYS AB 64 -22.33 114.61 22.20
C CYS AB 64 -23.55 114.41 23.09
N MET AB 65 -23.36 114.08 24.37
CA MET AB 65 -24.48 113.86 25.27
C MET AB 65 -24.84 115.14 26.01
N GLN AB 66 -24.09 116.22 25.81
CA GLN AB 66 -24.50 117.55 26.20
C GLN AB 66 -25.29 118.23 25.10
N ARG AB 67 -25.64 117.49 24.04
CA ARG AB 67 -26.48 117.99 22.95
C ARG AB 67 -25.80 119.14 22.21
N PHE AB 68 -24.48 119.05 22.06
CA PHE AB 68 -23.71 120.03 21.31
C PHE AB 68 -23.68 119.73 19.83
N ILE AB 69 -23.80 118.46 19.44
CA ILE AB 69 -23.61 118.02 18.06
C ILE AB 69 -24.97 117.95 17.39
N LYS AB 70 -25.09 118.62 16.24
CA LYS AB 70 -26.33 118.66 15.48
C LYS AB 70 -26.02 118.29 14.04
N ILE AB 71 -26.48 117.12 13.62
CA ILE AB 71 -26.16 116.56 12.31
C ILE AB 71 -27.38 116.69 11.42
N ASP AB 72 -27.22 117.38 10.28
CA ASP AB 72 -28.31 117.63 9.33
C ASP AB 72 -29.47 118.36 9.99
N GLY AB 73 -29.18 119.23 10.95
CA GLY AB 73 -30.20 120.00 11.62
C GLY AB 73 -30.89 119.31 12.78
N LYS AB 74 -30.47 118.09 13.13
CA LYS AB 74 -31.06 117.35 14.23
C LYS AB 74 -29.99 116.97 15.23
N VAL AB 75 -30.36 116.96 16.51
CA VAL AB 75 -29.42 116.62 17.57
C VAL AB 75 -29.31 115.09 17.67
N ARG AB 76 -28.08 114.60 17.61
CA ARG AB 76 -27.80 113.16 17.67
C ARG AB 76 -26.91 112.88 18.86
N THR AB 77 -27.32 111.92 19.69
CA THR AB 77 -26.55 111.52 20.87
C THR AB 77 -25.89 110.17 20.71
N ASP AB 78 -25.79 109.67 19.48
CA ASP AB 78 -25.14 108.39 19.21
C ASP AB 78 -23.70 108.64 18.80
N ILE AB 79 -22.75 108.13 19.59
CA ILE AB 79 -21.34 108.34 19.29
C ILE AB 79 -20.95 107.66 17.99
N THR AB 80 -21.65 106.59 17.61
CA THR AB 80 -21.33 105.84 16.41
C THR AB 80 -22.36 106.07 15.30
N TYR AB 81 -23.06 107.19 15.34
CA TYR AB 81 -24.04 107.50 14.30
C TYR AB 81 -23.33 107.69 12.98
N PRO AB 82 -23.77 107.04 11.90
CA PRO AB 82 -23.05 107.11 10.63
C PRO AB 82 -23.41 108.37 9.86
N ALA AB 83 -22.43 109.24 9.69
CA ALA AB 83 -22.57 110.43 8.86
C ALA AB 83 -21.85 110.22 7.53
N GLY AB 84 -22.53 110.54 6.44
CA GLY AB 84 -21.99 110.24 5.13
C GLY AB 84 -21.83 111.43 4.23
N PHE AB 85 -21.86 111.19 2.91
CA PHE AB 85 -21.65 112.24 1.94
C PHE AB 85 -22.67 113.36 2.11
N MET AB 86 -22.18 114.60 2.07
CA MET AB 86 -22.98 115.82 1.99
C MET AB 86 -23.68 116.15 3.30
N ASP AB 87 -23.50 115.35 4.34
CA ASP AB 87 -24.10 115.65 5.63
C ASP AB 87 -23.48 116.92 6.22
N VAL AB 88 -24.31 117.71 6.89
CA VAL AB 88 -23.90 118.98 7.46
C VAL AB 88 -23.73 118.78 8.96
N ILE AB 89 -22.49 118.80 9.42
CA ILE AB 89 -22.18 118.76 10.85
C ILE AB 89 -22.13 120.18 11.36
N SER AB 90 -22.94 120.48 12.38
CA SER AB 90 -23.09 121.84 12.88
C SER AB 90 -22.92 121.84 14.40
N ILE AB 91 -21.78 122.32 14.86
CA ILE AB 91 -21.50 122.43 16.29
C ILE AB 91 -21.77 123.88 16.66
N ASP AB 92 -22.95 124.16 17.20
CA ASP AB 92 -23.39 125.55 17.35
C ASP AB 92 -22.61 126.29 18.43
N LYS AB 93 -22.23 125.60 19.50
CA LYS AB 93 -21.60 126.30 20.62
C LYS AB 93 -20.28 126.93 20.21
N THR AB 94 -19.45 126.20 19.47
CA THR AB 94 -18.19 126.77 19.01
C THR AB 94 -18.37 127.66 17.79
N GLY AB 95 -19.55 127.70 17.20
CA GLY AB 95 -19.77 128.48 15.99
C GLY AB 95 -19.00 127.94 14.81
N GLU AB 96 -19.32 126.72 14.40
CA GLU AB 96 -18.55 126.04 13.37
C GLU AB 96 -19.46 125.08 12.62
N ASN AB 97 -19.30 125.02 11.30
CA ASN AB 97 -20.14 124.20 10.44
C ASN AB 97 -19.26 123.41 9.49
N PHE AB 98 -19.68 122.17 9.18
CA PHE AB 98 -18.93 121.29 8.31
C PHE AB 98 -19.86 120.66 7.28
N ARG AB 99 -19.27 120.22 6.18
CA ARG AB 99 -19.96 119.39 5.20
C ARG AB 99 -19.03 118.30 4.74
N LEU AB 100 -19.45 117.05 4.89
CA LEU AB 100 -18.60 115.91 4.55
C LEU AB 100 -18.47 115.83 3.03
N ILE AB 101 -17.28 116.13 2.52
CA ILE AB 101 -16.98 116.11 1.10
C ILE AB 101 -15.69 115.34 0.89
N TYR AB 102 -15.69 114.40 -0.05
CA TYR AB 102 -14.47 113.70 -0.38
C TYR AB 102 -13.43 114.67 -0.92
N ASP AB 103 -12.19 114.51 -0.47
CA ASP AB 103 -11.09 115.27 -1.04
C ASP AB 103 -10.59 114.56 -2.29
N THR AB 104 -9.46 115.00 -2.84
CA THR AB 104 -8.97 114.42 -4.08
C THR AB 104 -8.54 112.97 -3.93
N LYS AB 105 -8.32 112.52 -2.70
CA LYS AB 105 -8.06 111.11 -2.43
C LYS AB 105 -9.31 110.46 -1.87
N GLY AB 106 -9.19 109.21 -1.46
CA GLY AB 106 -10.34 108.43 -1.06
C GLY AB 106 -10.96 108.79 0.28
N ARG AB 107 -10.70 109.98 0.79
CA ARG AB 107 -10.97 110.30 2.19
C ARG AB 107 -12.00 111.41 2.32
N PHE AB 108 -12.68 111.41 3.47
CA PHE AB 108 -13.53 112.53 3.85
C PHE AB 108 -12.66 113.63 4.45
N ALA AB 109 -12.71 114.81 3.86
CA ALA AB 109 -11.93 115.94 4.34
C ALA AB 109 -12.80 116.84 5.20
N VAL AB 110 -12.19 117.44 6.22
CA VAL AB 110 -12.87 118.46 7.00
C VAL AB 110 -13.03 119.71 6.14
N HIS AB 111 -14.26 120.21 6.05
CA HIS AB 111 -14.58 121.29 5.11
C HIS AB 111 -15.49 122.27 5.83
N ARG AB 112 -14.88 123.32 6.39
CA ARG AB 112 -15.65 124.35 7.08
C ARG AB 112 -16.42 125.19 6.06
N ILE AB 113 -17.70 125.45 6.37
CA ILE AB 113 -18.57 126.19 5.48
C ILE AB 113 -19.27 127.30 6.26
N THR AB 114 -19.84 128.24 5.52
CA THR AB 114 -20.55 129.36 6.11
C THR AB 114 -21.91 128.91 6.65
N PRO AB 115 -22.44 129.62 7.64
CA PRO AB 115 -23.77 129.25 8.18
C PRO AB 115 -24.88 129.30 7.15
N GLU AB 116 -24.77 130.15 6.12
CA GLU AB 116 -25.79 130.19 5.10
C GLU AB 116 -25.72 128.99 4.17
N GLU AB 117 -24.52 128.47 3.92
CA GLU AB 117 -24.39 127.26 3.13
C GLU AB 117 -24.78 126.01 3.91
N ALA AB 118 -24.79 126.10 5.24
CA ALA AB 118 -25.11 124.95 6.09
C ALA AB 118 -26.60 124.75 6.28
N LYS AB 119 -27.43 125.62 5.71
CA LYS AB 119 -28.87 125.47 5.86
C LYS AB 119 -29.48 124.50 4.86
N TYR AB 120 -28.72 124.10 3.84
CA TYR AB 120 -29.22 123.19 2.82
C TYR AB 120 -28.17 122.12 2.54
N LYS AB 121 -28.59 121.10 1.80
CA LYS AB 121 -27.66 120.12 1.27
C LYS AB 121 -28.25 119.52 0.00
N LEU AB 122 -27.37 118.97 -0.84
CA LEU AB 122 -27.77 118.29 -2.06
C LEU AB 122 -27.90 116.80 -1.79
N CYS AB 123 -28.73 116.13 -2.57
CA CYS AB 123 -28.88 114.70 -2.40
C CYS AB 123 -29.37 114.05 -3.69
N LYS AB 124 -28.79 112.90 -3.99
CA LYS AB 124 -29.18 112.13 -5.18
C LYS AB 124 -30.41 111.31 -4.88
N VAL AB 125 -31.33 111.27 -5.83
CA VAL AB 125 -32.55 110.48 -5.70
C VAL AB 125 -32.27 109.09 -6.21
N ARG AB 126 -32.89 108.09 -5.57
CA ARG AB 126 -32.68 106.70 -5.94
C ARG AB 126 -33.92 106.03 -6.52
N LYS AB 127 -35.11 106.47 -6.13
CA LYS AB 127 -36.35 105.85 -6.58
C LYS AB 127 -37.39 106.92 -6.90
N ILE AB 128 -38.22 106.62 -7.90
CA ILE AB 128 -39.47 107.33 -8.13
C ILE AB 128 -40.59 106.33 -7.92
N PHE AB 129 -41.59 106.71 -7.13
CA PHE AB 129 -42.47 105.74 -6.51
C PHE AB 129 -43.81 106.41 -6.24
N VAL AB 130 -44.90 105.71 -6.56
CA VAL AB 130 -46.24 106.25 -6.43
C VAL AB 130 -46.87 105.67 -5.17
N GLY AB 131 -47.44 106.54 -4.34
CA GLY AB 131 -47.97 106.15 -3.05
C GLY AB 131 -49.37 105.58 -3.14
N THR AB 132 -50.00 105.46 -1.96
CA THR AB 132 -51.22 104.67 -1.85
C THR AB 132 -52.38 105.25 -2.64
N LYS AB 133 -52.42 106.56 -2.82
CA LYS AB 133 -53.55 107.21 -3.49
C LYS AB 133 -53.04 108.11 -4.61
N GLY AB 134 -52.14 107.58 -5.43
CA GLY AB 134 -51.56 108.38 -6.49
C GLY AB 134 -50.57 109.41 -6.04
N ILE AB 135 -50.13 109.35 -4.78
CA ILE AB 135 -49.22 110.34 -4.22
C ILE AB 135 -47.80 110.01 -4.66
N PRO AB 136 -47.15 110.87 -5.43
CA PRO AB 136 -45.77 110.59 -5.84
C PRO AB 136 -44.82 110.61 -4.65
N HIS AB 137 -43.80 109.76 -4.74
CA HIS AB 137 -42.75 109.69 -3.75
C HIS AB 137 -41.40 109.66 -4.46
N LEU AB 138 -40.37 110.09 -3.74
CA LEU AB 138 -39.00 109.83 -4.17
C LEU AB 138 -38.17 109.51 -2.94
N VAL AB 139 -37.08 108.78 -3.18
CA VAL AB 139 -36.16 108.38 -2.12
C VAL AB 139 -34.79 108.91 -2.47
N THR AB 140 -34.17 109.61 -1.53
CA THR AB 140 -32.85 110.19 -1.74
C THR AB 140 -31.78 109.14 -1.43
N HIS AB 141 -30.52 109.52 -1.61
CA HIS AB 141 -29.43 108.61 -1.33
C HIS AB 141 -29.20 108.43 0.17
N ASP AB 142 -29.65 109.37 1.00
CA ASP AB 142 -29.57 109.24 2.44
C ASP AB 142 -30.91 108.87 3.06
N ALA AB 143 -31.75 108.17 2.30
CA ALA AB 143 -32.96 107.52 2.82
C ALA AB 143 -33.98 108.54 3.35
N ARG AB 144 -34.14 109.66 2.65
CA ARG AB 144 -35.25 110.55 2.91
C ARG AB 144 -36.42 110.21 2.00
N THR AB 145 -37.62 110.27 2.55
CA THR AB 145 -38.84 110.15 1.77
C THR AB 145 -39.59 111.46 1.83
N ILE AB 146 -39.91 112.01 0.67
CA ILE AB 146 -40.61 113.28 0.56
C ILE AB 146 -41.68 113.16 -0.52
N ARG AB 147 -42.88 113.64 -0.21
CA ARG AB 147 -44.04 113.46 -1.06
C ARG AB 147 -44.30 114.71 -1.90
N TYR AB 148 -45.07 114.52 -2.97
CA TYR AB 148 -45.41 115.57 -3.91
C TYR AB 148 -44.20 116.34 -4.42
N PRO AB 149 -43.26 115.67 -5.08
CA PRO AB 149 -42.13 116.39 -5.68
C PRO AB 149 -42.51 116.96 -7.04
N ASP AB 150 -41.57 117.70 -7.61
CA ASP AB 150 -41.75 118.21 -8.97
C ASP AB 150 -41.83 117.04 -9.93
N PRO AB 151 -42.86 116.98 -10.78
CA PRO AB 151 -42.97 115.84 -11.72
C PRO AB 151 -41.82 115.71 -12.69
N LEU AB 152 -40.95 116.72 -12.81
CA LEU AB 152 -39.84 116.69 -13.74
C LEU AB 152 -38.59 116.07 -13.14
N ILE AB 153 -38.64 115.57 -11.91
CA ILE AB 153 -37.49 114.93 -11.27
C ILE AB 153 -37.49 113.45 -11.62
N LYS AB 154 -36.38 112.97 -12.17
CA LYS AB 154 -36.23 111.59 -12.59
C LYS AB 154 -35.24 110.87 -11.68
N VAL AB 155 -34.92 109.62 -12.02
CA VAL AB 155 -34.32 108.69 -11.07
C VAL AB 155 -32.87 109.06 -10.73
N ASN AB 156 -32.14 109.70 -11.64
CA ASN AB 156 -30.74 110.02 -11.39
C ASN AB 156 -30.50 111.50 -11.12
N ASP AB 157 -31.55 112.27 -10.90
CA ASP AB 157 -31.39 113.70 -10.66
C ASP AB 157 -30.89 113.95 -9.24
N THR AB 158 -30.49 115.19 -9.00
CA THR AB 158 -30.13 115.64 -7.66
C THR AB 158 -31.02 116.83 -7.30
N ILE AB 159 -31.31 116.95 -6.00
CA ILE AB 159 -32.19 118.00 -5.50
C ILE AB 159 -31.50 118.72 -4.37
N GLN AB 160 -31.93 119.96 -4.13
CA GLN AB 160 -31.45 120.78 -3.03
C GLN AB 160 -32.54 120.81 -1.96
N ILE AB 161 -32.23 120.29 -0.78
CA ILE AB 161 -33.18 120.20 0.33
C ILE AB 161 -32.81 121.20 1.41
N ASP AB 162 -33.81 121.90 1.91
CA ASP AB 162 -33.66 122.82 3.03
C ASP AB 162 -33.80 122.02 4.32
N LEU AB 163 -32.75 122.02 5.14
CA LEU AB 163 -32.71 121.13 6.30
C LEU AB 163 -33.72 121.49 7.37
N GLU AB 164 -34.22 122.72 7.39
CA GLU AB 164 -35.23 123.09 8.36
C GLU AB 164 -36.58 122.47 8.03
N THR AB 165 -36.96 122.48 6.75
CA THR AB 165 -38.26 121.98 6.32
C THR AB 165 -38.20 120.65 5.59
N GLY AB 166 -37.03 120.25 5.08
CA GLY AB 166 -36.94 118.99 4.37
C GLY AB 166 -37.65 118.96 3.04
N LYS AB 167 -37.90 120.13 2.44
CA LYS AB 167 -38.62 120.23 1.18
C LYS AB 167 -37.67 120.67 0.07
N ILE AB 168 -38.04 120.30 -1.16
CA ILE AB 168 -37.19 120.59 -2.32
C ILE AB 168 -37.24 122.07 -2.64
N THR AB 169 -36.07 122.66 -2.89
CA THR AB 169 -35.97 124.04 -3.33
C THR AB 169 -35.65 124.15 -4.82
N ASP AB 170 -34.74 123.32 -5.32
CA ASP AB 170 -34.41 123.30 -6.74
C ASP AB 170 -33.70 121.98 -7.02
N PHE AB 171 -33.66 121.61 -8.30
CA PHE AB 171 -33.08 120.33 -8.68
C PHE AB 171 -32.23 120.49 -9.93
N ILE AB 172 -31.32 119.54 -10.12
CA ILE AB 172 -30.44 119.50 -11.28
C ILE AB 172 -30.70 118.22 -12.03
N LYS AB 173 -31.01 118.34 -13.33
CA LYS AB 173 -31.28 117.17 -14.14
C LYS AB 173 -29.98 116.53 -14.59
N PHE AB 174 -29.95 115.19 -14.57
CA PHE AB 174 -28.76 114.45 -14.98
C PHE AB 174 -28.68 114.44 -16.50
N ASP AB 175 -27.71 115.16 -17.06
CA ASP AB 175 -27.48 115.17 -18.49
C ASP AB 175 -26.06 115.61 -18.74
N THR AB 176 -25.58 115.35 -19.96
CA THR AB 176 -24.21 115.67 -20.31
C THR AB 176 -23.97 117.18 -20.23
N GLY AB 177 -22.79 117.56 -19.74
CA GLY AB 177 -22.46 118.95 -19.57
C GLY AB 177 -22.41 119.36 -18.11
N ASN AB 178 -23.29 118.79 -17.29
CA ASN AB 178 -23.37 119.17 -15.89
C ASN AB 178 -22.16 118.64 -15.11
N LEU AB 179 -21.77 119.39 -14.09
CA LEU AB 179 -20.65 119.02 -13.25
C LEU AB 179 -20.99 117.78 -12.41
N CYS AB 180 -19.97 117.04 -12.04
CA CYS AB 180 -20.18 115.77 -11.34
C CYS AB 180 -19.08 115.53 -10.31
N MET AB 181 -19.45 114.80 -9.27
CA MET AB 181 -18.52 114.31 -8.25
C MET AB 181 -18.69 112.80 -8.13
N VAL AB 182 -17.58 112.08 -8.08
CA VAL AB 182 -17.62 110.62 -8.06
C VAL AB 182 -17.62 110.15 -6.62
N THR AB 183 -18.72 109.52 -6.21
CA THR AB 183 -18.85 108.97 -4.85
C THR AB 183 -18.66 107.45 -4.84
N GLY AB 184 -17.47 107.00 -5.18
CA GLY AB 184 -17.15 105.59 -5.11
C GLY AB 184 -16.28 105.14 -6.27
N GLY AB 185 -15.64 104.00 -6.09
CA GLY AB 185 -14.79 103.42 -7.11
C GLY AB 185 -13.33 103.78 -6.92
N ALA AB 186 -12.59 103.69 -8.03
CA ALA AB 186 -11.19 104.08 -8.05
C ALA AB 186 -11.00 105.56 -8.32
N ASN AB 187 -12.04 106.26 -8.75
CA ASN AB 187 -11.96 107.67 -9.12
C ASN AB 187 -12.69 108.59 -8.14
N LEU AB 188 -13.04 108.11 -6.95
CA LEU AB 188 -13.90 108.91 -6.10
C LEU AB 188 -13.14 110.13 -5.58
N GLY AB 189 -13.87 111.22 -5.40
CA GLY AB 189 -13.30 112.49 -5.04
C GLY AB 189 -12.95 113.37 -6.22
N ARG AB 190 -12.90 112.83 -7.42
CA ARG AB 190 -12.62 113.60 -8.61
C ARG AB 190 -13.86 114.36 -9.06
N ILE AB 191 -13.64 115.48 -9.74
CA ILE AB 191 -14.72 116.33 -10.23
C ILE AB 191 -14.49 116.59 -11.71
N GLY AB 192 -15.58 116.59 -12.48
CA GLY AB 192 -15.50 116.89 -13.89
C GLY AB 192 -16.88 117.09 -14.46
N VAL AB 193 -16.92 117.50 -15.72
CA VAL AB 193 -18.18 117.68 -16.42
C VAL AB 193 -18.52 116.40 -17.17
N ILE AB 194 -19.76 115.95 -17.04
CA ILE AB 194 -20.18 114.70 -17.67
C ILE AB 194 -20.06 114.84 -19.17
N THR AB 195 -19.44 113.84 -19.81
CA THR AB 195 -19.17 113.86 -21.24
C THR AB 195 -20.09 112.97 -22.04
N ASN AB 196 -20.24 111.70 -21.65
CA ASN AB 196 -21.06 110.76 -22.39
C ASN AB 196 -21.77 109.83 -21.43
N ARG AB 197 -22.86 109.23 -21.92
CA ARG AB 197 -23.70 108.30 -21.17
C ARG AB 197 -23.89 107.06 -22.01
N GLU AB 198 -23.13 106.00 -21.71
CA GLU AB 198 -23.20 104.76 -22.45
C GLU AB 198 -23.98 103.76 -21.60
N ARG AB 199 -25.05 103.22 -22.17
CA ARG AB 199 -26.00 102.39 -21.43
C ARG AB 199 -25.89 100.94 -21.87
N HIS AB 200 -25.85 100.05 -20.88
CA HIS AB 200 -25.86 98.60 -21.12
C HIS AB 200 -27.17 98.02 -20.58
N PRO AB 201 -28.05 97.51 -21.44
CA PRO AB 201 -29.28 96.89 -20.93
C PRO AB 201 -28.96 95.64 -20.13
N GLY AB 202 -29.39 95.64 -18.87
CA GLY AB 202 -29.14 94.54 -17.96
C GLY AB 202 -27.91 94.74 -17.09
N SER AB 203 -26.84 95.28 -17.65
CA SER AB 203 -25.62 95.54 -16.91
C SER AB 203 -25.65 96.96 -16.36
N PHE AB 204 -24.51 97.43 -15.85
CA PHE AB 204 -24.39 98.77 -15.30
C PHE AB 204 -23.88 99.72 -16.37
N ASP AB 205 -24.58 100.85 -16.51
CA ASP AB 205 -24.15 101.87 -17.46
C ASP AB 205 -22.87 102.54 -16.98
N VAL AB 206 -22.06 102.99 -17.93
CA VAL AB 206 -20.83 103.69 -17.62
C VAL AB 206 -20.96 105.15 -18.04
N VAL AB 207 -20.32 106.03 -17.28
CA VAL AB 207 -20.37 107.46 -17.52
C VAL AB 207 -18.95 107.95 -17.76
N HIS AB 208 -18.71 108.55 -18.92
CA HIS AB 208 -17.43 109.17 -19.20
C HIS AB 208 -17.47 110.63 -18.76
N VAL AB 209 -16.39 111.08 -18.14
CA VAL AB 209 -16.34 112.41 -17.53
C VAL AB 209 -14.90 112.87 -17.51
N LYS AB 210 -14.68 114.14 -17.83
CA LYS AB 210 -13.35 114.73 -17.88
C LYS AB 210 -13.25 115.92 -16.95
N ASP AB 211 -12.12 116.04 -16.25
CA ASP AB 211 -11.94 117.09 -15.27
C ASP AB 211 -11.48 118.37 -15.97
N ALA AB 212 -11.12 119.39 -15.18
CA ALA AB 212 -10.76 120.69 -15.73
C ALA AB 212 -9.42 120.68 -16.44
N ASN AB 213 -8.61 119.63 -16.29
CA ASN AB 213 -7.31 119.54 -16.95
C ASN AB 213 -7.34 118.67 -18.20
N GLY AB 214 -8.51 118.22 -18.62
CA GLY AB 214 -8.64 117.43 -19.82
C GLY AB 214 -8.45 115.94 -19.63
N ASN AB 215 -8.06 115.48 -18.44
CA ASN AB 215 -7.99 114.05 -18.18
C ASN AB 215 -9.38 113.45 -18.21
N SER AB 216 -9.51 112.29 -18.87
CA SER AB 216 -10.79 111.63 -19.02
C SER AB 216 -10.79 110.33 -18.22
N PHE AB 217 -11.88 110.08 -17.50
CA PHE AB 217 -12.00 108.87 -16.71
C PHE AB 217 -13.47 108.47 -16.67
N ALA AB 218 -13.70 107.16 -16.58
CA ALA AB 218 -15.05 106.62 -16.57
C ALA AB 218 -15.34 105.97 -15.23
N THR AB 219 -16.61 105.64 -15.02
CA THR AB 219 -17.06 104.96 -13.81
C THR AB 219 -18.49 104.51 -14.02
N ARG AB 220 -18.97 103.66 -13.12
CA ARG AB 220 -20.33 103.18 -13.19
C ARG AB 220 -21.30 104.29 -12.76
N LEU AB 221 -22.53 104.23 -13.29
CA LEU AB 221 -23.50 105.29 -13.07
C LEU AB 221 -23.88 105.41 -11.59
N SER AB 222 -23.77 104.33 -10.83
CA SER AB 222 -24.11 104.37 -9.41
C SER AB 222 -23.14 105.21 -8.59
N ASN AB 223 -22.02 105.62 -9.16
CA ASN AB 223 -21.03 106.44 -8.47
C ASN AB 223 -21.04 107.88 -8.94
N ILE AB 224 -22.04 108.29 -9.71
CA ILE AB 224 -22.14 109.64 -10.25
C ILE AB 224 -23.10 110.45 -9.39
N PHE AB 225 -22.66 111.63 -8.98
CA PHE AB 225 -23.44 112.51 -8.11
C PHE AB 225 -23.29 113.93 -8.65
N VAL AB 226 -24.31 114.42 -9.36
CA VAL AB 226 -24.23 115.71 -10.01
C VAL AB 226 -24.29 116.81 -8.97
N ILE AB 227 -23.41 117.80 -9.10
CA ILE AB 227 -23.31 118.86 -8.10
C ILE AB 227 -23.35 120.25 -8.73
N GLY AB 228 -23.86 120.37 -9.95
CA GLY AB 228 -23.96 121.69 -10.54
C GLY AB 228 -24.23 121.76 -12.02
N LYS AB 229 -24.88 122.85 -12.45
CA LYS AB 229 -25.09 123.12 -13.86
C LYS AB 229 -23.79 123.55 -14.52
N GLY AB 230 -23.58 123.10 -15.76
CA GLY AB 230 -22.40 123.49 -16.50
C GLY AB 230 -21.12 123.12 -15.80
N ASN AB 231 -20.42 124.13 -15.28
CA ASN AB 231 -19.24 123.91 -14.45
C ASN AB 231 -19.27 124.73 -13.16
N LYS AB 232 -20.46 125.15 -12.73
CA LYS AB 232 -20.60 125.90 -11.48
C LYS AB 232 -21.16 125.00 -10.40
N PRO AB 233 -20.37 124.62 -9.40
CA PRO AB 233 -20.90 123.81 -8.31
C PRO AB 233 -21.90 124.59 -7.48
N TRP AB 234 -22.90 123.87 -6.96
CA TRP AB 234 -23.87 124.46 -6.05
C TRP AB 234 -23.42 124.42 -4.60
N ILE AB 235 -22.28 123.78 -4.33
CA ILE AB 235 -21.66 123.77 -3.02
C ILE AB 235 -20.27 124.38 -3.16
N SER AB 236 -19.64 124.63 -2.02
CA SER AB 236 -18.24 125.07 -2.02
C SER AB 236 -17.33 123.86 -2.12
N LEU AB 237 -16.43 123.88 -3.06
CA LEU AB 237 -15.58 122.72 -3.22
C LEU AB 237 -14.36 122.80 -2.28
N PRO AB 238 -13.82 121.66 -1.88
CA PRO AB 238 -12.65 121.69 -0.99
C PRO AB 238 -11.36 122.08 -1.70
N ARG AB 239 -10.25 122.00 -0.99
CA ARG AB 239 -8.96 122.26 -1.61
C ARG AB 239 -8.65 121.22 -2.68
N GLY AB 240 -7.97 121.67 -3.73
CA GLY AB 240 -7.65 120.81 -4.85
C GLY AB 240 -8.72 120.77 -5.93
N LYS AB 241 -9.95 121.17 -5.60
CA LYS AB 241 -11.05 121.28 -6.55
C LYS AB 241 -11.38 119.95 -7.23
N GLY AB 242 -11.02 118.83 -6.62
CA GLY AB 242 -11.31 117.55 -7.22
C GLY AB 242 -10.44 117.18 -8.39
N ILE AB 243 -9.27 117.80 -8.50
CA ILE AB 243 -8.30 117.49 -9.55
C ILE AB 243 -7.26 116.58 -8.94
N ARG AB 244 -7.18 115.33 -9.42
CA ARG AB 244 -6.23 114.39 -8.88
C ARG AB 244 -4.87 114.59 -9.54
N LEU AB 245 -3.89 115.01 -8.75
CA LEU AB 245 -2.54 115.22 -9.25
C LEU AB 245 -1.75 113.92 -9.08
N THR AB 246 -1.08 113.50 -10.15
CA THR AB 246 -0.35 112.24 -10.09
C THR AB 246 0.83 112.35 -9.12
N ILE AB 247 1.46 111.21 -8.86
CA ILE AB 247 2.56 111.16 -7.89
C ILE AB 247 3.74 111.99 -8.37
N ALA AB 248 3.91 112.13 -9.69
CA ALA AB 248 5.07 112.82 -10.23
C ALA AB 248 5.11 114.28 -9.79
N GLU AB 249 4.03 115.01 -10.02
CA GLU AB 249 3.98 116.42 -9.67
C GLU AB 249 3.43 116.67 -8.27
N GLU AB 250 3.02 115.63 -7.54
CA GLU AB 250 2.65 115.82 -6.15
C GLU AB 250 3.87 116.13 -5.30
N ARG AB 251 4.96 115.38 -5.49
CA ARG AB 251 6.21 115.72 -4.82
C ARG AB 251 6.78 117.02 -5.35
N ASP AB 252 6.57 117.31 -6.63
CA ASP AB 252 7.10 118.54 -7.20
C ASP AB 252 6.50 119.76 -6.52
N LYS AB 253 5.21 119.74 -6.25
CA LYS AB 253 4.60 120.82 -5.49
C LYS AB 253 4.81 120.67 -3.99
N ARG AB 254 5.06 119.44 -3.50
CA ARG AB 254 5.29 119.27 -2.07
C ARG AB 254 6.60 119.89 -1.64
N LEU AB 255 7.69 119.62 -2.36
CA LEU AB 255 8.98 120.20 -2.00
C LEU AB 255 9.07 121.67 -2.41
N ALA AB 256 8.53 122.02 -3.57
CA ALA AB 256 8.54 123.43 -3.97
C ALA AB 256 7.76 124.28 -3.00
N ALA AB 257 6.69 123.74 -2.40
CA ALA AB 257 6.05 124.42 -1.28
C ALA AB 257 6.96 124.42 -0.06
N LYS AB 258 7.74 123.36 0.13
CA LYS AB 258 8.65 123.30 1.28
C LYS AB 258 9.77 124.32 1.14
N GLN AB 259 10.43 124.36 -0.03
CA GLN AB 259 11.46 125.37 -0.22
C GLN AB 259 10.88 126.77 -0.38
N SER AB 260 9.59 126.91 -0.64
CA SER AB 260 8.96 128.21 -0.50
C SER AB 260 8.70 128.55 0.95
N SER AB 261 8.38 127.55 1.76
CA SER AB 261 8.21 127.74 3.20
C SER AB 261 9.53 127.71 3.96
N GLY AB 262 10.62 127.30 3.33
CA GLY AB 262 11.92 127.26 3.98
C GLY AB 262 12.36 125.86 4.33
N THR BB 1 105.25 6.58 -48.30
CA THR BB 1 105.57 5.20 -48.67
C THR BB 1 104.29 4.42 -48.97
N PRO BB 2 104.37 3.47 -49.90
CA PRO BB 2 103.19 2.66 -50.22
C PRO BB 2 102.86 1.63 -49.14
N ASP BB 3 101.90 0.75 -49.45
CA ASP BB 3 101.47 -0.38 -48.62
C ASP BB 3 101.42 -0.04 -47.13
N ILE BB 4 100.78 1.09 -46.84
CA ILE BB 4 100.48 1.45 -45.46
C ILE BB 4 99.52 0.41 -44.91
N LYS BB 5 100.00 -0.41 -43.97
CA LYS BB 5 99.22 -1.54 -43.48
C LYS BB 5 99.10 -1.49 -41.97
N LEU BB 6 97.89 -1.80 -41.49
CA LEU BB 6 97.53 -1.53 -40.10
C LEU BB 6 98.34 -2.41 -39.14
N PHE BB 7 98.79 -1.80 -38.03
CA PHE BB 7 99.71 -2.42 -37.07
C PHE BB 7 100.95 -2.99 -37.75
N GLY BB 8 101.27 -2.49 -38.94
CA GLY BB 8 102.39 -3.00 -39.70
C GLY BB 8 102.19 -4.36 -40.31
N LYS BB 9 101.03 -4.97 -40.15
CA LYS BB 9 100.83 -6.32 -40.68
C LYS BB 9 99.60 -6.47 -41.56
N TRP BB 10 98.48 -5.83 -41.23
CA TRP BB 10 97.23 -6.01 -41.97
C TRP BB 10 97.19 -5.05 -43.15
N SER BB 11 97.31 -5.59 -44.35
CA SER BB 11 97.23 -4.76 -45.55
C SER BB 11 95.80 -4.29 -45.77
N THR BB 12 95.62 -2.98 -45.89
CA THR BB 12 94.30 -2.41 -46.11
C THR BB 12 93.79 -2.61 -47.53
N ASP BB 13 94.68 -2.96 -48.46
CA ASP BB 13 94.26 -3.17 -49.83
C ASP BB 13 93.51 -4.50 -49.96
N ASP BB 14 92.88 -4.69 -51.12
CA ASP BB 14 92.09 -5.88 -51.43
C ASP BB 14 90.91 -6.05 -50.49
N VAL BB 15 90.43 -4.95 -49.90
CA VAL BB 15 89.23 -4.95 -49.07
C VAL BB 15 88.12 -4.34 -49.92
N GLN BB 16 87.13 -5.15 -50.26
CA GLN BB 16 86.04 -4.73 -51.14
C GLN BB 16 84.80 -4.42 -50.31
N ILE BB 17 84.20 -3.28 -50.58
CA ILE BB 17 82.92 -2.88 -49.97
C ILE BB 17 81.84 -3.18 -51.00
N ASN BB 18 81.15 -4.31 -50.83
CA ASN BB 18 80.17 -4.73 -51.82
C ASN BB 18 78.98 -3.77 -51.87
N ASP BB 19 78.51 -3.31 -50.72
CA ASP BB 19 77.35 -2.42 -50.68
C ASP BB 19 77.77 -1.02 -51.12
N ILE BB 20 76.99 -0.44 -52.04
CA ILE BB 20 77.32 0.89 -52.56
C ILE BB 20 76.69 2.01 -51.77
N SER BB 21 75.76 1.70 -50.87
CA SER BB 21 75.19 2.74 -50.01
C SER BB 21 76.21 3.22 -48.99
N LEU BB 22 77.24 2.41 -48.69
CA LEU BB 22 78.24 2.73 -47.68
C LEU BB 22 79.64 2.87 -48.27
N GLN BB 23 79.76 3.21 -49.56
CA GLN BB 23 81.07 3.43 -50.15
C GLN BB 23 81.84 4.51 -49.41
N ASP BB 24 81.31 5.73 -49.41
CA ASP BB 24 82.02 6.90 -48.94
C ASP BB 24 81.80 7.22 -47.46
N TYR BB 25 81.11 6.35 -46.72
CA TYR BB 25 81.05 6.49 -45.26
C TYR BB 25 81.89 5.46 -44.54
N ILE BB 26 82.72 4.72 -45.27
CA ILE BB 26 83.66 3.76 -44.69
C ILE BB 26 85.06 4.15 -45.16
N ALA BB 27 85.97 4.32 -44.21
CA ALA BB 27 87.33 4.79 -44.49
C ALA BB 27 88.31 3.68 -44.15
N VAL BB 28 88.72 2.91 -45.16
CA VAL BB 28 89.67 1.81 -44.97
C VAL BB 28 90.76 1.87 -46.03
N LYS BB 29 90.55 2.67 -47.07
CA LYS BB 29 91.33 2.54 -48.29
C LYS BB 29 92.61 3.37 -48.21
N GLU BB 30 93.27 3.54 -49.37
CA GLU BB 30 94.67 3.97 -49.40
C GLU BB 30 94.86 5.34 -48.76
N LYS BB 31 93.94 6.28 -49.01
CA LYS BB 31 94.09 7.60 -48.40
C LYS BB 31 93.83 7.53 -46.90
N TYR BB 32 92.94 6.65 -46.46
CA TYR BB 32 92.57 6.54 -45.06
C TYR BB 32 93.32 5.44 -44.34
N ALA BB 33 94.30 4.82 -44.99
CA ALA BB 33 95.08 3.76 -44.37
C ALA BB 33 96.16 4.36 -43.49
N LYS BB 34 96.19 3.93 -42.23
CA LYS BB 34 97.20 4.37 -41.27
C LYS BB 34 97.82 3.15 -40.62
N TYR BB 35 98.85 3.40 -39.81
CA TYR BB 35 99.48 2.30 -39.08
C TYR BB 35 98.76 1.98 -37.78
N LEU BB 36 98.14 2.98 -37.16
CA LEU BB 36 97.50 2.80 -35.87
C LEU BB 36 96.11 3.40 -35.87
N PRO BB 37 95.21 2.88 -35.04
CA PRO BB 37 93.87 3.48 -34.92
C PRO BB 37 93.86 4.65 -33.94
N HIS BB 38 95.03 5.18 -33.62
CA HIS BB 38 95.17 6.35 -32.76
C HIS BB 38 95.58 7.53 -33.61
N SER BB 39 94.94 8.67 -33.39
CA SER BB 39 95.23 9.88 -34.14
C SER BB 39 94.83 11.09 -33.33
N ALA BB 40 95.29 12.26 -33.77
CA ALA BB 40 95.10 13.51 -33.02
C ALA BB 40 93.61 13.84 -32.86
N GLY BB 41 92.92 14.12 -33.96
CA GLY BB 41 91.51 14.44 -33.88
C GLY BB 41 91.04 15.52 -34.84
N ARG BB 42 90.37 16.54 -34.31
CA ARG BB 42 89.69 17.57 -35.09
C ARG BB 42 88.61 17.00 -35.99
N TYR BB 43 88.10 15.82 -35.66
CA TYR BB 43 87.11 15.13 -36.47
C TYR BB 43 85.68 15.42 -36.04
N ALA BB 44 85.49 16.25 -35.02
CA ALA BB 44 84.17 16.63 -34.54
C ALA BB 44 83.89 18.11 -34.74
N ALA BB 45 84.73 18.82 -35.49
CA ALA BB 45 84.53 20.25 -35.68
C ALA BB 45 83.30 20.53 -36.55
N LYS BB 46 83.29 20.00 -37.76
CA LYS BB 46 82.15 20.15 -38.66
C LYS BB 46 81.26 18.92 -38.57
N ARG BB 47 80.18 18.93 -39.35
CA ARG BB 47 79.17 17.89 -39.23
C ARG BB 47 79.64 16.57 -39.85
N PHE BB 48 79.91 16.57 -41.15
CA PHE BB 48 80.14 15.34 -41.89
C PHE BB 48 81.60 14.94 -41.94
N ARG BB 49 82.49 15.65 -41.26
CA ARG BB 49 83.88 15.21 -41.15
C ARG BB 49 84.00 13.91 -40.37
N LYS BB 50 82.94 13.50 -39.66
CA LYS BB 50 82.96 12.27 -38.89
C LYS BB 50 83.17 11.05 -39.79
N ALA BB 51 82.79 11.14 -41.05
CA ALA BB 51 82.87 10.01 -41.98
C ALA BB 51 84.24 9.89 -42.64
N GLN BB 52 85.17 10.79 -42.35
CA GLN BB 52 86.53 10.70 -42.86
C GLN BB 52 87.47 10.06 -41.86
N CYS BB 53 86.96 9.59 -40.74
CA CYS BB 53 87.77 8.88 -39.75
C CYS BB 53 87.97 7.44 -40.21
N PRO BB 54 89.20 6.93 -40.20
CA PRO BB 54 89.40 5.50 -40.47
C PRO BB 54 88.59 4.65 -39.50
N ILE BB 55 87.89 3.66 -40.04
CA ILE BB 55 86.88 2.97 -39.25
C ILE BB 55 87.49 2.19 -38.09
N VAL BB 56 88.77 1.80 -38.18
CA VAL BB 56 89.40 1.15 -37.05
C VAL BB 56 89.54 2.13 -35.88
N GLU BB 57 89.80 3.41 -36.19
CA GLU BB 57 89.77 4.42 -35.14
C GLU BB 57 88.37 4.58 -34.56
N ARG BB 58 87.36 4.53 -35.42
CA ARG BB 58 85.99 4.66 -34.95
C ARG BB 58 85.61 3.53 -34.01
N LEU BB 59 85.99 2.29 -34.36
CA LEU BB 59 85.76 1.17 -33.47
C LEU BB 59 86.52 1.34 -32.17
N THR BB 60 87.77 1.83 -32.25
CA THR BB 60 88.58 2.00 -31.06
C THR BB 60 87.96 3.01 -30.10
N ASN BB 61 87.44 4.13 -30.63
CA ASN BB 61 86.84 5.13 -29.77
C ASN BB 61 85.60 4.60 -29.06
N SER BB 62 84.87 3.69 -29.69
CA SER BB 62 83.62 3.21 -29.13
C SER BB 62 83.79 2.14 -28.07
N MET BB 63 85.02 1.71 -27.80
CA MET BB 63 85.29 0.73 -26.75
C MET BB 63 85.62 1.40 -25.42
N MET BB 64 85.63 2.74 -25.36
CA MET BB 64 85.96 3.47 -24.14
C MET BB 64 84.68 3.92 -23.45
N MET BB 65 83.91 2.95 -22.96
CA MET BB 65 82.59 3.27 -22.42
C MET BB 65 82.35 2.55 -21.09
N HIS BB 66 81.28 2.98 -20.43
CA HIS BB 66 80.87 2.52 -19.10
C HIS BB 66 81.87 2.96 -18.02
N GLY BB 67 82.20 4.24 -18.04
CA GLY BB 67 82.74 4.91 -16.88
C GLY BB 67 84.16 4.56 -16.49
N ARG BB 68 84.40 3.29 -16.19
CA ARG BB 68 85.68 2.87 -15.64
C ARG BB 68 86.84 3.26 -16.53
N ASN BB 69 86.63 3.29 -17.84
CA ASN BB 69 87.73 3.40 -18.79
C ASN BB 69 87.46 4.48 -19.83
N ASN BB 70 86.91 5.61 -19.39
CA ASN BB 70 86.88 6.78 -20.25
C ASN BB 70 88.28 7.38 -20.34
N GLY BB 71 88.64 7.84 -21.54
CA GLY BB 71 89.96 8.39 -21.74
C GLY BB 71 91.08 7.37 -21.58
N LYS BB 72 90.83 6.11 -21.93
CA LYS BB 72 91.85 5.07 -21.96
C LYS BB 72 91.90 4.55 -23.38
N LYS BB 73 92.66 5.24 -24.24
CA LYS BB 73 92.74 4.84 -25.63
C LYS BB 73 93.72 3.70 -25.83
N LEU BB 74 94.87 3.76 -25.17
CA LEU BB 74 95.93 2.77 -25.40
C LEU BB 74 95.49 1.38 -24.99
N MET BB 75 94.65 1.27 -23.96
CA MET BB 75 94.11 -0.03 -23.58
C MET BB 75 93.18 -0.58 -24.66
N THR BB 76 92.33 0.28 -25.23
CA THR BB 76 91.44 -0.17 -26.29
C THR BB 76 92.20 -0.40 -27.59
N VAL BB 77 93.23 0.40 -27.87
CA VAL BB 77 94.08 0.15 -29.03
C VAL BB 77 94.70 -1.23 -28.93
N ARG BB 78 95.16 -1.59 -27.74
CA ARG BB 78 95.67 -2.94 -27.51
C ARG BB 78 94.58 -3.99 -27.71
N ILE BB 79 93.35 -3.67 -27.31
CA ILE BB 79 92.25 -4.62 -27.42
C ILE BB 79 91.97 -4.94 -28.89
N VAL BB 80 91.95 -3.91 -29.74
CA VAL BB 80 91.68 -4.14 -31.15
C VAL BB 80 92.80 -4.92 -31.81
N LYS BB 81 94.05 -4.68 -31.38
CA LYS BB 81 95.18 -5.42 -31.94
C LYS BB 81 95.04 -6.92 -31.70
N HIS BB 82 94.74 -7.31 -30.46
CA HIS BB 82 94.57 -8.73 -30.17
C HIS BB 82 93.29 -9.27 -30.80
N ALA BB 83 92.25 -8.45 -30.92
CA ALA BB 83 91.04 -8.90 -31.61
C ALA BB 83 91.33 -9.19 -33.08
N PHE BB 84 92.14 -8.36 -33.72
CA PHE BB 84 92.49 -8.60 -35.11
C PHE BB 84 93.44 -9.80 -35.24
N GLU BB 85 94.23 -10.08 -34.21
CA GLU BB 85 95.14 -11.22 -34.26
C GLU BB 85 94.37 -12.54 -34.33
N ILE BB 86 93.29 -12.65 -33.55
CA ILE BB 86 92.58 -13.91 -33.46
C ILE BB 86 91.38 -13.99 -34.40
N ILE BB 87 90.99 -12.89 -35.03
CA ILE BB 87 90.09 -13.00 -36.17
C ILE BB 87 90.82 -13.64 -37.34
N HIS BB 88 92.10 -13.32 -37.51
CA HIS BB 88 92.89 -13.92 -38.58
C HIS BB 88 93.08 -15.41 -38.36
N LEU BB 89 93.51 -15.80 -37.17
CA LEU BB 89 93.87 -17.20 -36.95
C LEU BB 89 92.67 -18.09 -36.70
N LEU BB 90 91.47 -17.53 -36.52
CA LEU BB 90 90.28 -18.33 -36.34
C LEU BB 90 89.48 -18.50 -37.62
N THR BB 91 89.49 -17.50 -38.52
CA THR BB 91 88.77 -17.60 -39.78
C THR BB 91 89.67 -17.70 -40.99
N GLY BB 92 90.86 -17.12 -40.96
CA GLY BB 92 91.84 -17.31 -42.00
C GLY BB 92 91.92 -16.25 -43.08
N GLU BB 93 91.22 -15.12 -42.93
CA GLU BB 93 91.33 -14.06 -43.92
C GLU BB 93 91.66 -12.74 -43.27
N ASN BB 94 91.63 -11.66 -44.05
CA ASN BB 94 92.00 -10.35 -43.55
C ASN BB 94 91.02 -9.90 -42.47
N PRO BB 95 91.49 -9.49 -41.29
CA PRO BB 95 90.57 -8.96 -40.28
C PRO BB 95 89.82 -7.73 -40.74
N LEU BB 96 90.43 -6.90 -41.59
CA LEU BB 96 89.74 -5.71 -42.09
C LEU BB 96 88.51 -6.08 -42.90
N GLN BB 97 88.61 -7.11 -43.74
CA GLN BB 97 87.47 -7.53 -44.53
C GLN BB 97 86.35 -8.06 -43.64
N VAL BB 98 86.70 -8.72 -42.54
CA VAL BB 98 85.68 -9.19 -41.60
C VAL BB 98 84.98 -8.01 -40.95
N LEU BB 99 85.74 -6.98 -40.55
CA LEU BB 99 85.13 -5.83 -39.89
C LEU BB 99 84.19 -5.10 -40.83
N VAL BB 100 84.58 -4.92 -42.09
CA VAL BB 100 83.73 -4.23 -43.05
C VAL BB 100 82.43 -5.01 -43.25
N ASN BB 101 82.54 -6.33 -43.42
CA ASN BB 101 81.34 -7.14 -43.57
C ASN BB 101 80.47 -7.11 -42.32
N ALA BB 102 81.10 -7.02 -41.14
CA ALA BB 102 80.33 -6.92 -39.91
C ALA BB 102 79.53 -5.62 -39.85
N ILE BB 103 80.11 -4.51 -40.31
CA ILE BB 103 79.42 -3.23 -40.29
C ILE BB 103 78.19 -3.27 -41.20
N ILE BB 104 78.35 -3.83 -42.39
CA ILE BB 104 77.25 -3.84 -43.35
C ILE BB 104 76.09 -4.68 -42.84
N ASN BB 105 76.38 -5.88 -42.34
CA ASN BB 105 75.32 -6.78 -41.92
C ASN BB 105 74.67 -6.38 -40.60
N SER BB 106 75.28 -5.44 -39.85
CA SER BB 106 74.77 -5.09 -38.53
C SER BB 106 73.90 -3.85 -38.52
N GLY BB 107 74.24 -2.84 -39.33
CA GLY BB 107 73.49 -1.60 -39.34
C GLY BB 107 72.06 -1.77 -39.79
N PRO BB 108 71.12 -1.28 -38.99
CA PRO BB 108 69.71 -1.34 -39.39
C PRO BB 108 69.45 -0.49 -40.63
N ARG BB 109 68.43 -0.88 -41.39
CA ARG BB 109 68.10 -0.22 -42.64
C ARG BB 109 66.81 0.60 -42.59
N GLU BB 110 65.98 0.42 -41.56
CA GLU BB 110 64.87 1.32 -41.32
C GLU BB 110 64.56 1.30 -39.83
N ASP BB 111 64.20 2.48 -39.30
CA ASP BB 111 63.95 2.65 -37.89
C ASP BB 111 62.58 3.31 -37.72
N SER BB 112 62.13 3.38 -36.47
CA SER BB 112 60.84 3.96 -36.14
C SER BB 112 61.04 5.24 -35.33
N THR BB 113 60.16 6.21 -35.56
CA THR BB 113 60.24 7.49 -34.86
C THR BB 113 58.84 8.06 -34.73
N ARG BB 114 58.70 8.98 -33.78
CA ARG BB 114 57.41 9.63 -33.51
C ARG BB 114 57.27 10.84 -34.41
N ILE BB 115 56.21 10.87 -35.21
CA ILE BB 115 56.00 11.94 -36.18
C ILE BB 115 54.85 12.83 -35.76
N ARG BB 122 51.99 5.20 -30.67
CA ARG BB 122 51.90 5.22 -32.12
C ARG BB 122 53.18 5.82 -32.71
N ARG BB 123 53.77 5.12 -33.67
CA ARG BB 123 55.07 5.48 -34.21
C ARG BB 123 55.07 5.31 -35.72
N GLN BB 124 55.94 6.07 -36.38
CA GLN BB 124 56.07 6.05 -37.83
C GLN BB 124 57.39 5.41 -38.23
N ALA BB 125 57.36 4.66 -39.34
CA ALA BB 125 58.55 3.98 -39.84
C ALA BB 125 59.27 4.84 -40.86
N VAL BB 126 60.57 5.04 -40.65
CA VAL BB 126 61.40 5.84 -41.53
C VAL BB 126 62.69 5.08 -41.83
N ASP BB 127 63.29 5.39 -42.97
CA ASP BB 127 64.57 4.81 -43.31
C ASP BB 127 65.71 5.62 -42.69
N VAL BB 128 66.87 4.99 -42.56
CA VAL BB 128 68.02 5.59 -41.90
C VAL BB 128 69.03 6.02 -42.93
N SER BB 129 69.68 7.15 -42.68
CA SER BB 129 70.72 7.65 -43.56
C SER BB 129 71.95 6.75 -43.46
N PRO BB 130 72.80 6.75 -44.49
CA PRO BB 130 73.99 5.87 -44.45
C PRO BB 130 74.91 6.13 -43.27
N LEU BB 131 75.07 7.39 -42.85
CA LEU BB 131 75.99 7.68 -41.76
C LEU BB 131 75.48 7.09 -40.45
N ARG BB 132 74.20 7.30 -40.13
CA ARG BB 132 73.65 6.72 -38.92
C ARG BB 132 73.58 5.20 -39.00
N ARG BB 133 73.52 4.65 -40.21
CA ARG BB 133 73.61 3.20 -40.38
C ARG BB 133 74.98 2.69 -39.95
N VAL BB 134 76.04 3.44 -40.27
CA VAL BB 134 77.37 3.07 -39.82
C VAL BB 134 77.49 3.20 -38.31
N ASN BB 135 76.97 4.30 -37.75
CA ASN BB 135 77.13 4.56 -36.32
C ASN BB 135 76.45 3.49 -35.48
N GLN BB 136 75.24 3.11 -35.84
CA GLN BB 136 74.55 2.04 -35.10
C GLN BB 136 75.25 0.70 -35.29
N ALA BB 137 75.87 0.48 -36.44
CA ALA BB 137 76.63 -0.75 -36.65
C ALA BB 137 77.80 -0.83 -35.68
N ILE BB 138 78.57 0.26 -35.57
CA ILE BB 138 79.70 0.28 -34.63
C ILE BB 138 79.19 0.16 -33.20
N TRP BB 139 78.15 0.91 -32.86
CA TRP BB 139 77.67 0.95 -31.49
C TRP BB 139 77.16 -0.41 -31.04
N LEU BB 140 76.43 -1.12 -31.90
CA LEU BB 140 75.88 -2.41 -31.53
C LEU BB 140 76.99 -3.45 -31.34
N LEU BB 141 78.02 -3.43 -32.19
CA LEU BB 141 79.11 -4.38 -32.07
C LEU BB 141 79.84 -4.22 -30.75
N CYS BB 142 80.12 -2.98 -30.35
CA CYS BB 142 80.85 -2.75 -29.12
C CYS BB 142 80.04 -3.15 -27.90
N THR BB 143 78.76 -2.73 -27.85
CA THR BB 143 77.95 -3.04 -26.68
C THR BB 143 77.66 -4.52 -26.56
N GLY BB 144 77.64 -5.25 -27.68
CA GLY BB 144 77.51 -6.69 -27.60
C GLY BB 144 78.71 -7.35 -26.97
N ALA BB 145 79.91 -6.92 -27.36
CA ALA BB 145 81.13 -7.45 -26.76
C ALA BB 145 81.21 -7.08 -25.28
N ARG BB 146 80.81 -5.86 -24.93
CA ARG BB 146 80.91 -5.40 -23.56
C ARG BB 146 80.03 -6.24 -22.63
N GLU BB 147 78.80 -6.53 -23.04
CA GLU BB 147 77.90 -7.29 -22.19
C GLU BB 147 78.22 -8.79 -22.20
N ALA BB 148 78.95 -9.27 -23.20
CA ALA BB 148 79.38 -10.66 -23.19
C ALA BB 148 80.55 -10.88 -22.24
N ALA BB 149 81.50 -9.93 -22.22
CA ALA BB 149 82.71 -10.08 -21.41
C ALA BB 149 82.49 -9.73 -19.94
N PHE BB 150 81.36 -9.16 -19.57
CA PHE BB 150 81.12 -8.77 -18.19
C PHE BB 150 80.88 -9.99 -17.32
N ARG BB 151 81.55 -10.05 -16.18
CA ARG BB 151 81.39 -11.13 -15.21
C ARG BB 151 81.58 -12.49 -15.85
N ASN BB 152 82.66 -12.63 -16.61
CA ASN BB 152 82.91 -13.87 -17.33
C ASN BB 152 84.42 -14.09 -17.42
N ILE BB 153 84.80 -15.37 -17.43
CA ILE BB 153 86.21 -15.73 -17.48
C ILE BB 153 86.85 -15.28 -18.78
N LYS BB 154 86.11 -15.35 -19.87
CA LYS BB 154 86.65 -15.01 -21.18
C LYS BB 154 86.92 -13.51 -21.29
N THR BB 155 88.01 -13.17 -21.97
CA THR BB 155 88.49 -11.80 -22.01
C THR BB 155 87.76 -10.97 -23.07
N ILE BB 156 87.96 -9.66 -23.00
CA ILE BB 156 87.27 -8.73 -23.89
C ILE BB 156 87.76 -8.89 -25.33
N ALA BB 157 89.03 -9.19 -25.53
CA ALA BB 157 89.59 -9.15 -26.88
C ALA BB 157 88.99 -10.24 -27.77
N GLU BB 158 88.65 -11.39 -27.21
CA GLU BB 158 88.04 -12.44 -28.03
C GLU BB 158 86.52 -12.31 -28.07
N CYS BB 159 85.92 -11.72 -27.03
CA CYS BB 159 84.50 -11.44 -27.07
C CYS BB 159 84.17 -10.48 -28.21
N LEU BB 160 85.04 -9.49 -28.43
CA LEU BB 160 84.90 -8.65 -29.61
C LEU BB 160 85.17 -9.44 -30.88
N ALA BB 161 86.16 -10.33 -30.85
CA ALA BB 161 86.53 -11.07 -32.06
C ALA BB 161 85.41 -11.97 -32.53
N ASP BB 162 84.87 -12.81 -31.63
CA ASP BB 162 83.80 -13.70 -32.03
C ASP BB 162 82.50 -12.96 -32.32
N GLU BB 163 82.31 -11.77 -31.73
CA GLU BB 163 81.18 -10.94 -32.08
C GLU BB 163 81.25 -10.48 -33.53
N LEU BB 164 82.44 -10.07 -33.97
CA LEU BB 164 82.62 -9.67 -35.36
C LEU BB 164 82.44 -10.86 -36.30
N ILE BB 165 82.99 -12.01 -35.95
CA ILE BB 165 82.90 -13.18 -36.82
C ILE BB 165 81.45 -13.63 -36.96
N ASN BB 166 80.71 -13.65 -35.86
CA ASN BB 166 79.29 -14.03 -35.92
C ASN BB 166 78.50 -13.02 -36.75
N ALA BB 167 78.78 -11.73 -36.57
CA ALA BB 167 78.04 -10.71 -37.31
C ALA BB 167 78.44 -10.68 -38.78
N ALA BB 168 79.71 -10.95 -39.08
CA ALA BB 168 80.15 -10.96 -40.48
C ALA BB 168 79.42 -12.01 -41.29
N LYS BB 169 79.07 -13.12 -40.66
CA LYS BB 169 78.30 -14.17 -41.31
C LYS BB 169 76.79 -14.02 -41.11
N GLY BB 170 76.36 -12.99 -40.38
CA GLY BB 170 74.94 -12.83 -40.10
C GLY BB 170 74.35 -13.98 -39.32
N SER BB 171 75.08 -14.47 -38.32
CA SER BB 171 74.70 -15.71 -37.64
C SER BB 171 73.37 -15.60 -36.90
N SER BB 172 72.91 -14.40 -36.59
CA SER BB 172 71.78 -14.14 -35.71
C SER BB 172 72.00 -14.69 -34.30
N ASN BB 173 73.22 -15.15 -34.01
CA ASN BB 173 73.63 -15.49 -32.66
C ASN BB 173 74.36 -14.34 -31.98
N SER BB 174 75.00 -13.49 -32.78
CA SER BB 174 75.64 -12.29 -32.26
C SER BB 174 74.59 -11.33 -31.71
N TYR BB 175 75.01 -10.52 -30.74
CA TYR BB 175 74.10 -9.54 -30.14
C TYR BB 175 73.67 -8.50 -31.17
N ALA BB 176 74.59 -8.10 -32.06
CA ALA BB 176 74.28 -7.03 -33.00
C ALA BB 176 73.19 -7.43 -33.98
N ILE BB 177 73.24 -8.65 -34.51
CA ILE BB 177 72.25 -9.07 -35.50
C ILE BB 177 70.88 -9.22 -34.85
N LYS BB 178 70.83 -9.71 -33.62
CA LYS BB 178 69.55 -9.85 -32.93
C LYS BB 178 68.87 -8.51 -32.76
N LYS BB 179 69.64 -7.47 -32.42
CA LYS BB 179 69.07 -6.14 -32.30
C LYS BB 179 68.62 -5.60 -33.65
N LYS BB 180 69.38 -5.88 -34.71
CA LYS BB 180 69.01 -5.40 -36.04
C LYS BB 180 67.66 -5.96 -36.47
N ASP BB 181 67.46 -7.27 -36.31
CA ASP BB 181 66.18 -7.87 -36.69
C ASP BB 181 65.05 -7.32 -35.84
N GLU BB 182 65.30 -7.05 -34.56
CA GLU BB 182 64.26 -6.52 -33.70
C GLU BB 182 63.89 -5.10 -34.07
N LEU BB 183 64.86 -4.29 -34.51
CA LEU BB 183 64.58 -2.91 -34.87
C LEU BB 183 63.73 -2.84 -36.14
N GLU BB 184 64.12 -3.59 -37.18
CA GLU BB 184 63.41 -3.51 -38.45
C GLU BB 184 62.03 -4.14 -38.37
N ARG BB 185 61.89 -5.22 -37.59
CA ARG BB 185 60.58 -5.88 -37.51
C ARG BB 185 59.56 -5.00 -36.80
N VAL BB 186 59.99 -4.19 -35.83
CA VAL BB 186 59.08 -3.24 -35.20
C VAL BB 186 58.73 -2.13 -36.19
N ALA BB 187 59.73 -1.60 -36.90
CA ALA BB 187 59.46 -0.63 -37.94
C ALA BB 187 58.57 -1.21 -39.03
N LYS BB 188 58.68 -2.50 -39.28
CA LYS BB 188 57.80 -3.17 -40.24
C LYS BB 188 56.34 -3.07 -39.79
N SER BB 189 56.10 -3.30 -38.50
CA SER BB 189 54.73 -3.24 -37.98
C SER BB 189 54.20 -1.81 -37.98
N ASN BB 190 55.04 -0.84 -37.61
CA ASN BB 190 54.64 0.56 -37.57
C ASN BB 190 54.46 1.17 -38.95
N ARG BB 191 54.85 0.46 -40.01
CA ARG BB 191 54.72 0.96 -41.37
C ARG BB 191 53.28 1.36 -41.68
N MET CB 1 -48.20 63.33 60.53
CA MET CB 1 -48.76 64.14 59.46
C MET CB 1 -49.28 65.47 59.98
N LYS CB 2 -48.55 66.55 59.71
CA LYS CB 2 -48.96 67.86 60.13
C LYS CB 2 -50.18 68.33 59.34
N LEU CB 3 -50.95 69.22 59.94
CA LEU CB 3 -52.09 69.85 59.31
C LEU CB 3 -51.87 71.35 59.30
N ASN CB 4 -51.86 71.96 58.12
CA ASN CB 4 -51.68 73.39 57.96
C ASN CB 4 -53.04 74.02 57.76
N ILE CB 5 -53.57 74.65 58.80
CA ILE CB 5 -54.94 75.16 58.80
C ILE CB 5 -54.88 76.67 58.62
N SER CB 6 -55.65 77.20 57.69
CA SER CB 6 -55.73 78.64 57.46
C SER CB 6 -57.19 79.06 57.36
N PHE CB 7 -57.52 80.17 58.02
CA PHE CB 7 -58.88 80.71 58.03
C PHE CB 7 -58.87 82.08 57.37
N PRO CB 8 -59.29 82.19 56.10
CA PRO CB 8 -59.08 83.44 55.37
C PRO CB 8 -59.91 84.60 55.88
N ALA CB 9 -61.07 84.34 56.50
CA ALA CB 9 -61.92 85.44 56.95
C ALA CB 9 -61.22 86.30 57.99
N THR CB 10 -60.60 85.67 58.98
CA THR CB 10 -59.75 86.40 59.92
C THR CB 10 -58.30 86.51 59.43
N GLY CB 11 -57.94 85.78 58.38
CA GLY CB 11 -56.60 85.83 57.85
C GLY CB 11 -55.53 85.19 58.69
N CYS CB 12 -55.92 84.31 59.62
CA CYS CB 12 -54.98 83.70 60.54
C CYS CB 12 -54.81 82.22 60.23
N GLN CB 13 -53.66 81.68 60.63
CA GLN CB 13 -53.30 80.32 60.26
C GLN CB 13 -52.31 79.77 61.28
N LYS CB 14 -52.30 78.44 61.41
CA LYS CB 14 -51.41 77.78 62.34
C LYS CB 14 -51.22 76.33 61.89
N LEU CB 15 -50.20 75.69 62.44
CA LEU CB 15 -49.88 74.31 62.13
C LEU CB 15 -50.30 73.41 63.28
N ILE CB 16 -51.01 72.34 62.95
CA ILE CB 16 -51.54 71.41 63.94
C ILE CB 16 -50.89 70.05 63.75
N GLU CB 17 -50.35 69.49 64.81
CA GLU CB 17 -49.76 68.16 64.78
C GLU CB 17 -50.82 67.12 65.12
N VAL CB 18 -51.04 66.19 64.21
CA VAL CB 18 -52.02 65.12 64.39
C VAL CB 18 -51.35 63.79 64.04
N ASP CB 19 -51.62 62.76 64.84
CA ASP CB 19 -50.96 61.47 64.65
C ASP CB 19 -51.91 60.29 64.78
N ASP CB 20 -53.22 60.49 64.61
CA ASP CB 20 -54.21 59.45 64.81
C ASP CB 20 -54.89 59.11 63.50
N GLU CB 21 -54.76 57.86 63.05
CA GLU CB 21 -55.38 57.45 61.80
C GLU CB 21 -56.90 57.47 61.87
N ARG CB 22 -57.46 57.18 63.05
CA ARG CB 22 -58.91 57.22 63.21
C ARG CB 22 -59.47 58.61 62.92
N LYS CB 23 -58.69 59.65 63.19
CA LYS CB 23 -59.14 61.02 62.99
C LYS CB 23 -59.01 61.50 61.55
N LEU CB 24 -58.31 60.74 60.70
CA LEU CB 24 -58.04 61.19 59.33
C LEU CB 24 -58.74 60.35 58.27
N ARG CB 25 -59.52 59.33 58.68
CA ARG CB 25 -60.26 58.54 57.71
C ARG CB 25 -61.15 59.42 56.84
N THR CB 26 -61.61 60.55 57.37
CA THR CB 26 -62.47 61.46 56.63
C THR CB 26 -61.75 62.13 55.47
N PHE CB 27 -60.41 62.18 55.51
CA PHE CB 27 -59.64 62.90 54.51
C PHE CB 27 -59.11 62.02 53.40
N TYR CB 28 -58.77 60.76 53.68
CA TYR CB 28 -58.09 59.94 52.69
C TYR CB 28 -58.98 59.67 51.48
N GLU CB 29 -58.34 59.41 50.34
CA GLU CB 29 -59.01 59.10 49.08
C GLU CB 29 -59.92 60.23 48.63
N LYS CB 30 -59.54 61.47 48.94
CA LYS CB 30 -60.27 62.66 48.52
C LYS CB 30 -59.33 63.53 47.71
N ARG CB 31 -59.82 64.04 46.58
CA ARG CB 31 -58.99 64.86 45.71
C ARG CB 31 -58.75 66.24 46.32
N MET CB 32 -58.01 67.07 45.61
CA MET CB 32 -57.83 68.45 46.02
C MET CB 32 -59.10 69.25 45.75
N ALA CB 33 -59.20 70.39 46.42
CA ALA CB 33 -60.31 71.33 46.25
C ALA CB 33 -61.67 70.67 46.52
N THR CB 34 -61.70 69.66 47.38
CA THR CB 34 -62.95 69.06 47.83
C THR CB 34 -63.27 69.53 49.24
N GLU CB 35 -64.56 69.63 49.54
CA GLU CB 35 -65.03 70.09 50.84
C GLU CB 35 -65.32 68.90 51.73
N VAL CB 36 -64.71 68.88 52.91
CA VAL CB 36 -64.86 67.80 53.87
C VAL CB 36 -65.28 68.39 55.21
N ALA CB 37 -66.30 67.81 55.82
CA ALA CB 37 -66.70 68.21 57.16
C ALA CB 37 -65.66 67.70 58.15
N ALA CB 38 -65.03 68.62 58.88
CA ALA CB 38 -63.93 68.30 59.79
C ALA CB 38 -64.42 67.97 61.19
N ASP CB 39 -65.65 67.47 61.33
CA ASP CB 39 -66.19 67.20 62.66
C ASP CB 39 -65.39 66.12 63.38
N ALA CB 40 -64.77 65.20 62.64
CA ALA CB 40 -63.99 64.14 63.23
C ALA CB 40 -62.55 64.54 63.52
N LEU CB 41 -62.24 65.82 63.46
CA LEU CB 41 -60.88 66.30 63.72
C LEU CB 41 -60.62 66.57 65.19
N GLY CB 42 -61.65 66.60 66.02
CA GLY CB 42 -61.45 66.81 67.45
C GLY CB 42 -62.70 67.39 68.08
N GLU CB 43 -62.56 67.71 69.37
CA GLU CB 43 -63.67 68.25 70.13
C GLU CB 43 -63.95 69.71 69.80
N GLU CB 44 -62.92 70.47 69.46
CA GLU CB 44 -63.13 71.85 69.04
C GLU CB 44 -63.69 71.95 67.62
N TRP CB 45 -63.65 70.85 66.87
CA TRP CB 45 -64.06 70.83 65.46
C TRP CB 45 -65.45 70.22 65.35
N LYS CB 46 -66.47 71.08 65.45
CA LYS CB 46 -67.82 70.73 65.04
C LYS CB 46 -68.39 71.87 64.22
N GLY CB 47 -69.12 71.52 63.16
CA GLY CB 47 -69.70 72.51 62.29
C GLY CB 47 -68.73 73.16 61.34
N TYR CB 48 -67.51 72.65 61.23
CA TYR CB 48 -66.51 73.18 60.32
C TYR CB 48 -66.43 72.32 59.08
N VAL CB 49 -66.40 72.96 57.92
CA VAL CB 49 -66.08 72.30 56.66
C VAL CB 49 -64.84 72.96 56.10
N VAL CB 50 -63.82 72.16 55.80
CA VAL CB 50 -62.52 72.65 55.37
C VAL CB 50 -62.22 72.13 53.98
N ARG CB 51 -61.83 73.03 53.09
CA ARG CB 51 -61.45 72.63 51.74
C ARG CB 51 -59.99 72.18 51.74
N ILE CB 52 -59.72 71.06 51.09
CA ILE CB 52 -58.36 70.57 50.94
C ILE CB 52 -57.69 71.32 49.79
N SER CB 53 -56.56 71.94 50.07
CA SER CB 53 -55.83 72.70 49.06
C SER CB 53 -54.49 72.06 48.71
N GLY CB 54 -54.22 70.85 49.19
CA GLY CB 54 -53.03 70.11 48.80
C GLY CB 54 -51.79 70.52 49.56
N GLY CB 55 -51.04 69.52 50.04
CA GLY CB 55 -49.82 69.79 50.77
C GLY CB 55 -48.59 69.28 50.07
N ASN CB 56 -47.66 68.70 50.83
CA ASN CB 56 -46.41 68.19 50.30
C ASN CB 56 -46.38 66.67 50.47
N ASP CB 57 -45.31 66.07 49.99
CA ASP CB 57 -45.05 64.64 50.11
C ASP CB 57 -44.00 64.43 51.21
N LYS CB 58 -43.72 63.17 51.53
CA LYS CB 58 -42.68 62.87 52.51
C LYS CB 58 -41.33 63.39 52.08
N GLN CB 59 -41.07 63.45 50.78
CA GLN CB 59 -39.83 64.00 50.25
C GLN CB 59 -39.96 65.46 49.86
N GLY CB 60 -41.11 66.09 50.11
CA GLY CB 60 -41.30 67.49 49.84
C GLY CB 60 -41.92 67.83 48.50
N PHE CB 61 -42.06 66.86 47.61
CA PHE CB 61 -42.63 67.12 46.30
C PHE CB 61 -44.08 67.56 46.44
N PRO CB 62 -44.46 68.72 45.92
CA PRO CB 62 -45.80 69.26 46.18
C PRO CB 62 -46.89 68.49 45.45
N MET CB 63 -48.09 68.61 45.99
CA MET CB 63 -49.30 68.15 45.31
C MET CB 63 -49.77 69.22 44.34
N LYS CB 64 -50.28 68.79 43.19
CA LYS CB 64 -50.81 69.74 42.23
C LYS CB 64 -52.11 69.20 41.63
N GLN CB 65 -53.02 70.14 41.35
CA GLN CB 65 -54.34 69.80 40.86
C GLN CB 65 -54.27 69.17 39.47
N GLY CB 66 -55.15 68.20 39.23
CA GLY CB 66 -55.35 67.65 37.91
C GLY CB 66 -54.57 66.39 37.60
N VAL CB 67 -53.56 66.05 38.40
CA VAL CB 67 -52.78 64.85 38.11
C VAL CB 67 -53.64 63.61 38.26
N LEU CB 68 -54.43 63.54 39.33
CA LEU CB 68 -55.49 62.55 39.48
C LEU CB 68 -54.92 61.13 39.50
N THR CB 69 -53.79 60.95 40.18
CA THR CB 69 -53.22 59.62 40.39
C THR CB 69 -52.78 59.53 41.84
N HIS CB 70 -52.10 58.44 42.18
CA HIS CB 70 -51.85 58.07 43.56
C HIS CB 70 -50.45 58.38 44.05
N GLY CB 71 -49.42 58.26 43.20
CA GLY CB 71 -48.06 58.46 43.63
C GLY CB 71 -47.39 59.68 43.04
N ARG CB 72 -46.10 59.59 42.76
CA ARG CB 72 -45.34 60.69 42.18
C ARG CB 72 -45.13 60.44 40.69
N VAL CB 73 -45.17 61.51 39.91
CA VAL CB 73 -45.01 61.45 38.46
C VAL CB 73 -44.12 62.61 38.03
N ARG CB 74 -43.50 62.45 36.86
CA ARG CB 74 -42.66 63.49 36.27
C ARG CB 74 -43.44 64.18 35.16
N LEU CB 75 -43.48 65.50 35.20
CA LEU CB 75 -44.22 66.30 34.24
C LEU CB 75 -43.31 67.35 33.63
N LEU CB 76 -43.54 67.65 32.35
CA LEU CB 76 -42.85 68.74 31.68
C LEU CB 76 -43.65 70.02 31.89
N LEU CB 77 -43.26 70.81 32.88
CA LEU CB 77 -43.95 72.03 33.22
C LEU CB 77 -43.40 73.21 32.43
N SER CB 78 -44.18 74.28 32.38
CA SER CB 78 -43.79 75.48 31.66
C SER CB 78 -44.36 76.69 32.40
N LYS CB 79 -44.30 77.85 31.75
CA LYS CB 79 -44.81 79.07 32.35
C LYS CB 79 -46.32 78.99 32.52
N GLY CB 80 -46.80 79.45 33.67
CA GLY CB 80 -48.21 79.37 34.00
C GLY CB 80 -48.62 78.14 34.76
N HIS CB 81 -47.76 77.12 34.82
CA HIS CB 81 -48.03 75.93 35.61
C HIS CB 81 -47.72 76.19 37.07
N SER CB 82 -48.31 75.36 37.93
CA SER CB 82 -47.98 75.41 39.35
C SER CB 82 -46.63 74.73 39.59
N CYS CB 83 -46.10 74.96 40.79
CA CYS CB 83 -44.86 74.37 41.28
C CYS CB 83 -43.73 74.39 40.25
N TYR CB 84 -43.59 75.49 39.52
CA TYR CB 84 -42.43 75.70 38.65
C TYR CB 84 -42.28 77.19 38.40
N ARG CB 85 -41.07 77.71 38.63
CA ARG CB 85 -40.76 79.11 38.38
C ARG CB 85 -39.66 79.19 37.33
N PRO CB 86 -40.00 79.44 36.06
CA PRO CB 86 -38.98 79.44 35.02
C PRO CB 86 -37.97 80.57 35.19
N ARG CB 87 -36.75 80.29 34.77
CA ARG CB 87 -35.67 81.28 34.85
C ARG CB 87 -35.55 82.07 33.54
N ARG CB 88 -35.29 81.39 32.43
CA ARG CB 88 -35.30 82.04 31.14
C ARG CB 88 -36.71 82.08 30.57
N THR CB 89 -36.86 82.84 29.49
CA THR CB 89 -38.14 82.93 28.82
C THR CB 89 -38.36 81.69 27.95
N GLY CB 90 -39.55 81.11 28.06
CA GLY CB 90 -39.88 79.92 27.30
C GLY CB 90 -39.25 78.64 27.80
N GLU CB 91 -38.52 78.68 28.92
CA GLU CB 91 -37.88 77.49 29.44
C GLU CB 91 -38.91 76.52 29.99
N ARG CB 92 -38.61 75.24 29.84
CA ARG CB 92 -39.43 74.16 30.39
C ARG CB 92 -38.52 73.16 31.07
N LYS CB 93 -39.04 72.47 32.08
CA LYS CB 93 -38.22 71.56 32.85
C LYS CB 93 -39.11 70.49 33.47
N ARG CB 94 -38.63 69.24 33.41
CA ARG CB 94 -39.34 68.15 34.06
C ARG CB 94 -39.11 68.18 35.56
N LYS CB 95 -40.19 67.99 36.31
CA LYS CB 95 -40.10 67.92 37.77
C LYS CB 95 -41.01 66.83 38.27
N SER CB 96 -40.66 66.28 39.44
CA SER CB 96 -41.51 65.32 40.11
C SER CB 96 -42.58 66.05 40.91
N VAL CB 97 -43.81 65.56 40.82
CA VAL CB 97 -44.93 66.10 41.56
C VAL CB 97 -45.72 64.94 42.16
N ARG CB 98 -46.49 65.24 43.19
CA ARG CB 98 -47.27 64.23 43.88
C ARG CB 98 -48.72 64.30 43.43
N GLY CB 99 -49.40 63.17 43.48
CA GLY CB 99 -50.72 63.06 42.90
C GLY CB 99 -51.75 63.94 43.59
N CYS CB 100 -52.90 64.06 42.92
CA CYS CB 100 -53.96 64.93 43.40
C CYS CB 100 -54.72 64.33 44.57
N ILE CB 101 -54.93 63.02 44.57
CA ILE CB 101 -55.65 62.38 45.67
C ILE CB 101 -54.71 62.24 46.86
N VAL CB 102 -55.28 62.29 48.05
CA VAL CB 102 -54.49 62.23 49.27
C VAL CB 102 -54.51 60.81 49.82
N ASP CB 103 -53.39 60.41 50.41
CA ASP CB 103 -53.21 59.08 50.96
C ASP CB 103 -52.41 59.26 52.25
N ALA CB 104 -51.82 58.17 52.76
CA ALA CB 104 -51.07 58.26 54.01
C ALA CB 104 -49.62 58.67 53.83
N ASN CB 105 -49.09 58.64 52.61
CA ASN CB 105 -47.65 58.88 52.40
C ASN CB 105 -47.40 60.33 52.01
N LEU CB 106 -47.46 61.20 53.01
CA LEU CB 106 -47.13 62.60 52.83
C LEU CB 106 -46.89 63.23 54.19
N SER CB 107 -46.41 64.48 54.18
CA SER CB 107 -46.04 65.17 55.40
C SER CB 107 -47.11 66.17 55.88
N VAL CB 108 -47.60 67.02 54.97
CA VAL CB 108 -48.49 68.11 55.35
C VAL CB 108 -49.72 68.07 54.47
N LEU CB 109 -50.87 68.41 55.06
CA LEU CB 109 -52.11 68.63 54.32
C LEU CB 109 -52.51 70.08 54.52
N ASN CB 110 -52.59 70.83 53.42
CA ASN CB 110 -53.01 72.22 53.48
C ASN CB 110 -54.53 72.26 53.48
N LEU CB 111 -55.11 72.71 54.58
CA LEU CB 111 -56.57 72.79 54.74
C LEU CB 111 -56.96 74.23 55.01
N VAL CB 112 -58.04 74.67 54.37
CA VAL CB 112 -58.55 76.02 54.51
C VAL CB 112 -60.01 75.93 54.93
N ILE CB 113 -60.39 76.71 55.94
CA ILE CB 113 -61.75 76.68 56.47
C ILE CB 113 -62.62 77.58 55.61
N VAL CB 114 -63.65 77.00 55.00
CA VAL CB 114 -64.57 77.76 54.15
C VAL CB 114 -65.88 78.08 54.85
N LYS CB 115 -66.13 77.53 56.03
CA LYS CB 115 -67.31 77.87 56.81
C LYS CB 115 -66.99 77.65 58.28
N LYS CB 116 -67.40 78.59 59.12
CA LYS CB 116 -67.10 78.55 60.53
C LYS CB 116 -68.15 77.76 61.29
N GLY CB 117 -67.76 77.21 62.42
CA GLY CB 117 -68.66 76.46 63.29
C GLY CB 117 -69.34 77.36 64.28
N GLU CB 118 -69.84 76.75 65.35
CA GLU CB 118 -70.64 77.47 66.35
C GLU CB 118 -69.82 78.04 67.48
N LYS CB 119 -68.59 77.55 67.71
CA LYS CB 119 -67.78 77.98 68.83
C LYS CB 119 -66.40 78.42 68.37
N ASP CB 120 -65.86 79.41 69.08
CA ASP CB 120 -64.60 80.04 68.71
C ASP CB 120 -63.42 79.10 69.00
N ILE CB 121 -62.53 78.96 68.02
CA ILE CB 121 -61.32 78.15 68.13
C ILE CB 121 -60.18 79.06 68.60
N PRO CB 122 -59.31 78.60 69.51
CA PRO CB 122 -58.31 79.51 70.09
C PRO CB 122 -57.30 80.07 69.09
N GLY CB 123 -56.61 79.21 68.36
CA GLY CB 123 -55.48 79.66 67.57
C GLY CB 123 -55.80 80.42 66.32
N LEU CB 124 -57.05 80.39 65.85
CA LEU CB 124 -57.41 80.93 64.55
C LEU CB 124 -58.37 82.10 64.62
N THR CB 125 -59.53 81.93 65.25
CA THR CB 125 -60.60 82.91 65.17
C THR CB 125 -60.50 83.97 66.26
N ASP CB 126 -59.82 83.69 67.37
CA ASP CB 126 -59.63 84.71 68.40
C ASP CB 126 -58.89 85.92 67.85
N THR CB 127 -57.63 85.73 67.47
CA THR CB 127 -56.85 86.82 66.92
C THR CB 127 -57.34 87.22 65.54
N THR CB 128 -57.17 88.50 65.22
CA THR CB 128 -57.57 89.05 63.94
C THR CB 128 -56.43 89.88 63.38
N VAL CB 129 -56.06 89.62 62.14
CA VAL CB 129 -54.99 90.35 61.45
C VAL CB 129 -55.61 91.10 60.28
N PRO CB 130 -55.33 92.38 60.11
CA PRO CB 130 -55.96 93.15 59.03
C PRO CB 130 -55.16 93.03 57.74
N ARG CB 131 -55.77 93.52 56.66
CA ARG CB 131 -55.05 93.67 55.40
C ARG CB 131 -53.92 94.66 55.58
N ARG CB 132 -52.74 94.32 55.09
CA ARG CB 132 -51.60 95.19 55.29
C ARG CB 132 -51.65 96.43 54.40
N LEU CB 133 -52.18 96.30 53.19
CA LEU CB 133 -52.15 97.38 52.21
C LEU CB 133 -53.59 97.78 51.85
N GLY CB 134 -53.76 99.07 51.53
CA GLY CB 134 -55.04 99.58 51.10
C GLY CB 134 -55.12 99.70 49.60
N PRO CB 135 -56.30 100.02 49.08
CA PRO CB 135 -56.46 100.16 47.62
C PRO CB 135 -55.62 101.30 47.07
N LYS CB 136 -55.17 101.12 45.85
CA LYS CB 136 -54.28 102.09 45.21
C LYS CB 136 -54.81 102.60 43.88
N ARG CB 137 -55.44 101.75 43.08
CA ARG CB 137 -56.10 102.21 41.87
C ARG CB 137 -57.28 103.10 42.22
N ALA CB 138 -57.52 104.13 41.41
CA ALA CB 138 -58.56 105.09 41.73
C ALA CB 138 -59.94 104.44 41.77
N SER CB 139 -60.23 103.56 40.82
CA SER CB 139 -61.55 102.95 40.77
C SER CB 139 -61.81 102.03 41.95
N ARG CB 140 -60.79 101.32 42.42
CA ARG CB 140 -60.98 100.43 43.57
C ARG CB 140 -61.27 101.20 44.84
N ILE CB 141 -60.70 102.40 44.98
CA ILE CB 141 -60.98 103.23 46.15
C ILE CB 141 -62.45 103.64 46.15
N ARG CB 142 -62.98 103.99 44.98
CA ARG CB 142 -64.41 104.29 44.87
C ARG CB 142 -65.24 103.07 45.27
N LYS CB 143 -64.84 101.88 44.82
CA LYS CB 143 -65.61 100.68 45.12
C LYS CB 143 -65.62 100.39 46.61
N LEU CB 144 -64.50 100.62 47.29
CA LEU CB 144 -64.41 100.35 48.72
C LEU CB 144 -65.37 101.22 49.52
N PHE CB 145 -65.42 102.51 49.20
CA PHE CB 145 -66.21 103.47 49.96
C PHE CB 145 -67.53 103.83 49.29
N ASN CB 146 -67.83 103.25 48.12
CA ASN CB 146 -69.07 103.51 47.40
C ASN CB 146 -69.23 105.01 47.13
N LEU CB 147 -68.27 105.54 46.36
CA LEU CB 147 -68.25 106.94 45.99
C LEU CB 147 -68.88 107.13 44.62
N SER CB 148 -69.12 108.40 44.29
CA SER CB 148 -69.71 108.77 43.02
C SER CB 148 -68.60 109.12 42.01
N LYS CB 149 -69.00 109.64 40.85
CA LYS CB 149 -68.04 110.02 39.82
C LYS CB 149 -67.49 111.42 40.02
N GLU CB 150 -68.07 112.22 40.92
CA GLU CB 150 -67.72 113.63 41.03
C GLU CB 150 -66.85 113.95 42.24
N ASP CB 151 -67.16 113.38 43.40
CA ASP CB 151 -66.35 113.66 44.57
C ASP CB 151 -64.96 113.05 44.42
N ASP CB 152 -63.95 113.75 44.92
CA ASP CB 152 -62.58 113.30 44.69
C ASP CB 152 -62.26 112.10 45.59
N VAL CB 153 -61.28 111.32 45.13
CA VAL CB 153 -60.79 110.17 45.89
C VAL CB 153 -59.53 110.50 46.66
N ARG CB 154 -58.92 111.67 46.41
CA ARG CB 154 -57.76 112.09 47.18
C ARG CB 154 -58.11 112.34 48.64
N GLN CB 155 -59.38 112.63 48.93
CA GLN CB 155 -59.80 112.82 50.32
C GLN CB 155 -59.92 111.50 51.06
N TYR CB 156 -60.36 110.45 50.38
CA TYR CB 156 -60.72 109.19 51.02
C TYR CB 156 -59.62 108.14 50.99
N VAL CB 157 -58.46 108.45 50.44
CA VAL CB 157 -57.41 107.44 50.34
C VAL CB 157 -56.97 107.05 51.75
N VAL CB 158 -56.88 105.74 52.00
CA VAL CB 158 -56.44 105.27 53.30
C VAL CB 158 -54.95 105.57 53.46
N ARG CB 159 -54.59 106.04 54.66
CA ARG CB 159 -53.25 106.55 54.91
C ARG CB 159 -52.58 105.69 55.98
N LYS CB 160 -51.41 105.15 55.66
CA LYS CB 160 -50.72 104.25 56.57
C LYS CB 160 -50.12 105.01 57.74
N PRO CB 161 -50.25 104.51 58.97
CA PRO CB 161 -49.53 105.12 60.09
C PRO CB 161 -48.12 104.56 60.24
N LEU CB 162 -47.14 105.44 60.39
CA LEU CB 162 -45.75 105.06 60.56
C LEU CB 162 -45.29 105.42 61.96
N ASN CB 163 -44.86 104.42 62.73
CA ASN CB 163 -44.40 104.64 64.10
C ASN CB 163 -43.28 103.66 64.40
N LYS CB 164 -42.08 104.17 64.65
CA LYS CB 164 -40.97 103.33 65.07
C LYS CB 164 -40.08 104.14 66.01
N GLU CB 165 -39.25 103.42 66.75
CA GLU CB 165 -38.43 104.04 67.79
C GLU CB 165 -37.38 104.97 67.19
N GLY CB 166 -37.16 106.10 67.86
CA GLY CB 166 -36.12 107.02 67.49
C GLY CB 166 -36.44 107.96 66.35
N LYS CB 167 -37.63 107.86 65.77
CA LYS CB 167 -38.02 108.67 64.63
C LYS CB 167 -39.35 109.36 64.93
N LYS CB 168 -39.60 110.45 64.23
CA LYS CB 168 -40.81 111.24 64.44
C LYS CB 168 -42.01 110.55 63.81
N PRO CB 169 -43.08 110.27 64.54
CA PRO CB 169 -44.30 109.76 63.93
C PRO CB 169 -44.69 110.51 62.66
N ARG CB 170 -44.98 109.76 61.61
CA ARG CB 170 -45.54 110.31 60.39
C ARG CB 170 -46.51 109.31 59.80
N THR CB 171 -47.17 109.73 58.71
CA THR CB 171 -48.14 108.90 58.02
C THR CB 171 -47.82 108.89 56.54
N LYS CB 172 -48.06 107.75 55.90
CA LYS CB 172 -47.67 107.52 54.52
C LYS CB 172 -48.88 107.10 53.71
N ALA CB 173 -49.01 107.66 52.50
CA ALA CB 173 -50.12 107.33 51.63
C ALA CB 173 -49.60 106.92 50.27
N PRO CB 174 -50.22 105.93 49.64
CA PRO CB 174 -49.77 105.50 48.31
C PRO CB 174 -50.14 106.50 47.24
N LYS CB 175 -49.29 106.58 46.22
CA LYS CB 175 -49.63 107.30 45.01
C LYS CB 175 -50.81 106.61 44.33
N ILE CB 176 -51.82 107.37 43.98
CA ILE CB 176 -53.01 106.81 43.34
C ILE CB 176 -52.81 106.79 41.84
N GLN CB 177 -53.28 105.72 41.20
CA GLN CB 177 -53.05 105.49 39.79
C GLN CB 177 -54.38 105.45 39.05
N ARG CB 178 -54.33 105.74 37.75
CA ARG CB 178 -55.52 105.87 36.91
C ARG CB 178 -56.45 106.95 37.46
N LEU CB 179 -55.86 108.06 37.90
CA LEU CB 179 -56.60 109.21 38.39
C LEU CB 179 -56.62 110.31 37.33
N VAL CB 180 -57.80 110.91 37.15
CA VAL CB 180 -57.93 112.03 36.24
C VAL CB 180 -57.27 113.25 36.86
N THR CB 181 -56.35 113.86 36.12
CA THR CB 181 -55.49 114.93 36.62
C THR CB 181 -55.34 115.97 35.51
N PRO CB 182 -55.19 117.24 35.85
CA PRO CB 182 -54.90 118.24 34.81
C PRO CB 182 -53.77 117.85 33.87
N ARG CB 183 -52.84 117.00 34.32
CA ARG CB 183 -51.76 116.55 33.44
C ARG CB 183 -52.29 115.69 32.30
N VAL CB 184 -53.10 114.67 32.63
CA VAL CB 184 -53.52 113.73 31.60
C VAL CB 184 -54.43 114.40 30.58
N LEU CB 185 -55.25 115.37 31.01
CA LEU CB 185 -56.06 116.10 30.04
C LEU CB 185 -55.19 116.88 29.07
N GLN CB 186 -54.10 117.47 29.56
CA GLN CB 186 -53.18 118.17 28.68
C GLN CB 186 -52.56 117.21 27.67
N HIS CB 187 -52.21 116.00 28.11
CA HIS CB 187 -51.74 114.98 27.18
C HIS CB 187 -52.81 114.63 26.17
N LYS CB 188 -54.05 114.47 26.64
CA LYS CB 188 -55.14 114.15 25.71
C LYS CB 188 -55.35 115.26 24.70
N ARG CB 189 -55.27 116.52 25.14
CA ARG CB 189 -55.37 117.63 24.21
C ARG CB 189 -54.25 117.60 23.18
N ARG CB 190 -53.04 117.26 23.63
CA ARG CB 190 -51.90 117.22 22.71
C ARG CB 190 -52.10 116.15 21.64
N ARG CB 191 -52.62 114.99 22.03
CA ARG CB 191 -52.85 113.92 21.05
C ARG CB 191 -53.84 114.37 19.98
N ILE CB 192 -54.91 115.04 20.39
CA ILE CB 192 -55.88 115.55 19.42
C ILE CB 192 -55.28 116.70 18.62
N ALA CB 193 -54.42 117.51 19.25
CA ALA CB 193 -53.84 118.65 18.56
C ALA CB 193 -52.98 118.21 17.38
N LEU CB 194 -52.18 117.15 17.54
CA LEU CB 194 -51.41 116.64 16.43
C LEU CB 194 -52.30 116.11 15.32
N LYS CB 195 -53.52 115.68 15.66
CA LYS CB 195 -54.46 115.27 14.63
C LYS CB 195 -54.92 116.46 13.80
N LYS CB 196 -55.07 117.64 14.43
CA LYS CB 196 -55.31 118.85 13.66
C LYS CB 196 -54.18 119.16 12.71
N GLN CB 197 -52.94 119.15 13.21
CA GLN CB 197 -51.79 119.49 12.36
C GLN CB 197 -51.64 118.50 11.22
N ARG CB 198 -51.80 117.21 11.51
CA ARG CB 198 -51.53 116.19 10.49
C ARG CB 198 -52.55 116.25 9.36
N THR CB 199 -53.81 116.51 9.67
CA THR CB 199 -54.82 116.61 8.61
C THR CB 199 -54.72 117.94 7.87
N LYS CB 200 -54.27 119.00 8.54
CA LYS CB 200 -54.08 120.28 7.84
C LYS CB 200 -52.93 120.17 6.84
N LYS CB 201 -51.84 119.52 7.24
CA LYS CB 201 -50.68 119.40 6.37
C LYS CB 201 -51.00 118.63 5.10
N ASN CB 202 -51.82 117.59 5.21
CA ASN CB 202 -52.14 116.78 4.04
C ASN CB 202 -52.92 117.58 3.00
N LYS CB 203 -53.88 118.40 3.44
CA LYS CB 203 -54.68 119.17 2.51
C LYS CB 203 -53.84 120.22 1.79
N GLU CB 204 -52.92 120.87 2.51
CA GLU CB 204 -52.13 121.94 1.91
C GLU CB 204 -51.21 121.40 0.81
N GLU CB 205 -50.48 120.32 1.12
CA GLU CB 205 -49.57 119.76 0.13
C GLU CB 205 -50.32 119.19 -1.07
N ALA CB 206 -51.50 118.62 -0.86
CA ALA CB 206 -52.30 118.13 -1.99
C ALA CB 206 -52.71 119.29 -2.89
N ALA CB 207 -53.19 120.38 -2.29
CA ALA CB 207 -53.60 121.53 -3.09
C ALA CB 207 -52.41 122.22 -3.73
N GLU CB 208 -51.31 122.38 -2.99
CA GLU CB 208 -50.12 123.01 -3.54
C GLU CB 208 -49.56 122.20 -4.71
N TYR CB 209 -49.53 120.87 -4.58
CA TYR CB 209 -49.09 120.02 -5.68
C TYR CB 209 -50.08 120.06 -6.84
N ALA CB 210 -51.38 120.17 -6.53
CA ALA CB 210 -52.39 120.07 -7.57
C ALA CB 210 -52.26 121.19 -8.60
N LYS CB 211 -52.03 122.42 -8.15
CA LYS CB 211 -51.88 123.52 -9.09
C LYS CB 211 -50.51 123.50 -9.77
N LEU CB 212 -49.47 123.08 -9.04
CA LEU CB 212 -48.16 122.91 -9.67
C LEU CB 212 -48.21 121.83 -10.73
N LEU CB 213 -48.91 120.72 -10.45
CA LEU CB 213 -49.06 119.67 -11.44
C LEU CB 213 -49.74 120.19 -12.70
N ALA CB 214 -50.75 121.04 -12.53
CA ALA CB 214 -51.41 121.64 -13.69
C ALA CB 214 -50.42 122.45 -14.53
N LYS CB 215 -49.56 123.22 -13.88
CA LYS CB 215 -48.59 124.03 -14.60
C LYS CB 215 -47.60 123.15 -15.38
N ARG CB 216 -47.13 122.06 -14.76
CA ARG CB 216 -46.24 121.15 -15.49
C ARG CB 216 -47.00 120.39 -16.56
N MET CB 217 -48.26 120.03 -16.30
CA MET CB 217 -49.08 119.45 -17.36
C MET CB 217 -49.43 120.48 -18.42
N LYS CB 218 -49.51 121.76 -18.04
CA LYS CB 218 -49.78 122.80 -19.02
C LYS CB 218 -48.65 122.91 -20.04
N GLU CB 219 -47.41 123.04 -19.56
CA GLU CB 219 -46.29 123.22 -20.48
C GLU CB 219 -46.13 122.03 -21.42
N ALA CB 220 -46.49 120.82 -20.97
CA ALA CB 220 -46.46 119.67 -21.86
C ALA CB 220 -47.55 119.77 -22.93
N LYS CB 221 -48.64 120.50 -22.65
CA LYS CB 221 -49.71 120.65 -23.62
C LYS CB 221 -49.24 121.44 -24.84
N GLU CB 222 -48.76 122.67 -24.61
CA GLU CB 222 -48.30 123.48 -25.74
C GLU CB 222 -47.06 122.88 -26.39
N LYS CB 223 -46.19 122.23 -25.61
CA LYS CB 223 -45.03 121.57 -26.20
C LYS CB 223 -45.46 120.53 -27.22
N ARG CB 224 -46.57 119.85 -26.96
CA ARG CB 224 -47.13 118.95 -27.97
C ARG CB 224 -47.77 119.74 -29.11
N GLN CB 225 -48.42 120.86 -28.79
CA GLN CB 225 -49.04 121.67 -29.83
C GLN CB 225 -48.00 122.36 -30.70
N GLU CB 226 -46.90 122.82 -30.09
CA GLU CB 226 -45.89 123.53 -30.86
C GLU CB 226 -45.15 122.61 -31.82
N GLN CB 227 -44.98 121.33 -31.46
CA GLN CB 227 -44.29 120.42 -32.35
C GLN CB 227 -45.18 119.98 -33.51
N ILE CB 228 -46.48 119.78 -33.25
CA ILE CB 228 -47.37 119.38 -34.33
C ILE CB 228 -47.64 120.56 -35.26
N ALA CB 229 -47.74 121.77 -34.70
CA ALA CB 229 -47.98 122.95 -35.52
C ALA CB 229 -46.80 123.22 -36.45
N LYS CB 230 -45.57 123.06 -35.96
CA LYS CB 230 -44.42 123.16 -36.85
C LYS CB 230 -44.31 121.94 -37.75
N ARG CB 231 -44.82 120.79 -37.31
CA ARG CB 231 -44.92 119.65 -38.21
C ARG CB 231 -46.06 119.85 -39.20
N ARG CB 232 -47.10 120.57 -38.81
CA ARG CB 232 -48.04 121.11 -39.80
C ARG CB 232 -47.33 122.08 -40.73
N ARG CB 233 -46.48 122.95 -40.16
CA ARG CB 233 -45.70 123.88 -40.98
C ARG CB 233 -44.73 123.12 -41.89
N LEU CB 234 -44.05 122.10 -41.34
CA LEU CB 234 -43.12 121.33 -42.16
C LEU CB 234 -43.85 120.60 -43.28
N SER CB 235 -45.03 120.03 -42.98
CA SER CB 235 -45.81 119.40 -44.03
C SER CB 235 -46.38 120.43 -45.00
N SER CB 236 -46.68 121.64 -44.52
CA SER CB 236 -47.21 122.67 -45.40
C SER CB 236 -46.13 123.18 -46.36
N LEU CB 237 -44.93 123.43 -45.85
CA LEU CB 237 -43.83 123.89 -46.67
C LEU CB 237 -43.31 122.79 -47.57
N ALA DB 1 -23.50 105.81 -81.55
CA ALA DB 1 -22.47 105.72 -80.51
C ALA DB 1 -22.39 104.31 -79.95
N LYS DB 2 -21.19 103.75 -79.97
CA LYS DB 2 -20.96 102.40 -79.47
C LYS DB 2 -20.50 102.37 -78.02
N ILE DB 3 -20.42 103.52 -77.36
CA ILE DB 3 -20.06 103.55 -75.95
C ILE DB 3 -21.32 103.48 -75.10
N VAL DB 4 -21.31 102.57 -74.13
CA VAL DB 4 -22.41 102.42 -73.18
C VAL DB 4 -21.77 102.46 -71.79
N LYS DB 5 -21.72 103.65 -71.21
CA LYS DB 5 -21.07 103.79 -69.91
C LYS DB 5 -22.04 103.38 -68.81
N PRO DB 6 -21.67 102.45 -67.94
CA PRO DB 6 -22.66 101.81 -67.05
C PRO DB 6 -23.11 102.66 -65.87
N ASN DB 7 -22.41 103.75 -65.54
CA ASN DB 7 -22.77 104.57 -64.41
C ASN DB 7 -23.53 105.84 -64.81
N GLY DB 8 -23.91 105.97 -66.07
CA GLY DB 8 -24.74 107.07 -66.52
C GLY DB 8 -24.13 108.45 -66.46
N GLU DB 9 -22.87 108.59 -66.88
CA GLU DB 9 -22.27 109.90 -67.09
C GLU DB 9 -21.72 109.98 -68.50
N LYS DB 10 -21.67 111.20 -69.04
CA LYS DB 10 -21.39 111.41 -70.45
C LYS DB 10 -19.89 111.39 -70.71
N PRO DB 11 -19.38 110.54 -71.59
CA PRO DB 11 -17.98 110.64 -72.00
C PRO DB 11 -17.73 111.97 -72.71
N ASP DB 12 -16.52 112.49 -72.54
CA ASP DB 12 -16.18 113.78 -73.12
C ASP DB 12 -15.82 113.60 -74.59
N GLU DB 13 -15.22 114.64 -75.19
CA GLU DB 13 -14.86 114.59 -76.60
C GLU DB 13 -13.91 113.45 -76.93
N PHE DB 14 -13.16 112.96 -75.95
CA PHE DB 14 -12.17 111.92 -76.22
C PHE DB 14 -12.85 110.58 -76.46
N GLU DB 15 -13.52 110.02 -75.44
CA GLU DB 15 -14.10 108.69 -75.58
C GLU DB 15 -15.14 108.66 -76.68
N SER DB 16 -15.87 109.77 -76.88
CA SER DB 16 -16.80 109.85 -78.00
C SER DB 16 -16.04 109.75 -79.32
N GLY DB 17 -14.85 110.34 -79.38
CA GLY DB 17 -14.06 110.24 -80.60
C GLY DB 17 -13.78 108.81 -81.01
N ILE DB 18 -13.37 107.98 -80.04
CA ILE DB 18 -13.19 106.56 -80.33
C ILE DB 18 -14.50 105.90 -80.71
N SER DB 19 -15.63 106.41 -80.21
CA SER DB 19 -16.92 105.82 -80.52
C SER DB 19 -17.18 105.83 -82.03
N GLN DB 20 -17.06 107.01 -82.65
CA GLN DB 20 -17.19 107.04 -84.10
C GLN DB 20 -15.98 106.48 -84.82
N ALA DB 21 -14.81 106.45 -84.17
CA ALA DB 21 -13.65 105.78 -84.75
C ALA DB 21 -13.94 104.30 -84.96
N LEU DB 22 -14.55 103.65 -83.97
CA LEU DB 22 -14.99 102.28 -84.15
C LEU DB 22 -16.24 102.20 -85.03
N LEU DB 23 -17.11 103.21 -84.91
CA LEU DB 23 -18.37 103.20 -85.67
C LEU DB 23 -18.09 103.27 -87.17
N GLU DB 24 -17.16 104.13 -87.58
CA GLU DB 24 -16.79 104.16 -89.00
C GLU DB 24 -16.02 102.92 -89.40
N LEU DB 25 -15.22 102.36 -88.49
CA LEU DB 25 -14.46 101.16 -88.81
C LEU DB 25 -15.37 100.00 -89.14
N GLU DB 26 -16.56 99.95 -88.54
CA GLU DB 26 -17.50 98.88 -88.85
C GLU DB 26 -17.98 98.97 -90.29
N MET DB 27 -18.47 100.15 -90.70
CA MET DB 27 -19.18 100.25 -91.98
C MET DB 27 -18.26 100.11 -93.18
N ASN DB 28 -16.96 100.36 -93.03
CA ASN DB 28 -16.05 100.36 -94.17
C ASN DB 28 -15.25 99.07 -94.32
N SER DB 29 -15.07 98.32 -93.24
CA SER DB 29 -14.27 97.11 -93.23
C SER DB 29 -15.18 95.89 -93.17
N ASP DB 30 -14.56 94.71 -93.16
CA ASP DB 30 -15.28 93.44 -93.03
C ASP DB 30 -15.73 93.17 -91.60
N LEU DB 31 -15.69 94.19 -90.73
CA LEU DB 31 -16.13 94.10 -89.35
C LEU DB 31 -17.63 94.36 -89.20
N LYS DB 32 -18.40 94.20 -90.28
CA LYS DB 32 -19.82 94.52 -90.26
C LYS DB 32 -20.58 93.65 -89.26
N ALA DB 33 -20.43 92.33 -89.37
CA ALA DB 33 -21.24 91.43 -88.56
C ALA DB 33 -20.76 91.37 -87.12
N GLN DB 34 -19.45 91.47 -86.90
CA GLN DB 34 -18.89 91.24 -85.58
C GLN DB 34 -19.19 92.39 -84.63
N LEU DB 35 -18.75 93.61 -84.99
CA LEU DB 35 -18.79 94.73 -84.04
C LEU DB 35 -20.19 95.24 -83.77
N ARG DB 36 -21.20 94.84 -84.55
CA ARG DB 36 -22.53 95.39 -84.35
C ARG DB 36 -23.07 95.06 -82.97
N GLU DB 37 -22.75 93.86 -82.46
CA GLU DB 37 -23.14 93.51 -81.11
C GLU DB 37 -22.14 94.01 -80.07
N LEU DB 38 -20.89 94.21 -80.47
CA LEU DB 38 -19.84 94.53 -79.52
C LEU DB 38 -20.04 95.93 -78.94
N ASN DB 39 -19.21 96.27 -77.96
CA ASN DB 39 -19.50 97.43 -77.13
C ASN DB 39 -18.20 97.93 -76.50
N ILE DB 40 -18.22 99.20 -76.08
CA ILE DB 40 -17.10 99.83 -75.39
C ILE DB 40 -17.66 100.55 -74.17
N THR DB 41 -17.00 100.37 -73.01
CA THR DB 41 -17.49 101.01 -71.79
C THR DB 41 -16.73 102.28 -71.44
N ALA DB 42 -15.45 102.39 -71.81
CA ALA DB 42 -14.68 103.59 -71.53
C ALA DB 42 -13.40 103.55 -72.34
N ALA DB 43 -12.71 104.70 -72.36
CA ALA DB 43 -11.41 104.82 -73.00
C ALA DB 43 -10.63 105.92 -72.27
N LYS DB 44 -9.32 105.91 -72.43
CA LYS DB 44 -8.50 106.86 -71.69
C LYS DB 44 -7.16 107.03 -72.39
N GLU DB 45 -6.51 108.15 -72.11
CA GLU DB 45 -5.18 108.46 -72.61
C GLU DB 45 -4.24 108.67 -71.43
N ILE DB 46 -3.00 108.19 -71.58
CA ILE DB 46 -2.05 108.12 -70.48
C ILE DB 46 -0.72 108.67 -70.93
N GLU DB 47 -0.03 109.37 -70.02
CA GLU DB 47 1.34 109.81 -70.25
C GLU DB 47 2.30 108.72 -69.81
N VAL DB 48 3.23 108.37 -70.69
CA VAL DB 48 4.21 107.32 -70.41
C VAL DB 48 5.60 107.89 -70.66
N GLY DB 49 6.62 107.05 -70.55
CA GLY DB 49 8.01 107.44 -70.75
C GLY DB 49 8.23 108.34 -71.94
N GLY DB 50 8.95 109.45 -71.72
CA GLY DB 50 9.09 110.47 -72.74
C GLY DB 50 7.83 111.32 -72.85
N GLY DB 51 7.77 112.09 -73.93
CA GLY DB 51 6.57 112.85 -74.24
C GLY DB 51 5.65 112.13 -75.21
N ARG DB 52 5.15 110.97 -74.80
CA ARG DB 52 4.47 110.06 -75.72
C ARG DB 52 3.14 109.59 -75.11
N LYS DB 53 2.19 109.30 -75.98
CA LYS DB 53 0.81 108.98 -75.59
C LYS DB 53 0.53 107.49 -75.67
N ALA DB 54 -0.49 107.07 -74.93
CA ALA DB 54 -0.98 105.70 -74.97
C ALA DB 54 -2.48 105.71 -74.69
N ILE DB 55 -3.20 104.84 -75.39
CA ILE DB 55 -4.65 104.77 -75.31
C ILE DB 55 -5.05 103.40 -74.78
N ILE DB 56 -5.83 103.40 -73.70
CA ILE DB 56 -6.39 102.18 -73.14
C ILE DB 56 -7.89 102.21 -73.34
N ILE DB 57 -8.46 101.08 -73.73
CA ILE DB 57 -9.89 100.98 -74.00
C ILE DB 57 -10.46 99.88 -73.12
N PHE DB 58 -11.37 100.26 -72.22
CA PHE DB 58 -12.00 99.31 -71.31
C PHE DB 58 -13.12 98.57 -72.05
N VAL DB 59 -13.32 97.31 -71.70
CA VAL DB 59 -14.23 96.44 -72.44
C VAL DB 59 -15.12 95.69 -71.44
N PRO DB 60 -16.38 95.42 -71.77
CA PRO DB 60 -17.18 94.54 -70.92
C PRO DB 60 -16.58 93.15 -70.83
N VAL DB 61 -16.59 92.59 -69.62
CA VAL DB 61 -16.00 91.27 -69.41
C VAL DB 61 -16.67 90.19 -70.25
N PRO DB 62 -18.00 90.11 -70.33
CA PRO DB 62 -18.60 89.11 -71.23
C PRO DB 62 -18.16 89.28 -72.67
N GLN DB 63 -17.94 90.51 -73.11
CA GLN DB 63 -17.58 90.78 -74.49
C GLN DB 63 -16.08 90.78 -74.73
N LEU DB 64 -15.28 90.52 -73.70
CA LEU DB 64 -13.83 90.59 -73.83
C LEU DB 64 -13.32 89.55 -74.82
N LYS DB 65 -13.79 88.30 -74.71
CA LYS DB 65 -13.27 87.25 -75.57
C LYS DB 65 -13.59 87.52 -77.04
N SER DB 66 -14.62 88.31 -77.32
CA SER DB 66 -14.94 88.64 -78.70
C SER DB 66 -13.88 89.55 -79.32
N PHE DB 67 -13.42 90.55 -78.57
CA PHE DB 67 -12.32 91.39 -79.04
C PHE DB 67 -11.04 90.59 -79.23
N GLN DB 68 -10.74 89.68 -78.30
CA GLN DB 68 -9.51 88.91 -78.41
C GLN DB 68 -9.43 88.17 -79.73
N LYS DB 69 -10.57 87.75 -80.27
CA LYS DB 69 -10.55 87.05 -81.55
C LYS DB 69 -10.09 87.96 -82.68
N ILE DB 70 -10.32 89.26 -82.57
CA ILE DB 70 -10.02 90.19 -83.66
C ILE DB 70 -9.18 91.37 -83.18
N GLN DB 71 -8.62 91.25 -81.97
CA GLN DB 71 -7.84 92.36 -81.42
C GLN DB 71 -6.62 92.70 -82.27
N VAL DB 72 -5.86 91.68 -82.69
CA VAL DB 72 -4.60 91.96 -83.38
C VAL DB 72 -4.85 92.73 -84.67
N ARG DB 73 -5.93 92.40 -85.38
CA ARG DB 73 -6.27 93.13 -86.59
C ARG DB 73 -6.92 94.46 -86.27
N LEU DB 74 -7.90 94.47 -85.36
CA LEU DB 74 -8.65 95.69 -85.09
C LEU DB 74 -7.76 96.79 -84.54
N VAL DB 75 -6.70 96.43 -83.82
CA VAL DB 75 -5.75 97.44 -83.34
C VAL DB 75 -5.09 98.14 -84.53
N ARG DB 76 -4.79 97.39 -85.60
CA ARG DB 76 -4.02 97.93 -86.71
C ARG DB 76 -4.72 99.12 -87.36
N GLU DB 77 -6.04 99.03 -87.59
CA GLU DB 77 -6.75 100.17 -88.16
C GLU DB 77 -6.78 101.34 -87.20
N LEU DB 78 -6.83 101.06 -85.89
CA LEU DB 78 -6.65 102.13 -84.91
C LEU DB 78 -5.22 102.63 -84.86
N GLU DB 79 -4.25 101.81 -85.28
CA GLU DB 79 -2.86 102.26 -85.32
C GLU DB 79 -2.63 103.22 -86.48
N LYS DB 80 -3.25 102.96 -87.64
CA LYS DB 80 -3.08 103.88 -88.76
C LYS DB 80 -3.85 105.17 -88.56
N LYS DB 81 -5.00 105.11 -87.88
CA LYS DB 81 -5.80 106.31 -87.69
C LYS DB 81 -5.22 107.18 -86.57
N PHE DB 82 -4.89 106.56 -85.43
CA PHE DB 82 -4.13 107.22 -84.38
C PHE DB 82 -2.65 106.94 -84.63
N SER DB 83 -1.95 107.92 -85.20
CA SER DB 83 -0.60 107.68 -85.70
C SER DB 83 0.38 107.38 -84.57
N GLY DB 84 0.59 108.34 -83.68
CA GLY DB 84 1.57 108.17 -82.62
C GLY DB 84 0.99 107.53 -81.37
N LYS DB 85 0.29 106.41 -81.54
CA LYS DB 85 -0.42 105.79 -80.44
C LYS DB 85 -0.20 104.29 -80.49
N HIS DB 86 -0.28 103.67 -79.31
CA HIS DB 86 -0.55 102.24 -79.16
C HIS DB 86 -1.81 102.07 -78.33
N VAL DB 87 -2.69 101.18 -78.77
CA VAL DB 87 -3.97 100.96 -78.11
C VAL DB 87 -3.99 99.53 -77.56
N VAL DB 88 -4.54 99.40 -76.35
CA VAL DB 88 -4.70 98.11 -75.69
C VAL DB 88 -6.13 97.99 -75.21
N PHE DB 89 -6.69 96.79 -75.29
CA PHE DB 89 -8.04 96.51 -74.81
C PHE DB 89 -7.93 95.72 -73.51
N ILE DB 90 -8.65 96.15 -72.48
CA ILE DB 90 -8.72 95.43 -71.22
C ILE DB 90 -10.18 95.30 -70.83
N ALA DB 91 -10.46 94.34 -69.96
CA ALA DB 91 -11.81 94.10 -69.49
C ALA DB 91 -12.16 95.02 -68.32
N GLN DB 92 -13.42 95.43 -68.27
CA GLN DB 92 -13.92 96.25 -67.17
C GLN DB 92 -14.30 95.32 -66.02
N ARG DB 93 -13.38 95.16 -65.07
CA ARG DB 93 -13.57 94.26 -63.96
C ARG DB 93 -13.76 95.04 -62.67
N ARG DB 94 -14.55 94.48 -61.77
CA ARG DB 94 -14.90 95.12 -60.51
C ARG DB 94 -14.09 94.53 -59.37
N ILE DB 95 -13.74 95.38 -58.41
CA ILE DB 95 -12.97 94.99 -57.24
C ILE DB 95 -13.85 95.21 -56.02
N LEU DB 96 -14.11 94.16 -55.30
CA LEU DB 96 -14.91 94.42 -54.13
C LEU DB 96 -14.02 94.50 -52.89
N PRO DB 97 -14.34 95.36 -51.93
CA PRO DB 97 -13.50 95.50 -50.75
C PRO DB 97 -13.50 94.23 -49.90
N LYS DB 98 -12.37 93.97 -49.27
CA LYS DB 98 -12.26 92.82 -48.39
C LYS DB 98 -13.17 93.03 -47.19
N PRO DB 99 -14.07 92.10 -46.90
CA PRO DB 99 -15.04 92.32 -45.81
C PRO DB 99 -14.38 92.35 -44.44
N THR DB 100 -14.41 93.50 -43.79
CA THR DB 100 -13.88 93.62 -42.44
C THR DB 100 -14.99 93.39 -41.42
N ARG DB 101 -14.60 93.33 -40.15
CA ARG DB 101 -15.52 93.06 -39.07
C ARG DB 101 -16.23 94.31 -38.54
N LYS DB 102 -15.95 95.48 -39.12
CA LYS DB 102 -16.75 96.65 -38.82
C LYS DB 102 -18.04 96.68 -39.63
N SER DB 103 -18.04 96.06 -40.81
CA SER DB 103 -19.22 96.02 -41.66
C SER DB 103 -20.12 94.85 -41.29
N LYS DB 108 -25.43 90.39 -47.84
CA LYS DB 108 -24.20 90.39 -48.63
C LYS DB 108 -23.71 88.96 -48.83
N GLN DB 109 -23.55 88.55 -50.08
CA GLN DB 109 -23.06 87.21 -50.35
C GLN DB 109 -21.55 87.12 -50.14
N LYS DB 110 -21.07 85.89 -50.17
CA LYS DB 110 -19.64 85.64 -50.22
C LYS DB 110 -19.04 86.33 -51.44
N ARG DB 111 -17.90 86.96 -51.25
CA ARG DB 111 -17.22 87.67 -52.32
C ARG DB 111 -16.50 86.67 -53.21
N PRO DB 112 -16.92 86.50 -54.46
CA PRO DB 112 -16.22 85.57 -55.35
C PRO DB 112 -14.80 86.04 -55.58
N ARG DB 113 -13.89 85.08 -55.68
CA ARG DB 113 -12.47 85.43 -55.75
C ARG DB 113 -12.09 86.03 -57.09
N SER DB 114 -12.97 85.93 -58.09
CA SER DB 114 -12.75 86.70 -59.31
C SER DB 114 -12.87 88.19 -59.05
N ARG DB 115 -13.48 88.59 -57.95
CA ARG DB 115 -13.62 89.99 -57.57
C ARG DB 115 -12.57 90.43 -56.56
N THR DB 116 -11.58 89.59 -56.26
CA THR DB 116 -10.54 89.98 -55.33
C THR DB 116 -9.53 90.89 -56.01
N LEU DB 117 -8.73 91.58 -55.19
CA LEU DB 117 -7.74 92.50 -55.73
C LEU DB 117 -6.62 91.75 -56.45
N THR DB 118 -6.13 90.67 -55.86
CA THR DB 118 -5.03 89.93 -56.47
C THR DB 118 -5.46 89.27 -57.77
N ALA DB 119 -6.67 88.73 -57.82
CA ALA DB 119 -7.12 87.99 -59.00
C ALA DB 119 -7.55 88.90 -60.15
N VAL DB 120 -7.71 90.19 -59.90
CA VAL DB 120 -8.01 91.11 -61.00
C VAL DB 120 -6.73 91.73 -61.57
N HIS DB 121 -5.67 91.81 -60.78
CA HIS DB 121 -4.41 92.35 -61.28
C HIS DB 121 -3.80 91.45 -62.34
N ASP DB 122 -3.84 90.13 -62.12
CA ASP DB 122 -3.29 89.20 -63.11
C ASP DB 122 -4.22 88.96 -64.28
N ALA DB 123 -5.51 89.31 -64.15
CA ALA DB 123 -6.38 89.32 -65.33
C ALA DB 123 -6.10 90.54 -66.20
N ILE DB 124 -5.82 91.68 -65.57
CA ILE DB 124 -5.37 92.84 -66.32
C ILE DB 124 -4.03 92.53 -67.00
N LEU DB 125 -3.12 91.91 -66.26
CA LEU DB 125 -1.81 91.57 -66.82
C LEU DB 125 -1.95 90.59 -67.97
N GLU DB 126 -2.80 89.58 -67.83
CA GLU DB 126 -2.91 88.55 -68.85
C GLU DB 126 -3.53 89.10 -70.13
N ASP DB 127 -4.46 90.03 -70.02
CA ASP DB 127 -5.16 90.56 -71.19
C ASP DB 127 -4.56 91.87 -71.69
N LEU DB 128 -3.69 92.52 -70.91
CA LEU DB 128 -2.94 93.66 -71.43
C LEU DB 128 -1.97 93.20 -72.51
N VAL DB 129 -1.17 92.17 -72.22
CA VAL DB 129 -0.27 91.58 -73.20
C VAL DB 129 -1.06 90.45 -73.86
N PHE DB 130 -1.86 90.82 -74.85
CA PHE DB 130 -2.72 89.78 -75.41
C PHE DB 130 -2.01 88.85 -76.37
N PRO DB 131 -1.41 89.36 -77.46
CA PRO DB 131 -0.97 88.43 -78.52
C PRO DB 131 0.03 87.40 -78.04
N SER DB 132 0.84 87.73 -77.04
CA SER DB 132 1.79 86.80 -76.44
C SER DB 132 1.33 86.49 -75.02
N GLU DB 133 1.24 85.19 -74.70
CA GLU DB 133 0.77 84.77 -73.39
C GLU DB 133 1.93 84.80 -72.38
N ILE DB 134 1.55 84.91 -71.10
CA ILE DB 134 2.54 84.85 -70.02
C ILE DB 134 3.12 83.46 -69.97
N VAL DB 135 4.43 83.36 -69.72
CA VAL DB 135 5.06 82.05 -69.59
C VAL DB 135 5.85 81.97 -68.29
N GLY DB 136 5.66 82.95 -67.41
CA GLY DB 136 6.33 82.92 -66.13
C GLY DB 136 6.38 84.28 -65.46
N LYS DB 137 6.31 84.29 -64.14
CA LYS DB 137 6.30 85.51 -63.36
C LYS DB 137 7.27 85.37 -62.19
N ARG DB 138 8.22 86.31 -62.10
CA ARG DB 138 9.13 86.41 -60.96
C ARG DB 138 8.96 87.77 -60.30
N ILE DB 139 9.16 87.80 -58.98
CA ILE DB 139 8.95 89.00 -58.19
C ILE DB 139 10.22 89.29 -57.39
N ARG DB 140 10.69 90.53 -57.47
CA ARG DB 140 11.95 90.97 -56.89
C ARG DB 140 11.64 91.84 -55.68
N VAL DB 141 11.99 91.38 -54.49
CA VAL DB 141 11.88 92.19 -53.28
C VAL DB 141 13.25 92.77 -53.02
N LYS DB 142 13.35 94.08 -53.09
CA LYS DB 142 14.63 94.78 -52.99
C LYS DB 142 14.87 95.21 -51.55
N LEU DB 143 16.07 95.75 -51.32
CA LEU DB 143 16.49 96.11 -49.97
C LEU DB 143 15.60 97.16 -49.34
N ASP DB 144 14.91 97.96 -50.15
CA ASP DB 144 14.03 99.00 -49.64
C ASP DB 144 12.62 98.49 -49.35
N GLY DB 145 12.34 97.22 -49.61
CA GLY DB 145 11.04 96.64 -49.35
C GLY DB 145 10.07 96.71 -50.50
N SER DB 146 10.36 97.51 -51.52
CA SER DB 146 9.50 97.58 -52.69
C SER DB 146 9.66 96.33 -53.53
N ARG DB 147 8.66 96.07 -54.36
CA ARG DB 147 8.66 94.88 -55.21
C ARG DB 147 8.92 95.28 -56.66
N LEU DB 148 9.14 94.27 -57.50
CA LEU DB 148 9.33 94.49 -58.93
C LEU DB 148 8.92 93.20 -59.65
N ILE DB 149 7.73 93.21 -60.24
CA ILE DB 149 7.27 92.06 -61.00
C ILE DB 149 8.02 92.00 -62.32
N LYS DB 150 8.59 90.84 -62.63
CA LYS DB 150 9.11 90.57 -63.96
C LYS DB 150 8.21 89.56 -64.66
N VAL DB 151 7.82 89.89 -65.89
CA VAL DB 151 6.90 89.08 -66.68
C VAL DB 151 7.68 88.49 -67.84
N HIS DB 152 7.67 87.16 -67.96
CA HIS DB 152 8.32 86.48 -69.05
C HIS DB 152 7.30 86.16 -70.13
N LEU DB 153 7.69 86.36 -71.39
CA LEU DB 153 6.81 86.19 -72.53
C LEU DB 153 7.44 85.23 -73.52
N ASP DB 154 6.60 84.53 -74.27
CA ASP DB 154 7.09 83.49 -75.16
C ASP DB 154 7.65 84.08 -76.46
N LYS DB 155 8.55 83.30 -77.08
CA LYS DB 155 9.16 83.72 -78.34
C LYS DB 155 8.13 83.76 -79.46
N ALA DB 156 7.16 82.86 -79.44
CA ALA DB 156 6.10 82.91 -80.44
C ALA DB 156 5.36 84.23 -80.31
N GLN DB 157 5.14 84.90 -81.44
CA GLN DB 157 4.50 86.22 -81.48
C GLN DB 157 5.33 87.23 -80.68
N GLN DB 158 6.57 87.42 -81.13
CA GLN DB 158 7.55 88.24 -80.41
C GLN DB 158 7.71 89.62 -81.02
N ASN DB 159 8.04 89.70 -82.31
CA ASN DB 159 8.43 90.97 -82.92
C ASN DB 159 7.31 92.01 -82.84
N ASN DB 160 6.06 91.56 -82.72
CA ASN DB 160 4.94 92.47 -82.64
C ASN DB 160 4.77 93.10 -81.26
N VAL DB 161 5.53 92.67 -80.26
CA VAL DB 161 5.32 93.16 -78.89
C VAL DB 161 6.62 93.62 -78.26
N GLU DB 162 7.72 93.62 -79.01
CA GLU DB 162 8.97 94.20 -78.51
C GLU DB 162 8.81 95.68 -78.16
N HIS DB 163 8.29 96.46 -79.10
CA HIS DB 163 8.24 97.90 -78.95
C HIS DB 163 7.22 98.37 -77.93
N LYS DB 164 6.34 97.49 -77.46
CA LYS DB 164 5.25 97.87 -76.58
C LYS DB 164 5.57 97.69 -75.10
N VAL DB 165 6.77 97.23 -74.77
CA VAL DB 165 7.09 96.90 -73.38
C VAL DB 165 7.08 98.14 -72.51
N GLU DB 166 7.57 99.27 -73.02
CA GLU DB 166 7.53 100.50 -72.24
C GLU DB 166 6.10 101.01 -72.10
N THR DB 167 5.27 100.80 -73.12
CA THR DB 167 3.85 101.14 -73.00
C THR DB 167 3.19 100.26 -71.94
N PHE DB 168 3.50 98.96 -71.95
CA PHE DB 168 2.90 98.03 -71.01
C PHE DB 168 3.24 98.38 -69.57
N SER DB 169 4.51 98.74 -69.32
CA SER DB 169 4.92 99.13 -67.97
C SER DB 169 4.18 100.38 -67.52
N GLY DB 170 4.03 101.35 -68.43
CA GLY DB 170 3.30 102.56 -68.07
C GLY DB 170 1.83 102.32 -67.81
N VAL DB 171 1.20 101.48 -68.64
CA VAL DB 171 -0.23 101.20 -68.48
C VAL DB 171 -0.48 100.48 -67.15
N TYR DB 172 0.34 99.47 -66.84
CA TYR DB 172 0.13 98.71 -65.62
C TYR DB 172 0.35 99.56 -64.38
N LYS DB 173 1.33 100.47 -64.42
CA LYS DB 173 1.53 101.40 -63.31
C LYS DB 173 0.36 102.36 -63.19
N LYS DB 174 -0.27 102.70 -64.31
CA LYS DB 174 -1.42 103.61 -64.28
C LYS DB 174 -2.67 102.91 -63.78
N LEU DB 175 -2.84 101.63 -64.11
CA LEU DB 175 -4.04 100.91 -63.71
C LEU DB 175 -3.95 100.39 -62.29
N THR DB 176 -2.90 99.62 -61.99
CA THR DB 176 -2.75 98.99 -60.69
C THR DB 176 -1.89 99.81 -59.75
N GLY DB 177 -0.70 100.19 -60.19
CA GLY DB 177 0.27 100.87 -59.36
C GLY DB 177 1.51 100.06 -59.06
N LYS DB 178 1.80 99.03 -59.84
CA LYS DB 178 2.92 98.13 -59.59
C LYS DB 178 3.95 98.27 -60.70
N ASP DB 179 5.23 98.20 -60.33
CA ASP DB 179 6.31 98.31 -61.30
C ASP DB 179 6.56 96.95 -61.95
N VAL DB 180 6.59 96.92 -63.28
CA VAL DB 180 6.73 95.67 -64.03
C VAL DB 180 7.71 95.88 -65.17
N ASN DB 181 8.59 94.90 -65.37
CA ASN DB 181 9.44 94.82 -66.54
C ASN DB 181 9.16 93.52 -67.28
N PHE DB 182 9.29 93.56 -68.60
CA PHE DB 182 9.03 92.41 -69.44
C PHE DB 182 10.31 91.97 -70.13
N GLU DB 183 10.47 90.66 -70.29
CA GLU DB 183 11.61 90.11 -71.01
C GLU DB 183 11.17 88.86 -71.74
N PHE DB 184 11.97 88.49 -72.74
CA PHE DB 184 11.71 87.31 -73.56
C PHE DB 184 12.80 86.28 -73.31
N PRO DB 185 12.53 85.24 -72.51
CA PRO DB 185 13.58 84.25 -72.24
C PRO DB 185 13.84 83.37 -73.45
N GLU DB 186 15.12 83.13 -73.71
CA GLU DB 186 15.57 82.22 -74.76
C GLU DB 186 15.50 80.76 -74.33
N PHE DB 187 14.89 80.47 -73.18
CA PHE DB 187 14.99 79.15 -72.57
C PHE DB 187 14.16 78.10 -73.28
N GLN DB 188 12.84 78.26 -73.28
CA GLN DB 188 11.95 77.20 -73.73
C GLN DB 188 11.06 77.63 -74.90
N LEU DB 189 10.31 78.71 -74.74
CA LEU DB 189 9.37 79.13 -75.77
C LEU DB 189 9.02 80.60 -75.59
N GLY EB 1 -36.87 68.15 12.52
CA GLY EB 1 -38.02 67.37 12.11
C GLY EB 1 -38.11 67.22 10.61
N ILE EB 2 -39.16 67.79 10.03
CA ILE EB 2 -39.35 67.78 8.59
C ILE EB 2 -38.42 68.82 7.96
N SER EB 3 -37.77 68.44 6.87
CA SER EB 3 -36.81 69.32 6.21
C SER EB 3 -37.18 69.52 4.75
N ARG EB 4 -37.06 70.76 4.30
CA ARG EB 4 -37.11 71.10 2.88
C ARG EB 4 -35.70 71.55 2.51
N ASP EB 5 -34.85 70.59 2.16
CA ASP EB 5 -33.45 70.88 1.90
C ASP EB 5 -32.97 70.05 0.72
N ASN EB 6 -31.91 70.55 0.08
CA ASN EB 6 -31.39 69.92 -1.12
C ASN EB 6 -30.16 69.06 -0.85
N TRP EB 7 -29.56 69.16 0.33
CA TRP EB 7 -28.31 68.47 0.60
C TRP EB 7 -28.52 67.02 1.01
N HIS EB 8 -29.76 66.56 1.15
CA HIS EB 8 -30.03 65.20 1.59
C HIS EB 8 -30.31 64.26 0.45
N LYS EB 9 -30.16 64.71 -0.79
CA LYS EB 9 -30.47 63.88 -1.94
C LYS EB 9 -29.35 63.95 -2.97
N ARG EB 10 -29.47 63.12 -4.00
CA ARG EB 10 -28.35 62.80 -4.87
C ARG EB 10 -28.02 63.96 -5.80
N ARG EB 11 -26.76 64.02 -6.21
CA ARG EB 11 -26.32 65.03 -7.16
C ARG EB 11 -26.86 64.72 -8.56
N LYS EB 12 -26.59 65.65 -9.49
CA LYS EB 12 -27.04 65.47 -10.87
C LYS EB 12 -26.45 64.22 -11.49
N THR EB 13 -25.16 63.99 -11.27
CA THR EB 13 -24.51 62.79 -11.81
C THR EB 13 -25.08 61.52 -11.21
N GLY EB 14 -25.58 61.59 -9.98
CA GLY EB 14 -26.04 60.42 -9.28
C GLY EB 14 -25.20 60.00 -8.10
N GLY EB 15 -24.23 60.82 -7.68
CA GLY EB 15 -23.39 60.49 -6.56
C GLY EB 15 -23.99 60.93 -5.23
N LYS EB 16 -23.67 60.17 -4.19
CA LYS EB 16 -24.19 60.47 -2.86
C LYS EB 16 -23.48 61.68 -2.28
N ARG EB 17 -24.27 62.60 -1.71
CA ARG EB 17 -23.74 63.82 -1.12
C ARG EB 17 -23.68 63.66 0.39
N LYS EB 18 -22.52 63.97 0.97
CA LYS EB 18 -22.33 63.85 2.41
C LYS EB 18 -22.53 65.20 3.07
N PRO EB 19 -23.45 65.32 4.04
CA PRO EB 19 -23.74 66.64 4.61
C PRO EB 19 -22.58 67.20 5.40
N TYR EB 20 -22.50 68.53 5.45
CA TYR EB 20 -21.48 69.21 6.22
C TYR EB 20 -22.04 69.98 7.41
N HIS EB 21 -23.35 70.16 7.50
CA HIS EB 21 -23.96 70.77 8.68
C HIS EB 21 -25.27 70.04 8.98
N LYS EB 22 -25.64 70.03 10.27
CA LYS EB 22 -26.87 69.39 10.70
C LYS EB 22 -28.07 70.20 10.25
N LYS EB 23 -29.27 69.71 10.58
CA LYS EB 23 -30.50 70.36 10.15
C LYS EB 23 -30.60 71.76 10.74
N ARG EB 24 -31.00 72.71 9.92
CA ARG EB 24 -31.13 74.10 10.31
C ARG EB 24 -32.59 74.45 10.61
N LYS EB 25 -32.77 75.54 11.33
CA LYS EB 25 -34.12 75.96 11.70
C LYS EB 25 -34.91 76.46 10.49
N TYR EB 26 -34.27 77.24 9.63
CA TYR EB 26 -35.00 77.82 8.50
C TYR EB 26 -35.37 76.78 7.45
N GLU EB 27 -34.76 75.60 7.48
CA GLU EB 27 -35.09 74.52 6.56
C GLU EB 27 -36.14 73.57 7.13
N LEU EB 28 -37.27 74.09 7.56
CA LEU EB 28 -38.23 73.27 8.29
C LEU EB 28 -39.49 73.06 7.46
N GLY EB 29 -40.17 71.95 7.73
CA GLY EB 29 -41.51 71.71 7.24
C GLY EB 29 -42.45 71.47 8.41
N ARG EB 30 -43.74 71.56 8.12
CA ARG EB 30 -44.79 71.35 9.10
C ARG EB 30 -45.82 70.39 8.53
N PRO EB 31 -46.58 69.70 9.38
CA PRO EB 31 -47.56 68.74 8.89
C PRO EB 31 -48.66 69.40 8.06
N ALA EB 32 -49.16 68.65 7.09
CA ALA EB 32 -50.17 69.17 6.18
C ALA EB 32 -51.47 69.48 6.92
N ALA EB 33 -52.17 70.52 6.44
CA ALA EB 33 -53.41 70.93 7.09
C ALA EB 33 -54.52 69.92 6.86
N ASN EB 34 -54.70 69.49 5.62
CA ASN EB 34 -55.75 68.53 5.24
C ASN EB 34 -57.14 69.06 5.64
N THR EB 35 -57.50 70.17 5.00
CA THR EB 35 -58.73 70.88 5.33
C THR EB 35 -59.96 70.07 4.93
N LYS EB 36 -60.79 69.71 5.91
CA LYS EB 36 -62.02 68.99 5.63
C LYS EB 36 -63.19 69.98 5.51
N ILE EB 37 -64.37 69.44 5.22
CA ILE EB 37 -65.60 70.24 5.12
C ILE EB 37 -66.39 70.04 6.40
N GLY EB 38 -66.67 71.13 7.10
CA GLY EB 38 -67.39 71.08 8.35
C GLY EB 38 -67.43 72.41 9.05
N PRO EB 39 -67.87 72.43 10.30
CA PRO EB 39 -67.92 73.69 11.05
C PRO EB 39 -66.53 74.31 11.18
N ARG EB 40 -66.49 75.64 11.14
CA ARG EB 40 -65.25 76.36 10.92
C ARG EB 40 -64.28 76.20 12.08
N ARG EB 41 -63.03 75.83 11.77
CA ARG EB 41 -61.97 75.68 12.76
C ARG EB 41 -60.66 76.06 12.11
N ILE EB 42 -60.04 77.15 12.58
CA ILE EB 42 -58.72 77.58 12.14
C ILE EB 42 -57.81 77.68 13.35
N HIS EB 43 -56.62 77.09 13.26
CA HIS EB 43 -55.55 77.33 14.19
C HIS EB 43 -54.50 78.21 13.51
N THR EB 44 -53.88 79.09 14.29
CA THR EB 44 -52.84 79.98 13.79
C THR EB 44 -51.47 79.41 14.11
N VAL EB 45 -50.54 79.63 13.19
CA VAL EB 45 -49.16 79.16 13.33
C VAL EB 45 -48.23 80.36 13.23
N ARG EB 46 -47.37 80.51 14.22
CA ARG EB 46 -46.38 81.57 14.22
C ARG EB 46 -45.21 81.15 13.34
N VAL EB 47 -44.91 81.93 12.32
CA VAL EB 47 -43.95 81.52 11.30
C VAL EB 47 -42.73 82.44 11.32
N ARG EB 48 -41.79 82.17 10.42
CA ARG EB 48 -40.53 82.90 10.41
C ARG EB 48 -40.76 84.40 10.20
N GLY EB 49 -40.04 85.21 10.96
CA GLY EB 49 -40.23 86.64 10.95
C GLY EB 49 -41.29 87.14 11.91
N GLY EB 50 -41.96 86.24 12.63
CA GLY EB 50 -43.00 86.64 13.55
C GLY EB 50 -44.37 86.82 12.92
N ASN EB 51 -44.55 86.44 11.67
CA ASN EB 51 -45.82 86.61 10.98
C ASN EB 51 -46.77 85.50 11.41
N LYS EB 52 -47.92 85.40 10.73
CA LYS EB 52 -48.94 84.41 11.05
C LYS EB 52 -49.40 83.71 9.78
N LYS EB 53 -49.72 82.43 9.92
CA LYS EB 53 -50.41 81.67 8.89
C LYS EB 53 -51.59 80.96 9.54
N TYR EB 54 -52.65 80.76 8.78
CA TYR EB 54 -53.91 80.27 9.30
C TYR EB 54 -54.18 78.88 8.75
N ARG EB 55 -54.11 77.88 9.61
CA ARG EB 55 -54.43 76.50 9.23
C ARG EB 55 -55.93 76.32 9.28
N ALA EB 56 -56.56 76.25 8.11
CA ALA EB 56 -57.97 75.90 8.04
C ALA EB 56 -58.09 74.38 8.12
N LEU EB 57 -58.63 73.88 9.23
CA LEU EB 57 -58.76 72.45 9.44
C LEU EB 57 -60.13 71.93 9.02
N ARG EB 58 -61.20 72.58 9.47
CA ARG EB 58 -62.54 72.34 8.94
C ARG EB 58 -63.11 73.68 8.48
N LEU EB 59 -63.67 73.68 7.28
CA LEU EB 59 -64.07 74.93 6.64
C LEU EB 59 -65.28 74.66 5.77
N ASP EB 60 -66.35 75.42 5.99
CA ASP EB 60 -67.63 75.14 5.34
C ASP EB 60 -68.10 76.21 4.36
N VAL EB 61 -67.75 77.46 4.57
CA VAL EB 61 -68.20 78.53 3.69
C VAL EB 61 -67.01 79.16 2.98
N GLY EB 62 -67.31 79.87 1.90
CA GLY EB 62 -66.31 80.56 1.12
C GLY EB 62 -66.96 81.31 -0.02
N ASN EB 63 -66.45 82.48 -0.37
CA ASN EB 63 -67.07 83.32 -1.38
C ASN EB 63 -66.45 83.06 -2.74
N PHE EB 64 -67.31 82.88 -3.74
CA PHE EB 64 -66.90 82.56 -5.10
C PHE EB 64 -67.41 83.63 -6.05
N SER EB 65 -66.67 83.86 -7.12
CA SER EB 65 -66.96 84.93 -8.06
C SER EB 65 -67.52 84.34 -9.35
N TRP EB 66 -68.65 84.89 -9.80
CA TRP EB 66 -69.20 84.56 -11.11
C TRP EB 66 -68.59 85.52 -12.11
N GLY EB 67 -67.62 85.04 -12.88
CA GLY EB 67 -66.82 85.93 -13.70
C GLY EB 67 -67.61 86.59 -14.82
N SER EB 68 -68.54 85.85 -15.42
CA SER EB 68 -69.29 86.38 -16.56
C SER EB 68 -70.17 87.56 -16.20
N GLU EB 69 -70.53 87.72 -14.93
CA GLU EB 69 -71.31 88.87 -14.49
C GLU EB 69 -70.66 89.66 -13.37
N CYS EB 70 -69.49 89.26 -12.89
CA CYS EB 70 -68.79 89.92 -11.80
C CYS EB 70 -69.69 90.04 -10.57
N CYS EB 71 -70.10 88.88 -10.07
CA CYS EB 71 -70.96 88.77 -8.90
C CYS EB 71 -70.27 87.82 -7.91
N THR EB 72 -69.71 88.39 -6.85
CA THR EB 72 -68.96 87.64 -5.85
C THR EB 72 -69.78 87.61 -4.57
N ARG EB 73 -70.29 86.43 -4.23
CA ARG EB 73 -71.13 86.25 -3.06
C ARG EB 73 -70.56 85.18 -2.15
N LYS EB 74 -70.87 85.27 -0.86
CA LYS EB 74 -70.45 84.25 0.09
C LYS EB 74 -71.40 83.06 0.00
N THR EB 75 -70.83 81.87 -0.13
CA THR EB 75 -71.57 80.67 -0.46
C THR EB 75 -71.11 79.54 0.44
N ARG EB 76 -71.97 78.54 0.63
CA ARG EB 76 -71.64 77.37 1.43
C ARG EB 76 -71.22 76.22 0.53
N ILE EB 77 -70.15 75.53 0.93
CA ILE EB 77 -69.59 74.46 0.12
C ILE EB 77 -70.31 73.16 0.44
N ILE EB 78 -70.72 72.45 -0.61
CA ILE EB 78 -71.49 71.22 -0.44
C ILE EB 78 -70.57 70.00 -0.47
N ASP EB 79 -69.90 69.80 -1.60
CA ASP EB 79 -69.19 68.55 -1.83
C ASP EB 79 -67.96 68.82 -2.69
N VAL EB 80 -67.02 67.87 -2.67
CA VAL EB 80 -65.87 67.86 -3.56
C VAL EB 80 -66.08 66.74 -4.56
N VAL EB 81 -66.05 67.07 -5.85
CA VAL EB 81 -66.41 66.14 -6.90
C VAL EB 81 -65.19 65.71 -7.72
N TYR EB 82 -64.23 66.60 -7.94
CA TYR EB 82 -63.08 66.25 -8.76
C TYR EB 82 -61.82 66.86 -8.15
N ASN EB 83 -60.70 66.16 -8.34
CA ASN EB 83 -59.39 66.67 -7.97
C ASN EB 83 -58.38 66.11 -8.95
N ALA EB 84 -57.64 67.00 -9.62
CA ALA EB 84 -56.72 66.57 -10.66
C ALA EB 84 -55.53 65.80 -10.09
N SER EB 85 -55.12 66.10 -8.87
CA SER EB 85 -53.93 65.47 -8.31
C SER EB 85 -54.20 64.02 -7.93
N ASN EB 86 -55.12 63.79 -7.01
CA ASN EB 86 -55.28 62.49 -6.39
C ASN EB 86 -56.76 62.13 -6.29
N ASN EB 87 -57.12 60.93 -6.75
CA ASN EB 87 -58.46 60.42 -6.51
C ASN EB 87 -58.70 60.10 -5.04
N GLU EB 88 -57.64 59.90 -4.26
CA GLU EB 88 -57.81 59.68 -2.83
C GLU EB 88 -58.26 60.94 -2.11
N LEU EB 89 -58.04 62.11 -2.70
CA LEU EB 89 -58.38 63.37 -2.08
C LEU EB 89 -59.82 63.81 -2.36
N VAL EB 90 -60.55 63.03 -3.16
CA VAL EB 90 -61.98 63.26 -3.34
C VAL EB 90 -62.82 62.21 -2.60
N ARG EB 91 -62.29 60.99 -2.41
CA ARG EB 91 -62.95 60.03 -1.55
C ARG EB 91 -63.06 60.56 -0.13
N THR EB 92 -61.98 61.11 0.39
CA THR EB 92 -62.07 62.03 1.51
C THR EB 92 -62.40 63.42 0.98
N LYS EB 93 -63.13 64.19 1.77
CA LYS EB 93 -63.60 65.50 1.31
C LYS EB 93 -62.66 66.55 1.88
N THR EB 94 -61.53 66.72 1.20
CA THR EB 94 -60.49 67.65 1.60
C THR EB 94 -60.39 68.76 0.56
N LEU EB 95 -60.23 69.99 1.04
CA LEU EB 95 -60.19 71.17 0.18
C LEU EB 95 -58.75 71.61 0.00
N VAL EB 96 -58.26 71.53 -1.23
CA VAL EB 96 -56.94 72.04 -1.61
C VAL EB 96 -57.13 72.95 -2.80
N LYS EB 97 -56.09 73.73 -3.10
CA LYS EB 97 -56.18 74.65 -4.22
C LYS EB 97 -56.45 73.89 -5.51
N ASN EB 98 -57.34 74.45 -6.34
CA ASN EB 98 -57.68 73.89 -7.64
C ASN EB 98 -58.29 72.49 -7.52
N CYS EB 99 -59.31 72.37 -6.68
CA CYS EB 99 -60.14 71.17 -6.62
C CYS EB 99 -61.59 71.58 -6.88
N ILE EB 100 -62.28 70.76 -7.67
CA ILE EB 100 -63.62 71.12 -8.14
C ILE EB 100 -64.62 70.73 -7.08
N VAL EB 101 -65.41 71.70 -6.62
CA VAL EB 101 -66.36 71.51 -5.53
C VAL EB 101 -67.75 71.92 -5.99
N LEU EB 102 -68.74 71.63 -5.15
CA LEU EB 102 -70.12 72.04 -5.38
C LEU EB 102 -70.49 73.14 -4.40
N ILE EB 103 -71.14 74.18 -4.90
CA ILE EB 103 -71.63 75.28 -4.09
C ILE EB 103 -73.09 75.51 -4.43
N ASP EB 104 -73.85 76.01 -3.48
CA ASP EB 104 -75.28 76.15 -3.70
C ASP EB 104 -75.60 77.37 -4.56
N SER EB 105 -76.72 77.31 -5.25
CA SER EB 105 -77.10 78.30 -6.25
C SER EB 105 -77.77 79.53 -5.64
N THR EB 106 -78.18 79.46 -4.38
CA THR EB 106 -79.11 80.46 -3.84
C THR EB 106 -78.57 81.88 -3.87
N PRO EB 107 -77.34 82.17 -3.42
CA PRO EB 107 -76.87 83.56 -3.47
C PRO EB 107 -76.83 84.14 -4.88
N TYR EB 108 -76.47 83.33 -5.87
CA TYR EB 108 -76.41 83.82 -7.24
C TYR EB 108 -77.78 83.91 -7.88
N ARG EB 109 -78.68 82.98 -7.53
CA ARG EB 109 -80.02 83.03 -8.07
C ARG EB 109 -80.74 84.29 -7.61
N GLN EB 110 -80.57 84.67 -6.34
CA GLN EB 110 -81.16 85.91 -5.85
C GLN EB 110 -80.66 87.11 -6.64
N TRP EB 111 -79.35 87.17 -6.88
CA TRP EB 111 -78.77 88.31 -7.58
C TRP EB 111 -79.32 88.42 -9.00
N TYR EB 112 -79.39 87.31 -9.71
CA TYR EB 112 -79.89 87.33 -11.08
C TYR EB 112 -81.33 87.79 -11.13
N GLU EB 113 -82.14 87.35 -10.17
CA GLU EB 113 -83.55 87.74 -10.13
C GLU EB 113 -83.68 89.25 -9.93
N SER EB 114 -82.91 89.82 -9.01
CA SER EB 114 -83.01 91.24 -8.71
C SER EB 114 -82.19 92.12 -9.64
N HIS EB 115 -81.45 91.56 -10.57
CA HIS EB 115 -80.62 92.32 -11.49
C HIS EB 115 -81.04 92.23 -12.93
N TYR EB 116 -81.70 91.15 -13.34
CA TYR EB 116 -82.29 91.06 -14.68
C TYR EB 116 -83.80 91.00 -14.65
N ALA EB 117 -84.40 90.52 -13.56
CA ALA EB 117 -85.85 90.32 -13.47
C ALA EB 117 -86.31 89.25 -14.45
N LEU EB 118 -85.64 88.11 -14.42
CA LEU EB 118 -86.05 86.91 -15.14
C LEU EB 118 -85.95 85.73 -14.20
N PRO EB 119 -86.77 84.69 -14.43
CA PRO EB 119 -86.61 83.46 -13.67
C PRO EB 119 -85.58 82.54 -14.28
N LEU EB 120 -84.57 82.12 -13.51
CA LEU EB 120 -83.58 81.17 -13.94
C LEU EB 120 -83.69 79.92 -13.08
N GLY EB 121 -83.51 78.75 -13.69
CA GLY EB 121 -83.90 77.54 -13.02
C GLY EB 121 -85.42 77.47 -12.97
N ARG EB 122 -85.96 77.15 -11.79
CA ARG EB 122 -87.39 77.28 -11.51
C ARG EB 122 -88.22 76.49 -12.51
N LYS EB 123 -88.09 75.17 -12.43
CA LYS EB 123 -88.88 74.24 -13.24
C LYS EB 123 -90.37 74.58 -13.19
N LYS EB 127 -94.83 76.50 -7.74
CA LYS EB 127 -95.49 77.72 -7.28
C LYS EB 127 -94.46 78.80 -7.00
N LEU EB 128 -94.82 80.05 -7.28
CA LEU EB 128 -93.92 81.19 -7.08
C LEU EB 128 -94.35 81.91 -5.80
N THR EB 129 -93.49 81.86 -4.78
CA THR EB 129 -93.83 82.35 -3.46
C THR EB 129 -94.00 83.87 -3.47
N PRO EB 130 -94.78 84.41 -2.52
CA PRO EB 130 -95.13 85.84 -2.61
C PRO EB 130 -93.94 86.78 -2.67
N GLU EB 131 -92.87 86.52 -1.93
CA GLU EB 131 -91.71 87.41 -1.96
C GLU EB 131 -91.07 87.42 -3.34
N GLU EB 132 -90.99 86.26 -3.99
CA GLU EB 132 -90.36 86.18 -5.30
C GLU EB 132 -91.26 86.76 -6.40
N GLU EB 133 -92.56 86.47 -6.35
CA GLU EB 133 -93.44 86.94 -7.42
C GLU EB 133 -93.53 88.45 -7.47
N GLU EB 134 -93.39 89.11 -6.31
CA GLU EB 134 -93.53 90.56 -6.29
C GLU EB 134 -92.28 91.26 -6.84
N ILE EB 135 -91.08 90.73 -6.54
CA ILE EB 135 -89.89 91.35 -7.11
C ILE EB 135 -89.87 91.19 -8.63
N LEU EB 136 -90.46 90.10 -9.13
CA LEU EB 136 -90.55 89.90 -10.57
C LEU EB 136 -91.75 90.58 -11.20
N ASN EB 137 -92.67 91.13 -10.40
CA ASN EB 137 -93.86 91.77 -10.93
C ASN EB 137 -94.22 93.04 -10.15
N LYS EB 138 -93.23 93.70 -9.57
CA LYS EB 138 -93.49 94.87 -8.75
C LYS EB 138 -93.97 96.05 -9.61
N LYS EB 139 -94.81 96.88 -8.99
CA LYS EB 139 -95.22 98.13 -9.62
C LYS EB 139 -93.97 98.91 -9.98
N ARG EB 140 -93.71 99.06 -11.28
CA ARG EB 140 -92.45 99.62 -11.76
C ARG EB 140 -92.74 100.76 -12.72
N SER EB 141 -92.21 101.93 -12.41
CA SER EB 141 -92.40 103.09 -13.28
C SER EB 141 -91.71 102.85 -14.62
N LYS EB 142 -92.15 103.63 -15.62
CA LYS EB 142 -91.58 103.48 -16.96
C LYS EB 142 -90.12 103.88 -17.01
N LYS EB 143 -89.74 104.92 -16.27
CA LYS EB 143 -88.39 105.46 -16.38
C LYS EB 143 -87.34 104.40 -16.09
N ILE EB 144 -87.62 103.51 -15.14
CA ILE EB 144 -86.75 102.39 -14.86
C ILE EB 144 -87.20 101.11 -15.58
N GLN EB 145 -88.42 101.08 -16.13
CA GLN EB 145 -88.85 99.91 -16.88
C GLN EB 145 -87.92 99.66 -18.08
N LYS EB 146 -87.62 100.71 -18.85
CA LYS EB 146 -86.73 100.54 -19.98
C LYS EB 146 -85.32 100.17 -19.52
N LYS EB 147 -84.93 100.60 -18.33
CA LYS EB 147 -83.64 100.20 -17.79
C LYS EB 147 -83.54 98.70 -17.67
N TYR EB 148 -84.54 98.09 -17.03
CA TYR EB 148 -84.57 96.63 -16.95
C TYR EB 148 -84.91 95.99 -18.29
N ASP EB 149 -85.54 96.72 -19.21
CA ASP EB 149 -85.83 96.16 -20.53
C ASP EB 149 -84.60 96.12 -21.43
N GLU EB 150 -83.70 97.10 -21.33
CA GLU EB 150 -82.47 97.02 -22.12
C GLU EB 150 -81.47 96.07 -21.48
N ARG EB 151 -81.61 95.81 -20.18
CA ARG EB 151 -80.84 94.80 -19.49
C ARG EB 151 -81.27 93.39 -19.86
N LYS EB 152 -82.40 93.23 -20.56
CA LYS EB 152 -82.85 91.92 -21.00
C LYS EB 152 -82.02 91.35 -22.14
N LYS EB 153 -81.30 92.19 -22.88
CA LYS EB 153 -80.63 91.72 -24.09
C LYS EB 153 -79.52 90.72 -23.78
N ASN EB 154 -78.78 90.94 -22.70
CA ASN EB 154 -77.68 90.07 -22.30
C ASN EB 154 -78.04 89.16 -21.14
N ALA EB 155 -79.32 89.01 -20.84
CA ALA EB 155 -79.74 88.18 -19.72
C ALA EB 155 -79.62 86.69 -20.01
N LYS EB 156 -79.28 86.30 -21.23
CA LYS EB 156 -79.18 84.89 -21.58
C LYS EB 156 -77.85 84.34 -21.06
N ILE EB 157 -77.92 83.31 -20.23
CA ILE EB 157 -76.74 82.68 -19.69
C ILE EB 157 -76.46 81.40 -20.46
N SER EB 158 -75.28 80.83 -20.24
CA SER EB 158 -74.90 79.60 -20.91
C SER EB 158 -75.89 78.49 -20.59
N SER EB 159 -76.09 77.61 -21.57
CA SER EB 159 -76.98 76.47 -21.37
C SER EB 159 -76.50 75.57 -20.25
N LEU EB 160 -75.19 75.31 -20.21
CA LEU EB 160 -74.63 74.39 -19.22
C LEU EB 160 -74.88 74.89 -17.80
N LEU EB 161 -74.81 76.20 -17.59
CA LEU EB 161 -75.08 76.76 -16.27
C LEU EB 161 -76.55 76.65 -15.90
N GLU EB 162 -77.45 76.59 -16.89
CA GLU EB 162 -78.88 76.65 -16.61
C GLU EB 162 -79.35 75.41 -15.86
N GLU EB 163 -79.02 74.22 -16.36
CA GLU EB 163 -79.46 73.01 -15.68
C GLU EB 163 -78.78 72.84 -14.33
N GLN EB 164 -77.62 73.45 -14.12
CA GLN EB 164 -77.03 73.46 -12.79
C GLN EB 164 -77.80 74.36 -11.84
N PHE EB 165 -78.45 75.40 -12.37
CA PHE EB 165 -79.21 76.30 -11.51
C PHE EB 165 -80.51 75.65 -11.06
N GLN EB 166 -81.18 74.93 -11.97
CA GLN EB 166 -82.40 74.23 -11.57
C GLN EB 166 -82.10 73.02 -10.69
N GLN EB 167 -80.89 72.49 -10.79
CA GLN EB 167 -80.49 71.42 -9.88
C GLN EB 167 -80.26 71.95 -8.47
N GLY EB 168 -79.83 73.20 -8.35
CA GLY EB 168 -79.65 73.84 -7.06
C GLY EB 168 -78.22 73.99 -6.60
N LYS EB 169 -77.24 73.68 -7.44
CA LYS EB 169 -75.85 73.78 -7.02
C LYS EB 169 -74.95 73.91 -8.24
N LEU EB 170 -73.84 74.63 -8.08
CA LEU EB 170 -72.91 74.95 -9.14
C LEU EB 170 -71.60 74.20 -8.95
N LEU EB 171 -70.78 74.21 -10.00
CA LEU EB 171 -69.42 73.69 -9.95
C LEU EB 171 -68.45 74.87 -9.84
N ALA EB 172 -67.59 74.82 -8.82
CA ALA EB 172 -66.63 75.88 -8.58
C ALA EB 172 -65.23 75.32 -8.48
N CYS EB 173 -64.25 76.20 -8.62
CA CYS EB 173 -62.84 75.83 -8.52
C CYS EB 173 -62.18 76.73 -7.49
N ILE EB 174 -61.53 76.11 -6.51
CA ILE EB 174 -60.90 76.87 -5.44
C ILE EB 174 -59.59 77.45 -5.95
N ALA EB 175 -59.39 78.75 -5.75
CA ALA EB 175 -58.17 79.42 -6.15
C ALA EB 175 -57.26 79.78 -4.98
N SER EB 176 -57.82 80.03 -3.81
CA SER EB 176 -57.00 80.31 -2.64
C SER EB 176 -56.35 79.03 -2.14
N ARG EB 177 -55.35 79.19 -1.28
CA ARG EB 177 -54.70 78.04 -0.68
C ARG EB 177 -55.19 77.89 0.74
N PRO EB 178 -56.25 77.09 0.95
CA PRO EB 178 -56.92 77.10 2.26
C PRO EB 178 -56.05 76.66 3.42
N GLY EB 179 -55.05 75.84 3.16
CA GLY EB 179 -54.19 75.38 4.25
C GLY EB 179 -53.23 76.43 4.77
N GLN EB 180 -53.11 77.57 4.10
CA GLN EB 180 -52.18 78.61 4.53
C GLN EB 180 -52.86 79.97 4.68
N CYS EB 181 -53.85 80.25 3.84
CA CYS EB 181 -54.56 81.52 3.95
C CYS EB 181 -55.71 81.42 4.94
N GLY EB 182 -56.32 80.25 5.09
CA GLY EB 182 -57.49 80.09 5.92
C GLY EB 182 -58.80 80.36 5.24
N ARG EB 183 -58.81 80.58 3.93
CA ARG EB 183 -60.02 80.87 3.18
C ARG EB 183 -60.21 79.84 2.07
N ALA EB 184 -61.44 79.75 1.59
CA ALA EB 184 -61.79 78.79 0.54
C ALA EB 184 -62.29 79.51 -0.69
N ASP EB 185 -61.58 80.56 -1.11
CA ASP EB 185 -62.06 81.43 -2.17
C ASP EB 185 -61.85 80.79 -3.53
N GLY EB 186 -62.62 81.25 -4.51
CA GLY EB 186 -62.51 80.68 -5.83
C GLY EB 186 -63.46 81.35 -6.80
N TYR EB 187 -63.76 80.66 -7.89
CA TYR EB 187 -64.62 81.20 -8.94
C TYR EB 187 -65.51 80.10 -9.49
N VAL EB 188 -66.59 80.52 -10.16
CA VAL EB 188 -67.56 79.59 -10.72
C VAL EB 188 -67.07 79.12 -12.09
N LEU EB 189 -67.08 77.81 -12.31
CA LEU EB 189 -66.70 77.26 -13.60
C LEU EB 189 -67.74 77.60 -14.66
N GLU EB 190 -67.27 77.78 -15.89
CA GLU EB 190 -68.14 78.07 -17.03
C GLU EB 190 -67.30 78.00 -18.30
N GLY EB 191 -67.99 77.95 -19.43
CA GLY EB 191 -67.30 77.93 -20.71
C GLY EB 191 -66.67 76.58 -21.02
N LYS EB 192 -65.56 76.63 -21.76
CA LYS EB 192 -64.84 75.42 -22.13
C LYS EB 192 -64.32 74.69 -20.89
N GLU EB 193 -63.92 75.44 -19.87
CA GLU EB 193 -63.43 74.81 -18.65
C GLU EB 193 -64.52 74.00 -17.96
N LEU EB 194 -65.78 74.40 -18.11
CA LEU EB 194 -66.87 73.66 -17.50
C LEU EB 194 -67.08 72.32 -18.19
N GLU EB 195 -67.09 72.31 -19.53
CA GLU EB 195 -67.30 71.05 -20.23
C GLU EB 195 -66.10 70.12 -20.10
N PHE EB 196 -64.91 70.65 -19.87
CA PHE EB 196 -63.75 69.81 -19.61
C PHE EB 196 -63.94 69.00 -18.33
N TYR EB 197 -64.36 69.67 -17.26
CA TYR EB 197 -64.53 68.99 -15.99
C TYR EB 197 -65.81 68.18 -15.92
N LEU EB 198 -66.79 68.45 -16.78
CA LEU EB 198 -68.01 67.66 -16.78
C LEU EB 198 -67.77 66.27 -17.36
N ARG EB 199 -67.05 66.19 -18.48
CA ARG EB 199 -66.78 64.89 -19.06
C ARG EB 199 -65.79 64.09 -18.22
N LYS EB 200 -64.92 64.77 -17.47
CA LYS EB 200 -64.03 64.05 -16.56
C LYS EB 200 -64.82 63.44 -15.41
N ILE EB 201 -65.76 64.18 -14.85
CA ILE EB 201 -66.62 63.64 -13.80
C ILE EB 201 -67.49 62.52 -14.35
N LYS EB 202 -68.04 62.71 -15.55
CA LYS EB 202 -68.92 61.71 -16.14
C LYS EB 202 -68.17 60.42 -16.43
N ALA EB 203 -67.04 60.52 -17.13
CA ALA EB 203 -66.29 59.33 -17.52
C ALA EB 203 -65.68 58.63 -16.31
N ARG EB 204 -65.39 59.37 -15.25
CA ARG EB 204 -64.90 58.77 -14.01
C ARG EB 204 -65.93 57.81 -13.44
N LYS EB 205 -67.20 58.22 -13.42
CA LYS EB 205 -68.25 57.35 -12.92
C LYS EB 205 -68.35 56.08 -13.76
N GLY EB 206 -68.46 56.23 -15.07
CA GLY EB 206 -68.57 55.09 -15.96
C GLY EB 206 -69.87 54.34 -15.82
N PRO FB 1 -6.99 87.17 19.18
CA PRO FB 1 -7.04 88.53 18.64
C PRO FB 1 -6.43 89.54 19.60
N VAL FB 2 -5.22 90.00 19.30
CA VAL FB 2 -4.54 90.98 20.14
C VAL FB 2 -4.06 92.13 19.25
N ALA FB 3 -3.73 93.25 19.89
CA ALA FB 3 -3.38 94.48 19.19
C ALA FB 3 -1.85 94.65 19.23
N ARG FB 4 -1.19 94.02 18.25
CA ARG FB 4 0.25 94.19 18.08
C ARG FB 4 0.62 93.79 16.66
N SER FB 5 1.89 93.98 16.32
CA SER FB 5 2.31 94.06 14.93
C SER FB 5 2.75 92.72 14.34
N TRP FB 6 3.79 92.11 14.92
CA TRP FB 6 4.45 90.89 14.47
C TRP FB 6 5.26 91.08 13.20
N VAL FB 7 5.43 92.30 12.71
CA VAL FB 7 6.17 92.55 11.48
C VAL FB 7 7.64 92.71 11.83
N CYS FB 8 8.47 91.77 11.37
CA CYS FB 8 9.91 91.80 11.62
C CYS FB 8 10.62 91.36 10.36
N ARG FB 9 11.96 91.39 10.39
CA ARG FB 9 12.75 91.16 9.18
C ARG FB 9 14.20 90.96 9.56
N LYS FB 10 14.85 90.00 8.90
CA LYS FB 10 16.29 89.82 9.04
C LYS FB 10 17.03 90.83 8.18
N THR FB 11 18.14 91.35 8.71
CA THR FB 11 18.91 92.39 8.05
C THR FB 11 20.16 91.87 7.36
N TYR FB 12 20.36 90.56 7.29
CA TYR FB 12 21.57 90.02 6.70
C TYR FB 12 21.28 88.67 6.06
N VAL FB 13 22.33 88.06 5.53
CA VAL FB 13 22.25 86.71 4.97
C VAL FB 13 23.64 86.10 4.96
N THR FB 14 23.76 84.84 5.39
CA THR FB 14 25.04 84.17 5.43
C THR FB 14 25.46 83.71 4.04
N PRO FB 15 26.77 83.69 3.77
CA PRO FB 15 27.24 83.21 2.47
C PRO FB 15 27.07 81.71 2.33
N ARG FB 16 27.00 81.26 1.07
CA ARG FB 16 26.73 79.85 0.80
C ARG FB 16 27.94 78.97 1.12
N ARG FB 17 29.13 79.40 0.75
CA ARG FB 17 30.34 78.64 1.00
C ARG FB 17 30.97 79.11 2.30
N PRO FB 18 31.08 78.26 3.33
CA PRO FB 18 31.55 78.74 4.63
C PRO FB 18 33.05 78.95 4.73
N PHE FB 19 33.84 78.22 3.96
CA PHE FB 19 35.27 78.17 4.20
C PHE FB 19 36.11 78.53 2.98
N GLU FB 20 35.78 79.64 2.32
CA GLU FB 20 36.54 80.11 1.18
C GLU FB 20 37.63 81.06 1.65
N LYS FB 21 38.89 80.74 1.33
CA LYS FB 21 40.01 81.57 1.76
C LYS FB 21 39.93 82.97 1.14
N SER FB 22 39.56 83.05 -0.13
CA SER FB 22 39.49 84.35 -0.79
C SER FB 22 38.45 85.25 -0.15
N ARG FB 23 37.28 84.69 0.19
CA ARG FB 23 36.23 85.49 0.80
C ARG FB 23 36.57 85.83 2.25
N LEU FB 24 37.16 84.88 2.98
CA LEU FB 24 37.47 85.12 4.38
C LEU FB 24 38.47 86.27 4.54
N ASP FB 25 39.49 86.31 3.68
CA ASP FB 25 40.50 87.35 3.82
C ASP FB 25 39.99 88.71 3.36
N GLN FB 26 39.01 88.73 2.45
CA GLN FB 26 38.52 90.02 1.95
C GLN FB 26 37.64 90.71 2.98
N GLU FB 27 36.86 89.95 3.75
CA GLU FB 27 36.03 90.55 4.78
C GLU FB 27 36.73 90.68 6.12
N LEU FB 28 37.97 90.18 6.22
CA LEU FB 28 38.79 90.49 7.38
C LEU FB 28 39.49 91.83 7.24
N LYS FB 29 39.76 92.26 6.01
CA LYS FB 29 40.23 93.62 5.78
C LYS FB 29 39.22 94.63 6.30
N LEU FB 30 37.96 94.50 5.88
CA LEU FB 30 36.95 95.48 6.26
C LEU FB 30 36.72 95.50 7.76
N ILE FB 31 36.65 94.32 8.38
CA ILE FB 31 36.36 94.25 9.80
C ILE FB 31 37.49 94.82 10.64
N GLY FB 32 38.70 94.93 10.09
CA GLY FB 32 39.81 95.51 10.81
C GLY FB 32 40.10 96.93 10.39
N GLU FB 33 39.81 97.25 9.13
CA GLU FB 33 40.01 98.61 8.62
C GLU FB 33 38.94 99.57 9.11
N TYR FB 34 37.79 99.06 9.56
CA TYR FB 34 36.72 99.89 10.08
C TYR FB 34 36.37 99.55 11.53
N GLY FB 35 37.13 98.67 12.16
CA GLY FB 35 36.93 98.38 13.57
C GLY FB 35 35.60 97.77 13.91
N LEU FB 36 35.11 96.86 13.08
CA LEU FB 36 33.80 96.25 13.31
C LEU FB 36 33.91 95.17 14.38
N ARG FB 37 32.77 94.59 14.74
CA ARG FB 37 32.70 93.69 15.88
C ARG FB 37 32.60 92.22 15.49
N ASN FB 38 31.88 91.90 14.43
CA ASN FB 38 31.80 90.52 13.96
C ASN FB 38 31.48 90.55 12.47
N LYS FB 39 31.41 89.36 11.86
CA LYS FB 39 31.14 89.28 10.43
C LYS FB 39 29.73 89.70 10.08
N ARG FB 40 28.80 89.58 11.03
CA ARG FB 40 27.41 89.93 10.76
C ARG FB 40 27.22 91.41 10.48
N GLU FB 41 28.13 92.27 10.96
CA GLU FB 41 28.05 93.69 10.60
C GLU FB 41 28.45 93.90 9.15
N VAL FB 42 29.47 93.18 8.69
CA VAL FB 42 29.83 93.23 7.28
C VAL FB 42 28.71 92.65 6.43
N TRP FB 43 28.09 91.58 6.90
CA TRP FB 43 27.10 90.88 6.08
C TRP FB 43 25.85 91.71 5.89
N ARG FB 44 25.43 92.47 6.91
CA ARG FB 44 24.22 93.26 6.73
C ARG FB 44 24.44 94.48 5.84
N VAL FB 45 25.68 94.87 5.61
CA VAL FB 45 25.96 95.99 4.70
C VAL FB 45 26.01 95.51 3.26
N LYS FB 46 26.59 94.34 3.02
CA LYS FB 46 26.46 93.70 1.72
C LYS FB 46 25.00 93.47 1.37
N PHE FB 47 24.17 93.20 2.37
CA PHE FB 47 22.77 92.87 2.13
C PHE FB 47 21.96 94.12 1.78
N THR FB 48 22.20 95.24 2.47
CA THR FB 48 21.50 96.47 2.12
C THR FB 48 21.93 96.98 0.75
N LEU FB 49 23.23 96.91 0.45
CA LEU FB 49 23.69 97.32 -0.87
C LEU FB 49 23.15 96.41 -1.96
N ALA FB 50 22.85 95.16 -1.62
CA ALA FB 50 22.26 94.25 -2.59
C ALA FB 50 20.79 94.58 -2.86
N LYS FB 51 20.09 95.15 -1.89
CA LYS FB 51 18.73 95.62 -2.14
C LYS FB 51 18.74 96.79 -3.12
N ILE FB 52 19.68 97.72 -2.94
CA ILE FB 52 19.76 98.87 -3.84
C ILE FB 52 20.04 98.43 -5.27
N ARG FB 53 20.97 97.49 -5.43
CA ARG FB 53 21.27 96.97 -6.75
C ARG FB 53 20.08 96.22 -7.34
N LYS FB 54 19.41 95.41 -6.52
CA LYS FB 54 18.27 94.65 -7.01
C LYS FB 54 17.13 95.57 -7.44
N ALA FB 55 16.94 96.67 -6.73
CA ALA FB 55 15.90 97.63 -7.14
C ALA FB 55 16.25 98.30 -8.45
N ALA FB 56 17.50 98.71 -8.61
CA ALA FB 56 17.89 99.41 -9.84
C ALA FB 56 17.85 98.49 -11.04
N ARG FB 57 18.29 97.24 -10.88
CA ARG FB 57 18.36 96.33 -12.01
C ARG FB 57 16.97 96.04 -12.58
N GLU FB 58 15.97 95.85 -11.72
CA GLU FB 58 14.62 95.68 -12.22
C GLU FB 58 14.06 96.99 -12.77
N LEU FB 59 14.56 98.14 -12.28
CA LEU FB 59 14.17 99.41 -12.87
C LEU FB 59 14.86 99.63 -14.22
N LEU FB 60 16.11 99.20 -14.35
CA LEU FB 60 16.84 99.40 -15.60
C LEU FB 60 16.19 98.62 -16.74
N THR FB 61 15.75 97.40 -16.48
CA THR FB 61 15.06 96.63 -17.51
C THR FB 61 13.72 97.24 -17.88
N LEU FB 62 13.15 98.06 -17.00
CA LEU FB 62 11.90 98.73 -17.31
C LEU FB 62 12.10 99.74 -18.42
N ASP FB 63 11.11 99.84 -19.31
CA ASP FB 63 11.19 100.81 -20.40
C ASP FB 63 11.23 102.23 -19.85
N GLU FB 64 12.19 103.01 -20.33
CA GLU FB 64 12.33 104.38 -19.87
C GLU FB 64 11.16 105.20 -20.39
N LYS FB 65 10.84 106.28 -19.65
CA LYS FB 65 9.62 107.08 -19.78
C LYS FB 65 8.40 106.34 -19.23
N ASP FB 66 8.61 105.50 -18.23
CA ASP FB 66 7.55 104.96 -17.40
C ASP FB 66 7.48 105.80 -16.13
N PRO FB 67 6.30 106.26 -15.71
CA PRO FB 67 6.24 107.08 -14.48
C PRO FB 67 6.90 106.44 -13.27
N ARG FB 68 6.78 105.13 -13.08
CA ARG FB 68 7.48 104.50 -11.97
C ARG FB 68 8.96 104.31 -12.27
N ARG FB 69 9.31 104.18 -13.56
CA ARG FB 69 10.71 104.22 -13.96
C ARG FB 69 11.38 105.53 -13.54
N LEU FB 70 10.62 106.63 -13.51
CA LEU FB 70 11.14 107.93 -13.12
C LEU FB 70 10.93 108.21 -11.64
N PHE FB 71 9.72 107.98 -11.12
CA PHE FB 71 9.41 108.34 -9.75
C PHE FB 71 10.28 107.57 -8.77
N GLU FB 72 10.30 106.24 -8.89
CA GLU FB 72 11.14 105.44 -8.01
C GLU FB 72 12.60 105.48 -8.41
N GLY FB 73 12.90 105.91 -9.63
CA GLY FB 73 14.29 106.16 -9.99
C GLY FB 73 14.87 107.34 -9.24
N ASN FB 74 14.18 108.48 -9.30
CA ASN FB 74 14.68 109.69 -8.62
C ASN FB 74 14.68 109.50 -7.11
N ALA FB 75 13.65 108.85 -6.57
CA ALA FB 75 13.58 108.66 -5.12
C ALA FB 75 14.76 107.82 -4.63
N LEU FB 76 15.11 106.77 -5.37
CA LEU FB 76 16.26 105.96 -5.00
C LEU FB 76 17.56 106.76 -5.09
N LEU FB 77 17.71 107.55 -6.14
CA LEU FB 77 18.93 108.34 -6.29
C LEU FB 77 19.03 109.42 -5.21
N ARG FB 78 17.91 110.07 -4.90
CA ARG FB 78 17.93 111.15 -3.91
C ARG FB 78 18.34 110.63 -2.54
N ARG FB 79 17.91 109.40 -2.20
CA ARG FB 79 18.27 108.83 -0.92
C ARG FB 79 19.77 108.58 -0.81
N LEU FB 80 20.39 108.10 -1.88
CA LEU FB 80 21.83 107.83 -1.85
C LEU FB 80 22.64 109.12 -1.83
N VAL FB 81 22.15 110.18 -2.47
CA VAL FB 81 22.85 111.46 -2.41
C VAL FB 81 22.76 112.04 -1.00
N ARG FB 82 21.61 111.87 -0.35
CA ARG FB 82 21.42 112.46 0.97
C ARG FB 82 22.37 111.88 1.99
N ILE FB 83 22.62 110.57 1.93
CA ILE FB 83 23.55 109.93 2.85
C ILE FB 83 24.99 109.98 2.37
N GLY FB 84 25.23 110.41 1.14
CA GLY FB 84 26.58 110.69 0.69
C GLY FB 84 27.37 109.51 0.18
N VAL FB 85 26.72 108.42 -0.23
CA VAL FB 85 27.45 107.35 -0.91
C VAL FB 85 27.56 107.60 -2.40
N LEU FB 86 26.69 108.42 -2.97
CA LEU FB 86 26.75 108.80 -4.38
C LEU FB 86 26.82 110.32 -4.45
N ASP FB 87 27.87 110.83 -5.07
CA ASP FB 87 28.04 112.28 -5.16
C ASP FB 87 27.04 112.90 -6.14
N GLU FB 88 26.82 114.20 -5.97
CA GLU FB 88 25.63 114.85 -6.52
C GLU FB 88 25.60 114.85 -8.03
N GLY FB 89 26.74 115.09 -8.68
CA GLY FB 89 26.75 115.23 -10.13
C GLY FB 89 26.68 113.95 -10.92
N LYS FB 90 26.66 112.81 -10.23
CA LYS FB 90 26.83 111.49 -10.83
C LYS FB 90 25.56 110.65 -10.69
N MET FB 91 24.42 111.30 -10.48
CA MET FB 91 23.19 110.62 -10.03
C MET FB 91 22.29 110.33 -11.23
N LYS FB 92 22.50 109.18 -11.86
CA LYS FB 92 21.55 108.58 -12.77
C LYS FB 92 21.61 107.08 -12.53
N LEU FB 93 20.46 106.42 -12.60
CA LEU FB 93 20.31 105.13 -11.92
C LEU FB 93 21.07 104.00 -12.57
N ASP FB 94 21.93 104.23 -13.55
CA ASP FB 94 22.87 103.19 -13.98
C ASP FB 94 24.23 103.34 -13.29
N TYR FB 95 24.46 104.44 -12.59
CA TYR FB 95 25.73 104.68 -11.92
C TYR FB 95 25.80 104.06 -10.52
N ILE FB 96 24.68 103.58 -9.98
CA ILE FB 96 24.70 102.99 -8.65
C ILE FB 96 25.03 101.51 -8.68
N LEU FB 97 25.01 100.88 -9.85
CA LEU FB 97 25.49 99.51 -9.95
C LEU FB 97 27.00 99.44 -9.74
N GLY FB 98 27.73 100.47 -10.16
CA GLY FB 98 29.14 100.55 -9.87
C GLY FB 98 29.39 101.19 -8.52
N LEU FB 99 29.04 100.48 -7.46
CA LEU FB 99 29.12 101.03 -6.11
C LEU FB 99 29.58 99.92 -5.17
N LYS FB 100 30.47 100.26 -4.25
CA LYS FB 100 31.12 99.30 -3.38
C LYS FB 100 30.58 99.42 -1.95
N ILE FB 101 30.74 98.34 -1.19
CA ILE FB 101 30.28 98.32 0.19
C ILE FB 101 31.19 99.14 1.10
N GLU FB 102 32.42 99.42 0.66
CA GLU FB 102 33.27 100.31 1.44
C GLU FB 102 32.74 101.73 1.46
N ASP FB 103 31.93 102.11 0.47
CA ASP FB 103 31.34 103.45 0.47
C ASP FB 103 30.29 103.59 1.58
N PHE FB 104 29.56 102.52 1.86
CA PHE FB 104 28.58 102.56 2.94
C PHE FB 104 29.24 102.49 4.31
N LEU FB 105 30.33 101.72 4.44
CA LEU FB 105 31.07 101.73 5.70
C LEU FB 105 31.79 103.06 5.92
N GLU FB 106 31.94 103.86 4.87
CA GLU FB 106 32.51 105.20 5.02
C GLU FB 106 31.61 106.09 5.83
N ARG FB 107 30.30 106.01 5.62
CA ARG FB 107 29.35 106.96 6.19
C ARG FB 107 28.88 106.58 7.58
N ARG FB 108 29.46 105.55 8.19
CA ARG FB 108 29.12 105.21 9.56
C ARG FB 108 29.56 106.32 10.50
N LEU FB 109 28.82 106.48 11.60
CA LEU FB 109 29.22 107.44 12.62
C LEU FB 109 30.60 107.10 13.18
N GLN FB 110 30.88 105.81 13.35
CA GLN FB 110 32.17 105.39 13.87
C GLN FB 110 33.32 105.86 12.98
N THR FB 111 33.16 105.71 11.66
CA THR FB 111 34.19 106.16 10.75
C THR FB 111 34.33 107.68 10.76
N GLN FB 112 33.20 108.39 10.79
CA GLN FB 112 33.25 109.85 10.72
C GLN FB 112 33.90 110.45 11.95
N VAL FB 113 33.65 109.88 13.14
CA VAL FB 113 34.28 110.37 14.35
C VAL FB 113 35.79 110.28 14.24
N PHE FB 114 36.29 109.21 13.60
CA PHE FB 114 37.72 109.09 13.35
C PHE FB 114 38.22 110.20 12.43
N LYS FB 115 37.53 110.41 11.30
CA LYS FB 115 38.05 111.34 10.29
C LYS FB 115 37.91 112.79 10.73
N LEU FB 116 36.90 113.12 11.54
CA LEU FB 116 36.83 114.45 12.11
C LEU FB 116 37.92 114.71 13.13
N GLY FB 117 38.66 113.68 13.54
CA GLY FB 117 39.76 113.84 14.46
C GLY FB 117 39.41 113.81 15.92
N LEU FB 118 38.14 113.57 16.26
CA LEU FB 118 37.76 113.51 17.67
C LEU FB 118 38.31 112.28 18.37
N ALA FB 119 38.78 111.29 17.62
CA ALA FB 119 39.34 110.07 18.19
C ALA FB 119 40.74 109.83 17.62
N LYS FB 120 41.41 108.84 18.19
CA LYS FB 120 42.79 108.50 17.83
C LYS FB 120 42.88 107.40 16.78
N SER FB 121 42.15 106.31 16.97
CA SER FB 121 42.08 105.22 16.02
C SER FB 121 40.63 104.90 15.72
N ILE FB 122 40.41 104.10 14.69
CA ILE FB 122 39.05 103.69 14.35
C ILE FB 122 38.44 102.89 15.48
N HIS FB 123 39.27 102.19 16.26
CA HIS FB 123 38.78 101.46 17.42
C HIS FB 123 38.47 102.39 18.58
N HIS FB 124 39.27 103.43 18.75
CA HIS FB 124 39.01 104.39 19.82
C HIS FB 124 37.70 105.14 19.60
N ALA FB 125 37.35 105.40 18.34
CA ALA FB 125 36.11 106.11 18.04
C ALA FB 125 34.90 105.33 18.51
N ARG FB 126 34.91 104.01 18.32
CA ARG FB 126 33.78 103.18 18.75
C ARG FB 126 33.61 103.22 20.27
N VAL FB 127 34.71 103.43 21.00
CA VAL FB 127 34.61 103.48 22.45
C VAL FB 127 33.89 104.74 22.90
N LEU FB 128 34.25 105.89 22.31
CA LEU FB 128 33.62 107.15 22.70
C LEU FB 128 32.12 107.14 22.41
N ILE FB 129 31.74 106.58 21.26
CA ILE FB 129 30.32 106.59 20.87
C ILE FB 129 29.49 105.77 21.85
N ARG FB 130 29.99 104.59 22.25
CA ARG FB 130 29.24 103.78 23.20
C ARG FB 130 29.18 104.45 24.57
N GLN FB 131 30.25 105.11 24.98
CA GLN FB 131 30.31 105.74 26.29
C GLN FB 131 29.64 107.12 26.33
N ARG FB 132 28.82 107.43 25.32
CA ARG FB 132 27.94 108.59 25.33
C ARG FB 132 28.73 109.90 25.37
N HIS FB 133 29.69 110.03 24.47
CA HIS FB 133 30.51 111.22 24.35
C HIS FB 133 30.31 111.97 23.04
N ILE FB 134 29.39 111.54 22.19
CA ILE FB 134 29.20 112.12 20.88
C ILE FB 134 27.74 112.55 20.74
N ARG FB 135 27.52 113.72 20.14
CA ARG FB 135 26.19 114.20 19.83
C ARG FB 135 26.13 114.61 18.37
N VAL FB 136 24.92 114.59 17.81
CA VAL FB 136 24.67 114.98 16.43
C VAL FB 136 23.49 115.95 16.46
N ARG FB 137 23.76 117.24 16.34
CA ARG FB 137 22.73 118.29 16.41
C ARG FB 137 21.92 118.18 17.71
N LYS FB 138 22.61 118.36 18.83
CA LYS FB 138 22.00 118.38 20.14
C LYS FB 138 21.25 117.08 20.43
N GLN FB 139 21.92 115.96 20.14
CA GLN FB 139 21.34 114.65 20.38
C GLN FB 139 22.47 113.64 20.51
N VAL FB 140 22.70 113.14 21.73
CA VAL FB 140 23.76 112.17 21.93
C VAL FB 140 23.36 110.86 21.28
N VAL FB 141 24.30 110.25 20.56
CA VAL FB 141 24.06 109.00 19.84
C VAL FB 141 24.90 107.92 20.49
N ASN FB 142 24.27 106.80 20.82
CA ASN FB 142 24.86 105.75 21.64
C ASN FB 142 25.38 104.58 20.81
N ILE FB 143 25.39 104.68 19.49
CA ILE FB 143 25.63 103.52 18.65
C ILE FB 143 26.61 103.85 17.53
N PRO FB 144 27.57 102.98 17.23
CA PRO FB 144 28.56 103.28 16.20
C PRO FB 144 28.08 103.07 14.77
N SER FB 145 26.95 102.40 14.57
CA SER FB 145 26.45 102.14 13.22
C SER FB 145 25.52 103.22 12.72
N PHE FB 146 25.27 104.26 13.50
CA PHE FB 146 24.50 105.41 13.04
C PHE FB 146 25.09 105.93 11.74
N ILE FB 147 24.26 106.03 10.71
CA ILE FB 147 24.72 106.45 9.39
C ILE FB 147 24.44 107.94 9.25
N VAL FB 148 25.45 108.68 8.77
CA VAL FB 148 25.45 110.13 8.81
C VAL FB 148 25.01 110.67 7.47
N ARG FB 149 23.93 111.44 7.46
CA ARG FB 149 23.51 112.13 6.25
C ARG FB 149 24.53 113.22 5.91
N LEU FB 150 24.49 113.65 4.65
CA LEU FB 150 25.48 114.63 4.19
C LEU FB 150 25.29 115.98 4.86
N ASP FB 151 24.04 116.35 5.17
CA ASP FB 151 23.79 117.65 5.77
C ASP FB 151 24.15 117.71 7.25
N SER FB 152 23.97 116.63 7.99
CA SER FB 152 24.32 116.60 9.40
C SER FB 152 25.77 116.20 9.65
N GLN FB 153 26.54 115.96 8.59
CA GLN FB 153 27.92 115.51 8.72
C GLN FB 153 28.83 116.56 9.34
N LYS FB 154 28.40 117.83 9.35
CA LYS FB 154 29.20 118.91 9.89
C LYS FB 154 28.78 119.32 11.29
N HIS FB 155 27.89 118.55 11.93
CA HIS FB 155 27.37 118.87 13.26
C HIS FB 155 27.78 117.85 14.32
N ILE FB 156 28.87 117.13 14.09
CA ILE FB 156 29.31 116.08 15.00
C ILE FB 156 30.36 116.67 15.93
N ASP FB 157 30.07 116.68 17.23
CA ASP FB 157 31.01 117.16 18.23
C ASP FB 157 30.73 116.43 19.54
N PHE FB 158 31.49 116.80 20.57
CA PHE FB 158 31.35 116.17 21.86
C PHE FB 158 30.07 116.61 22.55
N SER FB 159 29.54 115.74 23.41
CA SER FB 159 28.31 116.04 24.11
C SER FB 159 28.56 117.05 25.22
N LEU FB 160 27.51 117.82 25.54
CA LEU FB 160 27.67 118.92 26.48
C LEU FB 160 28.02 118.43 27.87
N ARG FB 161 27.41 117.34 28.32
CA ARG FB 161 27.75 116.73 29.60
C ARG FB 161 28.71 115.57 29.38
N SER FB 162 29.96 115.93 29.11
CA SER FB 162 31.01 114.97 28.88
C SER FB 162 32.31 115.54 29.41
N PRO FB 163 33.13 114.74 30.09
CA PRO FB 163 34.45 115.23 30.51
C PRO FB 163 35.32 115.66 29.34
N TYR FB 164 35.14 115.06 28.16
CA TYR FB 164 35.82 115.51 26.97
C TYR FB 164 35.17 116.77 26.39
N GLY FB 165 33.99 117.14 26.87
CA GLY FB 165 33.40 118.42 26.55
C GLY FB 165 33.48 119.35 27.74
N GLY FB 166 32.48 120.22 27.90
CA GLY FB 166 32.42 121.07 29.07
C GLY FB 166 31.61 120.47 30.19
N GLY FB 167 32.11 119.39 30.81
CA GLY FB 167 31.35 118.69 31.82
C GLY FB 167 32.20 118.32 33.02
N ARG FB 168 31.59 117.59 33.93
CA ARG FB 168 32.28 117.14 35.13
C ARG FB 168 33.35 116.12 34.77
N PRO FB 169 34.40 116.01 35.59
CA PRO FB 169 35.31 114.87 35.48
C PRO FB 169 34.59 113.57 35.82
N GLY FB 170 35.07 112.48 35.23
CA GLY FB 170 34.48 111.18 35.44
C GLY FB 170 34.82 110.61 36.81
N ARG FB 171 34.41 109.35 37.01
CA ARG FB 171 34.61 108.72 38.32
C ARG FB 171 36.08 108.63 38.67
N VAL FB 172 36.93 108.26 37.71
CA VAL FB 172 38.33 108.02 38.00
C VAL FB 172 39.00 109.28 38.52
N LYS FB 173 38.83 110.39 37.81
CA LYS FB 173 39.51 111.62 38.22
C LYS FB 173 38.92 112.16 39.52
N ARG FB 174 37.60 112.09 39.67
CA ARG FB 174 36.98 112.57 40.91
C ARG FB 174 37.44 111.74 42.10
N LYS FB 175 37.55 110.42 41.93
CA LYS FB 175 37.98 109.57 43.03
C LYS FB 175 39.47 109.74 43.32
N ASN FB 176 40.30 109.82 42.28
CA ASN FB 176 41.73 110.02 42.48
C ASN FB 176 42.01 111.37 43.14
N ALA FB 177 41.31 112.42 42.71
CA ALA FB 177 41.50 113.73 43.33
C ALA FB 177 41.06 113.72 44.78
N LYS FB 178 39.92 113.07 45.08
CA LYS FB 178 39.44 113.00 46.45
C LYS FB 178 40.40 112.22 47.34
N LYS FB 179 40.94 111.11 46.84
CA LYS FB 179 41.94 110.39 47.60
C LYS FB 179 43.21 111.20 47.76
N GLY FB 180 43.58 111.97 46.73
CA GLY FB 180 44.76 112.82 46.84
C GLY FB 180 44.64 113.83 47.97
N GLN FB 181 43.51 114.51 48.06
CA GLN FB 181 43.26 115.40 49.18
C GLN FB 181 42.90 114.63 50.45
N GLY FB 182 42.25 113.48 50.30
CA GLY FB 182 41.94 112.65 51.46
C GLY FB 182 43.19 112.07 52.10
N GLY FB 183 44.15 111.65 51.28
CA GLY FB 183 45.39 111.14 51.82
C GLY FB 183 46.32 112.21 52.34
N ALA FB 184 46.28 113.41 51.74
CA ALA FB 184 47.13 114.50 52.19
C ALA FB 184 46.63 115.08 53.51
N GLY FB 185 45.32 115.23 53.65
CA GLY FB 185 44.74 115.77 54.86
C GLY FB 185 43.64 116.79 54.60
N MET GB 1 87.78 54.80 37.89
CA MET GB 1 88.87 53.88 37.59
C MET GB 1 89.95 53.97 38.67
N LEU GB 2 90.15 52.86 39.38
CA LEU GB 2 91.18 52.83 40.41
C LEU GB 2 92.55 52.76 39.77
N MET GB 3 93.15 53.92 39.53
CA MET GB 3 94.43 54.00 38.87
C MET GB 3 95.48 54.49 39.86
N PRO GB 4 96.64 53.83 39.95
CA PRO GB 4 97.74 54.39 40.75
C PRO GB 4 98.09 55.78 40.24
N LYS GB 5 98.34 56.69 41.19
CA LYS GB 5 98.54 58.09 40.81
C LYS GB 5 99.79 58.26 39.96
N LYS GB 6 100.80 57.42 40.20
CA LYS GB 6 101.99 57.44 39.36
C LYS GB 6 101.66 57.18 37.90
N ASN GB 7 100.69 56.31 37.62
CA ASN GB 7 100.35 55.99 36.24
C ASN GB 7 99.58 57.12 35.58
N ARG GB 8 98.69 57.78 36.31
CA ARG GB 8 97.91 58.88 35.72
C ARG GB 8 98.82 60.05 35.36
N ILE GB 9 99.86 60.30 36.14
CA ILE GB 9 100.82 61.33 35.79
C ILE GB 9 101.54 60.94 34.49
N ALA GB 10 101.81 59.64 34.32
CA ALA GB 10 102.54 59.19 33.13
C ALA GB 10 101.76 59.48 31.86
N ILE GB 11 100.45 59.22 31.86
CA ILE GB 11 99.62 59.56 30.71
C ILE GB 11 99.50 61.07 30.55
N TYR GB 12 99.23 61.76 31.66
CA TYR GB 12 98.92 63.18 31.59
C TYR GB 12 100.11 64.01 31.11
N GLU GB 13 101.33 63.62 31.50
CA GLU GB 13 102.49 64.35 31.01
C GLU GB 13 102.71 64.10 29.52
N LEU GB 14 102.40 62.89 29.05
CA LEU GB 14 102.62 62.57 27.64
C LEU GB 14 101.64 63.31 26.74
N LEU GB 15 100.39 63.47 27.19
CA LEU GB 15 99.45 64.28 26.44
C LEU GB 15 99.90 65.73 26.37
N PHE GB 16 100.78 66.15 27.27
CA PHE GB 16 101.33 67.50 27.26
C PHE GB 16 102.69 67.58 26.58
N LYS GB 17 103.55 66.57 26.78
CA LYS GB 17 104.81 66.53 26.06
C LYS GB 17 104.57 66.46 24.56
N GLU GB 18 103.62 65.64 24.13
CA GLU GB 18 103.15 65.64 22.75
C GLU GB 18 101.64 65.84 22.76
N GLY GB 19 101.17 66.72 21.88
CA GLY GB 19 99.79 67.15 21.92
C GLY GB 19 98.77 66.06 21.66
N VAL GB 20 99.17 64.97 21.01
CA VAL GB 20 98.25 63.95 20.56
C VAL GB 20 98.46 62.67 21.36
N MET GB 21 97.58 61.70 21.13
CA MET GB 21 97.66 60.40 21.77
C MET GB 21 96.89 59.38 20.94
N VAL GB 22 97.51 58.23 20.69
CA VAL GB 22 96.90 57.16 19.93
C VAL GB 22 97.04 55.86 20.70
N ALA GB 23 95.95 55.09 20.79
CA ALA GB 23 95.96 53.83 21.51
C ALA GB 23 95.12 52.80 20.76
N LYS GB 24 95.56 51.55 20.86
CA LYS GB 24 94.85 50.43 20.25
C LYS GB 24 93.68 50.01 21.13
N LYS GB 25 92.52 49.79 20.53
CA LYS GB 25 91.36 49.35 21.29
C LYS GB 25 91.52 47.88 21.61
N ASP GB 26 92.18 47.60 22.74
CA ASP GB 26 92.29 46.23 23.23
C ASP GB 26 92.57 46.32 24.72
N VAL GB 27 91.59 45.94 25.54
CA VAL GB 27 91.75 46.04 26.98
C VAL GB 27 92.81 45.07 27.49
N HIS GB 28 92.99 43.95 26.81
CA HIS GB 28 93.94 42.93 27.24
C HIS GB 28 95.30 43.12 26.61
N MET GB 29 95.85 44.32 26.70
CA MET GB 29 97.18 44.60 26.18
C MET GB 29 98.11 44.85 27.35
N PRO GB 30 99.18 44.08 27.52
CA PRO GB 30 100.00 44.21 28.75
C PRO GB 30 100.63 45.58 28.89
N LYS GB 31 101.40 46.00 27.89
CA LYS GB 31 102.15 47.24 27.94
C LYS GB 31 101.69 48.15 26.80
N HIS GB 32 101.49 49.42 27.10
CA HIS GB 32 101.19 50.36 26.03
C HIS GB 32 102.46 50.60 25.22
N PRO GB 33 102.42 50.38 23.90
CA PRO GB 33 103.68 50.18 23.16
C PRO GB 33 104.65 51.36 23.20
N GLU GB 34 104.14 52.60 23.13
CA GLU GB 34 105.04 53.73 22.98
C GLU GB 34 105.85 54.04 24.23
N LEU GB 35 105.43 53.60 25.40
CA LEU GB 35 106.19 53.77 26.64
C LEU GB 35 106.59 52.40 27.16
N ALA GB 36 107.88 52.24 27.47
CA ALA GB 36 108.45 50.93 27.81
C ALA GB 36 108.86 50.82 29.27
N ASP GB 37 109.70 51.73 29.76
CA ASP GB 37 110.21 51.63 31.13
C ASP GB 37 109.06 51.67 32.13
N LYS GB 38 108.15 52.62 31.97
CA LYS GB 38 106.96 52.71 32.79
C LYS GB 38 105.99 51.60 32.41
N ASN GB 39 105.18 51.18 33.37
CA ASN GB 39 104.35 49.99 33.24
C ASN GB 39 102.88 50.39 33.36
N VAL GB 40 102.28 50.78 32.25
CA VAL GB 40 100.86 51.10 32.18
C VAL GB 40 100.22 50.25 31.09
N PRO GB 41 99.12 49.55 31.38
CA PRO GB 41 98.39 48.86 30.32
C PRO GB 41 97.51 49.82 29.53
N ASN GB 42 97.12 49.37 28.34
CA ASN GB 42 96.20 50.17 27.51
C ASN GB 42 94.84 50.31 28.14
N LEU GB 43 94.48 49.45 29.10
CA LEU GB 43 93.22 49.62 29.81
C LEU GB 43 93.18 50.96 30.53
N HIS GB 44 94.25 51.30 31.24
CA HIS GB 44 94.34 52.61 31.87
C HIS GB 44 94.32 53.72 30.82
N VAL GB 45 95.12 53.59 29.77
CA VAL GB 45 95.28 54.67 28.81
C VAL GB 45 93.95 54.97 28.13
N MET GB 46 93.22 53.94 27.72
CA MET GB 46 91.93 54.16 27.09
C MET GB 46 90.93 54.77 28.07
N LYS GB 47 90.90 54.27 29.31
CA LYS GB 47 89.90 54.71 30.27
C LYS GB 47 90.30 55.97 31.02
N ALA GB 48 91.60 56.27 31.12
CA ALA GB 48 92.00 57.56 31.69
C ALA GB 48 91.53 58.71 30.82
N MET GB 49 91.72 58.58 29.51
CA MET GB 49 91.38 59.66 28.59
C MET GB 49 89.93 59.62 28.13
N GLN GB 50 89.19 58.55 28.44
CA GLN GB 50 87.75 58.60 28.32
C GLN GB 50 87.16 59.60 29.30
N SER GB 51 87.74 59.68 30.49
CA SER GB 51 87.32 60.70 31.45
C SER GB 51 87.66 62.10 30.93
N LEU GB 52 88.82 62.25 30.31
CA LEU GB 52 89.20 63.55 29.76
C LEU GB 52 88.23 64.00 28.67
N LYS GB 53 87.84 63.08 27.79
CA LYS GB 53 86.86 63.43 26.76
C LYS GB 53 85.50 63.71 27.36
N SER GB 54 85.17 63.06 28.48
CA SER GB 54 83.82 63.14 29.02
C SER GB 54 83.48 64.54 29.50
N ARG GB 55 84.48 65.34 29.88
CA ARG GB 55 84.27 66.72 30.27
C ARG GB 55 84.80 67.70 29.24
N GLY GB 56 84.84 67.28 27.98
CA GLY GB 56 85.18 68.18 26.88
C GLY GB 56 86.58 68.73 26.90
N TYR GB 57 87.57 67.88 27.17
CA TYR GB 57 88.96 68.32 27.23
C TYR GB 57 89.80 67.84 26.07
N VAL GB 58 89.53 66.66 25.54
CA VAL GB 58 90.28 66.08 24.44
C VAL GB 58 89.29 65.65 23.37
N LYS GB 59 89.70 65.73 22.11
CA LYS GB 59 88.86 65.35 20.98
C LYS GB 59 89.26 63.96 20.52
N GLU GB 60 88.27 63.07 20.43
CA GLU GB 60 88.50 61.65 20.17
C GLU GB 60 87.95 61.27 18.80
N GLN GB 61 88.66 60.39 18.11
CA GLN GB 61 88.17 59.81 16.87
C GLN GB 61 88.63 58.37 16.79
N PHE GB 62 87.77 57.51 16.26
CA PHE GB 62 88.03 56.08 16.15
C PHE GB 62 88.15 55.67 14.69
N ALA GB 63 89.13 54.83 14.40
CA ALA GB 63 89.30 54.30 13.04
C ALA GB 63 90.16 53.04 13.11
N TRP GB 64 89.58 51.90 12.72
CA TRP GB 64 90.30 50.65 12.56
C TRP GB 64 90.97 50.20 13.87
N ARG GB 65 90.13 50.00 14.89
CA ARG GB 65 90.57 49.48 16.19
C ARG GB 65 91.61 50.37 16.86
N HIS GB 66 91.68 51.64 16.49
CA HIS GB 66 92.68 52.55 17.03
C HIS GB 66 92.02 53.84 17.46
N PHE GB 67 92.23 54.22 18.72
CA PHE GB 67 91.77 55.50 19.22
C PHE GB 67 92.71 56.61 18.76
N TYR GB 68 92.15 57.80 18.54
CA TYR GB 68 92.95 58.99 18.29
C TYR GB 68 92.44 60.11 19.18
N TRP GB 69 93.37 60.85 19.77
CA TRP GB 69 93.01 61.90 20.72
C TRP GB 69 93.77 63.18 20.39
N TYR GB 70 93.05 64.28 20.31
CA TYR GB 70 93.62 65.61 20.08
C TYR GB 70 93.27 66.50 21.25
N LEU GB 71 94.29 67.14 21.84
CA LEU GB 71 94.09 67.93 23.04
C LEU GB 71 93.70 69.36 22.69
N THR GB 72 92.70 69.87 23.40
CA THR GB 72 92.11 71.17 23.11
C THR GB 72 92.70 72.26 24.00
N ASN GB 73 92.24 73.49 23.78
CA ASN GB 73 92.78 74.64 24.52
C ASN GB 73 92.32 74.61 25.97
N GLU GB 74 91.07 74.26 26.23
CA GLU GB 74 90.63 74.07 27.60
C GLU GB 74 91.32 72.87 28.23
N GLY GB 75 91.67 71.87 27.42
CA GLY GB 75 92.43 70.75 27.93
C GLY GB 75 93.82 71.13 28.38
N ILE GB 76 94.53 71.92 27.56
CA ILE GB 76 95.91 72.28 27.92
C ILE GB 76 95.92 73.17 29.15
N GLN GB 77 94.86 73.97 29.35
CA GLN GB 77 94.79 74.78 30.56
C GLN GB 77 94.63 73.90 31.79
N TYR GB 78 93.68 72.97 31.76
CA TYR GB 78 93.49 72.06 32.89
C TYR GB 78 94.72 71.18 33.09
N LEU GB 79 95.26 70.62 32.00
CA LEU GB 79 96.43 69.76 32.13
C LEU GB 79 97.63 70.55 32.63
N ARG GB 80 97.66 71.86 32.37
CA ARG GB 80 98.71 72.70 32.91
C ARG GB 80 98.56 72.82 34.43
N ASP GB 81 97.33 73.09 34.88
CA ASP GB 81 97.06 73.26 36.30
C ASP GB 81 97.31 71.97 37.06
N TYR GB 82 96.79 70.85 36.55
CA TYR GB 82 96.88 69.60 37.28
C TYR GB 82 98.34 69.16 37.44
N LEU GB 83 99.13 69.29 36.39
CA LEU GB 83 100.55 68.96 36.48
C LEU GB 83 101.36 70.03 37.20
N HIS GB 84 100.79 71.23 37.39
CA HIS GB 84 101.47 72.35 38.04
C HIS GB 84 102.80 72.65 37.36
N LEU GB 85 102.69 73.02 36.08
CA LEU GB 85 103.88 73.31 35.30
C LEU GB 85 103.91 74.79 34.91
N PRO GB 86 105.11 75.36 34.80
CA PRO GB 86 105.21 76.79 34.48
C PRO GB 86 104.66 77.06 33.09
N PRO GB 87 104.12 78.27 32.87
CA PRO GB 87 103.36 78.53 31.63
C PRO GB 87 104.20 78.53 30.35
N GLU GB 88 105.53 78.58 30.44
CA GLU GB 88 106.33 78.72 29.22
C GLU GB 88 106.30 77.46 28.36
N ILE GB 89 106.25 76.27 28.97
CA ILE GB 89 106.25 75.03 28.21
C ILE GB 89 104.88 74.81 27.59
N VAL GB 90 104.88 74.23 26.39
CA VAL GB 90 103.66 74.10 25.58
C VAL GB 90 103.75 72.81 24.77
N PRO GB 91 102.64 72.13 24.49
CA PRO GB 91 102.70 70.93 23.66
C PRO GB 91 103.26 71.23 22.27
N ALA GB 92 103.92 70.22 21.69
CA ALA GB 92 104.67 70.41 20.45
C ALA GB 92 103.77 70.77 19.27
N THR GB 93 102.46 70.58 19.38
CA THR GB 93 101.57 70.98 18.29
C THR GB 93 101.56 72.48 18.09
N LEU GB 94 101.99 73.25 19.09
CA LEU GB 94 102.08 74.70 18.97
C LEU GB 94 103.48 75.19 18.63
N ARG GB 95 104.52 74.43 18.95
CA ARG GB 95 105.86 74.81 18.56
C ARG GB 95 106.06 74.59 17.06
N ARG GB 96 107.26 74.87 16.59
CA ARG GB 96 107.60 74.69 15.19
C ARG GB 96 108.89 73.90 15.04
N ASP HB 1 -56.41 68.02 -27.99
CA ASP HB 1 -55.26 68.59 -28.68
C ASP HB 1 -54.29 69.22 -27.67
N ILE HB 2 -54.76 70.25 -26.98
CA ILE HB 2 -53.96 70.89 -25.94
C ILE HB 2 -54.29 70.31 -24.57
N GLN HB 3 -55.57 70.05 -24.30
CA GLN HB 3 -56.00 69.54 -23.00
C GLN HB 3 -55.75 68.04 -22.93
N THR HB 4 -54.49 67.69 -22.73
CA THR HB 4 -54.07 66.29 -22.62
C THR HB 4 -53.66 65.93 -21.19
N GLU HB 5 -54.01 66.74 -20.21
CA GLU HB 5 -53.66 66.48 -18.82
C GLU HB 5 -54.94 66.38 -17.99
N ARG HB 6 -54.76 66.06 -16.70
CA ARG HB 6 -55.90 65.87 -15.83
C ARG HB 6 -56.57 67.20 -15.50
N ALA HB 7 -55.79 68.23 -15.20
CA ALA HB 7 -56.32 69.55 -14.91
C ALA HB 7 -56.49 70.34 -16.20
N TYR HB 8 -57.43 71.29 -16.17
CA TYR HB 8 -57.61 72.16 -17.32
C TYR HB 8 -56.35 73.01 -17.54
N GLN HB 9 -55.95 73.11 -18.79
CA GLN HB 9 -54.75 73.85 -19.17
C GLN HB 9 -55.16 75.19 -19.77
N LYS HB 10 -54.65 76.28 -19.20
CA LYS HB 10 -54.98 77.61 -19.67
C LYS HB 10 -53.92 78.59 -19.19
N GLN HB 11 -53.86 79.74 -19.86
CA GLN HB 11 -53.01 80.83 -19.40
C GLN HB 11 -53.68 81.55 -18.25
N PRO HB 12 -52.96 81.81 -17.14
CA PRO HB 12 -53.63 82.35 -15.95
C PRO HB 12 -54.22 83.75 -16.14
N THR HB 13 -53.78 84.52 -17.12
CA THR HB 13 -54.20 85.91 -17.21
C THR HB 13 -55.45 86.09 -18.06
N ILE HB 14 -55.60 85.32 -19.13
CA ILE HB 14 -56.68 85.54 -20.08
C ILE HB 14 -57.98 84.96 -19.52
N PHE HB 15 -58.99 85.80 -19.41
CA PHE HB 15 -60.32 85.38 -18.98
C PHE HB 15 -61.12 85.02 -20.23
N GLN HB 16 -61.40 83.74 -20.41
CA GLN HB 16 -61.93 83.21 -21.64
C GLN HB 16 -63.46 83.06 -21.63
N ASN HB 17 -64.13 83.72 -20.70
CA ASN HB 17 -65.55 83.49 -20.46
C ASN HB 17 -66.33 84.80 -20.50
N LYS HB 18 -66.05 85.62 -21.53
CA LYS HB 18 -66.83 86.83 -21.73
C LYS HB 18 -68.14 86.49 -22.45
N LYS HB 19 -69.21 87.18 -22.07
CA LYS HB 19 -70.52 86.90 -22.63
C LYS HB 19 -70.61 87.45 -24.06
N ARG HB 20 -70.89 86.57 -25.01
CA ARG HB 20 -71.06 86.95 -26.41
C ARG HB 20 -72.42 86.49 -26.89
N VAL HB 21 -73.20 87.44 -27.43
CA VAL HB 21 -74.59 87.24 -27.86
C VAL HB 21 -75.32 86.15 -27.09
N LYS HB 30 -61.94 83.20 -31.42
CA LYS HB 30 -60.53 82.95 -31.19
C LYS HB 30 -60.14 83.40 -29.78
N LEU HB 31 -59.38 82.56 -29.09
CA LEU HB 31 -58.92 82.90 -27.75
C LEU HB 31 -57.82 83.94 -27.82
N PRO HB 32 -58.00 85.11 -27.20
CA PRO HB 32 -56.86 86.01 -27.03
C PRO HB 32 -55.84 85.35 -26.12
N ARG HB 33 -54.56 85.61 -26.39
CA ARG HB 33 -53.51 84.95 -25.63
C ARG HB 33 -52.48 85.95 -25.14
N TYR HB 34 -51.95 85.68 -23.96
CA TYR HB 34 -50.94 86.52 -23.34
C TYR HB 34 -49.58 86.22 -23.92
N TYR HB 35 -48.80 87.28 -24.15
CA TYR HB 35 -47.40 87.15 -24.55
C TYR HB 35 -46.70 88.44 -24.23
N LYS HB 36 -45.37 88.39 -24.22
CA LYS HB 36 -44.58 89.56 -23.88
C LYS HB 36 -43.24 89.46 -24.59
N ASN HB 37 -42.59 90.61 -24.74
CA ASN HB 37 -41.22 90.66 -25.21
C ASN HB 37 -40.30 90.65 -24.00
N ILE HB 38 -39.28 89.79 -24.06
CA ILE HB 38 -38.43 89.57 -22.89
C ILE HB 38 -37.29 90.56 -22.77
N GLY HB 39 -37.10 91.43 -23.76
CA GLY HB 39 -36.07 92.45 -23.66
C GLY HB 39 -34.73 92.00 -24.21
N LEU HB 40 -33.74 92.86 -23.99
CA LEU HB 40 -32.36 92.62 -24.42
C LEU HB 40 -32.25 92.38 -25.92
N GLY HB 41 -33.15 93.01 -26.68
CA GLY HB 41 -33.08 92.90 -28.13
C GLY HB 41 -33.37 91.53 -28.68
N PHE HB 42 -34.15 90.72 -27.95
CA PHE HB 42 -34.56 89.41 -28.43
C PHE HB 42 -35.94 89.50 -29.06
N LYS HB 43 -36.07 88.97 -30.27
CA LYS HB 43 -37.31 89.04 -31.01
C LYS HB 43 -38.19 87.85 -30.62
N THR HB 44 -39.43 88.13 -30.25
CA THR HB 44 -40.35 87.06 -29.88
C THR HB 44 -40.75 86.26 -31.12
N PRO HB 45 -40.59 84.94 -31.12
CA PRO HB 45 -40.89 84.17 -32.32
C PRO HB 45 -42.37 84.27 -32.67
N LYS HB 46 -42.65 84.22 -33.97
CA LYS HB 46 -44.01 84.44 -34.45
C LYS HB 46 -44.96 83.35 -33.96
N GLU HB 47 -44.51 82.08 -34.02
CA GLU HB 47 -45.35 80.97 -33.63
C GLU HB 47 -45.61 80.91 -32.13
N ALA HB 48 -44.97 81.78 -31.35
CA ALA HB 48 -45.36 81.98 -29.97
C ALA HB 48 -46.57 82.90 -29.84
N ILE HB 49 -46.94 83.60 -30.91
CA ILE HB 49 -48.06 84.53 -30.89
C ILE HB 49 -49.29 83.94 -31.57
N GLU HB 50 -49.12 83.30 -32.72
CA GLU HB 50 -50.21 82.62 -33.38
C GLU HB 50 -50.31 81.14 -33.04
N GLY HB 51 -49.45 80.66 -32.14
CA GLY HB 51 -49.55 79.30 -31.68
C GLY HB 51 -50.71 79.13 -30.72
N THR HB 52 -50.93 77.89 -30.31
CA THR HB 52 -52.02 77.57 -29.40
C THR HB 52 -51.57 76.82 -28.15
N TYR HB 53 -50.30 76.47 -28.04
CA TYR HB 53 -49.81 75.80 -26.86
C TYR HB 53 -49.87 76.73 -25.65
N ILE HB 54 -49.66 76.17 -24.47
CA ILE HB 54 -49.40 76.95 -23.27
C ILE HB 54 -48.21 76.36 -22.54
N ASP HB 55 -47.58 77.19 -21.73
CA ASP HB 55 -46.37 76.79 -21.01
C ASP HB 55 -46.09 77.75 -19.87
N LYS HB 56 -46.02 77.24 -18.64
CA LYS HB 56 -45.62 78.09 -17.52
C LYS HB 56 -44.22 78.63 -17.70
N LYS HB 57 -43.34 77.82 -18.30
CA LYS HB 57 -41.92 78.07 -18.31
C LYS HB 57 -41.43 78.64 -19.62
N CYS HB 58 -42.32 78.96 -20.54
CA CYS HB 58 -41.93 79.62 -21.78
C CYS HB 58 -41.62 81.09 -21.50
N PRO HB 59 -40.45 81.58 -21.91
CA PRO HB 59 -40.14 82.99 -21.64
C PRO HB 59 -41.10 83.96 -22.29
N PHE HB 60 -41.61 83.65 -23.47
CA PHE HB 60 -42.48 84.56 -24.20
C PHE HB 60 -43.95 84.41 -23.84
N THR HB 61 -44.34 83.38 -23.10
CA THR HB 61 -45.74 83.16 -22.79
C THR HB 61 -45.98 82.77 -21.35
N GLY HB 62 -44.95 82.52 -20.56
CA GLY HB 62 -45.11 82.16 -19.17
C GLY HB 62 -44.60 83.25 -18.24
N ASN HB 63 -44.68 82.96 -16.95
CA ASN HB 63 -44.24 83.91 -15.91
C ASN HB 63 -42.80 83.63 -15.48
N VAL HB 64 -41.89 83.64 -16.44
CA VAL HB 64 -40.47 83.59 -16.18
C VAL HB 64 -39.83 84.83 -16.78
N SER HB 65 -38.93 85.45 -16.01
CA SER HB 65 -38.23 86.65 -16.43
C SER HB 65 -36.76 86.34 -16.60
N ILE HB 66 -36.16 86.88 -17.66
CA ILE HB 66 -34.76 86.64 -17.97
C ILE HB 66 -33.91 87.66 -17.25
N ARG HB 67 -32.84 87.18 -16.60
CA ARG HB 67 -31.94 88.03 -15.83
C ARG HB 67 -30.53 87.51 -16.04
N GLY HB 68 -29.60 88.00 -15.22
CA GLY HB 68 -28.31 87.37 -15.07
C GLY HB 68 -27.55 87.24 -16.37
N ARG HB 69 -27.01 86.05 -16.60
CA ARG HB 69 -26.11 85.79 -17.70
C ARG HB 69 -26.86 85.35 -18.94
N ILE HB 70 -26.30 85.67 -20.11
CA ILE HB 70 -26.78 85.19 -21.39
C ILE HB 70 -25.67 84.34 -21.98
N LEU HB 71 -25.90 83.04 -22.10
CA LEU HB 71 -24.91 82.09 -22.53
C LEU HB 71 -25.33 81.44 -23.84
N SER HB 72 -24.51 80.50 -24.31
CA SER HB 72 -24.76 79.81 -25.57
C SER HB 72 -24.17 78.42 -25.50
N GLY HB 73 -24.68 77.54 -26.37
CA GLY HB 73 -24.23 76.16 -26.38
C GLY HB 73 -24.74 75.46 -27.62
N VAL HB 74 -24.44 74.17 -27.69
CA VAL HB 74 -24.83 73.31 -28.81
C VAL HB 74 -25.65 72.15 -28.28
N VAL HB 75 -26.75 71.85 -28.99
CA VAL HB 75 -27.70 70.84 -28.52
C VAL HB 75 -27.07 69.47 -28.63
N THR HB 76 -27.23 68.65 -27.58
CA THR HB 76 -26.69 67.30 -27.55
C THR HB 76 -27.76 66.23 -27.50
N LYS HB 77 -28.74 66.35 -26.60
CA LYS HB 77 -29.82 65.38 -26.51
C LYS HB 77 -31.14 66.11 -26.40
N MET HB 78 -32.18 65.51 -26.99
CA MET HB 78 -33.54 66.05 -26.98
C MET HB 78 -34.53 64.95 -26.62
N LYS HB 79 -34.25 64.19 -25.57
CA LYS HB 79 -35.09 63.06 -25.20
C LYS HB 79 -36.06 63.37 -24.07
N MET HB 80 -35.73 64.29 -23.18
CA MET HB 80 -36.71 64.75 -22.20
C MET HB 80 -37.77 65.60 -22.89
N GLN HB 81 -38.86 65.87 -22.17
CA GLN HB 81 -40.03 66.53 -22.75
C GLN HB 81 -40.09 67.99 -22.33
N ARG HB 82 -40.11 68.87 -23.34
CA ARG HB 82 -39.98 70.33 -23.16
C ARG HB 82 -38.79 70.70 -22.31
N THR HB 83 -37.67 70.00 -22.53
CA THR HB 83 -36.37 70.36 -21.97
C THR HB 83 -35.31 69.53 -22.67
N ILE HB 84 -34.19 70.19 -23.00
CA ILE HB 84 -33.09 69.57 -23.70
C ILE HB 84 -31.82 69.78 -22.88
N VAL HB 85 -30.71 69.29 -23.41
CA VAL HB 85 -29.40 69.50 -22.80
C VAL HB 85 -28.43 70.01 -23.85
N ILE HB 86 -27.75 71.10 -23.53
CA ILE HB 86 -26.74 71.67 -24.41
C ILE HB 86 -25.38 71.36 -23.82
N ARG HB 87 -24.33 71.59 -24.61
CA ARG HB 87 -22.96 71.34 -24.18
C ARG HB 87 -22.14 72.59 -24.42
N ARG HB 88 -21.52 73.10 -23.37
CA ARG HB 88 -20.64 74.26 -23.46
C ARG HB 88 -19.19 73.80 -23.51
N ASP HB 89 -18.45 74.29 -24.50
CA ASP HB 89 -17.05 73.96 -24.67
C ASP HB 89 -16.20 75.19 -24.41
N TYR HB 90 -15.09 74.99 -23.70
CA TYR HB 90 -14.20 76.10 -23.37
C TYR HB 90 -12.81 75.52 -23.12
N LEU HB 91 -11.85 76.41 -22.97
CA LEU HB 91 -10.47 76.05 -22.70
C LEU HB 91 -10.06 76.55 -21.32
N HIS HB 92 -9.20 75.80 -20.66
CA HIS HB 92 -8.73 76.14 -19.33
C HIS HB 92 -7.23 76.27 -19.35
N TYR HB 93 -6.72 77.45 -18.98
CA TYR HB 93 -5.30 77.72 -19.02
C TYR HB 93 -4.62 77.21 -17.76
N ILE HB 94 -3.49 76.54 -17.94
CA ILE HB 94 -2.68 76.04 -16.83
C ILE HB 94 -1.35 76.78 -16.86
N ARG HB 95 -0.99 77.38 -15.74
CA ARG HB 95 0.11 78.35 -15.74
C ARG HB 95 1.46 77.67 -15.89
N LYS HB 96 1.64 76.51 -15.26
CA LYS HB 96 2.95 75.87 -15.27
C LYS HB 96 3.42 75.57 -16.68
N TYR HB 97 2.53 75.05 -17.52
CA TYR HB 97 2.89 74.65 -18.87
C TYR HB 97 2.61 75.72 -19.91
N ASN HB 98 1.93 76.80 -19.56
CA ASN HB 98 1.55 77.86 -20.49
C ASN HB 98 0.63 77.35 -21.60
N ARG HB 99 0.02 76.19 -21.39
CA ARG HB 99 -0.88 75.58 -22.36
C ARG HB 99 -2.32 75.69 -21.91
N PHE HB 100 -3.22 75.33 -22.80
CA PHE HB 100 -4.64 75.27 -22.52
C PHE HB 100 -5.07 73.80 -22.44
N GLU HB 101 -6.34 73.60 -22.12
CA GLU HB 101 -6.85 72.26 -21.81
C GLU HB 101 -8.34 72.28 -22.04
N LYS HB 102 -8.81 71.47 -22.99
CA LYS HB 102 -10.23 71.48 -23.33
C LYS HB 102 -11.06 70.87 -22.21
N ARG HB 103 -12.06 71.63 -21.76
CA ARG HB 103 -13.03 71.18 -20.78
C ARG HB 103 -14.42 71.41 -21.34
N HIS HB 104 -15.39 70.70 -20.80
CA HIS HB 104 -16.77 70.85 -21.26
C HIS HB 104 -17.71 70.70 -20.09
N LYS HB 105 -18.77 71.48 -20.11
CA LYS HB 105 -19.90 71.30 -19.20
C LYS HB 105 -21.18 71.25 -20.00
N ASN HB 106 -22.01 70.25 -19.71
CA ASN HB 106 -23.31 70.14 -20.32
C ASN HB 106 -24.38 70.38 -19.27
N MET HB 107 -25.43 71.08 -19.69
CA MET HB 107 -26.39 71.67 -18.77
C MET HB 107 -27.80 71.52 -19.31
N SER HB 108 -28.76 71.41 -18.39
CA SER HB 108 -30.16 71.23 -18.74
C SER HB 108 -30.82 72.58 -19.00
N VAL HB 109 -31.57 72.66 -20.09
CA VAL HB 109 -32.20 73.90 -20.51
C VAL HB 109 -33.64 73.61 -20.94
N HIS HB 110 -34.56 74.47 -20.53
CA HIS HB 110 -35.97 74.31 -20.84
C HIS HB 110 -36.24 74.89 -22.23
N LEU HB 111 -36.60 74.03 -23.17
CA LEU HB 111 -36.90 74.45 -24.54
C LEU HB 111 -38.40 74.63 -24.68
N SER HB 112 -38.83 75.88 -24.86
CA SER HB 112 -40.22 76.16 -25.11
C SER HB 112 -40.65 75.57 -26.45
N PRO HB 113 -41.89 75.11 -26.57
CA PRO HB 113 -42.35 74.49 -27.82
C PRO HB 113 -42.62 75.48 -28.95
N CYS HB 114 -42.27 76.75 -28.79
CA CYS HB 114 -42.30 77.67 -29.92
C CYS HB 114 -41.13 77.42 -30.86
N PHE HB 115 -39.94 77.17 -30.32
CA PHE HB 115 -38.79 76.74 -31.12
C PHE HB 115 -39.05 75.30 -31.52
N ARG HB 116 -39.83 75.14 -32.58
CA ARG HB 116 -40.42 73.85 -32.90
C ARG HB 116 -39.51 72.97 -33.77
N ASP HB 117 -38.72 73.58 -34.66
CA ASP HB 117 -37.79 72.83 -35.49
C ASP HB 117 -36.38 72.99 -34.91
N VAL HB 118 -36.02 72.07 -34.01
CA VAL HB 118 -34.70 72.05 -33.39
C VAL HB 118 -34.15 70.64 -33.52
N GLN HB 119 -32.93 70.52 -34.04
CA GLN HB 119 -32.28 69.23 -34.22
C GLN HB 119 -31.02 69.19 -33.35
N ILE HB 120 -30.28 68.09 -33.46
CA ILE HB 120 -29.06 67.91 -32.71
C ILE HB 120 -27.91 68.61 -33.42
N GLY HB 121 -27.18 69.45 -32.70
CA GLY HB 121 -25.96 70.03 -33.21
C GLY HB 121 -26.03 71.48 -33.63
N ASP HB 122 -27.11 72.19 -33.34
CA ASP HB 122 -27.20 73.61 -33.65
C ASP HB 122 -26.88 74.43 -32.41
N ILE HB 123 -26.72 75.74 -32.62
CA ILE HB 123 -26.29 76.66 -31.58
C ILE HB 123 -27.52 77.40 -31.05
N VAL HB 124 -27.72 77.33 -29.74
CA VAL HB 124 -28.84 78.00 -29.09
C VAL HB 124 -28.30 79.02 -28.11
N THR HB 125 -29.09 80.07 -27.88
CA THR HB 125 -28.76 81.11 -26.92
C THR HB 125 -29.69 80.97 -25.72
N VAL HB 126 -29.11 80.86 -24.53
CA VAL HB 126 -29.86 80.59 -23.32
C VAL HB 126 -29.65 81.74 -22.34
N GLY HB 127 -30.74 82.14 -21.69
CA GLY HB 127 -30.70 83.20 -20.70
C GLY HB 127 -31.05 82.67 -19.33
N GLU HB 128 -30.31 83.12 -18.32
CA GLU HB 128 -30.57 82.69 -16.95
C GLU HB 128 -31.94 83.14 -16.49
N CYS HB 129 -32.57 82.32 -15.67
CA CYS HB 129 -33.89 82.63 -15.15
C CYS HB 129 -33.98 82.14 -13.72
N ARG HB 130 -35.19 82.21 -13.17
CA ARG HB 130 -35.52 81.57 -11.91
C ARG HB 130 -35.28 80.06 -12.01
N PRO HB 131 -34.84 79.41 -10.93
CA PRO HB 131 -34.62 77.96 -11.01
C PRO HB 131 -35.92 77.22 -11.29
N LEU HB 132 -36.03 76.65 -12.49
CA LEU HB 132 -37.28 76.04 -12.94
C LEU HB 132 -37.50 74.66 -12.35
N SER HB 133 -36.44 73.90 -12.13
CA SER HB 133 -36.55 72.55 -11.57
C SER HB 133 -35.28 72.27 -10.79
N LYS HB 134 -35.02 70.99 -10.51
CA LYS HB 134 -33.85 70.62 -9.73
C LYS HB 134 -32.56 71.06 -10.42
N THR HB 135 -32.46 70.84 -11.72
CA THR HB 135 -31.23 71.09 -12.45
C THR HB 135 -31.38 72.04 -13.63
N VAL HB 136 -32.54 72.68 -13.78
CA VAL HB 136 -32.81 73.57 -14.90
C VAL HB 136 -32.86 75.00 -14.39
N ARG HB 137 -32.00 75.87 -14.94
CA ARG HB 137 -31.98 77.28 -14.57
C ARG HB 137 -31.94 78.19 -15.78
N PHE HB 138 -32.24 77.67 -16.98
CA PHE HB 138 -32.04 78.42 -18.21
C PHE HB 138 -33.12 78.08 -19.22
N ASN HB 139 -33.52 79.09 -20.00
CA ASN HB 139 -34.47 78.93 -21.09
C ASN HB 139 -33.77 79.23 -22.42
N VAL HB 140 -34.27 78.64 -23.49
CA VAL HB 140 -33.77 78.93 -24.83
C VAL HB 140 -34.41 80.22 -25.31
N LEU HB 141 -33.59 81.14 -25.81
CA LEU HB 141 -34.07 82.42 -26.32
C LEU HB 141 -34.04 82.53 -27.83
N LYS HB 142 -33.12 81.83 -28.50
CA LYS HB 142 -33.11 81.78 -29.95
C LYS HB 142 -32.28 80.58 -30.38
N VAL HB 143 -32.55 80.11 -31.60
CA VAL HB 143 -31.87 78.95 -32.16
C VAL HB 143 -31.27 79.34 -33.50
N THR HB 144 -30.01 78.94 -33.72
CA THR HB 144 -29.33 79.14 -34.99
C THR HB 144 -28.96 77.78 -35.55
N LYS HB 145 -29.41 77.51 -36.77
CA LYS HB 145 -29.10 76.23 -37.40
C LYS HB 145 -27.60 76.09 -37.63
N ALA HB 146 -27.12 74.85 -37.57
CA ALA HB 146 -25.70 74.58 -37.74
C ALA HB 146 -25.28 74.84 -39.19
N ALA HB 147 -23.99 74.65 -39.44
CA ALA HB 147 -23.48 74.77 -40.81
C ALA HB 147 -24.18 73.79 -41.72
N GLY HB 148 -24.56 74.26 -42.90
CA GLY HB 148 -25.34 73.42 -43.80
C GLY HB 148 -26.70 73.15 -43.19
N THR HB 149 -27.03 71.86 -43.07
CA THR HB 149 -28.24 71.35 -42.42
C THR HB 149 -29.48 72.20 -42.69
N LYS HB 150 -29.62 72.66 -43.93
CA LYS HB 150 -30.79 73.43 -44.36
C LYS HB 150 -31.81 72.58 -45.08
N LYS HB 151 -31.36 71.68 -45.96
CA LYS HB 151 -32.23 70.82 -46.73
C LYS HB 151 -33.06 69.90 -45.82
N GLY IB 1 4.06 59.46 -47.72
CA GLY IB 1 4.00 58.05 -48.09
C GLY IB 1 2.58 57.55 -48.22
N ARG IB 2 2.44 56.29 -48.60
CA ARG IB 2 1.11 55.71 -48.76
C ARG IB 2 0.42 55.57 -47.41
N MET IB 3 -0.91 55.59 -47.44
CA MET IB 3 -1.67 55.53 -46.20
C MET IB 3 -1.58 54.15 -45.55
N HIS IB 4 -1.61 53.08 -46.34
CA HIS IB 4 -1.56 51.72 -45.82
C HIS IB 4 -0.42 50.94 -46.46
N ALA IB 5 0.74 51.58 -46.62
CA ALA IB 5 1.91 50.94 -47.17
C ALA IB 5 3.14 51.72 -46.72
N PRO IB 6 4.32 51.10 -46.70
CA PRO IB 6 5.54 51.81 -46.33
C PRO IB 6 6.26 52.46 -47.51
N GLY IB 7 5.77 52.29 -48.73
CA GLY IB 7 6.44 52.89 -49.87
C GLY IB 7 6.27 54.39 -49.89
N LYS IB 8 7.27 55.07 -50.47
CA LYS IB 8 7.26 56.52 -50.62
C LYS IB 8 7.51 56.83 -52.09
N GLY IB 9 6.43 56.83 -52.87
CA GLY IB 9 6.53 57.09 -54.29
C GLY IB 9 6.25 58.53 -54.63
N LEU IB 10 6.93 59.02 -55.67
CA LEU IB 10 6.84 60.41 -56.06
C LEU IB 10 6.21 60.59 -57.44
N SER IB 11 5.90 59.50 -58.14
CA SER IB 11 5.35 59.59 -59.49
C SER IB 11 3.97 60.23 -59.46
N GLN IB 12 3.80 61.32 -60.20
CA GLN IB 12 2.53 62.01 -60.28
C GLN IB 12 2.51 62.86 -61.54
N SER IB 13 1.31 63.22 -61.95
CA SER IB 13 1.14 64.10 -63.11
C SER IB 13 1.58 65.52 -62.76
N ALA IB 14 2.16 66.20 -63.74
CA ALA IB 14 2.67 67.57 -63.57
C ALA IB 14 1.97 68.48 -64.56
N LEU IB 15 1.07 69.31 -64.04
CA LEU IB 15 0.23 70.17 -64.88
C LEU IB 15 1.03 71.36 -65.37
N PRO IB 16 0.91 71.75 -66.63
CA PRO IB 16 1.75 72.84 -67.16
C PRO IB 16 1.33 74.21 -66.63
N TYR IB 17 2.28 75.15 -66.71
CA TYR IB 17 2.04 76.51 -66.22
C TYR IB 17 0.95 77.21 -67.01
N ARG IB 18 1.00 77.10 -68.34
CA ARG IB 18 0.05 77.80 -69.20
C ARG IB 18 -1.32 77.14 -69.11
N ARG IB 19 -2.27 77.81 -68.47
CA ARG IB 19 -3.63 77.29 -68.37
C ARG IB 19 -4.56 77.85 -69.43
N SER IB 20 -4.02 78.24 -70.58
CA SER IB 20 -4.84 78.65 -71.71
C SER IB 20 -5.23 77.40 -72.51
N VAL IB 21 -5.78 77.62 -73.69
CA VAL IB 21 -6.10 76.51 -74.59
C VAL IB 21 -5.19 76.64 -75.82
N PRO IB 22 -4.63 75.55 -76.32
CA PRO IB 22 -3.76 75.65 -77.50
C PRO IB 22 -4.53 76.12 -78.72
N THR IB 23 -3.80 76.78 -79.63
CA THR IB 23 -4.43 77.30 -80.84
C THR IB 23 -4.90 76.18 -81.76
N TRP IB 24 -4.16 75.06 -81.82
CA TRP IB 24 -4.52 73.96 -82.70
C TRP IB 24 -5.74 73.19 -82.24
N LEU IB 25 -6.27 73.48 -81.07
CA LEU IB 25 -7.49 72.83 -80.60
C LEU IB 25 -8.69 73.64 -81.08
N LYS IB 26 -9.54 73.03 -81.90
CA LYS IB 26 -10.65 73.73 -82.52
C LYS IB 26 -11.99 73.44 -81.88
N LEU IB 27 -12.06 72.44 -81.00
CA LEU IB 27 -13.32 72.13 -80.32
C LEU IB 27 -13.68 73.23 -79.36
N THR IB 28 -14.92 73.71 -79.44
CA THR IB 28 -15.41 74.70 -78.49
C THR IB 28 -16.09 74.00 -77.32
N SER IB 29 -16.44 74.79 -76.30
CA SER IB 29 -16.90 74.20 -75.05
C SER IB 29 -18.18 73.39 -75.22
N ASP IB 30 -19.11 73.89 -76.03
CA ASP IB 30 -20.43 73.26 -76.09
C ASP IB 30 -20.37 71.85 -76.67
N ASP IB 31 -19.62 71.64 -77.75
CA ASP IB 31 -19.57 70.31 -78.34
C ASP IB 31 -18.57 69.39 -77.66
N VAL IB 32 -17.71 69.91 -76.79
CA VAL IB 32 -16.90 69.03 -75.94
C VAL IB 32 -17.75 68.37 -74.88
N LYS IB 33 -18.66 69.13 -74.25
CA LYS IB 33 -19.41 68.55 -73.16
C LYS IB 33 -20.59 67.69 -73.62
N GLU IB 34 -21.00 67.81 -74.89
CA GLU IB 34 -21.87 66.78 -75.43
C GLU IB 34 -21.08 65.53 -75.80
N GLN IB 35 -19.80 65.69 -76.13
CA GLN IB 35 -18.91 64.55 -76.25
C GLN IB 35 -18.75 63.86 -74.90
N ILE IB 36 -18.72 64.64 -73.83
CA ILE IB 36 -18.69 64.08 -72.48
C ILE IB 36 -20.03 63.41 -72.17
N TYR IB 37 -21.14 63.99 -72.63
CA TYR IB 37 -22.45 63.44 -72.33
C TYR IB 37 -22.61 62.04 -72.90
N LYS IB 38 -22.30 61.87 -74.18
CA LYS IB 38 -22.51 60.56 -74.80
C LYS IB 38 -21.56 59.50 -74.26
N LEU IB 39 -20.40 59.91 -73.76
CA LEU IB 39 -19.50 58.94 -73.15
C LEU IB 39 -20.01 58.47 -71.80
N ALA IB 40 -20.72 59.32 -71.08
CA ALA IB 40 -21.34 58.89 -69.83
C ALA IB 40 -22.40 57.82 -70.09
N LYS IB 41 -23.16 57.97 -71.17
CA LYS IB 41 -24.21 57.00 -71.47
C LYS IB 41 -23.65 55.68 -71.99
N LYS IB 42 -22.44 55.68 -72.57
CA LYS IB 42 -21.79 54.41 -72.86
C LYS IB 42 -21.49 53.65 -71.57
N GLY IB 43 -21.32 54.38 -70.47
CA GLY IB 43 -21.04 53.81 -69.17
C GLY IB 43 -19.57 53.90 -68.87
N LEU IB 44 -19.18 54.96 -68.17
CA LEU IB 44 -17.78 55.26 -67.91
C LEU IB 44 -17.72 56.25 -66.76
N THR IB 45 -16.82 55.98 -65.81
CA THR IB 45 -16.62 56.90 -64.72
C THR IB 45 -15.90 58.14 -65.23
N PRO IB 46 -16.02 59.27 -64.52
CA PRO IB 46 -15.34 60.49 -64.97
C PRO IB 46 -13.84 60.35 -65.06
N SER IB 47 -13.24 59.36 -64.38
CA SER IB 47 -11.80 59.20 -64.43
C SER IB 47 -11.32 58.88 -65.84
N GLN IB 48 -12.01 57.99 -66.55
CA GLN IB 48 -11.58 57.61 -67.89
C GLN IB 48 -12.32 58.36 -68.99
N ILE IB 49 -13.36 59.11 -68.68
CA ILE IB 49 -13.89 60.06 -69.66
C ILE IB 49 -12.82 61.08 -70.04
N GLY IB 50 -12.10 61.59 -69.03
CA GLY IB 50 -11.02 62.51 -69.30
C GLY IB 50 -9.80 61.87 -69.90
N VAL IB 51 -9.66 60.54 -69.78
CA VAL IB 51 -8.50 59.85 -70.34
C VAL IB 51 -8.66 59.69 -71.84
N ILE IB 52 -9.81 59.18 -72.29
CA ILE IB 52 -10.03 58.97 -73.72
C ILE IB 52 -10.35 60.27 -74.45
N LEU IB 53 -10.26 61.41 -73.77
CA LEU IB 53 -10.39 62.71 -74.40
C LEU IB 53 -9.05 63.39 -74.64
N ARG IB 54 -8.04 63.12 -73.82
CA ARG IB 54 -6.74 63.77 -73.96
C ARG IB 54 -5.73 62.95 -74.74
N ASP IB 55 -6.14 61.82 -75.31
CA ASP IB 55 -5.26 61.03 -76.15
C ASP IB 55 -5.83 60.76 -77.53
N SER IB 56 -7.13 60.95 -77.75
CA SER IB 56 -7.73 60.79 -79.06
C SER IB 56 -8.30 62.09 -79.61
N HIS IB 57 -8.75 63.00 -78.75
CA HIS IB 57 -9.39 64.22 -79.17
C HIS IB 57 -8.58 65.48 -78.90
N GLY IB 58 -7.51 65.38 -78.12
CA GLY IB 58 -6.57 66.47 -77.97
C GLY IB 58 -6.85 67.46 -76.87
N VAL IB 59 -7.98 67.35 -76.16
CA VAL IB 59 -8.27 68.29 -75.09
C VAL IB 59 -7.40 67.95 -73.89
N ALA IB 60 -6.48 68.84 -73.56
CA ALA IB 60 -5.52 68.58 -72.50
C ALA IB 60 -6.19 68.54 -71.14
N GLN IB 61 -7.01 69.54 -70.84
CA GLN IB 61 -7.76 69.62 -69.58
C GLN IB 61 -9.14 70.15 -69.90
N VAL IB 62 -10.18 69.38 -69.56
CA VAL IB 62 -11.54 69.82 -69.81
C VAL IB 62 -11.84 71.11 -69.06
N ARG IB 63 -11.25 71.27 -67.87
CA ARG IB 63 -11.47 72.46 -67.07
C ARG IB 63 -10.86 73.71 -67.70
N PHE IB 64 -9.94 73.55 -68.64
CA PHE IB 64 -9.38 74.70 -69.35
C PHE IB 64 -10.18 75.05 -70.60
N VAL IB 65 -10.78 74.06 -71.26
CA VAL IB 65 -11.62 74.33 -72.42
C VAL IB 65 -12.97 74.88 -71.99
N THR IB 66 -13.63 74.21 -71.07
CA THR IB 66 -14.83 74.72 -70.44
C THR IB 66 -14.45 75.48 -69.18
N GLY IB 67 -15.43 75.81 -68.35
CA GLY IB 67 -15.14 76.41 -67.07
C GLY IB 67 -15.26 75.39 -65.95
N ASN IB 68 -15.90 74.27 -66.26
CA ASN IB 68 -16.22 73.25 -65.26
C ASN IB 68 -15.30 72.05 -65.40
N LYS IB 69 -15.35 71.19 -64.41
CA LYS IB 69 -14.67 69.90 -64.42
C LYS IB 69 -15.67 68.79 -64.66
N ILE IB 70 -15.16 67.62 -65.05
CA ILE IB 70 -16.00 66.60 -65.68
C ILE IB 70 -17.11 66.14 -64.75
N LEU IB 71 -16.76 65.79 -63.51
CA LEU IB 71 -17.79 65.31 -62.59
C LEU IB 71 -18.78 66.42 -62.23
N ARG IB 72 -18.34 67.68 -62.26
CA ARG IB 72 -19.25 68.79 -62.01
C ARG IB 72 -20.18 69.04 -63.19
N ILE IB 73 -19.72 68.77 -64.41
CA ILE IB 73 -20.59 68.84 -65.57
C ILE IB 73 -21.69 67.79 -65.46
N LEU IB 74 -21.34 66.57 -65.07
CA LEU IB 74 -22.28 65.46 -65.12
C LEU IB 74 -23.45 65.67 -64.16
N LYS IB 75 -23.16 66.00 -62.90
CA LYS IB 75 -24.26 66.18 -61.95
C LYS IB 75 -25.04 67.46 -62.22
N SER IB 76 -24.43 68.44 -62.88
CA SER IB 76 -25.18 69.60 -63.32
C SER IB 76 -26.17 69.25 -64.42
N LYS IB 77 -26.00 68.10 -65.06
CA LYS IB 77 -26.92 67.60 -66.07
C LYS IB 77 -27.85 66.52 -65.55
N GLY IB 78 -27.36 65.62 -64.69
CA GLY IB 78 -28.18 64.58 -64.13
C GLY IB 78 -27.64 63.19 -64.37
N LEU IB 79 -26.41 63.10 -64.89
CA LEU IB 79 -25.80 61.84 -65.25
C LEU IB 79 -24.74 61.38 -64.26
N ALA IB 80 -24.65 62.02 -63.09
CA ALA IB 80 -23.68 61.61 -62.10
C ALA IB 80 -24.08 60.26 -61.50
N PRO IB 81 -23.11 59.39 -61.21
CA PRO IB 81 -23.44 58.14 -60.51
C PRO IB 81 -23.90 58.40 -59.09
N ASP IB 82 -24.69 57.47 -58.58
CA ASP IB 82 -25.31 57.65 -57.26
C ASP IB 82 -24.27 57.71 -56.15
N LEU IB 83 -23.31 56.79 -56.13
CA LEU IB 83 -22.29 56.95 -55.12
C LEU IB 83 -20.96 57.32 -55.76
N PRO IB 84 -20.10 58.06 -55.04
CA PRO IB 84 -18.86 58.55 -55.67
C PRO IB 84 -17.98 57.41 -56.16
N GLU IB 85 -17.28 57.67 -57.27
CA GLU IB 85 -16.54 56.63 -57.95
C GLU IB 85 -15.42 56.06 -57.10
N ASP IB 86 -14.69 56.91 -56.36
CA ASP IB 86 -13.57 56.40 -55.59
C ASP IB 86 -14.05 55.54 -54.42
N LEU IB 87 -15.21 55.86 -53.85
CA LEU IB 87 -15.81 54.97 -52.87
C LEU IB 87 -16.39 53.73 -53.54
N TYR IB 88 -16.85 53.87 -54.79
CA TYR IB 88 -17.40 52.72 -55.50
C TYR IB 88 -16.33 51.66 -55.77
N HIS IB 89 -15.14 52.09 -56.16
CA HIS IB 89 -14.10 51.14 -56.53
C HIS IB 89 -13.49 50.44 -55.32
N LEU IB 90 -13.57 51.04 -54.14
CA LEU IB 90 -13.16 50.34 -52.93
C LEU IB 90 -14.14 49.23 -52.58
N ILE IB 91 -15.44 49.53 -52.64
CA ILE IB 91 -16.45 48.53 -52.33
C ILE IB 91 -16.39 47.37 -53.32
N LYS IB 92 -16.15 47.68 -54.60
CA LYS IB 92 -16.04 46.63 -55.59
C LYS IB 92 -14.85 45.72 -55.30
N LYS IB 93 -13.73 46.30 -54.86
CA LYS IB 93 -12.55 45.50 -54.58
C LYS IB 93 -12.72 44.69 -53.29
N ALA IB 94 -13.28 45.30 -52.25
CA ALA IB 94 -13.49 44.58 -51.00
C ALA IB 94 -14.47 43.43 -51.15
N VAL IB 95 -15.37 43.51 -52.12
CA VAL IB 95 -16.27 42.39 -52.38
C VAL IB 95 -15.51 41.23 -53.00
N ALA IB 96 -14.60 41.52 -53.94
CA ALA IB 96 -13.83 40.46 -54.59
C ALA IB 96 -12.93 39.75 -53.58
N VAL IB 97 -12.20 40.51 -52.77
CA VAL IB 97 -11.34 39.91 -51.75
C VAL IB 97 -12.17 39.11 -50.76
N ARG IB 98 -13.31 39.64 -50.34
CA ARG IB 98 -14.15 38.93 -49.39
C ARG IB 98 -14.69 37.63 -49.98
N LYS IB 99 -14.95 37.61 -51.28
CA LYS IB 99 -15.40 36.38 -51.92
C LYS IB 99 -14.27 35.37 -52.04
N HIS IB 100 -13.09 35.83 -52.48
CA HIS IB 100 -11.95 34.92 -52.59
C HIS IB 100 -11.56 34.37 -51.23
N LEU IB 101 -11.49 35.24 -50.22
CA LEU IB 101 -11.17 34.80 -48.86
C LEU IB 101 -12.19 33.79 -48.36
N GLU IB 102 -13.43 33.88 -48.83
CA GLU IB 102 -14.48 32.98 -48.34
C GLU IB 102 -14.24 31.55 -48.80
N ARG IB 103 -13.62 31.36 -49.96
CA ARG IB 103 -13.46 30.03 -50.50
C ARG IB 103 -12.23 29.30 -49.95
N ASN IB 104 -11.21 30.02 -49.50
CA ASN IB 104 -10.06 29.38 -48.87
C ASN IB 104 -9.70 30.15 -47.61
N ARG IB 105 -9.95 29.53 -46.45
CA ARG IB 105 -9.82 30.19 -45.16
C ARG IB 105 -8.36 30.35 -44.71
N LYS IB 106 -7.41 29.70 -45.36
CA LYS IB 106 -6.02 29.75 -44.95
C LYS IB 106 -5.25 30.91 -45.57
N ASP IB 107 -5.92 31.78 -46.33
CA ASP IB 107 -5.26 32.91 -46.96
C ASP IB 107 -5.19 34.03 -45.94
N LYS IB 108 -4.10 34.05 -45.16
CA LYS IB 108 -3.96 35.06 -44.12
C LYS IB 108 -3.68 36.43 -44.71
N ASP IB 109 -2.91 36.49 -45.80
CA ASP IB 109 -2.62 37.77 -46.42
C ASP IB 109 -3.90 38.41 -46.96
N ALA IB 110 -4.79 37.59 -47.51
CA ALA IB 110 -6.07 38.09 -47.98
C ALA IB 110 -6.88 38.67 -46.82
N LYS IB 111 -6.83 38.03 -45.67
CA LYS IB 111 -7.52 38.56 -44.49
C LYS IB 111 -6.89 39.87 -44.04
N PHE IB 112 -5.57 39.99 -44.12
CA PHE IB 112 -4.91 41.21 -43.69
C PHE IB 112 -5.23 42.37 -44.61
N ARG IB 113 -5.20 42.14 -45.92
CA ARG IB 113 -5.54 43.21 -46.86
C ARG IB 113 -7.00 43.62 -46.74
N LEU IB 114 -7.89 42.66 -46.48
CA LEU IB 114 -9.30 42.98 -46.34
C LEU IB 114 -9.55 43.92 -45.18
N ILE IB 115 -8.79 43.76 -44.10
CA ILE IB 115 -8.84 44.73 -43.01
C ILE IB 115 -8.43 46.10 -43.51
N LEU IB 116 -7.36 46.16 -44.31
CA LEU IB 116 -6.87 47.44 -44.81
C LEU IB 116 -7.88 48.10 -45.73
N ILE IB 117 -8.46 47.32 -46.65
CA ILE IB 117 -9.38 47.89 -47.62
C ILE IB 117 -10.64 48.41 -46.94
N GLU IB 118 -11.23 47.60 -46.05
CA GLU IB 118 -12.43 48.05 -45.36
C GLU IB 118 -12.15 49.18 -44.38
N SER IB 119 -10.89 49.37 -43.99
CA SER IB 119 -10.53 50.55 -43.22
C SER IB 119 -10.58 51.81 -44.08
N ARG IB 120 -10.10 51.70 -45.32
CA ARG IB 120 -10.12 52.86 -46.21
C ARG IB 120 -11.54 53.22 -46.63
N ILE IB 121 -12.45 52.24 -46.66
CA ILE IB 121 -13.84 52.54 -46.96
C ILE IB 121 -14.44 53.40 -45.87
N HIS IB 122 -14.18 53.05 -44.61
CA HIS IB 122 -14.77 53.80 -43.50
C HIS IB 122 -14.15 55.18 -43.37
N ARG IB 123 -12.85 55.30 -43.62
CA ARG IB 123 -12.22 56.62 -43.59
C ARG IB 123 -12.81 57.53 -44.65
N LEU IB 124 -13.00 56.99 -45.86
CA LEU IB 124 -13.55 57.80 -46.95
C LEU IB 124 -15.06 58.02 -46.77
N ALA IB 125 -15.76 57.03 -46.23
CA ALA IB 125 -17.22 57.14 -46.10
C ALA IB 125 -17.60 58.29 -45.18
N ARG IB 126 -16.92 58.44 -44.05
CA ARG IB 126 -17.26 59.52 -43.14
C ARG IB 126 -16.79 60.88 -43.65
N TYR IB 127 -15.92 60.91 -44.66
CA TYR IB 127 -15.62 62.19 -45.31
C TYR IB 127 -16.78 62.64 -46.18
N TYR IB 128 -17.36 61.72 -46.96
CA TYR IB 128 -18.46 62.07 -47.83
C TYR IB 128 -19.73 62.38 -47.06
N LYS IB 129 -19.83 61.92 -45.81
CA LYS IB 129 -20.97 62.27 -44.97
C LYS IB 129 -20.80 63.64 -44.34
N THR IB 130 -19.57 64.11 -44.19
CA THR IB 130 -19.33 65.47 -43.70
C THR IB 130 -19.59 66.50 -44.79
N LYS IB 131 -19.29 66.15 -46.04
CA LYS IB 131 -19.59 67.02 -47.17
C LYS IB 131 -20.98 66.77 -47.75
N ARG IB 132 -21.72 65.82 -47.18
CA ARG IB 132 -23.13 65.63 -47.45
C ARG IB 132 -23.39 65.27 -48.92
N VAL IB 133 -22.73 64.21 -49.37
CA VAL IB 133 -23.10 63.54 -50.62
C VAL IB 133 -23.64 62.15 -50.39
N LEU IB 134 -23.44 61.57 -49.20
CA LEU IB 134 -24.08 60.37 -48.72
C LEU IB 134 -25.06 60.72 -47.61
N PRO IB 135 -26.17 59.99 -47.48
CA PRO IB 135 -27.09 60.26 -46.37
C PRO IB 135 -26.40 60.01 -45.05
N PRO IB 136 -26.78 60.75 -44.00
CA PRO IB 136 -26.08 60.63 -42.72
C PRO IB 136 -26.16 59.24 -42.13
N ASN IB 137 -27.14 58.44 -42.53
CA ASN IB 137 -27.30 57.08 -42.03
C ASN IB 137 -26.70 56.02 -42.95
N TRP IB 138 -26.04 56.43 -44.03
CA TRP IB 138 -25.42 55.47 -44.93
C TRP IB 138 -24.34 54.69 -44.19
N LYS IB 139 -24.40 53.37 -44.30
CA LYS IB 139 -23.45 52.48 -43.64
C LYS IB 139 -22.99 51.44 -44.64
N TYR IB 140 -21.76 50.96 -44.44
CA TYR IB 140 -21.21 49.89 -45.25
C TYR IB 140 -21.48 48.56 -44.56
N GLU IB 141 -22.35 47.75 -45.15
CA GLU IB 141 -22.61 46.41 -44.67
C GLU IB 141 -21.90 45.42 -45.60
N SER IB 142 -21.14 44.50 -45.01
CA SER IB 142 -20.37 43.56 -45.81
C SER IB 142 -21.28 42.57 -46.53
N SER IB 143 -22.44 42.27 -45.95
CA SER IB 143 -23.35 41.29 -46.54
C SER IB 143 -24.05 41.87 -47.77
N THR IB 144 -24.56 43.08 -47.66
CA THR IB 144 -25.37 43.68 -48.72
C THR IB 144 -24.54 44.41 -49.77
N ALA IB 145 -23.24 44.60 -49.54
CA ALA IB 145 -22.41 45.33 -50.49
C ALA IB 145 -22.26 44.61 -51.82
N SER IB 146 -22.60 43.33 -51.89
CA SER IB 146 -22.49 42.61 -53.14
C SER IB 146 -23.52 43.08 -54.15
N ALA IB 147 -24.72 43.44 -53.68
CA ALA IB 147 -25.79 43.82 -54.60
C ALA IB 147 -25.43 45.05 -55.41
N LEU IB 148 -25.02 46.12 -54.74
CA LEU IB 148 -24.51 47.29 -55.43
C LEU IB 148 -23.07 47.01 -55.84
N VAL IB 149 -22.83 46.94 -57.14
CA VAL IB 149 -21.56 46.44 -57.65
C VAL IB 149 -20.41 47.35 -57.25
N SER JB 1 37.89 -20.36 -64.18
CA SER JB 1 38.99 -19.68 -63.51
C SER JB 1 40.07 -19.27 -64.50
N LEU JB 2 40.03 -19.85 -65.70
CA LEU JB 2 40.99 -19.52 -66.75
C LEU JB 2 40.62 -18.24 -67.50
N GLY JB 3 39.44 -17.68 -67.24
CA GLY JB 3 39.05 -16.44 -67.85
C GLY JB 3 38.52 -16.62 -69.26
N PRO JB 4 38.37 -15.51 -69.98
CA PRO JB 4 37.90 -15.60 -71.37
C PRO JB 4 39.01 -16.00 -72.31
N GLN JB 5 38.66 -16.83 -73.28
CA GLN JB 5 39.61 -17.30 -74.29
C GLN JB 5 39.52 -16.37 -75.48
N VAL JB 6 40.28 -15.28 -75.42
CA VAL JB 6 40.23 -14.22 -76.42
C VAL JB 6 41.66 -13.92 -76.86
N ALA JB 7 41.78 -13.37 -78.07
CA ALA JB 7 43.08 -13.15 -78.70
C ALA JB 7 43.97 -12.26 -77.84
N GLU JB 8 45.26 -12.30 -78.13
CA GLU JB 8 46.25 -11.55 -77.37
C GLU JB 8 46.26 -10.09 -77.80
N GLY JB 9 46.69 -9.23 -76.88
CA GLY JB 9 46.82 -7.81 -77.11
C GLY JB 9 45.60 -6.99 -76.73
N GLU JB 10 44.43 -7.60 -76.68
CA GLU JB 10 43.23 -6.90 -76.25
C GLU JB 10 43.25 -6.71 -74.74
N ASN JB 11 42.29 -5.94 -74.24
CA ASN JB 11 42.13 -5.69 -72.82
C ASN JB 11 40.70 -6.01 -72.42
N VAL JB 12 40.54 -7.03 -71.58
CA VAL JB 12 39.23 -7.31 -70.99
C VAL JB 12 39.00 -6.34 -69.85
N PHE JB 13 37.95 -5.54 -69.95
CA PHE JB 13 37.71 -4.47 -69.01
C PHE JB 13 36.87 -4.94 -67.83
N GLY JB 14 37.29 -4.55 -66.63
CA GLY JB 14 36.48 -4.65 -65.45
C GLY JB 14 36.35 -3.27 -64.82
N VAL JB 15 35.60 -3.22 -63.72
CA VAL JB 15 35.42 -1.99 -62.97
C VAL JB 15 35.66 -2.28 -61.49
N CYS JB 16 36.43 -1.42 -60.84
CA CYS JB 16 36.67 -1.52 -59.40
C CYS JB 16 35.97 -0.37 -58.70
N HIS JB 17 35.15 -0.70 -57.72
CA HIS JB 17 34.45 0.31 -56.93
C HIS JB 17 35.28 0.60 -55.69
N ILE JB 18 36.01 1.70 -55.72
CA ILE JB 18 36.87 2.10 -54.61
C ILE JB 18 36.03 2.95 -53.67
N PHE JB 19 35.59 2.35 -52.57
CA PHE JB 19 34.84 3.04 -51.53
C PHE JB 19 35.80 3.32 -50.39
N ALA JB 20 36.16 4.59 -50.21
CA ALA JB 20 37.13 5.01 -49.21
C ALA JB 20 36.41 5.87 -48.18
N SER JB 21 36.08 5.27 -47.04
CA SER JB 21 35.51 6.01 -45.92
C SER JB 21 36.63 6.53 -45.02
N PHE JB 22 36.25 7.16 -43.93
CA PHE JB 22 37.21 7.66 -42.97
C PHE JB 22 37.62 6.63 -41.93
N ASN JB 23 37.04 5.43 -41.98
CA ASN JB 23 37.43 4.39 -41.02
C ASN JB 23 37.59 3.01 -41.64
N ASP JB 24 37.52 2.87 -42.96
CA ASP JB 24 38.09 1.74 -43.69
C ASP JB 24 38.00 2.05 -45.18
N THR JB 25 38.43 1.09 -46.00
CA THR JB 25 38.45 1.24 -47.45
C THR JB 25 38.00 -0.06 -48.10
N PHE JB 26 37.28 0.06 -49.22
CA PHE JB 26 36.85 -1.07 -50.03
C PHE JB 26 37.52 -1.00 -51.39
N VAL JB 27 37.92 -2.16 -51.90
CA VAL JB 27 38.36 -2.34 -53.29
C VAL JB 27 37.58 -3.51 -53.86
N HIS JB 28 36.77 -3.25 -54.88
CA HIS JB 28 35.75 -4.21 -55.32
C HIS JB 28 35.75 -4.28 -56.84
N VAL JB 29 36.45 -5.25 -57.40
CA VAL JB 29 36.51 -5.43 -58.85
C VAL JB 29 35.38 -6.35 -59.28
N THR JB 30 34.59 -5.90 -60.26
CA THR JB 30 33.53 -6.68 -60.86
C THR JB 30 33.69 -6.64 -62.38
N ASP JB 31 32.73 -7.25 -63.08
CA ASP JB 31 32.72 -7.18 -64.53
C ASP JB 31 32.10 -5.86 -64.96
N LEU JB 32 31.85 -5.69 -66.26
CA LEU JB 32 31.35 -4.42 -66.77
C LEU JB 32 29.98 -4.09 -66.20
N SER JB 33 29.09 -5.08 -66.14
CA SER JB 33 27.74 -4.80 -65.66
C SER JB 33 27.72 -4.47 -64.18
N GLY JB 34 28.69 -4.96 -63.42
CA GLY JB 34 28.66 -4.85 -61.98
C GLY JB 34 27.82 -5.91 -61.29
N LYS JB 35 27.05 -6.68 -62.04
CA LYS JB 35 26.22 -7.73 -61.46
C LYS JB 35 27.07 -8.80 -60.80
N GLU JB 36 28.15 -9.22 -61.47
CA GLU JB 36 28.96 -10.35 -61.03
C GLU JB 36 30.27 -9.81 -60.44
N THR JB 37 30.47 -10.04 -59.16
CA THR JB 37 31.68 -9.58 -58.51
C THR JB 37 32.78 -10.63 -58.66
N ILE JB 38 34.03 -10.17 -58.54
CA ILE JB 38 35.17 -11.02 -58.80
C ILE JB 38 36.09 -11.04 -57.59
N CYS JB 39 36.54 -9.86 -57.15
CA CYS JB 39 37.38 -9.76 -55.97
C CYS JB 39 36.94 -8.60 -55.12
N ARG JB 40 36.83 -8.83 -53.82
CA ARG JB 40 36.46 -7.79 -52.87
C ARG JB 40 37.38 -7.90 -51.66
N VAL JB 41 38.22 -6.89 -51.44
CA VAL JB 41 39.16 -6.86 -50.33
C VAL JB 41 39.05 -5.50 -49.67
N THR JB 42 39.00 -5.49 -48.34
CA THR JB 42 38.97 -4.26 -47.58
C THR JB 42 40.30 -4.08 -46.86
N GLY JB 43 40.52 -2.87 -46.33
CA GLY JB 43 41.65 -2.65 -45.49
C GLY JB 43 41.56 -3.34 -44.15
N GLY JB 44 40.35 -3.73 -43.74
CA GLY JB 44 40.17 -4.36 -42.44
C GLY JB 44 40.64 -5.80 -42.39
N MET JB 45 40.58 -6.51 -43.52
CA MET JB 45 41.08 -7.88 -43.59
C MET JB 45 42.56 -7.93 -43.90
N LYS JB 46 43.24 -6.80 -43.96
CA LYS JB 46 44.67 -6.77 -44.21
C LYS JB 46 45.47 -6.13 -43.08
N VAL JB 47 44.81 -5.64 -42.04
CA VAL JB 47 45.47 -5.02 -40.91
C VAL JB 47 44.89 -5.62 -39.63
N LYS JB 48 45.66 -5.53 -38.55
CA LYS JB 48 45.26 -6.15 -37.29
C LYS JB 48 44.47 -5.20 -36.41
N ALA JB 49 44.96 -3.97 -36.22
CA ALA JB 49 44.28 -2.99 -35.39
C ALA JB 49 43.26 -2.23 -36.23
N ASP JB 50 42.03 -2.15 -35.74
CA ASP JB 50 40.96 -1.50 -36.49
C ASP JB 50 41.07 0.01 -36.50
N ARG JB 51 42.03 0.59 -35.77
CA ARG JB 51 42.34 2.00 -35.93
C ARG JB 51 43.04 2.29 -37.26
N ASP JB 52 43.47 1.26 -37.99
CA ASP JB 52 44.26 1.43 -39.19
C ASP JB 52 43.56 0.92 -40.45
N GLU JB 53 42.28 0.55 -40.36
CA GLU JB 53 41.59 0.08 -41.55
C GLU JB 53 41.55 1.14 -42.64
N SER JB 54 41.46 2.42 -42.24
CA SER JB 54 41.43 3.52 -43.19
C SER JB 54 42.82 4.08 -43.49
N SER JB 55 43.86 3.50 -42.91
CA SER JB 55 45.20 3.97 -43.17
C SER JB 55 45.55 3.77 -44.65
N PRO JB 56 46.34 4.68 -45.23
CA PRO JB 56 46.74 4.50 -46.63
C PRO JB 56 47.53 3.22 -46.87
N TYR JB 57 48.26 2.74 -45.88
CA TYR JB 57 49.01 1.50 -46.04
C TYR JB 57 48.09 0.31 -46.29
N ALA JB 58 47.00 0.21 -45.53
CA ALA JB 58 46.09 -0.91 -45.68
C ALA JB 58 45.45 -0.92 -47.07
N ALA JB 59 45.16 0.26 -47.61
CA ALA JB 59 44.59 0.33 -48.96
C ALA JB 59 45.57 -0.21 -49.99
N MET JB 60 46.85 0.13 -49.86
CA MET JB 60 47.83 -0.32 -50.83
C MET JB 60 47.97 -1.84 -50.78
N LEU JB 61 47.97 -2.41 -49.57
CA LEU JB 61 47.97 -3.87 -49.43
C LEU JB 61 46.70 -4.47 -50.02
N ALA JB 62 45.55 -3.84 -49.75
CA ALA JB 62 44.29 -4.35 -50.29
C ALA JB 62 44.28 -4.29 -51.81
N ALA JB 63 44.82 -3.22 -52.39
CA ALA JB 63 44.85 -3.10 -53.84
C ALA JB 63 45.78 -4.12 -54.47
N GLN JB 64 46.91 -4.42 -53.81
CA GLN JB 64 47.83 -5.41 -54.34
C GLN JB 64 47.18 -6.79 -54.38
N ASP JB 65 46.46 -7.15 -53.32
CA ASP JB 65 45.82 -8.47 -53.28
C ASP JB 65 44.78 -8.59 -54.39
N VAL JB 66 43.96 -7.55 -54.57
CA VAL JB 66 42.92 -7.59 -55.60
C VAL JB 66 43.54 -7.75 -56.98
N ALA JB 67 44.54 -6.91 -57.29
CA ALA JB 67 45.15 -6.98 -58.61
C ALA JB 67 45.93 -8.27 -58.81
N GLN JB 68 46.44 -8.87 -57.73
CA GLN JB 68 47.23 -10.08 -57.87
C GLN JB 68 46.40 -11.23 -58.42
N ARG JB 69 45.22 -11.46 -57.86
CA ARG JB 69 44.34 -12.49 -58.38
C ARG JB 69 43.42 -11.99 -59.48
N CYS JB 70 43.38 -10.68 -59.72
CA CYS JB 70 42.65 -10.16 -60.87
C CYS JB 70 43.30 -10.60 -62.16
N LYS JB 71 44.64 -10.63 -62.19
CA LYS JB 71 45.36 -11.25 -63.30
C LYS JB 71 45.02 -12.73 -63.42
N GLU JB 72 44.86 -13.41 -62.28
CA GLU JB 72 44.60 -14.84 -62.30
C GLU JB 72 43.30 -15.17 -63.00
N LEU JB 73 42.26 -14.36 -62.79
CA LEU JB 73 40.97 -14.58 -63.42
C LEU JB 73 40.92 -14.04 -64.86
N GLY JB 74 41.99 -13.39 -65.33
CA GLY JB 74 42.10 -12.99 -66.71
C GLY JB 74 41.97 -11.51 -66.98
N ILE JB 75 41.52 -10.71 -66.02
CA ILE JB 75 41.30 -9.29 -66.28
C ILE JB 75 42.63 -8.56 -66.36
N THR JB 76 42.75 -7.68 -67.36
CA THR JB 76 43.98 -6.93 -67.59
C THR JB 76 43.84 -5.43 -67.37
N ALA JB 77 42.63 -4.88 -67.48
CA ALA JB 77 42.44 -3.45 -67.34
C ALA JB 77 41.16 -3.18 -66.55
N LEU JB 78 41.07 -1.98 -65.99
CA LEU JB 78 39.97 -1.61 -65.09
C LEU JB 78 39.46 -0.21 -65.40
N HIS JB 79 38.16 -0.02 -65.22
CA HIS JB 79 37.57 1.30 -65.07
C HIS JB 79 37.46 1.63 -63.59
N ILE JB 80 37.75 2.87 -63.24
CA ILE JB 80 37.80 3.29 -61.84
C ILE JB 80 36.52 4.04 -61.51
N LYS JB 81 35.87 3.64 -60.42
CA LYS JB 81 34.72 4.36 -59.88
C LYS JB 81 35.02 4.70 -58.43
N LEU JB 82 35.65 5.84 -58.21
CA LEU JB 82 35.91 6.32 -56.86
C LEU JB 82 34.60 6.73 -56.19
N ARG JB 83 34.57 6.62 -54.87
CA ARG JB 83 33.34 6.88 -54.13
C ARG JB 83 33.70 7.26 -52.69
N ALA JB 84 33.04 8.30 -52.18
CA ALA JB 84 33.08 8.63 -50.77
C ALA JB 84 31.76 8.20 -50.14
N THR JB 85 31.65 8.40 -48.82
CA THR JB 85 30.41 8.04 -48.13
C THR JB 85 29.22 8.78 -48.73
N GLY JB 86 29.35 10.09 -48.91
CA GLY JB 86 28.33 10.86 -49.61
C GLY JB 86 26.99 10.79 -48.89
N GLY JB 87 25.93 10.75 -49.68
CA GLY JB 87 24.59 10.73 -49.10
C GLY JB 87 24.36 11.97 -48.28
N ASN JB 88 23.90 11.76 -47.05
CA ASN JB 88 23.71 12.86 -46.11
C ASN JB 88 25.03 13.27 -45.45
N ARG JB 89 26.04 12.42 -45.50
CA ARG JB 89 27.31 12.63 -44.83
C ARG JB 89 28.36 13.18 -45.80
N THR JB 90 29.61 13.17 -45.37
CA THR JB 90 30.68 13.87 -46.08
C THR JB 90 30.85 13.35 -47.50
N LYS JB 91 31.38 14.22 -48.37
CA LYS JB 91 31.50 13.93 -49.79
C LYS JB 91 32.94 13.98 -50.27
N THR JB 92 33.91 14.02 -49.37
CA THR JB 92 35.29 13.94 -49.82
C THR JB 92 35.85 12.54 -49.61
N PRO JB 93 36.66 12.04 -50.53
CA PRO JB 93 37.21 10.68 -50.38
C PRO JB 93 38.14 10.59 -49.19
N GLY JB 94 38.21 9.39 -48.62
CA GLY JB 94 39.07 9.15 -47.48
C GLY JB 94 40.53 9.07 -47.86
N PRO JB 95 41.38 8.96 -46.85
CA PRO JB 95 42.83 8.92 -47.11
C PRO JB 95 43.27 7.76 -47.98
N GLY JB 96 42.62 6.60 -47.87
CA GLY JB 96 43.07 5.43 -48.59
C GLY JB 96 42.75 5.40 -50.06
N ALA JB 97 41.98 6.38 -50.56
CA ALA JB 97 41.60 6.36 -51.98
C ALA JB 97 42.80 6.48 -52.89
N GLN JB 98 43.76 7.34 -52.54
CA GLN JB 98 44.90 7.59 -53.42
C GLN JB 98 45.82 6.38 -53.48
N SER JB 99 46.13 5.77 -52.33
CA SER JB 99 47.06 4.65 -52.31
C SER JB 99 46.50 3.45 -53.05
N ALA JB 100 45.21 3.16 -52.88
CA ALA JB 100 44.61 2.02 -53.56
C ALA JB 100 44.62 2.21 -55.07
N LEU JB 101 44.32 3.42 -55.54
CA LEU JB 101 44.31 3.66 -56.97
C LEU JB 101 45.72 3.66 -57.54
N ARG JB 102 46.68 4.21 -56.80
CA ARG JB 102 48.07 4.22 -57.24
C ARG JB 102 48.64 2.81 -57.32
N ALA JB 103 48.27 1.94 -56.37
CA ALA JB 103 48.81 0.59 -56.34
C ALA JB 103 48.36 -0.21 -57.55
N LEU JB 104 47.11 -0.03 -57.99
CA LEU JB 104 46.61 -0.76 -59.15
C LEU JB 104 47.43 -0.43 -60.40
N ALA JB 105 47.80 0.84 -60.57
CA ALA JB 105 48.63 1.23 -61.69
C ALA JB 105 50.00 0.57 -61.61
N ARG JB 106 50.59 0.53 -60.41
CA ARG JB 106 51.92 -0.05 -60.26
C ARG JB 106 51.89 -1.57 -60.25
N SER JB 107 50.73 -2.19 -60.01
CA SER JB 107 50.63 -3.64 -59.98
C SER JB 107 50.57 -4.26 -61.37
N GLY JB 108 50.49 -3.46 -62.42
CA GLY JB 108 50.43 -3.95 -63.77
C GLY JB 108 49.10 -3.79 -64.44
N MET JB 109 48.04 -3.49 -63.69
CA MET JB 109 46.73 -3.28 -64.29
C MET JB 109 46.75 -2.01 -65.15
N LYS JB 110 45.88 -1.99 -66.15
CA LYS JB 110 45.77 -0.86 -67.06
C LYS JB 110 44.53 -0.05 -66.70
N ILE JB 111 44.69 1.27 -66.63
CA ILE JB 111 43.62 2.14 -66.17
C ILE JB 111 42.79 2.61 -67.36
N GLY JB 112 41.47 2.53 -67.22
CA GLY JB 112 40.56 3.00 -68.25
C GLY JB 112 40.07 4.40 -67.97
N ARG JB 113 38.83 4.52 -67.52
CA ARG JB 113 38.22 5.80 -67.23
C ARG JB 113 37.95 5.95 -65.74
N ILE JB 114 38.29 7.10 -65.19
CA ILE JB 114 38.12 7.40 -63.78
C ILE JB 114 36.98 8.40 -63.63
N GLU JB 115 36.02 8.08 -62.77
CA GLU JB 115 34.91 8.97 -62.51
C GLU JB 115 34.48 8.85 -61.06
N ASP JB 116 33.91 9.93 -60.53
CA ASP JB 116 33.40 9.95 -59.16
C ASP JB 116 31.92 9.60 -59.22
N VAL JB 117 31.49 8.70 -58.33
CA VAL JB 117 30.11 8.23 -58.31
C VAL JB 117 29.52 8.41 -56.92
N THR JB 118 30.00 9.41 -56.21
CA THR JB 118 29.51 9.68 -54.86
C THR JB 118 28.01 9.95 -54.89
N PRO JB 119 27.24 9.34 -53.99
CA PRO JB 119 25.80 9.56 -53.98
C PRO JB 119 25.39 10.89 -53.36
N ILE JB 120 25.41 11.96 -54.15
CA ILE JB 120 24.98 13.26 -53.65
C ILE JB 120 23.46 13.34 -53.76
N PRO JB 121 22.78 13.95 -52.81
CA PRO JB 121 21.32 14.09 -52.90
C PRO JB 121 20.92 15.37 -53.61
N SER JB 122 19.64 15.41 -54.00
CA SER JB 122 19.06 16.69 -54.40
C SER JB 122 18.92 17.52 -53.14
N ASP JB 123 18.11 17.06 -52.19
CA ASP JB 123 18.27 17.48 -50.82
C ASP JB 123 17.82 16.33 -49.93
N SER JB 124 18.44 16.22 -48.77
CA SER JB 124 18.44 14.98 -48.01
C SER JB 124 17.56 15.10 -46.78
N THR JB 125 17.57 14.03 -45.99
CA THR JB 125 16.95 14.00 -44.68
C THR JB 125 17.86 14.75 -43.70
N ARG JB 126 17.43 14.81 -42.44
CA ARG JB 126 18.21 15.50 -41.43
C ARG JB 126 19.48 14.71 -41.11
N ARG JB 127 20.58 15.43 -40.94
CA ARG JB 127 21.87 14.80 -40.71
C ARG JB 127 22.07 14.47 -39.24
N LYS JB 128 22.67 13.31 -38.98
CA LYS JB 128 22.97 12.89 -37.63
C LYS JB 128 23.84 13.93 -36.92
N GLY JB 129 23.63 14.06 -35.63
CA GLY JB 129 24.19 15.13 -34.84
C GLY JB 129 23.11 16.14 -34.49
N GLY JB 130 23.29 16.80 -33.36
CA GLY JB 130 22.28 17.74 -32.92
C GLY JB 130 22.22 19.00 -33.75
N ARG JB 131 21.57 20.02 -33.22
CA ARG JB 131 21.58 21.33 -33.85
C ARG JB 131 22.85 22.10 -33.52
N ARG JB 132 23.48 21.79 -32.38
CA ARG JB 132 24.74 22.40 -31.98
C ARG JB 132 25.95 21.61 -32.47
N GLY JB 133 25.74 20.54 -33.22
CA GLY JB 133 26.83 19.82 -33.84
C GLY JB 133 27.51 18.85 -32.90
N ARG JB 134 28.46 18.12 -33.48
CA ARG JB 134 29.30 17.17 -32.72
C ARG JB 134 30.41 17.98 -32.06
N ARG JB 135 30.14 18.44 -30.84
CA ARG JB 135 30.98 19.40 -30.15
C ARG JB 135 31.95 18.68 -29.22
N LEU JB 136 33.21 19.08 -29.28
CA LEU JB 136 34.25 18.46 -28.46
C LEU JB 136 35.48 19.35 -28.37
N PHE KB 1 88.57 -15.12 43.79
CA PHE KB 1 88.97 -15.17 42.39
C PHE KB 1 90.41 -14.67 42.23
N ARG KB 2 90.92 -14.69 41.00
CA ARG KB 2 92.29 -14.29 40.74
C ARG KB 2 92.52 -12.83 41.12
N LYS KB 3 93.59 -12.58 41.86
CA LYS KB 3 93.89 -11.23 42.29
C LYS KB 3 94.15 -10.33 41.07
N PHE KB 4 93.71 -9.07 41.18
CA PHE KB 4 93.90 -8.13 40.09
C PHE KB 4 95.36 -7.91 39.75
N THR KB 5 95.64 -7.88 38.44
CA THR KB 5 96.94 -7.54 37.89
C THR KB 5 96.70 -6.60 36.72
N TYR KB 6 97.42 -5.46 36.69
CA TYR KB 6 97.14 -4.48 35.64
C TYR KB 6 97.60 -4.99 34.28
N ARG KB 7 98.89 -5.23 34.12
CA ARG KB 7 99.37 -5.89 32.92
C ARG KB 7 100.15 -7.16 33.24
N GLY KB 8 101.20 -7.05 34.03
CA GLY KB 8 101.95 -8.23 34.44
C GLY KB 8 102.27 -8.14 35.91
N VAL KB 9 101.86 -7.04 36.52
CA VAL KB 9 102.11 -6.75 37.93
C VAL KB 9 100.77 -6.48 38.61
N ASP KB 10 100.59 -7.05 39.80
CA ASP KB 10 99.40 -6.82 40.60
C ASP KB 10 99.53 -5.49 41.35
N LEU KB 11 98.50 -5.16 42.13
CA LEU KB 11 98.29 -3.77 42.54
C LEU KB 11 99.30 -3.30 43.59
N ASP KB 12 99.84 -4.20 44.40
CA ASP KB 12 100.66 -3.76 45.53
C ASP KB 12 101.94 -3.04 45.05
N GLN KB 13 102.59 -3.53 44.00
CA GLN KB 13 103.71 -2.74 43.48
C GLN KB 13 103.25 -1.44 42.84
N LEU KB 14 102.05 -1.44 42.24
CA LEU KB 14 101.53 -0.23 41.63
C LEU KB 14 101.48 0.92 42.62
N LEU KB 15 101.26 0.64 43.90
CA LEU KB 15 101.23 1.70 44.90
C LEU KB 15 102.57 2.40 45.03
N ASP KB 16 103.66 1.65 45.01
CA ASP KB 16 105.03 2.19 45.05
C ASP KB 16 105.69 1.99 43.68
N MET KB 17 105.44 2.94 42.78
CA MET KB 17 106.18 3.05 41.53
C MET KB 17 106.32 4.52 41.20
N SER KB 18 107.54 4.94 40.86
CA SER KB 18 107.72 6.27 40.31
C SER KB 18 107.09 6.33 38.93
N TYR KB 19 106.75 7.55 38.49
CA TYR KB 19 105.97 7.71 37.26
C TYR KB 19 106.69 7.13 36.05
N GLU KB 20 108.01 7.30 35.96
CA GLU KB 20 108.69 6.94 34.73
C GLU KB 20 108.71 5.43 34.49
N GLN KB 21 108.54 4.61 35.53
CA GLN KB 21 108.39 3.18 35.28
C GLN KB 21 106.93 2.81 35.09
N LEU KB 22 106.01 3.58 35.67
CA LEU KB 22 104.60 3.42 35.36
C LEU KB 22 104.27 3.87 33.94
N MET KB 23 105.20 4.56 33.27
CA MET KB 23 104.99 4.94 31.88
C MET KB 23 104.74 3.71 31.02
N GLN KB 24 105.62 2.71 31.13
CA GLN KB 24 105.58 1.57 30.24
C GLN KB 24 104.40 0.65 30.49
N LEU KB 25 103.71 0.80 31.61
CA LEU KB 25 102.50 0.03 31.85
C LEU KB 25 101.29 0.64 31.14
N TYR KB 26 101.26 1.95 31.00
CA TYR KB 26 100.13 2.61 30.36
C TYR KB 26 100.22 2.48 28.84
N SER KB 27 99.18 2.95 28.17
CA SER KB 27 99.14 2.98 26.72
C SER KB 27 99.82 4.25 26.21
N ALA KB 28 99.78 4.45 24.89
CA ALA KB 28 100.49 5.58 24.29
C ALA KB 28 99.92 6.91 24.78
N ARG KB 29 98.60 7.05 24.81
CA ARG KB 29 97.99 8.31 25.21
C ARG KB 29 98.31 8.65 26.66
N GLN KB 30 98.22 7.66 27.55
CA GLN KB 30 98.51 7.92 28.95
C GLN KB 30 100.00 8.15 29.19
N ARG KB 31 100.85 7.43 28.46
CA ARG KB 31 102.29 7.63 28.60
C ARG KB 31 102.70 9.02 28.12
N ARG KB 32 102.11 9.51 27.04
CA ARG KB 32 102.37 10.86 26.59
C ARG KB 32 101.86 11.90 27.58
N ARG KB 33 100.71 11.60 28.21
CA ARG KB 33 100.14 12.53 29.18
C ARG KB 33 101.08 12.78 30.34
N LEU KB 34 101.63 11.71 30.92
CA LEU KB 34 102.49 11.85 32.08
C LEU KB 34 103.88 12.38 31.71
N SER KB 35 104.34 12.08 30.48
CA SER KB 35 105.62 12.62 30.03
C SER KB 35 105.58 14.14 29.97
N ARG KB 36 104.49 14.71 29.44
CA ARG KB 36 104.31 16.15 29.47
C ARG KB 36 104.14 16.69 30.89
N GLY KB 37 103.87 15.82 31.85
CA GLY KB 37 103.82 16.22 33.24
C GLY KB 37 102.49 16.78 33.67
N LEU KB 38 101.94 16.25 34.76
CA LEU KB 38 100.73 16.81 35.32
C LEU KB 38 101.02 18.15 35.97
N ARG KB 39 100.04 19.04 35.92
CA ARG KB 39 100.22 20.42 36.35
C ARG KB 39 99.48 20.65 37.67
N ARG KB 40 99.47 21.90 38.12
CA ARG KB 40 99.08 22.18 39.49
C ARG KB 40 97.64 21.79 39.77
N LYS KB 41 96.74 22.07 38.82
CA LYS KB 41 95.33 21.70 39.02
C LYS KB 41 95.13 20.21 39.23
N GLN KB 42 96.02 19.37 38.68
CA GLN KB 42 95.90 17.94 38.90
C GLN KB 42 96.55 17.52 40.22
N HIS KB 43 97.66 18.16 40.59
CA HIS KB 43 98.30 17.85 41.87
C HIS KB 43 97.39 18.16 43.04
N SER KB 44 96.67 19.28 42.98
CA SER KB 44 95.84 19.71 44.10
C SER KB 44 94.76 18.69 44.41
N LEU KB 45 94.11 18.13 43.38
CA LEU KB 45 93.07 17.15 43.61
C LEU KB 45 93.62 15.89 44.28
N LEU KB 46 94.80 15.45 43.86
CA LEU KB 46 95.38 14.24 44.43
C LEU KB 46 95.73 14.41 45.90
N LYS KB 47 96.24 15.59 46.28
CA LYS KB 47 96.50 15.85 47.69
C LYS KB 47 95.22 15.84 48.50
N ARG KB 48 94.16 16.45 47.97
CA ARG KB 48 92.87 16.41 48.67
C ARG KB 48 92.30 15.01 48.71
N LEU KB 49 92.58 14.20 47.68
CA LEU KB 49 92.06 12.83 47.65
C LEU KB 49 92.74 11.97 48.72
N ARG KB 50 94.07 12.04 48.81
CA ARG KB 50 94.78 11.28 49.84
C ARG KB 50 94.37 11.73 51.23
N LYS KB 51 94.20 13.03 51.42
CA LYS KB 51 93.78 13.54 52.72
C LYS KB 51 92.40 13.01 53.09
N ALA KB 52 91.48 12.95 52.12
CA ALA KB 52 90.16 12.38 52.39
C ALA KB 52 90.21 10.88 52.58
N LYS KB 53 91.22 10.20 52.02
CA LYS KB 53 91.33 8.76 52.20
C LYS KB 53 91.72 8.42 53.63
N LYS KB 54 92.74 9.09 54.16
CA LYS KB 54 93.22 8.78 55.51
C LYS KB 54 92.28 9.30 56.58
N GLU KB 55 91.65 10.45 56.34
CA GLU KB 55 90.86 11.10 57.38
C GLU KB 55 89.63 10.27 57.75
N ALA KB 56 89.03 9.59 56.78
CA ALA KB 56 87.88 8.77 57.07
C ALA KB 56 88.27 7.56 57.91
N PRO KB 57 87.38 7.09 58.79
CA PRO KB 57 87.66 5.87 59.52
C PRO KB 57 87.86 4.70 58.57
N PRO KB 58 88.71 3.74 58.94
CA PRO KB 58 89.17 2.74 57.96
C PRO KB 58 88.08 1.88 57.35
N MET KB 59 87.23 1.29 58.19
CA MET KB 59 86.33 0.23 57.73
C MET KB 59 85.03 0.80 57.16
N GLU KB 60 85.19 1.75 56.23
CA GLU KB 60 84.11 2.20 55.36
C GLU KB 60 84.71 3.11 54.30
N LYS KB 61 83.86 3.56 53.38
CA LYS KB 61 84.33 4.36 52.27
C LYS KB 61 84.58 5.80 52.70
N PRO KB 62 85.54 6.49 52.09
CA PRO KB 62 85.85 7.87 52.49
C PRO KB 62 84.74 8.86 52.13
N GLU KB 63 84.98 10.14 52.40
CA GLU KB 63 84.03 11.19 52.03
C GLU KB 63 84.31 11.66 50.62
N VAL KB 64 83.24 12.03 49.91
CA VAL KB 64 83.34 12.30 48.49
C VAL KB 64 84.16 13.55 48.23
N VAL KB 65 85.01 13.50 47.22
CA VAL KB 65 85.77 14.65 46.73
C VAL KB 65 85.17 15.08 45.41
N LYS KB 66 84.78 16.36 45.33
CA LYS KB 66 84.10 16.90 44.16
C LYS KB 66 85.10 17.64 43.29
N THR KB 67 84.96 17.49 41.97
CA THR KB 67 85.91 18.11 41.05
C THR KB 67 85.28 18.24 39.67
N HIS KB 68 85.89 19.08 38.84
CA HIS KB 68 85.51 19.23 37.45
C HIS KB 68 86.42 18.47 36.49
N LEU KB 69 87.53 17.92 36.99
CA LEU KB 69 88.56 17.41 36.10
C LEU KB 69 88.15 16.08 35.48
N ARG KB 70 87.47 16.15 34.33
CA ARG KB 70 87.09 14.94 33.62
C ARG KB 70 88.27 14.30 32.90
N ASP KB 71 89.27 15.09 32.55
CA ASP KB 71 90.44 14.58 31.83
C ASP KB 71 91.55 14.15 32.77
N MET KB 72 91.20 13.30 33.72
CA MET KB 72 92.16 12.81 34.71
C MET KB 72 92.61 11.40 34.37
N ILE KB 73 93.91 11.23 34.15
CA ILE KB 73 94.48 9.89 34.19
C ILE KB 73 94.38 9.40 35.62
N ILE KB 74 93.73 8.27 35.82
CA ILE KB 74 93.50 7.76 37.16
C ILE KB 74 94.64 6.80 37.53
N LEU KB 75 95.19 7.01 38.69
CA LEU KB 75 96.42 6.39 39.15
C LEU KB 75 96.10 5.22 40.08
N PRO KB 76 97.06 4.31 40.27
CA PRO KB 76 96.86 3.25 41.28
C PRO KB 76 96.74 3.78 42.69
N GLU KB 77 97.22 4.99 42.96
CA GLU KB 77 97.22 5.55 44.30
C GLU KB 77 95.95 6.35 44.62
N MET KB 78 94.94 6.31 43.75
CA MET KB 78 93.64 6.90 44.05
C MET KB 78 92.54 5.86 44.06
N VAL KB 79 92.89 4.58 44.16
CA VAL KB 79 91.92 3.50 44.14
C VAL KB 79 91.14 3.48 45.47
N GLY KB 80 89.88 3.07 45.39
CA GLY KB 80 89.03 3.08 46.56
C GLY KB 80 88.71 4.47 47.05
N SER KB 81 88.39 5.38 46.13
CA SER KB 81 88.17 6.79 46.46
C SER KB 81 86.78 7.20 46.03
N MET KB 82 86.20 8.14 46.77
CA MET KB 82 84.87 8.67 46.50
C MET KB 82 85.03 9.97 45.72
N VAL KB 83 84.77 9.91 44.42
CA VAL KB 83 84.96 11.05 43.53
C VAL KB 83 83.65 11.37 42.83
N GLY KB 84 83.21 12.61 42.95
CA GLY KB 84 82.04 13.08 42.24
C GLY KB 84 82.44 13.94 41.06
N VAL KB 85 82.35 13.40 39.86
CA VAL KB 85 82.83 14.07 38.66
C VAL KB 85 81.70 14.88 38.06
N TYR KB 86 82.03 16.09 37.59
CA TYR KB 86 81.05 16.96 36.97
C TYR KB 86 80.74 16.50 35.56
N ASN KB 87 79.46 16.41 35.23
CA ASN KB 87 79.02 16.10 33.87
C ASN KB 87 78.49 17.32 33.13
N GLY KB 88 78.60 18.50 33.72
CA GLY KB 88 78.07 19.72 33.14
C GLY KB 88 76.87 20.27 33.89
N LYS KB 89 76.17 19.43 34.64
CA LYS KB 89 74.99 19.87 35.39
C LYS KB 89 75.09 19.45 36.84
N THR KB 90 75.66 18.28 37.11
CA THR KB 90 75.72 17.73 38.44
C THR KB 90 77.03 16.98 38.65
N PHE KB 91 77.40 16.80 39.92
CA PHE KB 91 78.51 15.94 40.30
C PHE KB 91 77.94 14.56 40.58
N ASN KB 92 78.03 13.66 39.62
CA ASN KB 92 77.52 12.31 39.82
C ASN KB 92 78.54 11.45 40.56
N GLN KB 93 78.02 10.49 41.31
CA GLN KB 93 78.82 9.73 42.27
C GLN KB 93 79.51 8.56 41.58
N VAL KB 94 80.82 8.47 41.74
CA VAL KB 94 81.66 7.49 41.06
C VAL KB 94 82.61 6.87 42.07
N GLU KB 95 82.68 5.54 42.08
CA GLU KB 95 83.64 4.83 42.92
C GLU KB 95 84.72 4.22 42.04
N ILE KB 96 85.98 4.40 42.44
CA ILE KB 96 87.12 3.95 41.65
C ILE KB 96 87.42 2.50 42.01
N LYS KB 97 87.08 1.58 41.12
CA LYS KB 97 87.48 0.19 41.27
C LYS KB 97 88.98 0.03 41.00
N PRO KB 98 89.62 -0.98 41.61
CA PRO KB 98 91.07 -1.18 41.41
C PRO KB 98 91.47 -1.52 39.99
N GLU KB 99 90.52 -1.71 39.09
CA GLU KB 99 90.80 -2.21 37.76
C GLU KB 99 90.71 -1.15 36.67
N MET KB 100 89.92 -0.10 36.85
CA MET KB 100 89.67 0.85 35.78
C MET KB 100 90.85 1.79 35.58
N ILE KB 101 91.98 1.53 36.25
CA ILE KB 101 93.15 2.39 36.13
C ILE KB 101 93.55 2.48 34.67
N GLY KB 102 94.11 3.63 34.31
CA GLY KB 102 94.45 3.92 32.95
C GLY KB 102 93.36 4.59 32.15
N HIS KB 103 92.29 5.06 32.80
CA HIS KB 103 91.16 5.66 32.14
C HIS KB 103 90.98 7.11 32.60
N TYR KB 104 89.89 7.73 32.17
CA TYR KB 104 89.57 9.10 32.49
C TYR KB 104 88.34 9.17 33.39
N LEU KB 105 88.32 10.18 34.26
CA LEU KB 105 87.14 10.40 35.09
C LEU KB 105 85.91 10.68 34.24
N GLY KB 106 86.08 11.38 33.12
CA GLY KB 106 84.96 11.66 32.24
C GLY KB 106 84.39 10.43 31.57
N GLU KB 107 85.15 9.33 31.54
CA GLU KB 107 84.65 8.11 30.91
C GLU KB 107 83.59 7.41 31.75
N PHE KB 108 83.41 7.81 33.00
CA PHE KB 108 82.45 7.18 33.90
C PHE KB 108 81.37 8.15 34.36
N SER KB 109 81.25 9.30 33.71
CA SER KB 109 80.24 10.30 34.03
C SER KB 109 79.63 10.77 32.71
N ILE KB 110 78.53 10.15 32.31
CA ILE KB 110 77.93 10.44 31.01
C ILE KB 110 77.38 11.85 31.01
N THR KB 111 77.52 12.54 29.88
CA THR KB 111 77.11 13.92 29.74
C THR KB 111 75.73 14.08 29.09
N TYR KB 112 75.08 12.98 28.72
CA TYR KB 112 73.78 13.05 28.07
C TYR KB 112 72.90 11.93 28.58
N LYS KB 113 71.60 12.19 28.60
CA LYS KB 113 70.63 11.15 28.90
C LYS KB 113 70.40 10.29 27.65
N PRO KB 114 70.51 8.97 27.77
CA PRO KB 114 70.26 8.10 26.60
C PRO KB 114 68.87 8.35 26.03
N VAL KB 115 68.78 8.31 24.71
CA VAL KB 115 67.59 8.76 24.01
C VAL KB 115 66.51 7.69 24.09
N LYS KB 116 65.31 8.10 24.50
CA LYS KB 116 64.10 7.27 24.44
C LYS KB 116 63.11 8.04 23.58
N HIS KB 117 62.92 7.58 22.35
CA HIS KB 117 62.24 8.38 21.33
C HIS KB 117 60.75 8.50 21.65
N GLY KB 118 60.15 9.54 21.06
CA GLY KB 118 58.71 9.77 21.14
C GLY KB 118 58.01 9.41 19.85
N ARG KB 119 57.02 10.21 19.48
CA ARG KB 119 56.28 10.01 18.23
C ARG KB 119 56.43 11.28 17.40
N PRO KB 120 56.84 11.17 16.13
CA PRO KB 120 56.96 12.35 15.25
C PRO KB 120 55.62 13.04 15.02
N GLY LB 1 133.14 20.24 -42.83
CA GLY LB 1 133.72 21.55 -42.70
C GLY LB 1 132.80 22.55 -42.00
N PRO LB 2 132.06 23.33 -42.78
CA PRO LB 2 131.11 24.27 -42.19
C PRO LB 2 130.01 23.53 -41.43
N LEU LB 3 129.57 24.12 -40.33
CA LEU LB 3 128.51 23.53 -39.52
C LEU LB 3 127.17 23.75 -40.20
N GLN LB 4 126.41 22.68 -40.35
CA GLN LB 4 125.05 22.74 -40.87
C GLN LB 4 124.11 22.35 -39.74
N SER LB 5 123.74 23.33 -38.92
CA SER LB 5 122.95 23.11 -37.72
C SER LB 5 121.57 23.72 -37.89
N VAL LB 6 120.54 22.94 -37.58
CA VAL LB 6 119.15 23.41 -37.61
C VAL LB 6 118.47 22.90 -36.34
N GLN LB 7 117.84 23.82 -35.60
CA GLN LB 7 117.12 23.49 -34.38
C GLN LB 7 115.66 23.89 -34.54
N VAL LB 8 114.76 22.91 -34.44
CA VAL LB 8 113.33 23.13 -34.67
C VAL LB 8 112.55 22.47 -33.55
N PHE LB 9 111.51 23.16 -33.08
CA PHE LB 9 110.70 22.70 -31.97
C PHE LB 9 109.40 22.04 -32.45
N GLY LB 10 108.79 21.29 -31.55
CA GLY LB 10 107.49 20.70 -31.82
C GLY LB 10 106.56 20.90 -30.63
N ARG LB 11 105.29 21.09 -30.92
CA ARG LB 11 104.29 21.45 -29.91
C ARG LB 11 103.19 20.41 -29.81
N LYS LB 12 102.73 20.20 -28.58
CA LYS LB 12 101.50 19.47 -28.29
C LYS LB 12 100.84 20.24 -27.14
N LYS LB 13 99.91 19.59 -26.43
CA LYS LB 13 99.18 20.24 -25.34
C LYS LB 13 100.08 21.14 -24.51
N THR LB 14 101.12 20.57 -23.90
CA THR LB 14 102.16 21.36 -23.24
C THR LB 14 103.56 20.85 -23.52
N ALA LB 15 103.73 19.63 -24.00
CA ALA LB 15 105.05 19.08 -24.26
C ALA LB 15 105.68 19.78 -25.46
N THR LB 16 106.85 20.35 -25.26
CA THR LB 16 107.63 20.92 -26.34
C THR LB 16 108.87 20.08 -26.57
N ALA LB 17 109.09 19.70 -27.83
CA ALA LB 17 110.24 18.89 -28.22
C ALA LB 17 110.97 19.61 -29.34
N VAL LB 18 112.23 19.94 -29.09
CA VAL LB 18 113.05 20.68 -30.05
C VAL LB 18 114.17 19.76 -30.52
N ALA LB 19 114.33 19.66 -31.84
CA ALA LB 19 115.25 18.72 -32.45
C ALA LB 19 116.46 19.47 -33.02
N HIS LB 20 117.66 19.02 -32.66
CA HIS LB 20 118.89 19.56 -33.21
C HIS LB 20 119.33 18.65 -34.36
N CYS LB 21 119.30 19.20 -35.57
CA CYS LB 21 119.64 18.44 -36.78
C CYS LB 21 120.95 18.98 -37.35
N LYS LB 22 121.92 18.10 -37.50
CA LYS LB 22 123.21 18.44 -38.11
C LYS LB 22 123.40 17.60 -39.36
N ARG LB 23 124.60 17.66 -39.92
CA ARG LB 23 125.01 16.74 -40.97
C ARG LB 23 125.66 15.52 -40.31
N GLY LB 24 125.08 14.35 -40.53
CA GLY LB 24 125.57 13.16 -39.87
C GLY LB 24 125.58 11.93 -40.75
N ASN LB 25 125.21 10.77 -40.17
CA ASN LB 25 125.20 9.52 -40.91
C ASN LB 25 123.95 8.70 -40.60
N GLY LB 26 122.87 9.36 -40.18
CA GLY LB 26 121.62 8.68 -39.91
C GLY LB 26 121.48 8.14 -38.50
N LEU LB 27 121.64 9.02 -37.52
CA LEU LB 27 121.45 8.68 -36.11
C LEU LB 27 120.28 9.49 -35.55
N ILE LB 28 119.36 8.80 -34.88
CA ILE LB 28 118.19 9.42 -34.29
C ILE LB 28 118.11 9.02 -32.83
N LYS LB 29 118.12 9.99 -31.93
CA LYS LB 29 118.04 9.73 -30.51
C LYS LB 29 117.18 10.77 -29.82
N VAL LB 30 116.39 10.33 -28.85
CA VAL LB 30 115.54 11.20 -28.05
C VAL LB 30 116.02 11.10 -26.61
N ASN LB 31 116.52 12.21 -26.07
CA ASN LB 31 117.11 12.24 -24.73
C ASN LB 31 118.21 11.19 -24.61
N GLY LB 32 118.96 10.99 -25.69
CA GLY LB 32 120.01 10.00 -25.73
C GLY LB 32 119.54 8.58 -25.93
N ARG LB 33 118.26 8.37 -26.23
CA ARG LB 33 117.71 7.04 -26.35
C ARG LB 33 117.09 6.86 -27.74
N PRO LB 34 117.38 5.78 -28.44
CA PRO LB 34 116.87 5.62 -29.80
C PRO LB 34 115.36 5.41 -29.83
N LEU LB 35 114.79 5.62 -31.02
CA LEU LB 35 113.34 5.64 -31.18
C LEU LB 35 112.69 4.30 -30.88
N GLU LB 36 113.45 3.21 -30.90
CA GLU LB 36 112.86 1.88 -30.81
C GLU LB 36 112.37 1.54 -29.41
N MET LB 37 112.84 2.23 -28.38
CA MET LB 37 112.34 2.05 -27.02
C MET LB 37 112.03 3.40 -26.38
N ILE LB 38 110.80 3.86 -26.60
CA ILE LB 38 110.25 5.07 -26.00
C ILE LB 38 108.84 4.72 -25.51
N GLU LB 39 108.69 4.56 -24.21
CA GLU LB 39 107.39 4.21 -23.66
C GLU LB 39 106.38 5.33 -23.90
N PRO LB 40 105.15 5.02 -24.29
CA PRO LB 40 104.65 3.66 -24.54
C PRO LB 40 105.10 3.08 -25.87
N ARG LB 41 105.40 1.79 -25.90
CA ARG LB 41 105.80 1.14 -27.14
C ARG LB 41 104.62 0.77 -28.02
N THR LB 42 103.39 0.87 -27.53
CA THR LB 42 102.23 0.63 -28.39
C THR LB 42 102.09 1.74 -29.42
N LEU LB 43 102.40 2.97 -29.05
CA LEU LB 43 102.44 4.07 -30.00
C LEU LB 43 103.86 4.28 -30.54
N GLN LB 44 104.46 3.20 -31.03
CA GLN LB 44 105.81 3.29 -31.58
C GLN LB 44 105.81 3.59 -33.06
N TYR LB 45 104.82 3.11 -33.80
CA TYR LB 45 104.71 3.46 -35.21
C TYR LB 45 104.50 4.95 -35.42
N LYS LB 46 104.04 5.66 -34.39
CA LYS LB 46 103.91 7.11 -34.50
C LYS LB 46 105.27 7.77 -34.66
N LEU LB 47 106.23 7.40 -33.82
CA LEU LB 47 107.57 7.97 -33.93
C LEU LB 47 108.22 7.60 -35.25
N LEU LB 48 107.74 6.56 -35.93
CA LEU LB 48 108.33 6.09 -37.17
C LEU LB 48 107.52 6.50 -38.40
N GLU LB 49 106.51 7.36 -38.24
CA GLU LB 49 105.82 7.88 -39.43
C GLU LB 49 106.75 8.71 -40.31
N PRO LB 50 107.42 9.75 -39.82
CA PRO LB 50 108.29 10.53 -40.71
C PRO LB 50 109.40 9.71 -41.33
N VAL LB 51 109.95 8.75 -40.60
CA VAL LB 51 111.05 7.95 -41.12
C VAL LB 51 110.55 6.96 -42.17
N LEU LB 52 109.46 6.25 -41.86
CA LEU LB 52 109.02 5.16 -42.72
C LEU LB 52 108.32 5.66 -43.97
N LEU LB 53 107.65 6.82 -43.89
CA LEU LB 53 107.05 7.41 -45.09
C LEU LB 53 108.10 7.91 -46.07
N LEU LB 54 109.33 8.12 -45.62
CA LEU LB 54 110.38 8.67 -46.46
C LEU LB 54 111.53 7.72 -46.73
N GLY LB 55 111.82 6.80 -45.82
CA GLY LB 55 112.95 5.93 -45.96
C GLY LB 55 114.21 6.51 -45.34
N LYS LB 56 115.21 5.63 -45.15
CA LYS LB 56 116.44 6.03 -44.49
C LYS LB 56 117.26 6.99 -45.35
N GLU LB 57 117.17 6.88 -46.68
CA GLU LB 57 118.08 7.61 -47.55
C GLU LB 57 117.89 9.12 -47.45
N ARG LB 58 116.66 9.58 -47.21
CA ARG LB 58 116.46 11.00 -46.97
C ARG LB 58 116.92 11.41 -45.58
N PHE LB 59 116.78 10.52 -44.60
CA PHE LB 59 117.33 10.77 -43.27
C PHE LB 59 118.81 10.44 -43.17
N ALA LB 60 119.38 9.81 -44.19
CA ALA LB 60 120.82 9.63 -44.23
C ALA LB 60 121.51 10.97 -44.44
N GLY LB 61 122.68 11.11 -43.81
CA GLY LB 61 123.42 12.35 -43.89
C GLY LB 61 123.08 13.39 -42.85
N VAL LB 62 122.07 13.14 -42.02
CA VAL LB 62 121.71 14.04 -40.94
C VAL LB 62 121.57 13.24 -39.66
N ASP LB 63 122.04 13.81 -38.55
CA ASP LB 63 121.93 13.20 -37.24
C ASP LB 63 121.06 14.08 -36.36
N ILE LB 64 120.04 13.51 -35.75
CA ILE LB 64 119.02 14.25 -35.03
C ILE LB 64 119.03 13.82 -33.56
N ARG LB 65 119.12 14.79 -32.67
CA ARG LB 65 119.03 14.56 -31.23
C ARG LB 65 117.89 15.42 -30.69
N VAL LB 66 116.89 14.76 -30.11
CA VAL LB 66 115.67 15.42 -29.67
C VAL LB 66 115.66 15.46 -28.15
N ARG LB 67 115.39 16.64 -27.59
CA ARG LB 67 115.15 16.79 -26.17
C ARG LB 67 113.69 17.20 -25.95
N VAL LB 68 113.05 16.56 -24.98
CA VAL LB 68 111.62 16.70 -24.76
C VAL LB 68 111.39 17.06 -23.29
N LYS LB 69 110.41 17.93 -23.05
CA LYS LB 69 110.13 18.37 -21.70
C LYS LB 69 108.69 18.89 -21.65
N GLY LB 70 107.99 18.59 -20.56
CA GLY LB 70 106.61 18.99 -20.39
C GLY LB 70 105.63 17.98 -20.92
N GLY LB 71 104.35 18.26 -20.68
CA GLY LB 71 103.29 17.43 -21.20
C GLY LB 71 103.22 16.06 -20.55
N GLY LB 72 102.45 15.18 -21.18
CA GLY LB 72 102.26 13.83 -20.73
C GLY LB 72 102.91 12.80 -21.65
N HIS LB 73 102.55 11.54 -21.42
CA HIS LB 73 103.16 10.45 -22.17
C HIS LB 73 102.78 10.50 -23.64
N VAL LB 74 101.49 10.68 -23.93
CA VAL LB 74 101.06 10.73 -25.33
C VAL LB 74 101.40 12.08 -25.94
N ALA LB 75 101.34 13.16 -25.15
CA ALA LB 75 101.65 14.48 -25.68
C ALA LB 75 103.10 14.57 -26.13
N GLN LB 76 104.02 13.99 -25.35
CA GLN LB 76 105.42 14.00 -25.75
C GLN LB 76 105.64 13.19 -27.02
N ILE LB 77 104.92 12.08 -27.18
CA ILE LB 77 105.05 11.27 -28.38
C ILE LB 77 104.71 12.09 -29.61
N TYR LB 78 103.61 12.84 -29.56
CA TYR LB 78 103.20 13.63 -30.71
C TYR LB 78 104.12 14.84 -30.93
N ALA LB 79 104.72 15.36 -29.86
CA ALA LB 79 105.64 16.47 -30.03
C ALA LB 79 106.89 16.05 -30.80
N ILE LB 80 107.43 14.87 -30.50
CA ILE LB 80 108.61 14.39 -31.22
C ILE LB 80 108.27 14.14 -32.68
N ARG LB 81 107.10 13.56 -32.94
CA ARG LB 81 106.65 13.30 -34.31
C ARG LB 81 106.70 14.56 -35.15
N GLN LB 82 106.13 15.65 -34.64
CA GLN LB 82 106.10 16.91 -35.37
C GLN LB 82 107.49 17.52 -35.45
N SER LB 83 108.29 17.41 -34.39
CA SER LB 83 109.60 18.06 -34.37
C SER LB 83 110.54 17.47 -35.39
N ILE LB 84 110.57 16.14 -35.52
CA ILE LB 84 111.43 15.51 -36.52
C ILE LB 84 111.00 15.90 -37.93
N SER LB 85 109.68 15.89 -38.18
CA SER LB 85 109.19 16.24 -39.50
C SER LB 85 109.49 17.69 -39.84
N LYS LB 86 109.32 18.59 -38.89
CA LYS LB 86 109.61 20.01 -39.15
C LYS LB 86 111.10 20.26 -39.30
N ALA LB 87 111.92 19.62 -38.46
CA ALA LB 87 113.36 19.85 -38.51
C ALA LB 87 113.95 19.40 -39.84
N LEU LB 88 113.50 18.25 -40.34
CA LEU LB 88 114.04 17.75 -41.61
C LEU LB 88 113.65 18.65 -42.77
N VAL LB 89 112.40 19.15 -42.76
CA VAL LB 89 111.99 20.11 -43.79
C VAL LB 89 112.78 21.40 -43.67
N ALA LB 90 112.96 21.89 -42.45
CA ALA LB 90 113.73 23.11 -42.25
C ALA LB 90 115.18 22.93 -42.66
N TYR LB 91 115.74 21.73 -42.46
CA TYR LB 91 117.10 21.47 -42.90
C TYR LB 91 117.21 21.51 -44.42
N TYR LB 92 116.28 20.85 -45.11
CA TYR LB 92 116.32 20.81 -46.55
C TYR LB 92 116.06 22.18 -47.17
N GLN LB 93 115.41 23.08 -46.44
CA GLN LB 93 115.25 24.45 -46.92
C GLN LB 93 116.58 25.19 -46.93
N LYS LB 94 117.30 25.14 -45.81
CA LYS LB 94 118.42 26.04 -45.60
C LYS LB 94 119.68 25.59 -46.34
N TYR LB 95 119.82 24.29 -46.59
CA TYR LB 95 121.06 23.74 -47.11
C TYR LB 95 120.87 22.94 -48.40
N VAL LB 96 119.63 22.76 -48.86
CA VAL LB 96 119.33 22.08 -50.11
C VAL LB 96 118.32 22.95 -50.84
N ASP LB 97 118.19 22.73 -52.14
CA ASP LB 97 117.18 23.46 -52.88
C ASP LB 97 115.79 23.10 -52.38
N GLU LB 98 114.88 24.08 -52.41
CA GLU LB 98 113.51 23.77 -52.00
C GLU LB 98 112.78 22.91 -53.00
N ALA LB 99 113.37 22.68 -54.18
CA ALA LB 99 112.85 21.62 -55.05
C ALA LB 99 112.85 20.28 -54.32
N SER LB 100 113.75 20.10 -53.36
CA SER LB 100 113.66 18.95 -52.48
C SER LB 100 112.61 19.12 -51.39
N LYS LB 101 112.36 20.37 -50.96
CA LYS LB 101 111.34 20.62 -49.96
C LYS LB 101 109.95 20.28 -50.48
N LYS LB 102 109.72 20.47 -51.78
CA LYS LB 102 108.36 20.39 -52.30
C LYS LB 102 107.73 19.02 -52.07
N GLU LB 103 108.32 17.97 -52.64
CA GLU LB 103 107.72 16.65 -52.52
C GLU LB 103 107.76 16.14 -51.08
N ILE LB 104 108.79 16.51 -50.32
CA ILE LB 104 108.87 16.06 -48.93
C ILE LB 104 107.76 16.69 -48.11
N LYS LB 105 107.39 17.93 -48.43
CA LYS LB 105 106.30 18.58 -47.69
C LYS LB 105 104.95 18.01 -48.07
N ASP LB 106 104.76 17.67 -49.35
CA ASP LB 106 103.46 17.21 -49.81
C ASP LB 106 103.15 15.80 -49.31
N ILE LB 107 104.16 14.92 -49.29
CA ILE LB 107 103.93 13.55 -48.83
C ILE LB 107 103.58 13.54 -47.34
N LEU LB 108 104.21 14.42 -46.55
CA LEU LB 108 103.85 14.54 -45.14
C LEU LB 108 102.46 15.12 -44.97
N ILE LB 109 102.15 16.20 -45.70
CA ILE LB 109 100.85 16.84 -45.55
C ILE LB 109 99.74 15.91 -46.00
N GLN LB 110 99.92 15.22 -47.12
CA GLN LB 110 98.88 14.33 -47.62
C GLN LB 110 98.59 13.20 -46.65
N TYR LB 111 99.58 12.79 -45.85
CA TYR LB 111 99.33 11.78 -44.84
C TYR LB 111 98.50 12.36 -43.69
N ASP LB 112 98.99 13.43 -43.07
CA ASP LB 112 98.22 14.20 -42.10
C ASP LB 112 98.83 15.59 -41.96
N ARG LB 113 97.96 16.56 -41.69
CA ARG LB 113 98.40 17.96 -41.60
C ARG LB 113 99.09 18.26 -40.28
N THR LB 114 98.71 17.56 -39.20
CA THR LB 114 99.26 17.86 -37.88
C THR LB 114 100.72 17.46 -37.75
N LEU LB 115 101.28 16.76 -38.73
CA LEU LB 115 102.68 16.37 -38.67
C LEU LB 115 103.62 17.53 -38.98
N LEU LB 116 103.10 18.61 -39.56
CA LEU LB 116 103.89 19.82 -39.82
C LEU LB 116 103.28 21.07 -39.21
N VAL LB 117 101.98 21.09 -38.94
CA VAL LB 117 101.29 22.24 -38.37
C VAL LB 117 100.85 21.89 -36.96
N ALA LB 118 101.08 22.80 -36.03
CA ALA LB 118 100.78 22.54 -34.63
C ALA LB 118 99.28 22.52 -34.37
N ASP LB 119 98.85 21.62 -33.49
CA ASP LB 119 97.46 21.60 -33.05
C ASP LB 119 97.24 22.75 -32.07
N PRO LB 120 96.28 23.64 -32.33
CA PRO LB 120 96.14 24.85 -31.50
C PRO LB 120 95.24 24.72 -30.29
N ARG LB 121 94.65 23.56 -30.02
CA ARG LB 121 93.68 23.46 -28.95
C ARG LB 121 94.38 23.26 -27.60
N ARG LB 122 93.82 23.87 -26.56
CA ARG LB 122 94.39 23.80 -25.21
C ARG LB 122 93.27 23.58 -24.20
N CYS LB 123 93.66 23.18 -22.99
CA CYS LB 123 92.69 23.04 -21.91
C CYS LB 123 92.18 24.41 -21.47
N GLU LB 124 90.88 24.49 -21.20
CA GLU LB 124 90.28 25.74 -20.76
C GLU LB 124 89.98 25.69 -19.27
N SER LB 125 89.82 26.87 -18.69
CA SER LB 125 89.76 27.02 -17.25
C SER LB 125 88.43 26.51 -16.70
N LYS LB 126 88.47 26.13 -15.42
CA LYS LB 126 87.27 25.71 -14.72
C LYS LB 126 86.49 26.91 -14.22
N LYS LB 127 85.17 26.85 -14.39
CA LYS LB 127 84.29 27.88 -13.86
C LYS LB 127 83.76 27.45 -12.50
N PHE LB 128 83.46 28.43 -11.65
CA PHE LB 128 82.90 28.10 -10.35
C PHE LB 128 81.48 27.59 -10.50
N GLY LB 129 81.02 26.87 -9.48
CA GLY LB 129 79.71 26.24 -9.53
C GLY LB 129 79.68 24.91 -10.24
N GLY LB 130 80.82 24.40 -10.68
CA GLY LB 130 80.87 23.12 -11.34
C GLY LB 130 82.22 22.45 -11.17
N PRO LB 131 82.28 21.14 -11.41
CA PRO LB 131 83.54 20.41 -11.26
C PRO LB 131 84.52 20.62 -12.40
N GLY LB 132 84.08 21.20 -13.52
CA GLY LB 132 84.96 21.35 -14.66
C GLY LB 132 84.68 22.58 -15.50
N ALA LB 133 85.13 22.55 -16.75
CA ALA LB 133 84.95 23.71 -17.63
C ALA LB 133 83.49 23.99 -17.91
N ARG LB 134 82.70 22.93 -18.11
CA ARG LB 134 81.30 23.10 -18.49
C ARG LB 134 80.31 22.29 -17.65
N ALA LB 135 80.73 21.24 -16.98
CA ALA LB 135 79.82 20.50 -16.12
C ALA LB 135 79.46 21.31 -14.89
N ARG LB 136 78.24 21.12 -14.41
CA ARG LB 136 77.72 21.83 -13.24
C ARG LB 136 77.34 20.83 -12.16
N TYR LB 137 77.10 21.34 -10.96
CA TYR LB 137 76.62 20.50 -9.87
C TYR LB 137 75.11 20.28 -9.99
N GLN LB 138 74.61 19.34 -9.18
CA GLN LB 138 73.23 18.88 -9.29
C GLN LB 138 72.27 19.95 -8.78
N LYS LB 139 71.22 20.21 -9.54
CA LYS LB 139 70.11 21.00 -9.03
C LYS LB 139 69.28 20.18 -8.05
N SER LB 140 68.70 20.87 -7.07
CA SER LB 140 68.04 20.25 -5.94
C SER LB 140 66.69 20.90 -5.68
N TYR LB 141 65.87 21.00 -6.73
CA TYR LB 141 64.52 21.55 -6.64
C TYR LB 141 63.80 21.15 -5.35
N ARG LB 142 63.75 19.86 -5.08
CA ARG LB 142 63.17 19.37 -3.83
C ARG LB 142 64.02 18.27 -3.21
N GLY MB 1 77.52 35.37 -37.50
CA GLY MB 1 76.79 36.61 -37.52
C GLY MB 1 77.68 37.83 -37.61
N ARG MB 2 78.22 38.06 -38.81
CA ARG MB 2 79.11 39.19 -39.04
C ARG MB 2 78.34 40.35 -39.66
N VAL MB 3 77.56 41.02 -38.81
CA VAL MB 3 76.84 42.22 -39.19
C VAL MB 3 77.53 43.42 -38.57
N ARG MB 4 77.88 44.40 -39.39
CA ARG MB 4 78.62 45.56 -38.92
C ARG MB 4 77.68 46.57 -38.29
N THR MB 5 78.03 47.01 -37.08
CA THR MB 5 77.18 47.94 -36.33
C THR MB 5 77.22 49.32 -36.96
N LYS MB 6 76.49 50.25 -36.37
CA LYS MB 6 76.40 51.60 -36.92
C LYS MB 6 77.73 52.33 -36.79
N THR MB 7 78.44 52.15 -35.68
CA THR MB 7 79.67 52.89 -35.47
C THR MB 7 80.78 52.49 -36.43
N VAL MB 8 80.65 51.36 -37.11
CA VAL MB 8 81.55 51.02 -38.20
C VAL MB 8 81.04 51.55 -39.53
N LYS MB 9 79.75 51.35 -39.80
CA LYS MB 9 79.18 51.82 -41.06
C LYS MB 9 79.21 53.34 -41.16
N LYS MB 10 78.89 54.03 -40.08
CA LYS MB 10 78.90 55.50 -40.10
C LYS MB 10 80.30 56.03 -40.34
N ALA MB 11 81.30 55.46 -39.66
CA ALA MB 11 82.68 55.91 -39.86
C ALA MB 11 83.14 55.65 -41.29
N ALA MB 12 82.84 54.48 -41.83
CA ALA MB 12 83.26 54.16 -43.19
C ALA MB 12 82.59 55.07 -44.21
N ARG MB 13 81.30 55.35 -44.02
CA ARG MB 13 80.58 56.19 -44.97
C ARG MB 13 81.09 57.63 -44.96
N VAL MB 14 81.60 58.10 -43.81
CA VAL MB 14 82.21 59.41 -43.76
C VAL MB 14 83.57 59.40 -44.44
N ILE MB 15 84.37 58.36 -44.19
CA ILE MB 15 85.70 58.27 -44.76
C ILE MB 15 85.64 58.22 -46.29
N ILE MB 16 84.69 57.47 -46.83
CA ILE MB 16 84.61 57.28 -48.28
C ILE MB 16 84.31 58.59 -49.02
N GLU MB 17 83.47 59.45 -48.43
CA GLU MB 17 83.09 60.68 -49.12
C GLU MB 17 84.21 61.71 -49.07
N LYS MB 18 85.03 61.68 -48.03
CA LYS MB 18 86.07 62.69 -47.83
C LYS MB 18 87.42 62.28 -48.39
N TYR MB 19 87.64 60.99 -48.64
CA TYR MB 19 88.93 60.51 -49.12
C TYR MB 19 88.75 59.46 -50.20
N TYR MB 20 87.83 59.70 -51.14
CA TYR MB 20 87.58 58.72 -52.20
C TYR MB 20 88.82 58.51 -53.06
N THR MB 21 89.53 59.59 -53.38
CA THR MB 21 90.66 59.49 -54.29
C THR MB 21 91.78 58.63 -53.72
N ARG MB 22 92.04 58.76 -52.42
CA ARG MB 22 93.17 58.07 -51.82
C ARG MB 22 92.91 56.59 -51.61
N LEU MB 23 91.65 56.20 -51.46
CA LEU MB 23 91.32 54.80 -51.18
C LEU MB 23 91.57 53.94 -52.41
N GLY MB 24 91.66 52.64 -52.19
CA GLY MB 24 91.99 51.71 -53.26
C GLY MB 24 90.97 50.60 -53.35
N ASN MB 25 91.45 49.40 -53.69
CA ASN MB 25 90.60 48.24 -53.85
C ASN MB 25 91.02 47.09 -52.95
N ASP MB 26 92.25 47.08 -52.46
CA ASP MB 26 92.72 46.04 -51.56
C ASP MB 26 92.50 46.45 -50.11
N PHE MB 27 92.41 45.45 -49.24
CA PHE MB 27 92.15 45.73 -47.84
C PHE MB 27 93.38 46.29 -47.13
N HIS MB 28 94.58 45.86 -47.54
CA HIS MB 28 95.76 46.13 -46.73
C HIS MB 28 96.26 47.56 -46.89
N THR MB 29 96.18 48.12 -48.09
CA THR MB 29 96.68 49.49 -48.27
C THR MB 29 95.76 50.50 -47.62
N ASN MB 30 94.47 50.48 -47.95
CA ASN MB 30 93.55 51.44 -47.36
C ASN MB 30 93.30 51.19 -45.88
N LYS MB 31 93.73 50.04 -45.36
CA LYS MB 31 93.80 49.88 -43.91
C LYS MB 31 94.84 50.83 -43.33
N ARG MB 32 95.97 51.01 -44.02
CA ARG MB 32 96.96 51.97 -43.60
C ARG MB 32 96.48 53.40 -43.83
N VAL MB 33 95.72 53.62 -44.91
CA VAL MB 33 95.17 54.95 -45.17
C VAL MB 33 94.24 55.37 -44.03
N CYS MB 34 93.35 54.46 -43.64
CA CYS MB 34 92.39 54.77 -42.57
C CYS MB 34 93.11 55.01 -41.24
N GLU MB 35 94.17 54.24 -40.97
CA GLU MB 35 94.88 54.37 -39.71
C GLU MB 35 95.48 55.76 -39.55
N GLU MB 36 96.10 56.28 -40.59
CA GLU MB 36 96.79 57.55 -40.49
C GLU MB 36 95.85 58.74 -40.63
N ILE MB 37 94.73 58.57 -41.32
CA ILE MB 37 93.83 59.69 -41.61
C ILE MB 37 92.75 59.89 -40.57
N ALA MB 38 92.51 58.89 -39.71
CA ALA MB 38 91.55 59.02 -38.62
C ALA MB 38 92.12 58.34 -37.39
N ILE MB 39 91.77 58.87 -36.22
CA ILE MB 39 92.24 58.31 -34.95
C ILE MB 39 91.21 57.27 -34.49
N ILE MB 40 91.54 56.00 -34.71
CA ILE MB 40 90.68 54.87 -34.38
C ILE MB 40 91.32 54.16 -33.19
N PRO MB 41 90.66 54.15 -32.02
CA PRO MB 41 91.37 53.81 -30.77
C PRO MB 41 91.70 52.35 -30.56
N SER MB 42 91.47 51.47 -31.53
CA SER MB 42 91.97 50.10 -31.40
C SER MB 42 92.00 49.45 -32.77
N LYS MB 43 92.70 48.30 -32.83
CA LYS MB 43 92.94 47.64 -34.11
C LYS MB 43 91.67 47.00 -34.67
N LYS MB 44 90.84 46.41 -33.80
CA LYS MB 44 89.76 45.56 -34.29
C LYS MB 44 88.72 46.35 -35.09
N LEU MB 45 88.30 47.51 -34.58
CA LEU MB 45 87.38 48.28 -35.41
C LEU MB 45 88.10 49.09 -36.47
N ARG MB 46 89.42 49.27 -36.37
CA ARG MB 46 90.18 49.78 -37.50
C ARG MB 46 90.12 48.81 -38.67
N ASN MB 47 90.26 47.52 -38.40
CA ASN MB 47 90.14 46.52 -39.46
C ASN MB 47 88.71 46.44 -39.96
N LYS MB 48 87.73 46.50 -39.05
CA LYS MB 48 86.34 46.38 -39.47
C LYS MB 48 85.89 47.60 -40.26
N ILE MB 49 86.41 48.79 -39.94
CA ILE MB 49 86.15 49.95 -40.79
C ILE MB 49 86.83 49.78 -42.14
N ALA MB 50 88.10 49.40 -42.14
CA ALA MB 50 88.81 49.23 -43.40
C ALA MB 50 88.21 48.10 -44.23
N GLY MB 51 87.69 47.06 -43.58
CA GLY MB 51 87.03 46.00 -44.33
C GLY MB 51 85.76 46.45 -45.00
N TYR MB 52 84.98 47.30 -44.32
CA TYR MB 52 83.76 47.82 -44.90
C TYR MB 52 84.07 48.83 -46.01
N VAL MB 53 85.12 49.64 -45.81
CA VAL MB 53 85.52 50.59 -46.85
C VAL MB 53 85.87 49.85 -48.14
N THR MB 54 86.62 48.75 -48.03
CA THR MB 54 86.94 47.95 -49.20
C THR MB 54 85.67 47.40 -49.85
N HIS MB 55 84.73 46.93 -49.04
CA HIS MB 55 83.47 46.43 -49.57
C HIS MB 55 82.70 47.55 -50.27
N LEU MB 56 82.75 48.76 -49.73
CA LEU MB 56 82.05 49.87 -50.36
C LEU MB 56 82.67 50.26 -51.70
N MET MB 57 83.98 50.06 -51.85
CA MET MB 57 84.65 50.37 -53.10
C MET MB 57 84.00 49.66 -54.28
N LYS MB 58 83.75 48.36 -54.14
CA LYS MB 58 83.23 47.58 -55.25
C LYS MB 58 81.82 48.02 -55.62
N ARG MB 59 80.99 48.33 -54.61
CA ARG MB 59 79.67 48.88 -54.89
C ARG MB 59 79.77 50.22 -55.60
N ILE MB 60 80.69 51.08 -55.16
CA ILE MB 60 80.86 52.39 -55.79
C ILE MB 60 81.36 52.25 -57.21
N GLN MB 61 82.27 51.31 -57.45
CA GLN MB 61 82.83 51.15 -58.79
C GLN MB 61 81.75 50.77 -59.80
N ARG MB 62 80.82 49.89 -59.40
CA ARG MB 62 79.76 49.47 -60.31
C ARG MB 62 78.77 50.60 -60.56
N GLY MB 63 78.45 51.38 -59.53
CA GLY MB 63 77.46 52.43 -59.65
C GLY MB 63 77.30 53.24 -58.39
N PRO MB 64 76.31 54.14 -58.38
CA PRO MB 64 76.11 55.02 -57.23
C PRO MB 64 75.59 54.28 -56.01
N VAL MB 65 75.88 54.86 -54.84
CA VAL MB 65 75.38 54.37 -53.56
C VAL MB 65 74.58 55.50 -52.91
N ARG MB 66 73.38 55.17 -52.43
CA ARG MB 66 72.42 56.21 -52.07
C ARG MB 66 72.91 57.09 -50.92
N GLY MB 67 73.50 56.49 -49.89
CA GLY MB 67 73.81 57.24 -48.69
C GLY MB 67 75.06 58.09 -48.77
N ILE MB 68 75.91 57.88 -49.77
CA ILE MB 68 77.20 58.54 -49.88
C ILE MB 68 77.36 59.12 -51.27
N SER MB 69 77.95 60.31 -51.35
CA SER MB 69 78.14 61.03 -52.60
C SER MB 69 79.62 61.35 -52.78
N ILE MB 70 80.29 60.61 -53.66
CA ILE MB 70 81.67 60.92 -54.02
C ILE MB 70 81.63 61.97 -55.12
N LYS MB 71 82.65 62.84 -55.13
CA LYS MB 71 82.57 64.07 -55.92
C LYS MB 71 82.36 63.78 -57.41
N LEU MB 72 82.96 62.72 -57.93
CA LEU MB 72 82.91 62.49 -59.38
C LEU MB 72 81.50 62.18 -59.86
N GLN MB 73 80.76 61.34 -59.13
CA GLN MB 73 79.55 60.73 -59.69
C GLN MB 73 78.42 61.74 -59.89
N GLU MB 74 78.28 62.72 -58.99
CA GLU MB 74 77.25 63.72 -59.25
C GLU MB 74 77.68 64.73 -60.31
N GLU MB 75 78.99 64.95 -60.48
CA GLU MB 75 79.44 65.86 -61.53
C GLU MB 75 78.91 65.44 -62.90
N GLU MB 76 78.70 64.14 -63.11
CA GLU MB 76 78.02 63.70 -64.31
C GLU MB 76 76.52 63.56 -64.13
N ARG MB 77 76.01 63.59 -62.90
CA ARG MB 77 74.56 63.73 -62.70
C ARG MB 77 74.08 65.10 -63.18
N GLU MB 78 74.74 66.17 -62.74
CA GLU MB 78 74.39 67.49 -63.25
C GLU MB 78 74.72 67.64 -64.73
N ARG MB 79 75.70 66.89 -65.24
CA ARG MB 79 75.94 66.91 -66.67
C ARG MB 79 74.83 66.17 -67.41
N ARG MB 80 74.29 65.11 -66.80
CA ARG MB 80 73.15 64.42 -67.36
C ARG MB 80 71.88 65.26 -67.27
N ASP MB 81 71.71 65.97 -66.16
CA ASP MB 81 70.51 66.79 -65.98
C ASP MB 81 70.54 68.00 -66.92
N ASN MB 82 71.72 68.58 -67.14
CA ASN MB 82 71.85 69.73 -68.02
C ASN MB 82 71.65 69.39 -69.49
N TYR MB 83 71.58 68.10 -69.82
CA TYR MB 83 71.48 67.68 -71.22
C TYR MB 83 70.21 68.22 -71.86
N VAL MB 84 70.33 68.56 -73.15
CA VAL MB 84 69.21 69.05 -73.95
C VAL MB 84 69.37 68.53 -75.37
N PRO MB 85 68.30 68.07 -76.03
CA PRO MB 85 68.46 67.56 -77.40
C PRO MB 85 68.65 68.65 -78.43
N GLU MB 86 68.73 68.26 -79.71
CA GLU MB 86 68.97 69.20 -80.79
C GLU MB 86 67.67 69.70 -81.41
N VAL MB 87 66.67 68.85 -81.51
CA VAL MB 87 65.34 69.22 -81.98
C VAL MB 87 64.34 68.85 -80.89
N SER MB 88 63.32 69.68 -80.72
CA SER MB 88 62.41 69.53 -79.60
C SER MB 88 61.46 68.36 -79.83
N ALA MB 89 61.24 67.58 -78.77
CA ALA MB 89 60.17 66.60 -78.78
C ALA MB 89 58.80 67.23 -78.82
N LEU MB 90 58.71 68.54 -78.58
CA LEU MB 90 57.47 69.29 -78.67
C LEU MB 90 57.29 69.97 -80.02
N ASP MB 91 58.23 69.77 -80.96
CA ASP MB 91 58.16 70.36 -82.28
C ASP MB 91 57.93 69.26 -83.30
N GLN MB 92 56.70 69.17 -83.80
CA GLN MB 92 56.34 68.21 -84.84
C GLN MB 92 55.55 68.91 -85.93
N GLU MB 93 55.68 68.40 -87.15
CA GLU MB 93 54.92 68.89 -88.28
C GLU MB 93 53.55 68.24 -88.39
N ILE MB 94 53.28 67.22 -87.60
CA ILE MB 94 51.96 66.59 -87.50
C ILE MB 94 51.65 66.39 -86.03
N ILE MB 95 50.59 67.05 -85.55
CA ILE MB 95 50.09 66.86 -84.20
C ILE MB 95 48.80 66.06 -84.31
N GLU MB 96 48.81 64.84 -83.80
CA GLU MB 96 47.66 63.96 -83.96
C GLU MB 96 46.53 64.44 -83.07
N VAL MB 97 45.36 64.66 -83.66
CA VAL MB 97 44.24 65.31 -82.99
C VAL MB 97 42.95 64.56 -83.30
N ASP MB 98 42.18 64.31 -82.24
CA ASP MB 98 40.86 63.71 -82.34
C ASP MB 98 39.79 64.78 -82.60
N PRO MB 99 38.60 64.38 -83.08
CA PRO MB 99 37.61 65.39 -83.48
C PRO MB 99 37.20 66.36 -82.38
N ASP MB 100 36.95 65.86 -81.18
CA ASP MB 100 36.25 66.68 -80.18
C ASP MB 100 37.07 67.89 -79.78
N THR MB 101 38.38 67.74 -79.61
CA THR MB 101 39.18 68.91 -79.24
C THR MB 101 39.33 69.88 -80.40
N LYS MB 102 39.07 69.45 -81.64
CA LYS MB 102 39.01 70.40 -82.74
C LYS MB 102 37.87 71.38 -82.55
N GLU MB 103 36.71 70.89 -82.07
CA GLU MB 103 35.66 71.79 -81.65
C GLU MB 103 36.04 72.57 -80.39
N MET MB 104 36.78 71.95 -79.47
CA MET MB 104 37.24 72.70 -78.30
C MET MB 104 38.20 73.80 -78.74
N LEU MB 105 39.05 73.51 -79.71
CA LEU MB 105 39.91 74.55 -80.27
C LEU MB 105 39.12 75.54 -81.11
N LYS MB 106 38.06 75.08 -81.76
CA LYS MB 106 37.23 75.96 -82.57
C LYS MB 106 36.55 77.02 -81.72
N LEU MB 107 36.09 76.64 -80.52
CA LEU MB 107 35.56 77.62 -79.59
C LEU MB 107 36.62 78.64 -79.21
N LEU MB 108 37.85 78.18 -79.01
CA LEU MB 108 38.97 79.10 -78.89
C LEU MB 108 39.19 79.83 -80.22
N ASP MB 109 39.94 80.92 -80.17
CA ASP MB 109 40.27 81.63 -81.40
C ASP MB 109 41.19 80.84 -82.31
N PHE MB 110 41.63 79.66 -81.89
CA PHE MB 110 42.54 78.81 -82.65
C PHE MB 110 41.74 77.79 -83.46
N GLY MB 111 40.88 78.31 -84.34
CA GLY MB 111 39.96 77.44 -85.06
C GLY MB 111 40.65 76.41 -85.91
N SER MB 112 41.73 76.80 -86.60
CA SER MB 112 42.47 75.90 -87.47
C SER MB 112 43.95 76.22 -87.36
N LEU MB 113 44.71 75.33 -86.73
CA LEU MB 113 46.15 75.48 -86.69
C LEU MB 113 46.76 74.94 -87.98
N SER MB 114 48.05 75.24 -88.17
CA SER MB 114 48.71 74.88 -89.42
C SER MB 114 48.83 73.38 -89.60
N ASN MB 115 49.16 72.66 -88.53
CA ASN MB 115 49.59 71.27 -88.64
C ASN MB 115 48.79 70.36 -87.71
N LEU MB 116 47.46 70.48 -87.74
CA LEU MB 116 46.61 69.57 -87.00
C LEU MB 116 45.97 68.57 -87.96
N GLN MB 117 46.04 67.29 -87.60
CA GLN MB 117 45.47 66.21 -88.40
C GLN MB 117 44.37 65.55 -87.59
N VAL MB 118 43.16 65.51 -88.13
CA VAL MB 118 42.02 64.94 -87.44
C VAL MB 118 41.99 63.43 -87.67
N THR MB 119 41.59 62.70 -86.64
CA THR MB 119 41.47 61.25 -86.69
C THR MB 119 40.02 60.84 -86.43
N GLN MB 120 39.72 59.58 -86.73
CA GLN MB 120 38.39 59.05 -86.48
C GLN MB 120 38.32 58.48 -85.07
N PRO MB 121 37.34 58.90 -84.26
CA PRO MB 121 37.26 58.41 -82.88
C PRO MB 121 36.96 56.92 -82.83
N THR MB 122 37.42 56.28 -81.77
CA THR MB 122 37.21 54.84 -81.60
C THR MB 122 35.73 54.56 -81.38
N VAL MB 123 35.19 53.62 -82.15
CA VAL MB 123 33.78 53.25 -82.03
C VAL MB 123 33.66 52.10 -81.05
N GLY MB 124 32.67 52.19 -80.17
CA GLY MB 124 32.51 51.22 -79.10
C GLY MB 124 33.12 51.74 -77.81
N MET MB 125 32.27 52.09 -76.84
CA MET MB 125 32.74 52.72 -75.61
C MET MB 125 33.21 51.67 -74.61
N ASN MB 126 34.14 50.82 -75.01
CA ASN MB 126 34.64 49.72 -74.16
C ASN MB 126 35.95 50.14 -73.52
N PHE MB 127 35.85 50.96 -72.48
CA PHE MB 127 37.01 51.51 -71.80
C PHE MB 127 37.06 51.15 -70.31
N LYS MB 128 36.14 50.35 -69.82
CA LYS MB 128 36.15 49.92 -68.43
C LYS MB 128 36.71 48.50 -68.30
N THR MB 129 37.26 48.22 -67.14
CA THR MB 129 37.67 46.85 -66.84
C THR MB 129 36.46 46.00 -66.48
N PRO MB 130 36.43 44.74 -66.89
CA PRO MB 130 35.32 43.87 -66.52
C PRO MB 130 35.24 43.68 -65.02
N ARG MB 131 34.03 43.76 -64.48
CA ARG MB 131 33.83 43.67 -63.05
C ARG MB 131 33.86 42.22 -62.60
N GLY MB 132 34.61 41.93 -61.54
CA GLY MB 132 34.74 40.58 -61.04
C GLY MB 132 35.40 40.53 -59.67
N SER NB 1 103.04 -33.54 -12.12
CA SER NB 1 103.07 -32.09 -12.22
C SER NB 1 101.67 -31.51 -11.99
N LEU NB 2 100.85 -31.54 -13.04
CA LEU NB 2 99.49 -31.03 -12.96
C LEU NB 2 98.47 -32.12 -12.66
N VAL NB 3 98.90 -33.36 -12.48
CA VAL NB 3 97.99 -34.43 -12.11
C VAL NB 3 97.75 -34.39 -10.61
N ILE NB 4 96.52 -34.63 -10.20
CA ILE NB 4 96.15 -34.49 -8.80
C ILE NB 4 96.86 -35.55 -7.97
N PRO NB 5 97.43 -35.21 -6.82
CA PRO NB 5 98.07 -36.22 -5.98
C PRO NB 5 97.04 -37.18 -5.39
N GLU NB 6 97.51 -38.38 -5.08
CA GLU NB 6 96.62 -39.42 -4.55
C GLU NB 6 96.10 -39.06 -3.16
N LYS NB 7 96.83 -38.24 -2.42
CA LYS NB 7 96.48 -37.87 -1.06
C LYS NB 7 95.87 -36.46 -0.96
N PHE NB 8 95.50 -35.87 -2.09
CA PHE NB 8 94.96 -34.51 -2.10
C PHE NB 8 93.72 -34.44 -1.22
N GLN NB 9 93.70 -33.44 -0.33
CA GLN NB 9 92.58 -33.24 0.58
C GLN NB 9 91.77 -32.04 0.13
N HIS NB 10 90.44 -32.20 0.08
CA HIS NB 10 89.59 -31.08 -0.28
C HIS NB 10 89.29 -30.18 0.91
N ILE NB 11 89.35 -30.71 2.13
CA ILE NB 11 89.21 -29.93 3.35
C ILE NB 11 90.25 -30.38 4.35
N LEU NB 12 90.92 -29.41 4.98
CA LEU NB 12 91.85 -29.67 6.07
C LEU NB 12 91.25 -29.15 7.36
N ARG NB 13 91.17 -30.00 8.38
CA ARG NB 13 90.51 -29.66 9.64
C ARG NB 13 91.61 -29.27 10.63
N VAL NB 14 91.77 -27.97 10.86
CA VAL NB 14 92.82 -27.46 11.71
C VAL NB 14 92.27 -26.34 12.59
N LEU NB 15 92.75 -26.28 13.83
CA LEU NB 15 92.30 -25.27 14.80
C LEU NB 15 90.78 -25.27 14.95
N ASN NB 16 90.18 -26.44 14.82
CA ASN NB 16 88.72 -26.61 14.84
C ASN NB 16 88.04 -25.76 13.78
N THR NB 17 88.70 -25.58 12.64
CA THR NB 17 88.11 -24.93 11.48
C THR NB 17 88.52 -25.69 10.22
N ASN NB 18 87.73 -25.51 9.16
CA ASN NB 18 88.00 -26.15 7.88
C ASN NB 18 88.89 -25.27 7.02
N ILE NB 19 89.81 -25.89 6.29
CA ILE NB 19 90.67 -25.20 5.34
C ILE NB 19 90.43 -25.82 3.97
N ASP NB 20 90.01 -24.99 3.02
CA ASP NB 20 89.80 -25.47 1.66
C ASP NB 20 91.12 -25.90 1.04
N GLY NB 21 91.10 -27.03 0.35
CA GLY NB 21 92.30 -27.56 -0.25
C GLY NB 21 92.56 -27.13 -1.67
N ARG NB 22 91.56 -26.56 -2.33
CA ARG NB 22 91.69 -26.06 -3.69
C ARG NB 22 92.26 -24.66 -3.74
N ARG NB 23 92.48 -24.03 -2.60
CA ARG NB 23 92.94 -22.65 -2.51
C ARG NB 23 94.44 -22.61 -2.26
N LYS NB 24 95.09 -21.54 -2.71
CA LYS NB 24 96.51 -21.36 -2.46
C LYS NB 24 96.77 -21.32 -0.96
N ILE NB 25 97.92 -21.86 -0.56
CA ILE NB 25 98.22 -22.04 0.86
C ILE NB 25 98.28 -20.70 1.57
N ALA NB 26 98.80 -19.67 0.92
CA ALA NB 26 98.89 -18.36 1.55
C ALA NB 26 97.52 -17.80 1.89
N PHE NB 27 96.54 -18.00 1.00
CA PHE NB 27 95.19 -17.49 1.22
C PHE NB 27 94.26 -18.52 1.82
N ALA NB 28 94.69 -19.77 1.97
CA ALA NB 28 93.85 -20.79 2.60
C ALA NB 28 93.94 -20.72 4.12
N ILE NB 29 95.09 -20.35 4.66
CA ILE NB 29 95.22 -20.20 6.10
C ILE NB 29 94.34 -19.08 6.61
N THR NB 30 94.17 -18.02 5.80
CA THR NB 30 93.39 -16.87 6.20
C THR NB 30 91.97 -17.22 6.62
N ALA NB 31 91.51 -18.43 6.31
CA ALA NB 31 90.14 -18.83 6.63
C ALA NB 31 89.89 -18.96 8.12
N ILE NB 32 90.92 -19.01 8.95
CA ILE NB 32 90.74 -19.15 10.40
C ILE NB 32 90.88 -17.77 11.03
N LYS NB 33 90.06 -17.52 12.04
CA LYS NB 33 90.10 -16.22 12.71
C LYS NB 33 91.43 -16.03 13.43
N GLY NB 34 91.93 -14.81 13.41
CA GLY NB 34 93.21 -14.49 14.00
C GLY NB 34 94.36 -14.38 13.02
N VAL NB 35 94.17 -14.85 11.79
CA VAL NB 35 95.15 -14.70 10.73
C VAL NB 35 94.51 -13.95 9.57
N GLY NB 36 95.25 -13.00 9.01
CA GLY NB 36 94.84 -12.29 7.82
C GLY NB 36 95.69 -12.63 6.62
N ARG NB 37 95.55 -11.80 5.59
CA ARG NB 37 96.31 -12.02 4.37
C ARG NB 37 97.81 -11.87 4.58
N ARG NB 38 98.24 -11.12 5.59
CA ARG NB 38 99.64 -10.83 5.81
C ARG NB 38 100.26 -11.63 6.94
N TYR NB 39 99.51 -11.93 8.01
CA TYR NB 39 100.05 -12.82 9.03
C TYR NB 39 100.32 -14.20 8.46
N ALA NB 40 99.47 -14.66 7.53
CA ALA NB 40 99.69 -15.95 6.89
C ALA NB 40 100.98 -15.96 6.08
N HIS NB 41 101.23 -14.89 5.33
CA HIS NB 41 102.38 -14.87 4.42
C HIS NB 41 103.70 -14.98 5.17
N VAL NB 42 103.84 -14.25 6.28
CA VAL NB 42 105.11 -14.32 7.01
C VAL NB 42 105.26 -15.66 7.72
N VAL NB 43 104.15 -16.27 8.14
CA VAL NB 43 104.23 -17.54 8.85
C VAL NB 43 104.79 -18.63 7.96
N LEU NB 44 104.29 -18.73 6.74
CA LEU NB 44 104.75 -19.76 5.83
C LEU NB 44 105.96 -19.31 5.01
N ARG NB 45 106.64 -18.25 5.43
CA ARG NB 45 108.00 -17.98 4.98
C ARG NB 45 109.02 -18.28 6.05
N LYS NB 46 108.63 -18.19 7.33
CA LYS NB 46 109.44 -18.76 8.40
C LYS NB 46 109.56 -20.27 8.24
N ALA NB 47 108.46 -20.94 7.92
CA ALA NB 47 108.49 -22.33 7.49
C ALA NB 47 108.67 -22.35 5.98
N ASP NB 48 109.74 -23.00 5.52
CA ASP NB 48 110.06 -22.97 4.10
C ASP NB 48 109.05 -23.78 3.30
N ILE NB 49 108.01 -23.11 2.82
CA ILE NB 49 106.94 -23.74 2.06
C ILE NB 49 106.82 -23.02 0.72
N ASP NB 50 106.79 -23.79 -0.36
CA ASP NB 50 106.63 -23.23 -1.69
C ASP NB 50 105.28 -22.53 -1.80
N LEU NB 51 105.31 -21.23 -2.14
CA LEU NB 51 104.08 -20.46 -2.22
C LEU NB 51 103.15 -20.98 -3.31
N THR NB 52 103.71 -21.56 -4.38
CA THR NB 52 102.90 -22.00 -5.51
C THR NB 52 102.03 -23.20 -5.17
N LYS NB 53 102.34 -23.93 -4.10
CA LYS NB 53 101.56 -25.10 -3.74
C LYS NB 53 100.19 -24.69 -3.21
N ARG NB 54 99.30 -25.68 -3.10
CA ARG NB 54 97.94 -25.46 -2.63
C ARG NB 54 97.69 -26.23 -1.33
N ALA NB 55 96.64 -25.81 -0.63
CA ALA NB 55 96.39 -26.32 0.71
C ALA NB 55 96.07 -27.82 0.70
N GLY NB 56 95.49 -28.33 -0.37
CA GLY NB 56 95.26 -29.74 -0.42
C GLY NB 56 96.44 -30.57 -0.84
N GLU NB 57 97.57 -29.93 -1.13
CA GLU NB 57 98.70 -30.62 -1.74
C GLU NB 57 99.88 -30.80 -0.81
N LEU NB 58 99.99 -30.01 0.25
CA LEU NB 58 101.11 -30.13 1.17
C LEU NB 58 100.86 -31.22 2.20
N THR NB 59 101.93 -31.94 2.55
CA THR NB 59 101.85 -33.12 3.40
C THR NB 59 101.69 -32.72 4.88
N GLU NB 60 101.40 -33.73 5.70
CA GLU NB 60 100.87 -33.48 7.04
C GLU NB 60 101.93 -32.88 7.98
N ASP NB 61 103.16 -33.39 7.93
CA ASP NB 61 104.17 -32.94 8.88
C ASP NB 61 104.47 -31.45 8.73
N GLU NB 62 104.55 -30.99 7.48
CA GLU NB 62 104.77 -29.56 7.26
C GLU NB 62 103.53 -28.75 7.57
N VAL NB 63 102.34 -29.36 7.53
CA VAL NB 63 101.16 -28.66 8.03
C VAL NB 63 101.30 -28.40 9.53
N GLU NB 64 101.53 -29.45 10.31
CA GLU NB 64 101.60 -29.30 11.76
C GLU NB 64 102.75 -28.41 12.20
N ARG NB 65 103.77 -28.23 11.37
CA ARG NB 65 104.79 -27.24 11.66
C ARG NB 65 104.23 -25.82 11.60
N VAL NB 66 103.25 -25.59 10.72
CA VAL NB 66 102.67 -24.26 10.59
C VAL NB 66 101.91 -23.88 11.85
N ILE NB 67 101.13 -24.81 12.41
CA ILE NB 67 100.36 -24.52 13.61
C ILE NB 67 101.29 -24.16 14.76
N THR NB 68 102.40 -24.88 14.89
CA THR NB 68 103.36 -24.57 15.94
C THR NB 68 103.91 -23.15 15.78
N ILE NB 69 104.20 -22.75 14.54
CA ILE NB 69 104.65 -21.38 14.31
C ILE NB 69 103.52 -20.40 14.58
N MET NB 70 102.32 -20.70 14.09
CA MET NB 70 101.20 -19.77 14.27
C MET NB 70 100.86 -19.59 15.75
N GLN NB 71 100.81 -20.68 16.50
CA GLN NB 71 100.50 -20.59 17.92
C GLN NB 71 101.65 -20.02 18.74
N ASN NB 72 102.87 -20.09 18.21
CA ASN NB 72 104.06 -19.61 18.91
C ASN NB 72 104.87 -18.70 17.99
N PRO NB 73 104.38 -17.49 17.73
CA PRO NB 73 105.08 -16.62 16.76
C PRO NB 73 106.39 -16.07 17.28
N ARG NB 74 106.47 -15.73 18.57
CA ARG NB 74 107.65 -15.05 19.10
C ARG NB 74 108.89 -15.92 18.98
N GLN NB 75 108.77 -17.22 19.27
CA GLN NB 75 109.91 -18.12 19.30
C GLN NB 75 110.47 -18.41 17.91
N TYR NB 76 109.90 -17.83 16.86
CA TYR NB 76 110.42 -18.00 15.51
C TYR NB 76 110.74 -16.65 14.85
N LYS NB 77 111.09 -15.67 15.67
CA LYS NB 77 111.57 -14.37 15.22
C LYS NB 77 110.50 -13.59 14.46
N ILE NB 78 109.23 -13.79 14.81
CA ILE NB 78 108.17 -12.91 14.30
C ILE NB 78 108.20 -11.60 15.08
N PRO NB 79 108.24 -10.45 14.41
CA PRO NB 79 108.39 -9.18 15.12
C PRO NB 79 107.25 -8.94 16.11
N ASP NB 80 107.59 -8.25 17.20
CA ASP NB 80 106.63 -7.97 18.26
C ASP NB 80 105.48 -7.12 17.77
N TRP NB 81 105.78 -6.10 16.95
CA TRP NB 81 104.75 -5.17 16.48
C TRP NB 81 103.77 -5.81 15.54
N PHE NB 82 103.90 -7.09 15.23
CA PHE NB 82 103.16 -7.70 14.14
C PHE NB 82 101.95 -8.50 14.65
N LEU NB 83 101.69 -8.48 15.96
CA LEU NB 83 100.67 -9.29 16.61
C LEU NB 83 99.41 -8.46 16.86
N ASN NB 84 98.35 -9.15 17.30
CA ASN NB 84 97.05 -8.51 17.52
C ASN NB 84 96.56 -8.55 18.95
N ARG NB 85 97.28 -9.20 19.87
CA ARG NB 85 96.98 -9.15 21.29
C ARG NB 85 98.24 -8.77 22.05
N GLN NB 86 98.88 -7.70 21.56
CA GLN NB 86 100.09 -7.18 22.16
C GLN NB 86 99.77 -6.61 23.53
N LYS NB 87 100.56 -7.00 24.54
CA LYS NB 87 100.57 -6.33 25.83
C LYS NB 87 99.16 -6.27 26.43
N ASP NB 88 98.59 -7.46 26.64
CA ASP NB 88 97.20 -7.51 27.06
C ASP NB 88 97.04 -7.01 28.50
N VAL NB 89 95.80 -6.90 28.92
CA VAL NB 89 95.47 -6.19 30.16
C VAL NB 89 95.36 -7.15 31.34
N LYS NB 90 95.68 -8.43 31.13
CA LYS NB 90 95.68 -9.40 32.22
C LYS NB 90 97.06 -9.93 32.54
N ASP NB 91 97.76 -10.53 31.57
CA ASP NB 91 99.06 -11.13 31.83
C ASP NB 91 100.20 -10.44 31.09
N GLY NB 92 99.93 -9.35 30.39
CA GLY NB 92 100.98 -8.53 29.79
C GLY NB 92 101.88 -9.30 28.85
N LYS NB 93 101.32 -10.25 28.13
CA LYS NB 93 102.09 -11.11 27.24
C LYS NB 93 101.69 -10.84 25.79
N TYR NB 94 102.68 -10.75 24.91
CA TYR NB 94 102.45 -10.49 23.50
C TYR NB 94 102.20 -11.83 22.81
N SER NB 95 100.95 -12.07 22.41
CA SER NB 95 100.57 -13.36 21.87
C SER NB 95 99.69 -13.18 20.65
N GLN NB 96 99.64 -14.22 19.83
CA GLN NB 96 98.75 -14.29 18.68
C GLN NB 96 97.53 -15.12 19.06
N VAL NB 97 96.36 -14.50 18.98
CA VAL NB 97 95.10 -15.14 19.37
C VAL NB 97 94.40 -15.61 18.10
N LEU NB 98 93.98 -16.87 18.10
CA LEU NB 98 93.54 -17.55 16.89
C LEU NB 98 92.07 -17.97 17.02
N ALA NB 99 91.64 -18.82 16.09
CA ALA NB 99 90.24 -19.01 15.72
C ALA NB 99 89.26 -19.00 16.89
N ASN NB 100 89.43 -19.94 17.82
CA ASN NB 100 88.42 -20.08 18.87
C ASN NB 100 88.66 -19.13 20.03
N GLY NB 101 89.92 -18.84 20.34
CA GLY NB 101 90.21 -17.93 21.44
C GLY NB 101 89.94 -16.47 21.14
N LEU NB 102 89.83 -16.11 19.86
CA LEU NB 102 89.58 -14.71 19.51
C LEU NB 102 88.20 -14.28 19.95
N ASP NB 103 87.21 -15.17 19.83
CA ASP NB 103 85.86 -14.84 20.27
C ASP NB 103 85.74 -14.79 21.78
N ASN NB 104 86.62 -15.49 22.50
CA ASN NB 104 86.59 -15.43 23.96
C ASN NB 104 87.15 -14.12 24.50
N LYS NB 105 88.25 -13.63 23.92
CA LYS NB 105 88.83 -12.39 24.40
C LYS NB 105 88.00 -11.19 23.96
N LEU NB 106 87.43 -11.23 22.77
CA LEU NB 106 86.54 -10.15 22.34
C LEU NB 106 85.35 -10.04 23.26
N ARG NB 107 84.76 -11.18 23.66
CA ARG NB 107 83.68 -11.15 24.63
C ARG NB 107 84.16 -10.63 25.98
N GLU NB 108 85.37 -11.05 26.40
CA GLU NB 108 85.86 -10.62 27.69
C GLU NB 108 86.08 -9.11 27.75
N ASP NB 109 86.59 -8.54 26.66
CA ASP NB 109 86.81 -7.09 26.63
C ASP NB 109 85.48 -6.33 26.70
N LEU NB 110 84.46 -6.81 26.00
CA LEU NB 110 83.18 -6.11 26.01
C LEU NB 110 82.57 -6.09 27.39
N GLU NB 111 82.59 -7.23 28.10
CA GLU NB 111 82.06 -7.27 29.45
C GLU NB 111 83.03 -6.65 30.46
N ARG NB 112 84.30 -6.54 30.12
CA ARG NB 112 85.24 -5.80 30.97
C ARG NB 112 84.85 -4.33 31.04
N LEU NB 113 84.54 -3.73 29.89
CA LEU NB 113 84.15 -2.32 29.87
C LEU NB 113 82.78 -2.13 30.47
N LYS NB 114 81.83 -3.00 30.13
CA LYS NB 114 80.47 -2.87 30.63
C LYS NB 114 80.39 -3.09 32.14
N LYS NB 115 81.29 -3.91 32.70
CA LYS NB 115 81.24 -4.24 34.13
C LYS NB 115 81.33 -2.99 35.00
N ILE NB 116 82.16 -2.04 34.60
CA ILE NB 116 82.49 -0.86 35.39
C ILE NB 116 81.85 0.41 34.86
N ARG NB 117 80.96 0.24 33.90
CA ARG NB 117 80.11 1.31 33.39
C ARG NB 117 80.92 2.40 32.68
N ALA NB 118 82.02 2.01 32.04
CA ALA NB 118 82.74 2.92 31.16
C ALA NB 118 81.89 3.26 29.95
N HIS NB 119 82.13 4.44 29.39
CA HIS NB 119 81.24 4.95 28.35
C HIS NB 119 81.21 4.02 27.13
N ARG NB 120 82.39 3.53 26.71
CA ARG NB 120 82.42 2.61 25.59
C ARG NB 120 81.65 1.33 25.89
N GLY NB 121 81.67 0.87 27.14
CA GLY NB 121 80.91 -0.30 27.51
C GLY NB 121 79.41 -0.09 27.42
N LEU NB 122 78.95 1.09 27.86
CA LEU NB 122 77.51 1.38 27.79
C LEU NB 122 77.00 1.37 26.36
N ARG NB 123 77.77 1.95 25.44
CA ARG NB 123 77.33 2.00 24.05
C ARG NB 123 77.28 0.60 23.45
N HIS NB 124 78.21 -0.27 23.83
CA HIS NB 124 78.13 -1.67 23.44
C HIS NB 124 76.90 -2.35 24.05
N PHE NB 125 76.59 -2.02 25.31
CA PHE NB 125 75.40 -2.58 25.94
C PHE NB 125 74.13 -2.11 25.23
N TRP NB 126 74.10 -0.84 24.81
CA TRP NB 126 72.95 -0.30 24.12
C TRP NB 126 72.94 -0.63 22.62
N GLY NB 127 73.99 -1.26 22.10
CA GLY NB 127 74.06 -1.56 20.69
C GLY NB 127 74.17 -0.33 19.81
N LEU NB 128 75.03 0.60 20.19
CA LEU NB 128 75.24 1.84 19.46
C LEU NB 128 76.69 1.95 19.02
N ARG NB 129 76.95 2.89 18.12
CA ARG NB 129 78.30 3.11 17.63
C ARG NB 129 79.18 3.64 18.75
N VAL NB 130 80.45 3.24 18.74
CA VAL NB 130 81.36 3.54 19.84
C VAL NB 130 82.52 4.43 19.46
N ARG NB 131 82.76 4.68 18.16
CA ARG NB 131 83.92 5.46 17.73
C ARG NB 131 83.52 6.84 17.23
N GLY NB 132 82.47 7.43 17.79
CA GLY NB 132 82.15 8.82 17.55
C GLY NB 132 81.52 9.13 16.22
N GLN NB 133 80.98 8.14 15.52
CA GLN NB 133 80.27 8.42 14.28
C GLN NB 133 78.95 9.12 14.56
N HIS NB 134 78.47 9.88 13.58
CA HIS NB 134 77.17 10.53 13.68
C HIS NB 134 76.08 9.50 13.46
N THR NB 135 75.19 9.36 14.44
CA THR NB 135 74.14 8.35 14.40
C THR NB 135 72.82 8.91 13.91
N LYS NB 136 72.80 10.16 13.46
CA LYS NB 136 71.54 10.78 13.06
C LYS NB 136 70.99 10.14 11.79
N THR NB 137 71.84 9.97 10.77
CA THR NB 137 71.39 9.59 9.44
C THR NB 137 71.97 8.30 8.92
N THR NB 138 72.85 7.62 9.66
CA THR NB 138 73.55 6.46 9.15
C THR NB 138 73.36 5.27 10.09
N GLY NB 139 73.59 4.08 9.56
CA GLY NB 139 73.44 2.86 10.31
C GLY NB 139 72.02 2.65 10.78
N ARG NB 140 71.06 2.87 9.89
CA ARG NB 140 69.65 2.87 10.28
C ARG NB 140 68.99 1.50 10.17
N ARG NB 141 69.20 0.80 9.05
CA ARG NB 141 68.44 -0.44 8.83
C ARG NB 141 68.76 -1.52 9.85
N GLY NB 142 69.95 -1.47 10.46
CA GLY NB 142 70.22 -2.35 11.58
C GLY NB 142 69.33 -2.04 12.78
N ARG NB 143 69.16 -0.75 13.06
CA ARG NB 143 68.25 -0.31 14.13
C ARG NB 143 66.87 -0.01 13.56
N THR NB 144 66.26 -1.05 13.00
CA THR NB 144 64.98 -0.94 12.30
C THR NB 144 65.09 0.00 11.10
N GLY OB 1 130.01 -0.03 -29.01
CA GLY OB 1 130.01 0.45 -27.64
C GLY OB 1 128.63 0.81 -27.14
N VAL OB 2 127.98 -0.14 -26.47
CA VAL OB 2 126.62 0.06 -25.97
C VAL OB 2 126.67 0.75 -24.61
N THR OB 3 125.52 1.25 -24.17
CA THR OB 3 125.42 1.96 -22.91
C THR OB 3 124.02 1.70 -22.35
N VAL OB 4 123.82 2.04 -21.08
CA VAL OB 4 122.55 1.79 -20.42
C VAL OB 4 121.40 2.45 -21.19
N LYS OB 5 121.62 3.66 -21.70
CA LYS OB 5 120.58 4.38 -22.42
C LYS OB 5 120.11 3.61 -23.65
N ASP OB 6 121.00 2.86 -24.29
CA ASP OB 6 120.65 2.21 -25.55
C ASP OB 6 119.73 1.01 -25.34
N VAL OB 7 120.00 0.20 -24.33
CA VAL OB 7 119.27 -1.05 -24.15
C VAL OB 7 117.98 -0.79 -23.40
N ASN OB 8 117.01 -1.69 -23.59
CA ASN OB 8 115.75 -1.58 -22.86
C ASN OB 8 115.99 -1.75 -21.37
N GLN OB 9 115.31 -0.92 -20.58
CA GLN OB 9 115.60 -0.84 -19.15
C GLN OB 9 114.98 -1.96 -18.34
N GLN OB 10 113.86 -2.53 -18.80
CA GLN OB 10 113.13 -3.48 -17.97
C GLN OB 10 113.94 -4.75 -17.75
N GLU OB 11 114.55 -5.30 -18.80
CA GLU OB 11 115.39 -6.48 -18.63
C GLU OB 11 116.81 -6.12 -18.23
N PHE OB 12 117.20 -4.86 -18.35
CA PHE OB 12 118.48 -4.44 -17.79
C PHE OB 12 118.48 -4.56 -16.27
N VAL OB 13 117.36 -4.19 -15.64
CA VAL OB 13 117.25 -4.35 -14.19
C VAL OB 13 117.30 -5.83 -13.82
N ARG OB 14 116.57 -6.67 -14.56
CA ARG OB 14 116.58 -8.09 -14.28
C ARG OB 14 117.95 -8.70 -14.50
N ALA OB 15 118.65 -8.27 -15.55
CA ALA OB 15 120.00 -8.77 -15.79
C ALA OB 15 120.95 -8.32 -14.69
N LEU OB 16 120.86 -7.05 -14.28
CA LEU OB 16 121.76 -6.54 -13.26
C LEU OB 16 121.43 -7.12 -11.89
N ALA OB 17 120.16 -7.42 -11.64
CA ALA OB 17 119.79 -8.06 -10.37
C ALA OB 17 120.45 -9.42 -10.23
N ALA OB 18 120.47 -10.20 -11.32
CA ALA OB 18 121.13 -11.50 -11.28
C ALA OB 18 122.62 -11.34 -11.00
N PHE OB 19 123.24 -10.29 -11.55
CA PHE OB 19 124.65 -10.02 -11.29
C PHE OB 19 124.89 -9.81 -9.80
N LEU OB 20 124.02 -9.06 -9.12
CA LEU OB 20 124.19 -8.83 -7.70
C LEU OB 20 124.00 -10.10 -6.89
N LYS OB 21 123.03 -10.93 -7.28
CA LYS OB 21 122.78 -12.16 -6.53
C LYS OB 21 123.92 -13.15 -6.67
N LYS OB 22 124.43 -13.32 -7.89
CA LYS OB 22 125.53 -14.27 -8.08
C LYS OB 22 126.83 -13.77 -7.44
N SER OB 23 126.98 -12.45 -7.30
CA SER OB 23 128.14 -11.92 -6.61
C SER OB 23 128.11 -12.28 -5.13
N GLY OB 24 126.98 -12.07 -4.48
CA GLY OB 24 126.80 -12.47 -3.09
C GLY OB 24 127.59 -11.69 -2.05
N LYS OB 25 127.70 -10.36 -2.21
CA LYS OB 25 128.28 -9.51 -1.18
C LYS OB 25 127.36 -8.36 -0.80
N LEU OB 26 126.07 -8.44 -1.13
CA LEU OB 26 125.21 -7.27 -1.01
C LEU OB 26 124.84 -6.96 0.44
N LYS OB 27 124.94 -7.92 1.36
CA LYS OB 27 124.58 -7.72 2.76
C LYS OB 27 123.11 -7.29 2.87
N VAL OB 28 122.25 -8.25 2.56
CA VAL OB 28 120.81 -8.05 2.73
C VAL OB 28 120.50 -8.02 4.22
N PRO OB 29 119.53 -7.22 4.66
CA PRO OB 29 119.15 -7.24 6.08
C PRO OB 29 118.42 -8.51 6.46
N GLU OB 30 118.03 -8.63 7.73
CA GLU OB 30 117.39 -9.83 8.23
C GLU OB 30 115.87 -9.73 8.27
N TRP OB 31 115.31 -8.54 8.04
CA TRP OB 31 113.86 -8.38 8.01
C TRP OB 31 113.34 -8.20 6.59
N VAL OB 32 114.07 -8.68 5.59
CA VAL OB 32 113.66 -8.52 4.19
C VAL OB 32 112.37 -9.25 3.89
N ASP OB 33 111.98 -10.19 4.74
CA ASP OB 33 110.77 -10.98 4.50
C ASP OB 33 109.56 -10.50 5.28
N THR OB 34 109.76 -9.93 6.47
CA THR OB 34 108.66 -9.47 7.31
C THR OB 34 108.31 -8.01 7.09
N VAL OB 35 108.97 -7.34 6.16
CA VAL OB 35 108.79 -5.91 5.94
C VAL OB 35 107.80 -5.70 4.81
N LYS OB 36 107.04 -4.61 4.92
CA LYS OB 36 106.16 -4.15 3.85
C LYS OB 36 106.84 -2.98 3.17
N LEU OB 37 106.99 -3.07 1.84
CA LEU OB 37 107.90 -2.19 1.12
C LEU OB 37 107.48 -0.73 1.12
N ALA OB 38 106.24 -0.43 1.49
CA ALA OB 38 105.77 0.95 1.56
C ALA OB 38 104.46 0.97 2.35
N LYS OB 39 104.16 2.13 2.91
CA LYS OB 39 102.92 2.28 3.69
C LYS OB 39 101.68 2.12 2.81
N HIS OB 40 101.79 2.42 1.51
CA HIS OB 40 100.66 2.34 0.61
C HIS OB 40 100.45 0.95 0.03
N LYS OB 41 101.35 0.01 0.29
CA LYS OB 41 101.16 -1.35 -0.17
C LYS OB 41 100.13 -2.05 0.72
N GLU OB 42 99.88 -3.32 0.43
CA GLU OB 42 98.97 -4.11 1.24
C GLU OB 42 99.62 -5.43 1.63
N LEU OB 43 100.57 -5.89 0.83
CA LEU OB 43 101.23 -7.16 1.06
C LEU OB 43 102.73 -6.99 0.88
N ALA OB 44 103.48 -7.90 1.50
CA ALA OB 44 104.91 -7.96 1.28
C ALA OB 44 105.18 -8.30 -0.19
N PRO OB 45 106.33 -7.89 -0.73
CA PRO OB 45 106.60 -8.16 -2.14
C PRO OB 45 106.51 -9.64 -2.47
N TYR OB 46 105.89 -9.93 -3.61
CA TYR OB 46 105.66 -11.32 -4.00
C TYR OB 46 106.97 -12.06 -4.20
N ASP OB 47 107.95 -11.43 -4.84
CA ASP OB 47 109.25 -12.05 -5.05
C ASP OB 47 110.04 -12.04 -3.74
N GLU OB 48 110.57 -13.21 -3.38
CA GLU OB 48 111.30 -13.34 -2.12
C GLU OB 48 112.60 -12.56 -2.14
N ASN OB 49 113.24 -12.43 -3.30
CA ASN OB 49 114.53 -11.78 -3.44
C ASN OB 49 114.41 -10.38 -4.01
N TRP OB 50 113.38 -9.65 -3.60
CA TRP OB 50 113.14 -8.31 -4.11
C TRP OB 50 114.30 -7.37 -3.82
N PHE OB 51 115.06 -7.63 -2.74
CA PHE OB 51 116.13 -6.72 -2.35
C PHE OB 51 117.19 -6.61 -3.43
N TYR OB 52 117.48 -7.71 -4.13
CA TYR OB 52 118.43 -7.66 -5.23
C TYR OB 52 117.89 -6.88 -6.40
N THR OB 53 116.57 -6.94 -6.63
CA THR OB 53 115.96 -6.15 -7.70
C THR OB 53 115.92 -4.67 -7.35
N ARG OB 54 115.52 -4.34 -6.12
CA ARG OB 54 115.50 -2.95 -5.69
C ARG OB 54 116.89 -2.35 -5.73
N ALA OB 55 117.90 -3.11 -5.29
CA ALA OB 55 119.28 -2.63 -5.37
C ALA OB 55 119.70 -2.42 -6.82
N ALA OB 56 119.29 -3.32 -7.71
CA ALA OB 56 119.58 -3.13 -9.12
C ALA OB 56 118.88 -1.90 -9.68
N SER OB 57 117.64 -1.66 -9.24
CA SER OB 57 116.88 -0.53 -9.76
C SER OB 57 117.46 0.80 -9.30
N THR OB 58 117.85 0.90 -8.03
CA THR OB 58 118.34 2.18 -7.52
C THR OB 58 119.73 2.51 -8.05
N ALA OB 59 120.52 1.50 -8.41
CA ALA OB 59 121.81 1.77 -9.04
C ALA OB 59 121.61 2.35 -10.43
N ARG OB 60 120.59 1.88 -11.15
CA ARG OB 60 120.27 2.43 -12.46
C ARG OB 60 119.84 3.89 -12.35
N HIS OB 61 119.10 4.23 -11.29
CA HIS OB 61 118.61 5.60 -11.16
C HIS OB 61 119.73 6.57 -10.81
N LEU OB 62 120.63 6.16 -9.91
CA LEU OB 62 121.79 7.01 -9.61
C LEU OB 62 122.68 7.17 -10.83
N TYR OB 63 122.71 6.18 -11.71
CA TYR OB 63 123.47 6.31 -12.95
C TYR OB 63 122.90 7.41 -13.84
N LEU OB 64 121.58 7.46 -13.96
CA LEU OB 64 120.96 8.42 -14.87
C LEU OB 64 120.94 9.82 -14.27
N ARG OB 65 120.49 9.95 -13.02
CA ARG OB 65 120.46 11.23 -12.33
C ARG OB 65 121.12 11.04 -10.97
N GLY OB 66 122.27 11.69 -10.78
CA GLY OB 66 123.02 11.57 -9.56
C GLY OB 66 122.55 12.53 -8.48
N GLY OB 67 123.30 12.54 -7.38
CA GLY OB 67 122.99 13.44 -6.29
C GLY OB 67 121.73 13.11 -5.53
N ALA OB 68 121.21 11.90 -5.67
CA ALA OB 68 119.96 11.52 -5.03
C ALA OB 68 120.20 11.01 -3.62
N GLY OB 69 119.33 11.40 -2.70
CA GLY OB 69 119.36 10.93 -1.34
C GLY OB 69 118.19 10.03 -1.02
N VAL OB 70 118.00 9.78 0.27
CA VAL OB 70 116.92 8.92 0.72
C VAL OB 70 115.57 9.55 0.41
N GLY OB 71 115.43 10.85 0.67
CA GLY OB 71 114.19 11.53 0.34
C GLY OB 71 113.87 11.48 -1.14
N SER OB 72 114.90 11.57 -1.98
CA SER OB 72 114.67 11.37 -3.41
C SER OB 72 114.25 9.94 -3.71
N MET OB 73 114.86 8.97 -3.04
CA MET OB 73 114.54 7.57 -3.32
C MET OB 73 113.14 7.21 -2.83
N THR OB 74 112.74 7.71 -1.66
CA THR OB 74 111.40 7.45 -1.18
C THR OB 74 110.35 8.15 -2.02
N LYS OB 75 110.72 9.26 -2.68
CA LYS OB 75 109.80 9.92 -3.60
C LYS OB 75 109.64 9.14 -4.89
N ILE OB 76 110.76 8.65 -5.44
CA ILE OB 76 110.73 7.98 -6.75
C ILE OB 76 110.08 6.61 -6.67
N TYR OB 77 109.97 6.05 -5.47
CA TYR OB 77 109.36 4.74 -5.28
C TYR OB 77 107.98 4.83 -4.64
N GLY OB 78 107.37 6.01 -4.66
CA GLY OB 78 106.04 6.16 -4.11
C GLY OB 78 104.97 5.73 -5.10
N GLY OB 79 103.74 5.71 -4.61
CA GLY OB 79 102.62 5.30 -5.44
C GLY OB 79 101.31 5.67 -4.80
N ARG OB 80 100.23 5.34 -5.50
CA ARG OB 80 98.90 5.69 -5.04
C ARG OB 80 98.52 4.84 -3.83
N GLN OB 81 98.03 5.50 -2.77
CA GLN OB 81 97.54 4.83 -1.59
C GLN OB 81 96.02 4.82 -1.62
N ARG OB 82 95.43 3.65 -1.53
CA ARG OB 82 93.97 3.52 -1.50
C ARG OB 82 93.50 3.57 -0.06
N ASN OB 83 92.62 4.51 0.25
CA ASN OB 83 92.20 4.80 1.61
C ASN OB 83 90.83 4.22 1.96
N GLY OB 84 90.36 3.26 1.17
CA GLY OB 84 89.04 2.70 1.42
C GLY OB 84 87.94 3.54 0.83
N VAL OB 85 87.10 4.13 1.69
CA VAL OB 85 86.05 5.00 1.20
C VAL OB 85 86.54 6.41 0.92
N MET OB 86 87.68 6.80 1.49
CA MET OB 86 88.25 8.09 1.21
C MET OB 86 88.93 8.08 -0.17
N PRO OB 87 89.05 9.23 -0.82
CA PRO OB 87 89.77 9.30 -2.08
C PRO OB 87 91.23 8.95 -1.91
N SER OB 88 91.82 8.38 -2.95
CA SER OB 88 93.20 7.91 -2.90
C SER OB 88 94.17 9.05 -3.16
N HIS OB 89 95.31 9.01 -2.49
CA HIS OB 89 96.33 10.06 -2.60
C HIS OB 89 97.69 9.48 -2.93
N PHE OB 90 98.71 10.31 -2.87
CA PHE OB 90 100.09 9.89 -3.11
C PHE OB 90 100.82 9.77 -1.79
N SER OB 91 101.51 8.64 -1.60
CA SER OB 91 102.26 8.39 -0.38
C SER OB 91 103.67 7.95 -0.74
N ARG OB 92 104.63 8.44 0.04
CA ARG OB 92 106.04 8.22 -0.24
C ARG OB 92 106.43 6.80 0.16
N GLY OB 93 107.53 6.32 -0.42
CA GLY OB 93 107.99 4.98 -0.14
C GLY OB 93 108.59 4.85 1.25
N SER OB 94 109.03 3.64 1.55
CA SER OB 94 109.67 3.39 2.84
C SER OB 94 111.08 3.99 2.87
N LYS OB 95 111.40 4.67 3.97
CA LYS OB 95 112.71 5.26 4.12
C LYS OB 95 113.78 4.21 4.44
N SER OB 96 113.46 3.27 5.33
CA SER OB 96 114.47 2.32 5.79
C SER OB 96 115.01 1.48 4.66
N VAL OB 97 114.16 1.03 3.75
CA VAL OB 97 114.63 0.28 2.60
C VAL OB 97 115.59 1.12 1.77
N ALA OB 98 115.31 2.43 1.66
CA ALA OB 98 116.19 3.31 0.89
C ALA OB 98 117.58 3.38 1.53
N ARG OB 99 117.64 3.52 2.84
CA ARG OB 99 118.94 3.62 3.51
C ARG OB 99 119.72 2.33 3.38
N ARG OB 100 119.11 1.19 3.71
CA ARG OB 100 119.84 -0.07 3.73
C ARG OB 100 120.31 -0.46 2.34
N VAL OB 101 119.48 -0.24 1.32
CA VAL OB 101 119.90 -0.52 -0.04
C VAL OB 101 121.05 0.40 -0.47
N LEU OB 102 120.93 1.69 -0.16
CA LEU OB 102 121.98 2.63 -0.51
C LEU OB 102 123.28 2.29 0.21
N GLN OB 103 123.19 1.96 1.49
CA GLN OB 103 124.38 1.55 2.23
C GLN OB 103 124.90 0.21 1.76
N ALA OB 104 124.01 -0.70 1.36
CA ALA OB 104 124.45 -1.98 0.81
C ALA OB 104 125.24 -1.79 -0.46
N LEU OB 105 124.77 -0.93 -1.36
CA LEU OB 105 125.50 -0.61 -2.57
C LEU OB 105 126.73 0.25 -2.29
N GLU OB 106 126.87 0.76 -1.07
CA GLU OB 106 128.06 1.52 -0.70
C GLU OB 106 129.12 0.63 -0.05
N GLY OB 107 128.70 -0.46 0.61
CA GLY OB 107 129.66 -1.35 1.21
C GLY OB 107 130.57 -1.99 0.20
N LEU OB 108 130.00 -2.50 -0.90
CA LEU OB 108 130.77 -2.88 -2.07
C LEU OB 108 130.73 -1.72 -3.06
N LYS OB 109 131.91 -1.35 -3.57
CA LYS OB 109 132.15 -0.01 -4.10
C LYS OB 109 131.39 0.19 -5.41
N MET OB 110 130.13 0.58 -5.27
CA MET OB 110 129.29 0.99 -6.40
C MET OB 110 128.90 2.46 -6.33
N VAL OB 111 128.59 2.97 -5.13
CA VAL OB 111 128.20 4.36 -4.95
C VAL OB 111 128.98 4.92 -3.76
N GLU OB 112 129.02 6.25 -3.70
CA GLU OB 112 129.68 6.94 -2.60
C GLU OB 112 129.01 8.28 -2.36
N LYS OB 113 129.09 8.75 -1.12
CA LYS OB 113 128.46 10.02 -0.73
C LYS OB 113 129.25 11.16 -1.34
N ASP OB 114 128.74 11.74 -2.43
CA ASP OB 114 129.38 12.89 -3.03
C ASP OB 114 129.09 14.15 -2.23
N GLN OB 115 129.85 15.20 -2.52
CA GLN OB 115 129.52 16.51 -1.97
C GLN OB 115 128.19 16.99 -2.55
N ASP OB 116 127.63 18.01 -1.90
CA ASP OB 116 126.28 18.52 -2.13
C ASP OB 116 125.21 17.58 -1.61
N GLY OB 117 125.58 16.55 -0.86
CA GLY OB 117 124.64 15.63 -0.28
C GLY OB 117 124.25 14.51 -1.22
N GLY OB 118 123.71 13.43 -0.63
CA GLY OB 118 123.25 12.30 -1.40
C GLY OB 118 124.39 11.42 -1.88
N ARG OB 119 124.02 10.42 -2.67
CA ARG OB 119 124.97 9.50 -3.26
C ARG OB 119 125.08 9.75 -4.76
N LYS OB 120 126.18 9.30 -5.33
CA LYS OB 120 126.32 9.24 -6.78
C LYS OB 120 127.10 7.98 -7.13
N LEU OB 121 127.19 7.71 -8.43
CA LEU OB 121 127.76 6.45 -8.91
C LEU OB 121 129.28 6.55 -8.94
N THR OB 122 129.94 5.64 -8.23
CA THR OB 122 131.38 5.55 -8.24
C THR OB 122 131.87 5.13 -9.64
N PRO OB 123 133.02 5.65 -10.08
CA PRO OB 123 133.54 5.24 -11.40
C PRO OB 123 133.64 3.74 -11.60
N GLN OB 124 133.97 3.00 -10.55
CA GLN OB 124 133.93 1.54 -10.65
C GLN OB 124 132.52 1.06 -10.92
N GLY OB 125 131.53 1.65 -10.25
CA GLY OB 125 130.15 1.27 -10.50
C GLY OB 125 129.70 1.56 -11.91
N GLN OB 126 130.17 2.68 -12.48
CA GLN OB 126 129.80 3.03 -13.84
C GLN OB 126 130.30 1.98 -14.84
N ARG OB 127 131.45 1.37 -14.55
CA ARG OB 127 131.95 0.31 -15.41
C ARG OB 127 131.07 -0.93 -15.33
N ASP OB 128 130.71 -1.34 -14.11
CA ASP OB 128 129.95 -2.56 -13.93
C ASP OB 128 128.57 -2.48 -14.57
N LEU OB 129 127.90 -1.33 -14.43
CA LEU OB 129 126.61 -1.15 -15.11
C LEU OB 129 126.79 -1.22 -16.63
N ASP OB 130 127.85 -0.61 -17.14
CA ASP OB 130 128.11 -0.67 -18.58
C ASP OB 130 128.46 -2.08 -19.03
N ARG OB 131 129.04 -2.89 -18.13
CA ARG OB 131 129.27 -4.30 -18.44
C ARG OB 131 127.96 -5.02 -18.72
N ILE OB 132 126.99 -4.87 -17.82
CA ILE OB 132 125.72 -5.59 -17.95
C ILE OB 132 124.96 -5.13 -19.18
N ALA OB 133 125.06 -3.85 -19.51
CA ALA OB 133 124.40 -3.33 -20.71
C ALA OB 133 124.90 -4.06 -21.95
N GLY OB 134 126.19 -4.39 -22.00
CA GLY OB 134 126.70 -5.20 -23.09
C GLY OB 134 126.08 -6.57 -23.12
N GLN OB 135 125.89 -7.18 -21.95
CA GLN OB 135 125.28 -8.50 -21.89
C GLN OB 135 123.83 -8.45 -22.36
N VAL OB 136 123.09 -7.41 -21.96
CA VAL OB 136 121.70 -7.28 -22.37
C VAL OB 136 121.60 -7.13 -23.89
N ALA OB 137 122.46 -6.29 -24.47
CA ALA OB 137 122.40 -6.05 -25.90
C ALA OB 137 122.72 -7.32 -26.69
N ALA OB 138 123.73 -8.06 -26.27
CA ALA OB 138 124.13 -9.26 -27.00
C ALA OB 138 123.03 -10.32 -26.96
N ALA OB 139 122.41 -10.51 -25.79
CA ALA OB 139 121.38 -11.54 -25.67
C ALA OB 139 120.16 -11.24 -26.53
N LYS OB 140 119.71 -9.98 -26.55
CA LYS OB 140 118.51 -9.64 -27.28
C LYS OB 140 118.72 -9.74 -28.78
N LYS OB 141 119.91 -9.37 -29.27
CA LYS OB 141 120.19 -9.42 -30.70
C LYS OB 141 120.49 -10.84 -31.15
N HIS PB 1 132.76 46.28 -8.04
CA HIS PB 1 131.94 47.24 -8.78
C HIS PB 1 130.84 46.54 -9.57
N ARG PB 2 130.32 45.45 -9.02
CA ARG PB 2 129.17 44.75 -9.57
C ARG PB 2 127.94 45.18 -8.79
N ILE PB 3 127.10 46.01 -9.41
CA ILE PB 3 125.89 46.48 -8.76
C ILE PB 3 124.68 46.01 -9.56
N ARG PB 4 123.58 45.80 -8.86
CA ARG PB 4 122.32 45.42 -9.48
C ARG PB 4 121.21 46.23 -8.82
N ILE PB 5 120.27 46.70 -9.63
CA ILE PB 5 119.13 47.46 -9.14
C ILE PB 5 117.86 46.72 -9.54
N THR PB 6 116.95 46.55 -8.58
CA THR PB 6 115.72 45.79 -8.78
C THR PB 6 114.56 46.77 -8.95
N LEU PB 7 113.84 46.62 -10.06
CA LEU PB 7 112.65 47.43 -10.33
C LEU PB 7 111.43 46.52 -10.23
N THR PB 8 110.58 46.78 -9.23
CA THR PB 8 109.33 46.06 -9.07
C THR PB 8 108.17 47.04 -9.04
N SER PB 9 107.11 46.71 -9.75
CA SER PB 9 105.94 47.59 -9.79
C SER PB 9 104.72 46.80 -10.21
N ARG PB 10 103.56 47.21 -9.70
CA ARG PB 10 102.29 46.67 -10.18
C ARG PB 10 101.91 47.23 -11.54
N ASN PB 11 102.28 48.49 -11.80
CA ASN PB 11 101.97 49.13 -13.07
C ASN PB 11 103.15 48.91 -14.02
N VAL PB 12 102.88 48.31 -15.18
CA VAL PB 12 103.94 47.95 -16.10
C VAL PB 12 104.25 49.07 -17.10
N LYS PB 13 103.29 49.93 -17.40
CA LYS PB 13 103.56 51.02 -18.34
C LYS PB 13 104.59 52.00 -17.77
N SER PB 14 104.46 52.37 -16.50
CA SER PB 14 105.44 53.24 -15.88
C SER PB 14 106.73 52.48 -15.56
N LEU PB 15 106.64 51.18 -15.31
CA LEU PB 15 107.83 50.39 -15.02
C LEU PB 15 108.77 50.36 -16.22
N GLU PB 16 108.23 50.17 -17.42
CA GLU PB 16 109.05 50.22 -18.61
C GLU PB 16 109.55 51.64 -18.89
N LYS PB 17 108.77 52.64 -18.49
CA LYS PB 17 109.21 54.03 -18.63
C LYS PB 17 110.43 54.30 -17.76
N VAL PB 18 110.37 53.92 -16.49
CA VAL PB 18 111.49 54.14 -15.59
C VAL PB 18 112.70 53.34 -16.04
N CYS PB 19 112.48 52.09 -16.47
CA CYS PB 19 113.58 51.25 -16.89
C CYS PB 19 114.31 51.83 -18.09
N ALA PB 20 113.56 52.34 -19.07
CA ALA PB 20 114.18 52.94 -20.25
C ALA PB 20 114.98 54.18 -19.88
N ASP PB 21 114.51 54.94 -18.89
CA ASP PB 21 115.20 56.16 -18.50
C ASP PB 21 116.59 55.86 -17.95
N LEU PB 22 116.70 54.82 -17.11
CA LEU PB 22 117.98 54.54 -16.47
C LEU PB 22 119.00 54.02 -17.48
N ILE PB 23 118.57 53.20 -18.44
CA ILE PB 23 119.49 52.68 -19.45
C ILE PB 23 120.01 53.83 -20.31
N ARG PB 24 119.12 54.71 -20.76
CA ARG PB 24 119.57 55.87 -21.53
C ARG PB 24 120.47 56.76 -20.70
N GLY PB 25 120.15 56.95 -19.42
CA GLY PB 25 121.04 57.68 -18.54
C GLY PB 25 122.39 57.01 -18.39
N ALA PB 26 122.43 55.68 -18.45
CA ALA PB 26 123.71 54.98 -18.40
C ALA PB 26 124.45 55.10 -19.73
N LYS PB 27 123.73 54.98 -20.85
CA LYS PB 27 124.38 55.04 -22.15
C LYS PB 27 124.98 56.41 -22.42
N GLU PB 28 124.34 57.48 -21.95
CA GLU PB 28 124.91 58.81 -22.15
C GLU PB 28 126.12 59.05 -21.26
N LYS PB 29 126.25 58.32 -20.16
CA LYS PB 29 127.46 58.31 -19.36
C LYS PB 29 128.36 57.13 -19.68
N ASN PB 30 128.31 56.66 -20.94
CA ASN PB 30 129.20 55.67 -21.55
C ASN PB 30 129.70 54.58 -20.60
N LEU PB 31 128.77 53.92 -19.90
CA LEU PB 31 129.09 52.75 -19.10
C LEU PB 31 128.22 51.60 -19.57
N LYS PB 32 128.83 50.44 -19.77
CA LYS PB 32 128.13 49.32 -20.39
C LYS PB 32 127.04 48.79 -19.47
N VAL PB 33 125.96 48.30 -20.08
CA VAL PB 33 124.84 47.73 -19.36
C VAL PB 33 124.48 46.40 -20.00
N LYS PB 34 123.98 45.48 -19.18
CA LYS PB 34 123.29 44.29 -19.67
C LYS PB 34 121.79 44.55 -19.51
N GLY PB 35 121.05 44.44 -20.61
CA GLY PB 35 119.71 44.95 -20.71
C GLY PB 35 118.76 44.43 -19.66
N PRO PB 36 117.58 45.05 -19.59
CA PRO PB 36 116.58 44.63 -18.58
C PRO PB 36 116.15 43.20 -18.80
N VAL PB 37 116.33 42.37 -17.77
CA VAL PB 37 115.84 41.01 -17.79
C VAL PB 37 114.46 41.00 -17.15
N ARG PB 38 113.49 40.44 -17.86
CA ARG PB 38 112.08 40.49 -17.44
C ARG PB 38 111.75 39.17 -16.78
N MET PB 39 111.77 39.16 -15.45
CA MET PB 39 111.50 37.96 -14.69
C MET PB 39 110.00 37.68 -14.67
N PRO PB 40 109.61 36.43 -14.41
CA PRO PB 40 108.18 36.08 -14.54
C PRO PB 40 107.31 36.89 -13.60
N THR PB 41 106.08 37.16 -14.07
CA THR PB 41 105.16 38.01 -13.34
C THR PB 41 104.47 37.22 -12.24
N LYS PB 42 104.55 37.72 -11.01
CA LYS PB 42 103.92 37.09 -9.86
C LYS PB 42 102.50 37.63 -9.72
N THR PB 43 101.53 36.75 -9.93
CA THR PB 43 100.11 37.11 -9.81
C THR PB 43 99.60 36.71 -8.44
N LEU PB 44 98.93 37.63 -7.77
CA LEU PB 44 98.36 37.39 -6.45
C LEU PB 44 96.86 37.22 -6.61
N ARG PB 45 96.33 36.07 -6.18
CA ARG PB 45 94.94 35.73 -6.41
C ARG PB 45 94.23 35.50 -5.09
N ILE PB 46 93.10 36.17 -4.91
CA ILE PB 46 92.18 35.94 -3.81
C ILE PB 46 90.81 35.66 -4.41
N THR PB 47 90.17 34.58 -3.95
CA THR PB 47 88.85 34.21 -4.43
C THR PB 47 87.88 34.21 -3.25
N THR PB 48 86.77 34.93 -3.40
CA THR PB 48 85.88 35.21 -2.27
C THR PB 48 84.44 35.23 -2.76
N ARG PB 49 83.54 34.73 -1.92
CA ARG PB 49 82.11 34.82 -2.20
C ARG PB 49 81.68 36.28 -2.29
N LYS PB 50 80.82 36.57 -3.26
CA LYS PB 50 80.34 37.94 -3.43
C LYS PB 50 79.42 38.38 -2.30
N THR PB 51 78.88 37.46 -1.53
CA THR PB 51 77.79 37.84 -0.65
C THR PB 51 78.23 37.97 0.80
N PRO PB 52 77.65 38.91 1.55
CA PRO PB 52 77.94 39.01 2.98
C PRO PB 52 77.20 37.95 3.78
N CYS PB 53 76.00 37.64 3.34
CA CYS PB 53 75.15 36.64 3.96
C CYS PB 53 75.52 35.26 3.40
N GLY PB 54 74.68 34.26 3.61
CA GLY PB 54 74.97 32.94 3.11
C GLY PB 54 74.20 32.52 1.87
N GLU PB 55 73.14 33.24 1.52
CA GLU PB 55 72.24 32.75 0.48
C GLU PB 55 72.72 33.18 -0.91
N GLY PB 56 71.89 32.88 -1.90
CA GLY PB 56 72.14 33.28 -3.27
C GLY PB 56 72.87 32.21 -4.06
N SER PB 57 72.81 32.35 -5.39
CA SER PB 57 73.61 31.50 -6.25
C SER PB 57 75.08 31.66 -5.90
N LYS PB 58 75.80 30.54 -5.85
CA LYS PB 58 77.17 30.52 -5.35
C LYS PB 58 78.07 31.21 -6.37
N THR PB 59 78.09 32.53 -6.32
CA THR PB 59 78.97 33.34 -7.15
C THR PB 59 80.26 33.64 -6.40
N TRP PB 60 81.32 33.89 -7.17
CA TRP PB 60 82.64 34.09 -6.60
C TRP PB 60 83.29 35.28 -7.28
N ASP PB 61 84.18 35.94 -6.55
CA ASP PB 61 84.99 37.03 -7.07
C ASP PB 61 86.44 36.59 -7.18
N ARG PB 62 87.05 36.90 -8.32
CA ARG PB 62 88.47 36.63 -8.54
C ARG PB 62 89.20 37.98 -8.57
N PHE PB 63 89.96 38.25 -7.52
CA PHE PB 63 90.79 39.44 -7.45
C PHE PB 63 92.24 39.06 -7.78
N GLN PB 64 92.81 39.73 -8.77
CA GLN PB 64 94.19 39.54 -9.16
C GLN PB 64 95.04 40.70 -8.71
N MET PB 65 96.35 40.49 -8.74
CA MET PB 65 97.30 41.56 -8.46
C MET PB 65 98.64 41.12 -9.05
N ARG PB 66 99.07 41.78 -10.12
CA ARG PB 66 100.30 41.38 -10.78
C ARG PB 66 101.48 42.19 -10.26
N ILE PB 67 102.64 41.54 -10.19
CA ILE PB 67 103.87 42.17 -9.75
C ILE PB 67 104.93 41.90 -10.81
N HIS PB 68 105.45 42.96 -11.41
CA HIS PB 68 106.43 42.86 -12.48
C HIS PB 68 107.80 43.26 -11.93
N LYS PB 69 108.82 42.47 -12.25
CA LYS PB 69 110.17 42.70 -11.73
C LYS PB 69 111.16 42.80 -12.87
N ARG PB 70 112.05 43.78 -12.80
CA ARG PB 70 113.10 43.99 -13.79
C ARG PB 70 114.43 44.18 -13.07
N LEU PB 71 115.51 43.79 -13.74
CA LEU PB 71 116.86 43.89 -13.17
C LEU PB 71 117.79 44.61 -14.12
N ILE PB 72 118.58 45.52 -13.59
CA ILE PB 72 119.58 46.26 -14.36
C ILE PB 72 120.93 46.12 -13.65
N ASP PB 73 121.96 45.78 -14.40
CA ASP PB 73 123.32 45.73 -13.89
C ASP PB 73 124.17 46.79 -14.59
N LEU PB 74 125.20 47.28 -13.90
CA LEU PB 74 125.95 48.43 -14.36
C LEU PB 74 127.45 48.20 -14.19
N HIS PB 75 128.23 48.86 -15.04
CA HIS PB 75 129.68 48.94 -14.94
C HIS PB 75 130.02 50.36 -14.49
N SER PB 76 129.96 50.58 -13.18
CA SER PB 76 130.13 51.93 -12.65
C SER PB 76 130.39 51.82 -11.15
N PRO PB 77 131.06 52.81 -10.57
CA PRO PB 77 131.12 52.93 -9.10
C PRO PB 77 129.85 53.56 -8.56
N SER PB 78 129.74 53.52 -7.23
CA SER PB 78 128.47 53.86 -6.57
C SER PB 78 128.09 55.33 -6.67
N GLU PB 79 129.05 56.23 -6.88
CA GLU PB 79 128.72 57.65 -6.85
C GLU PB 79 127.96 58.08 -8.09
N ILE PB 80 128.35 57.58 -9.27
CA ILE PB 80 127.66 57.95 -10.50
C ILE PB 80 126.23 57.43 -10.50
N VAL PB 81 126.04 56.18 -10.06
CA VAL PB 81 124.72 55.58 -10.14
C VAL PB 81 123.75 56.20 -9.14
N LYS PB 82 124.26 56.74 -8.04
CA LYS PB 82 123.38 57.33 -7.02
C LYS PB 82 122.59 58.51 -7.59
N GLN PB 83 123.24 59.38 -8.35
CA GLN PB 83 122.53 60.48 -8.98
C GLN PB 83 121.69 60.05 -10.18
N ILE PB 84 121.89 58.83 -10.69
CA ILE PB 84 121.00 58.29 -11.70
C ILE PB 84 119.73 57.77 -11.06
N THR PB 85 119.87 56.92 -10.02
CA THR PB 85 118.72 56.31 -9.36
C THR PB 85 117.93 57.33 -8.53
N SER PB 86 118.53 58.46 -8.17
CA SER PB 86 117.85 59.43 -7.32
C SER PB 86 116.78 60.21 -8.07
N ILE PB 87 116.72 60.10 -9.39
CA ILE PB 87 115.83 60.92 -10.20
C ILE PB 87 114.95 60.03 -11.07
N SER PB 88 113.80 60.60 -11.47
CA SER PB 88 112.91 60.01 -12.47
C SER PB 88 112.40 58.63 -12.04
N ILE PB 89 111.64 58.62 -10.95
CA ILE PB 89 110.96 57.41 -10.49
C ILE PB 89 109.46 57.70 -10.38
N GLU PB 90 108.66 56.85 -11.00
CA GLU PB 90 107.22 56.90 -10.81
C GLU PB 90 106.91 56.52 -9.36
N PRO PB 91 105.90 57.14 -8.74
CA PRO PB 91 105.59 56.77 -7.34
C PRO PB 91 105.24 55.31 -7.16
N GLY PB 92 104.69 54.66 -8.19
CA GLY PB 92 104.44 53.23 -8.08
C GLY PB 92 105.71 52.40 -7.99
N VAL PB 93 106.72 52.75 -8.80
CA VAL PB 93 107.93 51.94 -8.90
C VAL PB 93 108.77 52.11 -7.64
N GLU PB 94 109.29 50.99 -7.13
CA GLU PB 94 110.23 50.98 -6.02
C GLU PB 94 111.52 50.29 -6.48
N VAL PB 95 112.65 50.85 -6.07
CA VAL PB 95 113.96 50.42 -6.54
C VAL PB 95 114.87 50.18 -5.34
N GLU PB 96 115.63 49.08 -5.41
CA GLU PB 96 116.67 48.77 -4.43
C GLU PB 96 118.01 48.73 -5.14
N VAL PB 97 119.08 48.98 -4.39
CA VAL PB 97 120.44 48.96 -4.91
C VAL PB 97 121.27 48.01 -4.06
N THR PB 98 121.99 47.11 -4.72
CA THR PB 98 122.84 46.13 -4.05
C THR PB 98 124.17 46.05 -4.78
N ILE PB 99 125.19 45.60 -4.06
CA ILE PB 99 126.54 45.45 -4.59
C ILE PB 99 126.83 43.95 -4.68
N ALA PB 100 127.00 43.46 -5.91
CA ALA PB 100 127.31 42.05 -6.11
C ALA PB 100 128.82 41.83 -6.15
N MET QB 1 33.77 98.61 -32.32
CA MET QB 1 32.83 98.73 -31.21
C MET QB 1 33.09 100.00 -30.41
N GLN QB 2 32.09 100.88 -30.35
CA GLN QB 2 32.19 102.15 -29.67
C GLN QB 2 31.38 102.12 -28.38
N ASN QB 3 31.79 102.94 -27.42
CA ASN QB 3 31.00 103.17 -26.23
C ASN QB 3 30.05 104.35 -26.49
N ASP QB 4 29.43 104.87 -25.44
CA ASP QB 4 28.48 105.98 -25.61
C ASP QB 4 29.18 107.22 -26.16
N ALA QB 5 30.39 107.51 -25.69
CA ALA QB 5 31.08 108.71 -26.12
C ALA QB 5 31.67 108.59 -27.51
N GLY QB 6 31.82 107.37 -28.03
CA GLY QB 6 32.29 107.16 -29.37
C GLY QB 6 33.72 106.66 -29.50
N GLU QB 7 34.35 106.26 -28.41
CA GLU QB 7 35.71 105.76 -28.48
C GLU QB 7 35.73 104.28 -28.85
N PHE QB 8 36.73 103.89 -29.63
CA PHE QB 8 36.93 102.50 -30.00
C PHE QB 8 37.52 101.76 -28.80
N VAL QB 9 36.69 100.97 -28.13
CA VAL QB 9 37.14 100.20 -26.97
C VAL QB 9 37.51 98.77 -27.32
N ASP QB 10 37.26 98.35 -28.56
CA ASP QB 10 37.64 97.01 -28.98
C ASP QB 10 39.16 96.88 -28.98
N LEU QB 11 39.65 95.71 -28.56
CA LEU QB 11 41.09 95.56 -28.38
C LEU QB 11 41.82 95.41 -29.71
N TYR QB 12 41.26 94.65 -30.65
CA TYR QB 12 41.60 94.80 -32.05
C TYR QB 12 40.39 94.42 -32.88
N VAL QB 13 40.41 94.83 -34.14
CA VAL QB 13 39.38 94.46 -35.11
C VAL QB 13 39.88 93.24 -35.88
N PRO QB 14 39.29 92.07 -35.70
CA PRO QB 14 39.80 90.87 -36.37
C PRO QB 14 39.51 90.88 -37.86
N ARG QB 15 40.29 90.08 -38.59
CA ARG QB 15 40.08 89.92 -40.01
C ARG QB 15 38.77 89.17 -40.27
N LYS QB 16 38.43 89.03 -41.55
CA LYS QB 16 37.14 88.45 -41.92
C LYS QB 16 37.25 87.89 -43.33
N CYS QB 17 36.80 86.66 -43.51
CA CYS QB 17 37.01 85.94 -44.75
C CYS QB 17 36.37 86.66 -45.92
N SER QB 18 37.05 86.65 -47.07
CA SER QB 18 36.57 87.32 -48.26
C SER QB 18 35.59 86.47 -49.06
N ALA QB 19 35.41 85.20 -48.70
CA ALA QB 19 34.50 84.30 -49.39
C ALA QB 19 33.24 83.99 -48.61
N SER QB 20 33.33 83.91 -47.29
CA SER QB 20 32.19 83.54 -46.45
C SER QB 20 31.86 84.57 -45.38
N ASN QB 21 32.67 85.61 -45.22
CA ASN QB 21 32.36 86.75 -44.36
C ASN QB 21 32.25 86.35 -42.89
N ARG QB 22 32.94 85.30 -42.49
CA ARG QB 22 33.06 84.96 -41.07
C ARG QB 22 34.44 85.36 -40.56
N ILE QB 23 34.53 85.56 -39.26
CA ILE QB 23 35.75 86.09 -38.66
C ILE QB 23 36.84 85.02 -38.64
N ILE QB 24 38.05 85.42 -39.00
CA ILE QB 24 39.23 84.57 -38.88
C ILE QB 24 39.76 84.71 -37.47
N GLY QB 25 39.82 83.60 -36.75
CA GLY QB 25 40.22 83.63 -35.36
C GLY QB 25 41.69 83.88 -35.16
N ALA QB 26 42.05 84.21 -33.91
CA ALA QB 26 43.44 84.50 -33.57
C ALA QB 26 44.30 83.24 -33.57
N LYS QB 27 43.70 82.05 -33.55
CA LYS QB 27 44.45 80.80 -33.61
C LYS QB 27 44.06 79.96 -34.82
N ASP QB 28 43.40 80.57 -35.80
CA ASP QB 28 43.02 79.86 -37.02
C ASP QB 28 44.28 79.73 -37.87
N HIS QB 29 45.01 78.64 -37.66
CA HIS QB 29 46.30 78.43 -38.30
C HIS QB 29 46.16 77.78 -39.67
N ALA QB 30 44.94 77.55 -40.13
CA ALA QB 30 44.69 77.09 -41.49
C ALA QB 30 44.28 78.21 -42.43
N SER QB 31 44.07 79.42 -41.90
CA SER QB 31 43.67 80.55 -42.72
C SER QB 31 44.86 81.09 -43.50
N ILE QB 32 44.56 81.76 -44.61
CA ILE QB 32 45.57 82.32 -45.49
C ILE QB 32 45.23 83.78 -45.78
N GLN QB 33 46.24 84.49 -46.28
CA GLN QB 33 46.06 85.82 -46.84
C GLN QB 33 46.94 85.91 -48.08
N MET QB 34 46.33 85.81 -49.25
CA MET QB 34 47.07 85.69 -50.50
C MET QB 34 47.08 87.01 -51.25
N ASN QB 35 48.25 87.45 -51.67
CA ASN QB 35 48.40 88.66 -52.47
C ASN QB 35 48.54 88.28 -53.94
N VAL QB 36 47.82 88.99 -54.80
CA VAL QB 36 47.86 88.78 -56.24
C VAL QB 36 48.41 90.03 -56.89
N ALA QB 37 49.47 89.87 -57.69
CA ALA QB 37 50.16 91.01 -58.26
C ALA QB 37 49.34 91.67 -59.36
N GLU QB 38 49.68 92.92 -59.65
CA GLU QB 38 49.01 93.72 -60.66
C GLU QB 38 49.97 94.01 -61.80
N VAL QB 39 49.48 93.90 -63.03
CA VAL QB 39 50.26 94.24 -64.21
C VAL QB 39 49.70 95.52 -64.81
N ASP QB 40 50.52 96.20 -65.59
CA ASP QB 40 50.06 97.36 -66.32
C ASP QB 40 49.44 96.95 -67.65
N LYS QB 41 48.60 97.84 -68.19
CA LYS QB 41 47.76 97.48 -69.32
C LYS QB 41 48.56 97.18 -70.58
N VAL QB 42 49.57 97.99 -70.87
CA VAL QB 42 50.22 97.93 -72.18
C VAL QB 42 51.34 96.90 -72.22
N THR QB 43 52.17 96.80 -71.19
CA THR QB 43 53.30 95.89 -71.20
C THR QB 43 53.04 94.58 -70.46
N GLY QB 44 52.21 94.61 -69.42
CA GLY QB 44 51.94 93.41 -68.64
C GLY QB 44 53.10 93.04 -67.73
N ARG QB 45 53.48 93.97 -66.85
CA ARG QB 45 54.58 93.75 -65.94
C ARG QB 45 54.20 94.26 -64.55
N PHE QB 46 54.83 93.69 -63.54
CA PHE QB 46 54.45 93.93 -62.15
C PHE QB 46 54.64 95.39 -61.75
N ASN QB 47 53.54 96.08 -61.45
CA ASN QB 47 53.62 97.47 -61.02
C ASN QB 47 54.09 97.59 -59.58
N GLY QB 48 53.43 96.89 -58.67
CA GLY QB 48 53.70 97.03 -57.26
C GLY QB 48 52.41 97.05 -56.46
N GLN QB 49 51.29 96.91 -57.16
CA GLN QB 49 49.98 96.91 -56.54
C GLN QB 49 49.50 95.49 -56.34
N PHE QB 50 48.78 95.26 -55.25
CA PHE QB 50 48.25 93.94 -54.92
C PHE QB 50 46.74 93.98 -54.82
N LYS QB 51 46.13 92.80 -54.92
CA LYS QB 51 44.79 92.55 -54.43
C LYS QB 51 44.86 91.44 -53.40
N THR QB 52 44.36 91.72 -52.21
CA THR QB 52 44.56 90.85 -51.05
C THR QB 52 43.26 90.16 -50.70
N TYR QB 53 43.30 88.84 -50.54
CA TYR QB 53 42.14 88.04 -50.20
C TYR QB 53 42.45 87.19 -48.97
N ALA QB 54 41.48 87.11 -48.07
CA ALA QB 54 41.59 86.29 -46.87
C ALA QB 54 40.60 85.14 -46.95
N ILE QB 55 41.04 83.94 -46.58
CA ILE QB 55 40.22 82.74 -46.63
C ILE QB 55 40.28 82.06 -45.27
N CYS QB 56 39.11 81.77 -44.70
CA CYS QB 56 39.07 81.07 -43.43
C CYS QB 56 39.41 79.59 -43.63
N GLY QB 57 39.86 78.96 -42.55
CA GLY QB 57 40.28 77.57 -42.63
C GLY QB 57 39.15 76.61 -42.93
N ALA QB 58 37.91 76.98 -42.64
CA ALA QB 58 36.79 76.10 -42.94
C ALA QB 58 36.62 75.92 -44.45
N ILE QB 59 36.79 76.99 -45.22
CA ILE QB 59 36.60 76.90 -46.66
C ILE QB 59 37.73 76.11 -47.32
N ARG QB 60 38.97 76.34 -46.89
CA ARG QB 60 40.08 75.56 -47.42
C ARG QB 60 39.90 74.07 -47.15
N ARG QB 61 39.53 73.72 -45.92
CA ARG QB 61 39.33 72.31 -45.60
C ARG QB 61 38.12 71.74 -46.34
N MET QB 62 37.16 72.60 -46.70
CA MET QB 62 36.01 72.18 -47.48
C MET QB 62 36.38 71.86 -48.93
N GLY QB 63 37.53 72.33 -49.40
CA GLY QB 63 37.95 72.13 -50.77
C GLY QB 63 37.45 73.18 -51.75
N GLU QB 64 36.78 74.22 -51.26
CA GLU QB 64 36.28 75.28 -52.11
C GLU QB 64 37.16 76.52 -52.08
N SER QB 65 38.40 76.38 -51.62
CA SER QB 65 39.28 77.54 -51.49
C SER QB 65 39.66 78.12 -52.85
N ASP QB 66 39.87 77.27 -53.85
CA ASP QB 66 40.27 77.77 -55.15
C ASP QB 66 39.11 78.39 -55.90
N ASP QB 67 37.91 77.82 -55.79
CA ASP QB 67 36.75 78.39 -56.46
C ASP QB 67 36.41 79.76 -55.89
N SER QB 68 36.59 79.93 -54.58
CA SER QB 68 36.41 81.26 -53.99
C SER QB 68 37.43 82.24 -54.53
N ILE QB 69 38.69 81.81 -54.64
CA ILE QB 69 39.72 82.67 -55.22
C ILE QB 69 39.40 82.96 -56.68
N LEU QB 70 38.89 81.97 -57.41
CA LEU QB 70 38.61 82.14 -58.82
C LEU QB 70 37.53 83.21 -59.05
N ARG QB 71 36.47 83.19 -58.25
CA ARG QB 71 35.41 84.18 -58.43
C ARG QB 71 35.80 85.56 -57.88
N LEU QB 72 36.51 85.60 -56.76
CA LEU QB 72 37.00 86.88 -56.26
C LEU QB 72 37.99 87.51 -57.23
N ALA QB 73 38.68 86.69 -58.01
CA ALA QB 73 39.62 87.23 -59.00
C ALA QB 73 38.89 87.88 -60.16
N LYS QB 74 37.85 87.23 -60.68
CA LYS QB 74 37.07 87.85 -61.75
C LYS QB 74 36.09 88.89 -61.24
N ALA QB 75 35.92 89.01 -59.92
CA ALA QB 75 35.16 90.11 -59.37
C ALA QB 75 35.96 91.42 -59.41
N ASP QB 76 37.29 91.31 -59.46
CA ASP QB 76 38.17 92.47 -59.52
C ASP QB 76 38.90 92.58 -60.85
N GLY QB 77 38.52 91.77 -61.84
CA GLY QB 77 39.08 91.89 -63.17
C GLY QB 77 40.40 91.19 -63.39
N ILE QB 78 40.94 90.48 -62.40
CA ILE QB 78 42.21 89.79 -62.59
C ILE QB 78 42.06 88.68 -63.63
N VAL QB 79 40.92 87.98 -63.62
CA VAL QB 79 40.67 86.88 -64.54
C VAL QB 79 39.61 87.32 -65.54
N SER QB 80 39.77 86.89 -66.80
CA SER QB 80 38.87 87.30 -67.85
C SER QB 80 37.44 86.90 -67.53
N LYS QB 81 36.50 87.78 -67.88
CA LYS QB 81 35.10 87.53 -67.57
C LYS QB 81 34.59 86.28 -68.27
N ASN QB 82 34.97 86.09 -69.53
CA ASN QB 82 34.52 84.91 -70.27
C ASN QB 82 35.03 83.63 -69.63
N PHE QB 83 36.29 83.61 -69.22
CA PHE QB 83 36.91 82.45 -68.57
C PHE QB 83 36.74 81.17 -69.40
N VAL RB 1 3.71 64.57 -41.79
CA VAL RB 1 3.55 65.41 -42.97
C VAL RB 1 4.05 66.81 -42.68
N ARG RB 2 4.03 67.69 -43.68
CA ARG RB 2 4.47 69.06 -43.48
C ARG RB 2 3.40 69.80 -42.69
N MET RB 3 3.80 70.44 -41.59
CA MET RB 3 2.88 70.98 -40.59
C MET RB 3 3.02 72.49 -40.39
N ASN RB 4 4.24 73.01 -40.46
CA ASN RB 4 4.55 74.43 -40.25
C ASN RB 4 5.56 74.86 -41.32
N VAL RB 5 5.08 75.57 -42.35
CA VAL RB 5 5.97 75.90 -43.46
C VAL RB 5 7.07 76.86 -43.01
N LEU RB 6 6.76 77.76 -42.07
CA LEU RB 6 7.77 78.70 -41.60
C LEU RB 6 8.89 77.98 -40.86
N ALA RB 7 8.57 76.88 -40.17
CA ALA RB 7 9.60 76.11 -39.50
C ALA RB 7 10.56 75.47 -40.50
N ASP RB 8 10.04 75.05 -41.66
CA ASP RB 8 10.90 74.44 -42.67
C ASP RB 8 11.75 75.49 -43.37
N ALA RB 9 11.19 76.67 -43.63
CA ALA RB 9 11.93 77.72 -44.33
C ALA RB 9 13.13 78.19 -43.53
N LEU RB 10 12.95 78.41 -42.23
CA LEU RB 10 14.03 78.93 -41.42
C LEU RB 10 15.08 77.86 -41.10
N LYS RB 11 14.66 76.61 -40.96
CA LYS RB 11 15.62 75.53 -40.79
C LYS RB 11 16.46 75.34 -42.06
N SER RB 12 15.85 75.55 -43.22
CA SER RB 12 16.59 75.43 -44.47
C SER RB 12 17.61 76.55 -44.63
N ILE RB 13 17.22 77.79 -44.29
CA ILE RB 13 18.15 78.91 -44.37
C ILE RB 13 19.30 78.73 -43.39
N ASN RB 14 19.01 78.18 -42.21
CA ASN RB 14 20.03 78.06 -41.18
C ASN RB 14 21.08 77.02 -41.55
N ASN RB 15 20.68 75.93 -42.20
CA ASN RB 15 21.65 74.93 -42.63
C ASN RB 15 22.55 75.47 -43.74
N ALA RB 16 21.98 76.20 -44.70
CA ALA RB 16 22.78 76.70 -45.81
C ALA RB 16 23.66 77.88 -45.41
N GLU RB 17 23.22 78.68 -44.45
CA GLU RB 17 24.09 79.71 -43.90
C GLU RB 17 25.21 79.10 -43.06
N LYS RB 18 24.92 77.98 -42.39
CA LYS RB 18 25.91 77.31 -41.56
C LYS RB 18 26.99 76.65 -42.40
N ARG RB 19 26.71 76.31 -43.64
CA ARG RB 19 27.67 75.66 -44.52
C ARG RB 19 28.33 76.65 -45.48
N GLY RB 20 27.94 77.92 -45.46
CA GLY RB 20 28.64 78.94 -46.20
C GLY RB 20 28.19 79.14 -47.64
N LYS RB 21 26.99 78.70 -48.00
CA LYS RB 21 26.50 78.91 -49.35
C LYS RB 21 26.16 80.38 -49.57
N ARG RB 22 25.71 80.70 -50.78
CA ARG RB 22 25.36 82.07 -51.14
C ARG RB 22 23.88 82.26 -51.43
N GLN RB 23 23.19 81.23 -51.91
CA GLN RB 23 21.76 81.31 -52.16
C GLN RB 23 21.07 80.08 -51.61
N VAL RB 24 19.83 80.26 -51.16
CA VAL RB 24 19.00 79.19 -50.64
C VAL RB 24 17.69 79.17 -51.43
N LEU RB 25 17.17 77.97 -51.67
CA LEU RB 25 15.86 77.80 -52.28
C LEU RB 25 14.88 77.35 -51.21
N ILE RB 26 13.85 78.16 -50.97
CA ILE RB 26 12.81 77.86 -49.99
C ILE RB 26 11.63 77.29 -50.76
N ARG RB 27 11.28 76.03 -50.50
CA ARG RB 27 10.38 75.33 -51.41
C ARG RB 27 8.94 75.83 -51.27
N PRO RB 28 8.32 75.84 -50.10
CA PRO RB 28 6.99 76.43 -49.99
C PRO RB 28 7.05 77.92 -49.65
N CYS RB 29 6.08 78.66 -50.17
CA CYS RB 29 5.99 80.08 -49.93
C CYS RB 29 4.63 80.42 -49.31
N SER RB 30 4.62 81.49 -48.52
CA SER RB 30 3.39 81.99 -47.93
C SER RB 30 3.61 83.44 -47.55
N LYS RB 31 2.50 84.12 -47.24
CA LYS RB 31 2.60 85.50 -46.79
C LYS RB 31 3.43 85.62 -45.52
N VAL RB 32 3.38 84.60 -44.66
CA VAL RB 32 4.13 84.65 -43.41
C VAL RB 32 5.63 84.58 -43.69
N ILE RB 33 6.04 83.77 -44.66
CA ILE RB 33 7.46 83.70 -44.99
C ILE RB 33 7.93 84.99 -45.64
N VAL RB 34 7.18 85.49 -46.62
CA VAL RB 34 7.59 86.71 -47.32
C VAL RB 34 7.66 87.88 -46.36
N ARG RB 35 6.71 87.94 -45.42
CA ARG RB 35 6.70 89.03 -44.46
C ARG RB 35 7.80 88.88 -43.42
N PHE RB 36 8.23 87.64 -43.16
CA PHE RB 36 9.28 87.41 -42.16
C PHE RB 36 10.65 87.80 -42.69
N LEU RB 37 10.94 87.47 -43.96
CA LEU RB 37 12.25 87.82 -44.51
C LEU RB 37 12.38 89.31 -44.74
N THR RB 38 11.28 90.00 -45.05
CA THR RB 38 11.35 91.44 -45.20
C THR RB 38 11.71 92.12 -43.89
N VAL RB 39 11.37 91.50 -42.75
CA VAL RB 39 11.85 92.00 -41.47
C VAL RB 39 13.34 91.75 -41.31
N MET RB 40 13.80 90.55 -41.69
CA MET RB 40 15.23 90.29 -41.68
C MET RB 40 15.96 91.14 -42.71
N MET RB 41 15.29 91.49 -43.81
CA MET RB 41 15.90 92.36 -44.81
C MET RB 41 16.22 93.73 -44.25
N LYS RB 42 15.25 94.34 -43.56
CA LYS RB 42 15.39 95.72 -43.13
C LYS RB 42 16.54 95.93 -42.18
N HIS RB 43 17.03 94.87 -41.54
CA HIS RB 43 18.12 94.97 -40.59
C HIS RB 43 19.44 94.48 -41.15
N GLY RB 44 19.48 94.15 -42.44
CA GLY RB 44 20.72 93.83 -43.11
C GLY RB 44 21.23 92.42 -42.91
N TYR RB 45 20.44 91.53 -42.32
CA TYR RB 45 20.95 90.18 -42.08
C TYR RB 45 20.97 89.34 -43.34
N ILE RB 46 20.02 89.52 -44.24
CA ILE RB 46 20.02 88.84 -45.53
C ILE RB 46 20.03 89.87 -46.64
N GLY RB 47 20.36 89.42 -47.84
CA GLY RB 47 20.24 90.24 -49.03
C GLY RB 47 18.82 90.20 -49.55
N GLU RB 48 18.66 90.75 -50.75
CA GLU RB 48 17.36 90.74 -51.39
C GLU RB 48 17.06 89.37 -51.99
N PHE RB 49 15.79 89.00 -52.00
CA PHE RB 49 15.35 87.69 -52.44
C PHE RB 49 14.35 87.82 -53.58
N GLU RB 50 13.78 86.68 -53.98
CA GLU RB 50 12.90 86.64 -55.14
C GLU RB 50 11.99 85.43 -55.03
N ILE RB 51 10.70 85.64 -55.22
CA ILE RB 51 9.73 84.55 -55.15
C ILE RB 51 9.36 84.12 -56.56
N ILE RB 52 9.42 82.83 -56.84
CA ILE RB 52 9.08 82.28 -58.14
C ILE RB 52 7.62 81.86 -58.13
N ASP RB 53 6.89 82.27 -59.16
CA ASP RB 53 5.44 82.13 -59.19
C ASP RB 53 5.09 81.01 -60.17
N ASP RB 54 5.07 79.78 -59.66
CA ASP RB 54 4.22 78.78 -60.25
C ASP RB 54 2.81 78.96 -59.72
N HIS RB 55 1.84 78.30 -60.33
CA HIS RB 55 0.46 78.55 -59.95
C HIS RB 55 0.07 77.81 -58.67
N ARG RB 56 1.06 77.36 -57.91
CA ARG RB 56 0.93 76.70 -56.63
C ARG RB 56 1.67 77.52 -55.59
N ALA RB 57 1.84 76.97 -54.40
CA ALA RB 57 2.70 77.60 -53.40
C ALA RB 57 4.09 77.79 -53.99
N GLY RB 58 4.48 79.03 -54.21
CA GLY RB 58 5.69 79.34 -54.95
C GLY RB 58 6.96 78.96 -54.21
N LYS RB 59 8.07 79.15 -54.90
CA LYS RB 59 9.40 78.97 -54.34
C LYS RB 59 10.04 80.34 -54.14
N ILE RB 60 11.09 80.38 -53.32
CA ILE RB 60 11.83 81.59 -53.04
C ILE RB 60 13.31 81.29 -53.12
N VAL RB 61 14.07 82.19 -53.76
CA VAL RB 61 15.52 82.12 -53.77
C VAL RB 61 16.04 83.34 -53.03
N VAL RB 62 16.83 83.11 -51.99
CA VAL RB 62 17.24 84.14 -51.06
C VAL RB 62 18.74 84.31 -51.14
N ASN RB 63 19.19 85.53 -51.38
CA ASN RB 63 20.61 85.84 -51.34
C ASN RB 63 21.06 85.92 -49.88
N LEU RB 64 22.19 85.30 -49.58
CA LEU RB 64 22.71 85.25 -48.23
C LEU RB 64 23.95 86.13 -48.10
N THR RB 65 24.08 86.77 -46.95
CA THR RB 65 25.30 87.40 -46.51
C THR RB 65 25.96 86.48 -45.47
N GLY RB 66 27.05 86.95 -44.87
CA GLY RB 66 27.70 86.16 -43.85
C GLY RB 66 27.36 86.59 -42.45
N ARG RB 67 26.26 87.34 -42.29
CA ARG RB 67 25.95 88.00 -41.04
C ARG RB 67 25.00 87.22 -40.14
N LEU RB 68 24.31 86.21 -40.67
CA LEU RB 68 23.31 85.48 -39.89
C LEU RB 68 23.98 84.42 -39.03
N ASN RB 69 23.75 84.49 -37.71
CA ASN RB 69 24.20 83.44 -36.81
C ASN RB 69 23.16 82.33 -36.70
N LYS RB 70 21.92 82.68 -36.38
CA LYS RB 70 20.85 81.71 -36.30
C LYS RB 70 19.51 82.39 -36.52
N CYS RB 71 18.66 81.76 -37.32
CA CYS RB 71 17.25 82.09 -37.41
C CYS RB 71 16.44 80.88 -36.96
N GLY RB 72 15.33 81.15 -36.26
CA GLY RB 72 14.58 80.07 -35.66
C GLY RB 72 13.11 80.39 -35.57
N VAL RB 73 12.33 79.37 -35.20
CA VAL RB 73 10.89 79.49 -35.06
C VAL RB 73 10.52 78.93 -33.69
N ILE RB 74 9.49 79.51 -33.09
CA ILE RB 74 8.99 79.07 -31.79
C ILE RB 74 7.65 78.38 -32.03
N SER RB 75 7.54 77.13 -31.58
CA SER RB 75 6.33 76.36 -31.73
C SER RB 75 5.90 75.84 -30.37
N PRO RB 76 4.65 76.04 -29.96
CA PRO RB 76 3.60 76.72 -30.73
C PRO RB 76 3.70 78.24 -30.66
N ARG RB 77 2.89 78.94 -31.44
CA ARG RB 77 2.87 80.39 -31.40
C ARG RB 77 2.21 80.88 -30.12
N PHE RB 78 2.99 81.01 -29.06
CA PHE RB 78 2.45 81.52 -27.80
C PHE RB 78 1.99 82.97 -27.97
N ASP RB 79 1.04 83.35 -27.14
CA ASP RB 79 0.66 84.75 -27.02
C ASP RB 79 1.48 85.42 -25.93
N VAL RB 80 1.90 86.66 -26.19
CA VAL RB 80 2.82 87.37 -25.31
C VAL RB 80 2.29 88.78 -25.07
N GLN RB 81 2.17 89.15 -23.81
CA GLN RB 81 1.84 90.52 -23.43
C GLN RB 81 3.11 91.35 -23.34
N LEU RB 82 2.93 92.65 -23.14
CA LEU RB 82 4.08 93.53 -22.94
C LEU RB 82 4.81 93.21 -21.64
N LYS RB 83 4.13 92.61 -20.68
CA LYS RB 83 4.80 92.20 -19.45
C LYS RB 83 5.71 90.99 -19.67
N ASP RB 84 5.32 90.09 -20.57
CA ASP RB 84 6.09 88.88 -20.82
C ASP RB 84 7.23 89.08 -21.81
N LEU RB 85 7.27 90.23 -22.50
CA LEU RB 85 8.20 90.37 -23.62
C LEU RB 85 9.65 90.49 -23.14
N GLU RB 86 9.88 91.12 -21.99
CA GLU RB 86 11.24 91.22 -21.47
C GLU RB 86 11.76 89.86 -21.05
N LYS RB 87 10.89 88.99 -20.55
CA LYS RB 87 11.33 87.67 -20.14
C LYS RB 87 11.63 86.77 -21.33
N TRP RB 88 10.83 86.89 -22.40
CA TRP RB 88 11.09 86.10 -23.60
C TRP RB 88 12.42 86.47 -24.23
N GLN RB 89 12.72 87.77 -24.33
CA GLN RB 89 13.98 88.18 -24.92
C GLN RB 89 15.16 87.93 -24.00
N ASN RB 90 14.91 87.79 -22.70
CA ASN RB 90 15.95 87.35 -21.78
C ASN RB 90 16.34 85.91 -22.04
N ASN RB 91 15.40 85.09 -22.52
CA ASN RB 91 15.67 83.66 -22.71
C ASN RB 91 16.40 83.38 -24.01
N LEU RB 92 15.93 83.93 -25.12
CA LEU RB 92 16.31 83.45 -26.44
C LEU RB 92 16.99 84.51 -27.30
N LEU RB 93 17.64 85.49 -26.69
CA LEU RB 93 18.50 86.40 -27.43
C LEU RB 93 19.89 86.42 -26.82
N PRO RB 94 20.93 86.62 -27.62
CA PRO RB 94 22.31 86.54 -27.11
C PRO RB 94 22.64 87.65 -26.14
N SER RB 95 22.38 88.90 -26.53
CA SER RB 95 22.68 90.04 -25.69
C SER RB 95 21.57 91.07 -25.85
N ARG RB 96 21.72 92.19 -25.16
CA ARG RB 96 20.72 93.26 -25.17
C ARG RB 96 20.95 94.28 -26.28
N GLN RB 97 22.04 94.18 -27.02
CA GLN RB 97 22.34 95.14 -28.08
C GLN RB 97 21.80 94.72 -29.44
N PHE RB 98 21.89 93.43 -29.76
CA PHE RB 98 21.48 92.92 -31.06
C PHE RB 98 20.60 91.69 -30.87
N GLY RB 99 20.01 91.23 -31.96
CA GLY RB 99 19.06 90.15 -31.93
C GLY RB 99 17.64 90.65 -31.85
N PHE RB 100 16.73 89.90 -32.47
CA PHE RB 100 15.34 90.34 -32.59
C PHE RB 100 14.38 89.17 -32.45
N ILE RB 101 13.24 89.44 -31.83
CA ILE RB 101 12.14 88.49 -31.75
C ILE RB 101 11.04 88.99 -32.68
N VAL RB 102 10.72 88.22 -33.71
CA VAL RB 102 9.63 88.55 -34.60
C VAL RB 102 8.35 87.98 -34.03
N LEU RB 103 7.33 88.83 -33.91
CA LEU RB 103 6.06 88.41 -33.31
C LEU RB 103 4.93 89.17 -34.00
N THR RB 104 3.90 88.43 -34.40
CA THR RB 104 2.80 89.05 -35.12
C THR RB 104 1.83 89.71 -34.14
N THR RB 105 1.42 90.93 -34.46
CA THR RB 105 0.42 91.66 -33.72
C THR RB 105 -0.72 92.02 -34.66
N SER RB 106 -1.76 92.63 -34.11
CA SER RB 106 -2.83 93.16 -34.95
C SER RB 106 -2.32 94.26 -35.88
N ALA RB 107 -1.20 94.88 -35.55
CA ALA RB 107 -0.58 95.86 -36.43
C ALA RB 107 0.25 95.25 -37.53
N GLY RB 108 0.52 93.96 -37.47
CA GLY RB 108 1.26 93.25 -38.51
C GLY RB 108 2.44 92.50 -37.94
N ILE RB 109 3.05 91.69 -38.81
CA ILE RB 109 4.26 90.95 -38.43
C ILE RB 109 5.42 91.92 -38.31
N MET RB 110 6.10 91.88 -37.17
CA MET RB 110 7.07 92.93 -36.87
C MET RB 110 7.82 92.54 -35.60
N ASP RB 111 9.07 93.00 -35.50
CA ASP RB 111 9.95 92.54 -34.43
C ASP RB 111 9.70 93.30 -33.13
N HIS RB 112 10.42 92.87 -32.09
CA HIS RB 112 10.02 93.16 -30.72
C HIS RB 112 10.32 94.61 -30.32
N GLU RB 113 11.45 95.16 -30.77
CA GLU RB 113 11.87 96.47 -30.26
C GLU RB 113 10.86 97.56 -30.57
N GLU RB 114 10.37 97.57 -31.80
CA GLU RB 114 9.36 98.53 -32.23
C GLU RB 114 7.94 98.06 -31.95
N ALA RB 115 7.72 96.76 -31.77
CA ALA RB 115 6.42 96.32 -31.29
C ALA RB 115 6.14 96.91 -29.93
N ARG RB 116 7.18 97.03 -29.09
CA ARG RB 116 7.09 97.82 -27.88
C ARG RB 116 6.94 99.31 -28.16
N ARG RB 117 7.43 99.79 -29.30
CA ARG RB 117 7.39 101.22 -29.60
C ARG RB 117 5.98 101.70 -29.92
N LYS RB 118 5.08 100.81 -30.35
CA LYS RB 118 3.68 101.19 -30.54
C LYS RB 118 2.75 100.46 -29.59
N HIS RB 119 3.28 99.82 -28.55
CA HIS RB 119 2.50 99.36 -27.40
C HIS RB 119 1.43 98.34 -27.84
N THR RB 120 1.90 97.25 -28.42
CA THR RB 120 1.03 96.16 -28.84
C THR RB 120 1.66 94.83 -28.49
N GLY RB 121 0.89 93.95 -27.86
CA GLY RB 121 1.30 92.58 -27.69
C GLY RB 121 1.03 91.78 -28.95
N GLY RB 122 1.36 90.50 -28.90
CA GLY RB 122 1.13 89.67 -30.06
C GLY RB 122 1.47 88.22 -29.80
N LYS RB 123 1.66 87.49 -30.90
CA LYS RB 123 2.00 86.08 -30.86
C LYS RB 123 3.41 85.90 -31.38
N ILE RB 124 4.23 85.16 -30.63
CA ILE RB 124 5.63 85.01 -31.00
C ILE RB 124 5.77 84.06 -32.18
N LEU RB 125 6.60 84.43 -33.15
CA LEU RB 125 6.87 83.62 -34.33
C LEU RB 125 8.27 83.02 -34.32
N GLY RB 126 9.29 83.83 -34.10
CA GLY RB 126 10.64 83.32 -34.13
C GLY RB 126 11.63 84.38 -33.73
N PHE RB 127 12.91 84.07 -33.96
CA PHE RB 127 13.99 84.98 -33.63
C PHE RB 127 15.11 84.81 -34.64
N PHE RB 128 15.95 85.84 -34.75
CA PHE RB 128 17.13 85.73 -35.58
C PHE RB 128 18.22 86.64 -35.02
N PHE RB 129 19.46 86.27 -35.33
CA PHE RB 129 20.62 87.04 -34.93
C PHE RB 129 21.88 86.50 -35.60
N GLY SB 1 10.59 68.25 -23.13
CA GLY SB 1 9.24 67.96 -23.57
C GLY SB 1 9.17 67.38 -24.97
N LYS SB 2 8.24 66.45 -25.19
CA LYS SB 2 8.06 65.81 -26.49
C LYS SB 2 6.86 66.34 -27.26
N CYS SB 3 5.74 66.55 -26.58
CA CYS SB 3 4.52 67.06 -27.21
C CYS SB 3 4.42 68.56 -26.93
N ARG SB 4 4.18 69.35 -27.98
CA ARG SB 4 4.32 70.79 -27.91
C ARG SB 4 3.12 71.50 -28.55
N GLY SB 5 1.93 71.05 -28.24
CA GLY SB 5 0.75 71.74 -28.71
C GLY SB 5 0.25 72.74 -27.69
N LEU SB 6 -0.55 73.71 -28.17
CA LEU SB 6 -1.14 74.69 -27.26
C LEU SB 6 -2.18 74.08 -26.34
N ARG SB 7 -2.85 73.02 -26.79
CA ARG SB 7 -3.98 72.44 -26.08
C ARG SB 7 -3.63 71.07 -25.51
N THR SB 8 -2.41 70.92 -25.04
CA THR SB 8 -1.90 69.65 -24.53
C THR SB 8 -1.49 69.76 -23.07
N ALA SB 9 -2.16 70.62 -22.30
CA ALA SB 9 -1.81 70.77 -20.90
C ALA SB 9 -2.25 69.59 -20.07
N ARG SB 10 -3.38 68.96 -20.42
CA ARG SB 10 -3.82 67.78 -19.70
C ARG SB 10 -2.88 66.60 -19.96
N LYS SB 11 -2.39 66.48 -21.19
CA LYS SB 11 -1.43 65.43 -21.52
C LYS SB 11 -0.15 65.60 -20.72
N LEU SB 12 0.43 66.80 -20.74
CA LEU SB 12 1.69 67.03 -20.07
C LEU SB 12 1.56 66.89 -18.55
N ARG SB 13 0.48 67.42 -17.98
CA ARG SB 13 0.34 67.39 -16.53
C ARG SB 13 0.13 65.98 -16.02
N SER SB 14 -0.76 65.22 -16.67
CA SER SB 14 -1.04 63.87 -16.21
C SER SB 14 0.09 62.90 -16.47
N HIS SB 15 1.09 63.30 -17.26
CA HIS SB 15 2.28 62.49 -17.43
C HIS SB 15 3.31 62.74 -16.34
N ARG SB 16 3.33 63.94 -15.75
CA ARG SB 16 4.16 64.18 -14.58
C ARG SB 16 3.72 63.33 -13.40
N ARG SB 17 2.42 63.21 -13.18
CA ARG SB 17 1.94 62.45 -12.02
C ARG SB 17 2.40 61.01 -12.09
N ASP SB 18 2.26 60.38 -13.26
CA ASP SB 18 2.66 58.99 -13.39
C ASP SB 18 4.16 58.83 -13.16
N GLN SB 19 4.96 59.72 -13.73
CA GLN SB 19 6.40 59.55 -13.71
C GLN SB 19 7.04 60.05 -12.42
N LYS SB 20 6.30 60.78 -11.59
CA LYS SB 20 6.82 61.15 -10.28
C LYS SB 20 6.80 59.99 -9.31
N TRP SB 21 5.96 58.99 -9.56
CA TRP SB 21 5.91 57.82 -8.69
C TRP SB 21 7.09 56.89 -8.88
N HIS SB 22 7.87 57.05 -9.94
CA HIS SB 22 9.11 56.31 -10.09
C HIS SB 22 10.29 57.01 -9.44
N ASP SB 23 10.06 58.18 -8.84
CA ASP SB 23 11.10 58.84 -8.06
C ASP SB 23 11.09 58.21 -6.66
N LYS SB 24 12.24 57.71 -6.23
CA LYS SB 24 12.28 56.94 -4.99
C LYS SB 24 11.95 57.80 -3.78
N GLN SB 25 12.47 59.02 -3.72
CA GLN SB 25 12.22 59.87 -2.57
C GLN SB 25 10.78 60.39 -2.57
N TYR SB 26 10.23 60.66 -3.74
CA TYR SB 26 8.80 61.00 -3.82
C TYR SB 26 7.94 59.82 -3.43
N LYS SB 27 8.36 58.61 -3.80
CA LYS SB 27 7.55 57.42 -3.59
C LYS SB 27 7.31 57.17 -2.10
N LYS SB 28 8.33 57.37 -1.26
CA LYS SB 28 8.21 57.02 0.14
C LYS SB 28 7.56 58.11 0.99
N ALA SB 29 7.70 59.37 0.60
CA ALA SB 29 7.10 60.45 1.39
C ALA SB 29 5.60 60.54 1.17
N HIS SB 30 5.11 60.14 0.00
CA HIS SB 30 3.70 60.29 -0.34
C HIS SB 30 2.96 58.96 -0.32
N LEU SB 31 3.55 57.91 0.23
CA LEU SB 31 2.86 56.67 0.53
C LEU SB 31 2.88 56.42 2.03
N GLY SB 32 1.85 55.74 2.53
CA GLY SB 32 1.81 55.41 3.93
C GLY SB 32 2.61 54.20 4.33
N THR SB 33 3.18 53.47 3.37
CA THR SB 33 3.93 52.27 3.70
C THR SB 33 5.23 52.62 4.43
N ALA SB 34 5.88 53.70 4.03
CA ALA SB 34 7.13 54.09 4.68
C ALA SB 34 6.87 54.68 6.06
N LEU SB 35 5.79 55.44 6.21
CA LEU SB 35 5.50 56.08 7.49
C LEU SB 35 5.13 55.05 8.55
N LYS SB 36 4.38 54.01 8.18
CA LYS SB 36 4.01 52.98 9.15
C LYS SB 36 5.16 52.05 9.49
N ALA SB 37 6.17 51.95 8.61
CA ALA SB 37 7.34 51.16 8.91
C ALA SB 37 8.30 51.88 9.85
N ASN SB 38 8.18 53.19 9.99
CA ASN SB 38 9.05 53.94 10.88
C ASN SB 38 8.72 53.62 12.32
N PRO SB 39 9.68 53.17 13.13
CA PRO SB 39 9.40 52.98 14.56
C PRO SB 39 8.99 54.25 15.27
N PHE SB 40 9.56 55.39 14.88
CA PHE SB 40 9.25 56.65 15.54
C PHE SB 40 7.85 57.16 15.21
N GLY SB 41 7.27 56.71 14.11
CA GLY SB 41 5.99 57.23 13.67
C GLY SB 41 6.06 58.55 12.96
N GLY SB 42 7.24 59.00 12.57
CA GLY SB 42 7.41 60.30 11.96
C GLY SB 42 7.94 61.38 12.87
N ALA SB 43 8.30 61.03 14.10
CA ALA SB 43 8.86 61.99 15.04
C ALA SB 43 10.37 62.05 14.93
N SER SB 44 10.95 63.13 15.47
CA SER SB 44 12.39 63.26 15.47
C SER SB 44 13.05 62.51 16.62
N HIS SB 45 12.37 62.43 17.76
CA HIS SB 45 12.87 61.72 18.93
C HIS SB 45 11.78 60.81 19.47
N ALA SB 46 12.19 59.88 20.32
CA ALA SB 46 11.24 59.01 21.00
C ALA SB 46 11.88 58.48 22.28
N LYS SB 47 11.06 58.24 23.29
CA LYS SB 47 11.52 57.68 24.55
C LYS SB 47 11.10 56.22 24.66
N GLY SB 48 11.94 55.45 25.35
CA GLY SB 48 11.69 54.03 25.51
C GLY SB 48 12.42 53.50 26.72
N ILE SB 49 12.12 52.25 27.05
CA ILE SB 49 12.69 51.58 28.21
C ILE SB 49 13.78 50.62 27.74
N VAL SB 50 14.88 50.57 28.48
CA VAL SB 50 15.99 49.69 28.16
C VAL SB 50 15.60 48.24 28.45
N LEU SB 51 15.75 47.38 27.45
CA LEU SB 51 15.49 45.95 27.64
C LEU SB 51 16.76 45.18 27.99
N GLU SB 52 17.85 45.44 27.27
CA GLU SB 52 19.09 44.72 27.51
C GLU SB 52 20.23 45.47 26.83
N LYS SB 53 21.45 45.16 27.24
CA LYS SB 53 22.66 45.78 26.72
C LYS SB 53 23.38 44.78 25.83
N VAL SB 54 23.62 45.17 24.57
CA VAL SB 54 24.12 44.25 23.57
C VAL SB 54 25.27 44.92 22.81
N GLY SB 55 26.15 44.09 22.26
CA GLY SB 55 27.24 44.57 21.45
C GLY SB 55 27.33 43.82 20.13
N VAL SB 56 27.42 44.56 19.03
CA VAL SB 56 27.45 43.96 17.70
C VAL SB 56 28.85 44.09 17.14
N GLU SB 57 29.21 43.14 16.28
CA GLU SB 57 30.43 43.26 15.49
C GLU SB 57 30.25 44.38 14.48
N ALA SB 58 31.35 44.84 13.89
CA ALA SB 58 31.17 46.03 13.07
C ALA SB 58 30.89 45.69 11.62
N LYS SB 59 31.92 45.27 10.88
CA LYS SB 59 31.84 45.01 9.44
C LYS SB 59 33.18 44.48 8.94
N GLN SB 60 33.27 44.17 7.65
CA GLN SB 60 34.40 43.41 7.14
C GLN SB 60 35.75 44.10 7.34
N PRO SB 61 35.97 45.36 6.91
CA PRO SB 61 37.31 45.93 7.09
C PRO SB 61 37.61 46.34 8.52
N ASN SB 62 36.60 46.79 9.26
CA ASN SB 62 36.78 47.17 10.64
C ASN SB 62 36.75 45.95 11.55
N SER SB 63 37.09 46.18 12.82
CA SER SB 63 37.01 45.11 13.81
C SER SB 63 36.89 45.78 15.18
N ALA SB 64 35.67 45.85 15.70
CA ALA SB 64 35.42 46.39 17.02
C ALA SB 64 34.01 46.00 17.43
N ILE SB 65 33.79 45.94 18.75
CA ILE SB 65 32.47 45.64 19.29
C ILE SB 65 31.76 46.95 19.55
N ARG SB 66 30.64 47.15 18.86
CA ARG SB 66 29.88 48.39 18.96
C ARG SB 66 28.90 48.27 20.12
N LYS SB 67 29.10 49.09 21.15
CA LYS SB 67 28.26 49.04 22.35
C LYS SB 67 26.89 49.61 22.01
N CYS SB 68 25.87 48.76 22.08
CA CYS SB 68 24.51 49.14 21.75
C CYS SB 68 23.57 48.80 22.90
N VAL SB 69 22.33 49.26 22.79
CA VAL SB 69 21.31 48.96 23.77
C VAL SB 69 20.00 48.65 23.03
N ARG SB 70 19.32 47.61 23.47
CA ARG SB 70 18.04 47.22 22.89
C ARG SB 70 16.93 47.88 23.69
N VAL SB 71 16.20 48.80 23.05
CA VAL SB 71 15.23 49.63 23.74
C VAL SB 71 13.86 49.41 23.12
N GLN SB 72 12.83 49.46 23.98
CA GLN SB 72 11.44 49.26 23.57
C GLN SB 72 10.71 50.58 23.71
N LEU SB 73 10.15 51.05 22.60
CA LEU SB 73 9.52 52.36 22.58
C LEU SB 73 8.22 52.36 23.38
N ILE SB 74 7.85 53.56 23.85
CA ILE SB 74 6.68 53.71 24.71
C ILE SB 74 5.41 53.93 23.91
N LYS SB 75 5.46 54.78 22.89
CA LYS SB 75 4.25 55.10 22.13
C LYS SB 75 3.75 53.90 21.33
N ASN SB 76 4.62 52.97 20.98
CA ASN SB 76 4.26 51.83 20.15
C ASN SB 76 4.47 50.50 20.83
N GLY SB 77 5.52 50.35 21.63
CA GLY SB 77 5.96 49.05 22.08
C GLY SB 77 6.91 48.36 21.13
N LYS SB 78 7.28 49.00 20.04
CA LYS SB 78 8.23 48.42 19.10
C LYS SB 78 9.63 48.40 19.69
N LYS SB 79 10.40 47.39 19.32
CA LYS SB 79 11.74 47.18 19.86
C LYS SB 79 12.77 47.51 18.79
N ILE SB 80 13.67 48.44 19.13
CA ILE SB 80 14.71 48.90 18.22
C ILE SB 80 16.05 48.76 18.93
N THR SB 81 17.13 48.93 18.16
CA THR SB 81 18.48 48.90 18.69
C THR SB 81 19.10 50.27 18.55
N ALA SB 82 19.52 50.85 19.66
CA ALA SB 82 20.16 52.16 19.67
C ALA SB 82 21.63 51.99 20.03
N PHE SB 83 22.43 52.99 19.68
CA PHE SB 83 23.88 52.93 19.82
C PHE SB 83 24.32 53.98 20.83
N VAL SB 84 24.82 53.53 21.98
CA VAL SB 84 25.37 54.44 22.98
C VAL SB 84 26.61 55.06 22.36
N PRO SB 85 26.58 56.35 22.01
CA PRO SB 85 27.58 56.89 21.08
C PRO SB 85 29.02 56.87 21.60
N ASN SB 86 29.28 57.51 22.73
CA ASN SB 86 30.63 57.95 23.01
C ASN SB 86 31.40 56.87 23.77
N ASP SB 87 32.63 57.19 24.18
CA ASP SB 87 33.58 56.20 24.65
C ASP SB 87 33.33 55.90 26.13
N GLY SB 88 32.87 54.68 26.41
CA GLY SB 88 32.61 54.27 27.77
C GLY SB 88 31.28 54.71 28.34
N CYS SB 89 30.46 55.40 27.55
CA CYS SB 89 29.18 55.89 28.04
C CYS SB 89 28.19 54.79 28.35
N LEU SB 90 28.47 53.55 27.94
CA LEU SB 90 27.54 52.45 28.18
C LEU SB 90 27.34 52.18 29.67
N ASN SB 91 28.30 52.59 30.51
CA ASN SB 91 28.16 52.36 31.95
C ASN SB 91 26.96 53.11 32.53
N PHE SB 92 26.72 54.32 32.04
CA PHE SB 92 25.63 55.13 32.58
C PHE SB 92 24.25 54.57 32.29
N ILE SB 93 24.12 53.62 31.37
CA ILE SB 93 22.84 53.02 31.02
C ILE SB 93 22.73 51.67 31.70
N GLU SB 94 21.69 51.51 32.52
CA GLU SB 94 21.37 50.25 33.16
C GLU SB 94 20.02 49.75 32.65
N GLU SB 95 19.74 48.47 32.91
CA GLU SB 95 18.48 47.89 32.49
C GLU SB 95 17.31 48.55 33.22
N ASN SB 96 16.17 48.60 32.53
CA ASN SB 96 14.92 49.12 33.09
C ASN SB 96 15.09 50.58 33.53
N ASP SB 97 15.35 51.43 32.55
CA ASP SB 97 15.27 52.87 32.76
C ASP SB 97 14.91 53.54 31.43
N GLU SB 98 14.52 54.80 31.53
CA GLU SB 98 13.94 55.53 30.41
C GLU SB 98 15.03 56.35 29.72
N VAL SB 99 15.11 56.22 28.40
CA VAL SB 99 16.10 56.93 27.60
C VAL SB 99 15.41 57.66 26.47
N LEU SB 100 16.06 58.71 25.98
CA LEU SB 100 15.59 59.47 24.83
C LEU SB 100 16.45 59.12 23.62
N VAL SB 101 15.81 58.71 22.54
CA VAL SB 101 16.49 58.22 21.34
C VAL SB 101 16.24 59.19 20.20
N ALA SB 102 17.23 59.30 19.31
CA ALA SB 102 17.11 60.12 18.12
C ALA SB 102 17.67 59.35 16.93
N GLY SB 103 17.38 59.85 15.73
CA GLY SB 103 17.92 59.26 14.54
C GLY SB 103 19.43 59.35 14.50
N PHE SB 104 20.05 58.47 13.73
CA PHE SB 104 21.50 58.35 13.74
C PHE SB 104 22.16 59.10 12.61
N GLY SB 105 21.40 59.75 11.73
CA GLY SB 105 22.01 60.70 10.82
C GLY SB 105 21.55 60.69 9.37
N ARG SB 106 21.04 59.56 8.88
CA ARG SB 106 20.84 59.44 7.45
C ARG SB 106 19.39 59.06 7.12
N LYS SB 107 18.44 59.50 7.93
CA LYS SB 107 17.02 59.39 7.61
C LYS SB 107 16.59 57.93 7.47
N GLY SB 108 16.82 57.16 8.53
CA GLY SB 108 16.42 55.77 8.53
C GLY SB 108 17.37 54.81 7.86
N HIS SB 109 18.55 55.27 7.47
CA HIS SB 109 19.55 54.45 6.81
C HIS SB 109 20.65 54.08 7.81
N ALA SB 110 21.20 52.88 7.66
CA ALA SB 110 22.33 52.47 8.48
C ALA SB 110 23.54 53.36 8.20
N VAL SB 111 24.33 53.60 9.23
CA VAL SB 111 25.43 54.57 9.18
C VAL SB 111 26.71 53.89 9.65
N GLY SB 112 27.78 54.05 8.87
CA GLY SB 112 29.10 53.62 9.28
C GLY SB 112 29.22 52.11 9.39
N ASP SB 113 30.10 51.67 10.28
CA ASP SB 113 30.39 50.26 10.40
C ASP SB 113 29.36 49.49 11.22
N ILE SB 114 28.46 50.17 11.93
CA ILE SB 114 27.52 49.43 12.76
C ILE SB 114 26.47 48.85 11.82
N PRO SB 115 26.26 47.54 11.80
CA PRO SB 115 25.30 46.94 10.86
C PRO SB 115 23.86 47.07 11.37
N GLY SB 116 23.03 47.76 10.58
CA GLY SB 116 21.61 47.81 10.82
C GLY SB 116 21.10 48.48 12.08
N VAL SB 117 21.59 49.68 12.40
CA VAL SB 117 21.00 50.51 13.44
C VAL SB 117 20.65 51.85 12.82
N ARG SB 118 19.51 52.40 13.23
CA ARG SB 118 19.06 53.69 12.72
C ARG SB 118 18.96 54.74 13.81
N PHE SB 119 19.40 54.43 15.03
CA PHE SB 119 19.05 55.23 16.19
C PHE SB 119 20.25 55.38 17.11
N LYS SB 120 20.17 56.39 17.98
CA LYS SB 120 21.26 56.77 18.86
C LYS SB 120 20.66 57.31 20.15
N VAL SB 121 21.41 57.18 21.24
CA VAL SB 121 20.96 57.62 22.56
C VAL SB 121 21.52 58.99 22.84
N VAL SB 122 20.68 59.90 23.32
CA VAL SB 122 21.11 61.26 23.61
C VAL SB 122 20.91 61.60 25.07
N LYS SB 123 19.95 60.96 25.73
CA LYS SB 123 19.65 61.22 27.13
C LYS SB 123 19.23 59.93 27.80
N VAL SB 124 19.75 59.69 29.00
CA VAL SB 124 19.37 58.56 29.83
C VAL SB 124 18.91 59.10 31.19
N ALA SB 125 17.77 58.61 31.66
CA ALA SB 125 17.22 59.00 32.96
C ALA SB 125 17.02 60.51 33.06
N ASN SB 126 16.60 61.12 31.95
CA ASN SB 126 16.28 62.55 31.88
C ASN SB 126 17.48 63.44 32.19
N VAL SB 127 18.70 62.95 31.98
CA VAL SB 127 19.91 63.76 32.11
C VAL SB 127 20.75 63.52 30.87
N SER SB 128 21.27 64.60 30.28
CA SER SB 128 21.92 64.52 28.99
C SER SB 128 23.13 63.60 29.03
N LEU SB 129 23.27 62.76 28.01
CA LEU SB 129 24.37 61.82 27.96
C LEU SB 129 25.70 62.53 27.73
N LEU SB 130 25.68 63.63 26.98
CA LEU SB 130 26.91 64.41 26.80
C LEU SB 130 27.34 65.09 28.10
N ALA SB 131 26.38 65.46 28.95
CA ALA SB 131 26.74 66.06 30.23
C ALA SB 131 27.39 65.04 31.16
N LEU SB 132 26.97 63.77 31.08
CA LEU SB 132 27.61 62.74 31.89
C LEU SB 132 29.05 62.48 31.43
N TYR SB 133 29.28 62.51 30.13
CA TYR SB 133 30.64 62.34 29.62
C TYR SB 133 31.55 63.47 30.12
N LYS SB 134 31.06 64.70 30.04
CA LYS SB 134 31.85 65.86 30.46
C LYS SB 134 31.95 65.99 31.97
N GLY SB 135 31.18 65.23 32.73
CA GLY SB 135 31.19 65.34 34.17
C GLY SB 135 30.47 66.54 34.73
N LYS SB 136 29.70 67.25 33.90
CA LYS SB 136 28.98 68.42 34.39
C LYS SB 136 27.80 68.05 35.26
N LYS SB 137 27.23 66.86 35.06
CA LYS SB 137 26.13 66.38 35.88
C LYS SB 137 26.35 64.90 36.18
N GLU SB 138 25.69 64.42 37.23
CA GLU SB 138 25.82 63.05 37.69
C GLU SB 138 24.45 62.38 37.66
N ARG SB 139 24.46 61.06 37.71
CA ARG SB 139 23.22 60.31 37.64
C ARG SB 139 22.32 60.64 38.82
N PRO SB 140 21.06 60.95 38.59
CA PRO SB 140 20.16 61.24 39.72
C PRO SB 140 19.80 59.99 40.49
N ARG SB 141 20.35 59.85 41.70
CA ARG SB 141 20.08 58.69 42.53
C ARG SB 141 19.09 59.02 43.63
N THR TB 1 16.59 127.62 35.31
CA THR TB 1 17.15 126.70 34.33
C THR TB 1 16.02 125.93 33.63
N VAL TB 2 15.06 125.47 34.42
CA VAL TB 2 13.89 124.78 33.88
C VAL TB 2 13.03 125.79 33.14
N THR TB 3 12.80 125.54 31.86
CA THR TB 3 11.97 126.40 31.01
C THR TB 3 11.01 125.54 30.23
N ILE TB 4 9.73 125.92 30.23
CA ILE TB 4 8.70 125.14 29.56
C ILE TB 4 8.13 125.97 28.42
N ARG TB 5 7.76 125.27 27.35
CA ARG TB 5 7.11 125.87 26.20
C ARG TB 5 5.94 125.00 25.78
N THR TB 6 4.98 125.61 25.08
CA THR TB 6 3.77 124.92 24.67
C THR TB 6 3.66 124.94 23.15
N ARG TB 7 3.37 123.78 22.58
CA ARG TB 7 3.06 123.63 21.17
C ARG TB 7 1.62 123.18 21.02
N LYS TB 8 1.11 123.30 19.79
CA LYS TB 8 -0.19 122.74 19.41
C LYS TB 8 -1.28 123.18 20.38
N PHE TB 9 -1.21 124.43 20.82
CA PHE TB 9 -2.25 124.96 21.70
C PHE TB 9 -3.56 125.07 20.95
N MET TB 10 -4.66 124.74 21.65
CA MET TB 10 -5.98 124.75 21.04
C MET TB 10 -7.04 124.75 22.13
N THR TB 11 -7.98 125.67 22.07
CA THR TB 11 -9.05 125.77 23.06
C THR TB 11 -10.30 125.09 22.52
N ASN TB 12 -10.75 124.06 23.22
CA ASN TB 12 -12.05 123.47 22.96
C ASN TB 12 -13.04 123.91 24.04
N ARG TB 13 -14.00 124.73 23.65
CA ARG TB 13 -14.96 125.27 24.59
C ARG TB 13 -16.18 124.39 24.77
N LEU TB 14 -16.30 123.33 23.96
CA LEU TB 14 -17.34 122.34 24.15
C LEU TB 14 -16.95 121.31 25.21
N LEU TB 15 -15.71 121.36 25.70
CA LEU TB 15 -15.30 120.66 26.91
C LEU TB 15 -14.76 121.64 27.96
N GLN TB 16 -14.87 122.94 27.72
CA GLN TB 16 -14.47 123.97 28.66
C GLN TB 16 -13.02 123.79 29.11
N ARG TB 17 -12.14 123.55 28.14
CA ARG TB 17 -10.73 123.35 28.41
C ARG TB 17 -9.87 124.25 27.54
N LYS TB 18 -8.55 124.06 27.63
CA LYS TB 18 -7.63 124.45 26.58
C LYS TB 18 -6.39 123.58 26.74
N GLN TB 19 -6.11 122.75 25.75
CA GLN TB 19 -5.11 121.71 25.88
C GLN TB 19 -3.95 121.93 24.91
N MET TB 20 -2.77 121.52 25.33
CA MET TB 20 -1.56 121.73 24.56
C MET TB 20 -0.56 120.64 24.92
N VAL TB 21 0.45 120.49 24.08
CA VAL TB 21 1.59 119.61 24.37
C VAL TB 21 2.69 120.46 24.97
N ILE TB 22 3.22 120.01 26.10
CA ILE TB 22 4.22 120.78 26.85
C ILE TB 22 5.60 120.22 26.56
N ASP TB 23 6.53 121.10 26.24
CA ASP TB 23 7.92 120.75 26.07
C ASP TB 23 8.73 121.36 27.21
N VAL TB 24 9.51 120.54 27.89
CA VAL TB 24 10.27 120.96 29.06
C VAL TB 24 11.74 120.76 28.77
N LEU TB 25 12.53 121.82 28.94
CA LEU TB 25 13.98 121.77 28.79
C LEU TB 25 14.59 121.85 30.18
N HIS TB 26 15.11 120.73 30.66
CA HIS TB 26 15.72 120.62 31.99
C HIS TB 26 17.11 120.01 31.85
N PRO TB 27 18.06 120.77 31.30
CA PRO TB 27 19.39 120.19 31.03
C PRO TB 27 20.12 119.84 32.32
N GLY TB 28 20.54 118.58 32.42
CA GLY TB 28 21.36 118.13 33.52
C GLY TB 28 20.60 117.65 34.74
N LYS TB 29 19.29 117.84 34.81
CA LYS TB 29 18.49 117.47 35.96
C LYS TB 29 17.63 116.25 35.65
N ALA TB 30 17.13 115.64 36.72
CA ALA TB 30 16.16 114.58 36.56
C ALA TB 30 14.84 115.16 36.06
N THR TB 31 13.95 114.28 35.61
CA THR TB 31 12.66 114.72 35.09
C THR TB 31 11.92 115.55 36.14
N VAL TB 32 11.44 116.72 35.73
CA VAL TB 32 10.85 117.64 36.69
C VAL TB 32 9.53 117.09 37.19
N PRO TB 33 9.27 117.12 38.50
CA PRO TB 33 7.98 116.62 39.01
C PRO TB 33 6.82 117.45 38.45
N LYS TB 34 5.68 116.78 38.27
CA LYS TB 34 4.52 117.44 37.70
C LYS TB 34 4.03 118.58 38.57
N THR TB 35 4.08 118.41 39.89
CA THR TB 35 3.63 119.45 40.79
C THR TB 35 4.43 120.74 40.62
N GLU TB 36 5.67 120.63 40.15
CA GLU TB 36 6.50 121.82 39.99
C GLU TB 36 6.08 122.63 38.77
N ILE TB 37 5.73 121.98 37.66
CA ILE TB 37 5.43 122.72 36.45
C ILE TB 37 3.97 123.16 36.38
N ARG TB 38 3.08 122.53 37.15
CA ARG TB 38 1.72 123.07 37.25
C ARG TB 38 1.74 124.48 37.82
N GLU TB 39 2.73 124.79 38.66
CA GLU TB 39 2.96 126.18 39.04
C GLU TB 39 3.37 127.00 37.82
N LYS TB 40 4.35 126.51 37.06
CA LYS TB 40 4.88 127.29 35.96
C LYS TB 40 3.83 127.56 34.89
N LEU TB 41 2.98 126.57 34.61
CA LEU TB 41 1.85 126.81 33.73
C LEU TB 41 0.89 127.84 34.33
N ALA TB 42 0.68 127.77 35.64
CA ALA TB 42 -0.22 128.72 36.30
C ALA TB 42 0.31 130.14 36.15
N LYS TB 43 1.61 130.34 36.33
CA LYS TB 43 2.18 131.66 36.10
C LYS TB 43 2.14 132.04 34.63
N MET TB 44 2.32 131.06 33.75
CA MET TB 44 2.35 131.34 32.32
C MET TB 44 0.97 131.67 31.77
N TYR TB 45 -0.08 131.04 32.32
CA TYR TB 45 -1.42 131.19 31.76
C TYR TB 45 -2.37 131.92 32.69
N LYS TB 46 -1.85 132.58 33.72
CA LYS TB 46 -2.62 133.53 34.53
C LYS TB 46 -3.83 132.88 35.19
N THR TB 47 -3.59 131.77 35.89
CA THR TB 47 -4.67 131.05 36.55
C THR TB 47 -4.14 130.36 37.79
N THR TB 48 -5.07 129.84 38.59
CA THR TB 48 -4.71 129.10 39.79
C THR TB 48 -4.23 127.69 39.41
N PRO TB 49 -3.23 127.16 40.12
CA PRO TB 49 -2.63 125.88 39.70
C PRO TB 49 -3.50 124.65 39.97
N ASP TB 50 -4.61 124.76 40.69
CA ASP TB 50 -5.37 123.56 41.02
C ASP TB 50 -6.28 123.10 39.88
N VAL TB 51 -6.44 123.90 38.83
CA VAL TB 51 -7.20 123.51 37.66
C VAL TB 51 -6.27 123.07 36.53
N ILE TB 52 -5.01 122.79 36.84
CA ILE TB 52 -3.99 122.47 35.84
C ILE TB 52 -3.81 120.96 35.83
N PHE TB 53 -3.92 120.35 34.66
CA PHE TB 53 -3.83 118.91 34.53
C PHE TB 53 -2.77 118.57 33.49
N VAL TB 54 -1.81 117.74 33.88
CA VAL TB 54 -0.71 117.34 33.02
C VAL TB 54 -0.51 115.83 33.15
N PHE TB 55 0.05 115.22 32.12
CA PHE TB 55 0.26 113.77 32.11
C PHE TB 55 1.11 113.40 30.91
N GLY TB 56 1.55 112.14 30.90
CA GLY TB 56 2.25 111.58 29.75
C GLY TB 56 3.62 112.16 29.48
N PHE TB 57 4.49 112.16 30.50
CA PHE TB 57 5.80 112.75 30.38
C PHE TB 57 6.82 111.69 29.98
N ARG TB 58 7.50 111.91 28.86
CA ARG TB 58 8.52 111.00 28.38
C ARG TB 58 9.81 111.78 28.17
N THR TB 59 10.88 111.39 28.86
CA THR TB 59 12.15 112.06 28.75
C THR TB 59 12.95 111.45 27.60
N HIS TB 60 13.43 112.29 26.70
CA HIS TB 60 14.14 111.82 25.52
C HIS TB 60 15.48 111.21 25.90
N PHE TB 61 16.00 110.39 24.98
CA PHE TB 61 17.32 109.81 25.19
C PHE TB 61 18.37 110.91 25.03
N GLY TB 62 19.11 111.17 26.11
CA GLY TB 62 20.07 112.25 26.13
C GLY TB 62 19.93 113.10 27.36
N GLY TB 63 18.69 113.35 27.78
CA GLY TB 63 18.44 113.93 29.08
C GLY TB 63 18.40 115.44 29.14
N GLY TB 64 17.76 116.08 28.17
CA GLY TB 64 17.62 117.52 28.23
C GLY TB 64 16.23 117.99 27.90
N LYS TB 65 15.39 117.09 27.38
CA LYS TB 65 14.07 117.48 26.88
C LYS TB 65 13.05 116.45 27.33
N THR TB 66 11.83 116.93 27.58
CA THR TB 66 10.71 116.07 27.96
C THR TB 66 9.45 116.64 27.36
N THR TB 67 8.70 115.80 26.66
CA THR TB 67 7.49 116.21 25.96
C THR TB 67 6.28 115.55 26.60
N GLY TB 68 5.38 116.36 27.17
CA GLY TB 68 4.17 115.86 27.77
C GLY TB 68 2.96 116.62 27.25
N PHE TB 69 1.81 116.25 27.80
CA PHE TB 69 0.52 116.81 27.38
C PHE TB 69 -0.13 117.52 28.56
N GLY TB 70 -0.71 118.68 28.29
CA GLY TB 70 -1.31 119.48 29.34
C GLY TB 70 -2.63 120.04 28.87
N MET TB 71 -3.45 120.43 29.84
CA MET TB 71 -4.81 120.88 29.58
C MET TB 71 -5.29 121.72 30.73
N ILE TB 72 -5.89 122.86 30.41
CA ILE TB 72 -6.18 123.92 31.36
C ILE TB 72 -7.69 124.10 31.43
N TYR TB 73 -8.22 124.25 32.64
CA TYR TB 73 -9.66 124.21 32.85
C TYR TB 73 -10.23 125.57 33.24
N ASP TB 74 -11.46 125.83 32.78
CA ASP TB 74 -12.10 127.11 33.03
C ASP TB 74 -12.49 127.26 34.50
N SER TB 75 -12.85 126.16 35.17
CA SER TB 75 -13.19 126.21 36.59
C SER TB 75 -13.04 124.82 37.16
N LEU TB 76 -12.87 124.77 38.49
CA LEU TB 76 -12.66 123.49 39.14
C LEU TB 76 -13.92 122.65 39.16
N ASP TB 77 -15.10 123.29 39.18
CA ASP TB 77 -16.35 122.53 39.13
C ASP TB 77 -16.57 121.88 37.77
N TYR TB 78 -16.22 122.58 36.70
CA TYR TB 78 -16.22 121.94 35.38
C TYR TB 78 -15.22 120.81 35.32
N ALA TB 79 -14.05 121.00 35.92
CA ALA TB 79 -13.01 119.97 35.90
C ALA TB 79 -13.50 118.68 36.52
N LYS TB 80 -14.16 118.76 37.68
CA LYS TB 80 -14.69 117.55 38.29
C LYS TB 80 -15.80 116.93 37.46
N LYS TB 81 -16.49 117.72 36.63
CA LYS TB 81 -17.61 117.18 35.88
C LYS TB 81 -17.15 116.30 34.73
N ASN TB 82 -16.13 116.72 33.97
CA ASN TB 82 -15.64 115.96 32.83
C ASN TB 82 -14.13 115.79 32.95
N GLU TB 83 -13.72 114.76 33.71
CA GLU TB 83 -12.32 114.40 33.83
C GLU TB 83 -12.24 112.92 34.20
N PRO TB 84 -11.24 112.21 33.71
CA PRO TB 84 -11.03 110.84 34.18
C PRO TB 84 -10.86 110.81 35.68
N LYS TB 85 -11.54 109.85 36.32
CA LYS TB 85 -11.53 109.78 37.77
C LYS TB 85 -10.13 109.51 38.31
N HIS TB 86 -9.34 108.72 37.58
CA HIS TB 86 -7.98 108.45 38.04
C HIS TB 86 -7.11 109.69 38.03
N ARG TB 87 -7.41 110.66 37.15
CA ARG TB 87 -6.60 111.86 37.06
C ARG TB 87 -7.00 112.91 38.09
N LEU TB 88 -8.25 112.87 38.58
CA LEU TB 88 -8.62 113.69 39.73
C LEU TB 88 -7.98 113.14 41.00
N ALA TB 89 -7.87 111.82 41.11
CA ALA TB 89 -7.34 111.21 42.32
C ALA TB 89 -5.87 111.56 42.54
N ARG TB 90 -5.12 111.78 41.46
CA ARG TB 90 -3.74 112.22 41.61
C ARG TB 90 -3.66 113.57 42.30
N HIS TB 91 -4.70 114.40 42.13
CA HIS TB 91 -4.78 115.68 42.82
C HIS TB 91 -5.51 115.60 44.15
N GLY TB 92 -6.18 114.49 44.43
CA GLY TB 92 -6.85 114.29 45.70
C GLY TB 92 -8.35 114.52 45.69
N LEU TB 93 -8.91 115.03 44.59
CA LEU TB 93 -10.32 115.37 44.56
C LEU TB 93 -11.24 114.14 44.50
N TYR TB 94 -10.70 112.96 44.25
CA TYR TB 94 -11.51 111.75 44.16
C TYR TB 94 -10.81 110.63 44.93
N GLU TB 95 -11.61 109.77 45.56
CA GLU TB 95 -11.10 108.58 46.24
C GLU TB 95 -11.94 107.39 45.80
N LYS TB 96 -11.32 106.47 45.06
CA LYS TB 96 -12.03 105.27 44.62
C LYS TB 96 -12.13 104.27 45.75
N LYS TB 97 -13.13 103.39 45.66
CA LYS TB 97 -13.35 102.39 46.69
C LYS TB 97 -12.20 101.39 46.72
N LYS TB 98 -11.92 100.88 47.91
CA LYS TB 98 -10.85 99.91 48.12
C LYS TB 98 -11.37 98.47 48.08
N THR TB 99 -12.42 98.22 47.30
CA THR TB 99 -13.00 96.89 47.16
C THR TB 99 -12.31 96.19 46.01
N SER TB 100 -11.73 95.03 46.28
CA SER TB 100 -11.05 94.27 45.23
C SER TB 100 -12.03 93.84 44.16
N ARG TB 101 -11.54 93.78 42.92
CA ARG TB 101 -12.39 93.33 41.83
C ARG TB 101 -12.84 91.88 42.04
N LYS TB 102 -11.93 91.02 42.47
CA LYS TB 102 -12.29 89.63 42.69
C LYS TB 102 -13.40 89.51 43.73
N GLN TB 103 -13.29 90.29 44.81
CA GLN TB 103 -14.28 90.20 45.88
C GLN TB 103 -15.68 90.53 45.39
N ARG TB 104 -15.79 91.51 44.50
CA ARG TB 104 -17.11 91.90 43.98
C ARG TB 104 -17.75 90.77 43.19
N LYS TB 105 -16.95 89.90 42.58
CA LYS TB 105 -17.51 88.89 41.68
C LYS TB 105 -18.15 87.73 42.43
N GLU TB 106 -17.51 87.19 43.47
CA GLU TB 106 -18.18 86.13 44.22
C GLU TB 106 -19.35 86.64 45.04
N ARG TB 107 -19.36 87.92 45.42
CA ARG TB 107 -20.53 88.46 46.09
C ARG TB 107 -21.70 88.59 45.13
N LYS TB 108 -21.43 88.85 43.85
CA LYS TB 108 -22.48 88.83 42.84
C LYS TB 108 -23.09 87.45 42.70
N ASN TB 109 -22.25 86.42 42.68
CA ASN TB 109 -22.75 85.07 42.46
C ASN TB 109 -23.40 84.47 43.69
N ARG TB 110 -23.17 85.04 44.87
CA ARG TB 110 -23.88 84.57 46.06
C ARG TB 110 -25.27 85.19 46.13
N MET TB 111 -25.39 86.48 45.84
CA MET TB 111 -26.71 87.11 45.78
C MET TB 111 -27.57 86.48 44.70
N LYS TB 112 -26.95 85.90 43.67
CA LYS TB 112 -27.70 85.27 42.59
C LYS TB 112 -28.42 84.02 43.07
N LYS TB 113 -27.84 83.31 44.03
CA LYS TB 113 -28.49 82.10 44.56
C LYS TB 113 -29.79 82.45 45.27
N VAL TB 114 -29.80 83.52 46.04
CA VAL TB 114 -30.91 83.86 46.91
C VAL TB 114 -31.91 84.71 46.14
N ARG TB 115 -33.15 84.72 46.60
CA ARG TB 115 -34.23 85.50 46.00
C ARG TB 115 -34.90 86.34 47.07
N GLY TB 116 -35.41 87.50 46.66
CA GLY TB 116 -36.15 88.37 47.56
C GLY TB 116 -35.25 89.34 48.29
N THR TB 117 -35.80 89.90 49.37
CA THR TB 117 -35.05 90.88 50.17
C THR TB 117 -33.82 90.28 50.85
N ALA TB 118 -33.72 88.96 50.90
CA ALA TB 118 -32.52 88.33 51.45
C ALA TB 118 -31.31 88.45 50.54
N LYS TB 119 -31.49 88.97 49.32
CA LYS TB 119 -30.33 89.31 48.49
C LYS TB 119 -29.40 90.27 49.23
N ALA TB 120 -29.97 91.26 49.92
CA ALA TB 120 -29.15 92.20 50.67
C ALA TB 120 -28.53 91.57 51.90
N ASN TB 121 -29.15 90.52 52.43
CA ASN TB 121 -28.64 89.90 53.65
C ASN TB 121 -27.37 89.11 53.36
N VAL TB 122 -27.35 88.33 52.27
CA VAL TB 122 -26.24 87.43 52.00
C VAL TB 122 -24.93 88.18 51.81
N GLY TB 123 -25.01 89.45 51.42
CA GLY TB 123 -23.81 90.26 51.35
C GLY TB 123 -23.29 90.59 52.74
N ALA TB 124 -22.17 89.99 53.10
CA ALA TB 124 -21.57 90.15 54.43
C ALA TB 124 -22.56 89.83 55.55
N ARG UB 1 72.41 -18.12 -10.18
CA ARG UB 1 71.46 -19.08 -10.76
C ARG UB 1 72.18 -20.35 -11.20
N ASP UB 2 73.32 -20.19 -11.86
CA ASP UB 2 74.17 -21.30 -12.25
C ASP UB 2 75.56 -21.12 -11.65
N LYS UB 3 76.14 -22.23 -11.19
CA LYS UB 3 77.40 -22.21 -10.46
C LYS UB 3 78.44 -23.05 -11.19
N LEU UB 4 79.66 -22.54 -11.25
CA LEU UB 4 80.77 -23.24 -11.89
C LEU UB 4 81.62 -23.93 -10.84
N ASN UB 5 81.97 -25.19 -11.10
CA ASN UB 5 82.83 -25.98 -10.24
C ASN UB 5 84.01 -26.47 -11.08
N ASN UB 6 85.08 -25.68 -11.11
CA ASN UB 6 86.24 -25.95 -11.94
C ASN UB 6 87.32 -26.63 -11.12
N LEU UB 7 87.79 -27.78 -11.59
CA LEU UB 7 88.82 -28.49 -10.85
C LEU UB 7 90.16 -27.79 -10.98
N VAL UB 8 90.95 -27.81 -9.91
CA VAL UB 8 92.19 -27.04 -9.86
C VAL UB 8 93.39 -27.82 -10.38
N LEU UB 9 93.35 -29.14 -10.30
CA LEU UB 9 94.42 -29.99 -10.82
C LEU UB 9 93.82 -31.07 -11.70
N PHE UB 10 94.53 -31.42 -12.76
CA PHE UB 10 94.03 -32.41 -13.71
C PHE UB 10 93.84 -33.76 -13.04
N ASP UB 11 92.67 -34.36 -13.27
CA ASP UB 11 92.57 -35.79 -13.08
C ASP UB 11 93.15 -36.50 -14.31
N LYS UB 12 93.32 -37.82 -14.20
CA LYS UB 12 93.93 -38.55 -15.30
C LYS UB 12 93.04 -38.50 -16.54
N ALA UB 13 91.72 -38.53 -16.35
CA ALA UB 13 90.81 -38.52 -17.48
C ALA UB 13 90.89 -37.21 -18.27
N THR UB 14 91.03 -36.08 -17.57
CA THR UB 14 91.07 -34.78 -18.25
C THR UB 14 92.46 -34.43 -18.77
N TYR UB 15 93.51 -34.99 -18.19
CA TYR UB 15 94.87 -34.62 -18.60
C TYR UB 15 95.13 -35.03 -20.04
N ASP UB 16 94.91 -36.30 -20.37
CA ASP UB 16 95.05 -36.72 -21.76
C ASP UB 16 93.93 -36.14 -22.63
N LYS UB 17 92.77 -35.87 -22.03
CA LYS UB 17 91.72 -35.14 -22.73
C LYS UB 17 92.27 -33.84 -23.31
N LEU UB 18 93.15 -33.18 -22.57
CA LEU UB 18 93.85 -32.01 -23.10
C LEU UB 18 94.88 -32.40 -24.16
N CYS UB 19 95.64 -33.47 -23.90
CA CYS UB 19 96.80 -33.76 -24.73
C CYS UB 19 96.44 -34.21 -26.14
N LYS UB 20 95.19 -34.55 -26.41
CA LYS UB 20 94.82 -35.14 -27.70
C LYS UB 20 94.32 -34.11 -28.71
N GLU UB 21 93.23 -33.40 -28.40
CA GLU UB 21 92.60 -32.54 -29.38
C GLU UB 21 92.89 -31.05 -29.21
N VAL UB 22 93.24 -30.62 -28.00
CA VAL UB 22 93.61 -29.24 -27.75
C VAL UB 22 94.74 -28.80 -28.68
N PRO UB 23 95.78 -29.62 -28.92
CA PRO UB 23 96.78 -29.24 -29.93
C PRO UB 23 96.24 -29.16 -31.35
N ASN UB 24 94.93 -29.32 -31.56
CA ASN UB 24 94.34 -29.15 -32.87
C ASN UB 24 93.30 -28.04 -32.91
N TYR UB 25 93.16 -27.27 -31.83
CA TYR UB 25 92.29 -26.10 -31.83
C TYR UB 25 92.86 -25.02 -32.74
N LYS UB 26 91.99 -24.34 -33.47
CA LYS UB 26 92.43 -23.16 -34.22
C LYS UB 26 92.93 -22.06 -33.28
N LEU UB 27 92.19 -21.80 -32.21
CA LEU UB 27 92.44 -20.69 -31.30
C LEU UB 27 92.61 -21.26 -29.90
N ILE UB 28 93.81 -21.14 -29.35
CA ILE UB 28 94.13 -21.69 -28.03
C ILE UB 28 94.46 -20.53 -27.11
N THR UB 29 93.58 -20.26 -26.16
CA THR UB 29 93.79 -19.29 -25.10
C THR UB 29 93.37 -19.92 -23.79
N PRO UB 30 93.91 -19.43 -22.66
CA PRO UB 30 93.44 -19.94 -21.37
C PRO UB 30 91.95 -19.77 -21.17
N ALA UB 31 91.36 -18.70 -21.73
CA ALA UB 31 89.93 -18.47 -21.56
C ALA UB 31 89.11 -19.57 -22.23
N VAL UB 32 89.44 -19.90 -23.48
CA VAL UB 32 88.67 -20.91 -24.20
C VAL UB 32 88.97 -22.31 -23.63
N VAL UB 33 90.22 -22.58 -23.29
CA VAL UB 33 90.57 -23.90 -22.76
C VAL UB 33 89.94 -24.11 -21.38
N SER UB 34 89.84 -23.05 -20.58
CA SER UB 34 89.30 -23.19 -19.22
C SER UB 34 87.88 -23.73 -19.22
N GLU UB 35 87.07 -23.29 -20.18
CA GLU UB 35 85.67 -23.70 -20.21
C GLU UB 35 85.41 -24.91 -21.10
N ARG UB 36 86.33 -25.25 -22.00
CA ARG UB 36 86.23 -26.53 -22.70
C ARG UB 36 86.58 -27.70 -21.78
N LEU UB 37 87.31 -27.44 -20.70
CA LEU UB 37 87.72 -28.47 -19.77
C LEU UB 37 87.22 -28.25 -18.35
N LYS UB 38 86.49 -27.15 -18.11
CA LYS UB 38 85.99 -26.79 -16.78
C LYS UB 38 87.13 -26.77 -15.76
N ILE UB 39 88.15 -25.97 -16.04
CA ILE UB 39 89.33 -25.88 -15.19
C ILE UB 39 89.57 -24.43 -14.80
N ARG UB 40 90.33 -24.25 -13.73
CA ARG UB 40 90.75 -22.92 -13.31
C ARG UB 40 91.61 -22.28 -14.39
N GLY UB 41 91.51 -20.96 -14.49
CA GLY UB 41 92.35 -20.23 -15.43
C GLY UB 41 93.83 -20.37 -15.13
N SER UB 42 94.20 -20.43 -13.85
CA SER UB 42 95.60 -20.63 -13.49
C SER UB 42 96.11 -21.97 -13.98
N LEU UB 43 95.30 -23.02 -13.83
CA LEU UB 43 95.69 -24.32 -14.35
C LEU UB 43 95.78 -24.30 -15.87
N ALA UB 44 94.86 -23.60 -16.53
CA ALA UB 44 94.93 -23.46 -17.98
C ALA UB 44 96.19 -22.73 -18.41
N ARG UB 45 96.56 -21.67 -17.69
CA ARG UB 45 97.78 -20.94 -18.03
C ARG UB 45 99.00 -21.83 -17.86
N ALA UB 46 99.05 -22.61 -16.78
CA ALA UB 46 100.17 -23.52 -16.58
C ALA UB 46 100.16 -24.65 -17.60
N ALA UB 47 98.99 -25.22 -17.87
CA ALA UB 47 98.91 -26.33 -18.81
C ALA UB 47 99.29 -25.90 -20.21
N LEU UB 48 98.84 -24.72 -20.64
CA LEU UB 48 99.23 -24.22 -21.96
C LEU UB 48 100.71 -23.88 -22.01
N GLN UB 49 101.29 -23.45 -20.89
CA GLN UB 49 102.68 -23.04 -20.89
C GLN UB 49 103.61 -24.23 -20.98
N GLU UB 50 103.22 -25.38 -20.43
CA GLU UB 50 104.08 -26.55 -20.50
C GLU UB 50 103.98 -27.24 -21.86
N LEU UB 51 102.89 -27.04 -22.60
CA LEU UB 51 102.80 -27.58 -23.95
C LEU UB 51 103.77 -26.87 -24.89
N LEU UB 52 103.93 -25.55 -24.71
CA LEU UB 52 104.91 -24.83 -25.51
C LEU UB 52 106.32 -25.32 -25.23
N SER UB 53 106.61 -25.62 -23.97
CA SER UB 53 107.95 -26.11 -23.61
C SER UB 53 108.26 -27.41 -24.33
N LYS UB 54 107.30 -28.33 -24.39
CA LYS UB 54 107.47 -29.53 -25.18
C LYS UB 54 107.57 -29.20 -26.67
N GLY UB 55 106.71 -28.29 -27.14
CA GLY UB 55 106.81 -27.80 -28.50
C GLY UB 55 105.70 -28.29 -29.43
N LEU UB 56 104.55 -28.63 -28.87
CA LEU UB 56 103.42 -29.10 -29.67
C LEU UB 56 102.41 -28.00 -29.96
N ILE UB 57 102.62 -26.78 -29.44
CA ILE UB 57 101.88 -25.59 -29.86
C ILE UB 57 102.89 -24.46 -30.02
N LYS UB 58 102.51 -23.46 -30.81
CA LYS UB 58 103.41 -22.36 -31.11
C LYS UB 58 102.75 -21.04 -30.69
N LEU UB 59 103.52 -20.18 -30.05
CA LEU UB 59 103.02 -18.90 -29.57
C LEU UB 59 102.92 -17.91 -30.71
N VAL UB 60 101.81 -17.18 -30.76
CA VAL UB 60 101.58 -16.16 -31.77
C VAL UB 60 101.67 -14.75 -31.18
N SER UB 61 101.22 -14.57 -29.93
CA SER UB 61 101.32 -13.28 -29.28
C SER UB 61 101.32 -13.49 -27.77
N LYS UB 62 102.17 -12.73 -27.08
CA LYS UB 62 102.28 -12.78 -25.63
C LYS UB 62 102.09 -11.38 -25.07
N HIS UB 63 101.16 -11.23 -24.13
CA HIS UB 63 100.94 -9.96 -23.47
C HIS UB 63 100.35 -10.22 -22.10
N ARG UB 64 100.53 -9.26 -21.20
CA ARG UB 64 100.05 -9.40 -19.83
C ARG UB 64 98.56 -9.75 -19.78
N ALA UB 65 97.74 -8.99 -20.49
CA ALA UB 65 96.30 -9.19 -20.42
C ALA UB 65 95.88 -10.48 -21.13
N GLN UB 66 96.56 -10.84 -22.21
CA GLN UB 66 96.15 -12.01 -22.98
C GLN UB 66 97.37 -12.71 -23.56
N VAL UB 67 97.35 -14.04 -23.52
CA VAL UB 67 98.30 -14.89 -24.21
C VAL UB 67 97.53 -15.75 -25.20
N ILE UB 68 98.02 -15.83 -26.43
CA ILE UB 68 97.30 -16.44 -27.53
C ILE UB 68 98.16 -17.54 -28.13
N TYR UB 69 97.57 -18.72 -28.34
CA TYR UB 69 98.25 -19.86 -28.92
C TYR UB 69 97.44 -20.39 -30.09
N THR UB 70 98.16 -20.98 -31.06
CA THR UB 70 97.54 -21.77 -32.12
C THR UB 70 98.24 -23.11 -32.19
N ARG UB 71 97.93 -23.92 -33.18
CA ARG UB 71 98.66 -25.16 -33.41
C ARG UB 71 99.71 -24.98 -34.49
N ASN UB 72 100.60 -25.96 -34.58
CA ASN UB 72 101.69 -25.92 -35.53
C ASN UB 72 101.16 -25.95 -36.96
N THR UB 73 102.05 -25.61 -37.89
CA THR UB 73 101.68 -25.62 -39.30
C THR UB 73 101.33 -27.03 -39.76
N LYS UB 74 100.39 -27.12 -40.69
CA LYS UB 74 99.91 -28.42 -41.16
C LYS UB 74 101.02 -29.14 -41.93
N GLY UB 75 101.22 -30.41 -41.60
CA GLY UB 75 102.23 -31.22 -42.26
C GLY UB 75 103.65 -30.75 -41.99
N THR VB 1 30.29 45.81 -27.10
CA THR VB 1 30.94 46.56 -28.16
C THR VB 1 30.59 45.97 -29.53
N LYS VB 2 30.08 46.82 -30.42
CA LYS VB 2 29.70 46.39 -31.76
C LYS VB 2 30.97 46.07 -32.54
N LYS VB 3 31.26 44.78 -32.68
CA LYS VB 3 32.54 44.36 -33.26
C LYS VB 3 32.57 44.52 -34.77
N ARG VB 4 31.46 44.20 -35.45
CA ARG VB 4 31.40 44.24 -36.90
C ARG VB 4 30.13 44.98 -37.31
N ARG VB 5 30.25 45.82 -38.34
CA ARG VB 5 29.09 46.58 -38.79
C ARG VB 5 27.99 45.63 -39.28
N ASN VB 6 28.26 44.86 -40.33
CA ASN VB 6 27.43 43.70 -40.59
C ASN VB 6 27.76 42.63 -39.56
N ASN VB 7 26.72 42.01 -39.00
CA ASN VB 7 26.91 41.24 -37.79
C ASN VB 7 27.54 39.88 -38.09
N GLY VB 8 28.68 39.88 -38.76
CA GLY VB 8 29.35 38.65 -39.14
C GLY VB 8 28.68 37.88 -40.25
N ARG VB 9 27.60 38.40 -40.82
CA ARG VB 9 26.87 37.70 -41.87
C ARG VB 9 26.58 38.65 -43.03
N ALA VB 10 25.76 38.20 -43.98
CA ALA VB 10 25.45 39.01 -45.16
C ALA VB 10 23.96 39.30 -45.29
N LYS VB 11 23.21 39.19 -44.19
CA LYS VB 11 21.78 39.44 -44.21
C LYS VB 11 21.53 40.93 -44.07
N LYS VB 12 20.92 41.54 -45.09
CA LYS VB 12 20.66 42.98 -45.08
C LYS VB 12 19.16 43.29 -45.07
N GLY VB 13 18.40 42.77 -46.02
CA GLY VB 13 16.98 43.05 -46.05
C GLY VB 13 16.11 41.81 -46.07
N ARG VB 14 16.51 40.76 -45.36
CA ARG VB 14 15.75 39.52 -45.38
C ARG VB 14 14.90 39.33 -44.13
N GLY VB 15 15.52 39.25 -42.97
CA GLY VB 15 14.80 38.85 -41.79
C GLY VB 15 15.01 37.40 -41.42
N HIS VB 16 15.14 36.53 -42.43
CA HIS VB 16 15.40 35.12 -42.20
C HIS VB 16 16.10 34.52 -43.40
N VAL VB 17 17.18 33.77 -43.15
CA VAL VB 17 17.87 33.00 -44.16
C VAL VB 17 17.94 31.55 -43.69
N GLN VB 18 17.73 30.62 -44.61
CA GLN VB 18 17.63 29.22 -44.23
C GLN VB 18 18.98 28.70 -43.74
N PRO VB 19 18.97 27.79 -42.77
CA PRO VB 19 20.22 27.25 -42.24
C PRO VB 19 20.74 26.05 -43.02
N ILE VB 20 22.06 25.92 -43.02
CA ILE VB 20 22.73 24.79 -43.65
C ILE VB 20 23.50 24.04 -42.57
N ARG VB 21 24.17 22.96 -42.96
CA ARG VB 21 24.89 22.10 -42.02
C ARG VB 21 26.37 22.20 -42.29
N CYS VB 22 27.16 22.36 -41.23
CA CYS VB 22 28.60 22.34 -41.34
C CYS VB 22 29.07 21.01 -41.89
N THR VB 23 30.27 21.01 -42.48
CA THR VB 23 30.81 19.77 -43.03
C THR VB 23 31.69 19.03 -42.03
N ASN VB 24 32.47 19.74 -41.23
CA ASN VB 24 33.31 19.08 -40.23
C ASN VB 24 32.45 18.47 -39.14
N CYS VB 25 31.72 19.30 -38.42
CA CYS VB 25 30.70 18.85 -37.49
C CYS VB 25 29.34 18.99 -38.17
N ALA VB 26 28.27 18.85 -37.39
CA ALA VB 26 26.91 19.01 -37.91
C ALA VB 26 26.27 20.29 -37.40
N ARG VB 27 27.08 21.27 -36.99
CA ARG VB 27 26.57 22.54 -36.48
C ARG VB 27 25.67 23.21 -37.50
N CYS VB 28 24.51 23.68 -37.03
CA CYS VB 28 23.52 24.31 -37.90
C CYS VB 28 23.83 25.80 -38.00
N VAL VB 29 24.16 26.25 -39.20
CA VAL VB 29 24.62 27.62 -39.41
C VAL VB 29 23.74 28.29 -40.47
N PRO VB 30 23.37 29.56 -40.29
CA PRO VB 30 22.69 30.26 -41.38
C PRO VB 30 23.58 30.32 -42.61
N LYS VB 31 22.95 30.23 -43.78
CA LYS VB 31 23.71 30.06 -45.02
C LYS VB 31 24.64 31.23 -45.28
N ASP VB 32 24.18 32.45 -45.00
CA ASP VB 32 24.99 33.63 -45.28
C ASP VB 32 26.14 33.81 -44.29
N LYS VB 33 26.04 33.23 -43.10
CA LYS VB 33 27.12 33.39 -42.12
C LYS VB 33 28.25 32.38 -42.34
N ALA VB 34 27.94 31.23 -42.93
CA ALA VB 34 28.92 30.17 -43.06
C ALA VB 34 30.05 30.56 -44.01
N ILE VB 35 31.24 30.02 -43.75
CA ILE VB 35 32.40 30.24 -44.61
C ILE VB 35 32.44 29.13 -45.64
N LYS VB 36 32.47 29.50 -46.92
CA LYS VB 36 32.26 28.58 -48.02
C LYS VB 36 33.54 28.40 -48.81
N LYS VB 37 34.07 27.18 -48.83
CA LYS VB 37 35.15 26.79 -49.70
C LYS VB 37 34.60 26.07 -50.92
N PHE VB 38 35.24 26.28 -52.06
CA PHE VB 38 34.90 25.60 -53.31
C PHE VB 38 36.21 25.08 -53.89
N VAL VB 39 36.57 23.85 -53.53
CA VAL VB 39 37.86 23.28 -53.91
C VAL VB 39 37.68 22.46 -55.17
N ILE VB 40 38.60 22.63 -56.12
CA ILE VB 40 38.58 21.93 -57.39
C ILE VB 40 39.92 21.24 -57.54
N ARG VB 41 39.93 19.92 -57.45
CA ARG VB 41 41.16 19.15 -57.44
C ARG VB 41 41.02 17.95 -58.37
N ASN VB 42 42.17 17.47 -58.84
CA ASN VB 42 42.19 16.23 -59.61
C ASN VB 42 41.95 15.04 -58.70
N ILE VB 43 41.54 13.92 -59.29
CA ILE VB 43 41.38 12.69 -58.53
C ILE VB 43 42.73 12.24 -57.99
N VAL VB 44 43.67 11.95 -58.89
CA VAL VB 44 45.07 11.72 -58.51
C VAL VB 44 45.74 13.06 -58.30
N GLU VB 45 46.61 13.15 -57.29
CA GLU VB 45 46.95 14.47 -56.74
C GLU VB 45 48.17 15.12 -57.39
N ALA VB 46 49.36 14.58 -57.16
CA ALA VB 46 50.53 15.10 -57.86
C ALA VB 46 51.59 14.06 -58.20
N ALA VB 47 51.67 12.97 -57.45
CA ALA VB 47 52.76 12.01 -57.62
C ALA VB 47 52.32 10.75 -58.36
N ALA VB 48 51.04 10.43 -58.31
CA ALA VB 48 50.49 9.32 -59.07
C ALA VB 48 50.14 9.70 -60.49
N VAL VB 49 50.14 10.98 -60.84
CA VAL VB 49 49.69 11.40 -62.17
C VAL VB 49 50.56 10.75 -63.24
N ARG VB 50 51.86 10.62 -62.98
CA ARG VB 50 52.73 9.93 -63.92
C ARG VB 50 52.40 8.44 -64.00
N ASP VB 51 52.07 7.83 -62.86
CA ASP VB 51 51.85 6.39 -62.81
C ASP VB 51 50.61 5.98 -63.60
N ILE VB 52 49.49 6.68 -63.41
CA ILE VB 52 48.29 6.39 -64.19
C ILE VB 52 48.47 6.78 -65.65
N SER VB 53 49.24 7.84 -65.91
CA SER VB 53 49.41 8.30 -67.29
C SER VB 53 50.08 7.23 -68.14
N GLU VB 54 51.10 6.57 -67.60
CA GLU VB 54 51.77 5.51 -68.34
C GLU VB 54 50.95 4.23 -68.36
N ALA VB 55 50.11 4.01 -67.35
CA ALA VB 55 49.28 2.82 -67.28
C ALA VB 55 47.96 2.96 -68.02
N SER VB 56 47.64 4.14 -68.52
CA SER VB 56 46.36 4.35 -69.18
C SER VB 56 46.33 3.67 -70.54
N VAL VB 57 45.17 3.14 -70.91
CA VAL VB 57 45.02 2.53 -72.23
C VAL VB 57 44.79 3.57 -73.31
N PHE VB 58 44.37 4.77 -72.95
CA PHE VB 58 44.15 5.84 -73.91
C PHE VB 58 45.41 6.69 -74.08
N ASP VB 59 45.46 7.41 -75.19
CA ASP VB 59 46.53 8.36 -75.48
C ASP VB 59 46.08 9.76 -75.11
N ALA VB 60 46.88 10.44 -74.29
CA ALA VB 60 46.60 11.80 -73.83
C ALA VB 60 45.20 11.89 -73.21
N TYR VB 61 45.05 11.14 -72.12
CA TYR VB 61 43.81 11.14 -71.35
C TYR VB 61 43.85 12.29 -70.34
N VAL VB 62 42.86 13.19 -70.44
CA VAL VB 62 42.77 14.30 -69.51
C VAL VB 62 42.10 13.81 -68.23
N LEU VB 63 42.83 13.89 -67.12
CA LEU VB 63 42.34 13.36 -65.86
C LEU VB 63 41.17 14.20 -65.35
N PRO VB 64 40.14 13.57 -64.80
CA PRO VB 64 38.97 14.32 -64.33
C PRO VB 64 39.25 15.09 -63.05
N LYS VB 65 38.44 16.13 -62.84
CA LYS VB 65 38.52 16.94 -61.64
C LYS VB 65 37.51 16.41 -60.61
N LEU VB 66 37.57 16.99 -59.41
CA LEU VB 66 36.65 16.64 -58.33
C LEU VB 66 36.12 17.93 -57.73
N TYR VB 67 34.87 18.26 -58.02
CA TYR VB 67 34.25 19.51 -57.59
C TYR VB 67 33.38 19.25 -56.37
N VAL VB 68 33.85 19.66 -55.20
CA VAL VB 68 33.10 19.55 -53.96
C VAL VB 68 33.13 20.90 -53.25
N LYS VB 69 31.97 21.31 -52.74
CA LYS VB 69 31.82 22.59 -52.06
C LYS VB 69 31.71 22.36 -50.56
N LEU VB 70 32.48 23.11 -49.79
CA LEU VB 70 32.55 22.95 -48.35
C LEU VB 70 31.82 24.07 -47.63
N HIS VB 71 31.29 23.76 -46.46
CA HIS VB 71 30.68 24.73 -45.57
C HIS VB 71 31.29 24.58 -44.19
N TYR VB 72 31.50 25.71 -43.51
CA TYR VB 72 32.17 25.71 -42.23
C TYR VB 72 31.45 26.63 -41.27
N CYS VB 73 31.23 26.16 -40.04
CA CYS VB 73 30.87 27.09 -38.98
C CYS VB 73 32.10 27.91 -38.60
N VAL VB 74 31.88 28.92 -37.76
CA VAL VB 74 32.99 29.77 -37.35
C VAL VB 74 33.99 28.96 -36.54
N SER VB 75 33.51 28.05 -35.69
CA SER VB 75 34.40 27.27 -34.84
C SER VB 75 35.33 26.39 -35.67
N CYS VB 76 34.78 25.62 -36.60
CA CYS VB 76 35.61 24.74 -37.43
C CYS VB 76 36.51 25.55 -38.35
N ALA VB 77 36.03 26.69 -38.85
CA ALA VB 77 36.84 27.51 -39.74
C ALA VB 77 38.09 28.01 -39.03
N ILE VB 78 37.94 28.47 -37.79
CA ILE VB 78 39.10 28.92 -37.02
C ILE VB 78 40.00 27.74 -36.69
N HIS VB 79 39.42 26.63 -36.23
CA HIS VB 79 40.22 25.51 -35.79
C HIS VB 79 40.93 24.80 -36.94
N SER VB 80 40.38 24.89 -38.14
CA SER VB 80 41.03 24.31 -39.32
C SER VB 80 41.92 25.31 -40.04
N LYS VB 81 41.99 26.55 -39.55
CA LYS VB 81 42.89 27.57 -40.08
C LYS VB 81 42.59 27.94 -41.53
N VAL VB 82 41.34 27.74 -41.96
CA VAL VB 82 40.94 28.31 -43.24
C VAL VB 82 40.82 29.82 -43.14
N VAL VB 83 40.36 30.32 -41.99
CA VAL VB 83 40.34 31.75 -41.70
C VAL VB 83 40.96 31.96 -40.33
N ARG VB 84 41.60 33.11 -40.16
CA ARG VB 84 42.25 33.46 -38.89
C ARG VB 84 41.90 34.90 -38.53
N ASN VB 85 41.97 35.20 -37.24
CA ASN VB 85 41.68 36.54 -36.78
C ASN VB 85 42.72 37.53 -37.27
N ARG VB 86 42.31 38.78 -37.43
CA ARG VB 86 43.18 39.84 -37.92
C ARG VB 86 43.05 41.07 -37.03
N SER VB 87 43.95 42.02 -37.25
CA SER VB 87 43.94 43.26 -36.50
C SER VB 87 42.69 44.07 -36.82
N ARG VB 88 42.35 45.00 -35.92
CA ARG VB 88 41.04 45.65 -35.96
C ARG VB 88 40.81 46.37 -37.28
N GLU VB 89 41.80 47.13 -37.75
CA GLU VB 89 41.64 47.81 -39.03
C GLU VB 89 41.78 46.84 -40.20
N ALA VB 90 42.55 45.76 -40.03
CA ALA VB 90 42.69 44.78 -41.11
C ALA VB 90 41.43 43.94 -41.29
N ARG VB 91 40.53 43.93 -40.31
CA ARG VB 91 39.25 43.24 -40.49
C ARG VB 91 38.42 43.87 -41.60
N LYS VB 92 38.63 45.15 -41.89
CA LYS VB 92 37.72 45.88 -42.78
C LYS VB 92 37.90 45.50 -44.24
N ASP VB 93 39.11 45.16 -44.67
CA ASP VB 93 39.31 44.77 -46.06
C ASP VB 93 38.69 43.41 -46.33
N ARG VB 94 38.11 43.26 -47.51
CA ARG VB 94 37.39 42.02 -47.83
C ARG VB 94 37.71 41.57 -49.24
N THR VB 95 38.95 41.75 -49.65
CA THR VB 95 39.44 41.10 -50.87
C THR VB 95 40.09 39.77 -50.50
N PRO VB 96 39.79 38.70 -51.23
CA PRO VB 96 40.32 37.38 -50.86
C PRO VB 96 41.84 37.35 -51.00
N PRO VB 97 42.51 36.47 -50.27
CA PRO VB 97 43.97 36.38 -50.36
C PRO VB 97 44.40 36.03 -51.78
N PRO VB 98 45.65 36.32 -52.15
CA PRO VB 98 46.04 36.20 -53.56
C PRO VB 98 45.85 34.79 -54.09
N ARG VB 99 45.53 34.71 -55.39
CA ARG VB 99 45.11 33.47 -56.02
C ARG VB 99 46.04 33.18 -57.19
N PHE VB 100 47.34 33.24 -56.94
CA PHE VB 100 48.34 32.97 -57.97
C PHE VB 100 48.74 31.50 -58.02
N ARG VB 101 48.71 30.81 -56.88
CA ARG VB 101 49.21 29.44 -56.80
C ARG VB 101 48.22 28.54 -56.06
N PRO WB 1 30.24 73.47 -55.03
CA PRO WB 1 30.30 74.91 -55.29
C PRO WB 1 29.38 75.70 -54.37
N LEU WB 2 29.90 76.78 -53.81
CA LEU WB 2 29.11 77.58 -52.87
C LEU WB 2 28.15 78.52 -53.60
N ALA WB 3 28.67 79.31 -54.53
CA ALA WB 3 27.87 80.29 -55.25
C ALA WB 3 27.53 79.74 -56.63
N LYS WB 4 26.49 78.92 -56.69
CA LYS WB 4 25.89 78.48 -57.94
C LYS WB 4 24.54 79.16 -58.09
N ASP WB 5 24.24 79.60 -59.31
CA ASP WB 5 23.04 80.40 -59.53
C ASP WB 5 21.83 79.48 -59.63
N LEU WB 6 20.87 79.69 -58.74
CA LEU WB 6 19.63 78.93 -58.73
C LEU WB 6 18.55 79.57 -59.59
N LEU WB 7 18.68 80.86 -59.86
CA LEU WB 7 17.65 81.63 -60.54
C LEU WB 7 17.60 81.34 -62.04
N HIS WB 8 18.75 81.19 -62.67
CA HIS WB 8 18.86 81.06 -64.13
C HIS WB 8 19.63 79.78 -64.45
N PRO WB 9 19.00 78.63 -64.38
CA PRO WB 9 19.67 77.39 -64.77
C PRO WB 9 19.74 77.24 -66.28
N SER WB 10 20.82 76.64 -66.75
CA SER WB 10 20.97 76.40 -68.17
C SER WB 10 19.94 75.38 -68.64
N PRO WB 11 19.52 75.45 -69.90
CA PRO WB 11 18.54 74.46 -70.41
C PRO WB 11 19.05 73.03 -70.35
N GLU WB 12 20.36 72.82 -70.21
CA GLU WB 12 20.88 71.45 -70.16
C GLU WB 12 20.49 70.76 -68.86
N GLU WB 13 20.96 71.29 -67.72
CA GLU WB 13 20.66 70.66 -66.45
C GLU WB 13 19.21 70.84 -66.04
N GLU WB 14 18.54 71.87 -66.58
CA GLU WB 14 17.13 72.06 -66.28
C GLU WB 14 16.26 71.05 -67.03
N LYS WB 15 16.83 70.37 -68.03
CA LYS WB 15 16.16 69.31 -68.75
C LYS WB 15 16.35 67.95 -68.09
N ARG WB 16 17.49 67.72 -67.44
CA ARG WB 16 17.75 66.44 -66.81
C ARG WB 16 16.99 66.27 -65.50
N LYS WB 17 16.63 67.38 -64.85
CA LYS WB 17 16.00 67.30 -63.54
C LYS WB 17 14.61 66.68 -63.64
N HIS WB 18 14.14 66.18 -62.50
CA HIS WB 18 12.84 65.52 -62.46
C HIS WB 18 11.72 66.52 -62.71
N LYS WB 19 10.66 66.05 -63.39
CA LYS WB 19 9.57 66.92 -63.83
C LYS WB 19 9.02 67.77 -62.69
N LYS WB 20 8.84 67.19 -61.51
CA LYS WB 20 8.34 67.95 -60.36
C LYS WB 20 9.44 68.78 -59.72
N LYS WB 21 10.70 68.45 -59.96
CA LYS WB 21 11.82 69.08 -59.30
C LYS WB 21 12.43 70.22 -60.10
N ARG WB 22 11.88 70.54 -61.27
CA ARG WB 22 12.33 71.73 -61.98
C ARG WB 22 12.06 72.97 -61.14
N LEU WB 23 12.70 74.08 -61.53
CA LEU WB 23 12.43 75.35 -60.87
C LEU WB 23 10.97 75.75 -61.05
N VAL WB 24 10.45 75.57 -62.26
CA VAL WB 24 9.02 75.68 -62.52
C VAL WB 24 8.55 74.34 -63.09
N GLN WB 25 7.51 73.78 -62.47
CA GLN WB 25 7.02 72.46 -62.84
C GLN WB 25 6.59 72.41 -64.30
N SER WB 26 6.95 71.32 -64.98
CA SER WB 26 6.73 71.19 -66.41
C SER WB 26 6.59 69.74 -66.81
N PRO WB 27 5.64 69.40 -67.69
CA PRO WB 27 5.49 68.01 -68.13
C PRO WB 27 6.46 67.65 -69.25
N ASN WB 28 6.88 66.39 -69.24
CA ASN WB 28 7.77 65.86 -70.26
C ASN WB 28 7.04 65.23 -71.43
N SER WB 29 5.71 65.28 -71.45
CA SER WB 29 4.92 64.71 -72.52
C SER WB 29 4.37 65.81 -73.41
N TYR WB 30 3.92 65.42 -74.59
CA TYR WB 30 3.54 66.37 -75.62
C TYR WB 30 2.39 65.80 -76.44
N PHE WB 31 1.87 66.60 -77.35
CA PHE WB 31 0.88 66.17 -78.32
C PHE WB 31 1.49 66.10 -79.70
N MET WB 32 0.97 65.17 -80.51
CA MET WB 32 1.49 64.93 -81.84
C MET WB 32 0.33 64.59 -82.77
N ASP WB 33 0.54 64.80 -84.06
CA ASP WB 33 -0.43 64.42 -85.08
C ASP WB 33 0.08 63.22 -85.87
N VAL WB 34 -0.74 62.18 -85.96
CA VAL WB 34 -0.37 60.93 -86.59
C VAL WB 34 -1.28 60.71 -87.80
N LYS WB 35 -0.67 60.39 -88.94
CA LYS WB 35 -1.41 60.16 -90.17
C LYS WB 35 -1.18 58.73 -90.64
N CYS WB 36 -2.27 58.05 -90.99
CA CYS WB 36 -2.15 56.70 -91.52
C CYS WB 36 -1.52 56.73 -92.90
N PRO WB 37 -0.71 55.72 -93.25
CA PRO WB 37 -0.13 55.71 -94.61
C PRO WB 37 -1.17 55.70 -95.71
N GLY WB 38 -2.30 55.03 -95.50
CA GLY WB 38 -3.36 54.99 -96.50
C GLY WB 38 -4.32 56.15 -96.41
N CYS WB 39 -4.94 56.33 -95.24
CA CYS WB 39 -5.93 57.38 -95.09
C CYS WB 39 -5.26 58.76 -95.08
N TYR WB 40 -6.08 59.78 -95.28
CA TYR WB 40 -5.59 61.13 -95.50
C TYR WB 40 -5.66 62.02 -94.26
N LYS WB 41 -6.62 61.80 -93.37
CA LYS WB 41 -6.80 62.68 -92.23
C LYS WB 41 -5.68 62.52 -91.21
N ILE WB 42 -5.43 63.59 -90.46
CA ILE WB 42 -4.44 63.59 -89.39
C ILE WB 42 -5.18 63.62 -88.05
N THR WB 43 -4.74 62.79 -87.12
CA THR WB 43 -5.37 62.67 -85.82
C THR WB 43 -4.40 63.10 -84.73
N THR WB 44 -4.95 63.69 -83.67
CA THR WB 44 -4.15 64.20 -82.56
C THR WB 44 -4.03 63.11 -81.51
N VAL WB 45 -2.81 62.70 -81.21
CA VAL WB 45 -2.55 61.58 -80.31
C VAL WB 45 -1.60 62.06 -79.21
N PHE WB 46 -1.91 61.72 -77.98
CA PHE WB 46 -1.02 62.02 -76.86
C PHE WB 46 0.21 61.14 -76.91
N SER WB 47 1.34 61.68 -76.45
CA SER WB 47 2.59 60.93 -76.50
C SER WB 47 2.50 59.66 -75.67
N HIS WB 48 2.03 59.77 -74.43
CA HIS WB 48 1.80 58.60 -73.58
C HIS WB 48 0.31 58.25 -73.63
N ALA WB 49 -0.08 57.67 -74.77
CA ALA WB 49 -1.49 57.59 -75.14
C ALA WB 49 -2.30 56.79 -74.14
N GLN WB 50 -1.77 55.64 -73.69
CA GLN WB 50 -2.37 54.86 -72.61
C GLN WB 50 -3.64 54.13 -73.07
N THR WB 51 -4.10 54.40 -74.28
CA THR WB 51 -5.26 53.71 -74.84
C THR WB 51 -4.96 53.28 -76.28
N VAL WB 52 -5.63 52.22 -76.71
CA VAL WB 52 -5.52 51.78 -78.10
C VAL WB 52 -6.27 52.77 -78.97
N VAL WB 53 -5.55 53.50 -79.81
CA VAL WB 53 -6.12 54.54 -80.65
C VAL WB 53 -6.26 54.01 -82.07
N LEU WB 54 -7.46 54.12 -82.62
CA LEU WB 54 -7.75 53.72 -83.99
C LEU WB 54 -8.39 54.90 -84.71
N CYS WB 55 -7.90 55.19 -85.90
CA CYS WB 55 -8.43 56.31 -86.67
C CYS WB 55 -9.90 56.08 -86.97
N VAL WB 56 -10.68 57.16 -86.98
CA VAL WB 56 -12.12 57.04 -87.17
C VAL WB 56 -12.39 56.38 -88.53
N GLY WB 57 -13.40 55.54 -88.56
CA GLY WB 57 -13.60 54.60 -89.65
C GLY WB 57 -12.98 53.24 -89.43
N CYS WB 58 -12.20 53.08 -88.35
CA CYS WB 58 -11.60 51.80 -87.98
C CYS WB 58 -10.72 51.24 -89.11
N SER WB 59 -10.06 52.12 -89.85
CA SER WB 59 -9.18 51.67 -90.93
C SER WB 59 -8.00 50.89 -90.37
N THR WB 60 -7.42 51.36 -89.28
CA THR WB 60 -6.27 50.69 -88.66
C THR WB 60 -6.13 51.19 -87.22
N VAL WB 61 -5.17 50.60 -86.52
CA VAL WB 61 -4.81 51.03 -85.17
C VAL WB 61 -3.55 51.90 -85.28
N LEU WB 62 -3.49 52.96 -84.47
CA LEU WB 62 -2.41 53.92 -84.56
C LEU WB 62 -1.28 53.63 -83.58
N CYS WB 63 -1.58 53.55 -82.29
CA CYS WB 63 -0.55 53.36 -81.27
C CYS WB 63 -1.02 52.33 -80.25
N GLN WB 64 -0.04 51.62 -79.68
CA GLN WB 64 -0.29 50.59 -78.69
C GLN WB 64 0.23 51.04 -77.33
N PRO WB 65 -0.61 51.03 -76.30
CA PRO WB 65 -0.15 51.50 -74.99
C PRO WB 65 0.99 50.63 -74.45
N THR WB 66 1.95 51.29 -73.81
CA THR WB 66 3.08 50.61 -73.19
C THR WB 66 3.30 51.23 -71.80
N GLY WB 67 4.42 50.89 -71.18
CA GLY WB 67 4.74 51.46 -69.89
C GLY WB 67 5.15 52.92 -69.94
N GLY WB 68 5.59 53.39 -71.12
CA GLY WB 68 5.97 54.78 -71.28
C GLY WB 68 5.29 55.40 -72.48
N LYS WB 69 6.08 55.92 -73.42
CA LYS WB 69 5.53 56.45 -74.66
C LYS WB 69 4.83 55.34 -75.43
N ALA WB 70 3.71 55.68 -76.05
CA ALA WB 70 2.98 54.71 -76.85
C ALA WB 70 3.75 54.42 -78.13
N ARG WB 71 3.92 53.13 -78.43
CA ARG WB 71 4.61 52.74 -79.64
C ARG WB 71 3.68 52.90 -80.84
N LEU WB 72 4.19 53.46 -81.93
CA LEU WB 72 3.38 53.73 -83.10
C LEU WB 72 3.46 52.56 -84.08
N THR WB 73 2.33 52.23 -84.67
CA THR WB 73 2.32 51.25 -85.75
C THR WB 73 3.12 51.77 -86.93
N GLU WB 74 3.78 50.86 -87.63
CA GLU WB 74 4.76 51.27 -88.62
C GLU WB 74 4.09 51.77 -89.89
N GLY WB 75 4.85 52.55 -90.65
CA GLY WB 75 4.32 53.29 -91.77
C GLY WB 75 3.73 54.64 -91.39
N CYS WB 76 3.20 54.75 -90.18
CA CYS WB 76 2.65 56.01 -89.69
C CYS WB 76 3.78 56.93 -89.25
N SER WB 77 3.73 58.18 -89.70
CA SER WB 77 4.66 59.21 -89.27
C SER WB 77 3.94 60.18 -88.33
N PHE WB 78 4.72 61.07 -87.72
CA PHE WB 78 4.16 62.00 -86.76
C PHE WB 78 5.05 63.23 -86.66
N ARG WB 79 4.49 64.29 -86.09
CA ARG WB 79 5.25 65.49 -85.79
C ARG WB 79 4.61 66.17 -84.59
N ARG WB 80 5.41 66.53 -83.61
CA ARG WB 80 4.88 67.09 -82.38
C ARG WB 80 4.48 68.55 -82.59
N LYS WB 81 3.35 68.93 -82.00
CA LYS WB 81 2.77 70.24 -82.19
C LYS WB 81 2.88 71.06 -80.90
N GLN WB 82 2.92 72.38 -81.06
CA GLN WB 82 3.23 73.29 -79.97
C GLN WB 82 2.26 74.46 -80.03
N HIS WB 83 2.53 75.49 -79.23
CA HIS WB 83 1.73 76.72 -79.25
C HIS WB 83 2.51 77.89 -78.68
N GLN XB 1 59.27 -9.23 -52.52
CA GLN XB 1 59.37 -7.77 -52.66
C GLN XB 1 60.84 -7.34 -52.64
N PRO XB 2 61.37 -7.00 -53.81
CA PRO XB 2 62.79 -6.65 -53.89
C PRO XB 2 63.10 -5.34 -53.16
N ILE XB 3 64.37 -5.20 -52.80
CA ILE XB 3 64.88 -4.02 -52.12
C ILE XB 3 65.47 -3.08 -53.16
N LYS XB 4 65.02 -1.82 -53.14
CA LYS XB 4 65.50 -0.79 -54.05
C LYS XB 4 66.29 0.24 -53.27
N LEU XB 5 67.34 0.76 -53.88
CA LEU XB 5 68.19 1.77 -53.27
C LEU XB 5 68.31 2.99 -54.18
N ALA XB 6 68.26 4.18 -53.58
CA ALA XB 6 68.08 5.43 -54.30
C ALA XB 6 69.01 6.51 -53.75
N ARG XB 7 69.23 7.55 -54.55
CA ARG XB 7 70.13 8.64 -54.22
C ARG XB 7 69.36 9.92 -53.93
N VAL XB 8 69.87 10.72 -52.99
CA VAL XB 8 69.26 12.00 -52.65
C VAL XB 8 69.73 13.07 -53.63
N THR XB 9 68.80 13.97 -54.00
CA THR XB 9 69.12 15.16 -54.79
C THR XB 9 69.01 16.46 -54.04
N LYS XB 10 68.10 16.59 -53.07
CA LYS XB 10 67.99 17.84 -52.35
C LYS XB 10 67.28 17.59 -51.03
N VAL XB 11 67.51 18.50 -50.09
CA VAL XB 11 66.96 18.41 -48.74
C VAL XB 11 65.85 19.45 -48.61
N LEU XB 12 64.65 18.99 -48.25
CA LEU XB 12 63.50 19.88 -48.17
C LEU XB 12 63.45 20.61 -46.84
N GLY XB 13 63.63 19.90 -45.75
CA GLY XB 13 63.60 20.50 -44.44
C GLY XB 13 63.44 19.45 -43.37
N ARG XB 14 63.53 19.92 -42.12
CA ARG XB 14 63.46 19.03 -40.97
C ARG XB 14 62.02 18.94 -40.47
N THR XB 15 61.54 17.72 -40.32
CA THR XB 15 60.19 17.45 -39.83
C THR XB 15 60.28 16.55 -38.60
N GLY XB 16 59.12 16.10 -38.14
CA GLY XB 16 59.05 15.34 -36.91
C GLY XB 16 58.71 16.24 -35.72
N SER XB 17 58.27 15.61 -34.63
CA SER XB 17 57.85 16.36 -33.47
C SER XB 17 59.02 17.13 -32.86
N GLN XB 18 60.13 16.44 -32.57
CA GLN XB 18 61.32 17.09 -32.06
C GLN XB 18 62.23 17.60 -33.18
N GLY XB 19 61.79 17.50 -34.42
CA GLY XB 19 62.63 17.87 -35.54
C GLY XB 19 63.85 16.98 -35.66
N GLN XB 20 63.63 15.67 -35.64
CA GLN XB 20 64.71 14.70 -35.63
C GLN XB 20 64.85 13.92 -36.93
N CYS XB 21 63.92 14.07 -37.86
CA CYS XB 21 63.96 13.35 -39.12
C CYS XB 21 63.89 14.33 -40.28
N THR XB 22 64.77 14.14 -41.26
CA THR XB 22 64.87 15.04 -42.41
C THR XB 22 64.05 14.51 -43.57
N GLN XB 23 63.39 15.42 -44.29
CA GLN XB 23 62.57 15.06 -45.44
C GLN XB 23 63.33 15.42 -46.71
N VAL XB 24 63.51 14.43 -47.59
CA VAL XB 24 64.32 14.59 -48.79
C VAL XB 24 63.57 14.01 -49.98
N ARG XB 25 64.05 14.36 -51.18
CA ARG XB 25 63.57 13.77 -52.42
C ARG XB 25 64.69 12.96 -53.06
N VAL XB 26 64.34 11.75 -53.49
CA VAL XB 26 65.32 10.82 -54.03
C VAL XB 26 64.83 10.29 -55.36
N GLU XB 27 65.78 9.77 -56.14
CA GLU XB 27 65.48 9.09 -57.39
C GLU XB 27 66.12 7.71 -57.35
N PHE XB 28 65.42 6.74 -57.91
CA PHE XB 28 65.96 5.39 -57.96
C PHE XB 28 66.93 5.27 -59.12
N MET XB 29 68.12 4.75 -58.86
CA MET XB 29 69.12 4.64 -59.92
C MET XB 29 68.73 3.61 -60.98
N ASP XB 30 67.83 2.68 -60.66
CA ASP XB 30 67.31 1.78 -61.69
C ASP XB 30 66.51 2.56 -62.73
N ASP XB 31 65.62 3.43 -62.28
CA ASP XB 31 64.83 4.30 -63.14
C ASP XB 31 65.14 5.74 -62.73
N THR XB 32 66.14 6.34 -63.37
CA THR XB 32 66.66 7.63 -62.98
C THR XB 32 65.67 8.77 -63.17
N SER XB 33 64.46 8.50 -63.63
CA SER XB 33 63.47 9.54 -63.88
C SER XB 33 62.42 9.66 -62.80
N ARG XB 34 62.13 8.58 -62.09
CA ARG XB 34 61.05 8.58 -61.10
C ARG XB 34 61.58 9.00 -59.73
N SER XB 35 60.92 9.98 -59.13
CA SER XB 35 61.37 10.61 -57.90
C SER XB 35 60.28 10.51 -56.86
N ILE XB 36 60.68 10.40 -55.59
CA ILE XB 36 59.75 10.20 -54.49
C ILE XB 36 60.26 10.98 -53.28
N ILE XB 37 59.31 11.48 -52.48
CA ILE XB 37 59.60 12.22 -51.26
C ILE XB 37 59.51 11.27 -50.09
N ARG XB 38 60.57 11.20 -49.28
CA ARG XB 38 60.57 10.31 -48.13
C ARG XB 38 61.27 10.94 -46.95
N ASN XB 39 60.91 10.46 -45.76
CA ASN XB 39 61.48 10.94 -44.50
C ASN XB 39 62.62 10.03 -44.08
N VAL XB 40 63.80 10.61 -43.86
CA VAL XB 40 64.98 9.86 -43.49
C VAL XB 40 65.43 10.28 -42.09
N LYS XB 41 65.88 9.32 -41.29
CA LYS XB 41 66.36 9.57 -39.94
C LYS XB 41 67.87 9.53 -39.92
N GLY XB 42 68.47 10.52 -39.28
CA GLY XB 42 69.91 10.60 -39.19
C GLY XB 42 70.46 11.73 -40.04
N PRO XB 43 71.73 12.07 -39.84
CA PRO XB 43 72.32 13.15 -40.63
C PRO XB 43 72.47 12.75 -42.09
N VAL XB 44 71.69 13.37 -42.97
CA VAL XB 44 71.66 13.04 -44.38
C VAL XB 44 72.31 14.18 -45.17
N ARG XB 45 73.14 13.80 -46.13
CA ARG XB 45 73.80 14.74 -47.01
C ARG XB 45 73.09 14.73 -48.37
N GLU XB 46 73.53 15.61 -49.26
CA GLU XB 46 73.07 15.60 -50.64
C GLU XB 46 74.04 14.75 -51.47
N GLY XB 47 73.50 13.77 -52.18
CA GLY XB 47 74.30 12.92 -53.03
C GLY XB 47 74.69 11.57 -52.45
N ASP XB 48 74.03 11.13 -51.38
CA ASP XB 48 74.28 9.81 -50.81
C ASP XB 48 73.11 8.90 -51.10
N VAL XB 49 73.28 7.61 -50.81
CA VAL XB 49 72.37 6.56 -51.23
C VAL XB 49 71.60 6.05 -50.01
N LEU XB 50 70.29 5.87 -50.19
CA LEU XB 50 69.42 5.28 -49.19
C LEU XB 50 68.99 3.90 -49.66
N THR XB 51 68.87 2.96 -48.73
CA THR XB 51 68.47 1.59 -49.04
C THR XB 51 67.02 1.40 -48.60
N LEU XB 52 66.12 1.36 -49.58
CA LEU XB 52 64.68 1.32 -49.30
C LEU XB 52 64.20 -0.12 -49.27
N LEU XB 53 63.78 -0.59 -48.09
CA LEU XB 53 63.14 -1.90 -48.00
C LEU XB 53 61.76 -1.89 -48.65
N GLU XB 54 61.03 -0.79 -48.50
CA GLU XB 54 59.74 -0.60 -49.15
C GLU XB 54 59.76 0.73 -49.89
N SER XB 55 59.36 0.71 -51.16
CA SER XB 55 59.59 1.85 -52.04
C SER XB 55 58.31 2.43 -52.65
N GLU XB 56 57.13 1.96 -52.24
CA GLU XB 56 55.89 2.47 -52.77
C GLU XB 56 55.10 3.31 -51.77
N ARG XB 57 55.66 3.58 -50.59
CA ARG XB 57 55.10 4.58 -49.69
C ARG XB 57 55.75 5.93 -49.95
N GLU XB 58 54.96 6.99 -49.81
CA GLU XB 58 55.42 8.33 -50.14
C GLU XB 58 54.96 9.28 -49.05
N ALA XB 59 55.91 9.95 -48.41
CA ALA XB 59 55.61 10.82 -47.29
C ALA XB 59 55.06 12.16 -47.75
N ARG XB 60 54.19 12.74 -46.93
CA ARG XB 60 53.61 14.04 -47.23
C ARG XB 60 54.63 15.15 -46.96
N ARG XB 61 54.46 16.27 -47.67
CA ARG XB 61 55.35 17.40 -47.47
C ARG XB 61 54.88 18.25 -46.29
N LEU XB 62 55.83 18.97 -45.70
CA LEU XB 62 55.54 19.80 -44.53
C LEU XB 62 55.16 21.21 -44.94
N GLY YB 1 93.68 35.00 43.06
CA GLY YB 1 93.53 36.40 42.68
C GLY YB 1 92.86 36.56 41.34
N HIS YB 2 92.10 37.66 41.18
CA HIS YB 2 91.37 37.88 39.95
C HIS YB 2 92.30 38.03 38.76
N GLN YB 3 93.44 38.68 38.96
CA GLN YB 3 94.41 38.88 37.88
C GLN YB 3 95.21 37.63 37.55
N GLN YB 4 94.81 36.48 38.08
CA GLN YB 4 95.43 35.21 37.75
C GLN YB 4 94.55 34.32 36.88
N LEU YB 5 93.26 34.64 36.72
CA LEU YB 5 92.39 33.86 35.87
C LEU YB 5 91.52 34.72 34.97
N TYR YB 6 91.79 36.02 34.86
CA TYR YB 6 90.97 36.89 34.03
C TYR YB 6 91.16 36.58 32.56
N TRP YB 7 92.42 36.46 32.13
CA TRP YB 7 92.76 36.14 30.73
C TRP YB 7 93.60 34.88 30.67
N SER YB 8 93.44 33.99 31.65
CA SER YB 8 94.34 32.86 31.82
C SER YB 8 94.26 31.84 30.70
N HIS YB 9 93.14 31.77 29.98
CA HIS YB 9 92.98 30.75 28.95
C HIS YB 9 93.95 31.02 27.80
N PRO YB 10 94.75 30.04 27.39
CA PRO YB 10 95.73 30.28 26.33
C PRO YB 10 95.06 30.62 25.01
N ARG YB 11 95.69 31.50 24.24
CA ARG YB 11 95.19 31.94 22.94
C ARG YB 11 96.33 31.95 21.92
N LYS YB 12 97.07 30.86 21.88
CA LYS YB 12 98.20 30.73 20.97
C LYS YB 12 97.79 30.32 19.56
N PHE YB 13 96.54 29.91 19.37
CA PHE YB 13 96.09 29.43 18.07
C PHE YB 13 94.57 29.38 18.08
N GLY YB 14 93.99 29.03 16.93
CA GLY YB 14 92.56 28.85 16.81
C GLY YB 14 91.82 30.12 16.46
N GLN YB 15 90.49 29.97 16.39
CA GLN YB 15 89.62 31.10 16.09
C GLN YB 15 89.76 32.21 17.13
N GLY YB 16 90.08 31.85 18.37
CA GLY YB 16 90.08 32.83 19.44
C GLY YB 16 91.23 33.81 19.39
N SER YB 17 92.33 33.46 18.72
CA SER YB 17 93.51 34.30 18.71
C SER YB 17 93.44 35.36 17.61
N ARG YB 18 93.21 34.94 16.37
CA ARG YB 18 93.23 35.86 15.26
C ARG YB 18 91.89 36.57 15.09
N SER YB 19 91.94 37.80 14.61
CA SER YB 19 90.76 38.64 14.49
C SER YB 19 90.94 39.59 13.32
N CYS YB 20 89.82 40.12 12.83
CA CYS YB 20 89.86 41.02 11.69
C CYS YB 20 90.60 42.30 12.02
N ARG YB 21 91.21 42.90 11.00
CA ARG YB 21 91.99 44.12 11.14
C ARG YB 21 91.12 45.37 11.18
N VAL YB 22 89.86 45.29 10.78
CA VAL YB 22 89.03 46.47 10.63
C VAL YB 22 87.81 46.39 11.53
N CYS YB 23 87.34 45.18 11.81
CA CYS YB 23 86.08 44.98 12.50
C CYS YB 23 86.16 44.22 13.81
N SER YB 24 87.30 43.59 14.10
CA SER YB 24 87.46 42.72 15.27
C SER YB 24 86.54 41.50 15.20
N ASN YB 25 86.05 41.17 14.00
CA ASN YB 25 85.26 39.96 13.80
C ASN YB 25 86.19 38.78 13.54
N ARG YB 26 85.70 37.58 13.84
CA ARG YB 26 86.54 36.39 13.82
C ARG YB 26 86.13 35.38 12.75
N HIS YB 27 85.02 35.58 12.06
CA HIS YB 27 84.51 34.61 11.11
C HIS YB 27 84.75 35.07 9.68
N GLY YB 28 85.06 34.12 8.80
CA GLY YB 28 85.32 34.43 7.41
C GLY YB 28 86.54 35.30 7.21
N LEU YB 29 87.66 34.91 7.83
CA LEU YB 29 88.86 35.73 7.88
C LEU YB 29 89.89 35.22 6.89
N ILE YB 30 90.58 36.15 6.22
CA ILE YB 30 91.56 35.82 5.20
C ILE YB 30 92.95 36.03 5.80
N ARG YB 31 93.73 34.95 5.90
CA ARG YB 31 95.08 35.01 6.42
C ARG YB 31 96.14 35.03 5.32
N LYS YB 32 95.74 34.81 4.07
CA LYS YB 32 96.71 34.73 2.98
C LYS YB 32 97.41 36.07 2.81
N TYR YB 33 98.72 36.01 2.54
CA TYR YB 33 99.57 37.18 2.30
C TYR YB 33 99.63 38.14 3.47
N GLY YB 34 99.08 37.77 4.63
CA GLY YB 34 99.12 38.65 5.78
C GLY YB 34 98.06 39.71 5.82
N LEU YB 35 96.97 39.57 5.06
CA LEU YB 35 95.90 40.56 5.10
C LEU YB 35 95.26 40.62 6.49
N ASN YB 36 94.98 39.46 7.07
CA ASN YB 36 94.32 39.38 8.38
C ASN YB 36 93.04 40.20 8.40
N MET YB 37 92.24 40.02 7.35
CA MET YB 37 91.02 40.79 7.14
C MET YB 37 89.89 39.84 6.77
N CYS YB 38 88.71 40.09 7.31
CA CYS YB 38 87.58 39.23 7.00
C CYS YB 38 87.11 39.49 5.56
N ARG YB 39 86.39 38.51 5.02
CA ARG YB 39 86.07 38.54 3.59
C ARG YB 39 85.15 39.69 3.22
N GLN YB 40 84.35 40.19 4.17
CA GLN YB 40 83.47 41.31 3.85
C GLN YB 40 84.24 42.62 3.73
N CYS YB 41 85.20 42.85 4.61
CA CYS YB 41 86.00 44.07 4.52
C CYS YB 41 86.94 44.04 3.33
N PHE YB 42 87.41 42.85 2.94
CA PHE YB 42 88.37 42.76 1.85
C PHE YB 42 87.77 43.30 0.55
N ARG YB 43 86.60 42.80 0.16
CA ARG YB 43 86.00 43.26 -1.08
C ARG YB 43 85.41 44.66 -0.96
N GLN YB 44 85.34 45.21 0.25
CA GLN YB 44 85.10 46.65 0.40
C GLN YB 44 86.37 47.44 0.10
N TYR YB 45 87.52 46.94 0.55
CA TYR YB 45 88.79 47.64 0.41
C TYR YB 45 89.68 47.04 -0.66
N ALA YB 46 89.17 46.12 -1.47
CA ALA YB 46 90.01 45.48 -2.48
C ALA YB 46 90.49 46.47 -3.53
N LYS YB 47 89.74 47.54 -3.77
CA LYS YB 47 90.10 48.48 -4.82
C LYS YB 47 91.39 49.23 -4.49
N ASP YB 48 91.47 49.81 -3.30
CA ASP YB 48 92.61 50.64 -2.95
C ASP YB 48 93.77 49.85 -2.36
N ILE YB 49 93.58 48.58 -2.03
CA ILE YB 49 94.72 47.73 -1.71
C ILE YB 49 95.52 47.41 -2.97
N GLY YB 50 94.84 47.23 -4.10
CA GLY YB 50 95.51 46.98 -5.35
C GLY YB 50 95.01 45.78 -6.11
N PHE YB 51 93.97 45.13 -5.57
CA PHE YB 51 93.41 43.94 -6.21
C PHE YB 51 92.35 44.35 -7.22
N ILE YB 52 92.48 43.83 -8.44
CA ILE YB 52 91.65 44.24 -9.56
C ILE YB 52 90.96 43.00 -10.13
N LYS YB 53 89.65 43.10 -10.35
CA LYS YB 53 88.91 42.04 -11.02
C LYS YB 53 89.12 42.19 -12.53
N LEU YB 54 90.10 41.46 -13.06
CA LEU YB 54 90.38 41.48 -14.49
C LEU YB 54 89.51 40.47 -15.23
N ASP YB 55 89.56 39.21 -14.82
CA ASP YB 55 88.64 38.21 -15.32
C ASP YB 55 88.10 37.38 -14.17
N SER ZB 1 31.71 40.49 23.86
CA SER ZB 1 32.26 40.82 25.17
C SER ZB 1 32.03 42.28 25.51
N LEU ZB 2 31.36 42.53 26.63
CA LEU ZB 2 30.98 43.87 27.05
C LEU ZB 2 31.83 44.39 28.19
N ALA ZB 3 32.91 43.70 28.53
CA ALA ZB 3 33.66 44.01 29.75
C ALA ZB 3 34.69 45.12 29.55
N ARG ZB 4 35.10 45.40 28.33
CA ARG ZB 4 36.21 46.32 28.07
C ARG ZB 4 35.75 47.74 27.79
N VAL ZB 5 34.51 48.09 28.16
CA VAL ZB 5 34.02 49.44 27.91
C VAL ZB 5 34.80 50.45 28.75
N GLY ZB 6 34.93 51.66 28.21
CA GLY ZB 6 35.63 52.73 28.92
C GLY ZB 6 37.09 52.44 29.20
N LYS ZB 7 37.69 51.53 28.44
CA LYS ZB 7 39.05 51.09 28.76
C LYS ZB 7 40.07 52.22 28.60
N VAL ZB 8 40.07 52.90 27.45
CA VAL ZB 8 41.09 53.89 27.18
C VAL ZB 8 40.86 55.15 28.02
N ARG ZB 9 39.61 55.61 28.12
CA ARG ZB 9 39.33 56.81 28.90
C ARG ZB 9 39.75 56.67 30.35
N GLY ZB 10 39.77 55.45 30.86
CA GLY ZB 10 40.16 55.22 32.23
C GLY ZB 10 41.65 55.09 32.44
N GLN ZB 11 42.32 54.30 31.61
CA GLN ZB 11 43.73 54.03 31.80
C GLN ZB 11 44.63 55.12 31.25
N THR ZB 12 44.08 56.14 30.59
CA THR ZB 12 44.89 57.26 30.16
C THR ZB 12 45.31 58.10 31.36
N LEU ZB 13 46.42 58.80 31.20
CA LEU ZB 13 46.90 59.65 32.28
C LEU ZB 13 45.96 60.83 32.51
N LYS ZB 14 46.07 61.44 33.67
CA LYS ZB 14 45.27 62.61 34.04
C LYS ZB 14 46.19 63.80 34.19
N VAL ZB 15 46.06 64.76 33.27
CA VAL ZB 15 46.87 65.96 33.26
C VAL ZB 15 45.95 67.15 33.47
N ALA ZB 16 46.26 67.95 34.49
CA ALA ZB 16 45.48 69.15 34.76
C ALA ZB 16 45.81 70.23 33.74
N LYS ZB 17 44.82 71.07 33.44
CA LYS ZB 17 45.00 72.18 32.52
C LYS ZB 17 45.73 73.32 33.21
N GLN ZB 18 46.84 73.75 32.63
CA GLN ZB 18 47.60 74.86 33.21
C GLN ZB 18 46.80 76.15 33.14
N GLU ZB 19 47.03 77.03 34.11
CA GLU ZB 19 46.38 78.33 34.11
C GLU ZB 19 46.99 79.22 33.03
N LYS ZB 20 46.12 79.93 32.31
CA LYS ZB 20 46.55 80.79 31.23
C LYS ZB 20 45.73 82.07 31.22
N LYS ZB 21 46.34 83.15 30.73
CA LYS ZB 21 45.70 84.45 30.72
C LYS ZB 21 44.48 84.42 29.81
N LYS ZB 22 43.45 85.18 30.19
CA LYS ZB 22 42.20 85.24 29.44
C LYS ZB 22 42.46 85.74 28.02
N LYS ZB 23 41.50 85.47 27.14
CA LYS ZB 23 41.56 85.89 25.74
C LYS ZB 23 40.63 87.07 25.52
N ARG ZB 24 41.12 88.08 24.81
CA ARG ZB 24 40.28 89.21 24.47
C ARG ZB 24 39.16 88.79 23.55
N THR ZB 25 38.01 89.45 23.68
CA THR ZB 25 36.78 88.99 23.07
C THR ZB 25 36.14 90.08 22.23
N GLY ZB 26 35.36 89.66 21.23
CA GLY ZB 26 34.62 90.57 20.38
C GLY ZB 26 35.48 91.35 19.42
N ARG ZB 27 35.36 92.67 19.47
CA ARG ZB 27 36.10 93.53 18.55
C ARG ZB 27 37.60 93.45 18.80
N ALA ZB 28 38.03 93.30 20.04
CA ALA ZB 28 39.45 93.19 20.33
C ALA ZB 28 40.05 91.92 19.75
N LYS ZB 29 39.30 90.82 19.77
CA LYS ZB 29 39.80 89.58 19.19
C LYS ZB 29 39.97 89.70 17.69
N ARG ZB 30 38.98 90.28 17.01
CA ARG ZB 30 39.12 90.48 15.57
C ARG ZB 30 40.19 91.51 15.24
N ARG ZB 31 40.41 92.46 16.14
CA ARG ZB 31 41.52 93.40 15.98
C ARG ZB 31 42.86 92.69 16.05
N MET ZB 32 43.00 91.75 16.98
CA MET ZB 32 44.22 90.96 17.08
C MET ZB 32 44.41 90.10 15.84
N GLN ZB 33 43.34 89.49 15.33
CA GLN ZB 33 43.44 88.66 14.14
C GLN ZB 33 43.88 89.47 12.93
N TYR ZB 34 43.39 90.71 12.82
CA TYR ZB 34 43.79 91.56 11.71
C TYR ZB 34 45.29 91.86 11.75
N ASN ZB 35 45.82 92.14 12.94
CA ASN ZB 35 47.23 92.49 13.05
C ASN ZB 35 48.12 91.29 12.78
N ARG ZB 36 47.77 90.12 13.32
CA ARG ZB 36 48.62 88.95 13.18
C ARG ZB 36 48.68 88.44 11.75
N ARG ZB 37 47.76 88.85 10.88
CA ARG ZB 37 47.66 88.26 9.55
C ARG ZB 37 47.97 89.22 8.41
N PHE ZB 38 47.67 90.50 8.56
CA PHE ZB 38 47.69 91.37 7.39
C PHE ZB 38 48.66 92.54 7.49
N VAL ZB 39 48.77 93.20 8.64
CA VAL ZB 39 49.58 94.41 8.73
C VAL ZB 39 50.98 94.16 9.28
N ASN ZB 40 51.19 93.06 10.01
CA ASN ZB 40 52.47 92.80 10.64
C ASN ZB 40 53.38 91.94 9.78
N VAL ZB 41 52.82 90.97 9.05
CA VAL ZB 41 53.60 89.93 8.40
C VAL ZB 41 54.32 90.46 7.16
N VAL ZB 42 55.27 89.67 6.66
CA VAL ZB 42 56.03 89.98 5.46
C VAL ZB 42 56.04 88.74 4.58
N PRO ZB 43 56.03 88.87 3.25
CA PRO ZB 43 56.12 87.68 2.40
C PRO ZB 43 57.45 86.96 2.59
N THR ZB 44 57.41 85.64 2.38
CA THR ZB 44 58.54 84.76 2.61
C THR ZB 44 58.96 84.09 1.30
N PHE ZB 45 59.89 83.14 1.41
CA PHE ZB 45 60.43 82.44 0.25
C PHE ZB 45 59.50 81.31 -0.16
N GLY ZB 46 59.06 81.34 -1.42
CA GLY ZB 46 58.26 80.25 -1.95
C GLY ZB 46 56.92 80.13 -1.26
N LYS ZB 47 56.61 78.92 -0.80
CA LYS ZB 47 55.35 78.66 -0.12
C LYS ZB 47 55.42 79.10 1.33
N LYS ZB 48 54.27 79.51 1.86
CA LYS ZB 48 54.14 79.96 3.24
C LYS ZB 48 53.55 78.85 4.09
N LYS ZB 49 53.93 78.83 5.36
CA LYS ZB 49 53.43 77.85 6.31
C LYS ZB 49 52.21 78.38 7.05
N GLY ZB 50 51.50 77.47 7.71
CA GLY ZB 50 50.25 77.78 8.35
C GLY ZB 50 50.44 78.43 9.70
N PRO ZB 51 49.32 78.89 10.28
CA PRO ZB 51 49.39 79.53 11.59
C PRO ZB 51 49.87 78.62 12.71
N ASN ZB 52 49.57 77.33 12.63
CA ASN ZB 52 49.94 76.38 13.68
C ASN ZB 52 51.11 75.50 13.28
N ALA ZB 53 51.85 75.88 12.24
CA ALA ZB 53 52.97 75.08 11.78
C ALA ZB 53 54.00 74.94 12.90
N ASN ZB 54 54.52 73.72 13.04
CA ASN ZB 54 55.48 73.42 14.09
C ASN ZB 54 56.40 72.31 13.64
N SER ZB 55 57.54 72.20 14.31
CA SER ZB 55 58.54 71.19 13.97
C SER ZB 55 58.68 70.16 15.10
N THR AC 1 104.79 44.72 -86.36
CA THR AC 1 105.92 43.98 -86.92
C THR AC 1 106.75 43.34 -85.81
N GLU AC 2 106.42 43.66 -84.56
CA GLU AC 2 107.11 43.10 -83.41
C GLU AC 2 106.08 42.78 -82.33
N GLN AC 3 106.10 41.53 -81.87
CA GLN AC 3 105.06 41.02 -80.99
C GLN AC 3 105.66 40.48 -79.70
N MET AC 4 104.83 40.39 -78.67
CA MET AC 4 105.19 39.81 -77.39
C MET AC 4 104.30 38.59 -77.16
N THR AC 5 104.91 37.48 -76.75
CA THR AC 5 104.18 36.23 -76.58
C THR AC 5 104.57 35.60 -75.24
N LEU AC 6 103.70 34.71 -74.77
CA LEU AC 6 103.83 34.12 -73.45
C LEU AC 6 104.64 32.85 -73.51
N ARG AC 7 105.68 32.76 -72.66
CA ARG AC 7 106.52 31.58 -72.60
C ARG AC 7 106.14 30.61 -71.49
N GLY AC 8 105.50 31.08 -70.44
CA GLY AC 8 105.14 30.22 -69.33
C GLY AC 8 104.87 31.05 -68.08
N THR AC 9 104.78 30.33 -66.96
CA THR AC 9 104.47 30.93 -65.68
C THR AC 9 105.49 30.49 -64.65
N LEU AC 10 105.59 31.28 -63.58
CA LEU AC 10 106.47 30.98 -62.46
C LEU AC 10 105.62 31.02 -61.19
N LYS AC 11 105.02 29.86 -60.86
CA LYS AC 11 104.11 29.77 -59.73
C LYS AC 11 104.82 29.11 -58.54
N GLY AC 12 105.24 29.93 -57.59
CA GLY AC 12 105.84 29.43 -56.37
C GLY AC 12 105.52 30.27 -55.15
N HIS AC 13 104.63 31.25 -55.31
CA HIS AC 13 104.39 32.26 -54.29
C HIS AC 13 103.06 32.01 -53.59
N ASN AC 14 102.82 32.80 -52.54
CA ASN AC 14 101.55 32.76 -51.82
C ASN AC 14 100.86 34.12 -51.74
N GLY AC 15 101.55 35.20 -52.10
CA GLY AC 15 100.93 36.51 -52.20
C GLY AC 15 101.16 37.10 -53.58
N TRP AC 16 100.66 38.33 -53.75
CA TRP AC 16 100.90 39.03 -55.00
C TRP AC 16 102.39 39.27 -55.16
N VAL AC 17 102.89 39.11 -56.39
CA VAL AC 17 104.31 39.29 -56.64
C VAL AC 17 104.61 40.78 -56.58
N THR AC 18 105.17 41.24 -55.46
CA THR AC 18 105.23 42.67 -55.20
C THR AC 18 106.28 43.35 -56.05
N GLN AC 19 107.44 42.72 -56.24
CA GLN AC 19 108.54 43.37 -56.94
C GLN AC 19 109.43 42.32 -57.58
N ILE AC 20 109.80 42.54 -58.84
CA ILE AC 20 110.69 41.65 -59.58
C ILE AC 20 111.97 42.42 -59.92
N ALA AC 21 113.11 41.81 -59.64
CA ALA AC 21 114.40 42.41 -59.94
C ALA AC 21 115.30 41.39 -60.61
N THR AC 22 116.21 41.87 -61.45
CA THR AC 22 117.13 41.02 -62.20
C THR AC 22 118.54 41.59 -62.14
N THR AC 23 119.50 40.78 -62.58
CA THR AC 23 120.91 41.14 -62.60
C THR AC 23 121.50 40.87 -63.97
N PRO AC 24 122.51 41.63 -64.39
CA PRO AC 24 123.11 41.40 -65.71
C PRO AC 24 124.04 40.21 -65.74
N GLN AC 25 124.78 39.97 -64.65
CA GLN AC 25 125.81 38.94 -64.66
C GLN AC 25 125.22 37.54 -64.81
N PHE AC 26 124.03 37.30 -64.26
CA PHE AC 26 123.42 35.98 -64.30
C PHE AC 26 122.13 36.04 -65.09
N PRO AC 27 122.13 35.63 -66.36
CA PRO AC 27 120.93 35.74 -67.19
C PRO AC 27 119.87 34.68 -66.91
N ASP AC 28 120.05 33.85 -65.89
CA ASP AC 28 119.12 32.76 -65.62
C ASP AC 28 118.61 32.74 -64.18
N MET AC 29 118.73 33.86 -63.46
CA MET AC 29 118.16 33.95 -62.13
C MET AC 29 117.57 35.33 -61.92
N ILE AC 30 116.43 35.38 -61.22
CA ILE AC 30 115.76 36.62 -60.86
C ILE AC 30 115.30 36.51 -59.41
N LEU AC 31 114.90 37.65 -58.84
CA LEU AC 31 114.35 37.71 -57.50
C LEU AC 31 112.94 38.28 -57.57
N SER AC 32 112.01 37.67 -56.84
CA SER AC 32 110.62 38.07 -56.86
C SER AC 32 110.12 38.17 -55.42
N ALA AC 33 109.86 39.38 -54.96
CA ALA AC 33 109.24 39.57 -53.66
C ALA AC 33 107.73 39.42 -53.78
N SER AC 34 107.10 38.96 -52.70
CA SER AC 34 105.67 38.65 -52.71
C SER AC 34 104.98 39.26 -51.50
N ARG AC 35 103.65 39.20 -51.52
CA ARG AC 35 102.87 39.70 -50.40
C ARG AC 35 102.99 38.79 -49.18
N ASP AC 36 103.36 37.53 -49.34
CA ASP AC 36 103.80 36.77 -48.19
C ASP AC 36 105.20 37.25 -47.79
N LYS AC 37 105.72 36.70 -46.70
CA LYS AC 37 106.90 37.28 -46.05
C LYS AC 37 108.21 36.68 -46.56
N THR AC 38 108.26 36.26 -47.82
CA THR AC 38 109.44 35.62 -48.38
C THR AC 38 109.85 36.27 -49.69
N ILE AC 39 111.11 36.03 -50.07
CA ILE AC 39 111.65 36.41 -51.37
C ILE AC 39 112.22 35.16 -52.01
N ILE AC 40 111.81 34.87 -53.25
CA ILE AC 40 112.11 33.61 -53.89
C ILE AC 40 113.18 33.80 -54.95
N MET AC 41 114.22 32.97 -54.89
CA MET AC 41 115.28 32.90 -55.89
C MET AC 41 114.86 31.91 -56.96
N TRP AC 42 114.82 32.34 -58.22
CA TRP AC 42 114.41 31.49 -59.32
C TRP AC 42 115.60 31.09 -60.17
N LYS AC 43 115.68 29.81 -60.51
CA LYS AC 43 116.64 29.31 -61.49
C LYS AC 43 115.90 29.05 -62.79
N LEU AC 44 116.35 29.71 -63.86
CA LEU AC 44 115.66 29.64 -65.15
C LEU AC 44 116.21 28.47 -65.94
N THR AC 45 115.37 27.47 -66.17
CA THR AC 45 115.77 26.28 -66.92
C THR AC 45 115.24 26.26 -68.35
N ARG AC 46 114.21 27.05 -68.65
CA ARG AC 46 113.63 27.13 -69.99
C ARG AC 46 113.14 25.76 -70.47
N ASP AC 47 112.60 24.97 -69.56
CA ASP AC 47 112.05 23.67 -69.90
C ASP AC 47 110.62 23.82 -70.43
N GLU AC 48 110.19 22.82 -71.20
CA GLU AC 48 108.86 22.85 -71.79
C GLU AC 48 107.77 22.78 -70.72
N THR AC 49 107.93 21.90 -69.74
CA THR AC 49 106.90 21.74 -68.71
C THR AC 49 106.78 23.00 -67.87
N ASN AC 50 107.89 23.51 -67.36
CA ASN AC 50 107.90 24.76 -66.61
C ASN AC 50 109.11 25.57 -67.04
N TYR AC 51 108.93 26.89 -67.08
CA TYR AC 51 109.98 27.77 -67.56
C TYR AC 51 111.14 27.85 -66.57
N GLY AC 52 110.84 27.89 -65.28
CA GLY AC 52 111.87 27.93 -64.26
C GLY AC 52 111.34 27.45 -62.94
N ILE AC 53 112.27 27.05 -62.07
CA ILE AC 53 111.89 26.51 -60.77
C ILE AC 53 112.60 27.30 -59.67
N PRO AC 54 111.93 27.57 -58.55
CA PRO AC 54 112.61 28.23 -57.42
C PRO AC 54 113.64 27.33 -56.77
N GLN AC 55 114.63 27.97 -56.16
CA GLN AC 55 115.69 27.25 -55.45
C GLN AC 55 115.87 27.68 -54.02
N ARG AC 56 115.80 28.99 -53.72
CA ARG AC 56 116.05 29.47 -52.37
C ARG AC 56 115.05 30.55 -52.02
N ALA AC 57 114.58 30.54 -50.77
CA ALA AC 57 113.68 31.57 -50.27
C ALA AC 57 114.39 32.37 -49.19
N LEU AC 58 114.39 33.69 -49.35
CA LEU AC 58 115.10 34.57 -48.42
C LEU AC 58 114.15 35.10 -47.36
N ARG AC 59 113.65 34.18 -46.54
CA ARG AC 59 112.71 34.57 -45.50
C ARG AC 59 113.44 35.22 -44.33
N GLY AC 60 112.67 35.92 -43.50
CA GLY AC 60 113.24 36.68 -42.41
C GLY AC 60 112.53 37.98 -42.12
N HIS AC 61 111.60 38.37 -42.98
CA HIS AC 61 110.79 39.56 -42.75
C HIS AC 61 109.51 39.18 -42.01
N SER AC 62 109.10 40.05 -41.08
CA SER AC 62 107.95 39.80 -40.24
C SER AC 62 106.65 40.35 -40.81
N HIS AC 63 106.68 40.90 -42.02
CA HIS AC 63 105.48 41.42 -42.65
C HIS AC 63 105.71 41.45 -44.15
N PHE AC 64 104.84 42.17 -44.88
CA PHE AC 64 104.91 42.23 -46.33
C PHE AC 64 106.25 42.78 -46.78
N VAL AC 65 106.88 42.12 -47.74
CA VAL AC 65 108.10 42.61 -48.35
C VAL AC 65 107.74 43.41 -49.59
N SER AC 66 108.27 44.62 -49.69
CA SER AC 66 107.80 45.61 -50.66
C SER AC 66 108.75 45.87 -51.81
N ASP AC 67 110.06 45.79 -51.60
CA ASP AC 67 111.02 46.13 -52.64
C ASP AC 67 112.25 45.25 -52.51
N VAL AC 68 112.83 44.89 -53.66
CA VAL AC 68 114.04 44.09 -53.70
C VAL AC 68 114.80 44.39 -54.98
N VAL AC 69 116.11 44.51 -54.87
CA VAL AC 69 117.00 44.77 -56.01
C VAL AC 69 118.29 44.00 -55.80
N ILE AC 70 118.83 43.45 -56.89
CA ILE AC 70 120.12 42.78 -56.84
C ILE AC 70 121.23 43.80 -57.04
N SER AC 71 122.34 43.61 -56.34
CA SER AC 71 123.49 44.48 -56.51
C SER AC 71 124.10 44.30 -57.90
N SER AC 72 124.79 45.35 -58.36
CA SER AC 72 125.45 45.28 -59.66
C SER AC 72 126.51 44.20 -59.70
N ASP AC 73 127.14 43.92 -58.56
CA ASP AC 73 128.09 42.80 -58.51
C ASP AC 73 127.39 41.46 -58.68
N GLY AC 74 126.13 41.37 -58.30
CA GLY AC 74 125.38 40.14 -58.43
C GLY AC 74 125.50 39.16 -57.28
N GLN AC 75 126.03 39.59 -56.14
CA GLN AC 75 126.16 38.74 -54.98
C GLN AC 75 125.43 39.26 -53.74
N PHE AC 76 124.93 40.49 -53.77
CA PHE AC 76 124.18 41.07 -52.66
C PHE AC 76 122.79 41.45 -53.11
N ALA AC 77 121.81 41.28 -52.23
CA ALA AC 77 120.43 41.65 -52.50
C ALA AC 77 119.89 42.46 -51.33
N LEU AC 78 119.26 43.59 -51.64
CA LEU AC 78 118.62 44.43 -50.63
C LEU AC 78 117.12 44.24 -50.69
N SER AC 79 116.48 44.27 -49.53
CA SER AC 79 115.04 44.11 -49.45
C SER AC 79 114.46 45.07 -48.43
N GLY AC 80 113.32 45.67 -48.77
CA GLY AC 80 112.58 46.49 -47.83
C GLY AC 80 111.21 45.88 -47.62
N SER AC 81 110.64 46.12 -46.44
CA SER AC 81 109.43 45.42 -46.08
C SER AC 81 108.57 46.29 -45.18
N TRP AC 82 107.29 45.91 -45.08
CA TRP AC 82 106.30 46.71 -44.36
C TRP AC 82 106.54 46.76 -42.87
N ASP AC 83 107.41 45.92 -42.32
CA ASP AC 83 107.71 45.98 -40.90
C ASP AC 83 108.54 47.22 -40.54
N GLY AC 84 109.12 47.88 -41.52
CA GLY AC 84 109.94 49.05 -41.28
C GLY AC 84 111.43 48.79 -41.25
N THR AC 85 111.91 47.72 -41.88
CA THR AC 85 113.32 47.34 -41.83
C THR AC 85 113.82 47.08 -43.24
N LEU AC 86 115.14 47.00 -43.36
CA LEU AC 86 115.81 46.62 -44.59
C LEU AC 86 116.79 45.50 -44.29
N ARG AC 87 116.85 44.52 -45.19
CA ARG AC 87 117.75 43.39 -45.04
C ARG AC 87 118.64 43.27 -46.27
N LEU AC 88 119.93 43.00 -46.04
CA LEU AC 88 120.91 42.84 -47.09
C LEU AC 88 121.26 41.36 -47.17
N TRP AC 89 120.68 40.67 -48.15
CA TRP AC 89 120.88 39.24 -48.31
C TRP AC 89 122.21 38.94 -48.99
N ASP AC 90 122.67 37.71 -48.80
CA ASP AC 90 123.79 37.15 -49.55
C ASP AC 90 123.24 36.06 -50.44
N LEU AC 91 123.44 36.20 -51.75
CA LEU AC 91 122.80 35.32 -52.71
C LEU AC 91 123.30 33.88 -52.62
N THR AC 92 124.45 33.65 -51.99
CA THR AC 92 125.01 32.30 -51.92
C THR AC 92 124.39 31.49 -50.80
N THR AC 93 124.59 31.91 -49.55
CA THR AC 93 124.08 31.18 -48.40
C THR AC 93 122.70 31.63 -47.96
N GLY AC 94 122.18 32.72 -48.52
CA GLY AC 94 120.83 33.15 -48.21
C GLY AC 94 120.61 33.56 -46.77
N THR AC 95 121.54 34.31 -46.19
CA THR AC 95 121.42 34.79 -44.83
C THR AC 95 121.43 36.32 -44.81
N THR AC 96 120.98 36.86 -43.68
CA THR AC 96 120.96 38.32 -43.50
C THR AC 96 122.37 38.77 -43.12
N THR AC 97 123.07 39.38 -44.07
CA THR AC 97 124.41 39.89 -43.79
C THR AC 97 124.36 41.07 -42.82
N ARG AC 98 123.31 41.87 -42.88
CA ARG AC 98 123.22 43.08 -42.07
C ARG AC 98 121.81 43.63 -42.15
N ARG AC 99 121.35 44.23 -41.06
CA ARG AC 99 119.98 44.72 -40.94
C ARG AC 99 120.00 46.25 -40.79
N PHE AC 100 119.02 46.90 -41.39
CA PHE AC 100 118.95 48.35 -41.46
C PHE AC 100 117.71 48.80 -40.69
N VAL AC 101 117.92 49.33 -39.49
CA VAL AC 101 116.81 49.77 -38.65
C VAL AC 101 116.88 51.29 -38.51
N GLY AC 102 115.73 51.89 -38.18
CA GLY AC 102 115.67 53.32 -38.01
C GLY AC 102 114.39 53.99 -38.47
N HIS AC 103 113.66 53.38 -39.40
CA HIS AC 103 112.37 53.93 -39.79
C HIS AC 103 111.33 53.69 -38.71
N THR AC 104 110.47 54.70 -38.50
CA THR AC 104 109.37 54.54 -37.57
C THR AC 104 108.26 53.68 -38.16
N LYS AC 105 108.09 53.70 -39.48
CA LYS AC 105 106.99 52.99 -40.11
C LYS AC 105 107.43 52.18 -41.33
N ASP AC 106 106.45 51.65 -42.06
CA ASP AC 106 106.63 50.90 -43.29
C ASP AC 106 107.54 51.61 -44.28
N VAL AC 107 108.28 50.84 -45.08
CA VAL AC 107 109.15 51.37 -46.12
C VAL AC 107 108.68 50.85 -47.47
N LEU AC 108 108.72 51.71 -48.49
CA LEU AC 108 108.07 51.42 -49.76
C LEU AC 108 109.03 51.13 -50.90
N SER AC 109 110.26 51.66 -50.88
CA SER AC 109 111.17 51.44 -52.00
C SER AC 109 112.60 51.59 -51.53
N VAL AC 110 113.50 50.85 -52.17
CA VAL AC 110 114.92 50.86 -51.87
C VAL AC 110 115.71 50.89 -53.18
N ALA AC 111 116.96 51.33 -53.09
CA ALA AC 111 117.78 51.46 -54.30
C ALA AC 111 119.26 51.43 -53.97
N PHE AC 112 120.01 50.61 -54.70
CA PHE AC 112 121.47 50.73 -54.76
C PHE AC 112 121.90 51.82 -55.74
N SER AC 113 123.08 52.39 -55.44
CA SER AC 113 123.77 53.26 -56.36
C SER AC 113 124.67 52.45 -57.29
N SER AC 114 125.20 53.13 -58.31
CA SER AC 114 126.08 52.46 -59.26
C SER AC 114 127.34 51.95 -58.56
N ASP AC 115 127.85 52.72 -57.58
CA ASP AC 115 129.00 52.28 -56.81
C ASP AC 115 128.65 51.26 -55.74
N ASN AC 116 127.35 50.99 -55.54
CA ASN AC 116 126.90 50.07 -54.48
C ASN AC 116 127.37 50.52 -53.11
N ARG AC 117 127.47 51.83 -52.92
CA ARG AC 117 127.96 52.43 -51.67
C ARG AC 117 126.88 53.21 -50.93
N GLN AC 118 125.92 53.78 -51.65
CA GLN AC 118 124.83 54.54 -51.06
C GLN AC 118 123.52 53.80 -51.23
N ILE AC 119 122.70 53.79 -50.17
CA ILE AC 119 121.43 53.08 -50.16
C ILE AC 119 120.35 54.03 -49.67
N VAL AC 120 119.25 54.14 -50.41
CA VAL AC 120 118.17 55.06 -50.10
C VAL AC 120 116.90 54.26 -49.84
N SER AC 121 115.98 54.84 -49.08
CA SER AC 121 114.73 54.19 -48.73
C SER AC 121 113.58 55.18 -48.74
N GLY AC 122 112.44 54.72 -49.26
CA GLY AC 122 111.19 55.47 -49.18
C GLY AC 122 110.25 54.75 -48.24
N SER AC 123 109.43 55.52 -47.52
CA SER AC 123 108.71 54.96 -46.39
C SER AC 123 107.41 55.73 -46.17
N ARG AC 124 106.52 55.14 -45.37
CA ARG AC 124 105.22 55.76 -45.10
C ARG AC 124 105.34 56.97 -44.20
N ASP AC 125 106.35 57.05 -43.35
CA ASP AC 125 106.58 58.33 -42.71
C ASP AC 125 107.19 59.31 -43.71
N LYS AC 126 106.99 60.60 -43.45
CA LYS AC 126 107.37 61.64 -44.41
C LYS AC 126 108.88 61.84 -44.41
N THR AC 127 109.59 60.75 -44.72
CA THR AC 127 111.03 60.70 -44.54
C THR AC 127 111.70 59.96 -45.68
N ILE AC 128 112.79 60.53 -46.19
CA ILE AC 128 113.72 59.85 -47.07
C ILE AC 128 115.09 59.92 -46.41
N LYS AC 129 115.71 58.76 -46.19
CA LYS AC 129 117.02 58.70 -45.58
C LYS AC 129 117.90 57.74 -46.35
N LEU AC 130 119.19 58.08 -46.45
CA LEU AC 130 120.15 57.27 -47.19
C LEU AC 130 121.16 56.67 -46.23
N TRP AC 131 121.57 55.44 -46.51
CA TRP AC 131 122.44 54.67 -45.65
C TRP AC 131 123.75 54.36 -46.34
N ASN AC 132 124.74 53.97 -45.55
CA ASN AC 132 125.96 53.38 -46.06
C ASN AC 132 125.77 51.87 -46.18
N THR AC 133 126.81 51.18 -46.64
CA THR AC 133 126.78 49.72 -46.64
C THR AC 133 127.00 49.16 -45.24
N LEU AC 134 127.82 49.83 -44.43
CA LEU AC 134 128.20 49.31 -43.12
C LEU AC 134 127.09 49.39 -42.09
N GLY AC 135 125.99 50.09 -42.39
CA GLY AC 135 124.83 50.01 -41.51
C GLY AC 135 124.58 51.18 -40.59
N VAL AC 136 124.72 52.40 -41.09
CA VAL AC 136 124.48 53.61 -40.31
C VAL AC 136 123.64 54.58 -41.13
N CYS AC 137 122.65 55.20 -40.49
CA CYS AC 137 121.85 56.24 -41.13
C CYS AC 137 122.71 57.50 -41.28
N LYS AC 138 123.24 57.70 -42.48
CA LYS AC 138 124.14 58.83 -42.70
C LYS AC 138 123.41 60.15 -42.65
N TYR AC 139 122.28 60.25 -43.37
CA TYR AC 139 121.52 61.49 -43.41
C TYR AC 139 120.05 61.15 -43.61
N THR AC 140 119.20 61.74 -42.79
CA THR AC 140 117.75 61.62 -42.92
C THR AC 140 117.16 63.00 -43.20
N VAL AC 141 116.20 63.05 -44.11
CA VAL AC 141 115.63 64.30 -44.59
C VAL AC 141 114.24 64.47 -43.97
N GLN AC 142 114.08 65.50 -43.15
CA GLN AC 142 112.82 65.78 -42.49
C GLN AC 142 112.34 67.20 -42.69
N ASP AC 143 113.25 68.18 -42.75
CA ASP AC 143 112.86 69.58 -42.74
C ASP AC 143 111.95 69.92 -43.91
N GLU AC 144 112.31 69.47 -45.10
CA GLU AC 144 111.45 69.56 -46.28
C GLU AC 144 111.41 68.21 -46.95
N SER AC 145 110.22 67.69 -47.20
CA SER AC 145 110.06 66.38 -47.83
C SER AC 145 108.66 66.31 -48.42
N HIS AC 146 108.26 65.12 -48.83
CA HIS AC 146 106.89 64.90 -49.28
C HIS AC 146 105.92 65.07 -48.13
N SER AC 147 104.72 65.55 -48.44
CA SER AC 147 103.70 65.74 -47.44
C SER AC 147 102.95 64.46 -47.11
N GLU AC 148 103.07 63.43 -47.95
CA GLU AC 148 102.52 62.11 -47.67
C GLU AC 148 103.54 61.02 -47.99
N TRP AC 149 103.07 59.78 -48.04
CA TRP AC 149 103.97 58.64 -48.16
C TRP AC 149 104.86 58.74 -49.39
N VAL AC 150 106.14 58.45 -49.20
CA VAL AC 150 107.08 58.35 -50.31
C VAL AC 150 106.92 56.97 -50.94
N SER AC 151 106.45 56.93 -52.19
CA SER AC 151 106.11 55.65 -52.80
C SER AC 151 107.34 54.99 -53.40
N CYS AC 152 108.04 55.67 -54.30
CA CYS AC 152 109.18 55.08 -54.98
C CYS AC 152 110.33 56.09 -55.01
N VAL AC 153 111.56 55.57 -54.88
CA VAL AC 153 112.78 56.37 -54.93
C VAL AC 153 113.77 55.67 -55.84
N ARG AC 154 114.41 56.44 -56.72
CA ARG AC 154 115.35 55.89 -57.68
C ARG AC 154 116.60 56.77 -57.76
N PHE AC 155 117.73 56.12 -58.06
CA PHE AC 155 118.97 56.83 -58.36
C PHE AC 155 119.13 57.03 -59.87
N SER AC 156 119.86 58.07 -60.22
CA SER AC 156 120.22 58.31 -61.61
C SER AC 156 121.28 57.28 -62.04
N PRO AC 157 121.10 56.62 -63.19
CA PRO AC 157 122.10 55.62 -63.62
C PRO AC 157 123.50 56.20 -63.78
N ASN AC 158 123.62 57.43 -64.25
CA ASN AC 158 124.94 58.00 -64.47
C ASN AC 158 125.53 58.57 -63.18
N SER AC 159 126.85 58.71 -63.16
CA SER AC 159 127.55 59.29 -62.02
C SER AC 159 127.89 60.76 -62.22
N SER AC 160 127.87 61.25 -63.46
CA SER AC 160 128.13 62.66 -63.71
C SER AC 160 127.03 63.57 -63.17
N ASN AC 161 125.84 63.02 -62.93
CA ASN AC 161 124.71 63.79 -62.39
C ASN AC 161 124.17 63.04 -61.18
N PRO AC 162 124.72 63.32 -60.00
CA PRO AC 162 124.29 62.62 -58.77
C PRO AC 162 123.00 63.21 -58.19
N ILE AC 163 121.87 62.77 -58.74
CA ILE AC 163 120.56 63.23 -58.29
C ILE AC 163 119.63 62.04 -58.16
N ILE AC 164 118.77 62.07 -57.16
CA ILE AC 164 117.76 61.04 -56.97
C ILE AC 164 116.43 61.59 -57.46
N VAL AC 165 115.52 60.68 -57.78
CA VAL AC 165 114.13 61.02 -58.11
C VAL AC 165 113.23 60.23 -57.17
N SER AC 166 112.30 60.92 -56.53
CA SER AC 166 111.44 60.32 -55.52
C SER AC 166 110.03 60.86 -55.69
N CYS AC 167 109.11 60.00 -56.12
CA CYS AC 167 107.71 60.37 -56.20
C CYS AC 167 107.10 60.28 -54.80
N GLY AC 168 105.78 60.39 -54.72
CA GLY AC 168 105.11 60.30 -53.43
C GLY AC 168 103.62 60.45 -53.60
N TRP AC 169 102.92 60.26 -52.49
CA TRP AC 169 101.47 60.43 -52.45
C TRP AC 169 101.07 61.89 -52.32
N ASP AC 170 102.00 62.81 -52.57
CA ASP AC 170 101.74 64.24 -52.52
C ASP AC 170 101.51 64.84 -53.91
N LYS AC 171 101.21 63.99 -54.90
CA LYS AC 171 100.76 64.43 -56.21
C LYS AC 171 101.86 65.16 -56.99
N LEU AC 172 103.12 64.87 -56.69
CA LEU AC 172 104.22 65.58 -57.33
C LEU AC 172 105.49 64.74 -57.22
N VAL AC 173 106.56 65.24 -57.82
CA VAL AC 173 107.85 64.57 -57.85
C VAL AC 173 108.91 65.51 -57.28
N LYS AC 174 109.85 64.94 -56.53
CA LYS AC 174 111.00 65.67 -56.03
C LYS AC 174 112.27 65.15 -56.68
N VAL AC 175 113.20 66.08 -56.94
CA VAL AC 175 114.54 65.74 -57.41
C VAL AC 175 115.53 66.31 -56.42
N TRP AC 176 116.30 65.43 -55.79
CA TRP AC 176 117.26 65.79 -54.77
C TRP AC 176 118.65 65.55 -55.34
N ASN AC 177 119.65 66.19 -54.74
CA ASN AC 177 121.03 65.86 -55.09
C ASN AC 177 121.63 64.93 -54.05
N LEU AC 178 122.86 64.47 -54.32
CA LEU AC 178 123.53 63.54 -53.43
C LEU AC 178 124.57 64.19 -52.54
N ALA AC 179 125.31 65.19 -53.03
CA ALA AC 179 126.31 65.84 -52.21
C ALA AC 179 125.67 66.62 -51.07
N ASN AC 180 124.87 67.63 -51.41
CA ASN AC 180 124.15 68.39 -50.41
C ASN AC 180 122.94 67.63 -49.89
N CYS AC 181 122.40 66.70 -50.66
CA CYS AC 181 121.12 66.05 -50.36
C CYS AC 181 120.02 67.09 -50.14
N LYS AC 182 120.01 68.11 -51.01
CA LYS AC 182 119.00 69.13 -51.00
C LYS AC 182 118.38 69.22 -52.37
N LEU AC 183 117.06 69.44 -52.39
CA LEU AC 183 116.28 69.24 -53.60
C LEU AC 183 116.69 70.20 -54.70
N LYS AC 184 116.64 69.71 -55.94
CA LYS AC 184 116.99 70.48 -57.13
C LYS AC 184 115.79 71.07 -57.85
N THR AC 185 114.67 70.34 -57.92
CA THR AC 185 113.54 70.77 -58.72
C THR AC 185 112.24 70.19 -58.18
N ASN AC 186 111.27 71.06 -57.89
CA ASN AC 186 109.90 70.61 -57.65
C ASN AC 186 109.23 70.31 -58.98
N HIS AC 187 108.39 69.28 -58.98
CA HIS AC 187 107.83 68.71 -60.20
C HIS AC 187 106.32 68.54 -60.02
N ILE AC 188 105.55 69.51 -60.51
CA ILE AC 188 104.11 69.55 -60.30
C ILE AC 188 103.41 69.35 -61.64
N GLY AC 189 102.22 68.76 -61.58
CA GLY AC 189 101.41 68.65 -62.78
C GLY AC 189 100.78 67.28 -63.00
N HIS AC 190 100.91 66.39 -62.03
CA HIS AC 190 100.43 65.02 -62.17
C HIS AC 190 99.32 64.79 -61.15
N THR AC 191 98.14 64.40 -61.63
CA THR AC 191 96.97 64.26 -60.77
C THR AC 191 96.91 62.85 -60.18
N GLY AC 192 96.31 62.76 -58.99
CA GLY AC 192 96.28 61.51 -58.26
C GLY AC 192 97.60 61.19 -57.61
N TYR AC 193 97.60 60.30 -56.63
CA TYR AC 193 98.85 59.90 -55.99
C TYR AC 193 99.72 59.14 -56.98
N LEU AC 194 101.02 59.18 -56.74
CA LEU AC 194 102.00 58.51 -57.59
C LEU AC 194 102.48 57.25 -56.90
N ASN AC 195 102.40 56.12 -57.59
CA ASN AC 195 102.85 54.85 -57.04
C ASN AC 195 104.04 54.26 -57.79
N THR AC 196 104.67 55.03 -58.68
CA THR AC 196 105.84 54.53 -59.41
C THR AC 196 106.59 55.70 -60.01
N VAL AC 197 107.88 55.46 -60.26
CA VAL AC 197 108.72 56.37 -61.02
C VAL AC 197 109.96 55.60 -61.43
N THR AC 198 110.52 55.94 -62.59
CA THR AC 198 111.67 55.22 -63.11
C THR AC 198 112.54 56.18 -63.90
N VAL AC 199 113.75 55.72 -64.23
CA VAL AC 199 114.71 56.51 -64.99
C VAL AC 199 115.16 55.71 -66.20
N SER AC 200 115.49 56.43 -67.27
CA SER AC 200 115.98 55.78 -68.48
C SER AC 200 117.40 55.28 -68.27
N PRO AC 201 117.79 54.23 -69.00
CA PRO AC 201 119.19 53.77 -68.92
C PRO AC 201 120.19 54.84 -69.32
N ASP AC 202 119.80 55.77 -70.21
CA ASP AC 202 120.66 56.89 -70.52
C ASP AC 202 120.88 57.80 -69.32
N GLY AC 203 119.93 57.81 -68.38
CA GLY AC 203 120.02 58.69 -67.23
C GLY AC 203 119.52 60.08 -67.47
N SER AC 204 118.64 60.28 -68.46
CA SER AC 204 118.16 61.61 -68.81
C SER AC 204 116.64 61.75 -68.79
N LEU AC 205 115.89 60.66 -68.84
CA LEU AC 205 114.43 60.72 -68.83
C LEU AC 205 113.89 59.95 -67.64
N CYS AC 206 112.86 60.52 -67.00
CA CYS AC 206 112.17 59.89 -65.89
C CYS AC 206 110.69 59.81 -66.21
N ALA AC 207 110.10 58.64 -65.99
CA ALA AC 207 108.68 58.42 -66.20
C ALA AC 207 107.99 58.24 -64.86
N SER AC 208 106.91 58.97 -64.64
CA SER AC 208 106.15 58.91 -63.40
C SER AC 208 104.71 58.50 -63.70
N GLY AC 209 104.20 57.57 -62.90
CA GLY AC 209 102.83 57.13 -63.04
C GLY AC 209 102.13 57.11 -61.69
N GLY AC 210 100.80 57.02 -61.74
CA GLY AC 210 100.04 57.04 -60.52
C GLY AC 210 98.56 56.74 -60.66
N LYS AC 211 97.75 57.44 -59.85
CA LYS AC 211 96.34 57.09 -59.72
C LYS AC 211 95.59 57.26 -61.03
N ASP AC 212 95.71 58.44 -61.66
CA ASP AC 212 94.89 58.73 -62.83
C ASP AC 212 95.29 57.90 -64.04
N GLY AC 213 96.54 57.45 -64.10
CA GLY AC 213 97.02 56.69 -65.23
C GLY AC 213 97.67 57.51 -66.32
N GLN AC 214 98.15 58.71 -66.01
CA GLN AC 214 98.79 59.58 -67.00
C GLN AC 214 100.30 59.43 -66.85
N ALA AC 215 100.88 58.50 -67.61
CA ALA AC 215 102.33 58.38 -67.64
C ALA AC 215 102.93 59.65 -68.22
N MET AC 216 103.97 60.17 -67.57
CA MET AC 216 104.55 61.44 -67.96
C MET AC 216 106.06 61.33 -67.92
N LEU AC 217 106.71 61.63 -69.05
CA LEU AC 217 108.16 61.57 -69.17
C LEU AC 217 108.74 62.97 -69.04
N TRP AC 218 109.64 63.16 -68.08
CA TRP AC 218 110.26 64.44 -67.82
C TRP AC 218 111.77 64.32 -67.94
N ASP AC 219 112.39 65.32 -68.56
CA ASP AC 219 113.81 65.27 -68.85
C ASP AC 219 114.61 65.58 -67.59
N LEU AC 220 115.69 64.82 -67.38
CA LEU AC 220 116.48 64.96 -66.17
C LEU AC 220 117.57 66.01 -66.30
N ASN AC 221 118.21 66.11 -67.47
CA ASN AC 221 119.21 67.15 -67.67
C ASN AC 221 118.59 68.53 -67.61
N GLU AC 222 117.46 68.73 -68.30
CA GLU AC 222 116.66 69.95 -68.20
C GLU AC 222 115.32 69.57 -67.57
N GLY AC 223 115.10 70.01 -66.34
CA GLY AC 223 113.97 69.55 -65.57
C GLY AC 223 112.65 70.16 -65.96
N LYS AC 224 112.16 69.87 -67.17
CA LYS AC 224 110.90 70.41 -67.66
C LYS AC 224 110.05 69.30 -68.26
N HIS AC 225 108.73 69.53 -68.29
CA HIS AC 225 107.81 68.60 -68.90
C HIS AC 225 108.07 68.48 -70.40
N LEU AC 226 107.76 67.30 -70.94
CA LEU AC 226 107.85 67.04 -72.37
C LEU AC 226 106.48 66.77 -72.98
N TYR AC 227 105.77 65.77 -72.47
CA TYR AC 227 104.53 65.26 -73.04
C TYR AC 227 103.95 64.19 -72.13
N THR AC 228 102.69 63.88 -72.35
CA THR AC 228 101.90 63.08 -71.43
C THR AC 228 101.35 61.85 -72.14
N LEU AC 229 101.31 60.74 -71.40
CA LEU AC 229 100.91 59.47 -71.95
C LEU AC 229 99.62 58.99 -71.29
N ASP AC 230 98.74 58.39 -72.07
CA ASP AC 230 97.43 57.93 -71.61
C ASP AC 230 97.50 56.42 -71.39
N GLY AC 231 97.42 56.00 -70.12
CA GLY AC 231 97.42 54.60 -69.79
C GLY AC 231 96.03 54.08 -69.46
N GLY AC 232 95.06 55.01 -69.40
CA GLY AC 232 93.67 54.65 -69.16
C GLY AC 232 93.33 54.47 -67.69
N ASP AC 233 93.75 53.35 -67.12
CA ASP AC 233 93.42 52.99 -65.75
C ASP AC 233 94.66 53.11 -64.86
N ILE AC 234 94.51 52.65 -63.62
CA ILE AC 234 95.62 52.63 -62.67
C ILE AC 234 96.84 51.99 -63.30
N ILE AC 235 98.01 52.59 -63.06
CA ILE AC 235 99.29 52.06 -63.53
C ILE AC 235 100.20 51.93 -62.32
N ASN AC 236 100.86 50.78 -62.21
CA ASN AC 236 101.60 50.43 -61.00
C ASN AC 236 103.11 50.34 -61.21
N ALA AC 237 103.57 49.81 -62.34
CA ALA AC 237 104.99 49.62 -62.58
C ALA AC 237 105.41 50.33 -63.85
N LEU AC 238 106.51 51.07 -63.78
CA LEU AC 238 107.08 51.78 -64.92
C LEU AC 238 108.57 51.47 -64.98
N CYS AC 239 109.05 51.09 -66.15
CA CYS AC 239 110.48 50.88 -66.36
C CYS AC 239 110.77 50.93 -67.86
N PHE AC 240 112.03 51.15 -68.19
CA PHE AC 240 112.50 51.27 -69.56
C PHE AC 240 113.15 49.97 -70.01
N SER AC 241 113.09 49.73 -71.33
CA SER AC 241 113.86 48.64 -71.91
C SER AC 241 115.35 48.95 -71.81
N PRO AC 242 116.19 47.96 -71.53
CA PRO AC 242 117.61 48.25 -71.28
C PRO AC 242 118.38 48.63 -72.54
N ASN AC 243 118.15 47.91 -73.64
CA ASN AC 243 118.80 48.19 -74.91
C ASN AC 243 117.90 48.93 -75.88
N ARG AC 244 116.62 48.59 -75.90
CA ARG AC 244 115.67 49.16 -76.84
C ARG AC 244 115.04 50.42 -76.23
N TYR AC 245 114.52 51.28 -77.10
CA TYR AC 245 114.05 52.60 -76.70
C TYR AC 245 112.54 52.52 -76.51
N TRP AC 246 112.13 51.86 -75.42
CA TRP AC 246 110.74 51.59 -75.13
C TRP AC 246 110.42 51.95 -73.69
N LEU AC 247 109.12 51.94 -73.38
CA LEU AC 247 108.60 52.18 -72.03
C LEU AC 247 107.37 51.33 -71.83
N CYS AC 248 107.35 50.53 -70.76
CA CYS AC 248 106.28 49.61 -70.48
C CYS AC 248 105.53 50.02 -69.21
N ALA AC 249 104.21 49.94 -69.26
CA ALA AC 249 103.34 50.33 -68.16
C ALA AC 249 102.44 49.16 -67.77
N ALA AC 250 102.26 48.97 -66.46
CA ALA AC 250 101.38 47.93 -65.93
C ALA AC 250 100.03 48.55 -65.64
N THR AC 251 99.14 48.52 -66.64
CA THR AC 251 97.84 49.17 -66.55
C THR AC 251 96.79 48.16 -66.11
N GLY AC 252 96.70 47.96 -64.80
CA GLY AC 252 95.70 47.08 -64.24
C GLY AC 252 95.85 45.66 -64.73
N PRO AC 253 94.81 45.12 -65.36
CA PRO AC 253 94.85 43.71 -65.77
C PRO AC 253 95.88 43.41 -66.84
N SER AC 254 96.34 44.41 -67.59
CA SER AC 254 97.21 44.17 -68.72
C SER AC 254 98.39 45.13 -68.70
N ILE AC 255 99.53 44.65 -69.18
CA ILE AC 255 100.71 45.49 -69.32
C ILE AC 255 100.68 46.14 -70.71
N LYS AC 256 101.40 47.25 -70.85
CA LYS AC 256 101.31 48.06 -72.05
C LYS AC 256 102.67 48.65 -72.36
N ILE AC 257 103.20 48.33 -73.53
CA ILE AC 257 104.52 48.77 -73.96
C ILE AC 257 104.35 49.76 -75.12
N TRP AC 258 105.04 50.90 -75.05
CA TRP AC 258 105.13 51.82 -76.18
C TRP AC 258 106.57 52.17 -76.52
N ASP AC 259 106.78 52.45 -77.81
CA ASP AC 259 107.96 53.14 -78.29
C ASP AC 259 107.74 54.64 -78.21
N LEU AC 260 108.79 55.38 -77.85
CA LEU AC 260 108.65 56.79 -77.52
C LEU AC 260 109.18 57.72 -78.60
N GLU AC 261 109.89 57.20 -79.61
CA GLU AC 261 110.20 58.03 -80.77
C GLU AC 261 108.94 58.43 -81.51
N GLY AC 262 107.98 57.52 -81.61
CA GLY AC 262 106.65 57.83 -82.09
C GLY AC 262 105.63 57.47 -81.03
N LYS AC 263 104.88 58.45 -80.55
CA LYS AC 263 104.07 58.25 -79.36
C LYS AC 263 102.86 57.39 -79.68
N ILE AC 264 103.10 56.11 -79.97
CA ILE AC 264 102.06 55.18 -80.36
C ILE AC 264 102.20 53.89 -79.58
N ILE AC 265 101.08 53.17 -79.48
CA ILE AC 265 101.11 51.81 -78.95
C ILE AC 265 101.85 50.91 -79.91
N VAL AC 266 102.79 50.12 -79.37
CA VAL AC 266 103.49 49.14 -80.19
C VAL AC 266 102.92 47.77 -79.90
N ASP AC 267 102.43 47.57 -78.67
CA ASP AC 267 101.77 46.33 -78.29
C ASP AC 267 101.01 46.50 -76.98
N GLU AC 268 99.71 46.20 -76.99
CA GLU AC 268 98.91 46.21 -75.77
C GLU AC 268 98.78 44.76 -75.31
N LEU AC 269 99.61 44.38 -74.35
CA LEU AC 269 99.74 42.99 -73.95
C LEU AC 269 98.67 42.67 -72.92
N LYS AC 270 97.64 41.94 -73.33
CA LYS AC 270 96.52 41.55 -72.47
C LYS AC 270 96.72 40.12 -71.96
N GLN AC 271 95.97 39.78 -70.92
CA GLN AC 271 95.87 38.40 -70.46
C GLN AC 271 94.90 37.63 -71.34
N GLU AC 272 95.29 36.43 -71.76
CA GLU AC 272 94.49 35.60 -72.65
C GLU AC 272 94.02 34.33 -71.95
N VAL AC 273 93.93 34.36 -70.63
CA VAL AC 273 93.45 33.21 -69.85
C VAL AC 273 92.25 33.65 -69.02
N ILE AC 274 91.48 34.60 -69.54
CA ILE AC 274 90.34 35.14 -68.81
C ILE AC 274 89.32 34.04 -68.60
N SER AC 275 89.08 33.68 -67.35
CA SER AC 275 88.12 32.64 -66.99
C SER AC 275 87.08 33.10 -65.98
N THR AC 276 87.47 33.96 -65.03
CA THR AC 276 86.58 34.40 -63.97
C THR AC 276 85.81 35.67 -64.35
N SER AC 277 85.18 35.64 -65.53
CA SER AC 277 84.40 36.77 -65.99
C SER AC 277 83.10 36.96 -65.22
N SER AC 278 82.70 35.99 -64.41
CA SER AC 278 81.44 36.06 -63.66
C SER AC 278 81.62 37.03 -62.50
N LYS AC 279 81.18 38.28 -62.69
CA LYS AC 279 81.13 39.33 -61.66
C LYS AC 279 82.43 39.41 -60.85
N ALA AC 280 83.55 39.09 -61.48
CA ALA AC 280 84.84 39.13 -60.81
C ALA AC 280 85.85 39.92 -61.64
N GLU AC 281 86.65 40.72 -60.96
CA GLU AC 281 87.66 41.55 -61.62
C GLU AC 281 88.87 40.70 -61.98
N PRO AC 282 89.37 40.79 -63.22
CA PRO AC 282 90.46 39.91 -63.63
C PRO AC 282 91.74 40.26 -62.89
N PRO AC 283 92.66 39.31 -62.74
CA PRO AC 283 93.91 39.59 -62.03
C PRO AC 283 94.70 40.71 -62.69
N GLN AC 284 95.24 41.59 -61.86
CA GLN AC 284 95.96 42.77 -62.33
C GLN AC 284 97.47 42.58 -62.21
N CYS AC 285 98.20 43.40 -62.94
CA CYS AC 285 99.66 43.41 -62.86
C CYS AC 285 100.11 44.46 -61.85
N THR AC 286 101.15 44.13 -61.10
CA THR AC 286 101.66 45.01 -60.06
C THR AC 286 103.16 45.25 -60.12
N SER AC 287 103.93 44.40 -60.79
CA SER AC 287 105.35 44.63 -60.93
C SER AC 287 105.83 43.98 -62.22
N LEU AC 288 106.92 44.52 -62.76
CA LEU AC 288 107.50 44.01 -63.99
C LEU AC 288 108.90 44.57 -64.15
N ALA AC 289 109.80 43.76 -64.71
CA ALA AC 289 111.16 44.19 -64.94
C ALA AC 289 111.69 43.53 -66.20
N TRP AC 290 112.38 44.33 -67.03
CA TRP AC 290 113.03 43.80 -68.20
C TRP AC 290 114.24 42.95 -67.80
N SER AC 291 114.63 42.07 -68.70
CA SER AC 291 115.85 41.29 -68.47
C SER AC 291 117.08 42.15 -68.77
N ALA AC 292 118.25 41.57 -68.49
CA ALA AC 292 119.50 42.28 -68.76
C ALA AC 292 119.68 42.53 -70.25
N ASP AC 293 119.56 41.48 -71.06
CA ASP AC 293 119.65 41.65 -72.51
C ASP AC 293 118.49 42.47 -73.04
N GLY AC 294 117.29 42.25 -72.51
CA GLY AC 294 116.12 42.98 -72.93
C GLY AC 294 115.20 42.26 -73.88
N GLN AC 295 115.41 40.98 -74.12
CA GLN AC 295 114.56 40.22 -75.03
C GLN AC 295 113.39 39.55 -74.34
N THR AC 296 113.37 39.50 -73.01
CA THR AC 296 112.26 38.91 -72.28
C THR AC 296 111.85 39.82 -71.13
N LEU AC 297 110.56 39.78 -70.80
CA LEU AC 297 109.98 40.64 -69.79
C LEU AC 297 109.19 39.80 -68.79
N PHE AC 298 109.47 40.00 -67.51
CA PHE AC 298 108.76 39.33 -66.43
C PHE AC 298 107.65 40.23 -65.90
N ALA AC 299 106.51 39.65 -65.57
CA ALA AC 299 105.37 40.40 -65.07
C ALA AC 299 104.91 39.80 -63.75
N GLY AC 300 104.85 40.62 -62.70
CA GLY AC 300 104.33 40.19 -61.42
C GLY AC 300 102.85 40.48 -61.34
N TYR AC 301 102.07 39.46 -61.01
CA TYR AC 301 100.63 39.53 -61.03
C TYR AC 301 100.06 39.34 -59.63
N THR AC 302 98.77 39.63 -59.49
CA THR AC 302 98.07 39.53 -58.22
C THR AC 302 97.55 38.13 -57.95
N ASP AC 303 97.68 37.20 -58.91
CA ASP AC 303 97.20 35.84 -58.75
C ASP AC 303 98.32 34.86 -58.39
N ASN AC 304 99.32 35.34 -57.64
CA ASN AC 304 100.33 34.51 -56.99
C ASN AC 304 101.37 33.95 -57.94
N LEU AC 305 101.48 34.45 -59.17
CA LEU AC 305 102.41 33.86 -60.12
C LEU AC 305 103.01 34.94 -61.00
N VAL AC 306 104.10 34.57 -61.69
CA VAL AC 306 104.83 35.44 -62.58
C VAL AC 306 104.74 34.89 -63.99
N ARG AC 307 104.41 35.74 -64.95
CA ARG AC 307 104.36 35.36 -66.35
C ARG AC 307 105.53 35.96 -67.10
N VAL AC 308 106.12 35.17 -68.00
CA VAL AC 308 107.32 35.54 -68.73
C VAL AC 308 106.94 35.84 -70.18
N TRP AC 309 107.16 37.07 -70.60
CA TRP AC 309 106.85 37.55 -71.94
C TRP AC 309 108.15 37.95 -72.62
N GLN AC 310 108.31 37.57 -73.89
CA GLN AC 310 109.51 37.93 -74.62
C GLN AC 310 109.14 38.48 -76.00
N VAL AC 311 110.13 39.06 -76.66
CA VAL AC 311 109.97 39.56 -78.02
C VAL AC 311 110.06 38.39 -78.99
N THR AC 312 109.20 38.40 -80.01
CA THR AC 312 109.26 37.38 -81.04
C THR AC 312 110.34 37.72 -82.09
N ILE AC 313 110.20 38.86 -82.74
CA ILE AC 313 111.20 39.32 -83.70
C ILE AC 313 112.27 40.14 -82.97
MG MG BC . -49.37 -55.61 2.52
MG MG CC . -16.69 -50.21 2.61
MG MG DC . -15.15 -49.41 -2.16
MG MG EC . -13.11 -47.57 -9.86
MG MG FC . -18.36 -61.72 -16.56
MG MG GC . -34.39 -53.15 -21.09
MG MG HC . -44.93 -53.13 -35.09
MG MG IC . -37.61 -70.52 -37.23
MG MG JC . -33.30 -70.15 -40.07
MG MG KC . -15.96 -82.52 -8.00
MG MG LC . -22.23 -81.33 -29.58
MG MG MC . -34.76 -92.06 -26.73
MG MG NC . -35.09 -77.84 -59.57
MG MG OC . -31.53 -72.48 -65.48
MG MG PC . -81.60 -85.70 -5.62
MG MG QC . -74.95 -81.45 2.73
MG MG RC . -75.47 -76.59 5.65
MG MG SC . -16.49 -62.08 -41.00
MG MG TC . -4.72 -46.27 -27.73
MG MG UC . -14.51 -57.09 -19.70
MG MG VC . -18.39 -57.29 -18.14
MG MG WC . 1.45 -75.02 -31.72
MG MG XC . -25.04 -73.85 -45.46
MG MG YC . -48.38 -68.46 8.63
MG MG ZC . -56.16 -53.18 2.54
MG MG AD . -75.80 -66.05 13.34
MG MG BD . -78.40 -61.10 21.68
MG MG CD . -76.73 -58.41 19.36
MG MG DD . -73.41 -52.96 18.64
MG MG ED . -67.18 -45.46 36.96
MG MG FD . -68.14 -40.08 48.26
MG MG GD . -26.57 -68.60 39.77
MG MG HD . -28.20 -62.28 30.05
MG MG ID . -60.40 -8.32 11.21
MG MG JD . -64.92 -0.02 14.53
MG MG KD . -62.29 9.94 5.31
MG MG LD . -72.70 -4.19 -11.60
MG MG MD . -78.91 -15.50 -5.77
MG MG ND . -72.06 -20.33 13.05
MG MG OD . -54.58 -18.65 -39.89
MG MG PD . -59.08 -6.42 -33.94
MG MG QD . -50.99 35.04 -53.12
MG MG RD . -73.58 -10.11 -20.54
MG MG SD . -64.96 -9.87 4.52
MG MG TD . -60.36 -19.92 -4.79
MG MG UD . -51.53 -19.37 2.81
MG MG VD . -40.43 20.90 28.48
MG MG WD . -35.23 10.63 12.12
MG MG XD . -24.33 24.76 0.15
MG MG YD . -7.09 14.20 1.35
MG MG ZD . -23.07 6.03 -7.55
MG MG AE . -32.95 -9.35 0.82
MG MG BE . 9.80 -12.97 -21.57
MG MG CE . -4.32 -4.24 -18.46
MG MG DE . -0.03 -11.35 -6.07
MG MG EE . 9.28 8.35 -2.30
MG MG FE . -5.13 13.64 9.34
MG MG GE . 3.06 1.11 -15.31
MG MG HE . -56.92 -14.00 30.28
MG MG IE . -26.04 -33.07 37.46
MG MG JE . -8.98 -45.50 9.86
MG MG KE . -6.02 -38.28 12.15
MG MG LE . -15.60 -44.13 -1.59
MG MG ME . -15.66 -36.40 -5.02
MG MG NE . -11.59 -31.66 -11.96
MG MG OE . -12.71 -22.49 -14.40
MG MG PE . 0.17 -32.64 -13.87
MG MG QE . -18.49 -41.42 -7.92
MG MG RE . 20.40 -51.87 36.77
MG MG SE . 12.39 -57.57 39.80
MG MG TE . 39.48 -57.92 13.19
MG MG UE . 52.42 -70.48 18.96
MG MG VE . 49.16 -63.74 18.14
MG MG WE . 32.87 -78.17 7.02
MG MG XE . -15.98 -14.13 2.17
MG MG YE . -19.46 -15.01 -2.64
MG MG ZE . -18.77 -10.95 -6.83
MG MG AF . -19.07 -10.43 6.26
MG MG BF . -27.26 -39.43 21.54
MG MG CF . -15.26 -35.55 28.44
MG MG DF . -18.64 -39.43 29.55
MG MG EF . -15.51 -20.76 32.46
MG MG FF . 21.90 3.16 61.85
MG MG GF . -8.36 -39.28 31.23
MG MG HF . -31.98 -21.37 30.04
MG MG IF . -33.04 -24.14 25.04
MG MG JF . -4.39 16.71 65.25
MG MG KF . -23.49 8.78 29.57
MG MG LF . -22.74 12.52 25.25
MG MG MF . -18.36 14.13 20.45
MG MG NF . -33.72 -12.86 23.34
MG MG OF . -23.07 -13.39 32.45
MG MG PF . -20.12 -1.27 45.30
MG MG QF . -12.56 -6.67 59.79
MG MG RF . -32.94 -14.91 31.62
MG MG SF . -36.69 -3.54 19.07
MG MG TF . -23.23 -4.69 14.15
MG MG UF . -2.41 -1.57 -4.79
MG MG VF . -39.10 -5.01 13.52
MG MG WF . -46.92 -11.23 20.25
MG MG XF . -25.85 1.40 77.74
MG MG YF . -21.69 -1.68 82.92
MG MG ZF . -12.25 -6.15 79.97
MG MG AG . -74.14 32.31 11.33
MG MG BG . -62.84 -52.07 78.95
MG MG CG . -11.92 -56.19 53.18
MG MG DG . -19.74 -45.45 20.53
MG MG EG . -15.15 -50.74 20.84
MG MG FG . -27.62 -51.18 22.39
MG MG GG . 2.71 -78.59 -37.40
MG MG HG . -69.12 -53.26 12.31
MG MG IG . -59.86 -52.89 7.83
MG MG JG . -65.28 -55.57 13.94
MG MG KG . -48.67 -57.07 19.67
MG MG LG . -39.38 -36.02 24.79
MG MG MG . -37.88 -18.73 32.78
MG MG NG . -61.17 -15.17 27.29
MG MG OG . -19.23 -51.67 30.21
MG MG PG . -16.09 -72.85 11.91
MG MG QG . 2.43 -2.43 -5.18
MG MG RG . -25.28 -34.61 16.16
MG MG SG . -66.30 -1.38 -10.24
MG MG TG . -71.39 -5.16 12.63
MG MG UG . -59.01 -52.65 10.68
MG MG VG . -74.81 -65.85 12.85
MG MG WG . -23.75 -31.80 -8.02
MG MG XG . -14.35 -47.01 12.96
MG MG YG . -7.08 -49.72 24.18
MG MG ZG . 21.26 -45.30 47.08
MG MG AH . 2.58 -15.87 44.77
MG MG BH . -40.77 -8.43 65.82
MG MG CH . -17.54 -56.74 16.88
MG MG DH . -27.41 -63.57 6.90
MG MG EH . -17.86 -84.46 10.47
MG MG FH . -32.44 -53.51 5.43
MG MG GH . -32.01 -46.41 2.02
MG MG HH . -30.61 -45.17 33.91
MG MG IH . -33.75 -4.35 2.70
MG MG JH . -27.05 -32.12 11.86
MG MG KH . -20.61 -68.99 39.75
MG MG LH . -47.66 -50.96 22.69
MG MG MH . -25.16 -62.39 74.84
MG MG NH . -23.47 -70.67 50.50
MG MG OH . -57.14 -46.47 -58.03
MG MG PH . -28.60 -43.42 24.57
MG MG QH . -54.17 -19.75 34.81
MG MG RH . -18.66 -56.09 46.46
MG MG SH . -15.78 -61.32 38.91
MG MG TH . -43.44 -47.77 -28.72
MG MG UH . -54.24 -82.63 -7.63
MG MG VH . -70.31 -86.91 -13.78
MG MG WH . -79.45 -85.97 -8.92
MG MG XH . -78.14 -86.45 8.30
MG MG YH . -81.02 -87.88 13.25
MG MG ZH . -40.17 33.30 -21.65
MG MG AI . -31.65 -6.61 -15.12
MG MG BI . -43.45 -15.43 -19.68
MG MG CI . -56.39 3.59 -73.85
MG MG DI . -21.76 -53.81 -28.10
MG MG EI . -20.29 -51.68 -24.15
MG MG FI . -22.89 -80.06 -46.71
MG MG GI . -22.47 -74.24 -49.74
MG MG HI . -22.16 -83.91 -25.51
MG MG II . -0.73 -59.05 -5.90
MG MG JI . -3.56 -42.35 36.17
MG MG KI . -29.14 -31.65 26.23
MG MG LI . -0.31 -51.35 4.57
MG MG MI . -18.68 -38.95 56.91
MG MG NI . -24.90 -44.12 65.59
MG MG OI . -38.09 -43.75 56.57
MG MG PI . -39.84 -40.00 49.15
MG MG QI . -27.19 -77.01 57.91
MG MG RI . -31.12 -65.02 62.14
MG MG SI . -26.64 -26.27 -25.52
MG MG TI . -77.88 15.07 -33.80
MG MG UI . -95.48 13.33 -27.65
MG MG VI . -82.94 -7.58 -38.17
MG MG WI . -58.35 -10.44 -35.03
MG MG XI . -38.37 -29.96 -37.85
MG MG YI . -7.95 -28.84 -18.67
MG MG ZI . -41.13 26.11 27.76
MG MG AJ . -53.58 25.02 28.55
MG MG BJ . -66.12 -17.84 27.82
MG MG CJ . -36.77 13.78 -9.01
MG MG DJ . -35.93 13.43 -13.94
MG MG EJ . -54.14 24.47 34.73
MG MG FJ . -56.23 21.57 37.93
MG MG GJ . -54.43 23.09 41.06
MG MG HJ . -0.87 32.88 71.74
MG MG IJ . -59.71 23.84 43.95
MG MG JJ . -16.24 -63.67 15.25
MG MG KJ . -23.39 -64.98 19.99
MG MG LJ . -23.61 -50.56 36.30
C15 MQ6 MJ . -23.67 -23.85 23.03
C17 MQ6 MJ . -21.70 -22.34 24.05
C20 MQ6 MJ . -19.95 -20.16 23.87
C21 MQ6 MJ . -21.17 -19.95 24.46
C22 MQ6 MJ . -22.04 -21.06 24.54
C24 MQ6 MJ . -23.68 -21.50 26.42
C26 MQ6 MJ . -23.38 -23.77 25.51
C28 MQ6 MJ . -22.94 -24.92 27.65
C01 MQ6 MJ . -21.82 -19.89 21.16
C02 MQ6 MJ . -21.80 -20.34 19.71
C03 MQ6 MJ . -20.37 -20.82 19.42
C04 MQ6 MJ . -22.83 -21.44 19.42
C05 MQ6 MJ . -24.29 -21.01 19.60
C06 MQ6 MJ . -25.28 -22.03 20.29
C07 MQ6 MJ . -26.48 -21.06 20.20
C08 MQ6 MJ . -27.63 -21.47 21.05
C11 MQ6 MJ . -29.73 -21.94 20.11
C12 MQ6 MJ . -24.55 -22.00 21.67
C16 MQ6 MJ . -22.60 -23.59 24.14
C18 MQ6 MJ . -20.42 -22.50 23.46
C19 MQ6 MJ . -19.59 -21.42 23.37
C23 MQ6 MJ . -23.33 -20.70 25.21
C27 MQ6 MJ . -23.31 -25.17 26.20
C29 MQ6 MJ . -23.11 -23.42 27.86
C30 MQ6 MJ . -24.85 -23.82 25.09
C31 MQ6 MJ . -24.98 -23.73 23.75
C33 MQ6 MJ . -27.31 -23.79 23.73
C35 MQ6 MJ . -18.07 -19.95 22.73
N25 MQ6 MJ . -23.01 -22.77 26.54
O09 MQ6 MJ . -27.89 -21.08 22.17
O10 MQ6 MJ . -28.41 -22.37 20.41
O13 MQ6 MJ . -24.84 -21.14 22.48
O14 MQ6 MJ . -23.54 -22.90 21.94
O32 MQ6 MJ . -26.11 -24.04 23.04
O34 MQ6 MJ . -18.92 -19.28 23.64
O36 MQ6 MJ . -18.34 -21.34 22.84
O37 MQ6 MJ . -24.98 -22.94 19.34
O38 MQ6 MJ . -22.12 -19.26 18.88
MG MG NJ . -61.91 -51.59 10.26
MG MG OJ . -56.35 -17.56 11.85
MG MG PJ . -18.28 -75.39 33.10
MG MG QJ . 78.56 -86.21 54.43
MG MG RJ . 55.44 -80.31 42.82
MG MG SJ . 76.43 -64.38 22.83
MG MG TJ . 72.93 -63.52 46.31
MG MG UJ . 71.35 -66.73 42.30
MG MG VJ . 50.64 -56.00 56.88
MG MG WJ . -7.18 -54.63 55.48
MG MG XJ . -61.45 -56.64 12.99
MG MG YJ . -57.09 -20.96 -35.65
MG MG ZJ . -50.33 -62.52 -32.92
MG MG AK . -84.69 -60.87 -29.12
MG MG BK . -79.84 -40.82 -18.14
MG MG CK . -87.12 -66.75 -27.88
MG MG DK . -60.10 -54.16 37.50
MG MG EK . -59.66 -69.50 17.00
MG MG FK . 41.33 52.17 -5.96
MG MG GK . 19.51 61.92 -16.45
MG MG HK . 21.89 65.59 0.26
MG MG IK . 8.65 74.79 23.03
MG MG JK . -14.29 67.49 25.82
MG MG KK . -18.72 75.90 28.90
MG MG LK . -19.26 83.70 16.54
MG MG MK . -12.61 82.45 12.98
MG MG NK . -12.78 60.22 7.20
MG MG OK . -7.66 86.85 26.47
MG MG PK . -23.92 76.16 16.50
MG MG QK . -27.64 71.32 20.57
MG MG RK . 31.86 87.75 30.69
MG MG SK . 37.39 68.44 7.35
MG MG TK . 14.11 69.59 -4.31
MG MG UK . 17.88 75.37 -11.57
MG MG VK . 16.18 69.51 -26.07
MG MG WK . 20.53 48.60 -21.99
MG MG XK . 24.26 45.23 -20.30
MG MG YK . 15.66 51.84 -9.53
MG MG ZK . 11.66 48.67 -32.36
MG MG AL . 8.87 40.90 -24.75
MG MG BL . -1.26 55.61 -40.22
MG MG CL . -2.44 77.38 -42.47
MG MG DL . 16.92 22.97 -57.27
MG MG EL . -2.84 48.82 -26.97
MG MG FL . 4.32 26.88 -34.42
MG MG GL . 4.40 21.56 -33.54
MG MG HL . -1.09 14.90 -32.03
MG MG IL . 22.84 11.16 -27.09
MG MG JL . -22.18 80.47 23.57
MG MG KL . -6.74 77.79 7.93
MG MG LL . -9.35 66.79 9.44
MG MG ML . -5.32 67.47 12.91
MG MG NL . -6.01 67.96 22.79
MG MG OL . 34.30 48.78 -11.87
MG MG PL . 59.02 45.79 26.57
MG MG QL . -13.12 99.57 29.31
MG MG RL . 20.70 99.70 32.41
MG MG SL . 17.48 96.38 33.99
MG MG TL . 42.90 72.84 4.77
MG MG UL . 43.67 65.94 19.26
MG MG VL . 13.71 45.85 -27.97
MG MG WL . 77.88 50.97 -24.12
MG MG XL . 80.06 43.86 -23.87
MG MG YL . -5.59 93.81 -0.13
MG MG ZL . 71.97 25.08 -29.32
MG MG AM . 65.12 20.19 -15.59
MG MG BM . 67.02 13.26 -23.17
MG MG CM . 72.25 6.43 -2.44
MG MG DM . 82.95 24.16 4.11
MG MG EM . 86.56 19.26 14.38
MG MG FM . 82.60 25.51 23.49
MG MG GM . 77.69 45.28 17.52
MG MG HM . 63.71 42.61 2.34
MG MG IM . 60.65 39.09 4.08
MG MG JM . 76.33 21.97 12.95
MG MG KM . 86.21 -11.05 -18.97
MG MG LM . 90.95 -5.30 -1.48
MG MG MM . 86.55 -10.97 0.76
MG MG NM . 33.35 40.52 -26.51
MG MG OM . 34.62 25.79 -16.56
MG MG PM . 32.05 26.30 -21.63
MG MG QM . 35.30 20.88 -18.69
MG MG RM . 36.77 23.25 -28.59
MG MG SM . 36.90 65.09 10.00
MG MG TM . -18.27 101.48 33.29
MG MG UM . 67.53 7.51 0.42
MG MG VM . 83.43 28.64 27.89
MG MG WM . 27.39 5.66 -18.17
MG MG XM . 20.54 15.55 -20.09
MG MG YM . 19.70 7.10 -34.07
MG MG ZM . 23.31 14.39 -27.83
MG MG AN . 32.39 33.13 -24.61
MG MG BN . 35.66 35.97 -25.87
MG MG CN . 32.45 50.55 2.42
MG MG DN . 105.71 6.19 -8.66
MG MG EN . 14.37 36.66 -37.11
MG MG FN . -28.77 -7.12 -22.70
MG MG GN . 8.90 -36.88 39.77
MG MG HN . -59.82 -27.94 38.39
MG MG IN . -26.28 6.99 34.28
MG MG JN . -23.22 -60.45 10.25
MG MG KN . -63.77 13.07 -59.57
ZN ZN LN . -46.31 15.55 -58.33
MG MG MN . -45.62 -20.46 -21.99
ZN ZN NN . -52.35 -37.01 -25.26
ZN ZN ON . -0.55 -6.95 72.76
ZN ZN PN . 35.21 -74.41 -13.88
ZN ZN QN . -33.12 22.65 -52.98
MG MG RN . 5.66 78.63 -17.06
ZN ZN SN . 31.51 23.14 -37.76
ZN ZN TN . 86.07 42.87 9.30
#